data_7WMP
#
_entry.id   7WMP
#
_cell.length_a   1.00
_cell.length_b   1.00
_cell.length_c   1.00
_cell.angle_alpha   90.00
_cell.angle_beta   90.00
_cell.angle_gamma   90.00
#
_symmetry.space_group_name_H-M   'P 1'
#
loop_
_entity.id
_entity.type
_entity.pdbx_description
1 polymer 'Portal protein'
2 polymer 'Adaptor protein gp12'
3 polymer 'Nozzle protein gp25'
#
loop_
_entity_poly.entity_id
_entity_poly.type
_entity_poly.pdbx_seq_one_letter_code
_entity_poly.pdbx_strand_id
1 'polypeptide(L)'
;MDFTTLQNDFTNDYQKALIANNEFLEAKKYYNGNQLPQDVLNIILERGQTPIIENMFKVIVNKILGYKIESISEIRLSPK
QEEDRALSDLLNSLLQVFIQQENYDKSMIERDKNLLIGGLGVIQLWVSQDKDKNVEIEIKAIKPESFVIDYFSTDKNALD
ARRFHKMLEVSEQEALLLFGDSVIVNYSNVNHERIASVIESWYKEYNEETQSYEWNRYLWNRNTGIYKSEKKPFKNGACP
FIVSKLYTDELNNYYGLFRDIKPMQDFINYAENRMGNMMGSFKAMFEEDAVVDVAEFVETMSLDNAIAKVRPNALKDHKI
QFMNNQADLSALSQKAEQKRQLLRLLAGLNDESLGMAVNRQSGVAIAQRKESGLMGLQTFLKATDDMDRLIFRLAVSFIC
EYFTKEQVFKIVDKKLGDRYFKINSNDDNKIRPLKFDLILKSQLKTESRDEKWYNWNELLKILAPIRPDLVPSLVPLMLN
DMDSPITNDVLEAIQNANALQQQNAEANAPYNQQIQALQIQKLQAEIMELQAKAHKYAEQGALSQTTNESEKINQAVAIT
EMQQQNANNANNEESNNKPKKKLKTSDKTTWRKYPSAQNLDY
;
a,b,c,d,e,f,g,h,i,j,k,l
2 'polypeptide(L)'
;MIEVSEVIAKVRERLNDNEVGNYEILDSVLVENINQALLKICLEFRLKKAITRSLITEEERFLTLNNLLGIESVKLDKKE
IESRNTIEKDTGELELLILSDRISVTPFKIGELEVVYYTYEEIRNILETIKLPKICLDVLVYSVLCNLLEIPNNETNFSV
LANYKQLLKLAKDNLTNYLSLMYSKNIHFSKVVRV
;
m,n,o,p,q,r,s,t,u,v,w,x
3 'polypeptide(L)'
;MDTTRFIRNFILFKDALQKQNFNNKDLNTTSMQAALQSEQLALSEESQYLQSEQVRAKMQIDFLGMQANLQNAKAETLNK
LIQCQAMLKSLKDNAMINRANALVSLLQVQANAANGITTSNFEAAFKIIAQIGSEYNQITLNNGNVSVQEKEQTNELKTI
LNSLSKELEKLNQQSEVNSIQIFSDKLEVLKDAPARLWGFSTLSNAKEGFYNEANEQIASGSVCLFRSDKVRKHTITFKA
INTKTSLSKNITISVIANKLKERMS
;
A,B,C,D,E,F,G,H,I,J,K,L
#
# COMPACT_ATOMS: atom_id res chain seq x y z
N MET A 1 35.37 -82.31 19.06
CA MET A 1 35.29 -83.35 20.09
C MET A 1 36.34 -83.13 21.17
N ASP A 2 37.39 -82.38 20.86
CA ASP A 2 38.32 -81.87 21.84
C ASP A 2 38.31 -80.34 21.82
N PHE A 3 39.19 -79.76 22.63
CA PHE A 3 39.14 -78.32 22.89
C PHE A 3 39.55 -77.49 21.68
N THR A 4 40.39 -78.06 20.80
CA THR A 4 40.98 -77.29 19.71
C THR A 4 39.93 -76.90 18.66
N THR A 5 39.21 -77.89 18.12
CA THR A 5 38.20 -77.57 17.11
C THR A 5 36.99 -76.88 17.74
N LEU A 6 36.71 -77.14 19.01
CA LEU A 6 35.63 -76.42 19.69
C LEU A 6 35.95 -74.93 19.79
N GLN A 7 37.19 -74.60 20.17
CA GLN A 7 37.58 -73.19 20.26
C GLN A 7 37.65 -72.54 18.87
N ASN A 8 38.16 -73.27 17.88
CA ASN A 8 38.29 -72.70 16.54
C ASN A 8 36.93 -72.48 15.88
N ASP A 9 36.01 -73.45 16.01
CA ASP A 9 34.70 -73.28 15.42
C ASP A 9 33.87 -72.28 16.21
N PHE A 10 34.07 -72.16 17.52
CA PHE A 10 33.39 -71.10 18.27
C PHE A 10 33.89 -69.73 17.85
N THR A 11 35.19 -69.60 17.58
CA THR A 11 35.73 -68.33 17.10
C THR A 11 35.19 -67.99 15.71
N ASN A 12 35.13 -68.98 14.83
CA ASN A 12 34.61 -68.75 13.47
C ASN A 12 33.12 -68.41 13.49
N ASP A 13 32.37 -69.02 14.42
CA ASP A 13 30.95 -68.73 14.49
C ASP A 13 30.67 -67.40 15.19
N TYR A 14 31.50 -67.02 16.16
CA TYR A 14 31.27 -65.79 16.91
C TYR A 14 31.70 -64.57 16.12
N GLN A 15 32.78 -64.67 15.36
CA GLN A 15 33.23 -63.52 14.59
C GLN A 15 32.34 -63.24 13.39
N LYS A 16 31.71 -64.28 12.82
CA LYS A 16 30.81 -64.09 11.69
C LYS A 16 29.39 -63.76 12.12
N ALA A 17 29.11 -63.75 13.42
CA ALA A 17 27.80 -63.37 13.93
C ALA A 17 27.88 -62.17 14.86
N LEU A 18 28.97 -61.41 14.80
CA LEU A 18 29.12 -60.25 15.66
C LEU A 18 28.41 -59.03 15.09
N ILE A 19 28.36 -58.91 13.76
CA ILE A 19 27.75 -57.75 13.13
C ILE A 19 26.23 -57.78 13.27
N ALA A 20 25.65 -58.96 13.51
CA ALA A 20 24.22 -59.06 13.76
C ALA A 20 23.87 -58.98 15.23
N ASN A 21 24.75 -59.50 16.10
CA ASN A 21 24.52 -59.36 17.54
C ASN A 21 24.70 -57.93 18.00
N ASN A 22 25.59 -57.17 17.35
CA ASN A 22 25.73 -55.75 17.65
C ASN A 22 24.47 -54.98 17.27
N GLU A 23 23.86 -55.33 16.14
CA GLU A 23 22.61 -54.69 15.76
C GLU A 23 21.45 -55.13 16.65
N PHE A 24 21.50 -56.37 17.15
CA PHE A 24 20.50 -56.81 18.12
C PHE A 24 20.59 -56.02 19.42
N LEU A 25 21.81 -55.82 19.92
CA LEU A 25 21.99 -55.04 21.13
C LEU A 25 21.66 -53.57 20.92
N GLU A 26 21.94 -53.03 19.73
CA GLU A 26 21.50 -51.69 19.38
C GLU A 26 19.97 -51.58 19.38
N ALA A 27 19.29 -52.61 18.85
CA ALA A 27 17.83 -52.59 18.80
C ALA A 27 17.23 -52.70 20.19
N LYS A 28 17.84 -53.51 21.06
CA LYS A 28 17.36 -53.62 22.44
C LYS A 28 17.65 -52.36 23.24
N LYS A 29 18.72 -51.64 22.90
CA LYS A 29 18.98 -50.36 23.55
C LYS A 29 18.01 -49.29 23.08
N TYR A 30 17.68 -49.29 21.78
CA TYR A 30 16.72 -48.34 21.25
C TYR A 30 15.32 -48.61 21.77
N TYR A 31 15.00 -49.88 22.05
CA TYR A 31 13.69 -50.21 22.61
C TYR A 31 13.56 -49.74 24.05
N ASN A 32 14.68 -49.66 24.79
CA ASN A 32 14.65 -49.32 26.20
C ASN A 32 15.08 -47.88 26.47
N GLY A 33 14.76 -46.96 25.55
CA GLY A 33 14.96 -45.55 25.76
C GLY A 33 16.30 -45.00 25.29
N ASN A 34 17.34 -45.84 25.26
CA ASN A 34 18.66 -45.37 24.86
C ASN A 34 18.73 -45.16 23.35
N GLN A 35 18.24 -44.00 22.89
CA GLN A 35 18.15 -43.74 21.46
C GLN A 35 19.09 -42.67 20.97
N LEU A 36 19.69 -41.88 21.86
CA LEU A 36 20.58 -40.86 21.34
C LEU A 36 22.03 -41.30 21.43
N PRO A 37 22.86 -40.92 20.45
CA PRO A 37 24.29 -41.23 20.55
C PRO A 37 25.01 -40.40 21.59
N GLN A 38 26.28 -40.69 21.82
CA GLN A 38 27.03 -40.00 22.87
C GLN A 38 27.37 -38.57 22.46
N ASP A 39 27.75 -38.37 21.20
CA ASP A 39 28.10 -37.03 20.75
C ASP A 39 26.89 -36.12 20.64
N VAL A 40 25.72 -36.67 20.26
CA VAL A 40 24.50 -35.88 20.22
C VAL A 40 24.07 -35.50 21.63
N LEU A 41 24.24 -36.43 22.59
CA LEU A 41 23.94 -36.12 23.99
C LEU A 41 24.87 -35.06 24.53
N ASN A 42 26.15 -35.09 24.14
CA ASN A 42 27.09 -34.06 24.57
C ASN A 42 26.76 -32.71 23.96
N ILE A 43 26.38 -32.69 22.68
CA ILE A 43 26.01 -31.45 21.99
C ILE A 43 24.76 -30.84 22.61
N ILE A 44 23.81 -31.68 23.01
CA ILE A 44 22.60 -31.19 23.67
C ILE A 44 22.93 -30.67 25.08
N LEU A 45 23.75 -31.40 25.83
CA LEU A 45 24.03 -31.01 27.20
C LEU A 45 24.99 -29.83 27.32
N GLU A 46 25.76 -29.55 26.27
CA GLU A 46 26.63 -28.38 26.32
C GLU A 46 25.87 -27.08 26.16
N ARG A 47 24.69 -27.12 25.53
CA ARG A 47 23.84 -25.94 25.42
C ARG A 47 22.91 -25.75 26.62
N GLY A 48 23.01 -26.59 27.64
CA GLY A 48 22.11 -26.51 28.76
C GLY A 48 20.71 -26.98 28.45
N GLN A 49 20.55 -27.82 27.44
CA GLN A 49 19.25 -28.30 27.01
C GLN A 49 19.01 -29.70 27.56
N THR A 50 17.76 -29.97 27.92
CA THR A 50 17.39 -31.30 28.37
C THR A 50 17.07 -32.17 27.16
N PRO A 51 17.77 -33.29 26.97
CA PRO A 51 17.50 -34.14 25.80
C PRO A 51 16.19 -34.90 25.95
N ILE A 52 15.26 -34.63 25.03
CA ILE A 52 13.96 -35.30 25.03
C ILE A 52 14.00 -36.42 23.99
N ILE A 53 13.62 -37.62 24.43
CA ILE A 53 13.65 -38.80 23.59
C ILE A 53 12.22 -39.28 23.41
N GLU A 54 11.73 -39.20 22.18
CA GLU A 54 10.39 -39.67 21.84
C GLU A 54 10.50 -41.14 21.44
N ASN A 55 10.10 -42.05 22.31
CA ASN A 55 10.19 -43.48 22.04
C ASN A 55 8.96 -43.93 21.27
N MET A 56 8.90 -43.48 20.01
CA MET A 56 7.71 -43.62 19.20
C MET A 56 7.54 -45.03 18.65
N PHE A 57 8.61 -45.84 18.62
CA PHE A 57 8.47 -47.19 18.12
C PHE A 57 8.32 -48.23 19.23
N LYS A 58 8.49 -47.84 20.49
CA LYS A 58 8.19 -48.76 21.58
C LYS A 58 6.69 -49.04 21.65
N VAL A 59 5.87 -48.03 21.36
CA VAL A 59 4.42 -48.24 21.38
C VAL A 59 3.98 -49.05 20.17
N ILE A 60 4.73 -49.01 19.07
CA ILE A 60 4.43 -49.82 17.89
C ILE A 60 4.68 -51.30 18.20
N VAL A 61 5.85 -51.60 18.78
CA VAL A 61 6.17 -52.96 19.18
C VAL A 61 5.22 -53.43 20.26
N ASN A 62 4.83 -52.53 21.17
CA ASN A 62 3.87 -52.88 22.22
C ASN A 62 2.49 -53.17 21.63
N LYS A 63 2.10 -52.49 20.55
CA LYS A 63 0.82 -52.77 19.91
C LYS A 63 0.83 -54.13 19.21
N ILE A 64 1.92 -54.44 18.50
CA ILE A 64 2.01 -55.73 17.81
C ILE A 64 2.10 -56.87 18.82
N LEU A 65 2.88 -56.69 19.89
CA LEU A 65 2.96 -57.71 20.93
C LEU A 65 1.66 -57.80 21.73
N GLY A 66 0.90 -56.72 21.82
CA GLY A 66 -0.39 -56.80 22.46
C GLY A 66 -1.41 -57.54 21.61
N TYR A 67 -1.25 -57.48 20.29
CA TYR A 67 -2.03 -58.36 19.43
C TYR A 67 -1.60 -59.82 19.62
N LYS A 68 -0.29 -60.05 19.79
CA LYS A 68 0.19 -61.42 19.89
C LYS A 68 -0.01 -62.04 21.26
N ILE A 69 -0.23 -61.24 22.30
CA ILE A 69 -0.39 -61.78 23.65
C ILE A 69 -1.70 -62.57 23.75
N GLU A 70 -2.77 -62.00 23.22
CA GLU A 70 -4.07 -62.65 23.31
C GLU A 70 -4.30 -63.62 22.17
N SER A 71 -3.58 -63.48 21.06
CA SER A 71 -3.60 -64.49 20.00
C SER A 71 -2.42 -65.44 20.12
N ILE A 72 -2.24 -66.05 21.28
CA ILE A 72 -1.22 -67.07 21.47
C ILE A 72 -1.70 -68.35 20.79
N SER A 73 -0.89 -68.87 19.88
CA SER A 73 -1.27 -70.02 19.07
C SER A 73 -0.75 -71.30 19.72
N GLU A 74 -1.64 -72.27 19.86
CA GLU A 74 -1.26 -73.64 20.18
C GLU A 74 -1.40 -74.48 18.93
N ILE A 75 -0.84 -75.69 18.99
CA ILE A 75 -0.90 -76.63 17.88
C ILE A 75 -1.68 -77.85 18.36
N ARG A 76 -2.79 -78.13 17.70
CA ARG A 76 -3.52 -79.36 17.93
C ARG A 76 -3.17 -80.38 16.84
N LEU A 77 -3.39 -81.64 17.17
CA LEU A 77 -3.04 -82.75 16.29
C LEU A 77 -4.31 -83.38 15.74
N SER A 78 -4.29 -83.71 14.46
CA SER A 78 -5.41 -84.32 13.78
C SER A 78 -5.00 -85.65 13.18
N PRO A 79 -5.89 -86.64 13.17
CA PRO A 79 -5.52 -87.94 12.60
C PRO A 79 -5.48 -87.90 11.08
N LYS A 80 -4.49 -88.60 10.52
CA LYS A 80 -4.45 -88.78 9.07
C LYS A 80 -5.44 -89.85 8.64
N GLN A 81 -5.29 -91.07 9.18
CA GLN A 81 -6.26 -92.14 8.95
C GLN A 81 -7.34 -92.09 10.03
N GLU A 82 -8.32 -92.98 9.92
CA GLU A 82 -9.37 -93.04 10.92
C GLU A 82 -8.91 -93.72 12.21
N GLU A 83 -7.90 -94.60 12.13
CA GLU A 83 -7.42 -95.30 13.31
C GLU A 83 -6.44 -94.48 14.14
N ASP A 84 -5.95 -93.36 13.61
CA ASP A 84 -5.01 -92.52 14.33
C ASP A 84 -5.68 -91.59 15.33
N ARG A 85 -7.02 -91.50 15.29
CA ARG A 85 -7.75 -90.56 16.13
C ARG A 85 -7.56 -90.86 17.62
N ALA A 86 -7.60 -92.15 17.98
CA ALA A 86 -7.35 -92.56 19.36
C ALA A 86 -5.91 -92.26 19.77
N LEU A 87 -5.00 -92.14 18.81
CA LEU A 87 -3.69 -91.60 19.13
C LEU A 87 -3.77 -90.09 19.35
N SER A 88 -4.39 -89.37 18.41
CA SER A 88 -4.29 -87.91 18.38
C SER A 88 -5.04 -87.28 19.55
N ASP A 89 -6.25 -87.76 19.82
CA ASP A 89 -7.01 -87.32 20.99
C ASP A 89 -6.32 -87.71 22.29
N LEU A 90 -5.44 -88.72 22.25
CA LEU A 90 -4.56 -88.95 23.38
C LEU A 90 -3.52 -87.85 23.49
N LEU A 91 -2.82 -87.56 22.38
CA LEU A 91 -1.68 -86.66 22.43
C LEU A 91 -2.09 -85.21 22.64
N ASN A 92 -3.26 -84.81 22.13
CA ASN A 92 -3.81 -83.49 22.45
C ASN A 92 -4.14 -83.37 23.92
N SER A 93 -4.45 -84.48 24.59
CA SER A 93 -4.60 -84.44 26.04
C SER A 93 -3.27 -84.41 26.75
N LEU A 94 -2.20 -84.89 26.10
CA LEU A 94 -0.90 -84.89 26.74
C LEU A 94 -0.13 -83.61 26.49
N LEU A 95 -0.50 -82.85 25.45
CA LEU A 95 0.11 -81.56 25.21
C LEU A 95 -0.43 -80.46 26.10
N GLN A 96 -1.51 -80.72 26.84
CA GLN A 96 -2.10 -79.69 27.69
C GLN A 96 -1.24 -79.39 28.90
N VAL A 97 -0.51 -80.38 29.41
CA VAL A 97 0.44 -80.11 30.48
C VAL A 97 1.69 -79.41 29.98
N PHE A 98 1.92 -79.40 28.67
CA PHE A 98 2.92 -78.55 28.05
C PHE A 98 2.37 -77.17 27.72
N ILE A 99 1.06 -77.07 27.47
CA ILE A 99 0.45 -75.80 27.12
C ILE A 99 0.22 -74.95 28.36
N GLN A 100 -0.45 -75.51 29.37
CA GLN A 100 -0.89 -74.72 30.51
C GLN A 100 0.13 -74.66 31.64
N GLN A 101 1.40 -74.90 31.34
CA GLN A 101 2.44 -74.62 32.31
C GLN A 101 2.71 -73.12 32.35
N GLU A 102 3.43 -72.69 33.38
CA GLU A 102 3.64 -71.26 33.60
C GLU A 102 4.64 -70.66 32.63
N ASN A 103 5.63 -71.44 32.19
CA ASN A 103 6.70 -70.92 31.35
C ASN A 103 6.30 -70.75 29.89
N TYR A 104 5.15 -71.29 29.48
CA TYR A 104 4.79 -71.31 28.06
C TYR A 104 4.52 -69.90 27.53
N ASP A 105 3.65 -69.15 28.21
CA ASP A 105 3.30 -67.81 27.74
C ASP A 105 4.49 -66.86 27.86
N LYS A 106 5.31 -67.02 28.90
CA LYS A 106 6.51 -66.21 29.07
C LYS A 106 7.49 -66.46 27.93
N SER A 107 7.71 -67.73 27.59
CA SER A 107 8.64 -68.07 26.51
C SER A 107 8.11 -67.60 25.16
N MET A 108 6.79 -67.69 24.95
CA MET A 108 6.24 -67.25 23.67
C MET A 108 6.30 -65.74 23.52
N ILE A 109 6.04 -64.99 24.60
CA ILE A 109 6.06 -63.53 24.48
C ILE A 109 7.50 -63.02 24.39
N GLU A 110 8.43 -63.65 25.11
CA GLU A 110 9.85 -63.35 24.92
C GLU A 110 10.33 -63.69 23.51
N ARG A 111 9.81 -64.78 22.94
CA ARG A 111 10.13 -65.17 21.57
C ARG A 111 9.65 -64.13 20.57
N ASP A 112 8.40 -63.67 20.73
CA ASP A 112 7.85 -62.67 19.81
C ASP A 112 8.54 -61.33 19.96
N LYS A 113 8.93 -60.96 21.18
CA LYS A 113 9.67 -59.72 21.38
C LYS A 113 11.05 -59.80 20.74
N ASN A 114 11.71 -60.95 20.86
CA ASN A 114 13.02 -61.11 20.22
C ASN A 114 12.90 -61.19 18.70
N LEU A 115 11.81 -61.76 18.18
CA LEU A 115 11.61 -61.81 16.75
C LEU A 115 11.21 -60.47 16.16
N LEU A 116 10.62 -59.59 16.97
CA LEU A 116 10.20 -58.29 16.45
C LEU A 116 11.27 -57.23 16.62
N ILE A 117 11.92 -57.17 17.78
CA ILE A 117 12.99 -56.20 18.00
C ILE A 117 14.20 -56.53 17.15
N GLY A 118 14.74 -57.73 17.32
CA GLY A 118 15.77 -58.24 16.46
C GLY A 118 15.21 -59.17 15.41
N GLY A 119 16.03 -60.14 15.00
CA GLY A 119 15.59 -61.08 13.99
C GLY A 119 15.49 -62.50 14.49
N LEU A 120 16.11 -62.79 15.63
CA LEU A 120 16.21 -64.16 16.13
C LEU A 120 15.08 -64.49 17.09
N GLY A 121 14.64 -65.74 17.05
CA GLY A 121 13.81 -66.29 18.10
C GLY A 121 14.30 -67.67 18.46
N VAL A 122 14.72 -67.87 19.71
CA VAL A 122 15.32 -69.12 20.16
C VAL A 122 14.52 -69.64 21.36
N ILE A 123 13.99 -70.86 21.24
CA ILE A 123 13.27 -71.50 22.32
C ILE A 123 13.83 -72.90 22.51
N GLN A 124 14.26 -73.21 23.74
CA GLN A 124 14.77 -74.54 24.05
C GLN A 124 13.76 -75.31 24.88
N LEU A 125 13.85 -76.63 24.76
CA LEU A 125 12.98 -77.56 25.48
C LEU A 125 13.82 -78.51 26.31
N TRP A 126 13.23 -79.01 27.39
CA TRP A 126 13.94 -79.94 28.27
C TRP A 126 12.97 -80.97 28.80
N VAL A 127 13.52 -82.11 29.22
CA VAL A 127 12.74 -83.30 29.54
C VAL A 127 13.03 -83.66 31.00
N SER A 128 13.10 -82.64 31.86
CA SER A 128 13.44 -82.84 33.27
C SER A 128 12.42 -83.70 34.00
N GLN A 129 12.92 -84.55 34.90
CA GLN A 129 12.13 -85.49 35.68
C GLN A 129 12.59 -85.41 37.13
N ASP A 130 11.74 -84.88 38.01
CA ASP A 130 12.25 -84.36 39.27
C ASP A 130 12.45 -85.44 40.34
N LYS A 131 11.37 -85.98 40.91
CA LYS A 131 11.54 -86.97 41.97
C LYS A 131 10.56 -88.14 41.93
N ASP A 132 9.35 -87.96 41.42
CA ASP A 132 8.26 -88.93 41.59
C ASP A 132 7.83 -89.52 40.26
N LYS A 133 8.82 -89.87 39.43
CA LYS A 133 8.63 -90.43 38.07
C LYS A 133 7.81 -89.50 37.19
N ASN A 134 7.93 -88.19 37.38
CA ASN A 134 7.10 -87.19 36.72
C ASN A 134 7.93 -86.53 35.62
N VAL A 135 7.79 -87.02 34.40
CA VAL A 135 8.50 -86.44 33.27
C VAL A 135 7.76 -85.20 32.80
N GLU A 136 8.50 -84.10 32.64
CA GLU A 136 7.91 -82.83 32.23
C GLU A 136 8.75 -82.22 31.14
N ILE A 137 8.10 -81.46 30.27
CA ILE A 137 8.74 -80.79 29.16
C ILE A 137 8.83 -79.30 29.51
N GLU A 138 9.97 -78.88 30.04
CA GLU A 138 10.20 -77.47 30.28
C GLU A 138 10.46 -76.74 28.97
N ILE A 139 10.06 -75.47 28.93
CA ILE A 139 10.25 -74.62 27.78
C ILE A 139 10.87 -73.31 28.26
N LYS A 140 11.92 -72.85 27.58
CA LYS A 140 12.60 -71.62 27.99
C LYS A 140 13.03 -70.84 26.75
N ALA A 141 12.65 -69.57 26.69
CA ALA A 141 13.14 -68.70 25.63
C ALA A 141 14.53 -68.21 25.98
N ILE A 142 15.46 -68.32 25.03
CA ILE A 142 16.85 -67.97 25.24
C ILE A 142 17.08 -66.56 24.72
N LYS A 143 17.83 -65.77 25.48
CA LYS A 143 18.27 -64.45 25.04
C LYS A 143 19.15 -64.60 23.80
N PRO A 144 18.79 -63.98 22.68
CA PRO A 144 19.48 -64.27 21.42
C PRO A 144 20.87 -63.69 21.32
N GLU A 145 21.23 -62.72 22.15
CA GLU A 145 22.59 -62.21 22.08
C GLU A 145 23.59 -63.17 22.71
N SER A 146 23.16 -63.99 23.65
CA SER A 146 23.98 -65.06 24.21
C SER A 146 23.69 -66.38 23.51
N PHE A 147 23.72 -66.38 22.18
CA PHE A 147 23.42 -67.57 21.40
C PHE A 147 24.08 -67.42 20.03
N VAL A 148 24.99 -68.34 19.72
CA VAL A 148 25.76 -68.29 18.49
C VAL A 148 25.36 -69.46 17.60
N ILE A 149 24.98 -69.16 16.37
CA ILE A 149 24.59 -70.17 15.40
C ILE A 149 25.80 -70.45 14.52
N ASP A 150 25.81 -71.62 13.89
CA ASP A 150 26.81 -71.94 12.88
C ASP A 150 26.74 -70.97 11.72
N TYR A 151 27.90 -70.45 11.31
CA TYR A 151 27.96 -69.46 10.24
C TYR A 151 27.65 -70.05 8.87
N PHE A 152 27.69 -71.37 8.72
CA PHE A 152 27.44 -71.98 7.43
C PHE A 152 25.96 -72.08 7.10
N SER A 153 25.08 -71.98 8.09
CA SER A 153 23.65 -72.03 7.84
C SER A 153 23.17 -70.70 7.29
N THR A 154 22.55 -70.74 6.12
CA THR A 154 22.09 -69.53 5.45
C THR A 154 20.61 -69.27 5.57
N ASP A 155 19.79 -70.30 5.73
CA ASP A 155 18.35 -70.14 5.65
C ASP A 155 17.76 -69.73 6.99
N LYS A 156 16.50 -69.30 6.95
CA LYS A 156 15.75 -69.14 8.17
C LYS A 156 15.41 -70.51 8.76
N ASN A 157 15.09 -70.51 10.04
CA ASN A 157 14.83 -71.65 10.94
C ASN A 157 16.08 -72.46 11.28
N ALA A 158 17.24 -72.17 10.66
CA ALA A 158 18.56 -72.72 11.02
C ALA A 158 18.59 -74.25 10.97
N LEU A 159 17.94 -74.82 9.96
CA LEU A 159 17.81 -76.28 9.92
C LEU A 159 19.09 -76.97 9.46
N ASP A 160 19.85 -76.36 8.55
CA ASP A 160 21.13 -76.94 8.13
C ASP A 160 22.29 -76.40 8.95
N ALA A 161 22.14 -76.41 10.27
CA ALA A 161 23.16 -75.93 11.18
C ALA A 161 23.82 -77.11 11.87
N ARG A 162 25.13 -77.07 12.00
CA ARG A 162 25.89 -78.16 12.58
C ARG A 162 26.23 -77.95 14.04
N ARG A 163 26.11 -76.72 14.55
CA ARG A 163 26.45 -76.45 15.93
C ARG A 163 25.71 -75.21 16.41
N PHE A 164 25.32 -75.25 17.68
CA PHE A 164 24.74 -74.11 18.38
C PHE A 164 25.50 -73.87 19.67
N HIS A 165 25.96 -72.64 19.88
CA HIS A 165 26.68 -72.28 21.09
C HIS A 165 25.85 -71.31 21.91
N LYS A 166 25.83 -71.50 23.23
CA LYS A 166 25.24 -70.54 24.14
C LYS A 166 26.22 -70.23 25.26
N MET A 167 26.47 -68.95 25.49
CA MET A 167 27.44 -68.49 26.47
C MET A 167 26.68 -68.12 27.74
N LEU A 168 26.84 -68.94 28.78
CA LEU A 168 26.05 -68.81 30.00
C LEU A 168 26.90 -68.31 31.17
N GLU A 169 26.28 -67.49 32.00
CA GLU A 169 26.75 -67.24 33.34
C GLU A 169 26.21 -68.34 34.24
N VAL A 170 27.07 -68.90 35.09
CA VAL A 170 26.70 -69.98 36.00
C VAL A 170 27.24 -69.64 37.37
N SER A 171 26.39 -69.72 38.39
CA SER A 171 26.84 -69.50 39.76
C SER A 171 27.63 -70.72 40.25
N GLU A 172 28.20 -70.59 41.45
CA GLU A 172 29.14 -71.60 41.94
C GLU A 172 28.43 -72.90 42.32
N GLN A 173 27.36 -72.81 43.11
CA GLN A 173 26.66 -74.02 43.54
C GLN A 173 25.86 -74.64 42.40
N GLU A 174 25.41 -73.83 41.44
CA GLU A 174 24.81 -74.40 40.24
C GLU A 174 25.84 -75.11 39.38
N ALA A 175 27.09 -74.65 39.40
CA ALA A 175 28.16 -75.38 38.72
C ALA A 175 28.53 -76.65 39.46
N LEU A 176 28.39 -76.66 40.79
CA LEU A 176 28.61 -77.89 41.55
C LEU A 176 27.50 -78.90 41.28
N LEU A 177 26.27 -78.43 41.14
CA LEU A 177 25.17 -79.34 40.82
C LEU A 177 25.21 -79.78 39.36
N LEU A 178 25.78 -78.96 38.49
CA LEU A 178 25.80 -79.29 37.06
C LEU A 178 26.82 -80.37 36.77
N PHE A 179 27.97 -80.35 37.44
CA PHE A 179 28.94 -81.42 37.39
C PHE A 179 29.75 -81.42 38.68
N GLY A 180 30.21 -82.60 39.07
CA GLY A 180 30.84 -82.78 40.36
C GLY A 180 32.20 -82.11 40.46
N ASP A 181 32.74 -82.15 41.69
CA ASP A 181 33.99 -81.47 42.02
C ASP A 181 35.24 -82.18 41.52
N SER A 182 35.09 -83.30 40.81
CA SER A 182 36.26 -84.03 40.33
C SER A 182 36.96 -83.31 39.18
N VAL A 183 36.25 -82.46 38.45
CA VAL A 183 36.84 -81.72 37.35
C VAL A 183 37.01 -80.28 37.78
N ILE A 184 38.03 -79.62 37.23
CA ILE A 184 38.48 -78.31 37.68
C ILE A 184 37.68 -77.23 36.97
N VAL A 185 37.16 -76.28 37.75
CA VAL A 185 36.33 -75.18 37.23
C VAL A 185 37.14 -73.90 37.28
N ASN A 186 37.11 -73.13 36.19
CA ASN A 186 37.76 -71.82 36.14
C ASN A 186 36.74 -70.76 36.51
N TYR A 187 36.70 -70.41 37.79
CA TYR A 187 35.75 -69.41 38.27
C TYR A 187 36.24 -68.01 37.99
N SER A 188 35.35 -67.04 38.23
CA SER A 188 35.69 -65.63 38.21
C SER A 188 35.76 -65.12 39.65
N ASN A 189 36.01 -63.82 39.78
CA ASN A 189 36.05 -63.17 41.09
C ASN A 189 35.41 -61.79 40.99
N VAL A 190 34.20 -61.73 40.40
CA VAL A 190 33.66 -60.47 39.91
C VAL A 190 33.32 -59.51 41.06
N ASN A 191 32.61 -59.97 42.09
CA ASN A 191 32.63 -59.25 43.36
C ASN A 191 33.08 -60.12 44.52
N HIS A 192 32.32 -61.17 44.88
CA HIS A 192 32.73 -62.07 45.94
C HIS A 192 32.27 -63.51 45.74
N GLU A 193 31.61 -63.86 44.64
CA GLU A 193 30.74 -65.02 44.60
C GLU A 193 31.25 -66.18 43.76
N ARG A 194 32.32 -65.97 42.98
CA ARG A 194 32.94 -66.98 42.10
C ARG A 194 31.93 -67.55 41.09
N ILE A 195 31.50 -66.68 40.19
CA ILE A 195 30.70 -67.09 39.04
C ILE A 195 31.63 -67.65 37.97
N ALA A 196 31.07 -68.31 36.97
CA ALA A 196 31.83 -68.93 35.90
C ALA A 196 31.13 -68.76 34.57
N SER A 197 31.91 -68.51 33.53
CA SER A 197 31.39 -68.36 32.17
C SER A 197 31.58 -69.68 31.45
N VAL A 198 30.47 -70.35 31.13
CA VAL A 198 30.49 -71.67 30.53
C VAL A 198 29.80 -71.61 29.18
N ILE A 199 30.46 -72.12 28.15
CA ILE A 199 29.89 -72.20 26.82
C ILE A 199 29.34 -73.61 26.64
N GLU A 200 28.05 -73.71 26.37
CA GLU A 200 27.40 -74.98 26.08
C GLU A 200 27.23 -75.08 24.57
N SER A 201 27.87 -76.07 23.96
CA SER A 201 27.81 -76.28 22.53
C SER A 201 27.03 -77.56 22.24
N TRP A 202 26.21 -77.50 21.20
CA TRP A 202 25.47 -78.65 20.71
C TRP A 202 25.92 -78.91 19.28
N TYR A 203 26.48 -80.08 19.05
CA TYR A 203 27.11 -80.44 17.78
C TYR A 203 26.33 -81.55 17.10
N LYS A 204 26.07 -81.40 15.81
CA LYS A 204 25.43 -82.43 15.01
C LYS A 204 26.52 -83.28 14.36
N GLU A 205 26.60 -84.54 14.75
CA GLU A 205 27.57 -85.47 14.19
C GLU A 205 26.84 -86.77 13.85
N TYR A 206 27.14 -87.34 12.70
CA TYR A 206 26.54 -88.63 12.37
C TYR A 206 27.33 -89.75 13.02
N ASN A 207 26.63 -90.79 13.46
CA ASN A 207 27.29 -91.89 14.12
C ASN A 207 27.81 -92.87 13.07
N GLU A 208 28.58 -93.85 13.51
CA GLU A 208 29.06 -94.90 12.61
C GLU A 208 28.38 -96.24 12.85
N GLU A 209 27.83 -96.47 14.05
CA GLU A 209 27.05 -97.68 14.29
C GLU A 209 25.73 -97.61 13.51
N THR A 210 24.91 -96.63 13.83
CA THR A 210 23.81 -96.24 12.96
C THR A 210 24.26 -95.11 12.05
N GLN A 211 23.61 -94.98 10.90
CA GLN A 211 24.01 -93.99 9.90
C GLN A 211 23.18 -92.72 9.98
N SER A 212 22.77 -92.31 11.17
CA SER A 212 21.94 -91.13 11.37
C SER A 212 22.70 -90.08 12.16
N TYR A 213 22.23 -88.84 12.06
CA TYR A 213 22.81 -87.73 12.80
C TYR A 213 22.29 -87.71 14.23
N GLU A 214 23.18 -87.43 15.17
CA GLU A 214 22.82 -87.23 16.56
C GLU A 214 23.47 -85.94 17.06
N TRP A 215 22.84 -85.33 18.06
CA TRP A 215 23.35 -84.11 18.66
C TRP A 215 24.01 -84.43 19.99
N ASN A 216 25.20 -83.88 20.20
CA ASN A 216 25.97 -84.10 21.41
C ASN A 216 26.26 -82.78 22.08
N ARG A 217 26.34 -82.82 23.41
CA ARG A 217 26.51 -81.62 24.22
C ARG A 217 27.92 -81.57 24.80
N TYR A 218 28.54 -80.39 24.71
CA TYR A 218 29.85 -80.14 25.30
C TYR A 218 29.76 -78.86 26.12
N LEU A 219 29.83 -78.99 27.44
CA LEU A 219 30.01 -77.84 28.32
C LEU A 219 31.49 -77.61 28.47
N TRP A 220 31.97 -76.44 28.04
CA TRP A 220 33.39 -76.17 28.03
C TRP A 220 33.61 -74.70 28.33
N ASN A 221 34.85 -74.37 28.68
CA ASN A 221 35.25 -73.00 28.90
C ASN A 221 36.39 -72.67 27.95
N ARG A 222 36.43 -71.42 27.48
CA ARG A 222 37.59 -70.94 26.77
C ARG A 222 38.79 -70.91 27.70
N ASN A 223 39.96 -71.21 27.13
CA ASN A 223 41.28 -71.30 27.80
C ASN A 223 41.27 -72.16 29.07
N THR A 224 40.35 -73.12 29.17
CA THR A 224 40.33 -74.05 30.28
C THR A 224 40.18 -75.48 29.79
N GLY A 225 39.45 -75.67 28.71
CA GLY A 225 39.18 -76.98 28.18
C GLY A 225 37.72 -77.35 28.32
N ILE A 226 37.46 -78.67 28.22
CA ILE A 226 36.11 -79.20 28.23
C ILE A 226 35.77 -79.62 29.65
N TYR A 227 34.66 -79.08 30.18
CA TYR A 227 34.20 -79.47 31.50
C TYR A 227 33.46 -80.81 31.45
N LYS A 228 32.48 -80.94 30.58
CA LYS A 228 31.70 -82.17 30.51
C LYS A 228 31.26 -82.42 29.08
N SER A 229 31.48 -83.65 28.61
CA SER A 229 31.14 -84.05 27.25
C SER A 229 30.20 -85.23 27.30
N GLU A 230 28.99 -85.05 26.78
CA GLU A 230 28.02 -86.13 26.68
C GLU A 230 27.55 -86.25 25.24
N LYS A 231 27.30 -87.47 24.80
CA LYS A 231 26.90 -87.74 23.43
C LYS A 231 25.51 -88.37 23.42
N LYS A 232 24.65 -87.83 22.54
CA LYS A 232 23.24 -88.19 22.42
C LYS A 232 22.51 -88.18 23.77
N PRO A 233 22.40 -87.01 24.43
CA PRO A 233 21.75 -87.01 25.73
C PRO A 233 20.25 -86.76 25.67
N PHE A 234 19.55 -87.35 24.69
CA PHE A 234 18.10 -87.18 24.66
C PHE A 234 17.35 -88.39 24.13
N LYS A 235 18.00 -89.56 23.98
CA LYS A 235 17.47 -90.84 23.51
C LYS A 235 17.02 -90.83 22.05
N ASN A 236 17.14 -89.70 21.34
CA ASN A 236 16.87 -89.66 19.91
C ASN A 236 17.88 -88.87 19.12
N GLY A 237 18.79 -88.15 19.78
CA GLY A 237 19.73 -87.30 19.08
C GLY A 237 19.04 -86.08 18.51
N ALA A 238 18.22 -85.43 19.32
CA ALA A 238 17.46 -84.26 18.90
C ALA A 238 18.05 -83.02 19.55
N CYS A 239 18.25 -81.97 18.77
CA CYS A 239 18.70 -80.70 19.31
C CYS A 239 17.57 -80.05 20.09
N PRO A 240 17.82 -79.56 21.31
CA PRO A 240 16.73 -78.95 22.09
C PRO A 240 16.34 -77.58 21.61
N PHE A 241 17.14 -76.94 20.76
CA PHE A 241 16.88 -75.56 20.34
C PHE A 241 15.98 -75.54 19.12
N ILE A 242 15.05 -74.58 19.11
CA ILE A 242 14.24 -74.26 17.96
C ILE A 242 14.47 -72.78 17.67
N VAL A 243 15.05 -72.50 16.51
CA VAL A 243 15.49 -71.18 16.12
C VAL A 243 14.66 -70.76 14.91
N SER A 244 14.33 -69.48 14.82
CA SER A 244 13.85 -68.94 13.55
C SER A 244 14.33 -67.51 13.38
N LYS A 245 14.80 -67.21 12.17
CA LYS A 245 15.28 -65.89 11.81
C LYS A 245 14.23 -65.19 10.97
N LEU A 246 13.83 -64.00 11.39
CA LEU A 246 12.99 -63.14 10.58
C LEU A 246 13.88 -62.24 9.73
N TYR A 247 13.60 -62.20 8.42
CA TYR A 247 14.29 -61.36 7.44
C TYR A 247 15.79 -61.65 7.38
N THR A 248 16.13 -62.85 6.92
CA THR A 248 17.50 -63.10 6.54
C THR A 248 17.81 -62.33 5.25
N ASP A 249 19.04 -61.85 5.12
CA ASP A 249 19.42 -61.03 3.98
C ASP A 249 20.77 -61.52 3.45
N GLU A 250 21.35 -60.74 2.55
CA GLU A 250 22.71 -60.98 2.10
C GLU A 250 23.69 -60.72 3.24
N LEU A 251 24.87 -61.32 3.11
CA LEU A 251 25.93 -61.46 4.12
C LEU A 251 25.48 -62.26 5.35
N ASN A 252 24.33 -62.93 5.27
CA ASN A 252 23.81 -63.87 6.28
C ASN A 252 23.65 -63.23 7.65
N ASN A 253 22.80 -62.20 7.71
CA ASN A 253 22.44 -61.54 8.95
C ASN A 253 20.94 -61.60 9.14
N TYR A 254 20.49 -61.36 10.37
CA TYR A 254 19.07 -61.19 10.62
C TYR A 254 18.76 -59.70 10.73
N TYR A 255 17.75 -59.27 9.99
CA TYR A 255 17.47 -57.86 9.73
C TYR A 255 16.46 -57.26 10.70
N GLY A 256 15.43 -58.00 11.07
CA GLY A 256 14.48 -57.55 12.07
C GLY A 256 13.58 -56.43 11.59
N LEU A 257 12.73 -55.97 12.48
CA LEU A 257 11.88 -54.82 12.21
C LEU A 257 12.55 -53.52 12.63
N PHE A 258 13.75 -53.60 13.22
CA PHE A 258 14.39 -52.42 13.77
C PHE A 258 15.03 -51.55 12.68
N ARG A 259 15.63 -52.17 11.66
CA ARG A 259 16.48 -51.41 10.74
C ARG A 259 15.67 -50.57 9.76
N ASP A 260 14.50 -51.03 9.35
CA ASP A 260 13.70 -50.25 8.41
C ASP A 260 12.93 -49.11 9.08
N ILE A 261 12.72 -49.18 10.40
CA ILE A 261 12.06 -48.10 11.12
C ILE A 261 13.01 -47.26 11.96
N LYS A 262 14.30 -47.62 11.99
CA LYS A 262 15.32 -46.85 12.70
C LYS A 262 15.57 -45.43 12.15
N PRO A 263 15.68 -45.18 10.84
CA PRO A 263 15.92 -43.78 10.43
C PRO A 263 14.75 -42.85 10.67
N MET A 264 13.51 -43.37 10.67
CA MET A 264 12.38 -42.54 11.06
C MET A 264 12.45 -42.13 12.51
N GLN A 265 12.88 -43.06 13.39
CA GLN A 265 13.05 -42.74 14.80
C GLN A 265 14.19 -41.76 15.02
N ASP A 266 15.27 -41.90 14.25
CA ASP A 266 16.39 -40.96 14.34
C ASP A 266 15.99 -39.57 13.87
N PHE A 267 15.20 -39.49 12.79
CA PHE A 267 14.74 -38.18 12.33
C PHE A 267 13.75 -37.57 13.31
N ILE A 268 12.93 -38.39 13.96
CA ILE A 268 11.99 -37.87 14.96
C ILE A 268 12.75 -37.29 16.15
N ASN A 269 13.76 -38.01 16.64
CA ASN A 269 14.55 -37.52 17.77
C ASN A 269 15.35 -36.27 17.40
N TYR A 270 15.94 -36.26 16.19
CA TYR A 270 16.69 -35.10 15.72
C TYR A 270 15.79 -33.89 15.55
N ALA A 271 14.59 -34.09 15.00
CA ALA A 271 13.67 -32.98 14.79
C ALA A 271 13.16 -32.43 16.11
N GLU A 272 12.88 -33.30 17.08
CA GLU A 272 12.39 -32.83 18.37
C GLU A 272 13.48 -32.07 19.14
N ASN A 273 14.71 -32.57 19.13
CA ASN A 273 15.77 -31.87 19.84
C ASN A 273 16.19 -30.59 19.13
N ARG A 274 16.18 -30.58 17.78
CA ARG A 274 16.52 -29.37 17.06
C ARG A 274 15.44 -28.31 17.19
N MET A 275 14.17 -28.72 17.28
CA MET A 275 13.10 -27.75 17.51
C MET A 275 13.11 -27.24 18.93
N GLY A 276 13.51 -28.08 19.90
CA GLY A 276 13.71 -27.59 21.25
C GLY A 276 14.90 -26.67 21.38
N ASN A 277 15.88 -26.80 20.49
CA ASN A 277 17.00 -25.86 20.48
C ASN A 277 16.66 -24.57 19.75
N MET A 278 15.81 -24.64 18.72
CA MET A 278 15.51 -23.46 17.91
C MET A 278 14.71 -22.44 18.69
N MET A 279 13.55 -22.84 19.21
CA MET A 279 12.88 -22.00 20.19
C MET A 279 13.60 -22.11 21.52
N GLY A 280 13.48 -21.08 22.33
CA GLY A 280 14.22 -21.06 23.58
C GLY A 280 15.67 -20.65 23.45
N SER A 281 16.09 -20.16 22.30
CA SER A 281 17.45 -19.68 22.11
C SER A 281 17.47 -18.66 20.99
N PHE A 282 18.53 -17.86 20.96
CA PHE A 282 18.68 -16.81 19.97
C PHE A 282 20.06 -16.88 19.34
N LYS A 283 20.15 -16.40 18.10
CA LYS A 283 21.42 -16.32 17.39
C LYS A 283 21.64 -14.89 16.93
N ALA A 284 22.90 -14.46 16.95
CA ALA A 284 23.23 -13.08 16.61
C ALA A 284 24.66 -13.01 16.10
N MET A 285 24.86 -12.15 15.11
CA MET A 285 26.20 -11.79 14.65
C MET A 285 26.64 -10.55 15.40
N PHE A 286 27.74 -10.67 16.13
CA PHE A 286 28.31 -9.55 16.85
C PHE A 286 29.54 -9.04 16.11
N GLU A 287 29.76 -7.73 16.18
CA GLU A 287 31.08 -7.23 15.87
C GLU A 287 31.97 -7.42 17.10
N GLU A 288 33.27 -7.39 16.88
CA GLU A 288 34.20 -7.60 17.98
C GLU A 288 34.37 -6.36 18.87
N ASP A 289 33.65 -5.28 18.59
CA ASP A 289 33.67 -4.08 19.40
C ASP A 289 32.26 -3.59 19.71
N ALA A 290 31.29 -4.52 19.76
CA ALA A 290 29.90 -4.14 19.95
C ALA A 290 29.63 -3.73 21.39
N VAL A 291 30.05 -4.56 22.35
CA VAL A 291 29.81 -4.28 23.75
C VAL A 291 30.94 -4.95 24.54
N VAL A 292 31.26 -4.37 25.70
CA VAL A 292 32.22 -5.00 26.59
C VAL A 292 31.58 -6.22 27.24
N ASP A 293 32.37 -7.28 27.41
CA ASP A 293 31.97 -8.54 28.04
C ASP A 293 30.78 -9.18 27.31
N VAL A 294 31.05 -9.59 26.08
CA VAL A 294 29.98 -10.09 25.20
C VAL A 294 29.45 -11.44 25.69
N ALA A 295 30.28 -12.21 26.42
CA ALA A 295 29.79 -13.44 27.02
C ALA A 295 28.78 -13.14 28.12
N GLU A 296 29.03 -12.08 28.89
CA GLU A 296 28.08 -11.67 29.92
C GLU A 296 26.77 -11.22 29.29
N PHE A 297 26.87 -10.53 28.15
CA PHE A 297 25.69 -10.05 27.44
C PHE A 297 24.87 -11.21 26.90
N VAL A 298 25.51 -12.24 26.36
CA VAL A 298 24.73 -13.38 25.86
C VAL A 298 24.29 -14.31 26.97
N GLU A 299 24.84 -14.18 28.18
CA GLU A 299 24.24 -14.88 29.32
C GLU A 299 22.94 -14.21 29.74
N THR A 300 22.97 -12.88 29.97
CA THR A 300 21.72 -12.23 30.37
C THR A 300 20.71 -12.09 29.24
N MET A 301 21.14 -12.18 27.98
CA MET A 301 20.20 -12.09 26.88
C MET A 301 19.43 -13.39 26.66
N SER A 302 19.95 -14.53 27.14
CA SER A 302 19.27 -15.80 26.92
C SER A 302 18.02 -15.96 27.78
N LEU A 303 17.86 -15.14 28.82
CA LEU A 303 16.67 -15.22 29.66
C LEU A 303 15.47 -14.61 28.94
N ASP A 304 14.28 -15.02 29.38
CA ASP A 304 13.04 -14.45 28.86
C ASP A 304 12.65 -13.17 29.57
N ASN A 305 13.38 -12.76 30.61
CA ASN A 305 13.23 -11.44 31.22
C ASN A 305 14.63 -10.84 31.29
N ALA A 306 15.04 -10.20 30.21
CA ALA A 306 16.40 -9.73 30.05
C ALA A 306 16.46 -8.23 30.30
N ILE A 307 17.22 -7.83 31.30
CA ILE A 307 17.58 -6.43 31.51
C ILE A 307 19.09 -6.35 31.25
N ALA A 308 19.45 -6.06 30.01
CA ALA A 308 20.84 -6.04 29.60
C ALA A 308 21.32 -4.59 29.50
N LYS A 309 22.27 -4.23 30.35
CA LYS A 309 22.87 -2.91 30.34
C LYS A 309 24.09 -2.92 29.45
N VAL A 310 24.09 -2.11 28.41
CA VAL A 310 25.18 -2.04 27.45
C VAL A 310 25.88 -0.69 27.59
N ARG A 311 26.97 -0.53 26.85
CA ARG A 311 27.72 0.71 26.86
C ARG A 311 26.91 1.82 26.17
N PRO A 312 27.20 3.08 26.47
CA PRO A 312 26.48 4.18 25.81
C PRO A 312 26.74 4.22 24.30
N ASN A 313 25.71 4.69 23.57
CA ASN A 313 25.70 4.79 22.11
C ASN A 313 25.91 3.44 21.43
N ALA A 314 25.38 2.38 22.03
CA ALA A 314 25.45 1.05 21.44
C ALA A 314 24.12 0.62 20.82
N LEU A 315 23.10 1.46 20.88
CA LEU A 315 21.81 1.19 20.26
C LEU A 315 21.59 1.96 18.97
N LYS A 316 22.48 2.90 18.64
CA LYS A 316 22.32 3.72 17.46
C LYS A 316 23.28 3.33 16.33
N ASP A 317 24.24 2.45 16.60
CA ASP A 317 25.22 2.05 15.60
C ASP A 317 24.93 0.71 14.94
N HIS A 318 24.17 -0.15 15.63
CA HIS A 318 23.75 -1.47 15.15
C HIS A 318 24.95 -2.36 14.83
N LYS A 319 25.75 -2.62 15.86
CA LYS A 319 26.85 -3.57 15.76
C LYS A 319 26.44 -4.98 16.15
N ILE A 320 25.18 -5.18 16.52
CA ILE A 320 24.63 -6.50 16.83
C ILE A 320 23.50 -6.77 15.86
N GLN A 321 23.51 -7.95 15.24
CA GLN A 321 22.47 -8.34 14.28
C GLN A 321 21.84 -9.64 14.78
N PHE A 322 20.66 -9.52 15.39
CA PHE A 322 19.93 -10.70 15.85
C PHE A 322 19.30 -11.39 14.65
N MET A 323 19.78 -12.59 14.32
CA MET A 323 19.25 -13.32 13.19
C MET A 323 18.02 -14.13 13.59
N ASN A 324 17.13 -14.35 12.64
CA ASN A 324 15.91 -15.10 12.90
C ASN A 324 16.23 -16.58 13.02
N ASN A 325 16.01 -17.12 14.21
CA ASN A 325 16.33 -18.52 14.47
C ASN A 325 15.25 -19.46 13.96
N GLN A 326 13.99 -19.10 14.13
CA GLN A 326 12.86 -20.00 13.87
C GLN A 326 12.32 -19.79 12.46
N ALA A 327 13.19 -19.95 11.48
CA ALA A 327 12.79 -20.01 10.09
C ALA A 327 12.49 -21.43 9.65
N ASP A 328 12.58 -22.40 10.56
CA ASP A 328 12.46 -23.81 10.22
C ASP A 328 11.63 -24.58 11.21
N LEU A 329 10.81 -23.91 12.01
CA LEU A 329 10.00 -24.62 13.00
C LEU A 329 8.82 -25.33 12.34
N SER A 330 8.17 -24.67 11.38
CA SER A 330 6.98 -25.22 10.76
C SER A 330 7.32 -26.41 9.88
N ALA A 331 8.40 -26.30 9.10
CA ALA A 331 8.79 -27.39 8.21
C ALA A 331 9.25 -28.60 9.00
N LEU A 332 9.96 -28.38 10.11
CA LEU A 332 10.36 -29.48 10.96
C LEU A 332 9.17 -30.11 11.68
N SER A 333 8.16 -29.32 12.03
CA SER A 333 6.94 -29.88 12.62
C SER A 333 6.21 -30.77 11.63
N GLN A 334 6.08 -30.31 10.38
CA GLN A 334 5.42 -31.10 9.35
C GLN A 334 6.20 -32.37 9.03
N LYS A 335 7.54 -32.26 8.99
CA LYS A 335 8.35 -33.44 8.71
C LYS A 335 8.32 -34.43 9.86
N ALA A 336 8.25 -33.93 11.11
CA ALA A 336 8.15 -34.81 12.26
C ALA A 336 6.82 -35.54 12.28
N GLU A 337 5.73 -34.86 11.94
CA GLU A 337 4.44 -35.54 11.84
C GLU A 337 4.40 -36.53 10.68
N GLN A 338 5.05 -36.20 9.56
CA GLN A 338 5.11 -37.10 8.42
C GLN A 338 5.89 -38.38 8.76
N LYS A 339 7.05 -38.24 9.40
CA LYS A 339 7.80 -39.42 9.79
C LYS A 339 7.13 -40.18 10.93
N ARG A 340 6.34 -39.49 11.76
CA ARG A 340 5.58 -40.18 12.81
C ARG A 340 4.47 -41.03 12.21
N GLN A 341 3.84 -40.58 11.12
CA GLN A 341 2.88 -41.44 10.43
C GLN A 341 3.59 -42.56 9.66
N LEU A 342 4.73 -42.25 9.06
CA LEU A 342 5.50 -43.25 8.32
C LEU A 342 6.08 -44.33 9.22
N LEU A 343 6.26 -44.05 10.51
CA LEU A 343 6.70 -45.08 11.44
C LEU A 343 5.64 -46.16 11.62
N ARG A 344 4.38 -45.76 11.74
CA ARG A 344 3.29 -46.72 11.79
C ARG A 344 3.07 -47.37 10.44
N LEU A 345 3.38 -46.67 9.34
CA LEU A 345 3.20 -47.24 8.02
C LEU A 345 4.25 -48.32 7.73
N LEU A 346 5.51 -48.08 8.10
CA LEU A 346 6.60 -48.98 7.75
C LEU A 346 6.59 -50.27 8.53
N ALA A 347 5.97 -50.29 9.71
CA ALA A 347 5.93 -51.51 10.53
C ALA A 347 4.73 -52.38 10.21
N GLY A 348 3.96 -52.05 9.18
CA GLY A 348 2.80 -52.83 8.85
C GLY A 348 1.56 -52.53 9.65
N LEU A 349 1.58 -51.49 10.48
CA LEU A 349 0.41 -51.14 11.28
C LEU A 349 -0.58 -50.26 10.54
N ASN A 350 -0.38 -50.02 9.24
CA ASN A 350 -1.46 -49.46 8.44
C ASN A 350 -2.53 -50.52 8.24
N ASP A 351 -3.71 -50.06 7.81
CA ASP A 351 -4.98 -50.78 7.93
C ASP A 351 -5.14 -51.23 9.40
N GLU A 352 -5.27 -50.23 10.26
CA GLU A 352 -5.45 -50.46 11.70
C GLU A 352 -6.83 -51.07 11.90
N SER A 353 -6.87 -52.39 11.92
CA SER A 353 -8.08 -53.13 12.18
C SER A 353 -7.81 -54.25 13.17
N LEU A 354 -6.85 -54.03 14.09
CA LEU A 354 -6.48 -55.03 15.08
C LEU A 354 -7.64 -55.30 16.04
N GLY A 355 -8.36 -54.25 16.45
CA GLY A 355 -9.55 -54.43 17.24
C GLY A 355 -10.66 -55.13 16.48
N MET A 356 -10.74 -54.90 15.17
CA MET A 356 -11.67 -55.69 14.35
C MET A 356 -11.18 -57.12 14.18
N ALA A 357 -9.86 -57.31 14.10
CA ALA A 357 -9.31 -58.64 13.86
C ALA A 357 -9.46 -59.54 15.08
N VAL A 358 -9.35 -58.99 16.29
CA VAL A 358 -9.47 -59.84 17.48
C VAL A 358 -10.93 -60.22 17.72
N ASN A 359 -11.88 -59.36 17.33
CA ASN A 359 -13.28 -59.77 17.34
C ASN A 359 -13.63 -60.66 16.15
N ARG A 360 -12.77 -60.71 15.13
CA ARG A 360 -12.93 -61.70 14.07
C ARG A 360 -12.47 -63.08 14.50
N GLN A 361 -11.73 -63.20 15.61
CA GLN A 361 -11.29 -64.49 16.14
C GLN A 361 -12.15 -64.94 17.31
N SER A 362 -13.45 -64.67 17.27
CA SER A 362 -14.36 -65.23 18.27
C SER A 362 -14.88 -66.59 17.86
N GLY A 363 -15.10 -66.81 16.57
CA GLY A 363 -15.56 -68.08 16.08
C GLY A 363 -14.44 -69.10 16.00
N VAL A 364 -14.44 -70.05 16.94
CA VAL A 364 -13.42 -71.09 17.00
C VAL A 364 -14.12 -72.45 16.95
N ALA A 365 -15.24 -72.51 16.23
CA ALA A 365 -16.24 -73.56 16.40
C ALA A 365 -15.77 -74.98 16.09
N ILE A 366 -15.56 -75.34 14.83
CA ILE A 366 -14.93 -76.64 14.54
C ILE A 366 -13.81 -76.45 13.52
N ALA A 367 -14.14 -75.89 12.36
CA ALA A 367 -13.24 -75.83 11.22
C ALA A 367 -13.17 -74.38 10.77
N GLN A 368 -12.24 -73.62 11.33
CA GLN A 368 -12.12 -72.22 11.02
C GLN A 368 -10.72 -71.89 10.53
N ARG A 369 -10.65 -70.92 9.63
CA ARG A 369 -9.39 -70.44 9.08
C ARG A 369 -8.87 -69.30 9.95
N LYS A 370 -7.90 -68.54 9.42
CA LYS A 370 -7.32 -67.43 10.17
C LYS A 370 -8.31 -66.28 10.34
N GLU A 371 -9.31 -66.17 9.46
CA GLU A 371 -10.29 -65.07 9.41
C GLU A 371 -9.55 -63.73 9.29
N SER A 372 -9.02 -63.54 8.09
CA SER A 372 -7.93 -62.61 7.82
C SER A 372 -8.31 -61.15 8.08
N GLY A 373 -7.41 -60.44 8.76
CA GLY A 373 -7.46 -59.01 8.87
C GLY A 373 -6.29 -58.36 8.14
N LEU A 374 -5.25 -58.04 8.92
CA LEU A 374 -4.07 -57.34 8.43
C LEU A 374 -3.31 -58.12 7.37
N MET A 375 -2.50 -57.40 6.59
CA MET A 375 -1.58 -57.99 5.63
C MET A 375 -0.12 -57.66 5.91
N GLY A 376 0.16 -56.54 6.56
CA GLY A 376 1.54 -56.10 6.71
C GLY A 376 2.33 -56.90 7.73
N LEU A 377 1.67 -57.35 8.79
CA LEU A 377 2.32 -58.12 9.84
C LEU A 377 2.28 -59.61 9.60
N GLN A 378 1.79 -60.05 8.44
CA GLN A 378 1.56 -61.47 8.20
C GLN A 378 2.84 -62.27 8.07
N THR A 379 3.96 -61.62 7.70
CA THR A 379 5.24 -62.31 7.68
C THR A 379 5.67 -62.70 9.08
N PHE A 380 5.46 -61.79 10.05
CA PHE A 380 5.79 -62.06 11.44
C PHE A 380 4.91 -63.17 12.02
N LEU A 381 3.60 -63.13 11.70
CA LEU A 381 2.69 -64.17 12.16
C LEU A 381 3.03 -65.51 11.53
N LYS A 382 3.47 -65.51 10.28
CA LYS A 382 3.81 -66.77 9.61
C LYS A 382 5.09 -67.37 10.17
N ALA A 383 6.08 -66.52 10.48
CA ALA A 383 7.31 -67.01 11.10
C ALA A 383 7.04 -67.56 12.50
N THR A 384 6.15 -66.90 13.26
CA THR A 384 5.74 -67.43 14.55
C THR A 384 5.00 -68.76 14.42
N ASP A 385 4.17 -68.90 13.37
CA ASP A 385 3.46 -70.16 13.14
C ASP A 385 4.43 -71.29 12.81
N ASP A 386 5.42 -71.02 11.96
CA ASP A 386 6.39 -72.07 11.60
C ASP A 386 7.26 -72.46 12.79
N MET A 387 7.64 -71.49 13.64
CA MET A 387 8.40 -71.86 14.82
C MET A 387 7.56 -72.62 15.83
N ASP A 388 6.26 -72.31 15.92
CA ASP A 388 5.37 -73.09 16.78
C ASP A 388 5.20 -74.51 16.27
N ARG A 389 5.15 -74.69 14.94
CA ARG A 389 5.04 -76.02 14.37
C ARG A 389 6.29 -76.84 14.65
N LEU A 390 7.47 -76.23 14.55
CA LEU A 390 8.71 -76.94 14.86
C LEU A 390 8.81 -77.27 16.37
N ILE A 391 8.36 -76.33 17.21
CA ILE A 391 8.36 -76.53 18.67
C ILE A 391 7.46 -77.71 19.04
N PHE A 392 6.28 -77.78 18.44
CA PHE A 392 5.36 -78.86 18.80
C PHE A 392 5.75 -80.18 18.17
N ARG A 393 6.46 -80.16 17.03
CA ARG A 393 7.02 -81.41 16.52
C ARG A 393 8.08 -81.97 17.46
N LEU A 394 8.95 -81.10 17.99
CA LEU A 394 9.94 -81.57 18.95
C LEU A 394 9.30 -82.00 20.27
N ALA A 395 8.23 -81.32 20.68
CA ALA A 395 7.56 -81.68 21.94
C ALA A 395 6.83 -83.01 21.81
N VAL A 396 6.21 -83.27 20.66
CA VAL A 396 5.58 -84.55 20.42
C VAL A 396 6.63 -85.66 20.35
N SER A 397 7.80 -85.36 19.76
CA SER A 397 8.87 -86.35 19.71
C SER A 397 9.44 -86.63 21.10
N PHE A 398 9.41 -85.65 22.01
CA PHE A 398 9.83 -85.92 23.39
C PHE A 398 8.77 -86.69 24.17
N ILE A 399 7.49 -86.34 23.98
CA ILE A 399 6.41 -86.98 24.74
C ILE A 399 6.25 -88.44 24.34
N CYS A 400 6.36 -88.73 23.05
CA CYS A 400 6.26 -90.11 22.58
C CYS A 400 7.48 -90.95 22.91
N GLU A 401 8.53 -90.37 23.49
CA GLU A 401 9.76 -91.06 23.81
C GLU A 401 10.04 -91.20 25.29
N TYR A 402 9.63 -90.23 26.11
CA TYR A 402 9.98 -90.25 27.52
C TYR A 402 8.81 -90.49 28.46
N PHE A 403 7.57 -90.34 28.00
CA PHE A 403 6.42 -90.51 28.86
C PHE A 403 6.13 -92.00 29.02
N THR A 404 6.19 -92.49 30.26
CA THR A 404 5.86 -93.88 30.54
C THR A 404 4.34 -94.07 30.53
N LYS A 405 3.92 -95.32 30.67
CA LYS A 405 2.49 -95.61 30.63
C LYS A 405 1.77 -95.11 31.87
N GLU A 406 2.39 -95.27 33.05
CA GLU A 406 1.77 -94.73 34.26
C GLU A 406 1.84 -93.21 34.29
N GLN A 407 2.84 -92.62 33.62
CA GLN A 407 2.87 -91.17 33.48
C GLN A 407 1.75 -90.68 32.58
N VAL A 408 1.43 -91.44 31.53
CA VAL A 408 0.34 -91.08 30.63
C VAL A 408 -1.01 -91.24 31.34
N PHE A 409 -1.19 -92.33 32.07
CA PHE A 409 -2.46 -92.59 32.72
C PHE A 409 -2.72 -91.72 33.94
N LYS A 410 -1.73 -90.97 34.41
CA LYS A 410 -1.97 -89.95 35.43
C LYS A 410 -2.45 -88.64 34.85
N ILE A 411 -2.31 -88.44 33.54
CA ILE A 411 -2.64 -87.19 32.88
C ILE A 411 -3.97 -87.26 32.16
N VAL A 412 -4.19 -88.33 31.40
CA VAL A 412 -5.34 -88.44 30.54
C VAL A 412 -6.42 -89.25 31.26
N ASP A 413 -7.63 -89.24 30.69
CA ASP A 413 -8.73 -90.00 31.25
C ASP A 413 -8.54 -91.49 30.98
N LYS A 414 -9.43 -92.30 31.58
CA LYS A 414 -9.36 -93.74 31.41
C LYS A 414 -9.76 -94.16 30.00
N LYS A 415 -10.75 -93.49 29.43
CA LYS A 415 -11.22 -93.84 28.09
C LYS A 415 -10.19 -93.46 27.03
N LEU A 416 -9.53 -92.32 27.19
CA LEU A 416 -8.53 -91.89 26.23
C LEU A 416 -7.30 -92.79 26.28
N GLY A 417 -7.00 -93.35 27.44
CA GLY A 417 -5.90 -94.30 27.55
C GLY A 417 -6.27 -95.66 27.02
N ASP A 418 -7.52 -96.08 27.24
CA ASP A 418 -7.94 -97.39 26.79
C ASP A 418 -8.24 -97.45 25.29
N ARG A 419 -8.50 -96.30 24.66
CA ARG A 419 -8.75 -96.32 23.22
C ARG A 419 -7.46 -96.49 22.42
N TYR A 420 -6.32 -96.08 22.97
CA TYR A 420 -5.07 -96.16 22.24
C TYR A 420 -4.35 -97.47 22.48
N PHE A 421 -4.31 -97.95 23.72
CA PHE A 421 -3.63 -99.20 24.05
C PHE A 421 -4.59 -100.39 23.89
N LYS A 422 -5.01 -100.59 22.64
CA LYS A 422 -5.96 -101.63 22.21
C LYS A 422 -7.26 -101.62 23.01
N ASP A 427 2.07 -102.61 21.20
CA ASP A 427 1.93 -101.69 22.33
C ASP A 427 3.29 -101.46 23.00
N ASP A 428 3.70 -102.47 23.79
CA ASP A 428 4.99 -102.52 24.48
C ASP A 428 5.19 -101.34 25.45
N ASN A 429 4.07 -100.87 26.04
CA ASN A 429 4.06 -99.86 27.10
C ASN A 429 4.69 -98.53 26.69
N LYS A 430 4.58 -98.17 25.41
CA LYS A 430 5.17 -96.94 24.91
C LYS A 430 4.31 -96.42 23.77
N ILE A 431 4.13 -95.09 23.74
CA ILE A 431 3.42 -94.46 22.63
C ILE A 431 4.32 -94.48 21.41
N ARG A 432 3.86 -95.16 20.35
CA ARG A 432 4.65 -95.32 19.12
C ARG A 432 3.87 -94.72 17.95
N PRO A 433 3.96 -93.42 17.73
CA PRO A 433 3.34 -92.83 16.54
C PRO A 433 4.19 -93.06 15.30
N LEU A 434 3.51 -93.28 14.19
CA LEU A 434 4.18 -93.52 12.93
C LEU A 434 4.51 -92.18 12.26
N LYS A 435 4.97 -92.23 11.01
CA LYS A 435 5.34 -91.01 10.32
C LYS A 435 4.13 -90.31 9.71
N PHE A 436 3.30 -91.07 9.00
CA PHE A 436 2.10 -90.51 8.36
C PHE A 436 0.88 -90.76 9.24
N ASP A 437 0.88 -90.15 10.41
CA ASP A 437 -0.21 -90.35 11.34
C ASP A 437 -0.86 -89.05 11.81
N LEU A 438 -0.08 -87.99 11.97
CA LEU A 438 -0.58 -86.78 12.60
C LEU A 438 -0.45 -85.59 11.65
N ILE A 439 -1.39 -84.66 11.79
CA ILE A 439 -1.42 -83.41 11.05
C ILE A 439 -1.44 -82.28 12.06
N LEU A 440 -0.53 -81.33 11.91
CA LEU A 440 -0.40 -80.22 12.84
C LEU A 440 -1.27 -79.07 12.38
N LYS A 441 -2.26 -78.67 13.20
CA LYS A 441 -3.14 -77.57 12.88
C LYS A 441 -3.05 -76.52 13.99
N SER A 442 -2.78 -75.28 13.60
CA SER A 442 -2.66 -74.21 14.57
C SER A 442 -4.04 -73.65 14.93
N GLN A 443 -4.19 -73.26 16.19
CA GLN A 443 -5.43 -72.65 16.66
C GLN A 443 -5.08 -71.76 17.84
N LEU A 444 -6.10 -71.13 18.41
CA LEU A 444 -5.89 -70.29 19.58
C LEU A 444 -5.70 -71.16 20.82
N LYS A 445 -4.83 -70.70 21.72
CA LYS A 445 -4.53 -71.44 22.94
C LYS A 445 -5.72 -71.35 23.88
N THR A 446 -6.44 -72.46 24.01
CA THR A 446 -7.57 -72.54 24.93
C THR A 446 -7.49 -73.85 25.69
N GLU A 447 -8.20 -73.90 26.82
CA GLU A 447 -8.23 -75.10 27.63
C GLU A 447 -9.15 -76.13 26.97
N SER A 448 -8.90 -77.41 27.29
CA SER A 448 -9.52 -78.50 26.54
C SER A 448 -11.01 -78.62 26.82
N ARG A 449 -11.43 -78.36 28.07
CA ARG A 449 -12.84 -78.48 28.40
C ARG A 449 -13.67 -77.38 27.76
N ASP A 450 -13.10 -76.18 27.61
CA ASP A 450 -13.84 -75.10 26.96
C ASP A 450 -14.00 -75.35 25.46
N GLU A 451 -12.94 -75.87 24.83
CA GLU A 451 -13.02 -76.24 23.41
C GLU A 451 -14.01 -77.37 23.19
N LYS A 452 -14.01 -78.38 24.07
CA LYS A 452 -14.98 -79.46 23.97
C LYS A 452 -16.40 -78.97 24.23
N TRP A 453 -16.56 -77.99 25.12
CA TRP A 453 -17.88 -77.42 25.38
C TRP A 453 -18.42 -76.69 24.16
N TYR A 454 -17.56 -75.91 23.49
CA TYR A 454 -17.99 -75.19 22.30
C TYR A 454 -18.31 -76.14 21.15
N ASN A 455 -17.52 -77.22 21.03
CA ASN A 455 -17.79 -78.21 19.99
C ASN A 455 -19.08 -78.97 20.28
N TRP A 456 -19.34 -79.28 21.55
CA TRP A 456 -20.60 -79.91 21.94
C TRP A 456 -21.79 -79.01 21.65
N ASN A 457 -21.63 -77.70 21.90
CA ASN A 457 -22.73 -76.77 21.67
C ASN A 457 -23.05 -76.64 20.19
N GLU A 458 -22.02 -76.49 19.34
CA GLU A 458 -22.30 -76.39 17.91
C GLU A 458 -22.79 -77.71 17.34
N LEU A 459 -22.34 -78.84 17.89
CA LEU A 459 -22.82 -80.12 17.39
C LEU A 459 -24.27 -80.37 17.76
N LEU A 460 -24.68 -79.97 18.97
CA LEU A 460 -26.08 -80.11 19.33
C LEU A 460 -26.97 -79.09 18.62
N LYS A 461 -26.42 -77.94 18.23
CA LYS A 461 -27.22 -77.03 17.42
C LYS A 461 -27.26 -77.44 15.95
N ILE A 462 -26.34 -78.29 15.51
CA ILE A 462 -26.38 -78.81 14.14
C ILE A 462 -27.30 -80.01 14.06
N LEU A 463 -27.19 -80.94 15.01
CA LEU A 463 -27.92 -82.21 14.97
C LEU A 463 -29.36 -82.09 15.41
N ALA A 464 -29.85 -80.90 15.74
CA ALA A 464 -31.23 -80.78 16.22
C ALA A 464 -32.28 -80.98 15.12
N PRO A 465 -32.19 -80.32 13.92
CA PRO A 465 -33.24 -80.59 12.92
C PRO A 465 -33.06 -81.92 12.18
N ILE A 466 -31.81 -82.33 11.96
CA ILE A 466 -31.58 -83.46 11.05
C ILE A 466 -31.82 -84.81 11.74
N ARG A 467 -31.52 -84.93 13.03
CA ARG A 467 -31.73 -86.19 13.75
C ARG A 467 -31.94 -85.88 15.22
N PRO A 468 -33.19 -85.75 15.65
CA PRO A 468 -33.46 -85.31 17.03
C PRO A 468 -33.24 -86.39 18.08
N ASP A 469 -33.47 -87.66 17.74
CA ASP A 469 -33.36 -88.74 18.71
C ASP A 469 -31.94 -88.98 19.18
N LEU A 470 -30.94 -88.53 18.43
CA LEU A 470 -29.56 -88.59 18.89
C LEU A 470 -29.25 -87.54 19.95
N VAL A 471 -30.03 -86.46 20.02
CA VAL A 471 -29.73 -85.33 20.90
C VAL A 471 -29.87 -85.61 22.39
N PRO A 472 -30.97 -86.21 22.93
CA PRO A 472 -31.01 -86.39 24.40
C PRO A 472 -30.10 -87.47 24.94
N SER A 473 -29.45 -88.26 24.08
CA SER A 473 -28.45 -89.20 24.54
C SER A 473 -27.05 -88.60 24.60
N LEU A 474 -26.89 -87.34 24.19
CA LEU A 474 -25.60 -86.69 24.17
C LEU A 474 -25.38 -85.72 25.32
N VAL A 475 -26.45 -85.26 25.97
CA VAL A 475 -26.34 -84.24 27.01
C VAL A 475 -25.64 -84.67 28.31
N PRO A 476 -25.63 -85.95 28.76
CA PRO A 476 -24.67 -86.26 29.82
C PRO A 476 -23.23 -86.24 29.35
N LEU A 477 -22.98 -86.65 28.11
CA LEU A 477 -21.63 -86.56 27.56
C LEU A 477 -21.25 -85.10 27.30
N MET A 478 -22.22 -84.23 27.06
CA MET A 478 -21.93 -82.81 26.97
C MET A 478 -21.64 -82.23 28.35
N LEU A 479 -22.46 -82.58 29.34
CA LEU A 479 -22.32 -81.99 30.67
C LEU A 479 -21.13 -82.53 31.43
N ASN A 480 -20.59 -83.69 31.05
CA ASN A 480 -19.35 -84.16 31.65
C ASN A 480 -18.16 -83.31 31.26
N ASP A 481 -18.24 -82.59 30.13
CA ASP A 481 -17.16 -81.75 29.63
C ASP A 481 -17.39 -80.28 29.92
N MET A 482 -17.99 -79.95 31.06
CA MET A 482 -18.28 -78.58 31.45
C MET A 482 -17.37 -78.17 32.59
N ASP A 483 -16.81 -76.96 32.48
CA ASP A 483 -15.87 -76.43 33.46
C ASP A 483 -16.57 -75.63 34.54
N SER A 484 -17.88 -75.71 34.61
CA SER A 484 -18.64 -74.95 35.60
C SER A 484 -18.53 -75.59 36.98
N PRO A 485 -18.59 -74.79 38.05
CA PRO A 485 -18.60 -75.36 39.40
C PRO A 485 -19.89 -76.07 39.77
N ILE A 486 -20.96 -75.90 39.00
CA ILE A 486 -22.22 -76.59 39.29
C ILE A 486 -22.27 -77.99 38.68
N THR A 487 -21.18 -78.46 38.07
CA THR A 487 -21.20 -79.69 37.28
C THR A 487 -21.43 -80.92 38.15
N ASN A 488 -20.80 -80.95 39.34
CA ASN A 488 -20.95 -82.10 40.24
C ASN A 488 -22.35 -82.22 40.80
N ASP A 489 -23.13 -81.14 40.79
CA ASP A 489 -24.53 -81.20 41.17
C ASP A 489 -25.41 -81.65 40.01
N VAL A 490 -25.13 -81.17 38.80
CA VAL A 490 -25.93 -81.50 37.62
C VAL A 490 -25.78 -82.99 37.28
N LEU A 491 -24.58 -83.55 37.47
CA LEU A 491 -24.36 -84.95 37.14
C LEU A 491 -25.10 -85.88 38.11
N GLU A 492 -25.10 -85.56 39.40
CA GLU A 492 -25.85 -86.40 40.33
C GLU A 492 -27.36 -86.16 40.21
N ALA A 493 -27.77 -84.97 39.74
CA ALA A 493 -29.18 -84.76 39.42
C ALA A 493 -29.62 -85.61 38.24
N ILE A 494 -28.75 -85.74 37.23
CA ILE A 494 -29.03 -86.60 36.08
C ILE A 494 -29.11 -88.06 36.52
N GLN A 495 -28.19 -88.47 37.40
CA GLN A 495 -28.18 -89.85 37.89
C GLN A 495 -29.44 -90.16 38.71
N ASN A 496 -29.87 -89.22 39.55
CA ASN A 496 -31.08 -89.41 40.34
C ASN A 496 -32.33 -89.43 39.46
N ALA A 497 -32.37 -88.60 38.42
CA ALA A 497 -33.51 -88.60 37.52
C ALA A 497 -33.58 -89.88 36.70
N ASN A 498 -32.43 -90.39 36.26
CA ASN A 498 -32.40 -91.65 35.52
C ASN A 498 -32.75 -92.83 36.40
N ALA A 499 -32.31 -92.81 37.66
CA ALA A 499 -32.68 -93.85 38.61
C ALA A 499 -34.17 -93.85 38.90
N LEU A 500 -34.75 -92.67 39.07
CA LEU A 500 -36.19 -92.56 39.32
C LEU A 500 -36.99 -92.99 38.09
N GLN A 501 -36.49 -92.67 36.89
CA GLN A 501 -37.20 -93.04 35.66
C GLN A 501 -37.17 -94.55 35.45
N GLN A 502 -36.01 -95.17 35.62
CA GLN A 502 -35.94 -96.62 35.46
C GLN A 502 -36.64 -97.36 36.59
N GLN A 503 -36.72 -96.74 37.78
CA GLN A 503 -37.47 -97.33 38.89
C GLN A 503 -38.97 -97.31 38.61
N ASN A 504 -39.49 -96.19 38.09
CA ASN A 504 -40.89 -96.13 37.70
C ASN A 504 -41.20 -97.07 36.54
N ALA A 505 -40.26 -97.21 35.60
CA ALA A 505 -40.47 -98.10 34.46
C ALA A 505 -40.52 -99.56 34.90
N GLU A 506 -39.57 -99.99 35.74
CA GLU A 506 -39.59 -101.35 36.23
C GLU A 506 -40.68 -101.60 37.27
N ALA A 507 -41.25 -100.54 37.84
CA ALA A 507 -42.41 -100.72 38.71
C ALA A 507 -43.71 -100.85 37.93
N ASN A 508 -43.83 -100.17 36.79
CA ASN A 508 -45.04 -100.22 36.00
C ASN A 508 -45.05 -101.29 34.93
N ALA A 509 -43.90 -101.89 34.62
CA ALA A 509 -43.80 -102.96 33.61
C ALA A 509 -44.62 -104.23 33.83
N PRO A 510 -44.84 -104.74 35.07
CA PRO A 510 -45.76 -105.90 35.20
C PRO A 510 -47.19 -105.61 34.78
N TYR A 511 -47.69 -104.40 35.03
CA TYR A 511 -49.02 -104.04 34.56
C TYR A 511 -49.06 -103.99 33.03
N ASN A 512 -47.99 -103.51 32.40
CA ASN A 512 -47.94 -103.44 30.94
C ASN A 512 -47.91 -104.82 30.31
N GLN A 513 -47.10 -105.74 30.86
CA GLN A 513 -47.08 -107.09 30.29
C GLN A 513 -48.35 -107.86 30.61
N GLN A 514 -49.02 -107.53 31.72
CA GLN A 514 -50.32 -108.12 32.01
C GLN A 514 -51.36 -107.66 30.99
N ILE A 515 -51.36 -106.38 30.65
CA ILE A 515 -52.28 -105.85 29.64
C ILE A 515 -51.98 -106.46 28.28
N GLN A 516 -50.69 -106.68 27.96
CA GLN A 516 -50.31 -107.29 26.69
C GLN A 516 -50.83 -108.73 26.58
N ALA A 517 -50.57 -109.54 27.61
CA ALA A 517 -51.05 -110.93 27.63
C ALA A 517 -52.57 -111.00 27.62
N LEU A 518 -53.22 -110.06 28.29
CA LEU A 518 -54.69 -110.08 28.34
C LEU A 518 -55.29 -109.69 27.00
N GLN A 519 -54.67 -108.76 26.28
CA GLN A 519 -55.14 -108.41 24.95
C GLN A 519 -54.90 -109.55 23.96
N ILE A 520 -53.79 -110.28 24.13
CA ILE A 520 -53.52 -111.46 23.32
C ILE A 520 -54.58 -112.53 23.54
N GLN A 521 -54.95 -112.75 24.81
CA GLN A 521 -55.99 -113.72 25.13
C GLN A 521 -57.35 -113.28 24.61
N LYS A 522 -57.64 -111.97 24.61
CA LYS A 522 -58.90 -111.49 24.03
C LYS A 522 -58.94 -111.71 22.52
N LEU A 523 -57.84 -111.42 21.84
CA LEU A 523 -57.82 -111.60 20.40
C LEU A 523 -57.81 -113.08 20.01
N GLN A 524 -57.34 -113.97 20.88
CA GLN A 524 -57.50 -115.42 20.64
C GLN A 524 -58.92 -115.90 20.93
N ALA A 525 -59.56 -115.31 21.94
CA ALA A 525 -60.94 -115.65 22.26
C ALA A 525 -61.88 -115.25 21.12
N GLU A 526 -61.55 -114.17 20.42
CA GLU A 526 -62.31 -113.80 19.23
C GLU A 526 -62.16 -114.85 18.12
N ILE A 527 -60.96 -115.44 17.98
CA ILE A 527 -60.73 -116.50 17.00
C ILE A 527 -61.61 -117.70 17.29
N MET A 528 -61.56 -118.18 18.54
CA MET A 528 -62.33 -119.38 18.88
C MET A 528 -63.83 -119.11 18.87
N GLU A 529 -64.24 -117.87 19.16
CA GLU A 529 -65.66 -117.51 19.11
C GLU A 529 -66.18 -117.54 17.67
N LEU A 530 -65.46 -116.90 16.75
CA LEU A 530 -65.92 -116.87 15.37
C LEU A 530 -65.83 -118.25 14.70
N GLN A 531 -64.82 -119.05 15.09
CA GLN A 531 -64.73 -120.40 14.55
C GLN A 531 -65.87 -121.28 15.05
N ALA A 532 -66.26 -121.11 16.32
CA ALA A 532 -67.39 -121.88 16.85
C ALA A 532 -68.70 -121.44 16.21
N LYS A 533 -68.86 -120.14 15.93
CA LYS A 533 -70.05 -119.66 15.24
C LYS A 533 -70.13 -120.21 13.82
N ALA A 534 -68.98 -120.24 13.12
CA ALA A 534 -68.95 -120.80 11.77
C ALA A 534 -69.25 -122.30 11.78
N HIS A 535 -68.76 -123.01 12.81
CA HIS A 535 -69.03 -124.44 12.91
C HIS A 535 -70.50 -124.71 13.18
N LYS A 536 -71.12 -123.96 14.09
CA LYS A 536 -72.53 -124.21 14.39
C LYS A 536 -73.44 -123.78 13.24
N TYR A 537 -73.05 -122.75 12.48
CA TYR A 537 -73.86 -122.37 11.34
C TYR A 537 -73.74 -123.38 10.21
N ALA A 538 -72.54 -123.95 10.02
CA ALA A 538 -72.37 -124.98 9.00
C ALA A 538 -73.13 -126.26 9.35
N GLU A 539 -73.15 -126.63 10.64
CA GLU A 539 -73.91 -127.82 11.01
C GLU A 539 -75.42 -127.57 10.96
N GLN A 540 -75.85 -126.33 11.22
CA GLN A 540 -77.26 -126.01 11.04
C GLN A 540 -77.65 -126.06 9.57
N GLY A 541 -76.76 -125.63 8.67
CA GLY A 541 -77.03 -125.76 7.25
C GLY A 541 -77.08 -127.20 6.78
N ALA A 542 -76.22 -128.06 7.36
CA ALA A 542 -76.26 -129.48 7.02
C ALA A 542 -77.53 -130.14 7.55
N LEU A 543 -77.98 -129.73 8.74
CA LEU A 543 -79.25 -130.22 9.28
C LEU A 543 -80.42 -129.79 8.41
N SER A 544 -80.38 -128.56 7.90
CA SER A 544 -81.43 -128.09 7.01
C SER A 544 -81.42 -128.84 5.69
N GLN A 545 -80.23 -129.19 5.19
CA GLN A 545 -80.10 -130.00 3.98
C GLN A 545 -80.70 -131.39 4.18
N THR A 546 -80.46 -131.99 5.35
CA THR A 546 -80.95 -133.34 5.60
C THR A 546 -82.47 -133.36 5.78
N THR A 547 -83.03 -132.35 6.46
CA THR A 547 -84.48 -132.34 6.60
C THR A 547 -85.17 -131.93 5.30
N ASN A 548 -84.47 -131.17 4.44
CA ASN A 548 -84.95 -130.94 3.09
C ASN A 548 -85.02 -132.24 2.30
N GLU A 549 -84.00 -133.09 2.46
CA GLU A 549 -83.98 -134.39 1.79
C GLU A 549 -85.09 -135.30 2.31
N SER A 550 -85.39 -135.23 3.61
CA SER A 550 -86.45 -136.08 4.15
C SER A 550 -87.82 -135.60 3.70
N GLU A 551 -88.02 -134.28 3.61
CA GLU A 551 -89.27 -133.77 3.06
C GLU A 551 -89.41 -134.11 1.58
N LYS A 552 -88.30 -134.15 0.85
CA LYS A 552 -88.32 -134.58 -0.55
C LYS A 552 -88.70 -136.05 -0.67
N ILE A 553 -88.20 -136.89 0.23
CA ILE A 553 -88.57 -138.32 0.22
C ILE A 553 -90.03 -138.50 0.62
N ASN A 554 -90.53 -137.66 1.53
CA ASN A 554 -91.94 -137.68 1.91
C ASN A 554 -92.83 -137.31 0.73
N GLN A 555 -92.39 -136.33 -0.07
CA GLN A 555 -93.14 -135.98 -1.28
C GLN A 555 -93.06 -137.08 -2.32
N ALA A 556 -91.89 -137.70 -2.48
CA ALA A 556 -91.69 -138.75 -3.48
C ALA A 556 -92.42 -140.03 -3.13
N VAL A 557 -92.78 -140.23 -1.86
CA VAL A 557 -93.68 -141.33 -1.53
C VAL A 557 -95.14 -140.89 -1.45
N ALA A 558 -95.40 -139.59 -1.24
CA ALA A 558 -96.79 -139.12 -1.22
C ALA A 558 -97.37 -139.06 -2.62
N ILE A 559 -96.53 -138.88 -3.63
CA ILE A 559 -97.02 -138.89 -5.01
C ILE A 559 -97.45 -140.31 -5.41
N THR A 560 -96.83 -141.34 -4.82
CA THR A 560 -97.27 -142.71 -5.09
C THR A 560 -98.38 -143.16 -4.14
N GLU A 561 -98.48 -142.56 -2.96
CA GLU A 561 -99.65 -142.81 -2.12
C GLU A 561 -100.90 -142.14 -2.68
N MET A 562 -100.73 -141.06 -3.43
CA MET A 562 -101.86 -140.46 -4.14
C MET A 562 -102.31 -141.35 -5.29
N GLN A 563 -101.37 -141.78 -6.13
CA GLN A 563 -101.67 -142.67 -7.24
C GLN A 563 -101.18 -144.08 -6.95
N MET B 1 28.80 -84.30 -21.33
CA MET B 1 28.98 -85.60 -20.70
C MET B 1 30.39 -85.74 -20.12
N ASP B 2 31.32 -84.93 -20.61
CA ASP B 2 32.62 -84.77 -19.98
C ASP B 2 32.79 -83.31 -19.56
N PHE B 3 33.99 -83.01 -19.04
CA PHE B 3 34.23 -81.73 -18.38
C PHE B 3 34.26 -80.56 -19.36
N THR B 4 34.61 -80.82 -20.62
CA THR B 4 34.83 -79.75 -21.60
C THR B 4 33.53 -79.06 -21.97
N THR B 5 32.53 -79.82 -22.43
CA THR B 5 31.28 -79.19 -22.81
C THR B 5 30.49 -78.74 -21.59
N LEU B 6 30.68 -79.38 -20.44
CA LEU B 6 30.04 -78.90 -19.21
C LEU B 6 30.57 -77.53 -18.81
N GLN B 7 31.89 -77.34 -18.90
CA GLN B 7 32.47 -76.03 -18.58
C GLN B 7 32.10 -74.98 -19.61
N ASN B 8 32.09 -75.35 -20.90
CA ASN B 8 31.77 -74.38 -21.94
C ASN B 8 30.30 -73.98 -21.91
N ASP B 9 29.39 -74.93 -21.71
CA ASP B 9 27.98 -74.58 -21.63
C ASP B 9 27.64 -73.87 -20.32
N PHE B 10 28.36 -74.16 -19.23
CA PHE B 10 28.16 -73.40 -18.01
C PHE B 10 28.64 -71.97 -18.17
N THR B 11 29.74 -71.76 -18.90
CA THR B 11 30.21 -70.41 -19.18
C THR B 11 29.23 -69.65 -20.06
N ASN B 12 28.71 -70.30 -21.09
CA ASN B 12 27.75 -69.66 -21.99
C ASN B 12 26.44 -69.35 -21.27
N ASP B 13 26.03 -70.20 -20.34
CA ASP B 13 24.79 -69.95 -19.62
C ASP B 13 24.98 -68.91 -18.52
N TYR B 14 26.16 -68.85 -17.90
CA TYR B 14 26.39 -67.92 -16.81
C TYR B 14 26.64 -66.51 -17.31
N GLN B 15 27.33 -66.38 -18.45
CA GLN B 15 27.60 -65.04 -18.97
C GLN B 15 26.36 -64.40 -19.57
N LYS B 16 25.44 -65.19 -20.11
CA LYS B 16 24.21 -64.66 -20.67
C LYS B 16 23.11 -64.48 -19.63
N ALA B 17 23.35 -64.88 -18.38
CA ALA B 17 22.40 -64.67 -17.30
C ALA B 17 22.99 -63.82 -16.18
N LEU B 18 24.06 -63.09 -16.46
CA LEU B 18 24.68 -62.26 -15.43
C LEU B 18 23.98 -60.92 -15.30
N ILE B 19 23.43 -60.39 -16.40
CA ILE B 19 22.78 -59.08 -16.36
C ILE B 19 21.44 -59.15 -15.64
N ALA B 20 20.84 -60.34 -15.53
CA ALA B 20 19.62 -60.50 -14.77
C ALA B 20 19.88 -60.90 -13.32
N ASN B 21 20.94 -61.67 -13.06
CA ASN B 21 21.30 -61.99 -11.69
C ASN B 21 21.83 -60.77 -10.95
N ASN B 22 22.50 -59.85 -11.66
CA ASN B 22 22.92 -58.60 -11.05
C ASN B 22 21.73 -57.74 -10.65
N GLU B 23 20.69 -57.71 -11.48
CA GLU B 23 19.48 -56.98 -11.13
C GLU B 23 18.71 -57.67 -10.02
N PHE B 24 18.78 -59.01 -9.96
CA PHE B 24 18.18 -59.74 -8.83
C PHE B 24 18.86 -59.39 -7.52
N LEU B 25 20.20 -59.36 -7.52
CA LEU B 25 20.93 -59.01 -6.31
C LEU B 25 20.73 -57.55 -5.93
N GLU B 26 20.61 -56.66 -6.93
CA GLU B 26 20.24 -55.27 -6.67
C GLU B 26 18.87 -55.17 -6.02
N ALA B 27 17.91 -55.97 -6.51
CA ALA B 27 16.56 -55.93 -5.96
C ALA B 27 16.53 -56.47 -4.53
N LYS B 28 17.31 -57.52 -4.25
CA LYS B 28 17.37 -58.05 -2.90
C LYS B 28 18.12 -57.11 -1.96
N LYS B 29 19.07 -56.32 -2.48
CA LYS B 29 19.71 -55.31 -1.66
C LYS B 29 18.78 -54.14 -1.37
N TYR B 30 17.99 -53.74 -2.36
CA TYR B 30 17.03 -52.66 -2.16
C TYR B 30 15.91 -53.08 -1.21
N TYR B 31 15.57 -54.37 -1.21
CA TYR B 31 14.54 -54.86 -0.29
C TYR B 31 15.03 -54.86 1.15
N ASN B 32 16.33 -55.02 1.36
CA ASN B 32 16.90 -55.14 2.70
C ASN B 32 17.58 -53.86 3.17
N GLY B 33 17.06 -52.70 2.76
CA GLY B 33 17.51 -51.42 3.27
C GLY B 33 18.63 -50.78 2.47
N ASN B 34 19.45 -51.56 1.79
CA ASN B 34 20.57 -51.00 1.05
C ASN B 34 20.08 -50.32 -0.23
N GLN B 35 19.62 -49.07 -0.11
CA GLN B 35 19.01 -48.37 -1.23
C GLN B 35 19.84 -47.20 -1.73
N LEU B 36 20.83 -46.74 -0.98
CA LEU B 36 21.57 -45.61 -1.49
C LEU B 36 22.88 -46.06 -2.12
N PRO B 37 23.32 -45.40 -3.20
CA PRO B 37 24.62 -45.72 -3.79
C PRO B 37 25.79 -45.28 -2.92
N GLN B 38 27.00 -45.63 -3.34
CA GLN B 38 28.17 -45.31 -2.52
C GLN B 38 28.51 -43.82 -2.60
N ASP B 39 28.40 -43.23 -3.80
CA ASP B 39 28.73 -41.82 -3.95
C ASP B 39 27.70 -40.92 -3.28
N VAL B 40 26.42 -41.32 -3.31
CA VAL B 40 25.39 -40.55 -2.62
C VAL B 40 25.58 -40.64 -1.11
N LEU B 41 25.98 -41.81 -0.61
CA LEU B 41 26.29 -41.97 0.81
C LEU B 41 27.49 -41.13 1.21
N ASN B 42 28.50 -41.05 0.34
CA ASN B 42 29.66 -40.21 0.63
C ASN B 42 29.30 -38.73 0.62
N ILE B 43 28.46 -38.31 -0.33
CA ILE B 43 28.04 -36.91 -0.42
C ILE B 43 27.21 -36.52 0.80
N ILE B 44 26.37 -37.44 1.29
CA ILE B 44 25.59 -37.17 2.49
C ILE B 44 26.49 -37.13 3.72
N LEU B 45 27.44 -38.06 3.84
CA LEU B 45 28.26 -38.13 5.04
C LEU B 45 29.35 -37.06 5.08
N GLU B 46 29.68 -36.45 3.94
CA GLU B 46 30.66 -35.36 3.97
C GLU B 46 30.07 -34.07 4.51
N ARG B 47 28.74 -33.91 4.44
CA ARG B 47 28.08 -32.75 5.01
C ARG B 47 27.71 -32.94 6.48
N GLY B 48 28.09 -34.07 7.09
CA GLY B 48 27.70 -34.35 8.45
C GLY B 48 26.23 -34.68 8.60
N GLN B 49 25.60 -35.16 7.55
CA GLN B 49 24.17 -35.48 7.56
C GLN B 49 23.97 -36.97 7.74
N THR B 50 22.94 -37.34 8.48
CA THR B 50 22.60 -38.74 8.64
C THR B 50 21.73 -39.19 7.47
N PRO B 51 22.14 -40.19 6.69
CA PRO B 51 21.34 -40.64 5.55
C PRO B 51 20.10 -41.39 6.00
N ILE B 52 18.94 -40.85 5.65
CA ILE B 52 17.66 -41.47 5.98
C ILE B 52 17.15 -42.20 4.75
N ILE B 53 16.82 -43.48 4.93
CA ILE B 53 16.37 -44.34 3.85
C ILE B 53 14.93 -44.72 4.14
N GLU B 54 14.02 -44.27 3.29
CA GLU B 54 12.61 -44.60 3.40
C GLU B 54 12.36 -45.86 2.58
N ASN B 55 12.20 -47.00 3.24
CA ASN B 55 12.00 -48.27 2.55
C ASN B 55 10.51 -48.45 2.25
N MET B 56 10.04 -47.62 1.32
CA MET B 56 8.62 -47.50 1.06
C MET B 56 8.07 -48.66 0.23
N PHE B 57 8.93 -49.42 -0.46
CA PHE B 57 8.44 -50.55 -1.22
C PHE B 57 8.60 -51.89 -0.50
N LYS B 58 9.27 -51.91 0.65
CA LYS B 58 9.30 -53.12 1.46
C LYS B 58 7.92 -53.41 2.05
N VAL B 59 7.18 -52.36 2.40
CA VAL B 59 5.85 -52.55 2.95
C VAL B 59 4.86 -52.94 1.84
N ILE B 60 5.15 -52.55 0.60
CA ILE B 60 4.31 -52.96 -0.54
C ILE B 60 4.46 -54.46 -0.79
N VAL B 61 5.70 -54.93 -0.85
CA VAL B 61 5.98 -56.36 -1.02
C VAL B 61 5.46 -57.14 0.18
N ASN B 62 5.57 -56.57 1.38
CA ASN B 62 5.04 -57.22 2.56
C ASN B 62 3.52 -57.31 2.54
N LYS B 63 2.85 -56.32 1.95
CA LYS B 63 1.39 -56.38 1.82
C LYS B 63 0.96 -57.44 0.82
N ILE B 64 1.64 -57.51 -0.33
CA ILE B 64 1.30 -58.53 -1.32
C ILE B 64 1.60 -59.93 -0.82
N LEU B 65 2.75 -60.10 -0.14
CA LEU B 65 3.09 -61.39 0.43
C LEU B 65 2.20 -61.73 1.62
N GLY B 66 1.68 -60.73 2.32
CA GLY B 66 0.72 -61.00 3.37
C GLY B 66 -0.62 -61.43 2.84
N TYR B 67 -0.98 -60.95 1.64
CA TYR B 67 -2.13 -61.51 0.95
C TYR B 67 -1.86 -62.95 0.53
N LYS B 68 -0.64 -63.24 0.08
CA LYS B 68 -0.33 -64.57 -0.41
C LYS B 68 -0.08 -65.60 0.68
N ILE B 69 0.23 -65.17 1.90
CA ILE B 69 0.53 -66.11 2.99
C ILE B 69 -0.73 -66.87 3.38
N GLU B 70 -1.84 -66.16 3.51
CA GLU B 70 -3.08 -66.79 3.92
C GLU B 70 -3.86 -67.37 2.74
N SER B 71 -3.60 -66.88 1.54
CA SER B 71 -4.15 -67.50 0.33
C SER B 71 -3.15 -68.45 -0.33
N ILE B 72 -2.63 -69.40 0.45
CA ILE B 72 -1.75 -70.42 -0.10
C ILE B 72 -2.61 -71.42 -0.86
N SER B 73 -2.29 -71.64 -2.12
CA SER B 73 -3.09 -72.47 -3.00
C SER B 73 -2.55 -73.88 -3.02
N GLU B 74 -3.43 -74.85 -2.82
CA GLU B 74 -3.15 -76.25 -3.07
C GLU B 74 -3.87 -76.66 -4.35
N ILE B 75 -3.49 -77.82 -4.87
CA ILE B 75 -4.09 -78.37 -6.08
C ILE B 75 -4.78 -79.67 -5.70
N ARG B 76 -6.09 -79.74 -5.91
CA ARG B 76 -6.84 -80.97 -5.77
C ARG B 76 -7.05 -81.59 -7.14
N LEU B 77 -7.30 -82.89 -7.13
CA LEU B 77 -7.46 -83.66 -8.36
C LEU B 77 -8.91 -84.09 -8.50
N SER B 78 -9.43 -83.99 -9.72
CA SER B 78 -10.79 -84.35 -10.03
C SER B 78 -10.82 -85.44 -11.09
N PRO B 79 -11.77 -86.35 -11.03
CA PRO B 79 -11.82 -87.42 -12.05
C PRO B 79 -12.35 -86.90 -13.38
N LYS B 80 -11.76 -87.40 -14.46
CA LYS B 80 -12.29 -87.11 -15.79
C LYS B 80 -13.51 -87.99 -16.08
N GLN B 81 -13.33 -89.30 -16.01
CA GLN B 81 -14.43 -90.25 -16.12
C GLN B 81 -15.01 -90.53 -14.74
N GLU B 82 -16.06 -91.34 -14.69
CA GLU B 82 -16.65 -91.72 -13.41
C GLU B 82 -15.83 -92.76 -12.68
N GLU B 83 -15.05 -93.57 -13.39
CA GLU B 83 -14.25 -94.61 -12.77
C GLU B 83 -12.93 -94.10 -12.21
N ASP B 84 -12.53 -92.87 -12.55
CA ASP B 84 -11.28 -92.31 -12.07
C ASP B 84 -11.40 -91.73 -10.67
N ARG B 85 -12.62 -91.64 -10.13
CA ARG B 85 -12.85 -91.01 -8.83
C ARG B 85 -12.16 -91.76 -7.71
N ALA B 86 -12.22 -93.09 -7.74
CA ALA B 86 -11.52 -93.92 -6.76
C ALA B 86 -10.01 -93.78 -6.89
N LEU B 87 -9.52 -93.37 -8.06
CA LEU B 87 -8.13 -92.96 -8.16
C LEU B 87 -7.93 -91.60 -7.51
N SER B 88 -8.75 -90.61 -7.87
CA SER B 88 -8.48 -89.22 -7.51
C SER B 88 -8.64 -88.98 -6.03
N ASP B 89 -9.70 -89.52 -5.43
CA ASP B 89 -9.89 -89.46 -3.98
C ASP B 89 -8.82 -90.24 -3.24
N LEU B 90 -8.16 -91.20 -3.92
CA LEU B 90 -6.95 -91.78 -3.35
C LEU B 90 -5.81 -90.77 -3.37
N LEU B 91 -5.56 -90.15 -4.53
CA LEU B 91 -4.38 -89.31 -4.69
C LEU B 91 -4.49 -88.00 -3.92
N ASN B 92 -5.70 -87.46 -3.78
CA ASN B 92 -5.91 -86.31 -2.91
C ASN B 92 -5.64 -86.66 -1.45
N SER B 93 -5.81 -87.92 -1.07
CA SER B 93 -5.39 -88.34 0.26
C SER B 93 -3.89 -88.54 0.34
N LEU B 94 -3.23 -88.79 -0.79
CA LEU B 94 -1.78 -89.01 -0.75
C LEU B 94 -1.01 -87.71 -0.92
N LEU B 95 -1.65 -86.66 -1.45
CA LEU B 95 -1.01 -85.36 -1.54
C LEU B 95 -1.02 -84.59 -0.23
N GLN B 96 -1.76 -85.07 0.78
CA GLN B 96 -1.85 -84.35 2.04
C GLN B 96 -0.56 -84.47 2.83
N VAL B 97 0.18 -85.57 2.69
CA VAL B 97 1.49 -85.66 3.32
C VAL B 97 2.53 -84.83 2.59
N PHE B 98 2.24 -84.41 1.36
CA PHE B 98 3.04 -83.42 0.66
C PHE B 98 2.59 -82.00 0.98
N ILE B 99 1.31 -81.82 1.33
CA ILE B 99 0.78 -80.50 1.64
C ILE B 99 1.16 -80.09 3.05
N GLN B 100 0.85 -80.92 4.05
CA GLN B 100 0.99 -80.54 5.44
C GLN B 100 2.36 -80.85 6.01
N GLN B 101 3.38 -80.98 5.17
CA GLN B 101 4.74 -81.03 5.68
C GLN B 101 5.20 -79.61 6.04
N GLU B 102 6.32 -79.54 6.77
CA GLU B 102 6.77 -78.26 7.28
C GLU B 102 7.39 -77.39 6.20
N ASN B 103 8.03 -77.98 5.20
CA ASN B 103 8.76 -77.24 4.19
C ASN B 103 7.86 -76.60 3.14
N TYR B 104 6.57 -76.98 3.08
CA TYR B 104 5.70 -76.55 1.99
C TYR B 104 5.43 -75.05 2.04
N ASP B 105 5.00 -74.54 3.20
CA ASP B 105 4.68 -73.12 3.32
C ASP B 105 5.93 -72.27 3.21
N LYS B 106 7.06 -72.76 3.75
CA LYS B 106 8.33 -72.04 3.63
C LYS B 106 8.76 -71.92 2.17
N SER B 107 8.67 -73.02 1.43
CA SER B 107 9.06 -73.01 0.02
C SER B 107 8.12 -72.15 -0.80
N MET B 108 6.82 -72.15 -0.48
CA MET B 108 5.88 -71.33 -1.24
C MET B 108 6.08 -69.84 -0.96
N ILE B 109 6.35 -69.47 0.30
CA ILE B 109 6.52 -68.06 0.61
C ILE B 109 7.87 -67.54 0.08
N GLU B 110 8.90 -68.37 0.15
CA GLU B 110 10.18 -68.04 -0.50
C GLU B 110 10.03 -67.91 -2.01
N ARG B 111 9.19 -68.77 -2.61
CA ARG B 111 8.91 -68.71 -4.04
C ARG B 111 8.22 -67.40 -4.42
N ASP B 112 7.21 -67.01 -3.64
CA ASP B 112 6.49 -65.78 -3.93
C ASP B 112 7.35 -64.55 -3.70
N LYS B 113 8.22 -64.58 -2.68
CA LYS B 113 9.13 -63.47 -2.46
C LYS B 113 10.15 -63.35 -3.60
N ASN B 114 10.65 -64.49 -4.09
CA ASN B 114 11.57 -64.43 -5.22
C ASN B 114 10.87 -64.03 -6.51
N LEU B 115 9.61 -64.40 -6.69
CA LEU B 115 8.86 -64.01 -7.87
C LEU B 115 8.46 -62.54 -7.83
N LEU B 116 8.34 -61.96 -6.64
CA LEU B 116 7.92 -60.57 -6.55
C LEU B 116 9.11 -59.61 -6.53
N ILE B 117 10.15 -59.93 -5.77
CA ILE B 117 11.35 -59.08 -5.72
C ILE B 117 12.09 -59.13 -7.05
N GLY B 118 12.48 -60.33 -7.47
CA GLY B 118 13.03 -60.55 -8.78
C GLY B 118 12.00 -61.09 -9.73
N GLY B 119 12.46 -61.89 -10.69
CA GLY B 119 11.55 -62.46 -11.66
C GLY B 119 11.47 -63.97 -11.60
N LEU B 120 12.43 -64.60 -10.94
CA LEU B 120 12.54 -66.06 -10.93
C LEU B 120 11.82 -66.67 -9.74
N GLY B 121 11.24 -67.85 -9.96
CA GLY B 121 10.81 -68.69 -8.87
C GLY B 121 11.22 -70.12 -9.15
N VAL B 122 12.05 -70.71 -8.28
CA VAL B 122 12.61 -72.04 -8.50
C VAL B 122 12.26 -72.90 -7.29
N ILE B 123 11.57 -74.01 -7.53
CA ILE B 123 11.24 -74.97 -6.47
C ILE B 123 11.65 -76.36 -6.93
N GLN B 124 12.46 -77.04 -6.13
CA GLN B 124 12.87 -78.40 -6.45
C GLN B 124 12.16 -79.39 -5.54
N LEU B 125 12.03 -80.61 -6.06
CA LEU B 125 11.39 -81.71 -5.36
C LEU B 125 12.35 -82.88 -5.24
N TRP B 126 12.16 -83.70 -4.22
CA TRP B 126 13.03 -84.84 -3.99
C TRP B 126 12.20 -85.99 -3.44
N VAL B 127 12.72 -87.21 -3.63
CA VAL B 127 11.97 -88.44 -3.38
C VAL B 127 12.74 -89.24 -2.32
N SER B 128 13.27 -88.55 -1.32
CA SER B 128 14.10 -89.18 -0.29
C SER B 128 13.32 -90.22 0.52
N GLN B 129 14.02 -91.31 0.85
CA GLN B 129 13.47 -92.45 1.58
C GLN B 129 14.44 -92.83 2.68
N ASP B 130 14.07 -92.60 3.93
CA ASP B 130 15.09 -92.51 4.98
C ASP B 130 15.55 -93.87 5.52
N LYS B 131 14.71 -94.56 6.29
CA LYS B 131 15.13 -95.83 6.86
C LYS B 131 14.06 -96.92 6.88
N ASP B 132 12.79 -96.59 6.97
CA ASP B 132 11.74 -97.56 7.28
C ASP B 132 10.76 -97.70 6.13
N LYS B 133 11.29 -97.78 4.91
CA LYS B 133 10.53 -97.88 3.65
C LYS B 133 9.56 -96.71 3.48
N ASN B 134 9.92 -95.53 3.98
CA ASN B 134 9.04 -94.37 4.02
C ASN B 134 9.47 -93.40 2.93
N VAL B 135 8.81 -93.48 1.78
CA VAL B 135 9.11 -92.57 0.67
C VAL B 135 8.41 -91.25 0.93
N GLU B 136 9.16 -90.15 0.80
CA GLU B 136 8.65 -88.82 1.05
C GLU B 136 9.07 -87.90 -0.06
N ILE B 137 8.24 -86.90 -0.33
CA ILE B 137 8.49 -85.91 -1.37
C ILE B 137 8.90 -84.63 -0.66
N GLU B 138 10.20 -84.39 -0.56
CA GLU B 138 10.69 -83.12 -0.03
C GLU B 138 10.52 -82.02 -1.07
N ILE B 139 10.31 -80.81 -0.57
CA ILE B 139 10.16 -79.63 -1.42
C ILE B 139 11.08 -78.55 -0.86
N LYS B 140 11.84 -77.90 -1.75
CA LYS B 140 12.77 -76.86 -1.31
C LYS B 140 12.80 -75.75 -2.34
N ALA B 141 12.61 -74.51 -1.88
CA ALA B 141 12.76 -73.35 -2.75
C ALA B 141 14.23 -73.00 -2.86
N ILE B 142 14.69 -72.82 -4.10
CA ILE B 142 16.10 -72.55 -4.37
C ILE B 142 16.29 -71.06 -4.51
N LYS B 143 17.38 -70.54 -3.92
CA LYS B 143 17.78 -69.16 -4.11
C LYS B 143 18.09 -68.91 -5.58
N PRO B 144 17.41 -67.96 -6.23
CA PRO B 144 17.53 -67.85 -7.70
C PRO B 144 18.84 -67.27 -8.18
N GLU B 145 19.61 -66.61 -7.32
CA GLU B 145 20.90 -66.11 -7.78
C GLU B 145 21.93 -67.23 -7.92
N SER B 146 21.78 -68.31 -7.15
CA SER B 146 22.60 -69.50 -7.32
C SER B 146 21.90 -70.53 -8.19
N PHE B 147 21.42 -70.10 -9.35
CA PHE B 147 20.69 -71.00 -10.25
C PHE B 147 20.79 -70.42 -11.65
N VAL B 148 21.38 -71.20 -12.57
CA VAL B 148 21.63 -70.76 -13.93
C VAL B 148 20.77 -71.59 -14.87
N ILE B 149 20.00 -70.92 -15.70
CA ILE B 149 19.13 -71.57 -16.67
C ILE B 149 19.86 -71.56 -18.01
N ASP B 150 19.48 -72.48 -18.90
CA ASP B 150 19.97 -72.47 -20.27
C ASP B 150 19.58 -71.18 -20.97
N TYR B 151 20.55 -70.56 -21.65
CA TYR B 151 20.34 -69.29 -22.31
C TYR B 151 19.45 -69.41 -23.54
N PHE B 152 19.27 -70.61 -24.08
CA PHE B 152 18.45 -70.79 -25.27
C PHE B 152 16.96 -70.77 -24.99
N SER B 153 16.55 -70.99 -23.74
CA SER B 153 15.14 -70.95 -23.40
C SER B 153 14.66 -69.51 -23.31
N THR B 154 13.64 -69.17 -24.09
CA THR B 154 13.13 -67.81 -24.14
C THR B 154 11.85 -67.59 -23.35
N ASP B 155 11.04 -68.62 -23.18
CA ASP B 155 9.70 -68.44 -22.62
C ASP B 155 9.73 -68.47 -21.10
N LYS B 156 8.62 -68.05 -20.51
CA LYS B 156 8.42 -68.27 -19.09
C LYS B 156 8.15 -69.76 -18.85
N ASN B 157 8.35 -70.16 -17.59
CA ASN B 157 8.31 -71.52 -17.03
C ASN B 157 9.47 -72.41 -17.48
N ALA B 158 10.33 -71.94 -18.40
CA ALA B 158 11.61 -72.58 -18.78
C ALA B 158 11.41 -74.02 -19.27
N LEU B 159 10.36 -74.24 -20.05
CA LEU B 159 10.03 -75.61 -20.46
C LEU B 159 10.94 -76.12 -21.57
N ASP B 160 11.37 -75.27 -22.49
CA ASP B 160 12.30 -75.69 -23.53
C ASP B 160 13.76 -75.43 -23.14
N ALA B 161 14.11 -75.86 -21.94
CA ALA B 161 15.46 -75.70 -21.42
C ALA B 161 16.17 -77.04 -21.41
N ARG B 162 17.42 -77.05 -21.84
CA ARG B 162 18.19 -78.28 -21.95
C ARG B 162 19.09 -78.53 -20.75
N ARG B 163 19.34 -77.53 -19.91
CA ARG B 163 20.21 -77.71 -18.76
C ARG B 163 19.88 -76.68 -17.70
N PHE B 164 20.01 -77.11 -16.45
CA PHE B 164 19.89 -76.25 -15.28
C PHE B 164 21.11 -76.44 -14.41
N HIS B 165 21.77 -75.34 -14.05
CA HIS B 165 22.94 -75.38 -13.18
C HIS B 165 22.62 -74.71 -11.86
N LYS B 166 23.08 -75.31 -10.76
CA LYS B 166 23.01 -74.68 -9.46
C LYS B 166 24.38 -74.75 -8.79
N MET B 167 24.86 -73.60 -8.33
CA MET B 167 26.19 -73.49 -7.73
C MET B 167 26.03 -73.53 -6.21
N LEU B 168 26.46 -74.64 -5.61
CA LEU B 168 26.22 -74.88 -4.19
C LEU B 168 27.51 -74.79 -3.39
N GLU B 169 27.37 -74.26 -2.17
CA GLU B 169 28.35 -74.45 -1.12
C GLU B 169 28.05 -75.79 -0.44
N VAL B 170 29.09 -76.59 -0.22
CA VAL B 170 28.95 -77.90 0.42
C VAL B 170 30.03 -78.01 1.49
N SER B 171 29.63 -78.39 2.70
CA SER B 171 30.58 -78.63 3.77
C SER B 171 31.33 -79.94 3.52
N GLU B 172 32.32 -80.20 4.37
CA GLU B 172 33.24 -81.32 4.13
C GLU B 172 32.56 -82.67 4.37
N GLN B 173 31.90 -82.83 5.52
CA GLN B 173 31.28 -84.10 5.82
C GLN B 173 30.02 -84.33 4.98
N GLU B 174 29.34 -83.26 4.56
CA GLU B 174 28.25 -83.42 3.59
C GLU B 174 28.78 -83.83 2.23
N ALA B 175 30.01 -83.40 1.87
CA ALA B 175 30.61 -83.88 0.65
C ALA B 175 31.07 -85.33 0.77
N LEU B 176 31.46 -85.75 1.98
CA LEU B 176 31.78 -87.16 2.20
C LEU B 176 30.54 -88.03 2.12
N LEU B 177 29.41 -87.53 2.64
CA LEU B 177 28.17 -88.29 2.55
C LEU B 177 27.59 -88.26 1.14
N LEU B 178 27.88 -87.20 0.38
CA LEU B 178 27.31 -87.06 -0.96
C LEU B 178 28.00 -88.01 -1.95
N PHE B 179 29.30 -88.20 -1.81
CA PHE B 179 30.03 -89.20 -2.56
C PHE B 179 31.25 -89.61 -1.76
N GLY B 180 31.68 -90.85 -1.95
CA GLY B 180 32.72 -91.44 -1.14
C GLY B 180 34.10 -90.84 -1.40
N ASP B 181 35.05 -91.27 -0.57
CA ASP B 181 36.41 -90.73 -0.58
C ASP B 181 37.27 -91.26 -1.73
N SER B 182 36.72 -92.10 -2.61
CA SER B 182 37.51 -92.64 -3.71
C SER B 182 37.80 -91.60 -4.78
N VAL B 183 36.98 -90.56 -4.89
CA VAL B 183 37.20 -89.51 -5.87
C VAL B 183 37.72 -88.27 -5.14
N ILE B 184 38.52 -87.48 -5.85
CA ILE B 184 39.28 -86.39 -5.26
C ILE B 184 38.42 -85.13 -5.24
N VAL B 185 38.37 -84.46 -4.09
CA VAL B 185 37.56 -83.27 -3.89
C VAL B 185 38.48 -82.07 -3.80
N ASN B 186 38.13 -81.00 -4.51
CA ASN B 186 38.89 -79.75 -4.46
C ASN B 186 38.24 -78.84 -3.42
N TYR B 187 38.73 -78.91 -2.18
CA TYR B 187 38.17 -78.12 -1.11
C TYR B 187 38.70 -76.69 -1.14
N SER B 188 38.10 -75.84 -0.30
CA SER B 188 38.60 -74.52 -0.04
C SER B 188 39.27 -74.48 1.33
N ASN B 189 39.73 -73.29 1.71
CA ASN B 189 40.34 -73.08 3.02
C ASN B 189 39.90 -71.74 3.59
N VAL B 190 38.58 -71.49 3.58
CA VAL B 190 38.06 -70.13 3.74
C VAL B 190 38.32 -69.59 5.15
N ASN B 191 38.00 -70.34 6.20
CA ASN B 191 38.59 -70.06 7.51
C ASN B 191 39.34 -71.26 8.08
N HIS B 192 38.65 -72.35 8.39
CA HIS B 192 39.30 -73.55 8.89
C HIS B 192 38.61 -74.85 8.50
N GLU B 193 37.55 -74.82 7.70
CA GLU B 193 36.59 -75.92 7.68
C GLU B 193 36.58 -76.76 6.41
N ARG B 194 37.28 -76.31 5.36
CA ARG B 194 37.38 -77.00 4.07
C ARG B 194 36.01 -77.22 3.43
N ILE B 195 35.38 -76.10 3.07
CA ILE B 195 34.16 -76.14 2.28
C ILE B 195 34.53 -76.33 0.82
N ALA B 196 33.53 -76.63 -0.02
CA ALA B 196 33.76 -76.89 -1.43
C ALA B 196 32.62 -76.31 -2.25
N SER B 197 32.97 -75.75 -3.41
CA SER B 197 31.99 -75.17 -4.33
C SER B 197 31.72 -76.19 -5.43
N VAL B 198 30.50 -76.72 -5.44
CA VAL B 198 30.11 -77.80 -6.35
C VAL B 198 28.97 -77.31 -7.23
N ILE B 199 29.12 -77.46 -8.53
CA ILE B 199 28.07 -77.13 -9.48
C ILE B 199 27.32 -78.40 -9.83
N GLU B 200 26.02 -78.40 -9.57
CA GLU B 200 25.16 -79.51 -9.92
C GLU B 200 24.40 -79.14 -11.19
N SER B 201 24.63 -79.89 -12.26
CA SER B 201 24.00 -79.64 -13.54
C SER B 201 23.01 -80.75 -13.85
N TRP B 202 21.87 -80.37 -14.39
CA TRP B 202 20.85 -81.30 -14.85
C TRP B 202 20.68 -81.10 -16.35
N TYR B 203 20.96 -82.15 -17.12
CA TYR B 203 20.99 -82.08 -18.57
C TYR B 203 19.88 -82.92 -19.16
N LYS B 204 19.17 -82.35 -20.14
CA LYS B 204 18.14 -83.09 -20.88
C LYS B 204 18.78 -83.69 -22.13
N GLU B 205 18.84 -85.02 -22.17
CA GLU B 205 19.38 -85.72 -23.33
C GLU B 205 18.42 -86.84 -23.69
N TYR B 206 18.18 -87.04 -24.98
CA TYR B 206 17.33 -88.14 -25.39
C TYR B 206 18.17 -89.41 -25.47
N ASN B 207 17.56 -90.53 -25.09
CA ASN B 207 18.26 -91.80 -25.10
C ASN B 207 18.21 -92.38 -26.51
N GLU B 208 18.95 -93.47 -26.72
CA GLU B 208 18.90 -94.19 -27.99
C GLU B 208 18.21 -95.54 -27.90
N GLU B 209 18.13 -96.12 -26.70
CA GLU B 209 17.35 -97.33 -26.53
C GLU B 209 15.85 -97.02 -26.65
N THR B 210 15.34 -96.19 -25.76
CA THR B 210 14.06 -95.54 -25.95
C THR B 210 14.27 -94.18 -26.61
N GLN B 211 13.26 -93.70 -27.32
CA GLN B 211 13.38 -92.45 -28.05
C GLN B 211 12.82 -91.26 -27.29
N SER B 212 12.95 -91.24 -25.97
CA SER B 212 12.42 -90.18 -25.12
C SER B 212 13.56 -89.43 -24.44
N TYR B 213 13.24 -88.23 -23.98
CA TYR B 213 14.19 -87.41 -23.25
C TYR B 213 14.27 -87.83 -21.79
N GLU B 214 15.49 -87.87 -21.25
CA GLU B 214 15.73 -88.12 -19.84
C GLU B 214 16.67 -87.06 -19.31
N TRP B 215 16.56 -86.79 -18.01
CA TRP B 215 17.41 -85.82 -17.34
C TRP B 215 18.49 -86.55 -16.56
N ASN B 216 19.72 -86.09 -16.69
CA ASN B 216 20.87 -86.69 -16.02
C ASN B 216 21.56 -85.65 -15.15
N ARG B 217 22.14 -86.10 -14.04
CA ARG B 217 22.76 -85.22 -13.07
C ARG B 217 24.28 -85.37 -13.12
N TYR B 218 24.96 -84.23 -13.11
CA TYR B 218 26.42 -84.19 -13.06
C TYR B 218 26.81 -83.23 -11.95
N LEU B 219 27.37 -83.76 -10.87
CA LEU B 219 28.01 -82.95 -9.84
C LEU B 219 29.48 -82.78 -10.24
N TRP B 220 29.88 -81.55 -10.47
CA TRP B 220 31.22 -81.28 -10.98
C TRP B 220 31.74 -79.99 -10.39
N ASN B 221 33.04 -79.79 -10.48
CA ASN B 221 33.66 -78.56 -10.07
C ASN B 221 34.40 -77.96 -11.25
N ARG B 222 34.41 -76.63 -11.32
CA ARG B 222 35.26 -75.95 -12.28
C ARG B 222 36.72 -76.21 -11.94
N ASN B 223 37.54 -76.32 -12.99
CA ASN B 223 38.98 -76.63 -12.96
C ASN B 223 39.34 -77.85 -12.10
N THR B 224 38.41 -78.78 -11.93
CA THR B 224 38.71 -80.02 -11.22
C THR B 224 38.20 -81.23 -11.99
N GLY B 225 37.09 -81.04 -12.69
CA GLY B 225 36.46 -82.12 -13.42
C GLY B 225 35.13 -82.53 -12.82
N ILE B 226 34.69 -83.72 -13.17
CA ILE B 226 33.39 -84.25 -12.77
C ILE B 226 33.56 -85.09 -11.51
N TYR B 227 32.82 -84.73 -10.46
CA TYR B 227 32.84 -85.52 -9.23
C TYR B 227 31.99 -86.77 -9.37
N LYS B 228 30.73 -86.61 -9.77
CA LYS B 228 29.83 -87.76 -9.87
C LYS B 228 28.85 -87.55 -11.00
N SER B 229 28.71 -88.56 -11.85
CA SER B 229 27.84 -88.51 -13.01
C SER B 229 26.83 -89.64 -12.93
N GLU B 230 25.55 -89.30 -12.83
CA GLU B 230 24.47 -90.29 -12.84
C GLU B 230 23.49 -89.94 -13.94
N LYS B 231 22.93 -90.97 -14.57
CA LYS B 231 22.00 -90.79 -15.67
C LYS B 231 20.64 -91.36 -15.31
N LYS B 232 19.60 -90.58 -15.56
CA LYS B 232 18.21 -90.88 -15.20
C LYS B 232 18.07 -91.28 -13.74
N PRO B 233 18.36 -90.39 -12.78
CA PRO B 233 18.27 -90.80 -11.38
C PRO B 233 16.91 -90.54 -10.76
N PHE B 234 15.82 -90.77 -11.50
CA PHE B 234 14.50 -90.60 -10.89
C PHE B 234 13.45 -91.58 -11.40
N LYS B 235 13.82 -92.65 -12.11
CA LYS B 235 12.99 -93.71 -12.68
C LYS B 235 12.03 -93.24 -13.78
N ASN B 236 12.02 -91.95 -14.11
CA ASN B 236 11.23 -91.45 -15.23
C ASN B 236 11.97 -90.45 -16.10
N GLY B 237 13.14 -90.00 -15.69
CA GLY B 237 13.85 -88.97 -16.43
C GLY B 237 13.16 -87.62 -16.30
N ALA B 238 12.80 -87.26 -15.08
CA ALA B 238 12.11 -86.01 -14.81
C ALA B 238 13.05 -85.05 -14.11
N CYS B 239 13.07 -83.80 -14.58
CA CYS B 239 13.86 -82.77 -13.92
C CYS B 239 13.21 -82.40 -12.60
N PRO B 240 13.97 -82.32 -11.51
CA PRO B 240 13.35 -81.98 -10.21
C PRO B 240 12.98 -80.52 -10.08
N PHE B 241 13.47 -79.65 -10.95
CA PHE B 241 13.25 -78.22 -10.81
C PHE B 241 11.96 -77.80 -11.50
N ILE B 242 11.25 -76.89 -10.87
CA ILE B 242 10.10 -76.21 -11.45
C ILE B 242 10.40 -74.72 -11.38
N VAL B 243 10.53 -74.09 -12.54
CA VAL B 243 10.95 -72.71 -12.67
C VAL B 243 9.79 -71.93 -13.26
N SER B 244 9.61 -70.69 -12.84
CA SER B 244 8.75 -69.77 -13.59
C SER B 244 9.32 -68.37 -13.53
N LYS B 245 9.33 -67.70 -14.68
CA LYS B 245 9.80 -66.34 -14.81
C LYS B 245 8.61 -65.39 -14.92
N LEU B 246 8.56 -64.39 -14.05
CA LEU B 246 7.60 -63.32 -14.17
C LEU B 246 8.21 -62.20 -15.01
N TYR B 247 7.46 -61.75 -16.02
CA TYR B 247 7.82 -60.65 -16.92
C TYR B 247 9.14 -60.93 -17.65
N THR B 248 9.10 -61.92 -18.53
CA THR B 248 10.18 -62.03 -19.49
C THR B 248 10.08 -60.90 -20.51
N ASP B 249 11.22 -60.41 -20.98
CA ASP B 249 11.24 -59.27 -21.89
C ASP B 249 12.21 -59.57 -23.03
N GLU B 250 12.50 -58.55 -23.83
CA GLU B 250 13.54 -58.64 -24.83
C GLU B 250 14.90 -58.76 -24.17
N LEU B 251 15.85 -59.30 -24.93
CA LEU B 251 17.19 -59.76 -24.51
C LEU B 251 17.15 -60.90 -23.49
N ASN B 252 15.98 -61.50 -23.29
CA ASN B 252 15.76 -62.71 -22.49
C ASN B 252 16.22 -62.53 -21.03
N ASN B 253 15.61 -61.57 -20.36
CA ASN B 253 15.84 -61.35 -18.94
C ASN B 253 14.53 -61.45 -18.18
N TYR B 254 14.61 -61.62 -16.87
CA TYR B 254 13.44 -61.51 -16.03
C TYR B 254 13.39 -60.14 -15.38
N TYR B 255 12.23 -59.49 -15.49
CA TYR B 255 12.06 -58.07 -15.20
C TYR B 255 11.60 -57.80 -13.77
N GLY B 256 10.69 -58.62 -13.25
CA GLY B 256 10.27 -58.50 -11.87
C GLY B 256 9.41 -57.28 -11.61
N LEU B 257 9.02 -57.12 -10.35
CA LEU B 257 8.30 -55.94 -9.92
C LEU B 257 9.25 -54.84 -9.44
N PHE B 258 10.55 -55.11 -9.44
CA PHE B 258 11.51 -54.16 -8.89
C PHE B 258 11.79 -53.00 -9.85
N ARG B 259 11.87 -53.28 -11.15
CA ARG B 259 12.39 -52.26 -12.07
C ARG B 259 11.39 -51.15 -12.35
N ASP B 260 10.09 -51.45 -12.37
CA ASP B 260 9.12 -50.41 -12.64
C ASP B 260 8.81 -49.54 -11.42
N ILE B 261 9.12 -50.02 -10.21
CA ILE B 261 8.92 -49.21 -9.00
C ILE B 261 10.23 -48.69 -8.43
N LYS B 262 11.37 -49.05 -9.02
CA LYS B 262 12.67 -48.56 -8.60
C LYS B 262 12.88 -47.04 -8.75
N PRO B 263 12.52 -46.37 -9.88
CA PRO B 263 12.77 -44.92 -9.94
C PRO B 263 11.89 -44.11 -8.99
N MET B 264 10.72 -44.59 -8.63
CA MET B 264 9.92 -43.92 -7.60
C MET B 264 10.61 -44.01 -6.24
N GLN B 265 11.21 -45.15 -5.93
CA GLN B 265 11.94 -45.30 -4.67
C GLN B 265 13.19 -44.44 -4.67
N ASP B 266 13.88 -44.34 -5.81
CA ASP B 266 15.06 -43.48 -5.90
C ASP B 266 14.69 -42.02 -5.76
N PHE B 267 13.57 -41.59 -6.35
CA PHE B 267 13.15 -40.20 -6.19
C PHE B 267 12.69 -39.92 -4.77
N ILE B 268 12.09 -40.91 -4.10
CA ILE B 268 11.68 -40.72 -2.71
C ILE B 268 12.89 -40.55 -1.81
N ASN B 269 13.93 -41.39 -2.01
CA ASN B 269 15.14 -41.28 -1.20
C ASN B 269 15.89 -39.98 -1.49
N TYR B 270 15.96 -39.60 -2.78
CA TYR B 270 16.63 -38.36 -3.15
C TYR B 270 15.90 -37.14 -2.59
N ALA B 271 14.57 -37.16 -2.64
CA ALA B 271 13.79 -36.03 -2.13
C ALA B 271 13.89 -35.92 -0.62
N GLU B 272 13.90 -37.07 0.08
CA GLU B 272 14.01 -37.02 1.54
C GLU B 272 15.38 -36.54 1.98
N ASN B 273 16.45 -37.03 1.33
CA ASN B 273 17.79 -36.58 1.72
C ASN B 273 18.07 -35.15 1.30
N ARG B 274 17.54 -34.72 0.15
CA ARG B 274 17.75 -33.34 -0.27
C ARG B 274 16.93 -32.37 0.58
N MET B 275 15.75 -32.79 1.05
CA MET B 275 14.99 -31.93 1.95
C MET B 275 15.61 -31.89 3.34
N GLY B 276 16.23 -33.00 3.78
CA GLY B 276 16.99 -32.96 5.01
C GLY B 276 18.26 -32.13 4.91
N ASN B 277 18.80 -31.98 3.70
CA ASN B 277 19.94 -31.09 3.50
C ASN B 277 19.52 -29.63 3.39
N MET B 278 18.34 -29.37 2.80
CA MET B 278 17.91 -28.00 2.55
C MET B 278 17.61 -27.27 3.86
N MET B 279 16.70 -27.81 4.66
CA MET B 279 16.56 -27.32 6.02
C MET B 279 17.72 -27.85 6.85
N GLY B 280 18.06 -27.12 7.91
CA GLY B 280 19.21 -27.49 8.70
C GLY B 280 20.54 -27.08 8.12
N SER B 281 20.55 -26.25 7.08
CA SER B 281 21.79 -25.74 6.51
C SER B 281 21.51 -24.42 5.82
N PHE B 282 22.58 -23.65 5.60
CA PHE B 282 22.47 -22.34 4.98
C PHE B 282 23.48 -22.22 3.85
N LYS B 283 23.16 -21.37 2.87
CA LYS B 283 24.05 -21.08 1.78
C LYS B 283 24.28 -19.57 1.69
N ALA B 284 25.49 -19.18 1.32
CA ALA B 284 25.83 -17.77 1.30
C ALA B 284 26.96 -17.54 0.30
N MET B 285 26.88 -16.42 -0.41
CA MET B 285 27.97 -15.94 -1.23
C MET B 285 28.83 -14.99 -0.41
N PHE B 286 30.10 -15.34 -0.24
CA PHE B 286 31.06 -14.52 0.46
C PHE B 286 31.95 -13.80 -0.53
N GLU B 287 32.35 -12.59 -0.18
CA GLU B 287 33.51 -12.03 -0.84
C GLU B 287 34.76 -12.59 -0.18
N GLU B 288 35.89 -12.50 -0.89
CA GLU B 288 37.13 -13.04 -0.38
C GLU B 288 37.77 -12.16 0.68
N ASP B 289 37.15 -11.04 1.04
CA ASP B 289 37.64 -10.16 2.08
C ASP B 289 36.52 -9.78 3.06
N ALA B 290 35.56 -10.68 3.23
CA ALA B 290 34.39 -10.37 4.06
C ALA B 290 34.74 -10.43 5.54
N VAL B 291 35.38 -11.52 5.97
CA VAL B 291 35.74 -11.71 7.37
C VAL B 291 36.99 -12.58 7.40
N VAL B 292 37.81 -12.40 8.44
CA VAL B 292 38.94 -13.28 8.65
C VAL B 292 38.43 -14.65 9.12
N ASP B 293 39.08 -15.71 8.65
CA ASP B 293 38.80 -17.11 8.99
C ASP B 293 37.35 -17.47 8.66
N VAL B 294 37.07 -17.48 7.35
CA VAL B 294 35.69 -17.68 6.89
C VAL B 294 35.22 -19.10 7.14
N ALA B 295 36.14 -20.07 7.21
CA ALA B 295 35.77 -21.42 7.58
C ALA B 295 35.31 -21.48 9.04
N GLU B 296 35.97 -20.71 9.91
CA GLU B 296 35.54 -20.65 11.31
C GLU B 296 34.16 -20.02 11.41
N PHE B 297 33.91 -19.00 10.58
CA PHE B 297 32.62 -18.32 10.57
C PHE B 297 31.50 -19.24 10.11
N VAL B 298 31.76 -20.06 9.07
CA VAL B 298 30.71 -20.97 8.64
C VAL B 298 30.60 -22.21 9.52
N GLU B 299 31.59 -22.47 10.38
CA GLU B 299 31.38 -23.50 11.41
C GLU B 299 30.45 -22.98 12.49
N THR B 300 30.73 -21.80 13.06
CA THR B 300 29.83 -21.30 14.10
C THR B 300 28.49 -20.80 13.57
N MET B 301 28.39 -20.49 12.28
CA MET B 301 27.11 -20.06 11.72
C MET B 301 26.16 -21.21 11.47
N SER B 302 26.67 -22.44 11.35
CA SER B 302 25.80 -23.58 11.07
C SER B 302 24.96 -24.00 12.27
N LEU B 303 25.32 -23.55 13.48
CA LEU B 303 24.55 -23.89 14.66
C LEU B 303 23.26 -23.07 14.70
N ASP B 304 22.28 -23.60 15.44
CA ASP B 304 21.03 -22.89 15.66
C ASP B 304 21.10 -21.89 16.80
N ASN B 305 22.22 -21.84 17.52
CA ASN B 305 22.48 -20.78 18.49
C ASN B 305 23.87 -20.24 18.16
N ALA B 306 23.92 -19.29 17.24
CA ALA B 306 25.17 -18.79 16.68
C ALA B 306 25.51 -17.45 17.31
N ILE B 307 26.65 -17.39 17.99
CA ILE B 307 27.24 -16.13 18.43
C ILE B 307 28.52 -15.98 17.62
N ALA B 308 28.43 -15.32 16.48
CA ALA B 308 29.55 -15.17 15.57
C ALA B 308 30.13 -13.77 15.69
N LYS B 309 31.37 -13.70 16.16
CA LYS B 309 32.08 -12.44 16.29
C LYS B 309 32.87 -12.19 15.01
N VAL B 310 32.56 -11.08 14.34
CA VAL B 310 33.22 -10.71 13.10
C VAL B 310 34.08 -9.49 13.31
N ARG B 311 34.82 -9.11 12.28
CA ARG B 311 35.67 -7.93 12.33
C ARG B 311 34.81 -6.67 12.38
N PRO B 312 35.35 -5.56 12.89
CA PRO B 312 34.59 -4.31 12.92
C PRO B 312 34.25 -3.79 11.52
N ASN B 313 33.11 -3.12 11.43
CA ASN B 313 32.54 -2.55 10.20
C ASN B 313 32.30 -3.62 9.13
N ALA B 314 31.91 -4.82 9.56
CA ALA B 314 31.57 -5.90 8.65
C ALA B 314 30.06 -6.10 8.52
N LEU B 315 29.26 -5.31 9.23
CA LEU B 315 27.81 -5.38 9.13
C LEU B 315 27.22 -4.24 8.31
N LYS B 316 28.02 -3.25 7.95
CA LYS B 316 27.54 -2.08 7.21
C LYS B 316 27.93 -2.11 5.74
N ASP B 317 28.80 -3.04 5.33
CA ASP B 317 29.26 -3.09 3.95
C ASP B 317 28.57 -4.17 3.12
N HIS B 318 28.02 -5.19 3.77
CA HIS B 318 27.28 -6.30 3.15
C HIS B 318 28.14 -7.04 2.13
N LYS B 319 29.23 -7.61 2.63
CA LYS B 319 30.08 -8.49 1.82
C LYS B 319 29.66 -9.95 1.92
N ILE B 320 28.63 -10.26 2.69
CA ILE B 320 28.07 -11.60 2.80
C ILE B 320 26.63 -11.55 2.34
N GLN B 321 26.24 -12.47 1.46
CA GLN B 321 24.88 -12.54 0.93
C GLN B 321 24.32 -13.91 1.25
N PHE B 322 23.49 -14.00 2.29
CA PHE B 322 22.84 -15.26 2.64
C PHE B 322 21.71 -15.53 1.66
N MET B 323 21.87 -16.56 0.84
CA MET B 323 20.86 -16.91 -0.14
C MET B 323 19.79 -17.79 0.48
N ASN B 324 18.58 -17.70 -0.06
CA ASN B 324 17.46 -18.47 0.44
C ASN B 324 17.60 -19.93 0.00
N ASN B 325 17.79 -20.82 0.96
CA ASN B 325 18.00 -22.23 0.66
C ASN B 325 16.69 -22.95 0.38
N GLN B 326 15.64 -22.65 1.15
CA GLN B 326 14.41 -23.42 1.11
C GLN B 326 13.39 -22.78 0.17
N ALA B 327 13.80 -22.62 -1.08
CA ALA B 327 12.89 -22.24 -2.14
C ALA B 327 12.25 -23.45 -2.82
N ASP B 328 12.55 -24.65 -2.33
CA ASP B 328 12.15 -25.88 -2.99
C ASP B 328 11.66 -26.94 -2.01
N LEU B 329 11.30 -26.54 -0.78
CA LEU B 329 10.84 -27.52 0.20
C LEU B 329 9.42 -27.99 -0.11
N SER B 330 8.55 -27.06 -0.49
CA SER B 330 7.15 -27.38 -0.71
C SER B 330 6.96 -28.23 -1.95
N ALA B 331 7.67 -27.87 -3.03
CA ALA B 331 7.54 -28.64 -4.27
C ALA B 331 8.11 -30.04 -4.13
N LEU B 332 9.21 -30.17 -3.38
CA LEU B 332 9.76 -31.50 -3.12
C LEU B 332 8.87 -32.31 -2.20
N SER B 333 8.17 -31.66 -1.26
CA SER B 333 7.21 -32.38 -0.42
C SER B 333 6.05 -32.91 -1.24
N GLN B 334 5.51 -32.08 -2.13
CA GLN B 334 4.41 -32.50 -2.99
C GLN B 334 4.84 -33.60 -3.96
N LYS B 335 6.05 -33.50 -4.49
CA LYS B 335 6.53 -34.53 -5.41
C LYS B 335 6.82 -35.84 -4.67
N ALA B 336 7.29 -35.75 -3.42
CA ALA B 336 7.53 -36.96 -2.63
C ALA B 336 6.23 -37.66 -2.29
N GLU B 337 5.18 -36.88 -1.95
CA GLU B 337 3.88 -37.50 -1.70
C GLU B 337 3.27 -38.07 -2.97
N GLN B 338 3.49 -37.41 -4.12
CA GLN B 338 2.99 -37.91 -5.38
C GLN B 338 3.65 -39.22 -5.77
N LYS B 339 4.98 -39.30 -5.65
CA LYS B 339 5.67 -40.55 -5.95
C LYS B 339 5.39 -41.62 -4.91
N ARG B 340 5.07 -41.22 -3.67
CA ARG B 340 4.69 -42.20 -2.66
C ARG B 340 3.33 -42.82 -2.96
N GLN B 341 2.40 -42.05 -3.54
CA GLN B 341 1.15 -42.65 -3.99
C GLN B 341 1.35 -43.46 -5.27
N LEU B 342 2.22 -42.98 -6.17
CA LEU B 342 2.49 -43.71 -7.40
C LEU B 342 3.24 -45.02 -7.16
N LEU B 343 3.92 -45.15 -6.03
CA LEU B 343 4.55 -46.43 -5.70
C LEU B 343 3.50 -47.50 -5.43
N ARG B 344 2.44 -47.15 -4.69
CA ARG B 344 1.34 -48.09 -4.50
C ARG B 344 0.54 -48.28 -5.77
N LEU B 345 0.50 -47.26 -6.63
CA LEU B 345 -0.24 -47.40 -7.88
C LEU B 345 0.45 -48.33 -8.86
N LEU B 346 1.78 -48.22 -8.97
CA LEU B 346 2.53 -48.97 -9.99
C LEU B 346 2.66 -50.44 -9.67
N ALA B 347 2.53 -50.84 -8.41
CA ALA B 347 2.65 -52.23 -8.03
C ALA B 347 1.32 -52.96 -8.07
N GLY B 348 0.27 -52.33 -8.55
CA GLY B 348 -1.04 -52.96 -8.60
C GLY B 348 -1.82 -52.92 -7.31
N LEU B 349 -1.35 -52.19 -6.30
CA LEU B 349 -2.07 -52.10 -5.04
C LEU B 349 -3.13 -51.02 -5.04
N ASN B 350 -3.42 -50.40 -6.17
CA ASN B 350 -4.63 -49.62 -6.27
C ASN B 350 -5.84 -50.54 -6.32
N ASP B 351 -7.02 -49.96 -6.08
CA ASP B 351 -8.23 -50.68 -5.66
C ASP B 351 -7.88 -51.57 -4.46
N GLU B 352 -7.53 -50.89 -3.37
CA GLU B 352 -7.18 -51.56 -2.12
C GLU B 352 -8.44 -52.19 -1.55
N SER B 353 -8.65 -53.46 -1.89
CA SER B 353 -9.76 -54.24 -1.40
C SER B 353 -9.27 -55.62 -0.96
N LEU B 354 -8.02 -55.70 -0.49
CA LEU B 354 -7.43 -56.96 -0.07
C LEU B 354 -8.15 -57.51 1.16
N GLY B 355 -8.52 -56.64 2.09
CA GLY B 355 -9.34 -57.06 3.22
C GLY B 355 -10.74 -57.48 2.81
N MET B 356 -11.28 -56.85 1.77
CA MET B 356 -12.54 -57.33 1.20
C MET B 356 -12.35 -58.64 0.44
N ALA B 357 -11.19 -58.80 -0.20
CA ALA B 357 -10.96 -60.00 -1.02
C ALA B 357 -10.74 -61.24 -0.17
N VAL B 358 -10.10 -61.09 1.00
CA VAL B 358 -9.89 -62.27 1.84
C VAL B 358 -11.18 -62.70 2.53
N ASN B 359 -12.08 -61.76 2.83
CA ASN B 359 -13.41 -62.13 3.28
C ASN B 359 -14.29 -62.61 2.13
N ARG B 360 -13.91 -62.33 0.89
CA ARG B 360 -14.59 -62.94 -0.25
C ARG B 360 -14.19 -64.40 -0.47
N GLN B 361 -13.11 -64.86 0.17
CA GLN B 361 -12.67 -66.25 0.08
C GLN B 361 -13.06 -67.04 1.33
N SER B 362 -14.24 -66.78 1.88
CA SER B 362 -14.75 -67.60 2.96
C SER B 362 -15.57 -68.78 2.42
N GLY B 363 -16.29 -68.56 1.33
CA GLY B 363 -17.07 -69.63 0.72
C GLY B 363 -16.21 -70.58 -0.09
N VAL B 364 -15.97 -71.77 0.45
CA VAL B 364 -15.16 -72.78 -0.21
C VAL B 364 -15.99 -74.05 -0.36
N ALA B 365 -17.29 -73.88 -0.55
CA ALA B 365 -18.29 -74.92 -0.29
C ALA B 365 -18.16 -76.18 -1.15
N ILE B 366 -18.50 -76.11 -2.45
CA ILE B 366 -18.20 -77.25 -3.32
C ILE B 366 -17.55 -76.77 -4.61
N ALA B 367 -18.22 -75.87 -5.31
CA ALA B 367 -17.82 -75.45 -6.66
C ALA B 367 -17.74 -73.94 -6.66
N GLN B 368 -16.58 -73.40 -6.34
CA GLN B 368 -16.39 -71.96 -6.24
C GLN B 368 -15.26 -71.51 -7.14
N ARG B 369 -15.40 -70.30 -7.67
CA ARG B 369 -14.41 -69.68 -8.52
C ARG B 369 -13.44 -68.87 -7.65
N LYS B 370 -12.67 -67.99 -8.28
CA LYS B 370 -11.70 -67.17 -7.55
C LYS B 370 -12.39 -66.14 -6.67
N GLU B 371 -13.63 -65.75 -7.01
CA GLU B 371 -14.39 -64.68 -6.33
C GLU B 371 -13.59 -63.38 -6.34
N SER B 372 -13.53 -62.82 -7.55
CA SER B 372 -12.52 -61.86 -7.96
C SER B 372 -12.59 -60.55 -7.16
N GLY B 373 -11.41 -60.10 -6.74
CA GLY B 373 -11.21 -58.77 -6.21
C GLY B 373 -10.35 -57.94 -7.12
N LEU B 374 -9.06 -57.89 -6.79
CA LEU B 374 -8.07 -57.06 -7.49
C LEU B 374 -7.88 -57.48 -8.94
N MET B 375 -7.35 -56.55 -9.73
CA MET B 375 -6.95 -56.82 -11.11
C MET B 375 -5.46 -56.60 -11.35
N GLY B 376 -4.80 -55.73 -10.59
CA GLY B 376 -3.42 -55.38 -10.89
C GLY B 376 -2.42 -56.45 -10.55
N LEU B 377 -2.68 -57.21 -9.49
CA LEU B 377 -1.78 -58.27 -9.06
C LEU B 377 -2.12 -59.63 -9.67
N GLN B 378 -3.06 -59.66 -10.61
CA GLN B 378 -3.55 -60.94 -11.13
C GLN B 378 -2.52 -61.66 -12.00
N THR B 379 -1.57 -60.94 -12.58
CA THR B 379 -0.48 -61.58 -13.32
C THR B 379 0.39 -62.40 -12.39
N PHE B 380 0.68 -61.85 -11.20
CA PHE B 380 1.48 -62.55 -10.20
C PHE B 380 0.75 -63.78 -9.67
N LEU B 381 -0.55 -63.62 -9.40
CA LEU B 381 -1.35 -64.76 -8.93
C LEU B 381 -1.46 -65.84 -9.99
N LYS B 382 -1.54 -65.44 -11.27
CA LYS B 382 -1.64 -66.42 -12.33
C LYS B 382 -0.33 -67.17 -12.54
N ALA B 383 0.79 -66.48 -12.43
CA ALA B 383 2.09 -67.13 -12.52
C ALA B 383 2.30 -68.11 -11.37
N THR B 384 1.87 -67.72 -10.16
CA THR B 384 1.92 -68.62 -9.02
C THR B 384 1.01 -69.84 -9.21
N ASP B 385 -0.15 -69.64 -9.83
CA ASP B 385 -1.06 -70.75 -10.11
C ASP B 385 -0.45 -71.73 -11.11
N ASP B 386 0.17 -71.22 -12.17
CA ASP B 386 0.78 -72.09 -13.17
C ASP B 386 1.98 -72.84 -12.60
N MET B 387 2.77 -72.19 -11.74
CA MET B 387 3.88 -72.93 -11.13
C MET B 387 3.39 -73.96 -10.13
N ASP B 388 2.27 -73.68 -9.43
CA ASP B 388 1.69 -74.69 -8.55
C ASP B 388 1.15 -75.88 -9.35
N ARG B 389 0.58 -75.62 -10.53
CA ARG B 389 0.09 -76.71 -11.36
C ARG B 389 1.23 -77.59 -11.85
N LEU B 390 2.36 -76.98 -12.24
CA LEU B 390 3.52 -77.76 -12.67
C LEU B 390 4.12 -78.55 -11.50
N ILE B 391 4.17 -77.92 -10.31
CA ILE B 391 4.70 -78.57 -9.11
C ILE B 391 3.86 -79.80 -8.76
N PHE B 392 2.54 -79.66 -8.82
CA PHE B 392 1.70 -80.80 -8.45
C PHE B 392 1.64 -81.86 -9.53
N ARG B 393 1.85 -81.49 -10.81
CA ARG B 393 2.01 -82.51 -11.84
C ARG B 393 3.26 -83.34 -11.60
N LEU B 394 4.37 -82.70 -11.24
CA LEU B 394 5.59 -83.44 -10.95
C LEU B 394 5.45 -84.27 -9.67
N ALA B 395 4.72 -83.75 -8.68
CA ALA B 395 4.54 -84.48 -7.42
C ALA B 395 3.64 -85.69 -7.62
N VAL B 396 2.61 -85.57 -8.44
CA VAL B 396 1.76 -86.73 -8.77
C VAL B 396 2.55 -87.75 -9.56
N SER B 397 3.43 -87.28 -10.46
CA SER B 397 4.28 -88.22 -11.22
C SER B 397 5.29 -88.92 -10.33
N PHE B 398 5.74 -88.28 -9.25
CA PHE B 398 6.61 -88.97 -8.29
C PHE B 398 5.84 -89.95 -7.40
N ILE B 399 4.64 -89.55 -6.96
CA ILE B 399 3.86 -90.38 -6.04
C ILE B 399 3.38 -91.64 -6.74
N CYS B 400 2.93 -91.51 -7.99
CA CYS B 400 2.49 -92.67 -8.75
C CYS B 400 3.62 -93.58 -9.21
N GLU B 401 4.88 -93.21 -8.94
CA GLU B 401 6.03 -93.98 -9.37
C GLU B 401 6.84 -94.58 -8.24
N TYR B 402 6.90 -93.92 -7.08
CA TYR B 402 7.76 -94.38 -6.00
C TYR B 402 7.01 -94.91 -4.79
N PHE B 403 5.72 -94.60 -4.65
CA PHE B 403 4.98 -95.04 -3.48
C PHE B 403 4.57 -96.50 -3.65
N THR B 404 5.04 -97.36 -2.75
CA THR B 404 4.66 -98.76 -2.76
C THR B 404 3.25 -98.93 -2.22
N LYS B 405 2.75 -100.16 -2.27
CA LYS B 405 1.38 -100.42 -1.82
C LYS B 405 1.27 -100.33 -0.31
N GLU B 406 2.26 -100.85 0.42
CA GLU B 406 2.23 -100.72 1.88
C GLU B 406 2.51 -99.29 2.31
N GLN B 407 3.24 -98.52 1.50
CA GLN B 407 3.42 -97.10 1.78
C GLN B 407 2.11 -96.35 1.60
N VAL B 408 1.32 -96.74 0.59
CA VAL B 408 0.02 -96.11 0.35
C VAL B 408 -0.96 -96.47 1.46
N PHE B 409 -1.00 -97.74 1.86
CA PHE B 409 -1.95 -98.19 2.86
C PHE B 409 -1.60 -97.74 4.28
N LYS B 410 -0.42 -97.18 4.50
CA LYS B 410 -0.11 -96.54 5.77
C LYS B 410 -0.60 -95.10 5.84
N ILE B 411 -0.95 -94.51 4.70
CA ILE B 411 -1.33 -93.11 4.62
C ILE B 411 -2.84 -92.95 4.51
N VAL B 412 -3.47 -93.72 3.63
CA VAL B 412 -4.88 -93.55 3.32
C VAL B 412 -5.69 -94.54 4.15
N ASP B 413 -7.00 -94.35 4.15
CA ASP B 413 -7.90 -95.24 4.87
C ASP B 413 -8.03 -96.57 4.13
N LYS B 414 -8.72 -97.51 4.77
CA LYS B 414 -8.90 -98.84 4.18
C LYS B 414 -9.86 -98.79 3.00
N LYS B 415 -10.90 -97.96 3.09
CA LYS B 415 -11.88 -97.88 2.02
C LYS B 415 -11.31 -97.18 0.79
N LEU B 416 -10.49 -96.15 0.99
CA LEU B 416 -9.88 -95.45 -0.13
C LEU B 416 -8.86 -96.33 -0.84
N GLY B 417 -8.21 -97.22 -0.11
CA GLY B 417 -7.29 -98.16 -0.73
C GLY B 417 -8.01 -99.29 -1.44
N ASP B 418 -9.12 -99.74 -0.86
CA ASP B 418 -9.86 -100.85 -1.45
C ASP B 418 -10.70 -100.43 -2.65
N ARG B 419 -11.04 -99.15 -2.77
CA ARG B 419 -11.81 -98.71 -3.92
C ARG B 419 -10.96 -98.61 -5.19
N TYR B 420 -9.66 -98.40 -5.04
CA TYR B 420 -8.80 -98.26 -6.22
C TYR B 420 -8.22 -99.59 -6.67
N PHE B 421 -7.77 -100.43 -5.75
CA PHE B 421 -7.19 -101.73 -6.09
C PHE B 421 -8.28 -102.80 -6.19
N LYS B 422 -9.17 -102.58 -7.15
CA LYS B 422 -10.35 -103.43 -7.44
C LYS B 422 -11.23 -103.67 -6.22
N ASP B 427 -3.52 -104.08 -11.84
CA ASP B 427 -3.08 -103.57 -10.55
C ASP B 427 -1.57 -103.57 -10.45
N ASP B 428 -1.01 -104.77 -10.22
CA ASP B 428 0.42 -105.04 -10.15
C ASP B 428 1.13 -104.22 -9.06
N ASN B 429 0.40 -103.97 -7.95
CA ASN B 429 0.92 -103.34 -6.74
C ASN B 429 1.52 -101.96 -6.97
N LYS B 430 0.98 -101.21 -7.93
CA LYS B 430 1.48 -99.89 -8.25
C LYS B 430 0.33 -99.02 -8.74
N ILE B 431 0.33 -97.76 -8.32
CA ILE B 431 -0.66 -96.81 -8.81
C ILE B 431 -0.30 -96.45 -10.25
N ARG B 432 -1.21 -96.74 -11.18
CA ARG B 432 -1.00 -96.52 -12.61
C ARG B 432 -2.07 -95.58 -13.14
N PRO B 433 -1.90 -94.28 -13.00
CA PRO B 433 -2.84 -93.35 -13.61
C PRO B 433 -2.57 -93.18 -15.09
N LEU B 434 -3.65 -93.03 -15.85
CA LEU B 434 -3.54 -92.86 -17.28
C LEU B 434 -3.33 -91.38 -17.61
N LYS B 435 -3.39 -91.03 -18.89
CA LYS B 435 -3.15 -89.66 -19.28
C LYS B 435 -4.40 -88.80 -19.13
N PHE B 436 -5.54 -89.29 -19.63
CA PHE B 436 -6.80 -88.55 -19.54
C PHE B 436 -7.61 -89.06 -18.36
N ASP B 437 -7.08 -88.85 -17.17
CA ASP B 437 -7.76 -89.33 -15.98
C ASP B 437 -8.01 -88.25 -14.94
N LEU B 438 -7.09 -87.29 -14.80
CA LEU B 438 -7.14 -86.33 -13.71
C LEU B 438 -7.23 -84.91 -14.25
N ILE B 439 -7.92 -84.07 -13.48
CA ILE B 439 -8.06 -82.65 -13.76
C ILE B 439 -7.55 -81.89 -12.55
N LEU B 440 -6.64 -80.94 -12.77
CA LEU B 440 -6.02 -80.19 -11.69
C LEU B 440 -6.85 -78.94 -11.40
N LYS B 441 -7.39 -78.83 -10.19
CA LYS B 441 -8.17 -77.67 -9.79
C LYS B 441 -7.53 -77.03 -8.57
N SER B 442 -7.26 -75.74 -8.66
CA SER B 442 -6.65 -75.02 -7.55
C SER B 442 -7.69 -74.59 -6.53
N GLN B 443 -7.31 -74.63 -5.26
CA GLN B 443 -8.17 -74.19 -4.18
C GLN B 443 -7.29 -73.72 -3.03
N LEU B 444 -7.93 -73.29 -1.94
CA LEU B 444 -7.17 -72.87 -0.77
C LEU B 444 -6.63 -74.09 -0.02
N LYS B 445 -5.44 -73.94 0.54
CA LYS B 445 -4.80 -75.02 1.27
C LYS B 445 -5.52 -75.24 2.59
N THR B 446 -6.27 -76.33 2.68
CA THR B 446 -6.97 -76.68 3.90
C THR B 446 -6.77 -78.17 4.16
N GLU B 447 -6.99 -78.56 5.41
CA GLU B 447 -6.87 -79.96 5.78
C GLU B 447 -8.09 -80.72 5.29
N SER B 448 -7.92 -82.03 5.10
CA SER B 448 -8.91 -82.83 4.38
C SER B 448 -10.19 -83.02 5.20
N ARG B 449 -10.06 -83.19 6.52
CA ARG B 449 -11.24 -83.40 7.35
C ARG B 449 -12.09 -82.14 7.45
N ASP B 450 -11.48 -80.95 7.43
CA ASP B 450 -12.25 -79.71 7.47
C ASP B 450 -13.02 -79.49 6.16
N GLU B 451 -12.36 -79.79 5.03
CA GLU B 451 -13.01 -79.69 3.74
C GLU B 451 -14.16 -80.69 3.62
N LYS B 452 -13.94 -81.91 4.09
CA LYS B 452 -15.01 -82.90 4.07
C LYS B 452 -16.14 -82.52 5.01
N TRP B 453 -15.83 -81.87 6.13
CA TRP B 453 -16.87 -81.41 7.06
C TRP B 453 -17.72 -80.32 6.44
N TYR B 454 -17.10 -79.38 5.73
CA TYR B 454 -17.85 -78.32 5.07
C TYR B 454 -18.71 -78.87 3.93
N ASN B 455 -18.18 -79.84 3.19
CA ASN B 455 -18.94 -80.46 2.12
C ASN B 455 -20.12 -81.26 2.67
N TRP B 456 -19.91 -81.96 3.79
CA TRP B 456 -21.00 -82.68 4.45
C TRP B 456 -22.08 -81.72 4.95
N ASN B 457 -21.66 -80.57 5.48
CA ASN B 457 -22.62 -79.59 5.99
C ASN B 457 -23.48 -79.00 4.87
N GLU B 458 -22.84 -78.60 3.76
CA GLU B 458 -23.63 -78.05 2.66
C GLU B 458 -24.47 -79.12 1.97
N LEU B 459 -24.00 -80.37 1.95
CA LEU B 459 -24.79 -81.43 1.34
C LEU B 459 -26.01 -81.77 2.19
N LEU B 460 -25.87 -81.78 3.51
CA LEU B 460 -27.03 -82.01 4.36
C LEU B 460 -27.97 -80.82 4.38
N LYS B 461 -27.48 -79.61 4.15
CA LYS B 461 -28.40 -78.49 4.03
C LYS B 461 -29.04 -78.41 2.65
N ILE B 462 -28.48 -79.08 1.65
CA ILE B 462 -29.12 -79.14 0.34
C ILE B 462 -30.15 -80.25 0.29
N LEU B 463 -29.80 -81.44 0.80
CA LEU B 463 -30.65 -82.62 0.70
C LEU B 463 -31.79 -82.64 1.70
N ALA B 464 -31.95 -81.61 2.53
CA ALA B 464 -33.01 -81.65 3.54
C ALA B 464 -34.41 -81.47 2.95
N PRO B 465 -34.71 -80.48 2.05
CA PRO B 465 -36.09 -80.42 1.53
C PRO B 465 -36.37 -81.44 0.44
N ILE B 466 -35.38 -81.78 -0.38
CA ILE B 466 -35.66 -82.56 -1.58
C ILE B 466 -35.80 -84.05 -1.27
N ARG B 467 -35.04 -84.57 -0.32
CA ARG B 467 -35.12 -86.00 0.03
C ARG B 467 -34.72 -86.17 1.48
N PRO B 468 -35.68 -86.18 2.41
CA PRO B 468 -35.34 -86.19 3.83
C PRO B 468 -34.87 -87.55 4.35
N ASP B 469 -35.38 -88.65 3.78
CA ASP B 469 -35.06 -89.98 4.28
C ASP B 469 -33.60 -90.36 4.04
N LEU B 470 -32.92 -89.70 3.12
CA LEU B 470 -31.49 -89.89 2.94
C LEU B 470 -30.67 -89.25 4.04
N VAL B 471 -31.21 -88.25 4.72
CA VAL B 471 -30.45 -87.45 5.69
C VAL B 471 -30.05 -88.19 6.96
N PRO B 472 -30.92 -88.92 7.70
CA PRO B 472 -30.43 -89.54 8.94
C PRO B 472 -29.53 -90.75 8.74
N SER B 473 -29.37 -91.24 7.51
CA SER B 473 -28.40 -92.28 7.23
C SER B 473 -27.02 -91.73 6.89
N LEU B 474 -26.87 -90.40 6.83
CA LEU B 474 -25.60 -89.79 6.47
C LEU B 474 -24.84 -89.24 7.66
N VAL B 475 -25.50 -88.99 8.78
CA VAL B 475 -24.87 -88.36 9.94
C VAL B 475 -23.80 -89.18 10.67
N PRO B 476 -23.78 -90.53 10.68
CA PRO B 476 -22.54 -91.18 11.13
C PRO B 476 -21.41 -91.00 10.14
N LEU B 477 -21.70 -91.01 8.84
CA LEU B 477 -20.66 -90.74 7.86
C LEU B 477 -20.21 -89.28 7.88
N MET B 478 -21.09 -88.39 8.33
CA MET B 478 -20.66 -87.01 8.54
C MET B 478 -19.80 -86.88 9.78
N LEU B 479 -20.21 -87.54 10.87
CA LEU B 479 -19.51 -87.40 12.14
C LEU B 479 -18.19 -88.15 12.17
N ASN B 480 -18.00 -89.13 11.28
CA ASN B 480 -16.70 -89.78 11.17
C ASN B 480 -15.64 -88.85 10.59
N ASP B 481 -16.06 -87.81 9.85
CA ASP B 481 -15.15 -86.87 9.22
C ASP B 481 -15.06 -85.55 9.99
N MET B 482 -15.13 -85.61 11.31
CA MET B 482 -15.07 -84.42 12.16
C MET B 482 -13.73 -84.39 12.91
N ASP B 483 -13.11 -83.21 12.93
CA ASP B 483 -11.81 -83.03 13.55
C ASP B 483 -11.92 -82.60 15.01
N SER B 484 -13.11 -82.69 15.57
CA SER B 484 -13.33 -82.28 16.95
C SER B 484 -12.79 -83.33 17.93
N PRO B 485 -12.33 -82.90 19.11
CA PRO B 485 -11.90 -83.87 20.13
C PRO B 485 -13.03 -84.66 20.76
N ILE B 486 -14.29 -84.25 20.57
CA ILE B 486 -15.41 -85.00 21.14
C ILE B 486 -15.87 -86.12 20.23
N THR B 487 -15.17 -86.38 19.12
CA THR B 487 -15.66 -87.29 18.09
C THR B 487 -15.68 -88.74 18.58
N ASN B 488 -14.67 -89.15 19.35
CA ASN B 488 -14.61 -90.51 19.86
C ASN B 488 -15.69 -90.80 20.89
N ASP B 489 -16.27 -89.77 21.49
CA ASP B 489 -17.42 -89.95 22.38
C ASP B 489 -18.73 -90.00 21.60
N VAL B 490 -18.87 -89.16 20.57
CA VAL B 490 -20.09 -89.11 19.78
C VAL B 490 -20.28 -90.41 19.00
N LEU B 491 -19.18 -90.99 18.51
CA LEU B 491 -19.29 -92.23 17.74
C LEU B 491 -19.72 -93.41 18.61
N GLU B 492 -19.17 -93.52 19.84
CA GLU B 492 -19.62 -94.60 20.70
C GLU B 492 -21.01 -94.33 21.27
N ALA B 493 -21.42 -93.06 21.37
CA ALA B 493 -22.79 -92.74 21.72
C ALA B 493 -23.76 -93.18 20.63
N ILE B 494 -23.38 -92.98 19.36
CA ILE B 494 -24.18 -93.44 18.23
C ILE B 494 -24.28 -94.96 18.22
N GLN B 495 -23.15 -95.64 18.50
CA GLN B 495 -23.15 -97.11 18.52
C GLN B 495 -24.01 -97.65 19.66
N ASN B 496 -23.97 -97.01 20.83
CA ASN B 496 -24.81 -97.44 21.95
C ASN B 496 -26.28 -97.19 21.68
N ALA B 497 -26.60 -96.06 21.04
CA ALA B 497 -28.00 -95.77 20.71
C ALA B 497 -28.54 -96.74 19.66
N ASN B 498 -27.71 -97.08 18.67
CA ASN B 498 -28.14 -98.04 17.64
C ASN B 498 -28.29 -99.44 18.22
N ALA B 499 -27.40 -99.81 19.15
CA ALA B 499 -27.50 -101.11 19.81
C ALA B 499 -28.75 -101.19 20.68
N LEU B 500 -29.07 -100.12 21.40
CA LEU B 500 -30.28 -100.09 22.23
C LEU B 500 -31.53 -100.11 21.36
N GLN B 501 -31.50 -99.42 20.20
CA GLN B 501 -32.65 -99.39 19.32
C GLN B 501 -32.92 -100.75 18.69
N GLN B 502 -31.86 -101.40 18.19
CA GLN B 502 -32.05 -102.73 17.61
C GLN B 502 -32.36 -103.78 18.66
N GLN B 503 -31.90 -103.57 19.91
CA GLN B 503 -32.23 -104.47 21.00
C GLN B 503 -33.71 -104.37 21.36
N ASN B 504 -34.24 -103.13 21.45
CA ASN B 504 -35.67 -102.95 21.70
C ASN B 504 -36.51 -103.47 20.54
N ALA B 505 -36.03 -103.31 19.30
CA ALA B 505 -36.77 -103.80 18.14
C ALA B 505 -36.84 -105.33 18.12
N GLU B 506 -35.71 -105.99 18.35
CA GLU B 506 -35.72 -107.45 18.39
C GLU B 506 -36.35 -107.99 19.66
N ALA B 507 -36.53 -107.17 20.70
CA ALA B 507 -37.27 -107.62 21.87
C ALA B 507 -38.78 -107.49 21.67
N ASN B 508 -39.22 -106.48 20.92
CA ASN B 508 -40.65 -106.27 20.72
C ASN B 508 -41.20 -106.95 19.48
N ALA B 509 -40.35 -107.43 18.58
CA ALA B 509 -40.78 -108.13 17.35
C ALA B 509 -41.62 -109.40 17.51
N PRO B 510 -41.41 -110.27 18.53
CA PRO B 510 -42.35 -111.41 18.69
C PRO B 510 -43.79 -110.99 18.98
N TYR B 511 -43.99 -109.92 19.75
CA TYR B 511 -45.34 -109.42 19.98
C TYR B 511 -45.96 -108.89 18.68
N ASN B 512 -45.15 -108.24 17.84
CA ASN B 512 -45.65 -107.72 16.58
C ASN B 512 -46.04 -108.83 15.62
N GLN B 513 -45.22 -109.88 15.50
CA GLN B 513 -45.59 -110.98 14.61
C GLN B 513 -46.74 -111.81 15.19
N GLN B 514 -46.87 -111.84 16.52
CA GLN B 514 -48.04 -112.49 17.13
C GLN B 514 -49.32 -111.73 16.79
N ILE B 515 -49.27 -110.39 16.86
CA ILE B 515 -50.43 -109.57 16.50
C ILE B 515 -50.76 -109.72 15.02
N GLN B 516 -49.74 -109.84 14.16
CA GLN B 516 -49.95 -110.03 12.73
C GLN B 516 -50.65 -111.35 12.44
N ALA B 517 -50.13 -112.45 13.00
CA ALA B 517 -50.74 -113.76 12.80
C ALA B 517 -52.15 -113.82 13.38
N LEU B 518 -52.37 -113.14 14.50
CA LEU B 518 -53.68 -113.16 15.14
C LEU B 518 -54.71 -112.38 14.33
N GLN B 519 -54.28 -111.27 13.72
CA GLN B 519 -55.18 -110.52 12.84
C GLN B 519 -55.49 -111.29 11.57
N ILE B 520 -54.49 -112.04 11.06
CA ILE B 520 -54.71 -112.90 9.89
C ILE B 520 -55.74 -113.99 10.22
N GLN B 521 -55.62 -114.59 11.42
CA GLN B 521 -56.58 -115.61 11.83
C GLN B 521 -57.98 -115.02 12.06
N LYS B 522 -58.06 -113.78 12.53
CA LYS B 522 -59.36 -113.12 12.68
C LYS B 522 -60.01 -112.86 11.34
N LEU B 523 -59.23 -112.38 10.37
CA LEU B 523 -59.78 -112.10 9.07
C LEU B 523 -60.12 -113.37 8.30
N GLN B 524 -59.48 -114.51 8.61
CA GLN B 524 -59.90 -115.79 8.05
C GLN B 524 -61.15 -116.34 8.73
N ALA B 525 -61.28 -116.09 10.05
CA ALA B 525 -62.47 -116.51 10.77
C ALA B 525 -63.69 -115.77 10.29
N GLU B 526 -63.53 -114.52 9.85
CA GLU B 526 -64.64 -113.79 9.22
C GLU B 526 -65.06 -114.43 7.91
N ILE B 527 -64.09 -114.97 7.13
CA ILE B 527 -64.39 -115.67 5.88
C ILE B 527 -65.25 -116.88 6.15
N MET B 528 -64.79 -117.73 7.08
CA MET B 528 -65.52 -118.98 7.32
C MET B 528 -66.86 -118.71 8.00
N GLU B 529 -66.96 -117.62 8.78
CA GLU B 529 -68.23 -117.26 9.41
C GLU B 529 -69.26 -116.83 8.37
N LEU B 530 -68.87 -115.94 7.46
CA LEU B 530 -69.81 -115.47 6.45
C LEU B 530 -70.16 -116.57 5.45
N GLN B 531 -69.20 -117.46 5.14
CA GLN B 531 -69.50 -118.57 4.25
C GLN B 531 -70.47 -119.56 4.89
N ALA B 532 -70.31 -119.79 6.20
CA ALA B 532 -71.25 -120.68 6.89
C ALA B 532 -72.64 -120.06 7.00
N LYS B 533 -72.71 -118.74 7.20
CA LYS B 533 -74.01 -118.06 7.21
C LYS B 533 -74.69 -118.13 5.84
N ALA B 534 -73.92 -117.94 4.77
CA ALA B 534 -74.48 -118.05 3.43
C ALA B 534 -74.94 -119.48 3.13
N HIS B 535 -74.20 -120.47 3.61
CA HIS B 535 -74.58 -121.87 3.40
C HIS B 535 -75.87 -122.20 4.15
N LYS B 536 -75.99 -121.78 5.41
CA LYS B 536 -77.20 -122.11 6.17
C LYS B 536 -78.41 -121.33 5.66
N TYR B 537 -78.21 -120.12 5.14
CA TYR B 537 -79.34 -119.38 4.57
C TYR B 537 -79.79 -119.99 3.26
N ALA B 538 -78.84 -120.47 2.45
CA ALA B 538 -79.21 -121.13 1.20
C ALA B 538 -79.94 -122.45 1.45
N GLU B 539 -79.51 -123.21 2.46
CA GLU B 539 -80.22 -124.45 2.74
C GLU B 539 -81.58 -124.20 3.39
N GLN B 540 -81.72 -123.10 4.14
CA GLN B 540 -83.04 -122.72 4.64
C GLN B 540 -83.97 -122.31 3.51
N GLY B 541 -83.43 -121.63 2.50
CA GLY B 541 -84.24 -121.30 1.34
C GLY B 541 -84.66 -122.53 0.53
N ALA B 542 -83.76 -123.51 0.44
CA ALA B 542 -84.11 -124.76 -0.24
C ALA B 542 -85.17 -125.54 0.54
N LEU B 543 -85.06 -125.54 1.87
CA LEU B 543 -86.08 -126.16 2.72
C LEU B 543 -87.43 -125.48 2.55
N SER B 544 -87.43 -124.14 2.45
CA SER B 544 -88.67 -123.41 2.24
C SER B 544 -89.26 -123.71 0.86
N GLN B 545 -88.40 -123.89 -0.15
CA GLN B 545 -88.86 -124.27 -1.48
C GLN B 545 -89.51 -125.66 -1.46
N THR B 546 -88.92 -126.60 -0.72
CA THR B 546 -89.46 -127.95 -0.69
C THR B 546 -90.78 -128.02 0.08
N THR B 547 -90.90 -127.28 1.18
CA THR B 547 -92.17 -127.31 1.90
C THR B 547 -93.24 -126.50 1.16
N ASN B 548 -92.83 -125.51 0.36
CA ASN B 548 -93.76 -124.86 -0.57
C ASN B 548 -94.29 -125.85 -1.60
N GLU B 549 -93.41 -126.71 -2.11
CA GLU B 549 -93.82 -127.73 -3.08
C GLU B 549 -94.75 -128.76 -2.44
N SER B 550 -94.52 -129.11 -1.17
CA SER B 550 -95.40 -130.07 -0.51
C SER B 550 -96.76 -129.47 -0.21
N GLU B 551 -96.81 -128.19 0.17
CA GLU B 551 -98.09 -127.52 0.35
C GLU B 551 -98.83 -127.37 -0.98
N LYS B 552 -98.09 -127.19 -2.08
CA LYS B 552 -98.71 -127.16 -3.40
C LYS B 552 -99.29 -128.52 -3.78
N ILE B 553 -98.60 -129.61 -3.44
CA ILE B 553 -99.13 -130.94 -3.71
C ILE B 553 -100.34 -131.24 -2.82
N ASN B 554 -100.33 -130.73 -1.59
CA ASN B 554 -101.49 -130.87 -0.70
C ASN B 554 -102.70 -130.13 -1.25
N GLN B 555 -102.47 -128.95 -1.85
CA GLN B 555 -103.57 -128.24 -2.50
C GLN B 555 -104.06 -128.96 -3.76
N ALA B 556 -103.11 -129.50 -4.54
CA ALA B 556 -103.45 -130.17 -5.79
C ALA B 556 -104.16 -131.51 -5.55
N VAL B 557 -104.03 -132.09 -4.37
CA VAL B 557 -104.87 -133.24 -4.04
C VAL B 557 -106.12 -132.83 -3.24
N ALA B 558 -106.11 -131.67 -2.58
CA ALA B 558 -107.30 -131.22 -1.88
C ALA B 558 -108.37 -130.72 -2.83
N ILE B 559 -107.96 -130.22 -4.00
CA ILE B 559 -108.94 -129.81 -5.01
C ILE B 559 -109.66 -131.02 -5.59
N THR B 560 -109.01 -132.20 -5.61
CA THR B 560 -109.69 -133.40 -6.07
C THR B 560 -110.40 -134.12 -4.93
N GLU B 561 -109.97 -133.93 -3.69
CA GLU B 561 -110.75 -134.42 -2.55
C GLU B 561 -112.02 -133.61 -2.35
N MET B 562 -112.01 -132.33 -2.76
CA MET B 562 -113.24 -131.54 -2.74
C MET B 562 -114.20 -132.02 -3.83
N GLN B 563 -113.72 -132.17 -5.06
CA GLN B 563 -114.54 -132.67 -6.14
C GLN B 563 -114.16 -134.10 -6.49
N MET C 1 7.10 -73.37 -54.34
CA MET C 1 7.33 -74.81 -54.25
C MET C 1 8.82 -75.14 -54.35
N ASP C 2 9.60 -74.22 -54.91
CA ASP C 2 11.05 -74.26 -54.85
C ASP C 2 11.56 -73.02 -54.14
N PHE C 3 12.89 -72.90 -54.08
CA PHE C 3 13.53 -71.89 -53.24
C PHE C 3 13.34 -70.47 -53.77
N THR C 4 13.14 -70.33 -55.09
CA THR C 4 13.12 -69.01 -55.70
C THR C 4 11.87 -68.22 -55.31
N THR C 5 10.69 -68.80 -55.52
CA THR C 5 9.47 -68.08 -55.16
C THR C 5 9.28 -68.02 -53.65
N LEU C 6 9.82 -69.00 -52.91
CA LEU C 6 9.76 -68.93 -51.45
C LEU C 6 10.57 -67.75 -50.94
N GLN C 7 11.77 -67.54 -51.48
CA GLN C 7 12.61 -66.42 -51.06
C GLN C 7 12.00 -65.09 -51.51
N ASN C 8 11.45 -65.05 -52.73
CA ASN C 8 10.88 -63.79 -53.23
C ASN C 8 9.61 -63.40 -52.49
N ASP C 9 8.73 -64.37 -52.22
CA ASP C 9 7.52 -64.05 -51.48
C ASP C 9 7.81 -63.79 -50.01
N PHE C 10 8.83 -64.42 -49.44
CA PHE C 10 9.21 -64.07 -48.07
C PHE C 10 9.78 -62.67 -48.00
N THR C 11 10.54 -62.25 -49.02
CA THR C 11 11.04 -60.88 -49.05
C THR C 11 9.91 -59.87 -49.21
N ASN C 12 8.95 -60.17 -50.09
CA ASN C 12 7.82 -59.27 -50.29
C ASN C 12 6.93 -59.19 -49.05
N ASP C 13 6.81 -60.30 -48.32
CA ASP C 13 5.98 -60.28 -47.12
C ASP C 13 6.71 -59.65 -45.94
N TYR C 14 8.03 -59.79 -45.87
CA TYR C 14 8.78 -59.26 -44.74
C TYR C 14 9.00 -57.75 -44.88
N GLN C 15 9.21 -57.27 -46.10
CA GLN C 15 9.44 -55.84 -46.28
C GLN C 15 8.16 -55.03 -46.11
N LYS C 16 7.01 -55.62 -46.44
CA LYS C 16 5.74 -54.92 -46.28
C LYS C 16 5.16 -55.07 -44.89
N ALA C 17 5.80 -55.85 -44.01
CA ALA C 17 5.37 -55.99 -42.62
C ALA C 17 6.45 -55.55 -41.64
N LEU C 18 7.42 -54.77 -42.11
CA LEU C 18 8.48 -54.29 -41.24
C LEU C 18 8.07 -53.07 -40.43
N ILE C 19 7.22 -52.21 -41.03
CA ILE C 19 6.81 -50.99 -40.36
C ILE C 19 5.85 -51.28 -39.21
N ALA C 20 5.20 -52.43 -39.22
CA ALA C 20 4.34 -52.82 -38.11
C ALA C 20 5.08 -53.65 -37.07
N ASN C 21 6.05 -54.46 -37.50
CA ASN C 21 6.85 -55.21 -36.54
C ASN C 21 7.79 -54.29 -35.77
N ASN C 22 8.25 -53.20 -36.39
CA ASN C 22 9.03 -52.20 -35.67
C ASN C 22 8.21 -51.52 -34.59
N GLU C 23 6.94 -51.22 -34.90
CA GLU C 23 6.07 -50.63 -33.88
C GLU C 23 5.69 -51.64 -32.80
N PHE C 24 5.60 -52.93 -33.16
CA PHE C 24 5.39 -53.96 -32.16
C PHE C 24 6.56 -54.06 -31.19
N LEU C 25 7.79 -54.03 -31.72
CA LEU C 25 8.97 -54.08 -30.86
C LEU C 25 9.13 -52.81 -30.04
N GLU C 26 8.75 -51.65 -30.60
CA GLU C 26 8.70 -50.42 -29.82
C GLU C 26 7.70 -50.52 -28.67
N ALA C 27 6.53 -51.12 -28.93
CA ALA C 27 5.51 -51.26 -27.90
C ALA C 27 5.95 -52.21 -26.81
N LYS C 28 6.63 -53.30 -27.19
CA LYS C 28 7.14 -54.23 -26.19
C LYS C 28 8.31 -53.64 -25.41
N LYS C 29 9.07 -52.73 -26.01
CA LYS C 29 10.12 -52.04 -25.26
C LYS C 29 9.53 -51.02 -24.31
N TYR C 30 8.48 -50.31 -24.73
CA TYR C 30 7.82 -49.35 -23.86
C TYR C 30 7.10 -50.04 -22.71
N TYR C 31 6.61 -51.27 -22.93
CA TYR C 31 5.96 -52.01 -21.86
C TYR C 31 6.96 -52.48 -20.81
N ASN C 32 8.22 -52.69 -21.20
CA ASN C 32 9.23 -53.24 -20.31
C ASN C 32 10.19 -52.17 -19.80
N GLY C 33 9.73 -50.94 -19.61
CA GLY C 33 10.49 -49.89 -18.98
C GLY C 33 11.30 -49.02 -19.94
N ASN C 34 11.69 -49.56 -21.09
CA ASN C 34 12.50 -48.79 -22.04
C ASN C 34 11.66 -47.75 -22.75
N GLN C 35 11.44 -46.60 -22.10
CA GLN C 35 10.56 -45.57 -22.62
C GLN C 35 11.27 -44.31 -23.06
N LEU C 36 12.52 -44.12 -22.67
CA LEU C 36 13.17 -42.89 -23.09
C LEU C 36 14.05 -43.12 -24.30
N PRO C 37 14.13 -42.16 -25.22
CA PRO C 37 15.06 -42.29 -26.35
C PRO C 37 16.51 -42.14 -25.94
N GLN C 38 17.42 -42.35 -26.88
CA GLN C 38 18.84 -42.30 -26.56
C GLN C 38 19.32 -40.88 -26.35
N ASP C 39 18.84 -39.94 -27.17
CA ASP C 39 19.27 -38.56 -27.03
C ASP C 39 18.70 -37.90 -25.78
N VAL C 40 17.47 -38.26 -25.40
CA VAL C 40 16.88 -37.75 -24.17
C VAL C 40 17.63 -38.31 -22.95
N LEU C 41 18.03 -39.59 -23.02
CA LEU C 41 18.83 -40.18 -21.95
C LEU C 41 20.19 -39.52 -21.85
N ASN C 42 20.79 -39.17 -22.98
CA ASN C 42 22.08 -38.48 -22.96
C ASN C 42 21.94 -37.07 -22.40
N ILE C 43 20.87 -36.36 -22.77
CA ILE C 43 20.62 -35.00 -22.28
C ILE C 43 20.39 -35.02 -20.77
N ILE C 44 19.69 -36.04 -20.28
CA ILE C 44 19.46 -36.16 -18.84
C ILE C 44 20.76 -36.51 -18.12
N LEU C 45 21.55 -37.44 -18.66
CA LEU C 45 22.76 -37.88 -17.98
C LEU C 45 23.90 -36.89 -18.07
N GLU C 46 23.86 -35.96 -19.02
CA GLU C 46 24.90 -34.93 -19.08
C GLU C 46 24.73 -33.88 -18.00
N ARG C 47 23.52 -33.69 -17.48
CA ARG C 47 23.29 -32.77 -16.38
C ARG C 47 23.48 -33.42 -15.01
N GLY C 48 23.91 -34.68 -14.97
CA GLY C 48 24.04 -35.37 -13.70
C GLY C 48 22.72 -35.73 -13.07
N GLN C 49 21.66 -35.84 -13.86
CA GLN C 49 20.32 -36.14 -13.37
C GLN C 49 20.02 -37.62 -13.57
N THR C 50 19.31 -38.19 -12.61
CA THR C 50 18.88 -39.58 -12.74
C THR C 50 17.57 -39.63 -13.53
N PRO C 51 17.52 -40.34 -14.65
CA PRO C 51 16.30 -40.39 -15.46
C PRO C 51 15.23 -41.24 -14.77
N ILE C 52 14.10 -40.62 -14.45
CA ILE C 52 12.98 -41.29 -13.84
C ILE C 52 11.94 -41.61 -14.91
N ILE C 53 11.54 -42.87 -14.99
CA ILE C 53 10.60 -43.34 -15.99
C ILE C 53 9.35 -43.79 -15.26
N GLU C 54 8.25 -43.09 -15.50
CA GLU C 54 6.95 -43.44 -14.94
C GLU C 54 6.25 -44.37 -15.91
N ASN C 55 6.21 -45.66 -15.60
CA ASN C 55 5.59 -46.65 -16.48
C ASN C 55 4.10 -46.72 -16.19
N MET C 56 3.42 -45.63 -16.56
CA MET C 56 2.03 -45.43 -16.19
C MET C 56 1.06 -46.27 -17.01
N PHE C 57 1.49 -46.77 -18.18
CA PHE C 57 0.59 -47.61 -18.97
C PHE C 57 0.84 -49.10 -18.78
N LYS C 58 1.90 -49.49 -18.07
CA LYS C 58 2.07 -50.90 -17.73
C LYS C 58 0.99 -51.34 -16.74
N VAL C 59 0.60 -50.46 -15.83
CA VAL C 59 -0.45 -50.81 -14.87
C VAL C 59 -1.81 -50.83 -15.55
N ILE C 60 -1.99 -50.06 -16.64
CA ILE C 60 -3.23 -50.09 -17.40
C ILE C 60 -3.39 -51.43 -18.11
N VAL C 61 -2.34 -51.86 -18.80
CA VAL C 61 -2.34 -53.15 -19.46
C VAL C 61 -2.46 -54.28 -18.44
N ASN C 62 -1.83 -54.12 -17.28
CA ASN C 62 -1.93 -55.11 -16.22
C ASN C 62 -3.35 -55.18 -15.66
N LYS C 63 -4.06 -54.05 -15.62
CA LYS C 63 -5.45 -54.06 -15.15
C LYS C 63 -6.37 -54.75 -16.15
N ILE C 64 -6.19 -54.46 -17.44
CA ILE C 64 -7.03 -55.10 -18.46
C ILE C 64 -6.73 -56.60 -18.55
N LEU C 65 -5.45 -56.97 -18.47
CA LEU C 65 -5.10 -58.38 -18.48
C LEU C 65 -5.50 -59.07 -17.19
N GLY C 66 -5.57 -58.34 -16.08
CA GLY C 66 -6.08 -58.93 -14.85
C GLY C 66 -7.57 -59.16 -14.90
N TYR C 67 -8.29 -58.33 -15.65
CA TYR C 67 -9.68 -58.65 -15.96
C TYR C 67 -9.78 -59.88 -16.84
N LYS C 68 -8.87 -60.00 -17.80
CA LYS C 68 -8.95 -61.12 -18.75
C LYS C 68 -8.45 -62.44 -18.19
N ILE C 69 -7.64 -62.42 -17.14
CA ILE C 69 -7.08 -63.65 -16.57
C ILE C 69 -8.18 -64.50 -15.95
N GLU C 70 -9.05 -63.86 -15.18
CA GLU C 70 -10.11 -64.59 -14.50
C GLU C 70 -11.35 -64.75 -15.38
N SER C 71 -11.51 -63.91 -16.40
CA SER C 71 -12.56 -64.12 -17.40
C SER C 71 -12.02 -64.82 -18.64
N ILE C 72 -11.37 -65.96 -18.45
CA ILE C 72 -10.91 -66.77 -19.58
C ILE C 72 -12.13 -67.47 -20.18
N SER C 73 -12.34 -67.28 -21.46
CA SER C 73 -13.52 -67.79 -22.15
C SER C 73 -13.21 -69.13 -22.79
N GLU C 74 -14.07 -70.10 -22.53
CA GLU C 74 -14.09 -71.35 -23.27
C GLU C 74 -15.28 -71.33 -24.20
N ILE C 75 -15.29 -72.27 -25.14
CA ILE C 75 -16.38 -72.41 -26.11
C ILE C 75 -17.04 -73.76 -25.87
N ARG C 76 -18.31 -73.74 -25.54
CA ARG C 76 -19.11 -74.96 -25.47
C ARG C 76 -19.92 -75.11 -26.75
N LEU C 77 -20.31 -76.35 -27.02
CA LEU C 77 -21.03 -76.70 -28.24
C LEU C 77 -22.46 -77.05 -27.90
N SER C 78 -23.38 -76.57 -28.73
CA SER C 78 -24.80 -76.81 -28.54
C SER C 78 -25.37 -77.50 -29.78
N PRO C 79 -26.35 -78.39 -29.60
CA PRO C 79 -26.92 -79.07 -30.77
C PRO C 79 -27.85 -78.16 -31.55
N LYS C 80 -27.78 -78.29 -32.87
CA LYS C 80 -28.74 -77.60 -33.73
C LYS C 80 -30.07 -78.34 -33.74
N GLN C 81 -30.06 -79.61 -34.13
CA GLN C 81 -31.24 -80.46 -34.06
C GLN C 81 -31.27 -81.16 -32.70
N GLU C 82 -32.32 -81.95 -32.47
CA GLU C 82 -32.42 -82.70 -31.23
C GLU C 82 -31.52 -83.94 -31.23
N GLU C 83 -31.19 -84.47 -32.39
CA GLU C 83 -30.36 -85.67 -32.48
C GLU C 83 -28.87 -85.36 -32.38
N ASP C 84 -28.48 -84.09 -32.48
CA ASP C 84 -27.08 -83.70 -32.40
C ASP C 84 -26.57 -83.61 -30.97
N ARG C 85 -27.48 -83.68 -29.98
CA ARG C 85 -27.11 -83.49 -28.58
C ARG C 85 -26.13 -84.56 -28.11
N ALA C 86 -26.39 -85.82 -28.49
CA ALA C 86 -25.47 -86.91 -28.16
C ALA C 86 -24.12 -86.74 -28.84
N LEU C 87 -24.07 -85.99 -29.94
CA LEU C 87 -22.78 -85.57 -30.47
C LEU C 87 -22.17 -84.49 -29.59
N SER C 88 -22.94 -83.44 -29.29
CA SER C 88 -22.37 -82.23 -28.69
C SER C 88 -21.91 -82.48 -27.26
N ASP C 89 -22.74 -83.17 -26.47
CA ASP C 89 -22.33 -83.56 -25.13
C ASP C 89 -21.18 -84.55 -25.14
N LEU C 90 -20.96 -85.24 -26.27
CA LEU C 90 -19.71 -85.98 -26.44
C LEU C 90 -18.54 -85.02 -26.61
N LEU C 91 -18.68 -84.07 -27.54
CA LEU C 91 -17.55 -83.22 -27.92
C LEU C 91 -17.18 -82.23 -26.83
N ASN C 92 -18.17 -81.75 -26.06
CA ASN C 92 -17.88 -80.94 -24.90
C ASN C 92 -17.11 -81.72 -23.84
N SER C 93 -17.28 -83.05 -23.81
CA SER C 93 -16.45 -83.86 -22.93
C SER C 93 -15.07 -84.08 -23.52
N LEU C 94 -14.93 -83.97 -24.85
CA LEU C 94 -13.63 -84.18 -25.46
C LEU C 94 -12.82 -82.91 -25.55
N LEU C 95 -13.47 -81.75 -25.45
CA LEU C 95 -12.74 -80.49 -25.42
C LEU C 95 -12.15 -80.18 -24.05
N GLN C 96 -12.52 -80.94 -23.01
CA GLN C 96 -12.01 -80.66 -21.68
C GLN C 96 -10.54 -81.02 -21.54
N VAL C 97 -10.07 -82.03 -22.27
CA VAL C 97 -8.63 -82.31 -22.28
C VAL C 97 -7.86 -81.30 -23.11
N PHE C 98 -8.54 -80.51 -23.94
CA PHE C 98 -7.94 -79.36 -24.59
C PHE C 98 -8.05 -78.11 -23.71
N ILE C 99 -9.06 -78.05 -22.84
CA ILE C 99 -9.25 -76.89 -21.98
C ILE C 99 -8.31 -76.95 -20.79
N GLN C 100 -8.32 -78.05 -20.05
CA GLN C 100 -7.61 -78.13 -18.78
C GLN C 100 -6.17 -78.61 -18.93
N GLN C 101 -5.59 -78.47 -20.11
CA GLN C 101 -4.16 -78.68 -20.22
C GLN C 101 -3.42 -77.46 -19.70
N GLU C 102 -2.11 -77.62 -19.49
CA GLU C 102 -1.32 -76.56 -18.86
C GLU C 102 -1.05 -75.40 -19.80
N ASN C 103 -0.93 -75.66 -21.10
CA ASN C 103 -0.56 -74.62 -22.05
C ASN C 103 -1.69 -73.69 -22.42
N TYR C 104 -2.94 -74.03 -22.06
CA TYR C 104 -4.10 -73.28 -22.53
C TYR C 104 -4.12 -71.86 -21.95
N ASP C 105 -4.02 -71.75 -20.63
CA ASP C 105 -4.07 -70.44 -19.98
C ASP C 105 -2.86 -69.60 -20.33
N LYS C 106 -1.69 -70.23 -20.47
CA LYS C 106 -0.48 -69.52 -20.88
C LYS C 106 -0.62 -68.96 -22.28
N SER C 107 -1.14 -69.76 -23.21
CA SER C 107 -1.32 -69.30 -24.58
C SER C 107 -2.38 -68.22 -24.68
N MET C 108 -3.44 -68.32 -23.87
CA MET C 108 -4.48 -67.30 -23.92
C MET C 108 -4.00 -65.98 -23.33
N ILE C 109 -3.22 -66.03 -22.23
CA ILE C 109 -2.77 -64.77 -21.63
C ILE C 109 -1.67 -64.13 -22.47
N GLU C 110 -0.79 -64.95 -23.09
CA GLU C 110 0.16 -64.43 -24.07
C GLU C 110 -0.54 -63.83 -25.28
N ARG C 111 -1.64 -64.45 -25.71
CA ARG C 111 -2.43 -63.95 -26.82
C ARG C 111 -3.04 -62.59 -26.49
N ASP C 112 -3.62 -62.45 -25.30
CA ASP C 112 -4.23 -61.18 -24.91
C ASP C 112 -3.19 -60.10 -24.70
N LYS C 113 -2.01 -60.45 -24.18
CA LYS C 113 -0.94 -59.48 -24.03
C LYS C 113 -0.43 -59.01 -25.39
N ASN C 114 -0.31 -59.93 -26.36
CA ASN C 114 0.11 -59.53 -27.69
C ASN C 114 -0.97 -58.73 -28.42
N LEU C 115 -2.24 -59.03 -28.16
CA LEU C 115 -3.33 -58.27 -28.78
C LEU C 115 -3.48 -56.90 -28.16
N LEU C 116 -3.07 -56.72 -26.91
CA LEU C 116 -3.22 -55.42 -26.26
C LEU C 116 -2.01 -54.53 -26.46
N ILE C 117 -0.80 -55.07 -26.30
CA ILE C 117 0.41 -54.29 -26.50
C ILE C 117 0.58 -53.92 -27.97
N GLY C 118 0.62 -54.92 -28.83
CA GLY C 118 0.60 -54.73 -30.25
C GLY C 118 -0.78 -54.94 -30.82
N GLY C 119 -0.83 -55.40 -32.07
CA GLY C 119 -2.11 -55.62 -32.72
C GLY C 119 -2.36 -57.08 -33.06
N LEU C 120 -1.32 -57.89 -33.05
CA LEU C 120 -1.41 -59.26 -33.51
C LEU C 120 -1.68 -60.23 -32.36
N GLY C 121 -2.45 -61.26 -32.64
CA GLY C 121 -2.54 -62.42 -31.77
C GLY C 121 -2.46 -63.69 -32.59
N VAL C 122 -1.45 -64.51 -32.34
CA VAL C 122 -1.20 -65.72 -33.14
C VAL C 122 -1.16 -66.92 -32.20
N ILE C 123 -2.03 -67.90 -32.44
CA ILE C 123 -2.05 -69.13 -31.66
C ILE C 123 -2.04 -70.30 -32.63
N GLN C 124 -1.08 -71.21 -32.46
CA GLN C 124 -1.00 -72.39 -33.29
C GLN C 124 -1.44 -73.63 -32.50
N LEU C 125 -1.92 -74.62 -33.25
CA LEU C 125 -2.39 -75.88 -32.69
C LEU C 125 -1.60 -77.02 -33.32
N TRP C 126 -1.50 -78.13 -32.58
CA TRP C 126 -0.78 -79.29 -33.07
C TRP C 126 -1.47 -80.56 -32.59
N VAL C 127 -1.22 -81.65 -33.31
CA VAL C 127 -1.97 -82.89 -33.13
C VAL C 127 -0.98 -83.99 -32.76
N SER C 128 -0.02 -83.65 -31.90
CA SER C 128 1.05 -84.58 -31.52
C SER C 128 0.51 -85.82 -30.81
N GLN C 129 1.13 -86.96 -31.11
CA GLN C 129 0.75 -88.27 -30.59
C GLN C 129 2.02 -88.98 -30.14
N ASP C 130 2.19 -89.15 -28.82
CA ASP C 130 3.54 -89.40 -28.30
C ASP C 130 3.98 -90.86 -28.42
N LYS C 131 3.41 -91.76 -27.60
CA LYS C 131 3.85 -93.15 -27.64
C LYS C 131 2.75 -94.19 -27.51
N ASP C 132 1.65 -93.89 -26.81
CA ASP C 132 0.68 -94.91 -26.40
C ASP C 132 -0.68 -94.67 -27.04
N LYS C 133 -0.66 -94.36 -28.34
CA LYS C 133 -1.85 -94.05 -29.15
C LYS C 133 -2.65 -92.89 -28.57
N ASN C 134 -1.97 -91.93 -27.95
CA ASN C 134 -2.62 -90.84 -27.22
C ASN C 134 -2.50 -89.58 -28.07
N VAL C 135 -3.56 -89.28 -28.82
CA VAL C 135 -3.60 -88.08 -29.64
C VAL C 135 -3.96 -86.89 -28.76
N GLU C 136 -3.17 -85.83 -28.86
CA GLU C 136 -3.39 -84.64 -28.06
C GLU C 136 -3.29 -83.41 -28.94
N ILE C 137 -4.02 -82.37 -28.55
CA ILE C 137 -4.06 -81.10 -29.27
C ILE C 137 -3.24 -80.11 -28.45
N GLU C 138 -1.98 -79.93 -28.81
CA GLU C 138 -1.16 -78.90 -28.19
C GLU C 138 -1.57 -77.53 -28.70
N ILE C 139 -1.43 -76.52 -27.84
CA ILE C 139 -1.73 -75.14 -28.16
C ILE C 139 -0.53 -74.29 -27.76
N LYS C 140 -0.09 -73.40 -28.64
CA LYS C 140 1.07 -72.56 -28.35
C LYS C 140 0.85 -71.17 -28.93
N ALA C 141 1.00 -70.15 -28.09
CA ALA C 141 0.97 -68.77 -28.57
C ALA C 141 2.32 -68.41 -29.18
N ILE C 142 2.29 -67.85 -30.38
CA ILE C 142 3.51 -67.53 -31.11
C ILE C 142 3.83 -66.05 -30.88
N LYS C 143 5.11 -65.76 -30.67
CA LYS C 143 5.59 -64.38 -30.59
C LYS C 143 5.35 -63.69 -31.93
N PRO C 144 4.60 -62.59 -31.94
CA PRO C 144 4.16 -62.02 -33.23
C PRO C 144 5.25 -61.32 -34.01
N GLU C 145 6.38 -60.97 -33.39
CA GLU C 145 7.45 -60.35 -34.17
C GLU C 145 8.18 -61.38 -35.01
N SER C 146 8.19 -62.64 -34.60
CA SER C 146 8.73 -63.73 -35.42
C SER C 146 7.63 -64.42 -36.19
N PHE C 147 6.80 -63.65 -36.89
CA PHE C 147 5.67 -64.20 -37.63
C PHE C 147 5.30 -63.23 -38.72
N VAL C 148 5.39 -63.67 -39.97
CA VAL C 148 5.15 -62.83 -41.13
C VAL C 148 3.89 -63.32 -41.84
N ILE C 149 2.96 -62.41 -42.06
CA ILE C 149 1.71 -62.72 -42.74
C ILE C 149 1.87 -62.29 -44.19
N ASP C 150 1.06 -62.88 -45.08
CA ASP C 150 0.98 -62.45 -46.46
C ASP C 150 0.54 -60.99 -46.54
N TYR C 151 1.25 -60.20 -47.36
CA TYR C 151 0.96 -58.78 -47.47
C TYR C 151 -0.34 -58.50 -48.22
N PHE C 152 -0.87 -59.48 -48.95
CA PHE C 152 -2.09 -59.26 -49.71
C PHE C 152 -3.34 -59.32 -48.85
N SER C 153 -3.27 -59.92 -47.68
CA SER C 153 -4.43 -60.00 -46.79
C SER C 153 -4.64 -58.65 -46.10
N THR C 154 -5.82 -58.08 -46.27
CA THR C 154 -6.13 -56.77 -45.72
C THR C 154 -6.97 -56.81 -44.46
N ASP C 155 -7.79 -57.84 -44.27
CA ASP C 155 -8.78 -57.84 -43.20
C ASP C 155 -8.17 -58.33 -41.89
N LYS C 156 -8.90 -58.12 -40.81
CA LYS C 156 -8.58 -58.78 -39.56
C LYS C 156 -8.92 -60.27 -39.67
N ASN C 157 -8.32 -61.05 -38.77
CA ASN C 157 -8.32 -62.51 -38.66
C ASN C 157 -7.55 -63.21 -39.78
N ALA C 158 -7.05 -62.49 -40.79
CA ALA C 158 -6.12 -62.98 -41.82
C ALA C 158 -6.66 -64.19 -42.58
N LEU C 159 -7.95 -64.15 -42.90
CA LEU C 159 -8.58 -65.32 -43.51
C LEU C 159 -8.26 -65.45 -44.99
N ASP C 160 -8.10 -64.35 -45.72
CA ASP C 160 -7.70 -64.43 -47.12
C ASP C 160 -6.19 -64.32 -47.29
N ALA C 161 -5.45 -65.11 -46.52
CA ALA C 161 -4.00 -65.12 -46.56
C ALA C 161 -3.54 -66.40 -47.23
N ARG C 162 -2.54 -66.28 -48.11
CA ARG C 162 -2.04 -67.41 -48.86
C ARG C 162 -0.80 -68.04 -48.27
N ARG C 163 -0.12 -67.35 -47.35
CA ARG C 163 1.09 -67.89 -46.76
C ARG C 163 1.34 -67.25 -45.39
N PHE C 164 1.88 -68.06 -44.49
CA PHE C 164 2.32 -67.60 -43.17
C PHE C 164 3.75 -68.06 -42.96
N HIS C 165 4.63 -67.13 -42.61
CA HIS C 165 6.02 -67.46 -42.34
C HIS C 165 6.33 -67.24 -40.87
N LYS C 166 7.09 -68.15 -40.27
CA LYS C 166 7.61 -67.96 -38.93
C LYS C 166 9.10 -68.25 -38.92
N MET C 167 9.88 -67.32 -38.39
CA MET C 167 11.33 -67.39 -38.37
C MET C 167 11.76 -67.91 -37.00
N LEU C 168 12.24 -69.15 -36.96
CA LEU C 168 12.54 -69.85 -35.72
C LEU C 168 14.03 -70.00 -35.50
N GLU C 169 14.43 -69.90 -34.25
CA GLU C 169 15.70 -70.41 -33.78
C GLU C 169 15.52 -71.89 -33.45
N VAL C 170 16.45 -72.72 -33.91
CA VAL C 170 16.39 -74.16 -33.67
C VAL C 170 17.76 -74.61 -33.21
N SER C 171 17.81 -75.36 -32.11
CA SER C 171 19.07 -75.92 -31.64
C SER C 171 19.48 -77.09 -32.53
N GLU C 172 20.68 -77.62 -32.27
CA GLU C 172 21.28 -78.60 -33.17
C GLU C 172 20.58 -79.95 -33.08
N GLN C 173 20.39 -80.46 -31.86
CA GLN C 173 19.76 -81.77 -31.70
C GLN C 173 18.26 -81.71 -31.99
N GLU C 174 17.62 -80.56 -31.78
CA GLU C 174 16.24 -80.40 -32.22
C GLU C 174 16.15 -80.36 -33.74
N ALA C 175 17.18 -79.86 -34.42
CA ALA C 175 17.21 -79.92 -35.86
C ALA C 175 17.48 -81.34 -36.36
N LEU C 176 18.25 -82.12 -35.59
CA LEU C 176 18.44 -83.53 -35.93
C LEU C 176 17.15 -84.32 -35.75
N LEU C 177 16.39 -84.01 -34.70
CA LEU C 177 15.12 -84.70 -34.50
C LEU C 177 14.06 -84.22 -35.48
N LEU C 178 14.17 -82.98 -35.95
CA LEU C 178 13.16 -82.42 -36.84
C LEU C 178 13.28 -83.01 -38.25
N PHE C 179 14.51 -83.24 -38.70
CA PHE C 179 14.75 -83.95 -39.95
C PHE C 179 16.13 -84.60 -39.86
N GLY C 180 16.28 -85.72 -40.55
CA GLY C 180 17.47 -86.54 -40.44
C GLY C 180 18.70 -85.90 -41.05
N ASP C 181 19.83 -86.56 -40.84
CA ASP C 181 21.14 -86.05 -41.24
C ASP C 181 21.43 -86.20 -42.73
N SER C 182 20.48 -86.72 -43.52
CA SER C 182 20.70 -86.88 -44.95
C SER C 182 20.70 -85.56 -45.70
N VAL C 183 20.05 -84.54 -45.16
CA VAL C 183 20.01 -83.24 -45.81
C VAL C 183 20.92 -82.29 -45.03
N ILE C 184 21.48 -81.32 -45.73
CA ILE C 184 22.55 -80.47 -45.22
C ILE C 184 21.93 -79.28 -44.50
N VAL C 185 22.42 -79.02 -43.29
CA VAL C 185 21.91 -77.95 -42.44
C VAL C 185 22.95 -76.83 -42.39
N ASN C 186 22.50 -75.59 -42.55
CA ASN C 186 23.38 -74.42 -42.45
C ASN C 186 23.29 -73.89 -41.03
N TYR C 187 24.21 -74.35 -40.18
CA TYR C 187 24.21 -73.94 -38.78
C TYR C 187 24.87 -72.57 -38.61
N SER C 188 24.76 -72.04 -37.41
CA SER C 188 25.48 -70.84 -37.00
C SER C 188 26.63 -71.25 -36.08
N ASN C 189 27.35 -70.25 -35.58
CA ASN C 189 28.43 -70.47 -34.64
C ASN C 189 28.43 -69.36 -33.58
N VAL C 190 27.25 -69.12 -32.98
CA VAL C 190 27.01 -67.89 -32.25
C VAL C 190 27.87 -67.81 -30.97
N ASN C 191 27.88 -68.86 -30.15
CA ASN C 191 28.95 -69.00 -29.17
C ASN C 191 29.69 -70.33 -29.32
N HIS C 192 29.04 -71.47 -29.08
CA HIS C 192 29.67 -72.77 -29.25
C HIS C 192 28.71 -73.87 -29.69
N GLU C 193 27.44 -73.58 -29.94
CA GLU C 193 26.41 -74.62 -29.88
C GLU C 193 25.80 -75.01 -31.22
N ARG C 194 26.10 -74.26 -32.29
CA ARG C 194 25.61 -74.51 -33.66
C ARG C 194 24.09 -74.51 -33.72
N ILE C 195 23.52 -73.33 -33.45
CA ILE C 195 22.10 -73.11 -33.66
C ILE C 195 21.85 -72.84 -35.13
N ALA C 196 20.58 -72.85 -35.54
CA ALA C 196 20.21 -72.65 -36.93
C ALA C 196 18.94 -71.82 -37.03
N SER C 197 18.89 -70.92 -38.00
CA SER C 197 17.71 -70.09 -38.25
C SER C 197 16.92 -70.72 -39.38
N VAL C 198 15.72 -71.21 -39.05
CA VAL C 198 14.89 -71.94 -39.99
C VAL C 198 13.57 -71.19 -40.16
N ILE C 199 13.18 -70.93 -41.39
CA ILE C 199 11.91 -70.30 -41.69
C ILE C 199 10.92 -71.40 -42.06
N GLU C 200 9.83 -71.48 -41.31
CA GLU C 200 8.76 -72.42 -41.59
C GLU C 200 7.63 -71.65 -42.27
N SER C 201 7.33 -72.03 -43.51
CA SER C 201 6.30 -71.39 -44.30
C SER C 201 5.13 -72.34 -44.48
N TRP C 202 3.93 -71.80 -44.39
CA TRP C 202 2.70 -72.54 -44.64
C TRP C 202 2.00 -71.87 -45.82
N TYR C 203 1.83 -72.62 -46.90
CA TYR C 203 1.31 -72.10 -48.15
C TYR C 203 -0.05 -72.71 -48.46
N LYS C 204 -0.99 -71.87 -48.87
CA LYS C 204 -2.31 -72.32 -49.30
C LYS C 204 -2.28 -72.51 -50.81
N GLU C 205 -2.42 -73.74 -51.26
CA GLU C 205 -2.45 -74.06 -52.68
C GLU C 205 -3.62 -75.00 -52.93
N TYR C 206 -4.36 -74.77 -54.00
CA TYR C 206 -5.45 -75.69 -54.34
C TYR C 206 -4.88 -76.87 -55.10
N ASN C 207 -5.44 -78.04 -54.86
CA ASN C 207 -4.97 -79.24 -55.51
C ASN C 207 -5.63 -79.37 -56.88
N GLU C 208 -5.17 -80.33 -57.68
CA GLU C 208 -5.80 -80.61 -58.97
C GLU C 208 -6.58 -81.91 -58.99
N GLU C 209 -6.27 -82.84 -58.09
CA GLU C 209 -7.08 -84.05 -57.97
C GLU C 209 -8.44 -83.71 -57.39
N THR C 210 -8.46 -83.19 -56.16
CA THR C 210 -9.63 -82.51 -55.63
C THR C 210 -9.50 -81.02 -55.90
N GLN C 211 -10.64 -80.33 -55.96
CA GLN C 211 -10.65 -78.91 -56.29
C GLN C 211 -10.71 -78.02 -55.06
N SER C 212 -10.08 -78.43 -53.96
CA SER C 212 -10.11 -77.68 -52.71
C SER C 212 -8.70 -77.20 -52.36
N TYR C 213 -8.66 -76.19 -51.48
CA TYR C 213 -7.39 -75.65 -51.01
C TYR C 213 -6.83 -76.52 -49.89
N GLU C 214 -5.51 -76.73 -49.92
CA GLU C 214 -4.80 -77.41 -48.86
C GLU C 214 -3.59 -76.58 -48.47
N TRP C 215 -3.15 -76.73 -47.23
CA TRP C 215 -1.99 -76.02 -46.71
C TRP C 215 -0.81 -76.97 -46.68
N ASN C 216 0.34 -76.50 -47.16
CA ASN C 216 1.56 -77.29 -47.21
C ASN C 216 2.66 -76.57 -46.44
N ARG C 217 3.55 -77.36 -45.84
CA ARG C 217 4.61 -76.83 -44.99
C ARG C 217 5.95 -76.96 -45.69
N TYR C 218 6.74 -75.88 -45.63
CA TYR C 218 8.09 -75.87 -46.16
C TYR C 218 9.01 -75.31 -45.08
N LEU C 219 9.87 -76.17 -44.52
CA LEU C 219 10.95 -75.72 -43.66
C LEU C 219 12.15 -75.44 -44.55
N TRP C 220 12.60 -74.19 -44.56
CA TRP C 220 13.66 -73.80 -45.46
C TRP C 220 14.53 -72.75 -44.78
N ASN C 221 15.72 -72.54 -45.34
CA ASN C 221 16.61 -71.50 -44.88
C ASN C 221 16.91 -70.56 -46.04
N ARG C 222 17.07 -69.28 -45.71
CA ARG C 222 17.57 -68.33 -46.70
C ARG C 222 19.00 -68.70 -47.05
N ASN C 223 19.33 -68.48 -48.35
CA ASN C 223 20.63 -68.78 -48.99
C ASN C 223 21.13 -70.21 -48.74
N THR C 224 20.21 -71.15 -48.47
CA THR C 224 20.59 -72.55 -48.33
C THR C 224 19.67 -73.44 -49.15
N GLY C 225 18.41 -73.06 -49.26
CA GLY C 225 17.42 -73.85 -49.94
C GLY C 225 16.37 -74.40 -49.00
N ILE C 226 15.68 -75.44 -49.47
CA ILE C 226 14.58 -76.05 -48.75
C ILE C 226 15.10 -77.24 -47.96
N TYR C 227 14.88 -77.23 -46.65
CA TYR C 227 15.26 -78.37 -45.83
C TYR C 227 14.26 -79.51 -45.95
N LYS C 228 12.99 -79.23 -45.74
CA LYS C 228 11.97 -80.27 -45.79
C LYS C 228 10.66 -79.71 -46.33
N SER C 229 10.08 -80.41 -47.30
CA SER C 229 8.84 -79.99 -47.93
C SER C 229 7.80 -81.09 -47.77
N GLU C 230 6.71 -80.78 -47.08
CA GLU C 230 5.60 -81.71 -46.93
C GLU C 230 4.32 -81.04 -47.39
N LYS C 231 3.44 -81.80 -48.02
CA LYS C 231 2.19 -81.28 -48.54
C LYS C 231 1.01 -81.95 -47.84
N LYS C 232 0.06 -81.11 -47.42
CA LYS C 232 -1.10 -81.51 -46.63
C LYS C 232 -0.73 -82.35 -45.41
N PRO C 233 0.02 -81.81 -44.45
CA PRO C 233 0.41 -82.64 -43.31
C PRO C 233 -0.56 -82.58 -42.14
N PHE C 234 -1.87 -82.57 -42.41
CA PHE C 234 -2.82 -82.59 -41.31
C PHE C 234 -4.11 -83.36 -41.61
N LYS C 235 -4.17 -84.13 -42.68
CA LYS C 235 -5.29 -84.97 -43.14
C LYS C 235 -6.52 -84.16 -43.57
N ASN C 236 -6.49 -82.83 -43.49
CA ASN C 236 -7.58 -82.01 -43.99
C ASN C 236 -7.11 -80.79 -44.76
N GLY C 237 -5.82 -80.48 -44.75
CA GLY C 237 -5.32 -79.28 -45.39
C GLY C 237 -5.72 -78.05 -44.61
N ALA C 238 -5.54 -78.08 -43.30
CA ALA C 238 -5.91 -76.98 -42.42
C ALA C 238 -4.65 -76.28 -41.93
N CYS C 239 -4.64 -74.97 -41.98
CA CYS C 239 -3.54 -74.20 -41.44
C CYS C 239 -3.58 -74.26 -39.91
N PRO C 240 -2.46 -74.52 -39.25
CA PRO C 240 -2.48 -74.61 -37.78
C PRO C 240 -2.58 -73.27 -37.09
N PHE C 241 -2.33 -72.17 -37.80
CA PHE C 241 -2.30 -70.85 -37.18
C PHE C 241 -3.69 -70.22 -37.14
N ILE C 242 -3.98 -69.57 -36.04
CA ILE C 242 -5.16 -68.73 -35.89
C ILE C 242 -4.67 -67.35 -35.51
N VAL C 243 -4.92 -66.38 -36.39
CA VAL C 243 -4.39 -65.03 -36.29
C VAL C 243 -5.58 -64.11 -36.11
N SER C 244 -5.42 -63.05 -35.32
CA SER C 244 -6.37 -61.94 -35.35
C SER C 244 -5.64 -60.62 -35.13
N LYS C 245 -5.98 -59.64 -35.95
CA LYS C 245 -5.42 -58.30 -35.85
C LYS C 245 -6.43 -57.37 -35.20
N LEU C 246 -6.01 -56.70 -34.14
CA LEU C 246 -6.80 -55.63 -33.53
C LEU C 246 -6.41 -54.31 -34.19
N TYR C 247 -7.43 -53.56 -34.64
CA TYR C 247 -7.29 -52.22 -35.25
C TYR C 247 -6.40 -52.27 -36.50
N THR C 248 -6.90 -52.93 -37.53
CA THR C 248 -6.28 -52.74 -38.84
C THR C 248 -6.63 -51.34 -39.35
N ASP C 249 -5.70 -50.74 -40.08
CA ASP C 249 -5.89 -49.37 -40.56
C ASP C 249 -5.48 -49.30 -42.02
N GLU C 250 -5.38 -48.07 -42.54
CA GLU C 250 -4.83 -47.86 -43.86
C GLU C 250 -3.33 -48.18 -43.88
N LEU C 251 -2.83 -48.46 -45.08
CA LEU C 251 -1.50 -49.02 -45.38
C LEU C 251 -1.30 -50.43 -44.81
N ASN C 252 -2.38 -51.07 -44.32
CA ASN C 252 -2.42 -52.47 -43.88
C ASN C 252 -1.43 -52.76 -42.76
N ASN C 253 -1.61 -52.06 -41.64
CA ASN C 253 -0.83 -52.29 -40.44
C ASN C 253 -1.75 -52.62 -39.29
N TYR C 254 -1.18 -53.20 -38.23
CA TYR C 254 -1.93 -53.35 -36.99
C TYR C 254 -1.54 -52.26 -36.01
N TYR C 255 -2.56 -51.60 -35.45
CA TYR C 255 -2.42 -50.35 -34.74
C TYR C 255 -2.25 -50.53 -33.24
N GLY C 256 -2.99 -51.46 -32.64
CA GLY C 256 -2.84 -51.79 -31.23
C GLY C 256 -3.37 -50.71 -30.31
N LEU C 257 -3.22 -50.96 -29.02
CA LEU C 257 -3.56 -49.97 -28.01
C LEU C 257 -2.36 -49.09 -27.67
N PHE C 258 -1.20 -49.34 -28.27
CA PHE C 258 -0.01 -48.62 -27.90
C PHE C 258 0.04 -47.22 -28.51
N ARG C 259 -0.41 -47.07 -29.76
CA ARG C 259 -0.16 -45.82 -30.48
C ARG C 259 -1.04 -44.67 -30.00
N ASP C 260 -2.27 -44.94 -29.59
CA ASP C 260 -3.12 -43.87 -29.12
C ASP C 260 -2.82 -43.43 -27.69
N ILE C 261 -2.15 -44.26 -26.90
CA ILE C 261 -1.75 -43.88 -25.54
C ILE C 261 -0.27 -43.58 -25.42
N LYS C 262 0.49 -43.73 -26.49
CA LYS C 262 1.92 -43.40 -26.52
C LYS C 262 2.25 -41.91 -26.30
N PRO C 263 1.57 -40.93 -26.94
CA PRO C 263 1.97 -39.53 -26.67
C PRO C 263 1.65 -39.05 -25.26
N MET C 264 0.63 -39.62 -24.61
CA MET C 264 0.39 -39.31 -23.21
C MET C 264 1.53 -39.81 -22.33
N GLN C 265 2.04 -41.01 -22.62
CA GLN C 265 3.17 -41.55 -21.87
C GLN C 265 4.44 -40.74 -22.13
N ASP C 266 4.63 -40.29 -23.37
CA ASP C 266 5.79 -39.45 -23.69
C ASP C 266 5.71 -38.09 -22.98
N PHE C 267 4.51 -37.50 -22.94
CA PHE C 267 4.37 -36.24 -22.22
C PHE C 267 4.53 -36.42 -20.72
N ILE C 268 4.11 -37.56 -20.18
CA ILE C 268 4.28 -37.82 -18.76
C ILE C 268 5.77 -37.95 -18.42
N ASN C 269 6.52 -38.69 -19.24
CA ASN C 269 7.96 -38.85 -19.00
C ASN C 269 8.70 -37.52 -19.18
N TYR C 270 8.34 -36.75 -20.21
CA TYR C 270 8.96 -35.46 -20.45
C TYR C 270 8.66 -34.48 -19.33
N ALA C 271 7.42 -34.48 -18.83
CA ALA C 271 7.05 -33.56 -17.76
C ALA C 271 7.74 -33.94 -16.46
N GLU C 272 7.87 -35.24 -16.17
CA GLU C 272 8.53 -35.66 -14.94
C GLU C 272 10.02 -35.35 -14.98
N ASN C 273 10.68 -35.61 -16.10
CA ASN C 273 12.11 -35.32 -16.18
C ASN C 273 12.39 -33.82 -16.25
N ARG C 274 11.53 -33.05 -16.92
CA ARG C 274 11.73 -31.61 -16.96
C ARG C 274 11.44 -30.96 -15.62
N MET C 275 10.49 -31.50 -14.85
CA MET C 275 10.25 -30.97 -13.52
C MET C 275 11.35 -31.37 -12.55
N GLY C 276 11.94 -32.56 -12.74
CA GLY C 276 13.12 -32.91 -11.97
C GLY C 276 14.34 -32.11 -12.33
N ASN C 277 14.40 -31.58 -13.55
CA ASN C 277 15.48 -30.69 -13.92
C ASN C 277 15.24 -29.26 -13.45
N MET C 278 13.98 -28.82 -13.39
CA MET C 278 13.67 -27.44 -13.04
C MET C 278 13.99 -27.15 -11.58
N MET C 279 13.39 -27.91 -10.67
CA MET C 279 13.85 -27.88 -9.29
C MET C 279 15.16 -28.65 -9.19
N GLY C 280 15.96 -28.29 -8.20
CA GLY C 280 17.28 -28.90 -8.09
C GLY C 280 18.32 -28.34 -9.02
N SER C 281 18.05 -27.21 -9.67
CA SER C 281 19.03 -26.57 -10.53
C SER C 281 18.68 -25.09 -10.64
N PHE C 282 19.67 -24.29 -11.04
CA PHE C 282 19.51 -22.85 -11.16
C PHE C 282 20.02 -22.40 -12.51
N LYS C 283 19.47 -21.28 -12.99
CA LYS C 283 19.90 -20.66 -14.23
C LYS C 283 20.28 -19.21 -13.95
N ALA C 284 21.30 -18.72 -14.65
CA ALA C 284 21.79 -17.38 -14.41
C ALA C 284 22.46 -16.85 -15.66
N MET C 285 22.26 -15.56 -15.92
CA MET C 285 23.01 -14.85 -16.94
C MET C 285 24.24 -14.22 -16.30
N PHE C 286 25.41 -14.60 -16.77
CA PHE C 286 26.67 -14.05 -16.31
C PHE C 286 27.21 -13.06 -17.32
N GLU C 287 27.85 -12.02 -16.83
CA GLU C 287 28.74 -11.29 -17.72
C GLU C 287 30.06 -12.04 -17.82
N GLU C 288 30.83 -11.72 -18.86
CA GLU C 288 32.10 -12.41 -19.07
C GLU C 288 33.21 -11.91 -18.16
N ASP C 289 32.92 -10.95 -17.27
CA ASP C 289 33.89 -10.45 -16.31
C ASP C 289 33.28 -10.40 -14.91
N ALA C 290 32.34 -11.30 -14.62
CA ALA C 290 31.64 -11.26 -13.34
C ALA C 290 32.51 -11.79 -12.21
N VAL C 291 33.12 -12.96 -12.42
CA VAL C 291 33.96 -13.58 -11.40
C VAL C 291 35.01 -14.43 -12.12
N VAL C 292 36.17 -14.59 -11.49
CA VAL C 292 37.17 -15.50 -12.03
C VAL C 292 36.71 -16.94 -11.80
N ASP C 293 36.98 -17.80 -12.78
CA ASP C 293 36.67 -19.24 -12.77
C ASP C 293 35.17 -19.47 -12.58
N VAL C 294 34.41 -19.06 -13.60
CA VAL C 294 32.95 -19.09 -13.51
C VAL C 294 32.43 -20.53 -13.50
N ALA C 295 33.17 -21.47 -14.09
CA ALA C 295 32.80 -22.87 -14.01
C ALA C 295 32.92 -23.38 -12.58
N GLU C 296 33.96 -22.93 -11.86
CA GLU C 296 34.12 -23.30 -10.46
C GLU C 296 32.98 -22.73 -9.63
N PHE C 297 32.55 -21.51 -9.95
CA PHE C 297 31.46 -20.86 -9.24
C PHE C 297 30.14 -21.57 -9.47
N VAL C 298 29.87 -22.02 -10.70
CA VAL C 298 28.62 -22.75 -10.91
C VAL C 298 28.70 -24.21 -10.46
N GLU C 299 29.90 -24.73 -10.19
CA GLU C 299 29.97 -26.02 -9.50
C GLU C 299 29.59 -25.86 -8.04
N THR C 300 30.22 -24.93 -7.32
CA THR C 300 29.87 -24.78 -5.90
C THR C 300 28.50 -24.14 -5.69
N MET C 301 27.96 -23.44 -6.67
CA MET C 301 26.64 -22.84 -6.53
C MET C 301 25.52 -23.85 -6.68
N SER C 302 25.77 -24.98 -7.35
CA SER C 302 24.72 -25.97 -7.57
C SER C 302 24.36 -26.74 -6.30
N LEU C 303 25.21 -26.71 -5.28
CA LEU C 303 24.91 -27.38 -4.04
C LEU C 303 23.85 -26.62 -3.25
N ASP C 304 23.17 -27.35 -2.36
CA ASP C 304 22.20 -26.74 -1.46
C ASP C 304 22.83 -26.16 -0.20
N ASN C 305 24.14 -26.34 -0.02
CA ASN C 305 24.89 -25.64 1.02
C ASN C 305 26.11 -25.03 0.32
N ALA C 306 25.92 -23.83 -0.22
CA ALA C 306 26.92 -23.19 -1.06
C ALA C 306 27.65 -22.13 -0.27
N ILE C 307 28.95 -22.29 -0.13
CA ILE C 307 29.83 -21.23 0.37
C ILE C 307 30.71 -20.84 -0.80
N ALA C 308 30.28 -19.85 -1.56
CA ALA C 308 30.97 -19.42 -2.77
C ALA C 308 31.74 -18.14 -2.49
N LYS C 309 33.05 -18.22 -2.56
CA LYS C 309 33.93 -17.08 -2.38
C LYS C 309 34.19 -16.43 -3.73
N VAL C 310 33.81 -15.16 -3.87
CA VAL C 310 33.97 -14.43 -5.12
C VAL C 310 35.01 -13.35 -4.91
N ARG C 311 35.33 -12.66 -6.02
CA ARG C 311 36.30 -11.57 -5.96
C ARG C 311 35.69 -10.38 -5.22
N PRO C 312 36.53 -9.49 -4.68
CA PRO C 312 36.00 -8.30 -3.99
C PRO C 312 35.23 -7.38 -4.92
N ASN C 313 34.23 -6.70 -4.33
CA ASN C 313 33.32 -5.78 -5.02
C ASN C 313 32.56 -6.45 -6.16
N ALA C 314 32.20 -7.72 -5.96
CA ALA C 314 31.39 -8.45 -6.92
C ALA C 314 29.95 -8.60 -6.49
N LEU C 315 29.58 -8.06 -5.32
CA LEU C 315 28.22 -8.10 -4.85
C LEU C 315 27.51 -6.75 -4.99
N LYS C 316 28.24 -5.69 -5.34
CA LYS C 316 27.67 -4.36 -5.46
C LYS C 316 27.46 -3.93 -6.90
N ASP C 317 27.97 -4.68 -7.87
CA ASP C 317 27.87 -4.30 -9.27
C ASP C 317 26.77 -5.05 -10.03
N HIS C 318 26.38 -6.23 -9.53
CA HIS C 318 25.32 -7.07 -10.09
C HIS C 318 25.63 -7.46 -11.53
N LYS C 319 26.74 -8.18 -11.71
CA LYS C 319 27.09 -8.76 -13.00
C LYS C 319 26.55 -10.17 -13.17
N ILE C 320 25.86 -10.70 -12.17
CA ILE C 320 25.21 -12.00 -12.23
C ILE C 320 23.72 -11.80 -12.03
N GLN C 321 22.92 -12.39 -12.91
CA GLN C 321 21.46 -12.29 -12.83
C GLN C 321 20.89 -13.69 -12.73
N PHE C 322 20.51 -14.10 -11.52
CA PHE C 322 19.89 -15.40 -11.31
C PHE C 322 18.45 -15.33 -11.79
N MET C 323 18.14 -16.07 -12.85
CA MET C 323 16.79 -16.07 -13.39
C MET C 323 15.94 -17.11 -12.68
N ASN C 324 14.63 -16.84 -12.64
CA ASN C 324 13.70 -17.73 -11.97
C ASN C 324 13.48 -18.98 -12.83
N ASN C 325 13.90 -20.13 -12.32
CA ASN C 325 13.78 -21.37 -13.08
C ASN C 325 12.39 -21.96 -12.99
N GLN C 326 11.77 -21.91 -11.82
CA GLN C 326 10.51 -22.62 -11.57
C GLN C 326 9.31 -21.71 -11.79
N ALA C 327 9.23 -21.17 -13.00
CA ALA C 327 8.03 -20.47 -13.44
C ALA C 327 7.05 -21.40 -14.12
N ASP C 328 7.34 -22.70 -14.17
CA ASP C 328 6.55 -23.65 -14.93
C ASP C 328 6.35 -24.96 -14.18
N LEU C 329 6.54 -24.97 -12.86
CA LEU C 329 6.36 -26.21 -12.10
C LEU C 329 4.90 -26.54 -11.93
N SER C 330 4.08 -25.53 -11.63
CA SER C 330 2.66 -25.77 -11.36
C SER C 330 1.91 -26.18 -12.60
N ALA C 331 2.19 -25.51 -13.73
CA ALA C 331 1.49 -25.83 -14.97
C ALA C 331 1.89 -27.22 -15.47
N LEU C 332 3.16 -27.59 -15.32
CA LEU C 332 3.59 -28.93 -15.69
C LEU C 332 3.02 -29.99 -14.75
N SER C 333 2.82 -29.67 -13.47
CA SER C 333 2.17 -30.60 -12.56
C SER C 333 0.73 -30.85 -12.95
N GLN C 334 0.00 -29.76 -13.28
CA GLN C 334 -1.39 -29.89 -13.70
C GLN C 334 -1.52 -30.63 -15.02
N LYS C 335 -0.59 -30.38 -15.95
CA LYS C 335 -0.64 -31.08 -17.24
C LYS C 335 -0.25 -32.54 -17.09
N ALA C 336 0.65 -32.86 -16.17
CA ALA C 336 1.02 -34.25 -15.93
C ALA C 336 -0.14 -35.02 -15.29
N GLU C 337 -0.86 -34.39 -14.36
CA GLU C 337 -2.04 -35.04 -13.80
C GLU C 337 -3.16 -35.18 -14.82
N GLN C 338 -3.31 -34.20 -15.71
CA GLN C 338 -4.32 -34.26 -16.76
C GLN C 338 -4.03 -35.38 -17.74
N LYS C 339 -2.77 -35.51 -18.19
CA LYS C 339 -2.43 -36.60 -19.09
C LYS C 339 -2.43 -37.95 -18.38
N ARG C 340 -2.20 -37.97 -17.05
CA ARG C 340 -2.29 -39.20 -16.30
C ARG C 340 -3.72 -39.70 -16.20
N GLN C 341 -4.69 -38.77 -16.10
CA GLN C 341 -6.09 -39.19 -16.16
C GLN C 341 -6.50 -39.57 -17.58
N LEU C 342 -5.99 -38.83 -18.57
CA LEU C 342 -6.30 -39.13 -19.97
C LEU C 342 -5.70 -40.46 -20.44
N LEU C 343 -4.66 -40.95 -19.77
CA LEU C 343 -4.14 -42.26 -20.11
C LEU C 343 -5.13 -43.36 -19.76
N ARG C 344 -5.77 -43.25 -18.59
CA ARG C 344 -6.83 -44.20 -18.24
C ARG C 344 -8.07 -43.97 -19.07
N LEU C 345 -8.30 -42.73 -19.51
CA LEU C 345 -9.48 -42.47 -20.34
C LEU C 345 -9.33 -43.04 -21.74
N LEU C 346 -8.15 -42.92 -22.34
CA LEU C 346 -7.95 -43.31 -23.74
C LEU C 346 -7.90 -44.81 -23.94
N ALA C 347 -7.59 -45.58 -22.91
CA ALA C 347 -7.52 -47.03 -23.02
C ALA C 347 -8.85 -47.70 -22.73
N GLY C 348 -9.91 -46.93 -22.54
CA GLY C 348 -11.20 -47.50 -22.24
C GLY C 348 -11.42 -47.88 -20.80
N LEU C 349 -10.51 -47.51 -19.90
CA LEU C 349 -10.68 -47.82 -18.49
C LEU C 349 -11.51 -46.79 -17.74
N ASN C 350 -12.12 -45.84 -18.43
CA ASN C 350 -13.16 -45.05 -17.80
C ASN C 350 -14.41 -45.92 -17.62
N ASP C 351 -15.32 -45.44 -16.77
CA ASP C 351 -16.36 -46.24 -16.13
C ASP C 351 -15.70 -47.47 -15.49
N GLU C 352 -14.88 -47.17 -14.48
CA GLU C 352 -14.17 -48.21 -13.73
C GLU C 352 -15.19 -48.97 -12.91
N SER C 353 -15.67 -50.07 -13.49
CA SER C 353 -16.60 -50.97 -12.83
C SER C 353 -16.17 -52.41 -13.04
N LEU C 354 -14.86 -52.63 -13.17
CA LEU C 354 -14.32 -53.97 -13.39
C LEU C 354 -14.59 -54.88 -12.20
N GLY C 355 -14.45 -54.35 -10.98
CA GLY C 355 -14.83 -55.10 -9.80
C GLY C 355 -16.31 -55.37 -9.71
N MET C 356 -17.13 -54.44 -10.22
CA MET C 356 -18.56 -54.71 -10.33
C MET C 356 -18.83 -55.71 -11.45
N ALA C 357 -18.05 -55.66 -12.52
CA ALA C 357 -18.31 -56.53 -13.67
C ALA C 357 -17.95 -57.99 -13.37
N VAL C 358 -16.91 -58.21 -12.56
CA VAL C 358 -16.53 -59.60 -12.26
C VAL C 358 -17.51 -60.23 -11.27
N ASN C 359 -18.09 -59.42 -10.38
CA ASN C 359 -19.20 -59.91 -9.55
C ASN C 359 -20.50 -60.00 -10.33
N ARG C 360 -20.59 -59.35 -11.49
CA ARG C 360 -21.72 -59.56 -12.38
C ARG C 360 -21.63 -60.88 -13.15
N GLN C 361 -20.46 -61.51 -13.16
CA GLN C 361 -20.28 -62.82 -13.81
C GLN C 361 -20.26 -63.95 -12.80
N SER C 362 -21.09 -63.88 -11.76
CA SER C 362 -21.26 -65.00 -10.86
C SER C 362 -22.37 -65.94 -11.33
N GLY C 363 -23.42 -65.39 -11.93
CA GLY C 363 -24.50 -66.20 -12.45
C GLY C 363 -24.15 -66.84 -13.77
N VAL C 364 -23.88 -68.14 -13.74
CA VAL C 364 -23.52 -68.91 -14.93
C VAL C 364 -24.50 -70.05 -15.09
N ALA C 365 -25.75 -69.82 -14.68
CA ALA C 365 -26.70 -70.90 -14.36
C ALA C 365 -27.07 -71.81 -15.52
N ILE C 366 -27.87 -71.35 -16.48
CA ILE C 366 -28.09 -72.16 -17.69
C ILE C 366 -27.91 -71.29 -18.93
N ALA C 367 -28.69 -70.21 -19.02
CA ALA C 367 -28.77 -69.39 -20.23
C ALA C 367 -28.51 -67.96 -19.82
N GLN C 368 -27.24 -67.55 -19.86
CA GLN C 368 -26.86 -66.22 -19.44
C GLN C 368 -26.10 -65.51 -20.55
N ARG C 369 -26.28 -64.19 -20.61
CA ARG C 369 -25.60 -63.34 -21.56
C ARG C 369 -24.28 -62.86 -20.97
N LYS C 370 -23.69 -61.83 -21.58
CA LYS C 370 -22.43 -61.29 -21.10
C LYS C 370 -22.58 -60.57 -19.76
N GLU C 371 -23.80 -60.10 -19.44
CA GLU C 371 -24.10 -59.30 -18.23
C GLU C 371 -23.19 -58.06 -18.21
N SER C 372 -23.53 -57.15 -19.12
CA SER C 372 -22.64 -56.10 -19.60
C SER C 372 -22.22 -55.12 -18.51
N GLY C 373 -20.92 -54.83 -18.47
CA GLY C 373 -20.36 -53.74 -17.72
C GLY C 373 -19.81 -52.65 -18.62
N LEU C 374 -18.50 -52.73 -18.84
CA LEU C 374 -17.75 -51.74 -19.61
C LEU C 374 -18.19 -51.68 -21.07
N MET C 375 -17.89 -50.54 -21.70
CA MET C 375 -18.07 -50.36 -23.13
C MET C 375 -16.78 -50.08 -23.89
N GLY C 376 -15.78 -49.50 -23.24
CA GLY C 376 -14.59 -49.07 -23.96
C GLY C 376 -13.68 -50.21 -24.37
N LEU C 377 -13.61 -51.27 -23.57
CA LEU C 377 -12.76 -52.41 -23.86
C LEU C 377 -13.48 -53.49 -24.66
N GLN C 378 -14.71 -53.23 -25.10
CA GLN C 378 -15.52 -54.27 -25.72
C GLN C 378 -15.01 -54.69 -27.09
N THR C 379 -14.26 -53.83 -27.78
CA THR C 379 -13.64 -54.21 -29.04
C THR C 379 -12.58 -55.29 -28.82
N PHE C 380 -11.79 -55.14 -27.74
CA PHE C 380 -10.77 -56.12 -27.41
C PHE C 380 -11.40 -57.45 -26.99
N LEU C 381 -12.47 -57.39 -26.19
CA LEU C 381 -13.17 -58.60 -25.78
C LEU C 381 -13.82 -59.29 -26.97
N LYS C 382 -14.32 -58.51 -27.93
CA LYS C 382 -14.97 -59.11 -29.10
C LYS C 382 -13.94 -59.76 -30.03
N ALA C 383 -12.77 -59.14 -30.18
CA ALA C 383 -11.71 -59.75 -30.98
C ALA C 383 -11.20 -61.03 -30.34
N THR C 384 -11.08 -61.04 -29.00
CA THR C 384 -10.72 -62.26 -28.29
C THR C 384 -11.78 -63.34 -28.44
N ASP C 385 -13.06 -62.96 -28.45
CA ASP C 385 -14.14 -63.92 -28.65
C ASP C 385 -14.10 -64.54 -30.04
N ASP C 386 -13.87 -63.71 -31.06
CA ASP C 386 -13.80 -64.23 -32.43
C ASP C 386 -12.59 -65.13 -32.64
N MET C 387 -11.46 -64.79 -32.03
CA MET C 387 -10.31 -65.68 -32.15
C MET C 387 -10.51 -66.98 -31.38
N ASP C 388 -11.22 -66.94 -30.24
CA ASP C 388 -11.55 -68.16 -29.54
C ASP C 388 -12.50 -69.03 -30.35
N ARG C 389 -13.44 -68.43 -31.06
CA ARG C 389 -14.35 -69.20 -31.91
C ARG C 389 -13.62 -69.87 -33.05
N LEU C 390 -12.66 -69.17 -33.67
CA LEU C 390 -11.86 -69.79 -34.73
C LEU C 390 -10.95 -70.90 -34.18
N ILE C 391 -10.38 -70.68 -33.00
CA ILE C 391 -9.53 -71.68 -32.35
C ILE C 391 -10.32 -72.95 -32.06
N PHE C 392 -11.53 -72.81 -31.54
CA PHE C 392 -12.30 -73.99 -31.20
C PHE C 392 -12.92 -74.66 -32.42
N ARG C 393 -13.15 -73.90 -33.51
CA ARG C 393 -13.54 -74.54 -34.76
C ARG C 393 -12.42 -75.43 -35.30
N LEU C 394 -11.18 -74.92 -35.25
CA LEU C 394 -10.04 -75.73 -35.70
C LEU C 394 -9.79 -76.91 -34.77
N ALA C 395 -10.02 -76.73 -33.47
CA ALA C 395 -9.80 -77.82 -32.52
C ALA C 395 -10.86 -78.91 -32.67
N VAL C 396 -12.11 -78.54 -32.94
CA VAL C 396 -13.15 -79.51 -33.20
C VAL C 396 -12.87 -80.25 -34.52
N SER C 397 -12.34 -79.53 -35.51
CA SER C 397 -11.99 -80.17 -36.78
C SER C 397 -10.80 -81.12 -36.62
N PHE C 398 -9.90 -80.87 -35.67
CA PHE C 398 -8.83 -81.82 -35.39
C PHE C 398 -9.32 -83.01 -34.59
N ILE C 399 -10.20 -82.78 -33.61
CA ILE C 399 -10.66 -83.86 -32.74
C ILE C 399 -11.54 -84.82 -33.50
N CYS C 400 -12.41 -84.30 -34.38
CA CYS C 400 -13.26 -85.17 -35.18
C CYS C 400 -12.52 -85.89 -36.31
N GLU C 401 -11.22 -85.63 -36.48
CA GLU C 401 -10.43 -86.24 -37.53
C GLU C 401 -9.34 -87.16 -37.05
N TYR C 402 -8.75 -86.89 -35.88
CA TYR C 402 -7.62 -87.68 -35.42
C TYR C 402 -7.91 -88.56 -34.22
N PHE C 403 -8.98 -88.31 -33.49
CA PHE C 403 -9.29 -89.09 -32.29
C PHE C 403 -9.91 -90.42 -32.69
N THR C 404 -9.25 -91.52 -32.35
CA THR C 404 -9.78 -92.85 -32.61
C THR C 404 -10.89 -93.16 -31.61
N LYS C 405 -11.53 -94.32 -31.81
CA LYS C 405 -12.64 -94.69 -30.95
C LYS C 405 -12.15 -95.10 -29.56
N GLU C 406 -11.03 -95.82 -29.48
CA GLU C 406 -10.50 -96.16 -28.17
C GLU C 406 -9.89 -94.93 -27.49
N GLN C 407 -9.42 -93.96 -28.27
CA GLN C 407 -8.97 -92.69 -27.69
C GLN C 407 -10.15 -91.92 -27.11
N VAL C 408 -11.30 -91.97 -27.77
CA VAL C 408 -12.49 -91.29 -27.27
C VAL C 408 -13.01 -91.98 -26.02
N PHE C 409 -13.06 -93.31 -26.02
CA PHE C 409 -13.62 -94.04 -24.90
C PHE C 409 -12.70 -94.08 -23.68
N LYS C 410 -11.45 -93.62 -23.80
CA LYS C 410 -10.61 -93.41 -22.63
C LYS C 410 -10.84 -92.06 -21.97
N ILE C 411 -11.51 -91.14 -22.65
CA ILE C 411 -11.70 -89.78 -22.15
C ILE C 411 -13.11 -89.59 -21.60
N VAL C 412 -14.12 -90.03 -22.33
CA VAL C 412 -15.49 -89.77 -21.97
C VAL C 412 -16.05 -90.97 -21.22
N ASP C 413 -17.23 -90.78 -20.63
CA ASP C 413 -17.90 -91.85 -19.90
C ASP C 413 -18.48 -92.88 -20.88
N LYS C 414 -18.98 -93.98 -20.30
CA LYS C 414 -19.55 -95.05 -21.13
C LYS C 414 -20.87 -94.62 -21.75
N LYS C 415 -21.69 -93.86 -21.01
CA LYS C 415 -22.98 -93.44 -21.52
C LYS C 415 -22.83 -92.40 -22.62
N LEU C 416 -21.87 -91.48 -22.47
CA LEU C 416 -21.65 -90.47 -23.50
C LEU C 416 -21.10 -91.07 -24.78
N GLY C 417 -20.34 -92.17 -24.67
CA GLY C 417 -19.86 -92.87 -25.83
C GLY C 417 -20.95 -93.70 -26.49
N ASP C 418 -21.79 -94.32 -25.67
CA ASP C 418 -22.85 -95.17 -26.21
C ASP C 418 -24.01 -94.39 -26.79
N ARG C 419 -24.20 -93.13 -26.39
CA ARG C 419 -25.29 -92.36 -26.95
C ARG C 419 -24.98 -91.87 -28.36
N TYR C 420 -23.71 -91.71 -28.70
CA TYR C 420 -23.36 -91.22 -30.02
C TYR C 420 -23.17 -92.34 -31.04
N PHE C 421 -22.52 -93.42 -30.66
CA PHE C 421 -22.29 -94.55 -31.57
C PHE C 421 -23.46 -95.53 -31.51
N LYS C 422 -24.63 -95.03 -31.94
CA LYS C 422 -25.92 -95.72 -31.95
C LYS C 422 -26.30 -96.34 -30.60
N ASP C 427 -21.43 -94.99 -38.72
CA ASP C 427 -20.48 -94.90 -37.63
C ASP C 427 -19.05 -94.95 -38.15
N ASP C 428 -18.62 -96.17 -38.52
CA ASP C 428 -17.30 -96.45 -39.11
C ASP C 428 -16.15 -96.03 -38.22
N ASN C 429 -16.35 -96.12 -36.90
CA ASN C 429 -15.32 -95.92 -35.86
C ASN C 429 -14.69 -94.53 -35.91
N LYS C 430 -15.46 -93.53 -36.32
CA LYS C 430 -14.94 -92.16 -36.42
C LYS C 430 -16.07 -91.19 -36.14
N ILE C 431 -15.74 -90.13 -35.40
CA ILE C 431 -16.71 -89.05 -35.17
C ILE C 431 -16.89 -88.26 -36.44
N ARG C 432 -18.11 -88.25 -36.97
CA ARG C 432 -18.43 -87.59 -38.23
C ARG C 432 -19.49 -86.53 -37.99
N PRO C 433 -19.11 -85.33 -37.56
CA PRO C 433 -20.09 -84.25 -37.44
C PRO C 433 -20.38 -83.63 -38.80
N LEU C 434 -21.63 -83.24 -38.97
CA LEU C 434 -22.06 -82.62 -40.22
C LEU C 434 -21.80 -81.12 -40.16
N LYS C 435 -22.30 -80.39 -41.15
CA LYS C 435 -22.05 -78.95 -41.20
C LYS C 435 -23.02 -78.19 -40.31
N PHE C 436 -24.31 -78.48 -40.42
CA PHE C 436 -25.33 -77.82 -39.63
C PHE C 436 -25.70 -78.67 -38.42
N ASP C 437 -24.73 -78.83 -37.55
CA ASP C 437 -24.96 -79.66 -36.37
C ASP C 437 -24.64 -78.96 -35.06
N LEU C 438 -23.63 -78.10 -35.03
CA LEU C 438 -23.12 -77.54 -33.79
C LEU C 438 -23.23 -76.03 -33.81
N ILE C 439 -23.47 -75.46 -32.62
CA ILE C 439 -23.51 -74.03 -32.40
C ILE C 439 -22.48 -73.69 -31.33
N LEU C 440 -21.61 -72.73 -31.63
CA LEU C 440 -20.53 -72.36 -30.72
C LEU C 440 -21.02 -71.25 -29.79
N LYS C 441 -21.03 -71.53 -28.48
CA LYS C 441 -21.44 -70.56 -27.48
C LYS C 441 -20.30 -70.33 -26.49
N SER C 442 -19.91 -69.08 -26.31
CA SER C 442 -18.83 -68.76 -25.39
C SER C 442 -19.35 -68.67 -23.96
N GLN C 443 -18.51 -69.10 -23.02
CA GLN C 443 -18.84 -69.02 -21.61
C GLN C 443 -17.52 -68.94 -20.83
N LEU C 444 -17.64 -68.88 -19.50
CA LEU C 444 -16.45 -68.85 -18.68
C LEU C 444 -15.83 -70.24 -18.59
N LYS C 445 -14.50 -70.27 -18.53
CA LYS C 445 -13.78 -71.54 -18.48
C LYS C 445 -13.95 -72.16 -17.11
N THR C 446 -14.76 -73.22 -17.03
CA THR C 446 -14.97 -73.94 -15.79
C THR C 446 -14.90 -75.43 -16.08
N GLU C 447 -14.67 -76.20 -15.01
CA GLU C 447 -14.60 -77.65 -15.14
C GLU C 447 -16.00 -78.22 -15.29
N SER C 448 -16.09 -79.40 -15.90
CA SER C 448 -17.39 -79.92 -16.35
C SER C 448 -18.26 -80.36 -15.18
N ARG C 449 -17.65 -80.92 -14.13
CA ARG C 449 -18.45 -81.39 -12.99
C ARG C 449 -19.03 -80.21 -12.20
N ASP C 450 -18.32 -79.09 -12.13
CA ASP C 450 -18.85 -77.92 -11.42
C ASP C 450 -20.00 -77.29 -12.19
N GLU C 451 -19.89 -77.22 -13.52
CA GLU C 451 -20.97 -76.71 -14.36
C GLU C 451 -22.19 -77.63 -14.29
N LYS C 452 -21.97 -78.94 -14.32
CA LYS C 452 -23.09 -79.86 -14.17
C LYS C 452 -23.72 -79.79 -12.79
N TRP C 453 -22.92 -79.53 -11.76
CA TRP C 453 -23.44 -79.38 -10.41
C TRP C 453 -24.32 -78.15 -10.29
N TYR C 454 -23.89 -77.03 -10.88
CA TYR C 454 -24.70 -75.81 -10.85
C TYR C 454 -25.98 -75.96 -11.66
N ASN C 455 -25.91 -76.68 -12.79
CA ASN C 455 -27.11 -76.91 -13.58
C ASN C 455 -28.07 -77.84 -12.87
N TRP C 456 -27.55 -78.86 -12.17
CA TRP C 456 -28.38 -79.75 -11.37
C TRP C 456 -29.05 -78.99 -10.23
N ASN C 457 -28.33 -78.06 -9.60
CA ASN C 457 -28.88 -77.29 -8.49
C ASN C 457 -30.01 -76.38 -8.95
N GLU C 458 -29.80 -75.65 -10.05
CA GLU C 458 -30.86 -74.77 -10.54
C GLU C 458 -32.04 -75.58 -11.09
N LEU C 459 -31.79 -76.75 -11.67
CA LEU C 459 -32.88 -77.56 -12.18
C LEU C 459 -33.72 -78.15 -11.04
N LEU C 460 -33.08 -78.56 -9.96
CA LEU C 460 -33.86 -79.05 -8.82
C LEU C 460 -34.55 -77.92 -8.07
N LYS C 461 -34.03 -76.71 -8.13
CA LYS C 461 -34.76 -75.60 -7.54
C LYS C 461 -35.88 -75.09 -8.45
N ILE C 462 -35.83 -75.41 -9.74
CA ILE C 462 -36.91 -75.05 -10.64
C ILE C 462 -38.04 -76.08 -10.59
N LEU C 463 -37.67 -77.37 -10.63
CA LEU C 463 -38.64 -78.45 -10.71
C LEU C 463 -39.31 -78.79 -9.38
N ALA C 464 -39.01 -78.07 -8.30
CA ALA C 464 -39.59 -78.42 -7.01
C ALA C 464 -41.08 -78.06 -6.91
N PRO C 465 -41.56 -76.83 -7.28
CA PRO C 465 -43.01 -76.61 -7.16
C PRO C 465 -43.82 -77.23 -8.29
N ILE C 466 -43.27 -77.29 -9.49
CA ILE C 466 -44.09 -77.66 -10.64
C ILE C 466 -44.30 -79.16 -10.75
N ARG C 467 -43.31 -79.97 -10.38
CA ARG C 467 -43.43 -81.42 -10.45
C ARG C 467 -42.53 -82.06 -9.40
N PRO C 468 -43.06 -82.34 -8.22
CA PRO C 468 -42.21 -82.82 -7.12
C PRO C 468 -41.76 -84.26 -7.25
N ASP C 469 -42.59 -85.12 -7.85
CA ASP C 469 -42.28 -86.55 -7.93
C ASP C 469 -41.09 -86.84 -8.83
N LEU C 470 -40.73 -85.92 -9.73
CA LEU C 470 -39.52 -86.06 -10.51
C LEU C 470 -38.26 -85.80 -9.70
N VAL C 471 -38.36 -85.07 -8.60
CA VAL C 471 -37.19 -84.61 -7.85
C VAL C 471 -36.43 -85.72 -7.11
N PRO C 472 -37.04 -86.64 -6.33
CA PRO C 472 -36.21 -87.62 -5.63
C PRO C 472 -35.61 -88.70 -6.51
N SER C 473 -36.00 -88.79 -7.78
CA SER C 473 -35.36 -89.70 -8.72
C SER C 473 -34.16 -89.07 -9.42
N LEU C 474 -33.87 -87.80 -9.14
CA LEU C 474 -32.77 -87.10 -9.80
C LEU C 474 -31.53 -86.96 -8.91
N VAL C 475 -31.68 -87.09 -7.60
CA VAL C 475 -30.58 -86.85 -6.66
C VAL C 475 -29.43 -87.86 -6.71
N PRO C 476 -29.59 -89.14 -7.08
CA PRO C 476 -28.36 -89.91 -7.38
C PRO C 476 -27.67 -89.44 -8.65
N LEU C 477 -28.44 -89.02 -9.66
CA LEU C 477 -27.84 -88.47 -10.87
C LEU C 477 -27.23 -87.10 -10.60
N MET C 478 -27.73 -86.38 -9.61
CA MET C 478 -27.08 -85.14 -9.20
C MET C 478 -25.81 -85.42 -8.43
N LEU C 479 -25.85 -86.37 -7.50
CA LEU C 479 -24.71 -86.65 -6.64
C LEU C 479 -23.59 -87.39 -7.37
N ASN C 480 -23.88 -88.04 -8.50
CA ASN C 480 -22.82 -88.62 -9.31
C ASN C 480 -21.96 -87.55 -9.96
N ASP C 481 -22.48 -86.35 -10.14
CA ASP C 481 -21.77 -85.25 -10.78
C ASP C 481 -21.22 -84.24 -9.78
N MET C 482 -20.78 -84.71 -8.61
CA MET C 482 -20.25 -83.86 -7.57
C MET C 482 -18.74 -84.07 -7.45
N ASP C 483 -18.00 -82.96 -7.34
CA ASP C 483 -16.55 -82.98 -7.28
C ASP C 483 -16.04 -83.04 -5.83
N SER C 484 -16.92 -83.30 -4.90
CA SER C 484 -16.55 -83.34 -3.50
C SER C 484 -15.81 -84.65 -3.17
N PRO C 485 -14.88 -84.61 -2.20
CA PRO C 485 -14.23 -85.86 -1.77
C PRO C 485 -15.13 -86.80 -0.99
N ILE C 486 -16.30 -86.35 -0.52
CA ILE C 486 -17.21 -87.23 0.21
C ILE C 486 -18.13 -88.01 -0.71
N THR C 487 -17.95 -87.91 -2.04
CA THR C 487 -18.89 -88.45 -3.00
C THR C 487 -18.93 -89.97 -2.98
N ASN C 488 -17.75 -90.61 -2.84
CA ASN C 488 -17.69 -92.07 -2.81
C ASN C 488 -18.32 -92.66 -1.56
N ASP C 489 -18.49 -91.87 -0.50
CA ASP C 489 -19.22 -92.31 0.67
C ASP C 489 -20.73 -92.11 0.51
N VAL C 490 -21.13 -90.99 -0.08
CA VAL C 490 -22.55 -90.69 -0.27
C VAL C 490 -23.19 -91.67 -1.23
N LEU C 491 -22.44 -92.08 -2.27
CA LEU C 491 -23.01 -93.00 -3.25
C LEU C 491 -23.21 -94.40 -2.67
N GLU C 492 -22.27 -94.89 -1.85
CA GLU C 492 -22.49 -96.19 -1.22
C GLU C 492 -23.51 -96.10 -0.10
N ALA C 493 -23.67 -94.93 0.51
CA ALA C 493 -24.76 -94.74 1.47
C ALA C 493 -26.12 -94.80 0.79
N ILE C 494 -26.22 -94.22 -0.41
CA ILE C 494 -27.45 -94.29 -1.20
C ILE C 494 -27.74 -95.73 -1.61
N GLN C 495 -26.70 -96.46 -2.02
CA GLN C 495 -26.87 -97.86 -2.41
C GLN C 495 -27.30 -98.74 -1.23
N ASN C 496 -26.74 -98.49 -0.05
CA ASN C 496 -27.12 -99.26 1.13
C ASN C 496 -28.54 -98.92 1.58
N ALA C 497 -28.94 -97.65 1.47
CA ALA C 497 -30.31 -97.26 1.83
C ALA C 497 -31.33 -97.85 0.86
N ASN C 498 -31.00 -97.86 -0.44
CA ASN C 498 -31.90 -98.45 -1.43
C ASN C 498 -32.00 -99.96 -1.26
N ALA C 499 -30.88 -100.61 -0.93
CA ALA C 499 -30.89 -102.04 -0.68
C ALA C 499 -31.72 -102.39 0.55
N LEU C 500 -31.59 -101.60 1.62
CA LEU C 500 -32.38 -101.83 2.82
C LEU C 500 -33.86 -101.57 2.57
N GLN C 501 -34.18 -100.55 1.76
CA GLN C 501 -35.57 -100.23 1.47
C GLN C 501 -36.23 -101.33 0.63
N GLN C 502 -35.54 -101.79 -0.42
CA GLN C 502 -36.12 -102.87 -1.23
C GLN C 502 -36.12 -104.19 -0.48
N GLN C 503 -35.20 -104.39 0.47
CA GLN C 503 -35.21 -105.59 1.29
C GLN C 503 -36.42 -105.59 2.24
N ASN C 504 -36.70 -104.45 2.88
CA ASN C 504 -37.88 -104.36 3.72
C ASN C 504 -39.17 -104.48 2.91
N ALA C 505 -39.18 -103.93 1.69
CA ALA C 505 -40.37 -104.03 0.84
C ALA C 505 -40.64 -105.46 0.42
N GLU C 506 -39.61 -106.18 -0.03
CA GLU C 506 -39.79 -107.58 -0.42
C GLU C 506 -39.95 -108.50 0.79
N ALA C 507 -39.60 -108.04 1.99
CA ALA C 507 -39.90 -108.83 3.18
C ALA C 507 -41.33 -108.63 3.66
N ASN C 508 -41.89 -107.44 3.48
CA ASN C 508 -43.25 -107.17 3.94
C ASN C 508 -44.32 -107.42 2.89
N ALA C 509 -43.95 -107.60 1.62
CA ALA C 509 -44.90 -107.86 0.53
C ALA C 509 -45.78 -109.13 0.64
N PRO C 510 -45.32 -110.28 1.20
CA PRO C 510 -46.27 -111.39 1.38
C PRO C 510 -47.41 -111.09 2.33
N TYR C 511 -47.16 -110.31 3.39
CA TYR C 511 -48.24 -109.90 4.28
C TYR C 511 -49.23 -108.99 3.56
N ASN C 512 -48.73 -108.12 2.69
CA ASN C 512 -49.60 -107.22 1.95
C ASN C 512 -50.47 -107.97 0.95
N GLN C 513 -49.90 -108.93 0.21
CA GLN C 513 -50.72 -109.69 -0.72
C GLN C 513 -51.67 -110.64 0.00
N GLN C 514 -51.29 -111.10 1.20
CA GLN C 514 -52.20 -111.89 2.01
C GLN C 514 -53.40 -111.07 2.46
N ILE C 515 -53.15 -109.83 2.88
CA ILE C 515 -54.24 -108.92 3.27
C ILE C 515 -55.14 -108.60 2.08
N GLN C 516 -54.54 -108.44 0.89
CA GLN C 516 -55.31 -108.17 -0.32
C GLN C 516 -56.23 -109.33 -0.68
N ALA C 517 -55.69 -110.56 -0.71
CA ALA C 517 -56.50 -111.73 -1.01
C ALA C 517 -57.57 -111.97 0.04
N LEU C 518 -57.26 -111.68 1.30
CA LEU C 518 -58.21 -111.89 2.38
C LEU C 518 -59.36 -110.88 2.31
N GLN C 519 -59.06 -109.64 1.93
CA GLN C 519 -60.11 -108.65 1.75
C GLN C 519 -60.98 -108.98 0.54
N ILE C 520 -60.37 -109.53 -0.52
CA ILE C 520 -61.13 -109.98 -1.69
C ILE C 520 -62.08 -111.11 -1.30
N GLN C 521 -61.60 -112.06 -0.49
CA GLN C 521 -62.46 -113.15 -0.02
C GLN C 521 -63.56 -112.66 0.90
N LYS C 522 -63.30 -111.63 1.71
CA LYS C 522 -64.35 -111.05 2.55
C LYS C 522 -65.41 -110.36 1.72
N LEU C 523 -65.00 -109.62 0.71
CA LEU C 523 -65.97 -108.93 -0.12
C LEU C 523 -66.74 -109.90 -1.02
N GLN C 524 -66.19 -111.08 -1.34
CA GLN C 524 -66.96 -112.12 -2.03
C GLN C 524 -67.91 -112.84 -1.07
N ALA C 525 -67.49 -113.02 0.17
CA ALA C 525 -68.35 -113.65 1.18
C ALA C 525 -69.57 -112.78 1.46
N GLU C 526 -69.42 -111.46 1.38
CA GLU C 526 -70.57 -110.57 1.48
C GLU C 526 -71.55 -110.76 0.32
N ILE C 527 -71.02 -111.02 -0.89
CA ILE C 527 -71.87 -111.28 -2.06
C ILE C 527 -72.72 -112.53 -1.83
N MET C 528 -72.06 -113.63 -1.45
CA MET C 528 -72.79 -114.89 -1.30
C MET C 528 -73.72 -114.84 -0.08
N GLU C 529 -73.37 -114.05 0.94
CA GLU C 529 -74.25 -113.90 2.10
C GLU C 529 -75.53 -113.16 1.73
N LEU C 530 -75.40 -112.02 1.04
CA LEU C 530 -76.59 -111.26 0.68
C LEU C 530 -77.43 -111.98 -0.37
N GLN C 531 -76.80 -112.74 -1.27
CA GLN C 531 -77.56 -113.51 -2.25
C GLN C 531 -78.32 -114.64 -1.59
N ALA C 532 -77.72 -115.28 -0.57
CA ALA C 532 -78.42 -116.33 0.16
C ALA C 532 -79.57 -115.78 0.99
N LYS C 533 -79.39 -114.58 1.56
CA LYS C 533 -80.48 -113.94 2.29
C LYS C 533 -81.64 -113.57 1.37
N ALA C 534 -81.31 -113.06 0.17
CA ALA C 534 -82.36 -112.74 -0.81
C ALA C 534 -83.08 -113.99 -1.27
N HIS C 535 -82.34 -115.10 -1.45
CA HIS C 535 -82.96 -116.35 -1.87
C HIS C 535 -83.90 -116.89 -0.80
N LYS C 536 -83.46 -116.90 0.46
CA LYS C 536 -84.32 -117.44 1.52
C LYS C 536 -85.52 -116.54 1.79
N TYR C 537 -85.38 -115.21 1.61
CA TYR C 537 -86.53 -114.33 1.78
C TYR C 537 -87.53 -114.50 0.65
N ALA C 538 -87.04 -114.71 -0.58
CA ALA C 538 -87.94 -114.94 -1.71
C ALA C 538 -88.68 -116.26 -1.57
N GLU C 539 -88.01 -117.30 -1.08
CA GLU C 539 -88.71 -118.56 -0.90
C GLU C 539 -89.67 -118.52 0.28
N GLN C 540 -89.37 -117.72 1.30
CA GLN C 540 -90.34 -117.51 2.38
C GLN C 540 -91.57 -116.76 1.89
N GLY C 541 -91.37 -115.79 0.99
CA GLY C 541 -92.51 -115.11 0.40
C GLY C 541 -93.35 -116.02 -0.48
N ALA C 542 -92.71 -116.93 -1.21
CA ALA C 542 -93.45 -117.90 -2.01
C ALA C 542 -94.22 -118.88 -1.13
N LEU C 543 -93.61 -119.30 -0.02
CA LEU C 543 -94.31 -120.15 0.94
C LEU C 543 -95.52 -119.44 1.55
N SER C 544 -95.38 -118.15 1.84
CA SER C 544 -96.49 -117.38 2.37
C SER C 544 -97.60 -117.22 1.33
N GLN C 545 -97.22 -117.08 0.05
CA GLN C 545 -98.20 -117.03 -1.03
C GLN C 545 -98.97 -118.34 -1.15
N THR C 546 -98.27 -119.46 -1.02
CA THR C 546 -98.93 -120.77 -1.17
C THR C 546 -99.85 -121.06 0.02
N THR C 547 -99.44 -120.71 1.23
CA THR C 547 -100.34 -120.96 2.37
C THR C 547 -101.49 -119.95 2.40
N ASN C 548 -101.30 -118.76 1.81
CA ASN C 548 -102.41 -117.85 1.57
C ASN C 548 -103.42 -118.45 0.61
N GLU C 549 -102.92 -119.12 -0.44
CA GLU C 549 -103.80 -119.78 -1.41
C GLU C 549 -104.55 -120.95 -0.77
N SER C 550 -103.90 -121.68 0.13
CA SER C 550 -104.58 -122.80 0.79
C SER C 550 -105.64 -122.31 1.77
N GLU C 551 -105.36 -121.22 2.48
CA GLU C 551 -106.38 -120.63 3.35
C GLU C 551 -107.54 -120.08 2.54
N LYS C 552 -107.25 -119.56 1.34
CA LYS C 552 -108.33 -119.11 0.45
C LYS C 552 -109.18 -120.28 -0.03
N ILE C 553 -108.56 -121.42 -0.33
CA ILE C 553 -109.32 -122.61 -0.73
C ILE C 553 -110.13 -123.16 0.44
N ASN C 554 -109.58 -123.06 1.66
CA ASN C 554 -110.32 -123.46 2.85
C ASN C 554 -111.54 -122.58 3.08
N GLN C 555 -111.41 -121.28 2.81
CA GLN C 555 -112.57 -120.39 2.90
C GLN C 555 -113.58 -120.68 1.78
N ALA C 556 -113.10 -120.95 0.57
CA ALA C 556 -113.97 -121.19 -0.57
C ALA C 556 -114.70 -122.52 -0.47
N VAL C 557 -114.21 -123.46 0.35
CA VAL C 557 -115.00 -124.64 0.64
C VAL C 557 -115.79 -124.50 1.95
N ALA C 558 -115.37 -123.61 2.85
CA ALA C 558 -116.13 -123.41 4.09
C ALA C 558 -117.41 -122.62 3.82
N ILE C 559 -117.42 -121.79 2.78
CA ILE C 559 -118.64 -121.06 2.42
C ILE C 559 -119.69 -122.04 1.87
N THR C 560 -119.26 -123.14 1.24
CA THR C 560 -120.21 -124.14 0.78
C THR C 560 -120.53 -125.17 1.85
N GLU C 561 -119.62 -125.38 2.81
CA GLU C 561 -119.97 -126.22 3.96
C GLU C 561 -120.95 -125.49 4.88
N MET C 562 -120.93 -124.16 4.90
CA MET C 562 -121.94 -123.41 5.62
C MET C 562 -123.30 -123.52 4.95
N GLN C 563 -123.35 -123.27 3.64
CA GLN C 563 -124.58 -123.40 2.88
C GLN C 563 -124.55 -124.66 2.01
N MET D 1 -23.94 -52.51 -71.11
CA MET D 1 -23.87 -53.90 -71.54
C MET D 1 -22.59 -54.18 -72.32
N ASP D 2 -21.98 -53.14 -72.86
CA ASP D 2 -20.63 -53.22 -73.41
C ASP D 2 -19.73 -52.26 -72.64
N PHE D 3 -18.48 -52.17 -73.09
CA PHE D 3 -17.43 -51.49 -72.33
C PHE D 3 -17.63 -49.97 -72.31
N THR D 4 -18.28 -49.42 -73.33
CA THR D 4 -18.38 -47.96 -73.48
C THR D 4 -19.26 -47.34 -72.41
N THR D 5 -20.50 -47.81 -72.28
CA THR D 5 -21.38 -47.24 -71.27
C THR D 5 -20.97 -47.65 -69.87
N LEU D 6 -20.33 -48.83 -69.72
CA LEU D 6 -19.80 -49.22 -68.41
C LEU D 6 -18.71 -48.27 -67.95
N GLN D 7 -17.79 -47.91 -68.85
CA GLN D 7 -16.73 -46.97 -68.49
C GLN D 7 -17.28 -45.57 -68.26
N ASN D 8 -18.24 -45.13 -69.08
CA ASN D 8 -18.78 -43.79 -68.94
C ASN D 8 -19.62 -43.65 -67.67
N ASP D 9 -20.44 -44.64 -67.35
CA ASP D 9 -21.23 -44.58 -66.13
C ASP D 9 -20.38 -44.79 -64.89
N PHE D 10 -19.29 -45.58 -64.99
CA PHE D 10 -18.39 -45.68 -63.86
C PHE D 10 -17.64 -44.37 -63.62
N THR D 11 -17.28 -43.65 -64.70
CA THR D 11 -16.65 -42.34 -64.54
C THR D 11 -17.62 -41.33 -63.93
N ASN D 12 -18.88 -41.33 -64.38
CA ASN D 12 -19.88 -40.41 -63.84
C ASN D 12 -20.20 -40.72 -62.39
N ASP D 13 -20.18 -42.00 -62.02
CA ASP D 13 -20.47 -42.36 -60.64
C ASP D 13 -19.28 -42.13 -59.73
N TYR D 14 -18.06 -42.30 -60.24
CA TYR D 14 -16.87 -42.15 -59.41
C TYR D 14 -16.52 -40.69 -59.18
N GLN D 15 -16.73 -39.84 -60.20
CA GLN D 15 -16.40 -38.43 -60.03
C GLN D 15 -17.40 -37.71 -59.13
N LYS D 16 -18.66 -38.15 -59.13
CA LYS D 16 -19.67 -37.54 -58.27
C LYS D 16 -19.68 -38.12 -56.87
N ALA D 17 -18.86 -39.13 -56.59
CA ALA D 17 -18.75 -39.71 -55.25
C ALA D 17 -17.33 -39.59 -54.71
N LEU D 18 -16.52 -38.72 -55.29
CA LEU D 18 -15.15 -38.56 -54.82
C LEU D 18 -15.06 -37.64 -53.62
N ILE D 19 -15.94 -36.63 -53.54
CA ILE D 19 -15.90 -35.68 -52.44
C ILE D 19 -16.38 -36.31 -51.13
N ALA D 20 -17.14 -37.40 -51.21
CA ALA D 20 -17.55 -38.12 -50.01
C ALA D 20 -16.58 -39.23 -49.65
N ASN D 21 -15.96 -39.88 -50.64
CA ASN D 21 -14.95 -40.89 -50.35
C ASN D 21 -13.68 -40.27 -49.79
N ASN D 22 -13.37 -39.04 -50.20
CA ASN D 22 -12.24 -38.33 -49.61
C ASN D 22 -12.49 -38.01 -48.15
N GLU D 23 -13.72 -37.63 -47.80
CA GLU D 23 -14.06 -37.38 -46.41
C GLU D 23 -14.12 -38.67 -45.61
N PHE D 24 -14.51 -39.78 -46.26
CA PHE D 24 -14.46 -41.08 -45.59
C PHE D 24 -13.03 -41.48 -45.25
N LEU D 25 -12.11 -41.30 -46.20
CA LEU D 25 -10.71 -41.63 -45.95
C LEU D 25 -10.08 -40.67 -44.93
N GLU D 26 -10.49 -39.40 -44.94
CA GLU D 26 -10.08 -38.47 -43.88
C GLU D 26 -10.57 -38.92 -42.51
N ALA D 27 -11.82 -39.41 -42.44
CA ALA D 27 -12.37 -39.86 -41.17
C ALA D 27 -11.67 -41.12 -40.67
N LYS D 28 -11.34 -42.03 -41.59
CA LYS D 28 -10.61 -43.23 -41.19
C LYS D 28 -9.17 -42.92 -40.82
N LYS D 29 -8.58 -41.87 -41.39
CA LYS D 29 -7.25 -41.46 -40.97
C LYS D 29 -7.28 -40.79 -39.60
N TYR D 30 -8.32 -39.98 -39.34
CA TYR D 30 -8.46 -39.34 -38.05
C TYR D 30 -8.77 -40.35 -36.95
N TYR D 31 -9.46 -41.44 -37.31
CA TYR D 31 -9.73 -42.49 -36.32
C TYR D 31 -8.49 -43.26 -35.94
N ASN D 32 -7.51 -43.35 -36.85
CA ASN D 32 -6.32 -44.15 -36.64
C ASN D 32 -5.10 -43.31 -36.29
N GLY D 33 -5.30 -42.19 -35.58
CA GLY D 33 -4.22 -41.40 -35.05
C GLY D 33 -3.73 -40.29 -35.95
N ASN D 34 -3.88 -40.43 -37.27
CA ASN D 34 -3.40 -39.41 -38.19
C ASN D 34 -4.31 -38.19 -38.17
N GLN D 35 -4.11 -37.31 -37.19
CA GLN D 35 -4.98 -36.16 -37.00
C GLN D 35 -4.33 -34.83 -37.30
N LEU D 36 -3.01 -34.78 -37.42
CA LEU D 36 -2.43 -33.47 -37.69
C LEU D 36 -2.11 -33.32 -39.16
N PRO D 37 -2.26 -32.12 -39.71
CA PRO D 37 -1.87 -31.88 -41.11
C PRO D 37 -0.35 -31.88 -41.30
N GLN D 38 0.08 -31.78 -42.55
CA GLN D 38 1.51 -31.85 -42.83
C GLN D 38 2.22 -30.56 -42.43
N ASP D 39 1.59 -29.42 -42.68
CA ASP D 39 2.22 -28.14 -42.33
C ASP D 39 2.25 -27.92 -40.83
N VAL D 40 1.24 -28.38 -40.11
CA VAL D 40 1.25 -28.29 -38.65
C VAL D 40 2.31 -29.19 -38.06
N LEU D 41 2.48 -30.39 -38.63
CA LEU D 41 3.54 -31.29 -38.21
C LEU D 41 4.92 -30.70 -38.48
N ASN D 42 5.08 -30.01 -39.61
CA ASN D 42 6.36 -29.37 -39.91
C ASN D 42 6.63 -28.21 -38.96
N ILE D 43 5.60 -27.41 -38.65
CA ILE D 43 5.74 -26.28 -37.73
C ILE D 43 6.11 -26.77 -36.33
N ILE D 44 5.52 -27.89 -35.91
CA ILE D 44 5.85 -28.46 -34.61
C ILE D 44 7.27 -29.03 -34.60
N LEU D 45 7.65 -29.74 -35.67
CA LEU D 45 8.97 -30.38 -35.69
C LEU D 45 10.11 -29.42 -35.95
N GLU D 46 9.82 -28.23 -36.49
CA GLU D 46 10.89 -27.24 -36.67
C GLU D 46 11.29 -26.58 -35.36
N ARG D 47 10.40 -26.57 -34.37
CA ARG D 47 10.74 -26.04 -33.04
C ARG D 47 11.35 -27.09 -32.13
N GLY D 48 11.59 -28.30 -32.62
CA GLY D 48 12.10 -29.35 -31.76
C GLY D 48 11.09 -29.88 -30.78
N GLN D 49 9.81 -29.74 -31.09
CA GLN D 49 8.73 -30.17 -30.20
C GLN D 49 8.17 -31.51 -30.67
N THR D 50 7.82 -32.36 -29.72
CA THR D 50 7.19 -33.63 -30.05
C THR D 50 5.70 -33.42 -30.23
N PRO D 51 5.12 -33.74 -31.39
CA PRO D 51 3.69 -33.52 -31.60
C PRO D 51 2.85 -34.54 -30.82
N ILE D 52 2.04 -34.04 -29.91
CA ILE D 52 1.15 -34.88 -29.12
C ILE D 52 -0.25 -34.84 -29.72
N ILE D 53 -0.81 -36.01 -29.99
CA ILE D 53 -2.12 -36.13 -30.61
C ILE D 53 -3.04 -36.78 -29.60
N GLU D 54 -4.04 -36.03 -29.17
CA GLU D 54 -5.06 -36.55 -28.25
C GLU D 54 -6.20 -37.11 -29.08
N ASN D 55 -6.28 -38.44 -29.16
CA ASN D 55 -7.31 -39.09 -29.96
C ASN D 55 -8.58 -39.24 -29.12
N MET D 56 -9.20 -38.09 -28.87
CA MET D 56 -10.30 -38.01 -27.92
C MET D 56 -11.61 -38.55 -28.49
N PHE D 57 -11.74 -38.65 -29.81
CA PHE D 57 -12.97 -39.19 -30.38
C PHE D 57 -12.87 -40.67 -30.75
N LYS D 58 -11.68 -41.27 -30.66
CA LYS D 58 -11.58 -42.71 -30.84
C LYS D 58 -12.25 -43.44 -29.68
N VAL D 59 -12.13 -42.88 -28.46
CA VAL D 59 -12.77 -43.52 -27.32
C VAL D 59 -14.29 -43.31 -27.36
N ILE D 60 -14.76 -42.25 -28.01
CA ILE D 60 -16.20 -42.02 -28.18
C ILE D 60 -16.79 -43.07 -29.11
N VAL D 61 -16.15 -43.26 -30.26
CA VAL D 61 -16.57 -44.29 -31.22
C VAL D 61 -16.44 -45.68 -30.60
N ASN D 62 -15.40 -45.89 -29.80
CA ASN D 62 -15.22 -47.17 -29.12
C ASN D 62 -16.31 -47.40 -28.08
N LYS D 63 -16.80 -46.34 -27.43
CA LYS D 63 -17.89 -46.49 -26.47
C LYS D 63 -19.20 -46.83 -27.16
N ILE D 64 -19.50 -46.15 -28.27
CA ILE D 64 -20.74 -46.43 -29.00
C ILE D 64 -20.69 -47.82 -29.63
N LEU D 65 -19.54 -48.20 -30.18
CA LEU D 65 -19.41 -49.54 -30.74
C LEU D 65 -19.37 -50.61 -29.66
N GLY D 66 -18.91 -50.26 -28.45
CA GLY D 66 -19.00 -51.20 -27.35
C GLY D 66 -20.41 -51.40 -26.86
N TYR D 67 -21.24 -50.36 -26.98
CA TYR D 67 -22.67 -50.57 -26.77
C TYR D 67 -23.26 -51.46 -27.85
N LYS D 68 -22.82 -51.28 -29.10
CA LYS D 68 -23.40 -52.04 -30.20
C LYS D 68 -22.90 -53.47 -30.30
N ILE D 69 -21.74 -53.79 -29.70
CA ILE D 69 -21.19 -55.14 -29.80
C ILE D 69 -22.07 -56.13 -29.05
N GLU D 70 -22.49 -55.76 -27.85
CA GLU D 70 -23.29 -56.66 -27.04
C GLU D 70 -24.78 -56.54 -27.35
N SER D 71 -25.20 -55.41 -27.93
CA SER D 71 -26.57 -55.29 -28.43
C SER D 71 -26.65 -55.57 -29.92
N ILE D 72 -26.13 -56.71 -30.36
CA ILE D 72 -26.25 -57.13 -31.75
C ILE D 72 -27.67 -57.60 -31.98
N SER D 73 -28.34 -57.01 -32.96
CA SER D 73 -29.75 -57.27 -33.22
C SER D 73 -29.89 -58.34 -34.29
N GLU D 74 -30.71 -59.34 -33.99
CA GLU D 74 -31.17 -60.30 -34.99
C GLU D 74 -32.62 -59.98 -35.31
N ILE D 75 -33.11 -60.57 -36.39
CA ILE D 75 -34.49 -60.40 -36.82
C ILE D 75 -35.18 -61.75 -36.74
N ARG D 76 -36.22 -61.83 -35.94
CA ARG D 76 -37.08 -62.99 -35.90
C ARG D 76 -38.33 -62.74 -36.73
N LEU D 77 -38.95 -63.83 -37.17
CA LEU D 77 -40.12 -63.76 -38.02
C LEU D 77 -41.35 -64.20 -37.26
N SER D 78 -42.45 -63.47 -37.46
CA SER D 78 -43.71 -63.76 -36.80
C SER D 78 -44.78 -64.02 -37.83
N PRO D 79 -45.73 -64.92 -37.55
CA PRO D 79 -46.79 -65.19 -38.52
C PRO D 79 -47.81 -64.08 -38.57
N LYS D 80 -48.28 -63.78 -39.79
CA LYS D 80 -49.39 -62.85 -39.94
C LYS D 80 -50.71 -63.54 -39.63
N GLN D 81 -51.02 -64.63 -40.33
CA GLN D 81 -52.17 -65.45 -40.04
C GLN D 81 -51.78 -66.54 -39.05
N GLU D 82 -52.77 -67.36 -38.64
CA GLU D 82 -52.48 -68.47 -37.75
C GLU D 82 -51.82 -69.64 -38.45
N GLU D 83 -52.03 -69.78 -39.76
CA GLU D 83 -51.46 -70.89 -40.51
C GLU D 83 -50.01 -70.64 -40.93
N ASP D 84 -49.54 -69.41 -40.83
CA ASP D 84 -48.17 -69.08 -41.22
C ASP D 84 -47.14 -69.43 -40.14
N ARG D 85 -47.60 -69.81 -38.94
CA ARG D 85 -46.70 -70.08 -37.81
C ARG D 85 -45.78 -71.24 -38.10
N ALA D 86 -46.31 -72.32 -38.69
CA ALA D 86 -45.50 -73.46 -39.09
C ALA D 86 -44.50 -73.09 -40.18
N LEU D 87 -44.78 -72.03 -40.94
CA LEU D 87 -43.75 -71.47 -41.81
C LEU D 87 -42.70 -70.73 -40.98
N SER D 88 -43.16 -69.82 -40.11
CA SER D 88 -42.26 -68.86 -39.46
C SER D 88 -41.32 -69.55 -38.49
N ASP D 89 -41.86 -70.45 -37.66
CA ASP D 89 -41.04 -71.26 -36.77
C ASP D 89 -40.11 -72.20 -37.54
N LEU D 90 -40.43 -72.50 -38.79
CA LEU D 90 -39.46 -73.15 -39.65
C LEU D 90 -38.33 -72.18 -40.00
N LEU D 91 -38.68 -71.00 -40.50
CA LEU D 91 -37.68 -70.07 -41.03
C LEU D 91 -36.80 -69.48 -39.95
N ASN D 92 -37.34 -69.26 -38.74
CA ASN D 92 -36.52 -68.86 -37.62
C ASN D 92 -35.52 -69.94 -37.23
N SER D 93 -35.83 -71.21 -37.51
CA SER D 93 -34.85 -72.26 -37.33
C SER D 93 -33.85 -72.30 -38.46
N LEU D 94 -34.20 -71.77 -39.63
CA LEU D 94 -33.28 -71.78 -40.76
C LEU D 94 -32.41 -70.55 -40.80
N LEU D 95 -32.80 -69.48 -40.11
CA LEU D 95 -31.96 -68.29 -40.02
C LEU D 95 -30.86 -68.43 -38.98
N GLN D 96 -30.90 -69.48 -38.14
CA GLN D 96 -29.89 -69.64 -37.11
C GLN D 96 -28.53 -70.03 -37.69
N VAL D 97 -28.52 -70.75 -38.81
CA VAL D 97 -27.25 -71.03 -39.49
C VAL D 97 -26.72 -69.82 -40.21
N PHE D 98 -27.56 -68.81 -40.43
CA PHE D 98 -27.11 -67.51 -40.91
C PHE D 98 -26.71 -66.60 -39.75
N ILE D 99 -27.29 -66.81 -38.57
CA ILE D 99 -26.98 -65.98 -37.42
C ILE D 99 -25.67 -66.42 -36.77
N GLN D 100 -25.55 -67.70 -36.43
CA GLN D 100 -24.42 -68.17 -35.64
C GLN D 100 -23.23 -68.58 -36.49
N GLN D 101 -23.13 -68.09 -37.71
CA GLN D 101 -21.89 -68.26 -38.45
C GLN D 101 -20.84 -67.27 -37.95
N GLU D 102 -19.59 -67.49 -38.34
CA GLU D 102 -18.50 -66.70 -37.81
C GLU D 102 -18.45 -65.30 -38.40
N ASN D 103 -18.87 -65.13 -39.66
CA ASN D 103 -18.76 -63.85 -40.34
C ASN D 103 -19.83 -62.85 -39.93
N TYR D 104 -20.86 -63.27 -39.20
CA TYR D 104 -22.01 -62.40 -38.93
C TYR D 104 -21.62 -61.25 -38.02
N ASP D 105 -21.00 -61.55 -36.87
CA ASP D 105 -20.63 -60.52 -35.92
C ASP D 105 -19.54 -59.62 -36.48
N LYS D 106 -18.61 -60.18 -37.25
CA LYS D 106 -17.56 -59.38 -37.88
C LYS D 106 -18.16 -58.40 -38.89
N SER D 107 -19.09 -58.87 -39.72
CA SER D 107 -19.72 -58.00 -40.70
C SER D 107 -20.58 -56.94 -40.04
N MET D 108 -21.26 -57.28 -38.95
CA MET D 108 -22.09 -56.29 -38.27
C MET D 108 -21.25 -55.23 -37.56
N ILE D 109 -20.14 -55.62 -36.96
CA ILE D 109 -19.32 -54.62 -36.25
C ILE D 109 -18.56 -53.75 -37.25
N GLU D 110 -18.09 -54.34 -38.37
CA GLU D 110 -17.52 -53.54 -39.45
C GLU D 110 -18.55 -52.59 -40.05
N ARG D 111 -19.81 -53.04 -40.16
CA ARG D 111 -20.89 -52.20 -40.66
C ARG D 111 -21.13 -51.01 -39.74
N ASP D 112 -21.19 -51.26 -38.43
CA ASP D 112 -21.43 -50.18 -37.47
C ASP D 112 -20.26 -49.22 -37.41
N LYS D 113 -19.03 -49.73 -37.53
CA LYS D 113 -17.87 -48.85 -37.56
C LYS D 113 -17.87 -47.98 -38.81
N ASN D 114 -18.24 -48.55 -39.96
CA ASN D 114 -18.31 -47.75 -41.18
C ASN D 114 -19.47 -46.76 -41.15
N LEU D 115 -20.58 -47.11 -40.49
CA LEU D 115 -21.70 -46.20 -40.37
C LEU D 115 -21.44 -45.09 -39.37
N LEU D 116 -20.55 -45.32 -38.40
CA LEU D 116 -20.27 -44.29 -37.41
C LEU D 116 -19.12 -43.39 -37.81
N ILE D 117 -18.03 -43.95 -38.32
CA ILE D 117 -16.90 -43.16 -38.76
C ILE D 117 -17.26 -42.34 -40.00
N GLY D 118 -17.67 -43.02 -41.05
CA GLY D 118 -18.22 -42.39 -42.22
C GLY D 118 -19.72 -42.40 -42.21
N GLY D 119 -20.30 -42.44 -43.41
CA GLY D 119 -21.75 -42.45 -43.52
C GLY D 119 -22.30 -43.72 -44.13
N LEU D 120 -21.45 -44.50 -44.78
CA LEU D 120 -21.89 -45.65 -45.54
C LEU D 120 -21.83 -46.93 -44.71
N GLY D 121 -22.78 -47.82 -44.94
CA GLY D 121 -22.68 -49.19 -44.48
C GLY D 121 -23.09 -50.13 -45.58
N VAL D 122 -22.18 -51.00 -46.02
CA VAL D 122 -22.40 -51.90 -47.15
C VAL D 122 -22.18 -53.33 -46.69
N ILE D 123 -23.19 -54.18 -46.83
CA ILE D 123 -23.08 -55.59 -46.51
C ILE D 123 -23.59 -56.41 -47.68
N GLN D 124 -22.77 -57.32 -48.19
CA GLN D 124 -23.16 -58.20 -49.28
C GLN D 124 -23.42 -59.60 -48.76
N LEU D 125 -24.28 -60.31 -49.50
CA LEU D 125 -24.66 -61.68 -49.20
C LEU D 125 -24.35 -62.57 -50.38
N TRP D 126 -24.11 -63.85 -50.10
CA TRP D 126 -23.78 -64.80 -51.16
C TRP D 126 -24.41 -66.14 -50.81
N VAL D 127 -24.60 -66.96 -51.85
CA VAL D 127 -25.38 -68.19 -51.75
C VAL D 127 -24.47 -69.35 -52.16
N SER D 128 -23.22 -69.31 -51.70
CA SER D 128 -22.22 -70.31 -52.06
C SER D 128 -22.60 -71.71 -51.58
N GLN D 129 -22.30 -72.70 -52.42
CA GLN D 129 -22.62 -74.11 -52.19
C GLN D 129 -21.39 -74.93 -52.52
N ASP D 130 -20.75 -75.51 -51.50
CA ASP D 130 -19.36 -75.92 -51.66
C ASP D 130 -19.19 -77.27 -52.36
N LYS D 131 -19.51 -78.37 -51.67
CA LYS D 131 -19.31 -79.69 -52.29
C LYS D 131 -20.40 -80.70 -52.01
N ASP D 132 -21.10 -80.65 -50.89
CA ASP D 132 -21.96 -81.74 -50.43
C ASP D 132 -23.42 -81.30 -50.37
N LYS D 133 -23.86 -80.59 -51.43
CA LYS D 133 -25.22 -80.04 -51.56
C LYS D 133 -25.58 -79.11 -50.39
N ASN D 134 -24.59 -78.40 -49.85
CA ASN D 134 -24.76 -77.59 -48.65
C ASN D 134 -24.82 -76.13 -49.06
N VAL D 135 -26.03 -75.61 -49.21
CA VAL D 135 -26.22 -74.21 -49.57
C VAL D 135 -26.05 -73.36 -48.31
N GLU D 136 -25.23 -72.32 -48.41
CA GLU D 136 -24.96 -71.44 -47.28
C GLU D 136 -25.04 -69.99 -47.73
N ILE D 137 -25.44 -69.13 -46.80
CA ILE D 137 -25.58 -67.71 -47.04
C ILE D 137 -24.38 -67.02 -46.38
N GLU D 138 -23.35 -66.74 -47.16
CA GLU D 138 -22.23 -65.97 -46.64
C GLU D 138 -22.61 -64.50 -46.53
N ILE D 139 -22.02 -63.82 -45.55
CA ILE D 139 -22.24 -62.40 -45.32
C ILE D 139 -20.87 -61.74 -45.20
N LYS D 140 -20.69 -60.62 -45.90
CA LYS D 140 -19.41 -59.91 -45.87
C LYS D 140 -19.65 -58.41 -45.89
N ALA D 141 -19.05 -57.71 -44.93
CA ALA D 141 -19.09 -56.25 -44.94
C ALA D 141 -18.04 -55.73 -45.91
N ILE D 142 -18.44 -54.81 -46.79
CA ILE D 142 -17.57 -54.27 -47.82
C ILE D 142 -16.99 -52.95 -47.32
N LYS D 143 -15.70 -52.75 -47.57
CA LYS D 143 -15.05 -51.47 -47.31
C LYS D 143 -15.69 -50.39 -48.16
N PRO D 144 -16.24 -49.33 -47.56
CA PRO D 144 -17.06 -48.38 -48.33
C PRO D 144 -16.26 -47.48 -49.26
N GLU D 145 -14.95 -47.35 -49.07
CA GLU D 145 -14.19 -46.53 -50.00
C GLU D 145 -13.98 -47.23 -51.33
N SER D 146 -13.97 -48.55 -51.34
CA SER D 146 -13.93 -49.34 -52.58
C SER D 146 -15.33 -49.75 -53.00
N PHE D 147 -16.26 -48.79 -53.05
CA PHE D 147 -17.64 -49.08 -53.39
C PHE D 147 -18.28 -47.80 -53.92
N VAL D 148 -18.73 -47.84 -55.17
CA VAL D 148 -19.28 -46.67 -55.83
C VAL D 148 -20.76 -46.90 -56.08
N ILE D 149 -21.59 -45.97 -55.64
CA ILE D 149 -23.03 -46.04 -55.80
C ILE D 149 -23.38 -45.17 -57.01
N ASP D 150 -24.54 -45.45 -57.62
CA ASP D 150 -25.07 -44.60 -58.67
C ASP D 150 -25.33 -43.20 -58.15
N TYR D 151 -24.88 -42.19 -58.90
CA TYR D 151 -25.01 -40.80 -58.47
C TYR D 151 -26.44 -40.29 -58.53
N PHE D 152 -27.33 -40.99 -59.23
CA PHE D 152 -28.71 -40.53 -59.34
C PHE D 152 -29.54 -40.86 -58.10
N SER D 153 -29.10 -41.80 -57.28
CA SER D 153 -29.83 -42.15 -56.06
C SER D 153 -29.58 -41.08 -55.00
N THR D 154 -30.66 -40.49 -54.49
CA THR D 154 -30.55 -39.41 -53.53
C THR D 154 -30.84 -39.84 -52.09
N ASP D 155 -31.66 -40.87 -51.89
CA ASP D 155 -32.15 -41.21 -50.57
C ASP D 155 -31.16 -42.09 -49.82
N LYS D 156 -31.39 -42.22 -48.52
CA LYS D 156 -30.71 -43.25 -47.76
C LYS D 156 -31.25 -44.63 -48.14
N ASN D 157 -30.46 -45.66 -47.83
CA ASN D 157 -30.61 -47.07 -48.16
C ASN D 157 -30.42 -47.39 -49.64
N ALA D 158 -30.26 -46.39 -50.51
CA ALA D 158 -29.86 -46.54 -51.91
C ALA D 158 -30.82 -47.43 -52.70
N LEU D 159 -32.12 -47.29 -52.45
CA LEU D 159 -33.08 -48.20 -53.06
C LEU D 159 -33.36 -47.87 -54.52
N ASP D 160 -33.35 -46.60 -54.89
CA ASP D 160 -33.53 -46.23 -56.30
C ASP D 160 -32.20 -46.08 -57.02
N ALA D 161 -31.34 -47.07 -56.88
CA ALA D 161 -30.03 -47.08 -57.51
C ALA D 161 -30.03 -48.09 -58.65
N ARG D 162 -29.43 -47.70 -59.77
CA ARG D 162 -29.42 -48.55 -60.95
C ARG D 162 -28.13 -49.33 -61.11
N ARG D 163 -27.07 -48.98 -60.39
CA ARG D 163 -25.81 -49.68 -60.53
C ARG D 163 -24.98 -49.49 -59.27
N PHE D 164 -24.25 -50.55 -58.92
CA PHE D 164 -23.28 -50.54 -57.84
C PHE D 164 -21.94 -51.04 -58.36
N HIS D 165 -20.88 -50.28 -58.14
CA HIS D 165 -19.55 -50.68 -58.56
C HIS D 165 -18.68 -50.94 -57.34
N LYS D 166 -17.88 -51.99 -57.40
CA LYS D 166 -16.87 -52.25 -56.39
C LYS D 166 -15.53 -52.52 -57.07
N MET D 167 -14.50 -51.81 -56.65
CA MET D 167 -13.17 -51.90 -57.24
C MET D 167 -12.33 -52.83 -56.38
N LEU D 168 -12.04 -54.01 -56.89
CA LEU D 168 -11.38 -55.06 -56.13
C LEU D 168 -9.95 -55.29 -56.59
N GLU D 169 -9.09 -55.58 -55.63
CA GLU D 169 -7.81 -56.22 -55.89
C GLU D 169 -8.05 -57.73 -55.95
N VAL D 170 -7.49 -58.38 -56.96
CA VAL D 170 -7.64 -59.83 -57.15
C VAL D 170 -6.27 -60.40 -57.43
N SER D 171 -5.90 -61.46 -56.71
CA SER D 171 -4.65 -62.15 -56.97
C SER D 171 -4.75 -62.98 -58.24
N GLU D 172 -3.63 -63.57 -58.65
CA GLU D 172 -3.55 -64.22 -59.96
C GLU D 172 -4.34 -65.53 -59.98
N GLN D 173 -4.12 -66.40 -58.99
CA GLN D 173 -4.80 -67.69 -58.98
C GLN D 173 -6.28 -67.52 -58.61
N GLU D 174 -6.63 -66.50 -57.84
CA GLU D 174 -8.04 -66.20 -57.62
C GLU D 174 -8.70 -65.69 -58.89
N ALA D 175 -7.94 -65.00 -59.75
CA ALA D 175 -8.49 -64.60 -61.04
C ALA D 175 -8.60 -65.79 -61.98
N LEU D 176 -7.72 -66.79 -61.85
CA LEU D 176 -7.86 -68.01 -62.62
C LEU D 176 -9.06 -68.82 -62.18
N LEU D 177 -9.33 -68.85 -60.86
CA LEU D 177 -10.51 -69.56 -60.36
C LEU D 177 -11.79 -68.78 -60.66
N LEU D 178 -11.70 -67.46 -60.76
CA LEU D 178 -12.89 -66.64 -60.97
C LEU D 178 -13.39 -66.76 -62.40
N PHE D 179 -12.48 -66.84 -63.37
CA PHE D 179 -12.82 -67.13 -64.75
C PHE D 179 -11.62 -67.78 -65.41
N GLY D 180 -11.89 -68.63 -66.39
CA GLY D 180 -10.86 -69.45 -67.01
C GLY D 180 -9.89 -68.65 -67.86
N ASP D 181 -8.86 -69.35 -68.31
CA ASP D 181 -7.75 -68.75 -69.05
C ASP D 181 -8.09 -68.41 -70.50
N SER D 182 -9.32 -68.65 -70.95
CA SER D 182 -9.68 -68.37 -72.33
C SER D 182 -9.79 -66.87 -72.61
N VAL D 183 -10.05 -66.07 -71.58
CA VAL D 183 -10.16 -64.62 -71.75
C VAL D 183 -8.91 -63.97 -71.17
N ILE D 184 -8.53 -62.85 -71.74
CA ILE D 184 -7.25 -62.21 -71.48
C ILE D 184 -7.38 -61.30 -70.25
N VAL D 185 -6.44 -61.42 -69.32
CA VAL D 185 -6.44 -60.67 -68.08
C VAL D 185 -5.33 -59.64 -68.14
N ASN D 186 -5.64 -58.41 -67.74
CA ASN D 186 -4.64 -57.34 -67.67
C ASN D 186 -4.10 -57.28 -66.25
N TYR D 187 -3.00 -57.99 -66.01
CA TYR D 187 -2.41 -58.04 -64.68
C TYR D 187 -1.57 -56.79 -64.42
N SER D 188 -1.13 -56.68 -63.17
CA SER D 188 -0.16 -55.68 -62.77
C SER D 188 1.19 -56.35 -62.54
N ASN D 189 2.17 -55.56 -62.12
CA ASN D 189 3.50 -56.07 -61.80
C ASN D 189 4.03 -55.36 -60.56
N VAL D 190 3.22 -55.32 -59.49
CA VAL D 190 3.45 -54.37 -58.41
C VAL D 190 4.72 -54.71 -57.62
N ASN D 191 4.91 -55.96 -57.21
CA ASN D 191 6.25 -56.42 -56.84
C ASN D 191 6.70 -57.63 -57.64
N HIS D 192 6.03 -58.78 -57.49
CA HIS D 192 6.38 -59.96 -58.28
C HIS D 192 5.19 -60.86 -58.59
N GLU D 193 3.96 -60.51 -58.21
CA GLU D 193 2.92 -61.50 -58.03
C GLU D 193 1.80 -61.44 -59.07
N ARG D 194 1.76 -60.40 -59.90
CA ARG D 194 0.76 -60.20 -60.97
C ARG D 194 -0.67 -60.18 -60.39
N ILE D 195 -0.93 -59.14 -59.60
CA ILE D 195 -2.27 -58.86 -59.14
C ILE D 195 -3.03 -58.13 -60.25
N ALA D 196 -4.35 -58.01 -60.09
CA ALA D 196 -5.20 -57.38 -61.10
C ALA D 196 -6.28 -56.56 -60.41
N SER D 197 -6.59 -55.40 -61.00
CA SER D 197 -7.64 -54.52 -60.49
C SER D 197 -8.89 -54.77 -61.32
N VAL D 198 -9.92 -55.32 -60.70
CA VAL D 198 -11.14 -55.72 -61.39
C VAL D 198 -12.31 -54.95 -60.79
N ILE D 199 -13.09 -54.30 -61.63
CA ILE D 199 -14.31 -53.61 -61.20
C ILE D 199 -15.48 -54.53 -61.43
N GLU D 200 -16.20 -54.83 -60.36
CA GLU D 200 -17.42 -55.63 -60.43
C GLU D 200 -18.61 -54.69 -60.36
N SER D 201 -19.40 -54.65 -61.42
CA SER D 201 -20.57 -53.79 -61.49
C SER D 201 -21.83 -54.63 -61.47
N TRP D 202 -22.82 -54.15 -60.74
CA TRP D 202 -24.15 -54.75 -60.67
C TRP D 202 -25.14 -53.74 -61.22
N TYR D 203 -25.81 -54.11 -62.30
CA TYR D 203 -26.69 -53.22 -63.04
C TYR D 203 -28.14 -53.70 -62.93
N LYS D 204 -29.04 -52.77 -62.65
CA LYS D 204 -30.47 -53.05 -62.63
C LYS D 204 -31.05 -52.75 -64.00
N GLU D 205 -31.51 -53.79 -64.69
CA GLU D 205 -32.14 -53.64 -66.00
C GLU D 205 -33.41 -54.45 -66.02
N TYR D 206 -34.47 -53.89 -66.59
CA TYR D 206 -35.71 -54.64 -66.71
C TYR D 206 -35.64 -55.53 -67.94
N ASN D 207 -36.22 -56.72 -67.83
CA ASN D 207 -36.19 -57.66 -68.94
C ASN D 207 -37.34 -57.33 -69.90
N GLU D 208 -37.36 -58.00 -71.05
CA GLU D 208 -38.45 -57.86 -71.99
C GLU D 208 -39.35 -59.08 -72.07
N GLU D 209 -38.84 -60.25 -71.68
CA GLU D 209 -39.69 -61.43 -71.59
C GLU D 209 -40.68 -61.28 -70.44
N THR D 210 -40.16 -61.18 -69.22
CA THR D 210 -40.93 -60.70 -68.09
C THR D 210 -40.72 -59.20 -67.95
N GLN D 211 -41.69 -58.52 -67.35
CA GLN D 211 -41.63 -57.07 -67.22
C GLN D 211 -41.11 -56.60 -65.87
N SER D 212 -40.17 -57.35 -65.29
CA SER D 212 -39.61 -57.03 -63.98
C SER D 212 -38.13 -56.68 -64.10
N TYR D 213 -37.63 -56.02 -63.07
CA TYR D 213 -36.21 -55.65 -63.01
C TYR D 213 -35.38 -56.83 -62.52
N GLU D 214 -34.22 -57.02 -63.14
CA GLU D 214 -33.25 -58.01 -62.70
C GLU D 214 -31.88 -57.35 -62.62
N TRP D 215 -31.03 -57.89 -61.76
CA TRP D 215 -29.69 -57.39 -61.58
C TRP D 215 -28.70 -58.31 -62.29
N ASN D 216 -27.79 -57.71 -63.05
CA ASN D 216 -26.79 -58.44 -63.81
C ASN D 216 -25.39 -58.02 -63.38
N ARG D 217 -24.45 -58.95 -63.44
CA ARG D 217 -23.09 -58.73 -62.98
C ARG D 217 -22.14 -58.63 -64.16
N TYR D 218 -21.27 -57.63 -64.13
CA TYR D 218 -20.22 -57.46 -65.13
C TYR D 218 -18.90 -57.28 -64.41
N LEU D 219 -18.02 -58.27 -64.50
CA LEU D 219 -16.64 -58.12 -64.07
C LEU D 219 -15.85 -57.59 -65.25
N TRP D 220 -15.28 -56.40 -65.08
CA TRP D 220 -14.59 -55.74 -66.18
C TRP D 220 -13.40 -54.97 -65.64
N ASN D 221 -12.50 -54.61 -66.55
CA ASN D 221 -11.37 -53.77 -66.21
C ASN D 221 -11.42 -52.51 -67.06
N ARG D 222 -10.98 -51.40 -66.48
CA ARG D 222 -10.77 -50.20 -67.26
C ARG D 222 -9.65 -50.43 -68.26
N ASN D 223 -9.81 -49.82 -69.44
CA ASN D 223 -8.92 -49.91 -70.62
C ASN D 223 -8.56 -51.35 -71.02
N THR D 224 -9.41 -52.32 -70.69
CA THR D 224 -9.19 -53.69 -71.12
C THR D 224 -10.46 -54.28 -71.70
N GLY D 225 -11.60 -53.86 -71.18
CA GLY D 225 -12.88 -54.39 -71.61
C GLY D 225 -13.54 -55.22 -70.52
N ILE D 226 -14.49 -56.05 -70.95
CA ILE D 226 -15.32 -56.84 -70.04
C ILE D 226 -14.69 -58.23 -69.92
N TYR D 227 -14.39 -58.64 -68.69
CA TYR D 227 -13.87 -59.98 -68.46
C TYR D 227 -14.98 -61.01 -68.48
N LYS D 228 -16.04 -60.81 -67.69
CA LYS D 228 -17.12 -61.79 -67.64
C LYS D 228 -18.44 -61.08 -67.41
N SER D 229 -19.44 -61.42 -68.22
CA SER D 229 -20.76 -60.82 -68.16
C SER D 229 -21.79 -61.90 -67.91
N GLU D 230 -22.49 -61.84 -66.78
CA GLU D 230 -23.57 -62.76 -66.47
C GLU D 230 -24.82 -61.96 -66.15
N LYS D 231 -25.98 -62.50 -66.57
CA LYS D 231 -27.25 -61.83 -66.36
C LYS D 231 -28.15 -62.66 -65.47
N LYS D 232 -28.75 -62.00 -64.47
CA LYS D 232 -29.56 -62.62 -63.43
C LYS D 232 -28.87 -63.80 -62.77
N PRO D 233 -27.74 -63.60 -62.08
CA PRO D 233 -27.05 -64.75 -61.49
C PRO D 233 -27.49 -65.06 -60.07
N PHE D 234 -28.79 -64.95 -59.77
CA PHE D 234 -29.24 -65.31 -58.43
C PHE D 234 -30.62 -65.95 -58.38
N LYS D 235 -31.20 -66.34 -59.52
CA LYS D 235 -32.51 -66.98 -59.70
C LYS D 235 -33.70 -66.09 -59.35
N ASN D 236 -33.47 -64.85 -58.90
CA ASN D 236 -34.55 -63.89 -58.67
C ASN D 236 -34.24 -62.50 -59.18
N GLY D 237 -33.01 -62.22 -59.61
CA GLY D 237 -32.65 -60.88 -60.02
C GLY D 237 -32.56 -59.95 -58.82
N ALA D 238 -31.90 -60.40 -57.77
CA ALA D 238 -31.74 -59.63 -56.54
C ALA D 238 -30.31 -59.13 -56.43
N CYS D 239 -30.16 -57.87 -56.09
CA CYS D 239 -28.84 -57.31 -55.85
C CYS D 239 -28.30 -57.85 -54.53
N PRO D 240 -27.05 -58.33 -54.47
CA PRO D 240 -26.52 -58.87 -53.22
C PRO D 240 -26.17 -57.81 -52.19
N PHE D 241 -26.09 -56.54 -52.58
CA PHE D 241 -25.64 -55.48 -51.69
C PHE D 241 -26.81 -54.91 -50.92
N ILE D 242 -26.57 -54.62 -49.65
CA ILE D 242 -27.48 -53.86 -48.80
C ILE D 242 -26.71 -52.68 -48.28
N VAL D 243 -27.14 -51.48 -48.67
CA VAL D 243 -26.44 -50.23 -48.40
C VAL D 243 -27.34 -49.41 -47.50
N SER D 244 -26.75 -48.66 -46.57
CA SER D 244 -27.49 -47.59 -45.90
C SER D 244 -26.56 -46.42 -45.63
N LYS D 245 -27.06 -45.22 -45.91
CA LYS D 245 -26.33 -43.98 -45.67
C LYS D 245 -26.88 -43.30 -44.42
N LEU D 246 -26.00 -43.00 -43.48
CA LEU D 246 -26.36 -42.17 -42.34
C LEU D 246 -26.08 -40.72 -42.69
N TYR D 247 -27.08 -39.86 -42.44
CA TYR D 247 -27.00 -38.40 -42.65
C TYR D 247 -26.68 -38.05 -44.11
N THR D 248 -27.62 -38.35 -44.99
CA THR D 248 -27.53 -37.76 -46.32
C THR D 248 -27.86 -36.27 -46.23
N ASP D 249 -27.21 -35.47 -47.07
CA ASP D 249 -27.38 -34.02 -47.01
C ASP D 249 -27.56 -33.50 -48.43
N GLU D 250 -27.50 -32.17 -48.57
CA GLU D 250 -27.48 -31.54 -49.88
C GLU D 250 -26.16 -31.85 -50.58
N LEU D 251 -26.19 -31.74 -51.91
CA LEU D 251 -25.17 -32.20 -52.87
C LEU D 251 -24.95 -33.70 -52.86
N ASN D 252 -25.84 -34.46 -52.19
CA ASN D 252 -25.90 -35.93 -52.19
C ASN D 252 -24.59 -36.57 -51.70
N ASN D 253 -24.24 -36.25 -50.46
CA ASN D 253 -23.09 -36.85 -49.80
C ASN D 253 -23.53 -37.52 -48.51
N TYR D 254 -22.69 -38.41 -47.99
CA TYR D 254 -22.92 -38.95 -46.66
C TYR D 254 -22.05 -38.21 -45.65
N TYR D 255 -22.67 -37.76 -44.56
CA TYR D 255 -22.11 -36.80 -43.63
C TYR D 255 -21.41 -37.45 -42.45
N GLY D 256 -21.98 -38.52 -41.91
CA GLY D 256 -21.35 -39.28 -40.84
C GLY D 256 -21.33 -38.54 -39.51
N LEU D 257 -20.73 -39.18 -38.53
CA LEU D 257 -20.54 -38.56 -37.23
C LEU D 257 -19.20 -37.83 -37.16
N PHE D 258 -18.40 -37.89 -38.22
CA PHE D 258 -17.07 -37.33 -38.19
C PHE D 258 -17.07 -35.82 -38.33
N ARG D 259 -17.94 -35.27 -39.18
CA ARG D 259 -17.82 -33.86 -39.56
C ARG D 259 -18.29 -32.92 -38.46
N ASP D 260 -19.29 -33.30 -37.68
CA ASP D 260 -19.76 -32.43 -36.61
C ASP D 260 -18.87 -32.46 -35.37
N ILE D 261 -18.06 -33.51 -35.19
CA ILE D 261 -17.14 -33.57 -34.07
C ILE D 261 -15.70 -33.32 -34.47
N LYS D 262 -15.42 -33.14 -35.76
CA LYS D 262 -14.09 -32.82 -36.26
C LYS D 262 -13.51 -31.48 -35.78
N PRO D 263 -14.24 -30.35 -35.78
CA PRO D 263 -13.59 -29.10 -35.31
C PRO D 263 -13.29 -29.09 -33.82
N MET D 264 -14.04 -29.84 -33.00
CA MET D 264 -13.69 -29.98 -31.59
C MET D 264 -12.37 -30.74 -31.44
N GLN D 265 -12.17 -31.79 -32.25
CA GLN D 265 -10.92 -32.54 -32.21
C GLN D 265 -9.75 -31.70 -32.71
N ASP D 266 -9.99 -30.88 -33.73
CA ASP D 266 -8.94 -29.99 -34.24
C ASP D 266 -8.57 -28.93 -33.21
N PHE D 267 -9.57 -28.37 -32.50
CA PHE D 267 -9.26 -27.40 -31.47
C PHE D 267 -8.57 -28.04 -30.28
N ILE D 268 -8.90 -29.29 -29.96
CA ILE D 268 -8.22 -29.99 -28.87
C ILE D 268 -6.76 -30.22 -29.22
N ASN D 269 -6.48 -30.67 -30.45
CA ASN D 269 -5.10 -30.90 -30.86
C ASN D 269 -4.31 -29.60 -30.95
N TYR D 270 -4.94 -28.54 -31.47
CA TYR D 270 -4.28 -27.24 -31.57
C TYR D 270 -4.00 -26.66 -30.18
N ALA D 271 -4.95 -26.81 -29.25
CA ALA D 271 -4.75 -26.28 -27.91
C ALA D 271 -3.67 -27.04 -27.17
N GLU D 272 -3.62 -28.37 -27.33
CA GLU D 272 -2.60 -29.16 -26.66
C GLU D 272 -1.21 -28.86 -27.21
N ASN D 273 -1.07 -28.76 -28.53
CA ASN D 273 0.25 -28.47 -29.09
C ASN D 273 0.68 -27.02 -28.83
N ARG D 274 -0.26 -26.08 -28.84
CA ARG D 274 0.10 -24.70 -28.55
C ARG D 274 0.43 -24.50 -27.08
N MET D 275 -0.23 -25.25 -26.18
CA MET D 275 0.14 -25.17 -24.77
C MET D 275 1.47 -25.86 -24.50
N GLY D 276 1.77 -26.93 -25.23
CA GLY D 276 3.10 -27.51 -25.14
C GLY D 276 4.19 -26.64 -25.72
N ASN D 277 3.83 -25.76 -26.66
CA ASN D 277 4.81 -24.79 -27.17
C ASN D 277 4.96 -23.60 -26.24
N MET D 278 3.88 -23.19 -25.56
CA MET D 278 3.92 -21.98 -24.73
C MET D 278 4.81 -22.18 -23.51
N MET D 279 4.50 -23.18 -22.70
CA MET D 279 5.45 -23.59 -21.68
C MET D 279 6.59 -24.36 -22.34
N GLY D 280 7.75 -24.33 -21.70
CA GLY D 280 8.91 -24.96 -22.30
C GLY D 280 9.59 -24.14 -23.38
N SER D 281 9.24 -22.86 -23.52
CA SER D 281 9.89 -21.98 -24.47
C SER D 281 9.73 -20.54 -24.00
N PHE D 282 10.58 -19.66 -24.52
CA PHE D 282 10.58 -18.26 -24.15
C PHE D 282 10.59 -17.39 -25.40
N LYS D 283 10.04 -16.19 -25.26
CA LYS D 283 10.06 -15.21 -26.33
C LYS D 283 10.69 -13.92 -25.83
N ALA D 284 11.42 -13.25 -26.71
CA ALA D 284 12.14 -12.05 -26.31
C ALA D 284 12.35 -11.15 -27.52
N MET D 285 12.25 -9.85 -27.30
CA MET D 285 12.62 -8.86 -28.29
C MET D 285 14.08 -8.47 -28.04
N PHE D 286 14.92 -8.69 -29.04
CA PHE D 286 16.32 -8.31 -28.98
C PHE D 286 16.55 -7.06 -29.80
N GLU D 287 17.47 -6.23 -29.33
CA GLU D 287 18.04 -5.25 -30.25
C GLU D 287 19.11 -5.94 -31.08
N GLU D 288 19.45 -5.32 -32.21
CA GLU D 288 20.44 -5.92 -33.11
C GLU D 288 21.87 -5.74 -32.62
N ASP D 289 22.08 -5.11 -31.46
CA ASP D 289 23.40 -4.94 -30.86
C ASP D 289 23.38 -5.33 -29.40
N ALA D 290 22.51 -6.26 -29.02
CA ALA D 290 22.37 -6.62 -27.61
C ALA D 290 23.54 -7.49 -27.14
N VAL D 291 23.85 -8.54 -27.90
CA VAL D 291 24.93 -9.46 -27.53
C VAL D 291 25.49 -10.03 -28.83
N VAL D 292 26.78 -10.39 -28.80
CA VAL D 292 27.37 -11.09 -29.92
C VAL D 292 26.85 -12.53 -29.95
N ASP D 293 26.60 -13.04 -31.17
CA ASP D 293 26.13 -14.40 -31.44
C ASP D 293 24.80 -14.67 -30.73
N VAL D 294 23.78 -13.96 -31.19
CA VAL D 294 22.47 -14.01 -30.53
C VAL D 294 21.80 -15.37 -30.74
N ALA D 295 22.14 -16.08 -31.82
CA ALA D 295 21.64 -17.44 -31.99
C ALA D 295 22.23 -18.37 -30.95
N GLU D 296 23.52 -18.18 -30.62
CA GLU D 296 24.14 -18.97 -29.57
C GLU D 296 23.50 -18.69 -28.22
N PHE D 297 23.15 -17.43 -27.99
CA PHE D 297 22.51 -17.03 -26.74
C PHE D 297 21.12 -17.63 -26.60
N VAL D 298 20.34 -17.67 -27.69
CA VAL D 298 19.02 -18.28 -27.58
C VAL D 298 19.08 -19.80 -27.65
N GLU D 299 20.20 -20.40 -28.04
CA GLU D 299 20.36 -21.83 -27.84
C GLU D 299 20.60 -22.15 -26.37
N THR D 300 21.57 -21.49 -25.73
CA THR D 300 21.81 -21.79 -24.32
C THR D 300 20.72 -21.25 -23.40
N MET D 301 19.94 -20.27 -23.83
CA MET D 301 18.87 -19.74 -23.00
C MET D 301 17.65 -20.65 -22.97
N SER D 302 17.48 -21.51 -23.98
CA SER D 302 16.31 -22.38 -24.02
C SER D 302 16.35 -23.51 -23.01
N LEU D 303 17.52 -23.79 -22.44
CA LEU D 303 17.65 -24.83 -21.43
C LEU D 303 17.07 -24.35 -20.10
N ASP D 304 16.70 -25.31 -19.26
CA ASP D 304 16.23 -25.02 -17.91
C ASP D 304 17.37 -24.87 -16.92
N ASN D 305 18.61 -25.10 -17.34
CA ASN D 305 19.79 -24.77 -16.54
C ASN D 305 20.72 -23.98 -17.46
N ALA D 306 20.49 -22.67 -17.52
CA ALA D 306 21.17 -21.80 -18.47
C ALA D 306 22.27 -21.04 -17.76
N ILE D 307 23.51 -21.25 -18.22
CA ILE D 307 24.64 -20.41 -17.83
C ILE D 307 25.05 -19.67 -19.09
N ALA D 308 24.49 -18.49 -19.30
CA ALA D 308 24.72 -17.70 -20.51
C ALA D 308 25.69 -16.58 -20.20
N LYS D 309 26.86 -16.64 -20.83
CA LYS D 309 27.88 -15.61 -20.69
C LYS D 309 27.69 -14.58 -21.79
N VAL D 310 27.46 -13.33 -21.39
CA VAL D 310 27.22 -12.24 -22.33
C VAL D 310 28.39 -11.27 -22.26
N ARG D 311 28.36 -10.28 -23.14
CA ARG D 311 29.40 -9.26 -23.18
C ARG D 311 29.29 -8.37 -21.95
N PRO D 312 30.39 -7.70 -21.56
CA PRO D 312 30.32 -6.79 -20.40
C PRO D 312 29.39 -5.61 -20.64
N ASN D 313 28.78 -5.16 -19.54
CA ASN D 313 27.81 -4.05 -19.49
C ASN D 313 26.58 -4.33 -20.36
N ALA D 314 26.17 -5.60 -20.42
CA ALA D 314 24.96 -5.99 -21.14
C ALA D 314 23.78 -6.26 -20.23
N LEU D 315 23.97 -6.11 -18.90
CA LEU D 315 22.90 -6.29 -17.94
C LEU D 315 22.38 -4.97 -17.40
N LYS D 316 23.05 -3.86 -17.70
CA LYS D 316 22.66 -2.55 -17.19
C LYS D 316 21.96 -1.68 -18.23
N ASP D 317 21.97 -2.09 -19.49
CA ASP D 317 21.39 -1.29 -20.56
C ASP D 317 20.01 -1.76 -20.99
N HIS D 318 19.68 -3.03 -20.74
CA HIS D 318 18.39 -3.65 -21.03
C HIS D 318 18.05 -3.56 -22.53
N LYS D 319 18.91 -4.19 -23.33
CA LYS D 319 18.66 -4.34 -24.75
C LYS D 319 17.92 -5.62 -25.09
N ILE D 320 17.60 -6.44 -24.10
CA ILE D 320 16.82 -7.65 -24.27
C ILE D 320 15.55 -7.51 -23.43
N GLN D 321 14.40 -7.80 -24.04
CA GLN D 321 13.12 -7.71 -23.35
C GLN D 321 12.45 -9.08 -23.44
N PHE D 322 12.52 -9.85 -22.35
CA PHE D 322 11.86 -11.13 -22.28
C PHE D 322 10.36 -10.93 -22.10
N MET D 323 9.57 -11.28 -23.12
CA MET D 323 8.14 -11.10 -23.04
C MET D 323 7.49 -12.31 -22.37
N ASN D 324 6.35 -12.06 -21.73
CA ASN D 324 5.64 -13.12 -21.03
C ASN D 324 4.93 -14.02 -22.04
N ASN D 325 5.36 -15.27 -22.09
CA ASN D 325 4.81 -16.21 -23.06
C ASN D 325 3.48 -16.80 -22.60
N GLN D 326 3.37 -17.12 -21.32
CA GLN D 326 2.22 -17.86 -20.80
C GLN D 326 1.16 -16.93 -20.24
N ALA D 327 0.69 -16.03 -21.10
CA ALA D 327 -0.48 -15.22 -20.80
C ALA D 327 -1.76 -15.89 -21.26
N ASP D 328 -1.67 -17.10 -21.80
CA ASP D 328 -2.82 -17.77 -22.41
C ASP D 328 -2.90 -19.24 -22.04
N LEU D 329 -2.22 -19.67 -20.98
CA LEU D 329 -2.24 -21.07 -20.61
C LEU D 329 -3.57 -21.44 -19.96
N SER D 330 -4.07 -20.58 -19.09
CA SER D 330 -5.29 -20.88 -18.33
C SER D 330 -6.51 -20.87 -19.24
N ALA D 331 -6.60 -19.89 -20.13
CA ALA D 331 -7.75 -19.80 -21.02
C ALA D 331 -7.76 -20.95 -22.01
N LEU D 332 -6.59 -21.37 -22.49
CA LEU D 332 -6.51 -22.52 -23.38
C LEU D 332 -6.82 -23.82 -22.65
N SER D 333 -6.47 -23.92 -21.36
CA SER D 333 -6.83 -25.09 -20.57
C SER D 333 -8.35 -25.19 -20.41
N GLN D 334 -8.98 -24.06 -20.09
CA GLN D 334 -10.43 -24.04 -19.91
C GLN D 334 -11.15 -24.32 -21.23
N LYS D 335 -10.63 -23.80 -22.34
CA LYS D 335 -11.25 -24.05 -23.63
C LYS D 335 -11.04 -25.49 -24.08
N ALA D 336 -9.89 -26.08 -23.74
CA ALA D 336 -9.65 -27.48 -24.07
C ALA D 336 -10.57 -28.41 -23.28
N GLU D 337 -10.79 -28.11 -22.00
CA GLU D 337 -11.74 -28.88 -21.22
C GLU D 337 -13.18 -28.69 -21.69
N GLN D 338 -13.52 -27.47 -22.12
CA GLN D 338 -14.86 -27.21 -22.64
C GLN D 338 -15.12 -27.96 -23.93
N LYS D 339 -14.16 -27.94 -24.87
CA LYS D 339 -14.33 -28.70 -26.10
C LYS D 339 -14.24 -30.20 -25.86
N ARG D 340 -13.52 -30.63 -24.82
CA ARG D 340 -13.48 -32.04 -24.49
C ARG D 340 -14.82 -32.54 -23.96
N GLN D 341 -15.54 -31.70 -23.21
CA GLN D 341 -16.90 -32.06 -22.82
C GLN D 341 -17.87 -31.97 -23.99
N LEU D 342 -17.68 -30.96 -24.85
CA LEU D 342 -18.54 -30.80 -26.03
C LEU D 342 -18.35 -31.91 -27.05
N LEU D 343 -17.21 -32.60 -27.04
CA LEU D 343 -17.03 -33.74 -27.92
C LEU D 343 -17.94 -34.89 -27.52
N ARG D 344 -18.07 -35.15 -26.22
CA ARG D 344 -19.02 -36.15 -25.77
C ARG D 344 -20.46 -35.67 -25.93
N LEU D 345 -20.67 -34.35 -25.86
CA LEU D 345 -22.03 -33.82 -26.02
C LEU D 345 -22.50 -33.94 -27.47
N LEU D 346 -21.64 -33.64 -28.43
CA LEU D 346 -22.04 -33.56 -29.83
C LEU D 346 -22.28 -34.93 -30.46
N ALA D 347 -21.69 -35.99 -29.90
CA ALA D 347 -21.87 -37.32 -30.45
C ALA D 347 -23.06 -38.05 -29.85
N GLY D 348 -23.85 -37.37 -29.04
CA GLY D 348 -24.99 -38.01 -28.42
C GLY D 348 -24.69 -38.81 -27.18
N LEU D 349 -23.48 -38.75 -26.66
CA LEU D 349 -23.12 -39.50 -25.47
C LEU D 349 -23.46 -38.76 -24.18
N ASN D 350 -24.16 -37.62 -24.26
CA ASN D 350 -24.77 -37.07 -23.07
C ASN D 350 -25.95 -37.94 -22.66
N ASP D 351 -26.40 -37.75 -21.41
CA ASP D 351 -27.21 -38.72 -20.66
C ASP D 351 -26.52 -40.08 -20.73
N GLU D 352 -25.35 -40.12 -20.10
CA GLU D 352 -24.54 -41.34 -20.03
C GLU D 352 -25.27 -42.32 -19.12
N SER D 353 -26.08 -43.18 -19.75
CA SER D 353 -26.79 -44.24 -19.06
C SER D 353 -26.67 -45.54 -19.83
N LEU D 354 -25.55 -45.72 -20.53
CA LEU D 354 -25.31 -46.93 -21.33
C LEU D 354 -25.23 -48.16 -20.44
N GLY D 355 -24.56 -48.04 -19.29
CA GLY D 355 -24.55 -49.12 -18.33
C GLY D 355 -25.91 -49.39 -17.73
N MET D 356 -26.73 -48.35 -17.57
CA MET D 356 -28.12 -48.56 -17.17
C MET D 356 -28.94 -49.16 -18.31
N ALA D 357 -28.62 -48.79 -19.55
CA ALA D 357 -29.41 -49.25 -20.68
C ALA D 357 -29.15 -50.71 -20.99
N VAL D 358 -27.92 -51.20 -20.78
CA VAL D 358 -27.65 -52.60 -21.07
C VAL D 358 -28.25 -53.51 -19.99
N ASN D 359 -28.34 -53.02 -18.75
CA ASN D 359 -29.09 -53.74 -17.72
C ASN D 359 -30.59 -53.58 -17.90
N ARG D 360 -31.03 -52.59 -18.69
CA ARG D 360 -32.44 -52.50 -19.06
C ARG D 360 -32.81 -53.51 -20.14
N GLN D 361 -31.84 -54.12 -20.81
CA GLN D 361 -32.09 -55.14 -21.82
C GLN D 361 -31.84 -56.55 -21.28
N SER D 362 -32.18 -56.79 -20.01
CA SER D 362 -32.15 -58.15 -19.48
C SER D 362 -33.47 -58.89 -19.71
N GLY D 363 -34.58 -58.17 -19.66
CA GLY D 363 -35.88 -58.77 -19.90
C GLY D 363 -36.14 -58.97 -21.37
N VAL D 364 -36.06 -60.21 -21.83
CA VAL D 364 -36.28 -60.55 -23.23
C VAL D 364 -37.39 -61.60 -23.30
N ALA D 365 -38.36 -61.50 -22.37
CA ALA D 365 -39.24 -62.61 -22.01
C ALA D 365 -40.14 -63.11 -23.13
N ILE D 366 -41.18 -62.37 -23.52
CA ILE D 366 -41.95 -62.75 -24.71
C ILE D 366 -42.14 -61.54 -25.61
N ALA D 367 -42.74 -60.48 -25.07
CA ALA D 367 -43.18 -59.32 -25.84
C ALA D 367 -42.58 -58.09 -25.18
N GLN D 368 -41.40 -57.70 -25.62
CA GLN D 368 -40.72 -56.57 -25.03
C GLN D 368 -40.35 -55.55 -26.10
N ARG D 369 -40.35 -54.29 -25.69
CA ARG D 369 -39.99 -53.18 -26.55
C ARG D 369 -38.50 -52.91 -26.42
N LYS D 370 -38.06 -51.74 -26.89
CA LYS D 370 -36.64 -51.39 -26.84
C LYS D 370 -36.18 -51.13 -25.41
N GLU D 371 -37.10 -50.78 -24.51
CA GLU D 371 -36.81 -50.40 -23.11
C GLU D 371 -35.81 -49.23 -23.08
N SER D 372 -36.35 -48.09 -23.49
CA SER D 372 -35.58 -46.94 -23.97
C SER D 372 -34.65 -46.35 -22.91
N GLY D 373 -33.40 -46.09 -23.32
CA GLY D 373 -32.47 -45.30 -22.57
C GLY D 373 -32.16 -44.00 -23.27
N LEU D 374 -31.05 -43.99 -24.01
CA LEU D 374 -30.54 -42.82 -24.70
C LEU D 374 -31.49 -42.29 -25.77
N MET D 375 -31.30 -41.02 -26.12
CA MET D 375 -31.99 -40.40 -27.23
C MET D 375 -31.07 -39.90 -28.33
N GLY D 376 -29.82 -39.57 -28.01
CA GLY D 376 -28.95 -38.94 -28.99
C GLY D 376 -28.43 -39.89 -30.05
N LEU D 377 -28.20 -41.15 -29.68
CA LEU D 377 -27.69 -42.14 -30.61
C LEU D 377 -28.79 -42.91 -31.31
N GLN D 378 -30.05 -42.53 -31.13
CA GLN D 378 -31.16 -43.31 -31.63
C GLN D 378 -31.28 -43.28 -33.15
N THR D 379 -30.74 -42.24 -33.80
CA THR D 379 -30.71 -42.21 -35.26
C THR D 379 -29.79 -43.31 -35.81
N PHE D 380 -28.65 -43.51 -35.16
CA PHE D 380 -27.71 -44.55 -35.55
C PHE D 380 -28.30 -45.94 -35.31
N LEU D 381 -28.97 -46.13 -34.17
CA LEU D 381 -29.61 -47.41 -33.88
C LEU D 381 -30.75 -47.68 -34.86
N LYS D 382 -31.48 -46.64 -35.26
CA LYS D 382 -32.59 -46.84 -36.18
C LYS D 382 -32.09 -47.17 -37.59
N ALA D 383 -31.00 -46.53 -38.02
CA ALA D 383 -30.41 -46.86 -39.31
C ALA D 383 -29.87 -48.28 -39.33
N THR D 384 -29.25 -48.71 -38.23
CA THR D 384 -28.81 -50.11 -38.10
C THR D 384 -29.98 -51.07 -38.11
N ASP D 385 -31.11 -50.70 -37.49
CA ASP D 385 -32.30 -51.54 -37.50
C ASP D 385 -32.87 -51.69 -38.90
N ASP D 386 -32.95 -50.59 -39.66
CA ASP D 386 -33.47 -50.65 -41.02
C ASP D 386 -32.56 -51.45 -41.95
N MET D 387 -31.24 -51.32 -41.77
CA MET D 387 -30.36 -52.13 -42.61
C MET D 387 -30.42 -53.60 -42.22
N ASP D 388 -30.63 -53.91 -40.94
CA ASP D 388 -30.82 -55.30 -40.54
C ASP D 388 -32.12 -55.87 -41.12
N ARG D 389 -33.17 -55.06 -41.18
CA ARG D 389 -34.43 -55.52 -41.76
C ARG D 389 -34.28 -55.81 -43.25
N LEU D 390 -33.55 -54.95 -43.97
CA LEU D 390 -33.31 -55.20 -45.39
C LEU D 390 -32.42 -56.43 -45.60
N ILE D 391 -31.41 -56.61 -44.74
CA ILE D 391 -30.51 -57.77 -44.81
C ILE D 391 -31.29 -59.05 -44.60
N PHE D 392 -32.18 -59.08 -43.61
CA PHE D 392 -32.92 -60.31 -43.35
C PHE D 392 -34.03 -60.55 -44.35
N ARG D 393 -34.56 -59.49 -44.99
CA ARG D 393 -35.48 -59.70 -46.11
C ARG D 393 -34.77 -60.37 -47.27
N LEU D 394 -33.56 -59.91 -47.59
CA LEU D 394 -32.80 -60.55 -48.67
C LEU D 394 -32.37 -61.97 -48.31
N ALA D 395 -32.05 -62.20 -47.03
CA ALA D 395 -31.64 -63.54 -46.60
C ALA D 395 -32.80 -64.52 -46.62
N VAL D 396 -34.00 -64.07 -46.24
CA VAL D 396 -35.18 -64.91 -46.33
C VAL D 396 -35.52 -65.20 -47.80
N SER D 397 -35.33 -64.19 -48.67
CA SER D 397 -35.57 -64.41 -50.09
C SER D 397 -34.56 -65.38 -50.71
N PHE D 398 -33.33 -65.43 -50.18
CA PHE D 398 -32.37 -66.42 -50.64
C PHE D 398 -32.68 -67.82 -50.09
N ILE D 399 -33.06 -67.90 -48.82
CA ILE D 399 -33.29 -69.19 -48.17
C ILE D 399 -34.53 -69.86 -48.77
N CYS D 400 -35.59 -69.09 -49.02
CA CYS D 400 -36.79 -69.65 -49.62
C CYS D 400 -36.62 -69.98 -51.10
N GLU D 401 -35.48 -69.69 -51.71
CA GLU D 401 -35.24 -69.93 -53.13
C GLU D 401 -34.17 -70.97 -53.40
N TYR D 402 -33.16 -71.10 -52.55
CA TYR D 402 -32.04 -71.99 -52.84
C TYR D 402 -31.96 -73.20 -51.92
N PHE D 403 -32.64 -73.19 -50.78
CA PHE D 403 -32.56 -74.30 -49.85
C PHE D 403 -33.46 -75.44 -50.33
N THR D 404 -32.87 -76.59 -50.61
CA THR D 404 -33.63 -77.76 -51.00
C THR D 404 -34.31 -78.38 -49.78
N LYS D 405 -35.13 -79.40 -50.03
CA LYS D 405 -35.86 -80.03 -48.93
C LYS D 405 -34.93 -80.85 -48.03
N GLU D 406 -33.97 -81.58 -48.63
CA GLU D 406 -33.02 -82.30 -47.80
C GLU D 406 -32.05 -81.36 -47.11
N GLN D 407 -31.79 -80.19 -47.70
CA GLN D 407 -31.00 -79.18 -47.01
C GLN D 407 -31.74 -78.62 -45.81
N VAL D 408 -33.06 -78.44 -45.93
CA VAL D 408 -33.87 -77.96 -44.82
C VAL D 408 -33.95 -79.00 -43.72
N PHE D 409 -34.18 -80.27 -44.09
CA PHE D 409 -34.34 -81.31 -43.09
C PHE D 409 -33.04 -81.74 -42.42
N LYS D 410 -31.89 -81.26 -42.89
CA LYS D 410 -30.64 -81.45 -42.17
C LYS D 410 -30.42 -80.38 -41.11
N ILE D 411 -31.18 -79.29 -41.16
CA ILE D 411 -30.99 -78.16 -40.27
C ILE D 411 -32.03 -78.13 -39.16
N VAL D 412 -33.30 -78.33 -39.51
CA VAL D 412 -34.38 -78.18 -38.58
C VAL D 412 -34.77 -79.55 -38.03
N ASP D 413 -35.60 -79.55 -36.99
CA ASP D 413 -36.08 -80.79 -36.39
C ASP D 413 -37.10 -81.46 -37.30
N LYS D 414 -37.50 -82.68 -36.93
CA LYS D 414 -38.47 -83.43 -37.71
C LYS D 414 -39.86 -82.83 -37.59
N LYS D 415 -40.21 -82.34 -36.41
CA LYS D 415 -41.54 -81.77 -36.21
C LYS D 415 -41.69 -80.43 -36.93
N LEU D 416 -40.63 -79.61 -36.92
CA LEU D 416 -40.69 -78.32 -37.61
C LEU D 416 -40.76 -78.50 -39.12
N GLY D 417 -40.17 -79.58 -39.64
CA GLY D 417 -40.27 -79.87 -41.05
C GLY D 417 -41.61 -80.46 -41.42
N ASP D 418 -42.16 -81.29 -40.55
CA ASP D 418 -43.44 -81.93 -40.83
C ASP D 418 -44.63 -81.01 -40.64
N ARG D 419 -44.48 -79.93 -39.85
CA ARG D 419 -45.59 -79.01 -39.68
C ARG D 419 -45.79 -78.10 -40.88
N TYR D 420 -44.73 -77.86 -41.65
CA TYR D 420 -44.85 -76.97 -42.80
C TYR D 420 -45.21 -77.71 -44.08
N PHE D 421 -44.61 -78.87 -44.32
CA PHE D 421 -44.90 -79.65 -45.53
C PHE D 421 -46.08 -80.59 -45.29
N LYS D 422 -47.24 -79.98 -45.04
CA LYS D 422 -48.52 -80.63 -44.74
C LYS D 422 -48.43 -81.64 -43.59
N ASP D 427 -46.91 -77.82 -52.21
CA ASP D 427 -45.61 -78.08 -51.62
C ASP D 427 -44.51 -77.97 -52.67
N ASP D 428 -44.41 -79.01 -53.52
CA ASP D 428 -43.47 -79.10 -54.65
C ASP D 428 -42.02 -78.98 -54.21
N ASN D 429 -41.71 -79.49 -53.01
CA ASN D 429 -40.35 -79.63 -52.47
C ASN D 429 -39.61 -78.30 -52.37
N LYS D 430 -40.33 -77.21 -52.13
CA LYS D 430 -39.72 -75.90 -52.02
C LYS D 430 -40.51 -75.05 -51.05
N ILE D 431 -39.79 -74.27 -50.23
CA ILE D 431 -40.44 -73.34 -49.33
C ILE D 431 -40.99 -72.18 -50.15
N ARG D 432 -42.31 -71.99 -50.10
CA ARG D 432 -42.99 -70.96 -50.88
C ARG D 432 -43.74 -70.03 -49.94
N PRO D 433 -43.06 -69.02 -49.38
CA PRO D 433 -43.77 -68.03 -48.57
C PRO D 433 -44.48 -67.01 -49.45
N LEU D 434 -45.64 -66.58 -48.98
CA LEU D 434 -46.42 -65.60 -49.72
C LEU D 434 -45.96 -64.20 -49.34
N LYS D 435 -46.70 -63.19 -49.78
CA LYS D 435 -46.30 -61.81 -49.52
C LYS D 435 -46.75 -61.36 -48.13
N PHE D 436 -48.02 -61.61 -47.79
CA PHE D 436 -48.56 -61.21 -46.50
C PHE D 436 -48.54 -62.41 -45.55
N ASP D 437 -47.34 -62.84 -45.23
CA ASP D 437 -47.22 -64.00 -44.35
C ASP D 437 -46.33 -63.75 -43.15
N LEU D 438 -45.28 -62.95 -43.28
CA LEU D 438 -44.27 -62.80 -42.24
C LEU D 438 -44.17 -61.36 -41.78
N ILE D 439 -43.86 -61.20 -40.50
CA ILE D 439 -43.63 -59.91 -39.88
C ILE D 439 -42.24 -59.93 -39.27
N LEU D 440 -41.42 -58.93 -39.60
CA LEU D 440 -40.05 -58.87 -39.14
C LEU D 440 -39.98 -58.11 -37.81
N LYS D 441 -39.53 -58.79 -36.76
CA LYS D 441 -39.40 -58.18 -35.45
C LYS D 441 -37.94 -58.28 -34.99
N SER D 442 -37.36 -57.15 -34.62
CA SER D 442 -35.98 -57.14 -34.16
C SER D 442 -35.89 -57.50 -32.69
N GLN D 443 -34.82 -58.22 -32.33
CA GLN D 443 -34.57 -58.59 -30.96
C GLN D 443 -33.07 -58.76 -30.79
N LEU D 444 -32.65 -59.12 -29.57
CA LEU D 444 -31.24 -59.36 -29.32
C LEU D 444 -30.83 -60.70 -29.90
N LYS D 445 -29.59 -60.77 -30.40
CA LYS D 445 -29.08 -61.99 -31.01
C LYS D 445 -28.80 -63.01 -29.91
N THR D 446 -29.65 -64.03 -29.83
CA THR D 446 -29.46 -65.11 -28.88
C THR D 446 -29.69 -66.44 -29.58
N GLU D 447 -29.18 -67.50 -28.97
CA GLU D 447 -29.36 -68.83 -29.52
C GLU D 447 -30.78 -69.31 -29.25
N SER D 448 -31.25 -70.24 -30.09
CA SER D 448 -32.67 -70.59 -30.10
C SER D 448 -33.08 -71.38 -28.86
N ARG D 449 -32.20 -72.24 -28.35
CA ARG D 449 -32.55 -73.04 -27.18
C ARG D 449 -32.63 -72.17 -25.92
N ASP D 450 -31.80 -71.13 -25.82
CA ASP D 450 -31.86 -70.24 -24.66
C ASP D 450 -33.13 -69.40 -24.67
N GLU D 451 -33.52 -68.91 -25.86
CA GLU D 451 -34.76 -68.16 -26.00
C GLU D 451 -35.97 -69.04 -25.70
N LYS D 452 -35.96 -70.28 -26.20
CA LYS D 452 -37.04 -71.21 -25.89
C LYS D 452 -37.08 -71.57 -24.41
N TRP D 453 -35.91 -71.65 -23.77
CA TRP D 453 -35.86 -71.92 -22.34
C TRP D 453 -36.46 -70.79 -21.52
N TYR D 454 -36.15 -69.54 -21.89
CA TYR D 454 -36.71 -68.40 -21.19
C TYR D 454 -38.22 -68.28 -21.41
N ASN D 455 -38.68 -68.59 -22.63
CA ASN D 455 -40.11 -68.57 -22.90
C ASN D 455 -40.84 -69.67 -22.15
N TRP D 456 -40.22 -70.85 -22.05
CA TRP D 456 -40.80 -71.94 -21.27
C TRP D 456 -40.88 -71.58 -19.79
N ASN D 457 -39.86 -70.91 -19.28
CA ASN D 457 -39.84 -70.52 -17.87
C ASN D 457 -40.92 -69.50 -17.55
N GLU D 458 -41.06 -68.46 -18.38
CA GLU D 458 -42.09 -67.48 -18.12
C GLU D 458 -43.49 -68.05 -18.36
N LEU D 459 -43.63 -69.00 -19.30
CA LEU D 459 -44.94 -69.59 -19.53
C LEU D 459 -45.35 -70.50 -18.38
N LEU D 460 -44.40 -71.25 -17.81
CA LEU D 460 -44.74 -72.06 -16.66
C LEU D 460 -44.94 -71.23 -15.39
N LYS D 461 -44.32 -70.05 -15.31
CA LYS D 461 -44.63 -69.19 -14.18
C LYS D 461 -45.92 -68.41 -14.38
N ILE D 462 -46.42 -68.32 -15.61
CA ILE D 462 -47.71 -67.68 -15.85
C ILE D 462 -48.84 -68.68 -15.65
N LEU D 463 -48.69 -69.88 -16.19
CA LEU D 463 -49.76 -70.88 -16.19
C LEU D 463 -49.91 -71.62 -14.86
N ALA D 464 -49.12 -71.27 -13.84
CA ALA D 464 -49.22 -72.01 -12.58
C ALA D 464 -50.48 -71.70 -11.79
N PRO D 465 -50.91 -70.41 -11.57
CA PRO D 465 -52.16 -70.22 -10.82
C PRO D 465 -53.42 -70.45 -11.63
N ILE D 466 -53.38 -70.14 -12.93
CA ILE D 466 -54.61 -70.12 -13.70
C ILE D 466 -55.04 -71.52 -14.14
N ARG D 467 -54.10 -72.41 -14.45
CA ARG D 467 -54.44 -73.76 -14.88
C ARG D 467 -53.29 -74.69 -14.52
N PRO D 468 -53.36 -75.34 -13.35
CA PRO D 468 -52.22 -76.13 -12.88
C PRO D 468 -52.05 -77.47 -13.59
N ASP D 469 -53.16 -78.09 -14.02
CA ASP D 469 -53.09 -79.42 -14.62
C ASP D 469 -52.39 -79.43 -15.98
N LEU D 470 -52.28 -78.27 -16.63
CA LEU D 470 -51.49 -78.16 -17.85
C LEU D 470 -49.99 -78.17 -17.57
N VAL D 471 -49.57 -77.82 -16.37
CA VAL D 471 -48.15 -77.64 -16.05
C VAL D 471 -47.33 -78.92 -16.04
N PRO D 472 -47.70 -80.04 -15.37
CA PRO D 472 -46.79 -81.21 -15.39
C PRO D 472 -46.74 -81.95 -16.71
N SER D 473 -47.58 -81.62 -17.67
CA SER D 473 -47.47 -82.19 -19.00
C SER D 473 -46.56 -81.38 -19.92
N LEU D 474 -46.02 -80.26 -19.44
CA LEU D 474 -45.18 -79.40 -20.24
C LEU D 474 -43.69 -79.55 -19.93
N VAL D 475 -43.34 -80.08 -18.77
CA VAL D 475 -41.95 -80.15 -18.34
C VAL D 475 -41.05 -81.12 -19.13
N PRO D 476 -41.50 -82.21 -19.75
CA PRO D 476 -40.60 -82.85 -20.74
C PRO D 476 -40.39 -82.00 -21.98
N LEU D 477 -41.43 -81.29 -22.43
CA LEU D 477 -41.26 -80.39 -23.56
C LEU D 477 -40.42 -79.17 -23.18
N MET D 478 -40.41 -78.80 -21.90
CA MET D 478 -39.49 -77.75 -21.45
C MET D 478 -38.07 -78.27 -21.38
N LEU D 479 -37.88 -79.47 -20.84
CA LEU D 479 -36.55 -80.01 -20.64
C LEU D 479 -35.89 -80.48 -21.93
N ASN D 480 -36.68 -80.74 -22.98
CA ASN D 480 -36.09 -81.05 -24.27
C ASN D 480 -35.41 -79.84 -24.90
N ASP D 481 -35.80 -78.63 -24.49
CA ASP D 481 -35.25 -77.39 -25.02
C ASP D 481 -34.24 -76.75 -24.08
N MET D 482 -33.44 -77.57 -23.39
CA MET D 482 -32.44 -77.09 -22.45
C MET D 482 -31.05 -77.33 -23.01
N ASP D 483 -30.19 -76.32 -22.90
CA ASP D 483 -28.83 -76.37 -23.44
C ASP D 483 -27.84 -76.88 -22.41
N SER D 484 -28.31 -77.42 -21.31
CA SER D 484 -27.44 -77.90 -20.25
C SER D 484 -26.82 -79.25 -20.64
N PRO D 485 -25.59 -79.52 -20.16
CA PRO D 485 -24.98 -80.84 -20.42
C PRO D 485 -25.64 -81.99 -19.64
N ILE D 486 -26.47 -81.69 -18.63
CA ILE D 486 -27.14 -82.76 -17.89
C ILE D 486 -28.43 -83.20 -18.54
N THR D 487 -28.77 -82.68 -19.73
CA THR D 487 -30.07 -82.90 -20.34
C THR D 487 -30.29 -84.35 -20.74
N ASN D 488 -29.25 -85.00 -21.28
CA ASN D 488 -29.37 -86.39 -21.71
C ASN D 488 -29.55 -87.35 -20.53
N ASP D 489 -29.20 -86.92 -19.32
CA ASP D 489 -29.47 -87.72 -18.12
C ASP D 489 -30.88 -87.48 -17.60
N VAL D 490 -31.33 -86.22 -17.63
CA VAL D 490 -32.67 -85.86 -17.13
C VAL D 490 -33.75 -86.49 -17.99
N LEU D 491 -33.52 -86.55 -19.31
CA LEU D 491 -34.52 -87.12 -20.21
C LEU D 491 -34.67 -88.62 -20.01
N GLU D 492 -33.57 -89.35 -19.82
CA GLU D 492 -33.70 -90.78 -19.57
C GLU D 492 -34.19 -91.05 -18.15
N ALA D 493 -33.94 -90.12 -17.21
CA ALA D 493 -34.55 -90.24 -15.89
C ALA D 493 -36.06 -90.08 -15.95
N ILE D 494 -36.54 -89.15 -16.78
CA ILE D 494 -37.98 -88.96 -16.99
C ILE D 494 -38.59 -90.20 -17.64
N GLN D 495 -37.88 -90.77 -18.63
CA GLN D 495 -38.38 -91.97 -19.30
C GLN D 495 -38.44 -93.17 -18.35
N ASN D 496 -37.43 -93.32 -17.49
CA ASN D 496 -37.44 -94.41 -16.52
C ASN D 496 -38.53 -94.23 -15.47
N ALA D 497 -38.76 -92.98 -15.04
CA ALA D 497 -39.82 -92.73 -14.06
C ALA D 497 -41.20 -92.97 -14.66
N ASN D 498 -41.40 -92.58 -15.92
CA ASN D 498 -42.68 -92.82 -16.58
C ASN D 498 -42.91 -94.30 -16.83
N ALA D 499 -41.84 -95.03 -17.18
CA ALA D 499 -41.94 -96.47 -17.38
C ALA D 499 -42.27 -97.18 -16.07
N LEU D 500 -41.64 -96.77 -14.97
CA LEU D 500 -41.95 -97.36 -13.67
C LEU D 500 -43.36 -97.03 -13.22
N GLN D 501 -43.83 -95.80 -13.50
CA GLN D 501 -45.16 -95.40 -13.10
C GLN D 501 -46.23 -96.16 -13.87
N GLN D 502 -46.06 -96.29 -15.20
CA GLN D 502 -47.04 -97.05 -15.97
C GLN D 502 -46.94 -98.54 -15.71
N GLN D 503 -45.76 -99.02 -15.30
CA GLN D 503 -45.61 -100.43 -14.92
C GLN D 503 -46.35 -100.73 -13.62
N ASN D 504 -46.21 -99.85 -12.63
CA ASN D 504 -46.96 -100.01 -11.38
C ASN D 504 -48.46 -99.86 -11.60
N ALA D 505 -48.87 -98.96 -12.50
CA ALA D 505 -50.29 -98.78 -12.79
C ALA D 505 -50.89 -100.01 -13.46
N GLU D 506 -50.21 -100.55 -14.47
CA GLU D 506 -50.71 -101.76 -15.13
C GLU D 506 -50.52 -103.01 -14.28
N ALA D 507 -49.68 -102.96 -13.26
CA ALA D 507 -49.60 -104.07 -12.32
C ALA D 507 -50.70 -104.04 -11.28
N ASN D 508 -51.13 -102.85 -10.86
CA ASN D 508 -52.15 -102.72 -9.83
C ASN D 508 -53.58 -102.63 -10.39
N ALA D 509 -53.74 -102.39 -11.69
CA ALA D 509 -55.06 -102.30 -12.32
C ALA D 509 -55.99 -103.54 -12.23
N PRO D 510 -55.50 -104.80 -12.27
CA PRO D 510 -56.45 -105.91 -12.05
C PRO D 510 -57.09 -105.92 -10.68
N TYR D 511 -56.36 -105.52 -9.63
CA TYR D 511 -56.95 -105.40 -8.30
C TYR D 511 -58.01 -104.30 -8.26
N ASN D 512 -57.78 -103.20 -8.98
CA ASN D 512 -58.73 -102.11 -9.01
C ASN D 512 -60.02 -102.51 -9.74
N GLN D 513 -59.89 -103.19 -10.89
CA GLN D 513 -61.11 -103.61 -11.59
C GLN D 513 -61.82 -104.74 -10.85
N GLN D 514 -61.08 -105.56 -10.09
CA GLN D 514 -61.70 -106.56 -9.25
C GLN D 514 -62.52 -105.91 -8.14
N ILE D 515 -61.97 -104.87 -7.50
CA ILE D 515 -62.70 -104.13 -6.47
C ILE D 515 -63.93 -103.45 -7.06
N GLN D 516 -63.82 -102.92 -8.29
CA GLN D 516 -64.95 -102.28 -8.95
C GLN D 516 -66.09 -103.26 -9.22
N ALA D 517 -65.76 -104.40 -9.82
CA ALA D 517 -66.77 -105.43 -10.09
C ALA D 517 -67.38 -105.99 -8.81
N LEU D 518 -66.57 -106.11 -7.76
CA LEU D 518 -67.07 -106.64 -6.50
C LEU D 518 -68.00 -105.67 -5.81
N GLN D 519 -67.72 -104.36 -5.90
CA GLN D 519 -68.61 -103.36 -5.34
C GLN D 519 -69.91 -103.28 -6.14
N ILE D 520 -69.84 -103.48 -7.46
CA ILE D 520 -71.03 -103.54 -8.29
C ILE D 520 -71.90 -104.72 -7.90
N GLN D 521 -71.28 -105.88 -7.67
CA GLN D 521 -72.03 -107.05 -7.23
C GLN D 521 -72.62 -106.88 -5.84
N LYS D 522 -71.94 -106.15 -4.95
CA LYS D 522 -72.49 -105.88 -3.63
C LYS D 522 -73.71 -104.95 -3.72
N LEU D 523 -73.61 -103.93 -4.55
CA LEU D 523 -74.72 -103.00 -4.68
C LEU D 523 -75.91 -103.64 -5.43
N GLN D 524 -75.66 -104.66 -6.26
CA GLN D 524 -76.77 -105.43 -6.85
C GLN D 524 -77.38 -106.41 -5.85
N ALA D 525 -76.54 -106.98 -4.98
CA ALA D 525 -77.02 -107.88 -3.94
C ALA D 525 -77.92 -107.15 -2.95
N GLU D 526 -77.63 -105.87 -2.72
CA GLU D 526 -78.53 -105.05 -1.90
C GLU D 526 -79.90 -104.87 -2.56
N ILE D 527 -79.92 -104.73 -3.90
CA ILE D 527 -81.18 -104.60 -4.65
C ILE D 527 -82.02 -105.85 -4.47
N MET D 528 -81.42 -107.02 -4.73
CA MET D 528 -82.19 -108.25 -4.65
C MET D 528 -82.58 -108.58 -3.21
N GLU D 529 -81.76 -108.18 -2.24
CA GLU D 529 -82.10 -108.39 -0.83
C GLU D 529 -83.31 -107.57 -0.42
N LEU D 530 -83.31 -106.27 -0.75
CA LEU D 530 -84.44 -105.42 -0.36
C LEU D 530 -85.70 -105.78 -1.13
N GLN D 531 -85.57 -106.20 -2.40
CA GLN D 531 -86.74 -106.62 -3.16
C GLN D 531 -87.33 -107.91 -2.60
N ALA D 532 -86.48 -108.84 -2.14
CA ALA D 532 -86.99 -110.07 -1.53
C ALA D 532 -87.65 -109.80 -0.19
N LYS D 533 -87.11 -108.84 0.58
CA LYS D 533 -87.74 -108.46 1.85
C LYS D 533 -89.09 -107.80 1.61
N ALA D 534 -89.19 -106.94 0.59
CA ALA D 534 -90.47 -106.33 0.26
C ALA D 534 -91.48 -107.36 -0.22
N HIS D 535 -91.02 -108.36 -0.98
CA HIS D 535 -91.91 -109.42 -1.46
C HIS D 535 -92.43 -110.26 -0.30
N LYS D 536 -91.56 -110.67 0.62
CA LYS D 536 -92.00 -111.51 1.72
C LYS D 536 -92.89 -110.74 2.70
N TYR D 537 -92.65 -109.43 2.87
CA TYR D 537 -93.52 -108.64 3.74
C TYR D 537 -94.89 -108.42 3.11
N ALA D 538 -94.94 -108.24 1.78
CA ALA D 538 -96.21 -108.10 1.10
C ALA D 538 -97.02 -109.39 1.14
N GLU D 539 -96.35 -110.54 1.00
CA GLU D 539 -97.09 -111.80 1.06
C GLU D 539 -97.51 -112.12 2.50
N GLN D 540 -96.74 -111.68 3.49
CA GLN D 540 -97.18 -111.83 4.88
C GLN D 540 -98.40 -110.96 5.17
N GLY D 541 -98.44 -109.75 4.59
CA GLY D 541 -99.61 -108.91 4.73
C GLY D 541 -100.84 -109.49 4.05
N ALA D 542 -100.65 -110.13 2.88
CA ALA D 542 -101.76 -110.79 2.21
C ALA D 542 -102.26 -112.00 3.00
N LEU D 543 -101.34 -112.75 3.61
CA LEU D 543 -101.71 -113.86 4.48
C LEU D 543 -102.50 -113.37 5.69
N SER D 544 -102.08 -112.23 6.26
CA SER D 544 -102.81 -111.66 7.39
C SER D 544 -104.19 -111.19 6.98
N GLN D 545 -104.31 -110.65 5.77
CA GLN D 545 -105.62 -110.25 5.23
C GLN D 545 -106.54 -111.45 5.06
N THR D 546 -106.00 -112.57 4.58
CA THR D 546 -106.83 -113.75 4.34
C THR D 546 -107.26 -114.40 5.65
N THR D 547 -106.37 -114.45 6.66
CA THR D 547 -106.79 -115.04 7.92
C THR D 547 -107.71 -114.09 8.70
N ASN D 548 -107.60 -112.77 8.46
CA ASN D 548 -108.58 -111.83 8.96
C ASN D 548 -109.95 -112.09 8.36
N GLU D 549 -109.98 -112.40 7.05
CA GLU D 549 -111.25 -112.71 6.39
C GLU D 549 -111.84 -114.03 6.90
N SER D 550 -110.99 -115.01 7.22
CA SER D 550 -111.52 -116.27 7.74
C SER D 550 -112.04 -116.12 9.16
N GLU D 551 -111.37 -115.30 9.98
CA GLU D 551 -111.89 -115.02 11.31
C GLU D 551 -113.19 -114.22 11.24
N LYS D 552 -113.32 -113.36 10.23
CA LYS D 552 -114.59 -112.64 10.01
C LYS D 552 -115.71 -113.59 9.61
N ILE D 553 -115.41 -114.59 8.77
CA ILE D 553 -116.42 -115.58 8.39
C ILE D 553 -116.77 -116.47 9.58
N ASN D 554 -115.80 -116.77 10.44
CA ASN D 554 -116.07 -117.53 11.66
C ASN D 554 -116.98 -116.76 12.60
N GLN D 555 -116.80 -115.43 12.69
CA GLN D 555 -117.70 -114.61 13.49
C GLN D 555 -119.09 -114.52 12.85
N ALA D 556 -119.14 -114.41 11.52
CA ALA D 556 -120.41 -114.27 10.81
C ALA D 556 -121.22 -115.56 10.82
N VAL D 557 -120.58 -116.71 11.05
CA VAL D 557 -121.35 -117.92 11.30
C VAL D 557 -121.55 -118.21 12.79
N ALA D 558 -120.71 -117.63 13.66
CA ALA D 558 -120.91 -117.83 15.09
C ALA D 558 -122.07 -117.00 15.61
N ILE D 559 -122.37 -115.87 14.96
CA ILE D 559 -123.53 -115.08 15.34
C ILE D 559 -124.82 -115.81 15.00
N THR D 560 -124.80 -116.67 13.97
CA THR D 560 -125.99 -117.46 13.67
C THR D 560 -126.01 -118.78 14.42
N GLU D 561 -124.83 -119.29 14.83
CA GLU D 561 -124.82 -120.44 15.74
C GLU D 561 -125.28 -120.04 17.14
N MET D 562 -125.08 -118.78 17.53
CA MET D 562 -125.63 -118.29 18.79
C MET D 562 -127.14 -118.18 18.71
N GLN D 563 -127.66 -117.53 17.66
CA GLN D 563 -129.09 -117.39 17.47
C GLN D 563 -129.57 -118.32 16.34
N MET E 1 -55.99 -27.26 -67.15
CA MET E 1 -56.29 -28.45 -67.95
C MET E 1 -55.46 -28.48 -69.23
N ASP E 2 -54.96 -27.32 -69.64
CA ASP E 2 -53.95 -27.23 -70.68
C ASP E 2 -52.70 -26.56 -70.11
N PHE E 3 -51.72 -26.34 -70.98
CA PHE E 3 -50.38 -25.93 -70.54
C PHE E 3 -50.36 -24.51 -70.01
N THR E 4 -51.28 -23.65 -70.47
CA THR E 4 -51.22 -22.23 -70.14
C THR E 4 -51.54 -21.97 -68.68
N THR E 5 -52.69 -22.46 -68.20
CA THR E 5 -53.03 -22.23 -66.80
C THR E 5 -52.17 -23.07 -65.87
N LEU E 6 -51.68 -24.22 -66.34
CA LEU E 6 -50.76 -25.01 -65.53
C LEU E 6 -49.45 -24.26 -65.30
N GLN E 7 -48.91 -23.64 -66.34
CA GLN E 7 -47.69 -22.87 -66.20
C GLN E 7 -47.91 -21.60 -65.37
N ASN E 8 -49.04 -20.93 -65.58
CA ASN E 8 -49.31 -19.70 -64.84
C ASN E 8 -49.56 -19.97 -63.36
N ASP E 9 -50.34 -21.00 -63.03
CA ASP E 9 -50.57 -21.32 -61.63
C ASP E 9 -49.35 -21.92 -60.96
N PHE E 10 -48.50 -22.64 -61.72
CA PHE E 10 -47.25 -23.09 -61.14
C PHE E 10 -46.31 -21.93 -60.84
N THR E 11 -46.30 -20.92 -61.72
CA THR E 11 -45.49 -19.72 -61.46
C THR E 11 -46.00 -18.96 -60.25
N ASN E 12 -47.33 -18.81 -60.14
CA ASN E 12 -47.91 -18.09 -59.01
C ASN E 12 -47.70 -18.85 -57.70
N ASP E 13 -47.70 -20.19 -57.75
CA ASP E 13 -47.49 -20.95 -56.53
C ASP E 13 -46.02 -21.04 -56.16
N TYR E 14 -45.12 -21.03 -57.15
CA TYR E 14 -43.70 -21.17 -56.87
C TYR E 14 -43.10 -19.85 -56.40
N GLN E 15 -43.57 -18.73 -56.94
CA GLN E 15 -43.02 -17.44 -56.53
C GLN E 15 -43.50 -17.03 -55.14
N LYS E 16 -44.70 -17.45 -54.75
CA LYS E 16 -45.22 -17.13 -53.43
C LYS E 16 -44.77 -18.13 -52.37
N ALA E 17 -44.05 -19.18 -52.75
CA ALA E 17 -43.51 -20.14 -51.80
C ALA E 17 -41.99 -20.22 -51.88
N LEU E 18 -41.35 -19.20 -52.45
CA LEU E 18 -39.90 -19.20 -52.55
C LEU E 18 -39.24 -18.72 -51.27
N ILE E 19 -39.88 -17.79 -50.56
CA ILE E 19 -39.30 -17.22 -49.35
C ILE E 19 -39.33 -18.24 -48.20
N ALA E 20 -40.18 -19.25 -48.28
CA ALA E 20 -40.19 -20.30 -47.27
C ALA E 20 -39.32 -21.48 -47.67
N ASN E 21 -39.22 -21.78 -48.97
CA ASN E 21 -38.32 -22.84 -49.41
C ASN E 21 -36.86 -22.43 -49.25
N ASN E 22 -36.56 -21.13 -49.39
CA ASN E 22 -35.21 -20.64 -49.13
C ASN E 22 -34.84 -20.81 -47.66
N GLU E 23 -35.80 -20.55 -46.76
CA GLU E 23 -35.53 -20.76 -45.34
C GLU E 23 -35.45 -22.24 -45.00
N PHE E 24 -36.19 -23.08 -45.71
CA PHE E 24 -36.07 -24.52 -45.53
C PHE E 24 -34.69 -25.02 -45.94
N LEU E 25 -34.18 -24.54 -47.08
CA LEU E 25 -32.84 -24.94 -47.52
C LEU E 25 -31.76 -24.37 -46.61
N GLU E 26 -31.97 -23.15 -46.09
CA GLU E 26 -31.07 -22.61 -45.07
C GLU E 26 -31.05 -23.47 -43.81
N ALA E 27 -32.22 -23.94 -43.39
CA ALA E 27 -32.31 -24.77 -42.19
C ALA E 27 -31.65 -26.12 -42.41
N LYS E 28 -31.81 -26.70 -43.59
CA LYS E 28 -31.15 -27.97 -43.89
C LYS E 28 -29.64 -27.80 -44.05
N LYS E 29 -29.19 -26.62 -44.49
CA LYS E 29 -27.75 -26.37 -44.55
C LYS E 29 -27.18 -26.16 -43.15
N TYR E 30 -27.92 -25.47 -42.28
CA TYR E 30 -27.46 -25.28 -40.91
C TYR E 30 -27.47 -26.58 -40.12
N TYR E 31 -28.37 -27.50 -40.46
CA TYR E 31 -28.40 -28.80 -39.79
C TYR E 31 -27.21 -29.67 -40.19
N ASN E 32 -26.68 -29.47 -41.40
CA ASN E 32 -25.61 -30.30 -41.94
C ASN E 32 -24.25 -29.62 -41.88
N GLY E 33 -24.02 -28.78 -40.87
CA GLY E 33 -22.72 -28.20 -40.61
C GLY E 33 -22.47 -26.86 -41.27
N ASN E 34 -23.13 -26.58 -42.39
CA ASN E 34 -22.91 -25.32 -43.10
C ASN E 34 -23.57 -24.17 -42.37
N GLN E 35 -22.90 -23.64 -41.34
CA GLN E 35 -23.47 -22.61 -40.49
C GLN E 35 -22.82 -21.25 -40.64
N LEU E 36 -21.64 -21.17 -41.25
CA LEU E 36 -21.04 -19.85 -41.35
C LEU E 36 -21.28 -19.24 -42.72
N PRO E 37 -21.48 -17.92 -42.79
CA PRO E 37 -21.63 -17.27 -44.09
C PRO E 37 -20.33 -17.21 -44.87
N GLN E 38 -20.38 -16.72 -46.11
CA GLN E 38 -19.19 -16.71 -46.94
C GLN E 38 -18.22 -15.62 -46.52
N ASP E 39 -18.73 -14.44 -46.15
CA ASP E 39 -17.86 -13.35 -45.74
C ASP E 39 -17.23 -13.61 -44.39
N VAL E 40 -17.95 -14.27 -43.47
CA VAL E 40 -17.37 -14.64 -42.18
C VAL E 40 -16.28 -15.70 -42.36
N LEU E 41 -16.51 -16.64 -43.29
CA LEU E 41 -15.50 -17.65 -43.59
C LEU E 41 -14.26 -17.01 -44.21
N ASN E 42 -14.45 -16.00 -45.07
CA ASN E 42 -13.32 -15.30 -45.65
C ASN E 42 -12.55 -14.50 -44.61
N ILE E 43 -13.27 -13.84 -43.69
CA ILE E 43 -12.64 -13.06 -42.63
C ILE E 43 -11.84 -13.97 -41.70
N ILE E 44 -12.37 -15.16 -41.42
CA ILE E 44 -11.64 -16.11 -40.59
C ILE E 44 -10.42 -16.66 -41.31
N LEU E 45 -10.56 -17.00 -42.61
CA LEU E 45 -9.46 -17.60 -43.34
C LEU E 45 -8.38 -16.60 -43.74
N GLU E 46 -8.69 -15.31 -43.76
CA GLU E 46 -7.66 -14.32 -44.06
C GLU E 46 -6.70 -14.12 -42.89
N ARG E 47 -7.13 -14.40 -41.67
CA ARG E 47 -6.25 -14.33 -40.51
C ARG E 47 -5.48 -15.61 -40.26
N GLY E 48 -5.60 -16.60 -41.13
CA GLY E 48 -4.95 -17.88 -40.90
C GLY E 48 -5.57 -18.69 -39.79
N GLN E 49 -6.84 -18.46 -39.50
CA GLN E 49 -7.54 -19.13 -38.42
C GLN E 49 -8.40 -20.25 -38.99
N THR E 50 -8.48 -21.36 -38.26
CA THR E 50 -9.35 -22.46 -38.66
C THR E 50 -10.76 -22.19 -38.14
N PRO E 51 -11.76 -22.12 -39.01
CA PRO E 51 -13.14 -21.85 -38.55
C PRO E 51 -13.72 -23.06 -37.84
N ILE E 52 -14.06 -22.87 -36.57
CA ILE E 52 -14.68 -23.91 -35.75
C ILE E 52 -16.18 -23.67 -35.71
N ILE E 53 -16.95 -24.69 -36.05
CA ILE E 53 -18.41 -24.61 -36.10
C ILE E 53 -18.96 -25.54 -35.03
N GLU E 54 -19.60 -24.97 -34.03
CA GLU E 54 -20.24 -25.73 -32.97
C GLU E 54 -21.68 -26.00 -33.40
N ASN E 55 -21.95 -27.23 -33.81
CA ASN E 55 -23.29 -27.61 -34.28
C ASN E 55 -24.15 -28.00 -33.07
N MET E 56 -24.48 -26.99 -32.28
CA MET E 56 -25.11 -27.20 -30.98
C MET E 56 -26.59 -27.52 -31.11
N PHE E 57 -27.23 -27.22 -32.24
CA PHE E 57 -28.64 -27.54 -32.39
C PHE E 57 -28.88 -28.82 -33.16
N LYS E 58 -27.84 -29.42 -33.75
CA LYS E 58 -28.02 -30.74 -34.35
C LYS E 58 -28.28 -31.80 -33.28
N VAL E 59 -27.64 -31.65 -32.12
CA VAL E 59 -27.86 -32.61 -31.05
C VAL E 59 -29.24 -32.39 -30.41
N ILE E 60 -29.77 -31.17 -30.49
CA ILE E 60 -31.12 -30.91 -29.98
C ILE E 60 -32.17 -31.60 -30.85
N VAL E 61 -32.04 -31.42 -32.16
CA VAL E 61 -32.93 -32.10 -33.12
C VAL E 61 -32.76 -33.60 -33.03
N ASN E 62 -31.52 -34.07 -32.82
CA ASN E 62 -31.28 -35.49 -32.66
C ASN E 62 -31.90 -36.04 -31.39
N LYS E 63 -31.96 -35.24 -30.32
CA LYS E 63 -32.60 -35.68 -29.10
C LYS E 63 -34.11 -35.77 -29.26
N ILE E 64 -34.73 -34.78 -29.90
CA ILE E 64 -36.17 -34.80 -30.13
C ILE E 64 -36.55 -35.94 -31.09
N LEU E 65 -35.77 -36.12 -32.15
CA LEU E 65 -36.03 -37.21 -33.07
C LEU E 65 -35.72 -38.57 -32.44
N GLY E 66 -34.80 -38.63 -31.48
CA GLY E 66 -34.57 -39.86 -30.77
C GLY E 66 -35.71 -40.20 -29.82
N TYR E 67 -36.38 -39.18 -29.30
CA TYR E 67 -37.63 -39.43 -28.59
C TYR E 67 -38.71 -39.92 -29.55
N LYS E 68 -38.75 -39.37 -30.76
CA LYS E 68 -39.80 -39.73 -31.69
C LYS E 68 -39.57 -41.06 -32.40
N ILE E 69 -38.33 -41.56 -32.44
CA ILE E 69 -38.03 -42.81 -33.13
C ILE E 69 -38.68 -43.99 -32.42
N GLU E 70 -38.56 -44.01 -31.09
CA GLU E 70 -39.11 -45.12 -30.32
C GLU E 70 -40.57 -44.89 -29.96
N SER E 71 -41.03 -43.65 -29.96
CA SER E 71 -42.46 -43.36 -29.82
C SER E 71 -43.14 -43.16 -31.16
N ILE E 72 -42.98 -44.11 -32.07
CA ILE E 72 -43.67 -44.07 -33.35
C ILE E 72 -45.14 -44.43 -33.11
N SER E 73 -46.03 -43.55 -33.52
CA SER E 73 -47.45 -43.73 -33.25
C SER E 73 -48.13 -44.40 -34.43
N GLU E 74 -48.90 -45.43 -34.14
CA GLU E 74 -49.83 -46.02 -35.08
C GLU E 74 -51.24 -45.61 -34.68
N ILE E 75 -52.18 -45.83 -35.60
CA ILE E 75 -53.58 -45.52 -35.37
C ILE E 75 -54.35 -46.83 -35.41
N ARG E 76 -55.01 -47.16 -34.31
CA ARG E 76 -55.94 -48.27 -34.26
C ARG E 76 -57.36 -47.76 -34.41
N LEU E 77 -58.25 -48.65 -34.84
CA LEU E 77 -59.63 -48.31 -35.10
C LEU E 77 -60.52 -48.96 -34.05
N SER E 78 -61.50 -48.21 -33.58
CA SER E 78 -62.44 -48.67 -32.58
C SER E 78 -63.86 -48.60 -33.12
N PRO E 79 -64.74 -49.54 -32.75
CA PRO E 79 -66.11 -49.48 -33.25
C PRO E 79 -66.93 -48.41 -32.55
N LYS E 80 -67.77 -47.74 -33.32
CA LYS E 80 -68.73 -46.80 -32.75
C LYS E 80 -69.91 -47.56 -32.14
N GLN E 81 -70.59 -48.35 -32.94
CA GLN E 81 -71.65 -49.22 -32.46
C GLN E 81 -71.06 -50.57 -32.07
N GLU E 82 -71.90 -51.47 -31.56
CA GLU E 82 -71.45 -52.81 -31.21
C GLU E 82 -71.27 -53.70 -32.43
N GLU E 83 -71.99 -53.42 -33.51
CA GLU E 83 -71.89 -54.24 -34.72
C GLU E 83 -70.70 -53.88 -35.59
N ASP E 84 -70.05 -52.74 -35.34
CA ASP E 84 -68.91 -52.32 -36.14
C ASP E 84 -67.61 -53.00 -35.72
N ARG E 85 -67.62 -53.74 -34.60
CA ARG E 85 -66.40 -54.34 -34.06
C ARG E 85 -65.83 -55.36 -35.03
N ALA E 86 -66.68 -56.19 -35.63
CA ALA E 86 -66.24 -57.15 -36.64
C ALA E 86 -65.69 -56.47 -37.88
N LEU E 87 -66.11 -55.21 -38.11
CA LEU E 87 -65.41 -54.42 -39.12
C LEU E 87 -64.05 -53.98 -38.62
N SER E 88 -64.00 -53.38 -37.41
CA SER E 88 -62.81 -52.69 -36.95
C SER E 88 -61.67 -53.66 -36.67
N ASP E 89 -61.97 -54.78 -36.00
CA ASP E 89 -60.97 -55.82 -35.79
C ASP E 89 -60.54 -56.46 -37.09
N LEU E 90 -61.36 -56.36 -38.14
CA LEU E 90 -60.88 -56.71 -39.48
C LEU E 90 -59.86 -55.69 -39.95
N LEU E 91 -60.21 -54.41 -39.89
CA LEU E 91 -59.38 -53.37 -40.50
C LEU E 91 -58.08 -53.14 -39.75
N ASN E 92 -58.09 -53.32 -38.43
CA ASN E 92 -56.85 -53.29 -37.66
C ASN E 92 -55.93 -54.45 -38.04
N SER E 93 -56.50 -55.56 -38.51
CA SER E 93 -55.67 -56.62 -39.05
C SER E 93 -55.18 -56.30 -40.46
N LEU E 94 -55.90 -55.43 -41.18
CA LEU E 94 -55.48 -55.09 -42.53
C LEU E 94 -54.53 -53.91 -42.57
N LEU E 95 -54.49 -53.12 -41.51
CA LEU E 95 -53.53 -52.02 -41.43
C LEU E 95 -52.14 -52.49 -41.01
N GLN E 96 -52.00 -53.74 -40.58
CA GLN E 96 -50.70 -54.23 -40.13
C GLN E 96 -49.73 -54.42 -41.29
N VAL E 97 -50.24 -54.76 -42.48
CA VAL E 97 -49.38 -54.81 -43.65
C VAL E 97 -49.01 -53.42 -44.16
N PHE E 98 -49.73 -52.39 -43.72
CA PHE E 98 -49.32 -51.01 -43.94
C PHE E 98 -48.40 -50.53 -42.83
N ILE E 99 -48.52 -51.09 -41.64
CA ILE E 99 -47.68 -50.66 -40.52
C ILE E 99 -46.29 -51.29 -40.61
N GLN E 100 -46.21 -52.61 -40.74
CA GLN E 100 -44.95 -53.32 -40.64
C GLN E 100 -44.23 -53.46 -41.97
N GLN E 101 -44.54 -52.60 -42.94
CA GLN E 101 -43.71 -52.52 -44.14
C GLN E 101 -42.44 -51.75 -43.82
N GLU E 102 -41.47 -51.85 -44.74
CA GLU E 102 -40.16 -51.26 -44.50
C GLU E 102 -40.16 -49.75 -44.63
N ASN E 103 -41.01 -49.20 -45.49
CA ASN E 103 -41.00 -47.77 -45.77
C ASN E 103 -41.67 -46.93 -44.70
N TYR E 104 -42.40 -47.56 -43.77
CA TYR E 104 -43.23 -46.82 -42.82
C TYR E 104 -42.37 -46.02 -41.84
N ASP E 105 -41.42 -46.67 -41.19
CA ASP E 105 -40.58 -45.99 -40.21
C ASP E 105 -39.67 -44.96 -40.88
N LYS E 106 -39.19 -45.25 -42.09
CA LYS E 106 -38.37 -44.31 -42.83
C LYS E 106 -39.16 -43.05 -43.18
N SER E 107 -40.40 -43.23 -43.66
CA SER E 107 -41.23 -42.09 -44.02
C SER E 107 -41.64 -41.29 -42.79
N MET E 108 -41.88 -41.97 -41.66
CA MET E 108 -42.26 -41.22 -40.45
C MET E 108 -41.08 -40.45 -39.88
N ILE E 109 -39.87 -41.01 -39.91
CA ILE E 109 -38.73 -40.30 -39.35
C ILE E 109 -38.30 -39.17 -40.27
N GLU E 110 -38.38 -39.37 -41.60
CA GLU E 110 -38.17 -38.27 -42.54
C GLU E 110 -39.21 -37.18 -42.37
N ARG E 111 -40.46 -37.56 -42.09
CA ARG E 111 -41.53 -36.61 -41.84
C ARG E 111 -41.25 -35.75 -40.60
N ASP E 112 -40.83 -36.41 -39.51
CA ASP E 112 -40.55 -35.68 -38.28
C ASP E 112 -39.32 -34.80 -38.41
N LYS E 113 -38.31 -35.25 -39.17
CA LYS E 113 -37.14 -34.41 -39.41
C LYS E 113 -37.50 -33.19 -40.25
N ASN E 114 -38.36 -33.36 -41.26
CA ASN E 114 -38.79 -32.23 -42.06
C ASN E 114 -39.71 -31.29 -41.28
N LEU E 115 -40.51 -31.84 -40.37
CA LEU E 115 -41.38 -30.99 -39.54
C LEU E 115 -40.59 -30.25 -38.46
N LEU E 116 -39.45 -30.79 -38.04
CA LEU E 116 -38.68 -30.13 -36.99
C LEU E 116 -37.67 -29.14 -37.56
N ILE E 117 -36.94 -29.53 -38.60
CA ILE E 117 -35.96 -28.63 -39.22
C ILE E 117 -36.66 -27.48 -39.91
N GLY E 118 -37.53 -27.78 -40.85
CA GLY E 118 -38.39 -26.80 -41.46
C GLY E 118 -39.78 -26.81 -40.86
N GLY E 119 -40.76 -26.48 -41.67
CA GLY E 119 -42.13 -26.45 -41.18
C GLY E 119 -43.04 -27.45 -41.84
N LEU E 120 -42.61 -27.99 -42.98
CA LEU E 120 -43.45 -28.85 -43.80
C LEU E 120 -43.23 -30.32 -43.47
N GLY E 121 -44.32 -31.08 -43.54
CA GLY E 121 -44.22 -32.53 -43.57
C GLY E 121 -45.15 -33.08 -44.64
N VAL E 122 -44.60 -33.77 -45.64
CA VAL E 122 -45.37 -34.25 -46.78
C VAL E 122 -45.16 -35.77 -46.88
N ILE E 123 -46.25 -36.51 -46.84
CA ILE E 123 -46.21 -37.97 -47.01
C ILE E 123 -47.24 -38.35 -48.06
N GLN E 124 -46.80 -39.07 -49.09
CA GLN E 124 -47.69 -39.55 -50.13
C GLN E 124 -47.93 -41.05 -49.98
N LEU E 125 -49.08 -41.49 -50.47
CA LEU E 125 -49.48 -42.87 -50.45
C LEU E 125 -49.77 -43.35 -51.87
N TRP E 126 -49.62 -44.66 -52.08
CA TRP E 126 -49.85 -45.23 -53.40
C TRP E 126 -50.47 -46.61 -53.24
N VAL E 127 -51.15 -47.05 -54.30
CA VAL E 127 -51.99 -48.25 -54.25
C VAL E 127 -51.46 -49.23 -55.30
N SER E 128 -50.13 -49.34 -55.40
CA SER E 128 -49.50 -50.18 -56.41
C SER E 128 -49.85 -51.66 -56.23
N GLN E 129 -50.02 -52.34 -57.38
CA GLN E 129 -50.41 -53.74 -57.45
C GLN E 129 -49.51 -54.42 -58.46
N ASP E 130 -48.61 -55.30 -58.00
CA ASP E 130 -47.46 -55.64 -58.83
C ASP E 130 -47.75 -56.70 -59.89
N LYS E 131 -47.92 -57.97 -59.48
CA LYS E 131 -48.15 -59.01 -60.47
C LYS E 131 -49.18 -60.06 -60.08
N ASP E 132 -49.37 -60.36 -58.81
CA ASP E 132 -50.14 -61.53 -58.37
C ASP E 132 -51.39 -61.13 -57.60
N LYS E 133 -52.10 -60.13 -58.13
CA LYS E 133 -53.32 -59.56 -57.54
C LYS E 133 -53.08 -59.04 -56.12
N ASN E 134 -51.88 -58.55 -55.85
CA ASN E 134 -51.46 -58.16 -54.51
C ASN E 134 -51.48 -56.63 -54.42
N VAL E 135 -52.57 -56.09 -53.91
CA VAL E 135 -52.70 -54.65 -53.74
C VAL E 135 -51.96 -54.24 -52.47
N GLU E 136 -51.12 -53.22 -52.59
CA GLU E 136 -50.32 -52.75 -51.47
C GLU E 136 -50.38 -51.23 -51.41
N ILE E 137 -50.26 -50.70 -50.20
CA ILE E 137 -50.30 -49.27 -49.94
C ILE E 137 -48.87 -48.84 -49.65
N GLU E 138 -48.18 -48.34 -50.66
CA GLU E 138 -46.85 -47.76 -50.46
C GLU E 138 -46.97 -46.41 -49.77
N ILE E 139 -45.97 -46.08 -48.98
CA ILE E 139 -45.89 -44.80 -48.28
C ILE E 139 -44.50 -44.21 -48.54
N LYS E 140 -44.46 -42.93 -48.89
CA LYS E 140 -43.19 -42.28 -49.18
C LYS E 140 -43.21 -40.85 -48.67
N ALA E 141 -42.21 -40.49 -47.88
CA ALA E 141 -42.05 -39.10 -47.45
C ALA E 141 -41.39 -38.29 -48.57
N ILE E 142 -41.97 -37.16 -48.90
CA ILE E 142 -41.50 -36.33 -50.00
C ILE E 142 -40.61 -35.23 -49.42
N LYS E 143 -39.50 -34.96 -50.10
CA LYS E 143 -38.64 -33.84 -49.77
C LYS E 143 -39.41 -32.54 -49.94
N PRO E 144 -39.54 -31.72 -48.89
CA PRO E 144 -40.46 -30.58 -48.97
C PRO E 144 -39.97 -29.43 -49.83
N GLU E 145 -38.68 -29.37 -50.16
CA GLU E 145 -38.23 -28.29 -51.04
C GLU E 145 -38.63 -28.55 -52.48
N SER E 146 -38.80 -29.81 -52.87
CA SER E 146 -39.35 -30.15 -54.18
C SER E 146 -40.84 -30.41 -54.10
N PHE E 147 -41.57 -29.47 -53.50
CA PHE E 147 -43.02 -29.63 -53.32
C PHE E 147 -43.63 -28.26 -53.16
N VAL E 148 -44.52 -27.88 -54.06
CA VAL E 148 -45.13 -26.56 -54.09
C VAL E 148 -46.62 -26.70 -53.77
N ILE E 149 -47.07 -25.95 -52.78
CA ILE E 149 -48.46 -25.96 -52.36
C ILE E 149 -49.13 -24.76 -53.03
N ASP E 150 -50.46 -24.82 -53.16
CA ASP E 150 -51.25 -23.68 -53.61
C ASP E 150 -51.08 -22.51 -52.64
N TYR E 151 -50.84 -21.32 -53.21
CA TYR E 151 -50.60 -20.14 -52.38
C TYR E 151 -51.87 -19.63 -51.70
N PHE E 152 -53.04 -20.07 -52.14
CA PHE E 152 -54.29 -19.60 -51.56
C PHE E 152 -54.62 -20.29 -50.24
N SER E 153 -54.02 -21.45 -49.97
CA SER E 153 -54.27 -22.16 -48.72
C SER E 153 -53.50 -21.49 -47.59
N THR E 154 -54.21 -21.07 -46.55
CA THR E 154 -53.60 -20.37 -45.44
C THR E 154 -53.38 -21.22 -44.20
N ASP E 155 -54.18 -22.25 -43.99
CA ASP E 155 -54.17 -22.99 -42.75
C ASP E 155 -53.10 -24.07 -42.74
N LYS E 156 -52.83 -24.61 -41.56
CA LYS E 156 -52.05 -25.82 -41.47
C LYS E 156 -52.87 -27.00 -41.97
N ASN E 157 -52.17 -28.08 -42.32
CA ASN E 157 -52.61 -29.32 -42.95
C ASN E 157 -53.05 -29.17 -44.40
N ALA E 158 -53.10 -27.94 -44.93
CA ALA E 158 -53.30 -27.64 -46.37
C ALA E 158 -54.59 -28.23 -46.92
N LEU E 159 -55.66 -28.17 -46.14
CA LEU E 159 -56.89 -28.84 -46.54
C LEU E 159 -57.66 -28.07 -47.59
N ASP E 160 -57.63 -26.74 -47.56
CA ASP E 160 -58.29 -25.94 -48.60
C ASP E 160 -57.33 -25.57 -49.73
N ALA E 161 -56.61 -26.57 -50.23
CA ALA E 161 -55.65 -26.38 -51.31
C ALA E 161 -56.22 -26.98 -52.59
N ARG E 162 -56.06 -26.26 -53.69
CA ARG E 162 -56.61 -26.69 -54.96
C ARG E 162 -55.60 -27.39 -55.85
N ARG E 163 -54.30 -27.27 -55.55
CA ARG E 163 -53.29 -27.90 -56.38
C ARG E 163 -52.03 -28.14 -55.56
N PHE E 164 -51.37 -29.25 -55.88
CA PHE E 164 -50.06 -29.58 -55.31
C PHE E 164 -49.11 -29.91 -56.45
N HIS E 165 -47.96 -29.26 -56.47
CA HIS E 165 -46.95 -29.52 -57.49
C HIS E 165 -45.72 -30.15 -56.86
N LYS E 166 -45.15 -31.13 -57.54
CA LYS E 166 -43.86 -31.69 -57.14
C LYS E 166 -42.95 -31.75 -58.36
N MET E 167 -41.74 -31.20 -58.20
CA MET E 167 -40.77 -31.12 -59.28
C MET E 167 -39.79 -32.26 -59.14
N LEU E 168 -39.87 -33.23 -60.04
CA LEU E 168 -39.13 -34.47 -59.94
C LEU E 168 -38.02 -34.55 -60.98
N GLU E 169 -36.91 -35.14 -60.58
CA GLU E 169 -35.93 -35.67 -61.51
C GLU E 169 -36.36 -37.08 -61.90
N VAL E 170 -36.32 -37.38 -63.20
CA VAL E 170 -36.72 -38.69 -63.71
C VAL E 170 -35.65 -39.15 -64.68
N SER E 171 -35.18 -40.39 -64.50
CA SER E 171 -34.23 -40.97 -65.42
C SER E 171 -34.92 -41.35 -66.73
N GLU E 172 -34.13 -41.79 -67.71
CA GLU E 172 -34.64 -42.00 -69.06
C GLU E 172 -35.53 -43.22 -69.14
N GLN E 173 -35.07 -44.35 -68.62
CA GLN E 173 -35.86 -45.58 -68.70
C GLN E 173 -37.04 -45.55 -67.74
N GLU E 174 -36.94 -44.81 -66.63
CA GLU E 174 -38.10 -44.59 -65.79
C GLU E 174 -39.12 -43.70 -66.47
N ALA E 175 -38.67 -42.78 -67.32
CA ALA E 175 -39.61 -41.99 -68.11
C ALA E 175 -40.24 -42.82 -69.23
N LEU E 176 -39.51 -43.80 -69.75
CA LEU E 176 -40.09 -44.72 -70.72
C LEU E 176 -41.13 -45.63 -70.08
N LEU E 177 -40.88 -46.07 -68.84
CA LEU E 177 -41.85 -46.89 -68.14
C LEU E 177 -43.03 -46.07 -67.65
N LEU E 178 -42.81 -44.78 -67.39
CA LEU E 178 -43.88 -43.93 -66.85
C LEU E 178 -44.90 -43.59 -67.93
N PHE E 179 -44.45 -43.36 -69.16
CA PHE E 179 -45.33 -43.20 -70.30
C PHE E 179 -44.57 -43.61 -71.55
N GLY E 180 -45.30 -44.11 -72.54
CA GLY E 180 -44.71 -44.69 -73.73
C GLY E 180 -44.03 -43.66 -74.62
N ASP E 181 -43.36 -44.20 -75.65
CA ASP E 181 -42.55 -43.39 -76.56
C ASP E 181 -43.37 -42.61 -77.59
N SER E 182 -44.70 -42.69 -77.55
CA SER E 182 -45.51 -41.99 -78.52
C SER E 182 -45.53 -40.49 -78.28
N VAL E 183 -45.27 -40.05 -77.06
CA VAL E 183 -45.25 -38.62 -76.75
C VAL E 183 -43.79 -38.19 -76.57
N ILE E 184 -43.51 -36.94 -76.88
CA ILE E 184 -42.15 -36.42 -76.99
C ILE E 184 -41.69 -35.94 -75.62
N VAL E 185 -40.49 -36.37 -75.23
CA VAL E 185 -39.92 -36.05 -73.93
C VAL E 185 -38.79 -35.06 -74.14
N ASN E 186 -38.75 -34.01 -73.31
CA ASN E 186 -37.68 -33.03 -73.34
C ASN E 186 -36.63 -33.42 -72.31
N TYR E 187 -35.63 -34.16 -72.75
CA TYR E 187 -34.58 -34.64 -71.85
C TYR E 187 -33.55 -33.55 -71.61
N SER E 188 -32.65 -33.83 -70.66
CA SER E 188 -31.48 -33.01 -70.42
C SER E 188 -30.25 -33.73 -70.96
N ASN E 189 -29.09 -33.12 -70.76
CA ASN E 189 -27.82 -33.72 -71.17
C ASN E 189 -26.76 -33.43 -70.11
N VAL E 190 -27.09 -33.72 -68.85
CA VAL E 190 -26.34 -33.17 -67.71
C VAL E 190 -24.92 -33.74 -67.65
N ASN E 191 -24.76 -35.06 -67.73
CA ASN E 191 -23.45 -35.61 -68.08
C ASN E 191 -23.51 -36.52 -69.31
N HIS E 192 -24.21 -37.65 -69.24
CA HIS E 192 -24.35 -38.53 -70.40
C HIS E 192 -25.67 -39.28 -70.45
N GLU E 193 -26.60 -39.06 -69.51
CA GLU E 193 -27.62 -40.05 -69.23
C GLU E 193 -29.04 -39.67 -69.65
N ARG E 194 -29.26 -38.41 -70.07
CA ARG E 194 -30.54 -37.89 -70.53
C ARG E 194 -31.63 -38.03 -69.45
N ILE E 195 -31.43 -37.29 -68.36
CA ILE E 195 -32.45 -37.17 -67.32
C ILE E 195 -33.46 -36.13 -67.77
N ALA E 196 -34.60 -36.05 -67.08
CA ALA E 196 -35.67 -35.13 -67.42
C ALA E 196 -36.30 -34.56 -66.16
N SER E 197 -36.65 -33.29 -66.20
CA SER E 197 -37.30 -32.61 -65.09
C SER E 197 -38.79 -32.56 -65.38
N VAL E 198 -39.57 -33.28 -64.58
CA VAL E 198 -41.01 -33.44 -64.80
C VAL E 198 -41.74 -32.90 -63.58
N ILE E 199 -42.70 -32.01 -63.81
CA ILE E 199 -43.54 -31.48 -62.75
C ILE E 199 -44.83 -32.28 -62.74
N GLU E 200 -45.12 -32.90 -61.60
CA GLU E 200 -46.37 -33.63 -61.41
C GLU E 200 -47.30 -32.75 -60.59
N SER E 201 -48.43 -32.38 -61.17
CA SER E 201 -49.41 -31.53 -60.53
C SER E 201 -50.67 -32.33 -60.23
N TRP E 202 -51.23 -32.09 -59.06
CA TRP E 202 -52.49 -32.69 -58.64
C TRP E 202 -53.48 -31.55 -58.42
N TYR E 203 -54.56 -31.56 -59.20
CA TYR E 203 -55.53 -30.48 -59.22
C TYR E 203 -56.87 -30.96 -58.68
N LYS E 204 -57.48 -30.15 -57.81
CA LYS E 204 -58.81 -30.43 -57.29
C LYS E 204 -59.82 -29.70 -58.16
N GLU E 205 -60.65 -30.47 -58.88
CA GLU E 205 -61.69 -29.91 -59.72
C GLU E 205 -62.98 -30.66 -59.45
N TYR E 206 -64.09 -29.96 -59.35
CA TYR E 206 -65.37 -30.62 -59.17
C TYR E 206 -65.89 -31.08 -60.53
N ASN E 207 -66.54 -32.24 -60.55
CA ASN E 207 -67.06 -32.79 -61.78
C ASN E 207 -68.43 -32.16 -62.06
N GLU E 208 -68.97 -32.43 -63.24
CA GLU E 208 -70.31 -31.99 -63.57
C GLU E 208 -71.32 -33.12 -63.64
N GLU E 209 -70.87 -34.36 -63.84
CA GLU E 209 -71.77 -35.51 -63.75
C GLU E 209 -72.21 -35.72 -62.31
N THR E 210 -71.25 -36.01 -61.43
CA THR E 210 -71.47 -35.90 -60.00
C THR E 210 -71.02 -34.52 -59.53
N GLN E 211 -71.59 -34.07 -58.42
CA GLN E 211 -71.30 -32.73 -57.92
C GLN E 211 -70.24 -32.73 -56.83
N SER E 212 -69.25 -33.62 -56.91
CA SER E 212 -68.21 -33.73 -55.91
C SER E 212 -66.85 -33.38 -56.51
N TYR E 213 -65.90 -33.06 -55.64
CA TYR E 213 -64.55 -32.75 -56.05
C TYR E 213 -63.75 -34.02 -56.29
N GLU E 214 -62.96 -34.02 -57.36
CA GLU E 214 -62.03 -35.10 -57.66
C GLU E 214 -60.66 -34.50 -57.95
N TRP E 215 -59.62 -35.29 -57.69
CA TRP E 215 -58.25 -34.87 -57.94
C TRP E 215 -57.75 -35.53 -59.22
N ASN E 216 -57.13 -34.73 -60.08
CA ASN E 216 -56.60 -35.19 -61.35
C ASN E 216 -55.10 -34.93 -61.42
N ARG E 217 -54.39 -35.80 -62.12
CA ARG E 217 -52.94 -35.74 -62.21
C ARG E 217 -52.51 -35.28 -63.60
N TYR E 218 -51.56 -34.35 -63.63
CA TYR E 218 -50.97 -33.87 -64.87
C TYR E 218 -49.45 -33.93 -64.72
N LEU E 219 -48.82 -34.84 -65.45
CA LEU E 219 -47.38 -34.85 -65.59
C LEU E 219 -47.02 -33.97 -66.78
N TRP E 220 -46.28 -32.91 -66.53
CA TRP E 220 -46.00 -31.93 -67.57
C TRP E 220 -44.60 -31.38 -67.36
N ASN E 221 -44.08 -30.75 -68.40
CA ASN E 221 -42.79 -30.07 -68.33
C ASN E 221 -43.00 -28.60 -68.69
N ARG E 222 -42.23 -27.74 -68.03
CA ARG E 222 -42.19 -26.34 -68.46
C ARG E 222 -41.57 -26.25 -69.85
N ASN E 223 -42.08 -25.30 -70.64
CA ASN E 223 -41.74 -25.02 -72.05
C ASN E 223 -41.74 -26.26 -72.95
N THR E 224 -42.52 -27.28 -72.59
CA THR E 224 -42.66 -28.45 -73.46
C THR E 224 -44.13 -28.81 -73.62
N GLY E 225 -44.93 -28.58 -72.58
CA GLY E 225 -46.33 -28.95 -72.58
C GLY E 225 -46.63 -30.07 -71.61
N ILE E 226 -47.77 -30.71 -71.83
CA ILE E 226 -48.28 -31.76 -70.95
C ILE E 226 -47.85 -33.11 -71.49
N TYR E 227 -47.15 -33.89 -70.66
CA TYR E 227 -46.76 -35.23 -71.05
C TYR E 227 -47.92 -36.21 -70.92
N LYS E 228 -48.56 -36.26 -69.76
CA LYS E 228 -49.66 -37.19 -69.54
C LYS E 228 -50.68 -36.58 -68.61
N SER E 229 -51.96 -36.65 -69.01
CA SER E 229 -53.06 -36.10 -68.24
C SER E 229 -54.06 -37.20 -67.93
N GLU E 230 -54.24 -37.48 -66.64
CA GLU E 230 -55.24 -38.45 -66.20
C GLU E 230 -56.16 -37.79 -65.19
N LYS E 231 -57.44 -38.17 -65.24
CA LYS E 231 -58.44 -37.59 -64.35
C LYS E 231 -59.03 -38.66 -63.45
N LYS E 232 -59.11 -38.34 -62.17
CA LYS E 232 -59.54 -39.25 -61.11
C LYS E 232 -58.81 -40.60 -61.15
N PRO E 233 -57.49 -40.62 -60.95
CA PRO E 233 -56.79 -41.90 -61.04
C PRO E 233 -56.69 -42.64 -59.72
N PHE E 234 -57.74 -42.63 -58.90
CA PHE E 234 -57.69 -43.40 -57.66
C PHE E 234 -59.03 -44.00 -57.25
N LYS E 235 -60.04 -44.01 -58.11
CA LYS E 235 -61.39 -44.56 -57.93
C LYS E 235 -62.21 -43.81 -56.88
N ASN E 236 -61.67 -42.78 -56.23
CA ASN E 236 -62.44 -41.95 -55.32
C ASN E 236 -62.19 -40.46 -55.49
N GLY E 237 -61.18 -40.07 -56.27
CA GLY E 237 -60.83 -38.67 -56.39
C GLY E 237 -60.17 -38.17 -55.13
N ALA E 238 -59.21 -38.93 -54.60
CA ALA E 238 -58.51 -38.59 -53.38
C ALA E 238 -57.09 -38.16 -53.71
N CYS E 239 -56.66 -37.06 -53.12
CA CYS E 239 -55.28 -36.62 -53.28
C CYS E 239 -54.36 -37.55 -52.51
N PRO E 240 -53.25 -38.02 -53.11
CA PRO E 240 -52.37 -38.93 -52.38
C PRO E 240 -51.51 -38.25 -51.33
N PHE E 241 -51.41 -36.93 -51.35
CA PHE E 241 -50.53 -36.21 -50.44
C PHE E 241 -51.22 -35.90 -49.13
N ILE E 242 -50.48 -36.03 -48.04
CA ILE E 242 -50.90 -35.58 -46.72
C ILE E 242 -49.82 -34.61 -46.24
N VAL E 243 -50.22 -33.36 -46.06
CA VAL E 243 -49.30 -32.27 -45.75
C VAL E 243 -49.68 -31.76 -44.37
N SER E 244 -48.68 -31.35 -43.59
CA SER E 244 -48.96 -30.54 -42.41
C SER E 244 -47.86 -29.52 -42.20
N LYS E 245 -48.27 -28.29 -41.90
CA LYS E 245 -47.34 -27.19 -41.63
C LYS E 245 -47.28 -26.94 -40.14
N LEU E 246 -46.08 -26.96 -39.59
CA LEU E 246 -45.85 -26.52 -38.21
C LEU E 246 -45.54 -25.04 -38.21
N TYR E 247 -46.25 -24.29 -37.35
CA TYR E 247 -46.07 -22.85 -37.14
C TYR E 247 -46.28 -22.06 -38.43
N THR E 248 -47.52 -22.06 -38.91
CA THR E 248 -47.87 -21.08 -39.93
C THR E 248 -47.94 -19.69 -39.29
N ASP E 249 -47.56 -18.68 -40.05
CA ASP E 249 -47.50 -17.31 -39.52
C ASP E 249 -48.14 -16.36 -40.53
N GLU E 250 -47.96 -15.07 -40.28
CA GLU E 250 -48.36 -14.06 -41.26
C GLU E 250 -47.46 -14.14 -42.49
N LEU E 251 -47.99 -13.61 -43.60
CA LEU E 251 -47.49 -13.74 -44.98
C LEU E 251 -47.48 -15.18 -45.48
N ASN E 252 -48.13 -16.11 -44.76
CA ASN E 252 -48.37 -17.49 -45.16
C ASN E 252 -47.07 -18.26 -45.44
N ASN E 253 -46.24 -18.35 -44.42
CA ASN E 253 -45.02 -19.14 -44.49
C ASN E 253 -45.02 -20.18 -43.38
N TYR E 254 -44.17 -21.19 -43.51
CA TYR E 254 -43.93 -22.13 -42.43
C TYR E 254 -42.66 -21.74 -41.69
N TYR E 255 -42.76 -21.66 -40.37
CA TYR E 255 -41.75 -21.04 -39.52
C TYR E 255 -40.75 -22.04 -38.95
N GLY E 256 -41.21 -23.22 -38.55
CA GLY E 256 -40.32 -24.27 -38.10
C GLY E 256 -39.70 -24.00 -36.75
N LEU E 257 -38.86 -24.92 -36.31
CA LEU E 257 -38.09 -24.74 -35.09
C LEU E 257 -36.75 -24.07 -35.37
N PHE E 258 -36.44 -23.81 -36.64
CA PHE E 258 -35.12 -23.29 -36.97
C PHE E 258 -34.99 -21.81 -36.66
N ARG E 259 -36.04 -21.02 -36.89
CA ARG E 259 -35.89 -19.57 -36.86
C ARG E 259 -35.77 -19.00 -35.45
N ASP E 260 -36.44 -19.62 -34.47
CA ASP E 260 -36.34 -19.11 -33.11
C ASP E 260 -35.07 -19.54 -32.40
N ILE E 261 -34.40 -20.60 -32.88
CA ILE E 261 -33.13 -21.02 -32.29
C ILE E 261 -31.93 -20.67 -33.16
N LYS E 262 -32.15 -20.08 -34.33
CA LYS E 262 -31.07 -19.64 -35.21
C LYS E 262 -30.19 -18.51 -34.65
N PRO E 263 -30.70 -17.43 -34.02
CA PRO E 263 -29.76 -16.41 -33.52
C PRO E 263 -28.92 -16.88 -32.34
N MET E 264 -29.39 -17.83 -31.54
CA MET E 264 -28.55 -18.41 -30.51
C MET E 264 -27.40 -19.19 -31.12
N GLN E 265 -27.65 -19.93 -32.20
CA GLN E 265 -26.60 -20.66 -32.89
C GLN E 265 -25.61 -19.71 -33.56
N ASP E 266 -26.10 -18.60 -34.12
CA ASP E 266 -25.22 -17.60 -34.72
C ASP E 266 -24.35 -16.93 -33.67
N PHE E 267 -24.93 -16.61 -32.50
CA PHE E 267 -24.11 -16.02 -31.45
C PHE E 267 -23.11 -17.00 -30.88
N ILE E 268 -23.46 -18.29 -30.83
CA ILE E 268 -22.52 -19.31 -30.36
C ILE E 268 -21.34 -19.43 -31.32
N ASN E 269 -21.61 -19.47 -32.62
CA ASN E 269 -20.54 -19.56 -33.61
C ASN E 269 -19.68 -18.29 -33.63
N TYR E 270 -20.31 -17.12 -33.53
CA TYR E 270 -19.58 -15.86 -33.50
C TYR E 270 -18.71 -15.75 -32.26
N ALA E 271 -19.23 -16.18 -31.10
CA ALA E 271 -18.49 -16.10 -29.85
C ALA E 271 -17.31 -17.07 -29.87
N GLU E 272 -17.51 -18.28 -30.42
CA GLU E 272 -16.41 -19.25 -30.47
C GLU E 272 -15.31 -18.80 -31.42
N ASN E 273 -15.68 -18.28 -32.59
CA ASN E 273 -14.65 -17.84 -33.53
C ASN E 273 -13.97 -16.55 -33.07
N ARG E 274 -14.71 -15.65 -32.43
CA ARG E 274 -14.09 -14.43 -31.92
C ARG E 274 -13.20 -14.70 -30.72
N MET E 275 -13.54 -15.69 -29.89
CA MET E 275 -12.67 -16.06 -28.80
C MET E 275 -11.44 -16.82 -29.29
N GLY E 276 -11.58 -17.59 -30.37
CA GLY E 276 -10.41 -18.19 -30.99
C GLY E 276 -9.52 -17.18 -31.68
N ASN E 277 -10.08 -16.05 -32.10
CA ASN E 277 -9.26 -14.97 -32.65
C ASN E 277 -8.61 -14.13 -31.57
N MET E 278 -9.28 -13.96 -30.42
CA MET E 278 -8.78 -13.07 -29.38
C MET E 278 -7.53 -13.65 -28.73
N MET E 279 -7.62 -14.86 -28.18
CA MET E 279 -6.42 -15.56 -27.80
C MET E 279 -5.73 -16.09 -29.05
N GLY E 280 -4.42 -16.28 -28.96
CA GLY E 280 -3.68 -16.68 -30.14
C GLY E 280 -3.35 -15.56 -31.10
N SER E 281 -3.57 -14.31 -30.72
CA SER E 281 -3.21 -13.17 -31.55
C SER E 281 -2.99 -11.96 -30.66
N PHE E 282 -2.29 -10.98 -31.22
CA PHE E 282 -1.97 -9.76 -30.49
C PHE E 282 -2.32 -8.54 -31.32
N LYS E 283 -2.61 -7.44 -30.64
CA LYS E 283 -2.88 -6.16 -31.30
C LYS E 283 -1.94 -5.11 -30.75
N ALA E 284 -1.51 -4.19 -31.61
CA ALA E 284 -0.55 -3.17 -31.22
C ALA E 284 -0.70 -1.95 -32.10
N MET E 285 -0.55 -0.78 -31.48
CA MET E 285 -0.44 0.47 -32.21
C MET E 285 1.03 0.75 -32.47
N PHE E 286 1.40 0.85 -33.74
CA PHE E 286 2.74 1.18 -34.15
C PHE E 286 2.80 2.63 -34.59
N GLU E 287 3.94 3.27 -34.33
CA GLU E 287 4.24 4.48 -35.07
C GLU E 287 4.80 4.09 -36.43
N GLU E 288 4.77 5.02 -37.37
CA GLU E 288 5.25 4.74 -38.71
C GLU E 288 6.78 4.76 -38.81
N ASP E 289 7.49 4.99 -37.71
CA ASP E 289 8.94 4.95 -37.68
C ASP E 289 9.44 4.12 -36.51
N ALA E 290 8.66 3.11 -36.10
CA ALA E 290 9.02 2.33 -34.93
C ALA E 290 10.15 1.36 -35.23
N VAL E 291 10.02 0.60 -36.33
CA VAL E 291 11.01 -0.40 -36.70
C VAL E 291 10.96 -0.54 -38.22
N VAL E 292 12.10 -0.89 -38.82
CA VAL E 292 12.11 -1.20 -40.23
C VAL E 292 11.44 -2.55 -40.46
N ASP E 293 10.70 -2.65 -41.56
CA ASP E 293 9.98 -3.85 -42.00
C ASP E 293 9.00 -4.34 -40.92
N VAL E 294 7.98 -3.51 -40.71
CA VAL E 294 7.02 -3.76 -39.62
C VAL E 294 6.17 -4.99 -39.92
N ALA E 295 5.96 -5.31 -41.20
CA ALA E 295 5.25 -6.55 -41.53
C ALA E 295 6.07 -7.77 -41.14
N GLU E 296 7.40 -7.70 -41.31
CA GLU E 296 8.27 -8.78 -40.89
C GLU E 296 8.23 -8.94 -39.37
N PHE E 297 8.18 -7.81 -38.66
CA PHE E 297 8.12 -7.82 -37.21
C PHE E 297 6.82 -8.42 -36.70
N VAL E 298 5.69 -8.12 -37.34
CA VAL E 298 4.44 -8.73 -36.89
C VAL E 298 4.26 -10.15 -37.40
N GLU E 299 5.07 -10.59 -38.37
CA GLU E 299 5.10 -12.02 -38.67
C GLU E 299 5.83 -12.79 -37.59
N THR E 300 7.06 -12.36 -37.24
CA THR E 300 7.77 -13.11 -36.19
C THR E 300 7.20 -12.87 -34.79
N MET E 301 6.45 -11.79 -34.58
CA MET E 301 5.86 -11.56 -33.26
C MET E 301 4.63 -12.43 -33.01
N SER E 302 3.98 -12.93 -34.07
CA SER E 302 2.77 -13.72 -33.88
C SER E 302 3.07 -15.12 -33.34
N LEU E 303 4.31 -15.57 -33.40
CA LEU E 303 4.66 -16.88 -32.87
C LEU E 303 4.71 -16.85 -31.34
N ASP E 304 4.57 -18.02 -30.75
CA ASP E 304 4.70 -18.16 -29.31
C ASP E 304 6.14 -18.33 -28.85
N ASN E 305 7.08 -18.43 -29.78
CA ASN E 305 8.51 -18.37 -29.47
C ASN E 305 9.11 -17.33 -30.42
N ALA E 306 9.05 -16.08 -30.00
CA ALA E 306 9.42 -14.96 -30.85
C ALA E 306 10.81 -14.46 -30.47
N ILE E 307 11.73 -14.52 -31.42
CA ILE E 307 13.02 -13.86 -31.30
C ILE E 307 13.01 -12.76 -32.36
N ALA E 308 12.58 -11.56 -31.96
CA ALA E 308 12.43 -10.45 -32.89
C ALA E 308 13.58 -9.48 -32.70
N LYS E 309 14.41 -9.34 -33.73
CA LYS E 309 15.53 -8.41 -33.72
C LYS E 309 15.07 -7.09 -34.31
N VAL E 310 15.17 -6.03 -33.50
CA VAL E 310 14.74 -4.70 -33.91
C VAL E 310 15.96 -3.81 -34.05
N ARG E 311 15.74 -2.58 -34.52
CA ARG E 311 16.80 -1.62 -34.67
C ARG E 311 17.29 -1.15 -33.31
N PRO E 312 18.52 -0.64 -33.23
CA PRO E 312 19.02 -0.15 -31.93
C PRO E 312 18.23 1.05 -31.41
N ASN E 313 18.17 1.14 -30.08
CA ASN E 313 17.44 2.17 -29.33
C ASN E 313 15.95 2.19 -29.68
N ALA E 314 15.39 1.01 -29.92
CA ALA E 314 13.95 0.87 -30.17
C ALA E 314 13.19 0.34 -28.97
N LEU E 315 13.88 0.05 -27.87
CA LEU E 315 13.25 -0.40 -26.65
C LEU E 315 13.15 0.68 -25.58
N LYS E 316 13.79 1.82 -25.79
CA LYS E 316 13.80 2.89 -24.82
C LYS E 316 12.90 4.06 -25.19
N ASP E 317 12.36 4.07 -26.42
CA ASP E 317 11.52 5.17 -26.87
C ASP E 317 10.03 4.87 -26.82
N HIS E 318 9.67 3.58 -26.83
CA HIS E 318 8.28 3.09 -26.75
C HIS E 318 7.41 3.65 -27.89
N LYS E 319 7.81 3.31 -29.11
CA LYS E 319 7.02 3.62 -30.29
C LYS E 319 6.05 2.51 -30.65
N ILE E 320 6.03 1.41 -29.89
CA ILE E 320 5.09 0.32 -30.07
C ILE E 320 4.28 0.20 -28.80
N GLN E 321 2.95 0.12 -28.93
CA GLN E 321 2.05 -0.01 -27.80
C GLN E 321 1.22 -1.27 -27.99
N PHE E 322 1.60 -2.34 -27.29
CA PHE E 322 0.85 -3.59 -27.34
C PHE E 322 -0.43 -3.44 -26.52
N MET E 323 -1.57 -3.45 -27.18
CA MET E 323 -2.84 -3.30 -26.48
C MET E 323 -3.34 -4.65 -25.99
N ASN E 324 -4.10 -4.62 -24.90
CA ASN E 324 -4.63 -5.84 -24.30
C ASN E 324 -5.76 -6.37 -25.15
N ASN E 325 -5.56 -7.55 -25.74
CA ASN E 325 -6.57 -8.12 -26.62
C ASN E 325 -7.67 -8.82 -25.85
N GLN E 326 -7.33 -9.53 -24.78
CA GLN E 326 -8.28 -10.40 -24.09
C GLN E 326 -8.91 -9.67 -22.91
N ALA E 327 -9.55 -8.55 -23.21
CA ALA E 327 -10.40 -7.87 -22.24
C ALA E 327 -11.84 -8.36 -22.31
N ASP E 328 -12.13 -9.34 -23.16
CA ASP E 328 -13.49 -9.78 -23.42
C ASP E 328 -13.61 -11.29 -23.50
N LEU E 329 -12.64 -12.03 -22.97
CA LEU E 329 -12.71 -13.49 -23.03
C LEU E 329 -13.73 -14.04 -22.04
N SER E 330 -13.74 -13.48 -20.83
CA SER E 330 -14.60 -14.01 -19.78
C SER E 330 -16.07 -13.71 -20.07
N ALA E 331 -16.36 -12.48 -20.52
CA ALA E 331 -17.75 -12.11 -20.80
C ALA E 331 -18.29 -12.90 -21.99
N LEU E 332 -17.44 -13.14 -23.00
CA LEU E 332 -17.87 -13.96 -24.13
C LEU E 332 -18.04 -15.42 -23.74
N SER E 333 -17.23 -15.92 -22.80
CA SER E 333 -17.43 -17.29 -22.30
C SER E 333 -18.76 -17.43 -21.57
N GLN E 334 -19.08 -16.45 -20.71
CA GLN E 334 -20.33 -16.48 -19.98
C GLN E 334 -21.52 -16.32 -20.91
N LYS E 335 -21.40 -15.48 -21.93
CA LYS E 335 -22.50 -15.31 -22.88
C LYS E 335 -22.68 -16.53 -23.76
N ALA E 336 -21.57 -17.21 -24.09
CA ALA E 336 -21.67 -18.43 -24.89
C ALA E 336 -22.32 -19.55 -24.09
N GLU E 337 -21.99 -19.67 -22.80
CA GLU E 337 -22.66 -20.66 -21.97
C GLU E 337 -24.13 -20.32 -21.74
N GLN E 338 -24.45 -19.03 -21.63
CA GLN E 338 -25.83 -18.60 -21.46
C GLN E 338 -26.67 -18.91 -22.70
N LYS E 339 -26.14 -18.61 -23.89
CA LYS E 339 -26.87 -18.93 -25.11
C LYS E 339 -26.89 -20.43 -25.37
N ARG E 340 -25.90 -21.16 -24.88
CA ARG E 340 -25.92 -22.62 -25.02
C ARG E 340 -27.01 -23.24 -24.15
N GLN E 341 -27.26 -22.67 -22.98
CA GLN E 341 -28.41 -23.14 -22.19
C GLN E 341 -29.73 -22.67 -22.79
N LEU E 342 -29.76 -21.45 -23.31
CA LEU E 342 -30.97 -20.93 -23.95
C LEU E 342 -31.33 -21.65 -25.23
N LEU E 343 -30.37 -22.31 -25.88
CA LEU E 343 -30.69 -23.12 -27.04
C LEU E 343 -31.53 -24.33 -26.66
N ARG E 344 -31.19 -24.98 -25.55
CA ARG E 344 -32.02 -26.08 -25.05
C ARG E 344 -33.32 -25.57 -24.48
N LEU E 345 -33.32 -24.34 -23.96
CA LEU E 345 -34.55 -23.79 -23.40
C LEU E 345 -35.56 -23.44 -24.49
N LEU E 346 -35.09 -22.84 -25.59
CA LEU E 346 -35.99 -22.33 -26.62
C LEU E 346 -36.63 -23.42 -27.47
N ALA E 347 -36.02 -24.60 -27.53
CA ALA E 347 -36.55 -25.70 -28.32
C ALA E 347 -37.52 -26.57 -27.52
N GLY E 348 -37.85 -26.19 -26.30
CA GLY E 348 -38.74 -26.98 -25.48
C GLY E 348 -38.10 -28.13 -24.76
N LEU E 349 -36.77 -28.24 -24.79
CA LEU E 349 -36.09 -29.33 -24.10
C LEU E 349 -35.81 -29.02 -22.63
N ASN E 350 -36.33 -27.93 -22.10
CA ASN E 350 -36.37 -27.78 -20.66
C ASN E 350 -37.40 -28.73 -20.07
N ASP E 351 -37.31 -28.95 -18.75
CA ASP E 351 -37.90 -30.09 -18.05
C ASP E 351 -37.46 -31.37 -18.77
N GLU E 352 -36.15 -31.61 -18.71
CA GLU E 352 -35.55 -32.79 -19.33
C GLU E 352 -36.00 -34.00 -18.54
N SER E 353 -37.09 -34.62 -19.00
CA SER E 353 -37.62 -35.83 -18.42
C SER E 353 -37.98 -36.83 -19.50
N LEU E 354 -37.24 -36.78 -20.62
CA LEU E 354 -37.49 -37.67 -21.75
C LEU E 354 -37.24 -39.13 -21.37
N GLY E 355 -36.17 -39.37 -20.61
CA GLY E 355 -35.94 -40.71 -20.09
C GLY E 355 -36.99 -41.15 -19.09
N MET E 356 -37.53 -40.21 -18.32
CA MET E 356 -38.68 -40.53 -17.47
C MET E 356 -39.94 -40.73 -18.30
N ALA E 357 -40.08 -39.98 -19.40
CA ALA E 357 -41.30 -40.06 -20.21
C ALA E 357 -41.37 -41.37 -21.00
N VAL E 358 -40.23 -41.89 -21.45
CA VAL E 358 -40.28 -43.14 -22.21
C VAL E 358 -40.52 -44.33 -21.29
N ASN E 359 -40.08 -44.26 -20.04
CA ASN E 359 -40.46 -45.26 -19.06
C ASN E 359 -41.88 -45.04 -18.54
N ARG E 360 -42.46 -43.86 -18.77
CA ARG E 360 -43.87 -43.66 -18.50
C ARG E 360 -44.76 -44.27 -19.57
N GLN E 361 -44.21 -44.64 -20.73
CA GLN E 361 -44.96 -45.29 -21.80
C GLN E 361 -44.71 -46.80 -21.83
N SER E 362 -44.58 -47.42 -20.66
CA SER E 362 -44.51 -48.87 -20.61
C SER E 362 -45.90 -49.50 -20.49
N GLY E 363 -46.80 -48.83 -19.78
CA GLY E 363 -48.16 -49.32 -19.64
C GLY E 363 -49.00 -49.04 -20.87
N VAL E 364 -49.27 -50.08 -21.66
CA VAL E 364 -50.05 -49.96 -22.88
C VAL E 364 -51.23 -50.92 -22.79
N ALA E 365 -51.74 -51.12 -21.57
CA ALA E 365 -52.55 -52.28 -21.22
C ALA E 365 -53.88 -52.40 -21.98
N ILE E 366 -54.87 -51.57 -21.67
CA ILE E 366 -56.07 -51.55 -22.51
C ILE E 366 -56.45 -50.11 -22.86
N ALA E 367 -56.65 -49.28 -21.85
CA ALA E 367 -57.20 -47.93 -22.01
C ALA E 367 -56.24 -46.97 -21.32
N GLN E 368 -55.26 -46.47 -22.07
CA GLN E 368 -54.26 -45.58 -21.50
C GLN E 368 -54.20 -44.29 -22.29
N ARG E 369 -53.88 -43.21 -21.58
CA ARG E 369 -53.74 -41.90 -22.15
C ARG E 369 -52.29 -41.69 -22.56
N LYS E 370 -51.92 -40.43 -22.82
CA LYS E 370 -50.55 -40.12 -23.24
C LYS E 370 -49.55 -40.33 -22.12
N GLU E 371 -49.99 -40.28 -20.85
CA GLU E 371 -49.14 -40.35 -19.64
C GLU E 371 -48.07 -39.26 -19.70
N SER E 372 -48.56 -38.04 -19.50
CA SER E 372 -47.89 -36.82 -19.90
C SER E 372 -46.56 -36.59 -19.19
N GLY E 373 -45.55 -36.22 -19.97
CA GLY E 373 -44.30 -35.72 -19.48
C GLY E 373 -44.11 -34.26 -19.83
N LEU E 374 -43.38 -34.03 -20.92
CA LEU E 374 -43.02 -32.70 -21.38
C LEU E 374 -44.22 -31.85 -21.78
N MET E 375 -44.02 -30.53 -21.80
CA MET E 375 -45.00 -29.59 -22.31
C MET E 375 -44.51 -28.78 -23.49
N GLY E 376 -43.19 -28.56 -23.62
CA GLY E 376 -42.70 -27.67 -24.64
C GLY E 376 -42.74 -28.23 -26.05
N LEU E 377 -42.56 -29.54 -26.18
CA LEU E 377 -42.58 -30.20 -27.48
C LEU E 377 -43.96 -30.70 -27.87
N GLN E 378 -44.99 -30.39 -27.08
CA GLN E 378 -46.31 -30.97 -27.30
C GLN E 378 -46.99 -30.45 -28.57
N THR E 379 -46.61 -29.27 -29.05
CA THR E 379 -47.13 -28.78 -30.32
C THR E 379 -46.64 -29.66 -31.48
N PHE E 380 -45.38 -30.06 -31.43
CA PHE E 380 -44.81 -30.92 -32.45
C PHE E 380 -45.44 -32.32 -32.41
N LEU E 381 -45.64 -32.86 -31.20
CA LEU E 381 -46.28 -34.16 -31.05
C LEU E 381 -47.73 -34.11 -31.52
N LYS E 382 -48.42 -32.98 -31.29
CA LYS E 382 -49.82 -32.87 -31.69
C LYS E 382 -49.94 -32.75 -33.20
N ALA E 383 -49.02 -32.01 -33.83
CA ALA E 383 -49.03 -31.91 -35.29
C ALA E 383 -48.72 -33.26 -35.93
N THR E 384 -47.79 -34.03 -35.34
CA THR E 384 -47.53 -35.38 -35.82
C THR E 384 -48.73 -36.30 -35.63
N ASP E 385 -49.47 -36.12 -34.53
CA ASP E 385 -50.67 -36.93 -34.29
C ASP E 385 -51.75 -36.61 -35.33
N ASP E 386 -51.96 -35.33 -35.64
CA ASP E 386 -52.97 -34.96 -36.62
C ASP E 386 -52.60 -35.42 -38.02
N MET E 387 -51.31 -35.36 -38.37
CA MET E 387 -50.92 -35.88 -39.68
C MET E 387 -51.03 -37.39 -39.74
N ASP E 388 -50.77 -38.09 -38.64
CA ASP E 388 -50.98 -39.54 -38.62
C ASP E 388 -52.45 -39.89 -38.75
N ARG E 389 -53.34 -39.09 -38.14
CA ARG E 389 -54.77 -39.34 -38.27
C ARG E 389 -55.24 -39.14 -39.71
N LEU E 390 -54.73 -38.10 -40.39
CA LEU E 390 -55.09 -37.90 -41.80
C LEU E 390 -54.52 -39.00 -42.69
N ILE E 391 -53.29 -39.44 -42.40
CA ILE E 391 -52.65 -40.53 -43.16
C ILE E 391 -53.46 -41.81 -43.03
N PHE E 392 -53.90 -42.14 -41.82
CA PHE E 392 -54.62 -43.39 -41.64
C PHE E 392 -56.06 -43.29 -42.14
N ARG E 393 -56.65 -42.09 -42.16
CA ARG E 393 -57.94 -41.94 -42.82
C ARG E 393 -57.83 -42.21 -44.32
N LEU E 394 -56.78 -41.67 -44.96
CA LEU E 394 -56.58 -41.93 -46.38
C LEU E 394 -56.24 -43.40 -46.64
N ALA E 395 -55.49 -44.03 -45.73
CA ALA E 395 -55.13 -45.43 -45.91
C ALA E 395 -56.33 -46.35 -45.74
N VAL E 396 -57.21 -46.03 -44.80
CA VAL E 396 -58.44 -46.80 -44.64
C VAL E 396 -59.35 -46.60 -45.85
N SER E 397 -59.38 -45.38 -46.40
CA SER E 397 -60.16 -45.14 -47.61
C SER E 397 -59.60 -45.86 -48.82
N PHE E 398 -58.29 -46.09 -48.87
CA PHE E 398 -57.73 -46.89 -49.95
C PHE E 398 -57.97 -48.38 -49.75
N ILE E 399 -57.85 -48.86 -48.51
CA ILE E 399 -57.99 -50.29 -48.23
C ILE E 399 -59.44 -50.73 -48.43
N CYS E 400 -60.39 -49.92 -48.01
CA CYS E 400 -61.80 -50.25 -48.21
C CYS E 400 -62.26 -50.10 -49.66
N GLU E 401 -61.40 -49.63 -50.56
CA GLU E 401 -61.75 -49.42 -51.94
C GLU E 401 -61.02 -50.33 -52.93
N TYR E 402 -59.78 -50.71 -52.63
CA TYR E 402 -58.99 -51.48 -53.59
C TYR E 402 -58.73 -52.92 -53.17
N PHE E 403 -58.92 -53.26 -51.90
CA PHE E 403 -58.63 -54.62 -51.45
C PHE E 403 -59.79 -55.53 -51.83
N THR E 404 -59.51 -56.55 -52.64
CA THR E 404 -60.50 -57.53 -53.00
C THR E 404 -60.73 -58.50 -51.85
N LYS E 405 -61.72 -59.39 -52.03
CA LYS E 405 -62.04 -60.33 -50.96
C LYS E 405 -60.96 -61.39 -50.79
N GLU E 406 -60.41 -61.89 -51.90
CA GLU E 406 -59.32 -62.86 -51.78
C GLU E 406 -58.04 -62.18 -51.30
N GLN E 407 -57.88 -60.88 -51.57
CA GLN E 407 -56.75 -60.14 -51.01
C GLN E 407 -56.90 -59.99 -49.51
N VAL E 408 -58.13 -59.79 -49.04
CA VAL E 408 -58.38 -59.67 -47.60
C VAL E 408 -58.18 -61.00 -46.91
N PHE E 409 -58.69 -62.09 -47.50
CA PHE E 409 -58.60 -63.40 -46.88
C PHE E 409 -57.21 -64.01 -46.93
N LYS E 410 -56.28 -63.42 -47.68
CA LYS E 410 -54.88 -63.83 -47.60
C LYS E 410 -54.14 -63.15 -46.47
N ILE E 411 -54.70 -62.09 -45.89
CA ILE E 411 -54.03 -61.30 -44.87
C ILE E 411 -54.56 -61.63 -43.48
N VAL E 412 -55.87 -61.70 -43.33
CA VAL E 412 -56.50 -61.84 -42.03
C VAL E 412 -56.82 -63.31 -41.79
N ASP E 413 -57.19 -63.64 -40.56
CA ASP E 413 -57.56 -65.00 -40.20
C ASP E 413 -58.93 -65.35 -40.78
N LYS E 414 -59.30 -66.62 -40.63
CA LYS E 414 -60.59 -67.08 -41.14
C LYS E 414 -61.74 -66.53 -40.30
N LYS E 415 -61.55 -66.45 -38.98
CA LYS E 415 -62.61 -65.97 -38.10
C LYS E 415 -62.85 -64.47 -38.29
N LEU E 416 -61.77 -63.70 -38.48
CA LEU E 416 -61.92 -62.26 -38.69
C LEU E 416 -62.57 -61.95 -40.02
N GLY E 417 -62.38 -62.81 -41.02
CA GLY E 417 -63.04 -62.64 -42.29
C GLY E 417 -64.49 -63.07 -42.23
N ASP E 418 -64.77 -64.15 -41.49
CA ASP E 418 -66.14 -64.65 -41.41
C ASP E 418 -67.02 -63.83 -40.49
N ARG E 419 -66.45 -63.06 -39.56
CA ARG E 419 -67.28 -62.23 -38.69
C ARG E 419 -67.80 -61.00 -39.41
N TYR E 420 -67.10 -60.52 -40.43
CA TYR E 420 -67.52 -59.32 -41.13
C TYR E 420 -68.45 -59.61 -42.30
N PHE E 421 -68.14 -60.63 -43.09
CA PHE E 421 -68.96 -60.99 -44.24
C PHE E 421 -70.08 -61.96 -43.83
N LYS E 422 -70.96 -61.45 -42.96
CA LYS E 422 -72.09 -62.16 -42.37
C LYS E 422 -71.72 -63.48 -41.70
N ASP E 427 -73.12 -57.13 -48.70
CA ASP E 427 -71.74 -57.58 -48.79
C ASP E 427 -71.12 -57.16 -50.12
N ASP E 428 -71.49 -57.87 -51.19
CA ASP E 428 -71.07 -57.60 -52.57
C ASP E 428 -69.56 -57.64 -52.76
N ASN E 429 -68.89 -58.50 -51.98
CA ASN E 429 -67.45 -58.81 -52.10
C ASN E 429 -66.56 -57.58 -51.93
N LYS E 430 -66.99 -56.62 -51.12
CA LYS E 430 -66.22 -55.41 -50.90
C LYS E 430 -66.45 -54.91 -49.49
N ILE E 431 -65.39 -54.43 -48.85
CA ILE E 431 -65.51 -53.82 -47.53
C ILE E 431 -66.17 -52.46 -47.69
N ARG E 432 -67.34 -52.30 -47.06
CA ARG E 432 -68.13 -51.08 -47.16
C ARG E 432 -68.33 -50.48 -45.78
N PRO E 433 -67.36 -49.71 -45.28
CA PRO E 433 -67.56 -49.02 -44.01
C PRO E 433 -68.40 -47.77 -44.19
N LEU E 434 -69.24 -47.50 -43.18
CA LEU E 434 -70.12 -46.34 -43.23
C LEU E 434 -69.36 -45.13 -42.69
N LYS E 435 -70.08 -44.03 -42.48
CA LYS E 435 -69.43 -42.80 -42.01
C LYS E 435 -69.25 -42.82 -40.51
N PHE E 436 -70.30 -43.14 -39.77
CA PHE E 436 -70.26 -43.18 -38.31
C PHE E 436 -70.04 -44.61 -37.83
N ASP E 437 -68.87 -45.13 -38.17
CA ASP E 437 -68.57 -46.51 -37.79
C ASP E 437 -67.27 -46.66 -37.02
N LEU E 438 -66.26 -45.86 -37.35
CA LEU E 438 -64.92 -46.05 -36.80
C LEU E 438 -64.45 -44.83 -36.03
N ILE E 439 -63.66 -45.09 -34.99
CA ILE E 439 -63.04 -44.05 -34.18
C ILE E 439 -61.53 -44.27 -34.22
N LEU E 440 -60.79 -43.23 -34.55
CA LEU E 440 -59.34 -43.32 -34.69
C LEU E 440 -58.69 -43.02 -33.35
N LYS E 441 -57.96 -44.00 -32.81
CA LYS E 441 -57.25 -43.83 -31.55
C LYS E 441 -55.76 -44.09 -31.76
N SER E 442 -54.94 -43.13 -31.35
CA SER E 442 -53.50 -43.27 -31.52
C SER E 442 -52.90 -44.08 -30.38
N GLN E 443 -51.89 -44.87 -30.70
CA GLN E 443 -51.17 -45.66 -29.72
C GLN E 443 -49.76 -45.89 -30.23
N LEU E 444 -48.96 -46.60 -29.44
CA LEU E 444 -47.60 -46.93 -29.87
C LEU E 444 -47.62 -48.02 -30.91
N LYS E 445 -46.70 -47.93 -31.87
CA LYS E 445 -46.63 -48.90 -32.96
C LYS E 445 -46.08 -50.21 -32.42
N THR E 446 -46.96 -51.20 -32.30
CA THR E 446 -46.57 -52.53 -31.85
C THR E 446 -47.23 -53.57 -32.75
N GLU E 447 -46.66 -54.77 -32.73
CA GLU E 447 -47.20 -55.86 -33.52
C GLU E 447 -48.46 -56.40 -32.84
N SER E 448 -49.34 -57.01 -33.65
CA SER E 448 -50.68 -57.33 -33.20
C SER E 448 -50.70 -58.46 -32.17
N ARG E 449 -49.81 -59.45 -32.33
CA ARG E 449 -49.78 -60.57 -31.39
C ARG E 449 -49.26 -60.15 -30.02
N ASP E 450 -48.33 -59.19 -29.97
CA ASP E 450 -47.83 -58.72 -28.68
C ASP E 450 -48.89 -57.91 -27.95
N GLU E 451 -49.62 -57.07 -28.68
CA GLU E 451 -50.71 -56.31 -28.09
C GLU E 451 -51.82 -57.23 -27.59
N LYS E 452 -52.17 -58.26 -28.38
CA LYS E 452 -53.16 -59.22 -27.94
C LYS E 452 -52.68 -60.04 -26.75
N TRP E 453 -51.37 -60.31 -26.67
CA TRP E 453 -50.82 -61.03 -25.54
C TRP E 453 -50.90 -60.20 -24.26
N TYR E 454 -50.60 -58.91 -24.35
CA TYR E 454 -50.69 -58.04 -23.18
C TYR E 454 -52.14 -57.86 -22.73
N ASN E 455 -53.06 -57.76 -23.70
CA ASN E 455 -54.47 -57.64 -23.35
C ASN E 455 -55.00 -58.93 -22.72
N TRP E 456 -54.55 -60.08 -23.22
CA TRP E 456 -54.92 -61.36 -22.62
C TRP E 456 -54.39 -61.49 -21.20
N ASN E 457 -53.16 -61.01 -20.97
CA ASN E 457 -52.56 -61.09 -19.65
C ASN E 457 -53.30 -60.22 -18.64
N GLU E 458 -53.60 -58.97 -19.02
CA GLU E 458 -54.33 -58.11 -18.08
C GLU E 458 -55.76 -58.58 -17.89
N LEU E 459 -56.37 -59.17 -18.92
CA LEU E 459 -57.74 -59.66 -18.76
C LEU E 459 -57.80 -60.88 -17.87
N LEU E 460 -56.81 -61.78 -17.96
CA LEU E 460 -56.78 -62.92 -17.06
C LEU E 460 -56.38 -62.53 -15.64
N LYS E 461 -55.62 -61.44 -15.48
CA LYS E 461 -55.36 -60.97 -14.12
C LYS E 461 -56.51 -60.17 -13.55
N ILE E 462 -57.42 -59.68 -14.39
CA ILE E 462 -58.62 -58.99 -13.90
C ILE E 462 -59.71 -59.99 -13.55
N LEU E 463 -59.94 -60.97 -14.43
CA LEU E 463 -61.04 -61.92 -14.28
C LEU E 463 -60.76 -63.03 -13.28
N ALA E 464 -59.61 -63.03 -12.62
CA ALA E 464 -59.31 -64.13 -11.69
C ALA E 464 -60.13 -64.07 -10.39
N PRO E 465 -60.26 -62.93 -9.67
CA PRO E 465 -61.09 -62.99 -8.45
C PRO E 465 -62.59 -62.93 -8.72
N ILE E 466 -63.01 -62.23 -9.78
CA ILE E 466 -64.43 -61.95 -9.94
C ILE E 466 -65.17 -63.13 -10.55
N ARG E 467 -64.54 -63.89 -11.45
CA ARG E 467 -65.19 -65.05 -12.07
C ARG E 467 -64.13 -66.05 -12.49
N PRO E 468 -63.83 -67.03 -11.64
CA PRO E 468 -62.71 -67.94 -11.92
C PRO E 468 -63.01 -68.99 -12.98
N ASP E 469 -64.27 -69.43 -13.09
CA ASP E 469 -64.61 -70.50 -14.02
C ASP E 469 -64.48 -70.08 -15.48
N LEU E 470 -64.48 -68.77 -15.76
CA LEU E 470 -64.22 -68.30 -17.11
C LEU E 470 -62.74 -68.40 -17.48
N VAL E 471 -61.85 -68.44 -16.50
CA VAL E 471 -60.40 -68.37 -16.75
C VAL E 471 -59.81 -69.61 -17.44
N PRO E 472 -60.06 -70.87 -17.03
CA PRO E 472 -59.37 -71.97 -17.75
C PRO E 472 -59.94 -72.27 -19.13
N SER E 473 -61.04 -71.64 -19.53
CA SER E 473 -61.52 -71.77 -20.90
C SER E 473 -60.92 -70.72 -21.82
N LEU E 474 -60.10 -69.81 -21.30
CA LEU E 474 -59.52 -68.74 -22.10
C LEU E 474 -58.07 -68.99 -22.48
N VAL E 475 -57.37 -69.86 -21.76
CA VAL E 475 -55.93 -70.08 -21.96
C VAL E 475 -55.54 -70.74 -23.30
N PRO E 476 -56.34 -71.59 -23.96
CA PRO E 476 -55.97 -71.87 -25.37
C PRO E 476 -56.15 -70.69 -26.28
N LEU E 477 -57.17 -69.86 -26.05
CA LEU E 477 -57.33 -68.65 -26.85
C LEU E 477 -56.27 -67.62 -26.51
N MET E 478 -55.71 -67.67 -25.30
CA MET E 478 -54.57 -66.82 -24.98
C MET E 478 -53.31 -67.34 -25.64
N LEU E 479 -53.08 -68.66 -25.58
CA LEU E 479 -51.85 -69.23 -26.11
C LEU E 479 -51.82 -69.28 -27.63
N ASN E 480 -52.97 -69.20 -28.29
CA ASN E 480 -52.97 -69.07 -29.74
C ASN E 480 -52.43 -67.73 -30.21
N ASP E 481 -52.46 -66.71 -29.35
CA ASP E 481 -52.00 -65.36 -29.69
C ASP E 481 -50.63 -65.07 -29.10
N MET E 482 -49.75 -66.06 -29.05
CA MET E 482 -48.41 -65.91 -28.50
C MET E 482 -47.38 -65.96 -29.62
N ASP E 483 -46.43 -65.05 -29.58
CA ASP E 483 -45.40 -64.93 -30.61
C ASP E 483 -44.15 -65.75 -30.27
N SER E 484 -44.24 -66.60 -29.28
CA SER E 484 -43.10 -67.41 -28.85
C SER E 484 -42.86 -68.55 -29.83
N PRO E 485 -41.60 -68.97 -29.99
CA PRO E 485 -41.31 -70.15 -30.83
C PRO E 485 -41.76 -71.47 -30.22
N ILE E 486 -42.10 -71.51 -28.93
CA ILE E 486 -42.57 -72.75 -28.31
C ILE E 486 -44.06 -72.97 -28.47
N THR E 487 -44.74 -72.09 -29.23
CA THR E 487 -46.20 -72.09 -29.29
C THR E 487 -46.75 -73.35 -29.97
N ASN E 488 -46.09 -73.80 -31.04
CA ASN E 488 -46.53 -74.99 -31.77
C ASN E 488 -46.38 -76.26 -30.95
N ASP E 489 -45.54 -76.25 -29.92
CA ASP E 489 -45.43 -77.37 -29.00
C ASP E 489 -46.49 -77.30 -27.90
N VAL E 490 -46.75 -76.09 -27.38
CA VAL E 490 -47.73 -75.91 -26.31
C VAL E 490 -49.13 -76.23 -26.80
N LEU E 491 -49.44 -75.88 -28.06
CA LEU E 491 -50.78 -76.12 -28.58
C LEU E 491 -51.04 -77.61 -28.78
N GLU E 492 -50.06 -78.37 -29.28
CA GLU E 492 -50.26 -79.81 -29.42
C GLU E 492 -50.21 -80.51 -28.06
N ALA E 493 -49.51 -79.92 -27.08
CA ALA E 493 -49.57 -80.45 -25.73
C ALA E 493 -50.95 -80.28 -25.12
N ILE E 494 -51.58 -79.13 -25.38
CA ILE E 494 -52.95 -78.88 -24.93
C ILE E 494 -53.92 -79.84 -25.60
N GLN E 495 -53.73 -80.07 -26.90
CA GLN E 495 -54.60 -81.00 -27.64
C GLN E 495 -54.45 -82.43 -27.13
N ASN E 496 -53.21 -82.86 -26.83
CA ASN E 496 -53.00 -84.19 -26.31
C ASN E 496 -53.56 -84.34 -24.89
N ALA E 497 -53.45 -83.30 -24.07
CA ALA E 497 -54.01 -83.36 -22.72
C ALA E 497 -55.53 -83.39 -22.75
N ASN E 498 -56.15 -82.63 -23.65
CA ASN E 498 -57.60 -82.64 -23.78
C ASN E 498 -58.10 -83.96 -24.34
N ALA E 499 -57.35 -84.54 -25.28
CA ALA E 499 -57.71 -85.86 -25.82
C ALA E 499 -57.61 -86.94 -24.75
N LEU E 500 -56.56 -86.90 -23.93
CA LEU E 500 -56.41 -87.87 -22.85
C LEU E 500 -57.49 -87.69 -21.79
N GLN E 501 -57.86 -86.44 -21.50
CA GLN E 501 -58.88 -86.18 -20.49
C GLN E 501 -60.26 -86.65 -20.95
N GLN E 502 -60.62 -86.36 -22.20
CA GLN E 502 -61.91 -86.82 -22.70
C GLN E 502 -61.92 -88.34 -22.94
N GLN E 503 -60.74 -88.92 -23.20
CA GLN E 503 -60.65 -90.38 -23.34
C GLN E 503 -60.87 -91.06 -22.00
N ASN E 504 -60.25 -90.55 -20.94
CA ASN E 504 -60.48 -91.09 -19.60
C ASN E 504 -61.91 -90.87 -19.14
N ALA E 505 -62.52 -89.73 -19.50
CA ALA E 505 -63.90 -89.46 -19.12
C ALA E 505 -64.87 -90.42 -19.81
N GLU E 506 -64.71 -90.61 -21.12
CA GLU E 506 -65.57 -91.54 -21.84
C GLU E 506 -65.24 -93.00 -21.54
N ALA E 507 -64.07 -93.28 -20.97
CA ALA E 507 -63.79 -94.63 -20.52
C ALA E 507 -64.39 -94.93 -19.15
N ASN E 508 -64.47 -93.93 -18.27
CA ASN E 508 -64.99 -94.13 -16.92
C ASN E 508 -66.49 -93.86 -16.81
N ALA E 509 -67.11 -93.22 -17.81
CA ALA E 509 -68.55 -92.93 -17.80
C ALA E 509 -69.52 -94.12 -17.70
N PRO E 510 -69.26 -95.31 -18.29
CA PRO E 510 -70.19 -96.43 -18.03
C PRO E 510 -70.25 -96.87 -16.58
N TYR E 511 -69.12 -96.82 -15.86
CA TYR E 511 -69.15 -97.13 -14.43
C TYR E 511 -69.95 -96.09 -13.65
N ASN E 512 -69.87 -94.82 -14.05
CA ASN E 512 -70.62 -93.77 -13.38
C ASN E 512 -72.12 -93.91 -13.61
N GLN E 513 -72.54 -94.20 -14.85
CA GLN E 513 -73.97 -94.37 -15.08
C GLN E 513 -74.49 -95.68 -14.49
N GLN E 514 -73.62 -96.69 -14.36
CA GLN E 514 -74.00 -97.92 -13.66
C GLN E 514 -74.24 -97.64 -12.18
N ILE E 515 -73.37 -96.85 -11.56
CA ILE E 515 -73.53 -96.47 -10.15
C ILE E 515 -74.80 -95.64 -9.97
N GLN E 516 -75.09 -94.75 -10.93
CA GLN E 516 -76.30 -93.92 -10.86
C GLN E 516 -77.56 -94.76 -10.92
N ALA E 517 -77.66 -95.66 -11.90
CA ALA E 517 -78.81 -96.54 -12.02
C ALA E 517 -78.95 -97.47 -10.82
N LEU E 518 -77.82 -97.92 -10.27
CA LEU E 518 -77.87 -98.82 -9.13
C LEU E 518 -78.33 -98.11 -7.87
N GLN E 519 -77.93 -96.85 -7.70
CA GLN E 519 -78.41 -96.07 -6.56
C GLN E 519 -79.90 -95.74 -6.70
N ILE E 520 -80.35 -95.51 -7.94
CA ILE E 520 -81.78 -95.30 -8.20
C ILE E 520 -82.58 -96.54 -7.84
N GLN E 521 -82.07 -97.72 -8.22
CA GLN E 521 -82.74 -98.97 -7.88
C GLN E 521 -82.73 -99.24 -6.38
N LYS E 522 -81.66 -98.84 -5.67
CA LYS E 522 -81.63 -98.98 -4.22
C LYS E 522 -82.66 -98.08 -3.55
N LEU E 523 -82.75 -96.84 -4.01
CA LEU E 523 -83.70 -95.92 -3.42
C LEU E 523 -85.15 -96.27 -3.77
N GLN E 524 -85.39 -96.98 -4.88
CA GLN E 524 -86.72 -97.52 -5.16
C GLN E 524 -87.03 -98.77 -4.32
N ALA E 525 -86.00 -99.59 -4.08
CA ALA E 525 -86.17 -100.76 -3.23
C ALA E 525 -86.52 -100.38 -1.81
N GLU E 526 -85.99 -99.24 -1.34
CA GLU E 526 -86.40 -98.71 -0.04
C GLU E 526 -87.87 -98.32 -0.01
N ILE E 527 -88.37 -97.77 -1.13
CA ILE E 527 -89.80 -97.42 -1.24
C ILE E 527 -90.67 -98.65 -1.09
N MET E 528 -90.37 -99.68 -1.90
CA MET E 528 -91.21 -100.87 -1.87
C MET E 528 -91.06 -101.64 -0.56
N GLU E 529 -89.88 -101.56 0.08
CA GLU E 529 -89.69 -102.20 1.37
C GLU E 529 -90.53 -101.55 2.45
N LEU E 530 -90.49 -100.22 2.54
CA LEU E 530 -91.26 -99.53 3.57
C LEU E 530 -92.75 -99.61 3.31
N GLN E 531 -93.16 -99.63 2.04
CA GLN E 531 -94.58 -99.77 1.73
C GLN E 531 -95.08 -101.17 2.09
N ALA E 532 -94.24 -102.20 1.88
CA ALA E 532 -94.63 -103.55 2.25
C ALA E 532 -94.69 -103.71 3.77
N LYS E 533 -93.78 -103.06 4.49
CA LYS E 533 -93.82 -103.09 5.95
C LYS E 533 -95.07 -102.40 6.48
N ALA E 534 -95.43 -101.26 5.88
CA ALA E 534 -96.65 -100.55 6.29
C ALA E 534 -97.90 -101.38 5.98
N HIS E 535 -97.90 -102.09 4.85
CA HIS E 535 -99.03 -102.93 4.50
C HIS E 535 -99.18 -104.10 5.46
N LYS E 536 -98.07 -104.78 5.80
CA LYS E 536 -98.17 -105.93 6.70
C LYS E 536 -98.50 -105.49 8.12
N TYR E 537 -98.05 -104.31 8.56
CA TYR E 537 -98.40 -103.83 9.88
C TYR E 537 -99.88 -103.42 9.95
N ALA E 538 -100.40 -102.83 8.86
CA ALA E 538 -101.82 -102.48 8.83
C ALA E 538 -102.71 -103.71 8.83
N GLU E 539 -102.30 -104.76 8.10
CA GLU E 539 -103.11 -105.97 8.10
C GLU E 539 -102.99 -106.73 9.42
N GLN E 540 -101.85 -106.63 10.10
CA GLN E 540 -101.75 -107.20 11.44
C GLN E 540 -102.63 -106.46 12.43
N GLY E 541 -102.73 -105.13 12.29
CA GLY E 541 -103.65 -104.37 13.13
C GLY E 541 -105.10 -104.70 12.87
N ALA E 542 -105.45 -104.95 11.60
CA ALA E 542 -106.82 -105.35 11.28
C ALA E 542 -107.13 -106.74 11.81
N LEU E 543 -106.15 -107.66 11.75
CA LEU E 543 -106.31 -108.98 12.34
C LEU E 543 -106.49 -108.90 13.85
N SER E 544 -105.76 -108.00 14.51
CA SER E 544 -105.90 -107.80 15.94
C SER E 544 -107.26 -107.22 16.29
N GLN E 545 -107.77 -106.33 15.44
CA GLN E 545 -109.12 -105.78 15.62
C GLN E 545 -110.18 -106.86 15.49
N THR E 546 -110.02 -107.77 14.53
CA THR E 546 -111.02 -108.82 14.32
C THR E 546 -111.00 -109.84 15.45
N THR E 547 -109.81 -110.20 15.94
CA THR E 547 -109.80 -111.16 17.04
C THR E 547 -110.21 -110.51 18.36
N ASN E 548 -110.03 -109.18 18.49
CA ASN E 548 -110.61 -108.44 19.60
C ASN E 548 -112.13 -108.50 19.55
N GLU E 549 -112.71 -108.37 18.34
CA GLU E 549 -114.15 -108.45 18.18
C GLU E 549 -114.67 -109.86 18.49
N SER E 550 -113.90 -110.89 18.15
CA SER E 550 -114.35 -112.26 18.44
C SER E 550 -114.27 -112.55 19.93
N GLU E 551 -113.23 -112.05 20.61
CA GLU E 551 -113.17 -112.19 22.06
C GLU E 551 -114.28 -111.41 22.75
N LYS E 552 -114.67 -110.27 22.18
CA LYS E 552 -115.81 -109.52 22.71
C LYS E 552 -117.11 -110.28 22.54
N ILE E 553 -117.29 -110.96 21.40
CA ILE E 553 -118.49 -111.79 21.19
C ILE E 553 -118.48 -113.00 22.11
N ASN E 554 -117.30 -113.56 22.38
CA ASN E 554 -117.17 -114.66 23.32
C ASN E 554 -117.55 -114.22 24.74
N GLN E 555 -117.17 -113.00 25.12
CA GLN E 555 -117.59 -112.47 26.42
C GLN E 555 -119.09 -112.18 26.45
N ALA E 556 -119.63 -111.64 25.34
CA ALA E 556 -121.04 -111.29 25.28
C ALA E 556 -121.96 -112.51 25.25
N VAL E 557 -121.43 -113.68 24.87
CA VAL E 557 -122.19 -114.90 25.04
C VAL E 557 -121.85 -115.63 26.33
N ALA E 558 -120.66 -115.38 26.92
CA ALA E 558 -120.33 -116.02 28.18
C ALA E 558 -121.08 -115.38 29.34
N ILE E 559 -121.46 -114.11 29.21
CA ILE E 559 -122.27 -113.46 30.24
C ILE E 559 -123.68 -114.06 30.27
N THR E 560 -124.17 -114.54 29.12
CA THR E 560 -125.48 -115.19 29.10
C THR E 560 -125.38 -116.68 29.39
N GLU E 561 -124.22 -117.30 29.13
CA GLU E 561 -124.02 -118.67 29.58
C GLU E 561 -123.84 -118.74 31.09
N MET E 562 -123.34 -117.67 31.70
CA MET E 562 -123.30 -117.60 33.17
C MET E 562 -124.70 -117.45 33.74
N GLN E 563 -125.47 -116.51 33.23
CA GLN E 563 -126.85 -116.31 33.68
C GLN E 563 -127.83 -116.82 32.63
N MET F 1 -80.47 -4.41 -43.54
CA MET F 1 -81.19 -5.28 -44.45
C MET F 1 -80.92 -4.90 -45.90
N ASP F 2 -80.48 -3.68 -46.13
CA ASP F 2 -79.94 -3.26 -47.42
C ASP F 2 -78.49 -2.83 -47.23
N PHE F 3 -77.89 -2.34 -48.33
CA PHE F 3 -76.45 -2.10 -48.37
C PHE F 3 -76.03 -0.92 -47.51
N THR F 4 -76.94 0.05 -47.29
CA THR F 4 -76.58 1.29 -46.62
C THR F 4 -76.27 1.08 -45.15
N THR F 5 -77.20 0.47 -44.41
CA THR F 5 -76.95 0.25 -42.99
C THR F 5 -75.92 -0.85 -42.77
N LEU F 6 -75.81 -1.80 -43.70
CA LEU F 6 -74.75 -2.81 -43.60
C LEU F 6 -73.38 -2.18 -43.71
N GLN F 7 -73.20 -1.25 -44.66
CA GLN F 7 -71.92 -0.57 -44.81
C GLN F 7 -71.64 0.36 -43.64
N ASN F 8 -72.67 1.08 -43.16
CA ASN F 8 -72.47 2.01 -42.06
C ASN F 8 -72.17 1.29 -40.74
N ASP F 9 -72.89 0.21 -40.45
CA ASP F 9 -72.61 -0.54 -39.23
C ASP F 9 -71.31 -1.32 -39.33
N PHE F 10 -70.92 -1.76 -40.52
CA PHE F 10 -69.62 -2.39 -40.66
C PHE F 10 -68.50 -1.38 -40.45
N THR F 11 -68.68 -0.14 -40.92
CA THR F 11 -67.69 0.91 -40.68
C THR F 11 -67.59 1.25 -39.20
N ASN F 12 -68.74 1.37 -38.52
CA ASN F 12 -68.75 1.68 -37.09
C ASN F 12 -68.15 0.55 -36.27
N ASP F 13 -68.35 -0.69 -36.69
CA ASP F 13 -67.80 -1.80 -35.94
C ASP F 13 -66.32 -2.01 -36.25
N TYR F 14 -65.88 -1.70 -37.46
CA TYR F 14 -64.48 -1.92 -37.83
C TYR F 14 -63.59 -0.82 -37.28
N GLN F 15 -64.07 0.42 -37.25
CA GLN F 15 -63.25 1.51 -36.74
C GLN F 15 -63.10 1.45 -35.22
N LYS F 16 -64.10 0.94 -34.52
CA LYS F 16 -64.03 0.82 -33.07
C LYS F 16 -63.34 -0.45 -32.61
N ALA F 17 -62.97 -1.33 -33.54
CA ALA F 17 -62.24 -2.56 -33.21
C ALA F 17 -60.88 -2.61 -33.91
N LEU F 18 -60.39 -1.47 -34.38
CA LEU F 18 -59.10 -1.45 -35.06
C LEU F 18 -57.94 -1.39 -34.07
N ILE F 19 -58.13 -0.72 -32.92
CA ILE F 19 -57.07 -0.58 -31.94
C ILE F 19 -56.78 -1.90 -31.23
N ALA F 20 -57.73 -2.82 -31.23
CA ALA F 20 -57.50 -4.15 -30.66
C ALA F 20 -57.00 -5.14 -31.69
N ASN F 21 -57.45 -5.02 -32.95
CA ASN F 21 -56.93 -5.88 -34.00
C ASN F 21 -55.48 -5.55 -34.35
N ASN F 22 -55.10 -4.29 -34.21
CA ASN F 22 -53.70 -3.91 -34.39
C ASN F 22 -52.82 -4.53 -33.31
N GLU F 23 -53.31 -4.56 -32.08
CA GLU F 23 -52.55 -5.21 -31.00
C GLU F 23 -52.54 -6.72 -31.16
N PHE F 24 -53.61 -7.30 -31.73
CA PHE F 24 -53.61 -8.72 -32.04
C PHE F 24 -52.57 -9.07 -33.08
N LEU F 25 -52.48 -8.26 -34.14
CA LEU F 25 -51.47 -8.50 -35.18
C LEU F 25 -50.07 -8.24 -34.66
N GLU F 26 -49.89 -7.26 -33.77
CA GLU F 26 -48.61 -7.07 -33.10
C GLU F 26 -48.23 -8.28 -32.27
N ALA F 27 -49.20 -8.86 -31.55
CA ALA F 27 -48.93 -10.02 -30.72
C ALA F 27 -48.58 -11.25 -31.56
N LYS F 28 -49.26 -11.42 -32.69
CA LYS F 28 -48.94 -12.53 -33.58
C LYS F 28 -47.61 -12.33 -34.29
N LYS F 29 -47.20 -11.08 -34.50
CA LYS F 29 -45.87 -10.83 -35.06
C LYS F 29 -44.79 -11.07 -34.02
N TYR F 30 -45.04 -10.69 -32.77
CA TYR F 30 -44.07 -10.94 -31.71
C TYR F 30 -43.95 -12.42 -31.41
N TYR F 31 -45.03 -13.19 -31.60
CA TYR F 31 -44.96 -14.63 -31.38
C TYR F 31 -44.15 -15.32 -32.46
N ASN F 32 -44.10 -14.76 -33.66
CA ASN F 32 -43.43 -15.39 -34.79
C ASN F 32 -42.07 -14.76 -35.09
N GLY F 33 -41.36 -14.29 -34.07
CA GLY F 33 -40.01 -13.82 -34.20
C GLY F 33 -39.85 -12.34 -34.50
N ASN F 34 -40.85 -11.72 -35.13
CA ASN F 34 -40.75 -10.31 -35.47
C ASN F 34 -40.92 -9.44 -34.23
N GLN F 35 -39.84 -9.27 -33.46
CA GLN F 35 -39.91 -8.56 -32.19
C GLN F 35 -39.20 -7.22 -32.20
N LEU F 36 -38.34 -6.96 -33.18
CA LEU F 36 -37.65 -5.68 -33.13
C LEU F 36 -38.33 -4.67 -34.05
N PRO F 37 -38.36 -3.40 -33.65
CA PRO F 37 -38.90 -2.36 -34.54
C PRO F 37 -37.99 -2.06 -35.72
N GLN F 38 -38.46 -1.21 -36.63
CA GLN F 38 -37.69 -0.94 -37.84
C GLN F 38 -36.49 -0.05 -37.55
N ASP F 39 -36.67 0.95 -36.68
CA ASP F 39 -35.57 1.86 -36.36
C ASP F 39 -34.50 1.19 -35.51
N VAL F 40 -34.90 0.27 -34.62
CA VAL F 40 -33.93 -0.49 -33.84
C VAL F 40 -33.15 -1.43 -34.74
N LEU F 41 -33.83 -2.05 -35.72
CA LEU F 41 -33.15 -2.90 -36.69
C LEU F 41 -32.18 -2.11 -37.54
N ASN F 42 -32.55 -0.88 -37.91
CA ASN F 42 -31.64 -0.03 -38.68
C ASN F 42 -30.43 0.39 -37.86
N ILE F 43 -30.65 0.74 -36.58
CA ILE F 43 -29.56 1.13 -35.69
C ILE F 43 -28.60 -0.02 -35.46
N ILE F 44 -29.12 -1.24 -35.35
CA ILE F 44 -28.27 -2.41 -35.19
C ILE F 44 -27.50 -2.71 -36.49
N LEU F 45 -28.17 -2.62 -37.63
CA LEU F 45 -27.52 -2.97 -38.89
C LEU F 45 -26.56 -1.91 -39.40
N GLU F 46 -26.68 -0.67 -38.91
CA GLU F 46 -25.72 0.36 -39.31
C GLU F 46 -24.37 0.18 -38.63
N ARG F 47 -24.34 -0.48 -37.47
CA ARG F 47 -23.08 -0.77 -36.80
C ARG F 47 -22.45 -2.07 -37.25
N GLY F 48 -23.02 -2.74 -38.25
CA GLY F 48 -22.50 -4.02 -38.69
C GLY F 48 -22.75 -5.14 -37.70
N GLN F 49 -23.78 -5.00 -36.86
CA GLN F 49 -24.09 -5.98 -35.84
C GLN F 49 -25.24 -6.86 -36.30
N THR F 50 -25.18 -8.14 -35.96
CA THR F 50 -26.27 -9.05 -36.26
C THR F 50 -27.33 -8.96 -35.17
N PRO F 51 -28.58 -8.62 -35.50
CA PRO F 51 -29.62 -8.49 -34.47
C PRO F 51 -30.04 -9.86 -33.96
N ILE F 52 -29.84 -10.08 -32.67
CA ILE F 52 -30.23 -11.33 -32.01
C ILE F 52 -31.55 -11.10 -31.29
N ILE F 53 -32.52 -11.97 -31.57
CA ILE F 53 -33.86 -11.86 -31.01
C ILE F 53 -34.08 -13.08 -30.12
N GLU F 54 -34.21 -12.85 -28.83
CA GLU F 54 -34.49 -13.90 -27.87
C GLU F 54 -36.01 -14.02 -27.72
N ASN F 55 -36.59 -15.06 -28.33
CA ASN F 55 -38.04 -15.25 -28.30
C ASN F 55 -38.41 -16.00 -27.03
N MET F 56 -38.26 -15.30 -25.91
CA MET F 56 -38.38 -15.90 -24.59
C MET F 56 -39.83 -16.17 -24.19
N PHE F 57 -40.80 -15.51 -24.82
CA PHE F 57 -42.19 -15.76 -24.48
C PHE F 57 -42.88 -16.74 -25.42
N LYS F 58 -42.23 -17.12 -26.52
CA LYS F 58 -42.79 -18.19 -27.36
C LYS F 58 -42.76 -19.52 -26.63
N VAL F 59 -41.71 -19.75 -25.84
CA VAL F 59 -41.64 -21.00 -25.08
C VAL F 59 -42.62 -20.99 -23.92
N ILE F 60 -42.98 -19.81 -23.41
CA ILE F 60 -43.98 -19.70 -22.35
C ILE F 60 -45.36 -20.09 -22.88
N VAL F 61 -45.73 -19.50 -24.03
CA VAL F 61 -46.99 -19.84 -24.68
C VAL F 61 -47.00 -21.30 -25.11
N ASN F 62 -45.85 -21.80 -25.57
CA ASN F 62 -45.75 -23.21 -25.94
C ASN F 62 -45.91 -24.13 -24.74
N LYS F 63 -45.45 -23.70 -23.56
CA LYS F 63 -45.62 -24.51 -22.35
C LYS F 63 -47.09 -24.54 -21.91
N ILE F 64 -47.77 -23.38 -21.94
CA ILE F 64 -49.17 -23.34 -21.56
C ILE F 64 -50.04 -24.10 -22.56
N LEU F 65 -49.74 -23.95 -23.86
CA LEU F 65 -50.49 -24.70 -24.86
C LEU F 65 -50.14 -26.18 -24.84
N GLY F 66 -48.94 -26.54 -24.39
CA GLY F 66 -48.62 -27.94 -24.21
C GLY F 66 -49.34 -28.55 -23.03
N TYR F 67 -49.62 -27.74 -22.00
CA TYR F 67 -50.53 -28.20 -20.96
C TYR F 67 -51.95 -28.37 -21.50
N LYS F 68 -52.37 -27.46 -22.37
CA LYS F 68 -53.75 -27.50 -22.87
C LYS F 68 -53.97 -28.54 -23.96
N ILE F 69 -52.91 -29.01 -24.63
CA ILE F 69 -53.08 -29.98 -25.71
C ILE F 69 -53.55 -31.32 -25.16
N GLU F 70 -52.94 -31.76 -24.08
CA GLU F 70 -53.29 -33.05 -23.50
C GLU F 70 -54.46 -32.94 -22.53
N SER F 71 -54.71 -31.76 -21.99
CA SER F 71 -55.93 -31.53 -21.19
C SER F 71 -57.04 -30.90 -22.04
N ILE F 72 -57.37 -31.52 -23.16
CA ILE F 72 -58.48 -31.08 -23.98
C ILE F 72 -59.77 -31.50 -23.29
N SER F 73 -60.65 -30.52 -23.03
CA SER F 73 -61.86 -30.76 -22.26
C SER F 73 -63.02 -31.03 -23.21
N GLU F 74 -63.75 -32.10 -22.94
CA GLU F 74 -65.04 -32.35 -23.56
C GLU F 74 -66.12 -32.08 -22.53
N ILE F 75 -67.35 -32.00 -23.01
CA ILE F 75 -68.51 -31.77 -22.15
C ILE F 75 -69.40 -32.99 -22.24
N ARG F 76 -69.63 -33.65 -21.11
CA ARG F 76 -70.60 -34.72 -21.02
C ARG F 76 -71.90 -34.18 -20.42
N LEU F 77 -72.99 -34.88 -20.70
CA LEU F 77 -74.31 -34.48 -20.27
C LEU F 77 -74.81 -35.42 -19.18
N SER F 78 -75.43 -34.85 -18.17
CA SER F 78 -75.97 -35.60 -17.06
C SER F 78 -77.46 -35.35 -16.93
N PRO F 79 -78.23 -36.36 -16.51
CA PRO F 79 -79.68 -36.14 -16.38
C PRO F 79 -80.02 -35.34 -15.14
N LYS F 80 -81.01 -34.45 -15.28
CA LYS F 80 -81.53 -33.74 -14.12
C LYS F 80 -82.47 -34.64 -13.32
N GLN F 81 -83.52 -35.14 -13.97
CA GLN F 81 -84.41 -36.13 -13.38
C GLN F 81 -83.89 -37.53 -13.66
N GLU F 82 -84.59 -38.53 -13.13
CA GLU F 82 -84.22 -39.92 -13.40
C GLU F 82 -84.64 -40.38 -14.78
N GLU F 83 -85.67 -39.77 -15.36
CA GLU F 83 -86.16 -40.17 -16.68
C GLU F 83 -85.36 -39.54 -17.82
N ASP F 84 -84.52 -38.56 -17.54
CA ASP F 84 -83.73 -37.91 -18.56
C ASP F 84 -82.46 -38.68 -18.92
N ARG F 85 -82.14 -39.74 -18.17
CA ARG F 85 -80.91 -40.49 -18.36
C ARG F 85 -80.87 -41.16 -19.73
N ALA F 86 -82.00 -41.76 -20.14
CA ALA F 86 -82.10 -42.35 -21.47
C ALA F 86 -81.99 -41.31 -22.57
N LEU F 87 -82.29 -40.04 -22.26
CA LEU F 87 -81.93 -38.98 -23.18
C LEU F 87 -80.43 -38.73 -23.16
N SER F 88 -79.85 -38.55 -21.97
CA SER F 88 -78.50 -38.03 -21.85
C SER F 88 -77.47 -39.05 -22.35
N ASP F 89 -77.64 -40.31 -21.96
CA ASP F 89 -76.78 -41.37 -22.48
C ASP F 89 -76.98 -41.59 -23.97
N LEU F 90 -78.11 -41.14 -24.52
CA LEU F 90 -78.23 -41.06 -25.97
C LEU F 90 -77.34 -39.94 -26.51
N LEU F 91 -77.48 -38.74 -25.95
CA LEU F 91 -76.81 -37.56 -26.52
C LEU F 91 -75.31 -37.60 -26.32
N ASN F 92 -74.83 -38.18 -25.22
CA ASN F 92 -73.40 -38.41 -25.04
C ASN F 92 -72.86 -39.38 -26.08
N SER F 93 -73.70 -40.29 -26.58
CA SER F 93 -73.28 -41.13 -27.69
C SER F 93 -73.34 -40.38 -29.01
N LEU F 94 -74.15 -39.33 -29.10
CA LEU F 94 -74.24 -38.58 -30.36
C LEU F 94 -73.24 -37.46 -30.42
N LEU F 95 -72.69 -37.03 -29.29
CA LEU F 95 -71.63 -36.02 -29.29
C LEU F 95 -70.26 -36.61 -29.63
N GLN F 96 -70.13 -37.94 -29.67
CA GLN F 96 -68.84 -38.54 -29.94
C GLN F 96 -68.42 -38.36 -31.40
N VAL F 97 -69.39 -38.31 -32.32
CA VAL F 97 -69.05 -37.99 -33.70
C VAL F 97 -68.73 -36.52 -33.90
N PHE F 98 -69.09 -35.68 -32.93
CA PHE F 98 -68.61 -34.30 -32.89
C PHE F 98 -67.28 -34.19 -32.16
N ILE F 99 -67.00 -35.10 -31.24
CA ILE F 99 -65.76 -35.06 -30.48
C ILE F 99 -64.60 -35.63 -31.30
N GLN F 100 -64.76 -36.85 -31.82
CA GLN F 100 -63.66 -37.55 -32.46
C GLN F 100 -63.52 -37.26 -33.94
N GLN F 101 -64.06 -36.14 -34.41
CA GLN F 101 -63.75 -35.70 -35.76
C GLN F 101 -62.37 -35.07 -35.78
N GLU F 102 -61.85 -34.88 -37.00
CA GLU F 102 -60.47 -34.40 -37.14
C GLU F 102 -60.32 -32.92 -36.82
N ASN F 103 -61.36 -32.12 -37.08
CA ASN F 103 -61.27 -30.67 -36.91
C ASN F 103 -61.37 -30.22 -35.47
N TYR F 104 -61.77 -31.11 -34.55
CA TYR F 104 -62.06 -30.70 -33.17
C TYR F 104 -60.80 -30.25 -32.45
N ASP F 105 -59.76 -31.08 -32.45
CA ASP F 105 -58.52 -30.75 -31.75
C ASP F 105 -57.83 -29.56 -32.39
N LYS F 106 -57.88 -29.46 -33.73
CA LYS F 106 -57.30 -28.33 -34.43
C LYS F 106 -57.99 -27.03 -34.06
N SER F 107 -59.33 -27.04 -34.02
CA SER F 107 -60.07 -25.85 -33.66
C SER F 107 -59.87 -25.46 -32.21
N MET F 108 -59.74 -26.46 -31.32
CA MET F 108 -59.53 -26.15 -29.91
C MET F 108 -58.13 -25.59 -29.66
N ILE F 109 -57.12 -26.13 -30.34
CA ILE F 109 -55.76 -25.63 -30.11
C ILE F 109 -55.56 -24.26 -30.76
N GLU F 110 -56.17 -24.04 -31.93
CA GLU F 110 -56.19 -22.70 -32.52
C GLU F 110 -56.94 -21.71 -31.64
N ARG F 111 -58.02 -22.15 -31.01
CA ARG F 111 -58.78 -21.32 -30.08
C ARG F 111 -57.94 -20.92 -28.88
N ASP F 112 -57.23 -21.88 -28.29
CA ASP F 112 -56.40 -21.58 -27.11
C ASP F 112 -55.22 -20.71 -27.48
N LYS F 113 -54.64 -20.89 -28.67
CA LYS F 113 -53.55 -20.03 -29.12
C LYS F 113 -54.04 -18.61 -29.35
N ASN F 114 -55.24 -18.45 -29.93
CA ASN F 114 -55.78 -17.12 -30.12
C ASN F 114 -56.20 -16.46 -28.80
N LEU F 115 -56.67 -17.26 -27.84
CA LEU F 115 -57.03 -16.72 -26.53
C LEU F 115 -55.81 -16.37 -25.70
N LEU F 116 -54.67 -17.01 -25.96
CA LEU F 116 -53.48 -16.72 -25.17
C LEU F 116 -52.63 -15.61 -25.78
N ILE F 117 -52.41 -15.65 -27.10
CA ILE F 117 -51.64 -14.62 -27.76
C ILE F 117 -52.39 -13.29 -27.75
N GLY F 118 -53.59 -13.29 -28.31
CA GLY F 118 -54.48 -12.16 -28.21
C GLY F 118 -55.51 -12.35 -27.13
N GLY F 119 -56.69 -11.77 -27.34
CA GLY F 119 -57.75 -11.88 -26.36
C GLY F 119 -58.97 -12.62 -26.86
N LEU F 120 -59.08 -12.78 -28.17
CA LEU F 120 -60.27 -13.33 -28.79
C LEU F 120 -60.15 -14.84 -28.99
N GLY F 121 -61.26 -15.53 -28.84
CA GLY F 121 -61.38 -16.90 -29.33
C GLY F 121 -62.70 -17.08 -30.03
N VAL F 122 -62.67 -17.43 -31.32
CA VAL F 122 -63.86 -17.52 -32.15
C VAL F 122 -63.92 -18.92 -32.75
N ILE F 123 -65.01 -19.64 -32.49
CA ILE F 123 -65.23 -20.96 -33.07
C ILE F 123 -66.62 -21.00 -33.68
N GLN F 124 -66.70 -21.35 -34.95
CA GLN F 124 -67.98 -21.48 -35.64
C GLN F 124 -68.33 -22.94 -35.84
N LEU F 125 -69.63 -23.19 -35.93
CA LEU F 125 -70.18 -24.52 -36.14
C LEU F 125 -71.04 -24.53 -37.40
N TRP F 126 -71.16 -25.69 -38.02
CA TRP F 126 -71.95 -25.82 -39.23
C TRP F 126 -72.63 -27.18 -39.25
N VAL F 127 -73.72 -27.27 -40.02
CA VAL F 127 -74.63 -28.41 -39.97
C VAL F 127 -74.67 -29.01 -41.38
N SER F 128 -73.51 -29.08 -42.03
CA SER F 128 -73.42 -29.57 -43.41
C SER F 128 -73.87 -31.03 -43.55
N GLN F 129 -74.55 -31.31 -44.66
CA GLN F 129 -75.13 -32.62 -44.97
C GLN F 129 -74.78 -32.95 -46.41
N ASP F 130 -73.90 -33.93 -46.62
CA ASP F 130 -73.20 -34.00 -47.90
C ASP F 130 -74.02 -34.68 -49.01
N LYS F 131 -74.19 -36.00 -48.95
CA LYS F 131 -74.91 -36.68 -50.02
C LYS F 131 -75.84 -37.80 -49.56
N ASP F 132 -75.58 -38.47 -48.46
CA ASP F 132 -76.26 -39.72 -48.12
C ASP F 132 -77.05 -39.58 -46.83
N LYS F 133 -77.78 -38.45 -46.71
CA LYS F 133 -78.60 -38.09 -45.54
C LYS F 133 -77.76 -38.05 -44.25
N ASN F 134 -76.49 -37.67 -44.36
CA ASN F 134 -75.55 -37.73 -43.25
C ASN F 134 -75.34 -36.31 -42.73
N VAL F 135 -76.06 -35.96 -41.69
CA VAL F 135 -75.92 -34.64 -41.07
C VAL F 135 -74.72 -34.65 -40.16
N GLU F 136 -73.85 -33.65 -40.31
CA GLU F 136 -72.63 -33.56 -39.53
C GLU F 136 -72.46 -32.14 -39.02
N ILE F 137 -71.82 -32.03 -37.86
CA ILE F 137 -71.57 -30.74 -37.22
C ILE F 137 -70.09 -30.44 -37.40
N GLU F 138 -69.78 -29.64 -38.43
CA GLU F 138 -68.42 -29.18 -38.61
C GLU F 138 -68.08 -28.10 -37.59
N ILE F 139 -66.82 -28.04 -37.20
CA ILE F 139 -66.31 -27.05 -36.26
C ILE F 139 -65.07 -26.42 -36.87
N LYS F 140 -64.99 -25.09 -36.84
CA LYS F 140 -63.85 -24.38 -37.42
C LYS F 140 -63.49 -23.19 -36.55
N ALA F 141 -62.22 -23.10 -36.16
CA ALA F 141 -61.74 -21.92 -35.46
C ALA F 141 -61.45 -20.81 -36.46
N ILE F 142 -61.97 -19.61 -36.19
CA ILE F 142 -61.84 -18.48 -37.10
C ILE F 142 -60.66 -17.62 -36.64
N LYS F 143 -59.87 -17.17 -37.60
CA LYS F 143 -58.80 -16.21 -37.35
C LYS F 143 -59.41 -14.91 -36.81
N PRO F 144 -59.02 -14.47 -35.61
CA PRO F 144 -59.73 -13.36 -34.97
C PRO F 144 -59.47 -12.00 -35.59
N GLU F 145 -58.40 -11.85 -36.39
CA GLU F 145 -58.19 -10.56 -37.02
C GLU F 145 -59.14 -10.33 -38.18
N SER F 146 -59.61 -11.40 -38.81
CA SER F 146 -60.66 -11.31 -39.83
C SER F 146 -62.03 -11.57 -39.23
N PHE F 147 -62.35 -10.88 -38.14
CA PHE F 147 -63.62 -11.08 -37.45
C PHE F 147 -63.93 -9.82 -36.66
N VAL F 148 -65.05 -9.18 -36.99
CA VAL F 148 -65.44 -7.92 -36.38
C VAL F 148 -66.69 -8.14 -35.55
N ILE F 149 -66.64 -7.74 -34.28
CA ILE F 149 -67.75 -7.87 -33.37
C ILE F 149 -68.46 -6.52 -33.32
N ASP F 150 -69.73 -6.53 -32.92
CA ASP F 150 -70.47 -5.30 -32.67
C ASP F 150 -69.81 -4.50 -31.56
N TYR F 151 -69.64 -3.20 -31.80
CA TYR F 151 -68.95 -2.34 -30.85
C TYR F 151 -69.78 -2.06 -29.60
N PHE F 152 -71.08 -2.33 -29.64
CA PHE F 152 -71.93 -2.06 -28.48
C PHE F 152 -71.82 -3.13 -27.41
N SER F 153 -71.32 -4.32 -27.74
CA SER F 153 -71.16 -5.39 -26.76
C SER F 153 -69.94 -5.11 -25.90
N THR F 154 -70.14 -5.04 -24.59
CA THR F 154 -69.06 -4.72 -23.67
C THR F 154 -68.51 -5.92 -22.93
N ASP F 155 -69.30 -6.97 -22.72
CA ASP F 155 -68.90 -8.06 -21.85
C ASP F 155 -68.06 -9.09 -22.59
N LYS F 156 -67.43 -9.98 -21.83
CA LYS F 156 -66.84 -11.16 -22.42
C LYS F 156 -67.95 -12.12 -22.86
N ASN F 157 -67.58 -13.03 -23.76
CA ASN F 157 -68.39 -14.01 -24.48
C ASN F 157 -69.32 -13.40 -25.51
N ALA F 158 -69.41 -12.06 -25.61
CA ALA F 158 -70.10 -11.32 -26.68
C ALA F 158 -71.57 -11.71 -26.81
N LEU F 159 -72.24 -11.90 -25.68
CA LEU F 159 -73.61 -12.40 -25.72
C LEU F 159 -74.62 -11.32 -26.11
N ASP F 160 -74.39 -10.08 -25.71
CA ASP F 160 -75.29 -9.00 -26.12
C ASP F 160 -74.80 -8.29 -27.38
N ALA F 161 -74.46 -9.08 -28.39
CA ALA F 161 -73.98 -8.57 -29.67
C ALA F 161 -75.07 -8.73 -30.72
N ARG F 162 -75.24 -7.70 -31.53
CA ARG F 162 -76.29 -7.70 -32.54
C ARG F 162 -75.79 -8.09 -33.92
N ARG F 163 -74.49 -8.09 -34.16
CA ARG F 163 -73.96 -8.43 -35.47
C ARG F 163 -72.52 -8.91 -35.34
N PHE F 164 -72.18 -9.88 -36.19
CA PHE F 164 -70.82 -10.37 -36.32
C PHE F 164 -70.42 -10.32 -37.79
N HIS F 165 -69.29 -9.71 -38.09
CA HIS F 165 -68.79 -9.63 -39.45
C HIS F 165 -67.51 -10.43 -39.58
N LYS F 166 -67.37 -11.16 -40.68
CA LYS F 166 -66.13 -11.83 -41.02
C LYS F 166 -65.75 -11.50 -42.46
N MET F 167 -64.53 -11.04 -42.66
CA MET F 167 -64.04 -10.61 -43.96
C MET F 167 -63.23 -11.76 -44.56
N LEU F 168 -63.78 -12.40 -45.59
CA LEU F 168 -63.22 -13.60 -46.17
C LEU F 168 -62.63 -13.35 -47.54
N GLU F 169 -61.53 -14.04 -47.81
CA GLU F 169 -61.05 -14.26 -49.16
C GLU F 169 -61.79 -15.47 -49.73
N VAL F 170 -62.29 -15.35 -50.96
CA VAL F 170 -63.02 -16.43 -51.62
C VAL F 170 -62.46 -16.57 -53.02
N SER F 171 -62.13 -17.79 -53.42
CA SER F 171 -61.69 -18.06 -54.78
C SER F 171 -62.87 -18.00 -55.73
N GLU F 172 -62.58 -18.11 -57.03
CA GLU F 172 -63.60 -17.88 -58.05
C GLU F 172 -64.61 -19.02 -58.11
N GLN F 173 -64.13 -20.26 -58.18
CA GLN F 173 -65.05 -21.40 -58.28
C GLN F 173 -65.76 -21.66 -56.95
N GLU F 174 -65.14 -21.31 -55.82
CA GLU F 174 -65.86 -21.37 -54.55
C GLU F 174 -66.93 -20.30 -54.48
N ALA F 175 -66.73 -19.16 -55.14
CA ALA F 175 -67.78 -18.15 -55.22
C ALA F 175 -68.89 -18.59 -56.17
N LEU F 176 -68.55 -19.36 -57.20
CA LEU F 176 -69.58 -19.92 -58.08
C LEU F 176 -70.40 -20.98 -57.35
N LEU F 177 -69.75 -21.79 -56.51
CA LEU F 177 -70.49 -22.79 -55.74
C LEU F 177 -71.27 -22.15 -54.60
N LEU F 178 -70.80 -21.01 -54.10
CA LEU F 178 -71.46 -20.37 -52.96
C LEU F 178 -72.76 -19.70 -53.38
N PHE F 179 -72.78 -19.10 -54.57
CA PHE F 179 -74.01 -18.58 -55.16
C PHE F 179 -73.84 -18.58 -56.68
N GLY F 180 -74.96 -18.73 -57.37
CA GLY F 180 -74.94 -18.92 -58.81
C GLY F 180 -74.54 -17.67 -59.58
N ASP F 181 -74.38 -17.85 -60.88
CA ASP F 181 -73.88 -16.81 -61.77
C ASP F 181 -74.92 -15.74 -62.11
N SER F 182 -76.13 -15.83 -61.57
CA SER F 182 -77.16 -14.84 -61.87
C SER F 182 -76.89 -13.49 -61.23
N VAL F 183 -76.12 -13.46 -60.15
CA VAL F 183 -75.79 -12.20 -59.47
C VAL F 183 -74.33 -11.86 -59.79
N ILE F 184 -74.04 -10.58 -59.81
CA ILE F 184 -72.76 -10.06 -60.30
C ILE F 184 -71.75 -10.04 -59.17
N VAL F 185 -70.56 -10.57 -59.44
CA VAL F 185 -69.50 -10.68 -58.45
C VAL F 185 -68.41 -9.68 -58.80
N ASN F 186 -67.94 -8.94 -57.79
CA ASN F 186 -66.83 -8.00 -57.98
C ASN F 186 -65.53 -8.70 -57.61
N TYR F 187 -64.88 -9.29 -58.62
CA TYR F 187 -63.64 -10.02 -58.39
C TYR F 187 -62.46 -9.07 -58.29
N SER F 188 -61.32 -9.64 -57.90
CA SER F 188 -60.05 -8.94 -57.94
C SER F 188 -59.22 -9.46 -59.11
N ASN F 189 -58.00 -8.95 -59.24
CA ASN F 189 -57.07 -9.39 -60.26
C ASN F 189 -55.67 -9.46 -59.69
N VAL F 190 -55.52 -10.13 -58.55
CA VAL F 190 -54.33 -9.97 -57.71
C VAL F 190 -53.08 -10.54 -58.39
N ASN F 191 -53.13 -11.77 -58.90
CA ASN F 191 -52.15 -12.19 -59.90
C ASN F 191 -52.78 -12.66 -61.19
N HIS F 192 -53.55 -13.76 -61.18
CA HIS F 192 -54.24 -14.21 -62.38
C HIS F 192 -55.57 -14.90 -62.10
N GLU F 193 -56.03 -14.99 -60.85
CA GLU F 193 -56.99 -16.01 -60.48
C GLU F 193 -58.39 -15.51 -60.17
N ARG F 194 -58.59 -14.18 -60.08
CA ARG F 194 -59.87 -13.53 -59.80
C ARG F 194 -60.47 -14.01 -58.47
N ILE F 195 -59.77 -13.66 -57.39
CA ILE F 195 -60.29 -13.86 -56.05
C ILE F 195 -61.25 -12.72 -55.73
N ALA F 196 -62.01 -12.87 -54.64
CA ALA F 196 -63.00 -11.89 -54.25
C ALA F 196 -63.03 -11.74 -52.73
N SER F 197 -63.20 -10.50 -52.26
CA SER F 197 -63.27 -10.21 -50.84
C SER F 197 -64.75 -10.07 -50.47
N VAL F 198 -65.25 -11.00 -49.68
CA VAL F 198 -66.66 -11.08 -49.33
C VAL F 198 -66.80 -10.94 -47.81
N ILE F 199 -67.64 -10.03 -47.37
CA ILE F 199 -67.94 -9.86 -45.95
C ILE F 199 -69.22 -10.61 -45.65
N GLU F 200 -69.13 -11.56 -44.73
CA GLU F 200 -70.29 -12.30 -44.27
C GLU F 200 -70.73 -11.73 -42.93
N SER F 201 -71.93 -11.19 -42.87
CA SER F 201 -72.47 -10.58 -41.67
C SER F 201 -73.61 -11.43 -41.14
N TRP F 202 -73.65 -11.57 -39.82
CA TRP F 202 -74.72 -12.25 -39.11
C TRP F 202 -75.40 -11.25 -38.21
N TYR F 203 -76.68 -11.00 -38.44
CA TYR F 203 -77.43 -9.96 -37.77
C TYR F 203 -78.50 -10.58 -36.89
N LYS F 204 -78.62 -10.09 -35.65
CA LYS F 204 -79.68 -10.51 -34.75
C LYS F 204 -80.85 -9.54 -34.89
N GLU F 205 -81.97 -10.03 -35.40
CA GLU F 205 -83.18 -9.24 -35.54
C GLU F 205 -84.36 -10.03 -35.01
N TYR F 206 -85.24 -9.38 -34.27
CA TYR F 206 -86.42 -10.07 -33.79
C TYR F 206 -87.48 -10.07 -34.88
N ASN F 207 -88.24 -11.16 -34.96
CA ASN F 207 -89.25 -11.28 -35.99
C ASN F 207 -90.53 -10.60 -35.49
N GLU F 208 -91.51 -10.48 -36.38
CA GLU F 208 -92.82 -9.95 -36.01
C GLU F 208 -93.92 -11.00 -35.97
N GLU F 209 -93.74 -12.11 -36.68
CA GLU F 209 -94.67 -13.22 -36.58
C GLU F 209 -94.56 -13.89 -35.21
N THR F 210 -93.39 -14.44 -34.92
CA THR F 210 -93.02 -14.79 -33.55
C THR F 210 -92.25 -13.64 -32.94
N GLN F 211 -92.28 -13.55 -31.61
CA GLN F 211 -91.65 -12.45 -30.90
C GLN F 211 -90.26 -12.78 -30.38
N SER F 212 -89.51 -13.61 -31.10
CA SER F 212 -88.18 -14.03 -30.70
C SER F 212 -87.13 -13.51 -31.66
N TYR F 213 -85.89 -13.50 -31.20
CA TYR F 213 -84.76 -13.07 -32.01
C TYR F 213 -84.30 -14.22 -32.91
N GLU F 214 -83.97 -13.87 -34.16
CA GLU F 214 -83.38 -14.80 -35.11
C GLU F 214 -82.16 -14.16 -35.74
N TRP F 215 -81.22 -14.99 -36.16
CA TRP F 215 -80.02 -14.52 -36.81
C TRP F 215 -80.12 -14.74 -38.31
N ASN F 216 -79.77 -13.72 -39.08
CA ASN F 216 -79.84 -13.75 -40.53
C ASN F 216 -78.46 -13.48 -41.11
N ARG F 217 -78.19 -14.10 -42.27
CA ARG F 217 -76.89 -14.02 -42.92
C ARG F 217 -76.97 -13.14 -44.16
N TYR F 218 -76.00 -12.26 -44.30
CA TYR F 218 -75.86 -11.42 -45.49
C TYR F 218 -74.43 -11.53 -45.99
N LEU F 219 -74.24 -12.16 -47.13
CA LEU F 219 -72.98 -12.14 -47.84
C LEU F 219 -73.00 -10.93 -48.77
N TRP F 220 -72.08 -10.00 -48.54
CA TRP F 220 -72.08 -8.75 -49.29
C TRP F 220 -70.66 -8.29 -49.51
N ASN F 221 -70.50 -7.37 -50.44
CA ASN F 221 -69.21 -6.76 -50.70
C ASN F 221 -69.34 -5.25 -50.51
N ARG F 222 -68.27 -4.64 -50.01
CA ARG F 222 -68.21 -3.18 -50.00
C ARG F 222 -68.17 -2.66 -51.43
N ASN F 223 -68.82 -1.51 -51.62
CA ASN F 223 -69.00 -0.79 -52.91
C ASN F 223 -69.50 -1.70 -54.05
N THR F 224 -70.22 -2.77 -53.72
CA THR F 224 -70.83 -3.61 -54.74
C THR F 224 -72.29 -3.89 -54.39
N GLY F 225 -72.58 -3.99 -53.11
CA GLY F 225 -73.91 -4.33 -52.65
C GLY F 225 -73.97 -5.71 -52.00
N ILE F 226 -75.18 -6.24 -51.92
CA ILE F 226 -75.45 -7.50 -51.25
C ILE F 226 -75.44 -8.62 -52.28
N TYR F 227 -74.58 -9.63 -52.06
CA TYR F 227 -74.56 -10.78 -52.94
C TYR F 227 -75.70 -11.74 -52.64
N LYS F 228 -75.84 -12.15 -51.39
CA LYS F 228 -76.89 -13.10 -51.03
C LYS F 228 -77.40 -12.81 -49.62
N SER F 229 -78.71 -12.75 -49.48
CA SER F 229 -79.36 -12.45 -48.21
C SER F 229 -80.29 -13.60 -47.85
N GLU F 230 -80.01 -14.28 -46.74
CA GLU F 230 -80.88 -15.33 -46.23
C GLU F 230 -81.25 -15.01 -44.80
N LYS F 231 -82.49 -15.35 -44.42
CA LYS F 231 -82.99 -15.08 -43.08
C LYS F 231 -83.33 -16.37 -42.37
N LYS F 232 -82.86 -16.49 -41.13
CA LYS F 232 -82.97 -17.67 -40.29
C LYS F 232 -82.49 -18.94 -41.01
N PRO F 233 -81.21 -19.03 -41.38
CA PRO F 233 -80.77 -20.22 -42.11
C PRO F 233 -80.27 -21.34 -41.21
N PHE F 234 -80.93 -21.58 -40.08
CA PHE F 234 -80.50 -22.70 -39.25
C PHE F 234 -81.65 -23.40 -38.51
N LYS F 235 -82.91 -23.13 -38.87
CA LYS F 235 -84.14 -23.71 -38.31
C LYS F 235 -84.41 -23.32 -36.86
N ASN F 236 -83.53 -22.55 -36.21
CA ASN F 236 -83.77 -22.04 -34.86
C ASN F 236 -83.40 -20.58 -34.69
N GLY F 237 -82.74 -19.96 -35.66
CA GLY F 237 -82.26 -18.60 -35.51
C GLY F 237 -81.12 -18.53 -34.53
N ALA F 238 -80.14 -19.43 -34.69
CA ALA F 238 -78.99 -19.49 -33.81
C ALA F 238 -77.76 -18.98 -34.55
N CYS F 239 -76.99 -18.13 -33.89
CA CYS F 239 -75.74 -17.66 -34.47
C CYS F 239 -74.72 -18.79 -34.43
N PRO F 240 -74.01 -19.06 -35.53
CA PRO F 240 -73.03 -20.16 -35.52
C PRO F 240 -71.76 -19.85 -34.77
N PHE F 241 -71.50 -18.59 -34.43
CA PHE F 241 -70.24 -18.20 -33.81
C PHE F 241 -70.35 -18.31 -32.29
N ILE F 242 -69.26 -18.78 -31.69
CA ILE F 242 -69.08 -18.76 -30.25
C ILE F 242 -67.79 -18.01 -29.98
N VAL F 243 -67.91 -16.88 -29.31
CA VAL F 243 -66.82 -15.94 -29.09
C VAL F 243 -66.57 -15.89 -27.60
N SER F 244 -65.30 -15.75 -27.20
CA SER F 244 -65.00 -15.35 -25.83
C SER F 244 -63.78 -14.45 -25.80
N LYS F 245 -63.87 -13.38 -25.03
CA LYS F 245 -62.79 -12.43 -24.85
C LYS F 245 -62.12 -12.66 -23.50
N LEU F 246 -60.81 -12.86 -23.51
CA LEU F 246 -60.03 -12.89 -22.30
C LEU F 246 -59.55 -11.47 -21.99
N TYR F 247 -59.77 -11.04 -20.74
CA TYR F 247 -59.34 -9.73 -20.23
C TYR F 247 -59.91 -8.57 -21.03
N THR F 248 -61.23 -8.42 -20.94
CA THR F 248 -61.81 -7.16 -21.40
C THR F 248 -61.45 -6.05 -20.42
N ASP F 249 -61.26 -4.85 -20.95
CA ASP F 249 -60.83 -3.73 -20.12
C ASP F 249 -61.67 -2.50 -20.47
N GLU F 250 -61.24 -1.34 -19.95
CA GLU F 250 -61.84 -0.09 -20.35
C GLU F 250 -61.50 0.23 -21.80
N LEU F 251 -62.34 1.08 -22.41
CA LEU F 251 -62.42 1.39 -23.84
C LEU F 251 -62.79 0.18 -24.70
N ASN F 252 -63.24 -0.92 -24.08
CA ASN F 252 -63.80 -2.12 -24.72
C ASN F 252 -62.82 -2.76 -25.71
N ASN F 253 -61.68 -3.17 -25.19
CA ASN F 253 -60.69 -3.90 -25.96
C ASN F 253 -60.41 -5.24 -25.30
N TYR F 254 -59.81 -6.16 -26.05
CA TYR F 254 -59.31 -7.39 -25.47
C TYR F 254 -57.81 -7.27 -25.24
N TYR F 255 -57.38 -7.60 -24.02
CA TYR F 255 -56.05 -7.28 -23.51
C TYR F 255 -55.05 -8.42 -23.71
N GLY F 256 -55.48 -9.66 -23.52
CA GLY F 256 -54.63 -10.81 -23.79
C GLY F 256 -53.51 -10.97 -22.78
N LEU F 257 -52.70 -12.00 -23.02
CA LEU F 257 -51.51 -12.22 -22.21
C LEU F 257 -50.30 -11.50 -22.80
N PHE F 258 -50.45 -10.85 -23.94
CA PHE F 258 -49.32 -10.26 -24.63
C PHE F 258 -48.88 -8.94 -23.98
N ARG F 259 -49.83 -8.11 -23.53
CA ARG F 259 -49.48 -6.75 -23.16
C ARG F 259 -48.75 -6.67 -21.82
N ASP F 260 -49.08 -7.55 -20.87
CA ASP F 260 -48.40 -7.50 -19.58
C ASP F 260 -47.02 -8.15 -19.61
N ILE F 261 -46.73 -9.00 -20.59
CA ILE F 261 -45.40 -9.59 -20.71
C ILE F 261 -44.59 -8.99 -21.85
N LYS F 262 -45.16 -8.06 -22.61
CA LYS F 262 -44.46 -7.36 -23.68
C LYS F 262 -43.28 -6.48 -23.22
N PRO F 263 -43.37 -5.65 -22.16
CA PRO F 263 -42.19 -4.85 -21.82
C PRO F 263 -41.02 -5.65 -21.27
N MET F 264 -41.28 -6.81 -20.65
CA MET F 264 -40.19 -7.70 -20.27
C MET F 264 -39.46 -8.25 -21.49
N GLN F 265 -40.22 -8.60 -22.53
CA GLN F 265 -39.61 -9.08 -23.78
C GLN F 265 -38.83 -7.98 -24.48
N ASP F 266 -39.36 -6.75 -24.45
CA ASP F 266 -38.65 -5.62 -25.04
C ASP F 266 -37.37 -5.31 -24.29
N PHE F 267 -37.40 -5.38 -22.95
CA PHE F 267 -36.17 -5.16 -22.19
C PHE F 267 -35.17 -6.28 -22.39
N ILE F 268 -35.64 -7.51 -22.57
CA ILE F 268 -34.73 -8.62 -22.84
C ILE F 268 -34.03 -8.44 -24.17
N ASN F 269 -34.79 -8.06 -25.21
CA ASN F 269 -34.20 -7.84 -26.53
C ASN F 269 -33.25 -6.64 -26.53
N TYR F 270 -33.64 -5.56 -25.84
CA TYR F 270 -32.79 -4.38 -25.76
C TYR F 270 -31.51 -4.67 -24.99
N ALA F 271 -31.60 -5.44 -23.90
CA ALA F 271 -30.43 -5.76 -23.11
C ALA F 271 -29.49 -6.68 -23.87
N GLU F 272 -30.03 -7.65 -24.62
CA GLU F 272 -29.19 -8.56 -25.38
C GLU F 272 -28.48 -7.84 -26.52
N ASN F 273 -29.19 -6.97 -27.24
CA ASN F 273 -28.56 -6.26 -28.35
C ASN F 273 -27.58 -5.19 -27.85
N ARG F 274 -27.89 -4.53 -26.73
CA ARG F 274 -26.98 -3.54 -26.20
C ARG F 274 -25.73 -4.18 -25.59
N MET F 275 -25.86 -5.38 -25.02
CA MET F 275 -24.70 -6.09 -24.53
C MET F 275 -23.87 -6.64 -25.67
N GLY F 276 -24.50 -7.04 -26.76
CA GLY F 276 -23.75 -7.42 -27.95
C GLY F 276 -23.07 -6.25 -28.62
N ASN F 277 -23.60 -5.04 -28.43
CA ASN F 277 -22.91 -3.85 -28.94
C ASN F 277 -21.79 -3.40 -28.01
N MET F 278 -21.95 -3.58 -26.70
CA MET F 278 -20.97 -3.08 -25.74
C MET F 278 -19.65 -3.84 -25.84
N MET F 279 -19.69 -5.15 -25.69
CA MET F 279 -18.54 -5.96 -26.04
C MET F 279 -18.46 -6.06 -27.56
N GLY F 280 -17.24 -6.27 -28.06
CA GLY F 280 -17.07 -6.29 -29.50
C GLY F 280 -16.99 -4.93 -30.15
N SER F 281 -16.87 -3.86 -29.37
CA SER F 281 -16.72 -2.51 -29.92
C SER F 281 -16.02 -1.64 -28.89
N PHE F 282 -15.46 -0.53 -29.36
CA PHE F 282 -14.73 0.39 -28.51
C PHE F 282 -15.21 1.81 -28.75
N LYS F 283 -15.07 2.64 -27.72
CA LYS F 283 -15.40 4.06 -27.82
C LYS F 283 -14.18 4.88 -27.41
N ALA F 284 -14.02 6.02 -28.08
CA ALA F 284 -12.85 6.85 -27.83
C ALA F 284 -13.16 8.29 -28.18
N MET F 285 -12.62 9.21 -27.38
CA MET F 285 -12.64 10.63 -27.69
C MET F 285 -11.37 10.97 -28.43
N PHE F 286 -11.51 11.47 -29.65
CA PHE F 286 -10.38 11.90 -30.45
C PHE F 286 -10.30 13.42 -30.45
N GLU F 287 -9.08 13.94 -30.49
CA GLU F 287 -8.93 15.31 -30.91
C GLU F 287 -8.98 15.37 -32.44
N GLU F 288 -9.25 16.55 -32.96
CA GLU F 288 -9.36 16.70 -34.42
C GLU F 288 -8.00 16.75 -35.12
N ASP F 289 -6.90 16.61 -34.37
CA ASP F 289 -5.57 16.57 -34.95
C ASP F 289 -4.76 15.40 -34.38
N ALA F 290 -5.46 14.32 -33.99
CA ALA F 290 -4.78 13.20 -33.35
C ALA F 290 -3.99 12.37 -34.35
N VAL F 291 -4.63 11.99 -35.46
CA VAL F 291 -4.00 11.17 -36.47
C VAL F 291 -4.64 11.51 -37.81
N VAL F 292 -3.88 11.36 -38.89
CA VAL F 292 -4.45 11.51 -40.22
C VAL F 292 -5.33 10.31 -40.53
N ASP F 293 -6.44 10.56 -41.22
CA ASP F 293 -7.43 9.57 -41.65
C ASP F 293 -7.98 8.77 -40.46
N VAL F 294 -8.73 9.49 -39.61
CA VAL F 294 -9.20 8.92 -38.36
C VAL F 294 -10.27 7.84 -38.62
N ALA F 295 -10.98 7.94 -39.74
CA ALA F 295 -11.92 6.88 -40.11
C ALA F 295 -11.19 5.60 -40.44
N GLU F 296 -10.03 5.72 -41.10
CA GLU F 296 -9.21 4.54 -41.40
C GLU F 296 -8.69 3.92 -40.12
N PHE F 297 -8.32 4.76 -39.15
CA PHE F 297 -7.82 4.29 -37.86
C PHE F 297 -8.90 3.56 -37.08
N VAL F 298 -10.13 4.07 -37.08
CA VAL F 298 -11.18 3.35 -36.36
C VAL F 298 -11.72 2.17 -37.15
N GLU F 299 -11.42 2.05 -38.44
CA GLU F 299 -11.70 0.79 -39.13
C GLU F 299 -10.71 -0.29 -38.69
N THR F 300 -9.40 -0.01 -38.77
CA THR F 300 -8.44 -1.04 -38.36
C THR F 300 -8.39 -1.26 -36.85
N MET F 301 -8.86 -0.31 -36.05
CA MET F 301 -8.86 -0.49 -34.60
C MET F 301 -10.01 -1.38 -34.13
N SER F 302 -11.07 -1.52 -34.93
CA SER F 302 -12.21 -2.33 -34.52
C SER F 302 -11.92 -3.82 -34.56
N LEU F 303 -10.86 -4.24 -35.25
CA LEU F 303 -10.51 -5.65 -35.30
C LEU F 303 -9.88 -6.10 -33.99
N ASP F 304 -9.94 -7.40 -33.74
CA ASP F 304 -9.29 -8.00 -32.58
C ASP F 304 -7.82 -8.30 -32.83
N ASN F 305 -7.33 -8.11 -34.04
CA ASN F 305 -5.89 -8.16 -34.34
C ASN F 305 -5.57 -6.88 -35.10
N ALA F 306 -5.29 -5.82 -34.36
CA ALA F 306 -5.13 -4.49 -34.92
C ALA F 306 -3.65 -4.14 -35.01
N ILE F 307 -3.19 -3.91 -36.23
CA ILE F 307 -1.87 -3.31 -36.45
C ILE F 307 -2.14 -1.94 -37.05
N ALA F 308 -2.23 -0.92 -36.19
CA ALA F 308 -2.56 0.42 -36.60
C ALA F 308 -1.31 1.28 -36.63
N LYS F 309 -0.93 1.73 -37.82
CA LYS F 309 0.22 2.60 -38.01
C LYS F 309 -0.25 4.05 -37.95
N VAL F 310 0.29 4.79 -36.99
CA VAL F 310 -0.09 6.19 -36.78
C VAL F 310 1.09 7.08 -37.14
N ARG F 311 0.86 8.39 -37.11
CA ARG F 311 1.91 9.34 -37.40
C ARG F 311 2.94 9.35 -36.27
N PRO F 312 4.18 9.80 -36.55
CA PRO F 312 5.19 9.86 -35.50
C PRO F 312 4.82 10.84 -34.38
N ASN F 313 5.27 10.50 -33.17
CA ASN F 313 5.03 11.26 -31.93
C ASN F 313 3.54 11.38 -31.62
N ALA F 314 2.78 10.34 -31.94
CA ALA F 314 1.36 10.30 -31.61
C ALA F 314 1.05 9.42 -30.43
N LEU F 315 2.07 8.79 -29.83
CA LEU F 315 1.89 7.97 -28.64
C LEU F 315 2.35 8.67 -27.37
N LYS F 316 3.00 9.82 -27.48
CA LYS F 316 3.53 10.53 -26.33
C LYS F 316 2.70 11.75 -25.96
N ASP F 317 1.76 12.15 -26.79
CA ASP F 317 0.96 13.34 -26.54
C ASP F 317 -0.43 13.05 -25.98
N HIS F 318 -0.94 11.84 -26.21
CA HIS F 318 -2.23 11.35 -25.73
C HIS F 318 -3.38 12.24 -26.20
N LYS F 319 -3.54 12.29 -27.52
CA LYS F 319 -4.67 12.97 -28.14
C LYS F 319 -5.85 12.03 -28.37
N ILE F 320 -5.71 10.76 -28.01
CA ILE F 320 -6.78 9.78 -28.11
C ILE F 320 -7.07 9.26 -26.70
N GLN F 321 -8.34 9.25 -26.32
CA GLN F 321 -8.75 8.77 -25.00
C GLN F 321 -9.74 7.63 -25.19
N PHE F 322 -9.26 6.40 -25.05
CA PHE F 322 -10.14 5.23 -25.14
C PHE F 322 -10.97 5.12 -23.88
N MET F 323 -12.27 5.32 -23.99
CA MET F 323 -13.15 5.26 -22.83
C MET F 323 -13.59 3.82 -22.59
N ASN F 324 -13.86 3.51 -21.32
CA ASN F 324 -14.27 2.16 -20.94
C ASN F 324 -15.72 1.93 -21.37
N ASN F 325 -15.91 1.00 -22.30
CA ASN F 325 -17.24 0.74 -22.83
C ASN F 325 -18.05 -0.16 -21.92
N GLN F 326 -17.42 -1.18 -21.33
CA GLN F 326 -18.14 -2.21 -20.58
C GLN F 326 -18.17 -1.90 -19.09
N ALA F 327 -18.73 -0.74 -18.78
CA ALA F 327 -19.04 -0.39 -17.40
C ALA F 327 -20.44 -0.82 -17.01
N ASP F 328 -21.16 -1.49 -17.91
CA ASP F 328 -22.57 -1.81 -17.71
C ASP F 328 -22.91 -3.22 -18.17
N LEU F 329 -21.92 -4.10 -18.32
CA LEU F 329 -22.20 -5.45 -18.77
C LEU F 329 -22.82 -6.28 -17.65
N SER F 330 -22.30 -6.14 -16.44
CA SER F 330 -22.75 -6.96 -15.32
C SER F 330 -24.16 -6.58 -14.89
N ALA F 331 -24.44 -5.29 -14.82
CA ALA F 331 -25.77 -4.84 -14.40
C ALA F 331 -26.82 -5.20 -15.44
N LEU F 332 -26.47 -5.12 -16.72
CA LEU F 332 -27.40 -5.53 -17.77
C LEU F 332 -27.60 -7.04 -17.78
N SER F 333 -26.56 -7.82 -17.43
CA SER F 333 -26.73 -9.27 -17.31
C SER F 333 -27.69 -9.63 -16.18
N GLN F 334 -27.52 -8.97 -15.03
CA GLN F 334 -28.39 -9.22 -13.88
C GLN F 334 -29.82 -8.79 -14.17
N LYS F 335 -29.98 -7.65 -14.86
CA LYS F 335 -31.33 -7.18 -15.19
C LYS F 335 -31.99 -8.07 -16.24
N ALA F 336 -31.20 -8.61 -17.18
CA ALA F 336 -31.74 -9.52 -18.17
C ALA F 336 -32.19 -10.83 -17.54
N GLU F 337 -31.41 -11.34 -16.59
CA GLU F 337 -31.83 -12.55 -15.88
C GLU F 337 -33.05 -12.29 -14.99
N GLN F 338 -33.13 -11.10 -14.39
CA GLN F 338 -34.27 -10.74 -13.56
C GLN F 338 -35.54 -10.65 -14.39
N LYS F 339 -35.48 -9.98 -15.55
CA LYS F 339 -36.66 -9.90 -16.41
C LYS F 339 -36.98 -11.24 -17.06
N ARG F 340 -35.97 -12.10 -17.24
CA ARG F 340 -36.23 -13.44 -17.76
C ARG F 340 -36.98 -14.29 -16.75
N GLN F 341 -36.70 -14.13 -15.46
CA GLN F 341 -37.50 -14.81 -14.45
C GLN F 341 -38.88 -14.17 -14.30
N LEU F 342 -38.95 -12.84 -14.40
CA LEU F 342 -40.23 -12.14 -14.31
C LEU F 342 -41.14 -12.42 -15.49
N LEU F 343 -40.60 -12.85 -16.63
CA LEU F 343 -41.45 -13.25 -17.75
C LEU F 343 -42.23 -14.52 -17.42
N ARG F 344 -41.58 -15.49 -16.79
CA ARG F 344 -42.28 -16.68 -16.34
C ARG F 344 -43.19 -16.37 -15.16
N LEU F 345 -42.83 -15.37 -14.35
CA LEU F 345 -43.67 -15.01 -13.21
C LEU F 345 -44.96 -14.33 -13.65
N LEU F 346 -44.87 -13.42 -14.62
CA LEU F 346 -46.03 -12.60 -15.01
C LEU F 346 -47.07 -13.38 -15.80
N ALA F 347 -46.69 -14.47 -16.44
CA ALA F 347 -47.63 -15.27 -17.22
C ALA F 347 -48.33 -16.34 -16.39
N GLY F 348 -48.11 -16.36 -15.08
CA GLY F 348 -48.71 -17.37 -14.24
C GLY F 348 -48.00 -18.69 -14.20
N LEU F 349 -46.81 -18.79 -14.80
CA LEU F 349 -46.07 -20.05 -14.79
C LEU F 349 -45.22 -20.22 -13.54
N ASN F 350 -45.35 -19.35 -12.55
CA ASN F 350 -44.81 -19.66 -11.24
C ASN F 350 -45.66 -20.74 -10.59
N ASP F 351 -45.09 -21.36 -9.54
CA ASP F 351 -45.51 -22.66 -9.03
C ASP F 351 -45.56 -23.66 -10.19
N GLU F 352 -44.37 -23.91 -10.74
CA GLU F 352 -44.21 -24.84 -11.85
C GLU F 352 -44.49 -26.24 -11.33
N SER F 353 -45.73 -26.67 -11.47
CA SER F 353 -46.15 -28.00 -11.09
C SER F 353 -47.03 -28.60 -12.18
N LEU F 354 -46.78 -28.21 -13.44
CA LEU F 354 -47.56 -28.70 -14.58
C LEU F 354 -47.37 -30.20 -14.77
N GLY F 355 -46.14 -30.68 -14.60
CA GLY F 355 -45.89 -32.11 -14.63
C GLY F 355 -46.53 -32.84 -13.46
N MET F 356 -46.62 -32.18 -12.30
CA MET F 356 -47.38 -32.75 -11.20
C MET F 356 -48.88 -32.68 -11.47
N ALA F 357 -49.34 -31.62 -12.15
CA ALA F 357 -50.76 -31.43 -12.38
C ALA F 357 -51.30 -32.42 -13.40
N VAL F 358 -50.50 -32.78 -14.41
CA VAL F 358 -51.00 -33.72 -15.41
C VAL F 358 -51.03 -35.15 -14.86
N ASN F 359 -50.13 -35.48 -13.93
CA ASN F 359 -50.25 -36.74 -13.20
C ASN F 359 -51.32 -36.68 -12.12
N ARG F 360 -51.77 -35.48 -11.75
CA ARG F 360 -52.94 -35.37 -10.89
C ARG F 360 -54.24 -35.61 -11.63
N GLN F 361 -54.23 -35.59 -12.97
CA GLN F 361 -55.41 -35.87 -13.78
C GLN F 361 -55.39 -37.29 -14.34
N SER F 362 -54.90 -38.26 -13.56
CA SER F 362 -55.01 -39.66 -13.95
C SER F 362 -56.32 -40.27 -13.47
N GLY F 363 -56.79 -39.87 -12.29
CA GLY F 363 -58.04 -40.36 -11.77
C GLY F 363 -59.25 -39.70 -12.41
N VAL F 364 -59.92 -40.44 -13.29
CA VAL F 364 -61.09 -39.94 -14.00
C VAL F 364 -62.26 -40.87 -13.72
N ALA F 365 -62.29 -41.44 -12.51
CA ALA F 365 -63.05 -42.65 -12.22
C ALA F 365 -64.56 -42.52 -12.37
N ILE F 366 -65.25 -41.83 -11.46
CA ILE F 366 -66.67 -41.54 -11.70
C ILE F 366 -66.95 -40.07 -11.44
N ALA F 367 -66.63 -39.59 -10.24
CA ALA F 367 -67.02 -38.26 -9.77
C ALA F 367 -65.76 -37.56 -9.29
N GLN F 368 -65.08 -36.87 -10.19
CA GLN F 368 -63.84 -36.21 -9.85
C GLN F 368 -63.91 -34.73 -10.18
N ARG F 369 -63.21 -33.94 -9.38
CA ARG F 369 -63.13 -32.50 -9.57
C ARG F 369 -61.93 -32.18 -10.45
N LYS F 370 -61.52 -30.91 -10.46
CA LYS F 370 -60.40 -30.49 -11.29
C LYS F 370 -59.07 -31.05 -10.78
N GLU F 371 -58.99 -31.40 -9.49
CA GLU F 371 -57.77 -31.85 -8.80
C GLU F 371 -56.66 -30.80 -8.97
N SER F 372 -56.87 -29.71 -8.25
CA SER F 372 -56.25 -28.42 -8.52
C SER F 372 -54.73 -28.44 -8.37
N GLY F 373 -54.06 -27.84 -9.36
CA GLY F 373 -52.65 -27.53 -9.28
C GLY F 373 -52.43 -26.02 -9.25
N LEU F 374 -52.15 -25.47 -10.43
CA LEU F 374 -51.81 -24.06 -10.60
C LEU F 374 -52.96 -23.13 -10.21
N MET F 375 -52.60 -21.88 -9.93
CA MET F 375 -53.57 -20.82 -9.70
C MET F 375 -53.47 -19.67 -10.69
N GLY F 376 -52.30 -19.44 -11.28
CA GLY F 376 -52.11 -18.26 -12.11
C GLY F 376 -52.76 -18.35 -13.47
N LEU F 377 -52.81 -19.57 -14.04
CA LEU F 377 -53.42 -19.77 -15.34
C LEU F 377 -54.89 -20.12 -15.27
N GLN F 378 -55.50 -20.06 -14.09
CA GLN F 378 -56.86 -20.54 -13.91
C GLN F 378 -57.90 -19.66 -14.57
N THR F 379 -57.58 -18.38 -14.81
CA THR F 379 -58.48 -17.52 -15.58
C THR F 379 -58.59 -17.97 -17.01
N PHE F 380 -57.46 -18.38 -17.61
CA PHE F 380 -57.45 -18.88 -18.97
C PHE F 380 -58.19 -20.21 -19.08
N LEU F 381 -57.99 -21.10 -18.11
CA LEU F 381 -58.69 -22.38 -18.09
C LEU F 381 -60.19 -22.18 -17.89
N LYS F 382 -60.57 -21.19 -17.09
CA LYS F 382 -61.99 -20.94 -16.85
C LYS F 382 -62.67 -20.35 -18.07
N ALA F 383 -61.97 -19.45 -18.79
CA ALA F 383 -62.52 -18.90 -20.02
C ALA F 383 -62.66 -19.98 -21.09
N THR F 384 -61.69 -20.90 -21.17
CA THR F 384 -61.80 -22.03 -22.08
C THR F 384 -62.96 -22.95 -21.69
N ASP F 385 -63.19 -23.15 -20.39
CA ASP F 385 -64.30 -23.97 -19.93
C ASP F 385 -65.64 -23.34 -20.30
N ASP F 386 -65.79 -22.02 -20.11
CA ASP F 386 -67.04 -21.35 -20.46
C ASP F 386 -67.29 -21.35 -21.96
N MET F 387 -66.24 -21.19 -22.77
CA MET F 387 -66.46 -21.26 -24.20
C MET F 387 -66.78 -22.69 -24.65
N ASP F 388 -66.21 -23.70 -23.99
CA ASP F 388 -66.58 -25.08 -24.31
C ASP F 388 -68.03 -25.36 -23.92
N ARG F 389 -68.51 -24.79 -22.81
CA ARG F 389 -69.89 -24.99 -22.42
C ARG F 389 -70.85 -24.34 -23.42
N LEU F 390 -70.51 -23.15 -23.91
CA LEU F 390 -71.34 -22.50 -24.93
C LEU F 390 -71.31 -23.27 -26.25
N ILE F 391 -70.13 -23.79 -26.62
CA ILE F 391 -69.97 -24.58 -27.85
C ILE F 391 -70.83 -25.84 -27.79
N PHE F 392 -70.81 -26.53 -26.65
CA PHE F 392 -71.58 -27.75 -26.56
C PHE F 392 -73.08 -27.51 -26.39
N ARG F 393 -73.46 -26.36 -25.82
CA ARG F 393 -74.87 -26.00 -25.82
C ARG F 393 -75.38 -25.78 -27.25
N LEU F 394 -74.59 -25.07 -28.08
CA LEU F 394 -74.99 -24.88 -29.46
C LEU F 394 -74.97 -26.18 -30.26
N ALA F 395 -74.02 -27.07 -29.95
CA ALA F 395 -73.94 -28.35 -30.66
C ALA F 395 -75.09 -29.27 -30.28
N VAL F 396 -75.50 -29.27 -29.01
CA VAL F 396 -76.67 -30.04 -28.59
C VAL F 396 -77.93 -29.47 -29.24
N SER F 397 -78.01 -28.14 -29.35
CA SER F 397 -79.16 -27.52 -30.00
C SER F 397 -79.21 -27.83 -31.50
N PHE F 398 -78.05 -28.02 -32.13
CA PHE F 398 -78.05 -28.45 -33.53
C PHE F 398 -78.40 -29.93 -33.69
N ILE F 399 -77.88 -30.78 -32.79
CA ILE F 399 -78.08 -32.22 -32.91
C ILE F 399 -79.54 -32.56 -32.62
N CYS F 400 -80.16 -31.92 -31.64
CA CYS F 400 -81.56 -32.16 -31.33
C CYS F 400 -82.51 -31.57 -32.36
N GLU F 401 -82.01 -30.85 -33.36
CA GLU F 401 -82.84 -30.20 -34.36
C GLU F 401 -82.66 -30.76 -35.77
N TYR F 402 -81.47 -31.22 -36.13
CA TYR F 402 -81.21 -31.65 -37.49
C TYR F 402 -81.00 -33.15 -37.65
N PHE F 403 -80.73 -33.88 -36.57
CA PHE F 403 -80.47 -35.30 -36.68
C PHE F 403 -81.79 -36.05 -36.81
N THR F 404 -81.98 -36.75 -37.91
CA THR F 404 -83.16 -37.57 -38.11
C THR F 404 -83.06 -38.85 -37.29
N LYS F 405 -84.13 -39.64 -37.31
CA LYS F 405 -84.16 -40.86 -36.52
C LYS F 405 -83.24 -41.92 -37.11
N GLU F 406 -83.23 -42.06 -38.45
CA GLU F 406 -82.31 -43.01 -39.06
C GLU F 406 -80.86 -42.53 -38.96
N GLN F 407 -80.65 -41.22 -38.89
CA GLN F 407 -79.32 -40.70 -38.65
C GLN F 407 -78.85 -41.03 -37.24
N VAL F 408 -79.78 -40.97 -36.27
CA VAL F 408 -79.44 -41.31 -34.89
C VAL F 408 -79.17 -42.81 -34.75
N PHE F 409 -79.99 -43.64 -35.38
CA PHE F 409 -79.85 -45.08 -35.24
C PHE F 409 -78.68 -45.65 -36.02
N LYS F 410 -78.03 -44.86 -36.88
CA LYS F 410 -76.79 -45.27 -37.50
C LYS F 410 -75.57 -44.99 -36.61
N ILE F 411 -75.73 -44.17 -35.59
CA ILE F 411 -74.62 -43.74 -34.74
C ILE F 411 -74.62 -44.49 -33.41
N VAL F 412 -75.78 -44.60 -32.77
CA VAL F 412 -75.87 -45.14 -31.44
C VAL F 412 -76.27 -46.61 -31.52
N ASP F 413 -76.17 -47.31 -30.40
CA ASP F 413 -76.55 -48.71 -30.33
C ASP F 413 -78.07 -48.85 -30.36
N LYS F 414 -78.52 -50.11 -30.45
CA LYS F 414 -79.96 -50.38 -30.51
C LYS F 414 -80.62 -50.11 -29.17
N LYS F 415 -79.93 -50.45 -28.07
CA LYS F 415 -80.50 -50.26 -26.74
C LYS F 415 -80.59 -48.79 -26.37
N LEU F 416 -79.58 -48.00 -26.76
CA LEU F 416 -79.60 -46.57 -26.46
C LEU F 416 -80.67 -45.85 -27.26
N GLY F 417 -80.99 -46.35 -28.45
CA GLY F 417 -82.07 -45.78 -29.24
C GLY F 417 -83.42 -46.21 -28.73
N ASP F 418 -83.54 -47.45 -28.28
CA ASP F 418 -84.82 -47.96 -27.81
C ASP F 418 -85.17 -47.46 -26.41
N ARG F 419 -84.19 -47.03 -25.62
CA ARG F 419 -84.51 -46.52 -24.29
C ARG F 419 -85.09 -45.11 -24.34
N TYR F 420 -84.78 -44.35 -25.39
CA TYR F 420 -85.27 -42.98 -25.47
C TYR F 420 -86.61 -42.88 -26.20
N PHE F 421 -86.76 -43.61 -27.31
CA PHE F 421 -88.01 -43.59 -28.08
C PHE F 421 -88.99 -44.63 -27.54
N LYS F 422 -89.40 -44.41 -26.29
CA LYS F 422 -90.31 -45.27 -25.51
C LYS F 422 -89.87 -46.73 -25.47
N ASP F 427 -93.01 -38.49 -29.17
CA ASP F 427 -91.84 -38.89 -29.94
C ASP F 427 -91.72 -38.07 -31.22
N ASP F 428 -92.56 -38.41 -32.19
CA ASP F 428 -92.68 -37.72 -33.49
C ASP F 428 -91.36 -37.71 -34.27
N ASN F 429 -90.57 -38.77 -34.11
CA ASN F 429 -89.35 -39.03 -34.88
C ASN F 429 -88.30 -37.93 -34.75
N LYS F 430 -88.25 -37.27 -33.59
CA LYS F 430 -87.30 -36.19 -33.37
C LYS F 430 -86.91 -36.16 -31.90
N ILE F 431 -85.63 -35.92 -31.64
CA ILE F 431 -85.16 -35.75 -30.27
C ILE F 431 -85.64 -34.41 -29.75
N ARG F 432 -86.45 -34.44 -28.68
CA ARG F 432 -87.05 -33.25 -28.10
C ARG F 432 -86.63 -33.12 -26.65
N PRO F 433 -85.45 -32.55 -26.39
CA PRO F 433 -85.06 -32.30 -25.00
C PRO F 433 -85.74 -31.05 -24.46
N LEU F 434 -86.09 -31.11 -23.18
CA LEU F 434 -86.74 -30.00 -22.53
C LEU F 434 -85.69 -29.01 -22.02
N LYS F 435 -86.12 -28.03 -21.23
CA LYS F 435 -85.18 -27.02 -20.74
C LYS F 435 -84.45 -27.51 -19.50
N PHE F 436 -85.18 -28.05 -18.53
CA PHE F 436 -84.58 -28.54 -17.29
C PHE F 436 -84.38 -30.05 -17.38
N ASP F 437 -83.51 -30.44 -18.29
CA ASP F 437 -83.28 -31.88 -18.48
C ASP F 437 -81.81 -32.26 -18.38
N LEU F 438 -80.90 -31.41 -18.84
CA LEU F 438 -79.50 -31.77 -18.96
C LEU F 438 -78.62 -30.86 -18.13
N ILE F 439 -77.53 -31.42 -17.62
CA ILE F 439 -76.51 -30.71 -16.87
C ILE F 439 -75.18 -30.92 -17.57
N LEU F 440 -74.49 -29.82 -17.87
CA LEU F 440 -73.23 -29.87 -18.60
C LEU F 440 -72.08 -30.01 -17.61
N LYS F 441 -71.33 -31.11 -17.72
CA LYS F 441 -70.18 -31.36 -16.86
C LYS F 441 -68.94 -31.53 -17.72
N SER F 442 -67.90 -30.76 -17.42
CA SER F 442 -66.67 -30.85 -18.19
C SER F 442 -65.78 -31.98 -17.67
N GLN F 443 -65.09 -32.63 -18.60
CA GLN F 443 -64.16 -33.70 -18.26
C GLN F 443 -63.09 -33.76 -19.34
N LEU F 444 -62.17 -34.70 -19.18
CA LEU F 444 -61.12 -34.87 -20.19
C LEU F 444 -61.69 -35.57 -21.41
N LYS F 445 -61.20 -35.19 -22.58
CA LYS F 445 -61.67 -35.77 -23.83
C LYS F 445 -61.14 -37.19 -23.96
N THR F 446 -62.02 -38.16 -23.79
CA THR F 446 -61.67 -39.56 -23.94
C THR F 446 -62.75 -40.26 -24.74
N GLU F 447 -62.38 -41.42 -25.31
CA GLU F 447 -63.33 -42.20 -26.09
C GLU F 447 -64.29 -42.91 -25.15
N SER F 448 -65.48 -43.24 -25.67
CA SER F 448 -66.59 -43.68 -24.81
C SER F 448 -66.35 -45.07 -24.25
N ARG F 449 -65.73 -45.96 -25.03
CA ARG F 449 -65.49 -47.32 -24.54
C ARG F 449 -64.45 -47.36 -23.45
N ASP F 450 -63.44 -46.47 -23.51
CA ASP F 450 -62.43 -46.43 -22.46
C ASP F 450 -63.01 -45.89 -21.15
N GLU F 451 -63.84 -44.86 -21.25
CA GLU F 451 -64.52 -44.32 -20.07
C GLU F 451 -65.47 -45.34 -19.46
N LYS F 452 -66.22 -46.07 -20.30
CA LYS F 452 -67.09 -47.11 -19.80
C LYS F 452 -66.30 -48.27 -19.18
N TRP F 453 -65.11 -48.57 -19.73
CA TRP F 453 -64.27 -49.60 -19.17
C TRP F 453 -63.75 -49.23 -17.80
N TYR F 454 -63.33 -47.97 -17.63
CA TYR F 454 -62.85 -47.51 -16.33
C TYR F 454 -63.98 -47.47 -15.30
N ASN F 455 -65.18 -47.07 -15.73
CA ASN F 455 -66.32 -47.06 -14.82
C ASN F 455 -66.74 -48.48 -14.43
N TRP F 456 -66.67 -49.42 -15.38
CA TRP F 456 -66.96 -50.81 -15.07
C TRP F 456 -65.94 -51.39 -14.10
N ASN F 457 -64.66 -51.01 -14.26
CA ASN F 457 -63.61 -51.51 -13.37
C ASN F 457 -63.78 -51.00 -11.95
N GLU F 458 -64.05 -49.69 -11.80
CA GLU F 458 -64.24 -49.17 -10.45
C GLU F 458 -65.54 -49.67 -9.83
N LEU F 459 -66.57 -49.89 -10.65
CA LEU F 459 -67.82 -50.40 -10.10
C LEU F 459 -67.69 -51.86 -9.65
N LEU F 460 -66.95 -52.67 -10.39
CA LEU F 460 -66.72 -54.04 -9.93
C LEU F 460 -65.77 -54.11 -8.76
N LYS F 461 -64.86 -53.14 -8.61
CA LYS F 461 -64.05 -53.13 -7.41
C LYS F 461 -64.77 -52.54 -6.21
N ILE F 462 -65.87 -51.80 -6.43
CA ILE F 462 -66.68 -51.31 -5.33
C ILE F 462 -67.67 -52.36 -4.87
N LEU F 463 -68.35 -53.01 -5.82
CA LEU F 463 -69.43 -53.95 -5.52
C LEU F 463 -68.94 -55.32 -5.08
N ALA F 464 -67.62 -55.54 -4.97
CA ALA F 464 -67.15 -56.87 -4.61
C ALA F 464 -67.40 -57.23 -3.14
N PRO F 465 -67.08 -56.37 -2.12
CA PRO F 465 -67.39 -56.80 -0.74
C PRO F 465 -68.86 -56.66 -0.37
N ILE F 466 -69.54 -55.66 -0.90
CA ILE F 466 -70.87 -55.34 -0.39
C ILE F 466 -71.95 -56.27 -0.96
N ARG F 467 -71.81 -56.70 -2.21
CA ARG F 467 -72.80 -57.59 -2.82
C ARG F 467 -72.12 -58.41 -3.90
N PRO F 468 -71.65 -59.62 -3.56
CA PRO F 468 -70.85 -60.40 -4.51
C PRO F 468 -71.67 -61.05 -5.62
N ASP F 469 -72.92 -61.43 -5.34
CA ASP F 469 -73.72 -62.15 -6.32
C ASP F 469 -74.11 -61.30 -7.51
N LEU F 470 -74.05 -59.97 -7.38
CA LEU F 470 -74.25 -59.09 -8.52
C LEU F 470 -73.06 -59.08 -9.47
N VAL F 471 -71.87 -59.44 -8.99
CA VAL F 471 -70.64 -59.30 -9.77
C VAL F 471 -70.53 -60.26 -10.97
N PRO F 472 -70.76 -61.58 -10.88
CA PRO F 472 -70.56 -62.41 -12.08
C PRO F 472 -71.63 -62.25 -13.15
N SER F 473 -72.71 -61.52 -12.87
CA SER F 473 -73.69 -61.21 -13.90
C SER F 473 -73.36 -59.92 -14.64
N LEU F 474 -72.29 -59.23 -14.26
CA LEU F 474 -71.93 -57.96 -14.89
C LEU F 474 -70.77 -58.09 -15.87
N VAL F 475 -69.98 -59.15 -15.78
CA VAL F 475 -68.77 -59.29 -16.60
C VAL F 475 -69.00 -59.50 -18.10
N PRO F 476 -70.11 -60.09 -18.61
CA PRO F 476 -70.34 -59.93 -20.05
C PRO F 476 -70.70 -58.50 -20.44
N LEU F 477 -71.43 -57.79 -19.59
CA LEU F 477 -71.73 -56.39 -19.86
C LEU F 477 -70.49 -55.52 -19.71
N MET F 478 -69.53 -55.95 -18.89
CA MET F 478 -68.25 -55.26 -18.84
C MET F 478 -67.41 -55.55 -20.07
N LEU F 479 -67.35 -56.81 -20.49
CA LEU F 479 -66.51 -57.20 -21.60
C LEU F 479 -67.06 -56.76 -22.95
N ASN F 480 -68.36 -56.47 -23.04
CA ASN F 480 -68.90 -55.90 -24.27
C ASN F 480 -68.41 -54.47 -24.50
N ASP F 481 -67.97 -53.77 -23.45
CA ASP F 481 -67.51 -52.40 -23.54
C ASP F 481 -65.98 -52.31 -23.50
N MET F 482 -65.29 -53.27 -24.10
CA MET F 482 -63.84 -53.32 -24.11
C MET F 482 -63.34 -53.02 -25.52
N ASP F 483 -62.32 -52.16 -25.61
CA ASP F 483 -61.76 -51.73 -26.89
C ASP F 483 -60.59 -52.62 -27.33
N SER F 484 -60.41 -53.74 -26.68
CA SER F 484 -59.31 -54.64 -26.99
C SER F 484 -59.61 -55.43 -28.28
N PRO F 485 -58.57 -55.78 -29.04
CA PRO F 485 -58.79 -56.63 -30.22
C PRO F 485 -59.14 -58.07 -29.90
N ILE F 486 -58.96 -58.51 -28.65
CA ILE F 486 -59.32 -59.89 -28.28
C ILE F 486 -60.78 -60.03 -27.88
N THR F 487 -61.58 -58.97 -28.01
CA THR F 487 -62.93 -58.94 -27.48
C THR F 487 -63.86 -59.91 -28.20
N ASN F 488 -63.72 -60.01 -29.53
CA ASN F 488 -64.57 -60.91 -30.31
C ASN F 488 -64.29 -62.37 -30.03
N ASP F 489 -63.12 -62.68 -29.48
CA ASP F 489 -62.82 -64.04 -29.03
C ASP F 489 -63.35 -64.31 -27.65
N VAL F 490 -63.24 -63.34 -26.74
CA VAL F 490 -63.70 -63.50 -25.36
C VAL F 490 -65.22 -63.63 -25.31
N LEU F 491 -65.92 -62.90 -26.18
CA LEU F 491 -67.38 -62.96 -26.17
C LEU F 491 -67.89 -64.31 -26.66
N GLU F 492 -67.28 -64.88 -27.71
CA GLU F 492 -67.71 -66.19 -28.15
C GLU F 492 -67.23 -67.29 -27.20
N ALA F 493 -66.14 -67.05 -26.47
CA ALA F 493 -65.75 -67.98 -25.42
C ALA F 493 -66.76 -67.99 -24.28
N ILE F 494 -67.28 -66.82 -23.92
CA ILE F 494 -68.33 -66.72 -22.90
C ILE F 494 -69.60 -67.41 -23.37
N GLN F 495 -69.96 -67.23 -24.65
CA GLN F 495 -71.15 -67.87 -25.20
C GLN F 495 -71.01 -69.39 -25.23
N ASN F 496 -69.83 -69.89 -25.58
CA ASN F 496 -69.60 -71.34 -25.60
C ASN F 496 -69.60 -71.92 -24.20
N ALA F 497 -69.04 -71.19 -23.22
CA ALA F 497 -69.04 -71.66 -21.84
C ALA F 497 -70.46 -71.68 -21.26
N ASN F 498 -71.26 -70.67 -21.58
CA ASN F 498 -72.64 -70.63 -21.10
C ASN F 498 -73.49 -71.71 -21.77
N ALA F 499 -73.24 -71.98 -23.06
CA ALA F 499 -73.94 -73.05 -23.75
C ALA F 499 -73.59 -74.41 -23.18
N LEU F 500 -72.30 -74.63 -22.88
CA LEU F 500 -71.89 -75.89 -22.28
C LEU F 500 -72.45 -76.06 -20.87
N GLN F 501 -72.51 -74.96 -20.11
CA GLN F 501 -73.02 -75.02 -18.75
C GLN F 501 -74.52 -75.32 -18.73
N GLN F 502 -75.29 -74.64 -19.58
CA GLN F 502 -76.73 -74.92 -19.63
C GLN F 502 -77.02 -76.28 -20.26
N GLN F 503 -76.12 -76.76 -21.14
CA GLN F 503 -76.28 -78.10 -21.71
C GLN F 503 -76.06 -79.17 -20.65
N ASN F 504 -75.02 -79.02 -19.83
CA ASN F 504 -74.78 -79.95 -18.73
C ASN F 504 -75.89 -79.88 -17.69
N ALA F 505 -76.44 -78.69 -17.43
CA ALA F 505 -77.52 -78.54 -16.47
C ALA F 505 -78.80 -79.22 -16.96
N GLU F 506 -79.18 -79.00 -18.21
CA GLU F 506 -80.35 -79.65 -18.75
C GLU F 506 -80.14 -81.13 -19.04
N ALA F 507 -78.88 -81.59 -19.10
CA ALA F 507 -78.62 -83.02 -19.21
C ALA F 507 -78.69 -83.72 -17.86
N ASN F 508 -78.30 -83.05 -16.78
CA ASN F 508 -78.29 -83.66 -15.46
C ASN F 508 -79.58 -83.44 -14.68
N ALA F 509 -80.45 -82.51 -15.12
CA ALA F 509 -81.72 -82.23 -14.44
C ALA F 509 -82.72 -83.38 -14.30
N PRO F 510 -82.87 -84.33 -15.26
CA PRO F 510 -83.77 -85.47 -14.98
C PRO F 510 -83.33 -86.35 -13.82
N TYR F 511 -82.02 -86.54 -13.63
CA TYR F 511 -81.53 -87.28 -12.48
C TYR F 511 -81.84 -86.53 -11.17
N ASN F 512 -81.75 -85.20 -11.19
CA ASN F 512 -82.04 -84.41 -10.00
C ASN F 512 -83.52 -84.47 -9.64
N GLN F 513 -84.41 -84.34 -10.63
CA GLN F 513 -85.84 -84.43 -10.30
C GLN F 513 -86.25 -85.85 -9.95
N GLN F 514 -85.55 -86.87 -10.48
CA GLN F 514 -85.78 -88.24 -10.07
C GLN F 514 -85.40 -88.45 -8.60
N ILE F 515 -84.26 -87.90 -8.19
CA ILE F 515 -83.83 -87.99 -6.80
C ILE F 515 -84.80 -87.24 -5.88
N GLN F 516 -85.32 -86.09 -6.35
CA GLN F 516 -86.28 -85.32 -5.56
C GLN F 516 -87.58 -86.11 -5.34
N ALA F 517 -88.15 -86.65 -6.42
CA ALA F 517 -89.39 -87.44 -6.31
C ALA F 517 -89.17 -88.69 -5.47
N LEU F 518 -87.99 -89.29 -5.58
CA LEU F 518 -87.72 -90.52 -4.83
C LEU F 518 -87.56 -90.24 -3.34
N GLN F 519 -86.96 -89.10 -2.99
CA GLN F 519 -86.86 -88.71 -1.59
C GLN F 519 -88.23 -88.35 -1.02
N ILE F 520 -89.09 -87.73 -1.84
CA ILE F 520 -90.46 -87.45 -1.43
C ILE F 520 -91.23 -88.73 -1.15
N GLN F 521 -91.06 -89.73 -2.02
CA GLN F 521 -91.71 -91.02 -1.82
C GLN F 521 -91.16 -91.75 -0.59
N LYS F 522 -89.87 -91.60 -0.30
CA LYS F 522 -89.30 -92.20 0.91
C LYS F 522 -89.86 -91.54 2.17
N LEU F 523 -89.96 -90.22 2.16
CA LEU F 523 -90.48 -89.53 3.32
C LEU F 523 -91.99 -89.76 3.50
N GLN F 524 -92.72 -90.07 2.42
CA GLN F 524 -94.12 -90.50 2.57
C GLN F 524 -94.24 -91.94 3.05
N ALA F 525 -93.31 -92.80 2.63
CA ALA F 525 -93.30 -94.18 3.09
C ALA F 525 -93.02 -94.26 4.58
N GLU F 526 -92.22 -93.32 5.10
CA GLU F 526 -92.02 -93.24 6.54
C GLU F 526 -93.30 -92.87 7.27
N ILE F 527 -94.13 -91.99 6.66
CA ILE F 527 -95.42 -91.62 7.26
C ILE F 527 -96.32 -92.83 7.37
N MET F 528 -96.49 -93.55 6.25
CA MET F 528 -97.41 -94.69 6.27
C MET F 528 -96.87 -95.83 7.13
N GLU F 529 -95.54 -95.95 7.24
CA GLU F 529 -94.95 -96.98 8.09
C GLU F 529 -95.22 -96.70 9.56
N LEU F 530 -94.97 -95.46 10.00
CA LEU F 530 -95.19 -95.12 11.41
C LEU F 530 -96.68 -95.12 11.77
N GLN F 531 -97.54 -94.73 10.82
CA GLN F 531 -98.97 -94.77 11.08
C GLN F 531 -99.47 -96.21 11.19
N ALA F 532 -98.93 -97.11 10.37
CA ALA F 532 -99.32 -98.52 10.48
C ALA F 532 -98.81 -99.14 11.77
N LYS F 533 -97.61 -98.76 12.21
CA LYS F 533 -97.10 -99.24 13.49
C LYS F 533 -97.94 -98.75 14.66
N ALA F 534 -98.35 -97.48 14.62
CA ALA F 534 -99.23 -96.93 15.65
C ALA F 534 -100.59 -97.62 15.66
N HIS F 535 -101.11 -97.93 14.47
CA HIS F 535 -102.40 -98.61 14.38
C HIS F 535 -102.32 -100.03 14.94
N LYS F 536 -101.26 -100.78 14.59
CA LYS F 536 -101.17 -102.16 15.09
C LYS F 536 -100.87 -102.19 16.58
N TYR F 537 -100.13 -101.20 17.10
CA TYR F 537 -99.89 -101.17 18.54
C TYR F 537 -101.15 -100.80 19.31
N ALA F 538 -101.96 -99.90 18.75
CA ALA F 538 -103.22 -99.54 19.40
C ALA F 538 -104.20 -100.71 19.40
N GLU F 539 -104.26 -101.47 18.30
CA GLU F 539 -105.16 -102.62 18.29
C GLU F 539 -104.65 -103.76 19.16
N GLN F 540 -103.32 -103.88 19.33
CA GLN F 540 -102.79 -104.85 20.28
C GLN F 540 -103.12 -104.44 21.71
N GLY F 541 -103.10 -103.14 22.01
CA GLY F 541 -103.51 -102.69 23.33
C GLY F 541 -104.98 -102.91 23.60
N ALA F 542 -105.82 -102.74 22.56
CA ALA F 542 -107.25 -103.01 22.72
C ALA F 542 -107.52 -104.51 22.92
N LEU F 543 -106.76 -105.35 22.20
CA LEU F 543 -106.85 -106.80 22.40
C LEU F 543 -106.44 -107.19 23.81
N SER F 544 -105.39 -106.55 24.33
CA SER F 544 -104.96 -106.82 25.70
C SER F 544 -105.98 -106.37 26.72
N GLN F 545 -106.67 -105.25 26.44
CA GLN F 545 -107.75 -104.78 27.30
C GLN F 545 -108.91 -105.77 27.31
N THR F 546 -109.26 -106.32 26.14
CA THR F 546 -110.39 -107.24 26.07
C THR F 546 -110.08 -108.57 26.75
N THR F 547 -108.85 -109.08 26.59
CA THR F 547 -108.53 -110.33 27.27
C THR F 547 -108.32 -110.12 28.77
N ASN F 548 -107.93 -108.92 29.18
CA ASN F 548 -107.94 -108.56 30.60
C ASN F 548 -109.37 -108.58 31.15
N GLU F 549 -110.33 -108.08 30.38
CA GLU F 549 -111.73 -108.10 30.79
C GLU F 549 -112.27 -109.53 30.87
N SER F 550 -111.84 -110.40 29.96
CA SER F 550 -112.30 -111.79 30.00
C SER F 550 -111.70 -112.55 31.18
N GLU F 551 -110.43 -112.28 31.49
CA GLU F 551 -109.83 -112.88 32.69
C GLU F 551 -110.49 -112.35 33.97
N LYS F 552 -110.91 -111.08 33.95
CA LYS F 552 -111.65 -110.53 35.08
C LYS F 552 -113.01 -111.20 35.25
N ILE F 553 -113.69 -111.49 34.14
CA ILE F 553 -114.98 -112.19 34.20
C ILE F 553 -114.79 -113.64 34.65
N ASN F 554 -113.67 -114.26 34.24
CA ASN F 554 -113.34 -115.60 34.70
C ASN F 554 -113.09 -115.63 36.21
N GLN F 555 -112.44 -114.59 36.74
CA GLN F 555 -112.25 -114.50 38.19
C GLN F 555 -113.58 -114.22 38.90
N ALA F 556 -114.42 -113.37 38.32
CA ALA F 556 -115.69 -113.01 38.93
C ALA F 556 -116.69 -114.15 38.92
N VAL F 557 -116.51 -115.13 38.04
CA VAL F 557 -117.31 -116.35 38.15
C VAL F 557 -116.59 -117.45 38.92
N ALA F 558 -115.26 -117.40 39.03
CA ALA F 558 -114.55 -118.41 39.81
C ALA F 558 -114.71 -118.16 41.30
N ILE F 559 -114.94 -116.91 41.70
CA ILE F 559 -115.20 -116.63 43.11
C ILE F 559 -116.56 -117.18 43.53
N THR F 560 -117.52 -117.28 42.60
CA THR F 560 -118.80 -117.89 42.93
C THR F 560 -118.80 -119.40 42.70
N GLU F 561 -117.91 -119.90 41.83
CA GLU F 561 -117.73 -121.35 41.75
C GLU F 561 -117.01 -121.89 42.97
N MET F 562 -116.18 -121.07 43.62
CA MET F 562 -115.57 -121.47 44.88
C MET F 562 -116.61 -121.50 45.99
N GLN F 563 -117.39 -120.44 46.12
CA GLN F 563 -118.45 -120.39 47.13
C GLN F 563 -119.82 -120.54 46.46
N MET G 1 -90.83 9.93 -6.50
CA MET G 1 -91.95 9.39 -7.26
C MET G 1 -92.22 10.20 -8.52
N ASP G 2 -91.74 11.43 -8.55
CA ASP G 2 -91.68 12.24 -9.76
C ASP G 2 -90.23 12.59 -10.07
N PHE G 3 -90.04 13.39 -11.11
CA PHE G 3 -88.71 13.62 -11.66
C PHE G 3 -87.84 14.48 -10.75
N THR G 4 -88.46 15.33 -9.91
CA THR G 4 -87.70 16.29 -9.12
C THR G 4 -86.89 15.62 -8.02
N THR G 5 -87.54 14.81 -7.18
CA THR G 5 -86.79 14.16 -6.11
C THR G 5 -85.91 13.05 -6.66
N LEU G 6 -86.28 12.44 -7.78
CA LEU G 6 -85.42 11.44 -8.41
C LEU G 6 -84.11 12.07 -8.89
N GLN G 7 -84.20 13.25 -9.52
CA GLN G 7 -83.00 13.93 -9.97
C GLN G 7 -82.17 14.45 -8.79
N ASN G 8 -82.84 14.98 -7.76
CA ASN G 8 -82.11 15.51 -6.63
C ASN G 8 -81.42 14.42 -5.81
N ASP G 9 -82.11 13.30 -5.57
CA ASP G 9 -81.49 12.21 -4.84
C ASP G 9 -80.44 11.49 -5.66
N PHE G 10 -80.60 11.44 -7.00
CA PHE G 10 -79.54 10.89 -7.82
C PHE G 10 -78.30 11.77 -7.81
N THR G 11 -78.49 13.10 -7.77
CA THR G 11 -77.36 14.01 -7.68
C THR G 11 -76.65 13.87 -6.33
N ASN G 12 -77.43 13.78 -5.25
CA ASN G 12 -76.85 13.62 -3.91
C ASN G 12 -76.13 12.28 -3.76
N ASP G 13 -76.65 11.23 -4.41
CA ASP G 13 -76.00 9.94 -4.30
C ASP G 13 -74.78 9.84 -5.22
N TYR G 14 -74.80 10.51 -6.37
CA TYR G 14 -73.70 10.42 -7.31
C TYR G 14 -72.53 11.28 -6.88
N GLN G 15 -72.80 12.46 -6.30
CA GLN G 15 -71.70 13.32 -5.88
C GLN G 15 -70.99 12.79 -4.65
N LYS G 16 -71.70 12.08 -3.77
CA LYS G 16 -71.10 11.51 -2.57
C LYS G 16 -70.47 10.16 -2.82
N ALA G 17 -70.59 9.61 -4.03
CA ALA G 17 -69.96 8.34 -4.39
C ALA G 17 -69.00 8.50 -5.57
N LEU G 18 -68.57 9.73 -5.85
CA LEU G 18 -67.65 9.97 -6.95
C LEU G 18 -66.21 9.71 -6.55
N ILE G 19 -65.85 9.97 -5.28
CA ILE G 19 -64.49 9.80 -4.82
C ILE G 19 -64.13 8.32 -4.70
N ALA G 20 -65.12 7.44 -4.58
CA ALA G 20 -64.86 6.01 -4.56
C ALA G 20 -64.94 5.39 -5.95
N ASN G 21 -65.81 5.91 -6.82
CA ASN G 21 -65.86 5.42 -8.19
C ASN G 21 -64.62 5.83 -8.98
N ASN G 22 -64.04 7.00 -8.65
CA ASN G 22 -62.79 7.40 -9.28
C ASN G 22 -61.65 6.46 -8.86
N GLU G 23 -61.63 6.04 -7.60
CA GLU G 23 -60.62 5.09 -7.16
C GLU G 23 -60.86 3.70 -7.74
N PHE G 24 -62.13 3.34 -7.97
CA PHE G 24 -62.44 2.09 -8.64
C PHE G 24 -61.93 2.08 -10.07
N LEU G 25 -62.14 3.19 -10.79
CA LEU G 25 -61.66 3.28 -12.17
C LEU G 25 -60.14 3.35 -12.23
N GLU G 26 -59.52 4.01 -11.24
CA GLU G 26 -58.06 3.97 -11.12
C GLU G 26 -57.55 2.55 -10.89
N ALA G 27 -58.24 1.79 -10.05
CA ALA G 27 -57.83 0.41 -9.77
C ALA G 27 -57.99 -0.49 -10.98
N LYS G 28 -59.07 -0.29 -11.75
CA LYS G 28 -59.26 -1.07 -12.97
C LYS G 28 -58.28 -0.65 -14.06
N LYS G 29 -57.83 0.61 -14.05
CA LYS G 29 -56.80 1.02 -15.00
C LYS G 29 -55.44 0.46 -14.62
N TYR G 30 -55.14 0.42 -13.32
CA TYR G 30 -53.88 -0.16 -12.85
C TYR G 30 -53.85 -1.67 -13.07
N TYR G 31 -55.01 -2.32 -13.01
CA TYR G 31 -55.05 -3.76 -13.27
C TYR G 31 -54.81 -4.08 -14.73
N ASN G 32 -55.16 -3.17 -15.64
CA ASN G 32 -55.06 -3.41 -17.07
C ASN G 32 -53.86 -2.72 -17.71
N GLY G 33 -52.75 -2.60 -16.97
CA GLY G 33 -51.50 -2.13 -17.50
C GLY G 33 -51.29 -0.63 -17.39
N ASN G 34 -52.36 0.16 -17.35
CA ASN G 34 -52.21 1.61 -17.28
C ASN G 34 -51.78 2.04 -15.89
N GLN G 35 -50.48 1.96 -15.61
CA GLN G 35 -49.95 2.23 -14.28
C GLN G 35 -49.11 3.50 -14.19
N LEU G 36 -48.69 4.06 -15.32
CA LEU G 36 -47.87 5.25 -15.18
C LEU G 36 -48.70 6.50 -15.41
N PRO G 37 -48.41 7.59 -14.69
CA PRO G 37 -49.11 8.85 -14.94
C PRO G 37 -48.70 9.50 -16.25
N GLN G 38 -49.36 10.60 -16.62
CA GLN G 38 -49.08 11.24 -17.90
C GLN G 38 -47.75 11.99 -17.87
N ASP G 39 -47.45 12.67 -16.76
CA ASP G 39 -46.20 13.42 -16.66
C ASP G 39 -45.00 12.50 -16.56
N VAL G 40 -45.14 11.35 -15.89
CA VAL G 40 -44.05 10.39 -15.81
C VAL G 40 -43.81 9.76 -17.19
N LEU G 41 -44.88 9.50 -17.93
CA LEU G 41 -44.75 9.00 -19.30
C LEU G 41 -44.08 10.02 -20.21
N ASN G 42 -44.40 11.30 -20.03
CA ASN G 42 -43.76 12.34 -20.82
C ASN G 42 -42.28 12.47 -20.47
N ILE G 43 -41.94 12.39 -19.17
CA ILE G 43 -40.55 12.50 -18.72
C ILE G 43 -39.73 11.32 -19.25
N ILE G 44 -40.34 10.13 -19.29
CA ILE G 44 -39.65 8.97 -19.84
C ILE G 44 -39.48 9.09 -21.35
N LEU G 45 -40.52 9.54 -22.06
CA LEU G 45 -40.46 9.60 -23.52
C LEU G 45 -39.63 10.77 -24.03
N GLU G 46 -39.39 11.79 -23.21
CA GLU G 46 -38.53 12.89 -23.64
C GLU G 46 -37.06 12.50 -23.64
N ARG G 47 -36.67 11.50 -22.85
CA ARG G 47 -35.30 11.01 -22.86
C ARG G 47 -35.07 9.92 -23.89
N GLY G 48 -36.07 9.60 -24.71
CA GLY G 48 -35.92 8.51 -25.66
C GLY G 48 -35.92 7.14 -25.03
N GLN G 49 -36.52 7.01 -23.85
CA GLN G 49 -36.54 5.76 -23.11
C GLN G 49 -37.90 5.08 -23.30
N THR G 50 -37.87 3.76 -23.39
CA THR G 50 -39.10 2.99 -23.48
C THR G 50 -39.64 2.75 -22.08
N PRO G 51 -40.87 3.18 -21.76
CA PRO G 51 -41.40 2.97 -20.41
C PRO G 51 -41.78 1.51 -20.18
N ILE G 52 -41.13 0.90 -19.20
CA ILE G 52 -41.40 -0.48 -18.84
C ILE G 52 -42.30 -0.51 -17.61
N ILE G 53 -43.41 -1.23 -17.71
CA ILE G 53 -44.40 -1.30 -16.65
C ILE G 53 -44.42 -2.74 -16.15
N GLU G 54 -44.02 -2.92 -14.89
CA GLU G 54 -44.05 -4.23 -14.26
C GLU G 54 -45.39 -4.38 -13.56
N ASN G 55 -46.29 -5.17 -14.14
CA ASN G 55 -47.62 -5.36 -13.59
C ASN G 55 -47.58 -6.47 -12.54
N MET G 56 -46.93 -6.15 -11.43
CA MET G 56 -46.61 -7.14 -10.42
C MET G 56 -47.81 -7.52 -9.55
N PHE G 57 -48.86 -6.68 -9.52
CA PHE G 57 -50.03 -7.03 -8.73
C PHE G 57 -51.15 -7.65 -9.55
N LYS G 58 -51.04 -7.68 -10.88
CA LYS G 58 -52.00 -8.42 -11.68
C LYS G 58 -51.87 -9.91 -11.45
N VAL G 59 -50.63 -10.39 -11.25
CA VAL G 59 -50.44 -11.82 -10.99
C VAL G 59 -50.89 -12.16 -9.57
N ILE G 60 -50.88 -11.20 -8.65
CA ILE G 60 -51.37 -11.43 -7.30
C ILE G 60 -52.88 -11.62 -7.31
N VAL G 61 -53.58 -10.71 -7.99
CA VAL G 61 -55.04 -10.80 -8.14
C VAL G 61 -55.40 -12.06 -8.93
N ASN G 62 -54.59 -12.41 -9.93
CA ASN G 62 -54.83 -13.62 -10.70
C ASN G 62 -54.63 -14.87 -9.85
N LYS G 63 -53.70 -14.84 -8.90
CA LYS G 63 -53.51 -15.98 -8.01
C LYS G 63 -54.69 -16.15 -7.04
N ILE G 64 -55.16 -15.04 -6.46
CA ILE G 64 -56.30 -15.11 -5.54
C ILE G 64 -57.56 -15.52 -6.28
N LEU G 65 -57.77 -14.96 -7.48
CA LEU G 65 -58.94 -15.35 -8.27
C LEU G 65 -58.81 -16.77 -8.82
N GLY G 66 -57.59 -17.25 -9.01
CA GLY G 66 -57.41 -18.65 -9.39
C GLY G 66 -57.70 -19.59 -8.25
N TYR G 67 -57.45 -19.15 -7.02
CA TYR G 67 -57.95 -19.91 -5.87
C TYR G 67 -59.47 -19.89 -5.82
N LYS G 68 -60.07 -18.74 -6.14
CA LYS G 68 -61.52 -18.63 -6.02
C LYS G 68 -62.29 -19.27 -7.18
N ILE G 69 -61.64 -19.50 -8.32
CA ILE G 69 -62.33 -20.08 -9.47
C ILE G 69 -62.73 -21.52 -9.19
N GLU G 70 -61.81 -22.29 -8.62
CA GLU G 70 -62.08 -23.69 -8.36
C GLU G 70 -62.76 -23.90 -7.01
N SER G 71 -62.63 -22.94 -6.09
CA SER G 71 -63.41 -22.97 -4.85
C SER G 71 -64.66 -22.11 -4.95
N ILE G 72 -65.47 -22.33 -5.97
CA ILE G 72 -66.75 -21.64 -6.10
C ILE G 72 -67.72 -22.25 -5.10
N SER G 73 -68.29 -21.41 -4.24
CA SER G 73 -69.14 -21.87 -3.15
C SER G 73 -70.59 -21.82 -3.58
N GLU G 74 -71.30 -22.92 -3.36
CA GLU G 74 -72.75 -22.97 -3.45
C GLU G 74 -73.31 -23.03 -2.03
N ILE G 75 -74.60 -22.80 -1.92
CA ILE G 75 -75.30 -22.84 -0.65
C ILE G 75 -76.32 -23.97 -0.71
N ARG G 76 -76.18 -24.94 0.16
CA ARG G 76 -77.18 -25.98 0.33
C ARG G 76 -78.06 -25.66 1.53
N LEU G 77 -79.25 -26.24 1.53
CA LEU G 77 -80.24 -25.98 2.56
C LEU G 77 -80.41 -27.21 3.42
N SER G 78 -80.52 -27.00 4.73
CA SER G 78 -80.68 -28.05 5.70
C SER G 78 -81.96 -27.86 6.48
N PRO G 79 -82.64 -28.93 6.87
CA PRO G 79 -83.88 -28.77 7.63
C PRO G 79 -83.60 -28.39 9.08
N LYS G 80 -84.45 -27.51 9.61
CA LYS G 80 -84.40 -27.20 11.03
C LYS G 80 -85.07 -28.30 11.84
N GLN G 81 -86.34 -28.56 11.55
CA GLN G 81 -87.05 -29.68 12.16
C GLN G 81 -86.88 -30.92 11.29
N GLU G 82 -87.44 -32.05 11.75
CA GLU G 82 -87.39 -33.28 10.97
C GLU G 82 -88.36 -33.27 9.80
N GLU G 83 -89.45 -32.51 9.89
CA GLU G 83 -90.45 -32.46 8.84
C GLU G 83 -90.07 -31.52 7.70
N ASP G 84 -89.07 -30.67 7.89
CA ASP G 84 -88.65 -29.73 6.86
C ASP G 84 -87.74 -30.37 5.82
N ARG G 85 -87.30 -31.61 6.05
CA ARG G 85 -86.33 -32.26 5.15
C ARG G 85 -86.92 -32.47 3.77
N ALA G 86 -88.18 -32.89 3.70
CA ALA G 86 -88.86 -33.05 2.41
C ALA G 86 -89.04 -31.70 1.72
N LEU G 87 -89.04 -30.60 2.46
CA LEU G 87 -88.92 -29.30 1.83
C LEU G 87 -87.52 -29.07 1.30
N SER G 88 -86.51 -29.28 2.16
CA SER G 88 -85.14 -28.83 1.86
C SER G 88 -84.54 -29.64 0.72
N ASP G 89 -84.71 -30.97 0.76
CA ASP G 89 -84.26 -31.82 -0.33
C ASP G 89 -85.04 -31.54 -1.62
N LEU G 90 -86.23 -30.95 -1.52
CA LEU G 90 -86.88 -30.40 -2.69
C LEU G 90 -86.13 -29.18 -3.21
N LEU G 91 -85.87 -28.22 -2.32
CA LEU G 91 -85.33 -26.93 -2.74
C LEU G 91 -83.89 -27.02 -3.20
N ASN G 92 -83.11 -27.93 -2.59
CA ASN G 92 -81.76 -28.20 -3.09
C ASN G 92 -81.79 -28.81 -4.48
N SER G 93 -82.88 -29.50 -4.84
CA SER G 93 -83.03 -29.95 -6.21
C SER G 93 -83.48 -28.82 -7.12
N LEU G 94 -84.12 -27.79 -6.57
CA LEU G 94 -84.59 -26.69 -7.41
C LEU G 94 -83.54 -25.60 -7.56
N LEU G 95 -82.56 -25.56 -6.67
CA LEU G 95 -81.46 -24.61 -6.81
C LEU G 95 -80.41 -25.06 -7.81
N GLN G 96 -80.48 -26.31 -8.29
CA GLN G 96 -79.48 -26.80 -9.23
C GLN G 96 -79.64 -26.18 -10.60
N VAL G 97 -80.87 -25.83 -11.00
CA VAL G 97 -81.05 -25.09 -12.25
C VAL G 97 -80.64 -23.63 -12.12
N PHE G 98 -80.47 -23.14 -10.89
CA PHE G 98 -79.85 -21.84 -10.65
C PHE G 98 -78.34 -21.98 -10.53
N ILE G 99 -77.85 -23.14 -10.10
CA ILE G 99 -76.41 -23.34 -9.94
C ILE G 99 -75.75 -23.62 -11.29
N GLN G 100 -76.24 -24.61 -12.02
CA GLN G 100 -75.58 -25.09 -13.22
C GLN G 100 -75.99 -24.35 -14.48
N GLN G 101 -76.51 -23.13 -14.35
CA GLN G 101 -76.69 -22.29 -15.51
C GLN G 101 -75.36 -21.69 -15.92
N GLU G 102 -75.31 -21.13 -17.12
CA GLU G 102 -74.06 -20.63 -17.68
C GLU G 102 -73.60 -19.33 -17.03
N ASN G 103 -74.54 -18.49 -16.61
CA ASN G 103 -74.20 -17.17 -16.08
C ASN G 103 -73.68 -17.19 -14.65
N TYR G 104 -73.80 -18.32 -13.95
CA TYR G 104 -73.49 -18.37 -12.53
C TYR G 104 -72.00 -18.18 -12.27
N ASP G 105 -71.16 -18.97 -12.94
CA ASP G 105 -69.73 -18.88 -12.73
C ASP G 105 -69.17 -17.56 -13.24
N LYS G 106 -69.73 -17.04 -14.34
CA LYS G 106 -69.31 -15.75 -14.86
C LYS G 106 -69.62 -14.62 -13.89
N SER G 107 -70.83 -14.65 -13.32
CA SER G 107 -71.23 -13.62 -12.36
C SER G 107 -70.43 -13.72 -11.07
N MET G 108 -70.11 -14.95 -10.64
CA MET G 108 -69.33 -15.09 -9.40
C MET G 108 -67.89 -14.65 -9.60
N ILE G 109 -67.28 -14.94 -10.75
CA ILE G 109 -65.89 -14.56 -10.96
C ILE G 109 -65.78 -13.06 -11.21
N GLU G 110 -66.76 -12.47 -11.91
CA GLU G 110 -66.83 -11.01 -12.03
C GLU G 110 -67.05 -10.34 -10.69
N ARG G 111 -67.85 -10.97 -9.82
CA ARG G 111 -68.08 -10.47 -8.46
C ARG G 111 -66.79 -10.46 -7.66
N ASP G 112 -66.04 -11.56 -7.69
CA ASP G 112 -64.81 -11.65 -6.94
C ASP G 112 -63.74 -10.71 -7.48
N LYS G 113 -63.70 -10.52 -8.81
CA LYS G 113 -62.76 -9.56 -9.38
C LYS G 113 -63.11 -8.13 -8.98
N ASN G 114 -64.40 -7.80 -8.95
CA ASN G 114 -64.79 -6.47 -8.51
C ASN G 114 -64.59 -6.28 -7.01
N LEU G 115 -64.75 -7.34 -6.21
CA LEU G 115 -64.51 -7.24 -4.79
C LEU G 115 -63.03 -7.16 -4.45
N LEU G 116 -62.16 -7.69 -5.32
CA LEU G 116 -60.74 -7.67 -5.03
C LEU G 116 -60.05 -6.43 -5.59
N ILE G 117 -60.37 -6.06 -6.83
CA ILE G 117 -59.77 -4.86 -7.43
C ILE G 117 -60.28 -3.60 -6.74
N GLY G 118 -61.60 -3.42 -6.72
CA GLY G 118 -62.22 -2.38 -5.96
C GLY G 118 -62.77 -2.90 -4.65
N GLY G 119 -63.85 -2.28 -4.19
CA GLY G 119 -64.45 -2.70 -2.94
C GLY G 119 -65.86 -3.23 -3.10
N LEU G 120 -66.49 -2.96 -4.24
CA LEU G 120 -67.89 -3.29 -4.45
C LEU G 120 -68.05 -4.64 -5.11
N GLY G 121 -69.11 -5.36 -4.73
CA GLY G 121 -69.58 -6.49 -5.50
C GLY G 121 -71.09 -6.43 -5.62
N VAL G 122 -71.59 -6.35 -6.85
CA VAL G 122 -73.02 -6.18 -7.11
C VAL G 122 -73.49 -7.31 -8.02
N ILE G 123 -74.47 -8.08 -7.56
CA ILE G 123 -75.07 -9.15 -8.34
C ILE G 123 -76.57 -8.98 -8.33
N GLN G 124 -77.19 -8.92 -9.50
CA GLN G 124 -78.63 -8.82 -9.60
C GLN G 124 -79.23 -10.14 -10.07
N LEU G 125 -80.49 -10.34 -9.69
CA LEU G 125 -81.24 -11.54 -10.03
C LEU G 125 -82.51 -11.14 -10.77
N TRP G 126 -83.01 -12.04 -11.60
CA TRP G 126 -84.21 -11.78 -12.37
C TRP G 126 -85.02 -13.06 -12.49
N VAL G 127 -86.33 -12.90 -12.74
CA VAL G 127 -87.29 -13.99 -12.67
C VAL G 127 -87.95 -14.12 -14.05
N SER G 128 -87.14 -13.99 -15.11
CA SER G 128 -87.66 -14.02 -16.48
C SER G 128 -88.31 -15.35 -16.84
N GLN G 129 -89.41 -15.27 -17.59
CA GLN G 129 -90.21 -16.41 -18.01
C GLN G 129 -90.49 -16.27 -19.49
N ASP G 130 -89.90 -17.14 -20.31
CA ASP G 130 -89.76 -16.80 -21.73
C ASP G 130 -91.01 -17.08 -22.56
N LYS G 131 -91.32 -18.36 -22.82
CA LYS G 131 -92.48 -18.67 -23.66
C LYS G 131 -93.31 -19.86 -23.21
N ASP G 132 -92.73 -20.85 -22.55
CA ASP G 132 -93.38 -22.15 -22.33
C ASP G 132 -93.60 -22.41 -20.85
N LYS G 133 -94.07 -21.39 -20.13
CA LYS G 133 -94.32 -21.41 -18.69
C LYS G 133 -93.06 -21.78 -17.89
N ASN G 134 -91.89 -21.39 -18.39
CA ASN G 134 -90.61 -21.80 -17.82
C ASN G 134 -90.03 -20.62 -17.05
N VAL G 135 -90.25 -20.60 -15.75
CA VAL G 135 -89.72 -19.55 -14.89
C VAL G 135 -88.26 -19.86 -14.59
N GLU G 136 -87.39 -18.87 -14.79
CA GLU G 136 -85.97 -19.03 -14.58
C GLU G 136 -85.43 -17.85 -13.79
N ILE G 137 -84.39 -18.11 -13.01
CA ILE G 137 -83.74 -17.10 -12.18
C ILE G 137 -82.42 -16.75 -12.86
N GLU G 138 -82.42 -15.67 -13.65
CA GLU G 138 -81.19 -15.18 -14.22
C GLU G 138 -80.35 -14.48 -13.16
N ILE G 139 -79.04 -14.55 -13.33
CA ILE G 139 -78.09 -13.91 -12.43
C ILE G 139 -77.10 -13.11 -13.29
N LYS G 140 -76.83 -11.88 -12.90
CA LYS G 140 -75.92 -11.03 -13.67
C LYS G 140 -75.10 -10.17 -12.71
N ALA G 141 -73.78 -10.21 -12.86
CA ALA G 141 -72.92 -9.31 -12.11
C ALA G 141 -72.89 -7.95 -12.78
N ILE G 142 -73.10 -6.90 -11.99
CA ILE G 142 -73.18 -5.54 -12.50
C ILE G 142 -71.82 -4.88 -12.35
N LYS G 143 -71.40 -4.14 -13.36
CA LYS G 143 -70.21 -3.32 -13.30
C LYS G 143 -70.38 -2.26 -12.22
N PRO G 144 -69.51 -2.22 -11.20
CA PRO G 144 -69.77 -1.36 -10.04
C PRO G 144 -69.58 0.12 -10.30
N GLU G 145 -68.90 0.52 -11.38
CA GLU G 145 -68.77 1.95 -11.64
C GLU G 145 -70.07 2.53 -12.20
N SER G 146 -70.88 1.71 -12.87
CA SER G 146 -72.21 2.12 -13.30
C SER G 146 -73.27 1.69 -12.29
N PHE G 147 -73.06 2.01 -11.02
CA PHE G 147 -73.97 1.60 -9.96
C PHE G 147 -73.80 2.55 -8.79
N VAL G 148 -74.86 3.26 -8.43
CA VAL G 148 -74.81 4.28 -7.38
C VAL G 148 -75.67 3.80 -6.22
N ILE G 149 -75.08 3.78 -5.03
CA ILE G 149 -75.77 3.38 -3.82
C ILE G 149 -76.22 4.65 -3.11
N ASP G 150 -77.23 4.51 -2.26
CA ASP G 150 -77.65 5.60 -1.38
C ASP G 150 -76.50 6.01 -0.45
N TYR G 151 -76.27 7.32 -0.36
CA TYR G 151 -75.17 7.84 0.44
C TYR G 151 -75.41 7.71 1.94
N PHE G 152 -76.65 7.47 2.35
CA PHE G 152 -76.95 7.36 3.78
C PHE G 152 -76.57 6.01 4.36
N SER G 153 -76.40 4.98 3.52
CA SER G 153 -76.03 3.66 4.01
C SER G 153 -74.54 3.64 4.33
N THR G 154 -74.21 3.29 5.58
CA THR G 154 -72.83 3.31 6.03
C THR G 154 -72.20 1.92 6.10
N ASP G 155 -72.98 0.87 6.30
CA ASP G 155 -72.43 -0.45 6.58
C ASP G 155 -72.08 -1.19 5.30
N LYS G 156 -71.33 -2.27 5.45
CA LYS G 156 -71.17 -3.22 4.36
C LYS G 156 -72.47 -3.97 4.16
N ASN G 157 -72.60 -4.57 2.96
CA ASN G 157 -73.75 -5.26 2.38
C ASN G 157 -74.92 -4.35 2.04
N ALA G 158 -74.86 -3.05 2.38
CA ALA G 158 -75.81 -2.01 1.94
C ALA G 158 -77.25 -2.32 2.30
N LEU G 159 -77.46 -2.86 3.51
CA LEU G 159 -78.79 -3.32 3.88
C LEU G 159 -79.72 -2.17 4.26
N ASP G 160 -79.19 -1.11 4.88
CA ASP G 160 -80.04 0.05 5.20
C ASP G 160 -79.97 1.11 4.11
N ALA G 161 -80.16 0.69 2.87
CA ALA G 161 -80.13 1.57 1.72
C ALA G 161 -81.55 1.76 1.20
N ARG G 162 -81.89 2.99 0.86
CA ARG G 162 -83.23 3.32 0.40
C ARG G 162 -83.36 3.37 -1.11
N ARG G 163 -82.26 3.45 -1.84
CA ARG G 163 -82.31 3.53 -3.29
C ARG G 163 -81.02 3.03 -3.90
N PHE G 164 -81.15 2.38 -5.05
CA PHE G 164 -80.03 1.95 -5.87
C PHE G 164 -80.23 2.46 -7.28
N HIS G 165 -79.22 3.13 -7.83
CA HIS G 165 -79.28 3.63 -9.19
C HIS G 165 -78.26 2.91 -10.06
N LYS G 166 -78.66 2.56 -11.27
CA LYS G 166 -77.73 2.03 -12.26
C LYS G 166 -77.90 2.80 -13.57
N MET G 167 -76.79 3.29 -14.10
CA MET G 167 -76.78 4.10 -15.31
C MET G 167 -76.44 3.21 -16.49
N LEU G 168 -77.42 2.93 -17.34
CA LEU G 168 -77.29 1.96 -18.41
C LEU G 168 -77.23 2.63 -19.77
N GLU G 169 -76.42 2.06 -20.65
CA GLU G 169 -76.54 2.28 -22.08
C GLU G 169 -77.59 1.31 -22.62
N VAL G 170 -78.49 1.82 -23.45
CA VAL G 170 -79.55 1.00 -24.04
C VAL G 170 -79.61 1.31 -25.52
N SER G 171 -79.62 0.27 -26.36
CA SER G 171 -79.76 0.45 -27.79
C SER G 171 -81.22 0.81 -28.12
N GLU G 172 -81.45 1.11 -29.40
CA GLU G 172 -82.74 1.66 -29.81
C GLU G 172 -83.84 0.61 -29.78
N GLN G 173 -83.59 -0.55 -30.38
CA GLN G 173 -84.61 -1.59 -30.43
C GLN G 173 -84.80 -2.26 -29.06
N GLU G 174 -83.75 -2.30 -28.24
CA GLU G 174 -83.92 -2.74 -26.86
C GLU G 174 -84.74 -1.74 -26.05
N ALA G 175 -84.65 -0.46 -26.38
CA ALA G 175 -85.52 0.52 -25.74
C ALA G 175 -86.95 0.42 -26.24
N LEU G 176 -87.14 0.01 -27.49
CA LEU G 176 -88.49 -0.25 -27.99
C LEU G 176 -89.10 -1.47 -27.34
N LEU G 177 -88.30 -2.50 -27.10
CA LEU G 177 -88.80 -3.69 -26.42
C LEU G 177 -89.00 -3.45 -24.93
N LEU G 178 -88.23 -2.52 -24.35
CA LEU G 178 -88.31 -2.28 -22.92
C LEU G 178 -89.57 -1.50 -22.56
N PHE G 179 -89.97 -0.56 -23.41
CA PHE G 179 -91.24 0.12 -23.29
C PHE G 179 -91.67 0.61 -24.66
N GLY G 180 -92.98 0.68 -24.87
CA GLY G 180 -93.54 0.96 -26.16
C GLY G 180 -93.29 2.38 -26.63
N ASP G 181 -93.69 2.63 -27.89
CA ASP G 181 -93.43 3.90 -28.56
C ASP G 181 -94.37 5.02 -28.13
N SER G 182 -95.28 4.78 -27.19
CA SER G 182 -96.21 5.81 -26.76
C SER G 182 -95.53 6.89 -25.93
N VAL G 183 -94.41 6.57 -25.28
CA VAL G 183 -93.68 7.55 -24.47
C VAL G 183 -92.43 7.96 -25.23
N ILE G 184 -92.00 9.19 -25.01
CA ILE G 184 -90.96 9.83 -25.80
C ILE G 184 -89.59 9.49 -25.22
N VAL G 185 -88.67 9.06 -26.09
CA VAL G 185 -87.34 8.64 -25.68
C VAL G 185 -86.35 9.70 -26.15
N ASN G 186 -85.44 10.08 -25.26
CA ASN G 186 -84.37 11.02 -25.59
C ASN G 186 -83.13 10.24 -26.01
N TYR G 187 -83.01 10.00 -27.30
CA TYR G 187 -81.88 9.23 -27.82
C TYR G 187 -80.63 10.09 -27.94
N SER G 188 -79.52 9.43 -28.24
CA SER G 188 -78.28 10.10 -28.58
C SER G 188 -78.04 9.96 -30.08
N ASN G 189 -76.91 10.49 -30.54
CA ASN G 189 -76.51 10.39 -31.93
C ASN G 189 -75.01 10.14 -32.04
N VAL G 190 -74.53 9.14 -31.28
CA VAL G 190 -73.10 9.02 -30.99
C VAL G 190 -72.29 8.69 -32.25
N ASN G 191 -72.70 7.68 -33.03
CA ASN G 191 -72.23 7.60 -34.42
C ASN G 191 -73.38 7.56 -35.41
N HIS G 192 -74.21 6.53 -35.40
CA HIS G 192 -75.36 6.47 -36.30
C HIS G 192 -76.56 5.73 -35.73
N GLU G 193 -76.52 5.26 -34.47
CA GLU G 193 -77.39 4.17 -34.05
C GLU G 193 -78.48 4.56 -33.07
N ARG G 194 -78.45 5.78 -32.54
CA ARG G 194 -79.43 6.32 -31.59
C ARG G 194 -79.53 5.45 -30.32
N ILE G 195 -78.44 5.45 -29.57
CA ILE G 195 -78.42 4.82 -28.25
C ILE G 195 -79.03 5.81 -27.26
N ALA G 196 -79.33 5.33 -26.05
CA ALA G 196 -79.96 6.14 -25.02
C ALA G 196 -79.38 5.81 -23.66
N SER G 197 -79.18 6.83 -22.83
CA SER G 197 -78.67 6.65 -21.48
C SER G 197 -79.86 6.68 -20.52
N VAL G 198 -80.14 5.54 -19.88
CA VAL G 198 -81.31 5.37 -19.03
C VAL G 198 -80.83 5.03 -17.64
N ILE G 199 -81.33 5.76 -16.64
CA ILE G 199 -81.03 5.48 -15.24
C ILE G 199 -82.18 4.66 -14.68
N GLU G 200 -81.87 3.47 -14.18
CA GLU G 200 -82.85 2.62 -13.53
C GLU G 200 -82.65 2.75 -12.02
N SER G 201 -83.67 3.25 -11.34
CA SER G 201 -83.62 3.45 -9.90
C SER G 201 -84.57 2.48 -9.21
N TRP G 202 -84.11 1.93 -8.10
CA TRP G 202 -84.92 1.07 -7.25
C TRP G 202 -85.05 1.73 -5.89
N TYR G 203 -86.28 2.05 -5.51
CA TYR G 203 -86.57 2.82 -4.31
C TYR G 203 -87.31 1.95 -3.30
N LYS G 204 -86.88 2.03 -2.04
CA LYS G 204 -87.55 1.35 -0.95
C LYS G 204 -88.54 2.32 -0.32
N GLU G 205 -89.83 2.02 -0.44
CA GLU G 205 -90.88 2.84 0.15
C GLU G 205 -91.85 1.91 0.86
N TYR G 206 -92.30 2.29 2.05
CA TYR G 206 -93.29 1.50 2.74
C TYR G 206 -94.68 1.85 2.23
N ASN G 207 -95.54 0.84 2.13
CA ASN G 207 -96.88 1.05 1.63
C ASN G 207 -97.76 1.55 2.77
N GLU G 208 -98.99 1.96 2.43
CA GLU G 208 -99.97 2.33 3.45
C GLU G 208 -101.10 1.33 3.61
N GLU G 209 -101.35 0.50 2.61
CA GLU G 209 -102.32 -0.58 2.76
C GLU G 209 -101.77 -1.63 3.71
N THR G 210 -100.66 -2.26 3.33
CA THR G 210 -99.85 -3.02 4.26
C THR G 210 -98.75 -2.13 4.82
N GLN G 211 -98.27 -2.47 6.01
CA GLN G 211 -97.27 -1.64 6.68
C GLN G 211 -95.85 -2.14 6.48
N SER G 212 -95.55 -2.69 5.30
CA SER G 212 -94.24 -3.24 5.00
C SER G 212 -93.58 -2.43 3.89
N TYR G 213 -92.25 -2.58 3.80
CA TYR G 213 -91.49 -1.92 2.75
C TYR G 213 -91.56 -2.71 1.45
N GLU G 214 -91.69 -2.00 0.33
CA GLU G 214 -91.63 -2.59 -0.99
C GLU G 214 -90.67 -1.78 -1.85
N TRP G 215 -90.09 -2.44 -2.83
CA TRP G 215 -89.17 -1.79 -3.76
C TRP G 215 -89.88 -1.53 -5.08
N ASN G 216 -89.71 -0.32 -5.59
CA ASN G 216 -90.34 0.10 -6.84
C ASN G 216 -89.27 0.54 -7.83
N ARG G 217 -89.54 0.32 -9.10
CA ARG G 217 -88.59 0.59 -10.17
C ARG G 217 -89.03 1.82 -10.97
N TYR G 218 -88.07 2.70 -11.24
CA TYR G 218 -88.29 3.87 -12.08
C TYR G 218 -87.18 3.92 -13.13
N LEU G 219 -87.54 3.68 -14.38
CA LEU G 219 -86.66 3.92 -15.50
C LEU G 219 -86.86 5.36 -15.95
N TRP G 220 -85.82 6.17 -15.85
CA TRP G 220 -85.94 7.59 -16.13
C TRP G 220 -84.66 8.09 -16.78
N ASN G 221 -84.75 9.25 -17.39
CA ASN G 221 -83.59 9.92 -17.96
C ASN G 221 -83.44 11.28 -17.31
N ARG G 222 -82.19 11.70 -17.12
CA ARG G 222 -81.93 13.07 -16.73
C ARG G 222 -82.38 14.02 -17.83
N ASN G 223 -82.89 15.19 -17.41
CA ASN G 223 -83.46 16.27 -18.26
C ASN G 223 -84.48 15.77 -19.29
N THR G 224 -85.15 14.65 -19.02
CA THR G 224 -86.21 14.19 -19.90
C THR G 224 -87.45 13.81 -19.09
N GLY G 225 -87.24 13.31 -17.89
CA GLY G 225 -88.32 12.85 -17.05
C GLY G 225 -88.30 11.34 -16.86
N ILE G 226 -89.45 10.82 -16.45
CA ILE G 226 -89.60 9.40 -16.12
C ILE G 226 -90.14 8.67 -17.34
N TYR G 227 -89.41 7.64 -17.79
CA TYR G 227 -89.87 6.83 -18.90
C TYR G 227 -90.92 5.83 -18.45
N LYS G 228 -90.63 5.04 -17.41
CA LYS G 228 -91.57 4.04 -16.95
C LYS G 228 -91.46 3.86 -15.45
N SER G 229 -92.60 3.88 -14.77
CA SER G 229 -92.67 3.76 -13.32
C SER G 229 -93.53 2.57 -12.96
N GLU G 230 -92.93 1.58 -12.30
CA GLU G 230 -93.68 0.43 -11.81
C GLU G 230 -93.42 0.26 -10.32
N LYS G 231 -94.45 -0.17 -9.60
CA LYS G 231 -94.36 -0.32 -8.15
C LYS G 231 -94.58 -1.78 -7.77
N LYS G 232 -93.69 -2.28 -6.91
CA LYS G 232 -93.62 -3.68 -6.49
C LYS G 232 -93.63 -4.65 -7.67
N PRO G 233 -92.61 -4.63 -8.53
CA PRO G 233 -92.65 -5.53 -9.69
C PRO G 233 -92.00 -6.87 -9.43
N PHE G 234 -92.18 -7.46 -8.25
CA PHE G 234 -91.63 -8.79 -8.02
C PHE G 234 -92.48 -9.67 -7.12
N LYS G 235 -93.74 -9.31 -6.84
CA LYS G 235 -94.73 -10.01 -6.03
C LYS G 235 -94.36 -10.11 -4.55
N ASN G 236 -93.21 -9.59 -4.12
CA ASN G 236 -92.85 -9.53 -2.71
C ASN G 236 -92.25 -8.21 -2.28
N GLY G 237 -91.94 -7.31 -3.22
CA GLY G 237 -91.27 -6.07 -2.88
C GLY G 237 -89.83 -6.32 -2.48
N ALA G 238 -89.13 -7.11 -3.27
CA ALA G 238 -87.73 -7.46 -3.00
C ALA G 238 -86.83 -6.76 -3.99
N CYS G 239 -85.77 -6.15 -3.49
CA CYS G 239 -84.78 -5.53 -4.36
C CYS G 239 -83.97 -6.63 -5.06
N PRO G 240 -83.78 -6.53 -6.39
CA PRO G 240 -83.04 -7.58 -7.08
C PRO G 240 -81.54 -7.53 -6.85
N PHE G 241 -81.02 -6.44 -6.31
CA PHE G 241 -79.58 -6.27 -6.16
C PHE G 241 -79.10 -6.86 -4.84
N ILE G 242 -77.94 -7.50 -4.88
CA ILE G 242 -77.21 -7.95 -3.70
C ILE G 242 -75.84 -7.32 -3.78
N VAL G 243 -75.55 -6.45 -2.82
CA VAL G 243 -74.34 -5.63 -2.81
C VAL G 243 -73.53 -6.07 -1.60
N SER G 244 -72.21 -6.06 -1.72
CA SER G 244 -71.35 -6.12 -0.54
C SER G 244 -70.10 -5.28 -0.76
N LYS G 245 -69.75 -4.51 0.26
CA LYS G 245 -68.56 -3.67 0.24
C LYS G 245 -67.47 -4.32 1.08
N LEU G 246 -66.30 -4.50 0.49
CA LEU G 246 -65.12 -4.92 1.21
C LEU G 246 -64.37 -3.68 1.69
N TYR G 247 -64.04 -3.65 2.98
CA TYR G 247 -63.28 -2.59 3.64
C TYR G 247 -63.97 -1.23 3.51
N THR G 248 -65.11 -1.10 4.16
CA THR G 248 -65.65 0.23 4.35
C THR G 248 -64.80 0.98 5.38
N ASP G 249 -64.67 2.30 5.19
CA ASP G 249 -63.81 3.10 6.06
C ASP G 249 -64.55 4.37 6.45
N GLU G 250 -63.81 5.30 7.05
CA GLU G 250 -64.34 6.62 7.32
C GLU G 250 -64.56 7.37 6.00
N LEU G 251 -65.44 8.38 6.07
CA LEU G 251 -66.02 9.12 4.94
C LEU G 251 -66.86 8.26 4.01
N ASN G 252 -67.16 7.01 4.41
CA ASN G 252 -68.08 6.08 3.74
C ASN G 252 -67.64 5.79 2.30
N ASN G 253 -66.46 5.22 2.17
CA ASN G 253 -65.95 4.77 0.88
C ASN G 253 -65.61 3.29 0.96
N TYR G 254 -65.48 2.65 -0.20
CA TYR G 254 -64.95 1.30 -0.25
C TYR G 254 -63.47 1.34 -0.62
N TYR G 255 -62.67 0.63 0.17
CA TYR G 255 -61.22 0.76 0.16
C TYR G 255 -60.53 -0.25 -0.74
N GLY G 256 -61.01 -1.49 -0.77
CA GLY G 256 -60.49 -2.49 -1.68
C GLY G 256 -59.10 -2.98 -1.30
N LEU G 257 -58.58 -3.88 -2.12
CA LEU G 257 -57.21 -4.34 -1.97
C LEU G 257 -56.24 -3.48 -2.76
N PHE G 258 -56.74 -2.50 -3.50
CA PHE G 258 -55.87 -1.73 -4.39
C PHE G 258 -55.05 -0.69 -3.63
N ARG G 259 -55.63 -0.04 -2.62
CA ARG G 259 -55.00 1.13 -2.04
C ARG G 259 -53.82 0.78 -1.14
N ASP G 260 -53.86 -0.35 -0.45
CA ASP G 260 -52.75 -0.72 0.41
C ASP G 260 -51.57 -1.32 -0.35
N ILE G 261 -51.79 -1.82 -1.58
CA ILE G 261 -50.71 -2.35 -2.39
C ILE G 261 -50.32 -1.42 -3.53
N LYS G 262 -51.02 -0.31 -3.70
CA LYS G 262 -50.69 0.70 -4.71
C LYS G 262 -49.32 1.39 -4.54
N PRO G 263 -48.89 1.84 -3.34
CA PRO G 263 -47.57 2.49 -3.28
C PRO G 263 -46.41 1.54 -3.52
N MET G 264 -46.56 0.25 -3.21
CA MET G 264 -45.52 -0.72 -3.57
C MET G 264 -45.40 -0.86 -5.08
N GLN G 265 -46.54 -0.86 -5.79
CA GLN G 265 -46.52 -0.92 -7.25
C GLN G 265 -45.93 0.34 -7.85
N ASP G 266 -46.24 1.50 -7.26
CA ASP G 266 -45.67 2.75 -7.74
C ASP G 266 -44.16 2.81 -7.51
N PHE G 267 -43.69 2.31 -6.36
CA PHE G 267 -42.25 2.29 -6.13
C PHE G 267 -41.56 1.28 -7.03
N ILE G 268 -42.22 0.17 -7.36
CA ILE G 268 -41.64 -0.81 -8.27
C ILE G 268 -41.49 -0.21 -9.67
N ASN G 269 -42.53 0.48 -10.15
CA ASN G 269 -42.46 1.10 -11.48
C ASN G 269 -41.44 2.23 -11.51
N TYR G 270 -41.39 3.05 -10.45
CA TYR G 270 -40.42 4.14 -10.38
C TYR G 270 -39.00 3.61 -10.31
N ALA G 271 -38.77 2.54 -9.56
CA ALA G 271 -37.43 1.97 -9.44
C ALA G 271 -36.98 1.34 -10.74
N GLU G 272 -37.90 0.66 -11.45
CA GLU G 272 -37.53 0.03 -12.71
C GLU G 272 -37.23 1.08 -13.78
N ASN G 273 -38.05 2.14 -13.87
CA ASN G 273 -37.79 3.15 -14.88
C ASN G 273 -36.58 4.01 -14.53
N ARG G 274 -36.34 4.28 -13.25
CA ARG G 274 -35.16 5.04 -12.87
C ARG G 274 -33.89 4.24 -13.04
N MET G 275 -33.95 2.93 -12.83
CA MET G 275 -32.78 2.10 -13.08
C MET G 275 -32.53 1.92 -14.57
N GLY G 276 -33.58 1.88 -15.38
CA GLY G 276 -33.40 1.91 -16.82
C GLY G 276 -32.87 3.23 -17.34
N ASN G 277 -33.12 4.32 -16.62
CA ASN G 277 -32.54 5.60 -16.99
C ASN G 277 -31.10 5.74 -16.51
N MET G 278 -30.77 5.14 -15.36
CA MET G 278 -29.44 5.31 -14.78
C MET G 278 -28.38 4.62 -15.62
N MET G 279 -28.52 3.32 -15.85
CA MET G 279 -27.71 2.67 -16.86
C MET G 279 -28.23 3.05 -18.24
N GLY G 280 -27.35 3.00 -19.22
CA GLY G 280 -27.74 3.44 -20.55
C GLY G 280 -27.74 4.95 -20.75
N SER G 281 -27.19 5.70 -19.80
CA SER G 281 -27.08 7.15 -19.96
C SER G 281 -25.93 7.65 -19.11
N PHE G 282 -25.46 8.84 -19.42
CA PHE G 282 -24.34 9.45 -18.72
C PHE G 282 -24.68 10.87 -18.32
N LYS G 283 -24.05 11.34 -17.25
CA LYS G 283 -24.20 12.71 -16.78
C LYS G 283 -22.84 13.37 -16.69
N ALA G 284 -22.78 14.65 -17.00
CA ALA G 284 -21.51 15.36 -17.03
C ALA G 284 -21.74 16.84 -16.79
N MET G 285 -20.82 17.45 -16.05
CA MET G 285 -20.77 18.90 -15.91
C MET G 285 -19.84 19.45 -16.97
N PHE G 286 -20.37 20.30 -17.83
CA PHE G 286 -19.59 20.97 -18.86
C PHE G 286 -19.32 22.41 -18.45
N GLU G 287 -18.15 22.91 -18.83
CA GLU G 287 -17.99 24.35 -18.86
C GLU G 287 -18.62 24.88 -20.15
N GLU G 288 -18.91 26.17 -20.16
CA GLU G 288 -19.54 26.77 -21.33
C GLU G 288 -18.57 27.03 -22.47
N ASP G 289 -17.30 26.66 -22.32
CA ASP G 289 -16.30 26.80 -23.36
C ASP G 289 -15.51 25.51 -23.53
N ALA G 290 -16.13 24.36 -23.23
CA ALA G 290 -15.41 23.09 -23.26
C ALA G 290 -15.18 22.62 -24.69
N VAL G 291 -16.24 22.62 -25.50
CA VAL G 291 -16.16 22.15 -26.88
C VAL G 291 -17.22 22.90 -27.67
N VAL G 292 -16.95 23.09 -28.97
CA VAL G 292 -17.96 23.67 -29.84
C VAL G 292 -19.04 22.62 -30.11
N ASP G 293 -20.29 23.09 -30.18
CA ASP G 293 -21.48 22.28 -30.44
C ASP G 293 -21.64 21.15 -29.41
N VAL G 294 -21.90 21.57 -28.17
CA VAL G 294 -21.94 20.63 -27.05
C VAL G 294 -23.15 19.70 -27.15
N ALA G 295 -24.22 20.16 -27.81
CA ALA G 295 -25.36 19.27 -28.06
C ALA G 295 -24.98 18.15 -29.02
N GLU G 296 -24.16 18.47 -30.02
CA GLU G 296 -23.69 17.45 -30.95
C GLU G 296 -22.80 16.45 -30.22
N PHE G 297 -21.99 16.94 -29.29
CA PHE G 297 -21.09 16.09 -28.51
C PHE G 297 -21.87 15.15 -27.60
N VAL G 298 -22.94 15.64 -26.97
CA VAL G 298 -23.72 14.73 -26.12
C VAL G 298 -24.67 13.86 -26.92
N GLU G 299 -24.89 14.15 -28.20
CA GLU G 299 -25.58 13.17 -29.05
C GLU G 299 -24.65 12.01 -29.38
N THR G 300 -23.44 12.30 -29.89
CA THR G 300 -22.55 11.18 -30.22
C THR G 300 -21.96 10.50 -28.99
N MET G 301 -21.95 11.16 -27.83
CA MET G 301 -21.43 10.52 -26.63
C MET G 301 -22.42 9.53 -26.01
N SER G 302 -23.71 9.65 -26.32
CA SER G 302 -24.70 8.76 -25.73
C SER G 302 -24.64 7.36 -26.32
N LEU G 303 -23.99 7.17 -27.46
CA LEU G 303 -23.88 5.85 -28.06
C LEU G 303 -22.86 5.01 -27.30
N ASP G 304 -22.99 3.69 -27.44
CA ASP G 304 -22.02 2.76 -26.86
C ASP G 304 -20.82 2.54 -27.76
N ASN G 305 -20.81 3.11 -28.96
CA ASN G 305 -19.62 3.15 -29.81
C ASN G 305 -19.44 4.60 -30.24
N ALA G 306 -18.77 5.38 -29.40
CA ALA G 306 -18.67 6.81 -29.57
C ALA G 306 -17.31 7.16 -30.14
N ILE G 307 -17.31 7.77 -31.32
CA ILE G 307 -16.11 8.40 -31.88
C ILE G 307 -16.40 9.89 -31.89
N ALA G 308 -16.02 10.57 -30.83
CA ALA G 308 -16.32 11.99 -30.66
C ALA G 308 -15.07 12.80 -30.95
N LYS G 309 -15.12 13.61 -32.00
CA LYS G 309 -14.02 14.49 -32.38
C LYS G 309 -14.24 15.84 -31.71
N VAL G 310 -13.28 16.25 -30.89
CA VAL G 310 -13.37 17.51 -30.17
C VAL G 310 -12.30 18.45 -30.70
N ARG G 311 -12.32 19.69 -30.20
CA ARG G 311 -11.35 20.69 -30.60
C ARG G 311 -9.98 20.34 -30.04
N PRO G 312 -8.90 20.85 -30.64
CA PRO G 312 -7.55 20.56 -30.12
C PRO G 312 -7.34 21.14 -28.72
N ASN G 313 -6.50 20.44 -27.96
CA ASN G 313 -6.15 20.75 -26.57
C ASN G 313 -7.38 20.80 -25.66
N ALA G 314 -8.33 19.91 -25.92
CA ALA G 314 -9.52 19.77 -25.08
C ALA G 314 -9.46 18.55 -24.18
N LEU G 315 -8.38 17.78 -24.25
CA LEU G 315 -8.21 16.62 -23.38
C LEU G 315 -7.20 16.87 -22.26
N LYS G 316 -6.49 18.00 -22.30
CA LYS G 316 -5.47 18.31 -21.30
C LYS G 316 -5.93 19.35 -20.30
N ASP G 317 -7.07 20.00 -20.52
CA ASP G 317 -7.54 21.06 -19.64
C ASP G 317 -8.62 20.60 -18.67
N HIS G 318 -9.35 19.53 -19.02
CA HIS G 318 -10.40 18.92 -18.21
C HIS G 318 -11.52 19.92 -17.90
N LYS G 319 -12.16 20.39 -18.97
CA LYS G 319 -13.34 21.23 -18.86
C LYS G 319 -14.64 20.43 -18.86
N ILE G 320 -14.55 19.11 -18.96
CA ILE G 320 -15.69 18.21 -18.89
C ILE G 320 -15.47 17.27 -17.70
N GLN G 321 -16.49 17.13 -16.85
CA GLN G 321 -16.42 16.27 -15.69
C GLN G 321 -17.56 15.26 -15.78
N PHE G 322 -17.23 14.04 -16.20
CA PHE G 322 -18.22 12.96 -16.26
C PHE G 322 -18.51 12.46 -14.86
N MET G 323 -19.71 12.69 -14.37
CA MET G 323 -20.07 12.26 -13.03
C MET G 323 -20.58 10.83 -13.05
N ASN G 324 -20.38 10.14 -11.93
CA ASN G 324 -20.79 8.75 -11.82
C ASN G 324 -22.30 8.67 -11.68
N ASN G 325 -22.96 8.08 -12.67
CA ASN G 325 -24.41 7.99 -12.67
C ASN G 325 -24.93 6.86 -11.80
N GLN G 326 -24.26 5.71 -11.84
CA GLN G 326 -24.76 4.50 -11.21
C GLN G 326 -24.18 4.32 -9.80
N ALA G 327 -24.42 5.33 -8.97
CA ALA G 327 -24.13 5.22 -7.55
C ALA G 327 -25.32 4.70 -6.77
N ASP G 328 -26.41 4.35 -7.45
CA ASP G 328 -27.66 3.99 -6.81
C ASP G 328 -28.34 2.80 -7.46
N LEU G 329 -27.60 2.01 -8.24
CA LEU G 329 -28.20 0.86 -8.91
C LEU G 329 -28.45 -0.27 -7.94
N SER G 330 -27.49 -0.53 -7.05
CA SER G 330 -27.59 -1.66 -6.13
C SER G 330 -28.67 -1.43 -5.08
N ALA G 331 -28.72 -0.22 -4.53
CA ALA G 331 -29.71 0.09 -3.50
C ALA G 331 -31.12 0.07 -4.07
N LEU G 332 -31.28 0.56 -5.31
CA LEU G 332 -32.59 0.49 -5.96
C LEU G 332 -32.97 -0.93 -6.32
N SER G 333 -32.00 -1.79 -6.66
CA SER G 333 -32.29 -3.20 -6.91
C SER G 333 -32.77 -3.89 -5.64
N GLN G 334 -32.10 -3.63 -4.53
CA GLN G 334 -32.49 -4.22 -3.25
C GLN G 334 -33.85 -3.71 -2.79
N LYS G 335 -34.12 -2.42 -3.00
CA LYS G 335 -35.41 -1.88 -2.61
C LYS G 335 -36.53 -2.38 -3.51
N ALA G 336 -36.24 -2.60 -4.80
CA ALA G 336 -37.24 -3.14 -5.69
C ALA G 336 -37.58 -4.58 -5.35
N GLU G 337 -36.57 -5.38 -4.98
CA GLU G 337 -36.84 -6.75 -4.53
C GLU G 337 -37.59 -6.77 -3.20
N GLN G 338 -37.26 -5.84 -2.30
CA GLN G 338 -37.95 -5.75 -1.03
C GLN G 338 -39.41 -5.39 -1.19
N LYS G 339 -39.71 -4.39 -2.03
CA LYS G 339 -41.11 -4.04 -2.28
C LYS G 339 -41.82 -5.10 -3.11
N ARG G 340 -41.09 -5.87 -3.92
CA ARG G 340 -41.70 -6.96 -4.64
C ARG G 340 -42.11 -8.10 -3.72
N GLN G 341 -41.33 -8.35 -2.66
CA GLN G 341 -41.78 -9.32 -1.65
C GLN G 341 -42.89 -8.75 -0.79
N LEU G 342 -42.82 -7.46 -0.46
CA LEU G 342 -43.86 -6.82 0.34
C LEU G 342 -45.19 -6.71 -0.39
N LEU G 343 -45.18 -6.75 -1.73
CA LEU G 343 -46.44 -6.77 -2.47
C LEU G 343 -47.20 -8.08 -2.23
N ARG G 344 -46.48 -9.21 -2.23
CA ARG G 344 -47.11 -10.47 -1.88
C ARG G 344 -47.45 -10.55 -0.40
N LEU G 345 -46.68 -9.86 0.43
CA LEU G 345 -46.97 -9.87 1.86
C LEU G 345 -48.22 -9.08 2.20
N LEU G 346 -48.40 -7.91 1.58
CA LEU G 346 -49.49 -7.01 1.95
C LEU G 346 -50.85 -7.49 1.46
N ALA G 347 -50.90 -8.33 0.44
CA ALA G 347 -52.15 -8.83 -0.09
C ALA G 347 -52.61 -10.11 0.61
N GLY G 348 -51.92 -10.54 1.64
CA GLY G 348 -52.28 -11.76 2.34
C GLY G 348 -51.79 -13.03 1.70
N LEU G 349 -50.95 -12.94 0.67
CA LEU G 349 -50.43 -14.14 0.02
C LEU G 349 -49.20 -14.71 0.70
N ASN G 350 -48.82 -14.19 1.87
CA ASN G 350 -47.86 -14.91 2.70
C ASN G 350 -48.53 -16.13 3.29
N ASP G 351 -47.69 -17.04 3.80
CA ASP G 351 -48.05 -18.45 4.05
C ASP G 351 -48.68 -19.01 2.76
N GLU G 352 -47.83 -19.09 1.73
CA GLU G 352 -48.24 -19.62 0.43
C GLU G 352 -48.47 -21.11 0.59
N SER G 353 -49.72 -21.47 0.86
CA SER G 353 -50.14 -22.86 0.98
C SER G 353 -51.44 -23.07 0.21
N LEU G 354 -51.63 -22.30 -0.87
CA LEU G 354 -52.84 -22.41 -1.68
C LEU G 354 -52.94 -23.77 -2.35
N GLY G 355 -51.81 -24.28 -2.84
CA GLY G 355 -51.79 -25.64 -3.38
C GLY G 355 -52.03 -26.70 -2.32
N MET G 356 -51.58 -26.44 -1.09
CA MET G 356 -51.93 -27.32 0.02
C MET G 356 -53.39 -27.16 0.41
N ALA G 357 -53.92 -25.94 0.31
CA ALA G 357 -55.29 -25.69 0.74
C ALA G 357 -56.31 -26.29 -0.21
N VAL G 358 -56.01 -26.32 -1.52
CA VAL G 358 -56.98 -26.90 -2.45
C VAL G 358 -56.98 -28.42 -2.37
N ASN G 359 -55.84 -29.04 -2.02
CA ASN G 359 -55.84 -30.45 -1.71
C ASN G 359 -56.40 -30.73 -0.32
N ARG G 360 -56.51 -29.73 0.53
CA ARG G 360 -57.22 -29.88 1.78
C ARG G 360 -58.74 -29.86 1.60
N GLN G 361 -59.23 -29.44 0.44
CA GLN G 361 -60.66 -29.44 0.13
C GLN G 361 -61.05 -30.61 -0.77
N SER G 362 -60.43 -31.77 -0.57
CA SER G 362 -60.87 -32.98 -1.27
C SER G 362 -61.95 -33.71 -0.50
N GLY G 363 -61.88 -33.68 0.84
CA GLY G 363 -62.89 -34.32 1.66
C GLY G 363 -64.15 -33.49 1.77
N VAL G 364 -65.20 -33.91 1.07
CA VAL G 364 -66.47 -33.20 1.07
C VAL G 364 -67.57 -34.17 1.52
N ALA G 365 -67.20 -35.09 2.41
CA ALA G 365 -67.94 -36.33 2.64
C ALA G 365 -69.36 -36.16 3.15
N ILE G 366 -69.56 -35.78 4.42
CA ILE G 366 -70.91 -35.43 4.87
C ILE G 366 -70.88 -34.10 5.63
N ALA G 367 -70.06 -34.03 6.68
CA ALA G 367 -70.07 -32.91 7.62
C ALA G 367 -68.63 -32.42 7.73
N GLN G 368 -68.27 -31.47 6.88
CA GLN G 368 -66.91 -30.96 6.86
C GLN G 368 -66.90 -29.45 7.03
N ARG G 369 -65.86 -28.96 7.66
CA ARG G 369 -65.66 -27.53 7.89
C ARG G 369 -64.86 -26.96 6.72
N LYS G 370 -64.32 -25.75 6.91
CA LYS G 370 -63.55 -25.09 5.86
C LYS G 370 -62.22 -25.79 5.60
N GLU G 371 -61.70 -26.53 6.60
CA GLU G 371 -60.38 -27.18 6.56
C GLU G 371 -59.30 -26.14 6.26
N SER G 372 -59.07 -25.33 7.30
CA SER G 372 -58.43 -24.03 7.18
C SER G 372 -56.99 -24.09 6.68
N GLY G 373 -56.67 -23.22 5.73
CA GLY G 373 -55.32 -22.94 5.31
C GLY G 373 -54.91 -21.54 5.69
N LEU G 374 -55.03 -20.64 4.71
CA LEU G 374 -54.60 -19.25 4.82
C LEU G 374 -55.38 -18.48 5.90
N MET G 375 -54.78 -17.39 6.36
CA MET G 375 -55.44 -16.45 7.25
C MET G 375 -55.58 -15.04 6.68
N GLY G 376 -54.69 -14.65 5.76
CA GLY G 376 -54.69 -13.27 5.31
C GLY G 376 -55.82 -12.93 4.36
N LEU G 377 -56.25 -13.89 3.54
CA LEU G 377 -57.32 -13.67 2.58
C LEU G 377 -58.68 -14.03 3.15
N GLN G 378 -58.78 -14.34 4.44
CA GLN G 378 -60.01 -14.85 5.02
C GLN G 378 -61.11 -13.79 5.10
N THR G 379 -60.74 -12.50 5.14
CA THR G 379 -61.74 -11.44 5.10
C THR G 379 -62.46 -11.42 3.75
N PHE G 380 -61.70 -11.62 2.66
CA PHE G 380 -62.28 -11.67 1.33
C PHE G 380 -63.18 -12.88 1.16
N LEU G 381 -62.73 -14.04 1.66
CA LEU G 381 -63.53 -15.26 1.60
C LEU G 381 -64.80 -15.12 2.43
N LYS G 382 -64.71 -14.43 3.57
CA LYS G 382 -65.89 -14.27 4.43
C LYS G 382 -66.90 -13.31 3.81
N ALA G 383 -66.41 -12.24 3.17
CA ALA G 383 -67.32 -11.33 2.47
C ALA G 383 -68.00 -12.03 1.29
N THR G 384 -67.26 -12.86 0.57
CA THR G 384 -67.86 -13.65 -0.51
C THR G 384 -68.90 -14.65 0.03
N ASP G 385 -68.63 -15.23 1.20
CA ASP G 385 -69.58 -16.16 1.82
C ASP G 385 -70.87 -15.44 2.22
N ASP G 386 -70.76 -14.25 2.82
CA ASP G 386 -71.95 -13.50 3.22
C ASP G 386 -72.75 -13.03 2.02
N MET G 387 -72.07 -12.63 0.94
CA MET G 387 -72.84 -12.24 -0.24
C MET G 387 -73.48 -13.43 -0.91
N ASP G 388 -72.84 -14.62 -0.86
CA ASP G 388 -73.50 -15.82 -1.37
C ASP G 388 -74.71 -16.21 -0.54
N ARG G 389 -74.63 -16.01 0.78
CA ARG G 389 -75.78 -16.31 1.63
C ARG G 389 -76.96 -15.38 1.33
N LEU G 390 -76.67 -14.09 1.11
CA LEU G 390 -77.75 -13.16 0.74
C LEU G 390 -78.32 -13.47 -0.64
N ILE G 391 -77.45 -13.84 -1.58
CA ILE G 391 -77.89 -14.21 -2.94
C ILE G 391 -78.81 -15.42 -2.89
N PHE G 392 -78.45 -16.44 -2.11
CA PHE G 392 -79.28 -17.63 -2.08
C PHE G 392 -80.53 -17.44 -1.25
N ARG G 393 -80.53 -16.52 -0.27
CA ARG G 393 -81.78 -16.17 0.40
C ARG G 393 -82.76 -15.52 -0.57
N LEU G 394 -82.26 -14.59 -1.40
CA LEU G 394 -83.13 -13.96 -2.39
C LEU G 394 -83.59 -14.96 -3.47
N ALA G 395 -82.72 -15.90 -3.84
CA ALA G 395 -83.08 -16.89 -4.85
C ALA G 395 -84.11 -17.87 -4.32
N VAL G 396 -84.00 -18.27 -3.05
CA VAL G 396 -85.01 -19.13 -2.45
C VAL G 396 -86.33 -18.38 -2.31
N SER G 397 -86.27 -17.07 -2.00
CA SER G 397 -87.50 -16.28 -1.93
C SER G 397 -88.15 -16.10 -3.30
N PHE G 398 -87.36 -16.09 -4.37
CA PHE G 398 -87.96 -16.06 -5.71
C PHE G 398 -88.53 -17.41 -6.12
N ILE G 399 -87.82 -18.50 -5.81
CA ILE G 399 -88.24 -19.83 -6.23
C ILE G 399 -89.51 -20.24 -5.50
N CYS G 400 -89.61 -19.94 -4.20
CA CYS G 400 -90.81 -20.26 -3.45
C CYS G 400 -91.99 -19.36 -3.79
N GLU G 401 -91.83 -18.37 -4.65
CA GLU G 401 -92.88 -17.43 -4.99
C GLU G 401 -93.33 -17.51 -6.45
N TYR G 402 -92.43 -17.85 -7.38
CA TYR G 402 -92.78 -17.82 -8.79
C TYR G 402 -92.84 -19.19 -9.44
N PHE G 403 -92.28 -20.23 -8.83
CA PHE G 403 -92.27 -21.55 -9.44
C PHE G 403 -93.63 -22.22 -9.22
N THR G 404 -94.31 -22.53 -10.31
CA THR G 404 -95.58 -23.24 -10.24
C THR G 404 -95.34 -24.71 -9.93
N LYS G 405 -96.44 -25.44 -9.73
CA LYS G 405 -96.32 -26.86 -9.39
C LYS G 405 -95.85 -27.69 -10.58
N GLU G 406 -96.36 -27.40 -11.79
CA GLU G 406 -95.88 -28.10 -12.96
C GLU G 406 -94.46 -27.69 -13.33
N GLN G 407 -94.07 -26.46 -12.97
CA GLN G 407 -92.69 -26.05 -13.16
C GLN G 407 -91.77 -26.81 -12.22
N VAL G 408 -92.22 -27.06 -10.99
CA VAL G 408 -91.44 -27.82 -10.03
C VAL G 408 -91.33 -29.28 -10.44
N PHE G 409 -92.44 -29.88 -10.88
CA PHE G 409 -92.44 -31.28 -11.24
C PHE G 409 -91.74 -31.59 -12.56
N LYS G 410 -91.38 -30.57 -13.34
CA LYS G 410 -90.53 -30.77 -14.50
C LYS G 410 -89.05 -30.78 -14.15
N ILE G 411 -88.69 -30.33 -12.95
CA ILE G 411 -87.30 -30.19 -12.54
C ILE G 411 -86.89 -31.33 -11.60
N VAL G 412 -87.71 -31.62 -10.61
CA VAL G 412 -87.36 -32.56 -9.57
C VAL G 412 -87.94 -33.93 -9.90
N ASP G 413 -87.52 -34.95 -9.17
CA ASP G 413 -88.03 -36.30 -9.36
C ASP G 413 -89.45 -36.41 -8.81
N LYS G 414 -90.06 -37.57 -9.07
CA LYS G 414 -91.43 -37.81 -8.61
C LYS G 414 -91.48 -37.98 -7.10
N LYS G 415 -90.48 -38.65 -6.52
CA LYS G 415 -90.46 -38.88 -5.08
C LYS G 415 -90.22 -37.60 -4.31
N LEU G 416 -89.33 -36.74 -4.82
CA LEU G 416 -89.05 -35.47 -4.15
C LEU G 416 -90.24 -34.53 -4.21
N GLY G 417 -91.05 -34.63 -5.25
CA GLY G 417 -92.27 -33.84 -5.34
C GLY G 417 -93.37 -34.40 -4.47
N ASP G 418 -93.46 -35.72 -4.39
CA ASP G 418 -94.52 -36.34 -3.60
C ASP G 418 -94.24 -36.31 -2.10
N ARG G 419 -92.98 -36.16 -1.70
CA ARG G 419 -92.70 -36.09 -0.27
C ARG G 419 -93.06 -34.74 0.33
N TYR G 420 -93.07 -33.68 -0.48
CA TYR G 420 -93.38 -32.36 0.04
C TYR G 420 -94.87 -32.03 -0.03
N PHE G 421 -95.53 -32.37 -1.12
CA PHE G 421 -96.96 -32.10 -1.29
C PHE G 421 -97.79 -33.25 -0.73
N LYS G 422 -97.66 -33.44 0.59
CA LYS G 422 -98.31 -34.49 1.38
C LYS G 422 -98.08 -35.90 0.83
N ASP G 427 -101.28 -26.90 1.25
CA ASP G 427 -100.55 -27.04 0.00
C ASP G 427 -100.82 -25.86 -0.92
N ASP G 428 -102.01 -25.87 -1.53
CA ASP G 428 -102.53 -24.81 -2.41
C ASP G 428 -101.63 -24.55 -3.61
N ASN G 429 -100.98 -25.62 -4.11
CA ASN G 429 -100.19 -25.63 -5.35
C ASN G 429 -99.04 -24.62 -5.33
N LYS G 430 -98.46 -24.36 -4.16
CA LYS G 430 -97.37 -23.41 -4.04
C LYS G 430 -96.45 -23.85 -2.91
N ILE G 431 -95.15 -23.70 -3.14
CA ILE G 431 -94.17 -23.99 -2.10
C ILE G 431 -94.24 -22.88 -1.06
N ARG G 432 -94.57 -23.24 0.18
CA ARG G 432 -94.74 -22.28 1.27
C ARG G 432 -93.77 -22.62 2.39
N PRO G 433 -92.52 -22.17 2.32
CA PRO G 433 -91.60 -22.38 3.43
C PRO G 433 -91.85 -21.36 4.54
N LEU G 434 -91.68 -21.82 5.77
CA LEU G 434 -91.89 -20.96 6.92
C LEU G 434 -90.60 -20.20 7.22
N LYS G 435 -90.56 -19.51 8.36
CA LYS G 435 -89.39 -18.71 8.70
C LYS G 435 -88.30 -19.57 9.34
N PHE G 436 -88.67 -20.38 10.32
CA PHE G 436 -87.71 -21.24 11.01
C PHE G 436 -87.77 -22.65 10.42
N ASP G 437 -87.37 -22.74 9.16
CA ASP G 437 -87.41 -24.04 8.49
C ASP G 437 -86.09 -24.45 7.87
N LEU G 438 -85.32 -23.50 7.35
CA LEU G 438 -84.13 -23.80 6.56
C LEU G 438 -82.89 -23.20 7.20
N ILE G 439 -81.78 -23.91 7.04
CA ILE G 439 -80.46 -23.47 7.49
C ILE G 439 -79.55 -23.44 6.27
N LEU G 440 -78.87 -22.32 6.05
CA LEU G 440 -78.01 -22.13 4.90
C LEU G 440 -76.60 -22.60 5.24
N LYS G 441 -76.10 -23.61 4.53
CA LYS G 441 -74.75 -24.11 4.74
C LYS G 441 -73.97 -24.02 3.43
N SER G 442 -72.80 -23.38 3.49
CA SER G 442 -71.98 -23.22 2.31
C SER G 442 -71.13 -24.47 2.08
N GLN G 443 -70.93 -24.80 0.80
CA GLN G 443 -70.10 -25.92 0.42
C GLN G 443 -69.53 -25.64 -0.97
N LEU G 444 -68.75 -26.58 -1.48
CA LEU G 444 -68.21 -26.43 -2.83
C LEU G 444 -69.29 -26.71 -3.86
N LYS G 445 -69.23 -25.98 -4.97
CA LYS G 445 -70.22 -26.13 -6.03
C LYS G 445 -69.97 -27.44 -6.76
N THR G 446 -70.85 -28.42 -6.54
CA THR G 446 -70.76 -29.70 -7.22
C THR G 446 -72.15 -30.10 -7.67
N GLU G 447 -72.19 -31.01 -8.64
CA GLU G 447 -73.45 -31.51 -9.16
C GLU G 447 -74.06 -32.48 -8.16
N SER G 448 -75.39 -32.62 -8.23
CA SER G 448 -76.13 -33.31 -7.16
C SER G 448 -75.88 -34.81 -7.17
N ARG G 449 -75.75 -35.41 -8.35
CA ARG G 449 -75.52 -36.85 -8.42
C ARG G 449 -74.14 -37.24 -7.90
N ASP G 450 -73.13 -36.38 -8.10
CA ASP G 450 -71.79 -36.68 -7.59
C ASP G 450 -71.75 -36.57 -6.07
N GLU G 451 -72.43 -35.56 -5.51
CA GLU G 451 -72.52 -35.42 -4.06
C GLU G 451 -73.28 -36.58 -3.45
N LYS G 452 -74.38 -37.00 -4.08
CA LYS G 452 -75.12 -38.15 -3.59
C LYS G 452 -74.32 -39.44 -3.71
N TRP G 453 -73.49 -39.56 -4.75
CA TRP G 453 -72.64 -40.72 -4.92
C TRP G 453 -71.58 -40.80 -3.82
N TYR G 454 -70.97 -39.66 -3.48
CA TYR G 454 -69.97 -39.64 -2.41
C TYR G 454 -70.61 -39.92 -1.05
N ASN G 455 -71.82 -39.40 -0.82
CA ASN G 455 -72.51 -39.67 0.43
C ASN G 455 -72.93 -41.14 0.53
N TRP G 456 -73.36 -41.73 -0.59
CA TRP G 456 -73.68 -43.15 -0.61
C TRP G 456 -72.45 -44.01 -0.34
N ASN G 457 -71.30 -43.60 -0.88
CA ASN G 457 -70.07 -44.37 -0.68
C ASN G 457 -69.62 -44.33 0.76
N GLU G 458 -69.62 -43.14 1.38
CA GLU G 458 -69.21 -43.07 2.78
C GLU G 458 -70.23 -43.73 3.69
N LEU G 459 -71.51 -43.68 3.34
CA LEU G 459 -72.52 -44.33 4.18
C LEU G 459 -72.41 -45.85 4.10
N LEU G 460 -72.13 -46.40 2.92
CA LEU G 460 -71.93 -47.84 2.83
C LEU G 460 -70.60 -48.28 3.44
N LYS G 461 -69.60 -47.41 3.49
CA LYS G 461 -68.39 -47.78 4.20
C LYS G 461 -68.53 -47.60 5.70
N ILE G 462 -69.51 -46.83 6.16
CA ILE G 462 -69.76 -46.70 7.59
C ILE G 462 -70.64 -47.84 8.09
N LEU G 463 -71.70 -48.16 7.36
CA LEU G 463 -72.70 -49.14 7.78
C LEU G 463 -72.26 -50.58 7.57
N ALA G 464 -71.06 -50.83 7.07
CA ALA G 464 -70.64 -52.20 6.82
C ALA G 464 -70.35 -53.01 8.09
N PRO G 465 -69.56 -52.51 9.10
CA PRO G 465 -69.37 -53.35 10.28
C PRO G 465 -70.55 -53.34 11.25
N ILE G 466 -71.25 -52.21 11.34
CA ILE G 466 -72.23 -52.08 12.43
C ILE G 466 -73.55 -52.76 12.09
N ARG G 467 -73.96 -52.78 10.83
CA ARG G 467 -75.21 -53.43 10.44
C ARG G 467 -75.13 -53.88 8.99
N PRO G 468 -74.71 -55.12 8.75
CA PRO G 468 -74.46 -55.56 7.38
C PRO G 468 -75.71 -55.83 6.56
N ASP G 469 -76.80 -56.28 7.20
CA ASP G 469 -78.01 -56.65 6.47
C ASP G 469 -78.71 -55.46 5.83
N LEU G 470 -78.43 -54.24 6.31
CA LEU G 470 -78.93 -53.05 5.66
C LEU G 470 -78.21 -52.74 4.35
N VAL G 471 -76.98 -53.23 4.18
CA VAL G 471 -76.14 -52.86 3.04
C VAL G 471 -76.61 -53.39 1.68
N PRO G 472 -76.97 -54.68 1.48
CA PRO G 472 -77.35 -55.08 0.11
C PRO G 472 -78.73 -54.59 -0.33
N SER G 473 -79.51 -53.99 0.55
CA SER G 473 -80.76 -53.35 0.16
C SER G 473 -80.57 -51.90 -0.25
N LEU G 474 -79.36 -51.37 -0.15
CA LEU G 474 -79.09 -49.97 -0.49
C LEU G 474 -78.44 -49.78 -1.85
N VAL G 475 -77.81 -50.83 -2.39
CA VAL G 475 -77.04 -50.70 -3.63
C VAL G 475 -77.86 -50.43 -4.90
N PRO G 476 -79.14 -50.82 -5.06
CA PRO G 476 -79.88 -50.21 -6.18
C PRO G 476 -80.17 -48.74 -5.96
N LEU G 477 -80.43 -48.32 -4.71
CA LEU G 477 -80.61 -46.91 -4.44
C LEU G 477 -79.31 -46.14 -4.55
N MET G 478 -78.17 -46.81 -4.35
CA MET G 478 -76.89 -46.17 -4.63
C MET G 478 -76.64 -46.07 -6.12
N LEU G 479 -76.92 -47.12 -6.87
CA LEU G 479 -76.62 -47.14 -8.30
C LEU G 479 -77.58 -46.30 -9.11
N ASN G 480 -78.76 -46.00 -8.57
CA ASN G 480 -79.65 -45.06 -9.25
C ASN G 480 -79.10 -43.64 -9.25
N ASP G 481 -78.22 -43.31 -8.32
CA ASP G 481 -77.64 -41.98 -8.19
C ASP G 481 -76.22 -41.92 -8.74
N MET G 482 -75.95 -42.65 -9.82
CA MET G 482 -74.63 -42.68 -10.44
C MET G 482 -74.66 -41.96 -11.78
N ASP G 483 -73.66 -41.12 -12.02
CA ASP G 483 -73.58 -40.30 -13.23
C ASP G 483 -72.80 -41.02 -14.34
N SER G 484 -72.53 -42.29 -14.17
CA SER G 484 -71.77 -43.05 -15.15
C SER G 484 -72.63 -43.38 -16.37
N PRO G 485 -72.03 -43.48 -17.56
CA PRO G 485 -72.79 -43.92 -18.74
C PRO G 485 -73.17 -45.38 -18.73
N ILE G 486 -72.59 -46.21 -17.85
CA ILE G 486 -72.96 -47.62 -17.77
C ILE G 486 -74.16 -47.87 -16.88
N THR G 487 -74.80 -46.82 -16.37
CA THR G 487 -75.83 -46.96 -15.34
C THR G 487 -77.08 -47.65 -15.87
N ASN G 488 -77.48 -47.31 -17.11
CA ASN G 488 -78.67 -47.91 -17.70
C ASN G 488 -78.49 -49.40 -18.00
N ASP G 489 -77.26 -49.88 -18.08
CA ASP G 489 -77.00 -51.31 -18.21
C ASP G 489 -76.98 -52.00 -16.86
N VAL G 490 -76.41 -51.36 -15.84
CA VAL G 490 -76.32 -51.95 -14.50
C VAL G 490 -77.70 -52.09 -13.88
N LEU G 491 -78.58 -51.12 -14.14
CA LEU G 491 -79.92 -51.17 -13.56
C LEU G 491 -80.75 -52.29 -14.17
N GLU G 492 -80.67 -52.49 -15.48
CA GLU G 492 -81.41 -53.61 -16.07
C GLU G 492 -80.76 -54.94 -15.76
N ALA G 493 -79.44 -54.95 -15.49
CA ALA G 493 -78.80 -56.17 -15.00
C ALA G 493 -79.29 -56.54 -13.61
N ILE G 494 -79.48 -55.54 -12.75
CA ILE G 494 -80.03 -55.76 -11.41
C ILE G 494 -81.46 -56.27 -11.51
N GLN G 495 -82.26 -55.68 -12.42
CA GLN G 495 -83.64 -56.11 -12.60
C GLN G 495 -83.72 -57.55 -13.12
N ASN G 496 -82.85 -57.92 -14.05
CA ASN G 496 -82.84 -59.28 -14.57
C ASN G 496 -82.38 -60.28 -13.52
N ALA G 497 -81.39 -59.90 -12.69
CA ALA G 497 -80.93 -60.78 -11.63
C ALA G 497 -81.99 -60.98 -10.56
N ASN G 498 -82.73 -59.91 -10.21
CA ASN G 498 -83.80 -60.02 -9.23
C ASN G 498 -84.97 -60.84 -9.77
N ALA G 499 -85.27 -60.68 -11.07
CA ALA G 499 -86.33 -61.47 -11.69
C ALA G 499 -85.96 -62.95 -11.73
N LEU G 500 -84.70 -63.26 -12.06
CA LEU G 500 -84.25 -64.65 -12.07
C LEU G 500 -84.24 -65.24 -10.67
N GLN G 501 -83.87 -64.44 -9.67
CA GLN G 501 -83.82 -64.93 -8.29
C GLN G 501 -85.22 -65.22 -7.76
N GLN G 502 -86.17 -64.30 -7.99
CA GLN G 502 -87.54 -64.55 -7.52
C GLN G 502 -88.22 -65.63 -8.35
N GLN G 503 -87.81 -65.81 -9.62
CA GLN G 503 -88.35 -66.90 -10.43
C GLN G 503 -87.87 -68.25 -9.92
N ASN G 504 -86.59 -68.37 -9.58
CA ASN G 504 -86.08 -69.60 -8.99
C ASN G 504 -86.69 -69.87 -7.61
N ALA G 505 -86.93 -68.81 -6.83
CA ALA G 505 -87.52 -68.98 -5.51
C ALA G 505 -88.97 -69.46 -5.61
N GLU G 506 -89.77 -68.85 -6.49
CA GLU G 506 -91.14 -69.29 -6.66
C GLU G 506 -91.25 -70.60 -7.43
N ALA G 507 -90.18 -71.03 -8.11
CA ALA G 507 -90.18 -72.34 -8.72
C ALA G 507 -89.82 -73.44 -7.72
N ASN G 508 -88.95 -73.15 -6.76
CA ASN G 508 -88.52 -74.15 -5.79
C ASN G 508 -89.37 -74.17 -4.53
N ALA G 509 -90.21 -73.16 -4.28
CA ALA G 509 -91.07 -73.10 -3.11
C ALA G 509 -92.10 -74.23 -2.91
N PRO G 510 -92.72 -74.82 -3.95
CA PRO G 510 -93.59 -75.99 -3.68
C PRO G 510 -92.85 -77.20 -3.10
N TYR G 511 -91.61 -77.43 -3.52
CA TYR G 511 -90.82 -78.51 -2.93
C TYR G 511 -90.51 -78.21 -1.45
N ASN G 512 -90.25 -76.94 -1.13
CA ASN G 512 -89.95 -76.57 0.25
C ASN G 512 -91.17 -76.72 1.15
N GLN G 513 -92.35 -76.30 0.68
CA GLN G 513 -93.55 -76.47 1.51
C GLN G 513 -93.97 -77.94 1.58
N GLN G 514 -93.67 -78.72 0.55
CA GLN G 514 -93.91 -80.17 0.61
C GLN G 514 -93.03 -80.82 1.67
N ILE G 515 -91.74 -80.44 1.72
CA ILE G 515 -90.83 -80.96 2.73
C ILE G 515 -91.27 -80.54 4.13
N GLN G 516 -91.78 -79.31 4.27
CA GLN G 516 -92.26 -78.82 5.57
C GLN G 516 -93.46 -79.62 6.06
N ALA G 517 -94.47 -79.79 5.20
CA ALA G 517 -95.65 -80.58 5.56
C ALA G 517 -95.30 -82.03 5.83
N LEU G 518 -94.34 -82.58 5.10
CA LEU G 518 -93.96 -83.97 5.29
C LEU G 518 -93.21 -84.18 6.59
N GLN G 519 -92.39 -83.20 6.98
CA GLN G 519 -91.70 -83.29 8.27
C GLN G 519 -92.69 -83.12 9.42
N ILE G 520 -93.71 -82.27 9.23
CA ILE G 520 -94.76 -82.12 10.23
C ILE G 520 -95.53 -83.43 10.41
N GLN G 521 -95.84 -84.10 9.29
CA GLN G 521 -96.53 -85.39 9.37
C GLN G 521 -95.65 -86.47 10.00
N LYS G 522 -94.33 -86.42 9.77
CA LYS G 522 -93.44 -87.37 10.43
C LYS G 522 -93.38 -87.15 11.93
N LEU G 523 -93.30 -85.88 12.35
CA LEU G 523 -93.25 -85.60 13.77
C LEU G 523 -94.57 -85.87 14.46
N GLN G 524 -95.71 -85.82 13.74
CA GLN G 524 -96.98 -86.26 14.30
C GLN G 524 -97.09 -87.78 14.36
N ALA G 525 -96.53 -88.46 13.36
CA ALA G 525 -96.52 -89.92 13.36
C ALA G 525 -95.71 -90.47 14.52
N GLU G 526 -94.64 -89.75 14.91
CA GLU G 526 -93.90 -90.14 16.12
C GLU G 526 -94.75 -90.01 17.37
N ILE G 527 -95.61 -88.98 17.43
CA ILE G 527 -96.52 -88.80 18.57
C ILE G 527 -97.47 -89.98 18.69
N MET G 528 -98.14 -90.31 17.59
CA MET G 528 -99.12 -91.40 17.65
C MET G 528 -98.45 -92.75 17.84
N GLU G 529 -97.21 -92.91 17.36
CA GLU G 529 -96.48 -94.15 17.58
C GLU G 529 -96.13 -94.36 19.04
N LEU G 530 -95.57 -93.32 19.68
CA LEU G 530 -95.19 -93.45 21.08
C LEU G 530 -96.40 -93.55 21.99
N GLN G 531 -97.51 -92.87 21.64
CA GLN G 531 -98.72 -92.99 22.43
C GLN G 531 -99.32 -94.38 22.32
N ALA G 532 -99.27 -94.99 21.13
CA ALA G 532 -99.76 -96.35 20.97
C ALA G 532 -98.89 -97.36 21.71
N LYS G 533 -97.57 -97.14 21.71
CA LYS G 533 -96.68 -98.01 22.48
C LYS G 533 -96.94 -97.89 23.97
N ALA G 534 -97.16 -96.68 24.47
CA ALA G 534 -97.48 -96.49 25.88
C ALA G 534 -98.82 -97.13 26.24
N HIS G 535 -99.80 -97.05 25.33
CA HIS G 535 -101.10 -97.67 25.58
C HIS G 535 -101.00 -99.19 25.63
N LYS G 536 -100.27 -99.80 24.68
CA LYS G 536 -100.17 -101.25 24.67
C LYS G 536 -99.32 -101.76 25.84
N TYR G 537 -98.32 -101.00 26.29
CA TYR G 537 -97.54 -101.42 27.44
C TYR G 537 -98.36 -101.30 28.73
N ALA G 538 -99.20 -100.27 28.83
CA ALA G 538 -100.05 -100.12 30.01
C ALA G 538 -101.10 -101.23 30.07
N GLU G 539 -101.67 -101.60 28.91
CA GLU G 539 -102.65 -102.68 28.94
C GLU G 539 -101.99 -104.05 29.17
N GLN G 540 -100.73 -104.22 28.73
CA GLN G 540 -100.01 -105.44 29.07
C GLN G 540 -99.72 -105.51 30.56
N GLY G 541 -99.41 -104.36 31.18
CA GLY G 541 -99.22 -104.35 32.62
C GLY G 541 -100.50 -104.64 33.39
N ALA G 542 -101.63 -104.15 32.89
CA ALA G 542 -102.91 -104.45 33.52
C ALA G 542 -103.28 -105.93 33.36
N LEU G 543 -102.97 -106.50 32.20
CA LEU G 543 -103.17 -107.94 31.99
C LEU G 543 -102.31 -108.77 32.93
N SER G 544 -101.06 -108.33 33.15
CA SER G 544 -100.17 -109.02 34.08
C SER G 544 -100.68 -108.90 35.51
N GLN G 545 -101.25 -107.75 35.87
CA GLN G 545 -101.85 -107.57 37.19
C GLN G 545 -103.04 -108.50 37.39
N THR G 546 -103.88 -108.67 36.35
CA THR G 546 -105.05 -109.51 36.48
C THR G 546 -104.68 -110.99 36.56
N THR G 547 -103.69 -111.43 35.78
CA THR G 547 -103.31 -112.83 35.88
C THR G 547 -102.51 -113.11 37.16
N ASN G 548 -101.84 -112.08 37.71
CA ASN G 548 -101.27 -112.20 39.05
C ASN G 548 -102.35 -112.40 40.09
N GLU G 549 -103.47 -111.67 39.95
CA GLU G 549 -104.59 -111.81 40.88
C GLU G 549 -105.24 -113.19 40.75
N SER G 550 -105.30 -113.74 39.53
CA SER G 550 -105.90 -115.06 39.37
C SER G 550 -105.00 -116.15 39.93
N GLU G 551 -103.67 -116.00 39.76
CA GLU G 551 -102.76 -116.95 40.38
C GLU G 551 -102.80 -116.85 41.90
N LYS G 552 -103.03 -115.64 42.43
CA LYS G 552 -103.20 -115.48 43.87
C LYS G 552 -104.46 -116.15 44.37
N ILE G 553 -105.55 -116.07 43.60
CA ILE G 553 -106.79 -116.76 43.98
C ILE G 553 -106.63 -118.27 43.87
N ASN G 554 -105.85 -118.74 42.90
CA ASN G 554 -105.55 -120.16 42.77
C ASN G 554 -104.75 -120.66 43.96
N GLN G 555 -103.82 -119.85 44.46
CA GLN G 555 -103.08 -120.22 45.67
C GLN G 555 -103.98 -120.18 46.90
N ALA G 556 -104.86 -119.17 46.99
CA ALA G 556 -105.74 -119.02 48.14
C ALA G 556 -106.81 -120.09 48.20
N VAL G 557 -107.12 -120.75 47.08
CA VAL G 557 -107.96 -121.94 47.15
C VAL G 557 -107.15 -123.24 47.21
N ALA G 558 -105.89 -123.22 46.78
CA ALA G 558 -105.07 -124.42 46.89
C ALA G 558 -104.62 -124.67 48.32
N ILE G 559 -104.50 -123.60 49.12
CA ILE G 559 -104.16 -123.78 50.53
C ILE G 559 -105.32 -124.44 51.28
N THR G 560 -106.56 -124.23 50.83
CA THR G 560 -107.70 -124.90 51.46
C THR G 560 -107.98 -126.26 50.82
N GLU G 561 -107.57 -126.48 49.57
CA GLU G 561 -107.62 -127.82 49.01
C GLU G 561 -106.56 -128.72 49.62
N MET G 562 -105.44 -128.14 50.08
CA MET G 562 -104.46 -128.92 50.81
C MET G 562 -104.98 -129.31 52.19
N GLN G 563 -105.52 -128.34 52.94
CA GLN G 563 -106.10 -128.61 54.25
C GLN G 563 -107.62 -128.53 54.18
N MET H 1 -84.25 11.91 33.88
CA MET H 1 -85.65 11.64 33.53
C MET H 1 -86.26 12.81 32.77
N ASP H 2 -85.67 13.98 32.91
CA ASP H 2 -85.97 15.12 32.06
C ASP H 2 -84.71 15.55 31.31
N PHE H 3 -84.84 16.64 30.55
CA PHE H 3 -83.81 17.03 29.60
C PHE H 3 -82.54 17.54 30.30
N THR H 4 -82.68 18.09 31.51
CA THR H 4 -81.56 18.76 32.17
C THR H 4 -80.49 17.77 32.60
N THR H 5 -80.86 16.74 33.37
CA THR H 5 -79.86 15.78 33.80
C THR H 5 -79.40 14.89 32.66
N LEU H 6 -80.26 14.67 31.65
CA LEU H 6 -79.84 13.91 30.47
C LEU H 6 -78.74 14.66 29.72
N GLN H 7 -78.90 15.97 29.54
CA GLN H 7 -77.89 16.76 28.86
C GLN H 7 -76.61 16.88 29.70
N ASN H 8 -76.76 17.05 31.01
CA ASN H 8 -75.59 17.20 31.87
C ASN H 8 -74.79 15.90 31.98
N ASP H 9 -75.48 14.77 32.14
CA ASP H 9 -74.78 13.50 32.22
C ASP H 9 -74.23 13.07 30.86
N PHE H 10 -74.89 13.44 29.77
CA PHE H 10 -74.30 13.17 28.46
C PHE H 10 -73.05 14.00 28.22
N THR H 11 -73.04 15.25 28.71
CA THR H 11 -71.84 16.08 28.60
C THR H 11 -70.70 15.52 29.44
N ASN H 12 -71.01 15.09 30.67
CA ASN H 12 -69.99 14.53 31.56
C ASN H 12 -69.45 13.21 31.02
N ASP H 13 -70.31 12.41 30.36
CA ASP H 13 -69.84 11.15 29.82
C ASP H 13 -69.10 11.33 28.50
N TYR H 14 -69.47 12.34 27.71
CA TYR H 14 -68.83 12.54 26.42
C TYR H 14 -67.48 13.22 26.55
N GLN H 15 -67.35 14.15 27.50
CA GLN H 15 -66.07 14.83 27.67
C GLN H 15 -65.02 13.94 28.31
N LYS H 16 -65.44 12.99 29.16
CA LYS H 16 -64.50 12.08 29.79
C LYS H 16 -64.19 10.85 28.93
N ALA H 17 -64.85 10.72 27.77
CA ALA H 17 -64.57 9.63 26.84
C ALA H 17 -64.11 10.15 25.48
N LEU H 18 -63.66 11.40 25.42
CA LEU H 18 -63.21 11.97 24.15
C LEU H 18 -61.77 11.59 23.85
N ILE H 19 -60.94 11.44 24.88
CA ILE H 19 -59.53 11.12 24.68
C ILE H 19 -59.35 9.68 24.21
N ALA H 20 -60.33 8.81 24.46
CA ALA H 20 -60.27 7.45 23.97
C ALA H 20 -60.95 7.29 22.61
N ASN H 21 -62.02 8.06 22.36
CA ASN H 21 -62.65 8.03 21.05
C ASN H 21 -61.76 8.66 19.99
N ASN H 22 -60.96 9.66 20.37
CA ASN H 22 -59.99 10.23 19.43
C ASN H 22 -58.92 9.22 19.06
N GLU H 23 -58.47 8.42 20.03
CA GLU H 23 -57.50 7.37 19.73
C GLU H 23 -58.12 6.24 18.93
N PHE H 24 -59.42 5.97 19.14
CA PHE H 24 -60.13 4.99 18.33
C PHE H 24 -60.21 5.44 16.88
N LEU H 25 -60.54 6.71 16.65
CA LEU H 25 -60.61 7.23 15.28
C LEU H 25 -59.23 7.31 14.64
N GLU H 26 -58.20 7.62 15.44
CA GLU H 26 -56.82 7.55 14.94
C GLU H 26 -56.45 6.12 14.53
N ALA H 27 -56.87 5.13 15.32
CA ALA H 27 -56.55 3.74 15.00
C ALA H 27 -57.29 3.27 13.75
N LYS H 28 -58.54 3.71 13.58
CA LYS H 28 -59.29 3.36 12.38
C LYS H 28 -58.75 4.09 11.15
N LYS H 29 -58.18 5.28 11.33
CA LYS H 29 -57.54 5.96 10.21
C LYS H 29 -56.23 5.29 9.84
N TYR H 30 -55.46 4.85 10.83
CA TYR H 30 -54.21 4.15 10.56
C TYR H 30 -54.45 2.79 9.94
N TYR H 31 -55.58 2.15 10.26
CA TYR H 31 -55.91 0.87 9.65
C TYR H 31 -56.29 1.02 8.19
N ASN H 32 -56.82 2.18 7.80
CA ASN H 32 -57.32 2.40 6.45
C ASN H 32 -56.37 3.24 5.60
N GLY H 33 -55.06 3.12 5.83
CA GLY H 33 -54.06 3.73 5.00
C GLY H 33 -53.61 5.12 5.44
N ASN H 34 -54.48 5.87 6.13
CA ASN H 34 -54.12 7.22 6.55
C ASN H 34 -53.14 7.19 7.70
N GLN H 35 -51.86 7.02 7.40
CA GLN H 35 -50.84 6.85 8.42
C GLN H 35 -49.88 8.02 8.53
N LEU H 36 -49.84 8.90 7.54
CA LEU H 36 -48.88 9.99 7.67
C LEU H 36 -49.56 11.25 8.16
N PRO H 37 -48.88 12.05 8.98
CA PRO H 37 -49.45 13.34 9.41
C PRO H 37 -49.48 14.36 8.28
N GLN H 38 -50.09 15.52 8.55
CA GLN H 38 -50.23 16.53 7.51
C GLN H 38 -48.91 17.23 7.22
N ASP H 39 -48.12 17.52 8.25
CA ASP H 39 -46.85 18.19 8.04
C ASP H 39 -45.83 17.29 7.39
N VAL H 40 -45.84 15.99 7.70
CA VAL H 40 -44.95 15.04 7.05
C VAL H 40 -45.33 14.89 5.57
N LEU H 41 -46.64 14.87 5.29
CA LEU H 41 -47.10 14.82 3.90
C LEU H 41 -46.70 16.07 3.14
N ASN H 42 -46.76 17.23 3.79
CA ASN H 42 -46.33 18.47 3.13
C ASN H 42 -44.83 18.48 2.89
N ILE H 43 -44.04 18.00 3.86
CA ILE H 43 -42.59 17.94 3.71
C ILE H 43 -42.19 16.99 2.58
N ILE H 44 -42.91 15.87 2.45
CA ILE H 44 -42.65 14.94 1.37
C ILE H 44 -43.05 15.53 0.02
N LEU H 45 -44.21 16.19 -0.04
CA LEU H 45 -44.70 16.70 -1.32
C LEU H 45 -44.00 17.97 -1.76
N GLU H 46 -43.32 18.68 -0.85
CA GLU H 46 -42.56 19.85 -1.27
C GLU H 46 -41.27 19.48 -1.98
N ARG H 47 -40.74 18.28 -1.72
CA ARG H 47 -39.55 17.81 -2.43
C ARG H 47 -39.88 17.10 -3.73
N GLY H 48 -41.15 17.06 -4.13
CA GLY H 48 -41.52 16.33 -5.33
C GLY H 48 -41.46 14.83 -5.17
N GLN H 49 -41.57 14.34 -3.94
CA GLN H 49 -41.48 12.92 -3.64
C GLN H 49 -42.87 12.34 -3.47
N THR H 50 -43.06 11.11 -3.93
CA THR H 50 -44.32 10.41 -3.73
C THR H 50 -44.31 9.74 -2.37
N PRO H 51 -45.25 10.05 -1.47
CA PRO H 51 -45.26 9.44 -0.14
C PRO H 51 -45.70 7.99 -0.21
N ILE H 52 -44.82 7.09 0.20
CA ILE H 52 -45.11 5.66 0.23
C ILE H 52 -45.46 5.27 1.65
N ILE H 53 -46.61 4.61 1.81
CA ILE H 53 -47.13 4.21 3.12
C ILE H 53 -47.15 2.70 3.14
N GLU H 54 -46.32 2.13 4.01
CA GLU H 54 -46.27 0.68 4.22
C GLU H 54 -47.26 0.33 5.32
N ASN H 55 -48.41 -0.24 4.94
CA ASN H 55 -49.45 -0.58 5.91
C ASN H 55 -49.15 -1.97 6.48
N MET H 56 -48.09 -2.02 7.28
CA MET H 56 -47.54 -3.28 7.74
C MET H 56 -48.36 -3.89 8.88
N PHE H 57 -49.19 -3.12 9.55
CA PHE H 57 -50.01 -3.69 10.62
C PHE H 57 -51.43 -4.01 10.19
N LYS H 58 -51.83 -3.62 8.98
CA LYS H 58 -53.12 -4.07 8.45
C LYS H 58 -53.10 -5.56 8.18
N VAL H 59 -51.97 -6.08 7.71
CA VAL H 59 -51.88 -7.51 7.46
C VAL H 59 -51.80 -8.29 8.77
N ILE H 60 -51.30 -7.67 9.84
CA ILE H 60 -51.27 -8.31 11.15
C ILE H 60 -52.68 -8.48 11.70
N VAL H 61 -53.46 -7.40 11.65
CA VAL H 61 -54.86 -7.43 12.08
C VAL H 61 -55.66 -8.37 11.18
N ASN H 62 -55.34 -8.39 9.88
CA ASN H 62 -56.02 -9.30 8.96
C ASN H 62 -55.68 -10.75 9.26
N LYS H 63 -54.47 -11.03 9.72
CA LYS H 63 -54.10 -12.40 10.09
C LYS H 63 -54.82 -12.85 11.35
N ILE H 64 -54.89 -11.98 12.37
CA ILE H 64 -55.59 -12.33 13.61
C ILE H 64 -57.08 -12.48 13.36
N LEU H 65 -57.66 -11.57 12.56
CA LEU H 65 -59.07 -11.69 12.23
C LEU H 65 -59.35 -12.86 11.31
N GLY H 66 -58.38 -13.27 10.49
CA GLY H 66 -58.54 -14.46 9.70
C GLY H 66 -58.49 -15.73 10.54
N TYR H 67 -57.74 -15.69 11.63
CA TYR H 67 -57.85 -16.77 12.61
C TYR H 67 -59.22 -16.76 13.28
N LYS H 68 -59.75 -15.57 13.57
CA LYS H 68 -61.02 -15.50 14.29
C LYS H 68 -62.24 -15.73 13.41
N ILE H 69 -62.11 -15.60 12.09
CA ILE H 69 -63.26 -15.77 11.20
C ILE H 69 -63.71 -17.24 11.20
N GLU H 70 -62.75 -18.15 11.10
CA GLU H 70 -63.08 -19.56 11.04
C GLU H 70 -63.21 -20.17 12.43
N SER H 71 -62.63 -19.56 13.45
CA SER H 71 -62.86 -19.97 14.83
C SER H 71 -63.94 -19.12 15.49
N ILE H 72 -65.10 -19.00 14.87
CA ILE H 72 -66.23 -18.30 15.48
C ILE H 72 -66.81 -19.19 16.57
N SER H 73 -66.89 -18.67 17.78
CA SER H 73 -67.32 -19.44 18.93
C SER H 73 -68.81 -19.25 19.16
N GLU H 74 -69.51 -20.36 19.32
CA GLU H 74 -70.87 -20.37 19.82
C GLU H 74 -70.85 -20.87 21.25
N ILE H 75 -71.98 -20.67 21.94
CA ILE H 75 -72.13 -21.12 23.32
C ILE H 75 -73.24 -22.16 23.34
N ARG H 76 -72.89 -23.37 23.78
CA ARG H 76 -73.88 -24.40 24.03
C ARG H 76 -74.19 -24.46 25.51
N LEU H 77 -75.36 -25.00 25.83
CA LEU H 77 -75.84 -25.08 27.20
C LEU H 77 -75.82 -26.53 27.67
N SER H 78 -75.39 -26.73 28.90
CA SER H 78 -75.31 -28.04 29.50
C SER H 78 -76.15 -28.09 30.76
N PRO H 79 -76.78 -29.23 31.07
CA PRO H 79 -77.59 -29.31 32.27
C PRO H 79 -76.74 -29.41 33.53
N LYS H 80 -77.20 -28.73 34.58
CA LYS H 80 -76.57 -28.88 35.89
C LYS H 80 -77.02 -30.18 36.55
N GLN H 81 -78.32 -30.34 36.74
CA GLN H 81 -78.89 -31.58 37.24
C GLN H 81 -79.22 -32.49 36.05
N GLU H 82 -79.72 -33.70 36.36
CA GLU H 82 -80.12 -34.62 35.30
C GLU H 82 -81.47 -34.24 34.69
N GLU H 83 -82.32 -33.54 35.42
CA GLU H 83 -83.63 -33.16 34.92
C GLU H 83 -83.60 -31.91 34.05
N ASP H 84 -82.49 -31.17 34.05
CA ASP H 84 -82.38 -29.96 33.25
C ASP H 84 -82.03 -30.23 31.80
N ARG H 85 -81.69 -31.48 31.46
CA ARG H 85 -81.25 -31.83 30.11
C ARG H 85 -82.33 -31.58 29.08
N ALA H 86 -83.58 -31.95 29.41
CA ALA H 86 -84.72 -31.70 28.52
C ALA H 86 -84.97 -30.20 28.37
N LEU H 87 -84.52 -29.39 29.35
CA LEU H 87 -84.50 -27.96 29.12
C LEU H 87 -83.37 -27.58 28.16
N SER H 88 -82.15 -28.06 28.44
CA SER H 88 -80.97 -27.54 27.75
C SER H 88 -80.94 -27.96 26.29
N ASP H 89 -81.26 -29.23 26.01
CA ASP H 89 -81.39 -29.69 24.63
C ASP H 89 -82.55 -29.02 23.92
N LEU H 90 -83.51 -28.48 24.66
CA LEU H 90 -84.50 -27.59 24.04
C LEU H 90 -83.84 -26.28 23.65
N LEU H 91 -83.14 -25.64 24.60
CA LEU H 91 -82.64 -24.29 24.38
C LEU H 91 -81.50 -24.24 23.38
N ASN H 92 -80.68 -25.29 23.32
CA ASN H 92 -79.67 -25.40 22.27
C ASN H 92 -80.31 -25.53 20.90
N SER H 93 -81.53 -26.08 20.83
CA SER H 93 -82.26 -26.07 19.56
C SER H 93 -82.87 -24.72 19.28
N LEU H 94 -83.11 -23.90 20.31
CA LEU H 94 -83.72 -22.59 20.09
C LEU H 94 -82.67 -21.52 19.85
N LEU H 95 -81.41 -21.77 20.23
CA LEU H 95 -80.35 -20.83 19.95
C LEU H 95 -79.83 -20.93 18.52
N GLN H 96 -80.24 -21.97 17.78
CA GLN H 96 -79.74 -22.15 16.42
C GLN H 96 -80.33 -21.13 15.46
N VAL H 97 -81.56 -20.66 15.72
CA VAL H 97 -82.11 -19.56 14.92
C VAL H 97 -81.48 -18.23 15.28
N PHE H 98 -80.81 -18.15 16.42
CA PHE H 98 -79.97 -17.00 16.75
C PHE H 98 -78.56 -17.16 16.20
N ILE H 99 -78.11 -18.40 16.04
CA ILE H 99 -76.76 -18.65 15.55
C ILE H 99 -76.70 -18.50 14.04
N GLN H 100 -77.57 -19.21 13.31
CA GLN H 100 -77.47 -19.28 11.86
C GLN H 100 -78.23 -18.17 11.15
N GLN H 101 -78.50 -17.06 11.82
CA GLN H 101 -79.00 -15.90 11.12
C GLN H 101 -77.84 -15.20 10.40
N GLU H 102 -78.20 -14.29 9.50
CA GLU H 102 -77.20 -13.66 8.65
C GLU H 102 -76.35 -12.63 9.40
N ASN H 103 -76.94 -11.95 10.39
CA ASN H 103 -76.27 -10.88 11.09
C ASN H 103 -75.24 -11.36 12.11
N TYR H 104 -75.24 -12.65 12.45
CA TYR H 104 -74.42 -13.14 13.55
C TYR H 104 -72.93 -13.04 13.23
N ASP H 105 -72.52 -13.59 12.08
CA ASP H 105 -71.11 -13.57 11.71
C ASP H 105 -70.63 -12.16 11.42
N LYS H 106 -71.49 -11.33 10.83
CA LYS H 106 -71.13 -9.93 10.58
C LYS H 106 -70.90 -9.18 11.88
N SER H 107 -71.79 -9.37 12.86
CA SER H 107 -71.66 -8.69 14.14
C SER H 107 -70.44 -9.21 14.90
N MET H 108 -70.14 -10.50 14.81
CA MET H 108 -68.99 -11.03 15.52
C MET H 108 -67.67 -10.56 14.90
N ILE H 109 -67.61 -10.48 13.56
CA ILE H 109 -66.36 -10.05 12.93
C ILE H 109 -66.16 -8.54 13.11
N GLU H 110 -67.24 -7.76 13.05
CA GLU H 110 -67.16 -6.34 13.39
C GLU H 110 -66.75 -6.13 14.85
N ARG H 111 -67.24 -7.00 15.75
CA ARG H 111 -66.87 -6.94 17.16
C ARG H 111 -65.39 -7.20 17.35
N ASP H 112 -64.87 -8.24 16.69
CA ASP H 112 -63.44 -8.57 16.82
C ASP H 112 -62.56 -7.51 16.19
N LYS H 113 -63.00 -6.91 15.07
CA LYS H 113 -62.24 -5.83 14.48
C LYS H 113 -62.22 -4.60 15.37
N ASN H 114 -63.35 -4.28 16.01
CA ASN H 114 -63.36 -3.15 16.94
C ASN H 114 -62.58 -3.45 18.21
N LEU H 115 -62.56 -4.69 18.67
CA LEU H 115 -61.77 -5.06 19.84
C LEU H 115 -60.29 -5.09 19.55
N LEU H 116 -59.90 -5.33 18.30
CA LEU H 116 -58.48 -5.41 17.98
C LEU H 116 -57.90 -4.07 17.57
N ILE H 117 -58.61 -3.31 16.73
CA ILE H 117 -58.15 -2.00 16.31
C ILE H 117 -58.18 -1.02 17.47
N GLY H 118 -59.34 -0.84 18.06
CA GLY H 118 -59.50 -0.09 19.29
C GLY H 118 -59.57 -0.99 20.49
N GLY H 119 -60.29 -0.54 21.51
CA GLY H 119 -60.43 -1.33 22.72
C GLY H 119 -61.84 -1.78 23.00
N LEU H 120 -62.82 -1.16 22.34
CA LEU H 120 -64.22 -1.41 22.63
C LEU H 120 -64.81 -2.48 21.73
N GLY H 121 -65.72 -3.26 22.28
CA GLY H 121 -66.59 -4.10 21.49
C GLY H 121 -68.00 -4.00 22.00
N VAL H 122 -68.93 -3.54 21.15
CA VAL H 122 -70.31 -3.27 21.55
C VAL H 122 -71.23 -4.07 20.63
N ILE H 123 -72.06 -4.93 21.21
CA ILE H 123 -73.04 -5.70 20.45
C ILE H 123 -74.40 -5.54 21.13
N GLN H 124 -75.40 -5.10 20.37
CA GLN H 124 -76.75 -4.97 20.90
C GLN H 124 -77.64 -6.07 20.35
N LEU H 125 -78.68 -6.38 21.14
CA LEU H 125 -79.66 -7.40 20.80
C LEU H 125 -81.04 -6.78 20.78
N TRP H 126 -81.94 -7.37 20.00
CA TRP H 126 -83.31 -6.88 19.89
C TRP H 126 -84.26 -8.06 19.75
N VAL H 127 -85.52 -7.81 20.10
CA VAL H 127 -86.52 -8.86 20.24
C VAL H 127 -87.66 -8.55 19.28
N SER H 128 -87.32 -8.10 18.07
CA SER H 128 -88.31 -7.70 17.08
C SER H 128 -89.22 -8.84 16.65
N GLN H 129 -90.50 -8.52 16.45
CA GLN H 129 -91.55 -9.47 16.09
C GLN H 129 -92.36 -8.85 14.95
N ASP H 130 -92.23 -9.43 13.75
CA ASP H 130 -92.60 -8.66 12.56
C ASP H 130 -94.11 -8.66 12.27
N LYS H 131 -94.65 -9.79 11.80
CA LYS H 131 -96.08 -9.82 11.45
C LYS H 131 -96.82 -11.09 11.84
N ASP H 132 -96.16 -12.24 11.89
CA ASP H 132 -96.85 -13.53 11.97
C ASP H 132 -96.52 -14.25 13.27
N LYS H 133 -96.55 -13.50 14.38
CA LYS H 133 -96.22 -13.98 15.74
C LYS H 133 -94.81 -14.58 15.81
N ASN H 134 -93.88 -14.06 15.02
CA ASN H 134 -92.55 -14.63 14.87
C ASN H 134 -91.57 -13.76 15.65
N VAL H 135 -91.27 -14.16 16.88
CA VAL H 135 -90.32 -13.44 17.70
C VAL H 135 -88.91 -13.83 17.29
N GLU H 136 -88.06 -12.83 17.05
CA GLU H 136 -86.70 -13.06 16.62
C GLU H 136 -85.75 -12.19 17.41
N ILE H 137 -84.54 -12.68 17.59
CA ILE H 137 -83.50 -11.99 18.34
C ILE H 137 -82.50 -11.45 17.32
N GLU H 138 -82.66 -10.19 16.95
CA GLU H 138 -81.68 -9.54 16.09
C GLU H 138 -80.42 -9.21 16.88
N ILE H 139 -79.29 -9.24 16.18
CA ILE H 139 -77.99 -8.92 16.76
C ILE H 139 -77.31 -7.90 15.84
N LYS H 140 -76.76 -6.84 16.44
CA LYS H 140 -76.11 -5.80 15.65
C LYS H 140 -74.88 -5.30 16.39
N ALA H 141 -73.74 -5.29 15.71
CA ALA H 141 -72.55 -4.68 16.27
C ALA H 141 -72.60 -3.17 16.07
N ILE H 142 -72.34 -2.42 17.14
CA ILE H 142 -72.43 -0.97 17.12
C ILE H 142 -71.05 -0.40 16.90
N LYS H 143 -70.95 0.62 16.05
CA LYS H 143 -69.71 1.37 15.86
C LYS H 143 -69.32 2.04 17.17
N PRO H 144 -68.13 1.75 17.71
CA PRO H 144 -67.82 2.21 19.08
C PRO H 144 -67.56 3.69 19.20
N GLU H 145 -67.28 4.40 18.10
CA GLU H 145 -67.09 5.84 18.23
C GLU H 145 -68.41 6.58 18.43
N SER H 146 -69.51 6.00 17.96
CA SER H 146 -70.84 6.54 18.23
C SER H 146 -71.49 5.82 19.40
N PHE H 147 -70.75 5.72 20.51
CA PHE H 147 -71.25 5.01 21.69
C PHE H 147 -70.51 5.54 22.91
N VAL H 148 -71.25 6.11 23.85
CA VAL H 148 -70.68 6.74 25.03
C VAL H 148 -71.09 5.93 26.26
N ILE H 149 -70.09 5.53 27.04
CA ILE H 149 -70.31 4.77 28.25
C ILE H 149 -70.29 5.75 29.42
N ASP H 150 -70.90 5.36 30.54
CA ASP H 150 -70.80 6.12 31.78
C ASP H 150 -69.35 6.21 32.24
N TYR H 151 -68.93 7.43 32.60
CA TYR H 151 -67.55 7.66 33.00
C TYR H 151 -67.22 7.05 34.35
N PHE H 152 -68.23 6.71 35.15
CA PHE H 152 -67.98 6.16 36.47
C PHE H 152 -67.59 4.68 36.45
N SER H 153 -67.89 3.97 35.36
CA SER H 153 -67.53 2.57 35.25
C SER H 153 -66.04 2.45 34.92
N THR H 154 -65.32 1.72 35.78
CA THR H 154 -63.88 1.58 35.62
C THR H 154 -63.46 0.24 35.02
N ASP H 155 -64.23 -0.81 35.22
CA ASP H 155 -63.79 -2.15 34.86
C ASP H 155 -64.06 -2.46 33.39
N LYS H 156 -63.46 -3.55 32.91
CA LYS H 156 -63.85 -4.09 31.63
C LYS H 156 -65.23 -4.74 31.75
N ASN H 157 -65.87 -4.92 30.60
CA ASN H 157 -67.24 -5.40 30.36
C ASN H 157 -68.32 -4.42 30.80
N ALA H 158 -67.96 -3.29 31.44
CA ALA H 158 -68.86 -2.16 31.73
C ALA H 158 -70.09 -2.57 32.54
N LEU H 159 -69.88 -3.45 33.52
CA LEU H 159 -71.03 -4.00 34.25
C LEU H 159 -71.57 -3.03 35.29
N ASP H 160 -70.73 -2.22 35.92
CA ASP H 160 -71.21 -1.22 36.86
C ASP H 160 -71.44 0.14 36.19
N ALA H 161 -72.14 0.12 35.06
CA ALA H 161 -72.43 1.33 34.31
C ALA H 161 -73.90 1.68 34.49
N ARG H 162 -74.18 2.96 34.68
CA ARG H 162 -75.54 3.42 34.93
C ARG H 162 -76.23 3.94 33.68
N ARG H 163 -75.48 4.24 32.62
CA ARG H 163 -76.08 4.79 31.41
C ARG H 163 -75.19 4.48 30.22
N PHE H 164 -75.84 4.24 29.08
CA PHE H 164 -75.18 4.08 27.80
C PHE H 164 -75.83 5.01 26.79
N HIS H 165 -75.03 5.81 26.11
CA HIS H 165 -75.54 6.72 25.09
C HIS H 165 -75.04 6.29 23.72
N LYS H 166 -75.91 6.36 22.72
CA LYS H 166 -75.51 6.16 21.34
C LYS H 166 -76.06 7.30 20.48
N MET H 167 -75.18 7.93 19.72
CA MET H 167 -75.53 9.08 18.90
C MET H 167 -75.78 8.60 17.48
N LEU H 168 -77.04 8.61 17.05
CA LEU H 168 -77.46 8.03 15.79
C LEU H 168 -77.84 9.10 14.77
N GLU H 169 -77.51 8.82 13.52
CA GLU H 169 -78.13 9.48 12.39
C GLU H 169 -79.43 8.74 12.06
N VAL H 170 -80.50 9.49 11.85
CA VAL H 170 -81.80 8.91 11.55
C VAL H 170 -82.39 9.67 10.36
N SER H 171 -82.84 8.94 9.34
CA SER H 171 -83.50 9.57 8.21
C SER H 171 -84.91 10.01 8.60
N GLU H 172 -85.57 10.71 7.68
CA GLU H 172 -86.84 11.38 8.00
C GLU H 172 -87.97 10.36 8.17
N GLN H 173 -88.13 9.45 7.21
CA GLN H 173 -89.22 8.48 7.29
C GLN H 173 -88.95 7.42 8.36
N GLU H 174 -87.68 7.12 8.64
CA GLU H 174 -87.37 6.27 9.78
C GLU H 174 -87.68 6.96 11.10
N ALA H 175 -87.55 8.28 11.15
CA ALA H 175 -87.97 9.01 12.34
C ALA H 175 -89.49 9.08 12.46
N LEU H 176 -90.19 9.09 11.32
CA LEU H 176 -91.65 9.02 11.36
C LEU H 176 -92.12 7.64 11.82
N LEU H 177 -91.44 6.59 11.40
CA LEU H 177 -91.79 5.25 11.86
C LEU H 177 -91.37 5.01 13.30
N LEU H 178 -90.32 5.69 13.75
CA LEU H 178 -89.82 5.48 15.11
C LEU H 178 -90.74 6.11 16.15
N PHE H 179 -91.30 7.28 15.83
CA PHE H 179 -92.33 7.89 16.66
C PHE H 179 -93.19 8.79 15.78
N GLY H 180 -94.45 8.93 16.15
CA GLY H 180 -95.42 9.61 15.32
C GLY H 180 -95.19 11.11 15.22
N ASP H 181 -95.99 11.73 14.36
CA ASP H 181 -95.85 13.14 14.04
C ASP H 181 -96.39 14.08 15.12
N SER H 182 -96.90 13.55 16.23
CA SER H 182 -97.45 14.41 17.28
C SER H 182 -96.37 15.16 18.03
N VAL H 183 -95.14 14.66 18.05
CA VAL H 183 -94.04 15.32 18.74
C VAL H 183 -93.12 15.95 17.69
N ILE H 184 -92.48 17.05 18.06
CA ILE H 184 -91.75 17.89 17.14
C ILE H 184 -90.32 17.38 17.00
N VAL H 185 -89.88 17.25 15.75
CA VAL H 185 -88.55 16.71 15.44
C VAL H 185 -87.68 17.85 14.94
N ASN H 186 -86.45 17.94 15.45
CA ASN H 186 -85.48 18.94 15.01
C ASN H 186 -84.61 18.30 13.93
N TYR H 187 -85.02 18.49 12.67
CA TYR H 187 -84.30 17.92 11.55
C TYR H 187 -83.08 18.76 11.19
N SER H 188 -82.26 18.22 10.29
CA SER H 188 -81.17 18.96 9.69
C SER H 188 -81.55 19.32 8.24
N ASN H 189 -80.61 19.94 7.54
CA ASN H 189 -80.80 20.28 6.14
C ASN H 189 -79.50 20.07 5.38
N VAL H 190 -78.90 18.88 5.55
CA VAL H 190 -77.50 18.67 5.19
C VAL H 190 -77.28 18.75 3.67
N ASN H 191 -78.09 18.05 2.87
CA ASN H 191 -78.20 18.40 1.46
C ASN H 191 -79.63 18.68 1.04
N HIS H 192 -80.53 17.70 1.09
CA HIS H 192 -81.93 17.93 0.76
C HIS H 192 -82.90 17.06 1.53
N GLU H 193 -82.45 16.22 2.47
CA GLU H 193 -83.23 15.06 2.88
C GLU H 193 -83.81 15.12 4.27
N ARG H 194 -83.41 16.11 5.08
CA ARG H 194 -83.88 16.33 6.46
C ARG H 194 -83.60 15.12 7.35
N ILE H 195 -82.31 14.86 7.55
CA ILE H 195 -81.88 13.86 8.52
C ILE H 195 -81.92 14.48 9.91
N ALA H 196 -81.80 13.64 10.95
CA ALA H 196 -81.87 14.09 12.33
C ALA H 196 -80.86 13.34 13.18
N SER H 197 -80.24 14.05 14.10
CA SER H 197 -79.28 13.45 15.03
C SER H 197 -80.00 13.19 16.35
N VAL H 198 -80.16 11.91 16.68
CA VAL H 198 -80.92 11.49 17.85
C VAL H 198 -80.00 10.71 18.77
N ILE H 199 -79.97 11.09 20.04
CA ILE H 199 -79.20 10.38 21.05
C ILE H 199 -80.16 9.44 21.78
N GLU H 200 -79.84 8.16 21.74
CA GLU H 200 -80.60 7.14 22.46
C GLU H 200 -79.82 6.79 23.73
N SER H 201 -80.43 7.06 24.88
CA SER H 201 -79.80 6.79 26.17
C SER H 201 -80.54 5.66 26.87
N TRP H 202 -79.77 4.79 27.51
CA TRP H 202 -80.30 3.70 28.31
C TRP H 202 -79.81 3.91 29.73
N TYR H 203 -80.76 4.09 30.65
CA TYR H 203 -80.46 4.45 32.03
C TYR H 203 -80.86 3.32 32.96
N LYS H 204 -79.97 2.99 33.90
CA LYS H 204 -80.26 2.00 34.94
C LYS H 204 -80.80 2.73 36.15
N GLU H 205 -82.07 2.49 36.49
CA GLU H 205 -82.70 3.08 37.65
C GLU H 205 -83.44 1.98 38.40
N TYR H 206 -83.35 1.98 39.72
CA TYR H 206 -84.09 1.00 40.50
C TYR H 206 -85.51 1.50 40.71
N ASN H 207 -86.46 0.57 40.69
CA ASN H 207 -87.86 0.95 40.85
C ASN H 207 -88.17 1.06 42.34
N GLU H 208 -89.36 1.56 42.66
CA GLU H 208 -89.81 1.62 44.04
C GLU H 208 -90.91 0.62 44.36
N GLU H 209 -91.65 0.14 43.34
CA GLU H 209 -92.61 -0.93 43.57
C GLU H 209 -91.89 -2.23 43.86
N THR H 210 -91.10 -2.71 42.91
CA THR H 210 -90.11 -3.73 43.16
C THR H 210 -88.77 -3.06 43.47
N GLN H 211 -87.92 -3.76 44.20
CA GLN H 211 -86.64 -3.19 44.62
C GLN H 211 -85.48 -3.61 43.74
N SER H 212 -85.73 -3.76 42.44
CA SER H 212 -84.72 -4.20 41.48
C SER H 212 -84.43 -3.09 40.48
N TYR H 213 -83.27 -3.20 39.83
CA TYR H 213 -82.88 -2.25 38.79
C TYR H 213 -83.55 -2.60 37.47
N GLU H 214 -84.01 -1.57 36.75
CA GLU H 214 -84.54 -1.71 35.41
C GLU H 214 -83.88 -0.68 34.52
N TRP H 215 -83.81 -1.00 33.23
CA TRP H 215 -83.23 -0.10 32.24
C TRP H 215 -84.35 0.58 31.46
N ASN H 216 -84.23 1.89 31.28
CA ASN H 216 -85.23 2.68 30.58
C ASN H 216 -84.57 3.40 29.41
N ARG H 217 -85.34 3.60 28.36
CA ARG H 217 -84.84 4.19 27.12
C ARG H 217 -85.38 5.61 26.95
N TYR H 218 -84.49 6.53 26.59
CA TYR H 218 -84.86 7.90 26.28
C TYR H 218 -84.23 8.27 24.95
N LEU H 219 -85.08 8.44 23.93
CA LEU H 219 -84.66 9.02 22.66
C LEU H 219 -84.83 10.53 22.77
N TRP H 220 -83.72 11.26 22.66
CA TRP H 220 -83.77 12.69 22.88
C TRP H 220 -82.78 13.37 21.94
N ASN H 221 -82.94 14.67 21.78
CA ASN H 221 -82.00 15.47 21.01
C ASN H 221 -81.44 16.56 21.90
N ARG H 222 -80.17 16.90 21.67
CA ARG H 222 -79.61 18.07 22.32
C ARG H 222 -80.31 19.32 21.80
N ASN H 223 -80.47 20.30 22.70
CA ASN H 223 -81.16 21.58 22.51
C ASN H 223 -82.55 21.46 21.89
N THR H 224 -83.22 20.31 22.07
CA THR H 224 -84.58 20.15 21.60
C THR H 224 -85.45 19.55 22.70
N GLY H 225 -84.88 18.69 23.51
CA GLY H 225 -85.60 17.99 24.55
C GLY H 225 -85.71 16.50 24.27
N ILE H 226 -86.68 15.88 24.94
CA ILE H 226 -86.87 14.43 24.88
C ILE H 226 -87.92 14.12 23.83
N TYR H 227 -87.55 13.29 22.86
CA TYR H 227 -88.52 12.87 21.84
C TYR H 227 -89.44 11.78 22.36
N LYS H 228 -88.88 10.71 22.92
CA LYS H 228 -89.69 9.61 23.42
C LYS H 228 -89.04 8.98 24.63
N SER H 229 -89.83 8.78 25.69
CA SER H 229 -89.35 8.21 26.93
C SER H 229 -90.16 6.97 27.26
N GLU H 230 -89.50 5.82 27.30
CA GLU H 230 -90.14 4.57 27.70
C GLU H 230 -89.37 3.95 28.85
N LYS H 231 -90.08 3.32 29.76
CA LYS H 231 -89.47 2.72 30.94
C LYS H 231 -89.71 1.21 30.94
N LYS H 232 -88.63 0.47 31.19
CA LYS H 232 -88.60 -0.99 31.13
C LYS H 232 -89.18 -1.55 29.83
N PRO H 233 -88.58 -1.26 28.68
CA PRO H 233 -89.17 -1.75 27.42
C PRO H 233 -88.65 -3.11 26.99
N PHE H 234 -88.45 -4.04 27.93
CA PHE H 234 -88.03 -5.37 27.53
C PHE H 234 -88.58 -6.49 28.40
N LYS H 235 -89.57 -6.23 29.26
CA LYS H 235 -90.27 -7.16 30.16
C LYS H 235 -89.37 -7.71 31.28
N ASN H 236 -88.09 -7.35 31.33
CA ASN H 236 -87.22 -7.75 32.42
C ASN H 236 -86.34 -6.62 32.93
N GLY H 237 -86.29 -5.48 32.25
CA GLY H 237 -85.38 -4.42 32.62
C GLY H 237 -83.95 -4.78 32.32
N ALA H 238 -83.70 -5.29 31.13
CA ALA H 238 -82.38 -5.72 30.70
C ALA H 238 -81.83 -4.74 29.68
N CYS H 239 -80.58 -4.33 29.85
CA CYS H 239 -79.94 -3.47 28.87
C CYS H 239 -79.62 -4.29 27.63
N PRO H 240 -79.93 -3.78 26.43
CA PRO H 240 -79.65 -4.56 25.22
C PRO H 240 -78.19 -4.59 24.83
N PHE H 241 -77.36 -3.73 25.40
CA PHE H 241 -75.96 -3.64 25.00
C PHE H 241 -75.10 -4.61 25.79
N ILE H 242 -74.14 -5.21 25.10
CA ILE H 242 -73.09 -6.01 25.71
C ILE H 242 -71.77 -5.39 25.26
N VAL H 243 -71.02 -4.88 26.22
CA VAL H 243 -69.81 -4.11 25.98
C VAL H 243 -68.65 -4.91 26.58
N SER H 244 -67.49 -4.87 25.94
CA SER H 244 -66.27 -5.29 26.61
C SER H 244 -65.10 -4.43 26.15
N LYS H 245 -64.29 -4.03 27.11
CA LYS H 245 -63.10 -3.23 26.86
C LYS H 245 -61.87 -4.12 26.96
N LEU H 246 -61.05 -4.11 25.92
CA LEU H 246 -59.74 -4.74 25.96
C LEU H 246 -58.71 -3.72 26.44
N TYR H 247 -57.92 -4.11 27.43
CA TYR H 247 -56.82 -3.31 27.99
C TYR H 247 -57.33 -1.96 28.55
N THR H 248 -58.11 -2.05 29.61
CA THR H 248 -58.35 -0.84 30.39
C THR H 248 -57.09 -0.46 31.15
N ASP H 249 -56.87 0.84 31.31
CA ASP H 249 -55.65 1.33 31.93
C ASP H 249 -56.00 2.41 32.94
N GLU H 250 -54.98 3.10 33.44
CA GLU H 250 -55.19 4.28 34.26
C GLU H 250 -55.78 5.40 33.42
N LEU H 251 -56.43 6.35 34.11
CA LEU H 251 -57.30 7.40 33.59
C LEU H 251 -58.54 6.88 32.86
N ASN H 252 -58.83 5.59 32.98
CA ASN H 252 -60.04 4.92 32.50
C ASN H 252 -60.23 5.08 30.99
N ASN H 253 -59.27 4.58 30.23
CA ASN H 253 -59.35 4.56 28.78
C ASN H 253 -59.20 3.13 28.29
N TYR H 254 -59.61 2.90 27.05
CA TYR H 254 -59.33 1.61 26.40
C TYR H 254 -58.12 1.76 25.49
N TYR H 255 -57.17 0.85 25.65
CA TYR H 255 -55.82 0.95 25.10
C TYR H 255 -55.67 0.27 23.75
N GLY H 256 -56.28 -0.88 23.56
CA GLY H 256 -56.29 -1.56 22.27
C GLY H 256 -54.93 -2.14 21.91
N LEU H 257 -54.89 -2.73 20.72
CA LEU H 257 -53.64 -3.24 20.17
C LEU H 257 -52.94 -2.18 19.33
N PHE H 258 -53.55 -1.01 19.17
CA PHE H 258 -53.00 0.00 18.28
C PHE H 258 -51.83 0.75 18.90
N ARG H 259 -51.89 1.04 20.20
CA ARG H 259 -50.93 1.97 20.79
C ARG H 259 -49.55 1.35 20.98
N ASP H 260 -49.48 0.06 21.28
CA ASP H 260 -48.17 -0.56 21.47
C ASP H 260 -47.47 -0.91 20.16
N ILE H 261 -48.21 -1.00 19.06
CA ILE H 261 -47.60 -1.24 17.75
C ILE H 261 -47.56 -0.01 16.86
N LYS H 262 -48.10 1.11 17.32
CA LYS H 262 -48.06 2.38 16.60
C LYS H 262 -46.65 2.97 16.39
N PRO H 263 -45.74 3.02 17.39
CA PRO H 263 -44.43 3.61 17.09
C PRO H 263 -43.57 2.78 16.15
N MET H 264 -43.77 1.46 16.10
CA MET H 264 -43.08 0.66 15.09
C MET H 264 -43.57 0.99 13.70
N GLN H 265 -44.88 1.22 13.54
CA GLN H 265 -45.42 1.61 12.24
C GLN H 265 -44.96 3.01 11.85
N ASP H 266 -44.86 3.93 12.81
CA ASP H 266 -44.35 5.26 12.53
C ASP H 266 -42.88 5.23 12.13
N PHE H 267 -42.07 4.40 12.80
CA PHE H 267 -40.68 4.29 12.42
C PHE H 267 -40.52 3.62 11.06
N ILE H 268 -41.39 2.67 10.73
CA ILE H 268 -41.34 2.03 9.42
C ILE H 268 -41.66 3.03 8.32
N ASN H 269 -42.70 3.84 8.52
CA ASN H 269 -43.07 4.85 7.52
C ASN H 269 -42.00 5.93 7.39
N TYR H 270 -41.44 6.37 8.53
CA TYR H 270 -40.38 7.38 8.52
C TYR H 270 -39.13 6.85 7.84
N ALA H 271 -38.76 5.60 8.11
CA ALA H 271 -37.57 5.02 7.51
C ALA H 271 -37.74 4.82 6.01
N GLU H 272 -38.93 4.40 5.57
CA GLU H 272 -39.17 4.21 4.15
C GLU H 272 -39.15 5.53 3.39
N ASN H 273 -39.80 6.57 3.95
CA ASN H 273 -39.82 7.85 3.25
C ASN H 273 -38.47 8.55 3.31
N ARG H 274 -37.72 8.40 4.42
CA ARG H 274 -36.41 9.00 4.49
C ARG H 274 -35.40 8.28 3.59
N MET H 275 -35.55 6.97 3.42
CA MET H 275 -34.68 6.25 2.50
C MET H 275 -35.04 6.55 1.06
N GLY H 276 -36.33 6.78 0.77
CA GLY H 276 -36.71 7.26 -0.55
C GLY H 276 -36.25 8.67 -0.84
N ASN H 277 -36.06 9.48 0.20
CA ASN H 277 -35.49 10.81 0.01
C ASN H 277 -33.98 10.78 -0.12
N MET H 278 -33.31 9.85 0.58
CA MET H 278 -31.86 9.83 0.59
C MET H 278 -31.29 9.43 -0.77
N MET H 279 -31.68 8.27 -1.27
CA MET H 279 -31.41 7.97 -2.67
C MET H 279 -32.36 8.76 -3.55
N GLY H 280 -31.94 9.03 -4.78
CA GLY H 280 -32.74 9.86 -5.64
C GLY H 280 -32.62 11.35 -5.39
N SER H 281 -31.66 11.77 -4.57
CA SER H 281 -31.43 13.19 -4.34
C SER H 281 -29.98 13.39 -3.91
N PHE H 282 -29.52 14.62 -4.04
CA PHE H 282 -28.14 14.96 -3.70
C PHE H 282 -28.12 16.20 -2.81
N LYS H 283 -27.08 16.30 -2.00
CA LYS H 283 -26.86 17.46 -1.14
C LYS H 283 -25.48 18.03 -1.43
N ALA H 284 -25.38 19.36 -1.36
CA ALA H 284 -24.13 20.03 -1.69
C ALA H 284 -24.06 21.37 -0.96
N MET H 285 -22.86 21.71 -0.50
CA MET H 285 -22.57 23.03 0.01
C MET H 285 -22.05 23.88 -1.13
N PHE H 286 -22.75 24.97 -1.42
CA PHE H 286 -22.35 25.92 -2.44
C PHE H 286 -21.75 27.16 -1.78
N GLU H 287 -20.76 27.74 -2.44
CA GLU H 287 -20.44 29.12 -2.12
C GLU H 287 -21.43 30.03 -2.83
N GLU H 288 -21.53 31.26 -2.36
CA GLU H 288 -22.48 32.20 -2.95
C GLU H 288 -21.98 32.81 -4.26
N ASP H 289 -20.81 32.41 -4.73
CA ASP H 289 -20.28 32.85 -6.01
C ASP H 289 -19.78 31.68 -6.84
N ALA H 290 -20.40 30.50 -6.66
CA ALA H 290 -19.91 29.30 -7.34
C ALA H 290 -20.31 29.30 -8.81
N VAL H 291 -21.59 29.56 -9.09
CA VAL H 291 -22.11 29.55 -10.45
C VAL H 291 -23.28 30.52 -10.50
N VAL H 292 -23.51 31.11 -11.68
CA VAL H 292 -24.68 31.93 -11.87
C VAL H 292 -25.91 31.04 -11.97
N ASP H 293 -27.03 31.51 -11.38
CA ASP H 293 -28.32 30.83 -11.36
C ASP H 293 -28.22 29.43 -10.73
N VAL H 294 -27.94 29.44 -9.43
CA VAL H 294 -27.66 28.20 -8.70
C VAL H 294 -28.93 27.35 -8.56
N ALA H 295 -30.10 27.99 -8.58
CA ALA H 295 -31.35 27.23 -8.59
C ALA H 295 -31.52 26.47 -9.89
N GLU H 296 -31.12 27.09 -11.01
CA GLU H 296 -31.17 26.41 -12.30
C GLU H 296 -30.21 25.22 -12.31
N PHE H 297 -29.04 25.39 -11.69
CA PHE H 297 -28.04 24.34 -11.62
C PHE H 297 -28.53 23.16 -10.78
N VAL H 298 -29.20 23.43 -9.66
CA VAL H 298 -29.70 22.31 -8.87
C VAL H 298 -31.00 21.74 -9.43
N GLU H 299 -31.66 22.43 -10.37
CA GLU H 299 -32.73 21.76 -11.11
C GLU H 299 -32.17 20.76 -12.11
N THR H 300 -31.22 21.19 -12.96
CA THR H 300 -30.67 20.23 -13.92
C THR H 300 -29.75 19.20 -13.28
N MET H 301 -29.22 19.46 -12.09
CA MET H 301 -28.36 18.46 -11.44
C MET H 301 -29.16 17.34 -10.80
N SER H 302 -30.44 17.56 -10.50
CA SER H 302 -31.24 16.53 -9.84
C SER H 302 -31.60 15.38 -10.78
N LEU H 303 -31.47 15.56 -12.09
CA LEU H 303 -31.76 14.49 -13.03
C LEU H 303 -30.65 13.45 -13.03
N ASP H 304 -30.99 12.25 -13.47
CA ASP H 304 -30.02 11.18 -13.64
C ASP H 304 -29.29 11.24 -14.96
N ASN H 305 -29.66 12.16 -15.84
CA ASN H 305 -28.89 12.46 -17.05
C ASN H 305 -28.70 13.97 -17.08
N ALA H 306 -27.67 14.43 -16.39
CA ALA H 306 -27.44 15.85 -16.18
C ALA H 306 -26.37 16.37 -17.12
N ILE H 307 -26.74 17.31 -17.97
CA ILE H 307 -25.78 18.07 -18.76
C ILE H 307 -25.85 19.50 -18.23
N ALA H 308 -25.01 19.81 -17.26
CA ALA H 308 -25.03 21.10 -16.59
C ALA H 308 -23.89 21.96 -17.11
N LYS H 309 -24.24 23.06 -17.77
CA LYS H 309 -23.26 24.00 -18.29
C LYS H 309 -23.02 25.08 -17.25
N VAL H 310 -21.78 25.20 -16.79
CA VAL H 310 -21.41 26.16 -15.77
C VAL H 310 -20.52 27.23 -16.39
N ARG H 311 -20.19 28.25 -15.59
CA ARG H 311 -19.31 29.32 -16.04
C ARG H 311 -17.89 28.80 -16.21
N PRO H 312 -17.08 29.47 -17.03
CA PRO H 312 -15.68 29.03 -17.19
C PRO H 312 -14.88 29.14 -15.91
N ASN H 313 -13.90 28.22 -15.79
CA ASN H 313 -13.02 28.09 -14.63
C ASN H 313 -13.79 27.83 -13.33
N ALA H 314 -14.88 27.09 -13.43
CA ALA H 314 -15.65 26.70 -12.25
C ALA H 314 -15.42 25.26 -11.84
N LEU H 315 -14.57 24.53 -12.56
CA LEU H 315 -14.22 23.16 -12.21
C LEU H 315 -12.84 23.05 -11.58
N LYS H 316 -12.05 24.12 -11.56
CA LYS H 316 -10.71 24.09 -11.02
C LYS H 316 -10.59 24.77 -9.67
N ASP H 317 -11.65 25.47 -9.21
CA ASP H 317 -11.61 26.19 -7.96
C ASP H 317 -12.29 25.46 -6.81
N HIS H 318 -13.22 24.55 -7.13
CA HIS H 318 -13.96 23.72 -6.17
C HIS H 318 -14.73 24.58 -5.17
N LYS H 319 -15.66 25.37 -5.70
CA LYS H 319 -16.59 26.14 -4.88
C LYS H 319 -17.87 25.38 -4.60
N ILE H 320 -18.01 24.16 -5.10
CA ILE H 320 -19.15 23.29 -4.83
C ILE H 320 -18.62 22.03 -4.16
N GLN H 321 -19.24 21.64 -3.04
CA GLN H 321 -18.85 20.44 -2.31
C GLN H 321 -20.05 19.51 -2.22
N PHE H 322 -20.08 18.50 -3.06
CA PHE H 322 -21.15 17.50 -3.04
C PHE H 322 -20.94 16.58 -1.84
N MET H 323 -21.83 16.66 -0.86
CA MET H 323 -21.70 15.83 0.33
C MET H 323 -22.36 14.47 0.10
N ASN H 324 -21.85 13.46 0.80
CA ASN H 324 -22.36 12.10 0.66
C ASN H 324 -23.70 12.00 1.38
N ASN H 325 -24.76 11.76 0.60
CA ASN H 325 -26.09 11.68 1.17
C ASN H 325 -26.38 10.33 1.80
N GLN H 326 -25.94 9.25 1.17
CA GLN H 326 -26.32 7.89 1.59
C GLN H 326 -25.27 7.29 2.51
N ALA H 327 -25.05 7.98 3.62
CA ALA H 327 -24.25 7.43 4.70
C ALA H 327 -25.11 6.69 5.72
N ASP H 328 -26.42 6.59 5.46
CA ASP H 328 -27.36 6.05 6.43
C ASP H 328 -28.38 5.13 5.78
N LEU H 329 -28.11 4.62 4.58
CA LEU H 329 -29.07 3.75 3.92
C LEU H 329 -29.08 2.36 4.56
N SER H 330 -27.89 1.83 4.85
CA SER H 330 -27.78 0.47 5.37
C SER H 330 -28.33 0.36 6.78
N ALA H 331 -28.01 1.35 7.63
CA ALA H 331 -28.49 1.31 9.01
C ALA H 331 -30.00 1.48 9.07
N LEU H 332 -30.55 2.34 8.19
CA LEU H 332 -32.00 2.49 8.15
C LEU H 332 -32.69 1.25 7.58
N SER H 333 -32.03 0.55 6.65
CA SER H 333 -32.58 -0.71 6.15
C SER H 333 -32.63 -1.78 7.24
N GLN H 334 -31.55 -1.88 8.02
CA GLN H 334 -31.50 -2.85 9.11
C GLN H 334 -32.50 -2.49 10.20
N LYS H 335 -32.66 -1.20 10.51
CA LYS H 335 -33.62 -0.80 11.53
C LYS H 335 -35.05 -0.99 11.05
N ALA H 336 -35.30 -0.80 9.75
CA ALA H 336 -36.64 -1.02 9.21
C ALA H 336 -37.00 -2.50 9.25
N GLU H 337 -36.04 -3.37 8.92
CA GLU H 337 -36.30 -4.81 9.03
C GLU H 337 -36.48 -5.25 10.48
N GLN H 338 -35.72 -4.65 11.39
CA GLN H 338 -35.84 -4.97 12.82
C GLN H 338 -37.20 -4.56 13.36
N LYS H 339 -37.67 -3.35 13.04
CA LYS H 339 -38.99 -2.93 13.49
C LYS H 339 -40.09 -3.67 12.76
N ARG H 340 -39.84 -4.15 11.53
CA ARG H 340 -40.83 -4.95 10.83
C ARG H 340 -40.99 -6.33 11.48
N GLN H 341 -39.91 -6.89 12.01
CA GLN H 341 -40.06 -8.13 12.79
C GLN H 341 -40.68 -7.86 14.15
N LEU H 342 -40.32 -6.74 14.79
CA LEU H 342 -40.88 -6.38 16.08
C LEU H 342 -42.35 -6.03 16.01
N LEU H 343 -42.86 -5.66 14.83
CA LEU H 343 -44.30 -5.44 14.70
C LEU H 343 -45.07 -6.75 14.83
N ARG H 344 -44.57 -7.83 14.22
CA ARG H 344 -45.18 -9.13 14.41
C ARG H 344 -44.93 -9.66 15.80
N LEU H 345 -43.82 -9.28 16.43
CA LEU H 345 -43.54 -9.74 17.78
C LEU H 345 -44.45 -9.09 18.81
N LEU H 346 -44.70 -7.78 18.68
CA LEU H 346 -45.44 -7.04 19.68
C LEU H 346 -46.93 -7.33 19.69
N ALA H 347 -47.47 -7.81 18.58
CA ALA H 347 -48.89 -8.12 18.48
C ALA H 347 -49.22 -9.55 18.90
N GLY H 348 -48.24 -10.28 19.40
CA GLY H 348 -48.47 -11.65 19.80
C GLY H 348 -48.43 -12.66 18.68
N LEU H 349 -48.04 -12.26 17.47
CA LEU H 349 -47.97 -13.19 16.35
C LEU H 349 -46.65 -13.96 16.29
N ASN H 350 -45.79 -13.83 17.30
CA ASN H 350 -44.70 -14.77 17.43
C ASN H 350 -45.24 -16.13 17.86
N ASP H 351 -44.41 -17.16 17.70
CA ASP H 351 -44.83 -18.57 17.65
C ASP H 351 -45.96 -18.70 16.63
N GLU H 352 -45.59 -18.44 15.38
CA GLU H 352 -46.53 -18.54 14.26
C GLU H 352 -46.87 -20.00 14.07
N SER H 353 -47.97 -20.41 14.70
CA SER H 353 -48.49 -21.76 14.57
C SER H 353 -49.99 -21.73 14.37
N LEU H 354 -50.49 -20.66 13.73
CA LEU H 354 -51.91 -20.49 13.48
C LEU H 354 -52.44 -21.57 12.55
N GLY H 355 -51.67 -21.92 11.52
CA GLY H 355 -52.03 -23.02 10.66
C GLY H 355 -51.98 -24.36 11.37
N MET H 356 -51.06 -24.51 12.33
CA MET H 356 -51.08 -25.70 13.18
C MET H 356 -52.24 -25.66 14.16
N ALA H 357 -52.61 -24.46 14.63
CA ALA H 357 -53.67 -24.35 15.63
C ALA H 357 -55.04 -24.62 15.04
N VAL H 358 -55.26 -24.24 13.78
CA VAL H 358 -56.59 -24.48 13.19
C VAL H 358 -56.75 -25.96 12.83
N ASN H 359 -55.67 -26.66 12.50
CA ASN H 359 -55.72 -28.11 12.36
C ASN H 359 -55.75 -28.81 13.71
N ARG H 360 -55.39 -28.11 14.79
CA ARG H 360 -55.59 -28.66 16.12
C ARG H 360 -57.04 -28.57 16.57
N GLN H 361 -57.88 -27.80 15.89
CA GLN H 361 -59.31 -27.69 16.19
C GLN H 361 -60.16 -28.52 15.24
N SER H 362 -59.67 -29.68 14.83
CA SER H 362 -60.50 -30.61 14.06
C SER H 362 -61.29 -31.54 14.95
N GLY H 363 -60.71 -31.94 16.08
CA GLY H 363 -61.41 -32.79 17.02
C GLY H 363 -62.40 -32.03 17.87
N VAL H 364 -63.68 -32.21 17.56
CA VAL H 364 -64.76 -31.53 18.28
C VAL H 364 -65.71 -32.59 18.83
N ALA H 365 -65.16 -33.75 19.20
CA ALA H 365 -65.91 -34.99 19.34
C ALA H 365 -67.00 -34.98 20.41
N ILE H 366 -66.65 -35.01 21.70
CA ILE H 366 -67.65 -34.81 22.74
C ILE H 366 -67.16 -33.80 23.76
N ALA H 367 -66.00 -34.08 24.36
CA ALA H 367 -65.51 -33.31 25.50
C ALA H 367 -64.09 -32.88 25.16
N GLN H 368 -63.95 -31.71 24.55
CA GLN H 368 -62.66 -31.23 24.13
C GLN H 368 -62.39 -29.84 24.71
N ARG H 369 -61.12 -29.59 24.98
CA ARG H 369 -60.67 -28.31 25.49
C ARG H 369 -60.30 -27.40 24.33
N LYS H 370 -59.58 -26.31 24.62
CA LYS H 370 -59.19 -25.35 23.59
C LYS H 370 -58.16 -25.95 22.63
N GLU H 371 -57.41 -26.96 23.07
CA GLU H 371 -56.29 -27.58 22.32
C GLU H 371 -55.28 -26.51 21.93
N SER H 372 -54.57 -26.07 22.95
CA SER H 372 -53.85 -24.79 22.97
C SER H 372 -52.74 -24.71 21.94
N GLY H 373 -52.70 -23.58 21.23
CA GLY H 373 -51.59 -23.20 20.41
C GLY H 373 -50.88 -21.98 20.96
N LEU H 374 -51.24 -20.82 20.42
CA LEU H 374 -50.62 -19.54 20.75
C LEU H 374 -50.83 -19.14 22.21
N MET H 375 -49.96 -18.25 22.69
CA MET H 375 -50.09 -17.64 24.00
C MET H 375 -50.26 -16.13 23.95
N GLY H 376 -49.75 -15.46 22.92
CA GLY H 376 -49.73 -14.01 22.91
C GLY H 376 -51.08 -13.38 22.64
N LEU H 377 -51.91 -14.03 21.83
CA LEU H 377 -53.23 -13.52 21.50
C LEU H 377 -54.32 -14.03 22.44
N GLN H 378 -53.95 -14.73 23.51
CA GLN H 378 -54.93 -15.39 24.36
C GLN H 378 -55.75 -14.41 25.19
N THR H 379 -55.24 -13.20 25.43
CA THR H 379 -56.03 -12.17 26.10
C THR H 379 -57.19 -11.73 25.23
N PHE H 380 -56.94 -11.58 23.93
CA PHE H 380 -57.99 -11.20 22.99
C PHE H 380 -59.03 -12.30 22.84
N LEU H 381 -58.58 -13.56 22.77
CA LEU H 381 -59.50 -14.69 22.69
C LEU H 381 -60.33 -14.82 23.97
N LYS H 382 -59.72 -14.52 25.13
CA LYS H 382 -60.45 -14.63 26.39
C LYS H 382 -61.48 -13.52 26.53
N ALA H 383 -61.15 -12.31 26.07
CA ALA H 383 -62.12 -11.21 26.10
C ALA H 383 -63.29 -11.49 25.15
N THR H 384 -63.00 -12.07 23.98
CA THR H 384 -64.06 -12.48 23.07
C THR H 384 -64.93 -13.58 23.67
N ASP H 385 -64.33 -14.51 24.41
CA ASP H 385 -65.08 -15.58 25.07
C ASP H 385 -66.01 -15.02 26.14
N ASP H 386 -65.51 -14.08 26.96
CA ASP H 386 -66.35 -13.49 27.99
C ASP H 386 -67.48 -12.65 27.42
N MET H 387 -67.22 -11.94 26.32
CA MET H 387 -68.32 -11.19 25.72
C MET H 387 -69.33 -12.12 25.04
N ASP H 388 -68.88 -13.25 24.50
CA ASP H 388 -69.82 -14.23 23.97
C ASP H 388 -70.67 -14.85 25.08
N ARG H 389 -70.08 -15.09 26.24
CA ARG H 389 -70.84 -15.63 27.37
C ARG H 389 -71.90 -14.65 27.84
N LEU H 390 -71.56 -13.36 27.90
CA LEU H 390 -72.55 -12.36 28.29
C LEU H 390 -73.65 -12.21 27.23
N ILE H 391 -73.27 -12.27 25.95
CA ILE H 391 -74.23 -12.19 24.84
C ILE H 391 -75.21 -13.34 24.91
N PHE H 392 -74.72 -14.56 25.15
CA PHE H 392 -75.63 -15.70 25.18
C PHE H 392 -76.44 -15.78 26.46
N ARG H 393 -75.93 -15.21 27.56
CA ARG H 393 -76.77 -15.09 28.75
C ARG H 393 -77.95 -14.15 28.50
N LEU H 394 -77.69 -13.01 27.84
CA LEU H 394 -78.79 -12.10 27.51
C LEU H 394 -79.74 -12.71 26.47
N ALA H 395 -79.22 -13.49 25.53
CA ALA H 395 -80.06 -14.10 24.51
C ALA H 395 -80.93 -15.20 25.10
N VAL H 396 -80.40 -15.98 26.05
CA VAL H 396 -81.20 -16.97 26.74
C VAL H 396 -82.27 -16.30 27.60
N SER H 397 -81.92 -15.16 28.22
CA SER H 397 -82.91 -14.42 29.00
C SER H 397 -84.00 -13.82 28.14
N PHE H 398 -83.70 -13.47 26.89
CA PHE H 398 -84.74 -13.02 25.97
C PHE H 398 -85.60 -14.17 25.45
N ILE H 399 -84.97 -15.30 25.13
CA ILE H 399 -85.70 -16.44 24.55
C ILE H 399 -86.64 -17.05 25.58
N CYS H 400 -86.19 -17.17 26.83
CA CYS H 400 -87.04 -17.70 27.88
C CYS H 400 -88.14 -16.75 28.33
N GLU H 401 -88.18 -15.53 27.79
CA GLU H 401 -89.15 -14.52 28.19
C GLU H 401 -90.14 -14.15 27.09
N TYR H 402 -89.71 -14.17 25.82
CA TYR H 402 -90.56 -13.71 24.73
C TYR H 402 -91.05 -14.79 23.80
N PHE H 403 -90.43 -15.98 23.82
CA PHE H 403 -90.84 -17.04 22.91
C PHE H 403 -92.08 -17.73 23.45
N THR H 404 -93.17 -17.68 22.68
CA THR H 404 -94.39 -18.37 23.06
C THR H 404 -94.25 -19.86 22.81
N LYS H 405 -95.28 -20.62 23.21
CA LYS H 405 -95.22 -22.07 23.05
C LYS H 405 -95.36 -22.48 21.60
N GLU H 406 -96.24 -21.82 20.84
CA GLU H 406 -96.35 -22.13 19.42
C GLU H 406 -95.13 -21.63 18.64
N GLN H 407 -94.47 -20.57 19.14
CA GLN H 407 -93.23 -20.13 18.54
C GLN H 407 -92.12 -21.15 18.78
N VAL H 408 -92.11 -21.78 19.96
CA VAL H 408 -91.12 -22.81 20.26
C VAL H 408 -91.38 -24.06 19.43
N PHE H 409 -92.63 -24.48 19.33
CA PHE H 409 -92.97 -25.71 18.61
C PHE H 409 -92.87 -25.57 17.10
N LYS H 410 -92.70 -24.36 16.57
CA LYS H 410 -92.38 -24.20 15.16
C LYS H 410 -90.90 -24.33 14.86
N ILE H 411 -90.06 -24.28 15.89
CA ILE H 411 -88.61 -24.29 15.73
C ILE H 411 -88.02 -25.66 16.04
N VAL H 412 -88.43 -26.25 17.15
CA VAL H 412 -87.84 -27.48 17.64
C VAL H 412 -88.69 -28.66 17.20
N ASP H 413 -88.14 -29.86 17.38
CA ASP H 413 -88.87 -31.07 17.03
C ASP H 413 -89.98 -31.35 18.04
N LYS H 414 -90.78 -32.36 17.74
CA LYS H 414 -91.89 -32.72 18.62
C LYS H 414 -91.38 -33.37 19.91
N LYS H 415 -90.33 -34.18 19.81
CA LYS H 415 -89.81 -34.86 20.98
C LYS H 415 -89.11 -33.89 21.93
N LEU H 416 -88.38 -32.92 21.37
CA LEU H 416 -87.70 -31.93 22.21
C LEU H 416 -88.69 -31.01 22.91
N GLY H 417 -89.85 -30.77 22.29
CA GLY H 417 -90.88 -29.99 22.93
C GLY H 417 -91.63 -30.79 23.98
N ASP H 418 -91.86 -32.07 23.70
CA ASP H 418 -92.61 -32.91 24.64
C ASP H 418 -91.78 -33.35 25.84
N ARG H 419 -90.45 -33.33 25.73
CA ARG H 419 -89.63 -33.72 26.88
C ARG H 419 -89.57 -32.62 27.93
N TYR H 420 -89.75 -31.37 27.54
CA TYR H 420 -89.66 -30.27 28.49
C TYR H 420 -91.00 -29.93 29.13
N PHE H 421 -92.07 -29.91 28.34
CA PHE H 421 -93.40 -29.59 28.85
C PHE H 421 -94.11 -30.86 29.35
N LYS H 422 -93.50 -31.45 30.39
CA LYS H 422 -93.93 -32.70 31.04
C LYS H 422 -94.12 -33.85 30.06
N ASP H 427 -95.70 -25.44 34.30
CA ASP H 427 -95.54 -25.18 32.86
C ASP H 427 -95.98 -23.76 32.51
N ASP H 428 -97.31 -23.58 32.47
CA ASP H 428 -97.97 -22.29 32.22
C ASP H 428 -97.57 -21.67 30.88
N ASN H 429 -97.30 -22.53 29.88
CA ASN H 429 -97.06 -22.15 28.48
C ASN H 429 -95.86 -21.21 28.32
N LYS H 430 -94.85 -21.34 29.18
CA LYS H 430 -93.69 -20.48 29.11
C LYS H 430 -92.48 -21.26 29.59
N ILE H 431 -91.34 -21.05 28.91
CA ILE H 431 -90.09 -21.65 29.34
C ILE H 431 -89.61 -20.92 30.59
N ARG H 432 -89.49 -21.66 31.70
CA ARG H 432 -89.11 -21.10 32.99
C ARG H 432 -87.83 -21.77 33.48
N PRO H 433 -86.67 -21.33 33.03
CA PRO H 433 -85.42 -21.88 33.57
C PRO H 433 -85.09 -21.26 34.92
N LEU H 434 -84.53 -22.09 35.79
CA LEU H 434 -84.16 -21.64 37.13
C LEU H 434 -82.77 -21.01 37.08
N LYS H 435 -82.21 -20.72 38.26
CA LYS H 435 -80.91 -20.08 38.31
C LYS H 435 -79.78 -21.09 38.18
N PHE H 436 -79.85 -22.18 38.94
CA PHE H 436 -78.82 -23.21 38.91
C PHE H 436 -79.28 -24.36 38.02
N ASP H 437 -79.41 -24.05 36.74
CA ASP H 437 -79.88 -25.07 35.81
C ASP H 437 -78.95 -25.27 34.61
N LEU H 438 -78.33 -24.20 34.13
CA LEU H 438 -77.58 -24.26 32.88
C LEU H 438 -76.12 -23.90 33.10
N ILE H 439 -75.25 -24.52 32.30
CA ILE H 439 -73.83 -24.25 32.29
C ILE H 439 -73.45 -23.85 30.87
N LEU H 440 -72.77 -22.72 30.73
CA LEU H 440 -72.40 -22.18 29.42
C LEU H 440 -71.03 -22.73 29.03
N LYS H 441 -70.98 -23.47 27.92
CA LYS H 441 -69.74 -24.02 27.41
C LYS H 441 -69.51 -23.52 26.00
N SER H 442 -68.33 -22.95 25.76
CA SER H 442 -68.01 -22.43 24.44
C SER H 442 -67.48 -23.54 23.54
N GLN H 443 -67.84 -23.45 22.25
CA GLN H 443 -67.36 -24.40 21.26
C GLN H 443 -67.35 -23.70 19.91
N LEU H 444 -66.95 -24.44 18.88
CA LEU H 444 -66.95 -23.87 17.53
C LEU H 444 -68.36 -23.81 16.99
N LYS H 445 -68.64 -22.77 16.21
CA LYS H 445 -69.97 -22.57 15.65
C LYS H 445 -70.19 -23.58 14.54
N THR H 446 -71.03 -24.57 14.81
CA THR H 446 -71.38 -25.58 13.82
C THR H 446 -72.88 -25.81 13.86
N GLU H 447 -73.40 -26.37 12.78
CA GLU H 447 -74.83 -26.67 12.69
C GLU H 447 -75.13 -27.91 13.53
N SER H 448 -76.38 -28.01 13.97
CA SER H 448 -76.75 -28.99 14.99
C SER H 448 -76.73 -30.41 14.46
N ARG H 449 -77.12 -30.61 13.20
CA ARG H 449 -77.13 -31.96 12.64
C ARG H 449 -75.73 -32.50 12.42
N ASP H 450 -74.77 -31.62 12.09
CA ASP H 450 -73.39 -32.08 11.90
C ASP H 450 -72.76 -32.46 13.24
N GLU H 451 -73.02 -31.66 14.29
CA GLU H 451 -72.54 -31.99 15.62
C GLU H 451 -73.15 -33.28 16.13
N LYS H 452 -74.46 -33.48 15.91
CA LYS H 452 -75.10 -34.72 16.31
C LYS H 452 -74.58 -35.91 15.51
N TRP H 453 -74.23 -35.70 14.24
CA TRP H 453 -73.66 -36.76 13.42
C TRP H 453 -72.29 -37.18 13.93
N TYR H 454 -71.45 -36.21 14.30
CA TYR H 454 -70.13 -36.53 14.83
C TYR H 454 -70.24 -37.22 16.19
N ASN H 455 -71.19 -36.79 17.01
CA ASN H 455 -71.38 -37.44 18.31
C ASN H 455 -71.91 -38.87 18.14
N TRP H 456 -72.81 -39.07 17.17
CA TRP H 456 -73.30 -40.41 16.88
C TRP H 456 -72.18 -41.32 16.38
N ASN H 457 -71.29 -40.76 15.55
CA ASN H 457 -70.19 -41.56 15.00
C ASN H 457 -69.21 -41.98 16.10
N GLU H 458 -68.82 -41.05 16.97
CA GLU H 458 -67.91 -41.42 18.05
C GLU H 458 -68.57 -42.34 19.06
N LEU H 459 -69.88 -42.17 19.28
CA LEU H 459 -70.56 -43.05 20.23
C LEU H 459 -70.70 -44.46 19.69
N LEU H 460 -70.96 -44.61 18.39
CA LEU H 460 -71.00 -45.95 17.82
C LEU H 460 -69.62 -46.58 17.69
N LYS H 461 -68.57 -45.77 17.57
CA LYS H 461 -67.23 -46.35 17.60
C LYS H 461 -66.76 -46.65 19.01
N ILE H 462 -67.39 -46.05 20.03
CA ILE H 462 -67.05 -46.39 21.41
C ILE H 462 -67.81 -47.62 21.87
N LEU H 463 -69.11 -47.68 21.57
CA LEU H 463 -69.99 -48.74 22.05
C LEU H 463 -69.86 -50.04 21.29
N ALA H 464 -68.97 -50.13 20.29
CA ALA H 464 -68.88 -51.37 19.51
C ALA H 464 -68.23 -52.52 20.27
N PRO H 465 -67.07 -52.38 20.97
CA PRO H 465 -66.55 -53.55 21.69
C PRO H 465 -67.25 -53.83 23.00
N ILE H 466 -67.71 -52.79 23.70
CA ILE H 466 -68.17 -52.99 25.07
C ILE H 466 -69.60 -53.54 25.11
N ARG H 467 -70.46 -53.15 24.17
CA ARG H 467 -71.85 -53.64 24.16
C ARG H 467 -72.37 -53.61 22.74
N PRO H 468 -72.25 -54.72 22.00
CA PRO H 468 -72.60 -54.71 20.57
C PRO H 468 -74.09 -54.69 20.30
N ASP H 469 -74.90 -55.32 21.17
CA ASP H 469 -76.34 -55.43 20.92
C ASP H 469 -77.05 -54.09 20.99
N LEU H 470 -76.47 -53.10 21.63
CA LEU H 470 -77.02 -51.75 21.61
C LEU H 470 -76.81 -51.05 20.27
N VAL H 471 -75.82 -51.47 19.48
CA VAL H 471 -75.43 -50.76 18.26
C VAL H 471 -76.46 -50.83 17.13
N PRO H 472 -77.03 -51.99 16.72
CA PRO H 472 -77.96 -51.94 15.58
C PRO H 472 -79.31 -51.33 15.88
N SER H 473 -79.62 -51.03 17.14
CA SER H 473 -80.83 -50.30 17.47
C SER H 473 -80.62 -48.79 17.46
N LEU H 474 -79.40 -48.32 17.21
CA LEU H 474 -79.10 -46.90 17.22
C LEU H 474 -78.99 -46.30 15.82
N VAL H 475 -78.76 -47.11 14.80
CA VAL H 475 -78.53 -46.61 13.45
C VAL H 475 -79.72 -45.94 12.76
N PRO H 476 -81.01 -46.26 13.02
CA PRO H 476 -82.03 -45.32 12.52
C PRO H 476 -82.01 -43.99 13.25
N LEU H 477 -81.72 -43.99 14.55
CA LEU H 477 -81.60 -42.74 15.27
C LEU H 477 -80.34 -41.98 14.86
N MET H 478 -79.32 -42.68 14.38
CA MET H 478 -78.16 -42.00 13.81
C MET H 478 -78.49 -41.43 12.45
N LEU H 479 -79.17 -42.19 11.60
CA LEU H 479 -79.44 -41.77 10.25
C LEU H 479 -80.53 -40.71 10.16
N ASN H 480 -81.36 -40.57 11.19
CA ASN H 480 -82.32 -39.47 11.22
C ASN H 480 -81.63 -38.12 11.41
N ASP H 481 -80.41 -38.11 11.97
CA ASP H 481 -79.66 -36.88 12.22
C ASP H 481 -78.56 -36.66 11.19
N MET H 482 -78.82 -37.01 9.93
CA MET H 482 -77.85 -36.85 8.85
C MET H 482 -78.31 -35.75 7.92
N ASP H 483 -77.37 -34.88 7.53
CA ASP H 483 -77.65 -33.73 6.68
C ASP H 483 -77.45 -34.07 5.20
N SER H 484 -77.31 -35.32 4.88
CA SER H 484 -77.08 -35.74 3.50
C SER H 484 -78.39 -35.67 2.70
N PRO H 485 -78.30 -35.39 1.39
CA PRO H 485 -79.51 -35.42 0.55
C PRO H 485 -80.04 -36.83 0.29
N ILE H 486 -79.28 -37.88 0.59
CA ILE H 486 -79.78 -39.25 0.40
C ILE H 486 -80.56 -39.76 1.58
N THR H 487 -80.81 -38.92 2.59
CA THR H 487 -81.39 -39.37 3.85
C THR H 487 -82.83 -39.85 3.70
N ASN H 488 -83.61 -39.15 2.88
CA ASN H 488 -85.01 -39.52 2.67
C ASN H 488 -85.16 -40.84 1.92
N ASP H 489 -84.13 -41.27 1.22
CA ASP H 489 -84.12 -42.59 0.59
C ASP H 489 -83.68 -43.67 1.56
N VAL H 490 -82.68 -43.38 2.39
CA VAL H 490 -82.17 -44.36 3.35
C VAL H 490 -83.22 -44.69 4.40
N LEU H 491 -83.99 -43.68 4.82
CA LEU H 491 -85.01 -43.91 5.85
C LEU H 491 -86.15 -44.78 5.34
N GLU H 492 -86.60 -44.55 4.10
CA GLU H 492 -87.65 -45.43 3.56
C GLU H 492 -87.11 -46.79 3.19
N ALA H 493 -85.80 -46.89 2.89
CA ALA H 493 -85.19 -48.21 2.70
C ALA H 493 -85.16 -49.00 4.01
N ILE H 494 -84.87 -48.31 5.12
CA ILE H 494 -84.90 -48.94 6.44
C ILE H 494 -86.31 -49.39 6.79
N GLN H 495 -87.30 -48.54 6.48
CA GLN H 495 -88.69 -48.89 6.77
C GLN H 495 -89.16 -50.08 5.94
N ASN H 496 -88.76 -50.14 4.66
CA ASN H 496 -89.12 -51.27 3.82
C ASN H 496 -88.44 -52.56 4.26
N ALA H 497 -87.17 -52.46 4.69
CA ALA H 497 -86.46 -53.63 5.17
C ALA H 497 -87.05 -54.15 6.48
N ASN H 498 -87.45 -53.25 7.39
CA ASN H 498 -88.07 -53.66 8.64
C ASN H 498 -89.45 -54.24 8.41
N ALA H 499 -90.20 -53.69 7.45
CA ALA H 499 -91.51 -54.24 7.10
C ALA H 499 -91.38 -55.62 6.50
N LEU H 500 -90.40 -55.83 5.62
CA LEU H 500 -90.17 -57.15 5.03
C LEU H 500 -89.70 -58.15 6.07
N GLN H 501 -88.88 -57.71 7.02
CA GLN H 501 -88.38 -58.60 8.06
C GLN H 501 -89.49 -59.04 9.00
N GLN H 502 -90.32 -58.10 9.45
CA GLN H 502 -91.43 -58.46 10.33
C GLN H 502 -92.52 -59.23 9.58
N GLN H 503 -92.65 -59.00 8.26
CA GLN H 503 -93.58 -59.78 7.47
C GLN H 503 -93.14 -61.23 7.34
N ASN H 504 -91.84 -61.45 7.07
CA ASN H 504 -91.32 -62.81 7.03
C ASN H 504 -91.39 -63.49 8.40
N ALA H 505 -91.17 -62.74 9.47
CA ALA H 505 -91.23 -63.31 10.81
C ALA H 505 -92.65 -63.73 11.16
N GLU H 506 -93.64 -62.87 10.91
CA GLU H 506 -95.02 -63.23 11.19
C GLU H 506 -95.59 -64.23 10.18
N ALA H 507 -94.93 -64.42 9.03
CA ALA H 507 -95.33 -65.48 8.12
C ALA H 507 -94.77 -66.83 8.53
N ASN H 508 -93.56 -66.86 9.11
CA ASN H 508 -92.94 -68.11 9.49
C ASN H 508 -93.23 -68.54 10.92
N ALA H 509 -93.77 -67.65 11.76
CA ALA H 509 -94.10 -67.96 13.15
C ALA H 509 -95.11 -69.09 13.41
N PRO H 510 -96.16 -69.32 12.58
CA PRO H 510 -97.00 -70.51 12.84
C PRO H 510 -96.27 -71.84 12.70
N TYR H 511 -95.32 -71.94 11.76
CA TYR H 511 -94.51 -73.15 11.66
C TYR H 511 -93.63 -73.33 12.89
N ASN H 512 -93.10 -72.23 13.43
CA ASN H 512 -92.26 -72.31 14.62
C ASN H 512 -93.05 -72.74 15.85
N GLN H 513 -94.25 -72.18 16.05
CA GLN H 513 -95.04 -72.61 17.20
C GLN H 513 -95.60 -74.02 17.01
N GLN H 514 -95.82 -74.43 15.76
CA GLN H 514 -96.21 -75.82 15.50
C GLN H 514 -95.09 -76.78 15.87
N ILE H 515 -93.85 -76.44 15.51
CA ILE H 515 -92.69 -77.26 15.87
C ILE H 515 -92.50 -77.29 17.39
N GLN H 516 -92.75 -76.17 18.06
CA GLN H 516 -92.63 -76.11 19.52
C GLN H 516 -93.65 -77.02 20.20
N ALA H 517 -94.92 -76.91 19.82
CA ALA H 517 -95.97 -77.76 20.39
C ALA H 517 -95.74 -79.23 20.07
N LEU H 518 -95.21 -79.52 18.88
CA LEU H 518 -94.98 -80.90 18.49
C LEU H 518 -93.82 -81.52 19.26
N GLN H 519 -92.79 -80.72 19.55
CA GLN H 519 -91.69 -81.20 20.37
C GLN H 519 -92.12 -81.41 21.82
N ILE H 520 -93.02 -80.53 22.30
CA ILE H 520 -93.58 -80.70 23.64
C ILE H 520 -94.39 -82.00 23.73
N GLN H 521 -95.19 -82.29 22.71
CA GLN H 521 -95.95 -83.53 22.67
C GLN H 521 -95.06 -84.75 22.56
N LYS H 522 -93.93 -84.65 21.84
CA LYS H 522 -92.98 -85.76 21.77
C LYS H 522 -92.33 -86.01 23.12
N LEU H 523 -91.94 -84.96 23.81
CA LEU H 523 -91.29 -85.13 25.10
C LEU H 523 -92.28 -85.59 26.17
N GLN H 524 -93.59 -85.32 26.01
CA GLN H 524 -94.60 -85.90 26.89
C GLN H 524 -94.88 -87.37 26.56
N ALA H 525 -94.84 -87.71 25.26
CA ALA H 525 -95.02 -89.09 24.84
C ALA H 525 -93.90 -89.98 25.36
N GLU H 526 -92.69 -89.43 25.48
CA GLU H 526 -91.60 -90.17 26.11
C GLU H 526 -91.88 -90.44 27.59
N ILE H 527 -92.51 -89.47 28.28
CA ILE H 527 -92.88 -89.66 29.70
C ILE H 527 -93.86 -90.82 29.83
N MET H 528 -94.95 -90.78 29.06
CA MET H 528 -95.96 -91.83 29.20
C MET H 528 -95.45 -93.18 28.70
N GLU H 529 -94.52 -93.18 27.74
CA GLU H 529 -93.93 -94.44 27.27
C GLU H 529 -93.07 -95.09 28.35
N LEU H 530 -92.17 -94.31 28.97
CA LEU H 530 -91.31 -94.88 30.00
C LEU H 530 -92.09 -95.25 31.25
N GLN H 531 -93.14 -94.49 31.58
CA GLN H 531 -93.97 -94.84 32.73
C GLN H 531 -94.75 -96.12 32.47
N ALA H 532 -95.23 -96.33 31.25
CA ALA H 532 -95.92 -97.57 30.92
C ALA H 532 -94.98 -98.77 30.92
N LYS H 533 -93.74 -98.56 30.45
CA LYS H 533 -92.74 -99.63 30.51
C LYS H 533 -92.40 -100.00 31.95
N ALA H 534 -92.26 -98.99 32.82
CA ALA H 534 -91.99 -99.26 34.22
C ALA H 534 -93.16 -99.98 34.89
N HIS H 535 -94.39 -99.61 34.52
CA HIS H 535 -95.57 -100.26 35.08
C HIS H 535 -95.65 -101.73 34.65
N LYS H 536 -95.43 -102.00 33.36
CA LYS H 536 -95.53 -103.39 32.90
C LYS H 536 -94.38 -104.24 33.42
N TYR H 537 -93.19 -103.65 33.63
CA TYR H 537 -92.09 -104.43 34.19
C TYR H 537 -92.33 -104.72 35.68
N ALA H 538 -92.92 -103.76 36.40
CA ALA H 538 -93.24 -104.00 37.81
C ALA H 538 -94.33 -105.06 37.96
N GLU H 539 -95.33 -105.05 37.08
CA GLU H 539 -96.36 -106.08 37.19
C GLU H 539 -95.85 -107.44 36.73
N GLN H 540 -94.89 -107.47 35.81
CA GLN H 540 -94.25 -108.74 35.45
C GLN H 540 -93.43 -109.29 36.61
N GLY H 541 -92.76 -108.40 37.35
CA GLY H 541 -92.04 -108.84 38.54
C GLY H 541 -92.95 -109.35 39.63
N ALA H 542 -94.12 -108.72 39.79
CA ALA H 542 -95.10 -109.20 40.77
C ALA H 542 -95.67 -110.54 40.36
N LEU H 543 -95.92 -110.74 39.06
CA LEU H 543 -96.37 -112.03 38.55
C LEU H 543 -95.32 -113.11 38.78
N SER H 544 -94.04 -112.77 38.59
CA SER H 544 -92.97 -113.72 38.85
C SER H 544 -92.86 -114.07 40.33
N GLN H 545 -93.10 -113.07 41.19
CA GLN H 545 -93.13 -113.32 42.64
C GLN H 545 -94.26 -114.27 43.02
N THR H 546 -95.43 -114.08 42.42
CA THR H 546 -96.58 -114.92 42.76
C THR H 546 -96.41 -116.35 42.26
N THR H 547 -95.85 -116.52 41.05
CA THR H 547 -95.65 -117.89 40.59
C THR H 547 -94.47 -118.56 41.29
N ASN H 548 -93.51 -117.77 41.80
CA ASN H 548 -92.49 -118.29 42.69
C ASN H 548 -93.11 -118.81 43.98
N GLU H 549 -94.08 -118.06 44.52
CA GLU H 549 -94.78 -118.49 45.73
C GLU H 549 -95.60 -119.75 45.49
N SER H 550 -96.20 -119.89 44.31
CA SER H 550 -96.99 -121.09 44.02
C SER H 550 -96.09 -122.30 43.82
N GLU H 551 -94.93 -122.12 43.19
CA GLU H 551 -93.97 -123.22 43.09
C GLU H 551 -93.40 -123.60 44.46
N LYS H 552 -93.26 -122.63 45.36
CA LYS H 552 -92.84 -122.91 46.72
C LYS H 552 -93.91 -123.71 47.48
N ILE H 553 -95.18 -123.39 47.27
CA ILE H 553 -96.26 -124.15 47.91
C ILE H 553 -96.36 -125.55 47.30
N ASN H 554 -96.07 -125.69 46.01
CA ASN H 554 -96.03 -127.01 45.38
C ASN H 554 -94.91 -127.86 45.95
N GLN H 555 -93.76 -127.25 46.23
CA GLN H 555 -92.68 -127.99 46.89
C GLN H 555 -93.03 -128.33 48.33
N ALA H 556 -93.67 -127.40 49.04
CA ALA H 556 -94.01 -127.62 50.45
C ALA H 556 -95.11 -128.66 50.62
N VAL H 557 -95.89 -128.92 49.59
CA VAL H 557 -96.81 -130.07 49.65
C VAL H 557 -96.21 -131.32 49.00
N ALA H 558 -95.22 -131.18 48.12
CA ALA H 558 -94.59 -132.35 47.54
C ALA H 558 -93.66 -133.04 48.52
N ILE H 559 -93.11 -132.28 49.48
CA ILE H 559 -92.29 -132.90 50.51
C ILE H 559 -93.15 -133.75 51.46
N THR H 560 -94.42 -133.41 51.63
CA THR H 560 -95.30 -134.23 52.43
C THR H 560 -95.98 -135.33 51.61
N GLU H 561 -96.12 -135.13 50.30
CA GLU H 561 -96.56 -136.23 49.44
C GLU H 561 -95.47 -137.28 49.28
N MET H 562 -94.20 -136.89 49.40
CA MET H 562 -93.12 -137.87 49.42
C MET H 562 -93.13 -138.66 50.71
N GLN H 563 -93.20 -137.98 51.86
CA GLN H 563 -93.27 -138.64 53.15
C GLN H 563 -94.68 -138.54 53.73
N MET I 1 -62.55 1.03 66.89
CA MET I 1 -63.99 0.89 67.07
C MET I 1 -64.70 2.24 66.99
N ASP I 2 -63.94 3.32 67.20
CA ASP I 2 -64.40 4.66 66.92
C ASP I 2 -63.48 5.30 65.88
N PHE I 3 -63.74 6.57 65.59
CA PHE I 3 -63.10 7.24 64.45
C PHE I 3 -61.62 7.50 64.69
N THR I 4 -61.21 7.63 65.96
CA THR I 4 -59.84 8.05 66.27
C THR I 4 -58.83 6.97 65.93
N THR I 5 -59.01 5.76 66.45
CA THR I 5 -58.06 4.70 66.15
C THR I 5 -58.19 4.22 64.72
N LEU I 6 -59.39 4.33 64.13
CA LEU I 6 -59.55 3.98 62.72
C LEU I 6 -58.74 4.92 61.83
N GLN I 7 -58.78 6.23 62.11
CA GLN I 7 -58.01 7.19 61.34
C GLN I 7 -56.51 7.02 61.58
N ASN I 8 -56.12 6.78 62.83
CA ASN I 8 -54.69 6.64 63.15
C ASN I 8 -54.10 5.37 62.55
N ASP I 9 -54.82 4.25 62.65
CA ASP I 9 -54.30 3.02 62.07
C ASP I 9 -54.38 3.03 60.55
N PHE I 10 -55.36 3.74 59.96
CA PHE I 10 -55.35 3.89 58.52
C PHE I 10 -54.19 4.75 58.05
N THR I 11 -53.83 5.77 58.81
CA THR I 11 -52.67 6.59 58.47
C THR I 11 -51.37 5.79 58.59
N ASN I 12 -51.25 5.00 59.66
CA ASN I 12 -50.05 4.18 59.85
C ASN I 12 -49.94 3.09 58.78
N ASP I 13 -51.07 2.55 58.33
CA ASP I 13 -51.02 1.52 57.31
C ASP I 13 -50.82 2.10 55.92
N TYR I 14 -51.32 3.31 55.67
CA TYR I 14 -51.21 3.90 54.34
C TYR I 14 -49.83 4.51 54.12
N GLN I 15 -49.23 5.07 55.16
CA GLN I 15 -47.90 5.67 54.99
C GLN I 15 -46.82 4.60 54.86
N LYS I 16 -47.00 3.45 55.49
CA LYS I 16 -46.02 2.38 55.40
C LYS I 16 -46.24 1.50 54.18
N ALA I 17 -47.28 1.73 53.40
CA ALA I 17 -47.53 0.99 52.16
C ALA I 17 -47.57 1.90 50.95
N LEU I 18 -47.02 3.12 51.07
CA LEU I 18 -47.01 4.05 49.95
C LEU I 18 -45.87 3.77 49.00
N ILE I 19 -44.73 3.31 49.51
CA ILE I 19 -43.56 3.05 48.68
C ILE I 19 -43.76 1.83 47.79
N ALA I 20 -44.67 0.94 48.15
CA ALA I 20 -44.99 -0.20 47.31
C ALA I 20 -46.15 0.09 46.36
N ASN I 21 -47.11 0.90 46.79
CA ASN I 21 -48.20 1.28 45.89
C ASN I 21 -47.71 2.22 44.79
N ASN I 22 -46.70 3.04 45.09
CA ASN I 22 -46.09 3.88 44.05
C ASN I 22 -45.39 3.02 43.01
N GLU I 23 -44.72 1.95 43.44
CA GLU I 23 -44.08 1.04 42.48
C GLU I 23 -45.11 0.23 41.72
N PHE I 24 -46.25 -0.09 42.36
CA PHE I 24 -47.34 -0.75 41.64
C PHE I 24 -47.90 0.13 40.54
N LEU I 25 -48.13 1.41 40.85
CA LEU I 25 -48.64 2.34 39.84
C LEU I 25 -47.61 2.61 38.75
N GLU I 26 -46.32 2.64 39.10
CA GLU I 26 -45.27 2.72 38.10
C GLU I 26 -45.28 1.50 37.19
N ALA I 27 -45.48 0.31 37.75
CA ALA I 27 -45.50 -0.91 36.95
C ALA I 27 -46.71 -0.95 36.03
N LYS I 28 -47.86 -0.49 36.52
CA LYS I 28 -49.05 -0.43 35.67
C LYS I 28 -48.93 0.64 34.60
N LYS I 29 -48.18 1.71 34.86
CA LYS I 29 -47.94 2.70 33.82
C LYS I 29 -46.97 2.19 32.78
N TYR I 30 -45.94 1.45 33.20
CA TYR I 30 -44.99 0.86 32.27
C TYR I 30 -45.64 -0.22 31.43
N TYR I 31 -46.63 -0.93 31.99
CA TYR I 31 -47.34 -1.95 31.22
C TYR I 31 -48.22 -1.34 30.15
N ASN I 32 -48.71 -0.12 30.36
CA ASN I 32 -49.64 0.52 29.45
C ASN I 32 -48.99 1.58 28.57
N GLY I 33 -47.72 1.39 28.21
CA GLY I 33 -47.04 2.22 27.25
C GLY I 33 -46.28 3.39 27.86
N ASN I 34 -46.70 3.89 29.02
CA ASN I 34 -46.05 5.04 29.63
C ASN I 34 -44.71 4.64 30.23
N GLN I 35 -43.67 4.57 29.39
CA GLN I 35 -42.38 4.08 29.82
C GLN I 35 -41.29 5.15 29.86
N LEU I 36 -41.52 6.30 29.23
CA LEU I 36 -40.46 7.30 29.27
C LEU I 36 -40.73 8.34 30.34
N PRO I 37 -39.68 8.84 31.00
CA PRO I 37 -39.88 9.93 31.97
C PRO I 37 -40.20 11.25 31.31
N GLN I 38 -40.49 12.27 32.12
CA GLN I 38 -40.89 13.56 31.55
C GLN I 38 -39.70 14.30 30.97
N ASP I 39 -38.55 14.25 31.63
CA ASP I 39 -37.38 14.95 31.13
C ASP I 39 -36.81 14.29 29.89
N VAL I 40 -36.88 12.96 29.79
CA VAL I 40 -36.44 12.27 28.59
C VAL I 40 -37.37 12.58 27.42
N LEU I 41 -38.68 12.67 27.69
CA LEU I 41 -39.63 13.05 26.66
C LEU I 41 -39.40 14.48 26.19
N ASN I 42 -39.04 15.38 27.11
CA ASN I 42 -38.74 16.76 26.74
C ASN I 42 -37.46 16.84 25.91
N ILE I 43 -36.43 16.07 26.30
CA ILE I 43 -35.16 16.05 25.57
C ILE I 43 -35.36 15.50 24.16
N ILE I 44 -36.21 14.49 24.02
CA ILE I 44 -36.51 13.94 22.70
C ILE I 44 -37.31 14.94 21.87
N LEU I 45 -38.32 15.58 22.46
CA LEU I 45 -39.19 16.47 21.70
C LEU I 45 -38.54 17.81 21.38
N GLU I 46 -37.49 18.20 22.11
CA GLU I 46 -36.79 19.44 21.78
C GLU I 46 -35.92 19.30 20.54
N ARG I 47 -35.51 18.08 20.20
CA ARG I 47 -34.75 17.85 18.97
C ARG I 47 -35.64 17.58 17.77
N GLY I 48 -36.96 17.68 17.92
CA GLY I 48 -37.85 17.36 16.83
C GLY I 48 -37.93 15.90 16.51
N GLN I 49 -37.64 15.05 17.48
CA GLN I 49 -37.62 13.60 17.28
C GLN I 49 -38.91 13.00 17.85
N THR I 50 -39.42 11.98 17.16
CA THR I 50 -40.59 11.27 17.65
C THR I 50 -40.14 10.20 18.64
N PRO I 51 -40.62 10.22 19.89
CA PRO I 51 -40.20 9.22 20.87
C PRO I 51 -40.83 7.86 20.58
N ILE I 52 -39.98 6.87 20.31
CA ILE I 52 -40.42 5.50 20.05
C ILE I 52 -40.25 4.68 21.32
N ILE I 53 -41.33 4.02 21.73
CA ILE I 53 -41.35 3.24 22.95
C ILE I 53 -41.56 1.79 22.55
N GLU I 54 -40.54 0.97 22.81
CA GLU I 54 -40.62 -0.47 22.56
C GLU I 54 -41.14 -1.15 23.81
N ASN I 55 -42.42 -1.55 23.79
CA ASN I 55 -43.04 -2.18 24.95
C ASN I 55 -42.74 -3.68 24.93
N MET I 56 -41.46 -3.99 25.17
CA MET I 56 -40.95 -5.34 25.00
C MET I 56 -41.34 -6.28 26.13
N PHE I 57 -41.75 -5.74 27.29
CA PHE I 57 -42.17 -6.61 28.38
C PHE I 57 -43.68 -6.78 28.47
N LYS I 58 -44.45 -6.02 27.70
CA LYS I 58 -45.89 -6.27 27.64
C LYS I 58 -46.18 -7.60 26.97
N VAL I 59 -45.38 -7.97 25.97
CA VAL I 59 -45.58 -9.24 25.29
C VAL I 59 -45.12 -10.40 26.17
N ILE I 60 -44.17 -10.14 27.07
CA ILE I 60 -43.72 -11.17 28.03
C ILE I 60 -44.83 -11.48 29.02
N VAL I 61 -45.42 -10.45 29.61
CA VAL I 61 -46.53 -10.60 30.52
C VAL I 61 -47.74 -11.21 29.80
N ASN I 62 -47.95 -10.82 28.54
CA ASN I 62 -49.03 -11.38 27.75
C ASN I 62 -48.80 -12.86 27.46
N LYS I 63 -47.55 -13.27 27.29
CA LYS I 63 -47.24 -14.69 27.08
C LYS I 63 -47.49 -15.51 28.34
N ILE I 64 -47.05 -15.00 29.49
CA ILE I 64 -47.26 -15.73 30.75
C ILE I 64 -48.75 -15.78 31.10
N LEU I 65 -49.46 -14.67 30.89
CA LEU I 65 -50.90 -14.67 31.15
C LEU I 65 -51.65 -15.49 30.12
N GLY I 66 -51.13 -15.62 28.90
CA GLY I 66 -51.74 -16.51 27.93
C GLY I 66 -51.54 -17.97 28.28
N TYR I 67 -50.43 -18.28 28.94
CA TYR I 67 -50.30 -19.61 29.53
C TYR I 67 -51.30 -19.81 30.66
N LYS I 68 -51.51 -18.77 31.47
CA LYS I 68 -52.39 -18.92 32.63
C LYS I 68 -53.88 -18.86 32.30
N ILE I 69 -54.25 -18.32 31.14
CA ILE I 69 -55.66 -18.21 30.77
C ILE I 69 -56.26 -19.58 30.53
N GLU I 70 -55.54 -20.42 29.80
CA GLU I 70 -56.05 -21.74 29.47
C GLU I 70 -55.73 -22.77 30.56
N SER I 71 -54.72 -22.51 31.39
CA SER I 71 -54.46 -23.33 32.57
C SER I 71 -55.07 -22.72 33.82
N ILE I 72 -56.37 -22.42 33.77
CA ILE I 72 -57.07 -21.93 34.96
C ILE I 72 -57.30 -23.12 35.89
N SER I 73 -56.85 -23.00 37.12
CA SER I 73 -56.89 -24.09 38.08
C SER I 73 -58.15 -23.98 38.93
N GLU I 74 -58.88 -25.07 39.04
CA GLU I 74 -59.93 -25.23 40.02
C GLU I 74 -59.43 -26.16 41.11
N ILE I 75 -60.17 -26.19 42.22
CA ILE I 75 -59.85 -27.05 43.36
C ILE I 75 -60.98 -28.04 43.52
N ARG I 76 -60.67 -29.32 43.41
CA ARG I 76 -61.61 -30.37 43.74
C ARG I 76 -61.33 -30.91 45.13
N LEU I 77 -62.35 -31.51 45.72
CA LEU I 77 -62.28 -32.01 47.08
C LEU I 77 -62.28 -33.53 47.07
N SER I 78 -61.44 -34.11 47.92
CA SER I 78 -61.30 -35.55 48.03
C SER I 78 -61.60 -35.99 49.45
N PRO I 79 -62.20 -37.16 49.63
CA PRO I 79 -62.50 -37.61 51.00
C PRO I 79 -61.26 -38.11 51.71
N LYS I 80 -61.18 -37.79 53.01
CA LYS I 80 -60.13 -38.36 53.83
C LYS I 80 -60.46 -39.79 54.22
N GLN I 81 -61.60 -39.99 54.87
CA GLN I 81 -62.10 -41.33 55.17
C GLN I 81 -62.97 -41.81 54.02
N GLU I 82 -63.47 -43.05 54.14
CA GLU I 82 -64.36 -43.59 53.13
C GLU I 82 -65.77 -43.03 53.23
N GLU I 83 -66.18 -42.59 54.42
CA GLU I 83 -67.53 -42.07 54.62
C GLU I 83 -67.66 -40.61 54.21
N ASP I 84 -66.55 -39.92 53.98
CA ASP I 84 -66.60 -38.51 53.59
C ASP I 84 -66.86 -38.31 52.11
N ARG I 85 -66.85 -39.40 51.32
CA ARG I 85 -67.00 -39.31 49.87
C ARG I 85 -68.36 -38.74 49.48
N ALA I 86 -69.42 -39.19 50.16
CA ALA I 86 -70.75 -38.66 49.93
C ALA I 86 -70.85 -37.19 50.33
N LEU I 87 -69.97 -36.73 51.21
CA LEU I 87 -69.84 -35.30 51.42
C LEU I 87 -69.13 -34.65 50.25
N SER I 88 -67.97 -35.20 49.85
CA SER I 88 -67.08 -34.50 48.93
C SER I 88 -67.68 -34.43 47.53
N ASP I 89 -68.24 -35.54 47.05
CA ASP I 89 -68.94 -35.54 45.77
C ASP I 89 -70.19 -34.68 45.81
N LEU I 90 -70.72 -34.40 47.01
CA LEU I 90 -71.74 -33.36 47.13
C LEU I 90 -71.12 -31.98 46.90
N LEU I 91 -70.02 -31.69 47.61
CA LEU I 91 -69.47 -30.33 47.61
C LEU I 91 -68.81 -29.98 46.29
N ASN I 92 -68.21 -30.97 45.61
CA ASN I 92 -67.71 -30.75 44.26
C ASN I 92 -68.84 -30.43 43.29
N SER I 93 -70.05 -30.91 43.57
CA SER I 93 -71.19 -30.51 42.76
C SER I 93 -71.68 -29.13 43.15
N LEU I 94 -71.40 -28.68 44.38
CA LEU I 94 -71.86 -27.37 44.80
C LEU I 94 -70.86 -26.28 44.48
N LEU I 95 -69.60 -26.64 44.24
CA LEU I 95 -68.61 -25.66 43.83
C LEU I 95 -68.70 -25.32 42.34
N GLN I 96 -69.49 -26.07 41.57
CA GLN I 96 -69.59 -25.81 40.13
C GLN I 96 -70.35 -24.53 39.84
N VAL I 97 -71.31 -24.17 40.68
CA VAL I 97 -71.98 -22.87 40.52
C VAL I 97 -71.10 -21.73 40.97
N PHE I 98 -70.03 -22.01 41.72
CA PHE I 98 -68.98 -21.02 41.99
C PHE I 98 -67.92 -21.02 40.90
N ILE I 99 -67.73 -22.15 40.22
CA ILE I 99 -66.72 -22.24 39.17
C ILE I 99 -67.23 -21.62 37.88
N GLN I 100 -68.39 -22.05 37.39
CA GLN I 100 -68.87 -21.66 36.08
C GLN I 100 -69.69 -20.38 36.09
N GLN I 101 -69.53 -19.54 37.10
CA GLN I 101 -70.10 -18.21 37.03
C GLN I 101 -69.23 -17.33 36.14
N GLU I 102 -69.78 -16.18 35.75
CA GLU I 102 -69.09 -15.32 34.79
C GLU I 102 -67.92 -14.58 35.40
N ASN I 103 -67.98 -14.25 36.69
CA ASN I 103 -66.94 -13.45 37.33
C ASN I 103 -65.69 -14.22 37.67
N TYR I 104 -65.73 -15.57 37.59
CA TYR I 104 -64.61 -16.39 38.08
C TYR I 104 -63.37 -16.19 37.22
N ASP I 105 -63.51 -16.35 35.90
CA ASP I 105 -62.36 -16.23 35.01
C ASP I 105 -61.83 -14.81 34.97
N LYS I 106 -62.74 -13.82 35.05
CA LYS I 106 -62.32 -12.42 35.08
C LYS I 106 -61.52 -12.12 36.34
N SER I 107 -61.99 -12.60 37.49
CA SER I 107 -61.28 -12.37 38.74
C SER I 107 -59.94 -13.09 38.78
N MET I 108 -59.89 -14.29 38.19
CA MET I 108 -58.62 -15.03 38.19
C MET I 108 -57.59 -14.39 37.25
N ILE I 109 -58.04 -13.90 36.10
CA ILE I 109 -57.07 -13.30 35.17
C ILE I 109 -56.62 -11.93 35.66
N GLU I 110 -57.54 -11.15 36.29
CA GLU I 110 -57.14 -9.92 36.96
C GLU I 110 -56.19 -10.18 38.11
N ARG I 111 -56.41 -11.27 38.84
CA ARG I 111 -55.53 -11.67 39.93
C ARG I 111 -54.13 -11.99 39.42
N ASP I 112 -54.04 -12.77 38.34
CA ASP I 112 -52.73 -13.13 37.80
C ASP I 112 -52.03 -11.93 37.19
N LYS I 113 -52.77 -11.01 36.57
CA LYS I 113 -52.16 -9.80 36.05
C LYS I 113 -51.63 -8.91 37.17
N ASN I 114 -52.38 -8.81 38.28
CA ASN I 114 -51.90 -8.03 39.41
C ASN I 114 -50.73 -8.71 40.12
N LEU I 115 -50.70 -10.04 40.14
CA LEU I 115 -49.58 -10.76 40.75
C LEU I 115 -48.34 -10.71 39.88
N LEU I 116 -48.49 -10.55 38.57
CA LEU I 116 -47.33 -10.52 37.69
C LEU I 116 -46.78 -9.12 37.49
N ILE I 117 -47.65 -8.14 37.26
CA ILE I 117 -47.21 -6.76 37.09
C ILE I 117 -46.67 -6.20 38.40
N GLY I 118 -47.49 -6.21 39.43
CA GLY I 118 -47.06 -5.89 40.77
C GLY I 118 -46.79 -7.12 41.59
N GLY I 119 -47.00 -7.01 42.89
CA GLY I 119 -46.77 -8.13 43.77
C GLY I 119 -48.01 -8.65 44.46
N LEU I 120 -49.08 -7.85 44.45
CA LEU I 120 -50.28 -8.15 45.20
C LEU I 120 -51.30 -8.89 44.34
N GLY I 121 -52.02 -9.81 44.98
CA GLY I 121 -53.24 -10.35 44.39
C GLY I 121 -54.32 -10.41 45.44
N VAL I 122 -55.43 -9.69 45.22
CA VAL I 122 -56.51 -9.57 46.20
C VAL I 122 -57.81 -10.02 45.54
N ILE I 123 -58.46 -11.02 46.13
CA ILE I 123 -59.75 -11.50 45.65
C ILE I 123 -60.71 -11.57 46.83
N GLN I 124 -61.85 -10.91 46.70
CA GLN I 124 -62.87 -10.92 47.74
C GLN I 124 -64.04 -11.80 47.32
N LEU I 125 -64.73 -12.34 48.32
CA LEU I 125 -65.89 -13.19 48.14
C LEU I 125 -67.09 -12.60 48.86
N TRP I 126 -68.28 -12.91 48.37
CA TRP I 126 -69.50 -12.40 48.96
C TRP I 126 -70.58 -13.46 48.89
N VAL I 127 -71.57 -13.33 49.78
CA VAL I 127 -72.57 -14.38 50.00
C VAL I 127 -73.94 -13.77 49.71
N SER I 128 -74.03 -12.96 48.66
CA SER I 128 -75.26 -12.26 48.31
C SER I 128 -76.41 -13.21 47.98
N GLN I 129 -77.61 -12.83 48.41
CA GLN I 129 -78.83 -13.61 48.25
C GLN I 129 -79.92 -12.67 47.76
N ASP I 130 -80.35 -12.84 46.51
CA ASP I 130 -81.04 -11.74 45.84
C ASP I 130 -82.53 -11.63 46.19
N LYS I 131 -83.36 -12.56 45.69
CA LYS I 131 -84.79 -12.46 45.95
C LYS I 131 -85.49 -13.78 46.22
N ASP I 132 -85.03 -14.89 45.67
CA ASP I 132 -85.79 -16.14 45.65
C ASP I 132 -85.09 -17.24 46.44
N LYS I 133 -84.59 -16.88 47.63
CA LYS I 133 -83.84 -17.76 48.54
C LYS I 133 -82.61 -18.36 47.86
N ASN I 134 -81.99 -17.62 46.94
CA ASN I 134 -80.89 -18.14 46.12
C ASN I 134 -79.59 -17.54 46.64
N VAL I 135 -78.90 -18.32 47.48
CA VAL I 135 -77.61 -17.89 48.01
C VAL I 135 -76.53 -18.14 46.98
N GLU I 136 -75.72 -17.12 46.71
CA GLU I 136 -74.67 -17.21 45.72
C GLU I 136 -73.39 -16.64 46.28
N ILE I 137 -72.26 -17.17 45.81
CA ILE I 137 -70.94 -16.75 46.23
C ILE I 137 -70.35 -15.92 45.10
N GLU I 138 -70.47 -14.61 45.20
CA GLU I 138 -69.82 -13.72 44.24
C GLU I 138 -68.32 -13.67 44.52
N ILE I 139 -67.55 -13.48 43.45
CA ILE I 139 -66.10 -13.36 43.51
C ILE I 139 -65.71 -12.12 42.74
N LYS I 140 -64.83 -11.30 43.33
CA LYS I 140 -64.40 -10.07 42.68
C LYS I 140 -62.93 -9.82 42.97
N ALA I 141 -62.14 -9.62 41.92
CA ALA I 141 -60.74 -9.22 42.11
C ALA I 141 -60.67 -7.73 42.38
N ILE I 142 -59.94 -7.35 43.42
CA ILE I 142 -59.84 -5.97 43.86
C ILE I 142 -58.57 -5.37 43.27
N LYS I 143 -58.68 -4.13 42.79
CA LYS I 143 -57.53 -3.36 42.34
C LYS I 143 -56.58 -3.15 43.52
N PRO I 144 -55.32 -3.59 43.42
CA PRO I 144 -54.46 -3.59 44.61
C PRO I 144 -53.97 -2.23 45.04
N GLU I 145 -54.05 -1.21 44.17
CA GLU I 145 -53.62 0.11 44.62
C GLU I 145 -54.66 0.75 45.53
N SER I 146 -55.93 0.38 45.40
CA SER I 146 -56.97 0.80 46.34
C SER I 146 -57.20 -0.25 47.41
N PHE I 147 -56.12 -0.69 48.05
CA PHE I 147 -56.22 -1.74 49.06
C PHE I 147 -55.01 -1.63 49.97
N VAL I 148 -55.26 -1.38 51.26
CA VAL I 148 -54.20 -1.16 52.23
C VAL I 148 -54.20 -2.31 53.22
N ILE I 149 -53.04 -2.94 53.40
CA ILE I 149 -52.88 -4.04 54.32
C ILE I 149 -52.28 -3.48 55.60
N ASP I 150 -52.48 -4.19 56.71
CA ASP I 150 -51.82 -3.87 57.97
C ASP I 150 -50.30 -3.93 57.81
N TYR I 151 -49.62 -2.90 58.30
CA TYR I 151 -48.17 -2.81 58.15
C TYR I 151 -47.43 -3.81 59.03
N PHE I 152 -48.09 -4.39 60.03
CA PHE I 152 -47.43 -5.32 60.92
C PHE I 152 -47.28 -6.71 60.31
N SER I 153 -48.06 -7.04 59.29
CA SER I 153 -47.96 -8.35 58.65
C SER I 153 -46.74 -8.38 57.73
N THR I 154 -45.85 -9.34 57.97
CA THR I 154 -44.61 -9.42 57.21
C THR I 154 -44.62 -10.51 56.14
N ASP I 155 -45.40 -11.57 56.31
CA ASP I 155 -45.31 -12.73 55.44
C ASP I 155 -46.16 -12.55 54.18
N LYS I 156 -45.93 -13.43 53.22
CA LYS I 156 -46.86 -13.55 52.11
C LYS I 156 -48.15 -14.19 52.59
N ASN I 157 -49.20 -14.00 51.79
CA ASN I 157 -50.60 -14.37 51.99
C ASN I 157 -51.31 -13.56 53.10
N ALA I 158 -50.58 -12.71 53.83
CA ALA I 158 -51.15 -11.72 54.77
C ALA I 158 -52.01 -12.36 55.86
N LEU I 159 -51.57 -13.51 56.37
CA LEU I 159 -52.40 -14.25 57.31
C LEU I 159 -52.38 -13.65 58.70
N ASP I 160 -51.26 -13.09 59.15
CA ASP I 160 -51.21 -12.43 60.45
C ASP I 160 -51.49 -10.93 60.34
N ALA I 161 -52.56 -10.59 59.65
CA ALA I 161 -52.97 -9.21 59.45
C ALA I 161 -54.20 -8.93 60.30
N ARG I 162 -54.21 -7.77 60.95
CA ARG I 162 -55.30 -7.41 61.83
C ARG I 162 -56.34 -6.50 61.19
N ARG I 163 -56.02 -5.89 60.05
CA ARG I 163 -56.95 -4.99 59.40
C ARG I 163 -56.64 -4.90 57.91
N PHE I 164 -57.70 -4.78 57.12
CA PHE I 164 -57.61 -4.53 55.68
C PHE I 164 -58.47 -3.33 55.34
N HIS I 165 -57.89 -2.35 54.66
CA HIS I 165 -58.63 -1.17 54.24
C HIS I 165 -58.74 -1.14 52.73
N LYS I 166 -59.91 -0.77 52.22
CA LYS I 166 -60.10 -0.51 50.80
C LYS I 166 -60.78 0.83 50.62
N MET I 167 -60.19 1.67 49.78
CA MET I 167 -60.67 3.03 49.54
C MET I 167 -61.50 3.02 48.26
N LEU I 168 -62.81 3.17 48.40
CA LEU I 168 -63.76 3.02 47.31
C LEU I 168 -64.35 4.36 46.89
N GLU I 169 -64.56 4.49 45.59
CA GLU I 169 -65.48 5.47 45.04
C GLU I 169 -66.88 4.88 45.08
N VAL I 170 -67.85 5.66 45.54
CA VAL I 170 -69.24 5.21 45.63
C VAL I 170 -70.12 6.31 45.05
N SER I 171 -71.02 5.94 44.15
CA SER I 171 -71.98 6.89 43.61
C SER I 171 -73.06 7.21 44.64
N GLU I 172 -73.92 8.16 44.32
CA GLU I 172 -74.88 8.69 45.29
C GLU I 172 -75.97 7.68 45.60
N GLN I 173 -76.60 7.12 44.57
CA GLN I 173 -77.70 6.18 44.81
C GLN I 173 -77.19 4.84 45.32
N GLU I 174 -75.95 4.46 44.97
CA GLU I 174 -75.35 3.29 45.59
C GLU I 174 -75.04 3.53 47.06
N ALA I 175 -74.74 4.78 47.43
CA ALA I 175 -74.56 5.09 48.84
C ALA I 175 -75.90 5.12 49.58
N LEU I 176 -76.98 5.50 48.88
CA LEU I 176 -78.30 5.42 49.48
C LEU I 176 -78.74 3.98 49.68
N LEU I 177 -78.41 3.10 48.73
CA LEU I 177 -78.74 1.69 48.89
C LEU I 177 -77.84 1.01 49.91
N LEU I 178 -76.61 1.51 50.08
CA LEU I 178 -75.66 0.88 50.98
C LEU I 178 -76.03 1.15 52.44
N PHE I 179 -76.50 2.35 52.73
CA PHE I 179 -77.05 2.68 54.04
C PHE I 179 -78.05 3.81 53.87
N GLY I 180 -79.05 3.84 54.75
CA GLY I 180 -80.16 4.75 54.62
C GLY I 180 -79.78 6.20 54.86
N ASP I 181 -80.77 7.07 54.62
CA ASP I 181 -80.57 8.52 54.69
C ASP I 181 -80.54 9.08 56.11
N SER I 182 -80.64 8.22 57.13
CA SER I 182 -80.63 8.71 58.50
C SER I 182 -79.25 9.18 58.94
N VAL I 183 -78.19 8.68 58.32
CA VAL I 183 -76.84 9.10 58.66
C VAL I 183 -76.33 10.01 57.56
N ILE I 184 -75.44 10.93 57.94
CA ILE I 184 -75.02 12.03 57.08
C ILE I 184 -73.84 11.58 56.23
N VAL I 185 -73.91 11.83 54.93
CA VAL I 185 -72.90 11.42 53.98
C VAL I 185 -72.14 12.67 53.52
N ASN I 186 -70.81 12.57 53.48
CA ASN I 186 -69.96 13.65 53.00
C ASN I 186 -69.67 13.39 51.52
N TYR I 187 -70.49 13.97 50.65
CA TYR I 187 -70.33 13.77 49.22
C TYR I 187 -69.25 14.68 48.66
N SER I 188 -68.91 14.45 47.39
CA SER I 188 -68.05 15.34 46.64
C SER I 188 -68.89 16.11 45.65
N ASN I 189 -68.22 16.94 44.83
CA ASN I 189 -68.89 17.71 43.79
C ASN I 189 -68.01 17.74 42.53
N VAL I 190 -67.56 16.55 42.10
CA VAL I 190 -66.44 16.46 41.17
C VAL I 190 -66.81 17.01 39.79
N ASN I 191 -67.94 16.60 39.21
CA ASN I 191 -68.54 17.38 38.13
C ASN I 191 -69.97 17.79 38.43
N HIS I 192 -70.90 16.85 38.54
CA HIS I 192 -72.28 17.17 38.89
C HIS I 192 -72.99 16.10 39.71
N GLU I 193 -72.33 15.02 40.10
CA GLU I 193 -73.04 13.79 40.43
C GLU I 193 -73.02 13.40 41.90
N ARG I 194 -72.22 14.09 42.73
CA ARG I 194 -72.11 13.87 44.17
C ARG I 194 -71.67 12.43 44.49
N ILE I 195 -70.44 12.12 44.07
CA ILE I 195 -69.81 10.86 44.45
C ILE I 195 -69.24 11.01 45.86
N ALA I 196 -68.84 9.89 46.46
CA ALA I 196 -68.32 9.89 47.82
C ALA I 196 -67.17 8.90 47.94
N SER I 197 -66.15 9.28 48.69
CA SER I 197 -65.00 8.42 48.94
C SER I 197 -65.18 7.75 50.30
N VAL I 198 -65.38 6.43 50.29
CA VAL I 198 -65.69 5.66 51.49
C VAL I 198 -64.59 4.64 51.70
N ILE I 199 -64.03 4.59 52.90
CA ILE I 199 -63.03 3.60 53.26
C ILE I 199 -63.75 2.48 54.01
N GLU I 200 -63.64 1.27 53.48
CA GLU I 200 -64.19 0.09 54.13
C GLU I 200 -63.05 -0.65 54.81
N SER I 201 -63.13 -0.75 56.13
CA SER I 201 -62.10 -1.41 56.92
C SER I 201 -62.66 -2.71 57.50
N TRP I 202 -61.82 -3.74 57.49
CA TRP I 202 -62.15 -5.03 58.10
C TRP I 202 -61.13 -5.28 59.19
N TYR I 203 -61.62 -5.39 60.43
CA TYR I 203 -60.77 -5.49 61.61
C TYR I 203 -60.93 -6.85 62.26
N LYS I 204 -59.81 -7.46 62.62
CA LYS I 204 -59.80 -8.72 63.35
C LYS I 204 -59.74 -8.42 64.83
N GLU I 205 -60.80 -8.75 65.56
CA GLU I 205 -60.85 -8.54 67.01
C GLU I 205 -61.39 -9.82 67.64
N TYR I 206 -60.79 -10.25 68.75
CA TYR I 206 -61.31 -11.41 69.45
C TYR I 206 -62.47 -10.99 70.34
N ASN I 207 -63.47 -11.86 70.45
CA ASN I 207 -64.63 -11.55 71.25
C ASN I 207 -64.33 -11.91 72.71
N GLU I 208 -65.23 -11.53 73.61
CA GLU I 208 -65.11 -11.92 75.01
C GLU I 208 -66.14 -12.96 75.44
N GLU I 209 -67.25 -13.09 74.72
CA GLU I 209 -68.20 -14.16 75.00
C GLU I 209 -67.59 -15.50 74.59
N THR I 210 -67.30 -15.65 73.30
CA THR I 210 -66.42 -16.71 72.84
C THR I 210 -65.00 -16.17 72.75
N GLN I 211 -64.03 -17.08 72.85
CA GLN I 211 -62.62 -16.68 72.86
C GLN I 211 -61.96 -16.80 71.49
N SER I 212 -62.70 -16.53 70.42
CA SER I 212 -62.20 -16.65 69.07
C SER I 212 -62.17 -15.28 68.39
N TYR I 213 -61.37 -15.19 67.33
CA TYR I 213 -61.29 -13.96 66.55
C TYR I 213 -62.45 -13.87 65.56
N GLU I 214 -63.00 -12.67 65.43
CA GLU I 214 -64.02 -12.38 64.43
C GLU I 214 -63.63 -11.11 63.68
N TRP I 215 -64.09 -11.01 62.45
CA TRP I 215 -63.82 -9.85 61.61
C TRP I 215 -65.06 -8.96 61.58
N ASN I 216 -64.84 -7.66 61.76
CA ASN I 216 -65.91 -6.68 61.77
C ASN I 216 -65.66 -5.64 60.69
N ARG I 217 -66.75 -5.10 60.14
CA ARG I 217 -66.68 -4.16 59.04
C ARG I 217 -67.06 -2.76 59.51
N TYR I 218 -66.26 -1.78 59.10
CA TYR I 218 -66.54 -0.37 59.38
C TYR I 218 -66.43 0.40 58.07
N LEU I 219 -67.57 0.88 57.57
CA LEU I 219 -67.59 1.82 56.47
C LEU I 219 -67.50 3.22 57.07
N TRP I 220 -66.44 3.95 56.74
CA TRP I 220 -66.21 5.24 57.35
C TRP I 220 -65.57 6.17 56.33
N ASN I 221 -65.61 7.46 56.63
CA ASN I 221 -64.94 8.45 55.81
C ASN I 221 -63.94 9.21 56.67
N ARG I 222 -62.82 9.60 56.06
CA ARG I 222 -61.90 10.51 56.73
C ARG I 222 -62.58 11.85 56.92
N ASN I 223 -62.25 12.49 58.05
CA ASN I 223 -62.78 13.78 58.53
C ASN I 223 -64.32 13.86 58.51
N THR I 224 -65.01 12.73 58.60
CA THR I 224 -66.46 12.73 58.71
C THR I 224 -66.92 11.81 59.84
N GLY I 225 -66.18 10.73 60.07
CA GLY I 225 -66.55 9.75 61.06
C GLY I 225 -66.96 8.42 60.44
N ILE I 226 -67.66 7.62 61.23
CA ILE I 226 -68.06 6.27 60.85
C ILE I 226 -69.45 6.32 60.26
N TYR I 227 -69.60 5.83 59.03
CA TYR I 227 -70.93 5.76 58.42
C TYR I 227 -71.72 4.56 58.94
N LYS I 228 -71.13 3.36 58.89
CA LYS I 228 -71.83 2.17 59.33
C LYS I 228 -70.85 1.19 59.94
N SER I 229 -71.20 0.68 61.13
CA SER I 229 -70.35 -0.26 61.85
C SER I 229 -71.14 -1.54 62.10
N GLU I 230 -70.66 -2.65 61.54
CA GLU I 230 -71.27 -3.95 61.78
C GLU I 230 -70.20 -4.91 62.30
N LYS I 231 -70.58 -5.79 63.20
CA LYS I 231 -69.66 -6.74 63.80
C LYS I 231 -70.08 -8.17 63.47
N LYS I 232 -69.09 -8.96 63.04
CA LYS I 232 -69.28 -10.33 62.55
C LYS I 232 -70.38 -10.44 61.50
N PRO I 233 -70.23 -9.81 60.33
CA PRO I 233 -71.31 -9.87 59.35
C PRO I 233 -71.18 -11.03 58.37
N PHE I 234 -70.77 -12.21 58.85
CA PHE I 234 -70.71 -13.35 57.95
C PHE I 234 -71.04 -14.68 58.60
N LYS I 235 -71.57 -14.70 59.82
CA LYS I 235 -71.98 -15.86 60.63
C LYS I 235 -70.81 -16.75 61.06
N ASN I 236 -69.57 -16.43 60.69
CA ASN I 236 -68.41 -17.15 61.19
C ASN I 236 -67.26 -16.25 61.59
N GLY I 237 -67.33 -14.95 61.30
CA GLY I 237 -66.22 -14.06 61.57
C GLY I 237 -65.07 -14.32 60.62
N ALA I 238 -65.36 -14.43 59.34
CA ALA I 238 -64.37 -14.71 58.32
C ALA I 238 -64.14 -13.45 57.48
N CYS I 239 -62.88 -13.13 57.26
CA CYS I 239 -62.55 -12.01 56.38
C CYS I 239 -62.84 -12.40 54.94
N PRO I 240 -63.50 -11.54 54.17
CA PRO I 240 -63.83 -11.89 52.78
C PRO I 240 -62.64 -11.81 51.85
N PHE I 241 -61.54 -11.18 52.25
CA PHE I 241 -60.40 -10.96 51.37
C PHE I 241 -59.45 -12.14 51.42
N ILE I 242 -58.91 -12.50 50.27
CA ILE I 242 -57.82 -13.45 50.14
C ILE I 242 -56.71 -12.73 49.40
N VAL I 243 -55.58 -12.55 50.08
CA VAL I 243 -54.46 -11.75 49.60
C VAL I 243 -53.29 -12.71 49.43
N SER I 244 -52.46 -12.47 48.41
CA SER I 244 -51.15 -13.09 48.37
C SER I 244 -50.14 -12.14 47.75
N LYS I 245 -48.97 -12.06 48.38
CA LYS I 245 -47.87 -11.23 47.91
C LYS I 245 -46.82 -12.11 47.25
N LEU I 246 -46.48 -11.78 46.01
CA LEU I 246 -45.35 -12.40 45.34
C LEU I 246 -44.10 -11.58 45.62
N TYR I 247 -43.03 -12.27 46.06
CA TYR I 247 -41.70 -11.69 46.34
C TYR I 247 -41.78 -10.59 47.40
N THR I 248 -42.11 -11.00 48.62
CA THR I 248 -41.88 -10.09 49.74
C THR I 248 -40.37 -9.98 49.99
N ASP I 249 -39.94 -8.80 50.41
CA ASP I 249 -38.52 -8.55 50.61
C ASP I 249 -38.32 -7.83 51.93
N GLU I 250 -37.09 -7.34 52.15
CA GLU I 250 -36.83 -6.48 53.29
C GLU I 250 -37.54 -5.13 53.12
N LEU I 251 -37.75 -4.46 54.25
CA LEU I 251 -38.60 -3.28 54.46
C LEU I 251 -40.07 -3.55 54.17
N ASN I 252 -40.47 -4.82 54.02
CA ASN I 252 -41.85 -5.29 53.90
C ASN I 252 -42.58 -4.66 52.72
N ASN I 253 -42.06 -4.90 51.53
CA ASN I 253 -42.69 -4.46 50.29
C ASN I 253 -42.93 -5.67 49.40
N TYR I 254 -43.81 -5.50 48.41
CA TYR I 254 -43.97 -6.51 47.37
C TYR I 254 -43.18 -6.09 46.13
N TYR I 255 -42.38 -7.01 45.63
CA TYR I 255 -41.34 -6.74 44.64
C TYR I 255 -41.81 -6.96 43.21
N GLY I 256 -42.60 -8.01 42.96
CA GLY I 256 -43.18 -8.24 41.65
C GLY I 256 -42.15 -8.68 40.61
N LEU I 257 -42.65 -8.86 39.39
CA LEU I 257 -41.78 -9.18 38.27
C LEU I 257 -41.32 -7.91 37.56
N PHE I 258 -41.79 -6.74 38.00
CA PHE I 258 -41.49 -5.51 37.29
C PHE I 258 -40.08 -5.01 37.57
N ARG I 259 -39.60 -5.13 38.81
CA ARG I 259 -38.38 -4.44 39.20
C ARG I 259 -37.12 -5.10 38.64
N ASP I 260 -37.12 -6.42 38.49
CA ASP I 260 -35.94 -7.08 37.96
C ASP I 260 -35.83 -6.99 36.44
N ILE I 261 -36.95 -6.72 35.75
CA ILE I 261 -36.91 -6.55 34.29
C ILE I 261 -37.05 -5.10 33.87
N LYS I 262 -37.23 -4.17 34.80
CA LYS I 262 -37.30 -2.74 34.52
C LYS I 262 -36.02 -2.14 33.95
N PRO I 263 -34.79 -2.40 34.45
CA PRO I 263 -33.63 -1.75 33.83
C PRO I 263 -33.31 -2.25 32.43
N MET I 264 -33.68 -3.48 32.09
CA MET I 264 -33.54 -3.94 30.71
C MET I 264 -34.48 -3.17 29.79
N GLN I 265 -35.71 -2.90 30.24
CA GLN I 265 -36.65 -2.12 29.46
C GLN I 265 -36.20 -0.66 29.32
N ASP I 266 -35.62 -0.11 30.39
CA ASP I 266 -35.08 1.25 30.32
C ASP I 266 -33.89 1.34 29.37
N PHE I 267 -33.01 0.34 29.38
CA PHE I 267 -31.89 0.35 28.45
C PHE I 267 -32.35 0.14 27.02
N ILE I 268 -33.41 -0.65 26.81
CA ILE I 268 -33.94 -0.85 25.47
C ILE I 268 -34.52 0.46 24.93
N ASN I 269 -35.29 1.17 25.75
CA ASN I 269 -35.87 2.44 25.32
C ASN I 269 -34.79 3.49 25.10
N TYR I 270 -33.79 3.55 25.97
CA TYR I 270 -32.69 4.51 25.83
C TYR I 270 -31.88 4.21 24.59
N ALA I 271 -31.61 2.93 24.31
CA ALA I 271 -30.82 2.57 23.14
C ALA I 271 -31.58 2.85 21.86
N GLU I 272 -32.90 2.59 21.83
CA GLU I 272 -33.67 2.87 20.63
C GLU I 272 -33.79 4.36 20.36
N ASN I 273 -34.03 5.17 21.39
CA ASN I 273 -34.13 6.60 21.16
C ASN I 273 -32.78 7.25 20.86
N ARG I 274 -31.70 6.76 21.48
CA ARG I 274 -30.38 7.30 21.18
C ARG I 274 -29.91 6.89 19.80
N MET I 275 -30.28 5.69 19.33
CA MET I 275 -29.94 5.30 17.97
C MET I 275 -30.77 6.05 16.95
N GLY I 276 -32.03 6.36 17.29
CA GLY I 276 -32.82 7.23 16.44
C GLY I 276 -32.33 8.66 16.41
N ASN I 277 -31.65 9.09 17.46
CA ASN I 277 -31.03 10.41 17.45
C ASN I 277 -29.70 10.42 16.72
N MET I 278 -28.94 9.32 16.78
CA MET I 278 -27.61 9.28 16.20
C MET I 278 -27.67 9.34 14.68
N MET I 279 -28.37 8.40 14.07
CA MET I 279 -28.69 8.54 12.65
C MET I 279 -29.79 9.58 12.51
N GLY I 280 -29.84 10.21 11.35
CA GLY I 280 -30.79 11.29 11.15
C GLY I 280 -30.39 12.61 11.75
N SER I 281 -29.15 12.76 12.20
CA SER I 281 -28.66 14.02 12.71
C SER I 281 -27.15 14.07 12.56
N PHE I 282 -26.60 15.28 12.61
CA PHE I 282 -25.17 15.49 12.45
C PHE I 282 -24.65 16.37 13.57
N LYS I 283 -23.37 16.22 13.87
CA LYS I 283 -22.69 17.04 14.86
C LYS I 283 -21.46 17.68 14.23
N ALA I 284 -21.17 18.91 14.62
CA ALA I 284 -20.07 19.64 14.02
C ALA I 284 -19.55 20.68 15.01
N MET I 285 -18.24 20.86 15.02
CA MET I 285 -17.60 21.95 15.73
C MET I 285 -17.44 23.12 14.77
N PHE I 286 -18.05 24.25 15.11
CA PHE I 286 -17.94 25.47 14.34
C PHE I 286 -16.98 26.43 15.01
N GLU I 287 -16.26 27.18 14.22
CA GLU I 287 -15.66 28.39 14.76
C GLU I 287 -16.71 29.49 14.80
N GLU I 288 -16.47 30.51 15.62
CA GLU I 288 -17.43 31.59 15.75
C GLU I 288 -17.41 32.57 14.59
N ASP I 289 -16.57 32.33 13.57
CA ASP I 289 -16.52 33.16 12.38
C ASP I 289 -16.53 32.30 11.13
N ALA I 290 -17.17 31.13 11.19
CA ALA I 290 -17.15 30.20 10.07
C ALA I 290 -18.08 30.67 8.96
N VAL I 291 -19.32 31.01 9.30
CA VAL I 291 -20.31 31.44 8.32
C VAL I 291 -21.28 32.38 9.02
N VAL I 292 -21.85 33.31 8.27
CA VAL I 292 -22.90 34.16 8.81
C VAL I 292 -24.17 33.33 8.97
N ASP I 293 -24.91 33.60 10.05
CA ASP I 293 -26.18 32.96 10.41
C ASP I 293 -26.02 31.44 10.51
N VAL I 294 -25.26 31.04 11.53
CA VAL I 294 -24.91 29.63 11.69
C VAL I 294 -26.12 28.79 12.09
N ALA I 295 -27.12 29.40 12.73
CA ALA I 295 -28.36 28.69 13.01
C ALA I 295 -29.11 28.39 11.73
N GLU I 296 -29.08 29.32 10.77
CA GLU I 296 -29.72 29.08 9.48
C GLU I 296 -29.01 27.95 8.73
N PHE I 297 -27.67 27.92 8.86
CA PHE I 297 -26.87 26.88 8.21
C PHE I 297 -27.15 25.51 8.79
N VAL I 298 -27.31 25.41 10.11
CA VAL I 298 -27.62 24.11 10.69
C VAL I 298 -29.08 23.74 10.55
N GLU I 299 -29.95 24.69 10.21
CA GLU I 299 -31.31 24.31 9.81
C GLU I 299 -31.30 23.67 8.43
N THR I 300 -30.71 24.34 7.43
CA THR I 300 -30.70 23.72 6.10
C THR I 300 -29.75 22.54 5.97
N MET I 301 -28.77 22.40 6.86
CA MET I 301 -27.87 21.26 6.81
C MET I 301 -28.50 19.99 7.37
N SER I 302 -29.53 20.11 8.20
CA SER I 302 -30.15 18.93 8.80
C SER I 302 -30.99 18.13 7.80
N LEU I 303 -31.35 18.72 6.68
CA LEU I 303 -32.11 18.01 5.67
C LEU I 303 -31.23 17.01 4.92
N ASP I 304 -31.87 16.01 4.33
CA ASP I 304 -31.18 15.04 3.49
C ASP I 304 -31.01 15.51 2.06
N ASN I 305 -31.57 16.67 1.71
CA ASN I 305 -31.29 17.33 0.43
C ASN I 305 -30.93 18.77 0.77
N ALA I 306 -29.66 19.00 1.08
CA ALA I 306 -29.19 20.28 1.58
C ALA I 306 -28.50 21.04 0.46
N ILE I 307 -29.04 22.21 0.15
CA ILE I 307 -28.35 23.18 -0.70
C ILE I 307 -28.03 24.37 0.20
N ALA I 308 -26.85 24.35 0.79
CA ALA I 308 -26.43 25.37 1.75
C ALA I 308 -25.48 26.34 1.08
N LYS I 309 -25.90 27.59 0.96
CA LYS I 309 -25.09 28.64 0.38
C LYS I 309 -24.33 29.34 1.50
N VAL I 310 -23.00 29.30 1.43
CA VAL I 310 -22.14 29.89 2.45
C VAL I 310 -21.43 31.10 1.85
N ARG I 311 -20.70 31.81 2.70
CA ARG I 311 -19.93 32.96 2.27
C ARG I 311 -18.76 32.51 1.39
N PRO I 312 -18.24 33.40 0.54
CA PRO I 312 -17.08 33.03 -0.29
C PRO I 312 -15.84 32.72 0.53
N ASN I 313 -15.02 31.81 -0.01
CA ASN I 313 -13.78 31.31 0.60
C ASN I 313 -14.02 30.67 1.97
N ALA I 314 -15.16 29.99 2.12
CA ALA I 314 -15.47 29.26 3.34
C ALA I 314 -15.29 27.76 3.18
N LEU I 315 -14.88 27.30 2.01
CA LEU I 315 -14.61 25.89 1.77
C LEU I 315 -13.12 25.57 1.74
N LYS I 316 -12.26 26.58 1.73
CA LYS I 316 -10.82 26.38 1.66
C LYS I 316 -10.11 26.60 2.98
N ASP I 317 -10.81 27.11 4.00
CA ASP I 317 -10.19 27.41 5.29
C ASP I 317 -10.47 26.36 6.34
N HIS I 318 -11.57 25.59 6.18
CA HIS I 318 -11.99 24.52 7.07
C HIS I 318 -12.20 25.02 8.51
N LYS I 319 -13.15 25.94 8.64
CA LYS I 319 -13.58 26.41 9.95
C LYS I 319 -14.75 25.60 10.51
N ILE I 320 -15.23 24.61 9.77
CA ILE I 320 -16.29 23.70 10.21
C ILE I 320 -15.70 22.29 10.22
N GLN I 321 -15.90 21.58 11.32
CA GLN I 321 -15.41 20.21 11.47
C GLN I 321 -16.61 19.31 11.77
N PHE I 322 -17.09 18.60 10.75
CA PHE I 322 -18.19 17.65 10.93
C PHE I 322 -17.66 16.41 11.61
N MET I 323 -18.09 16.17 12.85
CA MET I 323 -17.63 15.00 13.59
C MET I 323 -18.49 13.80 13.26
N ASN I 324 -17.90 12.62 13.38
CA ASN I 324 -18.59 11.38 13.08
C ASN I 324 -19.56 11.06 14.21
N ASN I 325 -20.86 11.07 13.90
CA ASN I 325 -21.88 10.83 14.91
C ASN I 325 -22.08 9.35 15.19
N GLN I 326 -22.05 8.53 14.15
CA GLN I 326 -22.42 7.12 14.27
C GLN I 326 -21.19 6.24 14.49
N ALA I 327 -20.46 6.55 15.55
CA ALA I 327 -19.40 5.68 16.01
C ALA I 327 -19.89 4.66 17.03
N ASP I 328 -21.20 4.65 17.30
CA ASP I 328 -21.76 3.84 18.37
C ASP I 328 -23.07 3.17 17.97
N LEU I 329 -23.34 3.06 16.66
CA LEU I 329 -24.59 2.44 16.22
C LEU I 329 -24.54 0.94 16.37
N SER I 330 -23.40 0.34 16.01
CA SER I 330 -23.29 -1.12 16.03
C SER I 330 -23.27 -1.66 17.45
N ALA I 331 -22.52 -1.00 18.34
CA ALA I 331 -22.43 -1.47 19.71
C ALA I 331 -23.77 -1.31 20.43
N LEU I 332 -24.50 -0.23 20.15
CA LEU I 332 -25.83 -0.07 20.72
C LEU I 332 -26.82 -1.05 20.15
N SER I 333 -26.68 -1.44 18.87
CA SER I 333 -27.53 -2.47 18.30
C SER I 333 -27.31 -3.81 18.98
N GLN I 334 -26.03 -4.17 19.18
CA GLN I 334 -25.70 -5.43 19.82
C GLN I 334 -26.15 -5.44 21.28
N LYS I 335 -26.01 -4.31 21.97
CA LYS I 335 -26.45 -4.24 23.37
C LYS I 335 -27.96 -4.26 23.47
N ALA I 336 -28.66 -3.66 22.51
CA ALA I 336 -30.12 -3.70 22.52
C ALA I 336 -30.64 -5.12 22.27
N GLU I 337 -30.00 -5.85 21.35
CA GLU I 337 -30.38 -7.25 21.13
C GLU I 337 -30.04 -8.12 22.34
N GLN I 338 -28.91 -7.83 23.01
CA GLN I 338 -28.53 -8.59 24.19
C GLN I 338 -29.52 -8.37 25.34
N LYS I 339 -29.90 -7.11 25.59
CA LYS I 339 -30.88 -6.85 26.63
C LYS I 339 -32.29 -7.32 26.23
N ARG I 340 -32.58 -7.39 24.93
CA ARG I 340 -33.85 -7.93 24.49
C ARG I 340 -33.94 -9.43 24.73
N GLN I 341 -32.82 -10.15 24.58
CA GLN I 341 -32.82 -11.56 24.97
C GLN I 341 -32.83 -11.74 26.48
N LEU I 342 -32.11 -10.86 27.20
CA LEU I 342 -32.08 -10.93 28.65
C LEU I 342 -33.42 -10.58 29.29
N LEU I 343 -34.28 -9.85 28.58
CA LEU I 343 -35.61 -9.59 29.10
C LEU I 343 -36.44 -10.87 29.16
N ARG I 344 -36.35 -11.70 28.12
CA ARG I 344 -37.02 -13.00 28.16
C ARG I 344 -36.33 -13.95 29.12
N LEU I 345 -35.03 -13.78 29.31
CA LEU I 345 -34.31 -14.65 30.25
C LEU I 345 -34.66 -14.35 31.70
N LEU I 346 -34.77 -13.07 32.05
CA LEU I 346 -34.96 -12.67 33.45
C LEU I 346 -36.37 -12.94 33.97
N ALA I 347 -37.36 -13.05 33.08
CA ALA I 347 -38.73 -13.30 33.49
C ALA I 347 -39.04 -14.78 33.57
N GLY I 348 -38.06 -15.65 33.39
CA GLY I 348 -38.30 -17.08 33.45
C GLY I 348 -38.82 -17.68 32.17
N LEU I 349 -38.87 -16.92 31.08
CA LEU I 349 -39.35 -17.45 29.81
C LEU I 349 -38.28 -18.16 29.00
N ASN I 350 -37.09 -18.36 29.57
CA ASN I 350 -36.16 -19.30 28.97
C ASN I 350 -36.68 -20.73 29.18
N ASP I 351 -36.11 -21.66 28.41
CA ASP I 351 -36.69 -22.97 28.13
C ASP I 351 -38.14 -22.77 27.67
N GLU I 352 -38.25 -22.14 26.50
CA GLU I 352 -39.55 -21.87 25.88
C GLU I 352 -40.13 -23.20 25.43
N SER I 353 -40.94 -23.78 26.30
CA SER I 353 -41.65 -25.02 26.01
C SER I 353 -43.10 -24.92 26.45
N LEU I 354 -43.64 -23.69 26.40
CA LEU I 354 -45.02 -23.45 26.82
C LEU I 354 -46.00 -24.18 25.91
N GLY I 355 -45.74 -24.18 24.60
CA GLY I 355 -46.55 -24.97 23.68
C GLY I 355 -46.40 -26.45 23.90
N MET I 356 -45.22 -26.90 24.32
CA MET I 356 -45.05 -28.29 24.72
C MET I 356 -45.75 -28.56 26.06
N ALA I 357 -45.75 -27.58 26.96
CA ALA I 357 -46.31 -27.78 28.29
C ALA I 357 -47.84 -27.85 28.26
N VAL I 358 -48.48 -27.08 27.36
CA VAL I 358 -49.93 -27.12 27.30
C VAL I 358 -50.42 -28.41 26.64
N ASN I 359 -49.65 -28.97 25.71
CA ASN I 359 -49.94 -30.30 25.20
C ASN I 359 -49.54 -31.39 26.18
N ARG I 360 -48.71 -31.07 27.17
CA ARG I 360 -48.45 -32.01 28.25
C ARG I 360 -49.60 -32.07 29.26
N GLN I 361 -50.53 -31.11 29.22
CA GLN I 361 -51.70 -31.11 30.09
C GLN I 361 -52.95 -31.58 29.37
N SER I 362 -52.82 -32.57 28.48
CA SER I 362 -53.99 -33.19 27.88
C SER I 362 -54.50 -34.36 28.72
N GLY I 363 -53.59 -35.10 29.35
CA GLY I 363 -53.98 -36.20 30.21
C GLY I 363 -54.46 -35.73 31.55
N VAL I 364 -55.78 -35.80 31.76
CA VAL I 364 -56.40 -35.38 33.01
C VAL I 364 -57.20 -36.54 33.58
N ALA I 365 -56.70 -37.77 33.33
CA ALA I 365 -57.50 -38.98 33.41
C ALA I 365 -58.09 -39.31 34.79
N ILE I 366 -57.27 -39.75 35.75
CA ILE I 366 -57.78 -39.89 37.11
C ILE I 366 -56.81 -39.25 38.09
N ALA I 367 -55.55 -39.70 38.08
CA ALA I 367 -54.55 -39.34 39.08
C ALA I 367 -53.33 -38.82 38.34
N GLN I 368 -53.29 -37.53 38.08
CA GLN I 368 -52.20 -36.94 37.33
C GLN I 368 -51.55 -35.81 38.12
N ARG I 369 -50.25 -35.66 37.92
CA ARG I 369 -49.47 -34.61 38.54
C ARG I 369 -49.47 -33.38 37.65
N LYS I 370 -48.55 -32.45 37.93
CA LYS I 370 -48.47 -31.22 37.14
C LYS I 370 -47.97 -31.48 35.73
N GLU I 371 -47.24 -32.60 35.51
CA GLU I 371 -46.60 -32.94 34.23
C GLU I 371 -45.67 -31.79 33.79
N SER I 372 -44.57 -31.71 34.53
CA SER I 372 -43.74 -30.51 34.62
C SER I 372 -43.11 -30.12 33.29
N GLY I 373 -43.20 -28.82 32.98
CA GLY I 373 -42.44 -28.20 31.93
C GLY I 373 -41.42 -27.22 32.47
N LEU I 374 -41.80 -25.94 32.48
CA LEU I 374 -40.94 -24.84 32.89
C LEU I 374 -40.53 -24.93 34.35
N MET I 375 -39.43 -24.24 34.67
CA MET I 375 -38.97 -24.07 36.04
C MET I 375 -38.94 -22.61 36.50
N GLY I 376 -38.78 -21.66 35.58
CA GLY I 376 -38.57 -20.28 35.99
C GLY I 376 -39.84 -19.60 36.48
N LEU I 377 -40.99 -19.96 35.92
CA LEU I 377 -42.25 -19.37 36.31
C LEU I 377 -42.95 -20.13 37.42
N GLN I 378 -42.30 -21.14 37.99
CA GLN I 378 -42.95 -22.02 38.95
C GLN I 378 -43.27 -21.35 40.28
N THR I 379 -42.54 -20.28 40.63
CA THR I 379 -42.87 -19.52 41.82
C THR I 379 -44.22 -18.82 41.67
N PHE I 380 -44.47 -18.26 40.48
CA PHE I 380 -45.74 -17.60 40.19
C PHE I 380 -46.89 -18.59 40.18
N LEU I 381 -46.67 -19.77 39.57
CA LEU I 381 -47.69 -20.81 39.55
C LEU I 381 -47.97 -21.33 40.95
N LYS I 382 -46.93 -21.42 41.79
CA LYS I 382 -47.14 -21.91 43.15
C LYS I 382 -47.89 -20.90 44.01
N ALA I 383 -47.59 -19.61 43.83
CA ALA I 383 -48.32 -18.58 44.56
C ALA I 383 -49.78 -18.53 44.14
N THR I 384 -50.05 -18.71 42.83
CA THR I 384 -51.42 -18.81 42.35
C THR I 384 -52.13 -20.04 42.90
N ASP I 385 -51.41 -21.17 43.04
CA ASP I 385 -51.99 -22.37 43.61
C ASP I 385 -52.37 -22.18 45.08
N ASP I 386 -51.48 -21.54 45.86
CA ASP I 386 -51.76 -21.31 47.26
C ASP I 386 -52.91 -20.33 47.46
N MET I 387 -53.00 -19.30 46.60
CA MET I 387 -54.14 -18.40 46.73
C MET I 387 -55.44 -19.06 46.30
N ASP I 388 -55.39 -19.97 45.31
CA ASP I 388 -56.58 -20.73 44.95
C ASP I 388 -57.01 -21.66 46.08
N ARG I 389 -56.06 -22.26 46.79
CA ARG I 389 -56.40 -23.12 47.91
C ARG I 389 -57.05 -22.34 49.05
N LEU I 390 -56.55 -21.14 49.33
CA LEU I 390 -57.18 -20.30 50.35
C LEU I 390 -58.57 -19.82 49.91
N ILE I 391 -58.73 -19.48 48.63
CA ILE I 391 -60.01 -19.05 48.08
C ILE I 391 -61.04 -20.15 48.21
N PHE I 392 -60.66 -21.38 47.87
CA PHE I 392 -61.62 -22.47 47.92
C PHE I 392 -61.89 -22.94 49.35
N ARG I 393 -60.93 -22.76 50.27
CA ARG I 393 -61.23 -23.01 51.67
C ARG I 393 -62.28 -22.04 52.20
N LEU I 394 -62.15 -20.75 51.83
CA LEU I 394 -63.15 -19.77 52.26
C LEU I 394 -64.49 -20.02 51.57
N ALA I 395 -64.48 -20.46 50.32
CA ALA I 395 -65.72 -20.73 49.60
C ALA I 395 -66.45 -21.94 50.15
N VAL I 396 -65.69 -22.99 50.53
CA VAL I 396 -66.30 -24.15 51.18
C VAL I 396 -66.85 -23.77 52.55
N SER I 397 -66.15 -22.89 53.27
CA SER I 397 -66.65 -22.44 54.57
C SER I 397 -67.90 -21.58 54.42
N PHE I 398 -68.06 -20.86 53.31
CA PHE I 398 -69.30 -20.13 53.06
C PHE I 398 -70.43 -21.05 52.63
N ILE I 399 -70.14 -22.04 51.78
CA ILE I 399 -71.17 -22.92 51.25
C ILE I 399 -71.72 -23.82 52.34
N CYS I 400 -70.84 -24.33 53.21
CA CYS I 400 -71.30 -25.17 54.31
C CYS I 400 -72.00 -24.39 55.43
N GLU I 401 -72.08 -23.07 55.32
CA GLU I 401 -72.70 -22.24 56.34
C GLU I 401 -73.95 -21.53 55.89
N TYR I 402 -74.06 -21.15 54.61
CA TYR I 402 -75.19 -20.36 54.15
C TYR I 402 -76.14 -21.11 53.23
N PHE I 403 -75.72 -22.22 52.65
CA PHE I 403 -76.58 -22.95 51.71
C PHE I 403 -77.60 -23.77 52.49
N THR I 404 -78.88 -23.48 52.29
CA THR I 404 -79.95 -24.24 52.91
C THR I 404 -80.11 -25.59 52.20
N LYS I 405 -80.99 -26.42 52.75
CA LYS I 405 -81.19 -27.75 52.18
C LYS I 405 -81.93 -27.67 50.84
N GLU I 406 -82.94 -26.80 50.74
CA GLU I 406 -83.63 -26.65 49.45
C GLU I 406 -82.74 -25.93 48.44
N GLN I 407 -81.81 -25.10 48.91
CA GLN I 407 -80.83 -24.49 48.00
C GLN I 407 -79.87 -25.55 47.46
N VAL I 408 -79.50 -26.51 48.31
CA VAL I 408 -78.61 -27.58 47.88
C VAL I 408 -79.32 -28.51 46.91
N PHE I 409 -80.57 -28.87 47.21
CA PHE I 409 -81.30 -29.81 46.36
C PHE I 409 -81.78 -29.21 45.05
N LYS I 410 -81.66 -27.90 44.87
CA LYS I 410 -81.90 -27.29 43.56
C LYS I 410 -80.67 -27.33 42.67
N ILE I 411 -79.50 -27.61 43.24
CA ILE I 411 -78.24 -27.58 42.50
C ILE I 411 -77.76 -28.98 42.15
N VAL I 412 -77.80 -29.89 43.11
CA VAL I 412 -77.22 -31.20 42.95
C VAL I 412 -78.32 -32.18 42.57
N ASP I 413 -77.92 -33.38 42.16
CA ASP I 413 -78.87 -34.43 41.80
C ASP I 413 -79.53 -35.00 43.04
N LYS I 414 -80.52 -35.87 42.82
CA LYS I 414 -81.24 -36.48 43.93
C LYS I 414 -80.38 -37.50 44.66
N LYS I 415 -79.56 -38.25 43.91
CA LYS I 415 -78.72 -39.27 44.52
C LYS I 415 -77.59 -38.64 45.34
N LEU I 416 -77.01 -37.55 44.84
CA LEU I 416 -75.94 -36.88 45.58
C LEU I 416 -76.46 -36.22 46.85
N GLY I 417 -77.72 -35.79 46.85
CA GLY I 417 -78.32 -35.25 48.05
C GLY I 417 -78.71 -36.33 49.03
N ASP I 418 -79.19 -37.46 48.52
CA ASP I 418 -79.62 -38.54 49.40
C ASP I 418 -78.47 -39.35 49.97
N ARG I 419 -77.29 -39.31 49.35
CA ARG I 419 -76.17 -40.04 49.90
C ARG I 419 -75.56 -39.33 51.10
N TYR I 420 -75.70 -38.01 51.19
CA TYR I 420 -75.11 -37.28 52.30
C TYR I 420 -76.05 -37.15 53.49
N PHE I 421 -77.32 -36.86 53.25
CA PHE I 421 -78.31 -36.73 54.32
C PHE I 421 -78.93 -38.07 54.67
N LYS I 422 -78.06 -38.97 55.17
CA LYS I 422 -78.37 -40.35 55.54
C LYS I 422 -79.06 -41.15 54.44
N ASP I 427 -77.78 -34.48 61.16
CA ASP I 427 -78.15 -33.79 59.94
C ASP I 427 -78.50 -32.34 60.22
N ASP I 428 -79.71 -32.13 60.76
CA ASP I 428 -80.24 -30.83 61.18
C ASP I 428 -80.30 -29.82 60.04
N ASN I 429 -80.55 -30.33 58.82
CA ASN I 429 -80.81 -29.53 57.61
C ASN I 429 -79.66 -28.59 57.26
N LYS I 430 -78.43 -28.99 57.56
CA LYS I 430 -77.27 -28.16 57.28
C LYS I 430 -76.07 -29.05 56.98
N ILE I 431 -75.28 -28.65 55.99
CA ILE I 431 -74.04 -29.36 55.68
C ILE I 431 -73.03 -29.07 56.79
N ARG I 432 -72.60 -30.11 57.49
CA ARG I 432 -71.68 -29.99 58.62
C ARG I 432 -70.42 -30.79 58.34
N PRO I 433 -69.46 -30.23 57.60
CA PRO I 433 -68.19 -30.93 57.41
C PRO I 433 -67.29 -30.78 58.62
N LEU I 434 -66.56 -31.84 58.92
CA LEU I 434 -65.64 -31.83 60.06
C LEU I 434 -64.31 -31.23 59.65
N LYS I 435 -63.31 -31.32 60.51
CA LYS I 435 -62.01 -30.73 60.21
C LYS I 435 -61.17 -31.67 59.35
N PHE I 436 -61.08 -32.94 59.74
CA PHE I 436 -60.29 -33.91 59.00
C PHE I 436 -61.20 -34.72 58.08
N ASP I 437 -61.76 -34.03 57.12
CA ASP I 437 -62.69 -34.70 56.20
C ASP I 437 -62.33 -34.51 54.73
N LEU I 438 -61.79 -33.35 54.36
CA LEU I 438 -61.59 -33.01 52.95
C LEU I 438 -60.13 -32.74 52.67
N ILE I 439 -59.72 -33.09 51.44
CA ILE I 439 -58.39 -32.84 50.93
C ILE I 439 -58.53 -32.01 49.66
N LEU I 440 -57.81 -30.90 49.60
CA LEU I 440 -57.90 -29.98 48.46
C LEU I 440 -56.88 -30.38 47.41
N LYS I 441 -57.35 -30.73 46.21
CA LYS I 441 -56.48 -31.11 45.10
C LYS I 441 -56.73 -30.19 43.92
N SER I 442 -55.69 -29.56 43.41
CA SER I 442 -55.83 -28.66 42.28
C SER I 442 -55.84 -29.44 40.97
N GLN I 443 -56.63 -28.95 40.02
CA GLN I 443 -56.70 -29.54 38.70
C GLN I 443 -57.11 -28.44 37.72
N LEU I 444 -57.24 -28.82 36.44
CA LEU I 444 -57.67 -27.86 35.45
C LEU I 444 -59.17 -27.62 35.56
N LYS I 445 -59.58 -26.39 35.29
CA LYS I 445 -60.99 -26.01 35.40
C LYS I 445 -61.75 -26.62 34.23
N THR I 446 -62.55 -27.65 34.52
CA THR I 446 -63.38 -28.29 33.52
C THR I 446 -64.77 -28.50 34.10
N GLU I 447 -65.72 -28.70 33.20
CA GLU I 447 -67.10 -28.95 33.61
C GLU I 447 -67.22 -30.39 34.11
N SER I 448 -68.22 -30.62 34.97
CA SER I 448 -68.29 -31.87 35.73
C SER I 448 -68.65 -33.05 34.85
N ARG I 449 -69.53 -32.84 33.86
CA ARG I 449 -69.93 -33.95 32.99
C ARG I 449 -68.79 -34.39 32.07
N ASP I 450 -67.93 -33.46 31.64
CA ASP I 450 -66.80 -33.84 30.80
C ASP I 450 -65.76 -34.63 31.60
N GLU I 451 -65.51 -34.21 32.84
CA GLU I 451 -64.59 -34.93 33.71
C GLU I 451 -65.13 -36.32 34.03
N LYS I 452 -66.43 -36.42 34.32
CA LYS I 452 -67.03 -37.73 34.56
C LYS I 452 -67.02 -38.60 33.32
N TRP I 453 -67.15 -38.00 32.13
CA TRP I 453 -67.09 -38.75 30.89
C TRP I 453 -65.70 -39.32 30.65
N TYR I 454 -64.66 -38.52 30.92
CA TYR I 454 -63.29 -39.01 30.76
C TYR I 454 -62.95 -40.09 31.78
N ASN I 455 -63.46 -39.94 33.01
CA ASN I 455 -63.22 -40.97 34.01
C ASN I 455 -63.96 -42.25 33.69
N TRP I 456 -65.18 -42.15 33.14
CA TRP I 456 -65.92 -43.33 32.71
C TRP I 456 -65.21 -44.02 31.56
N ASN I 457 -64.63 -43.25 30.63
CA ASN I 457 -63.93 -43.83 29.49
C ASN I 457 -62.68 -44.58 29.92
N GLU I 458 -61.87 -43.97 30.79
CA GLU I 458 -60.66 -44.67 31.24
C GLU I 458 -61.02 -45.86 32.14
N LEU I 459 -62.10 -45.77 32.91
CA LEU I 459 -62.48 -46.90 33.76
C LEU I 459 -63.00 -48.07 32.93
N LEU I 460 -63.75 -47.79 31.87
CA LEU I 460 -64.19 -48.89 31.00
C LEU I 460 -63.05 -49.44 30.16
N LYS I 461 -62.03 -48.64 29.86
CA LYS I 461 -60.87 -49.20 29.17
C LYS I 461 -59.93 -49.95 30.13
N ILE I 462 -60.05 -49.70 31.43
CA ILE I 462 -59.26 -50.44 32.40
C ILE I 462 -59.94 -51.77 32.75
N LEU I 463 -61.25 -51.72 33.01
CA LEU I 463 -62.00 -52.87 33.48
C LEU I 463 -62.35 -53.87 32.38
N ALA I 464 -61.93 -53.65 31.13
CA ALA I 464 -62.31 -54.56 30.07
C ALA I 464 -61.59 -55.90 30.14
N PRO I 465 -60.22 -55.99 30.30
CA PRO I 465 -59.64 -57.34 30.38
C PRO I 465 -59.82 -58.01 31.73
N ILE I 466 -59.83 -57.24 32.82
CA ILE I 466 -59.76 -57.87 34.14
C ILE I 466 -61.11 -58.39 34.60
N ARG I 467 -62.21 -57.73 34.25
CA ARG I 467 -63.54 -58.18 34.65
C ARG I 467 -64.56 -57.69 33.63
N PRO I 468 -64.88 -58.52 32.64
CA PRO I 468 -65.74 -58.06 31.54
C PRO I 468 -67.22 -57.95 31.90
N ASP I 469 -67.70 -58.81 32.80
CA ASP I 469 -69.13 -58.84 33.13
C ASP I 469 -69.59 -57.58 33.87
N LEU I 470 -68.66 -56.84 34.47
CA LEU I 470 -69.00 -55.55 35.06
C LEU I 470 -69.23 -54.47 34.02
N VAL I 471 -68.68 -54.63 32.81
CA VAL I 471 -68.70 -53.57 31.81
C VAL I 471 -70.08 -53.28 31.20
N PRO I 472 -70.91 -54.23 30.75
CA PRO I 472 -72.19 -53.83 30.15
C PRO I 472 -73.24 -53.34 31.14
N SER I 473 -73.00 -53.45 32.44
CA SER I 473 -73.87 -52.85 33.42
C SER I 473 -73.50 -51.42 33.77
N LEU I 474 -72.42 -50.90 33.19
CA LEU I 474 -71.96 -49.55 33.49
C LEU I 474 -72.30 -48.54 32.40
N VAL I 475 -72.59 -49.00 31.18
CA VAL I 475 -72.82 -48.10 30.06
C VAL I 475 -74.10 -47.24 30.13
N PRO I 476 -75.20 -47.61 30.78
CA PRO I 476 -76.21 -46.56 31.04
C PRO I 476 -75.74 -45.53 32.04
N LEU I 477 -74.99 -45.95 33.05
CA LEU I 477 -74.43 -44.98 34.00
C LEU I 477 -73.34 -44.13 33.35
N MET I 478 -72.68 -44.66 32.31
CA MET I 478 -71.75 -43.83 31.56
C MET I 478 -72.49 -42.86 30.66
N LEU I 479 -73.54 -43.32 29.98
CA LEU I 479 -74.25 -42.49 29.03
C LEU I 479 -75.14 -41.45 29.71
N ASN I 480 -75.49 -41.64 30.97
CA ASN I 480 -76.20 -40.60 31.71
C ASN I 480 -75.31 -39.38 31.97
N ASP I 481 -74.00 -39.55 31.97
CA ASP I 481 -73.05 -38.48 32.23
C ASP I 481 -72.41 -37.94 30.96
N MET I 482 -73.17 -37.88 29.87
CA MET I 482 -72.68 -37.40 28.59
C MET I 482 -73.30 -36.05 28.27
N ASP I 483 -72.47 -35.11 27.81
CA ASP I 483 -72.91 -33.75 27.52
C ASP I 483 -73.34 -33.59 26.06
N SER I 484 -73.50 -34.68 25.35
CA SER I 484 -73.87 -34.64 23.95
C SER I 484 -75.35 -34.33 23.79
N PRO I 485 -75.74 -33.64 22.70
CA PRO I 485 -77.17 -33.41 22.44
C PRO I 485 -77.96 -34.66 22.04
N ILE I 486 -77.28 -35.76 21.69
CA ILE I 486 -77.98 -36.99 21.33
C ILE I 486 -78.31 -37.84 22.53
N THR I 487 -78.05 -37.37 23.75
CA THR I 487 -78.15 -38.18 24.96
C THR I 487 -79.59 -38.58 25.26
N ASN I 488 -80.53 -37.65 25.06
CA ASN I 488 -81.94 -37.94 25.35
C ASN I 488 -82.53 -38.95 24.38
N ASP I 489 -81.91 -39.14 23.22
CA ASP I 489 -82.33 -40.19 22.30
C ASP I 489 -81.70 -41.54 22.66
N VAL I 490 -80.42 -41.53 23.06
CA VAL I 490 -79.72 -42.76 23.40
C VAL I 490 -80.32 -43.39 24.65
N LEU I 491 -80.74 -42.56 25.61
CA LEU I 491 -81.29 -43.11 26.85
C LEU I 491 -82.66 -43.77 26.61
N GLU I 492 -83.51 -43.16 25.79
CA GLU I 492 -84.78 -43.81 25.49
C GLU I 492 -84.61 -44.99 24.56
N ALA I 493 -83.55 -45.00 23.75
CA ALA I 493 -83.23 -46.19 22.95
C ALA I 493 -82.81 -47.34 23.86
N ILE I 494 -82.03 -47.05 24.90
CA ILE I 494 -81.63 -48.06 25.88
C ILE I 494 -82.85 -48.59 26.63
N GLN I 495 -83.77 -47.69 27.01
CA GLN I 495 -84.97 -48.09 27.71
C GLN I 495 -85.87 -48.97 26.83
N ASN I 496 -86.00 -48.62 25.55
CA ASN I 496 -86.82 -49.43 24.64
C ASN I 496 -86.17 -50.79 24.38
N ALA I 497 -84.84 -50.84 24.28
CA ALA I 497 -84.16 -52.12 24.07
C ALA I 497 -84.28 -53.01 25.30
N ASN I 498 -84.17 -52.43 26.49
CA ASN I 498 -84.31 -53.22 27.72
C ASN I 498 -85.75 -53.70 27.90
N ALA I 499 -86.73 -52.86 27.53
CA ALA I 499 -88.13 -53.27 27.60
C ALA I 499 -88.43 -54.40 26.62
N LEU I 500 -87.89 -54.31 25.41
CA LEU I 500 -88.09 -55.38 24.43
C LEU I 500 -87.39 -56.67 24.86
N GLN I 501 -86.21 -56.55 25.47
CA GLN I 501 -85.47 -57.73 25.92
C GLN I 501 -86.19 -58.43 27.07
N GLN I 502 -86.66 -57.67 28.06
CA GLN I 502 -87.38 -58.30 29.17
C GLN I 502 -88.76 -58.78 28.73
N GLN I 503 -89.35 -58.16 27.71
CA GLN I 503 -90.62 -58.63 27.17
C GLN I 503 -90.45 -59.97 26.46
N ASN I 504 -89.40 -60.10 25.65
CA ASN I 504 -89.11 -61.39 25.01
C ASN I 504 -88.74 -62.46 26.03
N ALA I 505 -88.03 -62.07 27.09
CA ALA I 505 -87.66 -63.05 28.12
C ALA I 505 -88.87 -63.55 28.88
N GLU I 506 -89.76 -62.64 29.30
CA GLU I 506 -90.97 -63.07 29.99
C GLU I 506 -92.00 -63.69 29.06
N ALA I 507 -91.86 -63.52 27.74
CA ALA I 507 -92.72 -64.24 26.81
C ALA I 507 -92.22 -65.65 26.55
N ASN I 508 -90.90 -65.87 26.56
CA ASN I 508 -90.35 -67.18 26.28
C ASN I 508 -90.12 -68.04 27.52
N ALA I 509 -90.18 -67.44 28.72
CA ALA I 509 -89.99 -68.18 29.97
C ALA I 509 -90.97 -69.33 30.29
N PRO I 510 -92.28 -69.29 29.93
CA PRO I 510 -93.10 -70.49 30.14
C PRO I 510 -92.66 -71.71 29.35
N TYR I 511 -92.17 -71.51 28.13
CA TYR I 511 -91.63 -72.64 27.35
C TYR I 511 -90.37 -73.20 28.02
N ASN I 512 -89.54 -72.33 28.59
CA ASN I 512 -88.32 -72.79 29.26
C ASN I 512 -88.64 -73.58 30.52
N GLN I 513 -89.58 -73.10 31.34
CA GLN I 513 -89.93 -73.86 32.54
C GLN I 513 -90.69 -75.14 32.20
N GLN I 514 -91.43 -75.14 31.09
CA GLN I 514 -92.06 -76.37 30.61
C GLN I 514 -91.02 -77.41 30.22
N ILE I 515 -89.98 -76.98 29.50
CA ILE I 515 -88.89 -77.88 29.10
C ILE I 515 -88.14 -78.39 30.33
N GLN I 516 -87.96 -77.53 31.34
CA GLN I 516 -87.30 -77.94 32.58
C GLN I 516 -88.08 -79.01 33.33
N ALA I 517 -89.38 -78.78 33.54
CA ALA I 517 -90.23 -79.76 34.21
C ALA I 517 -90.34 -81.05 33.42
N LEU I 518 -90.35 -80.96 32.09
CA LEU I 518 -90.47 -82.15 31.26
C LEU I 518 -89.19 -82.98 31.30
N GLN I 519 -88.03 -82.32 31.35
CA GLN I 519 -86.77 -83.04 31.48
C GLN I 519 -86.65 -83.69 32.85
N ILE I 520 -87.17 -83.01 33.88
CA ILE I 520 -87.19 -83.58 35.24
C ILE I 520 -88.07 -84.84 35.27
N GLN I 521 -89.23 -84.78 34.61
CA GLN I 521 -90.11 -85.95 34.54
C GLN I 521 -89.49 -87.08 33.73
N LYS I 522 -88.72 -86.75 32.67
CA LYS I 522 -88.02 -87.79 31.92
C LYS I 522 -86.94 -88.47 32.75
N LEU I 523 -86.17 -87.68 33.50
CA LEU I 523 -85.13 -88.26 34.31
C LEU I 523 -85.68 -89.03 35.50
N GLN I 524 -86.90 -88.71 35.97
CA GLN I 524 -87.57 -89.54 36.97
C GLN I 524 -88.15 -90.82 36.38
N ALA I 525 -88.64 -90.73 35.14
CA ALA I 525 -89.16 -91.91 34.45
C ALA I 525 -88.05 -92.92 34.19
N GLU I 526 -86.83 -92.45 33.97
CA GLU I 526 -85.68 -93.36 33.87
C GLU I 526 -85.41 -94.08 35.18
N ILE I 527 -85.60 -93.38 36.32
CA ILE I 527 -85.42 -94.00 37.64
C ILE I 527 -86.41 -95.14 37.83
N MET I 528 -87.70 -94.85 37.59
CA MET I 528 -88.71 -95.88 37.82
C MET I 528 -88.61 -97.01 36.81
N GLU I 529 -88.13 -96.72 35.59
CA GLU I 529 -87.94 -97.76 34.59
C GLU I 529 -86.83 -98.72 35.00
N LEU I 530 -85.67 -98.18 35.40
CA LEU I 530 -84.56 -99.05 35.78
C LEU I 530 -84.84 -99.79 37.08
N GLN I 531 -85.58 -99.17 38.00
CA GLN I 531 -85.95 -99.87 39.24
C GLN I 531 -86.92 -101.00 38.96
N ALA I 532 -87.85 -100.80 38.02
CA ALA I 532 -88.78 -101.87 37.67
C ALA I 532 -88.07 -103.01 36.94
N LYS I 533 -87.08 -102.68 36.09
CA LYS I 533 -86.30 -103.71 35.44
C LYS I 533 -85.48 -104.52 36.43
N ALA I 534 -84.89 -103.84 37.42
CA ALA I 534 -84.14 -104.54 38.47
C ALA I 534 -85.04 -105.43 39.31
N HIS I 535 -86.26 -104.95 39.59
CA HIS I 535 -87.22 -105.74 40.36
C HIS I 535 -87.65 -107.00 39.61
N LYS I 536 -87.97 -106.85 38.32
CA LYS I 536 -88.43 -108.02 37.57
C LYS I 536 -87.29 -109.00 37.31
N TYR I 537 -86.05 -108.52 37.17
CA TYR I 537 -84.92 -109.43 37.00
C TYR I 537 -84.62 -110.18 38.30
N ALA I 538 -84.75 -109.49 39.45
CA ALA I 538 -84.54 -110.16 40.72
C ALA I 538 -85.62 -111.21 41.00
N GLU I 539 -86.87 -110.92 40.64
CA GLU I 539 -87.90 -111.92 40.85
C GLU I 539 -87.79 -113.07 39.86
N GLN I 540 -87.27 -112.82 38.66
CA GLN I 540 -86.99 -113.91 37.73
C GLN I 540 -85.87 -114.80 38.25
N GLY I 541 -84.85 -114.20 38.87
CA GLY I 541 -83.80 -114.99 39.48
C GLY I 541 -84.29 -115.81 40.66
N ALA I 542 -85.20 -115.26 41.45
CA ALA I 542 -85.78 -116.02 42.56
C ALA I 542 -86.65 -117.16 42.05
N LEU I 543 -87.39 -116.94 40.97
CA LEU I 543 -88.17 -118.00 40.34
C LEU I 543 -87.27 -119.10 39.80
N SER I 544 -86.13 -118.73 39.22
CA SER I 544 -85.17 -119.71 38.73
C SER I 544 -84.55 -120.51 39.88
N GLN I 545 -84.31 -119.85 41.01
CA GLN I 545 -83.82 -120.53 42.21
C GLN I 545 -84.83 -121.54 42.73
N THR I 546 -86.11 -121.17 42.73
CA THR I 546 -87.15 -122.07 43.26
C THR I 546 -87.36 -123.27 42.33
N THR I 547 -87.33 -123.05 41.01
CA THR I 547 -87.51 -124.21 40.13
C THR I 547 -86.25 -125.08 40.08
N ASN I 548 -85.08 -124.48 40.35
CA ASN I 548 -83.86 -125.27 40.57
C ASN I 548 -84.01 -126.16 41.79
N GLU I 549 -84.61 -125.62 42.87
CA GLU I 549 -84.83 -126.40 44.08
C GLU I 549 -85.84 -127.52 43.84
N SER I 550 -86.86 -127.28 43.01
CA SER I 550 -87.85 -128.32 42.74
C SER I 550 -87.26 -129.42 41.86
N GLU I 551 -86.42 -129.05 40.90
CA GLU I 551 -85.72 -130.07 40.10
C GLU I 551 -84.74 -130.86 40.96
N LYS I 552 -84.13 -130.22 41.96
CA LYS I 552 -83.26 -130.93 42.89
C LYS I 552 -84.05 -131.92 43.75
N ILE I 553 -85.26 -131.53 44.17
CA ILE I 553 -86.10 -132.46 44.95
C ILE I 553 -86.60 -133.60 44.07
N ASN I 554 -86.86 -133.32 42.78
CA ASN I 554 -87.24 -134.36 41.84
C ASN I 554 -86.11 -135.37 41.63
N GLN I 555 -84.87 -134.88 41.59
CA GLN I 555 -83.71 -135.79 41.51
C GLN I 555 -83.52 -136.57 42.81
N ALA I 556 -83.72 -135.91 43.95
CA ALA I 556 -83.52 -136.55 45.25
C ALA I 556 -84.60 -137.58 45.55
N VAL I 557 -85.75 -137.52 44.89
CA VAL I 557 -86.71 -138.61 44.99
C VAL I 557 -86.58 -139.60 43.83
N ALA I 558 -85.99 -139.19 42.70
CA ALA I 558 -85.79 -140.13 41.60
C ALA I 558 -84.65 -141.09 41.89
N ILE I 559 -83.69 -140.68 42.72
CA ILE I 559 -82.61 -141.59 43.10
C ILE I 559 -83.16 -142.69 44.02
N THR I 560 -84.22 -142.41 44.78
CA THR I 560 -84.83 -143.45 45.61
C THR I 560 -85.90 -144.23 44.85
N GLU I 561 -86.50 -143.62 43.82
CA GLU I 561 -87.38 -144.40 42.94
C GLU I 561 -86.58 -145.35 42.07
N MET I 562 -85.33 -145.02 41.76
CA MET I 562 -84.46 -145.96 41.07
C MET I 562 -84.07 -147.13 41.97
N GLN I 563 -83.61 -146.83 43.18
CA GLN I 563 -83.27 -147.86 44.14
C GLN I 563 -84.32 -147.95 45.24
N MET J 1 -31.53 -19.88 83.67
CA MET J 1 -32.78 -20.06 84.37
C MET J 1 -33.28 -18.75 84.98
N ASP J 2 -32.37 -17.81 85.17
CA ASP J 2 -32.72 -16.43 85.50
C ASP J 2 -32.19 -15.52 84.40
N PHE J 3 -32.37 -14.21 84.62
CA PHE J 3 -32.13 -13.22 83.57
C PHE J 3 -30.64 -13.06 83.25
N THR J 4 -29.77 -13.33 84.22
CA THR J 4 -28.35 -13.04 84.07
C THR J 4 -27.69 -13.96 83.04
N THR J 5 -27.83 -15.27 83.22
CA THR J 5 -27.20 -16.18 82.27
C THR J 5 -27.95 -16.20 80.94
N LEU J 6 -29.24 -15.90 80.95
CA LEU J 6 -29.98 -15.78 79.69
C LEU J 6 -29.45 -14.61 78.87
N GLN J 7 -29.22 -13.46 79.50
CA GLN J 7 -28.68 -12.31 78.79
C GLN J 7 -27.23 -12.55 78.35
N ASN J 8 -26.42 -13.18 79.21
CA ASN J 8 -25.02 -13.41 78.86
C ASN J 8 -24.88 -14.44 77.74
N ASP J 9 -25.64 -15.52 77.79
CA ASP J 9 -25.56 -16.52 76.73
C ASP J 9 -26.21 -16.02 75.44
N PHE J 10 -27.23 -15.16 75.53
CA PHE J 10 -27.76 -14.56 74.31
C PHE J 10 -26.76 -13.61 73.68
N THR J 11 -26.00 -12.87 74.50
CA THR J 11 -24.96 -12.00 73.97
C THR J 11 -23.84 -12.80 73.31
N ASN J 12 -23.42 -13.89 73.97
CA ASN J 12 -22.36 -14.73 73.42
C ASN J 12 -22.81 -15.43 72.14
N ASP J 13 -24.09 -15.79 72.04
CA ASP J 13 -24.57 -16.45 70.84
C ASP J 13 -24.83 -15.45 69.71
N TYR J 14 -25.24 -14.23 70.04
CA TYR J 14 -25.56 -13.25 69.02
C TYR J 14 -24.31 -12.62 68.44
N GLN J 15 -23.28 -12.40 69.27
CA GLN J 15 -22.06 -11.79 68.75
C GLN J 15 -21.26 -12.76 67.90
N LYS J 16 -21.32 -14.06 68.19
CA LYS J 16 -20.62 -15.05 67.40
C LYS J 16 -21.40 -15.51 66.17
N ALA J 17 -22.62 -15.03 65.99
CA ALA J 17 -23.41 -15.34 64.81
C ALA J 17 -23.79 -14.08 64.03
N LEU J 18 -23.08 -12.98 64.26
CA LEU J 18 -23.38 -11.75 63.56
C LEU J 18 -22.73 -11.71 62.17
N ILE J 19 -21.56 -12.32 62.03
CA ILE J 19 -20.84 -12.29 60.77
C ILE J 19 -21.52 -13.17 59.72
N ALA J 20 -22.34 -14.14 60.15
CA ALA J 20 -23.10 -14.95 59.22
C ALA J 20 -24.49 -14.38 58.96
N ASN J 21 -25.10 -13.74 59.95
CA ASN J 21 -26.38 -13.08 59.71
C ASN J 21 -26.23 -11.85 58.83
N ASN J 22 -25.09 -11.17 58.91
CA ASN J 22 -24.82 -10.05 58.01
C ASN J 22 -24.69 -10.53 56.57
N GLU J 23 -24.05 -11.68 56.36
CA GLU J 23 -23.95 -12.25 55.02
C GLU J 23 -25.29 -12.77 54.53
N PHE J 24 -26.13 -13.27 55.45
CA PHE J 24 -27.49 -13.67 55.09
C PHE J 24 -28.31 -12.48 54.62
N LEU J 25 -28.23 -11.36 55.34
CA LEU J 25 -28.97 -10.17 54.94
C LEU J 25 -28.40 -9.57 53.65
N GLU J 26 -27.08 -9.66 53.46
CA GLU J 26 -26.49 -9.27 52.17
C GLU J 26 -27.01 -10.13 51.03
N ALA J 27 -27.14 -11.44 51.26
CA ALA J 27 -27.62 -12.35 50.24
C ALA J 27 -29.09 -12.09 49.91
N LYS J 28 -29.89 -11.79 50.93
CA LYS J 28 -31.30 -11.47 50.69
C LYS J 28 -31.45 -10.12 50.02
N LYS J 29 -30.52 -9.19 50.25
CA LYS J 29 -30.57 -7.92 49.54
C LYS J 29 -30.15 -8.08 48.09
N TYR J 30 -29.14 -8.93 47.83
CA TYR J 30 -28.71 -9.19 46.46
C TYR J 30 -29.77 -9.96 45.69
N TYR J 31 -30.55 -10.79 46.36
CA TYR J 31 -31.62 -11.52 45.69
C TYR J 31 -32.76 -10.60 45.29
N ASN J 32 -32.97 -9.51 46.02
CA ASN J 32 -34.09 -8.60 45.80
C ASN J 32 -33.68 -7.33 45.07
N GLY J 33 -32.69 -7.40 44.19
CA GLY J 33 -32.32 -6.31 43.33
C GLY J 33 -31.25 -5.39 43.88
N ASN J 34 -31.12 -5.28 45.20
CA ASN J 34 -30.14 -4.39 45.80
C ASN J 34 -28.75 -4.96 45.66
N GLN J 35 -28.12 -4.77 44.49
CA GLN J 35 -26.83 -5.37 44.21
C GLN J 35 -25.69 -4.37 44.11
N LEU J 36 -25.98 -3.08 43.99
CA LEU J 36 -24.86 -2.16 43.87
C LEU J 36 -24.57 -1.50 45.21
N PRO J 37 -23.29 -1.25 45.51
CA PRO J 37 -22.95 -0.52 46.74
C PRO J 37 -23.33 0.94 46.67
N GLN J 38 -23.15 1.66 47.78
CA GLN J 38 -23.56 3.06 47.83
C GLN J 38 -22.61 3.95 47.05
N ASP J 39 -21.30 3.68 47.15
CA ASP J 39 -20.33 4.50 46.44
C ASP J 39 -20.37 4.27 44.94
N VAL J 40 -20.64 3.03 44.51
CA VAL J 40 -20.79 2.75 43.08
C VAL J 40 -22.05 3.43 42.54
N LEU J 41 -23.13 3.43 43.33
CA LEU J 41 -24.34 4.12 42.93
C LEU J 41 -24.12 5.63 42.83
N ASN J 42 -23.33 6.19 43.76
CA ASN J 42 -23.01 7.61 43.70
C ASN J 42 -22.14 7.94 42.48
N ILE J 43 -21.17 7.08 42.18
CA ILE J 43 -20.29 7.30 41.03
C ILE J 43 -21.07 7.22 39.73
N ILE J 44 -22.04 6.30 39.66
CA ILE J 44 -22.89 6.20 38.48
C ILE J 44 -23.81 7.41 38.36
N LEU J 45 -24.42 7.84 39.48
CA LEU J 45 -25.39 8.93 39.42
C LEU J 45 -24.73 10.30 39.27
N GLU J 46 -23.45 10.44 39.58
CA GLU J 46 -22.78 11.71 39.37
C GLU J 46 -22.48 11.97 37.90
N ARG J 47 -22.38 10.91 37.09
CA ARG J 47 -22.19 11.08 35.65
C ARG J 47 -23.49 11.21 34.89
N GLY J 48 -24.63 11.26 35.58
CA GLY J 48 -25.92 11.31 34.90
C GLY J 48 -26.30 10.02 34.24
N GLN J 49 -25.77 8.90 34.71
CA GLN J 49 -26.03 7.59 34.13
C GLN J 49 -27.07 6.85 34.96
N THR J 50 -27.92 6.10 34.28
CA THR J 50 -28.90 5.28 34.98
C THR J 50 -28.26 3.94 35.34
N PRO J 51 -28.21 3.58 36.63
CA PRO J 51 -27.59 2.31 37.03
C PRO J 51 -28.46 1.12 36.63
N ILE J 52 -27.91 0.26 35.78
CA ILE J 52 -28.59 -0.95 35.33
C ILE J 52 -28.07 -2.12 36.14
N ILE J 53 -28.97 -2.88 36.74
CA ILE J 53 -28.63 -4.01 37.59
C ILE J 53 -29.16 -5.26 36.91
N GLU J 54 -28.25 -6.13 36.48
CA GLU J 54 -28.60 -7.41 35.88
C GLU J 54 -28.69 -8.44 36.99
N ASN J 55 -29.91 -8.81 37.36
CA ASN J 55 -30.12 -9.77 38.44
C ASN J 55 -30.06 -11.20 37.87
N MET J 56 -28.83 -11.57 37.48
CA MET J 56 -28.61 -12.80 36.74
C MET J 56 -28.66 -14.04 37.61
N PHE J 57 -28.53 -13.90 38.93
CA PHE J 57 -28.60 -15.07 39.79
C PHE J 57 -29.96 -15.25 40.44
N LYS J 58 -30.87 -14.29 40.31
CA LYS J 58 -32.24 -14.49 40.77
C LYS J 58 -32.94 -15.54 39.91
N VAL J 59 -32.64 -15.57 38.61
CA VAL J 59 -33.25 -16.57 37.74
C VAL J 59 -32.64 -17.95 37.98
N ILE J 60 -31.38 -18.00 38.46
CA ILE J 60 -30.76 -19.27 38.81
C ILE J 60 -31.43 -19.88 40.03
N VAL J 61 -31.61 -19.07 41.08
CA VAL J 61 -32.30 -19.51 42.28
C VAL J 61 -33.75 -19.85 41.97
N ASN J 62 -34.38 -19.08 41.07
CA ASN J 62 -35.74 -19.37 40.66
C ASN J 62 -35.84 -20.67 39.89
N LYS J 63 -34.81 -21.02 39.11
CA LYS J 63 -34.81 -22.30 38.40
C LYS J 63 -34.65 -23.48 39.36
N ILE J 64 -33.75 -23.36 40.33
CA ILE J 64 -33.56 -24.44 41.30
C ILE J 64 -34.79 -24.59 42.19
N LEU J 65 -35.37 -23.47 42.62
CA LEU J 65 -36.59 -23.54 43.42
C LEU J 65 -37.77 -24.00 42.60
N GLY J 66 -37.78 -23.74 41.29
CA GLY J 66 -38.83 -24.27 40.45
C GLY J 66 -38.71 -25.76 40.25
N TYR J 67 -37.48 -26.29 40.28
CA TYR J 67 -37.31 -27.73 40.35
C TYR J 67 -37.82 -28.27 41.68
N LYS J 68 -37.57 -27.54 42.77
CA LYS J 68 -37.94 -28.03 44.09
C LYS J 68 -39.42 -27.87 44.41
N ILE J 69 -40.14 -26.99 43.71
CA ILE J 69 -41.55 -26.76 44.01
C ILE J 69 -42.37 -27.99 43.64
N GLU J 70 -42.11 -28.56 42.47
CA GLU J 70 -42.87 -29.71 42.02
C GLU J 70 -42.30 -31.02 42.53
N SER J 71 -41.03 -31.04 42.92
CA SER J 71 -40.44 -32.19 43.61
C SER J 71 -40.45 -32.00 45.12
N ILE J 72 -41.61 -31.70 45.70
CA ILE J 72 -41.73 -31.61 47.14
C ILE J 72 -41.75 -33.02 47.70
N SER J 73 -40.85 -33.30 48.63
CA SER J 73 -40.66 -34.65 49.16
C SER J 73 -41.47 -34.80 50.44
N GLU J 74 -42.24 -35.87 50.51
CA GLU J 74 -42.85 -36.33 51.74
C GLU J 74 -42.10 -37.57 52.23
N ILE J 75 -42.35 -37.94 53.48
CA ILE J 75 -41.73 -39.10 54.08
C ILE J 75 -42.84 -40.09 54.41
N ARG J 76 -42.77 -41.27 53.82
CA ARG J 76 -43.64 -42.37 54.18
C ARG J 76 -42.92 -43.32 55.13
N LEU J 77 -43.70 -44.07 55.87
CA LEU J 77 -43.19 -44.98 56.88
C LEU J 77 -43.39 -46.41 56.44
N SER J 78 -42.38 -47.24 56.66
CA SER J 78 -42.40 -48.63 56.29
C SER J 78 -42.18 -49.50 57.52
N PRO J 79 -42.83 -50.67 57.59
CA PRO J 79 -42.64 -51.54 58.76
C PRO J 79 -41.29 -52.23 58.75
N LYS J 80 -40.69 -52.35 59.93
CA LYS J 80 -39.47 -53.14 60.06
C LYS J 80 -39.82 -54.62 60.12
N GLN J 81 -40.64 -55.02 61.09
CA GLN J 81 -41.16 -56.37 61.17
C GLN J 81 -42.46 -56.48 60.38
N GLU J 82 -43.03 -57.68 60.32
CA GLU J 82 -44.31 -57.86 59.65
C GLU J 82 -45.48 -57.36 60.48
N GLU J 83 -45.34 -57.33 61.80
CA GLU J 83 -46.43 -56.88 62.67
C GLU J 83 -46.52 -55.37 62.79
N ASP J 84 -45.50 -54.64 62.33
CA ASP J 84 -45.50 -53.19 62.41
C ASP J 84 -46.29 -52.53 61.29
N ARG J 85 -46.72 -53.31 60.29
CA ARG J 85 -47.40 -52.76 59.12
C ARG J 85 -48.72 -52.09 59.49
N ALA J 86 -49.49 -52.73 60.38
CA ALA J 86 -50.73 -52.16 60.87
C ALA J 86 -50.47 -50.88 61.67
N LEU J 87 -49.27 -50.74 62.23
CA LEU J 87 -48.88 -49.44 62.77
C LEU J 87 -48.59 -48.46 61.64
N SER J 88 -47.76 -48.85 60.69
CA SER J 88 -47.20 -47.90 59.71
C SER J 88 -48.27 -47.39 58.76
N ASP J 89 -49.11 -48.29 58.25
CA ASP J 89 -50.25 -47.89 57.43
C ASP J 89 -51.26 -47.07 58.21
N LEU J 90 -51.25 -47.18 59.55
CA LEU J 90 -51.99 -46.23 60.35
C LEU J 90 -51.34 -44.86 60.30
N LEU J 91 -50.03 -44.80 60.57
CA LEU J 91 -49.35 -43.52 60.73
C LEU J 91 -49.20 -42.77 59.42
N ASN J 92 -49.04 -43.49 58.30
CA ASN J 92 -49.07 -42.86 57.00
C ASN J 92 -50.43 -42.25 56.69
N SER J 93 -51.49 -42.80 57.28
CA SER J 93 -52.80 -42.16 57.17
C SER J 93 -52.92 -40.96 58.10
N LEU J 94 -52.13 -40.93 59.18
CA LEU J 94 -52.22 -39.82 60.11
C LEU J 94 -51.28 -38.68 59.74
N LEU J 95 -50.27 -38.95 58.91
CA LEU J 95 -49.39 -37.90 58.44
C LEU J 95 -49.99 -37.10 57.29
N GLN J 96 -51.11 -37.57 56.71
CA GLN J 96 -51.71 -36.87 55.58
C GLN J 96 -52.36 -35.56 56.01
N VAL J 97 -52.86 -35.47 57.24
CA VAL J 97 -53.37 -34.20 57.74
C VAL J 97 -52.23 -33.25 58.09
N PHE J 98 -51.01 -33.76 58.23
CA PHE J 98 -49.82 -32.92 58.33
C PHE J 98 -49.27 -32.57 56.95
N ILE J 99 -49.50 -33.43 55.96
CA ILE J 99 -48.99 -33.19 54.62
C ILE J 99 -49.86 -32.19 53.88
N GLN J 100 -51.17 -32.44 53.80
CA GLN J 100 -52.05 -31.66 52.96
C GLN J 100 -52.64 -30.45 53.67
N GLN J 101 -51.99 -29.96 54.72
CA GLN J 101 -52.37 -28.68 55.27
C GLN J 101 -51.80 -27.56 54.40
N GLU J 102 -52.29 -26.35 54.62
CA GLU J 102 -51.94 -25.23 53.76
C GLU J 102 -50.51 -24.73 54.01
N ASN J 103 -50.04 -24.82 55.25
CA ASN J 103 -48.75 -24.27 55.63
C ASN J 103 -47.57 -25.12 55.19
N TYR J 104 -47.80 -26.36 54.75
CA TYR J 104 -46.71 -27.30 54.49
C TYR J 104 -45.87 -26.85 53.30
N ASP J 105 -46.52 -26.59 52.16
CA ASP J 105 -45.80 -26.19 50.96
C ASP J 105 -45.15 -24.83 51.12
N LYS J 106 -45.81 -23.92 51.84
CA LYS J 106 -45.23 -22.60 52.11
C LYS J 106 -43.98 -22.71 52.96
N SER J 107 -44.03 -23.53 54.00
CA SER J 107 -42.88 -23.71 54.88
C SER J 107 -41.74 -24.42 54.16
N MET J 108 -42.07 -25.38 53.28
CA MET J 108 -41.00 -26.08 52.56
C MET J 108 -40.34 -25.17 51.51
N ILE J 109 -41.12 -24.34 50.83
CA ILE J 109 -40.53 -23.49 49.81
C ILE J 109 -39.74 -22.34 50.45
N GLU J 110 -40.23 -21.80 51.57
CA GLU J 110 -39.47 -20.84 52.36
C GLU J 110 -38.17 -21.46 52.90
N ARG J 111 -38.24 -22.73 53.31
CA ARG J 111 -37.06 -23.46 53.79
C ARG J 111 -36.03 -23.60 52.68
N ASP J 112 -36.46 -24.00 51.49
CA ASP J 112 -35.52 -24.18 50.38
C ASP J 112 -34.95 -22.85 49.91
N LYS J 113 -35.74 -21.78 49.94
CA LYS J 113 -35.23 -20.46 49.59
C LYS J 113 -34.20 -19.98 50.60
N ASN J 114 -34.44 -20.23 51.89
CA ASN J 114 -33.47 -19.85 52.91
C ASN J 114 -32.22 -20.73 52.85
N LEU J 115 -32.36 -21.99 52.48
CA LEU J 115 -31.21 -22.87 52.35
C LEU J 115 -30.39 -22.56 51.11
N LEU J 116 -31.00 -21.99 50.08
CA LEU J 116 -30.28 -21.69 48.86
C LEU J 116 -29.66 -20.30 48.85
N ILE J 117 -30.42 -19.29 49.30
CA ILE J 117 -29.90 -17.93 49.36
C ILE J 117 -28.83 -17.81 50.44
N GLY J 118 -29.18 -18.15 51.67
CA GLY J 118 -28.24 -18.26 52.75
C GLY J 118 -27.84 -19.70 52.99
N GLY J 119 -27.53 -20.00 54.25
CA GLY J 119 -27.12 -21.35 54.58
C GLY J 119 -28.07 -22.04 55.54
N LEU J 120 -28.93 -21.28 56.19
CA LEU J 120 -29.80 -21.81 57.25
C LEU J 120 -31.15 -22.23 56.70
N GLY J 121 -31.69 -23.29 57.28
CA GLY J 121 -33.10 -23.62 57.11
C GLY J 121 -33.70 -23.99 58.44
N VAL J 122 -34.70 -23.25 58.90
CA VAL J 122 -35.30 -23.43 60.22
C VAL J 122 -36.79 -23.65 60.04
N ILE J 123 -37.29 -24.78 60.54
CA ILE J 123 -38.72 -25.08 60.50
C ILE J 123 -39.15 -25.51 61.90
N GLN J 124 -40.16 -24.83 62.44
CA GLN J 124 -40.70 -25.19 63.74
C GLN J 124 -42.05 -25.87 63.59
N LEU J 125 -42.36 -26.69 64.59
CA LEU J 125 -43.61 -27.44 64.65
C LEU J 125 -44.35 -27.10 65.94
N TRP J 126 -45.67 -27.24 65.90
CA TRP J 126 -46.48 -26.93 67.06
C TRP J 126 -47.65 -27.91 67.13
N VAL J 127 -48.20 -28.07 68.34
CA VAL J 127 -49.16 -29.12 68.63
C VAL J 127 -50.45 -28.44 69.12
N SER J 128 -50.82 -27.34 68.47
CA SER J 128 -51.99 -26.56 68.87
C SER J 128 -53.29 -27.36 68.77
N GLN J 129 -54.17 -27.13 69.74
CA GLN J 129 -55.46 -27.81 69.87
C GLN J 129 -56.52 -26.77 70.16
N ASP J 130 -57.41 -26.52 69.20
CA ASP J 130 -58.16 -25.26 69.21
C ASP J 130 -59.37 -25.27 70.14
N LYS J 131 -60.44 -25.98 69.77
CA LYS J 131 -61.64 -25.97 70.61
C LYS J 131 -62.35 -27.31 70.75
N ASP J 132 -62.28 -28.19 69.77
CA ASP J 132 -63.15 -29.37 69.71
C ASP J 132 -62.35 -30.65 69.79
N LYS J 133 -61.39 -30.69 70.72
CA LYS J 133 -60.48 -31.81 70.96
C LYS J 133 -59.69 -32.18 69.69
N ASN J 134 -59.38 -31.19 68.86
CA ASN J 134 -58.76 -31.42 67.56
C ASN J 134 -57.29 -31.04 67.65
N VAL J 135 -56.44 -32.03 67.88
CA VAL J 135 -55.00 -31.80 67.95
C VAL J 135 -54.44 -31.72 66.54
N GLU J 136 -53.66 -30.67 66.28
CA GLU J 136 -53.10 -30.45 64.96
C GLU J 136 -51.63 -30.10 65.09
N ILE J 137 -50.86 -30.46 64.07
CA ILE J 137 -49.43 -30.20 64.02
C ILE J 137 -49.21 -29.06 63.05
N GLU J 138 -49.11 -27.83 63.56
CA GLU J 138 -48.76 -26.70 62.72
C GLU J 138 -47.28 -26.74 62.36
N ILE J 139 -46.96 -26.23 61.17
CA ILE J 139 -45.60 -26.15 60.68
C ILE J 139 -45.36 -24.72 60.20
N LYS J 140 -44.23 -24.13 60.59
CA LYS J 140 -43.92 -22.76 60.21
C LYS J 140 -42.43 -22.62 59.95
N ALA J 141 -42.09 -22.10 58.78
CA ALA J 141 -40.70 -21.79 58.48
C ALA J 141 -40.33 -20.46 59.13
N ILE J 142 -39.21 -20.45 59.83
CA ILE J 142 -38.76 -19.26 60.57
C ILE J 142 -37.75 -18.52 59.72
N LYS J 143 -37.87 -17.19 59.70
CA LYS J 143 -36.88 -16.32 59.07
C LYS J 143 -35.53 -16.50 59.76
N PRO J 144 -34.48 -16.89 59.05
CA PRO J 144 -33.24 -17.27 59.72
C PRO J 144 -32.45 -16.11 60.29
N GLU J 145 -32.71 -14.88 59.87
CA GLU J 145 -31.99 -13.76 60.47
C GLU J 145 -32.50 -13.43 61.86
N SER J 146 -33.76 -13.74 62.15
CA SER J 146 -34.30 -13.63 63.50
C SER J 146 -34.24 -14.97 64.23
N PHE J 147 -33.07 -15.60 64.22
CA PHE J 147 -32.90 -16.91 64.84
C PHE J 147 -31.44 -17.09 65.18
N VAL J 148 -31.14 -17.26 66.46
CA VAL J 148 -29.77 -17.37 66.95
C VAL J 148 -29.55 -18.77 67.48
N ILE J 149 -28.50 -19.43 66.98
CA ILE J 149 -28.16 -20.77 67.40
C ILE J 149 -27.05 -20.64 68.43
N ASP J 150 -26.89 -21.68 69.27
CA ASP J 150 -25.75 -21.76 70.18
C ASP J 150 -24.44 -21.78 69.42
N TYR J 151 -23.49 -20.96 69.87
CA TYR J 151 -22.21 -20.84 69.17
C TYR J 151 -21.33 -22.06 69.34
N PHE J 152 -21.63 -22.92 70.32
CA PHE J 152 -20.80 -24.09 70.55
C PHE J 152 -21.08 -25.22 69.57
N SER J 153 -22.23 -25.21 68.89
CA SER J 153 -22.55 -26.25 67.92
C SER J 153 -21.80 -25.98 66.64
N THR J 154 -21.01 -26.97 66.20
CA THR J 154 -20.20 -26.83 65.01
C THR J 154 -20.74 -27.51 63.78
N ASP J 155 -21.53 -28.57 63.94
CA ASP J 155 -21.93 -29.40 62.82
C ASP J 155 -23.17 -28.84 62.12
N LYS J 156 -23.45 -29.37 60.93
CA LYS J 156 -24.73 -29.12 60.31
C LYS J 156 -25.82 -29.88 61.07
N ASN J 157 -27.06 -29.44 60.85
CA ASN J 157 -28.32 -29.85 61.49
C ASN J 157 -28.43 -29.43 62.96
N ALA J 158 -27.37 -28.84 63.55
CA ALA J 158 -27.39 -28.21 64.88
C ALA J 158 -27.86 -29.16 65.99
N LEU J 159 -27.41 -30.40 65.93
CA LEU J 159 -27.91 -31.40 66.87
C LEU J 159 -27.28 -31.27 68.24
N ASP J 160 -26.01 -30.88 68.33
CA ASP J 160 -25.38 -30.67 69.63
C ASP J 160 -25.48 -29.22 70.09
N ALA J 161 -26.68 -28.66 70.02
CA ALA J 161 -26.94 -27.30 70.41
C ALA J 161 -27.71 -27.29 71.72
N ARG J 162 -27.32 -26.39 72.62
CA ARG J 162 -27.93 -26.33 73.94
C ARG J 162 -29.00 -25.25 74.06
N ARG J 163 -29.07 -24.32 73.11
CA ARG J 163 -30.06 -23.26 73.17
C ARG J 163 -30.33 -22.71 71.78
N PHE J 164 -31.58 -22.33 71.57
CA PHE J 164 -32.01 -21.65 70.35
C PHE J 164 -32.77 -20.39 70.75
N HIS J 165 -32.38 -19.25 70.20
CA HIS J 165 -33.05 -17.99 70.47
C HIS J 165 -33.73 -17.49 69.22
N LYS J 166 -34.95 -16.97 69.37
CA LYS J 166 -35.63 -16.28 68.27
C LYS J 166 -36.15 -14.93 68.77
N MET J 167 -35.81 -13.88 68.04
CA MET J 167 -36.17 -12.51 68.42
C MET J 167 -37.42 -12.12 67.65
N LEU J 168 -38.55 -12.01 68.35
CA LEU J 168 -39.84 -11.80 67.73
C LEU J 168 -40.37 -10.41 67.99
N GLU J 169 -41.04 -9.87 66.99
CA GLU J 169 -41.96 -8.75 67.17
C GLU J 169 -43.31 -9.32 67.59
N VAL J 170 -43.92 -8.73 68.61
CA VAL J 170 -45.22 -9.17 69.12
C VAL J 170 -46.09 -7.94 69.29
N SER J 171 -47.31 -8.01 68.76
CA SER J 171 -48.27 -6.92 68.95
C SER J 171 -48.81 -6.95 70.38
N GLU J 172 -49.61 -5.94 70.71
CA GLU J 172 -50.03 -5.74 72.10
C GLU J 172 -51.06 -6.79 72.53
N GLN J 173 -52.10 -6.99 71.73
CA GLN J 173 -53.14 -7.95 72.10
C GLN J 173 -52.65 -9.38 71.96
N GLU J 174 -51.71 -9.64 71.05
CA GLU J 174 -51.07 -10.96 71.01
C GLU J 174 -50.20 -11.19 72.22
N ALA J 175 -49.60 -10.13 72.78
CA ALA J 175 -48.87 -10.27 74.03
C ALA J 175 -49.81 -10.46 75.21
N LEU J 176 -51.01 -9.88 75.15
CA LEU J 176 -52.01 -10.14 76.19
C LEU J 176 -52.51 -11.58 76.12
N LEU J 177 -52.69 -12.11 74.91
CA LEU J 177 -53.12 -13.51 74.78
C LEU J 177 -51.99 -14.47 75.10
N LEU J 178 -50.74 -14.05 74.89
CA LEU J 178 -49.61 -14.94 75.12
C LEU J 178 -49.35 -15.14 76.61
N PHE J 179 -49.51 -14.08 77.39
CA PHE J 179 -49.47 -14.19 78.85
C PHE J 179 -50.30 -13.05 79.43
N GLY J 180 -50.87 -13.30 80.61
CA GLY J 180 -51.82 -12.39 81.20
C GLY J 180 -51.20 -11.10 81.69
N ASP J 181 -52.07 -10.19 82.12
CA ASP J 181 -51.68 -8.84 82.52
C ASP J 181 -51.04 -8.76 83.89
N SER J 182 -50.84 -9.90 84.58
CA SER J 182 -50.25 -9.87 85.91
C SER J 182 -48.76 -9.57 85.87
N VAL J 183 -48.09 -9.84 84.75
CA VAL J 183 -46.66 -9.57 84.62
C VAL J 183 -46.49 -8.35 83.72
N ILE J 184 -45.43 -7.61 83.96
CA ILE J 184 -45.22 -6.30 83.36
C ILE J 184 -44.52 -6.46 82.02
N VAL J 185 -45.06 -5.80 80.99
CA VAL J 185 -44.55 -5.89 79.63
C VAL J 185 -43.87 -4.58 79.29
N ASN J 186 -42.68 -4.67 78.69
CA ASN J 186 -41.94 -3.49 78.22
C ASN J 186 -42.27 -3.27 76.76
N TYR J 187 -43.28 -2.44 76.50
CA TYR J 187 -43.71 -2.18 75.13
C TYR J 187 -42.81 -1.14 74.46
N SER J 188 -43.02 -0.97 73.17
CA SER J 188 -42.40 0.10 72.41
C SER J 188 -43.45 1.17 72.12
N ASN J 189 -43.04 2.20 71.38
CA ASN J 189 -43.94 3.27 70.96
C ASN J 189 -43.63 3.68 69.53
N VAL J 190 -43.53 2.69 68.63
CA VAL J 190 -42.88 2.89 67.34
C VAL J 190 -43.67 3.86 66.45
N ASN J 191 -44.98 3.65 66.29
CA ASN J 191 -45.83 4.73 65.81
C ASN J 191 -46.97 5.04 66.77
N HIS J 192 -47.90 4.11 66.98
CA HIS J 192 -48.99 4.32 67.93
C HIS J 192 -49.47 3.06 68.62
N GLU J 193 -48.86 1.89 68.38
CA GLU J 193 -49.54 0.63 68.60
C GLU J 193 -49.01 -0.20 69.76
N ARG J 194 -47.88 0.19 70.35
CA ARG J 194 -47.25 -0.48 71.50
C ARG J 194 -46.92 -1.95 71.18
N ILE J 195 -45.99 -2.11 70.24
CA ILE J 195 -45.43 -3.43 69.94
C ILE J 195 -44.36 -3.73 70.97
N ALA J 196 -43.90 -4.99 71.03
CA ALA J 196 -42.92 -5.42 72.00
C ALA J 196 -41.95 -6.42 71.35
N SER J 197 -40.68 -6.30 71.70
CA SER J 197 -39.64 -7.20 71.20
C SER J 197 -39.39 -8.26 72.26
N VAL J 198 -39.73 -9.50 71.95
CA VAL J 198 -39.67 -10.61 72.90
C VAL J 198 -38.72 -11.66 72.34
N ILE J 199 -37.75 -12.07 73.15
CA ILE J 199 -36.83 -13.14 72.78
C ILE J 199 -37.34 -14.44 73.40
N GLU J 200 -37.61 -15.41 72.55
CA GLU J 200 -38.02 -16.74 72.99
C GLU J 200 -36.81 -17.66 72.91
N SER J 201 -36.39 -18.18 74.06
CA SER J 201 -35.25 -19.06 74.13
C SER J 201 -35.70 -20.47 74.49
N TRP J 202 -35.08 -21.45 73.85
CA TRP J 202 -35.31 -22.85 74.13
C TRP J 202 -33.99 -23.45 74.61
N TYR J 203 -33.98 -23.94 75.85
CA TYR J 203 -32.76 -24.40 76.50
C TYR J 203 -32.85 -25.90 76.74
N LYS J 204 -31.75 -26.60 76.43
CA LYS J 204 -31.64 -28.03 76.70
C LYS J 204 -30.98 -28.21 78.05
N GLU J 205 -31.71 -28.75 79.01
CA GLU J 205 -31.18 -29.02 80.34
C GLU J 205 -31.60 -30.42 80.74
N TYR J 206 -30.68 -31.17 81.34
CA TYR J 206 -31.04 -32.50 81.82
C TYR J 206 -31.70 -32.38 83.19
N ASN J 207 -32.69 -33.23 83.44
CA ASN J 207 -33.40 -33.19 84.70
C ASN J 207 -32.62 -33.99 85.74
N GLU J 208 -33.06 -33.92 86.99
CA GLU J 208 -32.47 -34.72 88.05
C GLU J 208 -33.37 -35.84 88.54
N GLU J 209 -34.68 -35.73 88.33
CA GLU J 209 -35.58 -36.83 88.64
C GLU J 209 -35.36 -37.97 87.66
N THR J 210 -35.61 -37.72 86.38
CA THR J 210 -35.12 -38.58 85.32
C THR J 210 -33.79 -38.05 84.81
N GLN J 211 -32.97 -38.94 84.25
CA GLN J 211 -31.63 -38.57 83.81
C GLN J 211 -31.56 -38.25 82.32
N SER J 212 -32.62 -37.67 81.76
CA SER J 212 -32.68 -37.34 80.35
C SER J 212 -32.74 -35.83 80.14
N TYR J 213 -32.41 -35.41 78.93
CA TYR J 213 -32.47 -34.00 78.56
C TYR J 213 -33.89 -33.60 78.21
N GLU J 214 -34.29 -32.41 78.65
CA GLU J 214 -35.56 -31.82 78.29
C GLU J 214 -35.32 -30.38 77.84
N TRP J 215 -36.21 -29.89 76.99
CA TRP J 215 -36.14 -28.53 76.48
C TRP J 215 -37.15 -27.67 77.21
N ASN J 216 -36.72 -26.50 77.65
CA ASN J 216 -37.56 -25.56 78.38
C ASN J 216 -37.61 -24.23 77.64
N ARG J 217 -38.74 -23.55 77.75
CA ARG J 217 -38.98 -22.31 77.04
C ARG J 217 -38.96 -21.13 78.00
N TYR J 218 -38.26 -20.07 77.61
CA TYR J 218 -38.21 -18.82 78.36
C TYR J 218 -38.52 -17.69 77.41
N LEU J 219 -39.68 -17.06 77.57
CA LEU J 219 -40.00 -15.81 76.90
C LEU J 219 -39.51 -14.67 77.78
N TRP J 220 -38.57 -13.89 77.28
CA TRP J 220 -37.95 -12.85 78.09
C TRP J 220 -37.64 -11.66 77.21
N ASN J 221 -37.39 -10.53 77.84
CA ASN J 221 -36.96 -9.34 77.15
C ASN J 221 -35.62 -8.89 77.71
N ARG J 222 -34.78 -8.34 76.84
CA ARG J 222 -33.57 -7.69 77.31
C ARG J 222 -33.93 -6.47 78.14
N ASN J 223 -33.11 -6.21 79.17
CA ASN J 223 -33.25 -5.15 80.18
C ASN J 223 -34.65 -5.05 80.81
N THR J 224 -35.39 -6.17 80.83
CA THR J 224 -36.68 -6.19 81.51
C THR J 224 -36.79 -7.41 82.41
N GLY J 225 -36.17 -8.51 82.01
CA GLY J 225 -36.25 -9.75 82.73
C GLY J 225 -37.03 -10.81 81.98
N ILE J 226 -37.48 -11.81 82.72
CA ILE J 226 -38.17 -12.97 82.16
C ILE J 226 -39.67 -12.74 82.23
N TYR J 227 -40.34 -12.82 81.08
CA TYR J 227 -41.80 -12.69 81.06
C TYR J 227 -42.47 -13.98 81.49
N LYS J 228 -42.11 -15.10 80.87
CA LYS J 228 -42.75 -16.37 81.20
C LYS J 228 -41.75 -17.51 81.04
N SER J 229 -41.68 -18.36 82.07
CA SER J 229 -40.74 -19.48 82.08
C SER J 229 -41.53 -20.77 82.26
N GLU J 230 -41.47 -21.65 81.26
CA GLU J 230 -42.09 -22.96 81.34
C GLU J 230 -41.04 -24.03 81.07
N LYS J 231 -41.18 -25.16 81.76
CA LYS J 231 -40.22 -26.25 81.64
C LYS J 231 -40.91 -27.49 81.11
N LYS J 232 -40.29 -28.12 80.11
CA LYS J 232 -40.82 -29.26 79.37
C LYS J 232 -42.25 -29.02 78.87
N PRO J 233 -42.47 -28.05 77.97
CA PRO J 233 -43.84 -27.80 77.54
C PRO J 233 -44.25 -28.59 76.32
N PHE J 234 -43.85 -29.86 76.21
CA PHE J 234 -44.29 -30.66 75.07
C PHE J 234 -44.51 -32.14 75.40
N LYS J 235 -44.55 -32.54 76.67
CA LYS J 235 -44.76 -33.88 77.20
C LYS J 235 -43.65 -34.87 76.86
N ASN J 236 -42.61 -34.46 76.13
CA ASN J 236 -41.45 -35.30 75.87
C ASN J 236 -40.12 -34.58 76.02
N GLY J 237 -40.12 -33.26 76.17
CA GLY J 237 -38.89 -32.51 76.21
C GLY J 237 -38.23 -32.45 74.85
N ALA J 238 -39.02 -32.16 73.82
CA ALA J 238 -38.52 -32.10 72.46
C ALA J 238 -38.47 -30.65 71.99
N CYS J 239 -37.36 -30.27 71.38
CA CYS J 239 -37.24 -28.94 70.81
C CYS J 239 -38.11 -28.85 69.56
N PRO J 240 -38.91 -27.79 69.41
CA PRO J 240 -39.78 -27.69 68.23
C PRO J 240 -39.03 -27.32 66.96
N PHE J 241 -37.80 -26.85 67.05
CA PHE J 241 -37.07 -26.38 65.89
C PHE J 241 -36.32 -27.51 65.22
N ILE J 242 -36.32 -27.49 63.88
CA ILE J 242 -35.51 -28.36 63.06
C ILE J 242 -34.67 -27.45 62.18
N VAL J 243 -33.36 -27.49 62.37
CA VAL J 243 -32.42 -26.59 61.72
C VAL J 243 -31.53 -27.44 60.83
N SER J 244 -31.13 -26.90 59.67
CA SER J 244 -30.03 -27.49 58.93
C SER J 244 -29.22 -26.40 58.26
N LYS J 245 -27.90 -26.52 58.36
CA LYS J 245 -26.97 -25.60 57.74
C LYS J 245 -26.37 -26.22 56.49
N LEU J 246 -26.48 -25.52 55.37
CA LEU J 246 -25.79 -25.90 54.16
C LEU J 246 -24.43 -25.22 54.13
N TYR J 247 -23.38 -26.01 53.88
CA TYR J 247 -21.99 -25.56 53.75
C TYR J 247 -21.50 -24.85 55.02
N THR J 248 -21.38 -25.63 56.10
CA THR J 248 -20.63 -25.12 57.23
C THR J 248 -19.14 -25.10 56.88
N ASP J 249 -18.43 -24.11 57.40
CA ASP J 249 -17.02 -23.94 57.07
C ASP J 249 -16.23 -23.68 58.35
N GLU J 250 -14.98 -23.29 58.19
CA GLU J 250 -14.17 -22.83 59.31
C GLU J 250 -14.72 -21.50 59.84
N LEU J 251 -14.38 -21.23 61.11
CA LEU J 251 -14.93 -20.16 61.96
C LEU J 251 -16.43 -20.32 62.23
N ASN J 252 -17.00 -21.47 61.89
CA ASN J 252 -18.38 -21.87 62.21
C ASN J 252 -19.42 -20.90 61.67
N ASN J 253 -19.43 -20.75 60.35
CA ASN J 253 -20.42 -19.94 59.66
C ASN J 253 -21.14 -20.80 58.63
N TYR J 254 -22.30 -20.33 58.19
CA TYR J 254 -22.97 -20.96 57.05
C TYR J 254 -22.67 -20.18 55.78
N TYR J 255 -22.25 -20.89 54.74
CA TYR J 255 -21.65 -20.33 53.55
C TYR J 255 -22.65 -20.08 52.43
N GLY J 256 -23.61 -20.99 52.23
CA GLY J 256 -24.66 -20.79 51.27
C GLY J 256 -24.19 -20.89 49.83
N LEU J 257 -25.13 -20.69 48.91
CA LEU J 257 -24.81 -20.62 47.50
C LEU J 257 -24.49 -19.20 47.06
N PHE J 258 -24.59 -18.24 47.97
CA PHE J 258 -24.43 -16.84 47.58
C PHE J 258 -22.97 -16.45 47.41
N ARG J 259 -22.07 -16.97 48.25
CA ARG J 259 -20.71 -16.44 48.28
C ARG J 259 -19.87 -16.89 47.11
N ASP J 260 -20.09 -18.11 46.60
CA ASP J 260 -19.30 -18.57 45.47
C ASP J 260 -19.77 -18.00 44.13
N ILE J 261 -21.02 -17.52 44.06
CA ILE J 261 -21.52 -16.90 42.82
C ILE J 261 -21.62 -15.38 42.93
N LYS J 262 -21.31 -14.82 44.08
CA LYS J 262 -21.29 -13.36 44.27
C LYS J 262 -20.26 -12.60 43.43
N PRO J 263 -18.98 -13.02 43.30
CA PRO J 263 -18.06 -12.22 42.47
C PRO J 263 -18.38 -12.24 40.99
N MET J 264 -19.01 -13.31 40.49
CA MET J 264 -19.47 -13.31 39.11
C MET J 264 -20.58 -12.28 38.91
N GLN J 265 -21.49 -12.16 39.87
CA GLN J 265 -22.56 -11.17 39.79
C GLN J 265 -21.99 -9.75 39.91
N ASP J 266 -20.99 -9.56 40.76
CA ASP J 266 -20.34 -8.25 40.87
C ASP J 266 -19.60 -7.87 39.59
N PHE J 267 -18.92 -8.83 38.97
CA PHE J 267 -18.25 -8.53 37.71
C PHE J 267 -19.25 -8.28 36.59
N ILE J 268 -20.40 -8.96 36.61
CA ILE J 268 -21.43 -8.72 35.60
C ILE J 268 -22.00 -7.31 35.73
N ASN J 269 -22.29 -6.89 36.97
CA ASN J 269 -22.82 -5.54 37.20
C ASN J 269 -21.79 -4.47 36.87
N TYR J 270 -20.52 -4.70 37.25
CA TYR J 270 -19.45 -3.76 36.95
C TYR J 270 -19.22 -3.64 35.45
N ALA J 271 -19.25 -4.77 34.74
CA ALA J 271 -19.02 -4.75 33.30
C ALA J 271 -20.17 -4.08 32.57
N GLU J 272 -21.41 -4.31 33.01
CA GLU J 272 -22.54 -3.67 32.36
C GLU J 272 -22.56 -2.16 32.59
N ASN J 273 -22.28 -1.72 33.82
CA ASN J 273 -22.27 -0.28 34.08
C ASN J 273 -21.07 0.41 33.46
N ARG J 274 -19.91 -0.26 33.42
CA ARG J 274 -18.74 0.35 32.78
C ARG J 274 -18.89 0.39 31.27
N MET J 275 -19.57 -0.59 30.67
CA MET J 275 -19.82 -0.53 29.25
C MET J 275 -20.88 0.50 28.91
N GLY J 276 -21.87 0.70 29.80
CA GLY J 276 -22.80 1.80 29.61
C GLY J 276 -22.17 3.16 29.81
N ASN J 277 -21.09 3.24 30.58
CA ASN J 277 -20.35 4.49 30.69
C ASN J 277 -19.41 4.72 29.52
N MET J 278 -18.84 3.65 28.96
CA MET J 278 -17.85 3.79 27.90
C MET J 278 -18.47 4.32 26.62
N MET J 279 -19.48 3.63 26.09
CA MET J 279 -20.29 4.21 25.05
C MET J 279 -21.22 5.25 25.66
N GLY J 280 -21.63 6.22 24.86
CA GLY J 280 -22.42 7.30 25.38
C GLY J 280 -21.65 8.37 26.12
N SER J 281 -20.33 8.36 26.04
CA SER J 281 -19.52 9.39 26.66
C SER J 281 -18.19 9.48 25.92
N PHE J 282 -17.51 10.62 26.10
CA PHE J 282 -16.24 10.86 25.44
C PHE J 282 -15.21 11.34 26.45
N LYS J 283 -13.94 11.08 26.16
CA LYS J 283 -12.84 11.56 26.98
C LYS J 283 -11.87 12.36 26.12
N ALA J 284 -11.29 13.40 26.69
CA ALA J 284 -10.42 14.27 25.93
C ALA J 284 -9.43 14.94 26.88
N MET J 285 -8.20 15.10 26.40
CA MET J 285 -7.21 15.92 27.08
C MET J 285 -7.27 17.33 26.52
N PHE J 286 -7.55 18.30 27.38
CA PHE J 286 -7.58 19.69 27.02
C PHE J 286 -6.32 20.39 27.50
N GLU J 287 -5.87 21.35 26.73
CA GLU J 287 -4.95 22.32 27.31
C GLU J 287 -5.77 23.35 28.08
N GLU J 288 -5.08 24.07 28.98
CA GLU J 288 -5.77 25.05 29.80
C GLU J 288 -6.06 26.35 29.06
N ASP J 289 -5.72 26.44 27.78
CA ASP J 289 -6.02 27.60 26.96
C ASP J 289 -6.63 27.19 25.62
N ALA J 290 -7.34 26.06 25.60
CA ALA J 290 -7.87 25.53 24.36
C ALA J 290 -9.09 26.33 23.89
N VAL J 291 -10.05 26.55 24.79
CA VAL J 291 -11.26 27.27 24.46
C VAL J 291 -11.76 27.95 25.73
N VAL J 292 -12.45 29.07 25.57
CA VAL J 292 -13.09 29.71 26.72
C VAL J 292 -14.30 28.88 27.13
N ASP J 293 -14.52 28.79 28.45
CA ASP J 293 -15.64 28.08 29.08
C ASP J 293 -15.65 26.60 28.68
N VAL J 294 -14.62 25.90 29.14
CA VAL J 294 -14.42 24.50 28.73
C VAL J 294 -15.49 23.59 29.32
N ALA J 295 -16.08 23.97 30.46
CA ALA J 295 -17.20 23.23 31.00
C ALA J 295 -18.42 23.34 30.10
N GLU J 296 -18.64 24.53 29.53
CA GLU J 296 -19.74 24.72 28.59
C GLU J 296 -19.52 23.87 27.34
N PHE J 297 -18.26 23.79 26.89
CA PHE J 297 -17.90 23.01 25.71
C PHE J 297 -18.12 21.53 25.94
N VAL J 298 -17.77 21.01 27.12
CA VAL J 298 -18.00 19.60 27.37
C VAL J 298 -19.45 19.29 27.75
N GLU J 299 -20.25 20.31 28.07
CA GLU J 299 -21.70 20.08 28.16
C GLU J 299 -22.30 19.91 26.76
N THR J 300 -22.04 20.86 25.86
CA THR J 300 -22.63 20.70 24.52
C THR J 300 -21.97 19.61 23.69
N MET J 301 -20.75 19.19 24.03
CA MET J 301 -20.10 18.12 23.28
C MET J 301 -20.62 16.74 23.66
N SER J 302 -21.24 16.60 24.84
CA SER J 302 -21.72 15.29 25.27
C SER J 302 -22.98 14.86 24.52
N LEU J 303 -23.67 15.77 23.84
CA LEU J 303 -24.84 15.42 23.07
C LEU J 303 -24.45 14.71 21.79
N ASP J 304 -25.41 13.95 21.25
CA ASP J 304 -25.22 13.29 19.96
C ASP J 304 -25.54 14.18 18.78
N ASN J 305 -26.04 15.40 19.03
CA ASN J 305 -26.18 16.42 18.01
C ASN J 305 -25.52 17.68 18.56
N ALA J 306 -24.22 17.79 18.38
CA ALA J 306 -23.43 18.85 18.99
C ALA J 306 -23.13 19.92 17.97
N ILE J 307 -23.58 21.13 18.24
CA ILE J 307 -23.16 22.32 17.51
C ILE J 307 -22.37 23.16 18.51
N ALA J 308 -21.06 22.95 18.54
CA ALA J 308 -20.18 23.61 19.49
C ALA J 308 -19.44 24.74 18.80
N LYS J 309 -19.71 25.97 19.22
CA LYS J 309 -19.04 27.15 18.71
C LYS J 309 -17.82 27.44 19.58
N VAL J 310 -16.64 27.44 18.96
CA VAL J 310 -15.39 27.66 19.67
C VAL J 310 -14.81 28.99 19.21
N ARG J 311 -13.72 29.39 19.85
CA ARG J 311 -13.03 30.62 19.49
C ARG J 311 -12.36 30.47 18.13
N PRO J 312 -12.08 31.57 17.44
CA PRO J 312 -11.39 31.48 16.14
C PRO J 312 -9.98 30.92 16.27
N ASN J 313 -9.56 30.22 15.20
CA ASN J 313 -8.26 29.55 15.09
C ASN J 313 -8.05 28.52 16.19
N ALA J 314 -9.12 27.83 16.57
CA ALA J 314 -9.03 26.75 17.55
C ALA J 314 -9.12 25.38 16.92
N LEU J 315 -9.26 25.30 15.60
CA LEU J 315 -9.28 24.04 14.88
C LEU J 315 -7.98 23.74 14.15
N LYS J 316 -7.06 24.71 14.10
CA LYS J 316 -5.80 24.53 13.39
C LYS J 316 -4.62 24.31 14.31
N ASP J 317 -4.80 24.49 15.63
CA ASP J 317 -3.70 24.36 16.58
C ASP J 317 -3.70 23.02 17.31
N HIS J 318 -4.85 22.36 17.39
CA HIS J 318 -5.04 21.06 18.04
C HIS J 318 -4.63 21.07 19.50
N LYS J 319 -5.32 21.91 20.28
CA LYS J 319 -5.15 21.95 21.72
C LYS J 319 -6.12 21.02 22.44
N ILE J 320 -6.97 20.31 21.71
CA ILE J 320 -7.88 19.31 22.26
C ILE J 320 -7.53 17.97 21.64
N GLN J 321 -7.38 16.94 22.47
CA GLN J 321 -7.07 15.59 22.00
C GLN J 321 -8.16 14.65 22.48
N PHE J 322 -9.08 14.30 21.59
CA PHE J 322 -10.14 13.35 21.92
C PHE J 322 -9.56 11.95 21.94
N MET J 323 -9.52 11.34 23.11
CA MET J 323 -8.96 10.00 23.24
C MET J 323 -10.04 8.97 22.97
N ASN J 324 -9.60 7.80 22.49
CA ASN J 324 -10.52 6.73 22.15
C ASN J 324 -11.02 6.06 23.42
N ASN J 325 -12.32 6.19 23.68
CA ASN J 325 -12.89 5.64 24.90
C ASN J 325 -13.17 4.15 24.80
N GLN J 326 -13.65 3.69 23.65
CA GLN J 326 -14.12 2.32 23.51
C GLN J 326 -13.03 1.42 22.95
N ALA J 327 -11.92 1.37 23.66
CA ALA J 327 -10.88 0.39 23.39
C ALA J 327 -11.08 -0.90 24.17
N ASP J 328 -12.18 -0.98 24.93
CA ASP J 328 -12.38 -2.09 25.86
C ASP J 328 -13.82 -2.59 25.84
N LEU J 329 -14.59 -2.27 24.80
CA LEU J 329 -15.98 -2.72 24.74
C LEU J 329 -16.07 -4.19 24.41
N SER J 330 -15.24 -4.66 23.47
CA SER J 330 -15.33 -6.05 23.02
C SER J 330 -14.84 -7.01 24.09
N ALA J 331 -13.73 -6.66 24.74
CA ALA J 331 -13.19 -7.54 25.78
C ALA J 331 -14.12 -7.61 26.98
N LEU J 332 -14.75 -6.49 27.34
CA LEU J 332 -15.72 -6.51 28.42
C LEU J 332 -16.98 -7.27 28.04
N SER J 333 -17.38 -7.23 26.78
CA SER J 333 -18.53 -8.02 26.33
C SER J 333 -18.23 -9.51 26.42
N GLN J 334 -17.04 -9.92 25.98
CA GLN J 334 -16.65 -11.32 26.06
C GLN J 334 -16.51 -11.79 27.50
N LYS J 335 -15.96 -10.94 28.37
CA LYS J 335 -15.83 -11.31 29.78
C LYS J 335 -17.17 -11.35 30.47
N ALA J 336 -18.11 -10.48 30.09
CA ALA J 336 -19.44 -10.51 30.67
C ALA J 336 -20.19 -11.77 30.25
N GLU J 337 -20.06 -12.18 28.99
CA GLU J 337 -20.68 -13.44 28.56
C GLU J 337 -20.02 -14.65 29.22
N GLN J 338 -18.70 -14.59 29.42
CA GLN J 338 -17.99 -15.68 30.08
C GLN J 338 -18.43 -15.83 31.54
N LYS J 339 -18.52 -14.71 32.28
CA LYS J 339 -18.98 -14.79 33.66
C LYS J 339 -20.48 -15.11 33.73
N ARG J 340 -21.24 -14.76 32.71
CA ARG J 340 -22.65 -15.12 32.68
C ARG J 340 -22.85 -16.62 32.49
N GLN J 341 -21.96 -17.27 31.72
CA GLN J 341 -22.01 -18.72 31.64
C GLN J 341 -21.45 -19.38 32.91
N LEU J 342 -20.41 -18.78 33.49
CA LEU J 342 -19.84 -19.30 34.72
C LEU J 342 -20.77 -19.16 35.92
N LEU J 343 -21.73 -18.24 35.86
CA LEU J 343 -22.72 -18.15 36.93
C LEU J 343 -23.62 -19.38 36.95
N ARG J 344 -24.05 -19.84 35.77
CA ARG J 344 -24.81 -21.08 35.69
C ARG J 344 -23.94 -22.29 35.98
N LEU J 345 -22.65 -22.20 35.67
CA LEU J 345 -21.76 -23.32 35.94
C LEU J 345 -21.48 -23.49 37.44
N LEU J 346 -21.28 -22.39 38.16
CA LEU J 346 -20.87 -22.46 39.55
C LEU J 346 -21.99 -22.86 40.48
N ALA J 347 -23.24 -22.68 40.09
CA ALA J 347 -24.38 -23.04 40.93
C ALA J 347 -24.83 -24.47 40.70
N GLY J 348 -24.12 -25.25 39.90
CA GLY J 348 -24.51 -26.61 39.64
C GLY J 348 -25.55 -26.77 38.56
N LEU J 349 -25.92 -25.72 37.85
CA LEU J 349 -26.90 -25.82 36.79
C LEU J 349 -26.32 -26.24 35.46
N ASN J 350 -25.05 -26.62 35.41
CA ASN J 350 -24.56 -27.32 34.24
C ASN J 350 -25.13 -28.74 34.22
N ASP J 351 -25.03 -29.37 33.06
CA ASP J 351 -25.84 -30.54 32.68
C ASP J 351 -27.32 -30.19 32.91
N GLU J 352 -27.78 -29.22 32.13
CA GLU J 352 -29.17 -28.77 32.19
C GLU J 352 -30.05 -29.88 31.65
N SER J 353 -30.53 -30.71 32.57
CA SER J 353 -31.46 -31.79 32.25
C SER J 353 -32.59 -31.82 33.25
N LEU J 354 -32.96 -30.64 33.78
CA LEU J 354 -34.03 -30.54 34.76
C LEU J 354 -35.37 -30.94 34.16
N GLY J 355 -35.63 -30.52 32.92
CA GLY J 355 -36.81 -30.98 32.22
C GLY J 355 -36.80 -32.47 31.93
N MET J 356 -35.61 -33.03 31.68
CA MET J 356 -35.50 -34.48 31.58
C MET J 356 -35.65 -35.14 32.93
N ALA J 357 -35.17 -34.50 34.00
CA ALA J 357 -35.21 -35.11 35.32
C ALA J 357 -36.63 -35.15 35.88
N VAL J 358 -37.45 -34.14 35.59
CA VAL J 358 -38.82 -34.16 36.12
C VAL J 358 -39.69 -35.16 35.38
N ASN J 359 -39.41 -35.41 34.09
CA ASN J 359 -40.05 -36.51 33.38
C ASN J 359 -39.45 -37.85 33.76
N ARG J 360 -38.26 -37.86 34.38
CA ARG J 360 -37.74 -39.10 34.94
C ARG J 360 -38.42 -39.47 36.26
N GLN J 361 -39.15 -38.55 36.88
CA GLN J 361 -39.89 -38.81 38.11
C GLN J 361 -41.37 -39.02 37.86
N SER J 362 -41.72 -39.67 36.75
CA SER J 362 -43.10 -40.07 36.52
C SER J 362 -43.40 -41.44 37.12
N GLY J 363 -42.42 -42.35 37.08
CA GLY J 363 -42.60 -43.66 37.66
C GLY J 363 -42.47 -43.66 39.17
N VAL J 364 -43.60 -43.76 39.87
CA VAL J 364 -43.64 -43.76 41.33
C VAL J 364 -44.30 -45.05 41.80
N ALA J 365 -44.11 -46.13 41.04
CA ALA J 365 -44.97 -47.31 41.07
C ALA J 365 -45.02 -48.04 42.41
N ILE J 366 -43.96 -48.76 42.79
CA ILE J 366 -43.92 -49.32 44.14
C ILE J 366 -42.57 -49.04 44.79
N ALA J 367 -41.49 -49.47 44.14
CA ALA J 367 -40.15 -49.44 44.71
C ALA J 367 -39.24 -48.73 43.71
N GLN J 368 -39.13 -47.41 43.85
CA GLN J 368 -38.34 -46.62 42.92
C GLN J 368 -37.30 -45.80 43.68
N ARG J 369 -36.17 -45.60 43.01
CA ARG J 369 -35.08 -44.82 43.55
C ARG J 369 -35.26 -43.36 43.12
N LYS J 370 -34.19 -42.57 43.26
CA LYS J 370 -34.25 -41.15 42.89
C LYS J 370 -34.37 -40.96 41.39
N GLU J 371 -33.94 -41.95 40.58
CA GLU J 371 -33.88 -41.88 39.11
C GLU J 371 -33.06 -40.66 38.68
N SER J 372 -31.75 -40.81 38.90
CA SER J 372 -30.81 -39.71 39.00
C SER J 372 -30.68 -38.92 37.70
N GLY J 373 -30.70 -37.59 37.84
CA GLY J 373 -30.33 -36.67 36.80
C GLY J 373 -29.06 -35.92 37.14
N LEU J 374 -29.25 -34.72 37.67
CA LEU J 374 -28.16 -33.79 37.99
C LEU J 374 -27.23 -34.34 39.06
N MET J 375 -26.02 -33.79 39.10
CA MET J 375 -25.04 -34.06 40.15
C MET J 375 -24.65 -32.84 40.95
N GLY J 376 -24.72 -31.64 40.37
CA GLY J 376 -24.20 -30.46 41.03
C GLY J 376 -25.08 -29.96 42.17
N LEU J 377 -26.39 -30.12 42.05
CA LEU J 377 -27.33 -29.67 43.07
C LEU J 377 -27.64 -30.74 44.09
N GLN J 378 -26.95 -31.89 44.03
CA GLN J 378 -27.31 -33.03 44.88
C GLN J 378 -27.00 -32.80 46.35
N THR J 379 -26.06 -31.90 46.67
CA THR J 379 -25.80 -31.55 48.06
C THR J 379 -27.00 -30.83 48.66
N PHE J 380 -27.61 -29.93 47.89
CA PHE J 380 -28.79 -29.21 48.34
C PHE J 380 -29.98 -30.14 48.51
N LEU J 381 -30.17 -31.06 47.56
CA LEU J 381 -31.25 -32.04 47.66
C LEU J 381 -31.04 -32.98 48.84
N LYS J 382 -29.79 -33.33 49.13
CA LYS J 382 -29.51 -34.23 50.25
C LYS J 382 -29.73 -33.54 51.59
N ALA J 383 -29.35 -32.26 51.69
CA ALA J 383 -29.62 -31.50 52.91
C ALA J 383 -31.11 -31.32 53.14
N THR J 384 -31.87 -31.08 52.06
CA THR J 384 -33.32 -31.01 52.17
C THR J 384 -33.93 -32.35 52.59
N ASP J 385 -33.37 -33.46 52.09
CA ASP J 385 -33.84 -34.79 52.48
C ASP J 385 -33.59 -35.06 53.95
N ASP J 386 -32.41 -34.71 54.46
CA ASP J 386 -32.10 -34.93 55.86
C ASP J 386 -32.94 -34.07 56.78
N MET J 387 -33.21 -32.82 56.37
CA MET J 387 -34.08 -31.99 57.19
C MET J 387 -35.53 -32.48 57.16
N ASP J 388 -35.98 -33.03 56.02
CA ASP J 388 -37.31 -33.63 55.97
C ASP J 388 -37.39 -34.87 56.85
N ARG J 389 -36.33 -35.66 56.91
CA ARG J 389 -36.32 -36.84 57.78
C ARG J 389 -36.39 -36.44 59.25
N LEU J 390 -35.66 -35.39 59.64
CA LEU J 390 -35.74 -34.92 61.02
C LEU J 390 -37.10 -34.32 61.34
N ILE J 391 -37.70 -33.59 60.39
CA ILE J 391 -39.02 -33.00 60.56
C ILE J 391 -40.07 -34.09 60.76
N PHE J 392 -40.01 -35.15 59.96
CA PHE J 392 -41.01 -36.20 60.09
C PHE J 392 -40.77 -37.09 61.29
N ARG J 393 -39.53 -37.21 61.76
CA ARG J 393 -39.29 -37.89 63.02
C ARG J 393 -39.92 -37.13 64.18
N LEU J 394 -39.76 -35.80 64.19
CA LEU J 394 -40.40 -35.00 65.24
C LEU J 394 -41.93 -35.01 65.13
N ALA J 395 -42.43 -35.04 63.89
CA ALA J 395 -43.89 -35.05 63.70
C ALA J 395 -44.50 -36.38 64.12
N VAL J 396 -43.81 -37.49 63.85
CA VAL J 396 -44.26 -38.79 64.32
C VAL J 396 -44.20 -38.87 65.84
N SER J 397 -43.16 -38.26 66.44
CA SER J 397 -43.06 -38.23 67.90
C SER J 397 -44.16 -37.37 68.53
N PHE J 398 -44.62 -36.34 67.83
CA PHE J 398 -45.76 -35.56 68.33
C PHE J 398 -47.09 -36.30 68.15
N ILE J 399 -47.27 -36.96 67.00
CA ILE J 399 -48.53 -37.62 66.70
C ILE J 399 -48.74 -38.83 67.62
N CYS J 400 -47.67 -39.59 67.87
CA CYS J 400 -47.77 -40.73 68.77
C CYS J 400 -47.89 -40.35 70.24
N GLU J 401 -47.82 -39.06 70.57
CA GLU J 401 -47.89 -38.58 71.95
C GLU J 401 -49.13 -37.75 72.26
N TYR J 402 -49.66 -37.01 71.30
CA TYR J 402 -50.76 -36.10 71.58
C TYR J 402 -52.08 -36.50 70.95
N PHE J 403 -52.07 -37.39 69.97
CA PHE J 403 -53.30 -37.78 69.29
C PHE J 403 -54.05 -38.80 70.14
N THR J 404 -55.26 -38.45 70.56
CA THR J 404 -56.10 -39.37 71.31
C THR J 404 -56.70 -40.41 70.38
N LYS J 405 -57.40 -41.37 70.97
CA LYS J 405 -57.98 -42.46 70.17
C LYS J 405 -59.16 -41.97 69.33
N GLU J 406 -60.01 -41.10 69.90
CA GLU J 406 -61.10 -40.55 69.10
C GLU J 406 -60.59 -39.55 68.08
N GLN J 407 -59.45 -38.90 68.35
CA GLN J 407 -58.82 -38.06 67.34
C GLN J 407 -58.28 -38.89 66.19
N VAL J 408 -57.74 -40.07 66.49
CA VAL J 408 -57.24 -40.96 65.45
C VAL J 408 -58.39 -41.53 64.63
N PHE J 409 -59.46 -41.95 65.28
CA PHE J 409 -60.58 -42.58 64.58
C PHE J 409 -61.44 -41.59 63.80
N LYS J 410 -61.23 -40.28 63.98
CA LYS J 410 -61.86 -39.30 63.11
C LYS J 410 -61.08 -39.07 61.83
N ILE J 411 -59.83 -39.51 61.76
CA ILE J 411 -58.96 -39.25 60.63
C ILE J 411 -58.84 -40.47 59.73
N VAL J 412 -58.62 -41.64 60.31
CA VAL J 412 -58.33 -42.83 59.56
C VAL J 412 -59.61 -43.65 59.40
N ASP J 413 -59.56 -44.66 58.53
CA ASP J 413 -60.70 -45.52 58.31
C ASP J 413 -60.90 -46.47 59.49
N LYS J 414 -62.01 -47.21 59.45
CA LYS J 414 -62.33 -48.14 60.52
C LYS J 414 -61.39 -49.34 60.51
N LYS J 415 -61.02 -49.82 59.32
CA LYS J 415 -60.15 -50.98 59.23
C LYS J 415 -58.73 -50.65 59.66
N LEU J 416 -58.24 -49.46 59.31
CA LEU J 416 -56.90 -49.06 59.70
C LEU J 416 -56.80 -48.84 61.20
N GLY J 417 -57.89 -48.42 61.83
CA GLY J 417 -57.91 -48.28 63.28
C GLY J 417 -58.03 -49.62 63.98
N ASP J 418 -58.82 -50.53 63.41
CA ASP J 418 -59.03 -51.82 64.02
C ASP J 418 -57.87 -52.77 63.83
N ARG J 419 -57.02 -52.55 62.83
CA ARG J 419 -55.87 -53.42 62.64
C ARG J 419 -54.76 -53.13 63.64
N TYR J 420 -54.69 -51.91 64.16
CA TYR J 420 -53.62 -51.56 65.09
C TYR J 420 -54.01 -51.81 66.54
N PHE J 421 -55.24 -51.47 66.92
CA PHE J 421 -55.71 -51.66 68.30
C PHE J 421 -56.30 -53.05 68.46
N LYS J 422 -55.45 -54.06 68.27
CA LYS J 422 -55.77 -55.50 68.35
C LYS J 422 -56.94 -55.89 67.44
N ASP J 427 -52.31 -51.70 74.68
CA ASP J 427 -53.02 -50.65 73.95
C ASP J 427 -53.05 -49.36 74.76
N ASP J 428 -53.91 -49.33 75.78
CA ASP J 428 -54.08 -48.23 76.73
C ASP J 428 -54.43 -46.91 76.04
N ASN J 429 -55.19 -47.00 74.94
CA ASN J 429 -55.79 -45.86 74.23
C ASN J 429 -54.75 -44.86 73.73
N LYS J 430 -53.56 -45.34 73.38
CA LYS J 430 -52.49 -44.47 72.90
C LYS J 430 -51.63 -45.23 71.90
N ILE J 431 -51.23 -44.54 70.84
CA ILE J 431 -50.31 -45.13 69.87
C ILE J 431 -48.93 -45.20 70.51
N ARG J 432 -48.40 -46.41 70.64
CA ARG J 432 -47.11 -46.65 71.28
C ARG J 432 -46.17 -47.34 70.30
N PRO J 433 -45.50 -46.58 69.43
CA PRO J 433 -44.50 -47.19 68.55
C PRO J 433 -43.20 -47.43 69.29
N LEU J 434 -42.55 -48.53 68.95
CA LEU J 434 -41.29 -48.89 69.57
C LEU J 434 -40.14 -48.19 68.83
N LYS J 435 -38.91 -48.56 69.16
CA LYS J 435 -37.76 -47.92 68.55
C LYS J 435 -37.44 -48.53 67.19
N PHE J 436 -37.38 -49.86 67.13
CA PHE J 436 -37.07 -50.55 65.88
C PHE J 436 -38.36 -51.03 65.21
N ASP J 437 -39.15 -50.07 64.80
CA ASP J 437 -40.43 -50.40 64.19
C ASP J 437 -40.63 -49.76 62.83
N LEU J 438 -40.14 -48.55 62.62
CA LEU J 438 -40.45 -47.79 61.42
C LEU J 438 -39.18 -47.45 60.65
N ILE J 439 -39.33 -47.39 59.32
CA ILE J 439 -38.27 -47.00 58.41
C ILE J 439 -38.77 -45.81 57.60
N LEU J 440 -37.99 -44.73 57.58
CA LEU J 440 -38.39 -43.51 56.90
C LEU J 440 -37.91 -43.57 55.45
N LYS J 441 -38.84 -43.51 54.50
CA LYS J 441 -38.52 -43.52 53.08
C LYS J 441 -39.10 -42.28 52.43
N SER J 442 -38.24 -41.53 51.73
CA SER J 442 -38.68 -40.31 51.07
C SER J 442 -39.30 -40.64 49.70
N GLN J 443 -40.32 -39.87 49.35
CA GLN J 443 -40.97 -40.01 48.06
C GLN J 443 -41.57 -38.66 47.69
N LEU J 444 -42.23 -38.61 46.53
CA LEU J 444 -42.88 -37.38 46.10
C LEU J 444 -44.17 -37.19 46.88
N LYS J 445 -44.49 -35.93 47.17
CA LYS J 445 -45.69 -35.60 47.94
C LYS J 445 -46.91 -35.82 47.06
N THR J 446 -47.66 -36.88 47.33
CA THR J 446 -48.89 -37.16 46.61
C THR J 446 -49.97 -37.54 47.61
N GLU J 447 -51.21 -37.44 47.17
CA GLU J 447 -52.34 -37.80 48.02
C GLU J 447 -52.45 -39.32 48.09
N SER J 448 -53.06 -39.81 49.17
CA SER J 448 -53.00 -41.23 49.49
C SER J 448 -53.84 -42.07 48.54
N ARG J 449 -54.98 -41.56 48.09
CA ARG J 449 -55.83 -42.33 47.19
C ARG J 449 -55.20 -42.47 45.80
N ASP J 450 -54.45 -41.45 45.34
CA ASP J 450 -53.79 -41.55 44.05
C ASP J 450 -52.63 -42.55 44.09
N GLU J 451 -51.88 -42.55 45.19
CA GLU J 451 -50.80 -43.52 45.37
C GLU J 451 -51.35 -44.94 45.47
N LYS J 452 -52.45 -45.11 46.21
CA LYS J 452 -53.07 -46.43 46.30
C LYS J 452 -53.65 -46.87 44.95
N TRP J 453 -54.15 -45.92 44.16
CA TRP J 453 -54.67 -46.25 42.83
C TRP J 453 -53.56 -46.71 41.89
N TYR J 454 -52.41 -46.04 41.94
CA TYR J 454 -51.29 -46.46 41.11
C TYR J 454 -50.72 -47.81 41.54
N ASN J 455 -50.69 -48.06 42.86
CA ASN J 455 -50.23 -49.35 43.35
C ASN J 455 -51.20 -50.46 42.99
N TRP J 456 -52.50 -50.18 43.05
CA TRP J 456 -53.51 -51.15 42.62
C TRP J 456 -53.39 -51.46 41.13
N ASN J 457 -53.11 -50.44 40.32
CA ASN J 457 -52.98 -50.63 38.88
C ASN J 457 -51.77 -51.49 38.54
N GLU J 458 -50.61 -51.19 39.13
CA GLU J 458 -49.44 -52.01 38.84
C GLU J 458 -49.57 -53.41 39.42
N LEU J 459 -50.26 -53.56 40.55
CA LEU J 459 -50.43 -54.89 41.12
C LEU J 459 -51.37 -55.74 40.28
N LEU J 460 -52.43 -55.14 39.73
CA LEU J 460 -53.30 -55.91 38.85
C LEU J 460 -52.66 -56.16 37.49
N LYS J 461 -51.74 -55.32 37.05
CA LYS J 461 -51.01 -55.64 35.83
C LYS J 461 -49.89 -56.65 36.07
N ILE J 462 -49.46 -56.83 37.31
CA ILE J 462 -48.46 -57.85 37.62
C ILE J 462 -49.13 -59.21 37.83
N LEU J 463 -50.22 -59.24 38.59
CA LEU J 463 -50.88 -60.48 38.97
C LEU J 463 -51.75 -61.08 37.87
N ALA J 464 -51.82 -60.47 36.69
CA ALA J 464 -52.69 -61.00 35.64
C ALA J 464 -52.18 -62.30 35.02
N PRO J 465 -50.87 -62.45 34.60
CA PRO J 465 -50.49 -63.75 34.05
C PRO J 465 -50.23 -64.82 35.09
N ILE J 466 -49.72 -64.43 36.27
CA ILE J 466 -49.24 -65.43 37.21
C ILE J 466 -50.37 -66.07 38.00
N ARG J 467 -51.42 -65.32 38.33
CA ARG J 467 -52.54 -65.87 39.09
C ARG J 467 -53.81 -65.09 38.76
N PRO J 468 -54.58 -65.55 37.78
CA PRO J 468 -55.73 -64.77 37.31
C PRO J 468 -56.92 -64.77 38.25
N ASP J 469 -57.14 -65.87 38.99
CA ASP J 469 -58.32 -66.00 39.84
C ASP J 469 -58.29 -65.03 41.03
N LEU J 470 -57.12 -64.52 41.39
CA LEU J 470 -57.03 -63.48 42.41
C LEU J 470 -57.50 -62.13 41.90
N VAL J 471 -57.48 -61.90 40.59
CA VAL J 471 -57.74 -60.58 40.02
C VAL J 471 -59.19 -60.11 40.15
N PRO J 472 -60.25 -60.87 39.82
CA PRO J 472 -61.61 -60.29 39.91
C PRO J 472 -62.12 -60.13 41.35
N SER J 473 -61.41 -60.65 42.35
CA SER J 473 -61.76 -60.40 43.73
C SER J 473 -61.10 -59.14 44.29
N LEU J 474 -60.26 -58.47 43.50
CA LEU J 474 -59.55 -57.28 43.96
C LEU J 474 -60.14 -55.98 43.43
N VAL J 475 -60.94 -56.02 42.37
CA VAL J 475 -61.46 -54.82 41.74
C VAL J 475 -62.48 -54.02 42.57
N PRO J 476 -63.29 -54.57 43.47
CA PRO J 476 -63.98 -53.66 44.41
C PRO J 476 -63.04 -53.00 45.39
N LEU J 477 -62.00 -53.71 45.84
CA LEU J 477 -61.01 -53.09 46.71
C LEU J 477 -60.15 -52.09 45.95
N MET J 478 -60.01 -52.27 44.63
CA MET J 478 -59.34 -51.26 43.83
C MET J 478 -60.23 -50.04 43.64
N LEU J 479 -61.52 -50.26 43.34
CA LEU J 479 -62.42 -49.16 43.04
C LEU J 479 -62.84 -48.39 44.28
N ASN J 480 -62.69 -48.96 45.47
CA ASN J 480 -62.93 -48.21 46.69
C ASN J 480 -61.86 -47.14 46.92
N ASP J 481 -60.68 -47.31 46.33
CA ASP J 481 -59.57 -46.38 46.49
C ASP J 481 -59.40 -45.47 45.28
N MET J 482 -60.50 -45.06 44.66
CA MET J 482 -60.48 -44.20 43.48
C MET J 482 -61.00 -42.81 43.85
N ASP J 483 -60.29 -41.78 43.39
CA ASP J 483 -60.62 -40.41 43.69
C ASP J 483 -61.55 -39.79 42.64
N SER J 484 -62.11 -40.60 41.78
CA SER J 484 -62.98 -40.12 40.72
C SER J 484 -64.37 -39.76 41.28
N PRO J 485 -65.04 -38.77 40.69
CA PRO J 485 -66.42 -38.46 41.11
C PRO J 485 -67.44 -39.51 40.71
N ILE J 486 -67.10 -40.45 39.82
CA ILE J 486 -68.05 -41.50 39.44
C ILE J 486 -68.00 -42.69 40.38
N THR J 487 -67.24 -42.62 41.47
CA THR J 487 -66.97 -43.78 42.31
C THR J 487 -68.23 -44.24 43.05
N ASN J 488 -69.04 -43.30 43.53
CA ASN J 488 -70.26 -43.65 44.26
C ASN J 488 -71.31 -44.30 43.36
N ASP J 489 -71.21 -44.12 42.05
CA ASP J 489 -72.08 -44.82 41.11
C ASP J 489 -71.54 -46.22 40.79
N VAL J 490 -70.22 -46.34 40.62
CA VAL J 490 -69.60 -47.62 40.28
C VAL J 490 -69.76 -48.61 41.42
N LEU J 491 -69.67 -48.13 42.67
CA LEU J 491 -69.77 -49.03 43.82
C LEU J 491 -71.20 -49.57 43.97
N GLU J 492 -72.22 -48.73 43.77
CA GLU J 492 -73.58 -49.25 43.85
C GLU J 492 -73.93 -50.08 42.62
N ALA J 493 -73.27 -49.84 41.48
CA ALA J 493 -73.44 -50.71 40.33
C ALA J 493 -72.86 -52.10 40.61
N ILE J 494 -71.72 -52.15 41.28
CA ILE J 494 -71.11 -53.43 41.68
C ILE J 494 -72.01 -54.15 42.67
N GLN J 495 -72.58 -53.42 43.63
CA GLN J 495 -73.48 -54.03 44.62
C GLN J 495 -74.75 -54.56 43.97
N ASN J 496 -75.31 -53.83 43.01
CA ASN J 496 -76.50 -54.31 42.31
C ASN J 496 -76.20 -55.52 41.44
N ALA J 497 -75.02 -55.54 40.79
CA ALA J 497 -74.66 -56.69 39.97
C ALA J 497 -74.41 -57.92 40.83
N ASN J 498 -73.78 -57.75 41.99
CA ASN J 498 -73.54 -58.88 42.88
C ASN J 498 -74.85 -59.39 43.48
N ALA J 499 -75.77 -58.48 43.80
CA ALA J 499 -77.07 -58.87 44.31
C ALA J 499 -77.87 -59.64 43.27
N LEU J 500 -77.83 -59.18 42.01
CA LEU J 500 -78.53 -59.88 40.93
C LEU J 500 -77.90 -61.24 40.66
N GLN J 501 -76.57 -61.33 40.75
CA GLN J 501 -75.88 -62.59 40.50
C GLN J 501 -76.19 -63.62 41.58
N GLN J 502 -76.13 -63.21 42.85
CA GLN J 502 -76.46 -64.14 43.92
C GLN J 502 -77.95 -64.46 43.97
N GLN J 503 -78.80 -63.55 43.49
CA GLN J 503 -80.23 -63.81 43.40
C GLN J 503 -80.53 -64.86 42.34
N ASN J 504 -79.89 -64.74 41.17
CA ASN J 504 -80.04 -65.76 40.12
C ASN J 504 -79.45 -67.10 40.56
N ALA J 505 -78.34 -67.07 41.30
CA ALA J 505 -77.74 -68.32 41.76
C ALA J 505 -78.63 -69.04 42.78
N GLU J 506 -79.16 -68.30 43.76
CA GLU J 506 -80.05 -68.92 44.72
C GLU J 506 -81.43 -69.21 44.15
N ALA J 507 -81.78 -68.63 43.01
CA ALA J 507 -83.02 -69.02 42.34
C ALA J 507 -82.85 -70.28 41.50
N ASN J 508 -81.67 -70.49 40.91
CA ASN J 508 -81.45 -71.66 40.06
C ASN J 508 -80.88 -72.86 40.82
N ALA J 509 -80.39 -72.68 42.05
CA ALA J 509 -79.84 -73.77 42.85
C ALA J 509 -80.77 -74.96 43.18
N PRO J 510 -82.09 -74.79 43.41
CA PRO J 510 -82.93 -76.01 43.59
C PRO J 510 -82.98 -76.91 42.37
N TYR J 511 -82.98 -76.34 41.17
CA TYR J 511 -82.92 -77.16 39.96
C TYR J 511 -81.60 -77.91 39.86
N ASN J 512 -80.49 -77.28 40.27
CA ASN J 512 -79.20 -77.92 40.23
C ASN J 512 -79.10 -79.07 41.23
N GLN J 513 -79.59 -78.87 42.46
CA GLN J 513 -79.54 -79.96 43.42
C GLN J 513 -80.54 -81.07 43.07
N GLN J 514 -81.65 -80.72 42.39
CA GLN J 514 -82.57 -81.73 41.89
C GLN J 514 -81.91 -82.60 40.82
N ILE J 515 -81.17 -81.96 39.90
CA ILE J 515 -80.44 -82.70 38.86
C ILE J 515 -79.36 -83.57 39.48
N GLN J 516 -78.69 -83.08 40.53
CA GLN J 516 -77.66 -83.86 41.22
C GLN J 516 -78.24 -85.11 41.88
N ALA J 517 -79.32 -84.95 42.65
CA ALA J 517 -79.96 -86.09 43.30
C ALA J 517 -80.54 -87.07 42.29
N LEU J 518 -81.04 -86.56 41.16
CA LEU J 518 -81.61 -87.43 40.15
C LEU J 518 -80.55 -88.23 39.42
N GLN J 519 -79.38 -87.62 39.19
CA GLN J 519 -78.28 -88.36 38.58
C GLN J 519 -77.72 -89.41 39.55
N ILE J 520 -77.71 -89.09 40.85
CA ILE J 520 -77.30 -90.05 41.87
C ILE J 520 -78.25 -91.26 41.88
N GLN J 521 -79.55 -90.98 41.80
CA GLN J 521 -80.54 -92.07 41.76
C GLN J 521 -80.43 -92.89 40.48
N LYS J 522 -80.09 -92.26 39.35
CA LYS J 522 -79.88 -93.00 38.11
C LYS J 522 -78.66 -93.91 38.21
N LEU J 523 -77.58 -93.40 38.77
CA LEU J 523 -76.38 -94.21 38.89
C LEU J 523 -76.53 -95.32 39.92
N GLN J 524 -77.42 -95.16 40.91
CA GLN J 524 -77.75 -96.26 41.82
C GLN J 524 -78.68 -97.28 41.16
N ALA J 525 -79.59 -96.80 40.32
CA ALA J 525 -80.49 -97.71 39.59
C ALA J 525 -79.70 -98.59 38.63
N GLU J 526 -78.61 -98.07 38.07
CA GLU J 526 -77.72 -98.91 37.26
C GLU J 526 -77.06 -100.01 38.08
N ILE J 527 -76.71 -99.70 39.34
CA ILE J 527 -76.13 -100.71 40.24
C ILE J 527 -77.11 -101.84 40.48
N MET J 528 -78.34 -101.50 40.88
CA MET J 528 -79.31 -102.54 41.21
C MET J 528 -79.76 -103.29 39.94
N GLU J 529 -79.74 -102.62 38.78
CA GLU J 529 -80.09 -103.30 37.53
C GLU J 529 -79.05 -104.34 37.16
N LEU J 530 -77.76 -103.96 37.19
CA LEU J 530 -76.72 -104.91 36.83
C LEU J 530 -76.57 -106.03 37.86
N GLN J 531 -76.81 -105.73 39.14
CA GLN J 531 -76.77 -106.78 40.16
C GLN J 531 -77.92 -107.76 39.99
N ALA J 532 -79.10 -107.27 39.61
CA ALA J 532 -80.22 -108.17 39.37
C ALA J 532 -80.00 -109.03 38.13
N LYS J 533 -79.38 -108.45 37.08
CA LYS J 533 -79.05 -109.22 35.90
C LYS J 533 -78.02 -110.31 36.21
N ALA J 534 -77.01 -109.98 37.01
CA ALA J 534 -76.02 -110.98 37.42
C ALA J 534 -76.66 -112.07 38.27
N HIS J 535 -77.60 -111.71 39.14
CA HIS J 535 -78.27 -112.71 39.97
C HIS J 535 -79.12 -113.65 39.13
N LYS J 536 -79.90 -113.10 38.17
CA LYS J 536 -80.75 -113.97 37.37
C LYS J 536 -79.94 -114.83 36.40
N TYR J 537 -78.79 -114.33 35.93
CA TYR J 537 -77.95 -115.15 35.06
C TYR J 537 -77.27 -116.27 35.85
N ALA J 538 -76.87 -115.98 37.09
CA ALA J 538 -76.27 -117.02 37.93
C ALA J 538 -77.29 -118.10 38.30
N GLU J 539 -78.53 -117.71 38.58
CA GLU J 539 -79.53 -118.72 38.90
C GLU J 539 -79.96 -119.50 37.65
N GLN J 540 -79.91 -118.87 36.47
CA GLN J 540 -80.15 -119.62 35.25
C GLN J 540 -79.04 -120.63 34.98
N GLY J 541 -77.79 -120.26 35.30
CA GLY J 541 -76.70 -121.21 35.17
C GLY J 541 -76.80 -122.37 36.15
N ALA J 542 -77.27 -122.09 37.37
CA ALA J 542 -77.48 -123.16 38.35
C ALA J 542 -78.62 -124.07 37.93
N LEU J 543 -79.68 -123.51 37.35
CA LEU J 543 -80.77 -124.32 36.81
C LEU J 543 -80.30 -125.20 35.67
N SER J 544 -79.43 -124.67 34.81
CA SER J 544 -78.87 -125.45 33.71
C SER J 544 -77.97 -126.57 34.23
N GLN J 545 -77.23 -126.30 35.31
CA GLN J 545 -76.41 -127.33 35.95
C GLN J 545 -77.27 -128.45 36.53
N THR J 546 -78.39 -128.09 37.15
CA THR J 546 -79.25 -129.11 37.76
C THR J 546 -79.96 -129.95 36.70
N THR J 547 -80.41 -129.33 35.61
CA THR J 547 -81.07 -130.15 34.59
C THR J 547 -80.05 -130.95 33.78
N ASN J 548 -78.79 -130.49 33.71
CA ASN J 548 -77.70 -131.31 33.19
C ASN J 548 -77.48 -132.54 34.06
N GLU J 549 -77.54 -132.37 35.38
CA GLU J 549 -77.39 -133.48 36.30
C GLU J 549 -78.55 -134.47 36.18
N SER J 550 -79.77 -133.97 35.95
CA SER J 550 -80.91 -134.88 35.81
C SER J 550 -80.86 -135.64 34.49
N GLU J 551 -80.40 -134.99 33.42
CA GLU J 551 -80.21 -135.70 32.15
C GLU J 551 -79.08 -136.74 32.27
N LYS J 552 -78.06 -136.44 33.08
CA LYS J 552 -77.01 -137.42 33.34
C LYS J 552 -77.53 -138.62 34.11
N ILE J 553 -78.42 -138.39 35.08
CA ILE J 553 -79.02 -139.50 35.83
C ILE J 553 -79.95 -140.30 34.94
N ASN J 554 -80.66 -139.63 34.01
CA ASN J 554 -81.49 -140.33 33.04
C ASN J 554 -80.66 -141.21 32.12
N GLN J 555 -79.48 -140.75 31.71
CA GLN J 555 -78.58 -141.59 30.93
C GLN J 555 -78.02 -142.74 31.75
N ALA J 556 -77.67 -142.47 33.01
CA ALA J 556 -77.08 -143.50 33.87
C ALA J 556 -78.09 -144.57 34.27
N VAL J 557 -79.39 -144.28 34.19
CA VAL J 557 -80.37 -145.35 34.34
C VAL J 557 -80.83 -145.92 33.00
N ALA J 558 -80.66 -145.18 31.90
CA ALA J 558 -81.03 -145.73 30.59
C ALA J 558 -80.00 -146.73 30.11
N ILE J 559 -78.75 -146.61 30.55
CA ILE J 559 -77.74 -147.60 30.19
C ILE J 559 -78.03 -148.94 30.89
N THR J 560 -78.67 -148.91 32.07
CA THR J 560 -79.05 -150.15 32.72
C THR J 560 -80.42 -150.64 32.28
N GLU J 561 -81.29 -149.74 31.81
CA GLU J 561 -82.53 -150.20 31.18
C GLU J 561 -82.26 -150.83 29.82
N MET J 562 -81.18 -150.42 29.15
CA MET J 562 -80.78 -151.09 27.92
C MET J 562 -80.24 -152.49 28.21
N GLN J 563 -79.31 -152.59 29.16
CA GLN J 563 -78.76 -153.88 29.57
C GLN J 563 -79.32 -154.30 30.92
N MET K 1 0.53 -45.16 79.71
CA MET K 1 -0.37 -45.54 80.78
C MET K 1 -0.42 -44.49 81.88
N ASP K 2 0.61 -43.65 81.95
CA ASP K 2 0.60 -42.45 82.76
C ASP K 2 0.79 -41.24 81.86
N PHE K 3 0.87 -40.07 82.50
CA PHE K 3 0.82 -38.79 81.77
C PHE K 3 2.08 -38.55 80.95
N THR K 4 3.21 -39.12 81.36
CA THR K 4 4.49 -38.80 80.73
C THR K 4 4.58 -39.35 79.32
N THR K 5 4.36 -40.66 79.15
CA THR K 5 4.44 -41.22 77.81
C THR K 5 3.26 -40.81 76.95
N LEU K 6 2.11 -40.52 77.57
CA LEU K 6 0.97 -40.01 76.81
C LEU K 6 1.29 -38.64 76.21
N GLN K 7 1.90 -37.75 76.99
CA GLN K 7 2.28 -36.44 76.48
C GLN K 7 3.39 -36.53 75.45
N ASN K 8 4.38 -37.41 75.70
CA ASN K 8 5.50 -37.52 74.77
C ASN K 8 5.07 -38.14 73.43
N ASP K 9 4.25 -39.19 73.47
CA ASP K 9 3.78 -39.79 72.23
C ASP K 9 2.76 -38.91 71.53
N PHE K 10 1.98 -38.12 72.26
CA PHE K 10 1.10 -37.16 71.59
C PHE K 10 1.90 -36.06 70.90
N THR K 11 3.01 -35.63 71.53
CA THR K 11 3.87 -34.63 70.90
C THR K 11 4.54 -35.20 69.65
N ASN K 12 5.03 -36.44 69.72
CA ASN K 12 5.67 -37.07 68.57
C ASN K 12 4.68 -37.32 67.44
N ASP K 13 3.43 -37.63 67.79
CA ASP K 13 2.45 -37.88 66.74
C ASP K 13 1.91 -36.57 66.16
N TYR K 14 1.82 -35.51 66.97
CA TYR K 14 1.26 -34.25 66.48
C TYR K 14 2.27 -33.48 65.65
N GLN K 15 3.56 -33.54 66.01
CA GLN K 15 4.55 -32.80 65.25
C GLN K 15 4.84 -33.46 63.90
N LYS K 16 4.71 -34.78 63.82
CA LYS K 16 4.93 -35.48 62.56
C LYS K 16 3.69 -35.52 61.67
N ALA K 17 2.56 -35.00 62.15
CA ALA K 17 1.34 -34.92 61.36
C ALA K 17 0.87 -33.48 61.19
N LEU K 18 1.75 -32.51 61.42
CA LEU K 18 1.37 -31.11 61.28
C LEU K 18 1.44 -30.64 59.84
N ILE K 19 2.38 -31.19 59.07
CA ILE K 19 2.55 -30.77 57.67
C ILE K 19 1.41 -31.26 56.80
N ALA K 20 0.70 -32.31 57.22
CA ALA K 20 -0.46 -32.78 56.49
C ALA K 20 -1.75 -32.15 56.98
N ASN K 21 -1.85 -31.85 58.28
CA ASN K 21 -3.02 -31.15 58.79
C ASN K 21 -3.05 -29.70 58.31
N ASN K 22 -1.90 -29.09 58.11
CA ASN K 22 -1.85 -27.75 57.54
C ASN K 22 -2.34 -27.75 56.10
N GLU K 23 -1.98 -28.78 55.33
CA GLU K 23 -2.48 -28.88 53.97
C GLU K 23 -3.96 -29.23 53.93
N PHE K 24 -4.45 -29.99 54.93
CA PHE K 24 -5.87 -30.25 55.04
C PHE K 24 -6.66 -28.97 55.30
N LEU K 25 -6.16 -28.13 56.23
CA LEU K 25 -6.83 -26.87 56.52
C LEU K 25 -6.72 -25.89 55.34
N GLU K 26 -5.60 -25.91 54.61
CA GLU K 26 -5.50 -25.15 53.37
C GLU K 26 -6.53 -25.61 52.34
N ALA K 27 -6.73 -26.93 52.22
CA ALA K 27 -7.68 -27.46 51.26
C ALA K 27 -9.11 -27.11 51.64
N LYS K 28 -9.42 -27.14 52.94
CA LYS K 28 -10.75 -26.75 53.39
C LYS K 28 -10.98 -25.26 53.27
N LYS K 29 -9.92 -24.45 53.36
CA LYS K 29 -10.07 -23.02 53.12
C LYS K 29 -10.25 -22.72 51.64
N TYR K 30 -9.54 -23.44 50.77
CA TYR K 30 -9.71 -23.26 49.34
C TYR K 30 -11.07 -23.73 48.87
N TYR K 31 -11.63 -24.74 49.54
CA TYR K 31 -12.97 -25.22 49.18
C TYR K 31 -14.05 -24.21 49.56
N ASN K 32 -13.81 -23.40 50.58
CA ASN K 32 -14.81 -22.47 51.10
C ASN K 32 -14.54 -21.03 50.68
N GLY K 33 -13.98 -20.83 49.48
CA GLY K 33 -13.82 -19.51 48.90
C GLY K 33 -12.51 -18.82 49.22
N ASN K 34 -11.88 -19.15 50.34
CA ASN K 34 -10.63 -18.49 50.71
C ASN K 34 -9.48 -18.99 49.86
N GLN K 35 -9.33 -18.45 48.66
CA GLN K 35 -8.34 -18.93 47.71
C GLN K 35 -7.20 -17.97 47.46
N LEU K 36 -7.35 -16.70 47.84
CA LEU K 36 -6.25 -15.80 47.55
C LEU K 36 -5.38 -15.59 48.78
N PRO K 37 -4.06 -15.45 48.59
CA PRO K 37 -3.18 -15.16 49.74
C PRO K 37 -3.36 -13.74 50.25
N GLN K 38 -2.68 -13.41 51.35
CA GLN K 38 -2.86 -12.10 51.96
C GLN K 38 -2.16 -11.01 51.15
N ASP K 39 -0.97 -11.31 50.63
CA ASP K 39 -0.23 -10.31 49.86
C ASP K 39 -0.88 -10.05 48.51
N VAL K 40 -1.46 -11.09 47.89
CA VAL K 40 -2.17 -10.90 46.63
C VAL K 40 -3.45 -10.09 46.85
N LEU K 41 -4.13 -10.33 47.98
CA LEU K 41 -5.31 -9.54 48.33
C LEU K 41 -4.94 -8.09 48.58
N ASN K 42 -3.79 -7.84 49.22
CA ASN K 42 -3.34 -6.48 49.46
C ASN K 42 -2.96 -5.78 48.15
N ILE K 43 -2.29 -6.51 47.24
CA ILE K 43 -1.89 -5.94 45.95
C ILE K 43 -3.13 -5.61 45.12
N ILE K 44 -4.16 -6.45 45.19
CA ILE K 44 -5.40 -6.17 44.47
C ILE K 44 -6.13 -4.97 45.09
N LEU K 45 -6.20 -4.91 46.42
CA LEU K 45 -6.96 -3.86 47.08
C LEU K 45 -6.24 -2.51 47.09
N GLU K 46 -4.93 -2.49 46.87
CA GLU K 46 -4.23 -1.21 46.78
C GLU K 46 -4.48 -0.51 45.46
N ARG K 47 -4.84 -1.25 44.42
CA ARG K 47 -5.20 -0.65 43.13
C ARG K 47 -6.67 -0.27 43.04
N GLY K 48 -7.44 -0.44 44.11
CA GLY K 48 -8.86 -0.17 44.06
C GLY K 48 -9.64 -1.18 43.27
N GLN K 49 -9.11 -2.40 43.14
CA GLN K 49 -9.74 -3.46 42.36
C GLN K 49 -10.48 -4.41 43.29
N THR K 50 -11.62 -4.90 42.84
CA THR K 50 -12.35 -5.90 43.59
C THR K 50 -11.81 -7.29 43.28
N PRO K 51 -11.32 -8.04 44.27
CA PRO K 51 -10.77 -9.37 43.99
C PRO K 51 -11.87 -10.37 43.65
N ILE K 52 -11.80 -10.92 42.45
CA ILE K 52 -12.76 -11.92 41.99
C ILE K 52 -12.13 -13.30 42.13
N ILE K 53 -12.83 -14.19 42.81
CA ILE K 53 -12.34 -15.54 43.08
C ILE K 53 -13.25 -16.51 42.35
N GLU K 54 -12.69 -17.21 41.37
CA GLU K 54 -13.42 -18.22 40.61
C GLU K 54 -13.21 -19.55 41.31
N ASN K 55 -14.23 -20.02 42.02
CA ASN K 55 -14.14 -21.28 42.77
C ASN K 55 -14.48 -22.44 41.84
N MET K 56 -13.57 -22.68 40.90
CA MET K 56 -13.80 -23.60 39.81
C MET K 56 -13.68 -25.06 40.24
N PHE K 57 -13.03 -25.35 41.36
CA PHE K 57 -12.93 -26.73 41.81
C PHE K 57 -13.95 -27.10 42.87
N LYS K 58 -14.71 -26.13 43.40
CA LYS K 58 -15.81 -26.47 44.29
C LYS K 58 -16.91 -27.19 43.53
N VAL K 59 -17.14 -26.81 42.27
CA VAL K 59 -18.16 -27.48 41.48
C VAL K 59 -17.69 -28.87 41.05
N ILE K 60 -16.37 -29.07 40.94
CA ILE K 60 -15.83 -30.39 40.62
C ILE K 60 -16.07 -31.36 41.78
N VAL K 61 -15.72 -30.92 43.00
CA VAL K 61 -15.95 -31.72 44.19
C VAL K 61 -17.44 -31.93 44.41
N ASN K 62 -18.25 -30.91 44.10
CA ASN K 62 -19.70 -31.05 44.22
C ASN K 62 -20.26 -32.04 43.22
N LYS K 63 -19.66 -32.14 42.02
CA LYS K 63 -20.10 -33.12 41.04
C LYS K 63 -19.74 -34.54 41.46
N ILE K 64 -18.53 -34.74 41.98
CA ILE K 64 -18.12 -36.07 42.43
C ILE K 64 -18.93 -36.50 43.66
N LEU K 65 -19.15 -35.57 44.59
CA LEU K 65 -19.97 -35.89 45.76
C LEU K 65 -21.44 -36.04 45.40
N GLY K 66 -21.90 -35.39 44.33
CA GLY K 66 -23.24 -35.62 43.86
C GLY K 66 -23.41 -36.97 43.21
N TYR K 67 -22.34 -37.49 42.60
CA TYR K 67 -22.36 -38.88 42.18
C TYR K 67 -22.37 -39.80 43.39
N LYS K 68 -21.64 -39.46 44.44
CA LYS K 68 -21.55 -40.35 45.60
C LYS K 68 -22.75 -40.29 46.52
N ILE K 69 -23.55 -39.22 46.46
CA ILE K 69 -24.71 -39.09 47.34
C ILE K 69 -25.76 -40.13 47.01
N GLU K 70 -26.04 -40.30 45.73
CA GLU K 70 -27.07 -41.25 45.32
C GLU K 70 -26.51 -42.66 45.15
N SER K 71 -25.21 -42.80 44.97
CA SER K 71 -24.56 -44.12 44.99
C SER K 71 -23.97 -44.42 46.36
N ILE K 72 -24.76 -44.31 47.41
CA ILE K 72 -24.32 -44.68 48.76
C ILE K 72 -24.31 -46.21 48.84
N SER K 73 -23.16 -46.77 49.19
CA SER K 73 -22.98 -48.20 49.20
C SER K 73 -23.24 -48.75 50.59
N GLU K 74 -24.06 -49.79 50.66
CA GLU K 74 -24.20 -50.61 51.84
C GLU K 74 -23.49 -51.94 51.60
N ILE K 75 -23.30 -52.68 52.68
CA ILE K 75 -22.66 -53.99 52.62
C ILE K 75 -23.68 -55.02 53.07
N ARG K 76 -23.98 -55.96 52.19
CA ARG K 76 -24.80 -57.10 52.54
C ARG K 76 -23.90 -58.31 52.80
N LEU K 77 -24.43 -59.26 53.56
CA LEU K 77 -23.69 -60.44 53.96
C LEU K 77 -24.23 -61.66 53.24
N SER K 78 -23.33 -62.52 52.79
CA SER K 78 -23.67 -63.73 52.07
C SER K 78 -23.13 -64.94 52.81
N PRO K 79 -23.84 -66.06 52.79
CA PRO K 79 -23.33 -67.25 53.48
C PRO K 79 -22.19 -67.92 52.72
N LYS K 80 -21.20 -68.39 53.46
CA LYS K 80 -20.15 -69.20 52.87
C LYS K 80 -20.64 -70.64 52.63
N GLN K 81 -21.08 -71.30 53.69
CA GLN K 81 -21.70 -72.61 53.58
C GLN K 81 -23.21 -72.45 53.40
N GLU K 82 -23.91 -73.57 53.23
CA GLU K 82 -25.36 -73.54 53.11
C GLU K 82 -26.05 -73.31 54.45
N GLU K 83 -25.41 -73.70 55.55
CA GLU K 83 -26.01 -73.54 56.87
C GLU K 83 -25.85 -72.14 57.44
N ASP K 84 -25.00 -71.31 56.85
CA ASP K 84 -24.77 -69.96 57.33
C ASP K 84 -25.84 -68.99 56.87
N ARG K 85 -26.72 -69.40 55.95
CA ARG K 85 -27.71 -68.51 55.37
C ARG K 85 -28.69 -67.98 56.42
N ALA K 86 -29.14 -68.87 57.32
CA ALA K 86 -30.01 -68.47 58.42
C ALA K 86 -29.29 -67.52 59.37
N LEU K 87 -27.95 -67.56 59.41
CA LEU K 87 -27.23 -66.51 60.09
C LEU K 87 -27.27 -65.21 59.29
N SER K 88 -26.92 -65.29 57.99
CA SER K 88 -26.66 -64.09 57.20
C SER K 88 -27.93 -63.29 56.95
N ASP K 89 -29.02 -63.99 56.59
CA ASP K 89 -30.32 -63.34 56.45
C ASP K 89 -30.84 -62.81 57.78
N LEU K 90 -30.34 -63.33 58.90
CA LEU K 90 -30.58 -62.68 60.17
C LEU K 90 -29.82 -61.36 60.25
N LEU K 91 -28.50 -61.40 59.98
CA LEU K 91 -27.65 -60.24 60.21
C LEU K 91 -27.92 -59.12 59.22
N ASN K 92 -28.31 -59.45 57.99
CA ASN K 92 -28.74 -58.44 57.04
C ASN K 92 -30.02 -57.76 57.51
N SER K 93 -30.85 -58.45 58.29
CA SER K 93 -32.00 -57.80 58.90
C SER K 93 -31.59 -56.96 60.10
N LEU K 94 -30.45 -57.28 60.73
CA LEU K 94 -30.02 -56.51 61.89
C LEU K 94 -29.16 -55.33 61.52
N LEU K 95 -28.59 -55.32 60.32
CA LEU K 95 -27.83 -54.18 59.85
C LEU K 95 -28.72 -53.06 59.32
N GLN K 96 -30.02 -53.32 59.15
CA GLN K 96 -30.91 -52.30 58.60
C GLN K 96 -31.16 -51.18 59.61
N VAL K 97 -31.15 -51.49 60.91
CA VAL K 97 -31.24 -50.43 61.90
C VAL K 97 -29.95 -49.64 62.03
N PHE K 98 -28.84 -50.17 61.51
CA PHE K 98 -27.61 -49.41 61.36
C PHE K 98 -27.58 -48.66 60.04
N ILE K 99 -28.29 -49.16 59.02
CA ILE K 99 -28.30 -48.51 57.72
C ILE K 99 -29.25 -47.32 57.72
N GLN K 100 -30.51 -47.53 58.11
CA GLN K 100 -31.54 -46.52 57.96
C GLN K 100 -31.64 -45.59 59.16
N GLN K 101 -30.59 -45.47 59.96
CA GLN K 101 -30.54 -44.41 60.95
C GLN K 101 -30.21 -43.09 60.29
N GLU K 102 -30.42 -42.00 61.03
CA GLU K 102 -30.26 -40.67 60.45
C GLU K 102 -28.81 -40.28 60.25
N ASN K 103 -27.91 -40.77 61.10
CA ASN K 103 -26.51 -40.36 61.07
C ASN K 103 -25.71 -41.04 59.96
N TYR K 104 -26.27 -42.08 59.32
CA TYR K 104 -25.49 -42.89 58.38
C TYR K 104 -25.12 -42.10 57.13
N ASP K 105 -26.11 -41.49 56.49
CA ASP K 105 -25.86 -40.73 55.27
C ASP K 105 -25.02 -39.49 55.53
N LYS K 106 -25.23 -38.85 56.68
CA LYS K 106 -24.43 -37.69 57.07
C LYS K 106 -22.97 -38.06 57.26
N SER K 107 -22.72 -39.18 57.96
CA SER K 107 -21.36 -39.63 58.20
C SER K 107 -20.69 -40.07 56.91
N MET K 108 -21.45 -40.70 56.01
CA MET K 108 -20.85 -41.16 54.75
C MET K 108 -20.52 -39.97 53.84
N ILE K 109 -21.38 -38.95 53.79
CA ILE K 109 -21.11 -37.82 52.91
C ILE K 109 -20.01 -36.95 53.48
N GLU K 110 -19.96 -36.79 54.81
CA GLU K 110 -18.82 -36.13 55.45
C GLU K 110 -17.52 -36.89 55.23
N ARG K 111 -17.59 -38.23 55.24
CA ARG K 111 -16.44 -39.07 54.97
C ARG K 111 -15.91 -38.86 53.55
N ASP K 112 -16.83 -38.86 52.57
CA ASP K 112 -16.41 -38.68 51.19
C ASP K 112 -15.89 -37.27 50.92
N LYS K 113 -16.47 -36.27 51.59
CA LYS K 113 -15.96 -34.91 51.45
C LYS K 113 -14.57 -34.78 52.05
N ASN K 114 -14.33 -35.43 53.20
CA ASN K 114 -13.00 -35.39 53.79
C ASN K 114 -11.99 -36.21 52.99
N LEU K 115 -12.43 -37.30 52.35
CA LEU K 115 -11.54 -38.08 51.52
C LEU K 115 -11.23 -37.41 50.20
N LEU K 116 -12.11 -36.54 49.73
CA LEU K 116 -11.87 -35.87 48.45
C LEU K 116 -11.13 -34.56 48.61
N ILE K 117 -11.52 -33.74 49.58
CA ILE K 117 -10.84 -32.47 49.82
C ILE K 117 -9.44 -32.70 50.35
N GLY K 118 -9.33 -33.40 51.47
CA GLY K 118 -8.07 -33.86 51.99
C GLY K 118 -7.80 -35.30 51.64
N GLY K 119 -7.07 -35.98 52.50
CA GLY K 119 -6.75 -37.37 52.25
C GLY K 119 -7.35 -38.33 53.26
N LEU K 120 -7.78 -37.81 54.41
CA LEU K 120 -8.24 -38.64 55.52
C LEU K 120 -9.74 -38.86 55.47
N GLY K 121 -10.16 -40.04 55.88
CA GLY K 121 -11.55 -40.29 56.21
C GLY K 121 -11.63 -41.07 57.50
N VAL K 122 -12.28 -40.50 58.51
CA VAL K 122 -12.35 -41.09 59.85
C VAL K 122 -13.82 -41.23 60.24
N ILE K 123 -14.24 -42.46 60.54
CA ILE K 123 -15.59 -42.73 61.00
C ILE K 123 -15.51 -43.57 62.27
N GLN K 124 -16.14 -43.10 63.34
CA GLN K 124 -16.18 -43.84 64.59
C GLN K 124 -17.55 -44.44 64.81
N LEU K 125 -17.57 -45.53 65.57
CA LEU K 125 -18.79 -46.25 65.91
C LEU K 125 -18.92 -46.33 67.43
N TRP K 126 -20.16 -46.45 67.89
CA TRP K 126 -20.42 -46.52 69.32
C TRP K 126 -21.59 -47.46 69.57
N VAL K 127 -21.65 -47.99 70.79
CA VAL K 127 -22.56 -49.08 71.13
C VAL K 127 -23.47 -48.59 72.26
N SER K 128 -23.92 -47.33 72.17
CA SER K 128 -24.72 -46.71 73.22
C SER K 128 -26.06 -47.43 73.43
N GLN K 129 -26.46 -47.51 74.69
CA GLN K 129 -27.67 -48.20 75.13
C GLN K 129 -28.40 -47.29 76.11
N ASP K 130 -29.55 -46.75 75.71
CA ASP K 130 -30.06 -45.55 76.38
C ASP K 130 -30.81 -45.86 77.67
N LYS K 131 -32.02 -46.41 77.59
CA LYS K 131 -32.80 -46.65 78.80
C LYS K 131 -33.57 -47.96 78.82
N ASP K 132 -34.01 -48.49 77.69
CA ASP K 132 -34.98 -49.58 77.65
C ASP K 132 -34.39 -50.84 77.02
N LYS K 133 -33.16 -51.16 77.44
CA LYS K 133 -32.38 -52.31 76.95
C LYS K 133 -32.19 -52.27 75.43
N ASN K 134 -32.09 -51.07 74.86
CA ASN K 134 -32.06 -50.87 73.41
C ASN K 134 -30.62 -50.54 73.01
N VAL K 135 -29.90 -51.57 72.58
CA VAL K 135 -28.52 -51.38 72.13
C VAL K 135 -28.54 -50.86 70.70
N GLU K 136 -27.79 -49.78 70.45
CA GLU K 136 -27.75 -49.15 69.15
C GLU K 136 -26.30 -48.86 68.78
N ILE K 137 -26.03 -48.89 67.47
CA ILE K 137 -24.71 -48.64 66.93
C ILE K 137 -24.74 -47.25 66.32
N GLU K 138 -24.28 -46.26 67.07
CA GLU K 138 -24.14 -44.92 66.53
C GLU K 138 -22.93 -44.85 65.60
N ILE K 139 -23.02 -43.99 64.60
CA ILE K 139 -21.95 -43.76 63.64
C ILE K 139 -21.73 -42.26 63.54
N LYS K 140 -20.47 -41.83 63.59
CA LYS K 140 -20.15 -40.41 63.52
C LYS K 140 -18.88 -40.20 62.73
N ALA K 141 -18.94 -39.34 61.73
CA ALA K 141 -17.73 -38.95 61.00
C ALA K 141 -16.97 -37.90 61.79
N ILE K 142 -15.67 -38.11 61.96
CA ILE K 142 -14.83 -37.23 62.75
C ILE K 142 -14.13 -36.25 61.83
N LYS K 143 -14.08 -34.98 62.24
CA LYS K 143 -13.30 -33.97 61.54
C LYS K 143 -11.83 -34.36 61.55
N PRO K 144 -11.19 -34.51 60.39
CA PRO K 144 -9.84 -35.10 60.36
C PRO K 144 -8.75 -34.18 60.87
N GLU K 145 -8.99 -32.87 60.96
CA GLU K 145 -7.96 -32.01 61.50
C GLU K 145 -7.84 -32.14 63.02
N SER K 146 -8.92 -32.52 63.68
CA SER K 146 -8.88 -32.83 65.11
C SER K 146 -8.73 -34.33 65.34
N PHE K 147 -7.75 -34.94 64.67
CA PHE K 147 -7.53 -36.38 64.77
C PHE K 147 -6.09 -36.66 64.42
N VAL K 148 -5.34 -37.23 65.36
CA VAL K 148 -3.91 -37.49 65.20
C VAL K 148 -3.70 -38.99 65.17
N ILE K 149 -3.02 -39.46 64.12
CA ILE K 149 -2.72 -40.87 63.96
C ILE K 149 -1.29 -41.08 64.45
N ASP K 150 -0.96 -42.33 64.80
CA ASP K 150 0.41 -42.70 65.12
C ASP K 150 1.32 -42.48 63.92
N TYR K 151 2.46 -41.85 64.16
CA TYR K 151 3.39 -41.52 63.08
C TYR K 151 4.10 -42.74 62.52
N PHE K 152 4.08 -43.87 63.24
CA PHE K 152 4.77 -45.06 62.77
C PHE K 152 3.99 -45.82 61.70
N SER K 153 2.68 -45.59 61.59
CA SER K 153 1.87 -46.26 60.58
C SER K 153 2.11 -45.61 59.23
N THR K 154 2.53 -46.40 58.25
CA THR K 154 2.85 -45.90 56.93
C THR K 154 1.78 -46.16 55.89
N ASP K 155 0.98 -47.20 56.04
CA ASP K 155 0.08 -47.63 54.99
C ASP K 155 -1.24 -46.88 55.05
N LYS K 156 -2.02 -47.00 53.97
CA LYS K 156 -3.40 -46.56 54.02
C LYS K 156 -4.21 -47.52 54.90
N ASN K 157 -5.37 -47.02 55.34
CA ASN K 157 -6.33 -47.61 56.29
C ASN K 157 -5.81 -47.68 57.73
N ALA K 158 -4.55 -47.32 57.99
CA ALA K 158 -3.97 -47.14 59.33
C ALA K 158 -4.09 -48.38 60.21
N LEU K 159 -3.87 -49.56 59.61
CA LEU K 159 -4.11 -50.79 60.35
C LEU K 159 -2.98 -51.11 61.32
N ASP K 160 -1.74 -50.77 61.00
CA ASP K 160 -0.63 -50.99 61.94
C ASP K 160 -0.36 -49.75 62.79
N ALA K 161 -1.42 -49.19 63.37
CA ALA K 161 -1.32 -48.02 64.21
C ALA K 161 -1.53 -48.42 65.66
N ARG K 162 -0.71 -47.85 66.54
CA ARG K 162 -0.75 -48.21 67.95
C ARG K 162 -1.55 -47.23 68.79
N ARG K 163 -1.84 -46.04 68.27
CA ARG K 163 -2.58 -45.04 69.04
C ARG K 163 -3.29 -44.08 68.09
N PHE K 164 -4.47 -43.65 68.52
CA PHE K 164 -5.23 -42.61 67.84
C PHE K 164 -5.61 -41.55 68.84
N HIS K 165 -5.31 -40.29 68.55
CA HIS K 165 -5.65 -39.18 69.41
C HIS K 165 -6.69 -38.30 68.73
N LYS K 166 -7.68 -37.85 69.51
CA LYS K 166 -8.63 -36.85 69.03
C LYS K 166 -8.73 -35.73 70.06
N MET K 167 -8.57 -34.50 69.60
CA MET K 167 -8.57 -33.32 70.45
C MET K 167 -9.95 -32.70 70.41
N LEU K 168 -10.70 -32.81 71.50
CA LEU K 168 -12.09 -32.41 71.55
C LEU K 168 -12.30 -31.17 72.39
N GLU K 169 -13.22 -30.33 71.95
CA GLU K 169 -13.84 -29.33 72.79
C GLU K 169 -15.00 -29.99 73.54
N VAL K 170 -15.09 -29.75 74.84
CA VAL K 170 -16.13 -30.33 75.69
C VAL K 170 -16.70 -29.21 76.55
N SER K 171 -18.03 -29.09 76.56
CA SER K 171 -18.69 -28.13 77.42
C SER K 171 -18.64 -28.60 78.88
N GLU K 172 -19.12 -27.74 79.78
CA GLU K 172 -18.95 -27.99 81.21
C GLU K 172 -19.85 -29.12 81.69
N GLN K 173 -21.15 -29.05 81.36
CA GLN K 173 -22.08 -30.08 81.83
C GLN K 173 -21.87 -31.39 81.10
N GLU K 174 -21.39 -31.35 79.85
CA GLU K 174 -21.00 -32.58 79.18
C GLU K 174 -19.76 -33.20 79.81
N ALA K 175 -18.87 -32.37 80.37
CA ALA K 175 -17.74 -32.90 81.11
C ALA K 175 -18.17 -33.46 82.46
N LEU K 176 -19.22 -32.88 83.06
CA LEU K 176 -19.77 -33.45 84.30
C LEU K 176 -20.45 -34.78 84.03
N LEU K 177 -21.14 -34.91 82.89
CA LEU K 177 -21.76 -36.18 82.55
C LEU K 177 -20.74 -37.21 82.10
N LEU K 178 -19.62 -36.75 81.54
CA LEU K 178 -18.62 -37.68 81.02
C LEU K 178 -17.84 -38.33 82.15
N PHE K 179 -17.55 -37.58 83.20
CA PHE K 179 -16.96 -38.14 84.41
C PHE K 179 -17.35 -37.24 85.58
N GLY K 180 -17.46 -37.84 86.76
CA GLY K 180 -17.98 -37.17 87.93
C GLY K 180 -17.05 -36.09 88.47
N ASP K 181 -17.57 -35.37 89.45
CA ASP K 181 -16.88 -34.22 90.02
C ASP K 181 -15.75 -34.58 90.98
N SER K 182 -15.47 -35.87 91.18
CA SER K 182 -14.41 -36.27 92.10
C SER K 182 -13.03 -35.97 91.55
N VAL K 183 -12.87 -35.89 90.23
CA VAL K 183 -11.59 -35.60 89.62
C VAL K 183 -11.62 -34.16 89.12
N ILE K 184 -10.44 -33.53 89.11
CA ILE K 184 -10.31 -32.10 88.88
C ILE K 184 -10.21 -31.84 87.38
N VAL K 185 -11.00 -30.88 86.89
CA VAL K 185 -11.07 -30.54 85.48
C VAL K 185 -10.41 -29.19 85.28
N ASN K 186 -9.55 -29.09 84.27
CA ASN K 186 -8.91 -27.83 83.90
C ASN K 186 -9.74 -27.15 82.82
N TYR K 187 -10.66 -26.29 83.24
CA TYR K 187 -11.53 -25.60 82.32
C TYR K 187 -10.83 -24.41 81.67
N SER K 188 -11.50 -23.84 80.67
CA SER K 188 -11.08 -22.58 80.08
C SER K 188 -12.01 -21.47 80.56
N ASN K 189 -11.78 -20.27 80.04
CA ASN K 189 -12.63 -19.11 80.34
C ASN K 189 -12.83 -18.27 79.09
N VAL K 190 -13.21 -18.92 77.99
CA VAL K 190 -13.08 -18.32 76.66
C VAL K 190 -14.02 -17.12 76.48
N ASN K 191 -15.31 -17.26 76.82
CA ASN K 191 -16.13 -16.08 77.06
C ASN K 191 -16.76 -16.09 78.45
N HIS K 192 -17.66 -17.03 78.73
CA HIS K 192 -18.26 -17.13 80.06
C HIS K 192 -18.60 -18.56 80.49
N GLU K 193 -18.29 -19.58 79.70
CA GLU K 193 -19.00 -20.85 79.81
C GLU K 193 -18.18 -22.00 80.37
N ARG K 194 -16.86 -21.82 80.52
CA ARG K 194 -15.93 -22.83 81.06
C ARG K 194 -15.95 -24.11 80.24
N ILE K 195 -15.49 -23.98 78.99
CA ILE K 195 -15.26 -25.14 78.14
C ILE K 195 -13.92 -25.76 78.52
N ALA K 196 -13.65 -26.97 78.01
CA ALA K 196 -12.44 -27.69 78.33
C ALA K 196 -11.93 -28.43 77.09
N SER K 197 -10.62 -28.44 76.92
CA SER K 197 -9.97 -29.14 75.81
C SER K 197 -9.48 -30.48 76.32
N VAL K 198 -10.09 -31.57 75.83
CA VAL K 198 -9.80 -32.91 76.31
C VAL K 198 -9.29 -33.73 75.15
N ILE K 199 -8.15 -34.39 75.33
CA ILE K 199 -7.59 -35.29 74.33
C ILE K 199 -7.99 -36.71 74.71
N GLU K 200 -8.69 -37.37 73.80
CA GLU K 200 -9.07 -38.76 73.96
C GLU K 200 -8.12 -39.62 73.14
N SER K 201 -7.37 -40.47 73.82
CA SER K 201 -6.40 -41.34 73.17
C SER K 201 -6.87 -42.78 73.26
N TRP K 202 -6.67 -43.51 72.17
CA TRP K 202 -6.95 -44.94 72.11
C TRP K 202 -5.65 -45.65 71.81
N TYR K 203 -5.24 -46.51 72.74
CA TYR K 203 -3.94 -47.17 72.69
C TYR K 203 -4.12 -48.67 72.49
N LYS K 204 -3.33 -49.24 71.58
CA LYS K 204 -3.31 -50.68 71.36
C LYS K 204 -2.21 -51.28 72.21
N GLU K 205 -2.59 -52.09 73.20
CA GLU K 205 -1.64 -52.77 74.05
C GLU K 205 -2.04 -54.23 74.17
N TYR K 206 -1.08 -55.14 74.10
CA TYR K 206 -1.39 -56.54 74.28
C TYR K 206 -1.45 -56.86 75.78
N ASN K 207 -2.38 -57.74 76.14
CA ASN K 207 -2.55 -58.09 77.54
C ASN K 207 -1.54 -59.19 77.89
N GLU K 208 -1.45 -59.50 79.18
CA GLU K 208 -0.61 -60.62 79.63
C GLU K 208 -1.40 -61.82 80.09
N GLU K 209 -2.66 -61.64 80.48
CA GLU K 209 -3.51 -62.78 80.79
C GLU K 209 -3.83 -63.56 79.52
N THR K 210 -4.52 -62.91 78.58
CA THR K 210 -4.59 -63.40 77.22
C THR K 210 -3.49 -62.74 76.39
N GLN K 211 -3.08 -63.41 75.32
CA GLN K 211 -1.97 -62.92 74.50
C GLN K 211 -2.44 -62.15 73.28
N SER K 212 -3.54 -61.42 73.39
CA SER K 212 -4.10 -60.67 72.28
C SER K 212 -4.03 -59.17 72.55
N TYR K 213 -4.14 -58.38 71.48
CA TYR K 213 -4.14 -56.94 71.60
C TYR K 213 -5.52 -56.43 71.98
N GLU K 214 -5.57 -55.44 72.87
CA GLU K 214 -6.79 -54.76 73.24
C GLU K 214 -6.56 -53.26 73.16
N TRP K 215 -7.63 -52.52 72.93
CA TRP K 215 -7.57 -51.06 72.85
C TRP K 215 -8.12 -50.47 74.13
N ASN K 216 -7.39 -49.50 74.68
CA ASN K 216 -7.76 -48.85 75.93
C ASN K 216 -7.91 -47.35 75.69
N ARG K 217 -8.82 -46.73 76.43
CA ARG K 217 -9.14 -45.32 76.27
C ARG K 217 -8.59 -44.51 77.44
N TYR K 218 -7.97 -43.38 77.12
CA TYR K 218 -7.47 -42.44 78.11
C TYR K 218 -7.96 -41.05 77.74
N LEU K 219 -8.89 -40.51 78.52
CA LEU K 219 -9.27 -39.11 78.42
C LEU K 219 -8.34 -38.32 79.32
N TRP K 220 -7.56 -37.41 78.72
CA TRP K 220 -6.55 -36.70 79.47
C TRP K 220 -6.45 -35.28 78.93
N ASN K 221 -5.81 -34.41 79.71
CA ASN K 221 -5.53 -33.06 79.28
C ASN K 221 -4.03 -32.83 79.35
N ARG K 222 -3.53 -32.03 78.41
CA ARG K 222 -2.15 -31.56 78.51
C ARG K 222 -2.01 -30.67 79.73
N ASN K 223 -0.83 -30.77 80.37
CA ASN K 223 -0.43 -30.05 81.61
C ASN K 223 -1.46 -30.16 82.74
N THR K 224 -2.27 -31.22 82.75
CA THR K 224 -3.19 -31.45 83.85
C THR K 224 -3.11 -32.90 84.33
N GLY K 225 -2.85 -33.81 83.42
CA GLY K 225 -2.81 -35.23 83.72
C GLY K 225 -3.96 -35.99 83.07
N ILE K 226 -4.21 -37.17 83.62
CA ILE K 226 -5.21 -38.08 83.06
C ILE K 226 -6.52 -37.88 83.81
N TYR K 227 -7.58 -37.59 83.06
CA TYR K 227 -8.90 -37.45 83.67
C TYR K 227 -9.53 -38.80 83.94
N LYS K 228 -9.58 -39.67 82.93
CA LYS K 228 -10.21 -40.98 83.11
C LYS K 228 -9.50 -42.02 82.25
N SER K 229 -9.17 -43.15 82.86
CA SER K 229 -8.46 -44.23 82.18
C SER K 229 -9.28 -45.50 82.27
N GLU K 230 -9.71 -46.02 81.13
CA GLU K 230 -10.42 -47.29 81.07
C GLU K 230 -9.71 -48.23 80.12
N LYS K 231 -9.71 -49.51 80.44
CA LYS K 231 -9.03 -50.51 79.63
C LYS K 231 -10.04 -51.53 79.09
N LYS K 232 -9.93 -51.79 77.79
CA LYS K 232 -10.85 -52.65 77.04
C LYS K 232 -12.32 -52.26 77.25
N PRO K 233 -12.73 -51.06 76.84
CA PRO K 233 -14.12 -50.68 77.10
C PRO K 233 -15.07 -51.04 75.97
N PHE K 234 -14.91 -52.21 75.34
CA PHE K 234 -15.85 -52.61 74.31
C PHE K 234 -16.12 -54.10 74.26
N LYS K 235 -15.72 -54.88 75.27
CA LYS K 235 -15.88 -56.33 75.42
C LYS K 235 -15.13 -57.16 74.38
N ASN K 236 -14.41 -56.54 73.45
CA ASN K 236 -13.56 -57.28 72.52
C ASN K 236 -12.20 -56.64 72.32
N GLY K 237 -11.97 -55.43 72.83
CA GLY K 237 -10.72 -54.74 72.59
C GLY K 237 -10.63 -54.27 71.15
N ALA K 238 -11.70 -53.64 70.66
CA ALA K 238 -11.78 -53.16 69.30
C ALA K 238 -11.71 -51.64 69.29
N CYS K 239 -10.87 -51.10 68.41
CA CYS K 239 -10.81 -49.66 68.25
C CYS K 239 -12.06 -49.16 67.54
N PRO K 240 -12.71 -48.11 68.04
CA PRO K 240 -13.94 -47.64 67.40
C PRO K 240 -13.71 -46.88 66.10
N PHE K 241 -12.47 -46.48 65.81
CA PHE K 241 -12.19 -45.67 64.65
C PHE K 241 -11.91 -46.54 63.43
N ILE K 242 -12.42 -46.09 62.29
CA ILE K 242 -12.10 -46.66 60.99
C ILE K 242 -11.56 -45.52 60.14
N VAL K 243 -10.29 -45.63 59.77
CA VAL K 243 -9.56 -44.58 59.08
C VAL K 243 -9.20 -45.10 57.71
N SER K 244 -9.21 -44.23 56.69
CA SER K 244 -8.56 -44.56 55.43
C SER K 244 -7.94 -43.31 54.84
N LYS K 245 -6.70 -43.47 54.35
CA LYS K 245 -5.96 -42.40 53.71
C LYS K 245 -5.98 -42.60 52.20
N LEU K 246 -6.41 -41.58 51.47
CA LEU K 246 -6.30 -41.56 50.03
C LEU K 246 -4.97 -40.91 49.65
N TYR K 247 -4.22 -41.59 48.78
CA TYR K 247 -2.93 -41.13 48.24
C TYR K 247 -1.91 -40.86 49.35
N THR K 248 -1.49 -41.94 50.01
CA THR K 248 -0.31 -41.82 50.84
C THR K 248 0.92 -41.69 49.94
N ASP K 249 1.91 -40.92 50.39
CA ASP K 249 3.10 -40.66 49.58
C ASP K 249 4.34 -40.83 50.45
N GLU K 250 5.48 -40.40 49.91
CA GLU K 250 6.70 -40.33 50.69
C GLU K 250 6.58 -39.24 51.75
N LEU K 251 7.41 -39.37 52.80
CA LEU K 251 7.38 -38.64 54.06
C LEU K 251 6.09 -38.86 54.86
N ASN K 252 5.28 -39.84 54.47
CA ASN K 252 4.09 -40.32 55.19
C ASN K 252 3.06 -39.21 55.41
N ASN K 253 2.57 -38.66 54.32
CA ASN K 253 1.51 -37.68 54.34
C ASN K 253 0.33 -38.17 53.50
N TYR K 254 -0.84 -37.57 53.72
CA TYR K 254 -1.96 -37.80 52.83
C TYR K 254 -2.07 -36.65 51.83
N TYR K 255 -2.18 -37.01 50.55
CA TYR K 255 -2.01 -36.10 49.43
C TYR K 255 -3.32 -35.51 48.94
N GLY K 256 -4.39 -36.31 48.89
CA GLY K 256 -5.70 -35.81 48.53
C GLY K 256 -5.83 -35.45 47.07
N LEU K 257 -7.01 -34.96 46.71
CA LEU K 257 -7.25 -34.46 45.37
C LEU K 257 -6.94 -32.97 45.27
N PHE K 258 -6.55 -32.33 46.38
CA PHE K 258 -6.37 -30.89 46.38
C PHE K 258 -5.05 -30.48 45.74
N ARG K 259 -3.98 -31.24 45.97
CA ARG K 259 -2.65 -30.75 45.60
C ARG K 259 -2.39 -30.82 44.10
N ASP K 260 -2.95 -31.80 43.40
CA ASP K 260 -2.72 -31.89 41.97
C ASP K 260 -3.59 -30.93 41.16
N ILE K 261 -4.69 -30.44 41.73
CA ILE K 261 -5.54 -29.47 41.06
C ILE K 261 -5.39 -28.06 41.62
N LYS K 262 -4.58 -27.88 42.66
CA LYS K 262 -4.31 -26.56 43.23
C LYS K 262 -3.58 -25.58 42.31
N PRO K 263 -2.51 -25.95 41.56
CA PRO K 263 -1.89 -24.92 40.70
C PRO K 263 -2.75 -24.48 39.53
N MET K 264 -3.66 -25.33 39.04
CA MET K 264 -4.61 -24.88 38.03
C MET K 264 -5.57 -23.85 38.60
N GLN K 265 -6.02 -24.04 39.84
CA GLN K 265 -6.88 -23.06 40.48
C GLN K 265 -6.14 -21.76 40.76
N ASP K 266 -4.86 -21.84 41.15
CA ASP K 266 -4.06 -20.64 41.36
C ASP K 266 -3.83 -19.89 40.07
N PHE K 267 -3.57 -20.60 38.97
CA PHE K 267 -3.40 -19.92 37.70
C PHE K 267 -4.71 -19.33 37.20
N ILE K 268 -5.84 -19.97 37.48
CA ILE K 268 -7.14 -19.42 37.09
C ILE K 268 -7.41 -18.12 37.84
N ASN K 269 -7.17 -18.11 39.16
CA ASN K 269 -7.37 -16.90 39.96
C ASN K 269 -6.41 -15.78 39.56
N TYR K 270 -5.15 -16.13 39.31
CA TYR K 270 -4.16 -15.15 38.89
C TYR K 270 -4.50 -14.56 37.53
N ALA K 271 -4.94 -15.41 36.60
CA ALA K 271 -5.29 -14.94 35.26
C ALA K 271 -6.52 -14.06 35.28
N GLU K 272 -7.52 -14.41 36.10
CA GLU K 272 -8.73 -13.60 36.18
C GLU K 272 -8.45 -12.24 36.82
N ASN K 273 -7.66 -12.21 37.91
CA ASN K 273 -7.37 -10.93 38.54
C ASN K 273 -6.42 -10.08 37.71
N ARG K 274 -5.46 -10.71 37.01
CA ARG K 274 -4.56 -9.93 36.16
C ARG K 274 -5.27 -9.41 34.92
N MET K 275 -6.24 -10.16 34.40
CA MET K 275 -7.02 -9.64 33.28
C MET K 275 -7.98 -8.55 33.72
N GLY K 276 -8.51 -8.64 34.93
CA GLY K 276 -9.28 -7.54 35.47
C GLY K 276 -8.46 -6.31 35.77
N ASN K 277 -7.16 -6.49 36.02
CA ASN K 277 -6.28 -5.34 36.20
C ASN K 277 -5.83 -4.76 34.86
N MET K 278 -5.67 -5.59 33.84
CA MET K 278 -5.15 -5.13 32.55
C MET K 278 -6.14 -4.21 31.84
N MET K 279 -7.35 -4.71 31.60
CA MET K 279 -8.42 -3.82 31.18
C MET K 279 -8.90 -3.02 32.39
N GLY K 280 -9.45 -1.84 32.13
CA GLY K 280 -9.84 -0.98 33.22
C GLY K 280 -8.71 -0.21 33.87
N SER K 281 -7.53 -0.19 33.25
CA SER K 281 -6.41 0.58 33.77
C SER K 281 -5.47 0.90 32.61
N PHE K 282 -4.63 1.92 32.81
CA PHE K 282 -3.68 2.35 31.79
C PHE K 282 -2.30 2.48 32.40
N LYS K 283 -1.29 2.33 31.56
CA LYS K 283 0.10 2.50 31.95
C LYS K 283 0.76 3.53 31.04
N ALA K 284 1.66 4.33 31.61
CA ALA K 284 2.28 5.40 30.86
C ALA K 284 3.63 5.73 31.46
N MET K 285 4.59 6.03 30.60
CA MET K 285 5.87 6.58 31.02
C MET K 285 5.78 8.10 30.96
N PHE K 286 5.99 8.74 32.11
CA PHE K 286 5.99 10.19 32.20
C PHE K 286 7.43 10.69 32.32
N GLU K 287 7.68 11.84 31.74
CA GLU K 287 8.86 12.57 32.14
C GLU K 287 8.55 13.32 33.44
N GLU K 288 9.61 13.71 34.15
CA GLU K 288 9.43 14.38 35.42
C GLU K 288 9.04 15.85 35.28
N ASP K 289 8.89 16.34 34.05
CA ASP K 289 8.45 17.70 33.78
C ASP K 289 7.32 17.73 32.75
N ALA K 290 6.53 16.67 32.70
CA ALA K 290 5.48 16.57 31.68
C ALA K 290 4.31 17.47 32.00
N VAL K 291 3.80 17.41 33.24
CA VAL K 291 2.66 18.20 33.65
C VAL K 291 2.78 18.44 35.15
N VAL K 292 2.23 19.56 35.62
CA VAL K 292 2.17 19.81 37.04
C VAL K 292 1.11 18.89 37.66
N ASP K 293 1.40 18.40 38.87
CA ASP K 293 0.53 17.53 39.67
C ASP K 293 0.17 16.26 38.89
N VAL K 294 1.20 15.43 38.67
CA VAL K 294 1.03 14.24 37.84
C VAL K 294 0.16 13.20 38.53
N ALA K 295 0.11 13.20 39.86
CA ALA K 295 -0.81 12.32 40.56
C ALA K 295 -2.25 12.72 40.31
N GLU K 296 -2.51 14.03 40.24
CA GLU K 296 -3.85 14.51 39.93
C GLU K 296 -4.24 14.11 38.51
N PHE K 297 -3.27 14.17 37.60
CA PHE K 297 -3.50 13.80 36.20
C PHE K 297 -3.81 12.31 36.06
N VAL K 298 -3.10 11.45 36.80
CA VAL K 298 -3.41 10.03 36.69
C VAL K 298 -4.63 9.65 37.52
N GLU K 299 -5.11 10.50 38.42
CA GLU K 299 -6.42 10.26 39.01
C GLU K 299 -7.52 10.54 38.00
N THR K 300 -7.52 11.72 37.38
CA THR K 300 -8.58 12.00 36.42
C THR K 300 -8.44 11.22 35.11
N MET K 301 -7.25 10.71 34.79
CA MET K 301 -7.08 9.94 33.57
C MET K 301 -7.61 8.51 33.72
N SER K 302 -7.73 8.01 34.95
CA SER K 302 -8.18 6.63 35.14
C SER K 302 -9.68 6.46 34.87
N LEU K 303 -10.44 7.54 34.82
CA LEU K 303 -11.86 7.46 34.53
C LEU K 303 -12.09 7.19 33.05
N ASP K 304 -13.26 6.65 32.75
CA ASP K 304 -13.67 6.42 31.37
C ASP K 304 -14.30 7.66 30.73
N ASN K 305 -14.51 8.72 31.51
CA ASN K 305 -14.89 10.02 30.95
C ASN K 305 -13.91 11.03 31.54
N ALA K 306 -12.78 11.19 30.88
CA ALA K 306 -11.67 11.99 31.40
C ALA K 306 -11.64 13.34 30.70
N ILE K 307 -11.79 14.41 31.47
CA ILE K 307 -11.54 15.76 31.01
C ILE K 307 -10.32 16.23 31.79
N ALA K 308 -9.13 16.02 31.23
CA ALA K 308 -7.88 16.34 31.90
C ALA K 308 -7.32 17.63 31.32
N LYS K 309 -7.24 18.66 32.14
CA LYS K 309 -6.67 19.94 31.76
C LYS K 309 -5.19 19.95 32.11
N VAL K 310 -4.35 20.12 31.09
CA VAL K 310 -2.90 20.11 31.27
C VAL K 310 -2.37 21.51 31.01
N ARG K 311 -1.07 21.68 31.25
CA ARG K 311 -0.42 22.96 31.01
C ARG K 311 -0.34 23.25 29.51
N PRO K 312 -0.21 24.51 29.11
CA PRO K 312 -0.09 24.83 27.69
C PRO K 312 1.18 24.25 27.06
N ASN K 313 1.06 23.92 25.77
CA ASN K 313 2.12 23.32 24.95
C ASN K 313 2.60 21.98 25.52
N ALA K 314 1.67 21.21 26.10
CA ALA K 314 1.98 19.88 26.61
C ALA K 314 1.48 18.77 25.69
N LEU K 315 0.85 19.13 24.58
CA LEU K 315 0.37 18.15 23.60
C LEU K 315 1.25 18.09 22.36
N LYS K 316 2.20 19.02 22.21
CA LYS K 316 3.06 19.07 21.04
C LYS K 316 4.47 18.56 21.30
N ASP K 317 4.82 18.32 22.56
CA ASP K 317 6.17 17.89 22.91
C ASP K 317 6.29 16.40 23.17
N HIS K 318 5.17 15.75 23.52
CA HIS K 318 5.07 14.30 23.77
C HIS K 318 6.02 13.86 24.89
N LYS K 319 5.78 14.41 26.07
CA LYS K 319 6.49 13.99 27.27
C LYS K 319 5.76 12.88 28.02
N ILE K 320 4.62 12.44 27.52
CA ILE K 320 3.85 11.33 28.08
C ILE K 320 3.76 10.25 27.01
N GLN K 321 4.08 9.02 27.38
CA GLN K 321 4.01 7.87 26.46
C GLN K 321 3.07 6.84 27.05
N PHE K 322 1.84 6.80 26.54
CA PHE K 322 0.87 5.80 26.99
C PHE K 322 1.23 4.46 26.37
N MET K 323 1.63 3.51 27.20
CA MET K 323 2.01 2.19 26.71
C MET K 323 0.79 1.30 26.59
N ASN K 324 0.85 0.34 25.67
CA ASN K 324 -0.26 -0.57 25.43
C ASN K 324 -0.32 -1.59 26.56
N ASN K 325 -1.39 -1.55 27.34
CA ASN K 325 -1.52 -2.45 28.48
C ASN K 325 -2.01 -3.83 28.07
N GLN K 326 -2.95 -3.90 27.14
CA GLN K 326 -3.62 -5.15 26.81
C GLN K 326 -2.96 -5.84 25.62
N ALA K 327 -1.67 -6.12 25.77
CA ALA K 327 -0.96 -6.96 24.84
C ALA K 327 -1.00 -8.43 25.24
N ASP K 328 -1.72 -8.75 26.31
CA ASP K 328 -1.71 -10.09 26.88
C ASP K 328 -3.10 -10.55 27.30
N LEU K 329 -4.16 -9.92 26.80
CA LEU K 329 -5.50 -10.32 27.19
C LEU K 329 -5.92 -11.62 26.51
N SER K 330 -5.58 -11.75 25.23
CA SER K 330 -6.02 -12.92 24.46
C SER K 330 -5.29 -14.19 24.92
N ALA K 331 -3.97 -14.07 25.14
CA ALA K 331 -3.19 -15.23 25.57
C ALA K 331 -3.60 -15.68 26.97
N LEU K 332 -3.89 -14.72 27.86
CA LEU K 332 -4.36 -15.08 29.18
C LEU K 332 -5.77 -15.66 29.15
N SER K 333 -6.62 -15.22 28.22
CA SER K 333 -7.94 -15.83 28.07
C SER K 333 -7.82 -17.28 27.60
N GLN K 334 -6.95 -17.53 26.63
CA GLN K 334 -6.76 -18.90 26.12
C GLN K 334 -6.14 -19.79 27.19
N LYS K 335 -5.20 -19.26 27.97
CA LYS K 335 -4.58 -20.05 29.02
C LYS K 335 -5.56 -20.32 30.16
N ALA K 336 -6.44 -19.36 30.45
CA ALA K 336 -7.44 -19.57 31.49
C ALA K 336 -8.45 -20.62 31.07
N GLU K 337 -8.87 -20.62 29.80
CA GLU K 337 -9.76 -21.67 29.33
C GLU K 337 -9.07 -23.03 29.28
N GLN K 338 -7.78 -23.05 28.94
CA GLN K 338 -7.02 -24.29 28.91
C GLN K 338 -6.89 -24.89 30.31
N LYS K 339 -6.54 -24.07 31.30
CA LYS K 339 -6.45 -24.58 32.67
C LYS K 339 -7.82 -24.89 33.25
N ARG K 340 -8.87 -24.23 32.77
CA ARG K 340 -10.22 -24.56 33.21
C ARG K 340 -10.66 -25.92 32.69
N GLN K 341 -10.24 -26.29 31.48
CA GLN K 341 -10.51 -27.66 31.01
C GLN K 341 -9.59 -28.67 31.71
N LEU K 342 -8.34 -28.29 31.95
CA LEU K 342 -7.41 -29.19 32.65
C LEU K 342 -7.79 -29.42 34.10
N LEU K 343 -8.57 -28.52 34.71
CA LEU K 343 -9.05 -28.77 36.06
C LEU K 343 -10.03 -29.94 36.09
N ARG K 344 -10.93 -30.00 35.11
CA ARG K 344 -11.83 -31.15 35.00
C ARG K 344 -11.08 -32.39 34.54
N LEU K 345 -10.01 -32.22 33.77
CA LEU K 345 -9.23 -33.37 33.32
C LEU K 345 -8.44 -34.01 34.47
N LEU K 346 -7.83 -33.18 35.32
CA LEU K 346 -6.93 -33.70 36.35
C LEU K 346 -7.65 -34.38 37.50
N ALA K 347 -8.93 -34.06 37.72
CA ALA K 347 -9.69 -34.67 38.80
C ALA K 347 -10.39 -35.96 38.37
N GLY K 348 -10.13 -36.44 37.17
CA GLY K 348 -10.77 -37.65 36.70
C GLY K 348 -12.16 -37.47 36.14
N LEU K 349 -12.62 -36.22 35.98
CA LEU K 349 -13.95 -35.99 35.44
C LEU K 349 -13.98 -35.97 33.93
N ASN K 350 -12.88 -36.32 33.26
CA ASN K 350 -12.98 -36.62 31.83
C ASN K 350 -13.69 -37.95 31.65
N ASP K 351 -14.13 -38.20 30.41
CA ASP K 351 -15.17 -39.17 30.08
C ASP K 351 -16.39 -38.91 30.98
N GLU K 352 -16.99 -37.74 30.76
CA GLU K 352 -18.17 -37.32 31.51
C GLU K 352 -19.32 -38.20 31.08
N SER K 353 -19.53 -39.28 31.83
CA SER K 353 -20.63 -40.19 31.61
C SER K 353 -21.29 -40.54 32.94
N LEU K 354 -21.27 -39.59 33.88
CA LEU K 354 -21.86 -39.79 35.19
C LEU K 354 -23.37 -39.97 35.10
N GLY K 355 -24.02 -39.19 34.24
CA GLY K 355 -25.44 -39.39 33.99
C GLY K 355 -25.73 -40.71 33.30
N MET K 356 -24.81 -41.17 32.45
CA MET K 356 -24.95 -42.51 31.89
C MET K 356 -24.66 -43.58 32.94
N ALA K 357 -23.72 -43.30 33.86
CA ALA K 357 -23.33 -44.30 34.84
C ALA K 357 -24.42 -44.51 35.89
N VAL K 358 -25.16 -43.45 36.26
CA VAL K 358 -26.20 -43.63 37.28
C VAL K 358 -27.41 -44.34 36.68
N ASN K 359 -27.68 -44.17 35.39
CA ASN K 359 -28.68 -44.98 34.71
C ASN K 359 -28.17 -46.38 34.41
N ARG K 360 -26.85 -46.60 34.47
CA ARG K 360 -26.32 -47.95 34.40
C ARG K 360 -26.47 -48.72 35.70
N GLN K 361 -26.79 -48.03 36.81
CA GLN K 361 -27.03 -48.66 38.10
C GLN K 361 -28.51 -48.78 38.42
N SER K 362 -29.34 -49.05 37.41
CA SER K 362 -30.75 -49.34 37.65
C SER K 362 -30.97 -50.83 37.89
N GLY K 363 -30.21 -51.68 37.22
CA GLY K 363 -30.32 -53.12 37.41
C GLY K 363 -29.62 -53.58 38.68
N VAL K 364 -30.41 -53.91 39.69
CA VAL K 364 -29.88 -54.36 40.98
C VAL K 364 -30.49 -55.72 41.29
N ALA K 365 -30.73 -56.52 40.24
CA ALA K 365 -31.67 -57.64 40.28
C ALA K 365 -31.30 -58.76 41.25
N ILE K 366 -30.28 -59.57 40.95
CA ILE K 366 -29.79 -60.53 41.94
C ILE K 366 -28.28 -60.46 42.04
N ALA K 367 -27.60 -60.67 40.91
CA ALA K 367 -26.15 -60.84 40.87
C ALA K 367 -25.61 -59.85 39.86
N GLN K 368 -25.28 -58.65 40.31
CA GLN K 368 -24.82 -57.61 39.41
C GLN K 368 -23.47 -57.07 39.87
N ARG K 369 -22.66 -56.68 38.90
CA ARG K 369 -21.35 -56.10 39.14
C ARG K 369 -21.48 -54.59 39.27
N LYS K 370 -20.35 -53.89 39.19
CA LYS K 370 -20.36 -52.43 39.29
C LYS K 370 -21.02 -51.77 38.09
N GLU K 371 -21.05 -52.45 36.93
CA GLU K 371 -21.56 -51.93 35.65
C GLU K 371 -20.81 -50.63 35.29
N SER K 372 -19.56 -50.86 34.92
CA SER K 372 -18.51 -49.84 34.93
C SER K 372 -18.78 -48.68 33.99
N GLY K 373 -18.57 -47.46 34.49
CA GLY K 373 -18.52 -46.27 33.70
C GLY K 373 -17.13 -45.67 33.70
N LEU K 374 -16.93 -44.69 34.58
CA LEU K 374 -15.69 -43.93 34.69
C LEU K 374 -14.49 -44.79 35.08
N MET K 375 -13.30 -44.28 34.78
CA MET K 375 -12.05 -44.88 35.23
C MET K 375 -11.21 -43.97 36.11
N GLY K 376 -11.35 -42.65 35.98
CA GLY K 376 -10.47 -41.75 36.69
C GLY K 376 -10.77 -41.63 38.17
N LEU K 377 -12.03 -41.73 38.54
CA LEU K 377 -12.45 -41.62 39.95
C LEU K 377 -12.48 -42.96 40.65
N GLN K 378 -12.03 -44.04 40.00
CA GLN K 378 -12.18 -45.38 40.54
C GLN K 378 -11.30 -45.63 41.77
N THR K 379 -10.20 -44.88 41.91
CA THR K 379 -9.39 -44.99 43.12
C THR K 379 -10.16 -44.50 44.35
N PHE K 380 -10.89 -43.39 44.17
CA PHE K 380 -11.70 -42.84 45.25
C PHE K 380 -12.85 -43.78 45.61
N LEU K 381 -13.51 -44.35 44.60
CA LEU K 381 -14.58 -45.31 44.84
C LEU K 381 -14.06 -46.57 45.52
N LYS K 382 -12.85 -47.00 45.15
CA LYS K 382 -12.30 -48.21 45.76
C LYS K 382 -11.90 -47.97 47.20
N ALA K 383 -11.34 -46.79 47.51
CA ALA K 383 -11.02 -46.46 48.89
C ALA K 383 -12.27 -46.35 49.75
N THR K 384 -13.34 -45.78 49.19
CA THR K 384 -14.63 -45.75 49.89
C THR K 384 -15.20 -47.14 50.11
N ASP K 385 -15.02 -48.04 49.14
CA ASP K 385 -15.48 -49.42 49.28
C ASP K 385 -14.72 -50.15 50.38
N ASP K 386 -13.40 -49.98 50.43
CA ASP K 386 -12.61 -50.64 51.47
C ASP K 386 -12.91 -50.09 52.86
N MET K 387 -13.16 -48.78 52.97
CA MET K 387 -13.52 -48.26 54.27
C MET K 387 -14.92 -48.71 54.68
N ASP K 388 -15.84 -48.87 53.72
CA ASP K 388 -17.17 -49.41 54.05
C ASP K 388 -17.07 -50.86 54.49
N ARG K 389 -16.17 -51.64 53.88
CA ARG K 389 -15.99 -53.03 54.30
C ARG K 389 -15.44 -53.12 55.71
N LEU K 390 -14.49 -52.25 56.06
CA LEU K 390 -13.96 -52.24 57.42
C LEU K 390 -15.01 -51.77 58.43
N ILE K 391 -15.82 -50.77 58.04
CA ILE K 391 -16.89 -50.26 58.89
C ILE K 391 -17.91 -51.34 59.19
N PHE K 392 -18.30 -52.10 58.16
CA PHE K 392 -19.31 -53.13 58.39
C PHE K 392 -18.75 -54.36 59.07
N ARG K 393 -17.45 -54.63 58.94
CA ARG K 393 -16.83 -55.67 59.76
C ARG K 393 -16.87 -55.31 61.23
N LEU K 394 -16.55 -54.06 61.56
CA LEU K 394 -16.62 -53.63 62.95
C LEU K 394 -18.06 -53.59 63.46
N ALA K 395 -19.01 -53.23 62.60
CA ALA K 395 -20.41 -53.17 63.02
C ALA K 395 -20.98 -54.56 63.24
N VAL K 396 -20.60 -55.53 62.40
CA VAL K 396 -21.00 -56.91 62.62
C VAL K 396 -20.38 -57.46 63.89
N SER K 397 -19.12 -57.08 64.17
CA SER K 397 -18.47 -57.52 65.41
C SER K 397 -19.12 -56.90 66.65
N PHE K 398 -19.67 -55.69 66.52
CA PHE K 398 -20.42 -55.11 67.64
C PHE K 398 -21.80 -55.75 67.81
N ILE K 399 -22.49 -56.01 66.70
CA ILE K 399 -23.86 -56.54 66.76
C ILE K 399 -23.85 -57.97 67.28
N CYS K 400 -22.87 -58.78 66.87
CA CYS K 400 -22.77 -60.15 67.35
C CYS K 400 -22.27 -60.24 68.79
N GLU K 401 -21.92 -59.12 69.41
CA GLU K 401 -21.38 -59.10 70.77
C GLU K 401 -22.28 -58.42 71.78
N TYR K 402 -23.04 -57.40 71.39
CA TYR K 402 -23.82 -56.62 72.34
C TYR K 402 -25.32 -56.80 72.21
N PHE K 403 -25.81 -57.33 71.09
CA PHE K 403 -27.24 -57.48 70.89
C PHE K 403 -27.74 -58.71 71.64
N THR K 404 -28.63 -58.51 72.60
CA THR K 404 -29.23 -59.61 73.32
C THR K 404 -30.28 -60.31 72.45
N LYS K 405 -30.83 -61.40 72.97
CA LYS K 405 -31.80 -62.17 72.21
C LYS K 405 -33.13 -61.43 72.09
N GLU K 406 -33.58 -60.80 73.18
CA GLU K 406 -34.81 -60.01 73.09
C GLU K 406 -34.60 -58.74 72.27
N GLN K 407 -33.37 -58.22 72.23
CA GLN K 407 -33.07 -57.10 71.36
C GLN K 407 -33.13 -57.53 69.89
N VAL K 408 -32.68 -58.75 69.60
CA VAL K 408 -32.73 -59.27 68.23
C VAL K 408 -34.17 -59.53 67.81
N PHE K 409 -34.96 -60.15 68.70
CA PHE K 409 -36.33 -60.51 68.36
C PHE K 409 -37.28 -59.32 68.32
N LYS K 410 -36.86 -58.14 68.76
CA LYS K 410 -37.63 -56.93 68.55
C LYS K 410 -37.38 -56.30 67.18
N ILE K 411 -36.32 -56.71 66.50
CA ILE K 411 -35.92 -56.11 65.23
C ILE K 411 -36.32 -56.99 64.05
N VAL K 412 -36.04 -58.28 64.14
CA VAL K 412 -36.23 -59.18 63.02
C VAL K 412 -37.57 -59.89 63.17
N ASP K 413 -37.98 -60.58 62.10
CA ASP K 413 -39.23 -61.32 62.12
C ASP K 413 -39.09 -62.58 62.96
N LYS K 414 -40.22 -63.27 63.16
CA LYS K 414 -40.22 -64.49 63.96
C LYS K 414 -39.52 -65.63 63.22
N LYS K 415 -39.71 -65.71 61.91
CA LYS K 415 -39.11 -66.79 61.13
C LYS K 415 -37.59 -66.62 61.03
N LEU K 416 -37.12 -65.38 60.86
CA LEU K 416 -35.68 -65.14 60.78
C LEU K 416 -35.00 -65.40 62.10
N GLY K 417 -35.70 -65.20 63.22
CA GLY K 417 -35.14 -65.53 64.51
C GLY K 417 -35.17 -67.01 64.79
N ASP K 418 -36.23 -67.69 64.35
CA ASP K 418 -36.35 -69.11 64.60
C ASP K 418 -35.48 -69.97 63.68
N ARG K 419 -35.06 -69.43 62.54
CA ARG K 419 -34.20 -70.21 61.65
C ARG K 419 -32.76 -70.25 62.17
N TYR K 420 -32.34 -69.26 62.94
CA TYR K 420 -30.96 -69.22 63.42
C TYR K 420 -30.79 -69.92 64.76
N PHE K 421 -31.73 -69.71 65.69
CA PHE K 421 -31.65 -70.33 67.01
C PHE K 421 -32.33 -71.70 67.00
N LYS K 422 -31.74 -72.60 66.20
CA LYS K 422 -32.20 -73.98 65.97
C LYS K 422 -33.66 -74.07 65.54
N ASP K 427 -26.11 -72.40 71.16
CA ASP K 427 -26.90 -71.18 71.13
C ASP K 427 -26.45 -70.20 72.20
N ASP K 428 -26.85 -70.50 73.44
CA ASP K 428 -26.48 -69.75 74.65
C ASP K 428 -26.90 -68.27 74.59
N ASN K 429 -28.03 -68.01 73.91
CA ASN K 429 -28.70 -66.70 73.86
C ASN K 429 -27.80 -65.60 73.29
N LYS K 430 -26.91 -65.95 72.37
CA LYS K 430 -26.01 -64.97 71.78
C LYS K 430 -25.71 -65.39 70.34
N ILE K 431 -25.65 -64.39 69.45
CA ILE K 431 -25.26 -64.65 68.07
C ILE K 431 -23.76 -64.93 68.04
N ARG K 432 -23.39 -66.13 67.60
CA ARG K 432 -21.99 -66.57 67.57
C ARG K 432 -21.60 -66.90 66.13
N PRO K 433 -21.22 -65.92 65.32
CA PRO K 433 -20.72 -66.22 63.98
C PRO K 433 -19.28 -66.68 64.03
N LEU K 434 -18.96 -67.62 63.15
CA LEU K 434 -17.61 -68.17 63.08
C LEU K 434 -16.76 -67.27 62.18
N LYS K 435 -15.55 -67.74 61.86
CA LYS K 435 -14.65 -66.94 61.05
C LYS K 435 -14.95 -67.09 59.56
N PHE K 436 -15.10 -68.33 59.09
CA PHE K 436 -15.39 -68.61 57.69
C PHE K 436 -16.87 -68.84 57.50
N ASP K 437 -17.64 -67.79 57.74
CA ASP K 437 -19.09 -67.91 57.64
C ASP K 437 -19.71 -66.87 56.71
N LEU K 438 -19.18 -65.65 56.67
CA LEU K 438 -19.82 -64.55 55.99
C LEU K 438 -18.91 -63.99 54.90
N ILE K 439 -19.54 -63.51 53.82
CA ILE K 439 -18.87 -62.86 52.71
C ILE K 439 -19.48 -61.47 52.56
N LEU K 440 -18.64 -60.45 52.53
CA LEU K 440 -19.09 -59.07 52.44
C LEU K 440 -19.22 -58.67 50.98
N LYS K 441 -20.43 -58.31 50.56
CA LYS K 441 -20.67 -57.88 49.19
C LYS K 441 -21.28 -56.48 49.20
N SER K 442 -20.68 -55.56 48.47
CA SER K 442 -21.18 -54.19 48.42
C SER K 442 -22.29 -54.06 47.40
N GLN K 443 -23.27 -53.22 47.72
CA GLN K 443 -24.37 -52.94 46.82
C GLN K 443 -24.89 -51.55 47.13
N LEU K 444 -25.93 -51.13 46.40
CA LEU K 444 -26.53 -49.83 46.65
C LEU K 444 -27.38 -49.88 47.91
N LYS K 445 -27.39 -48.78 48.65
CA LYS K 445 -28.16 -48.71 49.89
C LYS K 445 -29.64 -48.62 49.56
N THR K 446 -30.35 -49.71 49.81
CA THR K 446 -31.79 -49.75 49.60
C THR K 446 -32.45 -50.43 50.79
N GLU K 447 -33.74 -50.17 50.93
CA GLU K 447 -34.50 -50.77 52.02
C GLU K 447 -34.78 -52.25 51.69
N SER K 448 -34.99 -53.05 52.74
CA SER K 448 -35.00 -54.50 52.59
C SER K 448 -36.23 -55.00 51.86
N ARG K 449 -37.39 -54.35 52.07
CA ARG K 449 -38.61 -54.79 51.41
C ARG K 449 -38.58 -54.49 49.91
N ASP K 450 -37.93 -53.40 49.51
CA ASP K 450 -37.84 -53.08 48.08
C ASP K 450 -36.91 -54.05 47.37
N GLU K 451 -35.78 -54.40 48.02
CA GLU K 451 -34.85 -55.38 47.46
C GLU K 451 -35.51 -56.75 47.36
N LYS K 452 -36.26 -57.15 48.39
CA LYS K 452 -36.97 -58.42 48.34
C LYS K 452 -38.07 -58.41 47.29
N TRP K 453 -38.70 -57.25 47.07
CA TRP K 453 -39.73 -57.14 46.03
C TRP K 453 -39.13 -57.29 44.64
N TYR K 454 -37.97 -56.68 44.41
CA TYR K 454 -37.31 -56.82 43.10
C TYR K 454 -36.82 -58.24 42.88
N ASN K 455 -36.32 -58.88 43.93
CA ASN K 455 -35.87 -60.27 43.80
C ASN K 455 -37.05 -61.21 43.56
N TRP K 456 -38.18 -60.95 44.22
CA TRP K 456 -39.39 -61.74 43.97
C TRP K 456 -39.90 -61.56 42.54
N ASN K 457 -39.81 -60.33 42.02
CA ASN K 457 -40.27 -60.06 40.66
C ASN K 457 -39.41 -60.77 39.63
N GLU K 458 -38.08 -60.68 39.76
CA GLU K 458 -37.23 -61.36 38.81
C GLU K 458 -37.31 -62.88 38.95
N LEU K 459 -37.53 -63.38 40.17
CA LEU K 459 -37.64 -64.82 40.36
C LEU K 459 -38.94 -65.36 39.76
N LEU K 460 -40.04 -64.62 39.88
CA LEU K 460 -41.28 -65.05 39.25
C LEU K 460 -41.24 -64.87 37.73
N LYS K 461 -40.45 -63.94 37.23
CA LYS K 461 -40.31 -63.87 35.78
C LYS K 461 -39.32 -64.90 35.24
N ILE K 462 -38.47 -65.46 36.10
CA ILE K 462 -37.57 -66.54 35.67
C ILE K 462 -38.28 -67.88 35.73
N LEU K 463 -39.00 -68.15 36.82
CA LEU K 463 -39.62 -69.45 37.07
C LEU K 463 -40.91 -69.66 36.29
N ALA K 464 -41.35 -68.71 35.46
CA ALA K 464 -42.62 -68.88 34.76
C ALA K 464 -42.55 -69.92 33.64
N PRO K 465 -41.55 -69.93 32.70
CA PRO K 465 -41.57 -70.99 31.68
C PRO K 465 -41.07 -72.33 32.18
N ILE K 466 -40.12 -72.34 33.11
CA ILE K 466 -39.44 -73.59 33.44
C ILE K 466 -40.26 -74.45 34.41
N ARG K 467 -40.99 -73.83 35.33
CA ARG K 467 -41.81 -74.59 36.29
C ARG K 467 -42.98 -73.74 36.73
N PRO K 468 -44.14 -73.87 36.07
CA PRO K 468 -45.25 -72.96 36.35
C PRO K 468 -45.99 -73.26 37.65
N ASP K 469 -46.05 -74.53 38.06
CA ASP K 469 -46.81 -74.91 39.24
C ASP K 469 -46.21 -74.38 40.54
N LEU K 470 -44.93 -74.01 40.53
CA LEU K 470 -44.33 -73.36 41.68
C LEU K 470 -44.77 -71.90 41.81
N VAL K 471 -45.21 -71.28 40.73
CA VAL K 471 -45.50 -69.84 40.72
C VAL K 471 -46.72 -69.42 41.55
N PRO K 472 -47.92 -70.04 41.47
CA PRO K 472 -49.03 -69.51 42.28
C PRO K 472 -48.93 -69.81 43.77
N SER K 473 -47.97 -70.62 44.21
CA SER K 473 -47.73 -70.81 45.63
C SER K 473 -46.75 -69.80 46.19
N LEU K 474 -46.20 -68.92 45.37
CA LEU K 474 -45.22 -67.94 45.81
C LEU K 474 -45.79 -66.55 45.98
N VAL K 475 -46.92 -66.24 45.36
CA VAL K 475 -47.48 -64.90 45.38
C VAL K 475 -48.00 -64.39 46.73
N PRO K 476 -48.46 -65.20 47.69
CA PRO K 476 -48.62 -64.62 49.04
C PRO K 476 -47.29 -64.32 49.70
N LEU K 477 -46.27 -65.14 49.47
CA LEU K 477 -44.94 -64.83 50.00
C LEU K 477 -44.32 -63.65 49.28
N MET K 478 -44.71 -63.40 48.03
CA MET K 478 -44.28 -62.19 47.35
C MET K 478 -45.01 -60.96 47.90
N LEU K 479 -46.32 -61.08 48.09
CA LEU K 479 -47.12 -59.93 48.52
C LEU K 479 -46.92 -59.59 49.99
N ASN K 480 -46.41 -60.52 50.80
CA ASN K 480 -46.06 -60.18 52.16
C ASN K 480 -44.86 -59.24 52.23
N ASP K 481 -44.02 -59.22 51.20
CA ASP K 481 -42.82 -58.40 51.16
C ASP K 481 -43.01 -57.15 50.29
N MET K 482 -44.21 -56.56 50.32
CA MET K 482 -44.52 -55.38 49.54
C MET K 482 -44.67 -54.18 50.46
N ASP K 483 -44.07 -53.05 50.07
CA ASP K 483 -44.07 -51.84 50.87
C ASP K 483 -45.24 -50.92 50.51
N SER K 484 -46.18 -51.42 49.75
CA SER K 484 -47.33 -50.62 49.33
C SER K 484 -48.33 -50.46 50.47
N PRO K 485 -49.05 -49.33 50.51
CA PRO K 485 -50.09 -49.15 51.53
C PRO K 485 -51.33 -50.02 51.30
N ILE K 486 -51.49 -50.63 50.12
CA ILE K 486 -52.63 -51.50 49.86
C ILE K 486 -52.40 -52.92 50.32
N THR K 487 -51.27 -53.21 50.97
CA THR K 487 -50.86 -54.57 51.27
C THR K 487 -51.78 -55.24 52.28
N ASN K 488 -52.21 -54.49 53.29
CA ASN K 488 -53.10 -55.05 54.32
C ASN K 488 -54.48 -55.38 53.79
N ASP K 489 -54.87 -54.79 52.65
CA ASP K 489 -56.11 -55.17 51.99
C ASP K 489 -55.94 -56.38 51.09
N VAL K 490 -54.80 -56.46 50.38
CA VAL K 490 -54.54 -57.57 49.46
C VAL K 490 -54.38 -58.87 50.24
N LEU K 491 -53.75 -58.80 51.42
CA LEU K 491 -53.54 -60.02 52.20
C LEU K 491 -54.84 -60.58 52.75
N GLU K 492 -55.74 -59.71 53.23
CA GLU K 492 -57.03 -60.22 53.71
C GLU K 492 -57.93 -60.62 52.54
N ALA K 493 -57.74 -60.03 51.36
CA ALA K 493 -58.44 -60.50 50.18
C ALA K 493 -57.99 -61.90 49.79
N ILE K 494 -56.68 -62.18 49.89
CA ILE K 494 -56.15 -63.51 49.63
C ILE K 494 -56.69 -64.51 50.64
N GLN K 495 -56.75 -64.11 51.91
CA GLN K 495 -57.27 -65.00 52.96
C GLN K 495 -58.75 -65.30 52.75
N ASN K 496 -59.53 -64.29 52.36
CA ASN K 496 -60.96 -64.52 52.10
C ASN K 496 -61.18 -65.39 50.86
N ALA K 497 -60.35 -65.21 49.83
CA ALA K 497 -60.47 -66.05 48.63
C ALA K 497 -60.09 -67.49 48.92
N ASN K 498 -59.04 -67.70 49.73
CA ASN K 498 -58.63 -69.05 50.09
C ASN K 498 -59.66 -69.72 50.99
N ALA K 499 -60.26 -68.95 51.90
CA ALA K 499 -61.32 -69.48 52.76
C ALA K 499 -62.55 -69.87 51.95
N LEU K 500 -62.93 -69.04 50.98
CA LEU K 500 -64.08 -69.37 50.12
C LEU K 500 -63.78 -70.57 49.24
N GLN K 501 -62.54 -70.69 48.75
CA GLN K 501 -62.17 -71.81 47.89
C GLN K 501 -62.18 -73.13 48.66
N GLN K 502 -61.59 -73.13 49.86
CA GLN K 502 -61.60 -74.37 50.65
C GLN K 502 -62.99 -74.67 51.21
N GLN K 503 -63.83 -73.65 51.40
CA GLN K 503 -65.20 -73.87 51.82
C GLN K 503 -66.02 -74.53 50.72
N ASN K 504 -65.87 -74.04 49.48
CA ASN K 504 -66.54 -74.68 48.35
C ASN K 504 -66.02 -76.09 48.09
N ALA K 505 -64.71 -76.30 48.30
CA ALA K 505 -64.14 -77.64 48.10
C ALA K 505 -64.67 -78.63 49.13
N GLU K 506 -64.68 -78.24 50.41
CA GLU K 506 -65.21 -79.13 51.43
C GLU K 506 -66.73 -79.22 51.41
N ALA K 507 -67.42 -78.30 50.72
CA ALA K 507 -68.85 -78.45 50.53
C ALA K 507 -69.18 -79.38 49.38
N ASN K 508 -68.35 -79.41 48.33
CA ASN K 508 -68.63 -80.25 47.17
C ASN K 508 -67.98 -81.62 47.24
N ALA K 509 -67.04 -81.84 48.17
CA ALA K 509 -66.38 -83.14 48.33
C ALA K 509 -67.25 -84.37 48.65
N PRO K 510 -68.36 -84.27 49.43
CA PRO K 510 -69.21 -85.48 49.58
C PRO K 510 -69.85 -85.95 48.28
N TYR K 511 -70.23 -85.03 47.39
CA TYR K 511 -70.75 -85.43 46.09
C TYR K 511 -69.67 -86.12 45.25
N ASN K 512 -68.42 -85.64 45.35
CA ASN K 512 -67.33 -86.25 44.60
C ASN K 512 -67.02 -87.66 45.10
N GLN K 513 -66.97 -87.86 46.42
CA GLN K 513 -66.70 -89.20 46.92
C GLN K 513 -67.89 -90.13 46.70
N GLN K 514 -69.11 -89.58 46.66
CA GLN K 514 -70.28 -90.37 46.31
C GLN K 514 -70.20 -90.86 44.86
N ILE K 515 -69.79 -89.97 43.95
CA ILE K 515 -69.63 -90.34 42.55
C ILE K 515 -68.51 -91.38 42.40
N GLN K 516 -67.44 -91.24 43.18
CA GLN K 516 -66.34 -92.20 43.13
C GLN K 516 -66.78 -93.60 43.58
N ALA K 517 -67.44 -93.69 44.73
CA ALA K 517 -67.94 -94.96 45.23
C ALA K 517 -68.98 -95.58 44.29
N LEU K 518 -69.81 -94.73 43.67
CA LEU K 518 -70.83 -95.23 42.77
C LEU K 518 -70.24 -95.76 41.49
N GLN K 519 -69.18 -95.13 40.99
CA GLN K 519 -68.50 -95.64 39.80
C GLN K 519 -67.76 -96.94 40.11
N ILE K 520 -67.21 -97.05 41.33
CA ILE K 520 -66.57 -98.29 41.76
C ILE K 520 -67.60 -99.43 41.82
N GLN K 521 -68.79 -99.15 42.36
CA GLN K 521 -69.84 -100.15 42.40
C GLN K 521 -70.35 -100.52 41.01
N LYS K 522 -70.37 -99.57 40.07
CA LYS K 522 -70.76 -99.89 38.70
C LYS K 522 -69.73 -100.78 38.03
N LEU K 523 -68.45 -100.49 38.23
CA LEU K 523 -67.42 -101.29 37.61
C LEU K 523 -67.31 -102.67 38.26
N GLN K 524 -67.73 -102.83 39.52
CA GLN K 524 -67.83 -104.16 40.13
C GLN K 524 -69.06 -104.91 39.63
N ALA K 525 -70.17 -104.20 39.41
CA ALA K 525 -71.38 -104.81 38.88
C ALA K 525 -71.14 -105.35 37.48
N GLU K 526 -70.29 -104.69 36.70
CA GLU K 526 -69.89 -105.23 35.40
C GLU K 526 -69.12 -106.54 35.53
N ILE K 527 -68.28 -106.65 36.57
CA ILE K 527 -67.54 -107.89 36.82
C ILE K 527 -68.49 -109.03 37.10
N MET K 528 -69.41 -108.82 38.05
CA MET K 528 -70.32 -109.91 38.41
C MET K 528 -71.31 -110.22 37.29
N GLU K 529 -71.65 -109.23 36.47
CA GLU K 529 -72.53 -109.48 35.33
C GLU K 529 -71.86 -110.35 34.28
N LEU K 530 -70.62 -110.01 33.91
CA LEU K 530 -69.93 -110.79 32.89
C LEU K 530 -69.56 -112.18 33.41
N GLN K 531 -69.25 -112.30 34.70
CA GLN K 531 -68.95 -113.61 35.26
C GLN K 531 -70.20 -114.49 35.30
N ALA K 532 -71.36 -113.90 35.59
CA ALA K 532 -72.60 -114.67 35.58
C ALA K 532 -72.99 -115.09 34.16
N LYS K 533 -72.74 -114.22 33.17
CA LYS K 533 -72.99 -114.58 31.79
C LYS K 533 -72.08 -115.71 31.33
N ALA K 534 -70.80 -115.66 31.71
CA ALA K 534 -69.88 -116.73 31.38
C ALA K 534 -70.27 -118.04 32.06
N HIS K 535 -70.75 -117.97 33.30
CA HIS K 535 -71.18 -119.17 34.00
C HIS K 535 -72.41 -119.79 33.35
N LYS K 536 -73.40 -118.98 32.99
CA LYS K 536 -74.62 -119.54 32.39
C LYS K 536 -74.35 -120.05 30.97
N TYR K 537 -73.41 -119.44 30.23
CA TYR K 537 -73.09 -119.95 28.92
C TYR K 537 -72.31 -121.26 29.00
N ALA K 538 -71.43 -121.38 30.00
CA ALA K 538 -70.70 -122.63 30.18
C ALA K 538 -71.63 -123.77 30.61
N GLU K 539 -72.61 -123.47 31.46
CA GLU K 539 -73.54 -124.53 31.86
C GLU K 539 -74.51 -124.88 30.73
N GLN K 540 -74.83 -123.92 29.86
CA GLN K 540 -75.63 -124.24 28.68
C GLN K 540 -74.84 -125.11 27.71
N GLY K 541 -73.53 -124.86 27.58
CA GLY K 541 -72.70 -125.73 26.76
C GLY K 541 -72.57 -127.13 27.32
N ALA K 542 -72.50 -127.25 28.65
CA ALA K 542 -72.45 -128.58 29.27
C ALA K 542 -73.78 -129.32 29.11
N LEU K 543 -74.90 -128.59 29.19
CA LEU K 543 -76.22 -129.17 28.94
C LEU K 543 -76.33 -129.65 27.50
N SER K 544 -75.79 -128.88 26.55
CA SER K 544 -75.81 -129.29 25.16
C SER K 544 -74.93 -130.51 24.92
N GLN K 545 -73.80 -130.60 25.63
CA GLN K 545 -72.94 -131.78 25.56
C GLN K 545 -73.66 -133.03 26.08
N THR K 546 -74.41 -132.89 27.19
CA THR K 546 -75.09 -134.03 27.77
C THR K 546 -76.26 -134.49 26.90
N THR K 547 -77.01 -133.56 26.32
CA THR K 547 -78.10 -134.01 25.44
C THR K 547 -77.58 -134.52 24.11
N ASN K 548 -76.40 -134.07 23.68
CA ASN K 548 -75.71 -134.69 22.54
C ASN K 548 -75.34 -136.13 22.85
N GLU K 549 -74.87 -136.38 24.07
CA GLU K 549 -74.52 -137.74 24.50
C GLU K 549 -75.76 -138.63 24.58
N SER K 550 -76.90 -138.06 25.01
CA SER K 550 -78.12 -138.87 25.08
C SER K 550 -78.67 -139.19 23.70
N GLU K 551 -78.58 -138.23 22.77
CA GLU K 551 -78.97 -138.52 21.39
C GLU K 551 -78.04 -139.53 20.75
N LYS K 552 -76.76 -139.51 21.12
CA LYS K 552 -75.82 -140.53 20.64
C LYS K 552 -76.17 -141.91 21.18
N ILE K 553 -76.57 -141.99 22.45
CA ILE K 553 -76.99 -143.28 23.02
C ILE K 553 -78.30 -143.76 22.39
N ASN K 554 -79.19 -142.82 22.06
CA ASN K 554 -80.43 -143.17 21.36
C ASN K 554 -80.14 -143.73 19.97
N GLN K 555 -79.15 -143.16 19.28
CA GLN K 555 -78.74 -143.71 17.99
C GLN K 555 -78.06 -145.07 18.14
N ALA K 556 -77.23 -145.22 19.17
CA ALA K 556 -76.49 -146.46 19.38
C ALA K 556 -77.41 -147.60 19.84
N VAL K 557 -78.58 -147.30 20.37
CA VAL K 557 -79.56 -148.35 20.59
C VAL K 557 -80.57 -148.46 19.45
N ALA K 558 -80.74 -147.42 18.63
CA ALA K 558 -81.64 -147.52 17.49
C ALA K 558 -81.03 -148.33 16.36
N ILE K 559 -79.70 -148.36 16.28
CA ILE K 559 -79.04 -149.20 15.27
C ILE K 559 -79.21 -150.68 15.62
N THR K 560 -79.34 -151.01 16.91
CA THR K 560 -79.61 -152.40 17.27
C THR K 560 -81.09 -152.72 17.31
N GLU K 561 -81.95 -151.71 17.50
CA GLU K 561 -83.39 -151.94 17.32
C GLU K 561 -83.75 -152.11 15.85
N MET K 562 -82.96 -151.52 14.94
CA MET K 562 -83.15 -151.77 13.52
C MET K 562 -82.73 -153.19 13.16
N GLN K 563 -81.53 -153.60 13.59
CA GLN K 563 -81.06 -154.95 13.34
C GLN K 563 -81.10 -155.78 14.62
N MET L 1 25.03 -67.97 56.08
CA MET L 1 24.55 -68.67 57.27
C MET L 1 25.07 -68.02 58.54
N ASP L 2 26.15 -67.25 58.42
CA ASP L 2 26.60 -66.38 59.49
C ASP L 2 26.60 -64.93 58.97
N PHE L 3 27.07 -64.03 59.82
CA PHE L 3 26.91 -62.59 59.58
C PHE L 3 27.77 -62.10 58.43
N THR L 4 28.90 -62.78 58.16
CA THR L 4 29.87 -62.28 57.19
C THR L 4 29.33 -62.36 55.76
N THR L 5 28.90 -63.55 55.34
CA THR L 5 28.38 -63.66 53.98
C THR L 5 27.03 -62.99 53.83
N LEU L 6 26.25 -62.91 54.91
CA LEU L 6 24.99 -62.18 54.86
C LEU L 6 25.23 -60.69 54.60
N GLN L 7 26.21 -60.10 55.29
CA GLN L 7 26.53 -58.70 55.09
C GLN L 7 27.14 -58.47 53.71
N ASN L 8 28.02 -59.37 53.26
CA ASN L 8 28.67 -59.19 51.97
C ASN L 8 27.70 -59.36 50.81
N ASP L 9 26.82 -60.36 50.87
CA ASP L 9 25.84 -60.54 49.81
C ASP L 9 24.75 -59.48 49.86
N PHE L 10 24.42 -58.96 51.05
CA PHE L 10 23.48 -57.84 51.09
C PHE L 10 24.11 -56.57 50.49
N THR L 11 25.41 -56.36 50.71
CA THR L 11 26.09 -55.22 50.10
C THR L 11 26.15 -55.37 48.58
N ASN L 12 26.45 -56.57 48.09
CA ASN L 12 26.53 -56.81 46.66
C ASN L 12 25.15 -56.69 46.00
N ASP L 13 24.10 -57.09 46.71
CA ASP L 13 22.77 -56.98 46.13
C ASP L 13 22.22 -55.56 46.22
N TYR L 14 22.59 -54.82 47.26
CA TYR L 14 22.06 -53.47 47.42
C TYR L 14 22.76 -52.47 46.52
N GLN L 15 24.08 -52.65 46.30
CA GLN L 15 24.79 -51.72 45.44
C GLN L 15 24.45 -51.92 43.97
N LYS L 16 24.13 -53.14 43.57
CA LYS L 16 23.75 -53.41 42.18
C LYS L 16 22.28 -53.15 41.91
N ALA L 17 21.49 -52.80 42.93
CA ALA L 17 20.09 -52.48 42.75
C ALA L 17 19.78 -51.06 43.21
N LEU L 18 20.81 -50.21 43.33
CA LEU L 18 20.58 -48.84 43.77
C LEU L 18 20.16 -47.94 42.62
N ILE L 19 20.65 -48.21 41.41
CA ILE L 19 20.34 -47.39 40.26
C ILE L 19 18.89 -47.58 39.80
N ALA L 20 18.27 -48.69 40.16
CA ALA L 20 16.86 -48.91 39.86
C ALA L 20 15.96 -48.45 40.99
N ASN L 21 16.40 -48.57 42.24
CA ASN L 21 15.61 -48.07 43.36
C ASN L 21 15.58 -46.54 43.37
N ASN L 22 16.66 -45.91 42.92
CA ASN L 22 16.66 -44.46 42.78
C ASN L 22 15.65 -44.00 41.73
N GLU L 23 15.55 -44.73 40.62
CA GLU L 23 14.56 -44.40 39.61
C GLU L 23 13.14 -44.71 40.08
N PHE L 24 12.98 -45.74 40.93
CA PHE L 24 11.68 -46.01 41.53
C PHE L 24 11.25 -44.89 42.44
N LEU L 25 12.16 -44.39 43.27
CA LEU L 25 11.82 -43.27 44.16
C LEU L 25 11.60 -41.98 43.37
N GLU L 26 12.33 -41.78 42.28
CA GLU L 26 12.06 -40.65 41.38
C GLU L 26 10.67 -40.76 40.77
N ALA L 27 10.27 -41.98 40.37
CA ALA L 27 8.95 -42.17 39.77
C ALA L 27 7.84 -41.95 40.78
N LYS L 28 8.05 -42.39 42.03
CA LYS L 28 7.05 -42.16 43.06
C LYS L 28 6.99 -40.69 43.48
N LYS L 29 8.11 -39.97 43.36
CA LYS L 29 8.07 -38.54 43.62
C LYS L 29 7.37 -37.78 42.49
N TYR L 30 7.60 -38.20 41.25
CA TYR L 30 6.92 -37.57 40.12
C TYR L 30 5.42 -37.87 40.13
N TYR L 31 5.03 -39.04 40.65
CA TYR L 31 3.62 -39.36 40.74
C TYR L 31 2.91 -38.52 41.80
N ASN L 32 3.62 -38.08 42.82
CA ASN L 32 3.04 -37.36 43.94
C ASN L 32 3.31 -35.86 43.87
N GLY L 33 3.39 -35.29 42.67
CA GLY L 33 3.47 -33.86 42.48
C GLY L 33 4.89 -33.31 42.42
N ASN L 34 5.85 -33.97 43.05
CA ASN L 34 7.22 -33.48 43.06
C ASN L 34 7.89 -33.70 41.72
N GLN L 35 7.63 -32.80 40.76
CA GLN L 35 8.11 -32.97 39.40
C GLN L 35 9.18 -31.96 38.99
N LEU L 36 9.36 -30.89 39.75
CA LEU L 36 10.37 -29.93 39.31
C LEU L 36 11.66 -30.14 40.08
N PRO L 37 12.82 -29.96 39.43
CA PRO L 37 14.10 -30.03 40.16
C PRO L 37 14.31 -28.85 41.08
N GLN L 38 15.40 -28.89 41.86
CA GLN L 38 15.65 -27.83 42.83
C GLN L 38 16.12 -26.55 42.16
N ASP L 39 16.98 -26.68 41.14
CA ASP L 39 17.48 -25.48 40.46
C ASP L 39 16.40 -24.82 39.61
N VAL L 40 15.51 -25.60 39.02
CA VAL L 40 14.39 -25.02 38.27
C VAL L 40 13.42 -24.32 39.21
N LEU L 41 13.19 -24.90 40.39
CA LEU L 41 12.36 -24.25 41.40
C LEU L 41 12.99 -22.95 41.89
N ASN L 42 14.31 -22.93 42.05
CA ASN L 42 14.99 -21.71 42.46
C ASN L 42 14.93 -20.64 41.37
N ILE L 43 15.10 -21.05 40.11
CA ILE L 43 15.03 -20.10 38.99
C ILE L 43 13.64 -19.51 38.86
N ILE L 44 12.61 -20.34 39.10
CA ILE L 44 11.24 -19.83 39.06
C ILE L 44 10.97 -18.90 40.24
N LEU L 45 11.41 -19.26 41.44
CA LEU L 45 11.11 -18.46 42.62
C LEU L 45 11.94 -17.19 42.72
N GLU L 46 13.07 -17.11 42.01
CA GLU L 46 13.84 -15.87 42.01
C GLU L 46 13.20 -14.79 41.17
N ARG L 47 12.37 -15.16 40.20
CA ARG L 47 11.64 -14.18 39.39
C ARG L 47 10.31 -13.79 40.02
N GLY L 48 9.99 -14.28 41.22
CA GLY L 48 8.70 -14.00 41.82
C GLY L 48 7.56 -14.71 41.15
N GLN L 49 7.82 -15.83 40.49
CA GLN L 49 6.81 -16.58 39.76
C GLN L 49 6.37 -17.78 40.59
N THR L 50 5.09 -18.09 40.52
CA THR L 50 4.57 -19.28 41.19
C THR L 50 4.77 -20.50 40.29
N PRO L 51 5.49 -21.52 40.73
CA PRO L 51 5.72 -22.70 39.89
C PRO L 51 4.46 -23.55 39.76
N ILE L 52 3.98 -23.68 38.53
CA ILE L 52 2.81 -24.49 38.23
C ILE L 52 3.26 -25.84 37.70
N ILE L 53 2.76 -26.90 38.31
CA ILE L 53 3.13 -28.27 37.97
C ILE L 53 1.89 -28.95 37.42
N GLU L 54 1.93 -29.30 36.14
CA GLU L 54 0.85 -30.02 35.48
C GLU L 54 1.13 -31.51 35.63
N ASN L 55 0.40 -32.17 36.53
CA ASN L 55 0.62 -33.60 36.79
C ASN L 55 -0.21 -34.41 35.78
N MET L 56 0.25 -34.35 34.52
CA MET L 56 -0.52 -34.88 33.41
C MET L 56 -0.43 -36.40 33.31
N PHE L 57 0.55 -37.03 33.94
CA PHE L 57 0.64 -38.48 33.89
C PHE L 57 0.06 -39.16 35.12
N LYS L 58 -0.30 -38.41 36.16
CA LYS L 58 -1.01 -39.01 37.29
C LYS L 58 -2.41 -39.45 36.86
N VAL L 59 -3.05 -38.69 35.97
CA VAL L 59 -4.38 -39.06 35.51
C VAL L 59 -4.30 -40.25 34.54
N ILE L 60 -3.15 -40.42 33.86
CA ILE L 60 -2.95 -41.57 32.98
C ILE L 60 -2.85 -42.85 33.81
N VAL L 61 -2.02 -42.82 34.84
CA VAL L 61 -1.87 -43.95 35.76
C VAL L 61 -3.18 -44.21 36.48
N ASN L 62 -3.91 -43.15 36.84
CA ASN L 62 -5.20 -43.31 37.49
C ASN L 62 -6.22 -43.93 36.55
N LYS L 63 -6.14 -43.64 35.25
CA LYS L 63 -7.05 -44.27 34.28
C LYS L 63 -6.75 -45.75 34.10
N ILE L 64 -5.47 -46.10 34.00
CA ILE L 64 -5.11 -47.52 33.85
C ILE L 64 -5.43 -48.30 35.12
N LEU L 65 -5.15 -47.72 36.29
CA LEU L 65 -5.49 -48.38 37.54
C LEU L 65 -6.99 -48.41 37.77
N GLY L 66 -7.73 -47.45 37.22
CA GLY L 66 -9.18 -47.52 37.30
C GLY L 66 -9.75 -48.60 36.41
N TYR L 67 -9.08 -48.90 35.30
CA TYR L 67 -9.44 -50.08 34.54
C TYR L 67 -9.12 -51.34 35.33
N LYS L 68 -7.99 -51.35 36.05
CA LYS L 68 -7.58 -52.56 36.75
C LYS L 68 -8.33 -52.79 38.07
N ILE L 69 -8.95 -51.76 38.64
CA ILE L 69 -9.64 -51.90 39.92
C ILE L 69 -10.87 -52.78 39.75
N GLU L 70 -11.64 -52.54 38.70
CA GLU L 70 -12.85 -53.31 38.48
C GLU L 70 -12.61 -54.59 37.71
N SER L 71 -11.50 -54.68 36.98
CA SER L 71 -11.07 -55.94 36.37
C SER L 71 -10.04 -56.65 37.23
N ILE L 72 -10.35 -56.88 38.50
CA ILE L 72 -9.48 -57.65 39.37
C ILE L 72 -9.64 -59.12 39.00
N SER L 73 -8.52 -59.77 38.69
CA SER L 73 -8.54 -61.14 38.21
C SER L 73 -8.32 -62.10 39.36
N GLU L 74 -9.18 -63.11 39.46
CA GLU L 74 -8.96 -64.26 40.31
C GLU L 74 -8.59 -65.45 39.44
N ILE L 75 -8.09 -66.49 40.08
CA ILE L 75 -7.70 -67.71 39.40
C ILE L 75 -8.59 -68.84 39.90
N ARG L 76 -9.34 -69.44 38.99
CA ARG L 76 -10.10 -70.64 39.29
C ARG L 76 -9.34 -71.86 38.82
N LEU L 77 -9.66 -73.00 39.40
CA LEU L 77 -8.98 -74.25 39.12
C LEU L 77 -9.92 -75.18 38.37
N SER L 78 -9.37 -75.86 37.37
CA SER L 78 -10.13 -76.78 36.54
C SER L 78 -9.49 -78.16 36.61
N PRO L 79 -10.30 -79.22 36.55
CA PRO L 79 -9.72 -80.57 36.61
C PRO L 79 -9.07 -80.96 35.30
N LYS L 80 -7.94 -81.66 35.40
CA LYS L 80 -7.32 -82.24 34.23
C LYS L 80 -8.04 -83.51 33.82
N GLN L 81 -8.12 -84.49 34.72
CA GLN L 81 -8.91 -85.69 34.50
C GLN L 81 -10.33 -85.48 35.00
N GLU L 82 -11.19 -86.49 34.81
CA GLU L 82 -12.54 -86.40 35.30
C GLU L 82 -12.64 -86.61 36.81
N GLU L 83 -11.69 -87.33 37.40
CA GLU L 83 -11.71 -87.60 38.83
C GLU L 83 -11.15 -86.45 39.66
N ASP L 84 -10.50 -85.48 39.04
CA ASP L 84 -9.94 -84.35 39.76
C ASP L 84 -10.95 -83.26 40.07
N ARG L 85 -12.17 -83.37 39.51
CA ARG L 85 -13.18 -82.34 39.66
C ARG L 85 -13.60 -82.17 41.11
N ALA L 86 -13.79 -83.29 41.82
CA ALA L 86 -14.12 -83.25 43.24
C ALA L 86 -12.97 -82.65 44.06
N LEU L 87 -11.74 -82.71 43.54
CA LEU L 87 -10.67 -81.93 44.14
C LEU L 87 -10.84 -80.44 43.83
N SER L 88 -11.03 -80.11 42.54
CA SER L 88 -10.94 -78.72 42.10
C SER L 88 -12.10 -77.88 42.62
N ASP L 89 -13.32 -78.42 42.55
CA ASP L 89 -14.48 -77.77 43.13
C ASP L 89 -14.37 -77.68 44.65
N LEU L 90 -13.55 -78.52 45.27
CA LEU L 90 -13.21 -78.30 46.67
C LEU L 90 -12.31 -77.09 46.81
N LEU L 91 -11.21 -77.04 46.02
CA LEU L 91 -10.19 -76.02 46.21
C LEU L 91 -10.67 -74.64 45.79
N ASN L 92 -11.53 -74.57 44.77
CA ASN L 92 -12.17 -73.30 44.42
C ASN L 92 -13.07 -72.80 45.53
N SER L 93 -13.61 -73.70 46.35
CA SER L 93 -14.34 -73.28 47.53
C SER L 93 -13.40 -72.86 48.65
N LEU L 94 -12.16 -73.36 48.64
CA LEU L 94 -11.23 -73.00 49.70
C LEU L 94 -10.43 -71.76 49.37
N LEU L 95 -10.37 -71.38 48.10
CA LEU L 95 -9.70 -70.15 47.70
C LEU L 95 -10.56 -68.92 47.93
N GLN L 96 -11.86 -69.10 48.23
CA GLN L 96 -12.74 -67.96 48.41
C GLN L 96 -12.45 -67.22 49.70
N VAL L 97 -11.97 -67.91 50.74
CA VAL L 97 -11.54 -67.22 51.95
C VAL L 97 -10.21 -66.53 51.76
N PHE L 98 -9.46 -66.88 50.71
CA PHE L 98 -8.29 -66.12 50.30
C PHE L 98 -8.67 -64.97 49.36
N ILE L 99 -9.77 -65.12 48.62
CA ILE L 99 -10.20 -64.09 47.68
C ILE L 99 -10.91 -62.97 48.40
N GLN L 100 -11.94 -63.29 49.19
CA GLN L 100 -12.80 -62.27 49.77
C GLN L 100 -12.32 -61.77 51.12
N GLN L 101 -11.03 -61.91 51.42
CA GLN L 101 -10.48 -61.23 52.57
C GLN L 101 -10.25 -59.75 52.24
N GLU L 102 -10.01 -58.95 53.27
CA GLU L 102 -9.93 -57.51 53.09
C GLU L 102 -8.62 -57.09 52.44
N ASN L 103 -7.53 -57.82 52.68
CA ASN L 103 -6.22 -57.42 52.20
C ASN L 103 -6.00 -57.73 50.72
N TYR L 104 -6.88 -58.52 50.09
CA TYR L 104 -6.63 -58.99 48.73
C TYR L 104 -6.67 -57.84 47.72
N ASP L 105 -7.74 -57.05 47.74
CA ASP L 105 -7.88 -55.96 46.79
C ASP L 105 -6.85 -54.87 47.04
N LYS L 106 -6.52 -54.62 48.32
CA LYS L 106 -5.49 -53.64 48.64
C LYS L 106 -4.13 -54.07 48.12
N SER L 107 -3.78 -55.35 48.32
CA SER L 107 -2.50 -55.85 47.83
C SER L 107 -2.44 -55.88 46.32
N MET L 108 -3.56 -56.18 45.66
CA MET L 108 -3.55 -56.21 44.19
C MET L 108 -3.45 -54.80 43.61
N ILE L 109 -4.12 -53.82 44.21
CA ILE L 109 -4.07 -52.47 43.66
C ILE L 109 -2.71 -51.82 43.96
N GLU L 110 -2.14 -52.09 45.13
CA GLU L 110 -0.78 -51.67 45.43
C GLU L 110 0.23 -52.33 44.48
N ARG L 111 0.00 -53.61 44.15
CA ARG L 111 0.84 -54.32 43.20
C ARG L 111 0.80 -53.69 41.82
N ASP L 112 -0.40 -53.37 41.34
CA ASP L 112 -0.54 -52.77 40.02
C ASP L 112 0.03 -51.35 39.98
N LYS L 113 -0.11 -50.60 41.07
CA LYS L 113 0.48 -49.27 41.14
C LYS L 113 2.00 -49.34 41.13
N ASN L 114 2.56 -50.31 41.85
CA ASN L 114 4.02 -50.48 41.84
C ASN L 114 4.52 -51.00 40.50
N LEU L 115 3.74 -51.83 39.82
CA LEU L 115 4.12 -52.33 38.51
C LEU L 115 4.00 -51.27 37.43
N LEU L 116 3.12 -50.28 37.62
CA LEU L 116 2.94 -49.25 36.61
C LEU L 116 3.86 -48.05 36.83
N ILE L 117 3.98 -47.58 38.07
CA ILE L 117 4.85 -46.46 38.35
C ILE L 117 6.31 -46.85 38.19
N GLY L 118 6.75 -47.87 38.92
CA GLY L 118 8.04 -48.48 38.74
C GLY L 118 7.96 -49.73 37.89
N GLY L 119 8.87 -50.66 38.16
CA GLY L 119 8.89 -51.90 37.42
C GLY L 119 8.60 -53.12 38.25
N LEU L 120 8.70 -52.98 39.57
CA LEU L 120 8.60 -54.11 40.47
C LEU L 120 7.19 -54.31 40.98
N GLY L 121 6.81 -55.56 41.17
CA GLY L 121 5.63 -55.90 41.95
C GLY L 121 5.94 -57.04 42.89
N VAL L 122 5.81 -56.82 44.20
CA VAL L 122 6.18 -57.79 45.21
C VAL L 122 4.97 -58.05 46.10
N ILE L 123 4.54 -59.31 46.18
CA ILE L 123 3.44 -59.70 47.06
C ILE L 123 3.89 -60.90 47.87
N GLN L 124 3.79 -60.79 49.20
CA GLN L 124 4.13 -61.89 50.08
C GLN L 124 2.88 -62.52 50.67
N LEU L 125 3.01 -63.79 51.01
CA LEU L 125 1.94 -64.59 51.59
C LEU L 125 2.38 -65.14 52.95
N TRP L 126 1.40 -65.39 53.81
CA TRP L 126 1.70 -65.90 55.14
C TRP L 126 0.60 -66.87 55.56
N VAL L 127 0.95 -67.76 56.49
CA VAL L 127 0.10 -68.90 56.84
C VAL L 127 -0.23 -68.78 58.34
N SER L 128 -0.51 -67.56 58.79
CA SER L 128 -0.77 -67.29 60.20
C SER L 128 -1.99 -68.04 60.72
N GLN L 129 -1.89 -68.52 61.96
CA GLN L 129 -2.93 -69.29 62.64
C GLN L 129 -3.10 -68.75 64.04
N ASP L 130 -4.23 -68.10 64.31
CA ASP L 130 -4.29 -67.17 65.45
C ASP L 130 -4.52 -67.87 66.79
N LYS L 131 -5.74 -68.35 67.04
CA LYS L 131 -6.00 -68.97 68.34
C LYS L 131 -6.88 -70.21 68.29
N ASP L 132 -7.78 -70.36 67.33
CA ASP L 132 -8.83 -71.37 67.38
C ASP L 132 -8.69 -72.37 66.24
N LYS L 133 -7.44 -72.82 66.01
CA LYS L 133 -7.08 -73.76 64.93
C LYS L 133 -7.47 -73.24 63.55
N ASN L 134 -7.45 -71.91 63.36
CA ASN L 134 -7.94 -71.28 62.15
C ASN L 134 -6.74 -70.84 61.31
N VAL L 135 -6.37 -71.68 60.35
CA VAL L 135 -5.26 -71.37 59.45
C VAL L 135 -5.76 -70.41 58.37
N GLU L 136 -5.03 -69.33 58.16
CA GLU L 136 -5.41 -68.32 57.19
C GLU L 136 -4.19 -67.93 56.36
N ILE L 137 -4.45 -67.55 55.13
CA ILE L 137 -3.41 -67.15 54.19
C ILE L 137 -3.48 -65.63 54.06
N GLU L 138 -2.65 -64.92 54.82
CA GLU L 138 -2.55 -63.49 54.67
C GLU L 138 -1.79 -63.14 53.41
N ILE L 139 -2.14 -62.00 52.81
CA ILE L 139 -1.51 -61.49 51.61
C ILE L 139 -1.14 -60.03 51.87
N LYS L 140 0.09 -59.65 51.53
CA LYS L 140 0.54 -58.28 51.75
C LYS L 140 1.43 -57.84 50.60
N ALA L 141 1.10 -56.70 50.00
CA ALA L 141 1.97 -56.11 48.99
C ALA L 141 3.11 -55.36 49.67
N ILE L 142 4.34 -55.62 49.23
CA ILE L 142 5.53 -55.04 49.85
C ILE L 142 5.94 -53.82 49.03
N LYS L 143 6.32 -52.75 49.73
CA LYS L 143 6.89 -51.57 49.10
C LYS L 143 8.19 -51.95 48.40
N PRO L 144 8.31 -51.74 47.09
CA PRO L 144 9.46 -52.28 46.36
C PRO L 144 10.77 -51.58 46.62
N GLU L 145 10.76 -50.36 47.18
CA GLU L 145 12.02 -49.72 47.47
C GLU L 145 12.69 -50.32 48.70
N SER L 146 11.91 -50.89 49.61
CA SER L 146 12.45 -51.64 50.75
C SER L 146 12.48 -53.13 50.45
N PHE L 147 13.04 -53.50 49.31
CA PHE L 147 13.09 -54.90 48.89
C PHE L 147 14.24 -55.06 47.92
N VAL L 148 15.20 -55.91 48.27
CA VAL L 148 16.41 -56.10 47.48
C VAL L 148 16.41 -57.52 46.93
N ILE L 149 16.56 -57.64 45.62
CA ILE L 149 16.58 -58.93 44.94
C ILE L 149 18.06 -59.28 44.73
N ASP L 150 18.32 -60.58 44.56
CA ASP L 150 19.65 -61.05 44.17
C ASP L 150 20.04 -60.46 42.81
N TYR L 151 21.27 -59.94 42.75
CA TYR L 151 21.75 -59.30 41.52
C TYR L 151 22.03 -60.28 40.40
N PHE L 152 22.14 -61.57 40.71
CA PHE L 152 22.44 -62.56 39.69
C PHE L 152 21.21 -62.93 38.86
N SER L 153 20.01 -62.68 39.36
CA SER L 153 18.80 -62.99 38.61
C SER L 153 18.58 -61.95 37.52
N THR L 154 18.48 -62.41 36.28
CA THR L 154 18.33 -61.50 35.15
C THR L 154 16.92 -61.42 34.60
N ASP L 155 16.11 -62.46 34.76
CA ASP L 155 14.83 -62.53 34.09
C ASP L 155 13.75 -61.82 34.89
N LYS L 156 12.61 -61.60 34.23
CA LYS L 156 11.42 -61.19 34.96
C LYS L 156 10.89 -62.38 35.77
N ASN L 157 10.06 -62.04 36.77
CA ASN L 157 9.48 -62.89 37.81
C ASN L 157 10.49 -63.41 38.83
N ALA L 158 11.79 -63.15 38.65
CA ALA L 158 12.86 -63.40 39.64
C ALA L 158 12.92 -64.86 40.09
N LEU L 159 12.74 -65.79 39.15
CA LEU L 159 12.65 -67.19 39.52
C LEU L 159 14.00 -67.81 39.83
N ASP L 160 15.06 -67.39 39.13
CA ASP L 160 16.40 -67.89 39.44
C ASP L 160 17.13 -66.99 40.43
N ALA L 161 16.46 -66.64 41.52
CA ALA L 161 17.02 -65.79 42.55
C ALA L 161 17.34 -66.63 43.77
N ARG L 162 18.51 -66.38 44.37
CA ARG L 162 18.96 -67.16 45.52
C ARG L 162 18.68 -66.49 46.84
N ARG L 163 18.36 -65.19 46.85
CA ARG L 163 18.10 -64.49 48.10
C ARG L 163 17.24 -63.28 47.85
N PHE L 164 16.37 -62.99 48.81
CA PHE L 164 15.54 -61.80 48.83
C PHE L 164 15.73 -61.10 50.17
N HIS L 165 16.05 -59.81 50.14
CA HIS L 165 16.20 -59.03 51.35
C HIS L 165 15.12 -57.98 51.44
N LYS L 166 14.57 -57.78 52.64
CA LYS L 166 13.65 -56.69 52.89
C LYS L 166 14.09 -55.95 54.15
N MET L 167 14.23 -54.64 54.04
CA MET L 167 14.72 -53.79 55.12
C MET L 167 13.51 -53.16 55.82
N LEU L 168 13.22 -53.63 57.03
CA LEU L 168 12.03 -53.26 57.75
C LEU L 168 12.33 -52.33 58.93
N GLU L 169 11.41 -51.40 59.15
CA GLU L 169 11.30 -50.71 60.43
C GLU L 169 10.45 -51.57 61.36
N VAL L 170 10.90 -51.75 62.59
CA VAL L 170 10.19 -52.56 63.58
C VAL L 170 10.14 -51.77 64.88
N SER L 171 8.95 -51.66 65.46
CA SER L 171 8.79 -51.01 66.75
C SER L 171 9.33 -51.92 67.86
N GLU L 172 9.36 -51.39 69.09
CA GLU L 172 10.03 -52.08 70.19
C GLU L 172 9.24 -53.28 70.65
N GLN L 173 7.94 -53.11 70.90
CA GLN L 173 7.14 -54.23 71.39
C GLN L 173 6.86 -55.25 70.29
N GLU L 174 6.83 -54.83 69.03
CA GLU L 174 6.77 -55.79 67.93
C GLU L 174 8.07 -56.58 67.81
N ALA L 175 9.20 -55.96 68.16
CA ALA L 175 10.45 -56.71 68.20
C ALA L 175 10.50 -57.67 69.39
N LEU L 176 9.85 -57.30 70.50
CA LEU L 176 9.74 -58.22 71.62
C LEU L 176 8.84 -59.41 71.29
N LEU L 177 7.76 -59.17 70.54
CA LEU L 177 6.88 -60.25 70.14
C LEU L 177 7.51 -61.09 69.03
N LEU L 178 8.38 -60.49 68.22
CA LEU L 178 8.98 -61.21 67.11
C LEU L 178 10.04 -62.19 67.57
N PHE L 179 10.82 -61.82 68.60
CA PHE L 179 11.74 -62.73 69.25
C PHE L 179 11.95 -62.25 70.68
N GLY L 180 12.22 -63.19 71.57
CA GLY L 180 12.29 -62.91 73.00
C GLY L 180 13.48 -62.06 73.39
N ASP L 181 13.48 -61.69 74.67
CA ASP L 181 14.48 -60.77 75.22
C ASP L 181 15.83 -61.43 75.49
N SER L 182 15.99 -62.71 75.18
CA SER L 182 17.26 -63.38 75.43
C SER L 182 18.36 -62.94 74.47
N VAL L 183 18.00 -62.45 73.30
CA VAL L 183 18.98 -61.97 72.33
C VAL L 183 18.96 -60.45 72.32
N ILE L 184 20.10 -59.86 72.02
CA ILE L 184 20.33 -58.43 72.17
C ILE L 184 19.88 -57.71 70.91
N VAL L 185 19.09 -56.65 71.08
CA VAL L 185 18.53 -55.88 69.98
C VAL L 185 19.25 -54.53 69.93
N ASN L 186 19.65 -54.12 68.73
CA ASN L 186 20.26 -52.81 68.51
C ASN L 186 19.18 -51.83 68.11
N TYR L 187 18.62 -51.13 69.09
CA TYR L 187 17.55 -50.19 68.83
C TYR L 187 18.10 -48.86 68.33
N SER L 188 17.19 -47.99 67.89
CA SER L 188 17.51 -46.61 67.57
C SER L 188 16.98 -45.71 68.68
N ASN L 189 17.16 -44.40 68.49
CA ASN L 189 16.65 -43.41 69.43
C ASN L 189 16.10 -42.20 68.66
N VAL L 190 15.24 -42.48 67.66
CA VAL L 190 14.93 -41.50 66.63
C VAL L 190 14.16 -40.29 67.21
N ASN L 191 13.09 -40.53 67.98
CA ASN L 191 12.58 -39.49 68.85
C ASN L 191 12.53 -39.92 70.32
N HIS L 192 11.70 -40.91 70.65
CA HIS L 192 11.64 -41.41 72.02
C HIS L 192 11.31 -42.89 72.13
N GLU L 193 11.16 -43.62 71.02
CA GLU L 193 10.38 -44.85 71.03
C GLU L 193 11.19 -46.12 70.86
N ARG L 194 12.48 -46.02 70.52
CA ARG L 194 13.41 -47.14 70.33
C ARG L 194 12.91 -48.11 69.24
N ILE L 195 12.87 -47.59 68.01
CA ILE L 195 12.60 -48.42 66.84
C ILE L 195 13.89 -49.14 66.45
N ALA L 196 13.78 -50.12 65.56
CA ALA L 196 14.92 -50.92 65.13
C ALA L 196 14.81 -51.22 63.65
N SER L 197 15.95 -51.19 62.96
CA SER L 197 16.01 -51.50 61.54
C SER L 197 16.50 -52.94 61.39
N VAL L 198 15.61 -53.81 60.91
CA VAL L 198 15.87 -55.24 60.82
C VAL L 198 15.79 -55.66 59.36
N ILE L 199 16.83 -56.35 58.87
CA ILE L 199 16.84 -56.88 57.53
C ILE L 199 16.42 -58.34 57.61
N GLU L 200 15.35 -58.68 56.90
CA GLU L 200 14.88 -60.06 56.81
C GLU L 200 15.33 -60.61 55.46
N SER L 201 16.16 -61.63 55.50
CA SER L 201 16.68 -62.26 54.30
C SER L 201 16.10 -63.66 54.15
N TRP L 202 15.76 -64.02 52.91
CA TRP L 202 15.29 -65.34 52.57
C TRP L 202 16.29 -65.93 51.58
N TYR L 203 16.90 -67.03 51.97
CA TYR L 203 17.99 -67.65 51.21
C TYR L 203 17.55 -69.01 50.68
N LYS L 204 17.84 -69.27 49.42
CA LYS L 204 17.58 -70.56 48.80
C LYS L 204 18.85 -71.41 48.92
N GLU L 205 18.77 -72.49 49.70
CA GLU L 205 19.88 -73.41 49.86
C GLU L 205 19.36 -74.82 49.71
N TYR L 206 20.09 -75.67 49.00
CA TYR L 206 19.69 -77.06 48.89
C TYR L 206 20.16 -77.83 50.11
N ASN L 207 19.34 -78.77 50.56
CA ASN L 207 19.68 -79.56 51.73
C ASN L 207 20.59 -80.71 51.31
N GLU L 208 21.13 -81.42 52.30
CA GLU L 208 21.92 -82.61 52.03
C GLU L 208 21.22 -83.90 52.42
N GLU L 209 20.23 -83.85 53.31
CA GLU L 209 19.42 -85.03 53.60
C GLU L 209 18.54 -85.36 52.41
N THR L 210 17.65 -84.45 52.05
CA THR L 210 16.99 -84.47 50.75
C THR L 210 17.77 -83.60 49.79
N GLN L 211 17.64 -83.90 48.50
CA GLN L 211 18.41 -83.18 47.47
C GLN L 211 17.61 -82.07 46.82
N SER L 212 16.75 -81.39 47.57
CA SER L 212 15.91 -80.33 47.05
C SER L 212 16.28 -79.00 47.69
N TYR L 213 15.87 -77.91 47.03
CA TYR L 213 16.10 -76.57 47.55
C TYR L 213 15.04 -76.20 48.58
N GLU L 214 15.48 -75.55 49.66
CA GLU L 214 14.59 -75.01 50.67
C GLU L 214 14.97 -73.57 50.94
N TRP L 215 13.99 -72.78 51.37
CA TRP L 215 14.21 -71.39 51.71
C TRP L 215 14.28 -71.22 53.21
N ASN L 216 15.28 -70.48 53.67
CA ASN L 216 15.51 -70.25 55.09
C ASN L 216 15.48 -68.75 55.37
N ARG L 217 15.01 -68.39 56.57
CA ARG L 217 14.84 -67.01 56.96
C ARG L 217 15.89 -66.61 57.98
N TYR L 218 16.49 -65.43 57.77
CA TYR L 218 17.45 -64.86 58.70
C TYR L 218 17.03 -63.42 58.98
N LEU L 219 16.56 -63.15 60.19
CA LEU L 219 16.36 -61.79 60.66
C LEU L 219 17.66 -61.32 61.29
N TRP L 220 18.25 -60.28 60.72
CA TRP L 220 19.56 -59.84 61.17
C TRP L 220 19.64 -58.33 61.05
N ASN L 221 20.62 -57.76 61.73
CA ASN L 221 20.90 -56.33 61.63
C ASN L 221 22.33 -56.14 61.15
N ARG L 222 22.53 -55.10 60.36
CA ARG L 222 23.89 -54.69 60.03
C ARG L 222 24.61 -54.22 61.29
N ASN L 223 25.92 -54.52 61.33
CA ASN L 223 26.85 -54.24 62.45
C ASN L 223 26.32 -54.69 63.82
N THR L 224 25.45 -55.69 63.85
CA THR L 224 24.99 -56.26 65.11
C THR L 224 25.07 -57.78 65.08
N GLY L 225 24.83 -58.36 63.92
CA GLY L 225 24.80 -59.80 63.76
C GLY L 225 23.41 -60.32 63.44
N ILE L 226 23.22 -61.61 63.67
CA ILE L 226 21.98 -62.31 63.34
C ILE L 226 21.09 -62.34 64.57
N TYR L 227 19.87 -61.81 64.44
CA TYR L 227 18.92 -61.87 65.53
C TYR L 227 18.27 -63.25 65.64
N LYS L 228 17.72 -63.75 64.54
CA LYS L 228 17.05 -65.04 64.57
C LYS L 228 17.23 -65.75 63.24
N SER L 229 17.62 -67.02 63.31
CA SER L 229 17.87 -67.84 62.12
C SER L 229 16.98 -69.07 62.17
N GLU L 230 16.08 -69.20 61.20
CA GLU L 230 15.24 -70.38 61.08
C GLU L 230 15.40 -70.97 59.70
N LYS L 231 15.36 -72.29 59.61
CA LYS L 231 15.54 -72.99 58.34
C LYS L 231 14.28 -73.78 57.99
N LYS L 232 13.85 -73.62 56.74
CA LYS L 232 12.61 -74.19 56.22
C LYS L 232 11.40 -73.88 57.10
N PRO L 233 11.02 -72.61 57.26
CA PRO L 233 9.90 -72.32 58.15
C PRO L 233 8.55 -72.30 57.45
N PHE L 234 8.31 -73.22 56.51
CA PHE L 234 7.00 -73.27 55.88
C PHE L 234 6.52 -74.67 55.52
N LYS L 235 7.19 -75.73 56.00
CA LYS L 235 6.90 -77.16 55.79
C LYS L 235 7.09 -77.62 54.35
N ASN L 236 7.47 -76.74 53.42
CA ASN L 236 7.79 -77.14 52.06
C ASN L 236 9.05 -76.49 51.51
N GLY L 237 9.62 -75.50 52.22
CA GLY L 237 10.75 -74.76 51.70
C GLY L 237 10.35 -73.87 50.55
N ALA L 238 9.26 -73.12 50.72
CA ALA L 238 8.73 -72.23 49.72
C ALA L 238 9.00 -70.79 50.12
N CYS L 239 9.49 -70.00 49.17
CA CYS L 239 9.68 -68.58 49.42
C CYS L 239 8.33 -67.89 49.46
N PRO L 240 8.06 -67.04 50.46
CA PRO L 240 6.74 -66.38 50.53
C PRO L 240 6.57 -65.26 49.52
N PHE L 241 7.64 -64.79 48.89
CA PHE L 241 7.56 -63.65 47.99
C PHE L 241 7.23 -64.10 46.58
N ILE L 242 6.39 -63.31 45.91
CA ILE L 242 6.11 -63.44 44.50
C ILE L 242 6.43 -62.10 43.87
N VAL L 243 7.43 -62.09 43.00
CA VAL L 243 7.98 -60.88 42.41
C VAL L 243 7.71 -60.94 40.92
N SER L 244 7.44 -59.80 40.30
CA SER L 244 7.51 -59.71 38.85
C SER L 244 8.01 -58.35 38.43
N LYS L 245 8.93 -58.35 37.47
CA LYS L 245 9.51 -57.12 36.91
C LYS L 245 8.89 -56.85 35.56
N LEU L 246 8.34 -55.65 35.39
CA LEU L 246 7.89 -55.17 34.10
C LEU L 246 9.05 -54.44 33.42
N TYR L 247 9.33 -54.82 32.16
CA TYR L 247 10.35 -54.22 31.30
C TYR L 247 11.75 -54.31 31.93
N THR L 248 12.24 -55.55 32.03
CA THR L 248 13.66 -55.69 32.30
C THR L 248 14.45 -55.30 31.06
N ASP L 249 15.63 -54.72 31.27
CA ASP L 249 16.44 -54.22 30.17
C ASP L 249 17.88 -54.66 30.37
N GLU L 250 18.78 -54.09 29.56
CA GLU L 250 20.20 -54.27 29.77
C GLU L 250 20.64 -53.57 31.05
N LEU L 251 21.78 -54.03 31.59
CA LEU L 251 22.33 -53.72 32.91
C LEU L 251 21.43 -54.18 34.06
N ASN L 252 20.41 -55.00 33.76
CA ASN L 252 19.54 -55.68 34.73
C ASN L 252 18.82 -54.69 35.67
N ASN L 253 18.03 -53.81 35.07
CA ASN L 253 17.20 -52.88 35.81
C ASN L 253 15.74 -53.07 35.41
N TYR L 254 14.83 -52.56 36.23
CA TYR L 254 13.43 -52.51 35.85
C TYR L 254 13.09 -51.10 35.36
N TYR L 255 12.46 -51.04 34.18
CA TYR L 255 12.31 -49.82 33.41
C TYR L 255 11.00 -49.10 33.68
N GLY L 256 9.90 -49.84 33.84
CA GLY L 256 8.63 -49.24 34.20
C GLY L 256 7.99 -48.44 33.08
N LEU L 257 6.84 -47.86 33.40
CA LEU L 257 6.18 -46.96 32.47
C LEU L 257 6.62 -45.51 32.68
N PHE L 258 7.47 -45.27 33.67
CA PHE L 258 7.84 -43.90 34.02
C PHE L 258 8.85 -43.31 33.04
N ARG L 259 9.83 -44.11 32.59
CA ARG L 259 10.96 -43.54 31.88
C ARG L 259 10.61 -43.12 30.45
N ASP L 260 9.72 -43.84 29.79
CA ASP L 260 9.36 -43.47 28.42
C ASP L 260 8.38 -42.30 28.35
N ILE L 261 7.65 -42.01 29.43
CA ILE L 261 6.75 -40.86 29.47
C ILE L 261 7.29 -39.71 30.30
N LYS L 262 8.44 -39.87 30.93
CA LYS L 262 9.10 -38.81 31.69
C LYS L 262 9.52 -37.58 30.88
N PRO L 263 10.16 -37.70 29.69
CA PRO L 263 10.55 -36.46 28.98
C PRO L 263 9.37 -35.66 28.44
N MET L 264 8.24 -36.31 28.14
CA MET L 264 7.04 -35.57 27.77
C MET L 264 6.52 -34.75 28.95
N GLN L 265 6.56 -35.32 30.16
CA GLN L 265 6.14 -34.61 31.35
C GLN L 265 7.10 -33.45 31.66
N ASP L 266 8.40 -33.67 31.46
CA ASP L 266 9.38 -32.60 31.67
C ASP L 266 9.19 -31.48 30.67
N PHE L 267 8.91 -31.80 29.40
CA PHE L 267 8.67 -30.75 28.42
C PHE L 267 7.36 -30.03 28.68
N ILE L 268 6.35 -30.72 29.21
CA ILE L 268 5.09 -30.07 29.55
C ILE L 268 5.29 -29.08 30.69
N ASN L 269 6.03 -29.48 31.73
CA ASN L 269 6.29 -28.59 32.85
C ASN L 269 7.17 -27.41 32.44
N TYR L 270 8.20 -27.66 31.62
CA TYR L 270 9.07 -26.61 31.13
C TYR L 270 8.31 -25.62 30.25
N ALA L 271 7.43 -26.13 29.38
CA ALA L 271 6.67 -25.25 28.49
C ALA L 271 5.66 -24.42 29.27
N GLU L 272 5.01 -25.01 30.28
CA GLU L 272 4.05 -24.26 31.08
C GLU L 272 4.72 -23.17 31.91
N ASN L 273 5.86 -23.49 32.54
CA ASN L 273 6.54 -22.48 33.33
C ASN L 273 7.21 -21.42 32.48
N ARG L 274 7.73 -21.79 31.30
CA ARG L 274 8.34 -20.80 30.42
C ARG L 274 7.29 -19.91 29.78
N MET L 275 6.09 -20.44 29.51
CA MET L 275 5.03 -19.60 28.99
C MET L 275 4.45 -18.70 30.07
N GLY L 276 4.42 -19.17 31.32
CA GLY L 276 4.06 -18.29 32.42
C GLY L 276 5.10 -17.22 32.71
N ASN L 277 6.36 -17.47 32.34
CA ASN L 277 7.38 -16.44 32.46
C ASN L 277 7.35 -15.46 31.29
N MET L 278 6.99 -15.94 30.10
CA MET L 278 7.04 -15.10 28.90
C MET L 278 5.99 -14.01 28.96
N MET L 279 4.72 -14.39 29.09
CA MET L 279 3.71 -13.40 29.41
C MET L 279 3.83 -13.03 30.89
N GLY L 280 3.38 -11.83 31.22
CA GLY L 280 3.56 -11.35 32.57
C GLY L 280 4.94 -10.82 32.89
N SER L 281 5.78 -10.62 31.89
CA SER L 281 7.10 -10.05 32.10
C SER L 281 7.57 -9.39 30.81
N PHE L 282 8.54 -8.50 30.94
CA PHE L 282 9.08 -7.76 29.80
C PHE L 282 10.59 -7.84 29.80
N LYS L 283 11.17 -7.73 28.61
CA LYS L 283 12.62 -7.68 28.46
C LYS L 283 13.01 -6.42 27.69
N ALA L 284 14.15 -5.85 28.05
CA ALA L 284 14.58 -4.60 27.45
C ALA L 284 16.08 -4.48 27.53
N MET L 285 16.67 -3.93 26.47
CA MET L 285 18.07 -3.54 26.48
C MET L 285 18.17 -2.08 26.90
N PHE L 286 18.88 -1.84 28.00
CA PHE L 286 19.11 -0.49 28.49
C PHE L 286 20.53 -0.07 28.15
N GLU L 287 20.69 1.22 27.88
CA GLU L 287 22.02 1.78 27.97
C GLU L 287 22.34 2.07 29.42
N GLU L 288 23.63 2.21 29.73
CA GLU L 288 24.04 2.45 31.10
C GLU L 288 23.82 3.89 31.55
N ASP L 289 23.27 4.75 30.69
CA ASP L 289 22.95 6.13 31.03
C ASP L 289 21.53 6.48 30.59
N ALA L 290 20.64 5.50 30.56
CA ALA L 290 19.29 5.72 30.07
C ALA L 290 18.45 6.49 31.09
N VAL L 291 18.45 6.03 32.34
CA VAL L 291 17.66 6.67 33.40
C VAL L 291 18.38 6.41 34.71
N VAL L 292 18.21 7.34 35.65
CA VAL L 292 18.73 7.13 37.00
C VAL L 292 17.88 6.07 37.70
N ASP L 293 18.54 5.21 38.49
CA ASP L 293 17.93 4.14 39.28
C ASP L 293 17.14 3.18 38.39
N VAL L 294 17.89 2.46 37.55
CA VAL L 294 17.27 1.59 36.55
C VAL L 294 16.59 0.39 37.20
N ALA L 295 17.05 -0.03 38.38
CA ALA L 295 16.37 -1.08 39.11
C ALA L 295 15.01 -0.62 39.59
N GLU L 296 14.91 0.64 40.01
CA GLU L 296 13.62 1.20 40.42
C GLU L 296 12.68 1.28 39.23
N PHE L 297 13.22 1.62 38.06
CA PHE L 297 12.43 1.71 36.84
C PHE L 297 11.90 0.35 36.41
N VAL L 298 12.72 -0.70 36.52
CA VAL L 298 12.21 -2.01 36.15
C VAL L 298 11.36 -2.65 37.24
N GLU L 299 11.38 -2.11 38.47
CA GLU L 299 10.37 -2.53 39.44
C GLU L 299 9.01 -1.93 39.09
N THR L 300 8.94 -0.61 38.89
CA THR L 300 7.62 -0.04 38.56
C THR L 300 7.16 -0.36 37.14
N MET L 301 8.06 -0.75 36.24
CA MET L 301 7.65 -1.11 34.90
C MET L 301 7.03 -2.50 34.81
N SER L 302 7.33 -3.37 35.79
CA SER L 302 6.80 -4.74 35.75
C SER L 302 5.31 -4.81 36.07
N LEU L 303 4.74 -3.76 36.66
CA LEU L 303 3.32 -3.75 36.95
C LEU L 303 2.50 -3.54 35.68
N ASP L 304 1.24 -3.95 35.73
CA ASP L 304 0.32 -3.72 34.63
C ASP L 304 -0.35 -2.35 34.69
N ASN L 305 -0.09 -1.58 35.74
CA ASN L 305 -0.48 -0.17 35.80
C ASN L 305 0.77 0.61 36.21
N ALA L 306 1.57 0.95 35.22
CA ALA L 306 2.88 1.54 35.45
C ALA L 306 2.82 3.05 35.22
N ILE L 307 3.12 3.81 36.26
CA ILE L 307 3.35 5.24 36.13
C ILE L 307 4.83 5.45 36.46
N ALA L 308 5.67 5.41 35.43
CA ALA L 308 7.11 5.50 35.59
C ALA L 308 7.58 6.90 35.23
N LYS L 309 8.10 7.62 36.21
CA LYS L 309 8.64 8.95 36.02
C LYS L 309 10.13 8.84 35.72
N VAL L 310 10.53 9.32 34.55
CA VAL L 310 11.92 9.25 34.12
C VAL L 310 12.49 10.66 34.08
N ARG L 311 13.80 10.74 33.81
CA ARG L 311 14.47 12.03 33.70
C ARG L 311 14.00 12.77 32.46
N PRO L 312 14.14 14.09 32.42
CA PRO L 312 13.75 14.85 31.22
C PRO L 312 14.59 14.49 30.01
N ASN L 313 13.95 14.59 28.84
CA ASN L 313 14.52 14.26 27.52
C ASN L 313 14.99 12.82 27.44
N ALA L 314 14.28 11.92 28.09
CA ALA L 314 14.58 10.49 28.03
C ALA L 314 13.62 9.73 27.12
N LEU L 315 12.66 10.42 26.50
CA LEU L 315 11.73 9.81 25.57
C LEU L 315 12.06 10.13 24.12
N LYS L 316 12.98 11.05 23.88
CA LYS L 316 13.32 11.47 22.53
C LYS L 316 14.64 10.89 22.05
N ASP L 317 15.42 10.27 22.92
CA ASP L 317 16.73 9.74 22.55
C ASP L 317 16.73 8.24 22.29
N HIS L 318 15.76 7.52 22.87
CA HIS L 318 15.58 6.07 22.71
C HIS L 318 16.81 5.29 23.18
N LYS L 319 17.13 5.45 24.45
CA LYS L 319 18.18 4.67 25.08
C LYS L 319 17.66 3.38 25.72
N ILE L 320 16.35 3.13 25.62
CA ILE L 320 15.74 1.89 26.10
C ILE L 320 15.09 1.22 24.90
N GLN L 321 15.36 -0.09 24.74
CA GLN L 321 14.80 -0.86 23.64
C GLN L 321 14.03 -2.03 24.24
N PHE L 322 12.71 -1.91 24.28
CA PHE L 322 11.86 -2.99 24.77
C PHE L 322 11.76 -4.07 23.70
N MET L 323 12.34 -5.24 23.99
CA MET L 323 12.32 -6.33 23.03
C MET L 323 11.03 -7.14 23.18
N ASN L 324 10.62 -7.75 22.07
CA ASN L 324 9.39 -8.54 22.06
C ASN L 324 9.64 -9.87 22.76
N ASN L 325 8.96 -10.07 23.88
CA ASN L 325 9.16 -11.28 24.66
C ASN L 325 8.38 -12.46 24.11
N GLN L 326 7.15 -12.23 23.66
CA GLN L 326 6.24 -13.31 23.29
C GLN L 326 6.31 -13.59 21.79
N ALA L 327 7.51 -13.90 21.33
CA ALA L 327 7.69 -14.42 19.98
C ALA L 327 7.60 -15.93 19.93
N ASP L 328 7.32 -16.58 21.06
CA ASP L 328 7.37 -18.03 21.17
C ASP L 328 6.21 -18.59 21.96
N LEU L 329 5.12 -17.82 22.13
CA LEU L 329 3.99 -18.32 22.90
C LEU L 329 3.19 -19.35 22.10
N SER L 330 2.97 -19.07 20.82
CA SER L 330 2.14 -19.94 20.00
C SER L 330 2.81 -21.28 19.73
N ALA L 331 4.12 -21.25 19.43
CA ALA L 331 4.83 -22.49 19.15
C ALA L 331 4.94 -23.35 20.40
N LEU L 332 5.14 -22.72 21.56
CA LEU L 332 5.17 -23.48 22.80
C LEU L 332 3.81 -24.02 23.17
N SER L 333 2.72 -23.30 22.84
CA SER L 333 1.37 -23.83 23.06
C SER L 333 1.11 -25.06 22.20
N GLN L 334 1.50 -25.00 20.93
CA GLN L 334 1.31 -26.13 20.02
C GLN L 334 2.17 -27.31 20.44
N LYS L 335 3.40 -27.06 20.89
CA LYS L 335 4.26 -28.14 21.33
C LYS L 335 3.77 -28.76 22.64
N ALA L 336 3.20 -27.93 23.53
CA ALA L 336 2.65 -28.45 24.77
C ALA L 336 1.43 -29.32 24.52
N GLU L 337 0.56 -28.91 23.57
CA GLU L 337 -0.57 -29.75 23.21
C GLU L 337 -0.14 -31.03 22.51
N GLN L 338 0.91 -30.95 21.69
CA GLN L 338 1.43 -32.13 21.00
C GLN L 338 2.00 -33.13 21.99
N LYS L 339 2.81 -32.67 22.95
CA LYS L 339 3.36 -33.58 23.95
C LYS L 339 2.28 -34.06 24.92
N ARG L 340 1.22 -33.28 25.12
CA ARG L 340 0.11 -33.72 25.95
C ARG L 340 -0.67 -34.85 25.29
N GLN L 341 -0.80 -34.82 23.96
CA GLN L 341 -1.40 -35.96 23.26
C GLN L 341 -0.43 -37.15 23.21
N LEU L 342 0.86 -36.87 23.03
CA LEU L 342 1.86 -37.94 23.00
C LEU L 342 2.04 -38.62 24.35
N LEU L 343 1.67 -37.96 25.45
CA LEU L 343 1.71 -38.62 26.74
C LEU L 343 0.67 -39.73 26.83
N ARG L 344 -0.53 -39.48 26.32
CA ARG L 344 -1.54 -40.54 26.26
C ARG L 344 -1.19 -41.57 25.20
N LEU L 345 -0.48 -41.16 24.16
CA LEU L 345 -0.10 -42.12 23.12
C LEU L 345 0.98 -43.08 23.61
N LEU L 346 1.97 -42.58 24.34
CA LEU L 346 3.12 -43.40 24.73
C LEU L 346 2.81 -44.39 25.82
N ALA L 347 1.77 -44.17 26.61
CA ALA L 347 1.41 -45.08 27.69
C ALA L 347 0.44 -46.16 27.23
N GLY L 348 0.15 -46.25 25.94
CA GLY L 348 -0.78 -47.24 25.45
C GLY L 348 -2.24 -46.89 25.58
N LEU L 349 -2.55 -45.66 25.98
CA LEU L 349 -3.95 -45.24 26.12
C LEU L 349 -4.55 -44.75 24.81
N ASN L 350 -3.86 -44.88 23.70
CA ASN L 350 -4.52 -44.72 22.41
C ASN L 350 -5.41 -45.93 22.15
N ASP L 351 -6.32 -45.76 21.19
CA ASP L 351 -7.53 -46.57 21.04
C ASP L 351 -8.27 -46.61 22.39
N GLU L 352 -8.74 -45.41 22.77
CA GLU L 352 -9.48 -45.26 24.02
C GLU L 352 -10.82 -45.95 23.85
N SER L 353 -10.86 -47.21 24.29
CA SER L 353 -12.08 -48.01 24.28
C SER L 353 -12.22 -48.75 25.60
N LEU L 354 -11.71 -48.13 26.69
CA LEU L 354 -11.78 -48.75 28.01
C LEU L 354 -13.21 -48.89 28.49
N GLY L 355 -14.04 -47.86 28.23
CA GLY L 355 -15.45 -47.98 28.53
C GLY L 355 -16.16 -49.01 27.66
N MET L 356 -15.70 -49.18 26.42
CA MET L 356 -16.22 -50.27 25.60
C MET L 356 -15.69 -51.62 26.09
N ALA L 357 -14.45 -51.64 26.59
CA ALA L 357 -13.85 -52.91 27.01
C ALA L 357 -14.46 -53.44 28.30
N VAL L 358 -14.87 -52.54 29.22
CA VAL L 358 -15.46 -53.03 30.46
C VAL L 358 -16.88 -53.52 30.24
N ASN L 359 -17.60 -52.94 29.27
CA ASN L 359 -18.88 -53.49 28.85
C ASN L 359 -18.71 -54.73 27.98
N ARG L 360 -17.51 -54.96 27.44
CA ARG L 360 -17.24 -56.22 26.78
C ARG L 360 -16.97 -57.36 27.76
N GLN L 361 -16.75 -57.05 29.04
CA GLN L 361 -16.56 -58.06 30.07
C GLN L 361 -17.81 -58.27 30.91
N SER L 362 -18.99 -58.20 30.29
CA SER L 362 -20.22 -58.55 30.99
C SER L 362 -20.52 -60.04 30.87
N GLY L 363 -20.20 -60.64 29.72
CA GLY L 363 -20.41 -62.06 29.53
C GLY L 363 -19.36 -62.90 30.21
N VAL L 364 -19.73 -63.52 31.32
CA VAL L 364 -18.82 -64.36 32.09
C VAL L 364 -19.42 -65.76 32.22
N ALA L 365 -20.16 -66.17 31.18
CA ALA L 365 -21.14 -67.25 31.28
C ALA L 365 -20.58 -68.62 31.65
N ILE L 366 -19.87 -69.30 30.74
CA ILE L 366 -19.17 -70.52 31.14
C ILE L 366 -17.74 -70.50 30.61
N ALA L 367 -17.58 -70.34 29.31
CA ALA L 367 -16.29 -70.50 28.64
C ALA L 367 -16.06 -69.24 27.82
N GLN L 368 -15.43 -68.23 28.42
CA GLN L 368 -15.20 -66.97 27.75
C GLN L 368 -13.73 -66.62 27.76
N ARG L 369 -13.30 -65.94 26.70
CA ARG L 369 -11.94 -65.48 26.55
C ARG L 369 -11.81 -64.08 27.15
N LYS L 370 -10.72 -63.38 26.81
CA LYS L 370 -10.49 -62.04 27.34
C LYS L 370 -11.47 -61.04 26.75
N GLU L 371 -12.04 -61.32 25.56
CA GLU L 371 -12.92 -60.41 24.81
C GLU L 371 -12.20 -59.07 24.56
N SER L 372 -11.22 -59.17 23.66
CA SER L 372 -10.13 -58.22 23.54
C SER L 372 -10.59 -56.82 23.16
N GLY L 373 -10.04 -55.83 23.87
CA GLY L 373 -10.13 -54.44 23.50
C GLY L 373 -8.79 -53.88 23.12
N LEU L 374 -8.15 -53.23 24.08
CA LEU L 374 -6.87 -52.53 23.88
C LEU L 374 -5.74 -53.49 23.50
N MET L 375 -4.69 -52.92 22.91
CA MET L 375 -3.46 -53.62 22.61
C MET L 375 -2.24 -53.05 23.30
N GLY L 376 -2.24 -51.75 23.62
CA GLY L 376 -1.04 -51.12 24.14
C GLY L 376 -0.73 -51.47 25.58
N LEU L 377 -1.76 -51.69 26.39
CA LEU L 377 -1.58 -52.02 27.80
C LEU L 377 -1.53 -53.51 28.05
N GLN L 378 -1.50 -54.33 26.99
CA GLN L 378 -1.61 -55.78 27.14
C GLN L 378 -0.37 -56.41 27.77
N THR L 379 0.79 -55.75 27.67
CA THR L 379 1.98 -56.24 28.36
C THR L 379 1.81 -56.15 29.88
N PHE L 380 1.22 -55.04 30.34
CA PHE L 380 0.96 -54.87 31.76
C PHE L 380 -0.07 -55.86 32.27
N LEU L 381 -1.14 -56.08 31.49
CA LEU L 381 -2.16 -57.05 31.86
C LEU L 381 -1.60 -58.47 31.88
N LYS L 382 -0.68 -58.77 30.95
CA LYS L 382 -0.10 -60.11 30.90
C LYS L 382 0.86 -60.34 32.07
N ALA L 383 1.63 -59.32 32.44
CA ALA L 383 2.50 -59.44 33.61
C ALA L 383 1.70 -59.61 34.89
N THR L 384 0.58 -58.88 35.01
CA THR L 384 -0.31 -59.07 36.14
C THR L 384 -0.95 -60.46 36.16
N ASP L 385 -1.27 -61.00 34.99
CA ASP L 385 -1.82 -62.36 34.90
C ASP L 385 -0.80 -63.40 35.34
N ASP L 386 0.45 -63.26 34.90
CA ASP L 386 1.49 -64.22 35.29
C ASP L 386 1.81 -64.14 36.78
N MET L 387 1.80 -62.92 37.35
CA MET L 387 2.03 -62.84 38.78
C MET L 387 0.85 -63.38 39.58
N ASP L 388 -0.38 -63.23 39.07
CA ASP L 388 -1.53 -63.85 39.73
C ASP L 388 -1.46 -65.36 39.65
N ARG L 389 -0.98 -65.91 38.54
CA ARG L 389 -0.84 -67.36 38.43
C ARG L 389 0.20 -67.90 39.41
N LEU L 390 1.31 -67.18 39.57
CA LEU L 390 2.32 -67.61 40.56
C LEU L 390 1.80 -67.47 41.98
N ILE L 391 1.05 -66.40 42.26
CA ILE L 391 0.46 -66.18 43.59
C ILE L 391 -0.51 -67.30 43.94
N PHE L 392 -1.36 -67.69 42.99
CA PHE L 392 -2.33 -68.73 43.29
C PHE L 392 -1.71 -70.12 43.31
N ARG L 393 -0.60 -70.33 42.59
CA ARG L 393 0.13 -71.59 42.74
C ARG L 393 0.71 -71.71 44.15
N LEU L 394 1.29 -70.62 44.67
CA LEU L 394 1.81 -70.66 46.03
C LEU L 394 0.70 -70.78 47.07
N ALA L 395 -0.45 -70.15 46.80
CA ALA L 395 -1.56 -70.23 47.75
C ALA L 395 -2.18 -71.62 47.78
N VAL L 396 -2.28 -72.28 46.62
CA VAL L 396 -2.76 -73.65 46.57
C VAL L 396 -1.76 -74.58 47.27
N SER L 397 -0.46 -74.31 47.11
CA SER L 397 0.54 -75.11 47.80
C SER L 397 0.52 -74.92 49.31
N PHE L 398 0.12 -73.73 49.77
CA PHE L 398 -0.06 -73.53 51.21
C PHE L 398 -1.34 -74.17 51.74
N ILE L 399 -2.43 -74.08 50.97
CA ILE L 399 -3.73 -74.58 51.42
C ILE L 399 -3.70 -76.11 51.47
N CYS L 400 -3.09 -76.75 50.48
CA CYS L 400 -2.98 -78.21 50.47
C CYS L 400 -1.99 -78.74 51.49
N GLU L 401 -1.27 -77.89 52.21
CA GLU L 401 -0.27 -78.30 53.18
C GLU L 401 -0.61 -77.97 54.62
N TYR L 402 -1.32 -76.86 54.86
CA TYR L 402 -1.58 -76.43 56.23
C TYR L 402 -3.02 -76.55 56.68
N PHE L 403 -3.96 -76.70 55.74
CA PHE L 403 -5.37 -76.77 56.11
C PHE L 403 -5.70 -78.18 56.60
N THR L 404 -6.13 -78.28 57.86
CA THR L 404 -6.54 -79.56 58.42
C THR L 404 -7.92 -79.94 57.89
N LYS L 405 -8.37 -81.14 58.24
CA LYS L 405 -9.65 -81.62 57.75
C LYS L 405 -10.81 -80.88 58.40
N GLU L 406 -10.73 -80.61 59.72
CA GLU L 406 -11.78 -79.84 60.36
C GLU L 406 -11.73 -78.37 59.93
N GLN L 407 -10.56 -77.87 59.54
CA GLN L 407 -10.48 -76.53 58.98
C GLN L 407 -11.14 -76.47 57.62
N VAL L 408 -11.00 -77.54 56.82
CA VAL L 408 -11.64 -77.60 55.51
C VAL L 408 -13.15 -77.72 55.66
N PHE L 409 -13.62 -78.58 56.57
CA PHE L 409 -15.04 -78.81 56.72
C PHE L 409 -15.78 -77.66 57.41
N LYS L 410 -15.06 -76.68 57.96
CA LYS L 410 -15.70 -75.46 58.43
C LYS L 410 -15.91 -74.44 57.33
N ILE L 411 -15.25 -74.62 56.18
CA ILE L 411 -15.29 -73.66 55.10
C ILE L 411 -16.22 -74.11 53.98
N VAL L 412 -16.11 -75.37 53.58
CA VAL L 412 -16.82 -75.86 52.42
C VAL L 412 -18.09 -76.58 52.89
N ASP L 413 -18.96 -76.89 51.94
CA ASP L 413 -20.19 -77.60 52.23
C ASP L 413 -19.91 -79.07 52.55
N LYS L 414 -20.96 -79.77 52.98
CA LYS L 414 -20.81 -81.18 53.32
C LYS L 414 -20.60 -82.04 52.08
N LYS L 415 -21.28 -81.69 50.99
CA LYS L 415 -21.17 -82.48 49.76
C LYS L 415 -19.81 -82.29 49.11
N LEU L 416 -19.28 -81.06 49.13
CA LEU L 416 -17.96 -80.81 48.55
C LEU L 416 -16.85 -81.48 49.34
N GLY L 417 -17.05 -81.64 50.66
CA GLY L 417 -16.09 -82.36 51.46
C GLY L 417 -16.20 -83.86 51.28
N ASP L 418 -17.43 -84.35 51.14
CA ASP L 418 -17.63 -85.79 50.99
C ASP L 418 -17.30 -86.31 49.60
N ARG L 419 -17.29 -85.44 48.59
CA ARG L 419 -16.93 -85.90 47.26
C ARG L 419 -15.43 -86.12 47.11
N TYR L 420 -14.62 -85.42 47.89
CA TYR L 420 -13.17 -85.55 47.75
C TYR L 420 -12.60 -86.63 48.65
N PHE L 421 -13.06 -86.71 49.90
CA PHE L 421 -12.57 -87.72 50.84
C PHE L 421 -13.37 -89.01 50.71
N LYS L 422 -13.26 -89.62 49.52
CA LYS L 422 -13.95 -90.85 49.12
C LYS L 422 -15.46 -90.79 49.31
N ASP L 427 -6.20 -91.02 51.62
CA ASP L 427 -6.77 -89.83 52.25
C ASP L 427 -5.81 -89.26 53.28
N ASP L 428 -5.74 -89.93 54.44
CA ASP L 428 -4.84 -89.59 55.56
C ASP L 428 -5.06 -88.18 56.09
N ASN L 429 -6.31 -87.71 56.04
CA ASN L 429 -6.78 -86.45 56.64
C ASN L 429 -6.02 -85.23 56.09
N LYS L 430 -5.62 -85.27 54.83
CA LYS L 430 -4.89 -84.16 54.24
C LYS L 430 -5.21 -84.10 52.75
N ILE L 431 -5.37 -82.88 52.24
CA ILE L 431 -5.57 -82.70 50.81
C ILE L 431 -4.25 -82.96 50.10
N ARG L 432 -4.24 -83.95 49.21
CA ARG L 432 -3.03 -84.36 48.49
C ARG L 432 -3.27 -84.24 47.00
N PRO L 433 -3.09 -83.05 46.43
CA PRO L 433 -3.20 -82.91 44.97
C PRO L 433 -1.91 -83.38 44.30
N LEU L 434 -2.08 -83.99 43.13
CA LEU L 434 -0.96 -84.49 42.38
C LEU L 434 -0.40 -83.36 41.50
N LYS L 435 0.52 -83.71 40.60
CA LYS L 435 1.14 -82.69 39.76
C LYS L 435 0.28 -82.37 38.55
N PHE L 436 -0.20 -83.40 37.85
CA PHE L 436 -1.03 -83.21 36.66
C PHE L 436 -2.51 -83.37 37.04
N ASP L 437 -2.97 -82.44 37.86
CA ASP L 437 -4.35 -82.52 38.31
C ASP L 437 -5.13 -81.24 38.06
N LEU L 438 -4.50 -80.08 38.16
CA LEU L 438 -5.21 -78.81 38.13
C LEU L 438 -4.72 -77.94 36.99
N ILE L 439 -5.64 -77.15 36.44
CA ILE L 439 -5.37 -76.18 35.40
C ILE L 439 -5.81 -74.81 35.91
N LEU L 440 -4.91 -73.83 35.84
CA LEU L 440 -5.19 -72.49 36.35
C LEU L 440 -5.80 -71.65 35.25
N LYS L 441 -7.02 -71.17 35.46
CA LYS L 441 -7.72 -70.33 34.49
C LYS L 441 -8.09 -69.01 35.16
N SER L 442 -7.68 -67.91 34.54
CA SER L 442 -7.98 -66.59 35.09
C SER L 442 -9.38 -66.15 34.69
N GLN L 443 -10.03 -65.45 35.61
CA GLN L 443 -11.36 -64.88 35.35
C GLN L 443 -11.53 -63.66 36.23
N LEU L 444 -12.70 -63.02 36.13
CA LEU L 444 -12.97 -61.87 36.96
C LEU L 444 -13.29 -62.30 38.38
N LYS L 445 -12.87 -61.50 39.35
CA LYS L 445 -13.08 -61.81 40.76
C LYS L 445 -14.55 -61.62 41.10
N THR L 446 -15.26 -62.73 41.29
CA THR L 446 -16.66 -62.70 41.68
C THR L 446 -16.89 -63.71 42.78
N GLU L 447 -17.98 -63.52 43.51
CA GLU L 447 -18.35 -64.43 44.58
C GLU L 447 -18.91 -65.71 43.98
N SER L 448 -18.81 -66.80 44.75
CA SER L 448 -19.06 -68.14 44.21
C SER L 448 -20.54 -68.36 43.93
N ARG L 449 -21.43 -67.83 44.77
CA ARG L 449 -22.86 -68.03 44.55
C ARG L 449 -23.37 -67.27 43.33
N ASP L 450 -22.79 -66.10 43.04
CA ASP L 450 -23.20 -65.35 41.85
C ASP L 450 -22.74 -66.05 40.57
N GLU L 451 -21.52 -66.59 40.58
CA GLU L 451 -21.02 -67.35 39.45
C GLU L 451 -21.83 -68.62 39.23
N LYS L 452 -22.17 -69.32 40.32
CA LYS L 452 -23.01 -70.51 40.19
C LYS L 452 -24.42 -70.16 39.72
N TRP L 453 -24.93 -68.99 40.12
CA TRP L 453 -26.25 -68.56 39.67
C TRP L 453 -26.26 -68.26 38.18
N TYR L 454 -25.21 -67.61 37.68
CA TYR L 454 -25.12 -67.33 36.24
C TYR L 454 -24.94 -68.62 35.43
N ASN L 455 -24.17 -69.56 35.97
CA ASN L 455 -23.99 -70.84 35.27
C ASN L 455 -25.28 -71.64 35.27
N TRP L 456 -26.04 -71.61 36.37
CA TRP L 456 -27.34 -72.27 36.43
C TRP L 456 -28.32 -71.65 35.44
N ASN L 457 -28.28 -70.31 35.30
CA ASN L 457 -29.19 -69.63 34.38
C ASN L 457 -28.88 -69.98 32.94
N GLU L 458 -27.61 -69.94 32.55
CA GLU L 458 -27.28 -70.30 31.17
C GLU L 458 -27.49 -71.78 30.90
N LEU L 459 -27.29 -72.64 31.90
CA LEU L 459 -27.53 -74.06 31.69
C LEU L 459 -29.01 -74.37 31.54
N LEU L 460 -29.86 -73.71 32.31
CA LEU L 460 -31.29 -73.92 32.13
C LEU L 460 -31.83 -73.28 30.86
N LYS L 461 -31.17 -72.22 30.36
CA LYS L 461 -31.58 -71.70 29.06
C LYS L 461 -31.02 -72.51 27.90
N ILE L 462 -29.99 -73.32 28.15
CA ILE L 462 -29.48 -74.21 27.10
C ILE L 462 -30.28 -75.50 27.06
N LEU L 463 -30.55 -76.10 28.21
CA LEU L 463 -31.20 -77.40 28.30
C LEU L 463 -32.70 -77.36 28.10
N ALA L 464 -33.29 -76.19 27.82
CA ALA L 464 -34.74 -76.13 27.68
C ALA L 464 -35.25 -76.76 26.37
N PRO L 465 -34.69 -76.48 25.16
CA PRO L 465 -35.24 -77.17 23.98
C PRO L 465 -34.77 -78.60 23.82
N ILE L 466 -33.54 -78.91 24.24
CA ILE L 466 -32.96 -80.20 23.90
C ILE L 466 -33.45 -81.31 24.83
N ARG L 467 -33.70 -81.01 26.10
CA ARG L 467 -34.17 -82.04 27.04
C ARG L 467 -34.96 -81.36 28.14
N PRO L 468 -36.28 -81.26 28.00
CA PRO L 468 -37.09 -80.49 28.96
C PRO L 468 -37.30 -81.18 30.30
N ASP L 469 -37.36 -82.52 30.30
CA ASP L 469 -37.66 -83.25 31.54
C ASP L 469 -36.55 -83.15 32.57
N LEU L 470 -35.33 -82.80 32.15
CA LEU L 470 -34.25 -82.54 33.09
C LEU L 470 -34.41 -81.21 33.80
N VAL L 471 -35.15 -80.28 33.23
CA VAL L 471 -35.23 -78.91 33.74
C VAL L 471 -35.98 -78.76 35.08
N PRO L 472 -37.18 -79.32 35.32
CA PRO L 472 -37.82 -79.06 36.63
C PRO L 472 -37.20 -79.83 37.79
N SER L 473 -36.27 -80.73 37.55
CA SER L 473 -35.52 -81.37 38.63
C SER L 473 -34.28 -80.59 39.01
N LEU L 474 -33.97 -79.50 38.32
CA LEU L 474 -32.78 -78.71 38.60
C LEU L 474 -33.04 -77.43 39.38
N VAL L 475 -34.28 -76.95 39.39
CA VAL L 475 -34.62 -75.67 40.00
C VAL L 475 -34.50 -75.62 41.54
N PRO L 476 -34.67 -76.70 42.33
CA PRO L 476 -34.21 -76.57 43.74
C PRO L 476 -32.71 -76.49 43.85
N LEU L 477 -31.97 -77.20 43.00
CA LEU L 477 -30.52 -77.08 43.01
C LEU L 477 -30.06 -75.73 42.48
N MET L 478 -30.87 -75.11 41.62
CA MET L 478 -30.57 -73.74 41.21
C MET L 478 -30.87 -72.75 42.32
N LEU L 479 -32.01 -72.91 42.99
CA LEU L 479 -32.43 -71.96 44.01
C LEU L 479 -31.65 -72.09 45.30
N ASN L 480 -30.99 -73.23 45.54
CA ASN L 480 -30.10 -73.34 46.68
C ASN L 480 -28.85 -72.49 46.52
N ASP L 481 -28.48 -72.14 45.29
CA ASP L 481 -27.29 -71.35 45.01
C ASP L 481 -27.63 -69.90 44.70
N MET L 482 -28.64 -69.34 45.36
CA MET L 482 -29.06 -67.97 45.15
C MET L 482 -28.69 -67.12 46.36
N ASP L 483 -28.14 -65.93 46.10
CA ASP L 483 -27.68 -65.03 47.14
C ASP L 483 -28.77 -64.04 47.56
N SER L 484 -29.98 -64.27 47.15
CA SER L 484 -31.08 -63.38 47.47
C SER L 484 -31.54 -63.57 48.92
N PRO L 485 -32.04 -62.51 49.57
CA PRO L 485 -32.59 -62.67 50.93
C PRO L 485 -33.92 -63.41 50.97
N ILE L 486 -34.59 -63.61 49.83
CA ILE L 486 -35.84 -64.35 49.83
C ILE L 486 -35.65 -65.85 49.72
N THR L 487 -34.39 -66.33 49.75
CA THR L 487 -34.09 -67.72 49.45
C THR L 487 -34.64 -68.67 50.51
N ASN L 488 -34.55 -68.29 51.79
CA ASN L 488 -35.04 -69.13 52.87
C ASN L 488 -36.54 -69.27 52.87
N ASP L 489 -37.26 -68.36 52.21
CA ASP L 489 -38.70 -68.49 52.03
C ASP L 489 -39.04 -69.36 50.83
N VAL L 490 -38.29 -69.21 49.73
CA VAL L 490 -38.54 -69.98 48.51
C VAL L 490 -38.27 -71.46 48.74
N LEU L 491 -37.23 -71.77 49.54
CA LEU L 491 -36.89 -73.17 49.78
C LEU L 491 -37.96 -73.88 50.63
N GLU L 492 -38.48 -73.19 51.66
CA GLU L 492 -39.54 -73.82 52.45
C GLU L 492 -40.87 -73.83 51.68
N ALA L 493 -41.06 -72.90 50.75
CA ALA L 493 -42.22 -72.97 49.86
C ALA L 493 -42.14 -74.18 48.94
N ILE L 494 -40.95 -74.48 48.43
CA ILE L 494 -40.74 -75.67 47.61
C ILE L 494 -40.97 -76.94 48.41
N GLN L 495 -40.48 -76.95 49.66
CA GLN L 495 -40.68 -78.12 50.52
C GLN L 495 -42.14 -78.33 50.86
N ASN L 496 -42.89 -77.25 51.11
CA ASN L 496 -44.31 -77.38 51.40
C ASN L 496 -45.10 -77.82 50.17
N ALA L 497 -44.72 -77.32 48.99
CA ALA L 497 -45.40 -77.74 47.76
C ALA L 497 -45.12 -79.20 47.44
N ASN L 498 -43.89 -79.66 47.65
CA ASN L 498 -43.55 -81.06 47.41
C ASN L 498 -44.24 -81.97 48.42
N ALA L 499 -44.34 -81.52 49.68
CA ALA L 499 -45.04 -82.30 50.69
C ALA L 499 -46.53 -82.41 50.38
N LEU L 500 -47.15 -81.31 49.93
CA LEU L 500 -48.56 -81.34 49.56
C LEU L 500 -48.79 -82.20 48.33
N GLN L 501 -47.86 -82.17 47.37
CA GLN L 501 -47.99 -82.96 46.15
C GLN L 501 -47.88 -84.46 46.44
N GLN L 502 -46.88 -84.85 47.24
CA GLN L 502 -46.74 -86.27 47.58
C GLN L 502 -47.84 -86.72 48.53
N GLN L 503 -48.40 -85.81 49.34
CA GLN L 503 -49.53 -86.15 50.20
C GLN L 503 -50.79 -86.42 49.38
N ASN L 504 -51.06 -85.57 48.38
CA ASN L 504 -52.19 -85.81 47.49
C ASN L 504 -51.99 -87.07 46.65
N ALA L 505 -50.75 -87.34 46.24
CA ALA L 505 -50.48 -88.55 45.46
C ALA L 505 -50.70 -89.82 46.27
N GLU L 506 -50.17 -89.85 47.50
CA GLU L 506 -50.38 -91.01 48.35
C GLU L 506 -51.79 -91.09 48.92
N ALA L 507 -52.55 -90.00 48.86
CA ALA L 507 -53.97 -90.07 49.24
C ALA L 507 -54.83 -90.59 48.09
N ASN L 508 -54.47 -90.29 46.85
CA ASN L 508 -55.28 -90.72 45.71
C ASN L 508 -54.84 -92.05 45.11
N ALA L 509 -53.66 -92.56 45.48
CA ALA L 509 -53.16 -93.84 44.98
C ALA L 509 -54.00 -95.09 45.26
N PRO L 510 -54.70 -95.25 46.41
CA PRO L 510 -55.58 -96.44 46.54
C PRO L 510 -56.72 -96.47 45.53
N TYR L 511 -57.29 -95.31 45.17
CA TYR L 511 -58.31 -95.28 44.13
C TYR L 511 -57.74 -95.67 42.78
N ASN L 512 -56.49 -95.26 42.50
CA ASN L 512 -55.87 -95.61 41.23
C ASN L 512 -55.57 -97.10 41.13
N GLN L 513 -55.05 -97.71 42.21
CA GLN L 513 -54.79 -99.15 42.15
C GLN L 513 -56.08 -99.95 42.17
N GLN L 514 -57.15 -99.41 42.78
CA GLN L 514 -58.46 -100.05 42.72
C GLN L 514 -59.00 -100.05 41.30
N ILE L 515 -58.86 -98.92 40.59
CA ILE L 515 -59.29 -98.83 39.20
C ILE L 515 -58.46 -99.78 38.32
N GLN L 516 -57.17 -99.90 38.61
CA GLN L 516 -56.30 -100.80 37.85
C GLN L 516 -56.71 -102.26 38.01
N ALA L 517 -56.90 -102.70 39.26
CA ALA L 517 -57.32 -104.07 39.53
C ALA L 517 -58.72 -104.35 38.96
N LEU L 518 -59.59 -103.36 38.99
CA LEU L 518 -60.94 -103.54 38.49
C LEU L 518 -60.97 -103.64 36.97
N GLN L 519 -60.11 -102.88 36.29
CA GLN L 519 -60.00 -103.00 34.85
C GLN L 519 -59.38 -104.33 34.44
N ILE L 520 -58.42 -104.82 35.24
CA ILE L 520 -57.84 -106.14 35.01
C ILE L 520 -58.90 -107.24 35.14
N GLN L 521 -59.74 -107.12 36.17
CA GLN L 521 -60.83 -108.09 36.35
C GLN L 521 -61.87 -108.01 35.24
N LYS L 522 -62.13 -106.81 34.71
CA LYS L 522 -63.04 -106.67 33.58
C LYS L 522 -62.48 -107.32 32.32
N LEU L 523 -61.20 -107.10 32.07
CA LEU L 523 -60.60 -107.68 30.87
C LEU L 523 -60.43 -109.19 31.00
N GLN L 524 -60.34 -109.74 32.23
CA GLN L 524 -60.39 -111.18 32.42
C GLN L 524 -61.79 -111.75 32.27
N ALA L 525 -62.80 -110.99 32.72
CA ALA L 525 -64.19 -111.40 32.57
C ALA L 525 -64.58 -111.48 31.10
N GLU L 526 -64.00 -110.60 30.27
CA GLU L 526 -64.22 -110.70 28.83
C GLU L 526 -63.63 -111.99 28.26
N ILE L 527 -62.47 -112.43 28.78
CA ILE L 527 -61.86 -113.70 28.35
C ILE L 527 -62.79 -114.85 28.65
N MET L 528 -63.24 -114.96 29.90
CA MET L 528 -64.07 -116.09 30.28
C MET L 528 -65.44 -116.04 29.62
N GLU L 529 -65.94 -114.83 29.32
CA GLU L 529 -67.21 -114.70 28.62
C GLU L 529 -67.12 -115.20 27.19
N LEU L 530 -66.09 -114.77 26.46
CA LEU L 530 -65.94 -115.20 25.06
C LEU L 530 -65.58 -116.67 24.96
N GLN L 531 -64.82 -117.20 25.93
CA GLN L 531 -64.51 -118.62 25.93
C GLN L 531 -65.75 -119.47 26.21
N ALA L 532 -66.62 -118.99 27.11
CA ALA L 532 -67.86 -119.71 27.38
C ALA L 532 -68.81 -119.66 26.17
N LYS L 533 -68.85 -118.52 25.47
CA LYS L 533 -69.66 -118.42 24.26
C LYS L 533 -69.15 -119.36 23.17
N ALA L 534 -67.82 -119.44 23.00
CA ALA L 534 -67.24 -120.36 22.03
C ALA L 534 -67.52 -121.81 22.40
N HIS L 535 -67.47 -122.13 23.70
CA HIS L 535 -67.76 -123.49 24.14
C HIS L 535 -69.21 -123.87 23.88
N LYS L 536 -70.16 -122.99 24.22
CA LYS L 536 -71.56 -123.32 24.02
C LYS L 536 -71.93 -123.36 22.53
N TYR L 537 -71.28 -122.54 21.70
CA TYR L 537 -71.55 -122.61 20.26
C TYR L 537 -70.98 -123.88 19.65
N ALA L 538 -69.80 -124.32 20.13
CA ALA L 538 -69.23 -125.57 19.64
C ALA L 538 -70.07 -126.78 20.05
N GLU L 539 -70.60 -126.77 21.28
CA GLU L 539 -71.43 -127.89 21.69
C GLU L 539 -72.79 -127.86 21.00
N GLN L 540 -73.30 -126.67 20.66
CA GLN L 540 -74.53 -126.60 19.86
C GLN L 540 -74.29 -127.13 18.45
N GLY L 541 -73.11 -126.86 17.88
CA GLY L 541 -72.78 -127.43 16.58
C GLY L 541 -72.63 -128.93 16.61
N ALA L 542 -72.07 -129.46 17.70
CA ALA L 542 -71.97 -130.92 17.85
C ALA L 542 -73.34 -131.56 18.02
N LEU L 543 -74.23 -130.89 18.76
CA LEU L 543 -75.61 -131.37 18.91
C LEU L 543 -76.33 -131.37 17.56
N SER L 544 -76.10 -130.34 16.75
CA SER L 544 -76.70 -130.28 15.42
C SER L 544 -76.14 -131.37 14.51
N GLN L 545 -74.86 -131.68 14.66
CA GLN L 545 -74.25 -132.79 13.90
C GLN L 545 -74.87 -134.13 14.29
N THR L 546 -75.11 -134.34 15.59
CA THR L 546 -75.66 -135.61 16.04
C THR L 546 -77.12 -135.77 15.63
N THR L 547 -77.92 -134.69 15.69
CA THR L 547 -79.30 -134.84 15.25
C THR L 547 -79.41 -134.91 13.73
N ASN L 548 -78.43 -134.35 13.01
CA ASN L 548 -78.32 -134.58 11.57
C ASN L 548 -78.05 -136.04 11.28
N GLU L 549 -77.18 -136.67 12.08
CA GLU L 549 -76.89 -138.09 11.91
C GLU L 549 -78.10 -138.97 12.23
N SER L 550 -78.91 -138.56 13.22
CA SER L 550 -80.09 -139.35 13.55
C SER L 550 -81.17 -139.20 12.48
N GLU L 551 -81.32 -138.00 11.91
CA GLU L 551 -82.24 -137.83 10.79
C GLU L 551 -81.77 -138.60 9.56
N LYS L 552 -80.45 -138.70 9.37
CA LYS L 552 -79.91 -139.52 8.28
C LYS L 552 -80.20 -141.01 8.49
N ILE L 553 -80.10 -141.48 9.74
CA ILE L 553 -80.44 -142.88 10.03
C ILE L 553 -81.93 -143.13 9.88
N ASN L 554 -82.75 -142.13 10.22
CA ASN L 554 -84.20 -142.24 10.01
C ASN L 554 -84.54 -142.33 8.53
N GLN L 555 -83.82 -141.57 7.69
CA GLN L 555 -84.01 -141.69 6.24
C GLN L 555 -83.51 -143.03 5.71
N ALA L 556 -82.38 -143.51 6.23
CA ALA L 556 -81.79 -144.75 5.76
C ALA L 556 -82.59 -145.98 6.20
N VAL L 557 -83.43 -145.85 7.22
CA VAL L 557 -84.38 -146.91 7.51
C VAL L 557 -85.76 -146.67 6.88
N ALA L 558 -86.08 -145.40 6.56
CA ALA L 558 -87.36 -145.14 5.90
C ALA L 558 -87.34 -145.56 4.43
N ILE L 559 -86.15 -145.56 3.82
CA ILE L 559 -86.04 -146.05 2.44
C ILE L 559 -86.27 -147.55 2.38
N THR L 560 -85.94 -148.28 3.46
CA THR L 560 -86.22 -149.71 3.48
C THR L 560 -87.61 -150.02 4.02
N GLU L 561 -88.20 -149.12 4.82
CA GLU L 561 -89.59 -149.27 5.19
C GLU L 561 -90.51 -148.97 4.00
N MET L 562 -90.06 -148.12 3.07
CA MET L 562 -90.81 -147.92 1.84
C MET L 562 -90.75 -149.15 0.95
N GLN L 563 -89.55 -149.67 0.72
CA GLN L 563 -89.38 -150.88 -0.08
C GLN L 563 -89.04 -152.07 0.81
N MET M 1 50.68 0.43 31.05
CA MET M 1 50.84 1.70 31.76
C MET M 1 51.16 2.83 30.80
N ILE M 2 50.52 3.97 31.00
CA ILE M 2 50.73 5.15 30.18
C ILE M 2 51.41 6.22 31.00
N GLU M 3 52.51 6.77 30.47
CA GLU M 3 53.14 7.90 31.10
C GLU M 3 52.35 9.18 30.81
N VAL M 4 52.32 10.07 31.78
CA VAL M 4 51.62 11.34 31.57
C VAL M 4 52.34 12.20 30.55
N SER M 5 53.66 12.01 30.41
CA SER M 5 54.43 12.85 29.50
C SER M 5 53.93 12.70 28.07
N GLU M 6 53.65 11.46 27.64
CA GLU M 6 53.23 11.25 26.27
C GLU M 6 51.81 11.73 26.00
N VAL M 7 50.90 11.60 26.97
CA VAL M 7 49.59 12.21 26.81
C VAL M 7 49.71 13.72 26.68
N ILE M 8 50.51 14.33 27.55
CA ILE M 8 50.67 15.76 27.53
C ILE M 8 51.28 16.22 26.21
N ALA M 9 52.28 15.49 25.73
CA ALA M 9 52.92 15.87 24.48
C ALA M 9 51.96 15.82 23.31
N LYS M 10 51.14 14.76 23.25
CA LYS M 10 50.17 14.67 22.15
C LYS M 10 49.16 15.79 22.23
N VAL M 11 48.68 16.11 23.42
CA VAL M 11 47.72 17.20 23.54
C VAL M 11 48.35 18.52 23.14
N ARG M 12 49.59 18.77 23.58
CA ARG M 12 50.27 20.00 23.20
C ARG M 12 50.44 20.10 21.70
N GLU M 13 50.83 18.99 21.06
CA GLU M 13 51.00 19.01 19.61
C GLU M 13 49.68 19.31 18.92
N ARG M 14 48.61 18.68 19.39
CA ARG M 14 47.31 18.82 18.76
C ARG M 14 46.71 20.20 18.92
N LEU M 15 47.09 20.92 19.96
CA LEU M 15 46.56 22.24 20.24
C LEU M 15 47.43 23.33 19.65
N ASN M 16 48.41 22.96 18.84
CA ASN M 16 49.38 23.89 18.27
C ASN M 16 50.06 24.69 19.38
N ASP M 17 50.30 24.01 20.50
CA ASP M 17 50.94 24.61 21.66
C ASP M 17 52.11 23.75 22.13
N ASN M 18 52.91 23.26 21.18
CA ASN M 18 54.09 22.48 21.52
C ASN M 18 55.33 23.36 21.63
N GLU M 19 55.22 24.43 22.43
CA GLU M 19 56.32 25.37 22.64
C GLU M 19 56.71 25.36 24.10
N VAL M 20 57.97 25.01 24.37
CA VAL M 20 58.42 24.87 25.74
C VAL M 20 58.35 26.19 26.49
N GLY M 21 58.78 27.26 25.84
CA GLY M 21 58.81 28.56 26.49
C GLY M 21 57.45 29.14 26.82
N ASN M 22 56.50 29.05 25.87
CA ASN M 22 55.26 29.80 26.03
C ASN M 22 54.28 29.08 26.95
N TYR M 23 53.83 27.89 26.57
CA TYR M 23 52.86 27.13 27.35
C TYR M 23 51.62 27.97 27.66
N GLU M 24 50.88 28.26 26.60
CA GLU M 24 49.65 29.04 26.75
C GLU M 24 48.66 28.33 27.68
N ILE M 25 48.70 27.01 27.74
CA ILE M 25 47.88 26.24 28.66
C ILE M 25 48.77 25.75 29.79
N LEU M 26 48.47 26.16 31.01
CA LEU M 26 49.29 25.78 32.15
C LEU M 26 49.17 24.29 32.42
N ASP M 27 50.25 23.71 32.92
CA ASP M 27 50.27 22.28 33.19
C ASP M 27 49.31 21.89 34.29
N SER M 28 48.98 22.80 35.21
CA SER M 28 47.94 22.51 36.18
C SER M 28 46.60 22.28 35.49
N VAL M 29 46.31 23.10 34.48
CA VAL M 29 45.06 22.92 33.73
C VAL M 29 45.05 21.57 33.04
N LEU M 30 46.17 21.19 32.42
CA LEU M 30 46.22 19.91 31.75
C LEU M 30 46.08 18.75 32.73
N VAL M 31 46.71 18.85 33.90
CA VAL M 31 46.59 17.73 34.83
C VAL M 31 45.17 17.64 35.36
N GLU M 32 44.50 18.78 35.60
CA GLU M 32 43.10 18.72 36.03
C GLU M 32 42.22 18.13 34.94
N ASN M 33 42.44 18.52 33.69
CA ASN M 33 41.65 17.97 32.60
C ASN M 33 41.91 16.48 32.41
N ILE M 34 43.15 16.04 32.64
CA ILE M 34 43.44 14.62 32.56
C ILE M 34 42.75 13.87 33.69
N ASN M 35 42.66 14.49 34.87
CA ASN M 35 41.89 13.88 35.95
C ASN M 35 40.42 13.74 35.55
N GLN M 36 39.87 14.78 34.92
CA GLN M 36 38.49 14.69 34.45
C GLN M 36 38.32 13.58 33.42
N ALA M 37 39.27 13.46 32.50
CA ALA M 37 39.19 12.41 31.50
C ALA M 37 39.27 11.03 32.11
N LEU M 38 40.14 10.85 33.11
CA LEU M 38 40.21 9.58 33.82
C LEU M 38 38.91 9.28 34.52
N LEU M 39 38.32 10.28 35.17
CA LEU M 39 36.97 10.14 35.71
C LEU M 39 36.01 9.57 34.69
N LYS M 40 35.83 10.27 33.57
CA LYS M 40 34.83 9.83 32.61
C LYS M 40 35.14 8.46 32.03
N ILE M 41 36.41 8.21 31.72
CA ILE M 41 36.79 6.92 31.13
C ILE M 41 36.56 5.78 32.11
N CYS M 42 36.98 5.92 33.35
CA CYS M 42 36.79 4.86 34.32
C CYS M 42 35.34 4.68 34.70
N LEU M 43 34.54 5.74 34.65
CA LEU M 43 33.12 5.57 34.93
C LEU M 43 32.42 4.83 33.79
N GLU M 44 32.65 5.25 32.56
CA GLU M 44 31.86 4.71 31.45
C GLU M 44 32.20 3.24 31.21
N PHE M 45 33.47 2.88 31.31
CA PHE M 45 33.90 1.54 30.97
C PHE M 45 34.08 0.61 32.16
N ARG M 46 33.92 1.12 33.38
CA ARG M 46 34.08 0.33 34.59
C ARG M 46 35.44 -0.37 34.60
N LEU M 47 36.47 0.42 34.31
CA LEU M 47 37.80 -0.14 34.12
C LEU M 47 38.36 -0.77 35.39
N LYS M 48 38.23 -0.08 36.52
CA LYS M 48 38.92 -0.47 37.74
C LYS M 48 37.91 -0.97 38.76
N LYS M 49 37.99 -2.25 39.07
CA LYS M 49 37.21 -2.84 40.14
C LYS M 49 38.11 -3.02 41.36
N ALA M 50 37.63 -2.59 42.51
CA ALA M 50 38.37 -2.70 43.75
C ALA M 50 37.50 -3.38 44.79
N ILE M 51 38.15 -4.12 45.67
CA ILE M 51 37.47 -4.85 46.74
C ILE M 51 38.01 -4.36 48.07
N THR M 52 37.11 -3.98 48.98
CA THR M 52 37.51 -3.54 50.30
C THR M 52 36.74 -4.36 51.33
N ARG M 53 37.44 -4.89 52.30
CA ARG M 53 36.86 -5.80 53.27
C ARG M 53 37.25 -5.30 54.65
N SER M 54 36.41 -4.45 55.21
CA SER M 54 36.71 -3.84 56.50
C SER M 54 35.64 -4.24 57.51
N LEU M 55 35.74 -3.65 58.70
CA LEU M 55 34.84 -3.97 59.80
C LEU M 55 34.25 -2.67 60.34
N ILE M 56 32.96 -2.69 60.61
CA ILE M 56 32.27 -1.54 61.18
C ILE M 56 31.67 -1.94 62.52
N THR M 57 31.94 -1.13 63.54
CA THR M 57 31.43 -1.35 64.88
C THR M 57 30.80 -0.05 65.39
N GLU M 58 30.39 -0.04 66.65
CA GLU M 58 29.76 1.15 67.20
C GLU M 58 30.72 2.31 67.37
N GLU M 59 32.02 2.04 67.47
CA GLU M 59 32.99 3.13 67.62
C GLU M 59 33.09 3.94 66.32
N GLU M 60 33.55 3.28 65.24
CA GLU M 60 33.57 3.90 63.93
C GLU M 60 32.50 3.23 63.08
N ARG M 61 31.59 4.03 62.55
CA ARG M 61 30.43 3.49 61.87
C ARG M 61 30.52 3.57 60.35
N PHE M 62 31.47 4.32 59.82
CA PHE M 62 31.55 4.54 58.39
C PHE M 62 32.86 3.99 57.83
N LEU M 63 32.80 3.61 56.55
CA LEU M 63 33.92 3.06 55.83
C LEU M 63 34.30 4.07 54.75
N THR M 64 35.45 4.71 54.92
CA THR M 64 35.87 5.75 53.97
C THR M 64 36.57 5.08 52.79
N LEU M 65 35.93 5.15 51.62
CA LEU M 65 36.52 4.66 50.40
C LEU M 65 37.32 5.78 49.75
N ASN M 66 37.71 5.62 48.50
CA ASN M 66 38.42 6.69 47.81
C ASN M 66 38.11 6.65 46.33
N ASN M 67 37.78 7.81 45.78
CA ASN M 67 37.50 7.94 44.35
C ASN M 67 36.42 6.97 43.93
N LEU M 68 35.29 7.03 44.62
CA LEU M 68 34.20 6.10 44.40
C LEU M 68 33.44 6.44 43.13
N LEU M 69 33.14 5.43 42.34
CA LEU M 69 32.27 5.56 41.18
C LEU M 69 30.99 4.78 41.27
N GLY M 70 31.00 3.60 41.88
CA GLY M 70 29.82 2.79 41.94
C GLY M 70 30.05 1.55 42.75
N ILE M 71 29.00 1.02 43.35
CA ILE M 71 29.07 -0.20 44.14
C ILE M 71 28.29 -1.27 43.40
N GLU M 72 28.91 -2.43 43.22
CA GLU M 72 28.24 -3.49 42.50
C GLU M 72 27.97 -4.73 43.34
N SER M 73 28.52 -4.81 44.55
CA SER M 73 28.23 -5.94 45.44
C SER M 73 28.62 -5.57 46.85
N VAL M 74 27.73 -5.84 47.80
CA VAL M 74 27.98 -5.59 49.22
C VAL M 74 27.61 -6.84 49.99
N LYS M 75 28.50 -7.28 50.86
CA LYS M 75 28.27 -8.40 51.76
C LYS M 75 28.49 -7.93 53.19
N LEU M 76 27.62 -8.36 54.09
CA LEU M 76 27.80 -8.11 55.52
C LEU M 76 27.74 -9.46 56.21
N ASP M 77 28.89 -9.93 56.68
CA ASP M 77 29.03 -11.27 57.25
C ASP M 77 28.52 -12.31 56.26
N LYS M 78 28.96 -12.18 55.02
CA LYS M 78 28.57 -13.08 53.93
C LYS M 78 27.06 -13.09 53.75
N LYS M 79 26.43 -11.95 53.99
CA LYS M 79 25.01 -11.77 53.73
C LYS M 79 24.85 -10.62 52.74
N GLU M 80 24.06 -10.87 51.70
CA GLU M 80 23.86 -9.85 50.66
C GLU M 80 23.15 -8.65 51.24
N ILE M 81 23.66 -7.46 50.93
CA ILE M 81 22.97 -6.22 51.20
C ILE M 81 22.27 -5.81 49.92
N GLU M 82 20.99 -5.50 50.02
CA GLU M 82 20.13 -5.40 48.85
C GLU M 82 19.99 -3.97 48.33
N SER M 83 19.42 -3.06 49.10
CA SER M 83 19.09 -1.74 48.61
C SER M 83 20.15 -0.72 49.02
N ARG M 84 20.17 0.40 48.30
CA ARG M 84 21.09 1.49 48.57
C ARG M 84 20.30 2.76 48.86
N ASN M 85 20.80 3.58 49.77
CA ASN M 85 20.09 4.76 50.21
C ASN M 85 21.09 5.75 50.77
N THR M 86 20.64 7.00 50.90
CA THR M 86 21.47 8.07 51.44
C THR M 86 20.76 8.86 52.53
N ILE M 87 19.77 8.26 53.19
CA ILE M 87 18.84 9.00 54.03
C ILE M 87 18.89 8.60 55.49
N GLU M 88 19.61 7.53 55.85
CA GLU M 88 19.70 7.07 57.23
C GLU M 88 18.32 6.71 57.78
N LYS M 89 17.72 5.72 57.15
CA LYS M 89 16.46 5.16 57.63
C LYS M 89 16.65 4.55 59.01
N ASP M 90 15.66 4.76 59.88
CA ASP M 90 15.77 4.33 61.27
C ASP M 90 15.69 2.81 61.41
N THR M 91 14.70 2.18 60.77
CA THR M 91 14.51 0.75 60.91
C THR M 91 13.81 0.21 59.67
N GLY M 92 13.89 -1.11 59.51
CA GLY M 92 13.28 -1.76 58.37
C GLY M 92 14.21 -2.76 57.71
N GLU M 93 14.15 -2.88 56.39
CA GLU M 93 15.08 -3.74 55.69
C GLU M 93 16.49 -3.19 55.80
N LEU M 94 17.46 -4.05 55.58
CA LEU M 94 18.85 -3.70 55.82
C LEU M 94 19.44 -3.11 54.55
N GLU M 95 19.77 -1.82 54.57
CA GLU M 95 20.20 -1.11 53.37
C GLU M 95 21.59 -0.53 53.55
N LEU M 96 22.22 -0.22 52.42
CA LEU M 96 23.56 0.35 52.39
C LEU M 96 23.46 1.87 52.32
N LEU M 97 24.07 2.56 53.28
CA LEU M 97 24.05 4.01 53.33
C LEU M 97 25.30 4.56 52.67
N ILE M 98 25.10 5.45 51.69
CA ILE M 98 26.20 6.07 50.96
C ILE M 98 26.20 7.55 51.28
N LEU M 99 27.33 8.06 51.75
CA LEU M 99 27.46 9.44 52.20
C LEU M 99 28.59 10.14 51.47
N SER M 100 28.58 10.08 50.14
CA SER M 100 29.54 10.80 49.31
C SER M 100 30.97 10.38 49.67
N ASP M 101 31.25 9.11 49.36
CA ASP M 101 32.54 8.47 49.60
C ASP M 101 32.70 8.13 51.09
N ARG M 102 31.58 7.79 51.73
CA ARG M 102 31.60 7.14 53.02
C ARG M 102 30.49 6.11 53.03
N ILE M 103 30.82 4.89 53.43
CA ILE M 103 29.93 3.75 53.33
C ILE M 103 29.59 3.26 54.73
N SER M 104 28.31 3.05 54.98
CA SER M 104 27.88 2.43 56.23
C SER M 104 26.62 1.61 55.94
N VAL M 105 25.99 1.12 57.00
CA VAL M 105 24.80 0.31 56.89
C VAL M 105 23.68 1.02 57.62
N THR M 106 22.52 1.12 56.96
CA THR M 106 21.50 2.07 57.38
C THR M 106 20.87 1.72 58.73
N PRO M 107 20.14 0.60 58.88
CA PRO M 107 19.73 0.24 60.24
C PRO M 107 20.87 -0.48 60.91
N PHE M 108 21.79 0.30 61.49
CA PHE M 108 23.15 -0.18 61.73
C PHE M 108 23.20 -1.48 62.52
N LYS M 109 24.06 -2.38 62.05
CA LYS M 109 24.33 -3.65 62.70
C LYS M 109 25.84 -3.86 62.74
N ILE M 110 26.35 -4.29 63.90
CA ILE M 110 27.77 -4.55 64.05
C ILE M 110 28.18 -5.64 63.07
N GLY M 111 29.34 -5.46 62.43
CA GLY M 111 29.81 -6.53 61.57
C GLY M 111 30.94 -6.10 60.68
N GLU M 112 31.02 -6.73 59.52
CA GLU M 112 32.03 -6.43 58.52
C GLU M 112 31.37 -6.15 57.17
N LEU M 113 32.05 -5.36 56.36
CA LEU M 113 31.57 -4.98 55.04
C LEU M 113 32.59 -5.43 54.00
N GLU M 114 32.13 -6.20 53.03
CA GLU M 114 32.92 -6.57 51.86
C GLU M 114 32.24 -5.91 50.67
N VAL M 115 32.90 -4.90 50.11
CA VAL M 115 32.30 -4.02 49.12
C VAL M 115 33.14 -4.05 47.86
N VAL M 116 32.49 -4.18 46.72
CA VAL M 116 33.15 -4.08 45.42
C VAL M 116 32.73 -2.78 44.78
N TYR M 117 33.71 -2.01 44.29
CA TYR M 117 33.45 -0.66 43.84
C TYR M 117 34.43 -0.31 42.72
N TYR M 118 34.45 0.96 42.34
CA TYR M 118 35.28 1.43 41.24
C TYR M 118 36.07 2.67 41.65
N THR M 119 37.23 2.86 41.02
CA THR M 119 38.27 3.74 41.55
C THR M 119 38.88 4.54 40.40
N TYR M 120 39.60 5.62 40.75
CA TYR M 120 40.22 6.50 39.76
C TYR M 120 41.71 6.24 39.65
N GLU M 121 42.38 6.23 40.79
CA GLU M 121 43.81 6.53 40.94
C GLU M 121 44.22 7.67 40.00
N GLU M 122 43.64 8.83 40.27
CA GLU M 122 43.94 10.04 39.51
C GLU M 122 45.37 10.49 39.77
N ILE M 123 45.84 11.39 38.91
CA ILE M 123 47.23 11.84 38.92
C ILE M 123 47.28 13.29 39.40
N ARG M 124 48.47 13.69 39.84
CA ARG M 124 48.70 15.05 40.29
C ARG M 124 50.00 15.65 39.80
N ASN M 125 50.88 14.89 39.18
CA ASN M 125 52.17 15.39 38.71
C ASN M 125 52.38 14.98 37.27
N ILE M 126 53.15 15.81 36.54
CA ILE M 126 53.42 15.52 35.14
C ILE M 126 54.31 14.31 34.99
N LEU M 127 55.09 13.97 36.02
CA LEU M 127 56.01 12.84 35.95
C LEU M 127 55.39 11.54 36.43
N GLU M 128 54.10 11.54 36.73
CA GLU M 128 53.44 10.34 37.23
C GLU M 128 53.21 9.37 36.07
N THR M 129 52.49 8.29 36.33
CA THR M 129 52.20 7.28 35.32
C THR M 129 50.78 6.81 35.52
N ILE M 130 50.02 6.70 34.43
CA ILE M 130 48.64 6.25 34.49
C ILE M 130 48.62 4.74 34.32
N LYS M 131 48.09 4.03 35.31
CA LYS M 131 48.05 2.57 35.29
C LYS M 131 46.80 2.13 34.53
N LEU M 132 46.87 2.24 33.22
CA LEU M 132 45.80 1.86 32.33
C LEU M 132 46.40 1.16 31.12
N PRO M 133 45.63 0.36 30.40
CA PRO M 133 46.16 -0.27 29.19
C PRO M 133 46.57 0.78 28.17
N LYS M 134 47.63 0.49 27.42
CA LYS M 134 48.11 1.45 26.44
C LYS M 134 47.05 1.76 25.39
N ILE M 135 46.12 0.84 25.13
CA ILE M 135 45.07 1.09 24.15
C ILE M 135 44.22 2.27 24.60
N CYS M 136 44.16 2.53 25.90
CA CYS M 136 43.45 3.69 26.45
C CYS M 136 44.13 4.98 26.16
N LEU M 137 45.26 5.06 25.46
CA LEU M 137 45.89 6.36 25.27
C LEU M 137 45.05 7.27 24.41
N ASP M 138 44.62 6.79 23.24
CA ASP M 138 43.91 7.65 22.31
C ASP M 138 42.59 8.14 22.87
N VAL M 139 41.94 7.33 23.72
CA VAL M 139 40.71 7.80 24.36
C VAL M 139 41.01 8.85 25.42
N LEU M 140 42.18 8.85 26.03
CA LEU M 140 42.52 9.90 26.97
C LEU M 140 42.83 11.21 26.24
N VAL M 141 43.59 11.14 25.15
CA VAL M 141 43.88 12.34 24.39
C VAL M 141 42.60 12.93 23.83
N TYR M 142 41.91 12.17 22.97
CA TYR M 142 40.75 12.70 22.27
C TYR M 142 39.65 13.13 23.22
N SER M 143 39.61 12.61 24.44
CA SER M 143 38.63 13.09 25.40
C SER M 143 39.06 14.34 26.11
N VAL M 144 40.35 14.44 26.48
CA VAL M 144 40.82 15.68 27.09
C VAL M 144 40.94 16.78 26.06
N LEU M 145 41.19 16.43 24.81
CA LEU M 145 41.31 17.41 23.75
C LEU M 145 39.98 18.08 23.42
N CYS M 146 38.88 17.32 23.45
CA CYS M 146 37.57 17.94 23.30
C CYS M 146 37.24 18.85 24.46
N ASN M 147 37.84 18.64 25.62
CA ASN M 147 37.60 19.53 26.74
C ASN M 147 38.31 20.86 26.60
N LEU M 148 39.37 20.93 25.80
CA LEU M 148 40.15 22.14 25.65
C LEU M 148 39.88 22.87 24.36
N LEU M 149 39.36 22.19 23.34
CA LEU M 149 39.06 22.84 22.07
C LEU M 149 37.99 23.89 22.19
N GLU M 150 37.14 23.80 23.20
CA GLU M 150 36.06 24.74 23.37
C GLU M 150 36.45 25.99 24.15
N ILE M 151 37.74 26.19 24.41
CA ILE M 151 38.25 27.54 24.65
C ILE M 151 38.16 28.34 23.36
N PRO M 152 37.62 29.55 23.38
CA PRO M 152 37.35 30.25 22.11
C PRO M 152 38.57 30.82 21.42
N ASN M 153 39.57 29.99 21.16
CA ASN M 153 40.76 30.48 20.46
C ASN M 153 40.46 30.78 19.00
N ASN M 154 39.60 30.00 18.37
CA ASN M 154 39.33 30.11 16.95
C ASN M 154 37.82 30.10 16.71
N GLU M 155 37.41 30.70 15.59
CA GLU M 155 35.99 30.73 15.26
C GLU M 155 35.48 29.39 14.76
N THR M 156 36.37 28.49 14.38
CA THR M 156 35.99 27.17 13.89
C THR M 156 36.43 26.09 14.87
N ASN M 157 36.34 26.38 16.17
CA ASN M 157 36.75 25.39 17.16
C ASN M 157 35.72 24.30 17.35
N PHE M 158 34.44 24.61 17.17
CA PHE M 158 33.41 23.62 17.45
C PHE M 158 33.31 22.57 16.35
N SER M 159 33.54 22.92 15.09
CA SER M 159 33.60 21.89 14.07
C SER M 159 34.78 20.96 14.32
N VAL M 160 35.91 21.51 14.75
CA VAL M 160 37.05 20.67 15.09
C VAL M 160 36.71 19.78 16.27
N LEU M 161 35.97 20.31 17.23
CA LEU M 161 35.50 19.49 18.35
C LEU M 161 34.60 18.36 17.86
N ALA M 162 33.74 18.65 16.89
CA ALA M 162 32.87 17.62 16.34
C ALA M 162 33.67 16.52 15.67
N ASN M 163 34.71 16.88 14.92
CA ASN M 163 35.56 15.86 14.32
C ASN M 163 36.24 15.01 15.39
N TYR M 164 36.75 15.66 16.42
CA TYR M 164 37.40 14.92 17.50
C TYR M 164 36.42 14.05 18.26
N LYS M 165 35.14 14.40 18.26
CA LYS M 165 34.15 13.51 18.88
C LYS M 165 34.04 12.19 18.13
N GLN M 166 34.01 12.23 16.79
CA GLN M 166 33.99 10.98 16.04
C GLN M 166 35.27 10.20 16.24
N LEU M 167 36.41 10.89 16.26
CA LEU M 167 37.65 10.19 16.54
C LEU M 167 37.62 9.52 17.91
N LEU M 168 37.05 10.20 18.89
CA LEU M 168 36.92 9.63 20.23
C LEU M 168 36.00 8.42 20.21
N LYS M 169 34.93 8.47 19.42
CA LYS M 169 34.03 7.33 19.33
C LYS M 169 34.77 6.11 18.78
N LEU M 170 35.58 6.31 17.75
CA LEU M 170 36.36 5.19 17.23
C LEU M 170 37.35 4.67 18.27
N ALA M 171 37.98 5.57 19.02
CA ALA M 171 38.90 5.14 20.07
C ALA M 171 38.18 4.31 21.12
N LYS M 172 36.97 4.73 21.49
CA LYS M 172 36.19 3.94 22.45
C LYS M 172 35.82 2.59 21.87
N ASP M 173 35.53 2.52 20.58
CA ASP M 173 35.28 1.22 19.96
C ASP M 173 36.49 0.30 20.08
N ASN M 174 37.68 0.85 19.83
CA ASN M 174 38.89 0.05 20.01
C ASN M 174 39.03 -0.42 21.44
N LEU M 175 38.77 0.47 22.40
CA LEU M 175 38.88 0.10 23.80
C LEU M 175 37.90 -0.99 24.18
N THR M 176 36.66 -0.91 23.67
CA THR M 176 35.69 -1.97 23.93
C THR M 176 36.15 -3.29 23.33
N ASN M 177 36.73 -3.24 22.13
CA ASN M 177 37.31 -4.45 21.55
C ASN M 177 38.33 -5.06 22.49
N TYR M 178 39.24 -4.24 23.00
CA TYR M 178 40.28 -4.75 23.90
C TYR M 178 39.66 -5.34 25.16
N LEU M 179 38.71 -4.64 25.76
CA LEU M 179 38.12 -5.11 27.02
C LEU M 179 37.39 -6.43 26.82
N SER M 180 36.65 -6.57 25.71
CA SER M 180 36.01 -7.84 25.43
C SER M 180 37.02 -8.95 25.23
N LEU M 181 38.13 -8.66 24.56
CA LEU M 181 39.12 -9.71 24.36
C LEU M 181 39.79 -10.11 25.67
N MET M 182 39.96 -9.17 26.61
CA MET M 182 40.55 -9.50 27.90
C MET M 182 39.59 -10.18 28.84
N TYR M 183 38.56 -9.47 29.29
CA TYR M 183 37.82 -9.85 30.49
C TYR M 183 36.48 -10.48 30.17
N SER M 184 36.34 -11.06 28.99
CA SER M 184 35.08 -11.68 28.60
C SER M 184 35.33 -13.11 28.15
N LYS M 185 34.29 -13.92 28.25
CA LYS M 185 34.38 -15.30 27.84
C LYS M 185 34.61 -15.42 26.35
N ASN M 186 35.33 -16.46 25.96
CA ASN M 186 35.51 -16.80 24.55
C ASN M 186 34.47 -17.86 24.22
N ILE M 187 33.28 -17.39 23.86
CA ILE M 187 32.16 -18.26 23.55
C ILE M 187 31.71 -17.99 22.12
N HIS M 188 31.09 -18.99 21.52
CA HIS M 188 30.57 -18.85 20.17
C HIS M 188 29.11 -19.26 20.03
N PHE M 189 28.48 -19.76 21.08
CA PHE M 189 27.07 -20.12 21.03
C PHE M 189 26.40 -19.75 22.35
N SER M 190 25.11 -19.48 22.27
CA SER M 190 24.33 -19.19 23.46
C SER M 190 23.83 -20.47 24.11
N LYS M 191 23.32 -20.35 25.32
CA LYS M 191 22.72 -21.46 26.03
C LYS M 191 21.21 -21.38 25.95
N VAL M 192 20.57 -22.56 25.97
CA VAL M 192 19.12 -22.62 25.91
C VAL M 192 18.53 -22.14 27.23
N VAL M 193 17.41 -21.43 27.16
CA VAL M 193 16.74 -20.95 28.35
C VAL M 193 16.20 -22.15 29.14
N ARG M 194 16.49 -22.17 30.43
CA ARG M 194 16.10 -23.27 31.32
C ARG M 194 15.16 -22.70 32.38
N VAL M 195 13.87 -22.99 32.24
CA VAL M 195 12.89 -22.54 33.23
C VAL M 195 12.15 -23.73 33.79
N MET N 1 58.27 -9.63 6.60
CA MET N 1 58.85 -8.66 7.52
C MET N 1 58.92 -7.29 6.87
N ILE N 2 58.58 -6.26 7.64
CA ILE N 2 58.60 -4.89 7.17
C ILE N 2 59.68 -4.12 7.92
N GLU N 3 60.55 -3.46 7.17
CA GLU N 3 61.52 -2.57 7.79
C GLU N 3 60.85 -1.27 8.22
N VAL N 4 61.32 -0.72 9.34
CA VAL N 4 60.76 0.54 9.80
C VAL N 4 61.15 1.68 8.87
N SER N 5 62.27 1.54 8.16
CA SER N 5 62.74 2.62 7.30
C SER N 5 61.72 2.93 6.21
N GLU N 6 61.13 1.90 5.61
CA GLU N 6 60.19 2.13 4.52
C GLU N 6 58.85 2.68 5.01
N VAL N 7 58.38 2.25 6.17
CA VAL N 7 57.19 2.88 6.74
C VAL N 7 57.45 4.36 7.00
N ILE N 8 58.60 4.65 7.62
CA ILE N 8 58.93 6.03 7.95
C ILE N 8 59.04 6.87 6.69
N ALA N 9 59.68 6.33 5.65
CA ALA N 9 59.84 7.08 4.42
C ALA N 9 58.50 7.40 3.77
N LYS N 10 57.59 6.43 3.75
CA LYS N 10 56.28 6.69 3.17
C LYS N 10 55.51 7.73 3.96
N VAL N 11 55.58 7.66 5.29
CA VAL N 11 54.89 8.67 6.09
C VAL N 11 55.49 10.05 5.87
N ARG N 12 56.82 10.13 5.82
CA ARG N 12 57.46 11.41 5.57
C ARG N 12 57.05 11.98 4.22
N GLU N 13 57.02 11.13 3.19
CA GLU N 13 56.62 11.61 1.87
C GLU N 13 55.19 12.11 1.89
N ARG N 14 54.31 11.37 2.55
CA ARG N 14 52.89 11.71 2.57
C ARG N 14 52.60 12.97 3.35
N LEU N 15 53.44 13.32 4.31
CA LEU N 15 53.23 14.49 5.15
C LEU N 15 53.94 15.70 4.59
N ASN N 16 54.48 15.60 3.38
CA ASN N 16 55.27 16.67 2.76
C ASN N 16 56.43 17.06 3.68
N ASP N 17 56.98 16.07 4.36
CA ASP N 17 58.09 16.27 5.28
C ASP N 17 59.22 15.30 4.96
N ASN N 18 59.54 15.14 3.69
CA ASN N 18 60.64 14.27 3.28
C ASN N 18 61.93 15.08 3.12
N GLU N 19 62.27 15.83 4.16
CA GLU N 19 63.47 16.66 4.16
C GLU N 19 64.40 16.18 5.27
N VAL N 20 65.60 15.77 4.90
CA VAL N 20 66.52 15.19 5.87
C VAL N 20 66.92 16.21 6.92
N GLY N 21 67.20 17.44 6.50
CA GLY N 21 67.64 18.46 7.42
C GLY N 21 66.60 18.91 8.42
N ASN N 22 65.37 19.13 7.96
CA ASN N 22 64.39 19.80 8.80
C ASN N 22 63.76 18.84 9.81
N TYR N 23 63.05 17.82 9.31
CA TYR N 23 62.36 16.85 10.17
C TYR N 23 61.45 17.56 11.18
N GLU N 24 60.41 18.18 10.64
CA GLU N 24 59.44 18.87 11.50
C GLU N 24 58.80 17.92 12.50
N ILE N 25 58.69 16.64 12.15
CA ILE N 25 58.18 15.62 13.07
C ILE N 25 59.37 14.79 13.54
N LEU N 26 59.60 14.80 14.84
CA LEU N 26 60.74 14.08 15.39
C LEU N 26 60.55 12.57 15.24
N ASP N 27 61.66 11.86 15.07
CA ASP N 27 61.59 10.42 14.90
C ASP N 27 61.08 9.70 16.13
N SER N 28 61.25 10.28 17.32
CA SER N 28 60.63 9.70 18.50
C SER N 28 59.12 9.72 18.37
N VAL N 29 58.56 10.80 17.85
CA VAL N 29 57.12 10.88 17.65
C VAL N 29 56.65 9.82 16.67
N LEU N 30 57.39 9.65 15.58
CA LEU N 30 57.01 8.64 14.60
C LEU N 30 57.12 7.24 15.18
N VAL N 31 58.15 6.95 15.97
CA VAL N 31 58.24 5.60 16.50
C VAL N 31 57.14 5.35 17.51
N GLU N 32 56.77 6.36 18.31
CA GLU N 32 55.66 6.18 19.23
C GLU N 32 54.35 5.97 18.48
N ASN N 33 54.13 6.73 17.41
CA ASN N 33 52.91 6.55 16.63
C ASN N 33 52.88 5.21 15.94
N ILE N 34 54.04 4.70 15.51
CA ILE N 34 54.09 3.38 14.91
C ILE N 34 53.79 2.32 15.96
N ASN N 35 54.25 2.53 17.20
CA ASN N 35 53.87 1.61 18.27
C ASN N 35 52.36 1.62 18.47
N GLN N 36 51.75 2.80 18.44
CA GLN N 36 50.30 2.88 18.58
C GLN N 36 49.60 2.14 17.44
N ALA N 37 50.10 2.32 16.22
CA ALA N 37 49.51 1.65 15.06
C ALA N 37 49.64 0.14 15.18
N LEU N 38 50.79 -0.35 15.64
CA LEU N 38 50.96 -1.78 15.86
C LEU N 38 49.99 -2.29 16.92
N LEU N 39 49.83 -1.53 18.00
CA LEU N 39 48.80 -1.83 18.99
C LEU N 39 47.44 -2.05 18.33
N LYS N 40 46.94 -1.04 17.62
CA LYS N 40 45.60 -1.13 17.07
C LYS N 40 45.49 -2.25 16.05
N ILE N 41 46.50 -2.41 15.19
CA ILE N 41 46.45 -3.43 14.16
C ILE N 41 46.45 -4.83 14.77
N CYS N 42 47.34 -5.09 15.71
CA CYS N 42 47.41 -6.40 16.33
C CYS N 42 46.20 -6.69 17.19
N LEU N 43 45.58 -5.67 17.78
CA LEU N 43 44.36 -5.91 18.54
C LEU N 43 43.20 -6.25 17.64
N GLU N 44 42.99 -5.46 16.58
CA GLU N 44 41.78 -5.63 15.79
C GLU N 44 41.80 -6.93 15.03
N PHE N 45 42.95 -7.32 14.50
CA PHE N 45 43.03 -8.49 13.63
C PHE N 45 43.53 -9.74 14.34
N ARG N 46 43.92 -9.64 15.61
CA ARG N 46 44.43 -10.79 16.37
C ARG N 46 45.58 -11.46 15.62
N LEU N 47 46.52 -10.61 15.18
CA LEU N 47 47.59 -11.10 14.30
C LEU N 47 48.50 -12.08 15.01
N LYS N 48 48.91 -11.79 16.24
CA LYS N 48 49.95 -12.55 16.91
C LYS N 48 49.36 -13.34 18.06
N LYS N 49 49.38 -14.67 17.92
CA LYS N 49 49.00 -15.56 19.01
C LYS N 49 50.27 -16.11 19.65
N ALA N 50 50.32 -16.06 20.97
CA ALA N 50 51.46 -16.56 21.71
C ALA N 50 50.98 -17.53 22.77
N ILE N 51 51.81 -18.51 23.07
CA ILE N 51 51.50 -19.54 24.05
C ILE N 51 52.58 -19.49 25.13
N THR N 52 52.15 -19.42 26.38
CA THR N 52 53.07 -19.42 27.50
C THR N 52 52.65 -20.52 28.47
N ARG N 53 53.60 -21.34 28.88
CA ARG N 53 53.31 -22.51 29.70
C ARG N 53 54.26 -22.47 30.88
N SER N 54 53.82 -21.83 31.96
CA SER N 54 54.67 -21.66 33.13
C SER N 54 54.03 -22.35 34.33
N LEU N 55 54.65 -22.17 35.48
CA LEU N 55 54.20 -22.81 36.71
C LEU N 55 54.05 -21.76 37.78
N ILE N 56 52.97 -21.84 38.55
CA ILE N 56 52.71 -20.93 39.64
C ILE N 56 52.63 -21.74 40.93
N THR N 57 53.36 -21.29 41.94
CA THR N 57 53.38 -21.91 43.25
C THR N 57 53.17 -20.85 44.31
N GLU N 58 53.28 -21.23 45.59
CA GLU N 58 53.07 -20.27 46.66
C GLU N 58 54.17 -19.23 46.75
N GLU N 59 55.37 -19.53 46.23
CA GLU N 59 56.45 -18.54 46.28
C GLU N 59 56.15 -17.37 45.35
N GLU N 60 56.06 -17.64 44.04
CA GLU N 60 55.67 -16.64 43.06
C GLU N 60 54.28 -17.01 42.57
N ARG N 61 53.34 -16.09 42.70
CA ARG N 61 51.94 -16.38 42.43
C ARG N 61 51.46 -15.82 41.10
N PHE N 62 52.23 -14.95 40.47
CA PHE N 62 51.79 -14.28 39.25
C PHE N 62 52.69 -14.64 38.08
N LEU N 63 52.10 -14.59 36.89
CA LEU N 63 52.77 -14.89 35.64
C LEU N 63 52.84 -13.59 34.85
N THR N 64 54.04 -13.04 34.71
CA THR N 64 54.20 -11.77 34.02
C THR N 64 54.29 -12.02 32.52
N LEU N 65 53.28 -11.58 31.79
CA LEU N 65 53.29 -11.67 30.34
C LEU N 65 53.92 -10.40 29.78
N ASN N 66 53.77 -10.16 28.48
CA ASN N 66 54.31 -8.94 27.91
C ASN N 66 53.44 -8.50 26.74
N ASN N 67 53.07 -7.22 26.73
CA ASN N 67 52.29 -6.65 25.64
C ASN N 67 51.01 -7.45 25.42
N LEU N 68 50.25 -7.58 26.51
CA LEU N 68 49.07 -8.40 26.48
C LEU N 68 47.92 -7.67 25.79
N LEU N 69 47.20 -8.38 24.94
CA LEU N 69 45.98 -7.88 24.31
C LEU N 69 44.74 -8.66 24.69
N GLY N 70 44.84 -9.96 24.88
CA GLY N 70 43.67 -10.74 25.17
C GLY N 70 44.03 -12.18 25.42
N ILE N 71 43.23 -12.87 26.23
CA ILE N 71 43.44 -14.27 26.52
C ILE N 71 42.30 -15.05 25.89
N GLU N 72 42.64 -16.10 25.15
CA GLU N 72 41.60 -16.88 24.50
C GLU N 72 41.53 -18.31 24.98
N SER N 73 42.48 -18.78 25.79
CA SER N 73 42.41 -20.13 26.35
C SER N 73 43.36 -20.23 27.52
N VAL N 74 42.86 -20.76 28.64
CA VAL N 74 43.67 -20.98 29.83
C VAL N 74 43.46 -22.41 30.29
N LYS N 75 44.56 -23.11 30.55
CA LYS N 75 44.54 -24.46 31.11
C LYS N 75 45.35 -24.46 32.40
N LEU N 76 44.85 -25.16 33.41
CA LEU N 76 45.59 -25.37 34.65
C LEU N 76 45.63 -26.87 34.88
N ASP N 77 46.80 -27.46 34.69
CA ASP N 77 46.96 -28.91 34.74
C ASP N 77 45.98 -29.59 33.79
N LYS N 78 45.93 -29.07 32.57
CA LYS N 78 45.04 -29.58 31.54
C LYS N 78 43.58 -29.53 31.98
N LYS N 79 43.25 -28.52 32.77
CA LYS N 79 41.87 -28.26 33.18
C LYS N 79 41.50 -26.86 32.71
N GLU N 80 40.34 -26.76 32.05
CA GLU N 80 39.89 -25.48 31.53
C GLU N 80 39.62 -24.50 32.67
N ILE N 81 40.13 -23.28 32.54
CA ILE N 81 39.77 -22.17 33.41
C ILE N 81 38.68 -21.39 32.69
N GLU N 82 37.59 -21.12 33.40
CA GLU N 82 36.38 -20.66 32.75
C GLU N 82 36.25 -19.14 32.76
N SER N 83 36.14 -18.51 33.92
CA SER N 83 35.82 -17.10 34.01
C SER N 83 37.08 -16.27 34.22
N ARG N 84 36.98 -14.98 33.92
CA ARG N 84 38.06 -14.04 34.10
C ARG N 84 37.61 -12.92 35.03
N ASN N 85 38.53 -12.44 35.85
CA ASN N 85 38.20 -11.44 36.86
C ASN N 85 39.46 -10.68 37.23
N THR N 86 39.26 -9.54 37.88
CA THR N 86 40.37 -8.69 38.31
C THR N 86 40.24 -8.29 39.78
N ILE N 87 39.50 -9.06 40.57
CA ILE N 87 39.08 -8.62 41.89
C ILE N 87 39.64 -9.47 43.03
N GLU N 88 40.28 -10.59 42.74
CA GLU N 88 40.84 -11.47 43.77
C GLU N 88 39.74 -11.97 44.71
N LYS N 89 38.81 -12.71 44.12
CA LYS N 89 37.78 -13.39 44.89
C LYS N 89 38.39 -14.41 45.83
N ASP N 90 37.85 -14.48 47.05
CA ASP N 90 38.43 -15.33 48.09
C ASP N 90 38.20 -16.81 47.82
N THR N 91 36.98 -17.20 47.47
CA THR N 91 36.67 -18.61 47.26
C THR N 91 35.49 -18.72 46.31
N GLY N 92 35.32 -19.92 45.75
CA GLY N 92 34.24 -20.18 44.82
C GLY N 92 34.71 -20.93 43.59
N GLU N 93 34.13 -20.62 42.44
CA GLU N 93 34.60 -21.22 41.21
C GLU N 93 36.00 -20.73 40.89
N LEU N 94 36.70 -21.49 40.05
CA LEU N 94 38.11 -21.24 39.80
C LEU N 94 38.23 -20.27 38.63
N GLU N 95 38.71 -19.06 38.88
CA GLU N 95 38.74 -18.01 37.88
C GLU N 95 40.16 -17.53 37.63
N LEU N 96 40.34 -16.87 36.50
CA LEU N 96 41.63 -16.33 36.09
C LEU N 96 41.71 -14.87 36.49
N LEU N 97 42.72 -14.52 37.28
CA LEU N 97 42.91 -13.16 37.75
C LEU N 97 43.87 -12.43 36.82
N ILE N 98 43.44 -11.28 36.30
CA ILE N 98 44.24 -10.46 35.41
C ILE N 98 44.56 -9.16 36.12
N LEU N 99 45.84 -8.83 36.21
CA LEU N 99 46.31 -7.66 36.95
C LEU N 99 47.16 -6.78 36.06
N SER N 100 46.63 -6.40 34.89
CA SER N 100 47.30 -5.47 33.98
C SER N 100 48.68 -5.99 33.59
N ASP N 101 48.65 -7.10 32.85
CA ASP N 101 49.84 -7.79 32.35
C ASP N 101 50.52 -8.57 33.49
N ARG N 102 49.69 -9.09 34.39
CA ARG N 102 50.12 -10.12 35.33
C ARG N 102 48.96 -11.10 35.48
N ILE N 103 49.27 -12.39 35.35
CA ILE N 103 48.26 -13.43 35.29
C ILE N 103 48.42 -14.34 36.50
N SER N 104 47.32 -14.61 37.19
CA SER N 104 47.31 -15.59 38.27
C SER N 104 45.96 -16.26 38.28
N VAL N 105 45.73 -17.06 39.32
CA VAL N 105 44.48 -17.80 39.47
C VAL N 105 43.82 -17.35 40.77
N THR N 106 42.53 -17.04 40.70
CA THR N 106 41.88 -16.27 41.74
C THR N 106 41.77 -17.02 43.06
N PRO N 107 41.02 -18.13 43.17
CA PRO N 107 41.11 -18.90 44.41
C PRO N 107 42.33 -19.79 44.33
N PHE N 108 43.49 -19.25 44.68
CA PHE N 108 44.75 -19.78 44.20
C PHE N 108 44.94 -21.26 44.50
N LYS N 109 45.42 -21.98 43.48
CA LYS N 109 45.76 -23.39 43.57
C LYS N 109 47.12 -23.61 42.94
N ILE N 110 47.98 -24.38 43.61
CA ILE N 110 49.30 -24.68 43.09
C ILE N 110 49.16 -25.40 41.76
N GLY N 111 50.00 -25.04 40.79
CA GLY N 111 49.95 -25.78 39.55
C GLY N 111 50.70 -25.10 38.43
N GLU N 112 50.24 -25.33 37.21
CA GLU N 112 50.83 -24.73 36.02
C GLU N 112 49.74 -24.04 35.21
N LEU N 113 50.16 -23.04 34.45
CA LEU N 113 49.27 -22.27 33.60
C LEU N 113 49.74 -22.37 32.17
N GLU N 114 48.84 -22.79 31.28
CA GLU N 114 49.07 -22.78 29.85
C GLU N 114 48.08 -21.77 29.27
N VAL N 115 48.60 -20.64 28.81
CA VAL N 115 47.79 -19.49 28.45
C VAL N 115 48.08 -19.11 27.01
N VAL N 116 47.03 -18.88 26.24
CA VAL N 116 47.15 -18.38 24.88
C VAL N 116 46.69 -16.94 24.86
N TYR N 117 47.50 -16.06 24.27
CA TYR N 117 47.27 -14.63 24.36
C TYR N 117 47.78 -13.95 23.10
N TYR N 118 47.82 -12.62 23.12
CA TYR N 118 48.21 -11.83 21.96
C TYR N 118 49.25 -10.79 22.36
N THR N 119 50.11 -10.41 21.40
CA THR N 119 51.38 -9.76 21.69
C THR N 119 51.60 -8.63 20.67
N TYR N 120 52.53 -7.72 21.00
CA TYR N 120 52.84 -6.58 20.13
C TYR N 120 54.12 -6.80 19.35
N GLU N 121 55.17 -7.18 20.07
CA GLU N 121 56.58 -6.94 19.71
C GLU N 121 56.74 -5.56 19.05
N GLU N 122 56.46 -4.54 19.85
CA GLU N 122 56.60 -3.17 19.44
C GLU N 122 58.07 -2.82 19.20
N ILE N 123 58.29 -1.69 18.53
CA ILE N 123 59.62 -1.27 18.11
C ILE N 123 60.04 -0.06 18.91
N ARG N 124 61.35 0.19 18.93
CA ARG N 124 61.92 1.32 19.62
C ARG N 124 63.00 2.05 18.84
N ASN N 125 63.46 1.52 17.72
CA ASN N 125 64.52 2.13 16.94
C ASN N 125 64.12 2.21 15.48
N ILE N 126 64.65 3.20 14.79
CA ILE N 126 64.33 3.38 13.37
C ILE N 126 64.92 2.26 12.53
N LEU N 127 65.98 1.62 13.01
CA LEU N 127 66.65 0.57 12.26
C LEU N 127 66.10 -0.81 12.55
N GLU N 128 65.03 -0.90 13.33
CA GLU N 128 64.46 -2.20 13.68
C GLU N 128 63.68 -2.75 12.49
N THR N 129 62.98 -3.85 12.70
CA THR N 129 62.19 -4.49 11.66
C THR N 129 60.90 -5.01 12.27
N ILE N 130 59.79 -4.75 11.60
CA ILE N 130 58.48 -5.19 12.07
C ILE N 130 58.20 -6.58 11.50
N LYS N 131 58.00 -7.55 12.38
CA LYS N 131 57.76 -8.93 11.95
C LYS N 131 56.27 -9.10 11.68
N LEU N 132 55.85 -8.58 10.54
CA LEU N 132 54.47 -8.66 10.09
C LEU N 132 54.48 -8.94 8.59
N PRO N 133 53.40 -9.47 8.05
CA PRO N 133 53.34 -9.69 6.62
C PRO N 133 53.45 -8.37 5.87
N LYS N 134 54.10 -8.42 4.71
CA LYS N 134 54.27 -7.20 3.93
C LYS N 134 52.96 -6.56 3.53
N ILE N 135 51.89 -7.35 3.41
CA ILE N 135 50.59 -6.80 3.07
C ILE N 135 50.13 -5.83 4.15
N CYS N 136 50.61 -5.99 5.37
CA CYS N 136 50.32 -5.07 6.46
C CYS N 136 51.01 -3.75 6.31
N LEU N 137 51.78 -3.45 5.27
CA LEU N 137 52.46 -2.17 5.21
C LEU N 137 51.48 -1.02 5.08
N ASP N 138 50.57 -1.11 4.10
CA ASP N 138 49.68 0.00 3.83
C ASP N 138 48.75 0.29 4.99
N VAL N 139 48.38 -0.73 5.75
CA VAL N 139 47.56 -0.48 6.93
C VAL N 139 48.37 0.18 8.04
N LEU N 140 49.68 -0.03 8.09
CA LEU N 140 50.50 0.68 9.07
C LEU N 140 50.66 2.14 8.69
N VAL N 141 50.93 2.41 7.42
CA VAL N 141 51.06 3.80 6.99
C VAL N 141 49.75 4.54 7.19
N TYR N 142 48.70 4.10 6.51
CA TYR N 142 47.44 4.82 6.51
C TYR N 142 46.84 4.93 7.91
N SER N 143 47.22 4.05 8.83
CA SER N 143 46.74 4.21 10.20
C SER N 143 47.59 5.17 11.00
N VAL N 144 48.91 5.15 10.83
CA VAL N 144 49.74 6.13 11.54
C VAL N 144 49.60 7.49 10.90
N LEU N 145 49.30 7.55 9.62
CA LEU N 145 49.14 8.82 8.93
C LEU N 145 47.89 9.56 9.37
N CYS N 146 46.80 8.84 9.63
CA CYS N 146 45.61 9.49 10.19
C CYS N 146 45.87 9.98 11.61
N ASN N 147 46.84 9.41 12.31
CA ASN N 147 47.17 9.90 13.64
C ASN N 147 47.94 11.21 13.60
N LEU N 148 48.61 11.52 12.50
CA LEU N 148 49.43 12.72 12.40
C LEU N 148 48.78 13.82 11.60
N LEU N 149 47.83 13.50 10.74
CA LEU N 149 47.15 14.51 9.93
C LEU N 149 46.35 15.48 10.77
N GLU N 150 45.96 15.08 11.97
CA GLU N 150 45.15 15.91 12.84
C GLU N 150 45.97 16.85 13.71
N ILE N 151 47.28 16.95 13.47
CA ILE N 151 48.02 18.16 13.86
C ILE N 151 47.54 19.33 13.00
N PRO N 152 47.22 20.48 13.58
CA PRO N 152 46.57 21.54 12.79
C PRO N 152 47.50 22.29 11.85
N ASN N 153 48.21 21.58 10.99
CA ASN N 153 49.09 22.26 10.04
C ASN N 153 48.30 23.02 8.98
N ASN N 154 47.17 22.47 8.57
CA ASN N 154 46.39 23.03 7.47
C ASN N 154 44.93 23.10 7.87
N GLU N 155 44.20 24.02 7.23
CA GLU N 155 42.78 24.16 7.54
C GLU N 155 41.94 23.06 6.93
N THR N 156 42.48 22.31 5.97
CA THR N 156 41.78 21.21 5.32
C THR N 156 42.42 19.87 5.68
N ASN N 157 42.87 19.75 6.92
CA ASN N 157 43.50 18.50 7.35
C ASN N 157 42.48 17.40 7.61
N PHE N 158 41.28 17.76 8.06
CA PHE N 158 40.32 16.74 8.43
C PHE N 158 39.66 16.08 7.23
N SER N 159 39.45 16.82 6.14
CA SER N 159 38.98 16.16 4.92
C SER N 159 40.02 15.19 4.39
N VAL N 160 41.30 15.57 4.48
CA VAL N 160 42.36 14.67 4.07
C VAL N 160 42.38 13.44 4.97
N LEU N 161 42.14 13.64 6.27
CA LEU N 161 42.03 12.53 7.19
C LEU N 161 40.87 11.62 6.80
N ALA N 162 39.75 12.21 6.40
CA ALA N 162 38.61 11.40 5.97
C ALA N 162 38.94 10.56 4.75
N ASN N 163 39.65 11.14 3.77
CA ASN N 163 40.07 10.35 2.61
C ASN N 163 40.98 9.21 3.04
N TYR N 164 41.94 9.50 3.91
CA TYR N 164 42.84 8.45 4.37
C TYR N 164 42.12 7.39 5.18
N LYS N 165 40.99 7.72 5.80
CA LYS N 165 40.21 6.69 6.47
C LYS N 165 39.66 5.67 5.49
N GLN N 166 39.12 6.12 4.36
CA GLN N 166 38.64 5.19 3.35
C GLN N 166 39.79 4.37 2.77
N LEU N 167 40.94 5.02 2.54
CA LEU N 167 42.09 4.26 2.07
C LEU N 167 42.49 3.20 3.08
N LEU N 168 42.44 3.53 4.37
CA LEU N 168 42.75 2.57 5.42
C LEU N 168 41.75 1.43 5.43
N LYS N 169 40.47 1.74 5.19
CA LYS N 169 39.47 0.68 5.15
C LYS N 169 39.76 -0.30 4.01
N LEU N 170 40.14 0.21 2.85
CA LEU N 170 40.51 -0.69 1.76
C LEU N 170 41.75 -1.51 2.12
N ALA N 171 42.72 -0.90 2.77
CA ALA N 171 43.91 -1.65 3.18
C ALA N 171 43.55 -2.77 4.15
N LYS N 172 42.64 -2.49 5.08
CA LYS N 172 42.18 -3.52 6.00
C LYS N 172 41.44 -4.62 5.27
N ASP N 173 40.68 -4.29 4.24
CA ASP N 173 40.04 -5.32 3.44
C ASP N 173 41.07 -6.23 2.79
N ASN N 174 42.14 -5.65 2.24
CA ASN N 174 43.21 -6.46 1.67
C ASN N 174 43.83 -7.36 2.73
N LEU N 175 44.06 -6.81 3.92
CA LEU N 175 44.65 -7.60 4.99
C LEU N 175 43.76 -8.75 5.40
N THR N 176 42.45 -8.52 5.48
CA THR N 176 41.52 -9.59 5.79
C THR N 176 41.54 -10.66 4.71
N ASN N 177 41.62 -10.25 3.45
CA ASN N 177 41.76 -11.21 2.37
C ASN N 177 42.97 -12.10 2.59
N TYR N 178 44.11 -11.48 2.90
CA TYR N 178 45.33 -12.25 3.12
C TYR N 178 45.17 -13.21 4.29
N LEU N 179 44.63 -12.73 5.40
CA LEU N 179 44.51 -13.57 6.59
C LEU N 179 43.59 -14.75 6.33
N SER N 180 42.47 -14.53 5.64
CA SER N 180 41.61 -15.65 5.29
C SER N 180 42.32 -16.64 4.39
N LEU N 181 43.10 -16.16 3.43
CA LEU N 181 43.80 -17.10 2.57
C LEU N 181 44.86 -17.89 3.32
N MET N 182 45.49 -17.30 4.33
CA MET N 182 46.50 -18.01 5.11
C MET N 182 45.88 -18.97 6.13
N TYR N 183 45.21 -18.43 7.13
CA TYR N 183 44.93 -19.15 8.37
C TYR N 183 43.50 -19.65 8.45
N SER N 184 42.85 -19.83 7.32
CA SER N 184 41.48 -20.28 7.31
C SER N 184 41.34 -21.49 6.41
N LYS N 185 40.32 -22.29 6.69
CA LYS N 185 40.06 -23.47 5.89
C LYS N 185 39.68 -23.12 4.47
N ASN N 186 40.07 -23.99 3.54
CA ASN N 186 39.64 -23.88 2.16
C ASN N 186 38.43 -24.75 1.98
N ILE N 187 37.25 -24.20 2.28
CA ILE N 187 36.00 -24.93 2.21
C ILE N 187 35.08 -24.22 1.23
N HIS N 188 34.15 -24.97 0.68
CA HIS N 188 33.18 -24.41 -0.23
C HIS N 188 31.74 -24.75 0.12
N PHE N 189 31.50 -25.56 1.13
CA PHE N 189 30.14 -25.87 1.56
C PHE N 189 30.08 -25.93 3.08
N SER N 190 28.90 -25.65 3.62
CA SER N 190 28.68 -25.74 5.05
C SER N 190 28.31 -27.16 5.44
N LYS N 191 28.31 -27.42 6.74
CA LYS N 191 27.90 -28.71 7.27
C LYS N 191 26.50 -28.60 7.84
N VAL N 192 25.77 -29.72 7.79
CA VAL N 192 24.41 -29.74 8.30
C VAL N 192 24.44 -29.71 9.81
N VAL N 193 23.48 -29.01 10.41
CA VAL N 193 23.39 -28.93 11.86
C VAL N 193 23.05 -30.30 12.42
N ARG N 194 23.79 -30.74 13.42
CA ARG N 194 23.63 -32.05 14.03
C ARG N 194 23.25 -31.85 15.49
N VAL N 195 21.98 -32.08 15.81
CA VAL N 195 21.53 -31.95 17.19
C VAL N 195 20.90 -33.26 17.63
N MET O 1 54.55 -11.47 -20.56
CA MET O 1 55.56 -10.85 -19.73
C MET O 1 55.56 -9.34 -19.92
N ILE O 2 55.67 -8.61 -18.82
CA ILE O 2 55.69 -7.16 -18.84
C ILE O 2 57.07 -6.68 -18.41
N GLU O 3 57.66 -5.80 -19.21
CA GLU O 3 58.91 -5.17 -18.82
C GLU O 3 58.63 -4.07 -17.80
N VAL O 4 59.56 -3.90 -16.86
CA VAL O 4 59.39 -2.85 -15.87
C VAL O 4 59.53 -1.47 -16.51
N SER O 5 60.28 -1.39 -17.62
CA SER O 5 60.52 -0.09 -18.24
C SER O 5 59.21 0.55 -18.69
N GLU O 6 58.31 -0.23 -19.27
CA GLU O 6 57.05 0.33 -19.77
C GLU O 6 56.10 0.70 -18.65
N VAL O 7 56.05 -0.06 -17.57
CA VAL O 7 55.26 0.36 -16.41
C VAL O 7 55.80 1.67 -15.87
N ILE O 8 57.12 1.75 -15.72
CA ILE O 8 57.73 2.96 -15.16
C ILE O 8 57.46 4.15 -16.06
N ALA O 9 57.58 3.96 -17.38
CA ALA O 9 57.36 5.07 -18.30
C ALA O 9 55.92 5.57 -18.22
N LYS O 10 54.95 4.67 -18.15
CA LYS O 10 53.56 5.10 -18.06
C LYS O 10 53.31 5.84 -16.77
N VAL O 11 53.86 5.35 -15.66
CA VAL O 11 53.67 6.06 -14.39
C VAL O 11 54.32 7.44 -14.44
N ARG O 12 55.53 7.52 -14.98
CA ARG O 12 56.18 8.82 -15.10
C ARG O 12 55.37 9.78 -15.94
N GLU O 13 54.83 9.31 -17.06
CA GLU O 13 54.03 10.17 -17.92
C GLU O 13 52.79 10.65 -17.18
N ARG O 14 52.14 9.75 -16.45
CA ARG O 14 50.90 10.07 -15.77
C ARG O 14 51.09 11.03 -14.62
N LEU O 15 52.28 11.05 -14.02
CA LEU O 15 52.56 11.89 -12.87
C LEU O 15 53.16 13.22 -13.29
N ASN O 16 53.18 13.50 -14.59
CA ASN O 16 53.81 14.70 -15.14
C ASN O 16 55.26 14.78 -14.70
N ASP O 17 55.90 13.62 -14.61
CA ASP O 17 57.29 13.51 -14.21
C ASP O 17 58.08 12.69 -15.21
N ASN O 18 57.85 12.94 -16.50
CA ASN O 18 58.59 12.25 -17.55
C ASN O 18 59.82 13.05 -17.97
N GLU O 19 60.64 13.43 -17.00
CA GLU O 19 61.85 14.21 -17.24
C GLU O 19 63.05 13.40 -16.78
N VAL O 20 63.95 13.12 -17.71
CA VAL O 20 65.09 12.26 -17.41
C VAL O 20 65.99 12.90 -16.36
N GLY O 21 66.25 14.20 -16.50
CA GLY O 21 67.14 14.88 -15.58
C GLY O 21 66.63 14.99 -14.16
N ASN O 22 65.35 15.35 -14.01
CA ASN O 22 64.87 15.72 -12.68
C ASN O 22 64.54 14.50 -11.83
N TYR O 23 63.57 13.70 -12.26
CA TYR O 23 63.14 12.51 -11.52
C TYR O 23 62.79 12.87 -10.08
N GLU O 24 61.70 13.63 -9.93
CA GLU O 24 61.25 14.01 -8.61
C GLU O 24 60.92 12.80 -7.75
N ILE O 25 60.51 11.70 -8.37
CA ILE O 25 60.26 10.44 -7.66
C ILE O 25 61.42 9.50 -7.97
N LEU O 26 62.14 9.09 -6.93
CA LEU O 26 63.29 8.23 -7.12
C LEU O 26 62.87 6.86 -7.60
N ASP O 27 63.72 6.23 -8.40
CA ASP O 27 63.40 4.92 -8.95
C ASP O 27 63.30 3.84 -7.87
N SER O 28 63.98 4.02 -6.75
CA SER O 28 63.79 3.10 -5.63
C SER O 28 62.36 3.16 -5.13
N VAL O 29 61.80 4.37 -5.04
CA VAL O 29 60.41 4.50 -4.61
C VAL O 29 59.48 3.81 -5.59
N LEU O 30 59.71 3.99 -6.88
CA LEU O 30 58.86 3.34 -7.87
C LEU O 30 58.99 1.83 -7.80
N VAL O 31 60.20 1.30 -7.63
CA VAL O 31 60.31 -0.15 -7.58
C VAL O 31 59.66 -0.70 -6.32
N GLU O 32 59.75 0.01 -5.19
CA GLU O 32 59.07 -0.44 -4.00
C GLU O 32 57.55 -0.40 -4.18
N ASN O 33 57.05 0.66 -4.80
CA ASN O 33 55.61 0.74 -5.03
C ASN O 33 55.14 -0.32 -6.02
N ILE O 34 55.97 -0.66 -7.00
CA ILE O 34 55.62 -1.73 -7.93
C ILE O 34 55.61 -3.08 -7.19
N ASN O 35 56.52 -3.26 -6.25
CA ASN O 35 56.46 -4.46 -5.43
C ASN O 35 55.17 -4.52 -4.64
N GLN O 36 54.75 -3.39 -4.07
CA GLN O 36 53.48 -3.35 -3.35
C GLN O 36 52.31 -3.68 -4.27
N ALA O 37 52.32 -3.13 -5.48
CA ALA O 37 51.25 -3.41 -6.44
C ALA O 37 51.22 -4.88 -6.81
N LEU O 38 52.38 -5.48 -7.03
CA LEU O 38 52.43 -6.91 -7.31
C LEU O 38 51.89 -7.73 -6.15
N LEU O 39 52.26 -7.35 -4.93
CA LEU O 39 51.64 -7.93 -3.74
C LEU O 39 50.13 -7.93 -3.83
N LYS O 40 49.53 -6.75 -3.95
CA LYS O 40 48.08 -6.66 -3.91
C LYS O 40 47.45 -7.39 -5.08
N ILE O 41 48.01 -7.29 -6.27
CA ILE O 41 47.44 -7.93 -7.45
C ILE O 41 47.49 -9.45 -7.32
N CYS O 42 48.64 -10.00 -6.92
CA CYS O 42 48.76 -11.43 -6.80
C CYS O 42 47.94 -11.98 -5.64
N LEU O 43 47.74 -11.18 -4.59
CA LEU O 43 46.88 -11.65 -3.51
C LEU O 43 45.43 -11.68 -3.92
N GLU O 44 44.93 -10.60 -4.52
CA GLU O 44 43.50 -10.50 -4.77
C GLU O 44 43.05 -11.51 -5.82
N PHE O 45 43.86 -11.71 -6.86
CA PHE O 45 43.45 -12.54 -7.97
C PHE O 45 44.02 -13.96 -7.92
N ARG O 46 44.86 -14.27 -6.95
CA ARG O 46 45.47 -15.59 -6.82
C ARG O 46 46.15 -15.99 -8.12
N LEU O 47 46.94 -15.07 -8.65
CA LEU O 47 47.53 -15.25 -9.97
C LEU O 47 48.51 -16.41 -10.01
N LYS O 48 49.38 -16.52 -9.03
CA LYS O 48 50.49 -17.46 -9.09
C LYS O 48 50.29 -18.57 -8.08
N LYS O 49 50.08 -19.78 -8.57
CA LYS O 49 50.03 -20.97 -7.74
C LYS O 49 51.36 -21.70 -7.85
N ALA O 50 51.92 -22.08 -6.71
CA ALA O 50 53.19 -22.79 -6.68
C ALA O 50 53.01 -24.04 -5.83
N ILE O 51 53.76 -25.08 -6.19
CA ILE O 51 53.73 -26.36 -5.51
C ILE O 51 55.12 -26.66 -4.99
N THR O 52 55.21 -26.98 -3.71
CA THR O 52 56.49 -27.33 -3.11
C THR O 52 56.33 -28.68 -2.42
N ARG O 53 57.25 -29.60 -2.69
CA ARG O 53 57.15 -30.96 -2.19
C ARG O 53 58.47 -31.30 -1.53
N SER O 54 58.57 -31.04 -0.25
CA SER O 54 59.80 -31.24 0.48
C SER O 54 59.59 -32.28 1.59
N LEU O 55 60.62 -32.47 2.39
CA LEU O 55 60.60 -33.46 3.45
C LEU O 55 61.01 -32.80 4.75
N ILE O 56 60.30 -33.13 5.83
CA ILE O 56 60.60 -32.61 7.15
C ILE O 56 60.90 -33.77 8.07
N THR O 57 62.03 -33.67 8.78
CA THR O 57 62.46 -34.68 9.73
C THR O 57 62.82 -34.00 11.04
N GLU O 58 63.35 -34.76 11.99
CA GLU O 58 63.69 -34.20 13.28
C GLU O 58 64.88 -33.24 13.21
N GLU O 59 65.73 -33.36 12.20
CA GLU O 59 66.86 -32.44 12.09
C GLU O 59 66.39 -31.04 11.72
N GLU O 60 65.78 -30.89 10.56
CA GLU O 60 65.17 -29.63 10.15
C GLU O 60 63.66 -29.82 10.17
N ARG O 61 62.99 -28.97 10.94
CA ARG O 61 61.57 -29.15 11.18
C ARG O 61 60.68 -28.21 10.38
N PHE O 62 61.26 -27.18 9.77
CA PHE O 62 60.48 -26.16 9.09
C PHE O 62 60.80 -26.14 7.61
N LEU O 63 59.82 -25.72 6.82
CA LEU O 63 59.93 -25.61 5.38
C LEU O 63 59.85 -24.13 5.03
N THR O 64 60.97 -23.57 4.59
CA THR O 64 61.02 -22.13 4.29
C THR O 64 60.49 -21.91 2.88
N LEU O 65 59.35 -21.26 2.77
CA LEU O 65 58.79 -20.87 1.49
C LEU O 65 59.32 -19.50 1.11
N ASN O 66 58.73 -18.86 0.11
CA ASN O 66 59.15 -17.52 -0.25
C ASN O 66 57.98 -16.74 -0.79
N ASN O 67 57.80 -15.52 -0.29
CA ASN O 67 56.75 -14.63 -0.76
C ASN O 67 55.39 -15.31 -0.66
N LEU O 68 55.09 -15.77 0.55
CA LEU O 68 53.89 -16.55 0.78
C LEU O 68 52.67 -15.62 0.85
N LEU O 69 51.59 -16.03 0.19
CA LEU O 69 50.31 -15.35 0.28
C LEU O 69 49.21 -16.19 0.89
N GLY O 70 49.20 -17.49 0.65
CA GLY O 70 48.14 -18.33 1.16
C GLY O 70 48.38 -19.77 0.80
N ILE O 71 47.86 -20.67 1.63
CA ILE O 71 47.99 -22.09 1.41
C ILE O 71 46.60 -22.63 1.10
N GLU O 72 46.49 -23.39 0.01
CA GLU O 72 45.19 -23.92 -0.37
C GLU O 72 45.12 -25.44 -0.32
N SER O 73 46.23 -26.13 -0.14
CA SER O 73 46.20 -27.59 -0.01
C SER O 73 47.50 -28.06 0.59
N VAL O 74 47.42 -28.92 1.61
CA VAL O 74 48.58 -29.51 2.25
C VAL O 74 48.37 -31.02 2.34
N LYS O 75 49.39 -31.77 1.92
CA LYS O 75 49.41 -33.21 2.03
C LYS O 75 50.64 -33.62 2.81
N LEU O 76 50.47 -34.60 3.70
CA LEU O 76 51.59 -35.20 4.41
C LEU O 76 51.52 -36.69 4.17
N ASP O 77 52.43 -37.21 3.36
CA ASP O 77 52.42 -38.61 2.93
C ASP O 77 51.07 -38.94 2.29
N LYS O 78 50.62 -38.06 1.40
CA LYS O 78 49.34 -38.22 0.72
C LYS O 78 48.19 -38.30 1.71
N LYS O 79 48.32 -37.59 2.82
CA LYS O 79 47.26 -37.46 3.80
C LYS O 79 46.91 -35.99 3.95
N GLU O 80 45.62 -35.67 3.88
CA GLU O 80 45.18 -34.29 3.97
C GLU O 80 45.49 -33.73 5.35
N ILE O 81 46.06 -32.54 5.37
CA ILE O 81 46.21 -31.75 6.59
C ILE O 81 45.05 -30.78 6.64
N GLU O 82 44.36 -30.74 7.77
CA GLU O 82 43.07 -30.08 7.83
C GLU O 82 43.14 -28.65 8.33
N SER O 83 43.57 -28.43 9.56
CA SER O 83 43.50 -27.11 10.18
C SER O 83 44.84 -26.40 10.09
N ARG O 84 44.81 -25.07 10.23
CA ARG O 84 45.99 -24.24 10.22
C ARG O 84 46.08 -23.47 11.53
N ASN O 85 47.30 -23.28 12.02
CA ASN O 85 47.50 -22.65 13.31
C ASN O 85 48.90 -22.05 13.34
N THR O 86 49.12 -21.17 14.32
CA THR O 86 50.42 -20.51 14.49
C THR O 86 50.90 -20.59 15.93
N ILE O 87 50.43 -21.57 16.69
CA ILE O 87 50.61 -21.56 18.14
C ILE O 87 51.43 -22.73 18.65
N GLU O 88 51.76 -23.71 17.82
CA GLU O 88 52.56 -24.87 18.24
C GLU O 88 51.85 -25.63 19.36
N LYS O 89 50.68 -26.16 19.00
CA LYS O 89 49.93 -27.03 19.89
C LYS O 89 50.72 -28.30 20.17
N ASP O 90 50.68 -28.74 21.43
CA ASP O 90 51.49 -29.88 21.86
C ASP O 90 50.99 -31.20 21.28
N THR O 91 49.68 -31.46 21.37
CA THR O 91 49.14 -32.72 20.90
C THR O 91 47.67 -32.53 20.53
N GLY O 92 47.15 -33.50 19.77
CA GLY O 92 45.78 -33.44 19.32
C GLY O 92 45.64 -33.77 17.85
N GLU O 93 44.71 -33.10 17.17
CA GLU O 93 44.59 -33.29 15.73
C GLU O 93 45.81 -32.73 15.03
N LEU O 94 46.03 -33.19 13.81
CA LEU O 94 47.26 -32.87 13.09
C LEU O 94 47.05 -31.59 12.30
N GLU O 95 47.75 -30.52 12.67
CA GLU O 95 47.53 -29.20 12.09
C GLU O 95 48.79 -28.67 11.45
N LEU O 96 48.62 -27.69 10.56
CA LEU O 96 49.71 -27.06 9.85
C LEU O 96 50.14 -25.80 10.59
N LEU O 97 51.40 -25.73 10.96
CA LEU O 97 51.93 -24.58 11.69
C LEU O 97 52.56 -23.60 10.71
N ILE O 98 52.11 -22.35 10.76
CA ILE O 98 52.61 -21.29 9.89
C ILE O 98 53.35 -20.27 10.76
N LEU O 99 54.60 -20.00 10.41
CA LEU O 99 55.47 -19.13 11.19
C LEU O 99 56.02 -18.00 10.34
N SER O 100 55.13 -17.29 9.64
CA SER O 100 55.52 -16.12 8.85
C SER O 100 56.57 -16.50 7.81
N ASP O 101 56.11 -17.32 6.85
CA ASP O 101 56.91 -17.82 5.74
C ASP O 101 57.86 -18.92 6.23
N ARG O 102 57.39 -19.70 7.20
CA ARG O 102 58.00 -20.97 7.55
C ARG O 102 56.88 -21.94 7.86
N ILE O 103 56.93 -23.11 7.26
CA ILE O 103 55.84 -24.09 7.32
C ILE O 103 56.34 -25.33 8.04
N SER O 104 55.56 -25.80 9.00
CA SER O 104 55.84 -27.06 9.66
C SER O 104 54.52 -27.71 10.03
N VAL O 105 54.59 -28.80 10.79
CA VAL O 105 53.41 -29.54 11.22
C VAL O 105 53.37 -29.51 12.73
N THR O 106 52.20 -29.19 13.29
CA THR O 106 52.11 -28.78 14.68
C THR O 106 52.42 -29.91 15.65
N PRO O 107 51.63 -31.00 15.73
CA PRO O 107 52.07 -32.12 16.56
C PRO O 107 53.03 -32.95 15.74
N PHE O 108 54.30 -32.55 15.74
CA PHE O 108 55.21 -32.91 14.65
C PHE O 108 55.30 -34.41 14.40
N LYS O 109 55.25 -34.77 13.12
CA LYS O 109 55.41 -36.14 12.66
C LYS O 109 56.40 -36.15 11.49
N ILE O 110 57.32 -37.10 11.52
CA ILE O 110 58.30 -37.23 10.44
C ILE O 110 57.57 -37.50 9.14
N GLY O 111 58.01 -36.85 8.06
CA GLY O 111 57.40 -37.16 6.78
C GLY O 111 57.75 -36.17 5.71
N GLU O 112 56.84 -36.00 4.77
CA GLU O 112 56.99 -35.06 3.67
C GLU O 112 55.78 -34.14 3.59
N LEU O 113 56.01 -32.95 3.06
CA LEU O 113 54.97 -31.94 2.91
C LEU O 113 54.83 -31.58 1.44
N GLU O 114 53.63 -31.70 0.91
CA GLU O 114 53.28 -31.24 -0.43
C GLU O 114 52.30 -30.10 -0.24
N VAL O 115 52.74 -28.88 -0.52
CA VAL O 115 52.02 -27.67 -0.18
C VAL O 115 51.77 -26.86 -1.44
N VAL O 116 50.56 -26.39 -1.61
CA VAL O 116 50.20 -25.50 -2.70
C VAL O 116 49.97 -24.11 -2.11
N TYR O 117 50.59 -23.10 -2.71
CA TYR O 117 50.61 -21.77 -2.12
C TYR O 117 50.68 -20.73 -3.23
N TYR O 118 50.90 -19.48 -2.86
CA TYR O 118 50.93 -18.36 -3.79
C TYR O 118 52.18 -17.51 -3.56
N THR O 119 52.63 -16.86 -4.63
CA THR O 119 53.99 -16.33 -4.71
C THR O 119 53.96 -14.95 -5.36
N TYR O 120 55.05 -14.18 -5.19
CA TYR O 120 55.15 -12.83 -5.74
C TYR O 120 56.00 -12.79 -6.99
N GLU O 121 57.20 -13.39 -6.91
CA GLU O 121 58.36 -13.05 -7.72
C GLU O 121 58.45 -11.54 -7.96
N GLU O 122 58.63 -10.82 -6.86
CA GLU O 122 58.78 -9.38 -6.88
C GLU O 122 60.08 -8.99 -7.58
N ILE O 123 60.17 -7.71 -7.93
CA ILE O 123 61.28 -7.19 -8.72
C ILE O 123 62.14 -6.28 -7.84
N ARG O 124 63.37 -6.07 -8.28
CA ARG O 124 64.31 -5.21 -7.58
C ARG O 124 65.10 -4.28 -8.49
N ASN O 125 65.01 -4.43 -9.80
CA ASN O 125 65.78 -3.61 -10.73
C ASN O 125 64.85 -3.07 -11.81
N ILE O 126 65.20 -1.91 -12.35
CA ILE O 126 64.39 -1.30 -13.39
C ILE O 126 64.46 -2.09 -14.68
N LEU O 127 65.53 -2.87 -14.88
CA LEU O 127 65.72 -3.62 -16.11
C LEU O 127 65.15 -5.03 -16.02
N GLU O 128 64.46 -5.35 -14.94
CA GLU O 128 63.89 -6.68 -14.78
C GLU O 128 62.65 -6.82 -15.65
N THR O 129 61.95 -7.94 -15.50
CA THR O 129 60.75 -8.21 -16.28
C THR O 129 59.74 -8.89 -15.37
N ILE O 130 58.49 -8.43 -15.43
CA ILE O 130 57.42 -9.00 -14.62
C ILE O 130 56.75 -10.12 -15.40
N LYS O 131 56.79 -11.33 -14.83
CA LYS O 131 56.23 -12.50 -15.51
C LYS O 131 54.74 -12.57 -15.19
N LEU O 132 53.98 -11.71 -15.86
CA LEU O 132 52.54 -11.64 -15.72
C LEU O 132 51.94 -11.43 -17.10
N PRO O 133 50.67 -11.76 -17.28
CA PRO O 133 50.04 -11.51 -18.57
C PRO O 133 50.03 -10.02 -18.89
N LYS O 134 50.17 -9.71 -20.18
CA LYS O 134 50.20 -8.31 -20.58
C LYS O 134 48.92 -7.57 -20.21
N ILE O 135 47.80 -8.28 -20.10
CA ILE O 135 46.55 -7.64 -19.71
C ILE O 135 46.66 -7.05 -18.31
N CYS O 136 47.56 -7.59 -17.49
CA CYS O 136 47.82 -7.06 -16.16
C CYS O 136 48.58 -5.78 -16.19
N LEU O 137 48.92 -5.16 -17.33
CA LEU O 137 49.70 -3.93 -17.28
C LEU O 137 48.89 -2.79 -16.68
N ASP O 138 47.68 -2.57 -17.17
CA ASP O 138 46.90 -1.42 -16.74
C ASP O 138 46.53 -1.51 -15.27
N VAL O 139 46.35 -2.72 -14.75
CA VAL O 139 46.09 -2.85 -13.32
C VAL O 139 47.34 -2.58 -12.49
N LEU O 140 48.53 -2.80 -13.05
CA LEU O 140 49.74 -2.43 -12.32
C LEU O 140 49.94 -0.93 -12.29
N VAL O 141 49.74 -0.27 -13.43
CA VAL O 141 49.87 1.18 -13.46
C VAL O 141 48.85 1.82 -12.54
N TYR O 142 47.57 1.63 -12.84
CA TYR O 142 46.51 2.31 -12.11
C TYR O 142 46.51 1.98 -10.63
N SER O 143 47.09 0.86 -10.24
CA SER O 143 47.21 0.58 -8.81
C SER O 143 48.41 1.22 -8.17
N VAL O 144 49.56 1.26 -8.87
CA VAL O 144 50.70 1.96 -8.31
C VAL O 144 50.52 3.46 -8.41
N LEU O 145 49.76 3.92 -9.39
CA LEU O 145 49.52 5.34 -9.55
C LEU O 145 48.64 5.91 -8.46
N CYS O 146 47.64 5.15 -8.00
CA CYS O 146 46.87 5.59 -6.84
C CYS O 146 47.70 5.61 -5.58
N ASN O 147 48.78 4.85 -5.52
CA ASN O 147 49.65 4.89 -4.37
C ASN O 147 50.52 6.14 -4.33
N LEU O 148 50.75 6.78 -5.47
CA LEU O 148 51.62 7.93 -5.54
C LEU O 148 50.87 9.24 -5.65
N LEU O 149 49.62 9.21 -6.12
CA LEU O 149 48.83 10.43 -6.25
C LEU O 149 48.55 11.09 -4.92
N GLU O 150 48.59 10.34 -3.84
CA GLU O 150 48.29 10.85 -2.52
C GLU O 150 49.50 11.47 -1.83
N ILE O 151 50.62 11.64 -2.53
CA ILE O 151 51.60 12.65 -2.15
C ILE O 151 50.99 14.04 -2.36
N PRO O 152 51.07 14.95 -1.40
CA PRO O 152 50.31 16.21 -1.51
C PRO O 152 50.91 17.21 -2.49
N ASN O 153 51.13 16.81 -3.73
CA ASN O 153 51.66 17.74 -4.72
C ASN O 153 50.64 18.79 -5.09
N ASN O 154 49.37 18.42 -5.16
CA ASN O 154 48.31 19.29 -5.63
C ASN O 154 47.14 19.25 -4.68
N GLU O 155 46.35 20.32 -4.67
CA GLU O 155 45.19 20.36 -3.80
C GLU O 155 44.04 19.51 -4.30
N THR O 156 44.07 19.10 -5.57
CA THR O 156 43.03 18.27 -6.16
C THR O 156 43.58 16.88 -6.49
N ASN O 157 44.45 16.36 -5.64
CA ASN O 157 45.03 15.05 -5.88
C ASN O 157 44.05 13.94 -5.55
N PHE O 158 43.17 14.14 -4.57
CA PHE O 158 42.30 13.05 -4.15
C PHE O 158 41.15 12.81 -5.13
N SER O 159 40.64 13.85 -5.77
CA SER O 159 39.66 13.62 -6.83
C SER O 159 40.29 12.86 -7.99
N VAL O 160 41.53 13.18 -8.32
CA VAL O 160 42.23 12.45 -9.36
C VAL O 160 42.42 11.01 -8.94
N LEU O 161 42.73 10.79 -7.66
CA LEU O 161 42.83 9.44 -7.14
C LEU O 161 41.51 8.70 -7.27
N ALA O 162 40.41 9.39 -6.99
CA ALA O 162 39.09 8.77 -7.14
C ALA O 162 38.81 8.36 -8.57
N ASN O 163 39.17 9.21 -9.54
CA ASN O 163 39.01 8.82 -10.94
C ASN O 163 39.86 7.60 -11.27
N TYR O 164 41.10 7.60 -10.81
CA TYR O 164 41.96 6.46 -11.08
C TYR O 164 41.48 5.20 -10.39
N LYS O 165 40.72 5.32 -9.30
CA LYS O 165 40.13 4.13 -8.69
C LYS O 165 39.11 3.48 -9.62
N GLN O 166 38.25 4.27 -10.26
CA GLN O 166 37.31 3.70 -11.21
C GLN O 166 38.03 3.10 -12.40
N LEU O 167 39.07 3.79 -12.88
CA LEU O 167 39.85 3.21 -13.97
C LEU O 167 40.46 1.88 -13.57
N LEU O 168 40.95 1.79 -12.33
CA LEU O 168 41.50 0.54 -11.83
C LEU O 168 40.44 -0.53 -11.73
N LYS O 169 39.22 -0.16 -11.34
CA LYS O 169 38.15 -1.15 -11.28
C LYS O 169 37.86 -1.72 -12.65
N LEU O 170 37.83 -0.87 -13.67
CA LEU O 170 37.63 -1.38 -15.03
C LEU O 170 38.79 -2.28 -15.46
N ALA O 171 40.02 -1.92 -15.11
CA ALA O 171 41.16 -2.76 -15.44
C ALA O 171 41.05 -4.12 -14.78
N LYS O 172 40.62 -4.15 -13.52
CA LYS O 172 40.41 -5.42 -12.83
C LYS O 172 39.31 -6.23 -13.48
N ASP O 173 38.26 -5.58 -13.98
CA ASP O 173 37.24 -6.30 -14.71
C ASP O 173 37.81 -6.97 -15.95
N ASN O 174 38.65 -6.24 -16.69
CA ASN O 174 39.31 -6.85 -17.85
C ASN O 174 40.16 -8.03 -17.44
N LEU O 175 40.91 -7.89 -16.34
CA LEU O 175 41.74 -8.98 -15.88
C LEU O 175 40.93 -10.20 -15.49
N THR O 176 39.80 -9.99 -14.82
CA THR O 176 38.93 -11.11 -14.49
C THR O 176 38.39 -11.77 -15.74
N ASN O 177 38.03 -10.99 -16.75
CA ASN O 177 37.62 -11.55 -18.02
C ASN O 177 38.70 -12.48 -18.57
N TYR O 178 39.94 -12.00 -18.60
CA TYR O 178 41.04 -12.80 -19.11
C TYR O 178 41.22 -14.08 -18.30
N LEU O 179 41.21 -13.97 -16.98
CA LEU O 179 41.44 -15.15 -16.15
C LEU O 179 40.35 -16.18 -16.34
N SER O 180 39.09 -15.75 -16.42
CA SER O 180 38.02 -16.69 -16.70
C SER O 180 38.19 -17.35 -18.06
N LEU O 181 38.61 -16.60 -19.06
CA LEU O 181 38.79 -17.22 -20.36
C LEU O 181 39.95 -18.22 -20.37
N MET O 182 40.98 -17.98 -19.58
CA MET O 182 42.11 -18.90 -19.50
C MET O 182 41.81 -20.12 -18.65
N TYR O 183 41.65 -19.93 -17.34
CA TYR O 183 41.78 -21.00 -16.37
C TYR O 183 40.44 -21.50 -15.87
N SER O 184 39.37 -21.31 -16.64
CA SER O 184 38.06 -21.73 -16.21
C SER O 184 37.43 -22.59 -17.29
N LYS O 185 36.50 -23.43 -16.87
CA LYS O 185 35.81 -24.31 -17.79
C LYS O 185 34.96 -23.52 -18.78
N ASN O 186 34.84 -24.05 -19.99
CA ASN O 186 33.93 -23.50 -20.98
C ASN O 186 32.64 -24.28 -20.89
N ILE O 187 31.76 -23.84 -20.01
CA ILE O 187 30.49 -24.51 -19.77
C ILE O 187 29.37 -23.52 -20.04
N HIS O 188 28.21 -24.05 -20.36
CA HIS O 188 27.04 -23.21 -20.61
C HIS O 188 25.81 -23.64 -19.82
N PHE O 189 25.87 -24.74 -19.07
CA PHE O 189 24.76 -25.16 -18.24
C PHE O 189 25.27 -25.70 -16.92
N SER O 190 24.44 -25.59 -15.89
CA SER O 190 24.78 -26.14 -14.58
C SER O 190 24.39 -27.60 -14.50
N LYS O 191 24.86 -28.26 -13.45
CA LYS O 191 24.51 -29.64 -13.19
C LYS O 191 23.47 -29.72 -12.10
N VAL O 192 22.63 -30.76 -12.17
CA VAL O 192 21.57 -30.94 -11.18
C VAL O 192 22.19 -31.39 -9.87
N VAL O 193 21.62 -30.90 -8.76
CA VAL O 193 22.11 -31.28 -7.44
C VAL O 193 21.82 -32.75 -7.21
N ARG O 194 22.84 -33.49 -6.77
CA ARG O 194 22.75 -34.93 -6.55
C ARG O 194 22.99 -35.21 -5.07
N VAL O 195 21.92 -35.51 -4.34
CA VAL O 195 22.05 -35.83 -2.93
C VAL O 195 21.47 -37.20 -2.66
N MET P 1 40.53 -4.67 -43.22
CA MET P 1 41.85 -4.34 -42.72
C MET P 1 41.99 -2.85 -42.46
N ILE P 2 42.59 -2.51 -41.33
CA ILE P 2 42.81 -1.12 -40.94
C ILE P 2 44.29 -0.81 -40.99
N GLU P 3 44.65 0.27 -41.68
CA GLU P 3 46.01 0.74 -41.66
C GLU P 3 46.30 1.48 -40.35
N VAL P 4 47.53 1.32 -39.85
CA VAL P 4 47.88 2.02 -38.63
C VAL P 4 47.96 3.52 -38.84
N SER P 5 48.23 3.95 -40.08
CA SER P 5 48.37 5.37 -40.35
C SER P 5 47.09 6.13 -40.02
N GLU P 6 45.94 5.57 -40.39
CA GLU P 6 44.69 6.27 -40.16
C GLU P 6 44.28 6.27 -38.69
N VAL P 7 44.55 5.20 -37.95
CA VAL P 7 44.33 5.25 -36.51
C VAL P 7 45.20 6.32 -35.88
N ILE P 8 46.48 6.35 -36.25
CA ILE P 8 47.40 7.30 -35.68
C ILE P 8 46.97 8.72 -36.00
N ALA P 9 46.55 8.96 -37.25
CA ALA P 9 46.14 10.30 -37.64
C ALA P 9 44.93 10.76 -36.84
N LYS P 10 43.94 9.89 -36.66
CA LYS P 10 42.76 10.27 -35.89
C LYS P 10 43.13 10.57 -34.45
N VAL P 11 44.00 9.76 -33.85
CA VAL P 11 44.40 10.02 -32.48
C VAL P 11 45.15 11.34 -32.38
N ARG P 12 46.06 11.60 -33.32
CA ARG P 12 46.79 12.86 -33.31
C ARG P 12 45.85 14.05 -33.44
N GLU P 13 44.87 13.95 -34.34
CA GLU P 13 43.92 15.04 -34.49
C GLU P 13 43.14 15.27 -33.22
N ARG P 14 42.70 14.19 -32.59
CA ARG P 14 41.86 14.28 -31.40
C ARG P 14 42.61 14.82 -30.20
N LEU P 15 43.92 14.65 -30.15
CA LEU P 15 44.73 15.09 -29.03
C LEU P 15 45.30 16.48 -29.26
N ASN P 16 44.85 17.16 -30.31
CA ASN P 16 45.37 18.47 -30.70
C ASN P 16 46.88 18.40 -30.88
N ASP P 17 47.35 17.27 -31.40
CA ASP P 17 48.77 17.03 -31.63
C ASP P 17 48.99 16.56 -33.07
N ASN P 18 48.32 17.20 -34.02
CA ASN P 18 48.51 16.87 -35.43
C ASN P 18 49.57 17.75 -36.07
N GLU P 19 50.74 17.82 -35.44
CA GLU P 19 51.86 18.62 -35.91
C GLU P 19 53.03 17.71 -36.24
N VAL P 20 53.46 17.73 -37.49
CA VAL P 20 54.51 16.81 -37.94
C VAL P 20 55.82 17.08 -37.20
N GLY P 21 56.17 18.35 -37.05
CA GLY P 21 57.43 18.70 -36.43
C GLY P 21 57.52 18.37 -34.95
N ASN P 22 56.46 18.66 -34.19
CA ASN P 22 56.57 18.61 -32.74
C ASN P 22 56.43 17.17 -32.23
N TYR P 23 55.27 16.55 -32.43
CA TYR P 23 55.01 15.19 -31.96
C TYR P 23 55.29 15.08 -30.46
N GLU P 24 54.44 15.76 -29.68
CA GLU P 24 54.59 15.71 -28.23
C GLU P 24 54.45 14.29 -27.70
N ILE P 25 53.70 13.44 -28.39
CA ILE P 25 53.58 12.03 -28.05
C ILE P 25 54.40 11.23 -29.05
N LEU P 26 55.39 10.52 -28.55
CA LEU P 26 56.26 9.75 -29.43
C LEU P 26 55.50 8.59 -30.06
N ASP P 27 55.90 8.25 -31.29
CA ASP P 27 55.22 7.17 -32.01
C ASP P 27 55.41 5.82 -31.34
N SER P 28 56.49 5.63 -30.60
CA SER P 28 56.62 4.41 -29.80
C SER P 28 55.51 4.31 -28.77
N VAL P 29 55.18 5.43 -28.12
CA VAL P 29 54.10 5.43 -27.15
C VAL P 29 52.79 5.08 -27.82
N LEU P 30 52.53 5.67 -28.98
CA LEU P 30 51.29 5.37 -29.68
C LEU P 30 51.22 3.90 -30.11
N VAL P 31 52.33 3.35 -30.59
CA VAL P 31 52.26 1.96 -31.03
C VAL P 31 52.06 1.04 -29.82
N GLU P 32 52.68 1.35 -28.68
CA GLU P 32 52.45 0.54 -27.49
C GLU P 32 51.00 0.65 -27.04
N ASN P 33 50.44 1.85 -27.06
CA ASN P 33 49.05 2.02 -26.66
C ASN P 33 48.10 1.32 -27.63
N ILE P 34 48.43 1.30 -28.91
CA ILE P 34 47.63 0.58 -29.88
C ILE P 34 47.71 -0.92 -29.63
N ASN P 35 48.89 -1.40 -29.23
CA ASN P 35 48.99 -2.80 -28.84
C ASN P 35 48.10 -3.10 -27.64
N GLN P 36 48.09 -2.20 -26.66
CA GLN P 36 47.19 -2.38 -25.50
C GLN P 36 45.74 -2.40 -25.93
N ALA P 37 45.36 -1.50 -26.83
CA ALA P 37 43.99 -1.46 -27.30
C ALA P 37 43.60 -2.73 -28.03
N LEU P 38 44.51 -3.25 -28.86
CA LEU P 38 44.26 -4.51 -29.54
C LEU P 38 44.10 -5.64 -28.54
N LEU P 39 44.95 -5.68 -27.52
CA LEU P 39 44.76 -6.61 -26.42
C LEU P 39 43.35 -6.56 -25.87
N LYS P 40 42.92 -5.40 -25.40
CA LYS P 40 41.61 -5.31 -24.76
C LYS P 40 40.48 -5.65 -25.72
N ILE P 41 40.57 -5.17 -26.96
CA ILE P 41 39.51 -5.41 -27.93
C ILE P 41 39.40 -6.88 -28.28
N CYS P 42 40.52 -7.53 -28.56
CA CYS P 42 40.49 -8.94 -28.91
C CYS P 42 40.13 -9.82 -27.73
N LEU P 43 40.44 -9.39 -26.50
CA LEU P 43 40.02 -10.18 -25.36
C LEU P 43 38.52 -10.07 -25.13
N GLU P 44 37.99 -8.85 -25.15
CA GLU P 44 36.60 -8.67 -24.75
C GLU P 44 35.65 -9.29 -25.78
N PHE P 45 35.96 -9.16 -27.05
CA PHE P 45 35.05 -9.60 -28.09
C PHE P 45 35.40 -10.95 -28.69
N ARG P 46 36.51 -11.56 -28.27
CA ARG P 46 36.93 -12.86 -28.78
C ARG P 46 37.01 -12.83 -30.31
N LEU P 47 37.66 -11.80 -30.83
CA LEU P 47 37.66 -11.55 -32.27
C LEU P 47 38.38 -12.65 -33.02
N LYS P 48 39.55 -13.07 -32.55
CA LYS P 48 40.42 -13.95 -33.32
C LYS P 48 40.47 -15.33 -32.68
N LYS P 49 39.93 -16.31 -33.38
CA LYS P 49 40.04 -17.70 -32.98
C LYS P 49 41.12 -18.36 -33.82
N ALA P 50 42.02 -19.08 -33.16
CA ALA P 50 43.10 -19.78 -33.85
C ALA P 50 43.10 -21.23 -33.40
N ILE P 51 43.51 -22.10 -34.32
CA ILE P 51 43.56 -23.53 -34.08
C ILE P 51 44.99 -23.99 -34.28
N THR P 52 45.53 -24.70 -33.29
CA THR P 52 46.88 -25.23 -33.40
C THR P 52 46.82 -26.73 -33.10
N ARG P 53 47.44 -27.52 -33.97
CA ARG P 53 47.36 -28.96 -33.90
C ARG P 53 48.78 -29.50 -33.96
N SER P 54 49.39 -29.66 -32.80
CA SER P 54 50.78 -30.10 -32.73
C SER P 54 50.86 -31.42 -31.98
N LEU P 55 52.08 -31.87 -31.76
CA LEU P 55 52.33 -33.15 -31.12
C LEU P 55 53.30 -32.92 -29.95
N ILE P 56 53.02 -33.57 -28.83
CA ILE P 56 53.86 -33.49 -27.65
C ILE P 56 54.34 -34.89 -27.31
N THR P 57 55.66 -35.03 -27.12
CA THR P 57 56.28 -36.28 -26.76
C THR P 57 57.20 -36.05 -25.57
N GLU P 58 57.95 -37.09 -25.18
CA GLU P 58 58.84 -36.95 -24.03
C GLU P 58 60.02 -36.03 -24.29
N GLU P 59 60.39 -35.82 -25.55
CA GLU P 59 61.50 -34.92 -25.85
C GLU P 59 61.12 -33.48 -25.57
N GLU P 60 60.14 -32.96 -26.30
CA GLU P 60 59.59 -31.64 -26.05
C GLU P 60 58.19 -31.81 -25.46
N ARG P 61 57.98 -31.25 -24.29
CA ARG P 61 56.75 -31.49 -23.55
C ARG P 61 55.76 -30.34 -23.62
N PHE P 62 56.19 -29.17 -24.08
CA PHE P 62 55.35 -27.98 -24.08
C PHE P 62 55.09 -27.49 -25.49
N LEU P 63 53.94 -26.84 -25.64
CA LEU P 63 53.49 -26.29 -26.91
C LEU P 63 53.50 -24.78 -26.76
N THR P 64 54.41 -24.11 -27.44
CA THR P 64 54.54 -22.66 -27.32
C THR P 64 53.55 -21.99 -28.25
N LEU P 65 52.55 -21.34 -27.69
CA LEU P 65 51.59 -20.56 -28.47
C LEU P 65 52.12 -19.15 -28.62
N ASN P 66 51.28 -18.22 -29.06
CA ASN P 66 51.71 -16.84 -29.17
C ASN P 66 50.53 -15.92 -28.94
N ASN P 67 50.72 -14.92 -28.09
CA ASN P 67 49.70 -13.92 -27.81
C ASN P 67 48.40 -14.58 -27.36
N LEU P 68 48.53 -15.42 -26.33
CA LEU P 68 47.41 -16.21 -25.86
C LEU P 68 46.45 -15.36 -25.05
N LEU P 69 45.16 -15.52 -25.29
CA LEU P 69 44.11 -14.91 -24.51
C LEU P 69 43.23 -15.89 -23.78
N GLY P 70 42.95 -17.05 -24.36
CA GLY P 70 42.07 -17.99 -23.73
C GLY P 70 41.96 -19.25 -24.54
N ILE P 71 41.68 -20.36 -23.87
CA ILE P 71 41.52 -21.65 -24.52
C ILE P 71 40.07 -22.05 -24.39
N GLU P 72 39.45 -22.43 -25.50
CA GLU P 72 38.05 -22.80 -25.46
C GLU P 72 37.80 -24.26 -25.82
N SER P 73 38.80 -24.98 -26.31
CA SER P 73 38.62 -26.40 -26.62
C SER P 73 39.98 -27.05 -26.75
N VAL P 74 40.17 -28.18 -26.08
CA VAL P 74 41.41 -28.95 -26.16
C VAL P 74 41.06 -30.40 -26.44
N LYS P 75 41.72 -30.99 -27.42
CA LYS P 75 41.59 -32.39 -27.75
C LYS P 75 42.96 -33.04 -27.69
N LEU P 76 43.02 -34.25 -27.13
CA LEU P 76 44.24 -35.04 -27.13
C LEU P 76 43.89 -36.39 -27.74
N ASP P 77 44.34 -36.62 -28.96
CA ASP P 77 43.98 -37.81 -29.74
C ASP P 77 42.47 -37.93 -29.83
N LYS P 78 41.83 -36.80 -30.17
CA LYS P 78 40.37 -36.73 -30.29
C LYS P 78 39.69 -37.12 -28.99
N LYS P 79 40.32 -36.80 -27.87
CA LYS P 79 39.74 -36.98 -26.55
C LYS P 79 39.68 -35.62 -25.86
N GLU P 80 38.51 -35.30 -25.32
CA GLU P 80 38.33 -34.01 -24.66
C GLU P 80 39.21 -33.92 -23.42
N ILE P 81 39.91 -32.79 -23.30
CA ILE P 81 40.61 -32.43 -22.07
C ILE P 81 39.70 -31.52 -21.29
N GLU P 82 39.50 -31.83 -20.01
CA GLU P 82 38.42 -31.23 -19.25
C GLU P 82 38.88 -30.02 -18.43
N SER P 83 39.77 -30.20 -17.47
CA SER P 83 40.12 -29.14 -16.53
C SER P 83 41.40 -28.45 -16.95
N ARG P 84 41.59 -27.24 -16.42
CA ARG P 84 42.79 -26.45 -16.67
C ARG P 84 43.47 -26.13 -15.36
N ASN P 85 44.79 -26.10 -15.37
CA ASN P 85 45.57 -25.93 -14.15
C ASN P 85 46.93 -25.37 -14.53
N THR P 86 47.62 -24.85 -13.51
CA THR P 86 48.95 -24.28 -13.69
C THR P 86 49.94 -24.81 -12.66
N ILE P 87 49.68 -25.98 -12.09
CA ILE P 87 50.39 -26.44 -10.90
C ILE P 87 51.19 -27.70 -11.13
N GLU P 88 51.05 -28.37 -12.26
CA GLU P 88 51.78 -29.61 -12.55
C GLU P 88 51.44 -30.68 -11.51
N LYS P 89 50.17 -31.06 -11.50
CA LYS P 89 49.71 -32.16 -10.67
C LYS P 89 50.39 -33.46 -11.11
N ASP P 90 50.76 -34.28 -10.13
CA ASP P 90 51.52 -35.50 -10.41
C ASP P 90 50.67 -36.56 -11.09
N THR P 91 49.48 -36.83 -10.56
CA THR P 91 48.63 -37.89 -11.11
C THR P 91 47.18 -37.58 -10.79
N GLY P 92 46.28 -38.25 -11.51
CA GLY P 92 44.86 -38.05 -11.33
C GLY P 92 44.13 -37.89 -12.63
N GLU P 93 43.10 -37.04 -12.67
CA GLU P 93 42.41 -36.76 -13.91
C GLU P 93 43.34 -36.02 -14.86
N LEU P 94 43.02 -36.07 -16.15
CA LEU P 94 43.90 -35.55 -17.17
C LEU P 94 43.58 -34.09 -17.41
N GLU P 95 44.50 -33.19 -17.05
CA GLU P 95 44.25 -31.76 -17.09
C GLU P 95 45.23 -31.06 -18.01
N LEU P 96 44.86 -29.85 -18.43
CA LEU P 96 45.67 -29.03 -19.32
C LEU P 96 46.50 -28.07 -18.48
N LEU P 97 47.82 -28.12 -18.64
CA LEU P 97 48.74 -27.26 -17.90
C LEU P 97 49.06 -26.03 -18.74
N ILE P 98 48.84 -24.86 -18.15
CA ILE P 98 49.11 -23.58 -18.80
C ILE P 98 50.24 -22.89 -18.06
N LEU P 99 51.29 -22.53 -18.78
CA LEU P 99 52.49 -21.95 -18.20
C LEU P 99 52.82 -20.62 -18.85
N SER P 100 51.84 -19.72 -18.89
CA SER P 100 52.05 -18.36 -19.39
C SER P 100 52.56 -18.39 -20.83
N ASP P 101 51.67 -18.86 -21.71
CA ASP P 101 51.91 -18.99 -23.14
C ASP P 101 52.82 -20.21 -23.42
N ARG P 102 52.65 -21.25 -22.61
CA ARG P 102 53.17 -22.57 -22.92
C ARG P 102 52.15 -23.58 -22.47
N ILE P 103 51.81 -24.51 -23.35
CA ILE P 103 50.71 -25.44 -23.15
C ILE P 103 51.27 -26.85 -23.08
N SER P 104 50.87 -27.59 -22.05
CA SER P 104 51.21 -29.01 -21.96
C SER P 104 50.06 -29.72 -21.29
N VAL P 105 50.26 -31.00 -20.97
CA VAL P 105 49.26 -31.82 -20.33
C VAL P 105 49.79 -32.28 -18.99
N THR P 106 48.98 -32.15 -17.95
CA THR P 106 49.49 -32.20 -16.58
C THR P 106 49.99 -33.59 -16.18
N PRO P 107 49.15 -34.63 -16.11
CA PRO P 107 49.73 -35.96 -15.90
C PRO P 107 50.19 -36.50 -17.24
N PHE P 108 51.41 -36.12 -17.64
CA PHE P 108 51.77 -36.12 -19.04
C PHE P 108 51.55 -37.47 -19.72
N LYS P 109 50.98 -37.41 -20.92
CA LYS P 109 50.77 -38.56 -21.79
C LYS P 109 51.22 -38.21 -23.19
N ILE P 110 51.95 -39.12 -23.82
CA ILE P 110 52.41 -38.91 -25.19
C ILE P 110 51.21 -38.74 -26.11
N GLY P 111 51.30 -37.80 -27.04
CA GLY P 111 50.20 -37.68 -27.98
C GLY P 111 50.24 -36.40 -28.77
N GLU P 112 49.07 -35.94 -29.18
CA GLU P 112 48.91 -34.71 -29.92
C GLU P 112 47.91 -33.80 -29.23
N LEU P 113 48.06 -32.51 -29.45
CA LEU P 113 47.19 -31.50 -28.87
C LEU P 113 46.55 -30.70 -29.99
N GLU P 114 45.22 -30.63 -29.99
CA GLU P 114 44.46 -29.77 -30.88
C GLU P 114 43.78 -28.74 -29.99
N VAL P 115 44.24 -27.50 -30.07
CA VAL P 115 43.87 -26.46 -29.13
C VAL P 115 43.27 -25.30 -29.90
N VAL P 116 42.15 -24.78 -29.42
CA VAL P 116 41.54 -23.58 -29.96
C VAL P 116 41.73 -22.46 -28.96
N TYR P 117 42.21 -21.31 -29.44
CA TYR P 117 42.62 -20.24 -28.55
C TYR P 117 42.41 -18.90 -29.25
N TYR P 118 42.92 -17.83 -28.65
CA TYR P 118 42.73 -16.48 -29.15
C TYR P 118 44.06 -15.74 -29.22
N THR P 119 44.15 -14.79 -30.15
CA THR P 119 45.44 -14.28 -30.61
C THR P 119 45.35 -12.75 -30.77
N TYR P 120 46.50 -12.09 -30.84
CA TYR P 120 46.56 -10.63 -30.97
C TYR P 120 46.87 -10.21 -32.39
N GLU P 121 47.92 -10.80 -32.97
CA GLU P 121 48.72 -10.24 -34.06
C GLU P 121 48.90 -8.73 -33.87
N GLU P 122 49.59 -8.39 -32.78
CA GLU P 122 49.91 -7.01 -32.44
C GLU P 122 50.87 -6.43 -33.47
N ILE P 123 50.99 -5.10 -33.44
CA ILE P 123 51.78 -4.37 -34.42
C ILE P 123 53.01 -3.79 -33.74
N ARG P 124 54.01 -3.45 -34.56
CA ARG P 124 55.24 -2.86 -34.08
C ARG P 124 55.74 -1.70 -34.93
N ASN P 125 55.14 -1.43 -36.08
CA ASN P 125 55.59 -0.36 -36.96
C ASN P 125 54.40 0.49 -37.37
N ILE P 126 54.68 1.77 -37.64
CA ILE P 126 53.61 2.68 -38.05
C ILE P 126 53.09 2.33 -39.44
N LEU P 127 53.88 1.66 -40.26
CA LEU P 127 53.48 1.32 -41.61
C LEU P 127 52.81 -0.03 -41.71
N GLU P 128 52.55 -0.68 -40.59
CA GLU P 128 51.92 -2.00 -40.59
C GLU P 128 50.43 -1.85 -40.89
N THR P 129 49.70 -2.95 -40.80
CA THR P 129 48.26 -2.95 -41.06
C THR P 129 47.60 -3.87 -40.07
N ILE P 130 46.49 -3.42 -39.49
CA ILE P 130 45.76 -4.20 -38.51
C ILE P 130 44.70 -5.02 -39.23
N LYS P 131 44.79 -6.35 -39.11
CA LYS P 131 43.86 -7.24 -39.79
C LYS P 131 42.61 -7.41 -38.94
N LEU P 132 41.78 -6.38 -38.97
CA LEU P 132 40.52 -6.34 -38.24
C LEU P 132 39.47 -5.71 -39.15
N PRO P 133 38.19 -5.96 -38.89
CA PRO P 133 37.15 -5.31 -39.68
C PRO P 133 37.23 -3.80 -39.52
N LYS P 134 36.90 -3.09 -40.60
CA LYS P 134 36.97 -1.64 -40.56
C LYS P 134 36.04 -1.06 -39.51
N ILE P 135 34.95 -1.76 -39.17
CA ILE P 135 34.04 -1.26 -38.14
C ILE P 135 34.76 -1.14 -36.81
N CYS P 136 35.82 -1.92 -36.61
CA CYS P 136 36.64 -1.84 -35.41
C CYS P 136 37.49 -0.60 -35.36
N LEU P 137 37.45 0.32 -36.32
CA LEU P 137 38.33 1.48 -36.23
C LEU P 137 37.98 2.37 -35.06
N ASP P 138 36.71 2.75 -34.94
CA ASP P 138 36.32 3.71 -33.92
C ASP P 138 36.53 3.17 -32.52
N VAL P 139 36.41 1.85 -32.33
CA VAL P 139 36.70 1.28 -31.03
C VAL P 139 38.19 1.26 -30.74
N LEU P 140 39.04 1.23 -31.77
CA LEU P 140 40.47 1.33 -31.51
C LEU P 140 40.87 2.76 -31.15
N VAL P 141 40.34 3.74 -31.87
CA VAL P 141 40.63 5.12 -31.53
C VAL P 141 40.14 5.45 -30.14
N TYR P 142 38.82 5.36 -29.93
CA TYR P 142 38.23 5.79 -28.68
C TYR P 142 38.76 5.01 -27.49
N SER P 143 39.29 3.81 -27.69
CA SER P 143 39.90 3.10 -26.58
C SER P 143 41.33 3.50 -26.33
N VAL P 144 42.11 3.75 -27.39
CA VAL P 144 43.47 4.24 -27.17
C VAL P 144 43.46 5.69 -26.75
N LEU P 145 42.46 6.44 -27.16
CA LEU P 145 42.35 7.84 -26.80
C LEU P 145 42.04 8.04 -25.33
N CYS P 146 41.20 7.18 -24.74
CA CYS P 146 41.00 7.23 -23.30
C CYS P 146 42.25 6.85 -22.54
N ASN P 147 43.15 6.10 -23.15
CA ASN P 147 44.40 5.77 -22.48
C ASN P 147 45.38 6.94 -22.44
N LEU P 148 45.23 7.91 -23.34
CA LEU P 148 46.15 9.03 -23.42
C LEU P 148 45.59 10.31 -22.84
N LEU P 149 44.27 10.43 -22.75
CA LEU P 149 43.66 11.63 -22.19
C LEU P 149 44.00 11.84 -20.74
N GLU P 150 44.35 10.78 -20.03
CA GLU P 150 44.65 10.87 -18.62
C GLU P 150 46.10 11.22 -18.32
N ILE P 151 46.87 11.60 -19.34
CA ILE P 151 48.06 12.43 -19.11
C ILE P 151 47.60 13.81 -18.65
N PRO P 152 48.15 14.38 -17.59
CA PRO P 152 47.59 15.60 -17.03
C PRO P 152 47.89 16.87 -17.82
N ASN P 153 47.57 16.88 -19.11
CA ASN P 153 47.80 18.07 -19.91
C ASN P 153 46.86 19.19 -19.52
N ASN P 154 45.62 18.86 -19.18
CA ASN P 154 44.59 19.85 -18.91
C ASN P 154 43.87 19.51 -17.61
N GLU P 155 43.29 20.53 -16.99
CA GLU P 155 42.58 20.30 -15.75
C GLU P 155 41.22 19.66 -15.97
N THR P 156 40.72 19.67 -17.19
CA THR P 156 39.43 19.07 -17.53
C THR P 156 39.61 17.86 -18.43
N ASN P 157 40.67 17.09 -18.19
CA ASN P 157 40.93 15.91 -19.01
C ASN P 157 40.01 14.76 -18.65
N PHE P 158 39.62 14.64 -17.39
CA PHE P 158 38.83 13.49 -16.99
C PHE P 158 37.38 13.58 -17.43
N SER P 159 36.80 14.77 -17.48
CA SER P 159 35.47 14.88 -18.07
C SER P 159 35.50 14.52 -19.55
N VAL P 160 36.56 14.94 -20.24
CA VAL P 160 36.70 14.56 -21.65
C VAL P 160 36.85 13.06 -21.78
N LEU P 161 37.59 12.45 -20.85
CA LEU P 161 37.71 11.00 -20.82
C LEU P 161 36.35 10.35 -20.61
N ALA P 162 35.53 10.92 -19.74
CA ALA P 162 34.20 10.38 -19.50
C ALA P 162 33.34 10.45 -20.76
N ASN P 163 33.41 11.55 -21.50
CA ASN P 163 32.67 11.63 -22.75
C ASN P 163 33.16 10.58 -23.73
N TYR P 164 34.48 10.42 -23.84
CA TYR P 164 35.01 9.42 -24.75
C TYR P 164 34.65 8.01 -24.32
N LYS P 165 34.41 7.79 -23.03
CA LYS P 165 33.94 6.47 -22.60
C LYS P 165 32.57 6.15 -23.18
N GLN P 166 31.65 7.11 -23.16
CA GLN P 166 30.34 6.86 -23.77
C GLN P 166 30.46 6.67 -25.27
N LEU P 167 31.33 7.46 -25.91
CA LEU P 167 31.54 7.26 -27.34
C LEU P 167 32.08 5.86 -27.62
N LEU P 168 32.99 5.39 -26.76
CA LEU P 168 33.52 4.04 -26.91
C LEU P 168 32.44 3.00 -26.71
N LYS P 169 31.54 3.23 -25.77
CA LYS P 169 30.45 2.29 -25.55
C LYS P 169 29.57 2.18 -26.80
N LEU P 170 29.27 3.31 -27.43
CA LEU P 170 28.51 3.24 -28.68
C LEU P 170 29.28 2.53 -29.77
N ALA P 171 30.58 2.76 -29.87
CA ALA P 171 31.39 2.05 -30.86
C ALA P 171 31.36 0.55 -30.62
N LYS P 172 31.44 0.14 -29.36
CA LYS P 172 31.35 -1.29 -29.05
C LYS P 172 29.99 -1.84 -29.40
N ASP P 173 28.93 -1.07 -29.22
CA ASP P 173 27.61 -1.52 -29.65
C ASP P 173 27.57 -1.76 -31.15
N ASN P 174 28.17 -0.85 -31.93
CA ASN P 174 28.24 -1.05 -33.36
C ASN P 174 29.02 -2.32 -33.70
N LEU P 175 30.13 -2.53 -33.01
CA LEU P 175 30.94 -3.71 -33.26
C LEU P 175 30.19 -4.99 -32.94
N THR P 176 29.43 -5.00 -31.84
CA THR P 176 28.61 -6.16 -31.51
C THR P 176 27.54 -6.40 -32.58
N ASN P 177 26.94 -5.32 -33.09
CA ASN P 177 26.01 -5.46 -34.19
C ASN P 177 26.67 -6.17 -35.37
N TYR P 178 27.85 -5.71 -35.75
CA TYR P 178 28.56 -6.31 -36.87
C TYR P 178 28.86 -7.78 -36.61
N LEU P 179 29.37 -8.10 -35.43
CA LEU P 179 29.75 -9.48 -35.13
C LEU P 179 28.53 -10.40 -35.15
N SER P 180 27.41 -9.95 -34.60
CA SER P 180 26.20 -10.75 -34.67
C SER P 180 25.75 -10.96 -36.10
N LEU P 181 25.85 -9.93 -36.94
CA LEU P 181 25.43 -10.10 -38.32
C LEU P 181 26.36 -11.05 -39.07
N MET P 182 27.65 -11.08 -38.73
CA MET P 182 28.58 -12.00 -39.40
C MET P 182 28.47 -13.41 -38.88
N TYR P 183 28.84 -13.63 -37.63
CA TYR P 183 29.19 -14.97 -37.15
C TYR P 183 28.09 -15.59 -36.30
N SER P 184 26.86 -15.16 -36.49
CA SER P 184 25.76 -15.69 -35.71
C SER P 184 24.66 -16.17 -36.64
N LYS P 185 23.85 -17.09 -36.13
CA LYS P 185 22.75 -17.63 -36.91
C LYS P 185 21.71 -16.56 -37.19
N ASN P 186 21.07 -16.69 -38.35
CA ASN P 186 19.93 -15.84 -38.70
C ASN P 186 18.67 -16.61 -38.32
N ILE P 187 18.27 -16.46 -37.06
CA ILE P 187 17.11 -17.16 -36.53
C ILE P 187 16.12 -16.13 -36.03
N HIS P 188 14.85 -16.53 -35.99
CA HIS P 188 13.80 -15.66 -35.49
C HIS P 188 12.92 -16.31 -34.44
N PHE P 189 13.12 -17.58 -34.13
CA PHE P 189 12.37 -18.24 -33.07
C PHE P 189 13.28 -19.17 -32.29
N SER P 190 12.91 -19.39 -31.03
CA SER P 190 13.65 -20.32 -30.19
C SER P 190 13.14 -21.74 -30.38
N LYS P 191 13.88 -22.69 -29.84
CA LYS P 191 13.49 -24.09 -29.87
C LYS P 191 12.93 -24.50 -28.52
N VAL P 192 12.00 -25.45 -28.55
CA VAL P 192 11.39 -25.93 -27.32
C VAL P 192 12.40 -26.77 -26.54
N VAL P 193 12.37 -26.66 -25.22
CA VAL P 193 13.26 -27.44 -24.38
C VAL P 193 12.89 -28.92 -24.49
N ARG P 194 13.90 -29.75 -24.73
CA ARG P 194 13.71 -31.19 -24.91
C ARG P 194 14.46 -31.92 -23.80
N VAL P 195 13.72 -32.43 -22.82
CA VAL P 195 14.33 -33.18 -21.74
C VAL P 195 13.73 -34.56 -21.67
N MET Q 1 19.93 9.02 -55.25
CA MET Q 1 21.38 9.17 -55.27
C MET Q 1 21.80 10.50 -54.67
N ILE Q 2 22.83 10.47 -53.83
CA ILE Q 2 23.36 11.66 -53.19
C ILE Q 2 24.74 11.96 -53.73
N GLU Q 3 24.94 13.21 -54.17
CA GLU Q 3 26.27 13.63 -54.56
C GLU Q 3 27.12 13.92 -53.33
N VAL Q 4 28.40 13.62 -53.45
CA VAL Q 4 29.29 13.88 -52.32
C VAL Q 4 29.48 15.38 -52.11
N SER Q 5 29.31 16.18 -53.17
CA SER Q 5 29.52 17.61 -53.05
C SER Q 5 28.58 18.22 -52.04
N GLU Q 6 27.31 17.83 -52.05
CA GLU Q 6 26.34 18.42 -51.15
C GLU Q 6 26.53 17.96 -49.70
N VAL Q 7 26.93 16.71 -49.47
CA VAL Q 7 27.27 16.29 -48.12
C VAL Q 7 28.46 17.10 -47.62
N ILE Q 8 29.48 17.25 -48.45
CA ILE Q 8 30.68 17.97 -48.05
C ILE Q 8 30.34 19.42 -47.76
N ALA Q 9 29.52 20.04 -48.59
CA ALA Q 9 29.16 21.44 -48.39
C ALA Q 9 28.42 21.63 -47.08
N LYS Q 10 27.48 20.75 -46.76
CA LYS Q 10 26.74 20.88 -45.52
C LYS Q 10 27.67 20.70 -44.32
N VAL Q 11 28.58 19.74 -44.39
CA VAL Q 11 29.51 19.56 -43.28
C VAL Q 11 30.41 20.77 -43.12
N ARG Q 12 30.92 21.31 -44.23
CA ARG Q 12 31.76 22.50 -44.15
C ARG Q 12 31.00 23.67 -43.55
N GLU Q 13 29.74 23.87 -43.96
CA GLU Q 13 28.97 24.96 -43.40
C GLU Q 13 28.75 24.77 -41.91
N ARG Q 14 28.46 23.54 -41.49
CA ARG Q 14 28.16 23.26 -40.10
C ARG Q 14 29.37 23.40 -39.20
N LEU Q 15 30.57 23.21 -39.73
CA LEU Q 15 31.80 23.28 -38.97
C LEU Q 15 32.41 24.66 -39.00
N ASN Q 16 31.69 25.64 -39.54
CA ASN Q 16 32.19 26.99 -39.70
C ASN Q 16 33.50 26.98 -40.49
N ASP Q 17 33.58 26.07 -41.46
CA ASP Q 17 34.75 25.92 -42.30
C ASP Q 17 34.34 25.93 -43.77
N ASN Q 18 33.46 26.83 -44.15
CA ASN Q 18 33.04 26.97 -45.55
C ASN Q 18 33.89 28.00 -46.27
N GLU Q 19 35.21 27.86 -46.18
CA GLU Q 19 36.15 28.76 -46.81
C GLU Q 19 36.98 28.00 -47.83
N VAL Q 20 36.90 28.41 -49.09
CA VAL Q 20 37.56 27.67 -50.15
C VAL Q 20 39.07 27.69 -49.97
N GLY Q 21 39.63 28.85 -49.62
CA GLY Q 21 41.06 28.98 -49.48
C GLY Q 21 41.67 28.20 -48.33
N ASN Q 22 41.03 28.24 -47.16
CA ASN Q 22 41.67 27.73 -45.96
C ASN Q 22 41.55 26.21 -45.87
N TYR Q 23 40.33 25.69 -45.76
CA TYR Q 23 40.09 24.25 -45.63
C TYR Q 23 40.90 23.67 -44.47
N GLU Q 24 40.52 24.08 -43.26
CA GLU Q 24 41.20 23.56 -42.08
C GLU Q 24 41.08 22.05 -41.97
N ILE Q 25 40.02 21.46 -42.50
CA ILE Q 25 39.86 20.02 -42.56
C ILE Q 25 40.12 19.57 -43.98
N LEU Q 26 41.13 18.73 -44.17
CA LEU Q 26 41.49 18.28 -45.51
C LEU Q 26 40.40 17.39 -46.08
N ASP Q 27 40.25 17.44 -47.40
CA ASP Q 27 39.21 16.66 -48.06
C ASP Q 27 39.46 15.16 -47.95
N SER Q 28 40.71 14.73 -47.78
CA SER Q 28 40.96 13.33 -47.51
C SER Q 28 40.34 12.92 -46.19
N VAL Q 29 40.43 13.77 -45.18
CA VAL Q 29 39.82 13.47 -43.89
C VAL Q 29 38.31 13.36 -44.04
N LEU Q 30 37.70 14.28 -44.79
CA LEU Q 30 36.26 14.22 -44.98
C LEU Q 30 35.85 12.97 -45.74
N VAL Q 31 36.60 12.59 -46.77
CA VAL Q 31 36.19 11.41 -47.51
C VAL Q 31 36.35 10.16 -46.65
N GLU Q 32 37.39 10.10 -45.81
CA GLU Q 32 37.53 8.95 -44.92
C GLU Q 32 36.40 8.92 -43.90
N ASN Q 33 36.03 10.07 -43.35
CA ASN Q 33 34.93 10.11 -42.40
C ASN Q 33 33.61 9.75 -43.05
N ILE Q 34 33.42 10.14 -44.32
CA ILE Q 34 32.21 9.75 -45.03
C ILE Q 34 32.19 8.25 -45.27
N ASN Q 35 33.36 7.67 -45.55
CA ASN Q 35 33.41 6.22 -45.65
C ASN Q 35 33.02 5.56 -44.33
N GLN Q 36 33.49 6.10 -43.22
CA GLN Q 36 33.10 5.57 -41.92
C GLN Q 36 31.60 5.69 -41.68
N ALA Q 37 31.04 6.83 -42.06
CA ALA Q 37 29.60 7.03 -41.90
C ALA Q 37 28.80 6.06 -42.76
N LEU Q 38 29.25 5.82 -43.99
CA LEU Q 38 28.59 4.84 -44.85
C LEU Q 38 28.67 3.45 -44.24
N LEU Q 39 29.84 3.09 -43.71
CA LEU Q 39 29.97 1.86 -42.94
C LEU Q 39 28.88 1.74 -41.87
N LYS Q 40 28.83 2.70 -40.96
CA LYS Q 40 27.89 2.58 -39.85
C LYS Q 40 26.45 2.58 -40.33
N ILE Q 41 26.11 3.43 -41.29
CA ILE Q 41 24.74 3.50 -41.78
C ILE Q 41 24.32 2.21 -42.46
N CYS Q 42 25.16 1.68 -43.35
CA CYS Q 42 24.81 0.45 -44.05
C CYS Q 42 24.81 -0.75 -43.12
N LEU Q 43 25.61 -0.74 -42.07
CA LEU Q 43 25.56 -1.84 -41.12
C LEU Q 43 24.29 -1.80 -40.28
N GLU Q 44 23.96 -0.63 -39.74
CA GLU Q 44 22.86 -0.59 -38.78
C GLU Q 44 21.53 -0.85 -39.46
N PHE Q 45 21.34 -0.32 -40.66
CA PHE Q 45 20.05 -0.40 -41.33
C PHE Q 45 19.97 -1.50 -42.37
N ARG Q 46 21.06 -2.21 -42.63
CA ARG Q 46 21.08 -3.28 -43.62
C ARG Q 46 20.58 -2.79 -44.97
N LEU Q 47 21.11 -1.64 -45.38
CA LEU Q 47 20.59 -0.96 -46.56
C LEU Q 47 20.82 -1.76 -47.83
N LYS Q 48 22.00 -2.31 -48.02
CA LYS Q 48 22.39 -2.90 -49.29
C LYS Q 48 22.50 -4.41 -49.14
N LYS Q 49 21.61 -5.13 -49.82
CA LYS Q 49 21.69 -6.58 -49.91
C LYS Q 49 22.27 -6.94 -51.26
N ALA Q 50 23.25 -7.83 -51.27
CA ALA Q 50 23.88 -8.28 -52.48
C ALA Q 50 23.85 -9.81 -52.52
N ILE Q 51 23.76 -10.34 -53.74
CA ILE Q 51 23.72 -11.77 -53.96
C ILE Q 51 24.89 -12.15 -54.84
N THR Q 52 25.67 -13.14 -54.41
CA THR Q 52 26.79 -13.62 -55.19
C THR Q 52 26.65 -15.13 -55.35
N ARG Q 53 26.79 -15.61 -56.58
CA ARG Q 53 26.55 -17.00 -56.89
C ARG Q 53 27.75 -17.50 -57.68
N SER Q 54 28.74 -18.02 -56.97
CA SER Q 54 29.97 -18.46 -57.59
C SER Q 54 30.16 -19.95 -57.35
N LEU Q 55 31.31 -20.46 -57.77
CA LEU Q 55 31.61 -21.88 -57.68
C LEU Q 55 32.97 -22.04 -57.01
N ILE Q 56 33.05 -23.00 -56.10
CA ILE Q 56 34.29 -23.30 -55.40
C ILE Q 56 34.67 -24.74 -55.70
N THR Q 57 35.92 -24.93 -56.10
CA THR Q 57 36.47 -26.24 -56.40
C THR Q 57 37.80 -26.41 -55.67
N GLU Q 58 38.50 -27.51 -55.93
CA GLU Q 58 39.76 -27.75 -55.26
C GLU Q 58 40.86 -26.80 -55.69
N GLU Q 59 40.75 -26.21 -56.88
CA GLU Q 59 41.77 -25.26 -57.33
C GLU Q 59 41.73 -23.98 -56.52
N GLU Q 60 40.61 -23.25 -56.60
CA GLU Q 60 40.38 -22.07 -55.78
C GLU Q 60 39.31 -22.42 -54.76
N ARG Q 61 39.64 -22.26 -53.49
CA ARG Q 61 38.76 -22.71 -52.43
C ARG Q 61 37.98 -21.60 -51.75
N PHE Q 62 38.34 -20.34 -52.00
CA PHE Q 62 37.74 -19.22 -51.31
C PHE Q 62 37.01 -18.30 -52.28
N LEU Q 63 35.99 -17.64 -51.78
CA LEU Q 63 35.18 -16.70 -52.54
C LEU Q 63 35.44 -15.31 -51.96
N THR Q 64 36.11 -14.47 -52.74
CA THR Q 64 36.47 -13.13 -52.26
C THR Q 64 35.28 -12.20 -52.49
N LEU Q 65 34.67 -11.75 -51.41
CA LEU Q 65 33.60 -10.76 -51.49
C LEU Q 65 34.21 -9.37 -51.42
N ASN Q 66 33.39 -8.35 -51.20
CA ASN Q 66 33.93 -7.01 -51.06
C ASN Q 66 33.06 -6.21 -50.13
N ASN Q 67 33.69 -5.53 -49.17
CA ASN Q 67 32.99 -4.66 -48.22
C ASN Q 67 31.89 -5.43 -47.51
N LEU Q 68 32.29 -6.54 -46.91
CA LEU Q 68 31.34 -7.44 -46.28
C LEU Q 68 30.89 -6.88 -44.93
N LEU Q 69 29.58 -6.95 -44.68
CA LEU Q 69 29.01 -6.61 -43.39
C LEU Q 69 28.35 -7.77 -42.68
N GLY Q 70 27.73 -8.68 -43.40
CA GLY Q 70 27.04 -9.77 -42.77
C GLY Q 70 26.47 -10.72 -43.80
N ILE Q 71 26.32 -11.98 -43.43
CA ILE Q 71 25.75 -12.99 -44.29
C ILE Q 71 24.42 -13.42 -43.71
N GLU Q 72 23.38 -13.42 -44.53
CA GLU Q 72 22.06 -13.78 -44.04
C GLU Q 72 21.51 -15.04 -44.66
N SER Q 73 22.14 -15.58 -45.71
CA SER Q 73 21.67 -16.83 -46.31
C SER Q 73 22.79 -17.41 -47.15
N VAL Q 74 23.06 -18.69 -46.98
CA VAL Q 74 24.06 -19.41 -47.76
C VAL Q 74 23.45 -20.69 -48.28
N LYS Q 75 23.60 -20.94 -49.57
CA LYS Q 75 23.17 -22.17 -50.21
C LYS Q 75 24.36 -22.81 -50.89
N LEU Q 76 24.47 -24.13 -50.77
CA LEU Q 76 25.48 -24.89 -51.51
C LEU Q 76 24.74 -25.97 -52.27
N ASP Q 77 24.66 -25.81 -53.59
CA ASP Q 77 23.88 -26.70 -54.45
C ASP Q 77 22.44 -26.77 -53.95
N LYS Q 78 21.88 -25.60 -53.67
CA LYS Q 78 20.51 -25.48 -53.17
C LYS Q 78 20.33 -26.25 -51.88
N LYS Q 79 21.38 -26.31 -51.06
CA LYS Q 79 21.33 -26.89 -49.74
C LYS Q 79 21.71 -25.82 -48.73
N GLU Q 80 20.90 -25.68 -47.69
CA GLU Q 80 21.15 -24.67 -46.67
C GLU Q 80 22.44 -24.97 -45.93
N ILE Q 81 23.28 -23.94 -45.77
CA ILE Q 81 24.43 -24.00 -44.89
C ILE Q 81 24.02 -23.37 -43.58
N GLU Q 82 24.28 -24.08 -42.48
CA GLU Q 82 23.67 -23.73 -41.21
C GLU Q 82 24.55 -22.86 -40.34
N SER Q 83 25.72 -23.33 -39.92
CA SER Q 83 26.53 -22.62 -38.94
C SER Q 83 27.64 -21.83 -39.62
N ARG Q 84 28.18 -20.86 -38.89
CA ARG Q 84 29.27 -20.04 -39.36
C ARG Q 84 30.44 -20.15 -38.40
N ASN Q 85 31.64 -20.13 -38.94
CA ASN Q 85 32.84 -20.34 -38.15
C ASN Q 85 34.02 -19.71 -38.86
N THR Q 86 35.12 -19.53 -38.12
CA THR Q 86 36.34 -18.94 -38.64
C THR Q 86 37.56 -19.78 -38.30
N ILE Q 87 37.38 -21.07 -38.03
CA ILE Q 87 38.44 -21.87 -37.42
C ILE Q 87 38.92 -23.02 -38.30
N GLU Q 88 38.27 -23.29 -39.43
CA GLU Q 88 38.66 -24.36 -40.32
C GLU Q 88 38.61 -25.72 -39.59
N LYS Q 89 37.40 -26.08 -39.18
CA LYS Q 89 37.15 -27.39 -38.60
C LYS Q 89 37.42 -28.48 -39.61
N ASP Q 90 38.04 -29.57 -39.15
CA ASP Q 90 38.46 -30.64 -40.05
C ASP Q 90 37.28 -31.44 -40.60
N THR Q 91 36.36 -31.85 -39.74
CA THR Q 91 35.24 -32.67 -40.17
C THR Q 91 34.06 -32.47 -39.22
N GLY Q 92 32.89 -32.87 -39.67
CA GLY Q 92 31.68 -32.74 -38.88
C GLY Q 92 30.53 -32.17 -39.69
N GLU Q 93 29.70 -31.35 -39.05
CA GLU Q 93 28.63 -30.69 -39.78
C GLU Q 93 29.22 -29.68 -40.76
N LEU Q 94 28.42 -29.33 -41.75
CA LEU Q 94 28.91 -28.51 -42.86
C LEU Q 94 28.71 -27.05 -42.52
N GLU Q 95 29.81 -26.32 -42.32
CA GLU Q 95 29.75 -24.94 -41.85
C GLU Q 95 30.40 -23.99 -42.84
N LEU Q 96 30.06 -22.72 -42.71
CA LEU Q 96 30.56 -21.66 -43.56
C LEU Q 96 31.78 -21.02 -42.91
N LEU Q 97 32.91 -21.01 -43.60
CA LEU Q 97 34.14 -20.44 -43.08
C LEU Q 97 34.28 -19.02 -43.57
N ILE Q 98 34.45 -18.09 -42.63
CA ILE Q 98 34.62 -16.67 -42.94
C ILE Q 98 36.03 -16.26 -42.56
N LEU Q 99 36.76 -15.68 -43.50
CA LEU Q 99 38.16 -15.33 -43.33
C LEU Q 99 38.39 -13.87 -43.64
N SER Q 100 37.59 -12.98 -43.02
CA SER Q 100 37.77 -11.54 -43.15
C SER Q 100 37.69 -11.12 -44.62
N ASP Q 101 36.48 -11.29 -45.15
CA ASP Q 101 36.13 -10.96 -46.53
C ASP Q 101 36.70 -12.03 -47.49
N ARG Q 102 36.72 -13.27 -47.01
CA ARG Q 102 36.90 -14.42 -47.88
C ARG Q 102 36.00 -15.52 -47.35
N ILE Q 103 35.23 -16.12 -48.26
CA ILE Q 103 34.18 -17.07 -47.90
C ILE Q 103 34.54 -18.43 -48.46
N SER Q 104 34.46 -19.46 -47.63
CA SER Q 104 34.63 -20.83 -48.09
C SER Q 104 33.72 -21.72 -47.25
N VAL Q 105 33.87 -23.02 -47.42
CA VAL Q 105 33.09 -24.01 -46.70
C VAL Q 105 34.04 -24.87 -45.88
N THR Q 106 33.70 -25.06 -44.61
CA THR Q 106 34.68 -25.54 -43.64
C THR Q 106 35.11 -26.99 -43.89
N PRO Q 107 34.24 -28.00 -43.79
CA PRO Q 107 34.67 -29.34 -44.23
C PRO Q 107 34.51 -29.43 -45.72
N PHE Q 108 35.51 -28.94 -46.46
CA PHE Q 108 35.31 -28.51 -47.83
C PHE Q 108 34.68 -29.57 -48.72
N LYS Q 109 33.70 -29.13 -49.51
CA LYS Q 109 33.03 -29.95 -50.50
C LYS Q 109 32.95 -29.17 -51.80
N ILE Q 110 33.26 -29.84 -52.91
CA ILE Q 110 33.19 -29.21 -54.22
C ILE Q 110 31.76 -28.76 -54.49
N GLY Q 111 31.61 -27.57 -55.05
CA GLY Q 111 30.26 -27.16 -55.41
C GLY Q 111 30.16 -25.69 -55.74
N GLU Q 112 28.99 -25.12 -55.48
CA GLU Q 112 28.73 -23.71 -55.71
C GLU Q 112 28.19 -23.07 -54.45
N LEU Q 113 28.42 -21.77 -54.33
CA LEU Q 113 27.97 -20.99 -53.19
C LEU Q 113 27.07 -19.88 -53.67
N GLU Q 114 25.87 -19.81 -53.11
CA GLU Q 114 24.95 -18.71 -53.34
C GLU Q 114 24.80 -18.01 -51.99
N VAL Q 115 25.35 -16.81 -51.90
CA VAL Q 115 25.51 -16.12 -50.62
C VAL Q 115 24.82 -14.77 -50.72
N VAL Q 116 24.04 -14.43 -49.70
CA VAL Q 116 23.43 -13.12 -49.58
C VAL Q 116 24.13 -12.36 -48.47
N TYR Q 117 24.53 -11.13 -48.75
CA TYR Q 117 25.40 -10.39 -47.84
C TYR Q 117 25.10 -8.90 -47.97
N TYR Q 118 25.95 -8.08 -47.34
CA TYR Q 118 25.76 -6.63 -47.32
C TYR Q 118 27.05 -5.92 -47.70
N THR Q 119 26.91 -4.73 -48.28
CA THR Q 119 27.98 -4.09 -49.04
C THR Q 119 28.04 -2.60 -48.71
N TYR Q 120 29.15 -1.95 -49.05
CA TYR Q 120 29.35 -0.53 -48.76
C TYR Q 120 29.14 0.32 -50.01
N GLU Q 121 29.80 -0.07 -51.10
CA GLU Q 121 30.20 0.81 -52.21
C GLU Q 121 30.63 2.18 -51.68
N GLU Q 122 31.71 2.15 -50.91
CA GLU Q 122 32.32 3.34 -50.37
C GLU Q 122 32.89 4.23 -51.48
N ILE Q 123 33.18 5.48 -51.12
CA ILE Q 123 33.63 6.48 -52.08
C ILE Q 123 35.09 6.81 -51.82
N ARG Q 124 35.72 7.38 -52.84
CA ARG Q 124 37.11 7.79 -52.76
C ARG Q 124 37.40 9.16 -53.35
N ASN Q 125 36.45 9.78 -54.04
CA ASN Q 125 36.66 11.07 -54.67
C ASN Q 125 35.54 12.01 -54.31
N ILE Q 126 35.85 13.30 -54.28
CA ILE Q 126 34.84 14.31 -53.95
C ILE Q 126 33.78 14.41 -55.03
N LEU Q 127 34.11 14.03 -56.27
CA LEU Q 127 33.19 14.14 -57.37
C LEU Q 127 32.35 12.89 -57.58
N GLU Q 128 32.46 11.92 -56.69
CA GLU Q 128 31.71 10.68 -56.82
C GLU Q 128 30.25 10.92 -56.43
N THR Q 129 29.47 9.85 -56.38
CA THR Q 129 28.06 9.93 -56.02
C THR Q 129 27.71 8.74 -55.15
N ILE Q 130 26.98 9.00 -54.07
CA ILE Q 130 26.58 7.95 -53.15
C ILE Q 130 25.23 7.41 -53.59
N LYS Q 131 25.18 6.11 -53.89
CA LYS Q 131 23.95 5.48 -54.38
C LYS Q 131 23.11 5.07 -53.17
N LEU Q 132 22.47 6.06 -52.56
CA LEU Q 132 21.61 5.87 -51.41
C LEU Q 132 20.39 6.75 -51.60
N PRO Q 133 19.29 6.44 -50.92
CA PRO Q 133 18.11 7.31 -51.00
C PRO Q 133 18.44 8.70 -50.46
N LYS Q 134 17.82 9.71 -51.07
CA LYS Q 134 18.09 11.08 -50.64
C LYS Q 134 17.72 11.30 -49.19
N ILE Q 135 16.76 10.54 -48.66
CA ILE Q 135 16.39 10.68 -47.26
C ILE Q 135 17.57 10.38 -46.35
N CYS Q 136 18.51 9.57 -46.82
CA CYS Q 136 19.74 9.26 -46.09
C CYS Q 136 20.69 10.42 -46.04
N LEU Q 137 20.41 11.60 -46.59
CA LEU Q 137 21.41 12.66 -46.55
C LEU Q 137 21.65 13.14 -45.13
N ASP Q 138 20.58 13.47 -44.40
CA ASP Q 138 20.74 14.06 -43.08
C ASP Q 138 21.40 13.09 -42.11
N VAL Q 139 21.18 11.79 -42.28
CA VAL Q 139 21.87 10.83 -41.43
C VAL Q 139 23.33 10.72 -41.78
N LEU Q 140 23.72 11.00 -43.03
CA LEU Q 140 25.14 11.02 -43.35
C LEU Q 140 25.83 12.25 -42.78
N VAL Q 141 25.20 13.42 -42.90
CA VAL Q 141 25.78 14.62 -42.34
C VAL Q 141 25.90 14.50 -40.83
N TYR Q 142 24.77 14.36 -40.15
CA TYR Q 142 24.75 14.37 -38.70
C TYR Q 142 25.59 13.25 -38.11
N SER Q 143 25.85 12.17 -38.84
CA SER Q 143 26.72 11.14 -38.33
C SER Q 143 28.19 11.45 -38.57
N VAL Q 144 28.53 12.01 -39.73
CA VAL Q 144 29.92 12.39 -39.95
C VAL Q 144 30.27 13.64 -39.17
N LEU Q 145 29.29 14.49 -38.91
CA LEU Q 145 29.52 15.71 -38.14
C LEU Q 145 29.82 15.42 -36.68
N CYS Q 146 29.16 14.43 -36.09
CA CYS Q 146 29.53 14.02 -34.74
C CYS Q 146 30.92 13.42 -34.68
N ASN Q 147 31.42 12.90 -35.80
CA ASN Q 147 32.77 12.37 -35.82
C ASN Q 147 33.83 13.46 -35.84
N LEU Q 148 33.48 14.66 -36.29
CA LEU Q 148 34.44 15.74 -36.40
C LEU Q 148 34.32 16.78 -35.31
N LEU Q 149 33.16 16.87 -34.66
CA LEU Q 149 32.97 17.83 -33.59
C LEU Q 149 33.86 17.57 -32.39
N GLU Q 150 34.32 16.35 -32.23
CA GLU Q 150 35.14 15.97 -31.10
C GLU Q 150 36.63 16.22 -31.33
N ILE Q 151 36.99 16.89 -32.42
CA ILE Q 151 38.27 17.60 -32.46
C ILE Q 151 38.21 18.77 -31.48
N PRO Q 152 39.21 18.97 -30.62
CA PRO Q 152 39.06 19.97 -29.54
C PRO Q 152 39.21 21.40 -30.00
N ASN Q 153 38.42 21.83 -30.98
CA ASN Q 153 38.48 23.20 -31.43
C ASN Q 153 37.91 24.16 -30.39
N ASN Q 154 36.88 23.74 -29.68
CA ASN Q 154 36.16 24.59 -28.75
C ASN Q 154 35.95 23.87 -27.43
N GLU Q 155 35.80 24.64 -26.36
CA GLU Q 155 35.58 24.04 -25.06
C GLU Q 155 34.18 23.50 -24.89
N THR Q 156 33.24 23.90 -25.74
CA THR Q 156 31.86 23.44 -25.70
C THR Q 156 31.53 22.58 -26.90
N ASN Q 157 32.48 21.77 -27.33
CA ASN Q 157 32.25 20.92 -28.49
C ASN Q 157 31.41 19.71 -28.14
N PHE Q 158 31.51 19.21 -26.91
CA PHE Q 158 30.78 17.98 -26.58
C PHE Q 158 29.30 18.21 -26.36
N SER Q 159 28.91 19.36 -25.82
CA SER Q 159 27.49 19.66 -25.77
C SER Q 159 26.90 19.78 -27.17
N VAL Q 160 27.65 20.39 -28.08
CA VAL Q 160 27.21 20.48 -29.46
C VAL Q 160 27.09 19.09 -30.06
N LEU Q 161 28.04 18.22 -29.73
CA LEU Q 161 27.96 16.83 -30.17
C LEU Q 161 26.72 16.16 -29.62
N ALA Q 162 26.38 16.42 -28.37
CA ALA Q 162 25.18 15.84 -27.79
C ALA Q 162 23.93 16.31 -28.50
N ASN Q 163 23.85 17.59 -28.85
CA ASN Q 163 22.71 18.06 -29.64
C ASN Q 163 22.63 17.38 -30.99
N TYR Q 164 23.78 17.25 -31.66
CA TYR Q 164 23.80 16.59 -32.95
C TYR Q 164 23.45 15.12 -32.83
N LYS Q 165 23.68 14.50 -31.68
CA LYS Q 165 23.25 13.12 -31.49
C LYS Q 165 21.73 13.00 -31.54
N GLN Q 166 21.02 13.91 -30.87
CA GLN Q 166 19.56 13.87 -30.94
C GLN Q 166 19.08 14.17 -32.36
N LEU Q 167 19.71 15.11 -33.02
CA LEU Q 167 19.34 15.37 -34.41
C LEU Q 167 19.55 14.13 -35.27
N LEU Q 168 20.65 13.42 -35.03
CA LEU Q 168 20.91 12.18 -35.76
C LEU Q 168 19.86 11.13 -35.45
N LYS Q 169 19.41 11.05 -34.20
CA LYS Q 169 18.36 10.09 -33.85
C LYS Q 169 17.08 10.38 -34.61
N LEU Q 170 16.71 11.66 -34.71
CA LEU Q 170 15.54 12.00 -35.50
C LEU Q 170 15.72 11.65 -36.97
N ALA Q 171 16.92 11.90 -37.52
CA ALA Q 171 17.18 11.55 -38.90
C ALA Q 171 17.04 10.04 -39.12
N LYS Q 172 17.54 9.25 -38.18
CA LYS Q 172 17.40 7.80 -38.27
C LYS Q 172 15.94 7.39 -38.20
N ASP Q 173 15.15 8.08 -37.38
CA ASP Q 173 13.71 7.79 -37.35
C ASP Q 173 13.08 8.04 -38.71
N ASN Q 174 13.43 9.14 -39.36
CA ASN Q 174 12.94 9.40 -40.70
C ASN Q 174 13.35 8.29 -41.66
N LEU Q 175 14.61 7.88 -41.57
CA LEU Q 175 15.09 6.83 -42.47
C LEU Q 175 14.35 5.52 -42.25
N THR Q 176 14.07 5.17 -40.99
CA THR Q 176 13.30 3.97 -40.71
C THR Q 176 11.89 4.09 -41.27
N ASN Q 177 11.29 5.27 -41.16
CA ASN Q 177 10.00 5.49 -41.78
C ASN Q 177 10.05 5.19 -43.27
N TYR Q 178 11.06 5.74 -43.94
CA TYR Q 178 11.19 5.51 -45.38
C TYR Q 178 11.37 4.03 -45.70
N LEU Q 179 12.25 3.35 -44.97
CA LEU Q 179 12.53 1.96 -45.26
C LEU Q 179 11.29 1.09 -45.05
N SER Q 180 10.53 1.35 -43.99
CA SER Q 180 9.29 0.61 -43.79
C SER Q 180 8.30 0.88 -44.92
N LEU Q 181 8.22 2.12 -45.38
CA LEU Q 181 7.29 2.39 -46.47
C LEU Q 181 7.71 1.72 -47.77
N MET Q 182 9.01 1.58 -48.01
CA MET Q 182 9.49 0.93 -49.21
C MET Q 182 9.40 -0.59 -49.13
N TYR Q 183 10.21 -1.20 -48.26
CA TYR Q 183 10.52 -2.61 -48.36
C TYR Q 183 9.76 -3.46 -47.36
N SER Q 184 8.62 -2.99 -46.91
CA SER Q 184 7.84 -3.73 -45.93
C SER Q 184 6.41 -3.89 -46.44
N LYS Q 185 5.76 -4.93 -45.94
CA LYS Q 185 4.37 -5.18 -46.31
C LYS Q 185 3.46 -4.07 -45.84
N ASN Q 186 2.41 -3.83 -46.62
CA ASN Q 186 1.35 -2.91 -46.22
C ASN Q 186 0.25 -3.75 -45.60
N ILE Q 187 0.37 -4.01 -44.30
CA ILE Q 187 -0.58 -4.84 -43.58
C ILE Q 187 -1.16 -4.00 -42.45
N HIS Q 188 -2.35 -4.39 -42.02
CA HIS Q 188 -3.01 -3.72 -40.92
C HIS Q 188 -3.50 -4.66 -39.82
N PHE Q 189 -3.36 -5.98 -40.00
CA PHE Q 189 -3.73 -6.93 -38.97
C PHE Q 189 -2.73 -8.05 -38.91
N SER Q 190 -2.60 -8.66 -37.74
CA SER Q 190 -1.73 -9.81 -37.57
C SER Q 190 -2.47 -11.10 -37.94
N LYS Q 191 -1.70 -12.18 -38.04
CA LYS Q 191 -2.26 -13.49 -38.31
C LYS Q 191 -2.31 -14.31 -37.03
N VAL Q 192 -3.29 -15.19 -36.95
CA VAL Q 192 -3.43 -16.04 -35.78
C VAL Q 192 -2.34 -17.09 -35.76
N VAL Q 193 -1.84 -17.39 -34.56
CA VAL Q 193 -0.80 -18.41 -34.43
C VAL Q 193 -1.38 -19.77 -34.80
N ARG Q 194 -0.66 -20.49 -35.64
CA ARG Q 194 -1.09 -21.80 -36.13
C ARG Q 194 -0.08 -22.83 -35.68
N VAL Q 195 -0.45 -23.62 -34.68
CA VAL Q 195 0.42 -24.68 -34.20
C VAL Q 195 -0.28 -26.02 -34.30
N MET R 1 -1.69 25.92 -53.48
CA MET R 1 -0.35 26.06 -54.03
C MET R 1 0.43 27.14 -53.30
N ILE R 2 1.69 26.84 -53.00
CA ILE R 2 2.57 27.76 -52.30
C ILE R 2 3.67 28.21 -53.25
N GLU R 3 3.85 29.53 -53.35
CA GLU R 3 4.96 30.06 -54.11
C GLU R 3 6.25 29.93 -53.31
N VAL R 4 7.36 29.67 -54.01
CA VAL R 4 8.63 29.57 -53.32
C VAL R 4 9.07 30.92 -52.78
N SER R 5 8.61 32.01 -53.40
CA SER R 5 9.05 33.33 -52.98
C SER R 5 8.66 33.60 -51.53
N GLU R 6 7.44 33.23 -51.15
CA GLU R 6 6.98 33.51 -49.79
C GLU R 6 7.64 32.62 -48.76
N VAL R 7 7.93 31.36 -49.08
CA VAL R 7 8.70 30.54 -48.16
C VAL R 7 10.09 31.14 -47.97
N ILE R 8 10.72 31.55 -49.07
CA ILE R 8 12.07 32.09 -49.00
C ILE R 8 12.06 33.38 -48.19
N ALA R 9 11.07 34.23 -48.40
CA ALA R 9 11.01 35.49 -47.68
C ALA R 9 10.86 35.27 -46.19
N LYS R 10 10.00 34.34 -45.79
CA LYS R 10 9.83 34.07 -44.37
C LYS R 10 11.10 33.52 -43.75
N VAL R 11 11.79 32.62 -44.45
CA VAL R 11 13.03 32.09 -43.92
C VAL R 11 14.08 33.19 -43.80
N ARG R 12 14.19 34.05 -44.82
CA ARG R 12 15.14 35.15 -44.75
C ARG R 12 14.84 36.07 -43.58
N GLU R 13 13.56 36.40 -43.37
CA GLU R 13 13.20 37.26 -42.25
C GLU R 13 13.56 36.61 -40.94
N ARG R 14 13.28 35.32 -40.80
CA ARG R 14 13.50 34.62 -39.55
C ARG R 14 14.97 34.45 -39.22
N LEU R 15 15.84 34.44 -40.22
CA LEU R 15 17.26 34.25 -40.03
C LEU R 15 17.99 35.57 -39.91
N ASN R 16 17.26 36.67 -39.81
CA ASN R 16 17.83 38.01 -39.77
C ASN R 16 18.72 38.24 -40.98
N ASP R 17 18.31 37.68 -42.12
CA ASP R 17 19.03 37.80 -43.37
C ASP R 17 18.10 38.26 -44.47
N ASN R 18 17.27 39.26 -44.19
CA ASN R 18 16.38 39.83 -45.18
C ASN R 18 17.00 41.03 -45.87
N GLU R 19 18.23 40.85 -46.36
CA GLU R 19 18.97 41.91 -47.03
C GLU R 19 19.24 41.51 -48.47
N VAL R 20 18.73 42.30 -49.41
CA VAL R 20 18.83 41.93 -50.82
C VAL R 20 20.29 41.88 -51.27
N GLY R 21 21.09 42.87 -50.85
CA GLY R 21 22.47 42.94 -51.28
C GLY R 21 23.34 41.83 -50.74
N ASN R 22 23.22 41.51 -49.46
CA ASN R 22 24.19 40.63 -48.83
C ASN R 22 23.93 39.16 -49.14
N TYR R 23 22.78 38.65 -48.70
CA TYR R 23 22.43 37.25 -48.89
C TYR R 23 23.54 36.31 -48.39
N GLU R 24 23.71 36.32 -47.07
CA GLU R 24 24.71 35.46 -46.45
C GLU R 24 24.45 33.99 -46.75
N ILE R 25 23.20 33.61 -46.95
CA ILE R 25 22.84 32.26 -47.35
C ILE R 25 22.46 32.28 -48.82
N LEU R 26 23.20 31.54 -49.63
CA LEU R 26 22.97 31.53 -51.07
C LEU R 26 21.63 30.87 -51.38
N ASP R 27 21.00 31.34 -52.45
CA ASP R 27 19.70 30.81 -52.83
C ASP R 27 19.77 29.36 -53.26
N SER R 28 20.92 28.90 -53.75
CA SER R 28 21.07 27.47 -54.02
C SER R 28 20.95 26.66 -52.74
N VAL R 29 21.53 27.15 -51.65
CA VAL R 29 21.43 26.46 -50.36
C VAL R 29 19.97 26.41 -49.92
N LEU R 30 19.25 27.52 -50.06
CA LEU R 30 17.85 27.53 -49.66
C LEU R 30 17.02 26.60 -50.51
N VAL R 31 17.27 26.55 -51.81
CA VAL R 31 16.45 25.67 -52.64
C VAL R 31 16.76 24.20 -52.32
N GLU R 32 18.03 23.88 -52.03
CA GLU R 32 18.34 22.52 -51.63
C GLU R 32 17.69 22.16 -50.31
N ASN R 33 17.71 23.09 -49.35
CA ASN R 33 17.08 22.83 -48.07
C ASN R 33 15.57 22.70 -48.20
N ILE R 34 14.96 23.47 -49.11
CA ILE R 34 13.54 23.33 -49.35
C ILE R 34 13.24 21.99 -49.99
N ASN R 35 14.11 21.52 -50.86
CA ASN R 35 13.94 20.17 -51.39
C ASN R 35 13.99 19.13 -50.27
N GLN R 36 14.93 19.29 -49.34
CA GLN R 36 14.99 18.38 -48.21
C GLN R 36 13.73 18.43 -47.37
N ALA R 37 13.21 19.63 -47.14
CA ALA R 37 11.99 19.78 -46.37
C ALA R 37 10.81 19.12 -47.06
N LEU R 38 10.71 19.29 -48.38
CA LEU R 38 9.65 18.63 -49.14
C LEU R 38 9.78 17.12 -49.04
N LEU R 39 11.00 16.61 -49.16
CA LEU R 39 11.26 15.19 -48.88
C LEU R 39 10.65 14.74 -47.57
N LYS R 40 11.07 15.37 -46.48
CA LYS R 40 10.62 14.91 -45.16
C LYS R 40 9.12 15.06 -45.00
N ILE R 41 8.56 16.18 -45.47
CA ILE R 41 7.13 16.41 -45.31
C ILE R 41 6.31 15.40 -46.10
N CYS R 42 6.67 15.17 -47.36
CA CYS R 42 5.93 14.23 -48.17
C CYS R 42 6.12 12.80 -47.71
N LEU R 43 7.26 12.47 -47.13
CA LEU R 43 7.43 11.13 -46.60
C LEU R 43 6.60 10.91 -45.35
N GLU R 44 6.65 11.85 -44.40
CA GLU R 44 6.01 11.59 -43.11
C GLU R 44 4.50 11.57 -43.23
N PHE R 45 3.94 12.46 -44.05
CA PHE R 45 2.50 12.58 -44.14
C PHE R 45 1.88 11.87 -45.32
N ARG R 46 2.68 11.27 -46.19
CA ARG R 46 2.19 10.57 -47.37
C ARG R 46 1.27 11.47 -48.19
N LEU R 47 1.75 12.69 -48.43
CA LEU R 47 0.92 13.70 -49.05
C LEU R 47 0.53 13.34 -50.48
N LYS R 48 1.48 12.88 -51.28
CA LYS R 48 1.27 12.71 -52.71
C LYS R 48 1.22 11.24 -53.06
N LYS R 49 0.06 10.77 -53.49
CA LYS R 49 -0.09 9.43 -54.02
C LYS R 49 -0.14 9.51 -55.54
N ALA R 50 0.64 8.66 -56.19
CA ALA R 50 0.69 8.61 -57.64
C ALA R 50 0.45 7.19 -58.10
N ILE R 51 -0.16 7.06 -59.27
CA ILE R 51 -0.47 5.76 -59.85
C ILE R 51 0.21 5.68 -61.21
N THR R 52 0.95 4.60 -61.42
CA THR R 52 1.62 4.39 -62.70
C THR R 52 1.23 3.01 -63.21
N ARG R 53 0.82 2.94 -64.47
CA ARG R 53 0.30 1.72 -65.04
C ARG R 53 1.03 1.49 -66.36
N SER R 54 2.14 0.76 -66.28
CA SER R 54 2.97 0.54 -67.45
C SER R 54 3.04 -0.95 -67.75
N LEU R 55 3.86 -1.30 -68.73
CA LEU R 55 4.00 -2.67 -69.18
C LEU R 55 5.46 -3.05 -69.19
N ILE R 56 5.76 -4.25 -68.71
CA ILE R 56 7.12 -4.76 -68.69
C ILE R 56 7.17 -6.03 -69.51
N THR R 57 8.14 -6.09 -70.43
CA THR R 57 8.36 -7.24 -71.28
C THR R 57 9.82 -7.64 -71.24
N GLU R 58 10.22 -8.60 -72.06
CA GLU R 58 11.60 -9.06 -72.05
C GLU R 58 12.56 -8.01 -72.61
N GLU R 59 12.09 -7.08 -73.43
CA GLU R 59 12.97 -6.05 -73.96
C GLU R 59 13.40 -5.09 -72.86
N GLU R 60 12.45 -4.37 -72.28
CA GLU R 60 12.72 -3.50 -71.14
C GLU R 60 12.07 -4.14 -69.91
N ARG R 61 12.88 -4.40 -68.89
CA ARG R 61 12.42 -5.16 -67.74
C ARG R 61 12.12 -4.31 -66.53
N PHE R 62 12.53 -3.05 -66.53
CA PHE R 62 12.39 -2.19 -65.36
C PHE R 62 11.48 -1.01 -65.65
N LEU R 63 10.83 -0.54 -64.60
CA LEU R 63 9.90 0.59 -64.67
C LEU R 63 10.53 1.73 -63.88
N THR R 64 10.98 2.77 -64.58
CA THR R 64 11.65 3.88 -63.93
C THR R 64 10.61 4.85 -63.38
N LEU R 65 10.51 4.94 -62.06
CA LEU R 65 9.64 5.90 -61.41
C LEU R 65 10.40 7.19 -61.20
N ASN R 66 9.87 8.10 -60.39
CA ASN R 66 10.59 9.33 -60.10
C ASN R 66 10.26 9.80 -58.70
N ASN R 67 11.30 10.14 -57.94
CA ASN R 67 11.14 10.66 -56.58
C ASN R 67 10.30 9.71 -55.73
N LEU R 68 10.75 8.47 -55.70
CA LEU R 68 10.01 7.42 -55.02
C LEU R 68 10.17 7.53 -53.51
N LEU R 69 9.08 7.39 -52.78
CA LEU R 69 9.09 7.30 -51.33
C LEU R 69 8.60 5.98 -50.78
N GLY R 70 7.63 5.35 -51.42
CA GLY R 70 7.10 4.12 -50.91
C GLY R 70 6.06 3.55 -51.84
N ILE R 71 5.90 2.23 -51.81
CA ILE R 71 4.92 1.55 -52.63
C ILE R 71 3.87 0.97 -51.71
N GLU R 72 2.60 1.24 -52.00
CA GLU R 72 1.54 0.74 -51.14
C GLU R 72 0.62 -0.26 -51.83
N SER R 73 0.73 -0.44 -53.13
CA SER R 73 -0.09 -1.44 -53.83
C SER R 73 0.53 -1.73 -55.19
N VAL R 74 0.68 -3.00 -55.51
CA VAL R 74 1.20 -3.44 -56.80
C VAL R 74 0.27 -4.49 -57.37
N LYS R 75 -0.11 -4.31 -58.63
CA LYS R 75 -0.92 -5.28 -59.37
C LYS R 75 -0.16 -5.68 -60.62
N LEU R 76 -0.20 -6.97 -60.94
CA LEU R 76 0.35 -7.47 -62.19
C LEU R 76 -0.76 -8.25 -62.88
N ASP R 77 -1.32 -7.68 -63.95
CA ASP R 77 -2.48 -8.23 -64.63
C ASP R 77 -3.61 -8.46 -63.64
N LYS R 78 -3.86 -7.43 -62.83
CA LYS R 78 -4.92 -7.47 -61.81
C LYS R 78 -4.68 -8.61 -60.83
N LYS R 79 -3.42 -8.92 -60.57
CA LYS R 79 -3.03 -9.90 -59.56
C LYS R 79 -2.16 -9.21 -58.53
N GLU R 80 -2.49 -9.40 -57.26
CA GLU R 80 -1.73 -8.76 -56.19
C GLU R 80 -0.31 -9.27 -56.15
N ILE R 81 0.65 -8.37 -56.06
CA ILE R 81 2.04 -8.70 -55.78
C ILE R 81 2.24 -8.51 -54.29
N GLU R 82 2.81 -9.53 -53.64
CA GLU R 82 2.79 -9.61 -52.20
C GLU R 82 4.04 -9.04 -51.55
N SER R 83 5.20 -9.64 -51.78
CA SER R 83 6.41 -9.28 -51.06
C SER R 83 7.27 -8.32 -51.88
N ARG R 84 8.16 -7.63 -51.18
CA ARG R 84 9.10 -6.71 -51.79
C ARG R 84 10.52 -7.13 -51.46
N ASN R 85 11.42 -6.94 -52.42
CA ASN R 85 12.79 -7.40 -52.28
C ASN R 85 13.68 -6.58 -53.20
N THR R 86 14.99 -6.65 -52.93
CA THR R 86 15.98 -5.93 -53.72
C THR R 86 17.12 -6.83 -54.16
N ILE R 87 16.89 -8.14 -54.22
CA ILE R 87 17.98 -9.11 -54.34
C ILE R 87 17.93 -9.91 -55.63
N GLU R 88 16.87 -9.81 -56.42
CA GLU R 88 16.74 -10.56 -57.68
C GLU R 88 16.80 -12.07 -57.41
N LYS R 89 15.81 -12.53 -56.66
CA LYS R 89 15.64 -13.96 -56.42
C LYS R 89 15.34 -14.67 -57.74
N ASP R 90 15.94 -15.86 -57.90
CA ASP R 90 15.85 -16.59 -59.16
C ASP R 90 14.46 -17.17 -59.39
N THR R 91 13.88 -17.82 -58.38
CA THR R 91 12.58 -18.47 -58.54
C THR R 91 11.91 -18.57 -57.19
N GLY R 92 10.60 -18.80 -57.21
CA GLY R 92 9.82 -18.91 -56.00
C GLY R 92 8.54 -18.12 -56.07
N GLU R 93 8.12 -17.54 -54.96
CA GLU R 93 6.95 -16.68 -54.96
C GLU R 93 7.24 -15.42 -55.76
N LEU R 94 6.18 -14.76 -56.21
CA LEU R 94 6.31 -13.65 -57.12
C LEU R 94 6.46 -12.36 -56.32
N GLU R 95 7.63 -11.74 -56.39
CA GLU R 95 7.94 -10.58 -55.56
C GLU R 95 8.27 -9.37 -56.41
N LEU R 96 8.18 -8.20 -55.78
CA LEU R 96 8.46 -6.92 -56.43
C LEU R 96 9.90 -6.53 -56.17
N LEU R 97 10.67 -6.31 -57.22
CA LEU R 97 12.07 -5.94 -57.10
C LEU R 97 12.21 -4.43 -57.19
N ILE R 98 12.85 -3.84 -56.18
CA ILE R 98 13.06 -2.41 -56.10
C ILE R 98 14.56 -2.14 -56.22
N LEU R 99 14.94 -1.31 -57.17
CA LEU R 99 16.33 -1.03 -57.48
C LEU R 99 16.61 0.46 -57.42
N SER R 100 16.24 1.10 -56.31
CA SER R 100 16.54 2.51 -56.08
C SER R 100 15.96 3.38 -57.20
N ASP R 101 14.63 3.39 -57.22
CA ASP R 101 13.82 4.14 -58.19
C ASP R 101 13.84 3.42 -59.55
N ARG R 102 13.87 2.10 -59.51
CA ARG R 102 13.56 1.27 -60.66
C ARG R 102 12.79 0.06 -60.16
N ILE R 103 11.66 -0.21 -60.81
CA ILE R 103 10.72 -1.22 -60.35
C ILE R 103 10.65 -2.33 -61.37
N SER R 104 10.75 -3.57 -60.91
CA SER R 104 10.54 -4.72 -61.76
C SER R 104 9.93 -5.84 -60.93
N VAL R 105 9.83 -7.02 -61.51
CA VAL R 105 9.26 -8.18 -60.85
C VAL R 105 10.33 -9.26 -60.77
N THR R 106 10.48 -9.84 -59.59
CA THR R 106 11.69 -10.61 -59.27
C THR R 106 11.80 -11.91 -60.09
N PRO R 107 10.90 -12.90 -59.94
CA PRO R 107 10.95 -14.02 -60.88
C PRO R 107 10.22 -13.63 -62.14
N PHE R 108 10.92 -12.94 -63.03
CA PHE R 108 10.27 -12.09 -64.03
C PHE R 108 9.21 -12.82 -64.84
N LYS R 109 8.08 -12.15 -65.02
CA LYS R 109 6.97 -12.61 -65.84
C LYS R 109 6.50 -11.46 -66.71
N ILE R 110 6.27 -11.75 -67.99
CA ILE R 110 5.79 -10.74 -68.92
C ILE R 110 4.45 -10.22 -68.44
N GLY R 111 4.24 -8.90 -68.53
CA GLY R 111 2.92 -8.40 -68.17
C GLY R 111 2.91 -6.90 -68.01
N GLU R 112 2.01 -6.44 -67.15
CA GLU R 112 1.87 -5.02 -66.84
C GLU R 112 1.94 -4.82 -65.33
N LEU R 113 2.37 -3.62 -64.95
CA LEU R 113 2.50 -3.24 -63.54
C LEU R 113 1.63 -2.02 -63.28
N GLU R 114 0.75 -2.13 -62.30
CA GLU R 114 -0.03 -1.02 -61.79
C GLU R 114 0.44 -0.77 -60.37
N VAL R 115 1.14 0.33 -60.16
CA VAL R 115 1.86 0.59 -58.92
C VAL R 115 1.38 1.90 -58.35
N VAL R 116 1.10 1.90 -57.05
CA VAL R 116 0.76 3.12 -56.32
C VAL R 116 1.92 3.48 -55.41
N TYR R 117 2.35 4.73 -55.47
CA TYR R 117 3.58 5.14 -54.82
C TYR R 117 3.46 6.60 -54.39
N TYR R 118 4.58 7.18 -53.95
CA TYR R 118 4.60 8.54 -53.44
C TYR R 118 5.74 9.33 -54.09
N THR R 119 5.55 10.65 -54.19
CA THR R 119 6.31 11.49 -55.10
C THR R 119 6.68 12.80 -54.40
N TYR R 120 7.66 13.51 -54.97
CA TYR R 120 8.15 14.77 -54.40
C TYR R 120 7.59 15.97 -55.14
N GLU R 121 7.72 15.94 -56.47
CA GLU R 121 7.77 17.12 -57.34
C GLU R 121 8.55 18.26 -56.66
N GLU R 122 9.84 17.97 -56.45
CA GLU R 122 10.75 18.94 -55.86
C GLU R 122 10.97 20.12 -56.81
N ILE R 123 11.54 21.19 -56.26
CA ILE R 123 11.71 22.45 -56.99
C ILE R 123 13.19 22.67 -57.26
N ARG R 124 13.45 23.53 -58.23
CA ARG R 124 14.81 23.89 -58.61
C ARG R 124 15.02 25.37 -58.85
N ASN R 125 13.98 26.18 -58.88
CA ASN R 125 14.10 27.61 -59.15
C ASN R 125 13.33 28.39 -58.10
N ILE R 126 13.80 29.62 -57.84
CA ILE R 126 13.14 30.46 -56.85
C ILE R 126 11.77 30.90 -57.33
N LEU R 127 11.55 30.93 -58.65
CA LEU R 127 10.29 31.39 -59.20
C LEU R 127 9.28 30.27 -59.41
N GLU R 128 9.60 29.07 -58.95
CA GLU R 128 8.69 27.94 -59.13
C GLU R 128 7.54 28.05 -58.12
N THR R 129 6.71 27.02 -58.06
CA THR R 129 5.56 27.00 -57.17
C THR R 129 5.43 25.60 -56.61
N ILE R 130 5.20 25.50 -55.30
CA ILE R 130 5.06 24.21 -54.64
C ILE R 130 3.57 23.85 -54.63
N LYS R 131 3.24 22.71 -55.25
CA LYS R 131 1.86 22.27 -55.35
C LYS R 131 1.49 21.50 -54.08
N LEU R 132 1.26 22.25 -53.02
CA LEU R 132 0.89 21.72 -51.72
C LEU R 132 -0.18 22.62 -51.13
N PRO R 133 -0.97 22.11 -50.19
CA PRO R 133 -1.96 22.97 -49.53
C PRO R 133 -1.27 24.11 -48.80
N LYS R 134 -1.93 25.27 -48.79
CA LYS R 134 -1.34 26.43 -48.13
C LYS R 134 -1.10 26.18 -46.65
N ILE R 135 -1.87 25.29 -46.02
CA ILE R 135 -1.66 24.99 -44.61
C ILE R 135 -0.28 24.40 -44.40
N CYS R 136 0.30 23.78 -45.42
CA CYS R 136 1.65 23.27 -45.37
C CYS R 136 2.70 24.33 -45.39
N LEU R 137 2.39 25.63 -45.40
CA LEU R 137 3.46 26.62 -45.46
C LEU R 137 4.29 26.63 -44.18
N ASP R 138 3.63 26.71 -43.04
CA ASP R 138 4.36 26.85 -41.78
C ASP R 138 5.21 25.63 -41.48
N VAL R 139 4.77 24.45 -41.91
CA VAL R 139 5.60 23.26 -41.73
C VAL R 139 6.80 23.27 -42.66
N LEU R 140 6.71 23.92 -43.81
CA LEU R 140 7.89 24.04 -44.67
C LEU R 140 8.89 25.02 -44.10
N VAL R 141 8.43 26.17 -43.62
CA VAL R 141 9.33 27.14 -43.02
C VAL R 141 10.00 26.53 -41.79
N TYR R 142 9.20 26.20 -40.78
CA TYR R 142 9.76 25.74 -39.51
C TYR R 142 10.61 24.49 -39.66
N SER R 143 10.40 23.70 -40.71
CA SER R 143 11.27 22.56 -40.91
C SER R 143 12.56 22.92 -41.63
N VAL R 144 12.50 23.81 -42.62
CA VAL R 144 13.73 24.24 -43.26
C VAL R 144 14.51 25.17 -42.37
N LEU R 145 13.84 25.91 -41.49
CA LEU R 145 14.50 26.82 -40.58
C LEU R 145 15.29 26.09 -39.51
N CYS R 146 14.79 24.96 -39.01
CA CYS R 146 15.59 24.15 -38.10
C CYS R 146 16.80 23.55 -38.80
N ASN R 147 16.76 23.41 -40.11
CA ASN R 147 17.93 22.90 -40.82
C ASN R 147 19.03 23.93 -40.96
N LEU R 148 18.70 25.22 -40.86
CA LEU R 148 19.67 26.28 -41.05
C LEU R 148 20.11 26.91 -39.74
N LEU R 149 19.32 26.81 -38.69
CA LEU R 149 19.68 27.38 -37.41
C LEU R 149 20.92 26.75 -36.81
N GLU R 150 21.23 25.53 -37.20
CA GLU R 150 22.37 24.82 -36.65
C GLU R 150 23.68 25.12 -37.39
N ILE R 151 23.68 26.10 -38.28
CA ILE R 151 24.94 26.79 -38.63
C ILE R 151 25.39 27.59 -37.42
N PRO R 152 26.66 27.50 -37.02
CA PRO R 152 27.08 28.10 -35.74
C PRO R 152 27.23 29.61 -35.78
N ASN R 153 26.17 30.32 -36.20
CA ASN R 153 26.24 31.78 -36.22
C ASN R 153 26.25 32.36 -34.81
N ASN R 154 25.52 31.74 -33.89
CA ASN R 154 25.33 32.25 -32.55
C ASN R 154 25.55 31.15 -31.53
N GLU R 155 25.92 31.54 -30.32
CA GLU R 155 26.15 30.56 -29.27
C GLU R 155 24.85 30.01 -28.71
N THR R 156 23.73 30.66 -28.96
CA THR R 156 22.43 30.22 -28.48
C THR R 156 21.54 29.77 -29.64
N ASN R 157 22.14 29.14 -30.65
CA ASN R 157 21.38 28.70 -31.80
C ASN R 157 20.58 27.45 -31.51
N PHE R 158 21.07 26.57 -30.62
CA PHE R 158 20.38 25.31 -30.39
C PHE R 158 19.14 25.47 -29.53
N SER R 159 19.13 26.39 -28.57
CA SER R 159 17.88 26.67 -27.86
C SER R 159 16.83 27.23 -28.81
N VAL R 160 17.26 28.10 -29.73
CA VAL R 160 16.33 28.62 -30.73
C VAL R 160 15.82 27.49 -31.60
N LEU R 161 16.70 26.55 -31.94
CA LEU R 161 16.27 25.37 -32.70
C LEU R 161 15.25 24.56 -31.92
N ALA R 162 15.46 24.43 -30.61
CA ALA R 162 14.51 23.70 -29.79
C ALA R 162 13.15 24.37 -29.77
N ASN R 163 13.11 25.70 -29.68
CA ASN R 163 11.83 26.40 -29.75
C ASN R 163 11.16 26.17 -31.10
N TYR R 164 11.93 26.26 -32.17
CA TYR R 164 11.36 26.04 -33.49
C TYR R 164 10.90 24.60 -33.67
N LYS R 165 11.47 23.66 -32.94
CA LYS R 165 10.97 22.29 -33.00
C LYS R 165 9.55 22.20 -32.47
N GLN R 166 9.27 22.85 -31.33
CA GLN R 166 7.90 22.85 -30.81
C GLN R 166 6.96 23.57 -31.77
N LEU R 167 7.41 24.68 -32.33
CA LEU R 167 6.58 25.37 -33.31
C LEU R 167 6.27 24.46 -34.50
N LEU R 168 7.26 23.70 -34.95
CA LEU R 168 7.06 22.76 -36.03
C LEU R 168 6.09 21.67 -35.64
N LYS R 169 6.15 21.20 -34.40
CA LYS R 169 5.20 20.19 -33.95
C LYS R 169 3.78 20.71 -34.01
N LEU R 170 3.56 21.95 -33.58
CA LEU R 170 2.23 22.53 -33.68
C LEU R 170 1.80 22.66 -35.14
N ALA R 171 2.71 23.07 -36.02
CA ALA R 171 2.37 23.16 -37.44
C ALA R 171 1.97 21.81 -38.01
N LYS R 172 2.68 20.75 -37.62
CA LYS R 172 2.32 19.42 -38.06
C LYS R 172 0.96 19.00 -37.51
N ASP R 173 0.64 19.41 -36.29
CA ASP R 173 -0.70 19.12 -35.77
C ASP R 173 -1.76 19.79 -36.62
N ASN R 174 -1.54 21.05 -37.01
CA ASN R 174 -2.48 21.72 -37.90
C ASN R 174 -2.61 20.97 -39.21
N LEU R 175 -1.48 20.55 -39.78
CA LEU R 175 -1.51 19.83 -41.04
C LEU R 175 -2.28 18.52 -40.92
N THR R 176 -2.10 17.79 -39.83
CA THR R 176 -2.86 16.57 -39.62
C THR R 176 -4.34 16.86 -39.50
N ASN R 177 -4.70 17.95 -38.82
CA ASN R 177 -6.09 18.36 -38.77
C ASN R 177 -6.65 18.54 -40.17
N TYR R 178 -5.93 19.27 -41.01
CA TYR R 178 -6.38 19.51 -42.37
C TYR R 178 -6.53 18.21 -43.15
N LEU R 179 -5.53 17.33 -43.06
CA LEU R 179 -5.57 16.10 -43.83
C LEU R 179 -6.74 15.22 -43.39
N SER R 180 -7.00 15.14 -42.09
CA SER R 180 -8.15 14.37 -41.63
C SER R 180 -9.45 14.99 -42.13
N LEU R 181 -9.55 16.31 -42.14
CA LEU R 181 -10.77 16.92 -42.63
C LEU R 181 -10.97 16.69 -44.12
N MET R 182 -9.89 16.63 -44.90
CA MET R 182 -9.99 16.38 -46.33
C MET R 182 -10.25 14.92 -46.66
N TYR R 183 -9.27 14.06 -46.40
CA TYR R 183 -9.19 12.75 -47.03
C TYR R 183 -9.62 11.64 -46.09
N SER R 184 -10.43 11.94 -45.10
CA SER R 184 -10.87 10.93 -44.16
C SER R 184 -12.38 10.95 -44.06
N LYS R 185 -12.94 9.82 -43.66
CA LYS R 185 -14.37 9.70 -43.50
C LYS R 185 -14.89 10.59 -42.39
N ASN R 186 -16.11 11.09 -42.58
CA ASN R 186 -16.80 11.83 -41.54
C ASN R 186 -17.69 10.85 -40.80
N ILE R 187 -17.11 10.19 -39.79
CA ILE R 187 -17.81 9.18 -39.02
C ILE R 187 -17.80 9.61 -37.56
N HIS R 188 -18.79 9.11 -36.81
CA HIS R 188 -18.87 9.41 -35.40
C HIS R 188 -19.02 8.17 -34.53
N PHE R 189 -19.14 6.98 -35.11
CA PHE R 189 -19.22 5.75 -34.34
C PHE R 189 -18.42 4.66 -35.03
N SER R 190 -17.94 3.71 -34.24
CA SER R 190 -17.23 2.57 -34.76
C SER R 190 -18.20 1.46 -35.15
N LYS R 191 -17.69 0.47 -35.87
CA LYS R 191 -18.48 -0.69 -36.25
C LYS R 191 -18.14 -1.87 -35.36
N VAL R 192 -19.12 -2.73 -35.15
CA VAL R 192 -18.92 -3.90 -34.30
C VAL R 192 -18.04 -4.91 -35.04
N VAL R 193 -17.17 -5.57 -34.28
CA VAL R 193 -16.31 -6.59 -34.87
C VAL R 193 -17.15 -7.76 -35.36
N ARG R 194 -16.91 -8.18 -36.59
CA ARG R 194 -17.67 -9.26 -37.22
C ARG R 194 -16.71 -10.39 -37.53
N VAL R 195 -16.78 -11.46 -36.75
CA VAL R 195 -15.92 -12.62 -36.98
C VAL R 195 -16.79 -13.86 -37.16
N MET S 1 -18.58 41.47 -38.32
CA MET S 1 -17.54 41.77 -39.29
C MET S 1 -16.40 42.56 -38.67
N ILE S 2 -15.17 42.18 -39.00
CA ILE S 2 -13.98 42.83 -38.49
C ILE S 2 -13.28 43.55 -39.62
N GLU S 3 -12.98 44.83 -39.41
CA GLU S 3 -12.18 45.57 -40.37
C GLU S 3 -10.71 45.19 -40.23
N VAL S 4 -10.01 45.17 -41.35
CA VAL S 4 -8.59 44.84 -41.30
C VAL S 4 -7.80 45.95 -40.62
N SER S 5 -8.32 47.18 -40.67
CA SER S 5 -7.59 48.30 -40.09
C SER S 5 -7.36 48.10 -38.61
N GLU S 6 -8.38 47.63 -37.89
CA GLU S 6 -8.24 47.48 -36.44
C GLU S 6 -7.34 46.30 -36.07
N VAL S 7 -7.39 45.20 -36.81
CA VAL S 7 -6.42 44.14 -36.58
C VAL S 7 -5.00 44.64 -36.79
N ILE S 8 -4.79 45.36 -37.89
CA ILE S 8 -3.46 45.86 -38.21
C ILE S 8 -2.98 46.82 -37.14
N ALA S 9 -3.87 47.70 -36.68
CA ALA S 9 -3.49 48.67 -35.67
C ALA S 9 -3.08 47.98 -34.37
N LYS S 10 -3.83 46.97 -33.94
CA LYS S 10 -3.49 46.27 -32.72
C LYS S 10 -2.16 45.56 -32.85
N VAL S 11 -1.92 44.92 -34.01
CA VAL S 11 -0.65 44.24 -34.20
C VAL S 11 0.50 45.24 -34.20
N ARG S 12 0.32 46.38 -34.88
CA ARG S 12 1.37 47.40 -34.89
C ARG S 12 1.66 47.90 -33.48
N GLU S 13 0.61 48.16 -32.69
CA GLU S 13 0.83 48.62 -31.33
C GLU S 13 1.58 47.59 -30.52
N ARG S 14 1.21 46.32 -30.66
CA ARG S 14 1.79 45.26 -29.87
C ARG S 14 3.24 44.99 -30.22
N LEU S 15 3.65 45.30 -31.45
CA LEU S 15 4.99 45.05 -31.91
C LEU S 15 5.88 46.26 -31.71
N ASN S 16 5.40 47.27 -31.02
CA ASN S 16 6.12 48.53 -30.83
C ASN S 16 6.50 49.13 -32.18
N ASP S 17 5.61 48.95 -33.15
CA ASP S 17 5.81 49.46 -34.50
C ASP S 17 4.59 50.26 -34.96
N ASN S 18 4.07 51.11 -34.08
CA ASN S 18 2.95 51.97 -34.43
C ASN S 18 3.42 53.32 -34.93
N GLU S 19 4.33 53.31 -35.90
CA GLU S 19 4.89 54.53 -36.48
C GLU S 19 4.53 54.58 -37.95
N VAL S 20 3.82 55.63 -38.34
CA VAL S 20 3.32 55.74 -39.71
C VAL S 20 4.48 55.82 -40.70
N GLY S 21 5.49 56.62 -40.37
CA GLY S 21 6.60 56.82 -41.28
C GLY S 21 7.47 55.60 -41.50
N ASN S 22 7.80 54.88 -40.42
CA ASN S 22 8.82 53.85 -40.52
C ASN S 22 8.27 52.56 -41.11
N TYR S 23 7.31 51.92 -40.40
CA TYR S 23 6.72 50.66 -40.83
C TYR S 23 7.82 49.62 -41.11
N GLU S 24 8.47 49.20 -40.03
CA GLU S 24 9.51 48.20 -40.15
C GLU S 24 8.97 46.89 -40.73
N ILE S 25 7.70 46.60 -40.51
CA ILE S 25 7.03 45.44 -41.09
C ILE S 25 6.14 45.94 -42.21
N LEU S 26 6.41 45.48 -43.43
CA LEU S 26 5.64 45.92 -44.58
C LEU S 26 4.21 45.40 -44.50
N ASP S 27 3.29 46.19 -45.05
CA ASP S 27 1.88 45.81 -45.00
C ASP S 27 1.59 44.56 -45.82
N SER S 28 2.39 44.28 -46.84
CA SER S 28 2.24 43.01 -47.54
C SER S 28 2.51 41.84 -46.60
N VAL S 29 3.54 41.96 -45.76
CA VAL S 29 3.83 40.90 -44.80
C VAL S 29 2.67 40.72 -43.84
N LEU S 30 2.11 41.82 -43.34
CA LEU S 30 0.98 41.71 -42.43
C LEU S 30 -0.24 41.09 -43.11
N VAL S 31 -0.52 41.47 -44.35
CA VAL S 31 -1.69 40.88 -44.99
C VAL S 31 -1.47 39.40 -45.25
N GLU S 32 -0.25 38.99 -45.61
CA GLU S 32 0.01 37.57 -45.78
C GLU S 32 -0.13 36.82 -44.47
N ASN S 33 0.38 37.39 -43.39
CA ASN S 33 0.26 36.74 -42.09
C ASN S 33 -1.18 36.68 -41.63
N ILE S 34 -1.98 37.69 -41.95
CA ILE S 34 -3.40 37.65 -41.63
C ILE S 34 -4.10 36.58 -42.44
N ASN S 35 -3.69 36.39 -43.69
CA ASN S 35 -4.24 35.28 -44.47
C ASN S 35 -3.89 33.95 -43.82
N GLN S 36 -2.66 33.80 -43.35
CA GLN S 36 -2.29 32.58 -42.65
C GLN S 36 -3.12 32.37 -41.39
N ALA S 37 -3.35 33.44 -40.64
CA ALA S 37 -4.15 33.33 -39.42
C ALA S 37 -5.58 32.95 -39.74
N LEU S 38 -6.15 33.52 -40.81
CA LEU S 38 -7.50 33.13 -41.22
C LEU S 38 -7.54 31.67 -41.62
N LEU S 39 -6.54 31.22 -42.37
CA LEU S 39 -6.38 29.79 -42.64
C LEU S 39 -6.49 28.95 -41.38
N LYS S 40 -5.61 29.19 -40.42
CA LYS S 40 -5.58 28.34 -39.23
C LYS S 40 -6.86 28.45 -38.43
N ILE S 41 -7.42 29.65 -38.29
CA ILE S 41 -8.63 29.82 -37.52
C ILE S 41 -9.82 29.13 -38.15
N CYS S 42 -10.00 29.30 -39.46
CA CYS S 42 -11.12 28.67 -40.13
C CYS S 42 -10.95 27.17 -40.23
N LEU S 43 -9.72 26.67 -40.27
CA LEU S 43 -9.54 25.22 -40.27
C LEU S 43 -9.86 24.62 -38.91
N GLU S 44 -9.32 25.21 -37.84
CA GLU S 44 -9.44 24.57 -36.54
C GLU S 44 -10.88 24.59 -36.04
N PHE S 45 -11.59 25.69 -36.28
CA PHE S 45 -12.92 25.85 -35.72
C PHE S 45 -14.04 25.55 -36.70
N ARG S 46 -13.72 25.25 -37.96
CA ARG S 46 -14.72 24.96 -38.98
C ARG S 46 -15.75 26.08 -39.06
N LEU S 47 -15.24 27.31 -39.12
CA LEU S 47 -16.10 28.48 -39.03
C LEU S 47 -17.05 28.59 -40.22
N LYS S 48 -16.54 28.39 -41.43
CA LYS S 48 -17.32 28.68 -42.63
C LYS S 48 -17.67 27.40 -43.35
N LYS S 49 -18.97 27.10 -43.38
CA LYS S 49 -19.49 25.99 -44.16
C LYS S 49 -20.10 26.54 -45.43
N ALA S 50 -19.75 25.94 -46.57
CA ALA S 50 -20.26 26.35 -47.86
C ALA S 50 -20.84 25.14 -48.57
N ILE S 51 -21.86 25.39 -49.37
CA ILE S 51 -22.54 24.36 -50.13
C ILE S 51 -22.44 24.70 -51.60
N THR S 52 -21.99 23.75 -52.40
CA THR S 52 -21.90 23.93 -53.84
C THR S 52 -22.63 22.80 -54.52
N ARG S 53 -23.49 23.13 -55.47
CA ARG S 53 -24.36 22.14 -56.10
C ARG S 53 -24.21 22.33 -57.61
N SER S 54 -23.27 21.63 -58.20
CA SER S 54 -22.98 21.78 -59.62
C SER S 54 -23.24 20.46 -60.33
N LEU S 55 -22.90 20.43 -61.61
CA LEU S 55 -23.13 19.27 -62.45
C LEU S 55 -21.84 18.91 -63.16
N ILE S 56 -21.54 17.62 -63.21
CA ILE S 56 -20.36 17.12 -63.89
C ILE S 56 -20.80 16.17 -64.99
N THR S 57 -20.26 16.40 -66.19
CA THR S 57 -20.55 15.57 -67.35
C THR S 57 -19.24 15.18 -68.02
N GLU S 58 -19.32 14.52 -69.17
CA GLU S 58 -18.11 14.09 -69.86
C GLU S 58 -17.30 15.24 -70.43
N GLU S 59 -17.93 16.39 -70.67
CA GLU S 59 -17.19 17.53 -71.20
C GLU S 59 -16.25 18.09 -70.15
N GLU S 60 -16.80 18.60 -69.05
CA GLU S 60 -16.01 19.06 -67.91
C GLU S 60 -16.22 18.06 -66.78
N ARG S 61 -15.13 17.49 -66.29
CA ARG S 61 -15.21 16.41 -65.33
C ARG S 61 -14.91 16.85 -63.90
N PHE S 62 -14.37 18.04 -63.70
CA PHE S 62 -13.94 18.48 -62.38
C PHE S 62 -14.72 19.69 -61.93
N LEU S 63 -14.86 19.82 -60.63
CA LEU S 63 -15.58 20.91 -59.98
C LEU S 63 -14.55 21.74 -59.24
N THR S 64 -14.28 22.95 -59.71
CA THR S 64 -13.26 23.80 -59.10
C THR S 64 -13.88 24.55 -57.93
N LEU S 65 -13.44 24.22 -56.72
CA LEU S 65 -13.88 24.92 -55.53
C LEU S 65 -12.91 26.08 -55.28
N ASN S 66 -12.98 26.68 -54.10
CA ASN S 66 -12.05 27.76 -53.80
C ASN S 66 -11.75 27.77 -52.31
N ASN S 67 -10.47 27.84 -51.97
CA ASN S 67 -10.03 27.92 -50.58
C ASN S 67 -10.60 26.75 -49.77
N LEU S 68 -10.33 25.56 -50.28
CA LEU S 68 -10.90 24.35 -49.68
C LEU S 68 -10.14 23.98 -48.41
N LEU S 69 -10.90 23.62 -47.39
CA LEU S 69 -10.34 23.08 -46.15
C LEU S 69 -10.74 21.65 -45.86
N GLY S 70 -11.97 21.26 -46.20
CA GLY S 70 -12.42 19.93 -45.89
C GLY S 70 -13.80 19.69 -46.44
N ILE S 71 -14.11 18.44 -46.74
CA ILE S 71 -15.40 18.05 -47.24
C ILE S 71 -16.09 17.21 -46.17
N GLU S 72 -17.33 17.56 -45.85
CA GLU S 72 -18.04 16.83 -44.82
C GLU S 72 -19.27 16.10 -45.32
N SER S 73 -19.69 16.34 -46.56
CA SER S 73 -20.83 15.62 -47.12
C SER S 73 -20.83 15.78 -48.63
N VAL S 74 -20.98 14.66 -49.34
CA VAL S 74 -21.06 14.65 -50.79
C VAL S 74 -22.27 13.84 -51.21
N LYS S 75 -23.08 14.40 -52.10
CA LYS S 75 -24.21 13.72 -52.69
C LYS S 75 -24.06 13.73 -54.19
N LEU S 76 -24.39 12.62 -54.84
CA LEU S 76 -24.43 12.53 -56.29
C LEU S 76 -25.82 12.01 -56.66
N ASP S 77 -26.65 12.90 -57.20
CA ASP S 77 -28.04 12.59 -57.48
C ASP S 77 -28.73 12.07 -56.23
N LYS S 78 -28.53 12.79 -55.12
CA LYS S 78 -29.09 12.43 -53.83
C LYS S 78 -28.66 11.03 -53.39
N LYS S 79 -27.45 10.66 -53.77
CA LYS S 79 -26.84 9.42 -53.33
C LYS S 79 -25.55 9.74 -52.59
N GLU S 80 -25.38 9.16 -51.41
CA GLU S 80 -24.21 9.43 -50.61
C GLU S 80 -22.96 8.91 -51.29
N ILE S 81 -21.93 9.74 -51.34
CA ILE S 81 -20.59 9.33 -51.75
C ILE S 81 -19.81 9.03 -50.48
N GLU S 82 -19.18 7.86 -50.45
CA GLU S 82 -18.66 7.34 -49.21
C GLU S 82 -17.19 7.65 -48.98
N SER S 83 -16.30 7.17 -49.83
CA SER S 83 -14.87 7.27 -49.59
C SER S 83 -14.27 8.43 -50.37
N ARG S 84 -13.09 8.87 -49.92
CA ARG S 84 -12.35 9.94 -50.58
C ARG S 84 -10.98 9.42 -50.98
N ASN S 85 -10.50 9.90 -52.12
CA ASN S 85 -9.25 9.41 -52.68
C ASN S 85 -8.68 10.48 -53.60
N THR S 86 -7.40 10.32 -53.93
CA THR S 86 -6.69 11.25 -54.80
C THR S 86 -5.93 10.52 -55.91
N ILE S 87 -6.34 9.29 -56.24
CA ILE S 87 -5.52 8.42 -57.07
C ILE S 87 -6.16 8.06 -58.39
N GLU S 88 -7.43 8.41 -58.62
CA GLU S 88 -8.11 8.09 -59.87
C GLU S 88 -8.15 6.58 -60.10
N LYS S 89 -8.84 5.91 -59.18
CA LYS S 89 -9.10 4.48 -59.32
C LYS S 89 -9.96 4.21 -60.55
N ASP S 90 -9.62 3.15 -61.26
CA ASP S 90 -10.29 2.84 -62.53
C ASP S 90 -11.73 2.38 -62.33
N THR S 91 -11.96 1.44 -61.41
CA THR S 91 -13.29 0.89 -61.21
C THR S 91 -13.41 0.36 -59.79
N GLY S 92 -14.65 0.15 -59.36
CA GLY S 92 -14.91 -0.33 -58.02
C GLY S 92 -16.00 0.45 -57.33
N GLU S 93 -15.88 0.66 -56.03
CA GLU S 93 -16.84 1.48 -55.31
C GLU S 93 -16.71 2.92 -55.77
N LEU S 94 -17.76 3.69 -55.53
CA LEU S 94 -17.85 5.04 -56.07
C LEU S 94 -17.24 6.01 -55.06
N GLU S 95 -16.11 6.62 -55.42
CA GLU S 95 -15.35 7.45 -54.49
C GLU S 95 -15.22 8.87 -55.01
N LEU S 96 -14.91 9.79 -54.10
CA LEU S 96 -14.73 11.19 -54.40
C LEU S 96 -13.26 11.48 -54.65
N LEU S 97 -12.93 12.00 -55.81
CA LEU S 97 -11.56 12.32 -56.17
C LEU S 97 -11.27 13.77 -55.85
N ILE S 98 -10.22 14.01 -55.07
CA ILE S 98 -9.81 15.35 -54.68
C ILE S 98 -8.44 15.64 -55.31
N LEU S 99 -8.36 16.72 -56.06
CA LEU S 99 -7.15 17.08 -56.80
C LEU S 99 -6.68 18.47 -56.44
N SER S 100 -6.52 18.73 -55.14
CA SER S 100 -5.97 19.99 -54.66
C SER S 100 -6.82 21.17 -55.15
N ASP S 101 -8.04 21.19 -54.62
CA ASP S 101 -9.05 22.22 -54.93
C ASP S 101 -9.64 21.97 -56.32
N ARG S 102 -9.78 20.70 -56.68
CA ARG S 102 -10.61 20.29 -57.79
C ARG S 102 -11.28 18.98 -57.39
N ILE S 103 -12.59 18.93 -57.57
CA ILE S 103 -13.42 17.83 -57.07
C ILE S 103 -14.02 17.09 -58.26
N SER S 104 -13.91 15.77 -58.26
CA SER S 104 -14.57 14.95 -59.25
C SER S 104 -14.96 13.64 -58.60
N VAL S 105 -15.43 12.70 -59.40
CA VAL S 105 -15.86 11.39 -58.93
C VAL S 105 -14.99 10.34 -59.60
N THR S 106 -14.47 9.41 -58.81
CA THR S 106 -13.36 8.58 -59.24
C THR S 106 -13.74 7.61 -60.36
N PRO S 107 -14.63 6.63 -60.15
CA PRO S 107 -15.09 5.85 -61.30
C PRO S 107 -16.19 6.62 -62.00
N PHE S 108 -15.80 7.55 -62.87
CA PHE S 108 -16.66 8.67 -63.21
C PHE S 108 -18.04 8.25 -63.70
N LYS S 109 -19.05 8.94 -63.20
CA LYS S 109 -20.44 8.78 -63.60
C LYS S 109 -21.05 10.15 -63.84
N ILE S 110 -21.79 10.28 -64.94
CA ILE S 110 -22.45 11.53 -65.26
C ILE S 110 -23.43 11.87 -64.16
N GLY S 111 -23.48 13.15 -63.78
CA GLY S 111 -24.48 13.52 -62.79
C GLY S 111 -24.24 14.89 -62.20
N GLU S 112 -24.67 15.05 -60.96
CA GLU S 112 -24.49 16.31 -60.24
C GLU S 112 -23.82 16.03 -58.90
N LEU S 113 -23.13 17.04 -58.39
CA LEU S 113 -22.43 16.95 -57.12
C LEU S 113 -22.95 18.03 -56.19
N GLU S 114 -23.40 17.63 -55.01
CA GLU S 114 -23.78 18.53 -53.94
C GLU S 114 -22.77 18.31 -52.82
N VAL S 115 -21.90 19.29 -52.61
CA VAL S 115 -20.73 19.14 -51.75
C VAL S 115 -20.79 20.20 -50.67
N VAL S 116 -20.54 19.79 -49.43
CA VAL S 116 -20.42 20.72 -48.31
C VAL S 116 -18.95 20.77 -47.91
N TYR S 117 -18.42 21.98 -47.76
CA TYR S 117 -16.99 22.15 -47.58
C TYR S 117 -16.74 23.40 -46.73
N TYR S 118 -15.48 23.81 -46.64
CA TYR S 118 -15.09 24.94 -45.82
C TYR S 118 -14.19 25.90 -46.61
N THR S 119 -14.23 27.17 -46.24
CA THR S 119 -13.78 28.25 -47.10
C THR S 119 -12.99 29.27 -46.27
N TYR S 120 -12.21 30.12 -46.95
CA TYR S 120 -11.39 31.13 -46.28
C TYR S 120 -12.04 32.51 -46.36
N GLU S 121 -12.41 32.91 -47.58
CA GLU S 121 -12.55 34.30 -48.01
C GLU S 121 -11.43 35.16 -47.42
N GLU S 122 -10.21 34.83 -47.83
CA GLU S 122 -9.02 35.55 -47.42
C GLU S 122 -9.02 36.97 -47.99
N ILE S 123 -8.15 37.81 -47.43
CA ILE S 123 -8.11 39.22 -47.78
C ILE S 123 -6.84 39.51 -48.55
N ARG S 124 -6.86 40.64 -49.25
CA ARG S 124 -5.69 41.08 -50.03
C ARG S 124 -5.41 42.57 -49.90
N ASN S 125 -6.26 43.36 -49.27
CA ASN S 125 -6.06 44.79 -49.14
C ASN S 125 -6.28 45.20 -47.69
N ILE S 126 -5.59 46.28 -47.30
CA ILE S 126 -5.70 46.77 -45.93
C ILE S 126 -7.08 47.36 -45.68
N LEU S 127 -7.78 47.80 -46.72
CA LEU S 127 -9.08 48.42 -46.57
C LEU S 127 -10.23 47.42 -46.66
N GLU S 128 -9.93 46.13 -46.73
CA GLU S 128 -10.96 45.12 -46.84
C GLU S 128 -11.62 44.92 -45.48
N THR S 129 -12.49 43.93 -45.38
CA THR S 129 -13.20 43.63 -44.14
C THR S 129 -13.31 42.12 -44.00
N ILE S 130 -13.01 41.62 -42.81
CA ILE S 130 -13.08 40.19 -42.54
C ILE S 130 -14.47 39.84 -42.04
N LYS S 131 -15.16 38.96 -42.76
CA LYS S 131 -16.53 38.58 -42.42
C LYS S 131 -16.47 37.46 -41.40
N LEU S 132 -16.18 37.83 -40.16
CA LEU S 132 -16.09 36.91 -39.04
C LEU S 132 -16.73 37.58 -37.84
N PRO S 133 -17.16 36.82 -36.85
CA PRO S 133 -17.70 37.43 -35.63
C PRO S 133 -16.64 38.27 -34.95
N LYS S 134 -17.09 39.37 -34.34
CA LYS S 134 -16.15 40.27 -33.66
C LYS S 134 -15.39 39.57 -32.54
N ILE S 135 -15.97 38.52 -31.95
CA ILE S 135 -15.28 37.79 -30.90
C ILE S 135 -14.00 37.17 -31.44
N CYS S 136 -13.95 36.90 -32.74
CA CYS S 136 -12.75 36.38 -33.40
C CYS S 136 -11.67 37.40 -33.52
N LEU S 137 -11.78 38.63 -33.04
CA LEU S 137 -10.70 39.59 -33.23
C LEU S 137 -9.46 39.18 -32.46
N ASP S 138 -9.61 38.91 -31.17
CA ASP S 138 -8.44 38.64 -30.34
C ASP S 138 -7.71 37.39 -30.77
N VAL S 139 -8.43 36.39 -31.30
CA VAL S 139 -7.76 35.22 -31.82
C VAL S 139 -7.02 35.50 -33.12
N LEU S 140 -7.45 36.49 -33.89
CA LEU S 140 -6.69 36.86 -35.08
C LEU S 140 -5.42 37.62 -34.71
N VAL S 141 -5.52 38.55 -33.77
CA VAL S 141 -4.34 39.27 -33.34
C VAL S 141 -3.33 38.32 -32.72
N TYR S 142 -3.72 37.67 -31.62
CA TYR S 142 -2.79 36.85 -30.86
C TYR S 142 -2.24 35.70 -31.69
N SER S 143 -2.91 35.28 -32.75
CA SER S 143 -2.35 34.26 -33.61
C SER S 143 -1.41 34.82 -34.65
N VAL S 144 -1.72 35.99 -35.22
CA VAL S 144 -0.77 36.59 -36.16
C VAL S 144 0.40 37.19 -35.42
N LEU S 145 0.21 37.61 -34.18
CA LEU S 145 1.28 38.18 -33.39
C LEU S 145 2.33 37.15 -33.00
N CYS S 146 1.91 35.92 -32.69
CA CYS S 146 2.88 34.86 -32.46
C CYS S 146 3.64 34.50 -33.72
N ASN S 147 3.08 34.78 -34.88
CA ASN S 147 3.81 34.52 -36.12
C ASN S 147 4.90 35.55 -36.38
N LEU S 148 4.81 36.74 -35.80
CA LEU S 148 5.76 37.80 -36.05
C LEU S 148 6.75 37.98 -34.91
N LEU S 149 6.41 37.55 -33.71
CA LEU S 149 7.31 37.69 -32.57
C LEU S 149 8.59 36.90 -32.73
N GLU S 150 8.57 35.86 -33.55
CA GLU S 150 9.72 35.01 -33.74
C GLU S 150 10.67 35.52 -34.81
N ILE S 151 10.47 36.73 -35.32
CA ILE S 151 11.57 37.49 -35.94
C ILE S 151 12.56 37.87 -34.84
N PRO S 152 13.86 37.64 -35.03
CA PRO S 152 14.80 37.81 -33.92
C PRO S 152 15.12 39.25 -33.57
N ASN S 153 14.10 40.07 -33.31
CA ASN S 153 14.35 41.45 -32.93
C ASN S 153 14.97 41.55 -31.55
N ASN S 154 14.56 40.69 -30.63
CA ASN S 154 14.97 40.76 -29.24
C ASN S 154 15.42 39.39 -28.76
N GLU S 155 16.28 39.38 -27.74
CA GLU S 155 16.75 38.12 -27.21
C GLU S 155 15.71 37.41 -26.35
N THR S 156 14.67 38.13 -25.93
CA THR S 156 13.60 37.55 -25.12
C THR S 156 12.29 37.50 -25.90
N ASN S 157 12.38 37.22 -27.20
CA ASN S 157 11.18 37.16 -28.02
C ASN S 157 10.39 35.88 -27.79
N PHE S 158 11.07 34.78 -27.47
CA PHE S 158 10.36 33.51 -27.35
C PHE S 158 9.57 33.39 -26.06
N SER S 159 10.05 33.97 -24.97
CA SER S 159 9.23 34.01 -23.77
C SER S 159 7.98 34.85 -24.00
N VAL S 160 8.12 35.95 -24.72
CA VAL S 160 6.96 36.77 -25.07
C VAL S 160 6.00 35.98 -25.94
N LEU S 161 6.55 35.19 -26.87
CA LEU S 161 5.73 34.32 -27.69
C LEU S 161 4.99 33.31 -26.82
N ALA S 162 5.67 32.76 -25.82
CA ALA S 162 5.01 31.82 -24.92
C ALA S 162 3.86 32.46 -24.16
N ASN S 163 4.04 33.69 -23.69
CA ASN S 163 2.93 34.38 -23.03
C ASN S 163 1.76 34.59 -24.00
N TYR S 164 2.08 35.01 -25.22
CA TYR S 164 1.02 35.22 -26.19
C TYR S 164 0.34 33.93 -26.58
N LYS S 165 1.01 32.78 -26.45
CA LYS S 165 0.35 31.51 -26.69
C LYS S 165 -0.76 31.26 -25.67
N GLN S 166 -0.49 31.52 -24.39
CA GLN S 166 -1.54 31.37 -23.39
C GLN S 166 -2.67 32.35 -23.62
N LEU S 167 -2.32 33.59 -23.99
CA LEU S 167 -3.38 34.55 -24.30
C LEU S 167 -4.23 34.07 -25.47
N LEU S 168 -3.58 33.48 -26.48
CA LEU S 168 -4.32 32.92 -27.61
C LEU S 168 -5.21 31.77 -27.19
N LYS S 169 -4.73 30.94 -26.26
CA LYS S 169 -5.56 29.83 -25.78
C LYS S 169 -6.81 30.36 -25.10
N LEU S 170 -6.68 31.41 -24.29
CA LEU S 170 -7.87 31.99 -23.68
C LEU S 170 -8.81 32.58 -24.73
N ALA S 171 -8.25 33.24 -25.75
CA ALA S 171 -9.09 33.78 -26.82
C ALA S 171 -9.84 32.67 -27.53
N LYS S 172 -9.19 31.55 -27.79
CA LYS S 172 -9.87 30.42 -28.41
C LYS S 172 -10.96 29.86 -27.50
N ASP S 173 -10.73 29.86 -26.20
CA ASP S 173 -11.78 29.44 -25.29
C ASP S 173 -13.01 30.34 -25.41
N ASN S 174 -12.78 31.65 -25.47
CA ASN S 174 -13.89 32.57 -25.67
C ASN S 174 -14.61 32.29 -26.97
N LEU S 175 -13.85 32.04 -28.04
CA LEU S 175 -14.46 31.77 -29.33
C LEU S 175 -15.29 30.50 -29.30
N THR S 176 -14.80 29.45 -28.63
CA THR S 176 -15.58 28.23 -28.48
C THR S 176 -16.85 28.47 -27.70
N ASN S 177 -16.77 29.30 -26.65
CA ASN S 177 -17.97 29.68 -25.93
C ASN S 177 -18.99 30.30 -26.87
N TYR S 178 -18.55 31.25 -27.69
CA TYR S 178 -19.45 31.91 -28.61
C TYR S 178 -20.06 30.92 -29.60
N LEU S 179 -19.23 30.06 -30.17
CA LEU S 179 -19.73 29.12 -31.18
C LEU S 179 -20.75 28.16 -30.58
N SER S 180 -20.50 27.67 -29.38
CA SER S 180 -21.47 26.81 -28.73
C SER S 180 -22.77 27.55 -28.46
N LEU S 181 -22.69 28.82 -28.05
CA LEU S 181 -23.92 29.55 -27.80
C LEU S 181 -24.70 29.81 -29.10
N MET S 182 -24.01 29.99 -30.22
CA MET S 182 -24.69 30.20 -31.49
C MET S 182 -25.24 28.93 -32.10
N TYR S 183 -24.35 28.02 -32.51
CA TYR S 183 -24.70 26.98 -33.45
C TYR S 183 -24.89 25.62 -32.80
N SER S 184 -25.20 25.60 -31.51
CA SER S 184 -25.37 24.34 -30.80
C SER S 184 -26.72 24.34 -30.11
N LYS S 185 -27.21 23.15 -29.86
CA LYS S 185 -28.49 22.98 -29.18
C LYS S 185 -28.43 23.50 -27.75
N ASN S 186 -29.55 24.02 -27.28
CA ASN S 186 -29.69 24.41 -25.88
C ASN S 186 -30.34 23.24 -25.16
N ILE S 187 -29.51 22.30 -24.72
CA ILE S 187 -29.99 21.10 -24.05
C ILE S 187 -29.37 21.05 -22.66
N HIS S 188 -30.05 20.35 -21.76
CA HIS S 188 -29.55 20.18 -20.41
C HIS S 188 -29.51 18.73 -19.94
N PHE S 189 -29.99 17.79 -20.75
CA PHE S 189 -29.94 16.38 -20.39
C PHE S 189 -29.62 15.55 -21.63
N SER S 190 -29.00 14.41 -21.41
CA SER S 190 -28.70 13.48 -22.48
C SER S 190 -29.89 12.57 -22.74
N LYS S 191 -29.83 11.85 -23.85
CA LYS S 191 -30.84 10.87 -24.20
C LYS S 191 -30.34 9.47 -23.90
N VAL S 192 -31.28 8.58 -23.57
CA VAL S 192 -30.93 7.21 -23.25
C VAL S 192 -30.54 6.49 -24.53
N VAL S 193 -29.54 5.60 -24.42
CA VAL S 193 -29.10 4.83 -25.58
C VAL S 193 -30.22 3.86 -25.99
N ARG S 194 -30.53 3.86 -27.27
CA ARG S 194 -31.59 3.04 -27.83
C ARG S 194 -30.99 2.05 -28.82
N VAL S 195 -30.89 0.79 -28.41
CA VAL S 195 -30.36 -0.24 -29.29
C VAL S 195 -31.37 -1.35 -29.45
N MET T 1 -26.17 51.53 -13.88
CA MET T 1 -25.56 52.12 -15.06
C MET T 1 -24.17 52.66 -14.75
N ILE T 2 -23.23 52.40 -15.64
CA ILE T 2 -21.86 52.85 -15.49
C ILE T 2 -21.56 53.89 -16.55
N GLU T 3 -21.03 55.03 -16.13
CA GLU T 3 -20.57 56.03 -17.07
C GLU T 3 -19.22 55.62 -17.65
N VAL T 4 -19.01 55.95 -18.92
CA VAL T 4 -17.73 55.62 -19.54
C VAL T 4 -16.61 56.45 -18.95
N SER T 5 -16.93 57.64 -18.43
CA SER T 5 -15.90 58.51 -17.91
C SER T 5 -15.15 57.85 -16.77
N GLU T 6 -15.86 57.19 -15.86
CA GLU T 6 -15.22 56.58 -14.71
C GLU T 6 -14.40 55.35 -15.07
N VAL T 7 -14.86 54.53 -16.03
CA VAL T 7 -14.04 53.45 -16.52
C VAL T 7 -12.76 53.99 -17.13
N ILE T 8 -12.89 55.01 -17.96
CA ILE T 8 -11.73 55.58 -18.64
C ILE T 8 -10.76 56.16 -17.62
N ALA T 9 -11.27 56.85 -16.62
CA ALA T 9 -10.40 57.45 -15.61
C ALA T 9 -9.63 56.39 -14.85
N LYS T 10 -10.29 55.30 -14.46
CA LYS T 10 -9.59 54.25 -13.73
C LYS T 10 -8.53 53.60 -14.60
N VAL T 11 -8.83 53.36 -15.87
CA VAL T 11 -7.83 52.77 -16.75
C VAL T 11 -6.64 53.73 -16.93
N ARG T 12 -6.92 55.01 -17.12
CA ARG T 12 -5.83 55.97 -17.27
C ARG T 12 -4.97 56.01 -16.02
N GLU T 13 -5.59 56.00 -14.84
CA GLU T 13 -4.81 56.02 -13.61
C GLU T 13 -3.95 54.78 -13.49
N ARG T 14 -4.52 53.63 -13.83
CA ARG T 14 -3.81 52.36 -13.68
C ARG T 14 -2.65 52.21 -14.66
N LEU T 15 -2.72 52.89 -15.80
CA LEU T 15 -1.69 52.79 -16.82
C LEU T 15 -0.64 53.86 -16.66
N ASN T 16 -0.69 54.62 -15.56
CA ASN T 16 0.21 55.75 -15.33
C ASN T 16 0.12 56.73 -16.48
N ASP T 17 -1.09 56.88 -17.02
CA ASP T 17 -1.36 57.79 -18.13
C ASP T 17 -2.53 58.69 -17.80
N ASN T 18 -2.56 59.23 -16.59
CA ASN T 18 -3.61 60.16 -16.18
C ASN T 18 -3.19 61.60 -16.43
N GLU T 19 -2.74 61.89 -17.64
CA GLU T 19 -2.28 63.22 -18.02
C GLU T 19 -3.17 63.74 -19.14
N VAL T 20 -3.83 64.87 -18.88
CA VAL T 20 -4.79 65.39 -19.86
C VAL T 20 -4.10 65.78 -21.15
N GLY T 21 -2.95 66.43 -21.05
CA GLY T 21 -2.25 66.90 -22.23
C GLY T 21 -1.70 65.81 -23.12
N ASN T 22 -1.08 64.79 -22.52
CA ASN T 22 -0.32 63.84 -23.32
C ASN T 22 -1.22 62.80 -23.96
N TYR T 23 -1.92 61.98 -23.16
CA TYR T 23 -2.78 60.92 -23.66
C TYR T 23 -2.02 60.01 -24.63
N GLU T 24 -1.06 59.27 -24.07
CA GLU T 24 -0.29 58.35 -24.89
C GLU T 24 -1.18 57.31 -25.55
N ILE T 25 -2.30 56.96 -24.93
CA ILE T 25 -3.28 56.05 -25.50
C ILE T 25 -4.47 56.88 -25.97
N LEU T 26 -4.74 56.82 -27.27
CA LEU T 26 -5.83 57.61 -27.83
C LEU T 26 -7.18 57.10 -27.34
N ASP T 27 -8.12 58.03 -27.20
CA ASP T 27 -9.44 57.66 -26.70
C ASP T 27 -10.19 56.73 -27.66
N SER T 28 -9.87 56.77 -28.95
CA SER T 28 -10.44 55.79 -29.86
C SER T 28 -10.00 54.39 -29.50
N VAL T 29 -8.72 54.23 -29.14
CA VAL T 29 -8.23 52.93 -28.73
C VAL T 29 -8.95 52.46 -27.48
N LEU T 30 -9.13 53.35 -26.51
CA LEU T 30 -9.83 52.96 -25.29
C LEU T 30 -11.28 52.59 -25.56
N VAL T 31 -11.96 53.34 -26.42
CA VAL T 31 -13.35 52.99 -26.67
C VAL T 31 -13.45 51.67 -27.41
N GLU T 32 -12.53 51.39 -28.34
CA GLU T 32 -12.54 50.09 -29.00
C GLU T 32 -12.27 48.97 -28.01
N ASN T 33 -11.31 49.16 -27.11
CA ASN T 33 -11.00 48.14 -26.13
C ASN T 33 -12.16 47.93 -25.16
N ILE T 34 -12.88 49.01 -24.83
CA ILE T 34 -14.06 48.87 -23.99
C ILE T 34 -15.15 48.11 -24.71
N ASN T 35 -15.28 48.33 -26.03
CA ASN T 35 -16.22 47.53 -26.79
C ASN T 35 -15.83 46.06 -26.75
N GLN T 36 -14.54 45.76 -26.87
CA GLN T 36 -14.09 44.38 -26.78
C GLN T 36 -14.41 43.79 -25.41
N ALA T 37 -14.18 44.56 -24.36
CA ALA T 37 -14.47 44.09 -23.01
C ALA T 37 -15.95 43.83 -22.82
N LEU T 38 -16.80 44.71 -23.35
CA LEU T 38 -18.24 44.48 -23.27
C LEU T 38 -18.63 43.22 -24.02
N LEU T 39 -18.06 43.01 -25.20
CA LEU T 39 -18.21 41.74 -25.91
C LEU T 39 -17.94 40.56 -25.01
N LYS T 40 -16.73 40.47 -24.47
CA LYS T 40 -16.36 39.30 -23.69
C LYS T 40 -17.22 39.15 -22.45
N ILE T 41 -17.51 40.25 -21.76
CA ILE T 41 -18.30 40.17 -20.54
C ILE T 41 -19.72 39.72 -20.82
N CYS T 42 -20.36 40.30 -21.83
CA CYS T 42 -21.73 39.92 -22.15
C CYS T 42 -21.81 38.52 -22.73
N LEU T 43 -20.77 38.06 -23.40
CA LEU T 43 -20.79 36.68 -23.88
C LEU T 43 -20.65 35.69 -22.75
N GLU T 44 -19.66 35.90 -21.86
CA GLU T 44 -19.36 34.89 -20.88
C GLU T 44 -20.49 34.76 -19.85
N PHE T 45 -21.08 35.88 -19.45
CA PHE T 45 -22.06 35.86 -18.38
C PHE T 45 -23.50 35.88 -18.88
N ARG T 46 -23.72 36.00 -20.18
CA ARG T 46 -25.06 36.05 -20.75
C ARG T 46 -25.90 37.15 -20.08
N LEU T 47 -25.29 38.32 -19.99
CA LEU T 47 -25.89 39.41 -19.23
C LEU T 47 -27.19 39.90 -19.84
N LYS T 48 -27.22 40.09 -21.15
CA LYS T 48 -28.35 40.75 -21.80
C LYS T 48 -29.12 39.76 -22.64
N LYS T 49 -30.36 39.49 -22.24
CA LYS T 49 -31.28 38.69 -23.03
C LYS T 49 -32.25 39.61 -23.72
N ALA T 50 -32.44 39.39 -25.02
CA ALA T 50 -33.35 40.20 -25.82
C ALA T 50 -34.30 39.28 -26.54
N ILE T 51 -35.52 39.77 -26.76
CA ILE T 51 -36.56 39.03 -27.44
C ILE T 51 -36.99 39.82 -28.66
N THR T 52 -37.01 39.17 -29.82
CA THR T 52 -37.45 39.80 -31.05
C THR T 52 -38.53 38.94 -31.68
N ARG T 53 -39.65 39.55 -32.04
CA ARG T 53 -40.81 38.83 -32.53
C ARG T 53 -41.22 39.48 -33.84
N SER T 54 -40.68 38.99 -34.94
CA SER T 54 -40.93 39.58 -36.24
C SER T 54 -41.61 38.56 -37.14
N LEU T 55 -41.80 38.93 -38.40
CA LEU T 55 -42.49 38.10 -39.36
C LEU T 55 -41.63 37.97 -40.61
N ILE T 56 -41.53 36.75 -41.13
CA ILE T 56 -40.79 36.49 -42.35
C ILE T 56 -41.73 35.95 -43.40
N THR T 57 -41.67 36.54 -44.60
CA THR T 57 -42.49 36.13 -45.73
C THR T 57 -41.60 35.95 -46.95
N GLU T 58 -42.20 35.70 -48.10
CA GLU T 58 -41.41 35.49 -49.31
C GLU T 58 -40.73 36.76 -49.80
N GLU T 59 -41.25 37.94 -49.43
CA GLU T 59 -40.63 39.18 -49.86
C GLU T 59 -39.29 39.38 -49.17
N GLU T 60 -39.30 39.51 -47.85
CA GLU T 60 -38.08 39.58 -47.05
C GLU T 60 -37.97 38.29 -46.26
N ARG T 61 -36.87 37.59 -46.44
CA ARG T 61 -36.71 36.25 -45.88
C ARG T 61 -35.83 36.22 -44.65
N PHE T 62 -35.11 37.28 -44.35
CA PHE T 62 -34.16 37.28 -43.26
C PHE T 62 -34.54 38.30 -42.19
N LEU T 63 -34.15 38.00 -40.96
CA LEU T 63 -34.42 38.85 -39.80
C LEU T 63 -33.07 39.39 -39.33
N THR T 64 -32.86 40.69 -39.51
CA THR T 64 -31.58 41.28 -39.14
C THR T 64 -31.60 41.63 -37.67
N LEU T 65 -30.79 40.94 -36.89
CA LEU T 65 -30.62 41.23 -35.47
C LEU T 65 -29.51 42.26 -35.32
N ASN T 66 -29.03 42.45 -34.09
CA ASN T 66 -27.92 43.37 -33.89
C ASN T 66 -27.08 42.90 -32.71
N ASN T 67 -25.77 42.86 -32.91
CA ASN T 67 -24.82 42.50 -31.87
C ASN T 67 -25.19 41.14 -31.28
N LEU T 68 -25.29 40.16 -32.16
CA LEU T 68 -25.75 38.83 -31.77
C LEU T 68 -24.62 38.08 -31.07
N LEU T 69 -24.96 37.41 -29.98
CA LEU T 69 -24.05 36.50 -29.28
C LEU T 69 -24.50 35.07 -29.27
N GLY T 70 -25.80 34.81 -29.19
CA GLY T 70 -26.27 33.45 -29.11
C GLY T 70 -27.77 33.39 -29.10
N ILE T 71 -28.33 32.31 -29.60
CA ILE T 71 -29.77 32.10 -29.63
C ILE T 71 -30.09 30.97 -28.67
N GLU T 72 -31.05 31.21 -27.77
CA GLU T 72 -31.40 30.19 -26.81
C GLU T 72 -32.82 29.66 -26.97
N SER T 73 -33.65 30.28 -27.80
CA SER T 73 -35.00 29.78 -28.02
C SER T 73 -35.55 30.41 -29.29
N VAL T 74 -36.12 29.57 -30.17
CA VAL T 74 -36.74 30.02 -31.40
C VAL T 74 -38.12 29.39 -31.51
N LYS T 75 -39.12 30.21 -31.79
CA LYS T 75 -40.47 29.75 -32.04
C LYS T 75 -40.91 30.24 -33.41
N LEU T 76 -41.60 29.38 -34.15
CA LEU T 76 -42.20 29.76 -35.42
C LEU T 76 -43.68 29.39 -35.33
N ASP T 77 -44.53 30.41 -35.21
CA ASP T 77 -45.96 30.21 -34.98
C ASP T 77 -46.18 29.33 -33.76
N LYS T 78 -45.47 29.66 -32.68
CA LYS T 78 -45.54 28.92 -31.42
C LYS T 78 -45.16 27.45 -31.63
N LYS T 79 -44.24 27.21 -32.56
CA LYS T 79 -43.69 25.88 -32.77
C LYS T 79 -42.18 25.96 -32.56
N GLU T 80 -41.66 25.03 -31.76
CA GLU T 80 -40.24 25.03 -31.46
C GLU T 80 -39.42 24.74 -32.71
N ILE T 81 -38.39 25.54 -32.93
CA ILE T 81 -37.38 25.28 -33.95
C ILE T 81 -36.23 24.59 -33.25
N GLU T 82 -35.78 23.47 -33.81
CA GLU T 82 -34.90 22.58 -33.09
C GLU T 82 -33.43 22.79 -33.40
N SER T 83 -33.01 22.60 -34.63
CA SER T 83 -31.59 22.61 -34.97
C SER T 83 -31.19 23.95 -35.57
N ARG T 84 -29.89 24.22 -35.52
CA ARG T 84 -29.31 25.44 -36.08
C ARG T 84 -28.28 25.08 -37.14
N ASN T 85 -28.21 25.89 -38.19
CA ASN T 85 -27.35 25.59 -39.31
C ASN T 85 -27.04 26.89 -40.04
N THR T 86 -26.01 26.84 -40.89
CA THR T 86 -25.58 28.00 -41.67
C THR T 86 -25.40 27.65 -43.14
N ILE T 87 -26.06 26.59 -43.62
CA ILE T 87 -25.74 26.01 -44.92
C ILE T 87 -26.88 26.10 -45.92
N GLU T 88 -28.09 26.51 -45.50
CA GLU T 88 -29.23 26.61 -46.40
C GLU T 88 -29.56 25.24 -47.01
N LYS T 89 -29.92 24.32 -46.14
CA LYS T 89 -30.40 23.01 -46.56
C LYS T 89 -31.69 23.15 -47.35
N ASP T 90 -31.81 22.36 -48.41
CA ASP T 90 -32.94 22.48 -49.34
C ASP T 90 -34.23 21.97 -48.71
N THR T 91 -34.21 20.80 -48.10
CA THR T 91 -35.43 20.22 -47.54
C THR T 91 -35.06 19.27 -46.41
N GLY T 92 -36.06 18.94 -45.59
CA GLY T 92 -35.85 18.06 -44.46
C GLY T 92 -36.49 18.59 -43.20
N GLU T 93 -35.85 18.36 -42.06
CA GLU T 93 -36.34 18.93 -40.81
C GLU T 93 -36.21 20.44 -40.84
N LEU T 94 -36.98 21.10 -39.99
CA LEU T 94 -37.09 22.55 -40.04
C LEU T 94 -36.02 23.16 -39.13
N GLU T 95 -35.04 23.84 -39.71
CA GLU T 95 -33.89 24.33 -38.98
C GLU T 95 -33.77 25.84 -39.09
N LEU T 96 -33.02 26.41 -38.15
CA LEU T 96 -32.79 27.85 -38.09
C LEU T 96 -31.50 28.19 -38.80
N LEU T 97 -31.58 29.06 -39.80
CA LEU T 97 -30.41 29.46 -40.57
C LEU T 97 -29.84 30.75 -40.00
N ILE T 98 -28.54 30.71 -39.68
CA ILE T 98 -27.84 31.86 -39.13
C ILE T 98 -26.80 32.32 -40.14
N LEU T 99 -26.86 33.59 -40.51
CA LEU T 99 -26.00 34.17 -41.55
C LEU T 99 -25.25 35.36 -41.02
N SER T 100 -24.57 35.20 -39.89
CA SER T 100 -23.71 36.24 -39.33
C SER T 100 -24.52 37.52 -39.07
N ASP T 101 -25.44 37.38 -38.12
CA ASP T 101 -26.34 38.45 -37.68
C ASP T 101 -27.44 38.66 -38.72
N ARG T 102 -27.87 37.57 -39.33
CA ARG T 102 -29.11 37.53 -40.09
C ARG T 102 -29.75 36.17 -39.84
N ILE T 103 -31.03 36.18 -39.48
CA ILE T 103 -31.74 34.99 -39.04
C ILE T 103 -32.83 34.67 -40.03
N SER T 104 -32.90 33.41 -40.45
CA SER T 104 -34.00 32.94 -41.28
C SER T 104 -34.28 31.50 -40.93
N VAL T 105 -35.14 30.87 -41.71
CA VAL T 105 -35.52 29.48 -41.51
C VAL T 105 -35.13 28.68 -42.74
N THR T 106 -34.47 27.54 -42.52
CA THR T 106 -33.73 26.89 -43.59
C THR T 106 -34.63 26.32 -44.69
N PRO T 107 -35.49 25.33 -44.43
CA PRO T 107 -36.45 24.96 -45.47
C PRO T 107 -37.62 25.92 -45.40
N PHE T 108 -37.48 27.07 -46.05
CA PHE T 108 -38.25 28.25 -45.68
C PHE T 108 -39.76 28.02 -45.67
N LYS T 109 -40.40 28.52 -44.63
CA LYS T 109 -41.85 28.48 -44.46
C LYS T 109 -42.32 29.86 -44.02
N ILE T 110 -43.40 30.34 -44.65
CA ILE T 110 -43.96 31.63 -44.30
C ILE T 110 -44.38 31.62 -42.84
N GLY T 111 -44.12 32.71 -42.13
CA GLY T 111 -44.61 32.75 -40.76
C GLY T 111 -43.98 33.87 -39.96
N GLU T 112 -43.88 33.64 -38.66
CA GLU T 112 -43.27 34.59 -37.74
C GLU T 112 -42.19 33.90 -36.93
N LEU T 113 -41.22 34.70 -36.47
CA LEU T 113 -40.10 34.21 -35.68
C LEU T 113 -40.09 34.94 -34.35
N GLU T 114 -40.11 34.19 -33.26
CA GLU T 114 -39.92 34.71 -31.92
C GLU T 114 -38.60 34.14 -31.43
N VAL T 115 -37.59 35.00 -31.31
CA VAL T 115 -36.22 34.59 -31.08
C VAL T 115 -35.72 35.25 -29.81
N VAL T 116 -35.07 34.47 -28.95
CA VAL T 116 -34.41 35.00 -27.76
C VAL T 116 -32.90 34.91 -27.99
N TYR T 117 -32.20 36.01 -27.73
CA TYR T 117 -30.80 36.11 -28.09
C TYR T 117 -30.09 37.03 -27.11
N TYR T 118 -28.85 37.38 -27.42
CA TYR T 118 -28.02 38.18 -26.54
C TYR T 118 -27.38 39.33 -27.31
N THR T 119 -27.11 40.44 -26.61
CA THR T 119 -26.88 41.73 -27.24
C THR T 119 -25.71 42.43 -26.54
N TYR T 120 -25.15 43.45 -27.20
CA TYR T 120 -24.01 44.20 -26.67
C TYR T 120 -24.44 45.53 -26.08
N GLU T 121 -25.20 46.29 -26.87
CA GLU T 121 -25.31 47.75 -26.79
C GLU T 121 -23.94 48.37 -26.49
N GLU T 122 -23.03 48.19 -27.43
CA GLU T 122 -21.69 48.74 -27.34
C GLU T 122 -21.72 50.26 -27.43
N ILE T 123 -20.60 50.88 -27.06
CA ILE T 123 -20.51 52.32 -26.96
C ILE T 123 -19.60 52.84 -28.07
N ARG T 124 -19.74 54.14 -28.35
CA ARG T 124 -18.92 54.80 -29.36
C ARG T 124 -18.41 56.16 -28.95
N ASN T 125 -18.85 56.71 -27.83
CA ASN T 125 -18.43 58.03 -27.38
C ASN T 125 -18.01 57.97 -25.92
N ILE T 126 -17.09 58.86 -25.55
CA ILE T 126 -16.61 58.90 -24.18
C ILE T 126 -17.69 59.38 -23.22
N LEU T 127 -18.68 60.13 -23.73
CA LEU T 127 -19.72 60.68 -22.88
C LEU T 127 -20.94 59.77 -22.79
N GLU T 128 -20.86 58.56 -23.34
CA GLU T 128 -21.98 57.65 -23.31
C GLU T 128 -22.09 57.03 -21.92
N THR T 129 -22.98 56.06 -21.77
CA THR T 129 -23.20 55.39 -20.49
C THR T 129 -23.43 53.91 -20.76
N ILE T 130 -22.78 53.06 -19.98
CA ILE T 130 -22.92 51.62 -20.14
C ILE T 130 -24.05 51.14 -19.24
N LYS T 131 -25.08 50.53 -19.84
CA LYS T 131 -26.25 50.07 -19.10
C LYS T 131 -25.95 48.68 -18.55
N LEU T 132 -25.16 48.64 -17.49
CA LEU T 132 -24.77 47.42 -16.82
C LEU T 132 -24.80 47.68 -15.32
N PRO T 133 -24.92 46.64 -14.51
CA PRO T 133 -24.87 46.84 -13.06
C PRO T 133 -23.53 47.42 -12.65
N LYS T 134 -23.56 48.28 -11.62
CA LYS T 134 -22.33 48.90 -11.17
C LYS T 134 -21.29 47.88 -10.70
N ILE T 135 -21.74 46.72 -10.25
CA ILE T 135 -20.80 45.68 -9.82
C ILE T 135 -19.93 45.25 -10.99
N CYS T 136 -20.41 45.41 -12.21
CA CYS T 136 -19.63 45.11 -13.41
C CYS T 136 -18.55 46.11 -13.67
N LEU T 137 -18.31 47.13 -12.85
CA LEU T 137 -17.27 48.10 -13.19
C LEU T 137 -15.89 47.47 -13.13
N ASP T 138 -15.58 46.80 -12.03
CA ASP T 138 -14.22 46.27 -11.85
C ASP T 138 -13.89 45.21 -12.89
N VAL T 139 -14.88 44.45 -13.34
CA VAL T 139 -14.62 43.49 -14.40
C VAL T 139 -14.40 44.17 -15.74
N LEU T 140 -14.97 45.36 -15.96
CA LEU T 140 -14.67 46.08 -17.19
C LEU T 140 -13.27 46.67 -17.17
N VAL T 141 -12.88 47.26 -16.05
CA VAL T 141 -11.53 47.81 -15.94
C VAL T 141 -10.50 46.69 -16.08
N TYR T 142 -10.52 45.74 -15.15
CA TYR T 142 -9.49 44.71 -15.11
C TYR T 142 -9.45 43.88 -16.38
N SER T 143 -10.53 43.83 -17.15
CA SER T 143 -10.48 43.12 -18.42
C SER T 143 -9.94 43.97 -19.54
N VAL T 144 -10.29 45.27 -19.58
CA VAL T 144 -9.71 46.13 -20.60
C VAL T 144 -8.27 46.46 -20.27
N LEU T 145 -7.92 46.46 -18.99
CA LEU T 145 -6.56 46.75 -18.57
C LEU T 145 -5.59 45.65 -18.95
N CYS T 146 -6.01 44.39 -18.87
CA CYS T 146 -5.18 43.31 -19.35
C CYS T 146 -5.00 43.36 -20.86
N ASN T 147 -5.93 43.99 -21.57
CA ASN T 147 -5.77 44.13 -23.01
C ASN T 147 -4.74 45.18 -23.39
N LEU T 148 -4.45 46.13 -22.51
CA LEU T 148 -3.53 47.21 -22.80
C LEU T 148 -2.17 47.02 -22.17
N LEU T 149 -2.07 46.23 -21.09
CA LEU T 149 -0.80 46.01 -20.44
C LEU T 149 0.21 45.30 -21.32
N GLU T 150 -0.26 44.57 -22.31
CA GLU T 150 0.61 43.81 -23.19
C GLU T 150 1.13 44.63 -24.37
N ILE T 151 0.92 45.94 -24.38
CA ILE T 151 1.79 46.85 -25.13
C ILE T 151 3.17 46.86 -24.48
N PRO T 152 4.25 46.70 -25.23
CA PRO T 152 5.56 46.51 -24.60
C PRO T 152 6.17 47.77 -24.01
N ASN T 153 5.44 48.46 -23.14
CA ASN T 153 6.00 49.66 -22.52
C ASN T 153 7.11 49.31 -21.54
N ASN T 154 6.98 48.20 -20.82
CA ASN T 154 7.90 47.83 -19.76
C ASN T 154 8.30 46.38 -19.92
N GLU T 155 9.47 46.04 -19.38
CA GLU T 155 9.95 44.67 -19.48
C GLU T 155 9.23 43.74 -18.51
N THR T 156 8.53 44.28 -17.52
CA THR T 156 7.78 43.49 -16.55
C THR T 156 6.29 43.70 -16.71
N ASN T 157 5.83 43.84 -17.95
CA ASN T 157 4.41 44.04 -18.19
C ASN T 157 3.62 42.76 -18.05
N PHE T 158 4.21 41.61 -18.36
CA PHE T 158 3.44 40.38 -18.34
C PHE T 158 3.19 39.86 -16.93
N SER T 159 4.13 40.06 -16.01
CA SER T 159 3.83 39.73 -14.62
C SER T 159 2.72 40.60 -14.08
N VAL T 160 2.72 41.88 -14.44
CA VAL T 160 1.63 42.76 -14.03
C VAL T 160 0.32 42.29 -14.64
N LEU T 161 0.37 41.83 -15.89
CA LEU T 161 -0.82 41.27 -16.52
C LEU T 161 -1.30 40.05 -15.76
N ALA T 162 -0.37 39.21 -15.32
CA ALA T 162 -0.75 38.02 -14.55
C ALA T 162 -1.43 38.40 -13.24
N ASN T 163 -0.92 39.42 -12.54
CA ASN T 163 -1.59 39.88 -11.34
C ASN T 163 -2.99 40.39 -11.64
N TYR T 164 -3.13 41.17 -12.71
CA TYR T 164 -4.44 41.68 -13.06
C TYR T 164 -5.38 40.57 -13.50
N LYS T 165 -4.85 39.44 -13.98
CA LYS T 165 -5.73 38.31 -14.29
C LYS T 165 -6.38 37.76 -13.03
N GLN T 166 -5.61 37.61 -11.94
CA GLN T 166 -6.22 37.15 -10.70
C GLN T 166 -7.21 38.17 -10.16
N LEU T 167 -6.86 39.45 -10.26
CA LEU T 167 -7.82 40.46 -9.83
C LEU T 167 -9.11 40.38 -10.64
N LEU T 168 -8.98 40.13 -11.94
CA LEU T 168 -10.16 39.97 -12.79
C LEU T 168 -10.97 38.75 -12.40
N LYS T 169 -10.29 37.67 -12.02
CA LYS T 169 -11.00 36.48 -11.59
C LYS T 169 -11.83 36.76 -10.35
N LEU T 170 -11.25 37.49 -9.39
CA LEU T 170 -12.03 37.86 -8.21
C LEU T 170 -13.21 38.76 -8.58
N ALA T 171 -13.00 39.69 -9.49
CA ALA T 171 -14.10 40.55 -9.93
C ALA T 171 -15.23 39.74 -10.57
N LYS T 172 -14.86 38.74 -11.38
CA LYS T 172 -15.87 37.87 -11.96
C LYS T 172 -16.59 37.06 -10.91
N ASP T 173 -15.89 36.64 -9.85
CA ASP T 173 -16.56 35.96 -8.75
C ASP T 173 -17.60 36.86 -8.11
N ASN T 174 -17.25 38.13 -7.88
CA ASN T 174 -18.22 39.07 -7.34
C ASN T 174 -19.42 39.22 -8.27
N LEU T 175 -19.16 39.31 -9.56
CA LEU T 175 -20.25 39.46 -10.51
C LEU T 175 -21.16 38.25 -10.52
N THR T 176 -20.59 37.05 -10.43
CA THR T 176 -21.41 35.85 -10.35
C THR T 176 -22.24 35.85 -9.08
N ASN T 177 -21.66 36.28 -7.96
CA ASN T 177 -22.44 36.42 -6.75
C ASN T 177 -23.65 37.31 -6.97
N TYR T 178 -23.43 38.47 -7.59
CA TYR T 178 -24.53 39.40 -7.84
C TYR T 178 -25.59 38.78 -8.73
N LEU T 179 -25.16 38.13 -9.82
CA LEU T 179 -26.13 37.56 -10.75
C LEU T 179 -26.95 36.46 -10.11
N SER T 180 -26.32 35.61 -9.30
CA SER T 180 -27.08 34.60 -8.58
C SER T 180 -28.08 35.23 -7.62
N LEU T 181 -27.67 36.29 -6.93
CA LEU T 181 -28.61 36.92 -6.01
C LEU T 181 -29.78 37.58 -6.73
N MET T 182 -29.55 38.09 -7.94
CA MET T 182 -30.63 38.71 -8.71
C MET T 182 -31.54 37.69 -9.38
N TYR T 183 -31.01 36.96 -10.36
CA TYR T 183 -31.82 36.27 -11.34
C TYR T 183 -31.92 34.77 -11.08
N SER T 184 -31.71 34.35 -9.84
CA SER T 184 -31.78 32.94 -9.51
C SER T 184 -32.74 32.72 -8.36
N LYS T 185 -33.25 31.51 -8.30
CA LYS T 185 -34.18 31.15 -7.23
C LYS T 185 -33.51 31.18 -5.88
N ASN T 186 -34.28 31.55 -4.86
CA ASN T 186 -33.82 31.46 -3.47
C ASN T 186 -34.30 30.13 -2.92
N ILE T 187 -33.50 29.10 -3.14
CA ILE T 187 -33.83 27.75 -2.70
C ILE T 187 -32.75 27.26 -1.77
N HIS T 188 -33.12 26.31 -0.92
CA HIS T 188 -32.16 25.73 0.00
C HIS T 188 -32.14 24.21 -0.03
N PHE T 189 -33.02 23.56 -0.79
CA PHE T 189 -33.01 22.11 -0.91
C PHE T 189 -33.30 21.72 -2.35
N SER T 190 -32.80 20.55 -2.74
CA SER T 190 -33.07 20.02 -4.06
C SER T 190 -34.37 19.24 -4.07
N LYS T 191 -34.83 18.90 -5.26
CA LYS T 191 -36.02 18.09 -5.44
C LYS T 191 -35.63 16.67 -5.77
N VAL T 192 -36.48 15.72 -5.36
CA VAL T 192 -36.22 14.32 -5.63
C VAL T 192 -36.44 14.03 -7.10
N VAL T 193 -35.61 13.15 -7.66
CA VAL T 193 -35.76 12.78 -9.07
C VAL T 193 -37.06 12.00 -9.25
N ARG T 194 -37.83 12.40 -10.24
CA ARG T 194 -39.13 11.81 -10.53
C ARG T 194 -39.08 11.18 -11.91
N VAL T 195 -39.00 9.85 -11.97
CA VAL T 195 -38.98 9.15 -13.24
C VAL T 195 -40.12 8.16 -13.28
N MET U 1 -22.46 53.40 13.30
CA MET U 1 -22.27 54.33 12.20
C MET U 1 -20.82 54.74 12.06
N ILE U 2 -20.33 54.78 10.83
CA ILE U 2 -18.96 55.15 10.53
C ILE U 2 -18.94 56.47 9.78
N GLU U 3 -18.15 57.42 10.27
CA GLU U 3 -17.96 58.66 9.56
C GLU U 3 -17.00 58.45 8.39
N VAL U 4 -17.25 59.16 7.29
CA VAL U 4 -16.36 59.03 6.14
C VAL U 4 -15.01 59.63 6.44
N SER U 5 -14.95 60.60 7.36
CA SER U 5 -13.69 61.26 7.65
C SER U 5 -12.65 60.27 8.15
N GLU U 6 -13.05 59.35 9.04
CA GLU U 6 -12.08 58.41 9.60
C GLU U 6 -11.64 57.35 8.60
N VAL U 7 -12.54 56.89 7.73
CA VAL U 7 -12.11 56.00 6.65
C VAL U 7 -11.10 56.70 5.76
N ILE U 8 -11.41 57.94 5.38
CA ILE U 8 -10.53 58.68 4.49
C ILE U 8 -9.18 58.91 5.14
N ALA U 9 -9.18 59.24 6.43
CA ALA U 9 -7.92 59.50 7.12
C ALA U 9 -7.06 58.24 7.17
N LYS U 10 -7.66 57.09 7.46
CA LYS U 10 -6.88 55.86 7.51
C LYS U 10 -6.32 55.52 6.13
N VAL U 11 -7.12 55.70 5.09
CA VAL U 11 -6.62 55.41 3.74
C VAL U 11 -5.48 56.35 3.39
N ARG U 12 -5.63 57.64 3.70
CA ARG U 12 -4.56 58.60 3.42
C ARG U 12 -3.29 58.24 4.16
N GLU U 13 -3.41 57.86 5.43
CA GLU U 13 -2.23 57.48 6.20
C GLU U 13 -1.56 56.26 5.59
N ARG U 14 -2.35 55.28 5.19
CA ARG U 14 -1.82 54.03 4.67
C ARG U 14 -1.15 54.19 3.32
N LEU U 15 -1.55 55.19 2.55
CA LEU U 15 -1.02 55.41 1.22
C LEU U 15 0.14 56.38 1.24
N ASN U 16 0.62 56.75 2.43
CA ASN U 16 1.66 57.74 2.59
C ASN U 16 1.28 59.04 1.90
N ASP U 17 -0.01 59.36 1.97
CA ASP U 17 -0.57 60.57 1.37
C ASP U 17 -1.39 61.33 2.40
N ASN U 18 -0.89 61.45 3.61
CA ASN U 18 -1.57 62.22 4.65
C ASN U 18 -1.09 63.65 4.69
N GLU U 19 -1.09 64.31 3.53
CA GLU U 19 -0.65 65.69 3.40
C GLU U 19 -1.82 66.54 2.93
N VAL U 20 -2.19 67.54 3.74
CA VAL U 20 -3.36 68.35 3.44
C VAL U 20 -3.17 69.12 2.16
N GLY U 21 -1.99 69.70 1.96
CA GLY U 21 -1.74 70.52 0.79
C GLY U 21 -1.73 69.76 -0.52
N ASN U 22 -1.07 68.60 -0.54
CA ASN U 22 -0.80 67.94 -1.81
C ASN U 22 -2.01 67.16 -2.32
N TYR U 23 -2.44 66.14 -1.57
CA TYR U 23 -3.56 65.29 -1.96
C TYR U 23 -3.36 64.74 -3.37
N GLU U 24 -2.37 63.85 -3.49
CA GLU U 24 -2.09 63.23 -4.77
C GLU U 24 -3.30 62.44 -5.28
N ILE U 25 -4.13 61.93 -4.38
CA ILE U 25 -5.36 61.25 -4.75
C ILE U 25 -6.52 62.19 -4.45
N LEU U 26 -7.28 62.55 -5.47
CA LEU U 26 -8.38 63.48 -5.30
C LEU U 26 -9.49 62.85 -4.47
N ASP U 27 -10.19 63.68 -3.71
CA ASP U 27 -11.25 63.18 -2.85
C ASP U 27 -12.41 62.61 -3.64
N SER U 28 -12.62 63.06 -4.87
CA SER U 28 -13.62 62.43 -5.72
C SER U 28 -13.26 60.97 -5.99
N VAL U 29 -11.98 60.70 -6.23
CA VAL U 29 -11.54 59.33 -6.45
C VAL U 29 -11.78 58.50 -5.20
N LEU U 30 -11.45 59.03 -4.04
CA LEU U 30 -11.68 58.28 -2.81
C LEU U 30 -13.16 58.03 -2.56
N VAL U 31 -14.01 59.02 -2.82
CA VAL U 31 -15.42 58.77 -2.57
C VAL U 31 -15.97 57.75 -3.56
N GLU U 32 -15.51 57.76 -4.81
CA GLU U 32 -15.96 56.75 -5.75
C GLU U 32 -15.47 55.37 -5.34
N ASN U 33 -14.23 55.27 -4.88
CA ASN U 33 -13.71 53.98 -4.44
C ASN U 33 -14.43 53.49 -3.19
N ILE U 34 -14.81 54.41 -2.30
CA ILE U 34 -15.59 54.02 -1.13
C ILE U 34 -16.97 53.53 -1.54
N ASN U 35 -17.56 54.15 -2.56
CA ASN U 35 -18.82 53.64 -3.09
C ASN U 35 -18.65 52.22 -3.62
N GLN U 36 -17.55 51.98 -4.34
CA GLN U 36 -17.28 50.62 -4.83
C GLN U 36 -17.12 49.64 -3.68
N ALA U 37 -16.41 50.04 -2.64
CA ALA U 37 -16.23 49.17 -1.49
C ALA U 37 -17.54 48.86 -0.80
N LEU U 38 -18.40 49.87 -0.67
CA LEU U 38 -19.72 49.64 -0.08
C LEU U 38 -20.53 48.68 -0.93
N LEU U 39 -20.49 48.86 -2.26
CA LEU U 39 -21.07 47.88 -3.18
C LEU U 39 -20.63 46.46 -2.84
N LYS U 40 -19.32 46.21 -2.88
CA LYS U 40 -18.84 44.85 -2.70
C LYS U 40 -19.18 44.32 -1.31
N ILE U 41 -19.03 45.14 -0.28
CA ILE U 41 -19.30 44.70 1.08
C ILE U 41 -20.76 44.37 1.28
N CYS U 42 -21.66 45.23 0.83
CA CYS U 42 -23.09 44.98 1.00
C CYS U 42 -23.57 43.83 0.12
N LEU U 43 -22.93 43.59 -1.02
CA LEU U 43 -23.31 42.45 -1.82
C LEU U 43 -22.88 41.15 -1.18
N GLU U 44 -21.61 41.07 -0.75
CA GLU U 44 -21.09 39.78 -0.30
C GLU U 44 -21.74 39.35 1.01
N PHE U 45 -21.99 40.29 1.91
CA PHE U 45 -22.48 39.94 3.23
C PHE U 45 -23.98 40.13 3.39
N ARG U 46 -24.67 40.65 2.38
CA ARG U 46 -26.11 40.88 2.45
C ARG U 46 -26.47 41.71 3.67
N LEU U 47 -25.72 42.80 3.86
CA LEU U 47 -25.84 43.60 5.07
C LEU U 47 -27.21 44.25 5.20
N LYS U 48 -27.71 44.84 4.13
CA LYS U 48 -28.90 45.69 4.21
C LYS U 48 -30.06 45.01 3.50
N LYS U 49 -31.06 44.64 4.28
CA LYS U 49 -32.31 44.13 3.74
C LYS U 49 -33.35 45.24 3.78
N ALA U 50 -34.04 45.44 2.67
CA ALA U 50 -35.07 46.45 2.58
C ALA U 50 -36.35 45.81 2.07
N ILE U 51 -37.48 46.36 2.51
CA ILE U 51 -38.79 45.88 2.14
C ILE U 51 -39.55 47.01 1.47
N THR U 52 -40.08 46.75 0.29
CA THR U 52 -40.88 47.75 -0.42
C THR U 52 -42.23 47.13 -0.77
N ARG U 53 -43.30 47.84 -0.46
CA ARG U 53 -44.64 47.31 -0.63
C ARG U 53 -45.44 48.34 -1.41
N SER U 54 -45.42 48.22 -2.72
CA SER U 54 -46.08 49.20 -3.59
C SER U 54 -47.18 48.50 -4.39
N LEU U 55 -47.78 49.26 -5.29
CA LEU U 55 -48.89 48.78 -6.10
C LEU U 55 -48.59 49.05 -7.56
N ILE U 56 -48.87 48.06 -8.40
CA ILE U 56 -48.68 48.19 -9.84
C ILE U 56 -50.01 48.01 -10.53
N THR U 57 -50.34 48.95 -11.42
CA THR U 57 -51.57 48.92 -12.19
C THR U 57 -51.25 49.13 -13.65
N GLU U 58 -52.28 49.25 -14.49
CA GLU U 58 -52.04 49.43 -15.91
C GLU U 58 -51.44 50.80 -16.25
N GLU U 59 -51.62 51.79 -15.38
CA GLU U 59 -51.05 53.10 -15.66
C GLU U 59 -49.54 53.07 -15.53
N GLU U 60 -49.03 52.78 -14.34
CA GLU U 60 -47.61 52.59 -14.12
C GLU U 60 -47.37 51.11 -13.86
N ARG U 61 -46.52 50.50 -14.66
CA ARG U 61 -46.34 49.06 -14.62
C ARG U 61 -45.07 48.63 -13.91
N PHE U 62 -44.15 49.54 -13.64
CA PHE U 62 -42.86 49.19 -13.08
C PHE U 62 -42.68 49.82 -11.71
N LEU U 63 -41.88 49.16 -10.88
CA LEU U 63 -41.58 49.59 -9.52
C LEU U 63 -40.09 49.95 -9.49
N THR U 64 -39.79 51.23 -9.38
CA THR U 64 -38.41 51.69 -9.40
C THR U 64 -37.82 51.55 -8.01
N LEU U 65 -36.87 50.63 -7.85
CA LEU U 65 -36.14 50.47 -6.61
C LEU U 65 -34.92 51.39 -6.63
N ASN U 66 -33.99 51.18 -5.70
CA ASN U 66 -32.78 51.99 -5.72
C ASN U 66 -31.63 51.17 -5.16
N ASN U 67 -30.50 51.19 -5.88
CA ASN U 67 -29.29 50.49 -5.46
C ASN U 67 -29.58 49.02 -5.18
N LEU U 68 -30.15 48.38 -6.19
CA LEU U 68 -30.57 47.00 -6.06
C LEU U 68 -29.38 46.05 -6.12
N LEU U 69 -29.36 45.08 -5.22
CA LEU U 69 -28.38 44.00 -5.24
C LEU U 69 -28.98 42.63 -5.47
N GLY U 70 -30.17 42.37 -4.95
CA GLY U 70 -30.75 41.06 -5.09
C GLY U 70 -32.13 41.01 -4.48
N ILE U 71 -32.97 40.13 -4.99
CA ILE U 71 -34.32 39.96 -4.49
C ILE U 71 -34.40 38.59 -3.85
N GLU U 72 -34.91 38.53 -2.63
CA GLU U 72 -34.99 37.26 -1.93
C GLU U 72 -36.42 36.82 -1.65
N SER U 73 -37.41 37.67 -1.85
CA SER U 73 -38.81 37.27 -1.65
C SER U 73 -39.72 38.27 -2.35
N VAL U 74 -40.67 37.76 -3.13
CA VAL U 74 -41.65 38.58 -3.81
C VAL U 74 -43.03 38.02 -3.54
N LYS U 75 -43.95 38.89 -3.14
CA LYS U 75 -45.35 38.54 -2.94
C LYS U 75 -46.20 39.44 -3.81
N LEU U 76 -47.23 38.86 -4.42
CA LEU U 76 -48.22 39.62 -5.18
C LEU U 76 -49.58 39.25 -4.61
N ASP U 77 -50.19 40.18 -3.87
CA ASP U 77 -51.43 39.93 -3.15
C ASP U 77 -51.28 38.70 -2.25
N LYS U 78 -50.17 38.68 -1.50
CA LYS U 78 -49.86 37.58 -0.60
C LYS U 78 -49.78 36.25 -1.35
N LYS U 79 -49.32 36.30 -2.59
CA LYS U 79 -49.07 35.11 -3.38
C LYS U 79 -47.61 35.11 -3.79
N GLU U 80 -46.94 33.98 -3.57
CA GLU U 80 -45.53 33.87 -3.89
C GLU U 80 -45.30 34.00 -5.39
N ILE U 81 -44.33 34.82 -5.76
CA ILE U 81 -43.84 34.88 -7.13
C ILE U 81 -42.60 34.00 -7.19
N GLU U 82 -42.56 33.12 -8.17
CA GLU U 82 -41.60 32.03 -8.16
C GLU U 82 -40.34 32.33 -8.96
N SER U 83 -40.45 32.53 -10.26
CA SER U 83 -39.28 32.65 -11.13
C SER U 83 -38.96 34.10 -11.42
N ARG U 84 -37.72 34.34 -11.84
CA ARG U 84 -37.25 35.67 -12.19
C ARG U 84 -36.76 35.65 -13.63
N ASN U 85 -36.99 36.75 -14.34
CA ASN U 85 -36.66 36.82 -15.76
C ASN U 85 -36.49 38.28 -16.14
N THR U 86 -35.88 38.49 -17.31
CA THR U 86 -35.63 39.83 -17.83
C THR U 86 -36.08 39.97 -19.27
N ILE U 87 -37.00 39.13 -19.72
CA ILE U 87 -37.29 38.99 -21.15
C ILE U 87 -38.69 39.39 -21.53
N GLU U 88 -39.59 39.65 -20.57
CA GLU U 88 -40.96 40.03 -20.86
C GLU U 88 -41.68 38.93 -21.65
N LYS U 89 -41.80 37.77 -21.00
CA LYS U 89 -42.56 36.68 -21.55
C LYS U 89 -44.04 37.06 -21.68
N ASP U 90 -44.65 36.65 -22.79
CA ASP U 90 -46.02 37.05 -23.09
C ASP U 90 -47.03 36.39 -22.17
N THR U 91 -46.93 35.08 -21.98
CA THR U 91 -47.91 34.35 -21.18
C THR U 91 -47.26 33.10 -20.62
N GLY U 92 -47.90 32.54 -19.60
CA GLY U 92 -47.40 31.35 -18.96
C GLY U 92 -47.44 31.45 -17.44
N GLU U 93 -46.44 30.87 -16.77
CA GLU U 93 -46.35 31.01 -15.33
C GLU U 93 -46.04 32.47 -14.98
N LEU U 94 -46.33 32.83 -13.74
CA LEU U 94 -46.25 34.22 -13.31
C LEU U 94 -44.85 34.49 -12.79
N GLU U 95 -44.09 35.32 -13.50
CA GLU U 95 -42.69 35.55 -13.18
C GLU U 95 -42.42 37.01 -12.89
N LEU U 96 -41.31 37.27 -12.21
CA LEU U 96 -40.88 38.61 -11.84
C LEU U 96 -39.93 39.15 -12.90
N LEU U 97 -40.26 40.29 -13.48
CA LEU U 97 -39.44 40.91 -14.51
C LEU U 97 -38.52 41.94 -13.87
N ILE U 98 -37.22 41.81 -14.12
CA ILE U 98 -36.22 42.72 -13.60
C ILE U 98 -35.60 43.47 -14.76
N LEU U 99 -35.62 44.79 -14.70
CA LEU U 99 -35.17 45.65 -15.78
C LEU U 99 -34.11 46.62 -15.29
N SER U 100 -33.08 46.11 -14.63
CA SER U 100 -31.94 46.92 -14.18
C SER U 100 -32.42 48.05 -13.27
N ASP U 101 -32.91 47.63 -12.11
CA ASP U 101 -33.42 48.51 -11.05
C ASP U 101 -34.82 49.04 -11.44
N ARG U 102 -35.58 48.19 -12.13
CA ARG U 102 -37.01 48.40 -12.29
C ARG U 102 -37.67 47.04 -12.21
N ILE U 103 -38.71 46.94 -11.38
CA ILE U 103 -39.33 45.68 -11.04
C ILE U 103 -40.76 45.69 -11.56
N SER U 104 -41.15 44.63 -12.26
CA SER U 104 -42.54 44.45 -12.66
C SER U 104 -42.85 42.97 -12.67
N VAL U 105 -44.02 42.62 -13.18
CA VAL U 105 -44.47 41.23 -13.24
C VAL U 105 -44.68 40.87 -14.69
N THR U 106 -44.15 39.72 -15.10
CA THR U 106 -43.96 39.44 -16.51
C THR U 106 -45.28 39.25 -17.26
N PRO U 107 -46.11 38.22 -16.99
CA PRO U 107 -47.43 38.21 -17.60
C PRO U 107 -48.35 39.10 -16.79
N PHE U 108 -48.31 40.40 -17.09
CA PHE U 108 -48.72 41.41 -16.11
C PHE U 108 -50.13 41.18 -15.57
N LYS U 109 -50.25 41.34 -14.26
CA LYS U 109 -51.52 41.26 -13.54
C LYS U 109 -51.60 42.44 -12.57
N ILE U 110 -52.76 43.09 -12.54
CA ILE U 110 -52.97 44.21 -11.64
C ILE U 110 -52.81 43.74 -10.21
N GLY U 111 -52.14 44.55 -9.39
CA GLY U 111 -52.06 44.16 -7.99
C GLY U 111 -51.04 44.96 -7.22
N GLU U 112 -50.48 44.33 -6.20
CA GLU U 112 -49.44 44.94 -5.37
C GLU U 112 -48.23 44.03 -5.30
N LEU U 113 -47.07 44.64 -5.08
CA LEU U 113 -45.81 43.92 -4.97
C LEU U 113 -45.20 44.20 -3.62
N GLU U 114 -44.89 43.13 -2.88
CA GLU U 114 -44.14 43.20 -1.63
C GLU U 114 -42.82 42.50 -1.90
N VAL U 115 -41.74 43.27 -1.96
CA VAL U 115 -40.45 42.79 -2.44
C VAL U 115 -39.42 43.03 -1.36
N VAL U 116 -38.60 42.02 -1.09
CA VAL U 116 -37.48 42.14 -0.17
C VAL U 116 -36.19 42.11 -1.00
N TYR U 117 -35.31 43.08 -0.74
CA TYR U 117 -34.15 43.28 -1.60
C TYR U 117 -33.00 43.84 -0.77
N TYR U 118 -31.94 44.27 -1.44
CA TYR U 118 -30.74 44.75 -0.78
C TYR U 118 -30.31 46.08 -1.38
N THR U 119 -29.64 46.90 -0.57
CA THR U 119 -29.49 48.33 -0.83
C THR U 119 -28.07 48.76 -0.49
N TYR U 120 -27.67 49.94 -1.00
CA TYR U 120 -26.33 50.47 -0.78
C TYR U 120 -26.33 51.56 0.28
N GLU U 121 -27.22 52.54 0.13
CA GLU U 121 -27.10 53.89 0.65
C GLU U 121 -25.65 54.38 0.54
N GLU U 122 -25.20 54.49 -0.70
CA GLU U 122 -23.87 54.98 -1.01
C GLU U 122 -23.73 56.46 -0.63
N ILE U 123 -22.48 56.92 -0.59
CA ILE U 123 -22.17 58.26 -0.12
C ILE U 123 -21.70 59.09 -1.30
N ARG U 124 -21.76 60.42 -1.13
CA ARG U 124 -21.31 61.35 -2.14
C ARG U 124 -20.50 62.51 -1.59
N ASN U 125 -20.41 62.69 -0.29
CA ASN U 125 -19.69 63.79 0.31
C ASN U 125 -18.75 63.28 1.39
N ILE U 126 -17.65 64.01 1.60
CA ILE U 126 -16.68 63.60 2.61
C ILE U 126 -17.24 63.77 4.00
N LEU U 127 -18.24 64.64 4.18
CA LEU U 127 -18.80 64.90 5.50
C LEU U 127 -19.99 64.00 5.81
N GLU U 128 -20.29 63.04 4.95
CA GLU U 128 -21.42 62.16 5.17
C GLU U 128 -21.07 61.14 6.24
N THR U 129 -21.95 60.18 6.46
CA THR U 129 -21.76 59.14 7.46
C THR U 129 -22.27 57.82 6.90
N ILE U 130 -21.48 56.77 7.07
CA ILE U 130 -21.86 55.45 6.58
C ILE U 130 -22.62 54.72 7.67
N LYS U 131 -23.86 54.33 7.39
CA LYS U 131 -24.71 53.67 8.38
C LYS U 131 -24.42 52.18 8.34
N LEU U 132 -23.30 51.80 8.92
CA LEU U 132 -22.85 50.43 9.01
C LEU U 132 -22.27 50.20 10.39
N PRO U 133 -22.20 48.96 10.85
CA PRO U 133 -21.57 48.70 12.14
C PRO U 133 -20.12 49.11 12.13
N LYS U 134 -19.63 49.60 13.28
CA LYS U 134 -18.26 50.04 13.35
C LYS U 134 -17.26 48.92 13.04
N ILE U 135 -17.65 47.67 13.28
CA ILE U 135 -16.77 46.55 12.98
C ILE U 135 -16.47 46.50 11.48
N CYS U 136 -17.35 47.04 10.66
CA CYS U 136 -17.15 47.14 9.22
C CYS U 136 -16.12 48.16 8.86
N LEU U 137 -15.45 48.88 9.76
CA LEU U 137 -14.51 49.89 9.32
C LEU U 137 -13.31 49.27 8.63
N ASP U 138 -12.68 48.28 9.26
CA ASP U 138 -11.45 47.72 8.73
C ASP U 138 -11.67 47.04 7.39
N VAL U 139 -12.86 46.46 7.18
CA VAL U 139 -13.15 45.88 5.87
C VAL U 139 -13.36 46.95 4.81
N LEU U 140 -13.82 48.15 5.20
CA LEU U 140 -13.92 49.22 4.22
C LEU U 140 -12.55 49.77 3.84
N VAL U 141 -11.68 49.98 4.83
CA VAL U 141 -10.34 50.45 4.52
C VAL U 141 -9.60 49.44 3.67
N TYR U 142 -9.39 48.24 4.21
CA TYR U 142 -8.56 47.25 3.53
C TYR U 142 -9.13 46.86 2.18
N SER U 143 -10.42 47.06 1.94
CA SER U 143 -10.95 46.78 0.61
C SER U 143 -10.76 47.94 -0.34
N VAL U 144 -10.94 49.18 0.14
CA VAL U 144 -10.67 50.32 -0.74
C VAL U 144 -9.19 50.53 -0.93
N LEU U 145 -8.38 50.13 0.03
CA LEU U 145 -6.94 50.26 -0.08
C LEU U 145 -6.35 49.32 -1.10
N CYS U 146 -6.86 48.10 -1.22
CA CYS U 146 -6.42 47.23 -2.30
C CYS U 146 -6.84 47.76 -3.67
N ASN U 147 -7.87 48.59 -3.73
CA ASN U 147 -8.26 49.17 -5.00
C ASN U 147 -7.32 50.29 -5.44
N LEU U 148 -6.59 50.90 -4.52
CA LEU U 148 -5.72 52.01 -4.84
C LEU U 148 -4.25 51.63 -4.89
N LEU U 149 -3.87 50.54 -4.23
CA LEU U 149 -2.48 50.11 -4.23
C LEU U 149 -1.99 49.72 -5.61
N GLU U 150 -2.90 49.34 -6.50
CA GLU U 150 -2.53 48.90 -7.82
C GLU U 150 -2.40 50.05 -8.82
N ILE U 151 -2.43 51.28 -8.37
CA ILE U 151 -1.80 52.39 -9.12
C ILE U 151 -0.29 52.17 -9.10
N PRO U 152 0.40 52.26 -10.24
CA PRO U 152 1.81 51.87 -10.28
C PRO U 152 2.76 52.88 -9.65
N ASN U 153 2.52 53.27 -8.40
CA ASN U 153 3.42 54.20 -7.74
C ASN U 153 4.77 53.56 -7.44
N ASN U 154 4.77 52.28 -7.09
CA ASN U 154 5.96 51.59 -6.64
C ASN U 154 6.08 50.26 -7.36
N GLU U 155 7.32 49.77 -7.47
CA GLU U 155 7.53 48.49 -8.12
C GLU U 155 7.12 47.31 -7.27
N THR U 156 6.93 47.51 -5.97
CA THR U 156 6.53 46.46 -5.05
C THR U 156 5.11 46.71 -4.53
N ASN U 157 4.25 47.23 -5.38
CA ASN U 157 2.89 47.52 -4.95
C ASN U 157 2.04 46.26 -4.88
N PHE U 158 2.31 45.27 -5.71
CA PHE U 158 1.46 44.09 -5.74
C PHE U 158 1.70 43.16 -4.57
N SER U 159 2.94 43.05 -4.08
CA SER U 159 3.16 42.30 -2.85
C SER U 159 2.45 42.96 -1.67
N VAL U 160 2.48 44.29 -1.63
CA VAL U 160 1.76 45.01 -0.59
C VAL U 160 0.27 44.75 -0.72
N LEU U 161 -0.23 44.72 -1.95
CA LEU U 161 -1.63 44.39 -2.18
C LEU U 161 -1.94 42.99 -1.68
N ALA U 162 -1.03 42.03 -1.91
CA ALA U 162 -1.24 40.68 -1.42
C ALA U 162 -1.31 40.62 0.09
N ASN U 163 -0.45 41.38 0.78
CA ASN U 163 -0.54 41.42 2.24
C ASN U 163 -1.87 42.01 2.68
N TYR U 164 -2.29 43.10 2.03
CA TYR U 164 -3.56 43.70 2.40
C TYR U 164 -4.73 42.79 2.08
N LYS U 165 -4.59 41.87 1.13
CA LYS U 165 -5.65 40.90 0.89
C LYS U 165 -5.84 39.98 2.09
N GLN U 166 -4.76 39.49 2.68
CA GLN U 166 -4.88 38.66 3.87
C GLN U 166 -5.45 39.46 5.03
N LEU U 167 -5.00 40.71 5.18
CA LEU U 167 -5.58 41.54 6.23
C LEU U 167 -7.08 41.73 6.02
N LEU U 168 -7.50 41.90 4.76
CA LEU U 168 -8.92 42.02 4.46
C LEU U 168 -9.66 40.74 4.77
N LYS U 169 -9.05 39.59 4.51
CA LYS U 169 -9.69 38.32 4.85
C LYS U 169 -9.93 38.20 6.34
N LEU U 170 -8.94 38.60 7.14
CA LEU U 170 -9.16 38.59 8.59
C LEU U 170 -10.26 39.55 9.00
N ALA U 171 -10.30 40.74 8.39
CA ALA U 171 -11.36 41.69 8.70
C ALA U 171 -12.73 41.12 8.37
N LYS U 172 -12.85 40.43 7.23
CA LYS U 172 -14.11 39.79 6.88
C LYS U 172 -14.47 38.69 7.87
N ASP U 173 -13.47 37.96 8.38
CA ASP U 173 -13.76 36.97 9.40
C ASP U 173 -14.35 37.63 10.64
N ASN U 174 -13.77 38.75 11.07
CA ASN U 174 -14.33 39.48 12.20
C ASN U 174 -15.76 39.92 11.92
N LEU U 175 -16.01 40.42 10.72
CA LEU U 175 -17.35 40.87 10.36
C LEU U 175 -18.34 39.72 10.38
N THR U 176 -17.94 38.56 9.88
CA THR U 176 -18.82 37.38 9.95
C THR U 176 -19.10 36.99 11.38
N ASN U 177 -18.08 37.05 12.24
CA ASN U 177 -18.30 36.81 13.65
C ASN U 177 -19.38 37.73 14.20
N TYR U 178 -19.26 39.02 13.91
CA TYR U 178 -20.24 39.98 14.40
C TYR U 178 -21.63 39.67 13.88
N LEU U 179 -21.74 39.41 12.58
CA LEU U 179 -23.05 39.17 11.99
C LEU U 179 -23.72 37.93 12.58
N SER U 180 -22.94 36.87 12.78
CA SER U 180 -23.49 35.68 13.42
C SER U 180 -23.94 35.98 14.84
N LEU U 181 -23.18 36.76 15.57
CA LEU U 181 -23.60 37.07 16.94
C LEU U 181 -24.87 37.93 16.96
N MET U 182 -25.06 38.81 15.98
CA MET U 182 -26.25 39.63 15.92
C MET U 182 -27.47 38.88 15.40
N TYR U 183 -27.45 38.49 14.14
CA TYR U 183 -28.66 38.15 13.41
C TYR U 183 -28.85 36.65 13.25
N SER U 184 -28.25 35.86 14.13
CA SER U 184 -28.36 34.42 14.02
C SER U 184 -28.82 33.85 15.35
N LYS U 185 -29.44 32.68 15.28
CA LYS U 185 -29.93 32.01 16.46
C LYS U 185 -28.79 31.61 17.38
N ASN U 186 -29.06 31.64 18.68
CA ASN U 186 -28.12 31.11 19.67
C ASN U 186 -28.52 29.68 19.97
N ILE U 187 -28.01 28.76 19.16
CA ILE U 187 -28.33 27.35 19.28
C ILE U 187 -27.04 26.59 19.52
N HIS U 188 -27.18 25.42 20.13
CA HIS U 188 -26.03 24.57 20.38
C HIS U 188 -26.22 23.14 19.91
N PHE U 189 -27.41 22.78 19.42
CA PHE U 189 -27.63 21.44 18.89
C PHE U 189 -28.50 21.52 17.65
N SER U 190 -28.34 20.53 16.77
CA SER U 190 -29.16 20.45 15.58
C SER U 190 -30.46 19.71 15.88
N LYS U 191 -31.39 19.77 14.93
CA LYS U 191 -32.64 19.06 15.03
C LYS U 191 -32.61 17.82 14.17
N VAL U 192 -33.35 16.79 14.60
CA VAL U 192 -33.39 15.54 13.86
C VAL U 192 -34.21 15.73 12.59
N VAL U 193 -33.77 15.08 11.51
CA VAL U 193 -34.49 15.17 10.25
C VAL U 193 -35.84 14.49 10.39
N ARG U 194 -36.89 15.19 9.95
CA ARG U 194 -38.26 14.71 10.06
C ARG U 194 -38.83 14.56 8.66
N VAL U 195 -38.95 13.32 8.20
CA VAL U 195 -39.51 13.06 6.89
C VAL U 195 -40.70 12.14 7.02
N MET V 1 -8.43 46.54 35.96
CA MET V 1 -8.56 47.77 35.19
C MET V 1 -7.22 48.20 34.60
N ILE V 2 -7.25 48.62 33.35
CA ILE V 2 -6.05 49.06 32.63
C ILE V 2 -6.16 50.55 32.37
N GLU V 3 -5.12 51.29 32.74
CA GLU V 3 -5.05 52.70 32.39
C GLU V 3 -4.66 52.86 30.93
N VAL V 4 -5.21 53.88 30.29
CA VAL V 4 -4.86 54.12 28.90
C VAL V 4 -3.42 54.59 28.77
N SER V 5 -2.88 55.21 29.83
CA SER V 5 -1.53 55.74 29.76
C SER V 5 -0.52 54.64 29.49
N GLU V 6 -0.67 53.49 30.16
CA GLU V 6 0.30 52.42 29.99
C GLU V 6 0.18 51.73 28.64
N VAL V 7 -1.04 51.57 28.11
CA VAL V 7 -1.17 51.06 26.75
C VAL V 7 -0.50 52.00 25.76
N ILE V 8 -0.76 53.30 25.91
CA ILE V 8 -0.20 54.28 25.01
C ILE V 8 1.32 54.27 25.09
N ALA V 9 1.86 54.20 26.30
CA ALA V 9 3.31 54.21 26.46
C ALA V 9 3.95 53.00 25.79
N LYS V 10 3.35 51.82 25.96
CA LYS V 10 3.92 50.63 25.33
C LYS V 10 3.87 50.74 23.82
N VAL V 11 2.75 51.24 23.28
CA VAL V 11 2.67 51.39 21.83
C VAL V 11 3.69 52.40 21.33
N ARG V 12 3.85 53.52 22.04
CA ARG V 12 4.84 54.51 21.63
C ARG V 12 6.24 53.92 21.66
N GLU V 13 6.57 53.17 22.71
CA GLU V 13 7.89 52.56 22.77
C GLU V 13 8.11 51.59 21.63
N ARG V 14 7.10 50.79 21.32
CA ARG V 14 7.23 49.77 20.30
C ARG V 14 7.34 50.34 18.91
N LEU V 15 6.80 51.53 18.68
CA LEU V 15 6.82 52.17 17.37
C LEU V 15 8.02 53.08 17.20
N ASN V 16 8.95 53.05 18.14
CA ASN V 16 10.11 53.93 18.15
C ASN V 16 9.66 55.39 18.09
N ASP V 17 8.55 55.67 18.75
CA ASP V 17 7.98 57.01 18.80
C ASP V 17 7.71 57.41 20.24
N ASN V 18 8.65 57.14 21.14
CA ASN V 18 8.53 57.54 22.54
C ASN V 18 9.17 58.90 22.78
N GLU V 19 8.81 59.88 21.97
CA GLU V 19 9.34 61.23 22.07
C GLU V 19 8.21 62.19 22.39
N VAL V 20 8.32 62.88 23.52
CA VAL V 20 7.24 63.75 23.97
C VAL V 20 7.01 64.89 23.00
N GLY V 21 8.10 65.49 22.51
CA GLY V 21 7.98 66.64 21.63
C GLY V 21 7.40 66.33 20.28
N ASN V 22 7.84 65.23 19.65
CA ASN V 22 7.51 65.01 18.25
C ASN V 22 6.11 64.43 18.08
N TYR V 23 5.87 63.23 18.61
CA TYR V 23 4.58 62.55 18.48
C TYR V 23 4.15 62.47 17.02
N GLU V 24 4.90 61.67 16.26
CA GLU V 24 4.57 61.48 14.86
C GLU V 24 3.17 60.90 14.67
N ILE V 25 2.70 60.14 15.64
CA ILE V 25 1.33 59.62 15.63
C ILE V 25 0.52 60.41 16.63
N LEU V 26 -0.53 61.08 16.14
CA LEU V 26 -1.34 61.91 17.01
C LEU V 26 -2.12 61.06 18.00
N ASP V 27 -2.35 61.62 19.18
CA ASP V 27 -3.07 60.87 20.22
C ASP V 27 -4.51 60.58 19.84
N SER V 28 -5.11 61.41 18.97
CA SER V 28 -6.43 61.07 18.47
C SER V 28 -6.39 59.77 17.67
N VAL V 29 -5.36 59.59 16.85
CA VAL V 29 -5.22 58.36 16.09
C VAL V 29 -5.07 57.16 17.03
N LEU V 30 -4.26 57.32 18.08
CA LEU V 30 -4.09 56.21 19.02
C LEU V 30 -5.38 55.90 19.76
N VAL V 31 -6.13 56.92 20.16
CA VAL V 31 -7.36 56.62 20.88
C VAL V 31 -8.38 55.97 19.95
N GLU V 32 -8.43 56.37 18.68
CA GLU V 32 -9.33 55.70 17.74
C GLU V 32 -8.91 54.26 17.51
N ASN V 33 -7.61 54.02 17.38
CA ASN V 33 -7.14 52.66 17.19
C ASN V 33 -7.39 51.80 18.42
N ILE V 34 -7.28 52.39 19.61
CA ILE V 34 -7.59 51.65 20.83
C ILE V 34 -9.07 51.33 20.89
N ASN V 35 -9.92 52.24 20.42
CA ASN V 35 -11.34 51.93 20.33
C ASN V 35 -11.57 50.75 19.39
N GLN V 36 -10.87 50.74 18.25
CA GLN V 36 -11.00 49.61 17.33
C GLN V 36 -10.55 48.31 17.97
N ALA V 37 -9.44 48.36 18.71
CA ALA V 37 -8.94 47.17 19.38
C ALA V 37 -9.93 46.67 20.42
N LEU V 38 -10.53 47.58 21.18
CA LEU V 38 -11.55 47.19 22.15
C LEU V 38 -12.73 46.55 21.46
N LEU V 39 -13.17 47.13 20.35
CA LEU V 39 -14.19 46.50 19.50
C LEU V 39 -13.84 45.06 19.21
N LYS V 40 -12.70 44.82 18.57
CA LYS V 40 -12.37 43.47 18.15
C LYS V 40 -12.22 42.53 19.34
N ILE V 41 -11.58 42.98 20.42
CA ILE V 41 -11.36 42.13 21.58
C ILE V 41 -12.67 41.76 22.24
N CYS V 42 -13.55 42.73 22.46
CA CYS V 42 -14.82 42.44 23.10
C CYS V 42 -15.75 41.63 22.22
N LEU V 43 -15.63 41.76 20.90
CA LEU V 43 -16.44 40.93 20.04
C LEU V 43 -15.97 39.49 20.04
N GLU V 44 -14.66 39.28 19.88
CA GLU V 44 -14.18 37.91 19.70
C GLU V 44 -14.33 37.09 20.96
N PHE V 45 -14.08 37.69 22.11
CA PHE V 45 -14.08 36.94 23.36
C PHE V 45 -15.36 37.09 24.17
N ARG V 46 -16.32 37.90 23.71
CA ARG V 46 -17.58 38.11 24.41
C ARG V 46 -17.33 38.52 25.87
N LEU V 47 -16.43 39.48 26.03
CA LEU V 47 -15.97 39.86 27.37
C LEU V 47 -17.07 40.44 28.22
N LYS V 48 -17.87 41.35 27.66
CA LYS V 48 -18.81 42.13 28.46
C LYS V 48 -20.23 41.72 28.12
N LYS V 49 -20.90 41.12 29.09
CA LYS V 49 -22.33 40.81 28.98
C LYS V 49 -23.11 41.85 29.76
N ALA V 50 -24.15 42.40 29.14
CA ALA V 50 -24.99 43.40 29.76
C ALA V 50 -26.43 42.96 29.65
N ILE V 51 -27.22 43.34 30.65
CA ILE V 51 -28.63 43.00 30.71
C ILE V 51 -29.42 44.29 30.77
N THR V 52 -30.40 44.43 29.89
CA THR V 52 -31.27 45.59 29.88
C THR V 52 -32.71 45.13 29.93
N ARG V 53 -33.49 45.71 30.84
CA ARG V 53 -34.85 45.27 31.08
C ARG V 53 -35.74 46.50 31.04
N SER V 54 -36.25 46.80 29.84
CA SER V 54 -37.05 48.00 29.64
C SER V 54 -38.45 47.61 29.19
N LEU V 55 -39.24 48.60 28.87
CA LEU V 55 -40.63 48.41 28.49
C LEU V 55 -40.88 49.12 27.17
N ILE V 56 -41.59 48.46 26.26
CA ILE V 56 -41.94 49.03 24.98
C ILE V 56 -43.46 49.08 24.87
N THR V 57 -43.98 50.25 24.50
CA THR V 57 -45.40 50.47 24.32
C THR V 57 -45.64 51.14 22.98
N GLU V 58 -46.88 51.53 22.70
CA GLU V 58 -47.19 52.15 21.42
C GLU V 58 -46.59 53.54 21.28
N GLU V 59 -46.29 54.22 22.39
CA GLU V 59 -45.70 55.54 22.31
C GLU V 59 -44.27 55.46 21.78
N GLU V 60 -43.38 54.81 22.53
CA GLU V 60 -42.02 54.55 22.09
C GLU V 60 -41.90 53.07 21.81
N ARG V 61 -41.51 52.73 20.58
CA ARG V 61 -41.52 51.35 20.12
C ARG V 61 -40.14 50.71 20.11
N PHE V 62 -39.09 51.49 20.23
CA PHE V 62 -37.73 50.98 20.11
C PHE V 62 -36.96 51.14 21.41
N LEU V 63 -36.00 50.24 21.61
CA LEU V 63 -35.14 50.22 22.78
C LEU V 63 -33.74 50.55 22.31
N THR V 64 -33.24 51.73 22.66
CA THR V 64 -31.93 52.16 22.21
C THR V 64 -30.87 51.58 23.14
N LEU V 65 -30.06 50.67 22.62
CA LEU V 65 -28.95 50.12 23.37
C LEU V 65 -27.71 50.98 23.11
N ASN V 66 -26.54 50.49 23.48
CA ASN V 66 -25.32 51.25 23.21
C ASN V 66 -24.17 50.30 22.99
N ASN V 67 -23.42 50.54 21.92
CA ASN V 67 -22.23 49.75 21.61
C ASN V 67 -22.59 48.27 21.54
N LEU V 68 -23.58 47.97 20.70
CA LEU V 68 -24.10 46.62 20.61
C LEU V 68 -23.16 45.74 19.79
N LEU V 69 -22.92 44.53 20.27
CA LEU V 69 -22.18 43.51 19.56
C LEU V 69 -22.99 42.29 19.21
N GLY V 70 -23.91 41.87 20.07
CA GLY V 70 -24.67 40.68 19.81
C GLY V 70 -25.71 40.45 20.87
N ILE V 71 -26.79 39.78 20.51
CA ILE V 71 -27.86 39.46 21.45
C ILE V 71 -27.87 37.96 21.64
N GLU V 72 -27.87 37.52 22.90
CA GLU V 72 -27.85 36.10 23.17
C GLU V 72 -29.10 35.60 23.86
N SER V 73 -29.98 36.47 24.34
CA SER V 73 -31.23 36.04 24.96
C SER V 73 -32.20 37.21 25.00
N VAL V 74 -33.43 36.97 24.57
CA VAL V 74 -34.49 37.98 24.60
C VAL V 74 -35.71 37.36 25.25
N LYS V 75 -36.29 38.07 26.21
CA LYS V 75 -37.53 37.69 26.85
C LYS V 75 -38.53 38.81 26.71
N LEU V 76 -39.78 38.47 26.41
CA LEU V 76 -40.87 39.43 26.39
C LEU V 76 -41.95 38.90 27.32
N ASP V 77 -42.09 39.55 28.47
CA ASP V 77 -42.99 39.09 29.53
C ASP V 77 -42.67 37.65 29.89
N LYS V 78 -41.38 37.38 30.09
CA LYS V 78 -40.88 36.04 30.43
C LYS V 78 -41.28 35.02 29.37
N LYS V 79 -41.34 35.47 28.12
CA LYS V 79 -41.56 34.59 26.98
C LYS V 79 -40.38 34.70 26.04
N GLU V 80 -39.84 33.56 25.64
CA GLU V 80 -38.68 33.55 24.76
C GLU V 80 -39.03 34.14 23.41
N ILE V 81 -38.18 35.03 22.93
CA ILE V 81 -38.24 35.53 21.55
C ILE V 81 -37.24 34.70 20.75
N GLU V 82 -37.70 34.17 19.63
CA GLU V 82 -36.96 33.13 18.94
C GLU V 82 -36.07 33.67 17.82
N SER V 83 -36.65 34.27 16.78
CA SER V 83 -35.89 34.64 15.60
C SER V 83 -35.52 36.12 15.63
N ARG V 84 -34.51 36.47 14.84
CA ARG V 84 -34.04 37.85 14.71
C ARG V 84 -34.15 38.27 13.27
N ASN V 85 -34.49 39.55 13.05
CA ASN V 85 -34.72 40.06 11.72
C ASN V 85 -34.52 41.57 11.73
N THR V 86 -34.37 42.13 10.53
CA THR V 86 -34.18 43.56 10.36
C THR V 86 -35.11 44.15 9.33
N ILE V 87 -36.25 43.50 9.07
CA ILE V 87 -37.06 43.81 7.91
C ILE V 87 -38.45 44.33 8.26
N GLU V 88 -38.86 44.27 9.52
CA GLU V 88 -40.18 44.73 9.95
C GLU V 88 -41.29 43.95 9.24
N LYS V 89 -41.29 42.65 9.50
CA LYS V 89 -42.35 41.78 9.03
C LYS V 89 -43.69 42.19 9.62
N ASP V 90 -44.74 42.15 8.79
CA ASP V 90 -46.04 42.64 9.20
C ASP V 90 -46.72 41.73 10.22
N THR V 91 -46.73 40.42 9.96
CA THR V 91 -47.41 39.48 10.85
C THR V 91 -46.76 38.11 10.72
N GLY V 92 -47.03 37.25 11.71
CA GLY V 92 -46.48 35.92 11.72
C GLY V 92 -45.92 35.54 13.07
N GLU V 93 -44.83 34.78 13.08
CA GLU V 93 -44.17 34.47 14.34
C GLU V 93 -43.57 35.72 14.94
N LEU V 94 -43.32 35.68 16.23
CA LEU V 94 -42.90 36.86 16.97
C LEU V 94 -41.38 36.95 16.94
N GLU V 95 -40.85 37.96 16.25
CA GLU V 95 -39.41 38.06 16.02
C GLU V 95 -38.87 39.37 16.60
N LEU V 96 -37.56 39.38 16.79
CA LEU V 96 -36.85 40.54 17.34
C LEU V 96 -36.31 41.37 16.19
N LEU V 97 -36.68 42.64 16.15
CA LEU V 97 -36.24 43.55 15.10
C LEU V 97 -35.03 44.33 15.58
N ILE V 98 -33.95 44.27 14.79
CA ILE V 98 -32.71 44.97 15.11
C ILE V 98 -32.49 46.04 14.05
N LEU V 99 -32.31 47.28 14.51
CA LEU V 99 -32.20 48.44 13.63
C LEU V 99 -30.92 49.20 13.91
N SER V 100 -29.78 48.49 13.92
CA SER V 100 -28.47 49.12 14.08
C SER V 100 -28.41 49.91 15.39
N ASP V 101 -28.47 49.14 16.47
CA ASP V 101 -28.42 49.65 17.85
C ASP V 101 -29.76 50.28 18.22
N ARG V 102 -30.84 49.70 17.69
CA ARG V 102 -32.18 49.96 18.19
C ARG V 102 -32.94 48.63 18.14
N ILE V 103 -33.58 48.28 19.25
CA ILE V 103 -34.20 46.98 19.43
C ILE V 103 -35.70 47.16 19.56
N SER V 104 -36.46 46.38 18.81
CA SER V 104 -37.91 46.35 18.97
C SER V 104 -38.38 44.94 18.67
N VAL V 105 -39.71 44.78 18.60
CA VAL V 105 -40.31 43.49 18.33
C VAL V 105 -41.12 43.60 17.04
N THR V 106 -40.94 42.64 16.15
CA THR V 106 -41.34 42.81 14.76
C THR V 106 -42.86 42.88 14.59
N PRO V 107 -43.64 41.82 14.88
CA PRO V 107 -45.09 42.01 14.86
C PRO V 107 -45.51 42.60 16.20
N PHE V 108 -45.41 43.93 16.30
CA PHE V 108 -45.28 44.58 17.61
C PHE V 108 -46.38 44.20 18.58
N LYS V 109 -45.97 43.93 19.82
CA LYS V 109 -46.87 43.64 20.92
C LYS V 109 -46.42 44.44 22.13
N ILE V 110 -47.39 45.06 22.81
CA ILE V 110 -47.09 45.84 24.01
C ILE V 110 -46.45 44.95 25.05
N GLY V 111 -45.42 45.45 25.73
CA GLY V 111 -44.86 44.63 26.80
C GLY V 111 -43.52 45.15 27.28
N GLU V 112 -42.71 44.22 27.76
CA GLU V 112 -41.37 44.54 28.23
C GLU V 112 -40.36 43.64 27.54
N LEU V 113 -39.13 44.15 27.45
CA LEU V 113 -38.03 43.43 26.82
C LEU V 113 -36.92 43.26 27.83
N GLU V 114 -36.48 42.02 28.04
CA GLU V 114 -35.32 41.69 28.83
C GLU V 114 -34.30 41.10 27.87
N VAL V 115 -33.24 41.85 27.60
CA VAL V 115 -32.30 41.54 26.53
C VAL V 115 -30.91 41.41 27.12
N VAL V 116 -30.20 40.37 26.73
CA VAL V 116 -28.80 40.18 27.10
C VAL V 116 -27.95 40.42 25.86
N TYR V 117 -26.92 41.25 26.00
CA TYR V 117 -26.16 41.70 24.85
C TYR V 117 -24.72 41.96 25.27
N TYR V 118 -23.94 42.57 24.37
CA TYR V 118 -22.53 42.82 24.61
C TYR V 118 -22.19 44.27 24.29
N THR V 119 -21.15 44.79 24.96
CA THR V 119 -20.94 46.23 25.08
C THR V 119 -19.45 46.53 24.92
N TYR V 120 -19.13 47.80 24.66
CA TYR V 120 -17.75 48.23 24.46
C TYR V 120 -17.19 48.92 25.69
N GLU V 121 -17.94 49.90 26.20
CA GLU V 121 -17.45 51.03 26.99
C GLU V 121 -16.11 51.52 26.46
N GLU V 122 -16.15 52.01 25.22
CA GLU V 122 -14.99 52.57 24.56
C GLU V 122 -14.53 53.84 25.26
N ILE V 123 -13.31 54.27 24.93
CA ILE V 123 -12.67 55.40 25.59
C ILE V 123 -12.57 56.55 24.61
N ARG V 124 -12.39 57.75 25.16
CA ARG V 124 -12.24 58.96 24.37
C ARG V 124 -11.14 59.88 24.85
N ASN V 125 -10.52 59.64 26.00
CA ASN V 125 -9.49 60.50 26.54
C ASN V 125 -8.29 59.66 26.96
N ILE V 126 -7.12 60.28 26.90
CA ILE V 126 -5.89 59.58 27.26
C ILE V 126 -5.85 59.29 28.76
N LEU V 127 -6.57 60.06 29.56
CA LEU V 127 -6.55 59.90 31.00
C LEU V 127 -7.64 58.96 31.50
N GLU V 128 -8.37 58.31 30.60
CA GLU V 128 -9.44 57.42 31.00
C GLU V 128 -8.84 56.11 31.49
N THR V 129 -9.69 55.13 31.76
CA THR V 129 -9.26 53.83 32.25
C THR V 129 -10.12 52.76 31.60
N ILE V 130 -9.48 51.70 31.12
CA ILE V 130 -10.19 50.60 30.47
C ILE V 130 -10.55 49.57 31.52
N LYS V 131 -11.85 49.30 31.66
CA LYS V 131 -12.34 48.36 32.67
C LYS V 131 -12.28 46.96 32.09
N LEU V 132 -11.09 46.41 32.04
CA LEU V 132 -10.82 45.08 31.53
C LEU V 132 -9.79 44.42 32.44
N PRO V 133 -9.72 43.10 32.45
CA PRO V 133 -8.68 42.44 33.24
C PRO V 133 -7.31 42.83 32.76
N LYS V 134 -6.37 42.92 33.70
CA LYS V 134 -5.01 43.32 33.34
C LYS V 134 -4.38 42.35 32.35
N ILE V 135 -4.80 41.09 32.36
CA ILE V 135 -4.25 40.12 31.41
C ILE V 135 -4.55 40.54 29.98
N CYS V 136 -5.61 41.32 29.78
CA CYS V 136 -5.96 41.86 28.48
C CYS V 136 -5.03 42.95 28.03
N LEU V 137 -3.98 43.33 28.75
CA LEU V 137 -3.15 44.43 28.28
C LEU V 137 -2.39 44.05 27.02
N ASP V 138 -1.70 42.91 27.03
CA ASP V 138 -0.86 42.55 25.90
C ASP V 138 -1.67 42.33 24.64
N VAL V 139 -2.91 41.85 24.77
CA VAL V 139 -3.75 41.71 23.59
C VAL V 139 -4.21 43.06 23.06
N LEU V 140 -4.32 44.08 23.92
CA LEU V 140 -4.65 45.40 23.42
C LEU V 140 -3.47 46.03 22.69
N VAL V 141 -2.28 45.92 23.26
CA VAL V 141 -1.10 46.46 22.59
C VAL V 141 -0.88 45.77 21.26
N TYR V 142 -0.64 44.46 21.30
CA TYR V 142 -0.27 43.73 20.09
C TYR V 142 -1.36 43.79 19.03
N SER V 143 -2.60 44.05 19.40
CA SER V 143 -3.63 44.21 18.38
C SER V 143 -3.67 45.62 17.82
N VAL V 144 -3.49 46.64 18.65
CA VAL V 144 -3.44 48.00 18.12
C VAL V 144 -2.12 48.25 17.40
N LEU V 145 -1.06 47.56 17.80
CA LEU V 145 0.23 47.72 17.16
C LEU V 145 0.25 47.15 15.76
N CYS V 146 -0.43 46.03 15.52
CA CYS V 146 -0.55 45.54 14.15
C CYS V 146 -1.37 46.47 13.29
N ASN V 147 -2.24 47.29 13.89
CA ASN V 147 -3.00 48.24 13.11
C ASN V 147 -2.16 49.43 12.67
N LEU V 148 -1.07 49.72 13.36
CA LEU V 148 -0.25 50.88 13.04
C LEU V 148 1.03 50.52 12.29
N LEU V 149 1.50 49.28 12.40
CA LEU V 149 2.70 48.86 11.71
C LEU V 149 2.56 48.92 10.21
N GLU V 150 1.35 48.86 9.69
CA GLU V 150 1.12 48.85 8.26
C GLU V 150 1.02 50.25 7.67
N ILE V 151 1.32 51.29 8.44
CA ILE V 151 1.75 52.57 7.85
C ILE V 151 3.11 52.35 7.19
N PRO V 152 3.32 52.79 5.95
CA PRO V 152 4.55 52.43 5.23
C PRO V 152 5.79 53.18 5.68
N ASN V 153 6.09 53.15 6.97
CA ASN V 153 7.30 53.82 7.45
C ASN V 153 8.56 53.12 6.99
N ASN V 154 8.53 51.80 6.93
CA ASN V 154 9.70 50.99 6.63
C ASN V 154 9.36 49.95 5.57
N GLU V 155 10.38 49.51 4.84
CA GLU V 155 10.16 48.51 3.81
C GLU V 155 9.96 47.12 4.39
N THR V 156 10.31 46.90 5.65
CA THR V 156 10.14 45.62 6.31
C THR V 156 9.09 45.70 7.41
N ASN V 157 8.04 46.46 7.17
CA ASN V 157 6.99 46.61 8.17
C ASN V 157 6.08 45.40 8.22
N PHE V 158 5.88 44.72 7.09
CA PHE V 158 4.93 43.61 7.09
C PHE V 158 5.48 42.35 7.73
N SER V 159 6.78 42.09 7.63
CA SER V 159 7.35 40.98 8.39
C SER V 159 7.24 41.25 9.88
N VAL V 160 7.46 42.50 10.29
CA VAL V 160 7.31 42.85 11.70
C VAL V 160 5.85 42.66 12.12
N LEU V 161 4.92 43.02 11.23
CA LEU V 161 3.50 42.78 11.50
C LEU V 161 3.23 41.30 11.66
N ALA V 162 3.85 40.47 10.83
CA ALA V 162 3.66 39.02 10.94
C ALA V 162 4.18 38.49 12.27
N ASN V 163 5.32 38.98 12.74
CA ASN V 163 5.81 38.57 14.05
C ASN V 163 4.83 39.00 15.15
N TYR V 164 4.34 40.23 15.06
CA TYR V 164 3.40 40.69 16.06
C TYR V 164 2.09 39.94 16.01
N LYS V 165 1.73 39.36 14.86
CA LYS V 165 0.55 38.52 14.80
C LYS V 165 0.71 37.27 15.65
N GLN V 166 1.86 36.62 15.58
CA GLN V 166 2.10 35.45 16.43
C GLN V 166 2.13 35.85 17.90
N LEU V 167 2.75 36.98 18.21
CA LEU V 167 2.73 37.45 19.58
C LEU V 167 1.30 37.69 20.07
N LEU V 168 0.47 38.26 19.20
CA LEU V 168 -0.93 38.48 19.53
C LEU V 168 -1.66 37.16 19.75
N LYS V 169 -1.34 36.15 18.94
CA LYS V 169 -1.98 34.85 19.13
C LYS V 169 -1.64 34.27 20.49
N LEU V 170 -0.39 34.38 20.90
CA LEU V 170 -0.03 33.91 22.23
C LEU V 170 -0.74 34.70 23.32
N ALA V 171 -0.86 36.02 23.14
CA ALA V 171 -1.58 36.83 24.12
C ALA V 171 -3.03 36.40 24.22
N LYS V 172 -3.67 36.10 23.09
CA LYS V 172 -5.04 35.62 23.10
C LYS V 172 -5.14 34.26 23.79
N ASP V 173 -4.13 33.41 23.62
CA ASP V 173 -4.13 32.15 24.34
C ASP V 173 -4.11 32.38 25.85
N ASN V 174 -3.27 33.31 26.30
CA ASN V 174 -3.25 33.64 27.72
C ASN V 174 -4.61 34.16 28.18
N LEU V 175 -5.22 35.01 27.38
CA LEU V 175 -6.53 35.56 27.74
C LEU V 175 -7.58 34.47 27.83
N THR V 176 -7.57 33.51 26.91
CA THR V 176 -8.49 32.39 26.98
C THR V 176 -8.26 31.56 28.23
N ASN V 177 -6.99 31.35 28.57
CA ASN V 177 -6.68 30.67 29.82
C ASN V 177 -7.34 31.37 31.00
N TYR V 178 -7.17 32.69 31.07
CA TYR V 178 -7.75 33.45 32.17
C TYR V 178 -9.26 33.33 32.19
N LEU V 179 -9.90 33.49 31.03
CA LEU V 179 -11.36 33.46 30.98
C LEU V 179 -11.90 32.10 31.40
N SER V 180 -11.26 31.02 30.95
CA SER V 180 -11.67 29.70 31.39
C SER V 180 -11.51 29.53 32.89
N LEU V 181 -10.41 30.05 33.45
CA LEU V 181 -10.24 29.91 34.89
C LEU V 181 -11.27 30.72 35.67
N MET V 182 -11.71 31.86 35.14
CA MET V 182 -12.72 32.67 35.82
C MET V 182 -14.12 32.12 35.65
N TYR V 183 -14.64 32.16 34.43
CA TYR V 183 -16.07 32.07 34.18
C TYR V 183 -16.50 30.69 33.69
N SER V 184 -15.73 29.67 33.98
CA SER V 184 -16.06 28.33 33.53
C SER V 184 -16.06 27.38 34.71
N LYS V 185 -16.79 26.29 34.55
CA LYS V 185 -16.87 25.28 35.59
C LYS V 185 -15.53 24.61 35.81
N ASN V 186 -15.28 24.22 37.05
CA ASN V 186 -14.11 23.41 37.39
C ASN V 186 -14.55 21.96 37.39
N ILE V 187 -14.52 21.35 36.21
CA ILE V 187 -14.95 19.97 36.05
C ILE V 187 -13.78 19.16 35.52
N HIS V 188 -13.82 17.86 35.77
CA HIS V 188 -12.79 16.96 35.28
C HIS V 188 -13.34 15.76 34.54
N PHE V 189 -14.65 15.58 34.48
CA PHE V 189 -15.24 14.47 33.74
C PHE V 189 -16.49 14.95 33.03
N SER V 190 -16.81 14.29 31.92
CA SER V 190 -18.03 14.58 31.19
C SER V 190 -19.21 13.79 31.76
N LYS V 191 -20.40 14.16 31.33
CA LYS V 191 -21.61 13.46 31.72
C LYS V 191 -22.07 12.54 30.60
N VAL V 192 -22.72 11.45 30.98
CA VAL V 192 -23.21 10.50 30.00
C VAL V 192 -24.42 11.08 29.28
N VAL V 193 -24.51 10.80 27.98
CA VAL V 193 -25.64 11.29 27.20
C VAL V 193 -26.92 10.61 27.68
N ARG V 194 -27.95 11.42 27.92
CA ARG V 194 -29.23 10.93 28.43
C ARG V 194 -30.30 11.23 27.40
N VAL V 195 -30.74 10.20 26.69
CA VAL V 195 -31.80 10.37 25.71
C VAL V 195 -32.96 9.46 26.04
N MET W 1 12.17 32.85 47.99
CA MET W 1 11.92 34.26 47.73
C MET W 1 12.96 34.83 46.80
N ILE W 2 12.52 35.63 45.85
CA ILE W 2 13.39 36.27 44.87
C ILE W 2 13.39 37.77 45.11
N GLU W 3 14.58 38.34 45.22
CA GLU W 3 14.70 39.79 45.30
C GLU W 3 14.52 40.40 43.91
N VAL W 4 13.90 41.58 43.88
CA VAL W 4 13.73 42.24 42.59
C VAL W 4 15.06 42.72 42.04
N SER W 5 16.03 42.98 42.92
CA SER W 5 17.32 43.50 42.46
C SER W 5 17.99 42.54 41.50
N GLU W 6 17.96 41.24 41.80
CA GLU W 6 18.64 40.27 40.96
C GLU W 6 17.92 40.03 39.64
N VAL W 7 16.59 40.06 39.63
CA VAL W 7 15.87 40.00 38.35
C VAL W 7 16.24 41.20 37.50
N ILE W 8 16.23 42.39 38.11
CA ILE W 8 16.52 43.61 37.36
C ILE W 8 17.94 43.57 36.83
N ALA W 9 18.89 43.11 37.63
CA ALA W 9 20.28 43.06 37.20
C ALA W 9 20.45 42.13 36.02
N LYS W 10 19.82 40.96 36.06
CA LYS W 10 19.93 40.03 34.95
C LYS W 10 19.31 40.60 33.68
N VAL W 11 18.15 41.26 33.80
CA VAL W 11 17.55 41.86 32.62
C VAL W 11 18.42 42.96 32.07
N ARG W 12 18.98 43.80 32.94
CA ARG W 12 19.86 44.87 32.47
C ARG W 12 21.08 44.30 31.76
N GLU W 13 21.68 43.24 32.32
CA GLU W 13 22.84 42.64 31.67
C GLU W 13 22.47 42.09 30.31
N ARG W 14 21.32 41.43 30.22
CA ARG W 14 20.91 40.78 28.99
C ARG W 14 20.56 41.76 27.90
N LEU W 15 20.14 42.97 28.26
CA LEU W 15 19.73 43.98 27.30
C LEU W 15 20.88 44.89 26.93
N ASN W 16 22.10 44.56 27.36
CA ASN W 16 23.27 45.39 27.15
C ASN W 16 23.03 46.80 27.69
N ASP W 17 22.31 46.85 28.80
CA ASP W 17 21.98 48.12 29.46
C ASP W 17 22.33 48.05 30.94
N ASN W 18 23.51 47.51 31.26
CA ASN W 18 23.98 47.44 32.64
C ASN W 18 24.85 48.65 32.97
N GLU W 19 24.33 49.84 32.70
CA GLU W 19 25.03 51.09 32.95
C GLU W 19 24.25 51.90 33.97
N VAL W 20 24.87 52.20 35.11
CA VAL W 20 24.17 52.88 36.18
C VAL W 20 23.74 54.28 35.76
N GLY W 21 24.62 55.00 35.08
CA GLY W 21 24.33 56.36 34.68
C GLY W 21 23.24 56.50 33.65
N ASN W 22 23.26 55.65 32.62
CA ASN W 22 22.39 55.89 31.47
C ASN W 22 20.97 55.40 31.73
N TYR W 23 20.79 54.09 31.93
CA TYR W 23 19.48 53.50 32.15
C TYR W 23 18.52 53.89 31.02
N GLU W 24 18.81 53.36 29.84
CA GLU W 24 17.94 53.63 28.69
C GLU W 24 16.52 53.14 28.94
N ILE W 25 16.35 52.11 29.75
CA ILE W 25 15.03 51.62 30.14
C ILE W 25 14.77 52.07 31.57
N LEU W 26 13.72 52.85 31.76
CA LEU W 26 13.42 53.38 33.08
C LEU W 26 12.97 52.26 34.01
N ASP W 27 13.28 52.42 35.30
CA ASP W 27 12.93 51.38 36.27
C ASP W 27 11.43 51.24 36.44
N SER W 28 10.65 52.30 36.17
CA SER W 28 9.20 52.15 36.17
C SER W 28 8.77 51.16 35.08
N VAL W 29 9.38 51.23 33.91
CA VAL W 29 9.06 50.31 32.84
C VAL W 29 9.39 48.88 33.25
N LEU W 30 10.56 48.69 33.87
CA LEU W 30 10.92 47.34 34.30
C LEU W 30 9.98 46.82 35.38
N VAL W 31 9.59 47.67 36.32
CA VAL W 31 8.69 47.16 37.35
C VAL W 31 7.32 46.84 36.78
N GLU W 32 6.84 47.63 35.81
CA GLU W 32 5.57 47.29 35.18
C GLU W 32 5.68 45.99 34.39
N ASN W 33 6.79 45.80 33.68
CA ASN W 33 6.96 44.57 32.93
C ASN W 33 7.10 43.36 33.86
N ILE W 34 7.72 43.55 35.01
CA ILE W 34 7.82 42.47 35.98
C ILE W 34 6.44 42.15 36.55
N ASN W 35 5.61 43.16 36.74
CA ASN W 35 4.23 42.90 37.14
C ASN W 35 3.51 42.09 36.08
N GLN W 36 3.71 42.43 34.82
CA GLN W 36 3.08 41.65 33.74
C GLN W 36 3.58 40.21 33.74
N ALA W 37 4.88 40.02 33.95
CA ALA W 37 5.43 38.68 33.98
C ALA W 37 4.86 37.87 35.14
N LEU W 38 4.73 38.51 36.31
CA LEU W 38 4.11 37.83 37.46
C LEU W 38 2.68 37.46 37.15
N LEU W 39 1.93 38.36 36.53
CA LEU W 39 0.60 38.03 36.02
C LEU W 39 0.60 36.74 35.21
N LYS W 40 1.38 36.72 34.14
CA LYS W 40 1.35 35.56 33.24
C LYS W 40 1.81 34.30 33.94
N ILE W 41 2.87 34.39 34.75
CA ILE W 41 3.39 33.21 35.42
C ILE W 41 2.40 32.66 36.43
N CYS W 42 1.81 33.51 37.26
CA CYS W 42 0.86 33.03 38.24
C CYS W 42 -0.43 32.55 37.62
N LEU W 43 -0.82 33.09 36.47
CA LEU W 43 -1.99 32.58 35.80
C LEU W 43 -1.75 31.21 35.19
N GLU W 44 -0.64 31.05 34.47
CA GLU W 44 -0.46 29.81 33.72
C GLU W 44 -0.22 28.63 34.65
N PHE W 45 0.53 28.85 35.72
CA PHE W 45 0.92 27.75 36.59
C PHE W 45 0.06 27.62 37.85
N ARG W 46 -0.87 28.55 38.07
CA ARG W 46 -1.73 28.53 39.25
C ARG W 46 -0.89 28.45 40.52
N LEU W 47 0.12 29.31 40.58
CA LEU W 47 1.10 29.24 41.66
C LEU W 47 0.49 29.54 43.02
N LYS W 48 -0.32 30.58 43.12
CA LYS W 48 -0.78 31.07 44.41
C LYS W 48 -2.26 30.79 44.57
N LYS W 49 -2.59 29.92 45.52
CA LYS W 49 -3.97 29.67 45.91
C LYS W 49 -4.25 30.42 47.21
N ALA W 50 -5.36 31.13 47.24
CA ALA W 50 -5.77 31.89 48.40
C ALA W 50 -7.19 31.51 48.77
N ILE W 51 -7.47 31.56 50.06
CA ILE W 51 -8.78 31.23 50.60
C ILE W 51 -9.32 32.44 51.34
N THR W 52 -10.54 32.85 51.01
CA THR W 52 -11.18 33.97 51.68
C THR W 52 -12.54 33.52 52.19
N ARG W 53 -12.82 33.78 53.45
CA ARG W 53 -14.03 33.29 54.09
C ARG W 53 -14.70 34.48 54.75
N SER W 54 -15.58 35.14 54.01
CA SER W 54 -16.23 36.34 54.51
C SER W 54 -17.73 36.12 54.57
N LEU W 55 -18.45 37.18 54.90
CA LEU W 55 -19.90 37.12 55.07
C LEU W 55 -20.53 38.21 54.23
N ILE W 56 -21.62 37.87 53.54
CA ILE W 56 -22.36 38.82 52.73
C ILE W 56 -23.78 38.90 53.27
N THR W 57 -24.23 40.14 53.49
CA THR W 57 -25.57 40.41 53.97
C THR W 57 -26.22 41.47 53.10
N GLU W 58 -27.42 41.93 53.47
CA GLU W 58 -28.10 42.92 52.66
C GLU W 58 -27.43 44.28 52.70
N GLU W 59 -26.64 44.58 53.73
CA GLU W 59 -25.96 45.86 53.79
C GLU W 59 -24.86 45.95 52.75
N GLU W 60 -23.86 45.08 52.85
CA GLU W 60 -22.81 44.97 51.85
C GLU W 60 -23.01 43.65 51.12
N ARG W 61 -23.16 43.72 49.79
CA ARG W 61 -23.52 42.55 49.01
C ARG W 61 -22.36 41.94 48.26
N PHE W 62 -21.23 42.63 48.17
CA PHE W 62 -20.11 42.19 47.35
C PHE W 62 -18.89 41.93 48.22
N LEU W 63 -18.06 41.01 47.75
CA LEU W 63 -16.82 40.61 48.42
C LEU W 63 -15.67 41.07 47.53
N THR W 64 -14.93 42.07 47.98
CA THR W 64 -13.84 42.62 47.18
C THR W 64 -12.59 41.77 47.39
N LEU W 65 -12.18 41.06 46.36
CA LEU W 65 -10.94 40.30 46.38
C LEU W 65 -9.80 41.20 45.92
N ASN W 66 -8.65 40.61 45.62
CA ASN W 66 -7.54 41.41 45.12
C ASN W 66 -6.70 40.57 44.18
N ASN W 67 -6.39 41.13 43.02
CA ASN W 67 -5.53 40.47 42.04
C ASN W 67 -6.08 39.09 41.70
N LEU W 68 -7.34 39.08 41.28
CA LEU W 68 -8.03 37.83 41.02
C LEU W 68 -7.60 37.25 39.69
N LEU W 69 -7.35 35.95 39.67
CA LEU W 69 -7.09 35.20 38.45
C LEU W 69 -8.12 34.15 38.12
N GLY W 70 -8.69 33.50 39.13
CA GLY W 70 -9.64 32.45 38.86
C GLY W 70 -10.21 31.90 40.14
N ILE W 71 -11.43 31.39 40.07
CA ILE W 71 -12.08 30.79 41.22
C ILE W 71 -12.21 29.31 40.97
N GLU W 72 -11.80 28.49 41.93
CA GLU W 72 -11.86 27.06 41.75
C GLU W 72 -12.81 26.36 42.72
N SER W 73 -13.32 27.06 43.73
CA SER W 73 -14.27 26.45 44.65
C SER W 73 -14.99 27.55 45.42
N VAL W 74 -16.31 27.47 45.48
CA VAL W 74 -17.13 28.42 46.22
C VAL W 74 -18.09 27.64 47.10
N LYS W 75 -18.15 28.01 48.37
CA LYS W 75 -19.11 27.44 49.31
C LYS W 75 -19.93 28.57 49.92
N LEU W 76 -21.22 28.32 50.07
CA LEU W 76 -22.10 29.26 50.77
C LEU W 76 -22.80 28.47 51.87
N ASP W 77 -22.40 28.72 53.11
CA ASP W 77 -22.88 27.96 54.25
C ASP W 77 -22.64 26.46 54.03
N LYS W 78 -21.42 26.15 53.60
CA LYS W 78 -21.02 24.77 53.31
C LYS W 78 -21.91 24.14 52.26
N LYS W 79 -22.38 24.95 51.32
CA LYS W 79 -23.14 24.47 50.18
C LYS W 79 -22.40 24.88 48.91
N GLU W 80 -22.22 23.91 48.01
CA GLU W 80 -21.50 24.18 46.78
C GLU W 80 -22.26 25.17 45.92
N ILE W 81 -21.54 26.17 45.41
CA ILE W 81 -22.06 27.07 44.38
C ILE W 81 -21.56 26.54 43.05
N GLU W 82 -22.48 26.39 42.10
CA GLU W 82 -22.20 25.62 40.90
C GLU W 82 -21.75 26.48 39.74
N SER W 83 -22.60 27.37 39.24
CA SER W 83 -22.30 28.11 38.01
C SER W 83 -21.75 29.49 38.32
N ARG W 84 -21.09 30.07 37.32
CA ARG W 84 -20.54 31.41 37.42
C ARG W 84 -21.13 32.28 36.32
N ASN W 85 -21.35 33.55 36.64
CA ASN W 85 -22.01 34.46 35.72
C ASN W 85 -21.62 35.88 36.09
N THR W 86 -21.87 36.80 35.15
CA THR W 86 -21.56 38.21 35.34
C THR W 86 -22.75 39.10 34.98
N ILE W 87 -23.97 38.57 35.03
CA ILE W 87 -25.11 39.24 34.44
C ILE W 87 -26.18 39.61 35.45
N GLU W 88 -26.08 39.17 36.71
CA GLU W 88 -27.07 39.48 37.74
C GLU W 88 -28.45 38.97 37.34
N LYS W 89 -28.52 37.64 37.21
CA LYS W 89 -29.80 36.97 36.96
C LYS W 89 -30.73 37.18 38.15
N ASP W 90 -32.01 37.42 37.82
CA ASP W 90 -32.99 37.75 38.85
C ASP W 90 -33.34 36.57 39.75
N THR W 91 -33.62 35.41 39.16
CA THR W 91 -34.01 34.24 39.93
C THR W 91 -33.66 32.98 39.17
N GLY W 92 -33.64 31.86 39.88
CA GLY W 92 -33.31 30.58 39.29
C GLY W 92 -32.33 29.80 40.13
N GLU W 93 -31.43 29.07 39.48
CA GLU W 93 -30.39 28.36 40.21
C GLU W 93 -29.44 29.37 40.85
N LEU W 94 -28.72 28.91 41.86
CA LEU W 94 -27.90 29.81 42.67
C LEU W 94 -26.51 29.89 42.06
N GLU W 95 -26.15 31.07 41.53
CA GLU W 95 -24.91 31.23 40.79
C GLU W 95 -24.03 32.28 41.44
N LEU W 96 -22.74 32.23 41.08
CA LEU W 96 -21.74 33.15 41.60
C LEU W 96 -21.57 34.31 40.63
N LEU W 97 -21.76 35.53 41.10
CA LEU W 97 -21.65 36.72 40.28
C LEU W 97 -20.26 37.30 40.43
N ILE W 98 -19.58 37.48 39.30
CA ILE W 98 -18.22 38.04 39.26
C ILE W 98 -18.29 39.39 38.57
N LEU W 99 -17.79 40.42 39.24
CA LEU W 99 -17.87 41.80 38.77
C LEU W 99 -16.49 42.43 38.71
N SER W 100 -15.54 41.75 38.06
CA SER W 100 -14.20 42.29 37.84
C SER W 100 -13.53 42.62 39.18
N ASP W 101 -13.27 41.55 39.93
CA ASP W 101 -12.64 41.60 41.24
C ASP W 101 -13.65 42.08 42.30
N ARG W 102 -14.91 41.70 42.11
CA ARG W 102 -15.91 41.79 43.16
C ARG W 102 -16.79 40.56 43.04
N ILE W 103 -17.00 39.89 44.16
CA ILE W 103 -17.66 38.59 44.19
C ILE W 103 -18.97 38.73 44.97
N SER W 104 -20.05 38.23 44.40
CA SER W 104 -21.32 38.16 45.11
C SER W 104 -22.06 36.92 44.64
N VAL W 105 -23.31 36.79 45.07
CA VAL W 105 -24.15 35.65 44.71
C VAL W 105 -25.35 36.17 43.95
N THR W 106 -25.66 35.54 42.83
CA THR W 106 -26.54 36.15 41.83
C THR W 106 -27.98 36.27 42.32
N PRO W 107 -28.73 35.18 42.58
CA PRO W 107 -30.03 35.36 43.21
C PRO W 107 -29.82 35.51 44.70
N PHE W 108 -29.52 36.73 45.14
CA PHE W 108 -28.81 36.94 46.40
C PHE W 108 -29.51 36.28 47.59
N LYS W 109 -28.70 35.62 48.42
CA LYS W 109 -29.12 35.01 49.66
C LYS W 109 -28.15 35.39 50.76
N ILE W 110 -28.69 35.76 51.92
CA ILE W 110 -27.85 36.12 53.06
C ILE W 110 -26.99 34.94 53.44
N GLY W 111 -25.72 35.19 53.76
CA GLY W 111 -24.91 34.08 54.23
C GLY W 111 -23.43 34.42 54.26
N GLU W 112 -22.63 33.39 54.07
CA GLU W 112 -21.18 33.53 54.04
C GLU W 112 -20.63 32.89 52.77
N LEU W 113 -19.48 33.40 52.34
CA LEU W 113 -18.81 32.91 51.14
C LEU W 113 -17.42 32.42 51.51
N GLU W 114 -17.12 31.17 51.17
CA GLU W 114 -15.79 30.61 51.29
C GLU W 114 -15.31 30.35 49.87
N VAL W 115 -14.34 31.14 49.42
CA VAL W 115 -13.93 31.18 48.04
C VAL W 115 -12.45 30.86 47.95
N VAL W 116 -12.09 29.99 47.01
CA VAL W 116 -10.70 29.70 46.72
C VAL W 116 -10.35 30.31 45.37
N TYR W 117 -9.25 31.05 45.31
CA TYR W 117 -8.94 31.84 44.13
C TYR W 117 -7.43 31.95 43.98
N TYR W 118 -6.97 32.80 43.07
CA TYR W 118 -5.57 32.96 42.77
C TYR W 118 -5.18 34.43 42.77
N THR W 119 -3.91 34.70 43.09
CA THR W 119 -3.48 36.03 43.52
C THR W 119 -2.14 36.36 42.87
N TYR W 120 -1.78 37.65 42.87
CA TYR W 120 -0.53 38.12 42.26
C TYR W 120 0.54 38.39 43.31
N GLU W 121 0.17 39.16 44.34
CA GLU W 121 1.08 39.97 45.14
C GLU W 121 2.16 40.60 44.28
N GLU W 122 1.71 41.46 43.37
CA GLU W 122 2.60 42.19 42.48
C GLU W 122 3.46 43.18 43.26
N ILE W 123 4.50 43.68 42.61
CA ILE W 123 5.48 44.54 43.24
C ILE W 123 5.35 45.95 42.68
N ARG W 124 5.89 46.90 43.44
CA ARG W 124 5.88 48.30 43.03
C ARG W 124 7.19 49.02 43.28
N ASN W 125 8.16 48.42 43.95
CA ASN W 125 9.43 49.06 44.25
C ASN W 125 10.57 48.14 43.88
N ILE W 126 11.70 48.74 43.53
CA ILE W 126 12.87 47.94 43.16
C ILE W 126 13.44 47.20 44.35
N LEU W 127 13.19 47.68 45.57
CA LEU W 127 13.74 47.08 46.76
C LEU W 127 12.82 46.03 47.36
N GLU W 128 11.71 45.70 46.70
CA GLU W 128 10.77 44.73 47.21
C GLU W 128 11.34 43.33 47.03
N THR W 129 10.53 42.32 47.33
CA THR W 129 10.94 40.93 47.21
C THR W 129 9.76 40.13 46.68
N ILE W 130 10.03 39.27 45.71
CA ILE W 130 8.99 38.44 45.11
C ILE W 130 8.91 37.12 45.87
N LYS W 131 7.76 36.83 46.44
CA LYS W 131 7.57 35.63 47.24
C LYS W 131 7.22 34.47 46.32
N LEU W 132 8.23 33.97 45.63
CA LEU W 132 8.09 32.86 44.70
C LEU W 132 9.30 31.96 44.88
N PRO W 133 9.19 30.70 44.48
CA PRO W 133 10.35 29.80 44.56
C PRO W 133 11.48 30.33 43.69
N LYS W 134 12.72 30.11 44.16
CA LYS W 134 13.86 30.59 43.41
C LYS W 134 13.94 29.98 42.02
N ILE W 135 13.39 28.79 41.83
CA ILE W 135 13.40 28.17 40.51
C ILE W 135 12.63 29.02 39.51
N CYS W 136 11.69 29.82 39.99
CA CYS W 136 10.95 30.75 39.16
C CYS W 136 11.77 31.92 38.71
N LEU W 137 13.05 32.05 39.02
CA LEU W 137 13.78 33.24 38.58
C LEU W 137 13.93 33.28 37.07
N ASP W 138 14.42 32.18 36.48
CA ASP W 138 14.71 32.19 35.05
C ASP W 138 13.46 32.39 34.22
N VAL W 139 12.31 31.90 34.70
CA VAL W 139 11.08 32.15 33.97
C VAL W 139 10.62 33.59 34.09
N LEU W 140 10.99 34.29 35.17
CA LEU W 140 10.67 35.71 35.25
C LEU W 140 11.56 36.53 34.33
N VAL W 141 12.85 36.24 34.29
CA VAL W 141 13.75 36.95 33.39
C VAL W 141 13.34 36.71 31.95
N TYR W 142 13.41 35.46 31.51
CA TYR W 142 13.18 35.14 30.11
C TYR W 142 11.79 35.54 29.64
N SER W 143 10.83 35.68 30.54
CA SER W 143 9.52 36.16 30.12
C SER W 143 9.45 37.67 30.05
N VAL W 144 10.08 38.37 31.01
CA VAL W 144 10.10 39.83 30.90
C VAL W 144 11.06 40.29 29.83
N LEU W 145 12.08 39.51 29.54
CA LEU W 145 13.05 39.85 28.51
C LEU W 145 12.46 39.76 27.11
N CYS W 146 11.60 38.77 26.86
CA CYS W 146 10.90 38.74 25.59
C CYS W 146 9.93 39.90 25.44
N ASN W 147 9.48 40.49 26.54
CA ASN W 147 8.61 41.65 26.45
C ASN W 147 9.36 42.90 26.07
N LEU W 148 10.66 42.96 26.30
CA LEU W 148 11.45 44.16 26.03
C LEU W 148 12.27 44.05 24.76
N LEU W 149 12.58 42.84 24.31
CA LEU W 149 13.36 42.65 23.10
C LEU W 149 12.68 43.18 21.87
N GLU W 150 11.36 43.29 21.90
CA GLU W 150 10.60 43.74 20.74
C GLU W 150 10.46 45.25 20.67
N ILE W 151 11.17 45.99 21.51
CA ILE W 151 11.51 47.38 21.20
C ILE W 151 12.47 47.39 20.01
N PRO W 152 12.24 48.19 18.98
CA PRO W 152 13.05 48.07 17.75
C PRO W 152 14.45 48.64 17.86
N ASN W 153 15.22 48.20 18.85
CA ASN W 153 16.59 48.68 18.97
C ASN W 153 17.48 48.15 17.85
N ASN W 154 17.25 46.92 17.43
CA ASN W 154 18.10 46.24 16.47
C ASN W 154 17.25 45.59 15.40
N GLU W 155 17.85 45.40 14.22
CA GLU W 155 17.12 44.77 13.13
C GLU W 155 16.97 43.28 13.31
N THR W 156 17.75 42.67 14.20
CA THR W 156 17.68 41.24 14.48
C THR W 156 17.15 40.98 15.87
N ASN W 157 16.20 41.79 16.32
CA ASN W 157 15.64 41.61 17.64
C ASN W 157 14.67 40.45 17.70
N PHE W 158 13.96 40.16 16.62
CA PHE W 158 12.94 39.11 16.67
C PHE W 158 13.54 37.72 16.66
N SER W 159 14.64 37.50 15.96
CA SER W 159 15.31 36.21 16.08
C SER W 159 15.82 35.98 17.49
N VAL W 160 16.34 37.04 18.11
CA VAL W 160 16.78 36.93 19.50
C VAL W 160 15.59 36.63 20.40
N LEU W 161 14.45 37.24 20.11
CA LEU W 161 13.23 36.95 20.85
C LEU W 161 12.84 35.49 20.68
N ALA W 162 12.98 34.96 19.46
CA ALA W 162 12.66 33.55 19.22
C ALA W 162 13.56 32.63 20.02
N ASN W 163 14.85 32.94 20.09
CA ASN W 163 15.75 32.14 20.92
C ASN W 163 15.33 32.19 22.39
N TYR W 164 15.02 33.38 22.87
CA TYR W 164 14.60 33.52 24.26
C TYR W 164 13.28 32.83 24.52
N LYS W 165 12.44 32.65 23.49
CA LYS W 165 11.22 31.87 23.69
C LYS W 165 11.53 30.42 24.01
N GLN W 166 12.48 29.81 23.29
CA GLN W 166 12.86 28.44 23.60
C GLN W 166 13.50 28.35 24.97
N LEU W 167 14.34 29.33 25.32
CA LEU W 167 14.91 29.33 26.65
C LEU W 167 13.82 29.42 27.71
N LEU W 168 12.80 30.24 27.46
CA LEU W 168 11.67 30.34 28.38
C LEU W 168 10.92 29.03 28.49
N LYS W 169 10.76 28.32 27.36
CA LYS W 169 10.08 27.03 27.41
C LYS W 169 10.84 26.05 28.28
N LEU W 170 12.16 26.03 28.17
CA LEU W 170 12.93 25.15 29.05
C LEU W 170 12.81 25.57 30.51
N ALA W 171 12.79 26.87 30.78
CA ALA W 171 12.61 27.34 32.15
C ALA W 171 11.27 26.90 32.70
N LYS W 172 10.22 26.99 31.89
CA LYS W 172 8.91 26.52 32.32
C LYS W 172 8.90 25.02 32.56
N ASP W 173 9.64 24.26 31.77
CA ASP W 173 9.75 22.84 32.04
C ASP W 173 10.38 22.58 33.40
N ASN W 174 11.44 23.32 33.72
CA ASN W 174 12.04 23.19 35.05
C ASN W 174 11.05 23.53 36.14
N LEU W 175 10.29 24.60 35.94
CA LEU W 175 9.31 25.00 36.94
C LEU W 175 8.24 23.95 37.13
N THR W 176 7.78 23.33 36.04
CA THR W 176 6.81 22.26 36.16
C THR W 176 7.39 21.07 36.91
N ASN W 177 8.66 20.75 36.64
CA ASN W 177 9.32 19.70 37.40
C ASN W 177 9.27 20.00 38.90
N TYR W 178 9.62 21.23 39.27
CA TYR W 178 9.61 21.61 40.67
C TYR W 178 8.22 21.50 41.27
N LEU W 179 7.21 22.02 40.57
CA LEU W 179 5.86 22.01 41.11
C LEU W 179 5.35 20.60 41.29
N SER W 180 5.62 19.70 40.34
CA SER W 180 5.24 18.31 40.51
C SER W 180 5.94 17.68 41.69
N LEU W 181 7.22 17.99 41.89
CA LEU W 181 7.91 17.41 43.02
C LEU W 181 7.37 17.93 44.35
N MET W 182 6.92 19.18 44.40
CA MET W 182 6.37 19.74 45.63
C MET W 182 4.94 19.28 45.88
N TYR W 183 4.00 19.70 45.04
CA TYR W 183 2.59 19.70 45.40
C TYR W 183 1.83 18.56 44.74
N SER W 184 2.52 17.49 44.38
CA SER W 184 1.87 16.37 43.74
C SER W 184 2.19 15.09 44.49
N LYS W 185 1.31 14.12 44.34
CA LYS W 185 1.51 12.83 44.99
C LYS W 185 2.72 12.11 44.44
N ASN W 186 3.38 11.35 45.31
CA ASN W 186 4.47 10.48 44.90
C ASN W 186 3.88 9.10 44.66
N ILE W 187 3.38 8.87 43.45
CA ILE W 187 2.74 7.62 43.09
C ILE W 187 3.50 7.03 41.91
N HIS W 188 3.39 5.71 41.78
CA HIS W 188 4.02 5.02 40.68
C HIS W 188 3.08 4.10 39.91
N PHE W 189 1.83 3.95 40.34
CA PHE W 189 0.86 3.14 39.61
C PHE W 189 -0.49 3.83 39.64
N SER W 190 -1.30 3.55 38.62
CA SER W 190 -2.65 4.07 38.57
C SER W 190 -3.60 3.14 39.31
N LYS W 191 -4.82 3.63 39.52
CA LYS W 191 -5.87 2.85 40.16
C LYS W 191 -6.83 2.34 39.10
N VAL W 192 -7.42 1.18 39.38
CA VAL W 192 -8.38 0.59 38.46
C VAL W 192 -9.67 1.38 38.48
N VAL W 193 -10.30 1.52 37.32
CA VAL W 193 -11.57 2.23 37.23
C VAL W 193 -12.63 1.45 37.97
N ARG W 194 -13.38 2.14 38.83
CA ARG W 194 -14.41 1.53 39.66
C ARG W 194 -15.76 2.14 39.28
N VAL W 195 -16.57 1.38 38.55
CA VAL W 195 -17.89 1.86 38.17
C VAL W 195 -18.94 0.90 38.66
N MET X 1 33.80 16.00 46.20
CA MET X 1 33.66 17.42 46.47
C MET X 1 34.34 18.26 45.42
N ILE X 2 33.66 19.32 44.99
CA ILE X 2 34.18 20.22 43.98
C ILE X 2 34.47 21.57 44.61
N GLU X 3 35.68 22.08 44.40
CA GLU X 3 36.00 23.43 44.83
C GLU X 3 35.39 24.44 43.87
N VAL X 4 34.96 25.58 44.42
CA VAL X 4 34.40 26.61 43.57
C VAL X 4 35.47 27.23 42.69
N SER X 5 36.72 27.19 43.13
CA SER X 5 37.79 27.83 42.37
C SER X 5 37.92 27.21 40.99
N GLU X 6 37.84 25.88 40.90
CA GLU X 6 38.01 25.22 39.61
C GLU X 6 36.81 25.43 38.68
N VAL X 7 35.59 25.45 39.21
CA VAL X 7 34.45 25.81 38.38
C VAL X 7 34.61 27.22 37.84
N ILE X 8 34.99 28.15 38.71
CA ILE X 8 35.13 29.53 38.29
C ILE X 8 36.22 29.67 37.25
N ALA X 9 37.34 28.98 37.44
CA ALA X 9 38.43 29.06 36.48
C ALA X 9 38.02 28.54 35.11
N LYS X 10 37.30 27.42 35.07
CA LYS X 10 36.86 26.88 33.79
C LYS X 10 35.89 27.84 33.11
N VAL X 11 34.97 28.42 33.87
CA VAL X 11 34.03 29.36 33.26
C VAL X 11 34.77 30.59 32.74
N ARG X 12 35.72 31.12 33.51
CA ARG X 12 36.49 32.26 33.04
C ARG X 12 37.26 31.94 31.78
N GLU X 13 37.88 30.76 31.72
CA GLU X 13 38.61 30.39 30.52
C GLU X 13 37.68 30.29 29.32
N ARG X 14 36.51 29.70 29.52
CA ARG X 14 35.58 29.47 28.43
C ARG X 14 34.96 30.75 27.91
N LEU X 15 34.89 31.78 28.74
CA LEU X 15 34.28 33.06 28.36
C LEU X 15 35.31 34.03 27.83
N ASN X 16 36.55 33.57 27.63
CA ASN X 16 37.65 34.42 27.20
C ASN X 16 37.82 35.58 28.17
N ASP X 17 37.60 35.30 29.45
CA ASP X 17 37.71 36.29 30.51
C ASP X 17 38.59 35.75 31.64
N ASN X 18 39.70 35.13 31.27
CA ASN X 18 40.66 34.63 32.27
C ASN X 18 41.74 35.66 32.56
N GLU X 19 41.32 36.89 32.86
CA GLU X 19 42.23 37.99 33.16
C GLU X 19 42.00 38.45 34.60
N VAL X 20 43.04 38.36 35.42
CA VAL X 20 42.90 38.68 36.84
C VAL X 20 42.53 40.14 37.03
N GLY X 21 43.17 41.03 36.29
CA GLY X 21 42.94 42.45 36.46
C GLY X 21 41.56 42.91 36.05
N ASN X 22 41.07 42.44 34.90
CA ASN X 22 39.88 43.02 34.32
C ASN X 22 38.61 42.48 34.97
N TYR X 23 38.36 41.18 34.85
CA TYR X 23 37.16 40.55 35.40
C TYR X 23 35.90 41.27 34.92
N GLU X 24 35.64 41.16 33.62
CA GLU X 24 34.45 41.77 33.06
C GLU X 24 33.17 41.24 33.71
N ILE X 25 33.20 40.01 34.19
CA ILE X 25 32.07 39.43 34.91
C ILE X 25 32.44 39.41 36.39
N LEU X 26 31.66 40.10 37.20
CA LEU X 26 31.95 40.18 38.62
C LEU X 26 31.74 38.83 39.29
N ASP X 27 32.55 38.57 40.33
CA ASP X 27 32.46 37.29 41.02
C ASP X 27 31.13 37.10 41.73
N SER X 28 30.46 38.19 42.12
CA SER X 28 29.11 38.05 42.64
C SER X 28 28.17 37.46 41.60
N VAL X 29 28.29 37.91 40.36
CA VAL X 29 27.46 37.37 39.30
C VAL X 29 27.74 35.89 39.12
N LEU X 30 29.02 35.50 39.12
CA LEU X 30 29.34 34.08 38.97
C LEU X 30 28.82 33.25 40.13
N VAL X 31 28.93 33.76 41.35
CA VAL X 31 28.45 32.95 42.47
C VAL X 31 26.93 32.84 42.42
N GLU X 32 26.22 33.89 42.01
CA GLU X 32 24.78 33.78 41.87
C GLU X 32 24.40 32.79 40.77
N ASN X 33 25.11 32.83 39.65
CA ASN X 33 24.83 31.89 38.58
C ASN X 33 25.15 30.46 38.98
N ILE X 34 26.19 30.27 39.78
CA ILE X 34 26.50 28.94 40.28
C ILE X 34 25.41 28.47 41.23
N ASN X 35 24.86 29.37 42.03
CA ASN X 35 23.72 29.00 42.86
C ASN X 35 22.53 28.56 42.00
N GLN X 36 22.28 29.29 40.91
CA GLN X 36 21.21 28.89 40.01
C GLN X 36 21.46 27.52 39.40
N ALA X 37 22.71 27.27 39.00
CA ALA X 37 23.05 25.98 38.43
C ALA X 37 22.88 24.85 39.43
N LEU X 38 23.27 25.09 40.69
CA LEU X 38 23.07 24.09 41.72
C LEU X 38 21.59 23.83 41.93
N LEU X 39 20.78 24.89 41.95
CA LEU X 39 19.33 24.74 41.97
C LEU X 39 18.86 23.78 40.89
N LYS X 40 19.15 24.09 39.63
CA LYS X 40 18.62 23.28 38.54
C LYS X 40 19.15 21.85 38.59
N ILE X 41 20.44 21.68 38.89
CA ILE X 41 21.02 20.35 38.93
C ILE X 41 20.42 19.50 40.04
N CYS X 42 20.31 20.06 41.25
CA CYS X 42 19.75 19.31 42.36
C CYS X 42 18.27 19.05 42.19
N LEU X 43 17.56 19.93 41.50
CA LEU X 43 16.15 19.67 41.25
C LEU X 43 15.96 18.55 40.23
N GLU X 44 16.68 18.62 39.11
CA GLU X 44 16.40 17.68 38.04
C GLU X 44 16.82 16.27 38.41
N PHE X 45 17.94 16.13 39.10
CA PHE X 45 18.47 14.81 39.38
C PHE X 45 18.16 14.31 40.78
N ARG X 46 17.51 15.11 41.61
CA ARG X 46 17.18 14.73 42.98
C ARG X 46 18.43 14.24 43.73
N LEU X 47 19.48 15.04 43.62
CA LEU X 47 20.79 14.63 44.13
C LEU X 47 20.79 14.48 45.65
N LYS X 48 20.21 15.45 46.36
CA LYS X 48 20.35 15.50 47.82
C LYS X 48 19.02 15.19 48.47
N LYS X 49 18.97 14.07 49.18
CA LYS X 49 17.83 13.72 50.00
C LYS X 49 18.16 14.02 51.46
N ALA X 50 17.25 14.70 52.14
CA ALA X 50 17.43 15.04 53.53
C ALA X 50 16.22 14.58 54.32
N ILE X 51 16.46 14.22 55.57
CA ILE X 51 15.41 13.75 56.47
C ILE X 51 15.37 14.66 57.67
N THR X 52 14.19 15.16 57.99
CA THR X 52 14.00 16.01 59.16
C THR X 52 12.89 15.43 60.02
N ARG X 53 13.15 15.29 61.30
CA ARG X 53 12.22 14.62 62.21
C ARG X 53 12.02 15.55 63.40
N SER X 54 11.02 16.42 63.30
CA SER X 54 10.77 17.40 64.34
C SER X 54 9.39 17.18 64.93
N LEU X 55 8.99 18.08 65.82
CA LEU X 55 7.73 17.97 66.52
C LEU X 55 6.97 19.28 66.37
N ILE X 56 5.68 19.18 66.11
CA ILE X 56 4.81 20.34 65.98
C ILE X 56 3.73 20.26 67.05
N THR X 57 3.56 21.36 67.78
CA THR X 57 2.55 21.47 68.81
C THR X 57 1.77 22.76 68.61
N GLU X 58 0.88 23.08 69.55
CA GLU X 58 0.07 24.29 69.41
C GLU X 58 0.88 25.56 69.57
N GLU X 59 2.03 25.51 70.23
CA GLU X 59 2.86 26.71 70.37
C GLU X 59 3.47 27.11 69.04
N GLU X 60 4.32 26.25 68.48
CA GLU X 60 4.87 26.46 67.15
C GLU X 60 4.24 25.44 66.22
N ARG X 61 3.61 25.92 65.15
CA ARG X 61 2.82 25.06 64.29
C ARG X 61 3.52 24.72 62.99
N PHE X 62 4.60 25.41 62.65
CA PHE X 62 5.25 25.22 61.36
C PHE X 62 6.67 24.70 61.54
N LEU X 63 7.13 23.97 60.53
CA LEU X 63 8.46 23.37 60.51
C LEU X 63 9.23 24.08 59.40
N THR X 64 10.22 24.89 59.78
CA THR X 64 10.98 25.65 58.80
C THR X 64 12.09 24.78 58.24
N LEU X 65 11.98 24.44 56.96
CA LEU X 65 13.02 23.69 56.28
C LEU X 65 14.01 24.68 55.67
N ASN X 66 14.87 24.21 54.78
CA ASN X 66 15.80 25.13 54.13
C ASN X 66 16.11 24.63 52.73
N ASN X 67 16.01 25.52 51.75
CA ASN X 67 16.34 25.20 50.36
C ASN X 67 15.53 24.00 49.88
N LEU X 68 14.22 24.13 50.04
CA LEU X 68 13.32 23.03 49.74
C LEU X 68 13.13 22.90 48.23
N LEU X 69 13.17 21.66 47.75
CA LEU X 69 12.85 21.34 46.36
C LEU X 69 11.64 20.45 46.19
N GLY X 70 11.41 19.52 47.10
CA GLY X 70 10.31 18.61 46.96
C GLY X 70 10.21 17.69 48.15
N ILE X 71 9.00 17.23 48.44
CA ILE X 71 8.75 16.30 49.53
C ILE X 71 8.34 14.98 48.93
N GLU X 72 8.99 13.90 49.38
CA GLU X 72 8.67 12.59 48.82
C GLU X 72 8.08 11.63 49.85
N SER X 73 8.10 11.97 51.14
CA SER X 73 7.50 11.12 52.15
C SER X 73 7.28 11.92 53.42
N VAL X 74 6.08 11.83 53.98
CA VAL X 74 5.73 12.49 55.22
C VAL X 74 5.09 11.48 56.15
N LYS X 75 5.57 11.43 57.39
CA LYS X 75 4.99 10.60 58.44
C LYS X 75 4.61 11.49 59.61
N LEU X 76 3.46 11.22 60.20
CA LEU X 76 3.04 11.90 61.43
C LEU X 76 2.71 10.80 62.44
N ASP X 77 3.59 10.64 63.43
CA ASP X 77 3.49 9.55 64.40
C ASP X 77 3.43 8.21 63.67
N LYS X 78 4.34 8.03 62.72
CA LYS X 78 4.41 6.82 61.92
C LYS X 78 3.10 6.55 61.18
N LYS X 79 2.43 7.63 60.80
CA LYS X 79 1.24 7.54 59.97
C LYS X 79 1.48 8.31 58.68
N GLU X 80 1.18 7.69 57.55
CA GLU X 80 1.41 8.32 56.27
C GLU X 80 0.51 9.54 56.11
N ILE X 81 1.10 10.64 55.67
CA ILE X 81 0.35 11.82 55.23
C ILE X 81 0.23 11.74 53.73
N GLU X 82 -1.00 11.90 53.24
CA GLU X 82 -1.30 11.54 51.86
C GLU X 82 -1.23 12.73 50.90
N SER X 83 -2.06 13.74 51.07
CA SER X 83 -2.17 14.81 50.10
C SER X 83 -1.37 16.03 50.54
N ARG X 84 -1.07 16.89 49.57
CA ARG X 84 -0.35 18.14 49.82
C ARG X 84 -1.19 19.30 49.36
N ASN X 85 -1.11 20.41 50.09
CA ASN X 85 -1.93 21.56 49.81
C ASN X 85 -1.26 22.80 50.38
N THR X 86 -1.72 23.97 49.93
CA THR X 86 -1.18 25.24 50.37
C THR X 86 -2.28 26.21 50.80
N ILE X 87 -3.45 25.70 51.17
CA ILE X 87 -4.64 26.52 51.32
C ILE X 87 -5.17 26.56 52.74
N GLU X 88 -4.66 25.75 53.66
CA GLU X 88 -5.13 25.72 55.04
C GLU X 88 -6.62 25.36 55.10
N LYS X 89 -6.91 24.15 54.64
CA LYS X 89 -8.25 23.60 54.76
C LYS X 89 -8.63 23.43 56.22
N ASP X 90 -9.89 23.75 56.53
CA ASP X 90 -10.35 23.76 57.92
C ASP X 90 -10.48 22.36 58.49
N THR X 91 -11.11 21.44 57.76
CA THR X 91 -11.33 20.09 58.26
C THR X 91 -11.47 19.13 57.09
N GLY X 92 -11.34 17.85 57.38
CA GLY X 92 -11.43 16.82 56.37
C GLY X 92 -10.30 15.80 56.48
N GLU X 93 -9.83 15.31 55.34
CA GLU X 93 -8.69 14.41 55.35
C GLU X 93 -7.45 15.16 55.81
N LEU X 94 -6.46 14.40 56.26
CA LEU X 94 -5.29 14.99 56.89
C LEU X 94 -4.24 15.26 55.82
N GLU X 95 -3.95 16.53 55.56
CA GLU X 95 -3.08 16.92 54.46
C GLU X 95 -1.88 17.71 54.96
N LEU X 96 -0.86 17.76 54.13
CA LEU X 96 0.38 18.47 54.43
C LEU X 96 0.31 19.87 53.85
N LEU X 97 0.48 20.88 54.70
CA LEU X 97 0.43 22.27 54.28
C LEU X 97 1.84 22.77 54.00
N ILE X 98 2.05 23.30 52.80
CA ILE X 98 3.35 23.83 52.38
C ILE X 98 3.20 25.33 52.20
N LEU X 99 4.05 26.09 52.88
CA LEU X 99 3.98 27.55 52.88
C LEU X 99 5.30 28.15 52.46
N SER X 100 5.83 27.72 51.32
CA SER X 100 7.05 28.29 50.74
C SER X 100 8.21 28.18 51.72
N ASP X 101 8.59 26.92 51.97
CA ASP X 101 9.68 26.55 52.87
C ASP X 101 9.22 26.69 54.32
N ARG X 102 7.96 26.39 54.56
CA ARG X 102 7.45 26.15 55.90
C ARG X 102 6.43 25.02 55.81
N ILE X 103 6.58 24.02 56.67
CA ILE X 103 5.81 22.79 56.60
C ILE X 103 4.94 22.69 57.84
N SER X 104 3.66 22.40 57.63
CA SER X 104 2.77 22.11 58.75
C SER X 104 1.75 21.09 58.29
N VAL X 105 0.75 20.84 59.12
CA VAL X 105 -0.30 19.88 58.83
C VAL X 105 -1.63 20.61 58.80
N THR X 106 -2.42 20.37 57.77
CA THR X 106 -3.52 21.25 57.43
C THR X 106 -4.64 21.23 58.47
N PRO X 107 -5.37 20.12 58.69
CA PRO X 107 -6.29 20.10 59.82
C PRO X 107 -5.51 19.77 61.07
N PHE X 108 -4.91 20.79 61.68
CA PHE X 108 -3.76 20.58 62.55
C PHE X 108 -4.02 19.59 63.67
N LYS X 109 -3.05 18.70 63.87
CA LYS X 109 -3.04 17.72 64.95
C LYS X 109 -1.68 17.74 65.62
N ILE X 110 -1.69 17.73 66.95
CA ILE X 110 -0.44 17.71 67.72
C ILE X 110 0.34 16.45 67.36
N GLY X 111 1.65 16.59 67.19
CA GLY X 111 2.44 15.39 66.96
C GLY X 111 3.83 15.69 66.48
N GLU X 112 4.37 14.77 65.70
CA GLU X 112 5.69 14.90 65.13
C GLU X 112 5.63 14.70 63.62
N LEU X 113 6.58 15.30 62.92
CA LEU X 113 6.67 15.21 61.47
C LEU X 113 8.02 14.63 61.10
N GLU X 114 8.00 13.56 60.32
CA GLU X 114 9.19 12.98 59.72
C GLU X 114 9.05 13.17 58.22
N VAL X 115 9.87 14.06 57.66
CA VAL X 115 9.72 14.53 56.30
C VAL X 115 11.00 14.26 55.54
N VAL X 116 10.86 13.71 54.34
CA VAL X 116 11.99 13.52 53.43
C VAL X 116 11.86 14.53 52.30
N TYR X 117 12.94 15.24 52.00
CA TYR X 117 12.88 16.36 51.09
C TYR X 117 14.23 16.50 50.37
N TYR X 118 14.41 17.60 49.65
CA TYR X 118 15.59 17.84 48.86
C TYR X 118 16.15 19.24 49.13
N THR X 119 17.46 19.39 48.97
CA THR X 119 18.20 20.50 49.55
C THR X 119 19.22 21.02 48.53
N TYR X 120 19.72 22.24 48.76
CA TYR X 120 20.69 22.87 47.87
C TYR X 120 22.10 22.79 48.42
N GLU X 121 22.26 23.20 49.68
CA GLU X 121 23.50 23.71 50.25
C GLU X 121 24.25 24.58 49.23
N GLU X 122 23.61 25.68 48.88
CA GLU X 122 24.17 26.65 47.95
C GLU X 122 25.38 27.34 48.58
N ILE X 123 26.15 28.01 47.72
CA ILE X 123 27.41 28.62 48.13
C ILE X 123 27.26 30.14 48.10
N ARG X 124 28.17 30.80 48.81
CA ARG X 124 28.19 32.26 48.87
C ARG X 124 29.58 32.86 48.75
N ASN X 125 30.64 32.07 48.77
CA ASN X 125 32.00 32.58 48.70
C ASN X 125 32.78 31.81 47.66
N ILE X 126 33.76 32.49 47.07
CA ILE X 126 34.58 31.85 46.04
C ILE X 126 35.47 30.76 46.64
N LEU X 127 35.77 30.83 47.93
CA LEU X 127 36.64 29.88 48.57
C LEU X 127 35.89 28.70 49.17
N GLU X 128 34.59 28.62 48.94
CA GLU X 128 33.80 27.53 49.49
C GLU X 128 34.05 26.25 48.70
N THR X 129 33.30 25.20 49.00
CA THR X 129 33.44 23.92 48.33
C THR X 129 32.06 23.33 48.11
N ILE X 130 31.81 22.82 46.91
CA ILE X 130 30.53 22.23 46.58
C ILE X 130 30.58 20.74 46.89
N LYS X 131 29.69 20.29 47.78
CA LYS X 131 29.68 18.90 48.20
C LYS X 131 28.84 18.10 47.22
N LEU X 132 29.44 17.83 46.06
CA LEU X 132 28.81 17.07 44.99
C LEU X 132 29.87 16.15 44.40
N PRO X 133 29.45 15.07 43.74
CA PRO X 133 30.43 14.20 43.08
C PRO X 133 31.19 14.96 42.02
N LYS X 134 32.47 14.62 41.87
CA LYS X 134 33.30 15.30 40.89
C LYS X 134 32.77 15.16 39.48
N ILE X 135 32.03 14.09 39.19
CA ILE X 135 31.45 13.91 37.86
C ILE X 135 30.48 15.04 37.55
N CYS X 136 29.91 15.66 38.58
CA CYS X 136 29.03 16.81 38.41
C CYS X 136 29.76 18.05 38.02
N LEU X 137 31.08 18.07 37.81
CA LEU X 137 31.73 19.34 37.49
C LEU X 137 31.30 19.84 36.12
N ASP X 138 31.37 19.00 35.10
CA ASP X 138 31.10 19.45 33.75
C ASP X 138 29.65 19.89 33.58
N VAL X 139 28.73 19.29 34.32
CA VAL X 139 27.35 19.76 34.26
C VAL X 139 27.18 21.10 34.96
N LEU X 140 28.02 21.42 35.95
CA LEU X 140 27.94 22.74 36.56
C LEU X 140 28.50 23.80 35.63
N VAL X 141 29.64 23.53 35.00
CA VAL X 141 30.21 24.48 34.06
C VAL X 141 29.26 24.72 32.90
N TYR X 142 28.98 23.67 32.13
CA TYR X 142 28.19 23.81 30.92
C TYR X 142 26.80 24.35 31.18
N SER X 143 26.28 24.19 32.40
CA SER X 143 24.99 24.79 32.70
C SER X 143 25.10 26.25 33.10
N VAL X 144 26.12 26.62 33.87
CA VAL X 144 26.29 28.03 34.19
C VAL X 144 26.83 28.80 33.00
N LEU X 145 27.56 28.14 32.12
CA LEU X 145 28.08 28.79 30.93
C LEU X 145 27.00 29.14 29.93
N CYS X 146 25.99 28.29 29.77
CA CYS X 146 24.85 28.66 28.94
C CYS X 146 24.07 29.82 29.54
N ASN X 147 24.15 30.02 30.84
CA ASN X 147 23.48 31.16 31.45
C ASN X 147 24.18 32.47 31.17
N LEU X 148 25.47 32.44 30.86
CA LEU X 148 26.24 33.66 30.65
C LEU X 148 26.50 33.95 29.18
N LEU X 149 26.45 32.95 28.32
CA LEU X 149 26.68 33.15 26.91
C LEU X 149 25.65 34.04 26.26
N GLU X 150 24.46 34.14 26.84
CA GLU X 150 23.40 34.93 26.28
C GLU X 150 23.44 36.39 26.72
N ILE X 151 24.51 36.82 27.37
CA ILE X 151 24.87 38.24 27.35
C ILE X 151 25.31 38.62 25.93
N PRO X 152 24.80 39.71 25.36
CA PRO X 152 25.05 39.97 23.94
C PRO X 152 26.46 40.48 23.63
N ASN X 153 27.48 39.74 24.05
CA ASN X 153 28.85 40.16 23.74
C ASN X 153 29.16 39.99 22.26
N ASN X 154 28.62 38.96 21.63
CA ASN X 154 28.95 38.62 20.26
C ASN X 154 27.67 38.35 19.48
N GLU X 155 27.75 38.53 18.16
CA GLU X 155 26.58 38.29 17.33
C GLU X 155 26.32 36.80 17.12
N THR X 156 27.29 35.96 17.41
CA THR X 156 27.15 34.50 17.26
C THR X 156 27.16 33.82 18.62
N ASN X 157 26.56 34.46 19.61
CA ASN X 157 26.53 33.87 20.94
C ASN X 157 25.52 32.75 21.06
N PHE X 158 24.42 32.82 20.31
CA PHE X 158 23.38 31.82 20.48
C PHE X 158 23.72 30.50 19.82
N SER X 159 24.45 30.50 18.70
CA SER X 159 24.93 29.24 18.16
C SER X 159 25.90 28.58 19.12
N VAL X 160 26.76 29.38 19.76
CA VAL X 160 27.66 28.83 20.76
C VAL X 160 26.89 28.27 21.93
N LEU X 161 25.81 28.96 22.32
CA LEU X 161 24.94 28.44 23.37
C LEU X 161 24.32 27.11 22.95
N ALA X 162 23.92 27.00 21.69
CA ALA X 162 23.35 25.74 21.20
C ALA X 162 24.37 24.61 21.27
N ASN X 163 25.61 24.88 20.90
CA ASN X 163 26.64 23.84 21.03
C ASN X 163 26.83 23.44 22.49
N TYR X 164 26.88 24.42 23.38
CA TYR X 164 27.04 24.11 24.79
C TYR X 164 25.84 23.37 25.35
N LYS X 165 24.67 23.53 24.75
CA LYS X 165 23.52 22.74 25.19
C LYS X 165 23.74 21.26 24.92
N GLN X 166 24.25 20.91 23.75
CA GLN X 166 24.54 19.51 23.47
C GLN X 166 25.64 18.99 24.38
N LEU X 167 26.66 19.80 24.62
CA LEU X 167 27.70 19.38 25.55
C LEU X 167 27.11 19.13 26.94
N LEU X 168 26.19 19.99 27.36
CA LEU X 168 25.53 19.81 28.65
C LEU X 168 24.70 18.54 28.66
N LYS X 169 24.04 18.22 27.56
CA LYS X 169 23.27 16.98 27.50
C LYS X 169 24.16 15.77 27.68
N LEU X 170 25.32 15.77 27.03
CA LEU X 170 26.26 14.67 27.23
C LEU X 170 26.74 14.60 28.68
N ALA X 171 27.02 15.75 29.29
CA ALA X 171 27.43 15.76 30.68
C ALA X 171 26.35 15.17 31.59
N LYS X 172 25.10 15.52 31.33
CA LYS X 172 24.00 14.95 32.09
C LYS X 172 23.89 13.45 31.88
N ASP X 173 24.16 12.98 30.67
CA ASP X 173 24.17 11.53 30.44
C ASP X 173 25.24 10.86 31.30
N ASN X 174 26.43 11.46 31.36
CA ASN X 174 27.47 10.92 32.23
C ASN X 174 27.02 10.90 33.68
N LEU X 175 26.39 11.98 34.13
CA LEU X 175 25.93 12.06 35.51
C LEU X 175 24.89 10.99 35.80
N THR X 176 23.97 10.76 34.87
CA THR X 176 22.98 9.70 35.05
C THR X 176 23.64 8.34 35.12
N ASN X 177 24.66 8.12 34.29
CA ASN X 177 25.42 6.88 34.38
C ASN X 177 25.98 6.70 35.78
N TYR X 178 26.61 7.74 36.32
CA TYR X 178 27.19 7.66 37.66
C TYR X 178 26.13 7.37 38.71
N LEU X 179 25.01 8.09 38.65
CA LEU X 179 23.97 7.92 39.65
C LEU X 179 23.38 6.52 39.62
N SER X 180 23.16 5.97 38.42
CA SER X 180 22.68 4.61 38.33
C SER X 180 23.70 3.62 38.90
N LEU X 181 24.99 3.85 38.64
CA LEU X 181 25.97 2.93 39.18
C LEU X 181 26.06 3.02 40.70
N MET X 182 25.83 4.19 41.28
CA MET X 182 25.86 4.34 42.73
C MET X 182 24.60 3.82 43.40
N TYR X 183 23.47 4.50 43.17
CA TYR X 183 22.31 4.39 44.05
C TYR X 183 21.22 3.51 43.46
N SER X 184 21.57 2.61 42.56
CA SER X 184 20.57 1.75 41.95
C SER X 184 20.99 0.30 42.10
N LYS X 185 20.01 -0.57 42.05
CA LYS X 185 20.26 -2.01 42.16
C LYS X 185 21.08 -2.52 40.99
N ASN X 186 21.91 -3.51 41.26
CA ASN X 186 22.63 -4.22 40.21
C ASN X 186 21.82 -5.45 39.86
N ILE X 187 20.87 -5.27 38.94
CA ILE X 187 19.98 -6.34 38.52
C ILE X 187 20.15 -6.55 37.03
N HIS X 188 19.82 -7.75 36.58
CA HIS X 188 19.88 -8.07 35.16
C HIS X 188 18.61 -8.69 34.61
N PHE X 189 17.62 -8.95 35.44
CA PHE X 189 16.35 -9.49 34.98
C PHE X 189 15.21 -8.85 35.74
N SER X 190 14.05 -8.78 35.11
CA SER X 190 12.85 -8.26 35.75
C SER X 190 12.15 -9.37 36.53
N LYS X 191 11.18 -8.97 37.34
CA LYS X 191 10.36 -9.90 38.09
C LYS X 191 9.00 -10.06 37.42
N VAL X 192 8.42 -11.24 37.56
CA VAL X 192 7.12 -11.50 36.97
C VAL X 192 6.04 -10.76 37.74
N VAL X 193 5.05 -10.25 37.03
CA VAL X 193 3.95 -9.54 37.66
C VAL X 193 3.14 -10.52 38.52
N ARG X 194 2.89 -10.13 39.76
CA ARG X 194 2.17 -10.97 40.73
C ARG X 194 0.89 -10.26 41.11
N VAL X 195 -0.23 -10.74 40.59
CA VAL X 195 -1.52 -10.16 40.93
C VAL X 195 -2.43 -11.22 41.51
N MET Y 1 62.95 43.61 -1.13
CA MET Y 1 62.83 43.66 0.33
C MET Y 1 64.21 43.52 0.97
N ASP Y 2 64.31 43.95 2.23
CA ASP Y 2 65.48 43.65 3.04
C ASP Y 2 65.21 42.37 3.81
N THR Y 3 66.18 41.45 3.80
CA THR Y 3 65.90 40.08 4.21
C THR Y 3 65.78 39.95 5.73
N THR Y 4 66.75 40.51 6.47
CA THR Y 4 66.80 40.30 7.92
C THR Y 4 65.67 41.03 8.63
N ARG Y 5 65.30 42.21 8.14
CA ARG Y 5 64.14 42.92 8.67
C ARG Y 5 62.86 42.14 8.37
N PHE Y 6 62.79 41.49 7.22
CA PHE Y 6 61.64 40.64 6.91
C PHE Y 6 61.58 39.44 7.85
N ILE Y 7 62.74 38.85 8.18
CA ILE Y 7 62.75 37.70 9.08
C ILE Y 7 62.32 38.12 10.49
N ARG Y 8 62.81 39.27 10.96
CA ARG Y 8 62.44 39.75 12.29
C ARG Y 8 60.97 40.14 12.36
N ASN Y 9 60.44 40.75 11.29
CA ASN Y 9 59.03 41.11 11.29
C ASN Y 9 58.14 39.88 11.15
N PHE Y 10 58.59 38.86 10.41
CA PHE Y 10 57.86 37.60 10.32
C PHE Y 10 57.79 36.90 11.68
N ILE Y 11 58.91 36.89 12.40
CA ILE Y 11 58.94 36.31 13.74
C ILE Y 11 58.05 37.09 14.70
N LEU Y 12 58.09 38.44 14.61
CA LEU Y 12 57.29 39.26 15.51
C LEU Y 12 55.80 39.13 15.23
N PHE Y 13 55.42 38.98 13.96
CA PHE Y 13 54.02 38.79 13.62
C PHE Y 13 53.55 37.38 13.97
N LYS Y 14 54.45 36.40 13.97
CA LYS Y 14 54.09 35.09 14.50
C LYS Y 14 54.03 35.08 16.02
N ASP Y 15 54.68 36.04 16.68
CA ASP Y 15 54.52 36.17 18.12
C ASP Y 15 53.25 36.93 18.50
N ALA Y 16 52.88 37.94 17.71
CA ALA Y 16 51.66 38.72 18.00
C ALA Y 16 50.42 37.89 17.73
N LEU Y 17 50.26 37.41 16.50
CA LEU Y 17 49.28 36.38 16.22
C LEU Y 17 49.80 35.09 16.82
N GLN Y 18 49.40 34.77 18.05
CA GLN Y 18 49.92 33.57 18.70
C GLN Y 18 49.35 32.32 18.08
N LYS Y 19 50.20 31.31 17.92
CA LYS Y 19 49.88 30.14 17.11
C LYS Y 19 48.88 29.19 17.77
N GLN Y 20 48.53 29.42 19.03
CA GLN Y 20 47.50 28.60 19.66
C GLN Y 20 46.12 28.93 19.11
N ASN Y 21 45.91 30.15 18.65
CA ASN Y 21 44.66 30.57 18.06
C ASN Y 21 44.62 30.41 16.55
N PHE Y 22 45.67 29.90 15.95
CA PHE Y 22 45.82 29.93 14.51
C PHE Y 22 46.18 28.55 13.96
N ASN Y 23 45.55 28.20 12.84
CA ASN Y 23 46.08 27.15 11.99
C ASN Y 23 47.41 27.62 11.41
N ASN Y 24 48.35 26.68 11.27
CA ASN Y 24 49.74 27.03 10.98
C ASN Y 24 49.91 27.65 9.61
N LYS Y 25 49.19 27.14 8.61
CA LYS Y 25 49.31 27.66 7.25
C LYS Y 25 48.79 29.08 7.14
N ASP Y 26 47.60 29.34 7.71
CA ASP Y 26 47.06 30.69 7.70
C ASP Y 26 47.86 31.64 8.56
N LEU Y 27 48.46 31.14 9.64
CA LEU Y 27 49.34 31.97 10.48
C LEU Y 27 50.57 32.41 9.71
N ASN Y 28 51.24 31.47 9.04
CA ASN Y 28 52.43 31.81 8.27
C ASN Y 28 52.09 32.70 7.08
N THR Y 29 50.91 32.49 6.47
CA THR Y 29 50.51 33.31 5.33
C THR Y 29 50.19 34.74 5.74
N THR Y 30 49.44 34.92 6.84
CA THR Y 30 49.11 36.26 7.31
C THR Y 30 50.34 36.98 7.82
N SER Y 31 51.26 36.26 8.48
CA SER Y 31 52.50 36.88 8.93
C SER Y 31 53.37 37.29 7.75
N MET Y 32 53.39 36.48 6.68
CA MET Y 32 54.17 36.84 5.50
C MET Y 32 53.59 38.05 4.78
N GLN Y 33 52.25 38.11 4.66
CA GLN Y 33 51.62 39.26 4.00
C GLN Y 33 51.81 40.54 4.81
N ALA Y 34 51.67 40.45 6.14
CA ALA Y 34 51.90 41.61 6.98
C ALA Y 34 53.36 42.04 6.97
N ALA Y 35 54.29 41.09 6.86
CA ALA Y 35 55.71 41.45 6.79
C ALA Y 35 56.05 42.10 5.46
N LEU Y 36 55.40 41.67 4.37
CA LEU Y 36 55.62 42.32 3.08
C LEU Y 36 55.05 43.74 3.07
N GLN Y 37 53.88 43.93 3.68
CA GLN Y 37 53.34 45.28 3.82
C GLN Y 37 54.21 46.15 4.73
N SER Y 38 54.82 45.54 5.75
CA SER Y 38 55.74 46.26 6.61
C SER Y 38 57.01 46.68 5.87
N GLU Y 39 57.48 45.84 4.95
CA GLU Y 39 58.62 46.23 4.11
C GLU Y 39 58.26 47.38 3.17
N GLN Y 40 57.05 47.31 2.58
CA GLN Y 40 56.59 48.39 1.72
C GLN Y 40 56.41 49.70 2.48
N LEU Y 41 56.05 49.62 3.76
CA LEU Y 41 55.99 50.83 4.58
C LEU Y 41 57.37 51.30 5.00
N ALA Y 42 58.28 50.36 5.27
CA ALA Y 42 59.62 50.71 5.74
C ALA Y 42 60.47 51.36 4.66
N LEU Y 43 60.16 51.11 3.38
CA LEU Y 43 60.81 51.86 2.30
C LEU Y 43 60.51 53.36 2.42
N SER Y 44 59.23 53.70 2.59
CA SER Y 44 58.85 55.11 2.78
C SER Y 44 59.38 55.65 4.11
N GLU Y 45 59.53 54.78 5.11
CA GLU Y 45 60.17 55.19 6.36
C GLU Y 45 61.62 55.57 6.13
N GLU Y 46 62.35 54.79 5.32
CA GLU Y 46 63.74 55.10 5.01
C GLU Y 46 63.85 56.43 4.27
N SER Y 47 62.94 56.66 3.31
CA SER Y 47 62.94 57.93 2.57
C SER Y 47 62.65 59.11 3.49
N GLN Y 48 61.64 58.99 4.35
CA GLN Y 48 61.29 60.08 5.25
C GLN Y 48 62.36 60.32 6.31
N TYR Y 49 63.03 59.27 6.77
CA TYR Y 49 64.09 59.45 7.75
C TYR Y 49 65.33 60.07 7.12
N LEU Y 50 65.62 59.75 5.85
CA LEU Y 50 66.70 60.43 5.14
C LEU Y 50 66.40 61.91 4.96
N GLN Y 51 65.14 62.24 4.61
CA GLN Y 51 64.75 63.63 4.45
C GLN Y 51 64.83 64.38 5.78
N SER Y 52 64.37 63.74 6.87
CA SER Y 52 64.39 64.38 8.18
C SER Y 52 65.82 64.55 8.70
N GLU Y 53 66.71 63.59 8.40
CA GLU Y 53 68.11 63.74 8.77
C GLU Y 53 68.77 64.88 8.01
N GLN Y 54 68.45 65.02 6.71
CA GLN Y 54 68.99 66.12 5.93
C GLN Y 54 68.46 67.47 6.39
N VAL Y 55 67.23 67.53 6.87
CA VAL Y 55 66.70 68.79 7.36
C VAL Y 55 67.32 69.13 8.72
N ARG Y 56 67.38 68.16 9.63
CA ARG Y 56 67.88 68.43 10.97
C ARG Y 56 69.39 68.62 11.01
N ALA Y 57 70.12 68.12 10.01
CA ALA Y 57 71.57 68.32 10.01
C ALA Y 57 71.94 69.74 9.60
N LYS Y 58 71.16 70.33 8.70
CA LYS Y 58 71.48 71.62 8.13
C LYS Y 58 70.83 72.78 8.86
N MET Y 59 70.26 72.55 10.05
CA MET Y 59 69.41 73.56 10.67
C MET Y 59 70.21 74.70 11.29
N GLN Y 60 71.37 74.39 11.88
CA GLN Y 60 72.20 75.43 12.49
C GLN Y 60 72.75 76.39 11.44
N ILE Y 61 73.25 75.85 10.33
CA ILE Y 61 73.78 76.70 9.27
C ILE Y 61 72.65 77.46 8.58
N ASP Y 62 71.45 76.88 8.52
CA ASP Y 62 70.31 77.58 7.93
C ASP Y 62 69.85 78.74 8.81
N PHE Y 63 69.85 78.55 10.13
CA PHE Y 63 69.48 79.65 11.01
C PHE Y 63 70.55 80.74 11.05
N LEU Y 64 71.82 80.35 10.94
CA LEU Y 64 72.89 81.34 10.83
C LEU Y 64 72.79 82.11 9.52
N GLY Y 65 72.43 81.43 8.43
CA GLY Y 65 72.23 82.11 7.16
C GLY Y 65 71.01 83.01 7.16
N MET Y 66 69.96 82.62 7.88
CA MET Y 66 68.77 83.48 7.98
C MET Y 66 69.06 84.71 8.83
N GLN Y 67 69.86 84.56 9.89
CA GLN Y 67 70.29 85.73 10.65
C GLN Y 67 71.22 86.63 9.85
N ALA Y 68 72.07 86.04 9.00
CA ALA Y 68 72.92 86.84 8.13
C ALA Y 68 72.10 87.56 7.06
N ASN Y 69 71.03 86.93 6.57
CA ASN Y 69 70.15 87.60 5.63
C ASN Y 69 69.34 88.70 6.31
N LEU Y 70 69.00 88.54 7.58
CA LEU Y 70 68.37 89.62 8.34
C LEU Y 70 69.33 90.79 8.52
N GLN Y 71 70.60 90.49 8.78
CA GLN Y 71 71.63 91.53 8.85
C GLN Y 71 71.80 92.23 7.51
N ASN Y 72 71.71 91.46 6.42
CA ASN Y 72 71.81 92.05 5.09
C ASN Y 72 70.63 92.95 4.77
N ALA Y 73 69.42 92.53 5.16
CA ALA Y 73 68.23 93.33 4.91
C ALA Y 73 68.17 94.56 5.81
N LYS Y 74 68.83 94.53 6.97
CA LYS Y 74 68.91 95.75 7.77
C LYS Y 74 69.98 96.70 7.23
N ALA Y 75 71.13 96.14 6.83
CA ALA Y 75 72.22 96.98 6.34
C ALA Y 75 71.91 97.59 4.99
N GLU Y 76 71.11 96.92 4.16
CA GLU Y 76 70.72 97.51 2.88
C GLU Y 76 69.79 98.70 3.08
N THR Y 77 68.87 98.59 4.05
CA THR Y 77 67.99 99.72 4.36
C THR Y 77 68.76 100.88 4.96
N LEU Y 78 69.74 100.58 5.82
CA LEU Y 78 70.59 101.63 6.39
C LEU Y 78 71.43 102.30 5.30
N ASN Y 79 71.93 101.51 4.35
CA ASN Y 79 72.71 102.07 3.26
C ASN Y 79 71.85 102.91 2.33
N LYS Y 80 70.60 102.51 2.10
CA LYS Y 80 69.70 103.33 1.29
C LYS Y 80 69.34 104.63 1.99
N LEU Y 81 69.16 104.59 3.32
CA LEU Y 81 68.91 105.80 4.08
C LEU Y 81 70.12 106.74 4.05
N ILE Y 82 71.32 106.19 4.12
CA ILE Y 82 72.53 107.01 4.11
C ILE Y 82 72.77 107.59 2.72
N GLN Y 83 72.50 106.81 1.67
CA GLN Y 83 72.57 107.33 0.30
C GLN Y 83 71.53 108.43 0.07
N CYS Y 84 70.36 108.28 0.67
CA CYS Y 84 69.32 109.31 0.58
C CYS Y 84 69.74 110.58 1.29
N GLN Y 85 70.33 110.47 2.49
CA GLN Y 85 70.77 111.66 3.20
C GLN Y 85 71.97 112.32 2.51
N ALA Y 86 72.82 111.51 1.86
CA ALA Y 86 73.91 112.07 1.07
C ALA Y 86 73.38 112.81 -0.15
N MET Y 87 72.32 112.29 -0.79
CA MET Y 87 71.69 113.00 -1.89
C MET Y 87 70.98 114.27 -1.41
N LEU Y 88 70.51 114.27 -0.16
CA LEU Y 88 69.92 115.47 0.42
C LEU Y 88 70.96 116.55 0.64
N LYS Y 89 72.11 116.18 1.21
CA LYS Y 89 73.15 117.16 1.49
C LYS Y 89 73.95 117.56 0.25
N SER Y 90 73.93 116.72 -0.79
CA SER Y 90 74.70 117.02 -1.99
C SER Y 90 74.10 118.17 -2.77
N LEU Y 91 72.79 118.41 -2.65
CA LEU Y 91 72.18 119.57 -3.26
C LEU Y 91 72.70 120.86 -2.64
N LYS Y 92 72.76 120.92 -1.31
CA LYS Y 92 73.31 122.07 -0.61
C LYS Y 92 74.78 122.27 -0.93
N ASP Y 93 75.55 121.17 -0.98
CA ASP Y 93 76.99 121.29 -1.25
C ASP Y 93 77.25 121.73 -2.68
N ASN Y 94 76.54 121.15 -3.65
CA ASN Y 94 76.76 121.52 -5.05
C ASN Y 94 76.15 122.87 -5.38
N ALA Y 95 75.23 123.38 -4.57
CA ALA Y 95 74.81 124.78 -4.74
C ALA Y 95 75.85 125.73 -4.16
N MET Y 96 76.39 125.39 -2.98
CA MET Y 96 77.27 126.32 -2.28
C MET Y 96 78.64 126.40 -2.96
N ILE Y 97 79.18 125.28 -3.44
CA ILE Y 97 80.49 125.36 -4.09
C ILE Y 97 80.36 126.01 -5.47
N ASN Y 98 79.21 125.90 -6.12
CA ASN Y 98 79.02 126.59 -7.39
C ASN Y 98 78.84 128.08 -7.19
N ARG Y 99 78.14 128.48 -6.11
CA ARG Y 99 78.03 129.89 -5.77
C ARG Y 99 79.40 130.47 -5.41
N ALA Y 100 80.21 129.70 -4.68
CA ALA Y 100 81.56 130.15 -4.33
C ALA Y 100 82.45 130.26 -5.56
N ASN Y 101 82.35 129.31 -6.48
CA ASN Y 101 83.16 129.35 -7.70
C ASN Y 101 82.74 130.51 -8.60
N ALA Y 102 81.44 130.79 -8.66
CA ALA Y 102 80.95 131.92 -9.44
C ALA Y 102 81.38 133.25 -8.82
N LEU Y 103 81.41 133.31 -7.48
CA LEU Y 103 81.91 134.52 -6.83
C LEU Y 103 83.41 134.70 -7.03
N VAL Y 104 84.18 133.61 -7.03
CA VAL Y 104 85.61 133.68 -7.32
C VAL Y 104 85.84 134.17 -8.74
N SER Y 105 85.03 133.70 -9.70
CA SER Y 105 85.15 134.19 -11.06
C SER Y 105 84.70 135.64 -11.20
N LEU Y 106 83.75 136.08 -10.36
CA LEU Y 106 83.33 137.48 -10.37
C LEU Y 106 84.44 138.39 -9.82
N LEU Y 107 85.10 137.98 -8.75
CA LEU Y 107 86.27 138.74 -8.30
C LEU Y 107 87.44 138.61 -9.26
N GLN Y 108 87.49 137.54 -10.06
CA GLN Y 108 88.54 137.43 -11.06
C GLN Y 108 88.33 138.42 -12.19
N VAL Y 109 87.08 138.60 -12.63
CA VAL Y 109 86.83 139.61 -13.66
C VAL Y 109 86.86 141.02 -13.08
N GLN Y 110 86.59 141.18 -11.78
CA GLN Y 110 86.76 142.50 -11.17
C GLN Y 110 88.22 142.83 -10.88
N ALA Y 111 89.10 141.81 -10.84
CA ALA Y 111 90.51 142.06 -10.57
C ALA Y 111 91.19 142.67 -11.78
N ASN Y 112 91.21 141.95 -12.91
CA ASN Y 112 91.83 142.46 -14.13
C ASN Y 112 90.81 143.17 -15.02
N ALA Y 113 90.04 144.09 -14.44
CA ALA Y 113 89.00 144.79 -15.19
C ALA Y 113 89.57 145.96 -15.96
N ALA Y 114 90.08 146.97 -15.24
CA ALA Y 114 90.59 148.24 -15.77
C ALA Y 114 89.58 148.95 -16.66
N ASN Y 115 88.29 148.83 -16.33
CA ASN Y 115 87.22 149.41 -17.15
C ASN Y 115 86.36 150.41 -16.38
N GLY Y 116 85.90 150.04 -15.18
CA GLY Y 116 85.02 150.87 -14.40
C GLY Y 116 83.57 150.49 -14.46
N ILE Y 117 83.15 149.75 -15.49
CA ILE Y 117 81.78 149.27 -15.58
C ILE Y 117 81.53 148.17 -14.56
N THR Y 118 82.59 147.45 -14.16
CA THR Y 118 82.47 146.36 -13.19
C THR Y 118 82.11 146.87 -11.80
N THR Y 119 82.49 148.10 -11.46
CA THR Y 119 82.10 148.66 -10.16
C THR Y 119 80.60 148.94 -10.11
N SER Y 120 79.99 149.25 -11.26
CA SER Y 120 78.55 149.42 -11.30
C SER Y 120 77.82 148.10 -11.45
N ASN Y 121 78.43 147.12 -12.11
CA ASN Y 121 77.81 145.82 -12.28
C ASN Y 121 78.03 144.89 -11.09
N PHE Y 122 78.89 145.26 -10.14
CA PHE Y 122 79.08 144.47 -8.93
C PHE Y 122 77.86 144.51 -8.01
N GLU Y 123 77.00 145.50 -8.14
CA GLU Y 123 75.70 145.48 -7.49
C GLU Y 123 74.65 144.73 -8.30
N ALA Y 124 74.96 144.39 -9.55
CA ALA Y 124 74.04 143.72 -10.45
C ALA Y 124 74.32 142.23 -10.56
N ALA Y 125 75.58 141.84 -10.80
CA ALA Y 125 75.92 140.44 -10.94
C ALA Y 125 75.90 139.71 -9.61
N PHE Y 126 76.13 140.41 -8.49
CA PHE Y 126 76.13 139.77 -7.19
C PHE Y 126 74.74 139.29 -6.78
N LYS Y 127 73.70 139.95 -7.28
CA LYS Y 127 72.34 139.46 -7.03
C LYS Y 127 72.03 138.26 -7.93
N ILE Y 128 72.76 138.10 -9.04
CA ILE Y 128 72.63 136.90 -9.85
C ILE Y 128 73.33 135.73 -9.18
N ILE Y 129 74.49 135.99 -8.55
CA ILE Y 129 75.13 134.94 -7.76
C ILE Y 129 74.33 134.66 -6.49
N ALA Y 130 73.56 135.64 -6.02
CA ALA Y 130 72.73 135.44 -4.84
C ALA Y 130 71.55 134.51 -5.10
N GLN Y 131 71.15 134.34 -6.35
CA GLN Y 131 70.03 133.46 -6.68
C GLN Y 131 70.45 132.01 -6.89
N ILE Y 132 71.72 131.68 -6.62
CA ILE Y 132 72.14 130.28 -6.67
C ILE Y 132 71.55 129.52 -5.48
N GLY Y 133 71.70 130.05 -4.28
CA GLY Y 133 71.19 129.45 -3.07
C GLY Y 133 69.95 130.14 -2.54
N SER Y 134 69.00 130.46 -3.42
CA SER Y 134 67.81 131.21 -3.01
C SER Y 134 66.92 130.39 -2.09
N GLU Y 135 66.85 129.08 -2.29
CA GLU Y 135 66.15 128.18 -1.36
C GLU Y 135 67.02 127.79 -0.17
N TYR Y 136 68.23 128.31 -0.09
CA TYR Y 136 69.20 128.03 0.95
C TYR Y 136 69.62 129.35 1.57
N ASN Y 137 70.75 129.38 2.28
CA ASN Y 137 71.22 130.61 2.93
C ASN Y 137 71.66 131.60 1.84
N GLN Y 138 70.69 132.37 1.36
CA GLN Y 138 70.94 133.36 0.33
C GLN Y 138 71.72 134.55 0.90
N ILE Y 139 72.24 135.38 0.01
CA ILE Y 139 73.14 136.45 0.36
C ILE Y 139 72.64 137.76 -0.25
N THR Y 140 73.14 138.87 0.30
CA THR Y 140 72.80 140.19 -0.21
C THR Y 140 74.01 141.09 -0.06
N LEU Y 141 73.89 142.31 -0.60
CA LEU Y 141 74.95 143.31 -0.55
C LEU Y 141 74.31 144.65 -0.25
N ASN Y 142 74.55 145.18 0.95
CA ASN Y 142 73.96 146.47 1.31
C ASN Y 142 74.72 147.63 0.67
N ASN Y 143 75.99 147.83 1.04
CA ASN Y 143 76.89 148.76 0.37
C ASN Y 143 78.28 148.15 0.26
N GLY Y 144 78.35 146.87 -0.06
CA GLY Y 144 79.62 146.18 -0.18
C GLY Y 144 79.92 145.17 0.91
N ASN Y 145 78.93 144.80 1.72
CA ASN Y 145 79.10 143.78 2.74
C ASN Y 145 77.98 142.77 2.65
N VAL Y 146 78.26 141.55 3.11
CA VAL Y 146 77.32 140.44 2.99
C VAL Y 146 76.72 140.14 4.37
N SER Y 147 75.66 139.34 4.36
CA SER Y 147 74.99 138.91 5.58
C SER Y 147 74.29 137.60 5.30
N VAL Y 148 74.74 136.52 5.93
CA VAL Y 148 74.17 135.20 5.70
C VAL Y 148 72.85 135.09 6.47
N GLN Y 149 71.81 134.61 5.79
CA GLN Y 149 70.49 134.51 6.40
C GLN Y 149 70.33 133.22 7.20
N GLU Y 150 70.48 132.07 6.53
CA GLU Y 150 70.23 130.73 7.08
C GLU Y 150 68.79 130.64 7.62
N LYS Y 151 67.85 130.72 6.67
CA LYS Y 151 66.43 130.92 6.97
C LYS Y 151 65.75 129.73 7.64
N GLU Y 152 66.43 128.59 7.78
CA GLU Y 152 65.89 127.34 8.34
C GLU Y 152 64.63 126.91 7.59
N GLN Y 153 64.84 126.59 6.31
CA GLN Y 153 63.72 126.32 5.40
C GLN Y 153 63.09 124.97 5.72
N THR Y 154 61.77 124.91 5.59
CA THR Y 154 61.02 123.72 5.99
C THR Y 154 61.16 122.61 4.97
N ASN Y 155 61.15 121.38 5.46
CA ASN Y 155 61.18 120.18 4.62
C ASN Y 155 60.62 119.04 5.43
N GLU Y 156 59.52 118.45 4.95
CA GLU Y 156 58.90 117.34 5.68
C GLU Y 156 59.72 116.06 5.53
N LEU Y 157 60.41 115.90 4.41
CA LEU Y 157 61.09 114.64 4.09
C LEU Y 157 62.27 114.38 5.01
N LYS Y 158 62.89 115.44 5.55
CA LYS Y 158 63.91 115.26 6.58
C LYS Y 158 63.32 114.67 7.85
N THR Y 159 62.12 115.12 8.22
CA THR Y 159 61.46 114.54 9.39
C THR Y 159 61.00 113.11 9.15
N ILE Y 160 60.58 112.80 7.92
CA ILE Y 160 60.20 111.42 7.62
C ILE Y 160 61.43 110.51 7.62
N LEU Y 161 62.58 111.02 7.15
CA LEU Y 161 63.82 110.29 7.25
C LEU Y 161 64.23 110.05 8.70
N ASN Y 162 64.03 111.06 9.56
CA ASN Y 162 64.34 110.90 10.97
C ASN Y 162 63.42 109.87 11.62
N SER Y 163 62.13 109.87 11.23
CA SER Y 163 61.18 108.90 11.78
C SER Y 163 61.50 107.48 11.30
N LEU Y 164 61.94 107.33 10.05
CA LEU Y 164 62.33 106.01 9.58
C LEU Y 164 63.62 105.53 10.24
N SER Y 165 64.54 106.44 10.55
CA SER Y 165 65.74 106.05 11.28
C SER Y 165 65.40 105.61 12.70
N LYS Y 166 64.45 106.31 13.34
CA LYS Y 166 64.00 105.89 14.67
C LYS Y 166 63.28 104.55 14.62
N GLU Y 167 62.54 104.31 13.53
CA GLU Y 167 61.89 103.02 13.33
C GLU Y 167 62.92 101.90 13.16
N LEU Y 168 64.00 102.17 12.42
CA LEU Y 168 65.04 101.16 12.21
C LEU Y 168 65.78 100.87 13.51
N GLU Y 169 66.06 101.91 14.30
CA GLU Y 169 66.74 101.69 15.58
C GLU Y 169 65.84 100.96 16.56
N LYS Y 170 64.53 101.22 16.53
CA LYS Y 170 63.60 100.47 17.36
C LYS Y 170 63.51 99.02 16.91
N LEU Y 171 63.63 98.76 15.61
CA LEU Y 171 63.66 97.40 15.11
C LEU Y 171 64.96 96.70 15.47
N ASN Y 172 66.05 97.46 15.64
CA ASN Y 172 67.36 96.86 15.87
C ASN Y 172 67.50 96.21 17.24
N GLN Y 173 66.70 96.62 18.22
CA GLN Y 173 66.84 96.07 19.57
C GLN Y 173 66.27 94.66 19.67
N GLN Y 174 65.18 94.39 18.95
CA GLN Y 174 64.54 93.08 19.03
C GLN Y 174 65.20 92.03 18.15
N SER Y 175 66.19 92.42 17.34
CA SER Y 175 66.92 91.45 16.54
C SER Y 175 67.86 90.64 17.45
N GLU Y 176 67.39 89.49 17.91
CA GLU Y 176 68.14 88.70 18.86
C GLU Y 176 69.08 87.73 18.17
N VAL Y 177 70.05 87.23 18.92
CA VAL Y 177 70.89 86.11 18.52
C VAL Y 177 70.85 85.09 19.65
N ASN Y 178 71.20 83.85 19.30
CA ASN Y 178 71.43 82.74 20.24
C ASN Y 178 70.18 82.43 21.08
N SER Y 179 69.15 81.93 20.40
CA SER Y 179 67.91 81.50 21.04
C SER Y 179 67.66 80.03 20.74
N ILE Y 180 67.36 79.26 21.79
CA ILE Y 180 67.09 77.84 21.66
C ILE Y 180 65.59 77.62 21.56
N GLN Y 181 65.19 76.43 21.13
CA GLN Y 181 63.79 76.12 20.91
C GLN Y 181 63.54 74.65 21.15
N ILE Y 182 62.52 74.34 21.95
CA ILE Y 182 62.12 72.97 22.20
C ILE Y 182 60.87 72.67 21.39
N PHE Y 183 60.66 71.38 21.10
CA PHE Y 183 59.49 70.93 20.37
C PHE Y 183 59.12 69.55 20.88
N SER Y 184 57.83 69.23 20.79
CA SER Y 184 57.36 67.91 21.21
C SER Y 184 56.03 67.63 20.52
N ASP Y 185 55.99 66.55 19.74
CA ASP Y 185 54.72 66.01 19.30
C ASP Y 185 54.07 65.29 20.47
N LYS Y 186 52.73 65.19 20.42
CA LYS Y 186 51.91 64.49 21.40
C LYS Y 186 52.11 65.08 22.80
N LEU Y 187 51.63 66.31 22.97
CA LEU Y 187 51.60 66.96 24.28
C LEU Y 187 50.79 66.15 25.28
N GLU Y 188 49.72 65.50 24.83
CA GLU Y 188 49.08 64.47 25.62
C GLU Y 188 49.87 63.17 25.50
N VAL Y 189 49.88 62.39 26.59
CA VAL Y 189 50.67 61.17 26.62
C VAL Y 189 50.01 60.21 27.60
N LEU Y 190 50.23 58.91 27.38
CA LEU Y 190 49.76 57.88 28.27
C LEU Y 190 50.83 57.60 29.33
N LYS Y 191 50.68 56.48 30.05
CA LYS Y 191 51.60 56.15 31.14
C LYS Y 191 52.98 55.77 30.61
N ASP Y 192 53.04 55.01 29.52
CA ASP Y 192 54.31 54.52 29.00
C ASP Y 192 54.58 54.96 27.56
N ALA Y 193 53.85 55.93 27.04
CA ALA Y 193 54.07 56.34 25.66
C ALA Y 193 55.28 57.26 25.58
N PRO Y 194 56.07 57.19 24.49
CA PRO Y 194 57.35 57.90 24.46
C PRO Y 194 57.26 59.41 24.38
N ALA Y 195 56.51 59.96 23.40
CA ALA Y 195 56.33 61.39 23.16
C ALA Y 195 57.69 62.09 22.99
N ARG Y 196 58.34 61.77 21.86
CA ARG Y 196 59.72 62.17 21.59
C ARG Y 196 59.91 63.69 21.57
N LEU Y 197 60.66 64.18 22.56
CA LEU Y 197 61.03 65.59 22.64
C LEU Y 197 62.23 65.85 21.76
N TRP Y 198 62.19 66.96 21.02
CA TRP Y 198 63.28 67.33 20.13
C TRP Y 198 63.67 68.78 20.40
N GLY Y 199 64.92 69.00 20.77
CA GLY Y 199 65.42 70.33 21.05
C GLY Y 199 66.34 70.84 19.96
N PHE Y 200 66.51 72.16 19.93
CA PHE Y 200 67.37 72.80 18.95
C PHE Y 200 68.08 73.95 19.62
N SER Y 201 69.40 73.85 19.72
CA SER Y 201 70.25 74.92 20.24
C SER Y 201 71.11 75.45 19.10
N THR Y 202 71.13 76.77 18.94
CA THR Y 202 71.94 77.41 17.92
C THR Y 202 73.32 77.83 18.43
N LEU Y 203 73.74 77.27 19.56
CA LEU Y 203 75.07 77.53 20.09
C LEU Y 203 76.13 76.87 19.22
N SER Y 204 77.38 77.34 19.40
CA SER Y 204 78.50 76.78 18.65
C SER Y 204 78.79 75.35 19.09
N ASN Y 205 79.13 75.17 20.36
CA ASN Y 205 79.28 73.84 20.95
C ASN Y 205 78.59 73.86 22.31
N ALA Y 206 77.91 72.77 22.63
CA ALA Y 206 77.10 72.72 23.84
C ALA Y 206 76.97 71.27 24.29
N LYS Y 207 76.18 71.06 25.33
CA LYS Y 207 75.82 69.73 25.77
C LYS Y 207 74.37 69.38 25.55
N GLU Y 208 73.48 70.39 25.52
CA GLU Y 208 72.06 70.34 25.14
C GLU Y 208 71.29 69.19 25.80
N GLY Y 209 71.45 69.08 27.12
CA GLY Y 209 70.77 68.03 27.85
C GLY Y 209 69.30 68.34 28.12
N PHE Y 210 68.64 67.35 28.70
CA PHE Y 210 67.26 67.48 29.16
C PHE Y 210 67.23 67.24 30.66
N TYR Y 211 66.62 68.16 31.40
CA TYR Y 211 66.57 68.08 32.85
C TYR Y 211 65.13 67.94 33.32
N ASN Y 212 64.94 67.17 34.40
CA ASN Y 212 63.63 66.75 34.88
C ASN Y 212 63.31 67.47 36.18
N GLU Y 213 62.77 68.69 36.04
CA GLU Y 213 62.00 69.45 37.02
C GLU Y 213 62.79 70.01 38.19
N ALA Y 214 64.02 69.54 38.45
CA ALA Y 214 64.94 70.35 39.22
C ALA Y 214 66.26 70.52 38.48
N ASN Y 215 67.00 69.41 38.36
CA ASN Y 215 68.18 69.38 37.51
C ASN Y 215 68.41 68.00 36.90
N GLU Y 216 67.48 67.06 37.04
CA GLU Y 216 67.76 65.64 36.86
C GLU Y 216 67.92 65.29 35.38
N GLN Y 217 69.14 64.94 34.99
CA GLN Y 217 69.47 64.65 33.60
C GLN Y 217 68.80 63.37 33.15
N ILE Y 218 68.04 63.44 32.06
CA ILE Y 218 67.29 62.31 31.55
C ILE Y 218 67.64 61.97 30.11
N ALA Y 219 68.46 62.80 29.45
CA ALA Y 219 68.87 62.52 28.08
C ALA Y 219 70.31 62.99 27.90
N SER Y 220 70.80 62.93 26.67
CA SER Y 220 72.16 63.37 26.38
C SER Y 220 72.20 64.60 25.50
N GLY Y 221 71.60 64.55 24.30
CA GLY Y 221 71.61 65.73 23.45
C GLY Y 221 70.57 65.75 22.35
N SER Y 222 69.75 66.81 22.33
CA SER Y 222 68.84 67.22 21.27
C SER Y 222 67.66 66.27 21.02
N VAL Y 223 67.61 65.13 21.71
CA VAL Y 223 66.50 64.19 21.63
C VAL Y 223 66.22 63.65 23.02
N CYS Y 224 64.95 63.45 23.33
CA CYS Y 224 64.56 62.88 24.62
C CYS Y 224 63.40 61.94 24.38
N LEU Y 225 63.40 60.83 25.12
CA LEU Y 225 62.32 59.85 25.08
C LEU Y 225 61.70 59.84 26.47
N PHE Y 226 60.53 60.44 26.61
CA PHE Y 226 60.00 60.75 27.92
C PHE Y 226 58.98 59.70 28.36
N ARG Y 227 59.44 58.69 29.10
CA ARG Y 227 58.52 57.83 29.82
C ARG Y 227 58.16 58.49 31.14
N SER Y 228 56.93 58.27 31.59
CA SER Y 228 56.38 59.03 32.71
C SER Y 228 56.18 58.19 33.96
N ASP Y 229 55.38 57.12 33.88
CA ASP Y 229 54.94 56.29 35.02
C ASP Y 229 54.31 57.11 36.13
N LYS Y 230 53.64 58.20 35.77
CA LYS Y 230 53.03 59.12 36.73
C LYS Y 230 51.68 59.55 36.17
N VAL Y 231 51.09 60.56 36.79
CA VAL Y 231 49.78 61.05 36.39
C VAL Y 231 49.85 62.57 36.18
N ARG Y 232 50.79 63.22 36.84
CA ARG Y 232 50.87 64.67 36.90
C ARG Y 232 51.34 65.26 35.57
N LYS Y 233 51.31 66.59 35.49
CA LYS Y 233 51.81 67.32 34.32
C LYS Y 233 53.29 67.61 34.54
N HIS Y 234 54.14 67.02 33.71
CA HIS Y 234 55.58 67.19 33.87
C HIS Y 234 56.07 68.39 33.07
N THR Y 235 57.19 68.95 33.54
CA THR Y 235 57.81 70.10 32.90
C THR Y 235 59.28 69.77 32.66
N ILE Y 236 59.64 69.61 31.40
CA ILE Y 236 60.99 69.19 31.02
C ILE Y 236 61.76 70.40 30.50
N THR Y 237 63.02 70.54 30.92
CA THR Y 237 63.81 71.71 30.59
C THR Y 237 64.95 71.31 29.65
N PHE Y 238 64.89 71.81 28.43
CA PHE Y 238 66.01 71.73 27.50
C PHE Y 238 67.07 72.74 27.93
N LYS Y 239 68.31 72.27 28.06
CA LYS Y 239 69.39 73.12 28.55
C LYS Y 239 70.57 73.03 27.60
N ALA Y 240 71.08 74.20 27.20
CA ALA Y 240 72.26 74.31 26.36
C ALA Y 240 73.28 75.15 27.12
N ILE Y 241 74.30 74.50 27.66
CA ILE Y 241 75.35 75.18 28.40
C ILE Y 241 76.51 75.45 27.44
N ASN Y 242 77.31 76.46 27.78
CA ASN Y 242 78.48 76.80 26.97
C ASN Y 242 79.51 77.44 27.88
N THR Y 243 80.73 77.59 27.36
CA THR Y 243 81.79 78.27 28.07
C THR Y 243 81.51 79.76 28.24
N LYS Y 244 80.66 80.34 27.38
CA LYS Y 244 80.31 81.75 27.47
C LYS Y 244 79.03 81.95 28.29
N THR Y 245 77.92 81.36 27.84
CA THR Y 245 76.63 81.57 28.46
C THR Y 245 75.88 80.24 28.54
N SER Y 246 74.61 80.32 28.91
CA SER Y 246 73.77 79.13 29.04
C SER Y 246 72.32 79.52 28.78
N LEU Y 247 71.56 78.58 28.22
CA LEU Y 247 70.16 78.81 27.92
C LEU Y 247 69.31 77.64 28.39
N SER Y 248 68.06 77.94 28.71
CA SER Y 248 67.10 76.93 29.13
C SER Y 248 65.75 77.21 28.45
N LYS Y 249 64.95 76.16 28.34
CA LYS Y 249 63.63 76.24 27.74
C LYS Y 249 62.74 75.19 28.38
N ASN Y 250 61.46 75.51 28.54
CA ASN Y 250 60.52 74.65 29.23
C ASN Y 250 59.51 74.07 28.25
N ILE Y 251 59.13 72.81 28.47
CA ILE Y 251 57.99 72.20 27.80
C ILE Y 251 57.15 71.52 28.86
N THR Y 252 55.85 71.42 28.61
CA THR Y 252 54.90 70.83 29.54
C THR Y 252 54.22 69.66 28.86
N ILE Y 253 54.47 68.46 29.36
CA ILE Y 253 53.86 67.24 28.85
C ILE Y 253 52.91 66.71 29.91
N SER Y 254 51.63 66.64 29.59
CA SER Y 254 50.63 66.19 30.53
C SER Y 254 50.36 64.71 30.31
N VAL Y 255 50.29 63.97 31.41
CA VAL Y 255 50.08 62.52 31.40
C VAL Y 255 48.63 62.26 31.81
N ILE Y 256 48.00 61.28 31.16
CA ILE Y 256 46.70 60.80 31.59
C ILE Y 256 46.76 59.29 31.72
N ALA Y 257 45.82 58.74 32.49
CA ALA Y 257 45.64 57.31 32.53
C ALA Y 257 44.76 56.87 31.37
N ASN Y 258 44.77 55.56 31.11
CA ASN Y 258 43.93 55.01 30.05
C ASN Y 258 42.47 55.01 30.50
N LYS Y 259 41.61 55.66 29.71
CA LYS Y 259 40.19 55.72 30.05
C LYS Y 259 39.51 54.37 29.88
N LEU Y 260 40.04 53.51 29.02
CA LEU Y 260 39.44 52.19 28.84
C LEU Y 260 39.77 51.26 30.00
N LYS Y 261 40.99 51.33 30.52
CA LYS Y 261 41.39 50.45 31.61
C LYS Y 261 40.75 50.85 32.93
N GLU Y 262 40.35 52.11 33.06
CA GLU Y 262 39.71 52.58 34.29
C GLU Y 262 38.27 52.10 34.35
N ARG Y 263 37.91 51.49 35.49
CA ARG Y 263 36.56 51.00 35.84
C ARG Y 263 35.89 50.14 34.78
N MET Z 1 62.83 41.46 -13.90
CA MET Z 1 63.30 41.05 -12.59
C MET Z 1 64.79 40.71 -12.63
N ASP Z 2 65.42 40.71 -11.46
CA ASP Z 2 66.76 40.16 -11.31
C ASP Z 2 66.63 38.70 -10.91
N THR Z 3 67.39 37.84 -11.57
CA THR Z 3 67.12 36.41 -11.49
C THR Z 3 67.58 35.81 -10.17
N THR Z 4 68.82 36.09 -9.75
CA THR Z 4 69.38 35.44 -8.58
C THR Z 4 68.73 35.92 -7.29
N ARG Z 5 68.36 37.20 -7.23
CA ARG Z 5 67.59 37.70 -6.10
C ARG Z 5 66.21 37.07 -6.05
N PHE Z 6 65.62 36.81 -7.21
CA PHE Z 6 64.34 36.10 -7.27
C PHE Z 6 64.48 34.67 -6.77
N ILE Z 7 65.58 33.99 -7.12
CA ILE Z 7 65.80 32.62 -6.67
C ILE Z 7 66.00 32.58 -5.15
N ARG Z 8 66.79 33.52 -4.62
CA ARG Z 8 67.01 33.55 -3.17
C ARG Z 8 65.74 33.91 -2.41
N ASN Z 9 64.94 34.83 -2.93
CA ASN Z 9 63.69 35.18 -2.27
C ASN Z 9 62.67 34.06 -2.38
N PHE Z 10 62.67 33.32 -3.49
CA PHE Z 10 61.79 32.16 -3.64
C PHE Z 10 62.15 31.07 -2.64
N ILE Z 11 63.45 30.82 -2.46
CA ILE Z 11 63.92 29.84 -1.49
C ILE Z 11 63.57 30.29 -0.06
N LEU Z 12 63.76 31.59 0.23
CA LEU Z 12 63.48 32.09 1.57
C LEU Z 12 61.98 32.07 1.89
N PHE Z 13 61.14 32.33 0.90
CA PHE Z 13 59.71 32.25 1.12
C PHE Z 13 59.22 30.81 1.21
N LYS Z 14 59.91 29.88 0.56
CA LYS Z 14 59.61 28.47 0.79
C LYS Z 14 60.14 27.98 2.14
N ASP Z 15 61.11 28.68 2.72
CA ASP Z 15 61.54 28.35 4.08
C ASP Z 15 60.62 28.95 5.13
N ALA Z 16 60.11 30.17 4.89
CA ALA Z 16 59.22 30.82 5.85
C ALA Z 16 57.87 30.11 5.89
N LEU Z 17 57.19 30.06 4.75
CA LEU Z 17 56.05 29.16 4.62
C LEU Z 17 56.59 27.75 4.55
N GLN Z 18 56.65 27.06 5.69
CA GLN Z 18 57.23 25.73 5.70
C GLN Z 18 56.29 24.73 5.02
N LYS Z 19 56.88 23.81 4.26
CA LYS Z 19 56.11 22.97 3.34
C LYS Z 19 55.33 21.86 4.05
N GLN Z 20 55.53 21.68 5.36
CA GLN Z 20 54.72 20.71 6.09
C GLN Z 20 53.29 21.20 6.24
N ASN Z 21 53.08 22.50 6.28
CA ASN Z 21 51.76 23.09 6.42
C ASN Z 21 51.13 23.43 5.08
N PHE Z 22 51.79 23.11 3.98
CA PHE Z 22 51.38 23.60 2.67
C PHE Z 22 51.31 22.48 1.66
N ASN Z 23 50.26 22.49 0.85
CA ASN Z 23 50.27 21.77 -0.42
C ASN Z 23 51.33 22.39 -1.32
N ASN Z 24 52.01 21.53 -2.10
CA ASN Z 24 53.23 21.95 -2.80
C ASN Z 24 52.93 22.98 -3.90
N LYS Z 25 51.82 22.82 -4.62
CA LYS Z 25 51.49 23.74 -5.70
C LYS Z 25 51.16 25.12 -5.16
N ASP Z 26 50.33 25.19 -4.12
CA ASP Z 26 49.99 26.48 -3.51
C ASP Z 26 51.19 27.11 -2.82
N LEU Z 27 52.09 26.28 -2.27
CA LEU Z 27 53.31 26.79 -1.67
C LEU Z 27 54.19 27.46 -2.71
N ASN Z 28 54.44 26.77 -3.83
CA ASN Z 28 55.27 27.33 -4.89
C ASN Z 28 54.61 28.56 -5.52
N THR Z 29 53.29 28.56 -5.63
CA THR Z 29 52.59 29.70 -6.22
C THR Z 29 52.65 30.92 -5.32
N THR Z 30 52.40 30.74 -4.01
CA THR Z 30 52.45 31.87 -3.09
C THR Z 30 53.87 32.40 -2.93
N SER Z 31 54.87 31.50 -2.95
CA SER Z 31 56.26 31.94 -2.88
C SER Z 31 56.66 32.70 -4.14
N MET Z 32 56.15 32.27 -5.31
CA MET Z 32 56.46 32.98 -6.55
C MET Z 32 55.81 34.35 -6.59
N GLN Z 33 54.55 34.46 -6.13
CA GLN Z 33 53.88 35.75 -6.12
C GLN Z 33 54.52 36.71 -5.12
N ALA Z 34 54.91 36.20 -3.94
CA ALA Z 34 55.59 37.04 -2.97
C ALA Z 34 56.97 37.45 -3.44
N ALA Z 35 57.66 36.58 -4.19
CA ALA Z 35 58.97 36.94 -4.72
C ALA Z 35 58.86 37.98 -5.82
N LEU Z 36 57.80 37.92 -6.63
CA LEU Z 36 57.59 38.93 -7.65
C LEU Z 36 57.24 40.28 -7.03
N GLN Z 37 56.43 40.28 -5.96
CA GLN Z 37 56.17 41.52 -5.23
C GLN Z 37 57.43 42.04 -4.55
N SER Z 38 58.30 41.15 -4.09
CA SER Z 38 59.57 41.56 -3.50
C SER Z 38 60.50 42.17 -4.54
N GLU Z 39 60.47 41.68 -5.78
CA GLU Z 39 61.24 42.31 -6.85
C GLU Z 39 60.69 43.69 -7.20
N GLN Z 40 59.36 43.82 -7.23
CA GLN Z 40 58.74 45.12 -7.48
C GLN Z 40 59.05 46.12 -6.38
N LEU Z 41 59.20 45.65 -5.14
CA LEU Z 41 59.61 46.53 -4.06
C LEU Z 41 61.12 46.84 -4.12
N ALA Z 42 61.92 45.86 -4.53
CA ALA Z 42 63.36 46.04 -4.56
C ALA Z 42 63.81 46.98 -5.65
N LEU Z 43 63.00 47.15 -6.71
CA LEU Z 43 63.29 48.21 -7.69
C LEU Z 43 63.26 49.60 -7.03
N SER Z 44 62.21 49.87 -6.27
CA SER Z 44 62.11 51.14 -5.54
C SER Z 44 63.17 51.23 -4.45
N GLU Z 45 63.58 50.09 -3.89
CA GLU Z 45 64.70 50.08 -2.95
C GLU Z 45 65.99 50.52 -3.63
N GLU Z 46 66.24 50.03 -4.86
CA GLU Z 46 67.43 50.43 -5.60
C GLU Z 46 67.42 51.92 -5.92
N SER Z 47 66.25 52.44 -6.30
CA SER Z 47 66.14 53.87 -6.58
C SER Z 47 66.38 54.71 -5.33
N GLN Z 48 65.77 54.32 -4.20
CA GLN Z 48 65.94 55.07 -2.96
C GLN Z 48 67.36 54.96 -2.41
N TYR Z 49 68.01 53.81 -2.58
CA TYR Z 49 69.38 53.67 -2.12
C TYR Z 49 70.35 54.45 -2.98
N LEU Z 50 70.08 54.55 -4.29
CA LEU Z 50 70.89 55.41 -5.16
C LEU Z 50 70.74 56.87 -4.76
N GLN Z 51 69.51 57.30 -4.47
CA GLN Z 51 69.27 58.68 -4.04
C GLN Z 51 69.95 58.97 -2.70
N SER Z 52 69.86 58.02 -1.76
CA SER Z 52 70.48 58.22 -0.45
C SER Z 52 72.00 58.20 -0.53
N GLU Z 53 72.57 57.39 -1.42
CA GLU Z 53 74.01 57.39 -1.62
C GLU Z 53 74.47 58.72 -2.24
N GLN Z 54 73.70 59.26 -3.18
CA GLN Z 54 74.04 60.56 -3.77
C GLN Z 54 73.92 61.69 -2.77
N VAL Z 55 72.97 61.60 -1.83
CA VAL Z 55 72.85 62.64 -0.81
C VAL Z 55 73.98 62.53 0.20
N ARG Z 56 74.26 61.33 0.68
CA ARG Z 56 75.27 61.16 1.73
C ARG Z 56 76.68 61.31 1.20
N ALA Z 57 76.91 61.16 -0.10
CA ALA Z 57 78.25 61.33 -0.64
C ALA Z 57 78.62 62.81 -0.74
N LYS Z 58 77.64 63.66 -1.04
CA LYS Z 58 77.88 65.07 -1.29
C LYS Z 58 77.73 65.94 -0.04
N MET Z 59 77.63 65.35 1.15
CA MET Z 59 77.22 66.12 2.31
C MET Z 59 78.34 66.99 2.86
N GLN Z 60 79.59 66.51 2.80
CA GLN Z 60 80.72 67.30 3.31
C GLN Z 60 80.95 68.54 2.45
N ILE Z 61 80.91 68.37 1.13
CA ILE Z 61 81.09 69.52 0.23
C ILE Z 61 79.90 70.46 0.30
N ASP Z 62 78.70 69.92 0.58
CA ASP Z 62 77.54 70.79 0.73
C ASP Z 62 77.61 71.61 2.01
N PHE Z 63 78.08 71.01 3.11
CA PHE Z 63 78.22 71.78 4.34
C PHE Z 63 79.35 72.79 4.24
N LEU Z 64 80.43 72.45 3.53
CA LEU Z 64 81.49 73.43 3.28
C LEU Z 64 81.00 74.57 2.41
N GLY Z 65 80.16 74.27 1.41
CA GLY Z 65 79.58 75.31 0.59
C GLY Z 65 78.59 76.18 1.34
N MET Z 66 77.85 75.59 2.29
CA MET Z 66 76.93 76.37 3.10
C MET Z 66 77.68 77.27 4.07
N GLN Z 67 78.79 76.80 4.62
CA GLN Z 67 79.64 77.65 5.45
C GLN Z 67 80.29 78.76 4.63
N ALA Z 68 80.67 78.46 3.38
CA ALA Z 68 81.22 79.50 2.51
C ALA Z 68 80.15 80.52 2.13
N ASN Z 69 78.90 80.08 1.96
CA ASN Z 69 77.82 81.02 1.69
C ASN Z 69 77.49 81.86 2.92
N LEU Z 70 77.65 81.30 4.12
CA LEU Z 70 77.50 82.08 5.34
C LEU Z 70 78.61 83.13 5.44
N GLN Z 71 79.83 82.77 5.07
CA GLN Z 71 80.93 83.72 5.01
C GLN Z 71 80.66 84.80 3.98
N ASN Z 72 80.06 84.43 2.85
CA ASN Z 72 79.72 85.40 1.81
C ASN Z 72 78.63 86.37 2.29
N ALA Z 73 77.62 85.84 2.99
CA ALA Z 73 76.54 86.69 3.49
C ALA Z 73 77.00 87.58 4.64
N LYS Z 74 78.05 87.18 5.38
CA LYS Z 74 78.59 88.08 6.39
C LYS Z 74 79.48 89.14 5.75
N ALA Z 75 80.31 88.74 4.78
CA ALA Z 75 81.23 89.69 4.16
C ALA Z 75 80.51 90.70 3.29
N GLU Z 76 79.37 90.33 2.70
CA GLU Z 76 78.59 91.28 1.92
C GLU Z 76 77.98 92.35 2.81
N THR Z 77 77.51 91.95 4.00
CA THR Z 77 76.95 92.92 4.94
C THR Z 77 78.05 93.83 5.49
N LEU Z 78 79.24 93.27 5.76
CA LEU Z 78 80.36 94.09 6.20
C LEU Z 78 80.81 95.06 5.12
N ASN Z 79 80.80 94.62 3.85
CA ASN Z 79 81.16 95.49 2.75
C ASN Z 79 80.13 96.58 2.53
N LYS Z 80 78.85 96.28 2.74
CA LYS Z 80 77.82 97.31 2.62
C LYS Z 80 77.93 98.32 3.75
N LEU Z 81 78.27 97.87 4.96
CA LEU Z 81 78.49 98.78 6.08
C LEU Z 81 79.70 99.68 5.83
N ILE Z 82 80.76 99.12 5.24
CA ILE Z 82 81.97 99.90 4.99
C ILE Z 82 81.74 100.89 3.85
N GLN Z 83 80.99 100.49 2.82
CA GLN Z 83 80.60 101.41 1.76
C GLN Z 83 79.70 102.52 2.29
N CYS Z 84 78.84 102.20 3.25
CA CYS Z 84 77.99 103.21 3.88
C CYS Z 84 78.81 104.20 4.71
N GLN Z 85 79.79 103.71 5.47
CA GLN Z 85 80.65 104.61 6.24
C GLN Z 85 81.54 105.45 5.35
N ALA Z 86 81.97 104.88 4.21
CA ALA Z 86 82.74 105.66 3.24
C ALA Z 86 81.88 106.75 2.61
N MET Z 87 80.60 106.46 2.35
CA MET Z 87 79.71 107.49 1.85
C MET Z 87 79.41 108.53 2.91
N LEU Z 88 79.46 108.14 4.19
CA LEU Z 88 79.29 109.11 5.28
C LEU Z 88 80.47 110.06 5.36
N LYS Z 89 81.69 109.52 5.28
CA LYS Z 89 82.87 110.36 5.38
C LYS Z 89 83.18 111.12 4.09
N SER Z 90 82.66 110.66 2.96
CA SER Z 90 82.94 111.32 1.69
C SER Z 90 82.24 112.67 1.59
N LEU Z 91 81.13 112.85 2.30
CA LEU Z 91 80.48 114.16 2.35
C LEU Z 91 81.37 115.18 3.04
N LYS Z 92 81.95 114.80 4.19
CA LYS Z 92 82.87 115.67 4.90
C LYS Z 92 84.12 115.96 4.08
N ASP Z 93 84.66 114.93 3.42
CA ASP Z 93 85.88 115.12 2.64
C ASP Z 93 85.64 116.00 1.41
N ASN Z 94 84.53 115.76 0.69
CA ASN Z 94 84.24 116.55 -0.50
C ASN Z 94 83.74 117.94 -0.16
N ALA Z 95 83.27 118.17 1.07
CA ALA Z 95 83.01 119.54 1.49
C ALA Z 95 84.31 120.26 1.85
N MET Z 96 85.21 119.56 2.56
CA MET Z 96 86.41 120.22 3.06
C MET Z 96 87.41 120.52 1.95
N ILE Z 97 87.57 119.60 0.99
CA ILE Z 97 88.52 119.87 -0.08
C ILE Z 97 87.98 120.93 -1.04
N ASN Z 98 86.65 121.03 -1.16
CA ASN Z 98 86.08 122.09 -2.00
C ASN Z 98 86.19 123.44 -1.31
N ARG Z 99 86.02 123.47 0.01
CA ARG Z 99 86.24 124.71 0.77
C ARG Z 99 87.70 125.14 0.69
N ALA Z 100 88.62 124.18 0.77
CA ALA Z 100 90.04 124.49 0.65
C ALA Z 100 90.41 124.98 -0.74
N ASN Z 101 89.83 124.36 -1.78
CA ASN Z 101 90.11 124.79 -3.16
C ASN Z 101 89.53 126.17 -3.43
N ALA Z 102 88.35 126.46 -2.88
CA ALA Z 102 87.76 127.79 -3.03
C ALA Z 102 88.57 128.84 -2.28
N LEU Z 103 89.12 128.48 -1.12
CA LEU Z 103 89.99 129.42 -0.40
C LEU Z 103 91.30 129.66 -1.13
N VAL Z 104 91.86 128.61 -1.76
CA VAL Z 104 93.06 128.77 -2.57
C VAL Z 104 92.79 129.69 -3.76
N SER Z 105 91.63 129.54 -4.40
CA SER Z 105 91.28 130.43 -5.48
C SER Z 105 91.01 131.86 -4.99
N LEU Z 106 90.52 132.01 -3.76
CA LEU Z 106 90.32 133.34 -3.20
C LEU Z 106 91.65 134.03 -2.91
N LEU Z 107 92.62 133.30 -2.36
CA LEU Z 107 93.96 133.88 -2.24
C LEU Z 107 94.65 134.04 -3.58
N GLN Z 108 94.24 133.29 -4.60
CA GLN Z 108 94.79 133.49 -5.93
C GLN Z 108 94.30 134.79 -6.54
N VAL Z 109 93.02 135.11 -6.37
CA VAL Z 109 92.53 136.38 -6.86
C VAL Z 109 92.98 137.54 -5.96
N GLN Z 110 93.25 137.29 -4.68
CA GLN Z 110 93.81 138.34 -3.84
C GLN Z 110 95.30 138.56 -4.09
N ALA Z 111 95.98 137.58 -4.69
CA ALA Z 111 97.40 137.72 -4.96
C ALA Z 111 97.64 138.68 -6.12
N ASN Z 112 97.13 138.36 -7.31
CA ASN Z 112 97.30 139.23 -8.47
C ASN Z 112 96.11 140.17 -8.63
N ALA Z 113 95.77 140.88 -7.55
CA ALA Z 113 94.61 141.77 -7.58
C ALA Z 113 94.98 143.14 -8.14
N ALA Z 114 95.87 143.86 -7.43
CA ALA Z 114 96.30 145.23 -7.74
C ALA Z 114 95.12 146.19 -7.90
N ASN Z 115 94.06 145.99 -7.12
CA ASN Z 115 92.85 146.80 -7.22
C ASN Z 115 92.48 147.49 -5.92
N GLY Z 116 92.48 146.77 -4.80
CA GLY Z 116 92.09 147.32 -3.53
C GLY Z 116 90.67 146.98 -3.09
N ILE Z 117 89.80 146.60 -4.04
CA ILE Z 117 88.45 146.18 -3.71
C ILE Z 117 88.47 144.82 -3.02
N THR Z 118 89.49 144.00 -3.32
CA THR Z 118 89.61 142.67 -2.74
C THR Z 118 89.89 142.71 -1.24
N THR Z 119 90.54 143.76 -0.74
CA THR Z 119 90.75 143.89 0.70
C THR Z 119 89.44 144.15 1.44
N SER Z 120 88.48 144.80 0.78
CA SER Z 120 87.17 145.00 1.37
C SER Z 120 86.26 143.78 1.16
N ASN Z 121 86.44 143.06 0.06
CA ASN Z 121 85.64 141.87 -0.22
C ASN Z 121 86.17 140.62 0.47
N PHE Z 122 87.37 140.68 1.05
CA PHE Z 122 87.90 139.54 1.79
C PHE Z 122 87.15 139.29 3.08
N GLU Z 123 86.44 140.28 3.61
CA GLU Z 123 85.51 140.05 4.70
C GLU Z 123 84.14 139.60 4.21
N ALA Z 124 83.90 139.68 2.90
CA ALA Z 124 82.61 139.32 2.30
C ALA Z 124 82.63 137.94 1.66
N ALA Z 125 83.64 137.66 0.83
CA ALA Z 125 83.71 136.36 0.16
C ALA Z 125 84.11 135.24 1.13
N PHE Z 126 84.84 135.57 2.20
CA PHE Z 126 85.26 134.54 3.14
C PHE Z 126 84.09 133.96 3.92
N LYS Z 127 83.02 134.76 4.12
CA LYS Z 127 81.81 134.20 4.72
C LYS Z 127 81.03 133.36 3.73
N ILE Z 128 81.25 133.56 2.43
CA ILE Z 128 80.66 132.67 1.43
C ILE Z 128 81.40 131.35 1.40
N ILE Z 129 82.73 131.38 1.54
CA ILE Z 129 83.48 130.14 1.66
C ILE Z 129 83.21 129.48 3.00
N ALA Z 130 82.81 130.26 4.02
CA ALA Z 130 82.48 129.70 5.32
C ALA Z 130 81.18 128.91 5.30
N GLN Z 131 80.31 129.14 4.33
CA GLN Z 131 79.05 128.42 4.24
C GLN Z 131 79.16 127.10 3.47
N ILE Z 132 80.37 126.70 3.10
CA ILE Z 132 80.56 125.39 2.49
C ILE Z 132 80.37 124.30 3.53
N GLY Z 133 81.03 124.43 4.67
CA GLY Z 133 80.95 123.47 5.75
C GLY Z 133 80.12 123.96 6.91
N SER Z 134 78.96 124.55 6.63
CA SER Z 134 78.13 125.12 7.68
C SER Z 134 77.57 124.06 8.61
N GLU Z 135 77.24 122.87 8.09
CA GLU Z 135 76.85 121.75 8.92
C GLU Z 135 78.04 120.99 9.49
N TYR Z 136 79.25 121.45 9.21
CA TYR Z 136 80.51 120.85 9.65
C TYR Z 136 81.29 121.91 10.39
N ASN Z 137 82.60 121.71 10.55
CA ASN Z 137 83.44 122.67 11.28
C ASN Z 137 83.56 123.95 10.44
N GLN Z 138 82.59 124.84 10.65
CA GLN Z 138 82.56 126.10 9.93
C GLN Z 138 83.64 127.04 10.45
N ILE Z 139 83.88 128.11 9.70
CA ILE Z 139 84.99 129.01 9.96
C ILE Z 139 84.47 130.45 10.00
N THR Z 140 85.28 131.33 10.59
CA THR Z 140 84.95 132.74 10.67
C THR Z 140 86.24 133.56 10.57
N LEU Z 141 86.08 134.87 10.49
CA LEU Z 141 87.20 135.80 10.40
C LEU Z 141 86.91 136.98 11.31
N ASN Z 142 87.65 137.10 12.40
CA ASN Z 142 87.43 138.22 13.33
C ASN Z 142 88.03 139.51 12.80
N ASN Z 143 89.35 139.58 12.66
CA ASN Z 143 90.04 140.68 11.98
C ASN Z 143 91.19 140.12 11.14
N GLY Z 144 90.96 139.01 10.46
CA GLY Z 144 91.99 138.39 9.66
C GLY Z 144 92.54 137.09 10.18
N ASN Z 145 91.90 136.48 11.18
CA ASN Z 145 92.32 135.19 11.71
C ASN Z 145 91.12 134.26 11.79
N VAL Z 146 91.39 132.96 11.73
CA VAL Z 146 90.34 131.95 11.69
C VAL Z 146 90.29 131.22 13.03
N SER Z 147 89.20 130.47 13.22
CA SER Z 147 89.01 129.69 14.44
C SER Z 147 88.08 128.54 14.11
N VAL Z 148 88.59 127.31 14.16
CA VAL Z 148 87.81 126.13 13.81
C VAL Z 148 86.90 125.79 14.98
N GLN Z 149 85.61 125.56 14.68
CA GLN Z 149 84.62 125.27 15.70
C GLN Z 149 84.61 123.79 16.10
N GLU Z 150 84.35 122.92 15.12
CA GLU Z 150 84.14 121.47 15.31
C GLU Z 150 83.03 121.22 16.34
N LYS Z 151 81.82 121.60 15.93
CA LYS Z 151 80.66 121.71 16.82
C LYS Z 151 80.14 120.37 17.34
N GLU Z 152 80.67 119.24 16.85
CA GLU Z 152 80.21 117.88 17.19
C GLU Z 152 78.72 117.70 16.93
N GLN Z 153 78.37 117.82 15.65
CA GLN Z 153 76.98 117.84 15.23
C GLN Z 153 76.34 116.47 15.38
N THR Z 154 75.08 116.46 15.79
CA THR Z 154 74.39 115.22 16.10
C THR Z 154 73.98 114.48 14.83
N ASN Z 155 74.00 113.15 14.91
CA ASN Z 155 73.55 112.29 13.82
C ASN Z 155 73.19 110.94 14.43
N GLU Z 156 71.93 110.54 14.30
CA GLU Z 156 71.49 109.26 14.84
C GLU Z 156 72.01 108.09 14.02
N LEU Z 157 72.18 108.29 12.72
CA LEU Z 157 72.52 107.20 11.81
C LEU Z 157 73.92 106.65 12.05
N LYS Z 158 74.83 107.48 12.58
CA LYS Z 158 76.13 106.99 12.99
C LYS Z 158 76.01 106.02 14.16
N THR Z 159 75.11 106.33 15.11
CA THR Z 159 74.88 105.43 16.23
C THR Z 159 74.18 104.15 15.79
N ILE Z 160 73.28 104.23 14.80
CA ILE Z 160 72.64 103.02 14.30
C ILE Z 160 73.64 102.16 13.53
N LEU Z 161 74.57 102.79 12.82
CA LEU Z 161 75.67 102.05 12.18
C LEU Z 161 76.55 101.36 13.21
N ASN Z 162 76.84 102.05 14.32
CA ASN Z 162 77.63 101.45 15.39
C ASN Z 162 76.91 100.27 16.02
N SER Z 163 75.59 100.39 16.20
CA SER Z 163 74.81 99.31 16.78
C SER Z 163 74.71 98.12 15.84
N LEU Z 164 74.62 98.37 14.53
CA LEU Z 164 74.62 97.27 13.58
C LEU Z 164 75.99 96.59 13.48
N SER Z 165 77.07 97.36 13.65
CA SER Z 165 78.40 96.75 13.69
C SER Z 165 78.57 95.88 14.93
N LYS Z 166 78.05 96.35 16.07
CA LYS Z 166 78.09 95.54 17.28
C LYS Z 166 77.24 94.28 17.15
N GLU Z 167 76.11 94.40 16.43
CA GLU Z 167 75.27 93.24 16.14
C GLU Z 167 75.99 92.23 15.26
N LEU Z 168 76.73 92.72 14.26
CA LEU Z 168 77.46 91.83 13.37
C LEU Z 168 78.61 91.13 14.11
N GLU Z 169 79.31 91.87 14.98
CA GLU Z 169 80.39 91.25 15.75
C GLU Z 169 79.84 90.25 16.76
N LYS Z 170 78.66 90.52 17.34
CA LYS Z 170 78.04 89.55 18.22
C LYS Z 170 77.59 88.31 17.45
N LEU Z 171 77.16 88.48 16.21
CA LEU Z 171 76.83 87.34 15.36
C LEU Z 171 78.07 86.55 14.94
N ASN Z 172 79.22 87.22 14.87
CA ASN Z 172 80.43 86.57 14.36
C ASN Z 172 81.00 85.53 15.30
N GLN Z 173 80.69 85.61 16.60
CA GLN Z 173 81.27 84.65 17.54
C GLN Z 173 80.59 83.29 17.46
N GLN Z 174 79.29 83.27 17.21
CA GLN Z 174 78.57 82.00 17.16
C GLN Z 174 78.69 81.28 15.83
N SER Z 175 79.34 81.90 14.83
CA SER Z 175 79.57 81.23 13.56
C SER Z 175 80.66 80.17 13.75
N GLU Z 176 80.26 78.94 14.00
CA GLU Z 176 81.22 77.89 14.30
C GLU Z 176 81.67 77.18 13.03
N VAL Z 177 82.79 76.46 13.15
CA VAL Z 177 83.25 75.52 12.14
C VAL Z 177 83.52 74.19 12.84
N ASN Z 178 83.53 73.13 12.04
CA ASN Z 178 83.95 71.78 12.44
C ASN Z 178 83.09 71.23 13.58
N SER Z 179 81.82 70.97 13.26
CA SER Z 179 80.89 70.36 14.19
C SER Z 179 80.35 69.06 13.62
N ILE Z 180 80.37 68.00 14.44
CA ILE Z 180 79.89 66.71 14.03
C ILE Z 180 78.45 66.53 14.48
N GLN Z 181 77.77 65.53 13.93
CA GLN Z 181 76.36 65.33 14.23
C GLN Z 181 76.03 63.85 14.11
N ILE Z 182 75.37 63.31 15.12
CA ILE Z 182 74.92 61.93 15.11
C ILE Z 182 73.41 61.91 14.83
N PHE Z 183 72.95 60.78 14.29
CA PHE Z 183 71.54 60.59 14.00
C PHE Z 183 71.20 59.12 14.19
N SER Z 184 69.95 58.85 14.54
CA SER Z 184 69.51 57.47 14.73
C SER Z 184 68.00 57.42 14.59
N ASP Z 185 67.52 56.65 13.62
CA ASP Z 185 66.12 56.28 13.59
C ASP Z 185 65.87 55.23 14.66
N LYS Z 186 64.63 55.15 15.13
CA LYS Z 186 64.15 54.18 16.12
C LYS Z 186 64.96 54.29 17.43
N LEU Z 187 64.73 55.42 18.12
CA LEU Z 187 65.30 55.61 19.45
C LEU Z 187 64.84 54.53 20.42
N GLU Z 188 63.60 54.07 20.28
CA GLU Z 188 63.18 52.84 20.92
C GLU Z 188 63.68 51.64 20.13
N VAL Z 189 64.01 50.57 20.84
CA VAL Z 189 64.58 49.39 20.20
C VAL Z 189 64.23 48.16 21.03
N LEU Z 190 64.18 47.01 20.38
CA LEU Z 190 63.96 45.74 21.06
C LEU Z 190 65.30 45.13 21.45
N LYS Z 191 65.30 43.85 21.82
CA LYS Z 191 66.50 43.19 22.30
C LYS Z 191 67.51 42.99 21.17
N ASP Z 192 67.05 42.62 19.98
CA ASP Z 192 67.94 42.31 18.87
C ASP Z 192 67.70 43.17 17.64
N ALA Z 193 66.96 44.26 17.76
CA ALA Z 193 66.69 45.09 16.59
C ALA Z 193 67.89 46.00 16.29
N PRO Z 194 68.17 46.25 15.00
CA PRO Z 194 69.43 46.93 14.67
C PRO Z 194 69.51 48.40 15.07
N ALA Z 195 68.53 49.22 14.69
CA ALA Z 195 68.47 50.66 14.96
C ALA Z 195 69.73 51.38 14.46
N ARG Z 196 69.86 51.43 13.13
CA ARG Z 196 71.05 51.89 12.44
C ARG Z 196 71.43 53.33 12.79
N LEU Z 197 72.56 53.49 13.48
CA LEU Z 197 73.11 54.79 13.82
C LEU Z 197 73.90 55.32 12.63
N TRP Z 198 73.73 56.60 12.32
CA TRP Z 198 74.44 57.24 11.22
C TRP Z 198 75.08 58.53 11.72
N GLY Z 199 76.41 58.61 11.60
CA GLY Z 199 77.14 59.77 12.01
C GLY Z 199 77.62 60.60 10.84
N PHE Z 200 77.95 61.86 11.12
CA PHE Z 200 78.45 62.77 10.10
C PHE Z 200 79.51 63.66 10.73
N SER Z 201 80.74 63.53 10.25
CA SER Z 201 81.84 64.37 10.67
C SER Z 201 82.27 65.22 9.48
N THR Z 202 82.40 66.52 9.71
CA THR Z 202 82.83 67.45 8.68
C THR Z 202 84.34 67.68 8.70
N LEU Z 203 85.09 66.80 9.33
CA LEU Z 203 86.54 66.88 9.33
C LEU Z 203 87.09 66.52 7.96
N SER Z 204 88.36 66.89 7.74
CA SER Z 204 89.02 66.60 6.48
C SER Z 204 89.27 65.10 6.32
N ASN Z 205 90.05 64.53 7.24
CA ASN Z 205 90.24 63.09 7.32
C ASN Z 205 90.13 62.67 8.77
N ALA Z 206 89.48 61.54 9.02
CA ALA Z 206 89.20 61.12 10.38
C ALA Z 206 89.06 59.60 10.40
N LYS Z 207 88.70 59.08 11.57
CA LYS Z 207 88.38 57.66 11.71
C LYS Z 207 86.91 57.41 12.01
N GLU Z 208 86.23 58.40 12.63
CA GLU Z 208 84.78 58.47 12.88
C GLU Z 208 84.18 57.17 13.42
N GLY Z 209 84.81 56.65 14.47
CA GLY Z 209 84.34 55.42 15.08
C GLY Z 209 83.14 55.64 15.99
N PHE Z 210 82.62 54.52 16.49
CA PHE Z 210 81.56 54.50 17.48
C PHE Z 210 82.08 53.80 18.73
N TYR Z 211 81.92 54.44 19.88
CA TYR Z 211 82.42 53.90 21.13
C TYR Z 211 81.26 53.63 22.09
N ASN Z 212 81.40 52.56 22.87
CA ASN Z 212 80.34 52.01 23.70
C ASN Z 212 80.64 52.29 25.18
N GLU Z 213 80.25 53.49 25.61
CA GLU Z 213 80.02 53.90 27.00
C GLU Z 213 81.27 54.06 27.85
N ALA Z 214 82.42 53.53 27.44
CA ALA Z 214 83.68 54.05 27.97
C ALA Z 214 84.62 54.43 26.85
N ASN Z 215 85.10 53.42 26.12
CA ASN Z 215 85.85 53.65 24.89
C ASN Z 215 85.66 52.53 23.87
N GLU Z 216 84.73 51.61 24.11
CA GLU Z 216 84.73 50.31 23.43
C GLU Z 216 84.26 50.45 21.99
N GLN Z 217 85.18 50.23 21.05
CA GLN Z 217 84.91 50.40 19.63
C GLN Z 217 83.96 49.32 19.13
N ILE Z 218 82.85 49.75 18.52
CA ILE Z 218 81.82 48.84 18.06
C ILE Z 218 81.54 48.97 16.57
N ALA Z 219 82.14 49.95 15.90
CA ALA Z 219 81.96 50.12 14.46
C ALA Z 219 83.27 50.63 13.87
N SER Z 220 83.24 50.96 12.58
CA SER Z 220 84.43 51.46 11.90
C SER Z 220 84.28 52.91 11.47
N GLY Z 221 83.27 53.24 10.66
CA GLY Z 221 83.10 54.62 10.26
C GLY Z 221 81.74 54.99 9.74
N SER Z 222 81.12 56.01 10.35
CA SER Z 222 79.92 56.74 9.92
C SER Z 222 78.63 55.92 9.90
N VAL Z 223 78.70 54.62 10.20
CA VAL Z 223 77.53 53.77 10.30
C VAL Z 223 77.75 52.81 11.46
N CYS Z 224 76.69 52.53 12.21
CA CYS Z 224 76.74 51.59 13.31
C CYS Z 224 75.46 50.77 13.32
N LEU Z 225 75.59 49.49 13.63
CA LEU Z 225 74.47 48.58 13.75
C LEU Z 225 74.43 48.12 15.20
N PHE Z 226 73.49 48.65 15.97
CA PHE Z 226 73.55 48.53 17.42
C PHE Z 226 72.65 47.41 17.91
N ARG Z 227 73.23 46.22 18.08
CA ARG Z 227 72.56 45.17 18.83
C ARG Z 227 72.82 45.39 20.32
N SER Z 228 71.83 45.03 21.14
CA SER Z 228 71.87 45.41 22.54
C SER Z 228 72.05 44.21 23.47
N ASP Z 229 71.13 43.22 23.41
CA ASP Z 229 71.07 42.08 24.33
C ASP Z 229 71.03 42.51 25.81
N LYS Z 230 70.42 43.66 26.07
CA LYS Z 230 70.35 44.23 27.41
C LYS Z 230 68.97 44.82 27.61
N VAL Z 231 68.80 45.59 28.67
CA VAL Z 231 67.51 46.19 28.99
C VAL Z 231 67.69 47.68 29.22
N ARG Z 232 68.89 48.08 29.61
CA ARG Z 232 69.17 49.45 30.03
C ARG Z 232 69.17 50.43 28.86
N LYS Z 233 69.30 51.71 29.19
CA LYS Z 233 69.40 52.78 28.19
C LYS Z 233 70.87 52.98 27.85
N HIS Z 234 71.26 52.67 26.63
CA HIS Z 234 72.64 52.78 26.23
C HIS Z 234 72.96 54.17 25.68
N THR Z 235 74.22 54.55 25.79
CA THR Z 235 74.70 55.84 25.31
C THR Z 235 75.90 55.60 24.42
N ILE Z 236 75.74 55.84 23.13
CA ILE Z 236 76.78 55.56 22.13
C ILE Z 236 77.43 56.87 21.72
N THR Z 237 78.75 56.87 21.61
CA THR Z 237 79.52 58.08 21.34
C THR Z 237 80.15 57.99 19.95
N PHE Z 238 79.68 58.84 19.05
CA PHE Z 238 80.34 59.07 17.77
C PHE Z 238 81.60 59.87 18.00
N LYS Z 239 82.73 59.39 17.48
CA LYS Z 239 84.02 60.03 17.71
C LYS Z 239 84.72 60.25 16.38
N ALA Z 240 85.19 61.47 16.17
CA ALA Z 240 85.95 61.84 14.98
C ALA Z 240 87.29 62.40 15.47
N ILE Z 241 88.35 61.61 15.35
CA ILE Z 241 89.68 62.02 15.75
C ILE Z 241 90.40 62.56 14.53
N ASN Z 242 91.40 63.42 14.78
CA ASN Z 242 92.19 63.99 13.72
C ASN Z 242 93.58 64.30 14.27
N THR Z 243 94.50 64.59 13.35
CA THR Z 243 95.84 65.02 13.74
C THR Z 243 95.84 66.38 14.42
N LYS Z 244 94.82 67.20 14.19
CA LYS Z 244 94.72 68.51 14.82
C LYS Z 244 93.90 68.45 16.10
N THR Z 245 92.63 68.04 16.00
CA THR Z 245 91.72 68.04 17.13
C THR Z 245 90.89 66.77 17.12
N SER Z 246 89.87 66.72 17.97
CA SER Z 246 89.00 65.56 18.09
C SER Z 246 87.63 66.02 18.57
N LEU Z 247 86.59 65.31 18.11
CA LEU Z 247 85.22 65.62 18.49
C LEU Z 247 84.48 64.37 18.90
N SER Z 248 83.49 64.55 19.78
CA SER Z 248 82.64 63.48 20.24
C SER Z 248 81.20 63.96 20.28
N LYS Z 249 80.28 62.99 20.20
CA LYS Z 249 78.86 63.28 20.25
C LYS Z 249 78.14 62.08 20.85
N ASN Z 250 77.08 62.34 21.60
CA ASN Z 250 76.37 61.30 22.34
C ASN Z 250 74.99 61.07 21.75
N ILE Z 251 74.57 59.81 21.71
CA ILE Z 251 73.19 59.46 21.42
C ILE Z 251 72.74 58.46 22.49
N THR Z 252 71.44 58.46 22.76
CA THR Z 252 70.85 57.62 23.79
C THR Z 252 69.81 56.71 23.15
N ILE Z 253 70.07 55.41 23.13
CA ILE Z 253 69.17 54.42 22.58
C ILE Z 253 68.64 53.59 23.74
N SER Z 254 67.33 53.64 23.95
CA SER Z 254 66.71 52.90 25.05
C SER Z 254 66.18 51.57 24.55
N VAL Z 255 66.45 50.52 25.31
CA VAL Z 255 66.05 49.16 24.97
C VAL Z 255 64.86 48.79 25.84
N ILE Z 256 63.91 48.07 25.26
CA ILE Z 256 62.81 47.48 26.02
C ILE Z 256 62.73 46.01 25.66
N ALA Z 257 62.09 45.25 26.56
CA ALA Z 257 61.75 43.88 26.25
C ALA Z 257 60.43 43.83 25.48
N ASN Z 258 60.18 42.67 24.88
CA ASN Z 258 58.93 42.49 24.14
C ASN Z 258 57.77 42.35 25.11
N LYS Z 259 56.77 43.21 24.97
CA LYS Z 259 55.61 43.18 25.86
C LYS Z 259 54.74 41.95 25.60
N LEU Z 260 54.78 41.40 24.39
CA LEU Z 260 53.99 40.21 24.09
C LEU Z 260 54.61 38.96 24.70
N LYS Z 261 55.95 38.86 24.68
CA LYS Z 261 56.60 37.67 25.21
C LYS Z 261 56.58 37.64 26.73
N GLU Z 262 56.43 38.79 27.37
CA GLU Z 262 56.38 38.85 28.83
C GLU Z 262 55.02 38.38 29.33
N ARG Z 263 55.05 37.46 30.29
CA ARG Z 263 53.89 36.88 31.00
C ARG Z 263 52.75 36.40 30.10
N MET AA 1 57.62 43.46 -25.56
CA MET AA 1 58.50 42.64 -24.73
C MET AA 1 59.80 42.33 -25.46
N ASP AA 2 60.83 41.95 -24.69
CA ASP AA 2 62.04 41.38 -25.26
C ASP AA 2 61.88 39.87 -25.27
N THR AA 3 62.21 39.26 -26.41
CA THR AA 3 61.80 37.88 -26.64
C THR AA 3 62.65 36.89 -25.85
N THR AA 4 63.98 37.03 -25.91
CA THR AA 4 64.85 36.03 -25.30
C THR AA 4 64.81 36.07 -23.78
N ARG AA 5 64.66 37.27 -23.22
CA ARG AA 5 64.46 37.40 -21.78
C ARG AA 5 63.13 36.79 -21.36
N PHE AA 6 62.10 36.92 -22.21
CA PHE AA 6 60.83 36.26 -21.93
C PHE AA 6 60.95 34.75 -21.97
N ILE AA 7 61.75 34.22 -22.91
CA ILE AA 7 61.93 32.77 -23.01
C ILE AA 7 62.68 32.25 -21.78
N ARG AA 8 63.73 32.97 -21.36
CA ARG AA 8 64.50 32.54 -20.20
C ARG AA 8 63.68 32.64 -18.91
N ASN AA 9 62.86 33.69 -18.78
CA ASN AA 9 62.02 33.81 -17.61
C ASN AA 9 60.90 32.79 -17.60
N PHE AA 10 60.36 32.45 -18.77
CA PHE AA 10 59.36 31.39 -18.88
C PHE AA 10 59.93 30.04 -18.48
N ILE AA 11 61.16 29.74 -18.92
CA ILE AA 11 61.83 28.51 -18.54
C ILE AA 11 62.10 28.49 -17.04
N LEU AA 12 62.56 29.62 -16.49
CA LEU AA 12 62.89 29.67 -15.06
C LEU AA 12 61.64 29.55 -14.20
N PHE AA 13 60.52 30.12 -14.64
CA PHE AA 13 59.28 29.99 -13.88
C PHE AA 13 58.69 28.59 -14.02
N LYS AA 14 58.94 27.91 -15.13
CA LYS AA 14 58.57 26.50 -15.22
C LYS AA 14 59.50 25.61 -14.41
N ASP AA 15 60.71 26.09 -14.09
CA ASP AA 15 61.57 25.34 -13.18
C ASP AA 15 61.21 25.59 -11.72
N ALA AA 16 60.82 26.82 -11.37
CA ALA AA 16 60.45 27.14 -9.99
C ALA AA 16 59.14 26.46 -9.61
N LEU AA 17 58.08 26.77 -10.34
CA LEU AA 17 56.86 25.97 -10.26
C LEU AA 17 57.14 24.65 -10.94
N GLN AA 18 57.54 23.64 -10.18
CA GLN AA 18 57.90 22.36 -10.78
C GLN AA 18 56.65 21.63 -11.28
N LYS AA 19 56.78 21.01 -12.44
CA LYS AA 19 55.61 20.49 -13.17
C LYS AA 19 55.03 19.22 -12.56
N GLN AA 20 55.69 18.64 -11.56
CA GLN AA 20 55.10 17.49 -10.87
C GLN AA 20 53.91 17.91 -10.01
N ASN AA 21 53.91 19.14 -9.53
CA ASN AA 21 52.83 19.67 -8.71
C ASN AA 21 51.78 20.41 -9.51
N PHE AA 22 51.92 20.45 -10.83
CA PHE AA 22 51.12 21.34 -11.66
C PHE AA 22 50.52 20.58 -12.83
N ASN AA 23 49.25 20.86 -13.12
CA ASN AA 23 48.69 20.57 -14.42
C ASN AA 23 49.40 21.44 -15.46
N ASN AA 24 49.61 20.88 -16.66
CA ASN AA 24 50.50 21.49 -17.63
C ASN AA 24 49.95 22.80 -18.18
N LYS AA 25 48.64 22.88 -18.40
CA LYS AA 25 48.04 24.10 -18.93
C LYS AA 25 48.13 25.25 -17.94
N ASP AA 26 47.77 24.99 -16.68
CA ASP AA 26 47.87 26.02 -15.65
C ASP AA 26 49.31 26.39 -15.35
N LEU AA 27 50.22 25.43 -15.47
CA LEU AA 27 51.64 25.72 -15.29
C LEU AA 27 52.15 26.68 -16.36
N ASN AA 28 51.85 26.37 -17.63
CA ASN AA 28 52.28 27.24 -18.72
C ASN AA 28 51.61 28.61 -18.66
N THR AA 29 50.34 28.65 -18.22
CA THR AA 29 49.64 29.92 -18.13
C THR AA 29 50.19 30.80 -17.01
N THR AA 30 50.44 30.21 -15.83
CA THR AA 30 50.99 30.98 -14.72
C THR AA 30 52.42 31.43 -15.01
N SER AA 31 53.20 30.59 -15.68
CA SER AA 31 54.56 30.97 -16.06
C SER AA 31 54.54 32.09 -17.10
N MET AA 32 53.58 32.05 -18.03
CA MET AA 32 53.48 33.11 -19.04
C MET AA 32 53.05 34.44 -18.41
N GLN AA 33 52.10 34.39 -17.47
CA GLN AA 33 51.65 35.62 -16.81
C GLN AA 33 52.75 36.21 -15.94
N ALA AA 34 53.48 35.36 -15.21
CA ALA AA 34 54.58 35.84 -14.40
C ALA AA 34 55.73 36.37 -15.26
N ALA AA 35 55.95 35.78 -16.43
CA ALA AA 35 57.00 36.29 -17.32
C ALA AA 35 56.61 37.62 -17.94
N LEU AA 36 55.32 37.82 -18.23
CA LEU AA 36 54.88 39.11 -18.73
C LEU AA 36 54.97 40.19 -17.66
N GLN AA 37 54.64 39.85 -16.41
CA GLN AA 37 54.85 40.80 -15.32
C GLN AA 37 56.32 41.08 -15.08
N SER AA 38 57.19 40.08 -15.29
CA SER AA 38 58.62 40.28 -15.18
C SER AA 38 59.14 41.19 -16.28
N GLU AA 39 58.58 41.11 -17.48
CA GLU AA 39 58.97 42.04 -18.55
C GLU AA 39 58.53 43.46 -18.22
N GLN AA 40 57.30 43.60 -17.69
CA GLN AA 40 56.80 44.92 -17.28
C GLN AA 40 57.64 45.52 -16.16
N LEU AA 41 58.20 44.68 -15.28
CA LEU AA 41 59.10 45.17 -14.25
C LEU AA 41 60.49 45.47 -14.82
N ALA AA 42 60.94 44.67 -15.78
CA ALA AA 42 62.28 44.84 -16.33
C ALA AA 42 62.39 46.08 -17.20
N LEU AA 43 61.28 46.59 -17.74
CA LEU AA 43 61.30 47.89 -18.40
C LEU AA 43 61.70 49.00 -17.43
N SER AA 44 61.06 49.03 -16.25
CA SER AA 44 61.42 50.00 -15.24
C SER AA 44 62.82 49.74 -14.69
N GLU AA 45 63.26 48.47 -14.68
CA GLU AA 45 64.64 48.17 -14.33
C GLU AA 45 65.62 48.79 -15.31
N GLU AA 46 65.32 48.71 -16.61
CA GLU AA 46 66.18 49.31 -17.63
C GLU AA 46 66.25 50.83 -17.47
N SER AA 47 65.10 51.45 -17.18
CA SER AA 47 65.07 52.90 -16.97
C SER AA 47 65.88 53.30 -15.74
N GLN AA 48 65.70 52.58 -14.63
CA GLN AA 48 66.43 52.90 -13.40
C GLN AA 48 67.92 52.62 -13.53
N TYR AA 49 68.29 51.58 -14.28
CA TYR AA 49 69.72 51.29 -14.46
C TYR AA 49 70.37 52.30 -15.39
N LEU AA 50 69.64 52.80 -16.38
CA LEU AA 50 70.16 53.89 -17.21
C LEU AA 50 70.37 55.15 -16.39
N GLN AA 51 69.41 55.47 -15.52
CA GLN AA 51 69.54 56.65 -14.66
C GLN AA 51 70.71 56.50 -13.67
N SER AA 52 70.86 55.30 -13.09
CA SER AA 52 71.96 55.07 -12.15
C SER AA 52 73.31 55.07 -12.83
N GLU AA 53 73.39 54.58 -14.08
CA GLU AA 53 74.62 54.64 -14.84
C GLU AA 53 74.99 56.09 -15.17
N GLN AA 54 73.99 56.90 -15.53
CA GLN AA 54 74.25 58.32 -15.80
C GLN AA 54 74.67 59.08 -14.55
N VAL AA 55 74.16 58.70 -13.38
CA VAL AA 55 74.56 59.38 -12.16
C VAL AA 55 75.97 58.95 -11.77
N ARG AA 56 76.25 57.64 -11.80
CA ARG AA 56 77.55 57.15 -11.36
C ARG AA 56 78.67 57.45 -12.34
N ALA AA 57 78.35 57.72 -13.60
CA ALA AA 57 79.40 58.05 -14.56
C ALA AA 57 79.90 59.48 -14.37
N LYS AA 58 79.00 60.39 -13.99
CA LYS AA 58 79.31 61.80 -13.90
C LYS AA 58 79.74 62.24 -12.51
N MET AA 59 80.04 61.30 -11.62
CA MET AA 59 80.22 61.66 -10.20
C MET AA 59 81.57 62.32 -9.94
N GLN AA 60 82.63 61.87 -10.62
CA GLN AA 60 83.95 62.46 -10.42
C GLN AA 60 83.99 63.90 -10.90
N ILE AA 61 83.43 64.17 -12.08
CA ILE AA 61 83.41 65.52 -12.60
C ILE AA 61 82.47 66.41 -11.78
N ASP AA 62 81.41 65.82 -11.22
CA ASP AA 62 80.51 66.59 -10.37
C ASP AA 62 81.17 66.97 -9.05
N PHE AA 63 81.95 66.06 -8.46
CA PHE AA 63 82.65 66.39 -7.23
C PHE AA 63 83.79 67.38 -7.48
N LEU AA 64 84.45 67.28 -8.63
CA LEU AA 64 85.46 68.27 -8.99
C LEU AA 64 84.82 69.64 -9.23
N GLY AA 65 83.64 69.66 -9.84
CA GLY AA 65 82.93 70.93 -10.01
C GLY AA 65 82.41 71.51 -8.72
N MET AA 66 82.02 70.66 -7.77
CA MET AA 66 81.60 71.15 -6.47
C MET AA 66 82.77 71.70 -5.67
N GLN AA 67 83.94 71.06 -5.77
CA GLN AA 67 85.14 71.62 -5.15
C GLN AA 67 85.56 72.92 -5.80
N ALA AA 68 85.39 73.03 -7.13
CA ALA AA 68 85.70 74.28 -7.82
C ALA AA 68 84.72 75.38 -7.43
N ASN AA 69 83.46 75.02 -7.19
CA ASN AA 69 82.48 76.00 -6.71
C ASN AA 69 82.76 76.42 -5.27
N LEU AA 70 83.29 75.50 -4.46
CA LEU AA 70 83.72 75.86 -3.12
C LEU AA 70 84.90 76.82 -3.17
N GLN AA 71 85.84 76.57 -4.09
CA GLN AA 71 86.95 77.50 -4.31
C GLN AA 71 86.45 78.86 -4.78
N ASN AA 72 85.43 78.86 -5.64
CA ASN AA 72 84.85 80.11 -6.11
C ASN AA 72 84.15 80.88 -4.99
N ALA AA 73 83.43 80.17 -4.13
CA ALA AA 73 82.75 80.82 -3.01
C ALA AA 73 83.72 81.29 -1.94
N LYS AA 74 84.91 80.68 -1.84
CA LYS AA 74 85.91 81.22 -0.93
C LYS AA 74 86.62 82.42 -1.53
N ALA AA 75 86.96 82.35 -2.82
CA ALA AA 75 87.69 83.43 -3.46
C ALA AA 75 86.83 84.67 -3.64
N GLU AA 76 85.52 84.51 -3.79
CA GLU AA 76 84.63 85.66 -3.88
C GLU AA 76 84.55 86.40 -2.55
N THR AA 77 84.51 85.66 -1.45
CA THR AA 77 84.50 86.27 -0.13
C THR AA 77 85.84 86.95 0.17
N LEU AA 78 86.95 86.34 -0.25
CA LEU AA 78 88.26 86.97 -0.07
C LEU AA 78 88.38 88.23 -0.92
N ASN AA 79 87.82 88.20 -2.14
CA ASN AA 79 87.85 89.38 -3.00
C ASN AA 79 86.97 90.49 -2.45
N LYS AA 80 85.83 90.14 -1.84
CA LYS AA 80 84.98 91.16 -1.23
C LYS AA 80 85.64 91.77 0.00
N LEU AA 81 86.37 90.95 0.78
CA LEU AA 81 87.11 91.47 1.92
C LEU AA 81 88.24 92.39 1.47
N ILE AA 82 88.92 92.04 0.38
CA ILE AA 82 90.02 92.86 -0.11
C ILE AA 82 89.51 94.16 -0.72
N GLN AA 83 88.37 94.10 -1.43
CA GLN AA 83 87.73 95.31 -1.93
C GLN AA 83 87.27 96.21 -0.78
N CYS AA 84 86.79 95.60 0.30
CA CYS AA 84 86.40 96.36 1.48
C CYS AA 84 87.59 97.04 2.14
N GLN AA 85 88.72 96.33 2.28
CA GLN AA 85 89.90 96.93 2.86
C GLN AA 85 90.50 98.01 1.96
N ALA AA 86 90.38 97.84 0.64
CA ALA AA 86 90.81 98.87 -0.28
C ALA AA 86 89.94 100.10 -0.18
N MET AA 87 88.63 99.92 0.03
CA MET AA 87 87.75 101.06 0.26
C MET AA 87 88.02 101.71 1.60
N LEU AA 88 88.50 100.94 2.57
CA LEU AA 88 88.88 101.51 3.86
C LEU AA 88 90.13 102.39 3.73
N LYS AA 89 91.14 101.90 3.01
CA LYS AA 89 92.38 102.65 2.87
C LYS AA 89 92.26 103.77 1.84
N SER AA 90 91.29 103.70 0.93
CA SER AA 90 91.16 104.73 -0.09
C SER AA 90 90.66 106.04 0.49
N LEU AA 91 89.93 105.99 1.60
CA LEU AA 91 89.53 107.22 2.29
C LEU AA 91 90.74 107.97 2.82
N LYS AA 92 91.66 107.24 3.48
CA LYS AA 92 92.89 107.85 3.98
C LYS AA 92 93.75 108.37 2.84
N ASP AA 93 93.86 107.61 1.75
CA ASP AA 93 94.71 108.03 0.63
C ASP AA 93 94.12 109.24 -0.08
N ASN AA 94 92.81 109.25 -0.33
CA ASN AA 94 92.20 110.37 -1.02
C ASN AA 94 92.04 111.59 -0.13
N ALA AA 95 92.13 111.42 1.20
CA ALA AA 95 92.23 112.59 2.06
C ALA AA 95 93.64 113.15 2.06
N MET AA 96 94.65 112.27 2.12
CA MET AA 96 96.02 112.73 2.25
C MET AA 96 96.55 113.35 0.97
N ILE AA 97 96.21 112.78 -0.20
CA ILE AA 97 96.71 113.37 -1.44
C ILE AA 97 95.98 114.68 -1.74
N ASN AA 98 94.74 114.83 -1.28
CA ASN AA 98 94.04 116.09 -1.47
C ASN AA 98 94.58 117.16 -0.54
N ARG AA 99 94.93 116.78 0.69
CA ARG AA 99 95.59 117.71 1.61
C ARG AA 99 96.94 118.14 1.09
N ALA AA 100 97.69 117.20 0.49
CA ALA AA 100 98.99 117.51 -0.08
C ALA AA 100 98.84 118.42 -1.30
N ASN AA 101 97.85 118.17 -2.15
CA ASN AA 101 97.63 119.00 -3.33
C ASN AA 101 97.19 120.41 -2.94
N ALA AA 102 96.35 120.51 -1.90
CA ALA AA 102 95.94 121.82 -1.41
C ALA AA 102 97.09 122.58 -0.79
N LEU AA 103 98.00 121.87 -0.11
CA LEU AA 103 99.19 122.53 0.44
C LEU AA 103 100.14 122.97 -0.66
N VAL AA 104 100.26 122.18 -1.73
CA VAL AA 104 101.08 122.57 -2.87
C VAL AA 104 100.50 123.82 -3.54
N SER AA 105 99.18 123.88 -3.66
CA SER AA 105 98.56 125.09 -4.21
C SER AA 105 98.68 126.29 -3.27
N LEU AA 106 98.73 126.05 -1.95
CA LEU AA 106 98.93 127.14 -1.01
C LEU AA 106 100.36 127.69 -1.09
N LEU AA 107 101.35 126.81 -1.22
CA LEU AA 107 102.70 127.31 -1.47
C LEU AA 107 102.84 127.90 -2.88
N GLN AA 108 101.99 127.50 -3.82
CA GLN AA 108 102.01 128.11 -5.14
C GLN AA 108 101.50 129.54 -5.10
N VAL AA 109 100.43 129.79 -4.33
CA VAL AA 109 99.96 131.16 -4.20
C VAL AA 109 100.86 131.98 -3.28
N GLN AA 110 101.56 131.34 -2.34
CA GLN AA 110 102.54 132.06 -1.53
C GLN AA 110 103.84 132.33 -2.29
N ALA AA 111 104.10 131.60 -3.37
CA ALA AA 111 105.31 131.81 -4.14
C ALA AA 111 105.22 133.09 -4.97
N ASN AA 112 104.26 133.16 -5.88
CA ASN AA 112 104.08 134.35 -6.71
C ASN AA 112 103.06 135.30 -6.10
N ALA AA 113 103.24 135.62 -4.82
CA ALA AA 113 102.30 136.49 -4.12
C ALA AA 113 102.61 137.97 -4.37
N ALA AA 114 103.78 138.42 -3.90
CA ALA AA 114 104.23 139.82 -3.95
C ALA AA 114 103.23 140.79 -3.33
N ASN AA 115 102.52 140.34 -2.28
CA ASN AA 115 101.49 141.15 -1.66
C ASN AA 115 101.74 141.41 -0.19
N GLY AA 116 102.06 140.37 0.59
CA GLY AA 116 102.26 140.49 2.01
C GLY AA 116 101.09 140.04 2.86
N ILE AA 117 99.89 139.98 2.27
CA ILE AA 117 98.72 139.49 3.00
C ILE AA 117 98.82 137.98 3.19
N THR AA 118 99.53 137.29 2.29
CA THR AA 118 99.69 135.84 2.36
C THR AA 118 100.52 135.40 3.55
N THR AA 119 101.43 136.24 4.03
CA THR AA 119 102.20 135.90 5.24
C THR AA 119 101.31 135.92 6.47
N SER AA 120 100.28 136.76 6.48
CA SER AA 120 99.32 136.76 7.59
C SER AA 120 98.26 135.68 7.42
N ASN AA 121 97.91 135.34 6.17
CA ASN AA 121 96.91 134.31 5.92
C ASN AA 121 97.49 132.91 5.94
N PHE AA 122 98.82 132.77 5.98
CA PHE AA 122 99.44 131.46 6.09
C PHE AA 122 99.21 130.80 7.44
N GLU AA 123 98.90 131.59 8.47
CA GLU AA 123 98.43 131.03 9.73
C GLU AA 123 96.93 130.77 9.72
N ALA AA 124 96.21 131.25 8.71
CA ALA AA 124 94.77 131.11 8.60
C ALA AA 124 94.36 130.00 7.64
N ALA AA 125 94.92 129.99 6.43
CA ALA AA 125 94.57 128.97 5.46
C ALA AA 125 95.15 127.60 5.80
N PHE AA 126 96.27 127.56 6.54
CA PHE AA 126 96.88 126.29 6.89
C PHE AA 126 96.03 125.51 7.88
N LYS AA 127 95.23 126.20 8.71
CA LYS AA 127 94.29 125.49 9.56
C LYS AA 127 93.08 125.01 8.77
N ILE AA 128 92.82 125.61 7.61
CA ILE AA 128 91.77 125.09 6.73
C ILE AA 128 92.27 123.83 6.02
N ILE AA 129 93.54 123.82 5.61
CA ILE AA 129 94.12 122.60 5.06
C ILE AA 129 94.29 121.55 6.16
N ALA AA 130 94.42 121.97 7.41
CA ALA AA 130 94.53 121.03 8.52
C ALA AA 130 93.23 120.29 8.80
N GLN AA 131 92.09 120.82 8.37
CA GLN AA 131 90.82 120.17 8.60
C GLN AA 131 90.45 119.17 7.51
N ILE AA 132 91.36 118.89 6.58
CA ILE AA 132 91.12 117.84 5.60
C ILE AA 132 91.21 116.46 6.27
N GLY AA 133 92.28 116.23 7.02
CA GLY AA 133 92.48 114.98 7.72
C GLY AA 133 92.24 115.09 9.20
N SER AA 134 91.14 115.75 9.59
CA SER AA 134 90.86 115.97 11.02
C SER AA 134 90.55 114.66 11.75
N GLU AA 135 89.90 113.71 11.08
CA GLU AA 135 89.71 112.37 11.64
C GLU AA 135 90.92 111.46 11.43
N TYR AA 136 91.98 111.99 10.84
CA TYR AA 136 93.22 111.27 10.53
C TYR AA 136 94.36 112.05 11.17
N ASN AA 137 95.59 111.79 10.73
CA ASN AA 137 96.76 112.47 11.29
C ASN AA 137 96.72 113.94 10.88
N GLN AA 138 96.04 114.73 11.70
CA GLN AA 138 95.90 116.16 11.46
C GLN AA 138 97.21 116.88 11.75
N ILE AA 139 97.27 118.13 11.31
CA ILE AA 139 98.51 118.89 11.34
C ILE AA 139 98.23 120.25 12.00
N THR AA 140 99.31 120.90 12.44
CA THR AA 140 99.24 122.22 13.04
C THR AA 140 100.48 123.00 12.67
N LEU AA 141 100.48 124.28 13.04
CA LEU AA 141 101.59 125.19 12.77
C LEU AA 141 101.83 126.03 14.02
N ASN AA 142 102.95 125.79 14.71
CA ASN AA 142 103.24 126.56 15.92
C ASN AA 142 103.75 127.96 15.59
N ASN AA 143 104.92 128.05 14.95
CA ASN AA 143 105.44 129.30 14.40
C ASN AA 143 106.10 129.04 13.05
N GLY AA 144 105.48 128.19 12.24
CA GLY AA 144 106.03 127.86 10.94
C GLY AA 144 106.57 126.45 10.80
N ASN AA 145 106.29 125.57 11.76
CA ASN AA 145 106.70 124.17 11.68
C ASN AA 145 105.50 123.27 11.96
N VAL AA 146 105.56 122.05 11.43
CA VAL AA 146 104.45 121.11 11.53
C VAL AA 146 104.81 120.00 12.50
N SER AA 147 103.81 119.24 12.90
CA SER AA 147 103.98 118.10 13.81
C SER AA 147 102.85 117.12 13.56
N VAL AA 148 103.19 115.95 13.04
CA VAL AA 148 102.18 114.93 12.72
C VAL AA 148 101.74 114.25 14.00
N GLN AA 149 100.42 114.13 14.19
CA GLN AA 149 99.88 113.54 15.41
C GLN AA 149 99.81 112.01 15.33
N GLU AA 150 99.09 111.49 14.33
CA GLU AA 150 98.79 110.05 14.18
C GLU AA 150 98.13 109.49 15.44
N LYS AA 151 96.91 110.00 15.67
CA LYS AA 151 96.20 109.82 16.95
C LYS AA 151 95.76 108.39 17.23
N GLU AA 152 95.90 107.47 16.27
CA GLU AA 152 95.45 106.07 16.35
C GLU AA 152 93.95 106.00 16.68
N GLN AA 153 93.16 106.50 15.74
CA GLN AA 153 91.72 106.67 15.95
C GLN AA 153 91.02 105.33 15.94
N THR AA 154 90.01 105.19 16.81
CA THR AA 154 89.34 103.92 17.00
C THR AA 154 88.38 103.62 15.85
N ASN AA 155 88.26 102.33 15.53
CA ASN AA 155 87.32 101.86 14.52
C ASN AA 155 87.04 100.39 14.79
N GLU AA 156 85.78 100.06 15.08
CA GLU AA 156 85.43 98.68 15.37
C GLU AA 156 85.44 97.82 14.11
N LEU AA 157 85.12 98.43 12.96
CA LEU AA 157 84.93 97.67 11.72
C LEU AA 157 86.24 97.08 11.21
N LYS AA 158 87.38 97.69 11.54
CA LYS AA 158 88.67 97.09 11.23
C LYS AA 158 88.88 95.80 12.02
N THR AA 159 88.45 95.79 13.30
CA THR AA 159 88.55 94.59 14.10
C THR AA 159 87.57 93.51 13.64
N ILE AA 160 86.39 93.92 13.17
CA ILE AA 160 85.44 92.93 12.64
C ILE AA 160 85.96 92.34 11.32
N LEU AA 161 86.62 93.16 10.50
CA LEU AA 161 87.28 92.66 9.30
C LEU AA 161 88.39 91.67 9.64
N ASN AA 162 89.17 91.98 10.69
CA ASN AA 162 90.23 91.07 11.11
C ASN AA 162 89.65 89.76 11.63
N SER AA 163 88.53 89.82 12.35
CA SER AA 163 87.89 88.61 12.86
C SER AA 163 87.30 87.78 11.74
N LEU AA 164 86.74 88.43 10.71
CA LEU AA 164 86.23 87.68 9.56
C LEU AA 164 87.36 87.07 8.74
N SER AA 165 88.51 87.74 8.66
CA SER AA 165 89.66 87.14 7.98
C SER AA 165 90.18 85.93 8.75
N LYS AA 166 90.19 86.01 10.08
CA LYS AA 166 90.59 84.86 10.89
C LYS AA 166 89.59 83.71 10.75
N GLU AA 167 88.30 84.05 10.62
CA GLU AA 167 87.27 83.05 10.38
C GLU AA 167 87.47 82.37 9.03
N LEU AA 168 87.82 83.14 8.00
CA LEU AA 168 88.04 82.57 6.68
C LEU AA 168 89.28 81.68 6.65
N GLU AA 169 90.34 82.09 7.34
CA GLU AA 169 91.54 81.26 7.40
C GLU AA 169 91.29 80.00 8.21
N LYS AA 170 90.48 80.08 9.27
CA LYS AA 170 90.11 78.87 10.00
C LYS AA 170 89.25 77.94 9.17
N LEU AA 171 88.40 78.50 8.30
CA LEU AA 171 87.62 77.69 7.38
C LEU AA 171 88.50 77.07 6.29
N ASN AA 172 89.61 77.71 5.95
CA ASN AA 172 90.43 77.26 4.83
C ASN AA 172 91.18 75.96 5.12
N GLN AA 173 91.41 75.63 6.40
CA GLN AA 173 92.17 74.42 6.71
C GLN AA 173 91.34 73.17 6.52
N GLN AA 174 90.04 73.22 6.82
CA GLN AA 174 89.20 72.05 6.71
C GLN AA 174 88.71 71.79 5.29
N SER AA 175 89.00 72.68 4.35
CA SER AA 175 88.65 72.44 2.96
C SER AA 175 89.57 71.39 2.36
N GLU AA 176 89.15 70.13 2.40
CA GLU AA 176 89.99 69.03 1.97
C GLU AA 176 89.83 68.76 0.48
N VAL AA 177 90.81 68.03 -0.08
CA VAL AA 177 90.72 67.46 -1.41
C VAL AA 177 91.06 65.98 -1.28
N ASN AA 178 90.62 65.22 -2.30
CA ASN AA 178 90.98 63.81 -2.50
C ASN AA 178 90.56 62.92 -1.32
N SER AA 179 89.25 62.79 -1.16
CA SER AA 179 88.66 61.93 -0.14
C SER AA 179 87.78 60.87 -0.80
N ILE AA 180 87.97 59.62 -0.41
CA ILE AA 180 87.20 58.51 -0.94
C ILE AA 180 86.04 58.22 -0.01
N GLN AA 181 85.07 57.45 -0.51
CA GLN AA 181 83.87 57.16 0.27
C GLN AA 181 83.32 55.79 -0.12
N ILE AA 182 83.03 54.97 0.87
CA ILE AA 182 82.44 53.66 0.64
C ILE AA 182 80.96 53.74 0.99
N PHE AA 183 80.17 52.84 0.39
CA PHE AA 183 78.75 52.76 0.66
C PHE AA 183 78.32 51.31 0.54
N SER AA 184 77.28 50.94 1.28
CA SER AA 184 76.76 49.59 1.21
C SER AA 184 75.32 49.59 1.68
N ASP AA 185 74.41 49.17 0.82
CA ASP AA 185 73.07 48.82 1.26
C ASP AA 185 73.11 47.49 1.98
N LYS AA 186 72.14 47.28 2.87
CA LYS AA 186 71.97 46.05 3.64
C LYS AA 186 73.20 45.74 4.49
N LEU AA 187 73.41 46.58 5.50
CA LEU AA 187 74.47 46.35 6.48
C LEU AA 187 74.28 45.02 7.20
N GLU AA 188 73.03 44.63 7.45
CA GLU AA 188 72.73 43.26 7.82
C GLU AA 188 72.72 42.38 6.59
N VAL AA 189 73.15 41.13 6.76
CA VAL AA 189 73.28 40.21 5.64
C VAL AA 189 73.10 38.78 6.16
N LEU AA 190 72.66 37.90 5.27
CA LEU AA 190 72.55 36.48 5.59
C LEU AA 190 73.86 35.78 5.21
N LYS AA 191 73.82 34.44 5.18
CA LYS AA 191 75.02 33.66 4.90
C LYS AA 191 75.49 33.82 3.46
N ASP AA 192 74.56 33.84 2.51
CA ASP AA 192 74.92 33.90 1.10
C ASP AA 192 74.33 35.11 0.37
N ALA AA 193 73.85 36.11 1.09
CA ALA AA 193 73.26 37.26 0.42
C ALA AA 193 74.36 38.21 -0.07
N PRO AA 194 74.17 38.85 -1.22
CA PRO AA 194 75.28 39.61 -1.83
C PRO AA 194 75.70 40.87 -1.09
N ALA AA 195 74.75 41.77 -0.79
CA ALA AA 195 75.00 43.06 -0.12
C ALA AA 195 76.06 43.89 -0.86
N ARG AA 196 75.67 44.35 -2.04
CA ARG AA 196 76.57 45.01 -3.00
C ARG AA 196 77.23 46.25 -2.43
N LEU AA 197 78.54 46.18 -2.24
CA LEU AA 197 79.35 47.31 -1.80
C LEU AA 197 79.70 48.18 -3.00
N TRP AA 198 79.60 49.49 -2.83
CA TRP AA 198 79.90 50.44 -3.89
C TRP AA 198 80.85 51.51 -3.35
N GLY AA 199 82.02 51.61 -3.97
CA GLY AA 199 83.01 52.59 -3.56
C GLY AA 199 83.12 53.73 -4.55
N PHE AA 200 83.69 54.84 -4.08
CA PHE AA 200 83.87 56.03 -4.89
C PHE AA 200 85.20 56.66 -4.51
N SER AA 201 86.12 56.68 -5.47
CA SER AA 201 87.40 57.35 -5.31
C SER AA 201 87.45 58.53 -6.27
N THR AA 202 87.83 59.70 -5.75
CA THR AA 202 87.95 60.90 -6.56
C THR AA 202 89.36 61.10 -7.08
N LEU AA 203 90.18 60.05 -7.08
CA LEU AA 203 91.52 60.13 -7.64
C LEU AA 203 91.46 60.21 -9.17
N SER AA 204 92.58 60.64 -9.76
CA SER AA 204 92.67 60.75 -11.21
C SER AA 204 92.63 59.38 -11.87
N ASN AA 205 93.62 58.54 -11.55
CA ASN AA 205 93.63 57.16 -11.98
C ASN AA 205 94.04 56.29 -10.79
N ALA AA 206 93.38 55.15 -10.64
CA ALA AA 206 93.60 54.31 -9.47
C ALA AA 206 93.27 52.87 -9.83
N LYS AA 207 93.33 52.00 -8.82
CA LYS AA 207 92.90 50.62 -8.97
C LYS AA 207 91.63 50.30 -8.18
N GLU AA 208 91.38 51.03 -7.09
CA GLU AA 208 90.15 51.04 -6.27
C GLU AA 208 89.64 49.63 -5.92
N GLY AA 209 90.55 48.81 -5.42
CA GLY AA 209 90.19 47.45 -5.05
C GLY AA 209 89.47 47.37 -3.71
N PHE AA 210 89.04 46.16 -3.40
CA PHE AA 210 88.44 45.83 -2.10
C PHE AA 210 89.30 44.77 -1.44
N TYR AA 211 89.69 45.02 -0.19
CA TYR AA 211 90.54 44.11 0.55
C TYR AA 211 89.81 43.56 1.77
N ASN AA 212 90.10 42.30 2.08
CA ASN AA 212 89.37 41.52 3.07
C ASN AA 212 90.25 41.32 4.31
N GLU AA 213 90.22 42.32 5.20
CA GLU AA 213 90.59 42.27 6.60
C GLU AA 213 92.09 42.14 6.90
N ALA AA 214 92.91 41.76 5.92
CA ALA AA 214 94.32 42.09 6.03
C ALA AA 214 94.82 42.80 4.78
N ASN AA 215 94.84 42.07 3.66
CA ASN AA 215 95.09 42.67 2.35
C ASN AA 215 94.37 41.93 1.23
N GLU AA 216 93.49 40.98 1.54
CA GLU AA 216 93.06 39.97 0.57
C GLU AA 216 92.11 40.56 -0.45
N GLN AA 217 92.57 40.64 -1.70
CA GLN AA 217 91.80 41.25 -2.77
C GLN AA 217 90.59 40.39 -3.12
N ILE AA 218 89.39 40.99 -3.09
CA ILE AA 218 88.15 40.28 -3.33
C ILE AA 218 87.35 40.87 -4.49
N ALA AA 219 87.77 42.02 -5.03
CA ALA AA 219 87.08 42.64 -6.15
C ALA AA 219 88.11 43.29 -7.06
N SER AA 220 87.64 44.01 -8.07
CA SER AA 220 88.53 44.70 -8.99
C SER AA 220 88.43 46.20 -8.88
N GLY AA 221 87.25 46.78 -9.09
CA GLY AA 221 87.12 48.22 -8.97
C GLY AA 221 85.71 48.75 -8.77
N SER AA 222 85.53 49.52 -7.70
CA SER AA 222 84.36 50.36 -7.38
C SER AA 222 83.07 49.59 -7.11
N VAL AA 223 83.07 48.26 -7.25
CA VAL AA 223 81.92 47.42 -6.93
C VAL AA 223 82.43 46.15 -6.29
N CYS AA 224 81.71 45.65 -5.29
CA CYS AA 224 82.05 44.41 -4.62
C CYS AA 224 80.78 43.63 -4.34
N LEU AA 225 80.86 42.33 -4.48
CA LEU AA 225 79.75 41.42 -4.19
C LEU AA 225 80.21 40.54 -3.05
N PHE AA 226 79.72 40.81 -1.84
CA PHE AA 226 80.31 40.23 -0.64
C PHE AA 226 79.53 39.01 -0.18
N ARG AA 227 79.96 37.83 -0.60
CA ARG AA 227 79.49 36.60 0.02
C ARG AA 227 80.32 36.34 1.27
N SER AA 228 79.69 35.75 2.28
CA SER AA 228 80.31 35.65 3.60
C SER AA 228 80.67 34.22 3.98
N ASP AA 229 79.69 33.32 4.01
CA ASP AA 229 79.83 31.93 4.52
C ASP AA 229 80.40 31.88 5.93
N LYS AA 230 80.11 32.89 6.74
CA LYS AA 230 80.63 33.01 8.09
C LYS AA 230 79.51 33.51 8.99
N VAL AA 231 79.87 33.91 10.22
CA VAL AA 231 78.88 34.39 11.18
C VAL AA 231 79.33 35.73 11.74
N ARG AA 232 80.64 35.98 11.70
CA ARG AA 232 81.24 37.14 12.35
C ARG AA 232 80.91 38.44 11.61
N LYS AA 233 81.33 39.56 12.21
CA LYS AA 233 81.18 40.88 11.61
C LYS AA 233 82.42 41.17 10.78
N HIS AA 234 82.26 41.27 9.47
CA HIS AA 234 83.40 41.48 8.59
C HIS AA 234 83.66 42.97 8.39
N THR AA 235 84.91 43.30 8.09
CA THR AA 235 85.34 44.67 7.84
C THR AA 235 86.07 44.72 6.51
N ILE AA 236 85.45 45.35 5.53
CA ILE AA 236 85.98 45.40 4.17
C ILE AA 236 86.59 46.77 3.92
N THR AA 237 87.76 46.79 3.29
CA THR AA 237 88.51 48.02 3.09
C THR AA 237 88.55 48.38 1.61
N PHE AA 238 87.90 49.48 1.26
CA PHE AA 238 88.04 50.08 -0.05
C PHE AA 238 89.39 50.77 -0.14
N LYS AA 239 90.15 50.47 -1.18
CA LYS AA 239 91.51 50.99 -1.32
C LYS AA 239 91.67 51.62 -2.69
N ALA AA 240 92.18 52.86 -2.71
CA ALA AA 240 92.48 53.57 -3.94
C ALA AA 240 93.96 53.93 -3.90
N ILE AA 241 94.77 53.22 -4.67
CA ILE AA 241 96.20 53.47 -4.73
C ILE AA 241 96.47 54.38 -5.93
N ASN AA 242 97.59 55.10 -5.87
CA ASN AA 242 97.98 55.98 -6.96
C ASN AA 242 99.50 56.09 -6.94
N THR AA 243 100.04 56.66 -8.02
CA THR AA 243 101.47 56.94 -8.11
C THR AA 243 101.91 58.00 -7.13
N LYS AA 244 101.00 58.87 -6.68
CA LYS AA 244 101.31 59.91 -5.71
C LYS AA 244 101.03 59.45 -4.28
N THR AA 245 99.79 59.09 -3.99
CA THR AA 245 99.38 58.75 -2.63
C THR AA 245 98.46 57.54 -2.67
N SER AA 246 97.84 57.24 -1.54
CA SER AA 246 96.93 56.11 -1.42
C SER AA 246 95.93 56.39 -0.32
N LEU AA 247 94.71 55.87 -0.49
CA LEU AA 247 93.64 56.06 0.47
C LEU AA 247 92.96 54.74 0.77
N SER AA 248 92.41 54.65 1.99
CA SER AA 248 91.66 53.48 2.43
C SER AA 248 90.42 53.93 3.18
N LYS AA 249 89.43 53.04 3.21
CA LYS AA 249 88.18 53.30 3.90
C LYS AA 249 87.60 51.97 4.37
N ASN AA 250 86.96 51.99 5.53
CA ASN AA 250 86.45 50.78 6.15
C ASN AA 250 84.92 50.75 6.12
N ILE AA 251 84.36 49.57 5.91
CA ILE AA 251 82.94 49.33 6.11
C ILE AA 251 82.81 48.06 6.94
N THR AA 252 81.72 47.98 7.70
CA THR AA 252 81.46 46.85 8.59
C THR AA 252 80.14 46.21 8.19
N ILE AA 253 80.22 44.98 7.69
CA ILE AA 253 79.04 44.21 7.30
C ILE AA 253 78.88 43.06 8.27
N SER AA 254 77.78 43.04 9.01
CA SER AA 254 77.55 42.01 10.00
C SER AA 254 76.69 40.89 9.39
N VAL AA 255 77.08 39.66 9.65
CA VAL AA 255 76.41 38.48 9.13
C VAL AA 255 75.61 37.85 10.25
N ILE AA 256 74.42 37.36 9.92
CA ILE AA 256 73.63 36.56 10.85
C ILE AA 256 73.22 35.28 10.17
N ALA AA 257 72.88 34.28 10.98
CA ALA AA 257 72.27 33.08 10.46
C ALA AA 257 70.77 33.28 10.31
N ASN AA 258 70.14 32.38 9.56
CA ASN AA 258 68.70 32.45 9.36
C ASN AA 258 68.00 32.01 10.64
N LYS AA 259 67.13 32.88 11.17
CA LYS AA 259 66.41 32.57 12.38
C LYS AA 259 65.36 31.49 12.17
N LEU AA 260 64.85 31.35 10.95
CA LEU AA 260 63.86 30.31 10.66
C LEU AA 260 64.50 28.94 10.58
N LYS AA 261 65.70 28.84 10.00
CA LYS AA 261 66.35 27.56 9.85
C LYS AA 261 66.90 27.04 11.17
N GLU AA 262 67.16 27.93 12.13
CA GLU AA 262 67.68 27.53 13.42
C GLU AA 262 66.56 26.93 14.27
N ARG AA 263 66.83 25.75 14.83
CA ARG AA 263 65.97 24.98 15.74
C ARG AA 263 64.52 24.82 15.29
N MET BA 1 48.67 49.02 -33.05
CA MET BA 1 49.68 47.98 -32.91
C MET BA 1 50.56 47.91 -34.16
N ASP BA 2 51.74 47.31 -34.02
CA ASP BA 2 52.55 46.94 -35.17
C ASP BA 2 52.20 45.51 -35.55
N THR BA 3 51.99 45.28 -36.84
CA THR BA 3 51.35 44.05 -37.28
C THR BA 3 52.30 42.86 -37.21
N THR BA 4 53.51 42.99 -37.76
CA THR BA 4 54.41 41.86 -37.88
C THR BA 4 54.95 41.43 -36.52
N ARG BA 5 55.20 42.38 -35.63
CA ARG BA 5 55.58 42.05 -34.26
C ARG BA 5 54.44 41.35 -33.54
N PHE BA 6 53.20 41.74 -33.82
CA PHE BA 6 52.04 41.04 -33.25
C PHE BA 6 51.94 39.62 -33.77
N ILE BA 7 52.24 39.40 -35.07
CA ILE BA 7 52.19 38.05 -35.64
C ILE BA 7 53.27 37.18 -35.02
N ARG BA 8 54.48 37.71 -34.88
CA ARG BA 8 55.57 36.94 -34.30
C ARG BA 8 55.33 36.63 -32.82
N ASN BA 9 54.77 37.59 -32.08
CA ASN BA 9 54.47 37.34 -30.67
C ASN BA 9 53.30 36.37 -30.51
N PHE BA 10 52.32 36.42 -31.43
CA PHE BA 10 51.22 35.47 -31.41
C PHE BA 10 51.72 34.05 -31.67
N ILE BA 11 52.64 33.91 -32.63
CA ILE BA 11 53.23 32.61 -32.94
C ILE BA 11 54.07 32.11 -31.75
N LEU BA 12 54.83 33.01 -31.12
CA LEU BA 12 55.68 32.60 -30.00
C LEU BA 12 54.86 32.22 -28.78
N PHE BA 13 53.74 32.91 -28.55
CA PHE BA 13 52.88 32.55 -27.43
C PHE BA 13 52.10 31.28 -27.72
N LYS BA 14 51.82 30.98 -28.98
CA LYS BA 14 51.27 29.67 -29.31
C LYS BA 14 52.31 28.57 -29.24
N ASP BA 15 53.59 28.90 -29.31
CA ASP BA 15 54.63 27.91 -29.08
C ASP BA 15 54.89 27.68 -27.59
N ALA BA 16 54.82 28.74 -26.78
CA ALA BA 16 55.06 28.61 -25.35
C ALA BA 16 53.92 27.87 -24.68
N LEU BA 17 52.71 28.39 -24.79
CA LEU BA 17 51.53 27.62 -24.46
C LEU BA 17 51.34 26.56 -25.54
N GLN BA 18 51.87 25.36 -25.34
CA GLN BA 18 51.80 24.34 -26.37
C GLN BA 18 50.37 23.82 -26.51
N LYS BA 19 49.95 23.59 -27.74
CA LYS BA 19 48.55 23.34 -28.05
C LYS BA 19 48.08 21.95 -27.65
N GLN BA 20 48.98 21.06 -27.22
CA GLN BA 20 48.55 19.77 -26.71
C GLN BA 20 47.86 19.89 -25.36
N ASN BA 21 48.21 20.92 -24.59
CA ASN BA 21 47.60 21.15 -23.29
C ASN BA 21 46.42 22.11 -23.36
N PHE BA 22 46.06 22.58 -24.55
CA PHE BA 22 45.11 23.68 -24.68
C PHE BA 22 44.02 23.35 -25.69
N ASN BA 23 42.80 23.70 -25.33
CA ASN BA 23 41.74 23.84 -26.32
C ASN BA 23 42.10 24.98 -27.26
N ASN BA 24 41.77 24.82 -28.55
CA ASN BA 24 42.29 25.71 -29.59
C ASN BA 24 41.76 27.13 -29.46
N LYS BA 25 40.49 27.28 -29.09
CA LYS BA 25 39.89 28.61 -28.97
C LYS BA 25 40.50 29.39 -27.81
N ASP BA 26 40.62 28.75 -26.65
CA ASP BA 26 41.23 29.40 -25.49
C ASP BA 26 42.72 29.64 -25.71
N LEU BA 27 43.39 28.77 -26.47
CA LEU BA 27 44.80 28.98 -26.80
C LEU BA 27 44.97 30.23 -27.65
N ASN BA 28 44.18 30.35 -28.72
CA ASN BA 28 44.27 31.51 -29.60
C ASN BA 28 43.85 32.78 -28.88
N THR BA 29 42.87 32.70 -27.98
CA THR BA 29 42.42 33.88 -27.25
C THR BA 29 43.48 34.35 -26.25
N THR BA 30 44.08 33.42 -25.50
CA THR BA 30 45.11 33.81 -24.53
C THR BA 30 46.36 34.31 -25.23
N SER BA 31 46.71 33.71 -26.38
CA SER BA 31 47.85 34.20 -27.14
C SER BA 31 47.59 35.58 -27.72
N MET BA 32 46.35 35.85 -28.15
CA MET BA 32 46.02 37.17 -28.67
C MET BA 32 46.04 38.22 -27.58
N GLN BA 33 45.51 37.90 -26.39
CA GLN BA 33 45.53 38.86 -25.29
C GLN BA 33 46.93 39.14 -24.79
N ALA BA 34 47.76 38.10 -24.70
CA ALA BA 34 49.16 38.29 -24.31
C ALA BA 34 49.94 39.06 -25.37
N ALA BA 35 49.62 38.87 -26.65
CA ALA BA 35 50.30 39.61 -27.69
C ALA BA 35 49.89 41.09 -27.70
N LEU BA 36 48.63 41.37 -27.36
CA LEU BA 36 48.19 42.76 -27.25
C LEU BA 36 48.84 43.45 -26.06
N GLN BA 37 48.96 42.74 -24.93
CA GLN BA 37 49.69 43.29 -23.79
C GLN BA 37 51.18 43.47 -24.10
N SER BA 38 51.74 42.58 -24.92
CA SER BA 38 53.13 42.74 -25.34
C SER BA 38 53.32 43.94 -26.25
N GLU BA 39 52.33 44.24 -27.10
CA GLU BA 39 52.40 45.45 -27.91
C GLU BA 39 52.29 46.71 -27.04
N GLN BA 40 51.40 46.69 -26.04
CA GLN BA 40 51.29 47.80 -25.11
C GLN BA 40 52.55 48.02 -24.30
N LEU BA 41 53.28 46.94 -24.00
CA LEU BA 41 54.57 47.08 -23.33
C LEU BA 41 55.66 47.54 -24.30
N ALA BA 42 55.61 47.07 -25.55
CA ALA BA 42 56.63 47.40 -26.52
C ALA BA 42 56.58 48.86 -26.96
N LEU BA 43 55.41 49.50 -26.85
CA LEU BA 43 55.35 50.96 -27.05
C LEU BA 43 56.24 51.71 -26.05
N SER BA 44 56.11 51.37 -24.76
CA SER BA 44 56.96 51.96 -23.74
C SER BA 44 58.41 51.54 -23.90
N GLU BA 45 58.65 50.33 -24.44
CA GLU BA 45 60.00 49.92 -24.78
C GLU BA 45 60.60 50.81 -25.86
N GLU BA 46 59.82 51.15 -26.88
CA GLU BA 46 60.30 52.04 -27.94
C GLU BA 46 60.62 53.42 -27.39
N SER BA 47 59.76 53.93 -26.51
CA SER BA 47 60.01 55.24 -25.89
C SER BA 47 61.28 55.23 -25.03
N GLN BA 48 61.44 54.19 -24.20
CA GLN BA 48 62.62 54.10 -23.33
C GLN BA 48 63.89 53.87 -24.13
N TYR BA 49 63.82 53.12 -25.23
CA TYR BA 49 65.00 52.90 -26.05
C TYR BA 49 65.39 54.15 -26.83
N LEU BA 50 64.40 54.94 -27.26
CA LEU BA 50 64.71 56.23 -27.88
C LEU BA 50 65.38 57.17 -26.89
N GLN BA 51 64.87 57.20 -25.64
CA GLN BA 51 65.49 58.04 -24.61
C GLN BA 51 66.90 57.58 -24.27
N SER BA 52 67.11 56.26 -24.17
CA SER BA 52 68.43 55.74 -23.86
C SER BA 52 69.42 55.96 -25.00
N GLU BA 53 68.95 55.88 -26.26
CA GLU BA 53 69.79 56.18 -27.40
C GLU BA 53 70.20 57.65 -27.42
N GLN BA 54 69.25 58.54 -27.09
CA GLN BA 54 69.57 59.96 -27.03
C GLN BA 54 70.54 60.30 -25.90
N VAL BA 55 70.45 59.57 -24.79
CA VAL BA 55 71.38 59.83 -23.69
C VAL BA 55 72.77 59.28 -24.04
N ARG BA 56 72.84 58.05 -24.56
CA ARG BA 56 74.13 57.43 -24.83
C ARG BA 56 74.83 58.04 -26.05
N ALA BA 57 74.08 58.68 -26.95
CA ALA BA 57 74.73 59.30 -28.11
C ALA BA 57 75.43 60.59 -27.73
N LYS BA 58 74.88 61.35 -26.78
CA LYS BA 58 75.39 62.66 -26.42
C LYS BA 58 76.37 62.62 -25.27
N MET BA 59 76.87 61.45 -24.88
CA MET BA 59 77.61 61.35 -23.63
C MET BA 59 79.03 61.88 -23.74
N GLN BA 60 79.67 61.66 -24.89
CA GLN BA 60 81.03 62.15 -25.09
C GLN BA 60 81.08 63.67 -25.11
N ILE BA 61 80.16 64.30 -25.84
CA ILE BA 61 80.11 65.75 -25.89
C ILE BA 61 79.68 66.33 -24.55
N ASP BA 62 78.85 65.61 -23.79
CA ASP BA 62 78.45 66.08 -22.47
C ASP BA 62 79.61 66.01 -21.48
N PHE BA 63 80.43 64.95 -21.55
CA PHE BA 63 81.60 64.89 -20.67
C PHE BA 63 82.66 65.90 -21.06
N LEU BA 64 82.82 66.16 -22.36
CA LEU BA 64 83.73 67.21 -22.79
C LEU BA 64 83.24 68.59 -22.35
N GLY BA 65 81.92 68.81 -22.39
CA GLY BA 65 81.38 70.06 -21.90
C GLY BA 65 81.48 70.21 -20.39
N MET BA 66 81.37 69.11 -19.66
CA MET BA 66 81.54 69.17 -18.21
C MET BA 66 83.00 69.43 -17.83
N GLN BA 67 83.94 68.84 -18.59
CA GLN BA 67 85.34 69.17 -18.36
C GLN BA 67 85.66 70.61 -18.73
N ALA BA 68 85.02 71.14 -19.78
CA ALA BA 68 85.20 72.54 -20.14
C ALA BA 68 84.59 73.47 -19.09
N ASN BA 69 83.47 73.06 -18.48
CA ASN BA 69 82.90 73.84 -17.40
C ASN BA 69 83.75 73.77 -16.14
N LEU BA 70 84.43 72.64 -15.90
CA LEU BA 70 85.39 72.57 -14.81
C LEU BA 70 86.58 73.49 -15.05
N GLN BA 71 87.05 73.54 -16.30
CA GLN BA 71 88.11 74.49 -16.68
C GLN BA 71 87.65 75.93 -16.50
N ASN BA 72 86.38 76.20 -16.83
CA ASN BA 72 85.83 77.55 -16.65
C ASN BA 72 85.73 77.91 -15.18
N ALA BA 73 85.30 76.98 -14.34
CA ALA BA 73 85.20 77.24 -12.91
C ALA BA 73 86.55 77.35 -12.23
N LYS BA 74 87.59 76.74 -12.79
CA LYS BA 74 88.93 76.95 -12.26
C LYS BA 74 89.52 78.27 -12.73
N ALA BA 75 89.32 78.61 -14.00
CA ALA BA 75 89.89 79.84 -14.55
C ALA BA 75 89.19 81.08 -14.00
N GLU BA 76 87.90 80.97 -13.65
CA GLU BA 76 87.21 82.11 -13.04
C GLU BA 76 87.75 82.39 -11.64
N THR BA 77 88.04 81.33 -10.88
CA THR BA 77 88.62 81.50 -9.54
C THR BA 77 90.04 82.05 -9.63
N LEU BA 78 90.81 81.59 -10.62
CA LEU BA 78 92.16 82.13 -10.81
C LEU BA 78 92.11 83.59 -11.24
N ASN BA 79 91.14 83.95 -12.08
CA ASN BA 79 90.99 85.34 -12.50
C ASN BA 79 90.54 86.23 -11.35
N LYS BA 80 89.68 85.71 -10.46
CA LYS BA 80 89.27 86.49 -9.30
C LYS BA 80 90.44 86.68 -8.32
N LEU BA 81 91.28 85.65 -8.17
CA LEU BA 81 92.47 85.77 -7.33
C LEU BA 81 93.45 86.79 -7.92
N ILE BA 82 93.60 86.80 -9.24
CA ILE BA 82 94.54 87.72 -9.88
C ILE BA 82 94.00 89.15 -9.83
N GLN BA 83 92.68 89.32 -10.00
CA GLN BA 83 92.06 90.64 -9.83
C GLN BA 83 92.20 91.13 -8.39
N CYS BA 84 92.11 90.21 -7.42
CA CYS BA 84 92.29 90.56 -6.02
C CYS BA 84 93.72 90.99 -5.73
N GLN BA 85 94.70 90.27 -6.28
CA GLN BA 85 96.10 90.65 -6.08
C GLN BA 85 96.44 91.95 -6.79
N ALA BA 86 95.81 92.20 -7.94
CA ALA BA 86 95.98 93.48 -8.63
C ALA BA 86 95.38 94.62 -7.82
N MET BA 87 94.24 94.39 -7.17
CA MET BA 87 93.68 95.41 -6.29
C MET BA 87 94.52 95.60 -5.04
N LEU BA 88 95.23 94.56 -4.60
CA LEU BA 88 96.16 94.69 -3.49
C LEU BA 88 97.35 95.55 -3.85
N LYS BA 89 97.95 95.30 -5.02
CA LYS BA 89 99.12 96.07 -5.43
C LYS BA 89 98.78 97.46 -5.95
N SER BA 90 97.52 97.67 -6.37
CA SER BA 90 97.15 98.97 -6.92
C SER BA 90 97.08 100.04 -5.84
N LEU BA 91 96.84 99.65 -4.58
CA LEU BA 91 96.89 100.60 -3.48
C LEU BA 91 98.30 101.13 -3.29
N LYS BA 92 99.30 100.24 -3.30
CA LYS BA 92 100.69 100.64 -3.19
C LYS BA 92 101.12 101.49 -4.37
N ASP BA 93 100.70 101.11 -5.58
CA ASP BA 93 101.10 101.85 -6.77
C ASP BA 93 100.46 103.23 -6.81
N ASN BA 94 99.16 103.32 -6.50
CA ASN BA 94 98.49 104.61 -6.53
C ASN BA 94 98.85 105.49 -5.33
N ALA BA 95 99.40 104.91 -4.27
CA ALA BA 95 99.98 105.75 -3.22
C ALA BA 95 101.35 106.27 -3.64
N MET BA 96 102.18 105.41 -4.25
CA MET BA 96 103.55 105.80 -4.55
C MET BA 96 103.61 106.79 -5.71
N ILE BA 97 102.79 106.62 -6.74
CA ILE BA 97 102.85 107.57 -7.85
C ILE BA 97 102.23 108.91 -7.45
N ASN BA 98 101.30 108.91 -6.50
CA ASN BA 98 100.74 110.18 -6.03
C ASN BA 98 101.74 110.89 -5.13
N ARG BA 99 102.48 110.14 -4.30
CA ARG BA 99 103.55 110.73 -3.50
C ARG BA 99 104.66 111.29 -4.39
N ALA BA 100 104.99 110.58 -5.47
CA ALA BA 100 106.00 111.06 -6.40
C ALA BA 100 105.52 112.31 -7.15
N ASN BA 101 104.25 112.34 -7.55
CA ASN BA 101 103.72 113.51 -8.25
C ASN BA 101 103.63 114.72 -7.34
N ALA BA 102 103.29 114.50 -6.06
CA ALA BA 102 103.26 115.58 -5.10
C ALA BA 102 104.67 116.10 -4.80
N LEU BA 103 105.66 115.20 -4.78
CA LEU BA 103 107.04 115.65 -4.59
C LEU BA 103 107.55 116.42 -5.81
N VAL BA 104 107.15 116.01 -7.02
CA VAL BA 104 107.51 116.74 -8.23
C VAL BA 104 106.89 118.14 -8.22
N SER BA 105 105.64 118.25 -7.76
CA SER BA 105 105.02 119.56 -7.65
C SER BA 105 105.65 120.39 -6.54
N LEU BA 106 106.17 119.75 -5.48
CA LEU BA 106 106.86 120.48 -4.43
C LEU BA 106 108.19 121.03 -4.92
N LEU BA 107 108.95 120.24 -5.69
CA LEU BA 107 110.16 120.78 -6.31
C LEU BA 107 109.83 121.77 -7.42
N GLN BA 108 108.63 121.70 -8.00
CA GLN BA 108 108.22 122.70 -8.99
C GLN BA 108 107.96 124.05 -8.34
N VAL BA 109 107.31 124.05 -7.16
CA VAL BA 109 107.11 125.31 -6.46
C VAL BA 109 108.39 125.79 -5.79
N GLN BA 110 109.31 124.87 -5.45
CA GLN BA 110 110.60 125.31 -4.93
C GLN BA 110 111.54 125.80 -6.03
N ALA BA 111 111.27 125.44 -7.29
CA ALA BA 111 112.11 125.88 -8.39
C ALA BA 111 111.88 127.35 -8.71
N ASN BA 112 110.67 127.71 -9.09
CA ASN BA 112 110.34 129.10 -9.39
C ASN BA 112 109.77 129.82 -8.18
N ALA BA 113 110.47 129.73 -7.05
CA ALA BA 113 109.99 130.34 -5.82
C ALA BA 113 110.36 131.81 -5.73
N ALA BA 114 111.67 132.08 -5.67
CA ALA BA 114 112.26 133.42 -5.49
C ALA BA 114 111.69 134.15 -4.27
N ASN BA 115 111.39 133.41 -3.21
CA ASN BA 115 110.79 133.98 -2.01
C ASN BA 115 111.62 133.76 -0.76
N GLY BA 116 112.08 132.53 -0.52
CA GLY BA 116 112.82 132.19 0.67
C GLY BA 116 112.00 131.50 1.75
N ILE BA 117 110.68 131.64 1.71
CA ILE BA 117 109.82 130.94 2.67
C ILE BA 117 109.79 129.45 2.36
N THR BA 118 110.00 129.08 1.09
CA THR BA 118 109.98 127.69 0.68
C THR BA 118 111.15 126.88 1.26
N THR BA 119 112.28 127.53 1.55
CA THR BA 119 113.39 126.83 2.19
C THR BA 119 113.06 126.45 3.62
N SER BA 120 112.21 127.25 4.29
CA SER BA 120 111.76 126.91 5.63
C SER BA 120 110.59 125.95 5.61
N ASN BA 121 109.75 126.02 4.57
CA ASN BA 121 108.61 125.12 4.47
C ASN BA 121 108.95 123.78 3.85
N PHE BA 122 110.16 123.63 3.30
CA PHE BA 122 110.60 122.35 2.76
C PHE BA 122 110.83 121.31 3.84
N GLU BA 123 111.03 121.72 5.09
CA GLU BA 123 111.01 120.80 6.21
C GLU BA 123 109.60 120.56 6.74
N ALA BA 124 108.63 121.34 6.28
CA ALA BA 124 107.24 121.25 6.73
C ALA BA 124 106.35 120.50 5.75
N ALA BA 125 106.41 120.87 4.47
CA ALA BA 125 105.58 120.21 3.47
C ALA BA 125 106.07 118.80 3.15
N PHE BA 126 107.36 118.53 3.32
CA PHE BA 126 107.89 117.20 3.02
C PHE BA 126 107.38 116.15 4.00
N LYS BA 127 107.06 116.56 5.23
CA LYS BA 127 106.43 115.61 6.15
C LYS BA 127 104.95 115.42 5.82
N ILE BA 128 104.35 116.35 5.08
CA ILE BA 128 103.00 116.14 4.60
C ILE BA 128 103.01 115.17 3.41
N ILE BA 129 104.02 115.28 2.55
CA ILE BA 129 104.17 114.28 1.48
C ILE BA 129 104.61 112.95 2.06
N ALA BA 130 105.26 112.95 3.22
CA ALA BA 130 105.67 111.71 3.87
C ALA BA 130 104.49 110.93 4.43
N GLN BA 131 103.35 111.57 4.67
CA GLN BA 131 102.18 110.88 5.20
C GLN BA 131 101.30 110.27 4.11
N ILE BA 132 101.75 110.30 2.86
CA ILE BA 132 101.02 109.62 1.79
C ILE BA 132 101.17 108.11 1.95
N GLY BA 133 102.40 107.64 2.11
CA GLY BA 133 102.69 106.23 2.27
C GLY BA 133 103.05 105.86 3.69
N SER BA 134 102.27 106.37 4.67
CA SER BA 134 102.59 106.13 6.07
C SER BA 134 102.42 104.67 6.46
N GLU BA 135 101.44 103.97 5.87
CA GLU BA 135 101.31 102.53 6.06
C GLU BA 135 102.22 101.74 5.12
N TYR BA 136 103.03 102.41 4.32
CA TYR BA 136 103.95 101.82 3.36
C TYR BA 136 105.34 102.35 3.66
N ASN BA 137 106.27 102.25 2.71
CA ASN BA 137 107.64 102.71 2.92
C ASN BA 137 107.64 104.23 3.01
N GLN BA 138 107.43 104.72 4.23
CA GLN BA 138 107.40 106.15 4.49
C GLN BA 138 108.80 106.74 4.40
N ILE BA 139 108.86 108.07 4.36
CA ILE BA 139 110.10 108.78 4.10
C ILE BA 139 110.28 109.85 5.17
N THR BA 140 111.52 110.32 5.30
CA THR BA 140 111.85 111.39 6.24
C THR BA 140 112.95 112.25 5.64
N LEU BA 141 113.27 113.34 6.33
CA LEU BA 141 114.30 114.28 5.91
C LEU BA 141 115.11 114.68 7.14
N ASN BA 142 116.36 114.23 7.22
CA ASN BA 142 117.18 114.58 8.37
C ASN BA 142 117.71 116.01 8.28
N ASN BA 143 118.55 116.30 7.28
CA ASN BA 143 118.99 117.65 6.94
C ASN BA 143 119.04 117.82 5.44
N GLY BA 144 118.05 117.29 4.73
CA GLY BA 144 118.01 117.38 3.29
C GLY BA 144 118.26 116.08 2.55
N ASN BA 145 118.25 114.94 3.23
CA ASN BA 145 118.41 113.64 2.60
C ASN BA 145 117.32 112.70 3.07
N VAL BA 146 117.00 111.71 2.24
CA VAL BA 146 115.91 110.80 2.50
C VAL BA 146 116.46 109.43 2.89
N SER BA 147 115.59 108.58 3.42
CA SER BA 147 115.95 107.23 3.81
C SER BA 147 114.68 106.37 3.77
N VAL BA 148 114.64 105.42 2.85
CA VAL BA 148 113.46 104.56 2.69
C VAL BA 148 113.47 103.51 3.78
N GLN BA 149 112.32 103.34 4.45
CA GLN BA 149 112.20 102.40 5.55
C GLN BA 149 111.92 100.99 5.07
N GLU BA 150 110.80 100.80 4.35
CA GLU BA 150 110.28 99.49 3.92
C GLU BA 150 110.08 98.57 5.13
N LYS BA 151 109.13 98.97 5.97
CA LYS BA 151 108.95 98.41 7.31
C LYS BA 151 108.45 96.97 7.32
N GLU BA 152 108.09 96.39 6.17
CA GLU BA 152 107.53 95.04 6.03
C GLU BA 152 106.28 94.88 6.89
N GLN BA 153 105.26 95.66 6.54
CA GLN BA 153 104.05 95.76 7.35
C GLN BA 153 103.22 94.49 7.24
N THR BA 154 102.61 94.10 8.35
CA THR BA 154 101.90 92.83 8.43
C THR BA 154 100.55 92.91 7.74
N ASN BA 155 100.14 91.79 7.15
CA ASN BA 155 98.83 91.67 6.51
C ASN BA 155 98.49 90.20 6.44
N GLU BA 156 97.41 89.80 7.10
CA GLU BA 156 97.02 88.39 7.10
C GLU BA 156 96.43 87.97 5.76
N LEU BA 157 95.78 88.91 5.05
CA LEU BA 157 95.04 88.59 3.84
C LEU BA 157 95.96 88.17 2.69
N LYS BA 158 97.20 88.65 2.69
CA LYS BA 158 98.19 88.16 1.73
C LYS BA 158 98.51 86.69 1.97
N THR BA 159 98.61 86.29 3.24
CA THR BA 159 98.85 84.88 3.57
C THR BA 159 97.63 84.02 3.25
N ILE BA 160 96.42 84.56 3.43
CA ILE BA 160 95.23 83.79 3.07
C ILE BA 160 95.12 83.64 1.55
N LEU BA 161 95.52 84.68 0.80
CA LEU BA 161 95.59 84.58 -0.64
C LEU BA 161 96.62 83.54 -1.09
N ASN BA 162 97.77 83.49 -0.40
CA ASN BA 162 98.78 82.48 -0.72
C ASN BA 162 98.27 81.08 -0.41
N SER BA 163 97.53 80.92 0.68
CA SER BA 163 96.98 79.61 1.03
C SER BA 163 95.89 79.18 0.06
N LEU BA 164 95.09 80.12 -0.42
CA LEU BA 164 94.08 79.78 -1.43
C LEU BA 164 94.72 79.45 -2.77
N SER BA 165 95.83 80.10 -3.11
CA SER BA 165 96.54 79.74 -4.34
C SER BA 165 97.15 78.35 -4.23
N LYS BA 166 97.69 78.00 -3.06
CA LYS BA 166 98.20 76.65 -2.85
C LYS BA 166 97.08 75.62 -2.88
N GLU BA 167 95.90 75.99 -2.38
CA GLU BA 167 94.74 75.12 -2.46
C GLU BA 167 94.31 74.90 -3.91
N LEU BA 168 94.35 75.95 -4.72
CA LEU BA 168 93.96 75.82 -6.13
C LEU BA 168 94.96 74.99 -6.90
N GLU BA 169 96.26 75.15 -6.61
CA GLU BA 169 97.27 74.34 -7.28
C GLU BA 169 97.19 72.89 -6.85
N LYS BA 170 96.86 72.63 -5.58
CA LYS BA 170 96.65 71.26 -5.13
C LYS BA 170 95.40 70.65 -5.77
N LEU BA 171 94.37 71.46 -6.03
CA LEU BA 171 93.21 70.98 -6.75
C LEU BA 171 93.51 70.72 -8.22
N ASN BA 172 94.48 71.44 -8.79
CA ASN BA 172 94.75 71.36 -10.22
C ASN BA 172 95.37 70.03 -10.64
N GLN BA 173 96.02 69.32 -9.72
CA GLN BA 173 96.68 68.07 -10.10
C GLN BA 173 95.68 66.93 -10.29
N GLN BA 174 94.62 66.90 -9.49
CA GLN BA 174 93.65 65.82 -9.58
C GLN BA 174 92.62 66.03 -10.69
N SER BA 175 92.65 67.17 -11.38
CA SER BA 175 91.76 67.39 -12.51
C SER BA 175 92.24 66.56 -13.69
N GLU BA 176 91.70 65.36 -13.85
CA GLU BA 176 92.16 64.46 -14.88
C GLU BA 176 91.41 64.68 -16.19
N VAL BA 177 92.01 64.15 -17.27
CA VAL BA 177 91.34 64.03 -18.56
C VAL BA 177 91.49 62.58 -19.01
N ASN BA 178 90.62 62.17 -19.93
CA ASN BA 178 90.68 60.90 -20.67
C ASN BA 178 90.63 59.69 -19.72
N SER BA 179 89.47 59.52 -19.08
CA SER BA 179 89.21 58.38 -18.22
C SER BA 179 88.02 57.59 -18.73
N ILE BA 180 88.17 56.28 -18.82
CA ILE BA 180 87.12 55.41 -19.30
C ILE BA 180 86.37 54.83 -18.10
N GLN BA 181 85.19 54.26 -18.37
CA GLN BA 181 84.35 53.76 -17.29
C GLN BA 181 83.52 52.59 -17.80
N ILE BA 182 83.53 51.49 -17.06
CA ILE BA 182 82.73 50.33 -17.39
C ILE BA 182 81.51 50.29 -16.46
N PHE BA 183 80.45 49.64 -16.93
CA PHE BA 183 79.24 49.48 -16.15
C PHE BA 183 78.62 48.14 -16.49
N SER BA 184 77.89 47.57 -15.54
CA SER BA 184 77.21 46.29 -15.76
C SER BA 184 76.07 46.16 -14.78
N ASP BA 185 74.85 46.04 -15.29
CA ASP BA 185 73.75 45.58 -14.45
C ASP BA 185 73.90 44.09 -14.23
N LYS BA 186 73.32 43.62 -13.12
CA LYS BA 186 73.28 42.20 -12.73
C LYS BA 186 74.70 41.63 -12.59
N LEU BA 187 75.39 42.12 -11.56
CA LEU BA 187 76.70 41.58 -11.19
C LEU BA 187 76.62 40.09 -10.87
N GLU BA 188 75.52 39.65 -10.26
CA GLU BA 188 75.21 38.24 -10.21
C GLU BA 188 74.62 37.78 -11.54
N VAL BA 189 74.91 36.54 -11.92
CA VAL BA 189 74.48 36.03 -13.21
C VAL BA 189 74.34 34.51 -13.09
N LEU BA 190 73.48 33.95 -13.93
CA LEU BA 190 73.31 32.50 -14.02
C LEU BA 190 74.26 31.95 -15.07
N LYS BA 191 74.04 30.70 -15.48
CA LYS BA 191 74.94 30.03 -16.42
C LYS BA 191 74.83 30.63 -17.82
N ASP BA 192 73.63 30.97 -18.27
CA ASP BA 192 73.41 31.46 -19.62
C ASP BA 192 72.76 32.84 -19.67
N ALA BA 193 72.73 33.56 -18.56
CA ALA BA 193 72.08 34.87 -18.57
C ALA BA 193 73.03 35.93 -19.17
N PRO BA 194 72.50 36.90 -19.91
CA PRO BA 194 73.38 37.80 -20.68
C PRO BA 194 74.21 38.76 -19.83
N ALA BA 195 73.59 39.53 -18.94
CA ALA BA 195 74.23 40.53 -18.08
C ALA BA 195 75.03 41.54 -18.92
N ARG BA 196 74.28 42.37 -19.66
CA ARG BA 196 74.83 43.28 -20.66
C ARG BA 196 75.82 44.29 -20.08
N LEU BA 197 77.08 44.15 -20.46
CA LEU BA 197 78.14 45.08 -20.09
C LEU BA 197 78.10 46.28 -21.01
N TRP BA 198 78.25 47.47 -20.45
CA TRP BA 198 78.25 48.71 -21.22
C TRP BA 198 79.46 49.54 -20.84
N GLY BA 199 80.31 49.84 -21.81
CA GLY BA 199 81.50 50.62 -21.58
C GLY BA 199 81.37 52.02 -22.14
N PHE BA 200 82.23 52.92 -21.65
CA PHE BA 200 82.24 54.30 -22.09
C PHE BA 200 83.67 54.79 -22.13
N SER BA 201 84.16 55.10 -23.32
CA SER BA 201 85.48 55.67 -23.51
C SER BA 201 85.32 57.09 -24.02
N THR BA 202 86.01 58.03 -23.39
CA THR BA 202 85.98 59.43 -23.79
C THR BA 202 87.09 59.79 -24.77
N LEU BA 203 87.70 58.79 -25.40
CA LEU BA 203 88.72 59.03 -26.41
C LEU BA 203 88.10 59.59 -27.68
N SER BA 204 88.95 60.17 -28.52
CA SER BA 204 88.48 60.74 -29.78
C SER BA 204 88.03 59.65 -30.75
N ASN BA 205 88.94 58.75 -31.11
CA ASN BA 205 88.60 57.56 -31.88
C ASN BA 205 89.32 56.37 -31.25
N ALA BA 206 88.62 55.24 -31.19
CA ALA BA 206 89.16 54.08 -30.49
C ALA BA 206 88.54 52.83 -31.09
N LYS BA 207 88.85 51.68 -30.48
CA LYS BA 207 88.22 50.42 -30.84
C LYS BA 207 87.33 49.87 -29.74
N GLU BA 208 87.61 50.23 -28.47
CA GLU BA 208 86.80 49.98 -27.26
C GLU BA 208 86.28 48.53 -27.15
N GLY BA 209 87.20 47.59 -27.33
CA GLY BA 209 86.82 46.20 -27.24
C GLY BA 209 86.66 45.69 -25.81
N PHE BA 210 86.23 44.44 -25.70
CA PHE BA 210 86.13 43.73 -24.45
C PHE BA 210 87.03 42.51 -24.52
N TYR BA 211 87.90 42.35 -23.51
CA TYR BA 211 88.85 41.24 -23.48
C TYR BA 211 88.57 40.34 -22.29
N ASN BA 212 88.79 39.04 -22.50
CA ASN BA 212 88.39 38.00 -21.56
C ASN BA 212 89.65 37.42 -20.89
N GLU BA 213 90.08 38.08 -19.83
CA GLU BA 213 90.96 37.60 -18.76
C GLU BA 213 92.42 37.37 -19.15
N ALA BA 214 92.75 37.31 -20.45
CA ALA BA 214 94.13 37.59 -20.84
C ALA BA 214 94.19 38.65 -21.91
N ASN BA 215 93.69 38.31 -23.11
CA ASN BA 215 93.50 39.29 -24.16
C ASN BA 215 92.32 38.94 -25.06
N GLU BA 216 91.51 37.95 -24.71
CA GLU BA 216 90.62 37.30 -25.66
C GLU BA 216 89.43 38.19 -26.00
N GLN BA 217 89.38 38.66 -27.25
CA GLN BA 217 88.34 39.58 -27.69
C GLN BA 217 86.99 38.87 -27.76
N ILE BA 218 86.00 39.44 -27.07
CA ILE BA 218 84.67 38.85 -26.99
C ILE BA 218 83.58 39.79 -27.49
N ALA BA 219 83.91 41.03 -27.80
CA ALA BA 219 82.93 41.98 -28.32
C ALA BA 219 83.61 42.88 -29.34
N SER BA 220 82.88 43.89 -29.81
CA SER BA 220 83.44 44.82 -30.79
C SER BA 220 83.59 46.23 -30.22
N GLY BA 221 82.50 46.84 -29.76
CA GLY BA 221 82.62 48.17 -29.19
C GLY BA 221 81.48 48.61 -28.30
N SER BA 222 81.82 49.01 -27.07
CA SER BA 222 80.98 49.70 -26.08
C SER BA 222 79.80 48.90 -25.54
N VAL BA 223 79.57 47.69 -26.05
CA VAL BA 223 78.54 46.80 -25.55
C VAL BA 223 79.09 45.37 -25.56
N CYS BA 224 78.75 44.60 -24.54
CA CYS BA 224 79.14 43.21 -24.46
C CYS BA 224 77.99 42.39 -23.92
N LEU BA 225 77.83 41.19 -24.45
CA LEU BA 225 76.80 40.25 -24.00
C LEU BA 225 77.56 39.04 -23.46
N PHE BA 226 77.60 38.92 -22.14
CA PHE BA 226 78.53 37.99 -21.50
C PHE BA 226 77.81 36.69 -21.13
N ARG BA 227 77.89 35.70 -22.00
CA ARG BA 227 77.55 34.35 -21.62
C ARG BA 227 78.75 33.69 -20.95
N SER BA 228 78.47 32.82 -19.99
CA SER BA 228 79.54 32.31 -19.13
C SER BA 228 79.82 30.83 -19.34
N ASP BA 229 78.82 29.96 -19.18
CA ASP BA 229 78.96 28.49 -19.20
C ASP BA 229 80.02 27.99 -18.21
N LYS BA 230 80.19 28.70 -17.10
CA LYS BA 230 81.20 28.38 -16.10
C LYS BA 230 80.59 28.58 -14.72
N VAL BA 231 81.43 28.58 -13.69
CA VAL BA 231 80.96 28.72 -12.32
C VAL BA 231 81.76 29.83 -11.64
N ARG BA 232 82.98 30.07 -12.12
CA ARG BA 232 83.93 30.96 -11.47
C ARG BA 232 83.52 32.43 -11.61
N LYS BA 233 84.26 33.30 -10.93
CA LYS BA 233 84.08 34.74 -11.01
C LYS BA 233 84.93 35.27 -12.15
N HIS BA 234 84.31 35.78 -13.20
CA HIS BA 234 85.04 36.25 -14.36
C HIS BA 234 85.39 37.73 -14.21
N THR BA 235 86.46 38.13 -14.89
CA THR BA 235 86.94 39.50 -14.88
C THR BA 235 87.11 39.97 -16.32
N ILE BA 236 86.26 40.89 -16.74
CA ILE BA 236 86.22 41.35 -18.13
C ILE BA 236 86.87 42.72 -18.19
N THR BA 237 87.70 42.94 -19.21
CA THR BA 237 88.48 44.17 -19.34
C THR BA 237 87.99 44.97 -20.53
N PHE BA 238 87.40 46.13 -20.25
CA PHE BA 238 87.11 47.11 -21.28
C PHE BA 238 88.40 47.79 -21.71
N LYS BA 239 88.67 47.84 -23.00
CA LYS BA 239 89.93 48.37 -23.52
C LYS BA 239 89.64 49.39 -24.60
N ALA BA 240 90.25 50.57 -24.46
CA ALA BA 240 90.15 51.63 -25.46
C ALA BA 240 91.56 51.97 -25.91
N ILE BA 241 91.92 51.51 -27.11
CA ILE BA 241 93.24 51.78 -27.67
C ILE BA 241 93.15 53.00 -28.57
N ASN BA 242 94.29 53.66 -28.75
CA ASN BA 242 94.35 54.84 -29.60
C ASN BA 242 95.75 54.94 -30.17
N THR BA 243 95.91 55.81 -31.18
CA THR BA 243 97.22 56.09 -31.75
C THR BA 243 98.15 56.80 -30.75
N LYS BA 244 97.59 57.48 -29.75
CA LYS BA 244 98.39 58.16 -28.74
C LYS BA 244 98.62 57.27 -27.52
N THR BA 245 97.54 56.85 -26.86
CA THR BA 245 97.65 56.10 -25.62
C THR BA 245 96.62 54.97 -25.63
N SER BA 246 96.45 54.33 -24.48
CA SER BA 246 95.52 53.23 -24.33
C SER BA 246 95.05 53.15 -22.89
N LEU BA 247 93.82 52.72 -22.69
CA LEU BA 247 93.23 52.60 -21.37
C LEU BA 247 92.54 51.25 -21.21
N SER BA 248 92.49 50.79 -19.96
CA SER BA 248 91.82 49.54 -19.62
C SER BA 248 91.03 49.73 -18.34
N LYS BA 249 90.02 48.89 -18.16
CA LYS BA 249 89.17 48.92 -16.98
C LYS BA 249 88.65 47.52 -16.72
N ASN BA 250 88.50 47.18 -15.44
CA ASN BA 250 88.12 45.83 -15.05
C ASN BA 250 86.71 45.83 -14.46
N ILE BA 251 85.97 44.77 -14.76
CA ILE BA 251 84.71 44.48 -14.08
C ILE BA 251 84.73 43.02 -13.68
N THR BA 252 84.02 42.71 -12.60
CA THR BA 252 83.97 41.36 -12.04
C THR BA 252 82.53 40.88 -12.04
N ILE BA 253 82.24 39.87 -12.85
CA ILE BA 253 80.92 39.28 -12.94
C ILE BA 253 80.99 37.87 -12.36
N SER BA 254 80.26 37.64 -11.29
CA SER BA 254 80.28 36.34 -10.63
C SER BA 254 79.13 35.48 -11.12
N VAL BA 255 79.43 34.22 -11.42
CA VAL BA 255 78.46 33.28 -11.94
C VAL BA 255 78.07 32.33 -10.81
N ILE BA 256 76.78 31.96 -10.75
CA ILE BA 256 76.32 30.92 -9.85
C ILE BA 256 75.51 29.92 -10.65
N ALA BA 257 75.38 28.73 -10.09
CA ALA BA 257 74.46 27.75 -10.65
C ALA BA 257 73.06 28.00 -10.12
N ASN BA 258 72.08 27.39 -10.78
CA ASN BA 258 70.70 27.50 -10.35
C ASN BA 258 70.48 26.70 -9.08
N LYS BA 259 70.01 27.37 -8.02
CA LYS BA 259 69.77 26.68 -6.76
C LYS BA 259 68.59 25.74 -6.82
N LEU BA 260 67.64 25.99 -7.74
CA LEU BA 260 66.49 25.10 -7.88
C LEU BA 260 66.86 23.82 -8.59
N LYS BA 261 67.72 23.91 -9.61
CA LYS BA 261 68.09 22.72 -10.37
C LYS BA 261 69.03 21.81 -9.59
N GLU BA 262 69.75 22.36 -8.61
CA GLU BA 262 70.67 21.57 -7.81
C GLU BA 262 69.89 20.74 -6.80
N ARG BA 263 70.20 19.43 -6.76
CA ARG BA 263 69.66 18.43 -5.83
C ARG BA 263 68.13 18.42 -5.69
N MET CA 1 38.31 56.76 -34.35
CA MET CA 1 39.15 55.73 -34.93
C MET CA 1 39.47 56.05 -36.39
N ASP CA 2 40.53 55.43 -36.91
CA ASP CA 2 40.78 55.43 -38.35
C ASP CA 2 40.13 54.20 -38.95
N THR CA 3 39.41 54.39 -40.05
CA THR CA 3 38.49 53.36 -40.52
C THR CA 3 39.22 52.20 -41.19
N THR CA 4 40.14 52.50 -42.11
CA THR CA 4 40.77 51.45 -42.91
C THR CA 4 41.73 50.61 -42.07
N ARG CA 5 42.42 51.24 -41.12
CA ARG CA 5 43.25 50.49 -40.18
C ARG CA 5 42.39 49.60 -39.28
N PHE CA 6 41.19 50.07 -38.92
CA PHE CA 6 40.26 49.23 -38.16
C PHE CA 6 39.79 48.04 -38.98
N ILE CA 7 39.53 48.24 -40.28
CA ILE CA 7 39.09 47.15 -41.14
C ILE CA 7 40.20 46.10 -41.31
N ARG CA 8 41.43 46.57 -41.51
CA ARG CA 8 42.56 45.65 -41.67
C ARG CA 8 42.85 44.90 -40.37
N ASN CA 9 42.74 45.57 -39.22
CA ASN CA 9 42.97 44.90 -37.96
C ASN CA 9 41.84 43.93 -37.62
N PHE CA 10 40.60 44.27 -38.01
CA PHE CA 10 39.48 43.37 -37.82
C PHE CA 10 39.64 42.10 -38.66
N ILE CA 11 40.09 42.26 -39.91
CA ILE CA 11 40.36 41.12 -40.78
C ILE CA 11 41.50 40.27 -40.22
N LEU CA 12 42.56 40.92 -39.73
CA LEU CA 12 43.71 40.18 -39.22
C LEU CA 12 43.37 39.44 -37.93
N PHE CA 13 42.53 40.02 -37.08
CA PHE CA 13 42.12 39.34 -35.86
C PHE CA 13 41.13 38.22 -36.16
N LYS CA 14 40.35 38.34 -37.24
CA LYS CA 14 39.55 37.20 -37.67
C LYS CA 14 40.39 36.12 -38.34
N ASP CA 15 41.59 36.47 -38.83
CA ASP CA 15 42.49 35.44 -39.33
C ASP CA 15 43.26 34.76 -38.21
N ALA CA 16 43.65 35.50 -37.17
CA ALA CA 16 44.39 34.92 -36.06
C ALA CA 16 43.50 34.02 -35.23
N LEU CA 17 42.42 34.56 -34.69
CA LEU CA 17 41.36 33.73 -34.14
C LEU CA 17 40.65 33.08 -35.31
N GLN CA 18 41.05 31.86 -35.68
CA GLN CA 18 40.45 31.22 -36.85
C GLN CA 18 39.03 30.77 -36.54
N LYS CA 19 38.14 30.94 -37.52
CA LYS CA 19 36.71 30.80 -37.30
C LYS CA 19 36.25 29.37 -37.15
N GLN CA 20 37.12 28.39 -37.39
CA GLN CA 20 36.75 27.00 -37.14
C GLN CA 20 36.64 26.70 -35.66
N ASN CA 21 37.39 27.43 -34.84
CA ASN CA 21 37.35 27.25 -33.39
C ASN CA 21 36.39 28.19 -32.70
N PHE CA 22 35.66 29.01 -33.45
CA PHE CA 22 34.90 30.10 -32.88
C PHE CA 22 33.47 30.10 -33.40
N ASN CA 23 32.53 30.34 -32.50
CA ASN CA 23 31.21 30.78 -32.90
C ASN CA 23 31.33 32.16 -33.53
N ASN CA 24 30.51 32.42 -34.56
CA ASN CA 24 30.71 33.59 -35.42
C ASN CA 24 30.46 34.90 -34.68
N LYS CA 25 29.45 34.93 -33.81
CA LYS CA 25 29.13 36.16 -33.08
C LYS CA 25 30.23 36.53 -32.10
N ASP CA 26 30.70 35.55 -31.32
CA ASP CA 26 31.79 35.81 -30.39
C ASP CA 26 33.10 36.11 -31.10
N LEU CA 27 33.31 35.50 -32.28
CA LEU CA 27 34.50 35.80 -33.07
C LEU CA 27 34.50 37.25 -33.53
N ASN CA 28 33.38 37.70 -34.11
CA ASN CA 28 33.28 39.08 -34.57
C ASN CA 28 33.34 40.07 -33.42
N THR CA 29 32.77 39.70 -32.26
CA THR CA 29 32.80 40.60 -31.10
C THR CA 29 34.20 40.72 -30.53
N THR CA 30 34.93 39.60 -30.38
CA THR CA 30 36.28 39.66 -29.85
C THR CA 30 37.24 40.35 -30.81
N SER CA 31 37.03 40.14 -32.13
CA SER CA 31 37.85 40.84 -33.12
C SER CA 31 37.58 42.33 -33.11
N MET CA 32 36.32 42.73 -32.91
CA MET CA 32 35.98 44.15 -32.85
C MET CA 32 36.56 44.81 -31.61
N GLN CA 33 36.49 44.13 -30.46
CA GLN CA 33 37.04 44.69 -29.23
C GLN CA 33 38.56 44.80 -29.30
N ALA CA 34 39.23 43.77 -29.85
CA ALA CA 34 40.67 43.82 -30.01
C ALA CA 34 41.08 44.88 -31.02
N ALA CA 35 40.28 45.10 -32.06
CA ALA CA 35 40.60 46.15 -33.04
C ALA CA 35 40.42 47.53 -32.45
N LEU CA 36 39.43 47.71 -31.57
CA LEU CA 36 39.25 49.00 -30.90
C LEU CA 36 40.40 49.27 -29.93
N GLN CA 37 40.84 48.24 -29.20
CA GLN CA 37 42.02 48.40 -28.34
C GLN CA 37 43.28 48.66 -29.16
N SER CA 38 43.37 48.07 -30.36
CA SER CA 38 44.50 48.34 -31.24
C SER CA 38 44.48 49.77 -31.76
N GLU CA 39 43.29 50.33 -32.01
CA GLU CA 39 43.21 51.74 -32.39
C GLU CA 39 43.62 52.65 -31.25
N GLN CA 40 43.18 52.31 -30.02
CA GLN CA 40 43.57 53.09 -28.84
C GLN CA 40 45.07 53.03 -28.60
N LEU CA 41 45.71 51.91 -28.93
CA LEU CA 41 47.16 51.82 -28.83
C LEU CA 41 47.85 52.55 -29.98
N ALA CA 42 47.26 52.51 -31.18
CA ALA CA 42 47.88 53.13 -32.34
C ALA CA 42 47.84 54.64 -32.29
N LEU CA 43 46.91 55.23 -31.53
CA LEU CA 43 46.97 56.67 -31.27
C LEU CA 43 48.26 57.05 -30.55
N SER CA 44 48.58 56.33 -29.47
CA SER CA 44 49.83 56.57 -28.75
C SER CA 44 51.04 56.20 -29.60
N GLU CA 45 50.89 55.23 -30.51
CA GLU CA 45 51.95 54.94 -31.47
C GLU CA 45 52.21 56.12 -32.40
N GLU CA 46 51.15 56.77 -32.87
CA GLU CA 46 51.30 57.95 -33.73
C GLU CA 46 51.98 59.09 -32.99
N SER CA 47 51.60 59.30 -31.73
CA SER CA 47 52.25 60.34 -30.92
C SER CA 47 53.73 60.05 -30.69
N GLN CA 48 54.05 58.81 -30.33
CA GLN CA 48 55.45 58.44 -30.07
C GLN CA 48 56.28 58.46 -31.35
N TYR CA 49 55.70 58.10 -32.49
CA TYR CA 49 56.44 58.14 -33.74
C TYR CA 49 56.66 59.57 -34.22
N LEU CA 50 55.70 60.46 -33.96
CA LEU CA 50 55.91 61.88 -34.25
C LEU CA 50 57.03 62.46 -33.39
N GLN CA 51 57.04 62.10 -32.10
CA GLN CA 51 58.11 62.57 -31.21
C GLN CA 51 59.47 62.01 -31.62
N SER CA 52 59.52 60.73 -31.99
CA SER CA 52 60.79 60.12 -32.41
C SER CA 52 61.28 60.69 -33.74
N GLU CA 53 60.36 61.01 -34.65
CA GLU CA 53 60.75 61.65 -35.91
C GLU CA 53 61.30 63.05 -35.67
N GLN CA 54 60.68 63.80 -34.75
CA GLN CA 54 61.18 65.13 -34.42
C GLN CA 54 62.54 65.08 -33.73
N VAL CA 55 62.79 64.05 -32.93
CA VAL CA 55 64.09 63.93 -32.28
C VAL CA 55 65.15 63.52 -33.30
N ARG CA 56 64.85 62.51 -34.13
CA ARG CA 56 65.86 62.01 -35.07
C ARG CA 56 66.10 62.96 -36.23
N ALA CA 57 65.17 63.86 -36.53
CA ALA CA 57 65.39 64.80 -37.62
C ALA CA 57 66.35 65.91 -37.22
N LYS CA 58 66.31 66.32 -35.95
CA LYS CA 58 67.08 67.45 -35.47
C LYS CA 58 68.42 67.05 -34.87
N MET CA 59 68.87 65.81 -35.06
CA MET CA 59 70.01 65.32 -34.30
C MET CA 59 71.33 65.85 -34.83
N GLN CA 60 71.46 66.00 -36.16
CA GLN CA 60 72.70 66.51 -36.73
C GLN CA 60 72.93 67.97 -36.33
N ILE CA 61 71.90 68.80 -36.41
CA ILE CA 61 72.02 70.19 -36.02
C ILE CA 61 72.22 70.32 -34.52
N ASP CA 62 71.65 69.40 -33.73
CA ASP CA 62 71.85 69.43 -32.29
C ASP CA 62 73.29 69.06 -31.92
N PHE CA 63 73.86 68.07 -32.61
CA PHE CA 63 75.25 67.71 -32.33
C PHE CA 63 76.22 68.80 -32.81
N LEU CA 64 75.90 69.46 -33.92
CA LEU CA 64 76.71 70.58 -34.37
C LEU CA 64 76.61 71.76 -33.40
N GLY CA 65 75.42 71.98 -32.84
CA GLY CA 65 75.28 73.02 -31.83
C GLY CA 65 75.97 72.69 -30.53
N MET CA 66 76.00 71.41 -30.16
CA MET CA 66 76.71 71.01 -28.95
C MET CA 66 78.22 71.13 -29.14
N GLN CA 67 78.71 70.81 -30.33
CA GLN CA 67 80.13 71.03 -30.61
C GLN CA 67 80.47 72.52 -30.66
N ALA CA 68 79.55 73.36 -31.16
CA ALA CA 68 79.77 74.80 -31.14
C ALA CA 68 79.73 75.35 -29.72
N ASN CA 69 78.89 74.77 -28.85
CA ASN CA 69 78.88 75.19 -27.45
C ASN CA 69 80.14 74.72 -26.73
N LEU CA 70 80.70 73.57 -27.12
CA LEU CA 70 81.98 73.15 -26.57
C LEU CA 70 83.10 74.08 -27.00
N GLN CA 71 83.05 74.53 -28.27
CA GLN CA 71 84.00 75.54 -28.75
C GLN CA 71 83.84 76.85 -28.00
N ASN CA 72 82.60 77.22 -27.68
CA ASN CA 72 82.34 78.44 -26.93
C ASN CA 72 82.86 78.34 -25.51
N ALA CA 73 82.66 77.18 -24.87
CA ALA CA 73 83.15 76.99 -23.50
C ALA CA 73 84.66 76.86 -23.43
N LYS CA 74 85.31 76.45 -24.52
CA LYS CA 74 86.77 76.47 -24.53
C LYS CA 74 87.31 77.88 -24.80
N ALA CA 75 86.68 78.60 -25.73
CA ALA CA 75 87.15 79.94 -26.08
C ALA CA 75 86.89 80.94 -24.97
N GLU CA 76 85.84 80.74 -24.18
CA GLU CA 76 85.58 81.63 -23.05
C GLU CA 76 86.64 81.45 -21.97
N THR CA 77 87.06 80.20 -21.72
CA THR CA 77 88.11 79.95 -20.75
C THR CA 77 89.46 80.48 -21.24
N LEU CA 78 89.74 80.35 -22.54
CA LEU CA 78 90.95 80.92 -23.10
C LEU CA 78 90.95 82.44 -23.04
N ASN CA 79 89.79 83.05 -23.27
CA ASN CA 79 89.67 84.51 -23.18
C ASN CA 79 89.81 84.99 -21.74
N LYS CA 80 89.30 84.23 -20.77
CA LYS CA 80 89.47 84.60 -19.37
C LYS CA 80 90.93 84.46 -18.94
N LEU CA 81 91.63 83.43 -19.45
CA LEU CA 81 93.05 83.28 -19.16
C LEU CA 81 93.87 84.42 -19.78
N ILE CA 82 93.50 84.84 -20.98
CA ILE CA 82 94.23 85.91 -21.65
C ILE CA 82 93.95 87.26 -20.98
N GLN CA 83 92.71 87.48 -20.54
CA GLN CA 83 92.38 88.67 -19.77
C GLN CA 83 93.11 88.70 -18.43
N CYS CA 84 93.27 87.52 -17.82
CA CYS CA 84 94.03 87.42 -16.58
C CYS CA 84 95.51 87.72 -16.79
N GLN CA 85 96.10 87.20 -17.86
CA GLN CA 85 97.51 87.48 -18.14
C GLN CA 85 97.71 88.95 -18.53
N ALA CA 86 96.73 89.55 -19.20
CA ALA CA 86 96.79 90.98 -19.50
C ALA CA 86 96.71 91.82 -18.23
N MET CA 87 95.88 91.40 -17.28
CA MET CA 87 95.82 92.08 -15.99
C MET CA 87 97.11 91.87 -15.19
N LEU CA 88 97.78 90.74 -15.39
CA LEU CA 88 99.07 90.51 -14.76
C LEU CA 88 100.14 91.44 -15.31
N LYS CA 89 100.21 91.56 -16.63
CA LYS CA 89 101.22 92.41 -17.24
C LYS CA 89 100.89 93.89 -17.16
N SER CA 90 99.62 94.25 -16.96
CA SER CA 90 99.23 95.65 -16.91
C SER CA 90 99.73 96.32 -15.64
N LEU CA 91 99.94 95.56 -14.57
CA LEU CA 91 100.53 96.11 -13.36
C LEU CA 91 101.96 96.55 -13.61
N LYS CA 92 102.75 95.69 -14.26
CA LYS CA 92 104.12 96.03 -14.62
C LYS CA 92 104.18 97.21 -15.58
N ASP CA 93 103.28 97.23 -16.57
CA ASP CA 93 103.29 98.31 -17.55
C ASP CA 93 102.87 99.64 -16.93
N ASN CA 94 101.82 99.64 -16.12
CA ASN CA 94 101.36 100.87 -15.49
C ASN CA 94 102.26 101.33 -14.37
N ALA CA 95 103.10 100.44 -13.82
CA ALA CA 95 104.13 100.90 -12.90
C ALA CA 95 105.30 101.51 -13.67
N MET CA 96 105.71 100.89 -14.78
CA MET CA 96 106.90 101.34 -15.49
C MET CA 96 106.66 102.65 -16.24
N ILE CA 97 105.48 102.82 -16.85
CA ILE CA 97 105.24 104.06 -17.57
C ILE CA 97 105.00 105.21 -16.59
N ASN CA 98 104.50 104.93 -15.39
CA ASN CA 98 104.36 105.98 -14.39
C ASN CA 98 105.70 106.37 -13.80
N ARG CA 99 106.59 105.39 -13.60
CA ARG CA 99 107.95 105.69 -13.17
C ARG CA 99 108.70 106.50 -14.22
N ALA CA 100 108.50 106.16 -15.50
CA ALA CA 100 109.13 106.91 -16.58
C ALA CA 100 108.58 108.33 -16.69
N ASN CA 101 107.27 108.49 -16.51
CA ASN CA 101 106.66 109.82 -16.57
C ASN CA 101 107.10 110.68 -15.39
N ALA CA 102 107.24 110.08 -14.21
CA ALA CA 102 107.72 110.80 -13.05
C ALA CA 102 109.19 111.19 -13.21
N LEU CA 103 109.99 110.34 -13.85
CA LEU CA 103 111.38 110.69 -14.12
C LEU CA 103 111.49 111.80 -15.16
N VAL CA 104 110.61 111.78 -16.17
CA VAL CA 104 110.57 112.86 -17.16
C VAL CA 104 110.20 114.18 -16.49
N SER CA 105 109.23 114.15 -15.58
CA SER CA 105 108.89 115.37 -14.84
C SER CA 105 110.01 115.81 -13.90
N LEU CA 106 110.79 114.86 -13.36
CA LEU CA 106 111.92 115.23 -12.53
C LEU CA 106 113.03 115.89 -13.33
N LEU CA 107 113.32 115.37 -14.53
CA LEU CA 107 114.25 116.08 -15.39
C LEU CA 107 113.67 117.38 -15.94
N GLN CA 108 112.34 117.50 -15.98
CA GLN CA 108 111.72 118.75 -16.39
C GLN CA 108 111.91 119.82 -15.34
N VAL CA 109 111.76 119.46 -14.06
CA VAL CA 109 112.01 120.44 -13.01
C VAL CA 109 113.51 120.68 -12.80
N GLN CA 110 114.36 119.70 -13.14
CA GLN CA 110 115.80 119.94 -13.09
C GLN CA 110 116.29 120.74 -14.29
N ALA CA 111 115.51 120.79 -15.37
CA ALA CA 111 115.93 121.56 -16.54
C ALA CA 111 115.80 123.06 -16.31
N ASN CA 112 114.58 123.53 -16.05
CA ASN CA 112 114.35 124.95 -15.78
C ASN CA 112 114.38 125.24 -14.28
N ALA CA 113 115.45 124.80 -13.62
CA ALA CA 113 115.56 124.99 -12.17
C ALA CA 113 116.13 126.35 -11.83
N ALA CA 114 117.39 126.59 -12.22
CA ALA CA 114 118.17 127.80 -11.92
C ALA CA 114 118.21 128.12 -10.42
N ASN CA 115 118.24 127.08 -9.60
CA ASN CA 115 118.22 127.25 -8.15
C ASN CA 115 119.43 126.63 -7.46
N GLY CA 116 119.78 125.39 -7.79
CA GLY CA 116 120.87 124.69 -7.14
C GLY CA 116 120.44 123.70 -6.08
N ILE CA 117 119.23 123.86 -5.53
CA ILE CA 117 118.72 122.90 -4.55
C ILE CA 117 118.38 121.58 -5.24
N THR CA 118 118.04 121.62 -6.53
CA THR CA 118 117.69 120.43 -7.28
C THR CA 118 118.85 119.48 -7.48
N THR CA 119 120.09 119.99 -7.49
CA THR CA 119 121.26 119.12 -7.59
C THR CA 119 121.44 118.32 -6.31
N SER CA 120 121.03 118.87 -5.17
CA SER CA 120 121.10 118.12 -3.92
C SER CA 120 119.88 117.23 -3.74
N ASN CA 121 118.73 117.62 -4.28
CA ASN CA 121 117.52 116.81 -4.17
C ASN CA 121 117.43 115.73 -5.23
N PHE CA 122 118.31 115.76 -6.24
CA PHE CA 122 118.33 114.70 -7.26
C PHE CA 122 118.82 113.37 -6.70
N GLU CA 123 119.53 113.38 -5.58
CA GLU CA 123 119.82 112.15 -4.85
C GLU CA 123 118.70 111.76 -3.90
N ALA CA 124 117.73 112.65 -3.68
CA ALA CA 124 116.63 112.44 -2.76
C ALA CA 124 115.34 112.04 -3.46
N ALA CA 125 114.95 112.78 -4.49
CA ALA CA 125 113.72 112.48 -5.22
C ALA CA 125 113.86 111.25 -6.09
N PHE CA 126 115.08 110.92 -6.55
CA PHE CA 126 115.26 109.75 -7.40
C PHE CA 126 115.04 108.46 -6.65
N LYS CA 127 115.26 108.45 -5.33
CA LYS CA 127 114.92 107.27 -4.54
C LYS CA 127 113.41 107.19 -4.29
N ILE CA 128 112.70 108.31 -4.42
CA ILE CA 128 111.25 108.28 -4.36
C ILE CA 128 110.69 107.73 -5.67
N ILE CA 129 111.30 108.10 -6.80
CA ILE CA 129 110.90 107.50 -8.07
C ILE CA 129 111.34 106.04 -8.12
N ALA CA 130 112.38 105.67 -7.37
CA ALA CA 130 112.83 104.29 -7.34
C ALA CA 130 111.87 103.37 -6.59
N GLN CA 131 111.00 103.92 -5.74
CA GLN CA 131 110.04 103.11 -5.01
C GLN CA 131 108.74 102.87 -5.78
N ILE CA 132 108.67 103.30 -7.04
CA ILE CA 132 107.51 102.99 -7.86
C ILE CA 132 107.51 101.50 -8.22
N GLY CA 133 108.63 101.00 -8.71
CA GLY CA 133 108.77 99.61 -9.08
C GLY CA 133 109.60 98.81 -8.09
N SER CA 134 109.33 98.99 -6.79
CA SER CA 134 110.12 98.33 -5.77
C SER CA 134 109.92 96.81 -5.79
N GLU CA 135 108.71 96.34 -6.11
CA GLU CA 135 108.47 94.92 -6.30
C GLU CA 135 108.83 94.45 -7.70
N TYR CA 136 109.37 95.34 -8.53
CA TYR CA 136 109.76 95.07 -9.91
C TYR CA 136 111.22 95.47 -10.06
N ASN CA 137 111.69 95.66 -11.28
CA ASN CA 137 113.09 96.03 -11.53
C ASN CA 137 113.32 97.45 -11.02
N GLN CA 138 113.66 97.54 -9.73
CA GLN CA 138 113.92 98.80 -9.09
C GLN CA 138 115.25 99.38 -9.55
N ILE CA 139 115.46 100.67 -9.24
CA ILE CA 139 116.60 101.40 -9.76
C ILE CA 139 117.31 102.09 -8.59
N THR CA 140 118.55 102.48 -8.85
CA THR CA 140 119.35 103.20 -7.86
C THR CA 140 120.24 104.19 -8.59
N LEU CA 141 120.94 105.02 -7.79
CA LEU CA 141 121.85 106.04 -8.31
C LEU CA 141 123.10 106.03 -7.45
N ASN CA 142 124.23 105.56 -8.01
CA ASN CA 142 125.46 105.53 -7.25
C ASN CA 142 126.10 106.91 -7.13
N ASN CA 143 126.53 107.48 -8.26
CA ASN CA 143 126.97 108.87 -8.33
C ASN CA 143 126.47 109.52 -9.62
N GLY CA 144 125.23 109.24 -9.99
CA GLY CA 144 124.66 109.77 -11.20
C GLY CA 144 124.42 108.77 -12.32
N ASN CA 145 124.53 107.48 -12.05
CA ASN CA 145 124.27 106.44 -13.03
C ASN CA 145 123.31 105.41 -12.44
N VAL CA 146 122.58 104.74 -13.32
CA VAL CA 146 121.55 103.79 -12.91
C VAL CA 146 122.04 102.36 -13.20
N SER CA 147 121.31 101.40 -12.62
CA SER CA 147 121.63 99.98 -12.82
C SER CA 147 120.34 99.20 -12.59
N VAL CA 148 119.82 98.58 -13.64
CA VAL CA 148 118.57 97.83 -13.55
C VAL CA 148 118.85 96.48 -12.89
N GLN CA 149 118.03 96.12 -11.91
CA GLN CA 149 118.22 94.88 -11.17
C GLN CA 149 117.59 93.69 -11.88
N GLU CA 150 116.28 93.74 -12.11
CA GLU CA 150 115.45 92.65 -12.64
C GLU CA 150 115.61 91.39 -11.78
N LYS CA 151 115.11 91.51 -10.55
CA LYS CA 151 115.38 90.56 -9.47
C LYS CA 151 114.74 89.19 -9.66
N GLU CA 152 113.89 89.01 -10.69
CA GLU CA 152 113.15 87.78 -10.98
C GLU CA 152 112.31 87.35 -9.76
N GLN CA 153 111.35 88.21 -9.44
CA GLN CA 153 110.57 88.06 -8.21
C GLN CA 153 109.60 86.90 -8.33
N THR CA 154 109.41 86.17 -7.24
CA THR CA 154 108.63 84.95 -7.25
C THR CA 154 107.13 85.26 -7.27
N ASN CA 155 106.39 84.39 -7.95
CA ASN CA 155 104.93 84.47 -8.01
C ASN CA 155 104.39 83.10 -8.36
N GLU CA 156 103.60 82.52 -7.46
CA GLU CA 156 103.05 81.19 -7.70
C GLU CA 156 101.96 81.22 -8.75
N LEU CA 157 101.22 82.33 -8.83
CA LEU CA 157 100.04 82.41 -9.68
C LEU CA 157 100.38 82.38 -11.16
N LYS CA 158 101.59 82.82 -11.53
CA LYS CA 158 102.07 82.66 -12.90
C LYS CA 158 102.25 81.19 -13.25
N THR CA 159 102.77 80.40 -12.30
CA THR CA 159 102.92 78.96 -12.51
C THR CA 159 101.58 78.26 -12.55
N ILE CA 160 100.61 78.71 -11.74
CA ILE CA 160 99.28 78.10 -11.79
C ILE CA 160 98.59 78.45 -13.10
N LEU CA 161 98.81 79.66 -13.63
CA LEU CA 161 98.31 80.02 -14.95
C LEU CA 161 98.93 79.16 -16.04
N ASN CA 162 100.24 78.89 -15.93
CA ASN CA 162 100.91 78.03 -16.90
C ASN CA 162 100.37 76.61 -16.83
N SER CA 163 100.10 76.12 -15.62
CA SER CA 163 99.56 74.76 -15.47
C SER CA 163 98.13 74.67 -15.99
N LEU CA 164 97.33 75.72 -15.82
CA LEU CA 164 95.99 75.72 -16.39
C LEU CA 164 96.01 75.82 -17.91
N SER CA 165 96.99 76.54 -18.46
CA SER CA 165 97.12 76.58 -19.92
C SER CA 165 97.54 75.23 -20.47
N LYS CA 166 98.42 74.53 -19.77
CA LYS CA 166 98.80 73.18 -20.18
C LYS CA 166 97.63 72.21 -20.06
N GLU CA 167 96.79 72.41 -19.03
CA GLU CA 167 95.57 71.62 -18.88
C GLU CA 167 94.60 71.87 -20.03
N LEU CA 168 94.46 73.12 -20.45
CA LEU CA 168 93.55 73.45 -21.56
C LEU CA 168 94.07 72.89 -22.88
N GLU CA 169 95.39 72.95 -23.10
CA GLU CA 169 95.95 72.38 -24.32
C GLU CA 169 95.84 70.86 -24.32
N LYS CA 170 95.99 70.22 -23.16
CA LYS CA 170 95.78 68.78 -23.08
C LYS CA 170 94.33 68.42 -23.31
N LEU CA 171 93.40 69.27 -22.89
CA LEU CA 171 91.99 69.05 -23.17
C LEU CA 171 91.67 69.27 -24.64
N ASN CA 172 92.45 70.12 -25.33
CA ASN CA 172 92.13 70.49 -26.70
C ASN CA 172 92.36 69.36 -27.70
N GLN CA 173 93.21 68.38 -27.36
CA GLN CA 173 93.51 67.32 -28.32
C GLN CA 173 92.37 66.32 -28.41
N GLN CA 174 91.70 66.03 -27.29
CA GLN CA 174 90.63 65.04 -27.29
C GLN CA 174 89.30 65.60 -27.78
N SER CA 175 89.22 66.90 -28.05
CA SER CA 175 88.00 67.47 -28.63
C SER CA 175 87.89 67.04 -30.09
N GLU CA 176 87.16 65.96 -30.34
CA GLU CA 176 87.07 65.42 -31.69
C GLU CA 176 85.92 66.04 -32.46
N VAL CA 177 85.97 65.88 -33.78
CA VAL CA 177 84.86 66.18 -34.68
C VAL CA 177 84.64 64.95 -35.54
N ASN CA 178 83.43 64.86 -36.10
CA ASN CA 178 83.04 63.88 -37.13
C ASN CA 178 83.19 62.43 -36.63
N SER CA 179 82.35 62.09 -35.66
CA SER CA 179 82.29 60.73 -35.12
C SER CA 179 80.90 60.16 -35.32
N ILE CA 180 80.84 58.93 -35.84
CA ILE CA 180 79.58 58.26 -36.09
C ILE CA 180 79.28 57.34 -34.91
N GLN CA 181 78.02 56.89 -34.82
CA GLN CA 181 77.59 56.07 -33.68
C GLN CA 181 76.49 55.14 -34.13
N ILE CA 182 76.63 53.85 -33.80
CA ILE CA 182 75.62 52.86 -34.10
C ILE CA 182 74.85 52.55 -32.82
N PHE CA 183 73.63 52.08 -32.97
CA PHE CA 183 72.79 51.69 -31.85
C PHE CA 183 71.90 50.53 -32.28
N SER CA 184 71.53 49.69 -31.32
CA SER CA 184 70.65 48.56 -31.62
C SER CA 184 69.97 48.13 -30.33
N ASP CA 185 68.64 48.18 -30.31
CA ASP CA 185 67.90 47.49 -29.29
C ASP CA 185 67.91 46.01 -29.57
N LYS CA 186 67.75 45.21 -28.51
CA LYS CA 186 67.68 43.74 -28.56
C LYS CA 186 68.95 43.15 -29.17
N LEU CA 187 70.05 43.29 -28.41
CA LEU CA 187 71.31 42.65 -28.78
C LEU CA 187 71.17 41.14 -28.90
N GLU CA 188 70.33 40.54 -28.05
CA GLU CA 188 69.88 39.18 -28.28
C GLU CA 188 68.77 39.17 -29.32
N VAL CA 189 68.73 38.11 -30.12
CA VAL CA 189 67.78 38.03 -31.22
C VAL CA 189 67.49 36.55 -31.50
N LEU CA 190 66.30 36.28 -32.04
CA LEU CA 190 65.92 34.95 -32.47
C LEU CA 190 66.32 34.74 -33.92
N LYS CA 191 65.79 33.68 -34.54
CA LYS CA 191 66.17 33.35 -35.91
C LYS CA 191 65.63 34.35 -36.91
N ASP CA 192 64.39 34.82 -36.71
CA ASP CA 192 63.75 35.71 -37.66
C ASP CA 192 63.31 37.04 -37.06
N ALA CA 193 63.80 37.38 -35.87
CA ALA CA 193 63.38 38.63 -35.25
C ALA CA 193 64.16 39.81 -35.85
N PRO CA 194 63.52 40.98 -36.00
CA PRO CA 194 64.16 42.06 -36.76
C PRO CA 194 65.36 42.71 -36.10
N ALA CA 195 65.23 43.16 -34.84
CA ALA CA 195 66.28 43.84 -34.07
C ALA CA 195 66.83 45.06 -34.83
N ARG CA 196 65.97 46.08 -34.94
CA ARG CA 196 66.21 47.25 -35.77
C ARG CA 196 67.47 48.02 -35.37
N LEU CA 197 68.46 48.00 -36.26
CA LEU CA 197 69.70 48.76 -36.09
C LEU CA 197 69.47 50.19 -36.53
N TRP CA 198 69.98 51.14 -35.77
CA TRP CA 198 69.84 52.56 -36.08
C TRP CA 198 71.21 53.23 -36.00
N GLY CA 199 71.66 53.81 -37.11
CA GLY CA 199 72.94 54.47 -37.16
C GLY CA 199 72.79 55.98 -37.20
N PHE CA 200 73.87 56.67 -36.85
CA PHE CA 200 73.90 58.12 -36.85
C PHE CA 200 75.26 58.58 -37.32
N SER CA 201 75.30 59.25 -38.47
CA SER CA 201 76.51 59.85 -39.00
C SER CA 201 76.35 61.36 -38.98
N THR CA 202 77.35 62.05 -38.43
CA THR CA 202 77.35 63.50 -38.37
C THR CA 202 78.04 64.14 -39.57
N LEU CA 203 78.23 63.38 -40.65
CA LEU CA 203 78.81 63.92 -41.87
C LEU CA 203 77.83 64.87 -42.56
N SER CA 204 78.37 65.67 -43.47
CA SER CA 204 77.54 66.61 -44.23
C SER CA 204 76.61 65.88 -45.18
N ASN CA 205 77.17 65.13 -46.12
CA ASN CA 205 76.43 64.26 -46.99
C ASN CA 205 77.15 62.92 -47.08
N ALA CA 206 76.41 61.84 -47.06
CA ALA CA 206 77.00 60.51 -47.01
C ALA CA 206 76.04 59.51 -47.63
N LYS CA 207 76.41 58.23 -47.56
CA LYS CA 207 75.53 57.15 -47.98
C LYS CA 207 75.06 56.29 -46.82
N GLU CA 208 75.84 56.23 -45.73
CA GLU CA 208 75.53 55.61 -44.42
C GLU CA 208 74.90 54.22 -44.54
N GLY CA 209 75.55 53.37 -45.32
CA GLY CA 209 75.06 52.01 -45.49
C GLY CA 209 75.39 51.09 -44.34
N PHE CA 210 74.87 49.87 -44.43
CA PHE CA 210 75.17 48.80 -43.49
C PHE CA 210 75.81 47.66 -44.26
N TYR CA 211 76.96 47.19 -43.80
CA TYR CA 211 77.68 46.12 -44.46
C TYR CA 211 77.77 44.90 -43.57
N ASN CA 212 77.72 43.73 -44.20
CA ASN CA 212 77.58 42.44 -43.53
C ASN CA 212 78.90 41.67 -43.63
N GLU CA 213 79.79 41.97 -42.69
CA GLU CA 213 80.94 41.16 -42.25
C GLU CA 213 82.10 41.07 -43.25
N ALA CA 214 81.90 41.42 -44.52
CA ALA CA 214 83.05 41.79 -45.33
C ALA CA 214 82.84 43.14 -45.99
N ASN CA 215 81.88 43.19 -46.92
CA ASN CA 215 81.43 44.46 -47.48
C ASN CA 215 79.96 44.42 -47.88
N GLU CA 216 79.22 43.37 -47.54
CA GLU CA 216 77.95 43.05 -48.20
C GLU CA 216 76.86 44.01 -47.75
N GLN CA 217 76.40 44.85 -48.68
CA GLN CA 217 75.40 45.87 -48.38
C GLN CA 217 74.05 45.23 -48.10
N ILE CA 218 73.47 45.56 -46.94
CA ILE CA 218 72.22 44.99 -46.50
C ILE CA 218 71.16 46.03 -46.24
N ALA CA 219 71.50 47.32 -46.28
CA ALA CA 219 70.53 48.38 -46.07
C ALA CA 219 70.89 49.55 -46.97
N SER CA 220 70.17 50.67 -46.80
CA SER CA 220 70.43 51.86 -47.61
C SER CA 220 70.97 53.00 -46.77
N GLY CA 221 70.24 53.45 -45.75
CA GLY CA 221 70.73 54.54 -44.93
C GLY CA 221 70.09 54.68 -43.57
N SER CA 222 70.92 54.66 -42.52
CA SER CA 222 70.63 55.02 -41.12
C SER CA 222 69.64 54.09 -40.41
N VAL CA 223 69.08 53.11 -41.11
CA VAL CA 223 68.21 52.10 -40.51
C VAL CA 223 68.52 50.76 -41.14
N CYS CA 224 68.48 49.70 -40.35
CA CYS CA 224 68.71 48.35 -40.83
C CYS CA 224 67.74 47.41 -40.13
N LEU CA 225 67.23 46.44 -40.88
CA LEU CA 225 66.35 45.41 -40.34
C LEU CA 225 67.08 44.09 -40.51
N PHE CA 226 67.60 43.56 -39.42
CA PHE CA 226 68.57 42.47 -39.49
C PHE CA 226 67.90 41.13 -39.26
N ARG CA 227 67.50 40.46 -40.34
CA ARG CA 227 67.14 39.06 -40.26
C ARG CA 227 68.41 38.22 -40.35
N SER CA 228 68.42 37.09 -39.65
CA SER CA 228 69.65 36.33 -39.47
C SER CA 228 69.63 35.00 -40.20
N ASP CA 229 68.66 34.12 -39.90
CA ASP CA 229 68.58 32.73 -40.39
C ASP CA 229 69.86 31.94 -40.10
N LYS CA 230 70.54 32.26 -39.00
CA LYS CA 230 71.80 31.64 -38.64
C LYS CA 230 71.79 31.40 -37.13
N VAL CA 231 72.96 31.07 -36.58
CA VAL CA 231 73.07 30.77 -35.16
C VAL CA 231 74.21 31.60 -34.56
N ARG CA 232 75.17 31.98 -35.41
CA ARG CA 232 76.40 32.61 -34.97
C ARG CA 232 76.17 34.05 -34.50
N LYS CA 233 77.23 34.65 -33.98
CA LYS CA 233 77.22 36.06 -33.56
C LYS CA 233 77.65 36.91 -34.74
N HIS CA 234 76.73 37.73 -35.25
CA HIS CA 234 77.02 38.54 -36.42
C HIS CA 234 77.59 39.89 -36.01
N THR CA 235 78.38 40.48 -36.92
CA THR CA 235 79.00 41.78 -36.71
C THR CA 235 78.65 42.66 -37.90
N ILE CA 236 77.83 43.68 -37.66
CA ILE CA 236 77.35 44.56 -38.71
C ILE CA 236 78.09 45.88 -38.64
N THR CA 237 78.49 46.40 -39.81
CA THR CA 237 79.32 47.60 -39.87
C THR CA 237 78.52 48.74 -40.48
N PHE CA 238 78.25 49.75 -39.68
CA PHE CA 238 77.71 51.01 -40.17
C PHE CA 238 78.83 51.78 -40.86
N LYS CA 239 78.58 52.23 -42.10
CA LYS CA 239 79.60 52.89 -42.89
C LYS CA 239 79.07 54.21 -43.42
N ALA CA 240 79.83 55.27 -43.21
CA ALA CA 240 79.50 56.60 -43.73
C ALA CA 240 80.67 57.05 -44.61
N ILE CA 241 80.48 56.99 -45.92
CA ILE CA 241 81.50 57.41 -46.86
C ILE CA 241 81.25 58.85 -47.25
N ASN CA 242 82.30 59.54 -47.69
CA ASN CA 242 82.19 60.92 -48.12
C ASN CA 242 83.27 61.18 -49.15
N THR CA 243 83.15 62.33 -49.83
CA THR CA 243 84.17 62.77 -50.77
C THR CA 243 85.48 63.12 -50.09
N LYS CA 244 85.44 63.46 -48.80
CA LYS CA 244 86.65 63.78 -48.04
C LYS CA 244 87.21 62.55 -47.33
N THR CA 245 86.42 61.94 -46.45
CA THR CA 245 86.89 60.84 -45.62
C THR CA 245 85.80 59.79 -45.54
N SER CA 246 86.00 58.81 -44.66
CA SER CA 246 85.06 57.72 -44.46
C SER CA 246 85.18 57.20 -43.05
N LEU CA 247 84.05 56.73 -42.50
CA LEU CA 247 84.01 56.21 -41.15
C LEU CA 247 83.25 54.88 -41.12
N SER CA 248 83.63 54.05 -40.15
CA SER CA 248 82.99 52.76 -39.93
C SER CA 248 82.78 52.55 -38.44
N LYS CA 249 81.80 51.69 -38.12
CA LYS CA 249 81.49 51.36 -36.74
C LYS CA 249 80.92 49.96 -36.71
N ASN CA 250 81.22 49.23 -35.64
CA ASN CA 250 80.85 47.83 -35.52
C ASN CA 250 79.79 47.65 -34.45
N ILE CA 251 78.84 46.75 -34.71
CA ILE CA 251 77.91 46.26 -33.69
C ILE CA 251 77.90 44.75 -33.76
N THR CA 252 77.61 44.11 -32.63
CA THR CA 252 77.61 42.65 -32.52
C THR CA 252 76.22 42.22 -32.07
N ILE CA 253 75.52 41.51 -32.95
CA ILE CA 253 74.19 40.98 -32.65
C ILE CA 253 74.30 39.47 -32.58
N SER CA 254 74.00 38.91 -31.42
CA SER CA 254 74.11 37.47 -31.23
C SER CA 254 72.74 36.83 -31.44
N VAL CA 255 72.74 35.72 -32.18
CA VAL CA 255 71.53 34.99 -32.52
C VAL CA 255 71.47 33.74 -31.65
N ILE CA 256 70.28 33.38 -31.18
CA ILE CA 256 70.06 32.12 -30.51
C ILE CA 256 68.87 31.42 -31.17
N ALA CA 257 68.81 30.11 -30.97
CA ALA CA 257 67.64 29.36 -31.36
C ALA CA 257 66.59 29.44 -30.26
N ASN CA 258 65.35 29.06 -30.61
CA ASN CA 258 64.27 29.06 -29.65
C ASN CA 258 64.45 27.89 -28.69
N LYS CA 259 64.51 28.20 -27.38
CA LYS CA 259 64.69 27.15 -26.38
C LYS CA 259 63.45 26.28 -26.24
N LEU CA 260 62.27 26.81 -26.57
CA LEU CA 260 61.04 26.03 -26.48
C LEU CA 260 60.94 25.03 -27.63
N LYS CA 261 61.35 25.42 -28.83
CA LYS CA 261 61.24 24.54 -29.98
C LYS CA 261 62.28 23.43 -29.94
N GLU CA 262 63.38 23.63 -29.22
CA GLU CA 262 64.42 22.62 -29.12
C GLU CA 262 63.99 21.52 -28.17
N ARG CA 263 64.11 20.27 -28.63
CA ARG CA 263 63.84 19.03 -27.89
C ARG CA 263 62.49 18.99 -27.16
N MET DA 1 29.42 64.48 -29.03
CA MET DA 1 29.83 63.68 -30.19
C MET DA 1 29.60 64.45 -31.48
N ASP DA 2 30.28 64.02 -32.54
CA ASP DA 2 29.97 64.48 -33.89
C ASP DA 2 28.98 63.51 -34.50
N THR DA 3 27.93 64.03 -35.12
CA THR DA 3 26.77 63.22 -35.45
C THR DA 3 27.03 62.32 -36.65
N THR DA 4 27.55 62.89 -37.75
CA THR DA 4 27.69 62.15 -39.00
C THR DA 4 28.78 61.08 -38.90
N ARG DA 5 29.85 61.38 -38.17
CA ARG DA 5 30.87 60.37 -37.91
C ARG DA 5 30.31 59.24 -37.04
N PHE DA 6 29.42 59.57 -36.11
CA PHE DA 6 28.74 58.55 -35.31
C PHE DA 6 27.84 57.68 -36.17
N ILE DA 7 27.14 58.28 -37.14
CA ILE DA 7 26.27 57.51 -38.03
C ILE DA 7 27.08 56.58 -38.91
N ARG DA 8 28.19 57.09 -39.46
CA ARG DA 8 29.04 56.25 -40.32
C ARG DA 8 29.70 55.13 -39.53
N ASN DA 9 30.13 55.40 -38.30
CA ASN DA 9 30.74 54.36 -37.48
C ASN DA 9 29.71 53.34 -37.02
N PHE DA 10 28.48 53.79 -36.75
CA PHE DA 10 27.39 52.88 -36.39
C PHE DA 10 27.06 51.94 -37.55
N ILE DA 11 27.01 52.49 -38.77
CA ILE DA 11 26.78 51.67 -39.96
C ILE DA 11 27.92 50.70 -40.19
N LEU DA 12 29.16 51.15 -40.01
CA LEU DA 12 30.31 50.29 -40.24
C LEU DA 12 30.40 49.18 -39.20
N PHE DA 13 30.04 49.47 -37.95
CA PHE DA 13 30.03 48.43 -36.94
C PHE DA 13 28.87 47.46 -37.11
N LYS DA 14 27.76 47.92 -37.70
CA LYS DA 14 26.71 46.98 -38.07
C LYS DA 14 27.08 46.18 -39.31
N ASP DA 15 28.02 46.65 -40.11
CA ASP DA 15 28.53 45.83 -41.21
C ASP DA 15 29.58 44.82 -40.75
N ALA DA 16 30.43 45.21 -39.79
CA ALA DA 16 31.45 44.30 -39.29
C ALA DA 16 30.84 43.17 -38.48
N LEU DA 17 30.13 43.52 -37.41
CA LEU DA 17 29.26 42.57 -36.76
C LEU DA 17 28.07 42.32 -37.67
N GLN DA 18 28.14 41.28 -38.50
CA GLN DA 18 27.06 41.04 -39.45
C GLN DA 18 25.82 40.52 -38.74
N LYS DA 19 24.66 41.01 -39.18
CA LYS DA 19 23.41 40.81 -38.44
C LYS DA 19 22.86 39.39 -38.54
N GLN DA 20 23.44 38.55 -39.39
CA GLN DA 20 23.01 37.15 -39.43
C GLN DA 20 23.45 36.40 -38.18
N ASN DA 21 24.54 36.81 -37.56
CA ASN DA 21 25.04 36.19 -36.35
C ASN DA 21 24.54 36.88 -35.09
N PHE DA 22 23.70 37.89 -35.21
CA PHE DA 22 23.36 38.74 -34.09
C PHE DA 22 21.85 38.92 -33.96
N ASN DA 23 21.37 38.85 -32.73
CA ASN DA 23 20.06 39.41 -32.41
C ASN DA 23 20.12 40.92 -32.61
N ASN DA 24 19.01 41.49 -33.10
CA ASN DA 24 19.01 42.87 -33.58
C ASN DA 24 19.24 43.88 -32.47
N LYS DA 25 18.66 43.64 -31.29
CA LYS DA 25 18.80 44.57 -30.18
C LYS DA 25 20.23 44.61 -29.66
N ASP DA 26 20.84 43.43 -29.46
CA ASP DA 26 22.22 43.38 -29.01
C ASP DA 26 23.19 43.88 -30.07
N LEU DA 27 22.85 43.67 -31.36
CA LEU DA 27 23.67 44.21 -32.44
C LEU DA 27 23.69 45.73 -32.43
N ASN DA 28 22.49 46.35 -32.33
CA ASN DA 28 22.41 47.80 -32.30
C ASN DA 28 23.05 48.37 -31.04
N THR DA 29 22.92 47.66 -29.92
CA THR DA 29 23.50 48.14 -28.66
C THR DA 29 25.02 48.08 -28.70
N THR DA 30 25.59 46.96 -29.18
CA THR DA 30 27.04 46.84 -29.26
C THR DA 30 27.63 47.80 -30.28
N SER DA 31 26.92 48.02 -31.40
CA SER DA 31 27.38 48.99 -32.38
C SER DA 31 27.32 50.41 -31.84
N MET DA 32 26.30 50.72 -31.04
CA MET DA 32 26.21 52.06 -30.45
C MET DA 32 27.30 52.29 -29.41
N GLN DA 33 27.59 51.27 -28.58
CA GLN DA 33 28.64 51.41 -27.57
C GLN DA 33 30.02 51.53 -28.22
N ALA DA 34 30.27 50.74 -29.25
CA ALA DA 34 31.54 50.84 -29.97
C ALA DA 34 31.67 52.15 -30.71
N ALA DA 35 30.56 52.71 -31.22
CA ALA DA 35 30.62 53.99 -31.90
C ALA DA 35 30.86 55.12 -30.91
N LEU DA 36 30.31 55.01 -29.70
CA LEU DA 36 30.59 56.02 -28.68
C LEU DA 36 32.04 55.97 -28.21
N GLN DA 37 32.59 54.76 -28.07
CA GLN DA 37 34.01 54.64 -27.75
C GLN DA 37 34.88 55.14 -28.89
N SER DA 38 34.43 54.96 -30.14
CA SER DA 38 35.16 55.49 -31.28
C SER DA 38 35.13 57.01 -31.32
N GLU DA 39 34.03 57.62 -30.89
CA GLU DA 39 33.99 59.08 -30.78
C GLU DA 39 34.92 59.59 -29.68
N GLN DA 40 34.93 58.89 -28.54
CA GLN DA 40 35.85 59.24 -27.45
C GLN DA 40 37.31 59.10 -27.86
N LEU DA 41 37.62 58.14 -28.73
CA LEU DA 41 38.97 58.02 -29.26
C LEU DA 41 39.26 59.08 -30.33
N ALA DA 42 38.25 59.41 -31.14
CA ALA DA 42 38.45 60.37 -32.22
C ALA DA 42 38.64 61.79 -31.72
N LEU DA 43 38.16 62.11 -30.52
CA LEU DA 43 38.50 63.39 -29.90
C LEU DA 43 40.01 63.52 -29.69
N SER DA 44 40.62 62.49 -29.10
CA SER DA 44 42.07 62.49 -28.90
C SER DA 44 42.80 62.41 -30.23
N GLU DA 45 42.19 61.77 -31.24
CA GLU DA 45 42.76 61.80 -32.60
C GLU DA 45 42.80 63.21 -33.16
N GLU DA 46 41.72 63.98 -32.95
CA GLU DA 46 41.68 65.37 -33.43
C GLU DA 46 42.74 66.22 -32.72
N SER DA 47 42.91 66.01 -31.42
CA SER DA 47 43.94 66.75 -30.68
C SER DA 47 45.34 66.39 -31.15
N GLN DA 48 45.62 65.09 -31.34
CA GLN DA 48 46.94 64.67 -31.79
C GLN DA 48 47.22 65.09 -33.22
N TYR DA 49 46.19 65.11 -34.08
CA TYR DA 49 46.40 65.53 -35.45
C TYR DA 49 46.61 67.04 -35.55
N LEU DA 50 45.95 67.82 -34.68
CA LEU DA 50 46.22 69.24 -34.61
C LEU DA 50 47.64 69.52 -34.15
N GLN DA 51 48.10 68.78 -33.14
CA GLN DA 51 49.47 68.93 -32.66
C GLN DA 51 50.49 68.53 -33.73
N SER DA 52 50.24 67.44 -34.44
CA SER DA 52 51.15 66.99 -35.48
C SER DA 52 51.17 67.94 -36.68
N GLU DA 53 50.01 68.54 -37.01
CA GLU DA 53 49.97 69.54 -38.07
C GLU DA 53 50.75 70.79 -37.67
N GLN DA 54 50.64 71.21 -36.41
CA GLN DA 54 51.40 72.37 -35.94
C GLN DA 54 52.89 72.09 -35.91
N VAL DA 55 53.29 70.86 -35.62
CA VAL DA 55 54.72 70.54 -35.62
C VAL DA 55 55.25 70.47 -37.05
N ARG DA 56 54.53 69.79 -37.94
CA ARG DA 56 55.01 69.60 -39.31
C ARG DA 56 54.91 70.86 -40.15
N ALA DA 57 54.06 71.82 -39.76
CA ALA DA 57 53.98 73.06 -40.53
C ALA DA 57 55.16 73.98 -40.23
N LYS DA 58 55.66 73.96 -39.01
CA LYS DA 58 56.70 74.88 -38.58
C LYS DA 58 58.10 74.32 -38.72
N MET DA 59 58.26 73.19 -39.42
CA MET DA 59 59.54 72.48 -39.37
C MET DA 59 60.62 73.15 -40.21
N GLN DA 60 60.25 73.71 -41.36
CA GLN DA 60 61.23 74.38 -42.22
C GLN DA 60 61.79 75.63 -41.55
N ILE DA 61 60.91 76.44 -40.95
CA ILE DA 61 61.37 77.65 -40.27
C ILE DA 61 62.13 77.29 -39.00
N ASP DA 62 61.80 76.18 -38.36
CA ASP DA 62 62.54 75.75 -37.18
C ASP DA 62 63.94 75.26 -37.55
N PHE DA 63 64.07 74.54 -38.66
CA PHE DA 63 65.40 74.12 -39.09
C PHE DA 63 66.24 75.28 -39.59
N LEU DA 64 65.60 76.27 -40.23
CA LEU DA 64 66.33 77.47 -40.62
C LEU DA 64 66.76 78.27 -39.39
N GLY DA 65 65.92 78.33 -38.37
CA GLY DA 65 66.31 78.99 -37.13
C GLY DA 65 67.40 78.26 -36.38
N MET DA 66 67.40 76.92 -36.43
CA MET DA 66 68.46 76.15 -35.79
C MET DA 66 69.79 76.32 -36.53
N GLN DA 67 69.74 76.40 -37.87
CA GLN DA 67 70.95 76.71 -38.62
C GLN DA 67 71.45 78.13 -38.36
N ALA DA 68 70.52 79.07 -38.18
CA ALA DA 68 70.92 80.43 -37.84
C ALA DA 68 71.50 80.50 -36.43
N ASN DA 69 70.99 79.70 -35.51
CA ASN DA 69 71.57 79.64 -34.17
C ASN DA 69 72.93 78.96 -34.18
N LEU DA 70 73.14 78.00 -35.08
CA LEU DA 70 74.47 77.42 -35.26
C LEU DA 70 75.45 78.44 -35.81
N GLN DA 71 74.99 79.27 -36.76
CA GLN DA 71 75.80 80.37 -37.26
C GLN DA 71 76.11 81.38 -36.17
N ASN DA 72 75.14 81.63 -35.29
CA ASN DA 72 75.36 82.55 -34.18
C ASN DA 72 76.37 82.00 -33.18
N ALA DA 73 76.28 80.70 -32.88
CA ALA DA 73 77.22 80.08 -31.95
C ALA DA 73 78.61 79.94 -32.54
N LYS DA 74 78.74 79.88 -33.86
CA LYS DA 74 80.07 79.90 -34.46
C LYS DA 74 80.64 81.32 -34.50
N ALA DA 75 79.81 82.30 -34.84
CA ALA DA 75 80.28 83.67 -34.95
C ALA DA 75 80.60 84.28 -33.59
N GLU DA 76 79.91 83.84 -32.54
CA GLU DA 76 80.23 84.33 -31.20
C GLU DA 76 81.59 83.81 -30.74
N THR DA 77 81.90 82.55 -31.06
CA THR DA 77 83.21 82.00 -30.72
C THR DA 77 84.32 82.65 -31.52
N LEU DA 78 84.05 82.94 -32.82
CA LEU DA 78 85.04 83.66 -33.63
C LEU DA 78 85.25 85.08 -33.12
N ASN DA 79 84.18 85.74 -32.68
CA ASN DA 79 84.30 87.09 -32.14
C ASN DA 79 85.04 87.09 -30.81
N LYS DA 80 84.85 86.06 -29.98
CA LYS DA 80 85.59 85.96 -28.73
C LYS DA 80 87.06 85.69 -28.99
N LEU DA 81 87.37 84.87 -30.00
CA LEU DA 81 88.77 84.64 -30.38
C LEU DA 81 89.42 85.90 -30.91
N ILE DA 82 88.68 86.69 -31.68
CA ILE DA 82 89.24 87.92 -32.26
C ILE DA 82 89.41 88.98 -31.17
N GLN DA 83 88.47 89.07 -30.22
CA GLN DA 83 88.62 89.95 -29.07
C GLN DA 83 89.81 89.55 -28.21
N CYS DA 84 90.03 88.23 -28.08
CA CYS DA 84 91.19 87.74 -27.34
C CYS DA 84 92.50 88.09 -28.03
N GLN DA 85 92.57 87.93 -29.35
CA GLN DA 85 93.78 88.29 -30.08
C GLN DA 85 94.02 89.80 -30.08
N ALA DA 86 92.94 90.59 -30.08
CA ALA DA 86 93.07 92.03 -29.97
C ALA DA 86 93.58 92.43 -28.59
N MET DA 87 93.14 91.73 -27.54
CA MET DA 87 93.68 91.96 -26.21
C MET DA 87 95.12 91.51 -26.09
N LEU DA 88 95.51 90.50 -26.87
CA LEU DA 88 96.91 90.07 -26.90
C LEU DA 88 97.80 91.13 -27.56
N LYS DA 89 97.37 91.67 -28.69
CA LYS DA 89 98.17 92.67 -29.39
C LYS DA 89 98.09 94.04 -28.75
N SER DA 90 97.05 94.32 -27.96
CA SER DA 90 96.90 95.63 -27.35
C SER DA 90 97.94 95.87 -26.25
N LEU DA 91 98.43 94.80 -25.64
CA LEU DA 91 99.51 94.93 -24.67
C LEU DA 91 100.79 95.43 -25.34
N LYS DA 92 101.14 94.82 -26.48
CA LYS DA 92 102.31 95.26 -27.24
C LYS DA 92 102.14 96.68 -27.75
N ASP DA 93 100.94 97.01 -28.25
CA ASP DA 93 100.72 98.35 -28.80
C ASP DA 93 100.74 99.42 -27.70
N ASN DA 94 100.09 99.16 -26.57
CA ASN DA 94 100.07 100.13 -25.48
C ASN DA 94 101.39 100.20 -24.73
N ALA DA 95 102.25 99.19 -24.86
CA ALA DA 95 103.61 99.33 -24.35
C ALA DA 95 104.46 100.15 -25.31
N MET DA 96 104.33 99.91 -26.61
CA MET DA 96 105.21 100.56 -27.58
C MET DA 96 104.87 102.03 -27.75
N ILE DA 97 103.58 102.39 -27.76
CA ILE DA 97 103.25 103.80 -27.92
C ILE DA 97 103.56 104.59 -26.65
N ASN DA 98 103.53 103.94 -25.49
CA ASN DA 98 103.92 104.61 -24.26
C ASN DA 98 105.42 104.80 -24.18
N ARG DA 99 106.18 103.80 -24.65
CA ARG DA 99 107.63 103.94 -24.74
C ARG DA 99 108.01 105.04 -25.72
N ALA DA 100 107.30 105.13 -26.85
CA ALA DA 100 107.56 106.18 -27.82
C ALA DA 100 107.20 107.55 -27.28
N ASN DA 101 106.09 107.65 -26.55
CA ASN DA 101 105.69 108.94 -25.97
C ASN DA 101 106.66 109.39 -24.88
N ALA DA 102 107.16 108.43 -24.09
CA ALA DA 102 108.14 108.76 -23.07
C ALA DA 102 109.46 109.18 -23.69
N LEU DA 103 109.84 108.55 -24.81
CA LEU DA 103 111.05 108.98 -25.50
C LEU DA 103 110.90 110.34 -26.14
N VAL DA 104 109.70 110.66 -26.66
CA VAL DA 104 109.44 112.00 -27.19
C VAL DA 104 109.52 113.04 -26.08
N SER DA 105 109.00 112.72 -24.90
CA SER DA 105 109.12 113.64 -23.78
C SER DA 105 110.56 113.76 -23.28
N LEU DA 106 111.34 112.69 -23.41
CA LEU DA 106 112.76 112.77 -23.03
C LEU DA 106 113.55 113.65 -23.99
N LEU DA 107 113.29 113.54 -25.30
CA LEU DA 107 113.90 114.48 -26.23
C LEU DA 107 113.33 115.88 -26.08
N GLN DA 108 112.10 116.02 -25.56
CA GLN DA 108 111.55 117.34 -25.30
C GLN DA 108 112.27 118.02 -24.14
N VAL DA 109 112.57 117.27 -23.08
CA VAL DA 109 113.33 117.87 -21.99
C VAL DA 109 114.82 118.02 -22.35
N GLN DA 110 115.34 117.20 -23.26
CA GLN DA 110 116.70 117.41 -23.74
C GLN DA 110 116.80 118.55 -24.74
N ALA DA 111 115.69 118.94 -25.35
CA ALA DA 111 115.71 120.03 -26.32
C ALA DA 111 115.88 121.38 -25.62
N ASN DA 112 114.93 121.75 -24.77
CA ASN DA 112 115.01 123.01 -24.03
C ASN DA 112 115.65 122.82 -22.67
N ALA DA 113 116.82 122.18 -22.64
CA ALA DA 113 117.49 121.90 -21.38
C ALA DA 113 118.33 123.10 -20.92
N ALA DA 114 119.36 123.44 -21.71
CA ALA DA 114 120.35 124.49 -21.41
C ALA DA 114 121.00 124.31 -20.05
N ASN DA 115 121.22 123.06 -19.63
CA ASN DA 115 121.76 122.76 -18.32
C ASN DA 115 123.06 121.96 -18.38
N GLY DA 116 123.08 120.87 -19.16
CA GLY DA 116 124.24 120.01 -19.25
C GLY DA 116 124.14 118.73 -18.45
N ILE DA 117 123.25 118.70 -17.43
CA ILE DA 117 123.04 117.49 -16.66
C ILE DA 117 122.29 116.46 -17.50
N THR DA 118 121.49 116.91 -18.47
CA THR DA 118 120.72 116.02 -19.31
C THR DA 118 121.59 115.18 -20.24
N THR DA 119 122.78 115.67 -20.60
CA THR DA 119 123.68 114.86 -21.41
C THR DA 119 124.25 113.69 -20.62
N SER DA 120 124.39 113.86 -19.30
CA SER DA 120 124.82 112.76 -18.45
C SER DA 120 123.66 111.85 -18.06
N ASN DA 121 122.45 112.40 -17.95
CA ASN DA 121 121.29 111.60 -17.60
C ASN DA 121 120.65 110.91 -18.80
N PHE DA 122 121.07 111.26 -20.01
CA PHE DA 122 120.57 110.58 -21.21
C PHE DA 122 121.05 109.15 -21.30
N GLU DA 123 122.13 108.79 -20.62
CA GLU DA 123 122.51 107.39 -20.47
C GLU DA 123 121.80 106.73 -19.30
N ALA DA 124 121.12 107.51 -18.46
CA ALA DA 124 120.44 107.00 -17.27
C ALA DA 124 118.94 106.86 -17.48
N ALA DA 125 118.29 107.90 -18.01
CA ALA DA 125 116.84 107.84 -18.22
C ALA DA 125 116.47 106.94 -19.39
N PHE DA 126 117.36 106.79 -20.37
CA PHE DA 126 117.06 105.94 -21.53
C PHE DA 126 116.97 104.47 -21.15
N LYS DA 127 117.68 104.05 -20.11
CA LYS DA 127 117.51 102.69 -19.63
C LYS DA 127 116.23 102.53 -18.82
N ILE DA 128 115.68 103.64 -18.32
CA ILE DA 128 114.35 103.59 -17.68
C ILE DA 128 113.27 103.49 -18.75
N ILE DA 129 113.44 104.20 -19.87
CA ILE DA 129 112.51 104.03 -20.98
C ILE DA 129 112.70 102.66 -21.64
N ALA DA 130 113.89 102.08 -21.52
CA ALA DA 130 114.14 100.75 -22.06
C ALA DA 130 113.43 99.65 -21.30
N GLN DA 131 113.03 99.89 -20.04
CA GLN DA 131 112.33 98.90 -19.25
C GLN DA 131 110.81 98.93 -19.46
N ILE DA 132 110.32 99.72 -20.41
CA ILE DA 132 108.90 99.69 -20.74
C ILE DA 132 108.57 98.40 -21.47
N GLY DA 133 109.34 98.08 -22.50
CA GLY DA 133 109.14 96.87 -23.28
C GLY DA 133 110.17 95.81 -22.99
N SER DA 134 110.45 95.57 -21.70
CA SER DA 134 111.47 94.60 -21.33
C SER DA 134 111.08 93.17 -21.70
N GLU DA 135 109.80 92.83 -21.62
CA GLU DA 135 109.32 91.54 -22.10
C GLU DA 135 109.05 91.54 -23.60
N TYR DA 136 109.33 92.65 -24.28
CA TYR DA 136 109.13 92.84 -25.71
C TYR DA 136 110.47 93.25 -26.31
N ASN DA 137 110.45 93.82 -27.51
CA ASN DA 137 111.69 94.24 -28.19
C ASN DA 137 112.28 95.42 -27.43
N GLN DA 138 113.10 95.10 -26.42
CA GLN DA 138 113.74 96.10 -25.60
C GLN DA 138 114.86 96.79 -26.38
N ILE DA 139 115.33 97.90 -25.83
CA ILE DA 139 116.28 98.77 -26.52
C ILE DA 139 117.46 99.04 -25.61
N THR DA 140 118.55 99.50 -26.21
CA THR DA 140 119.76 99.86 -25.47
C THR DA 140 120.43 101.03 -26.17
N LEU DA 141 121.47 101.56 -25.53
CA LEU DA 141 122.25 102.68 -26.06
C LEU DA 141 123.72 102.40 -25.82
N ASN DA 142 124.46 102.14 -26.89
CA ASN DA 142 125.88 101.85 -26.74
C ASN DA 142 126.70 103.12 -26.51
N ASN DA 143 126.73 104.03 -27.49
CA ASN DA 143 127.29 105.38 -27.33
C ASN DA 143 126.42 106.38 -28.05
N GLY DA 144 125.11 106.24 -27.95
CA GLY DA 144 124.19 107.13 -28.61
C GLY DA 144 123.42 106.54 -29.78
N ASN DA 145 123.46 105.23 -29.96
CA ASN DA 145 122.70 104.56 -31.01
C ASN DA 145 121.92 103.40 -30.41
N VAL DA 146 120.82 103.04 -31.07
CA VAL DA 146 119.91 102.01 -30.58
C VAL DA 146 120.06 100.76 -31.42
N SER DA 147 119.50 99.66 -30.92
CA SER DA 147 119.52 98.38 -31.62
C SER DA 147 118.33 97.56 -31.13
N VAL DA 148 117.37 97.31 -32.01
CA VAL DA 148 116.16 96.57 -31.64
C VAL DA 148 116.49 95.09 -31.58
N GLN DA 149 116.07 94.44 -30.50
CA GLN DA 149 116.36 93.03 -30.29
C GLN DA 149 115.36 92.12 -31.00
N GLU DA 150 114.08 92.25 -30.64
CA GLU DA 150 112.98 91.38 -31.09
C GLU DA 150 113.29 89.92 -30.77
N LYS DA 151 113.32 89.64 -29.46
CA LYS DA 151 113.85 88.40 -28.91
C LYS DA 151 113.01 87.16 -29.22
N GLU DA 152 111.82 87.32 -29.82
CA GLU DA 152 110.87 86.24 -30.12
C GLU DA 152 110.51 85.46 -28.85
N GLN DA 153 109.87 86.17 -27.92
CA GLN DA 153 109.60 85.64 -26.59
C GLN DA 153 108.52 84.58 -26.64
N THR DA 154 108.67 83.55 -25.83
CA THR DA 154 107.79 82.39 -25.87
C THR DA 154 106.46 82.69 -25.20
N ASN DA 155 105.40 82.09 -25.74
CA ASN DA 155 104.06 82.19 -25.18
C ASN DA 155 103.26 81.01 -25.65
N GLU DA 156 102.80 80.17 -24.72
CA GLU DA 156 102.03 78.99 -25.09
C GLU DA 156 100.62 79.36 -25.55
N LEU DA 157 100.07 80.44 -25.00
CA LEU DA 157 98.67 80.79 -25.23
C LEU DA 157 98.42 81.22 -26.67
N LYS DA 158 99.44 81.76 -27.35
CA LYS DA 158 99.32 82.03 -28.77
C LYS DA 158 99.17 80.74 -29.58
N THR DA 159 99.91 79.71 -29.19
CA THR DA 159 99.78 78.41 -29.86
C THR DA 159 98.44 77.74 -29.55
N ILE DA 160 97.93 77.93 -28.33
CA ILE DA 160 96.61 77.37 -28.00
C ILE DA 160 95.51 78.12 -28.76
N LEU DA 161 95.67 79.43 -28.95
CA LEU DA 161 94.75 80.19 -29.80
C LEU DA 161 94.80 79.72 -31.24
N ASN DA 162 96.01 79.43 -31.75
CA ASN DA 162 96.13 78.92 -33.11
C ASN DA 162 95.48 77.55 -33.25
N SER DA 163 95.63 76.70 -32.23
CA SER DA 163 95.02 75.37 -32.27
C SER DA 163 93.50 75.45 -32.18
N LEU DA 164 92.97 76.40 -31.39
CA LEU DA 164 91.52 76.58 -31.35
C LEU DA 164 90.97 77.16 -32.64
N SER DA 165 91.75 78.02 -33.32
CA SER DA 165 91.32 78.52 -34.62
C SER DA 165 91.31 77.40 -35.66
N LYS DA 166 92.30 76.51 -35.60
CA LYS DA 166 92.31 75.36 -36.50
C LYS DA 166 91.15 74.41 -36.21
N GLU DA 167 90.81 74.28 -34.92
CA GLU DA 167 89.65 73.48 -34.53
C GLU DA 167 88.35 74.08 -35.06
N LEU DA 168 88.23 75.41 -35.01
CA LEU DA 168 87.03 76.07 -35.50
C LEU DA 168 86.91 75.95 -37.01
N GLU DA 169 88.04 76.08 -37.72
CA GLU DA 169 88.01 75.93 -39.18
C GLU DA 169 87.71 74.50 -39.58
N LYS DA 170 88.21 73.51 -38.80
CA LYS DA 170 87.86 72.13 -39.07
C LYS DA 170 86.40 71.85 -38.79
N LEU DA 171 85.82 72.53 -37.80
CA LEU DA 171 84.39 72.42 -37.55
C LEU DA 171 83.56 73.10 -38.62
N ASN DA 172 84.12 74.12 -39.28
CA ASN DA 172 83.36 74.91 -40.24
C ASN DA 172 83.04 74.15 -41.53
N GLN DA 173 83.81 73.12 -41.86
CA GLN DA 173 83.58 72.41 -43.11
C GLN DA 173 82.37 71.48 -43.02
N GLN DA 174 82.16 70.87 -41.87
CA GLN DA 174 81.05 69.93 -41.72
C GLN DA 174 79.71 70.61 -41.44
N SER DA 175 79.70 71.93 -41.27
CA SER DA 175 78.45 72.66 -41.11
C SER DA 175 77.72 72.73 -42.45
N GLU DA 176 76.82 71.78 -42.70
CA GLU DA 176 76.15 71.69 -43.98
C GLU DA 176 74.89 72.54 -44.00
N VAL DA 177 74.41 72.80 -45.22
CA VAL DA 177 73.08 73.37 -45.46
C VAL DA 177 72.39 72.48 -46.48
N ASN DA 178 71.06 72.58 -46.50
CA ASN DA 178 70.19 71.98 -47.51
C ASN DA 178 70.33 70.45 -47.56
N SER DA 179 69.88 69.81 -46.48
CA SER DA 179 69.86 68.36 -46.38
C SER DA 179 68.43 67.87 -46.15
N ILE DA 180 68.01 66.88 -46.93
CA ILE DA 180 66.68 66.32 -46.82
C ILE DA 180 66.73 65.08 -45.95
N GLN DA 181 65.56 64.63 -45.49
CA GLN DA 181 65.49 63.50 -44.58
C GLN DA 181 64.19 62.75 -44.79
N ILE DA 182 64.28 61.44 -44.92
CA ILE DA 182 63.10 60.58 -45.06
C ILE DA 182 62.86 59.88 -43.73
N PHE DA 183 61.61 59.49 -43.50
CA PHE DA 183 61.23 58.77 -42.30
C PHE DA 183 60.10 57.81 -42.66
N SER DA 184 60.02 56.72 -41.91
CA SER DA 184 58.96 55.74 -42.14
C SER DA 184 58.77 54.92 -40.87
N ASP DA 185 57.56 54.97 -40.31
CA ASP DA 185 57.19 54.00 -39.31
C ASP DA 185 56.90 52.67 -39.99
N LYS DA 186 57.05 51.58 -39.23
CA LYS DA 186 56.77 50.21 -39.67
C LYS DA 186 57.63 49.84 -40.90
N LEU DA 187 58.94 49.72 -40.63
CA LEU DA 187 59.87 49.22 -41.65
C LEU DA 187 59.49 47.83 -42.13
N GLU DA 188 58.97 47.00 -41.23
CA GLU DA 188 58.29 45.78 -41.64
C GLU DA 188 56.88 46.11 -42.10
N VAL DA 189 56.40 45.35 -43.09
CA VAL DA 189 55.09 45.63 -43.68
C VAL DA 189 54.53 44.32 -44.22
N LEU DA 190 53.21 44.24 -44.29
CA LEU DA 190 52.52 43.11 -44.89
C LEU DA 190 52.30 43.38 -46.37
N LYS DA 191 51.44 42.57 -47.01
CA LYS DA 191 51.21 42.68 -48.44
C LYS DA 191 50.47 43.96 -48.80
N ASP DA 192 49.47 44.35 -48.00
CA ASP DA 192 48.64 45.49 -48.30
C ASP DA 192 48.65 46.57 -47.21
N ALA DA 193 49.60 46.51 -46.29
CA ALA DA 193 49.61 47.50 -45.21
C ALA DA 193 50.24 48.80 -45.70
N PRO DA 194 49.76 49.96 -45.24
CA PRO DA 194 50.19 51.23 -45.85
C PRO DA 194 51.63 51.62 -45.57
N ALA DA 195 52.06 51.65 -44.30
CA ALA DA 195 53.40 52.05 -43.86
C ALA DA 195 53.77 53.45 -44.39
N ARG DA 196 53.07 54.44 -43.84
CA ARG DA 196 53.13 55.83 -44.31
C ARG DA 196 54.54 56.43 -44.26
N LEU DA 197 55.10 56.70 -45.44
CA LEU DA 197 56.40 57.34 -45.58
C LEU DA 197 56.20 58.85 -45.45
N TRP DA 198 57.09 59.50 -44.72
CA TRP DA 198 57.03 60.95 -44.53
C TRP DA 198 58.40 61.55 -44.82
N GLY DA 199 58.46 62.44 -45.79
CA GLY DA 199 59.69 63.10 -46.16
C GLY DA 199 59.74 64.53 -45.71
N PHE DA 200 60.96 65.08 -45.64
CA PHE DA 200 61.18 66.45 -45.24
C PHE DA 200 62.31 67.04 -46.06
N SER DA 201 61.98 68.04 -46.88
CA SER DA 201 62.96 68.77 -47.65
C SER DA 201 63.02 70.19 -47.13
N THR DA 202 64.23 70.67 -46.87
CA THR DA 202 64.45 72.03 -46.39
C THR DA 202 64.72 73.01 -47.53
N LEU DA 203 64.37 72.63 -48.76
CA LEU DA 203 64.50 73.53 -49.90
C LEU DA 203 63.47 74.65 -49.83
N SER DA 204 63.71 75.70 -50.61
CA SER DA 204 62.79 76.83 -50.64
C SER DA 204 61.48 76.45 -51.31
N ASN DA 205 61.55 76.04 -52.58
CA ASN DA 205 60.40 75.48 -53.28
C ASN DA 205 60.86 74.25 -54.04
N ALA DA 206 60.04 73.21 -54.04
CA ALA DA 206 60.43 71.94 -54.61
C ALA DA 206 59.18 71.19 -55.06
N LYS DA 207 59.38 69.94 -55.51
CA LYS DA 207 58.28 69.05 -55.83
C LYS DA 207 58.17 67.88 -54.87
N GLU DA 208 59.30 67.47 -54.27
CA GLU DA 208 59.43 66.47 -53.18
C GLU DA 208 58.64 65.19 -53.44
N GLY DA 209 58.81 64.62 -54.62
CA GLY DA 209 58.12 63.41 -54.97
C GLY DA 209 58.75 62.16 -54.36
N PHE DA 210 58.07 61.04 -54.58
CA PHE DA 210 58.57 59.72 -54.20
C PHE DA 210 58.70 58.89 -55.46
N TYR DA 211 59.87 58.28 -55.65
CA TYR DA 211 60.15 57.48 -56.83
C TYR DA 211 60.41 56.02 -56.45
N ASN DA 212 59.96 55.12 -57.33
CA ASN DA 212 59.92 53.69 -57.05
C ASN DA 212 60.99 52.99 -57.89
N GLU DA 213 62.21 52.96 -57.35
CA GLU DA 213 63.32 52.07 -57.67
C GLU DA 213 63.99 52.29 -59.03
N ALA DA 214 63.36 53.01 -59.95
CA ALA DA 214 64.14 53.63 -61.01
C ALA DA 214 63.88 55.11 -61.11
N ASN DA 215 62.65 55.46 -61.52
CA ASN DA 215 62.19 56.84 -61.46
C ASN DA 215 60.68 56.94 -61.22
N GLU DA 216 60.00 55.84 -60.92
CA GLU DA 216 58.55 55.75 -61.07
C GLU DA 216 57.85 56.52 -59.96
N GLN DA 217 57.19 57.61 -60.34
CA GLN DA 217 56.52 58.49 -59.39
C GLN DA 217 55.31 57.80 -58.78
N ILE DA 218 55.27 57.75 -57.45
CA ILE DA 218 54.21 57.06 -56.72
C ILE DA 218 53.48 57.98 -55.75
N ALA DA 219 53.95 59.21 -55.56
CA ALA DA 219 53.28 60.15 -54.68
C ALA DA 219 53.42 61.55 -55.26
N SER DA 220 52.97 62.55 -54.51
CA SER DA 220 53.06 63.93 -54.97
C SER DA 220 54.02 64.76 -54.12
N GLY DA 221 53.80 64.86 -52.82
CA GLY DA 221 54.71 65.62 -52.00
C GLY DA 221 54.67 65.33 -50.51
N SER DA 222 55.82 64.98 -49.95
CA SER DA 222 56.14 64.88 -48.51
C SER DA 222 55.38 63.78 -47.76
N VAL DA 223 54.48 63.06 -48.43
CA VAL DA 223 53.78 61.92 -47.84
C VAL DA 223 53.64 60.85 -48.90
N CYS DA 224 53.78 59.59 -48.50
CA CYS DA 224 53.61 58.47 -49.40
C CYS DA 224 52.89 57.36 -48.67
N LEU DA 225 52.00 56.68 -49.39
CA LEU DA 225 51.26 55.53 -48.87
C LEU DA 225 51.69 54.34 -49.70
N PHE DA 226 52.52 53.48 -49.12
CA PHE DA 226 53.23 52.47 -49.89
C PHE DA 226 52.53 51.12 -49.80
N ARG DA 227 51.66 50.84 -50.77
CA ARG DA 227 51.19 49.48 -50.96
C ARG DA 227 52.20 48.71 -51.79
N SER DA 228 52.32 47.42 -51.51
CA SER DA 228 53.42 46.63 -52.08
C SER DA 228 52.95 45.59 -53.09
N ASP DA 229 52.07 44.68 -52.69
CA ASP DA 229 51.63 43.52 -53.49
C ASP DA 229 52.80 42.67 -53.98
N LYS DA 230 53.89 42.62 -53.21
CA LYS DA 230 55.10 41.91 -53.58
C LYS DA 230 55.63 41.20 -52.34
N VAL DA 231 56.87 40.71 -52.44
CA VAL DA 231 57.48 39.98 -51.33
C VAL DA 231 58.86 40.57 -51.04
N ARG DA 232 59.46 41.20 -52.04
CA ARG DA 232 60.84 41.65 -51.98
C ARG DA 232 60.99 42.88 -51.08
N LYS DA 233 62.24 43.28 -50.86
CA LYS DA 233 62.58 44.48 -50.09
C LYS DA 233 62.62 45.66 -51.05
N HIS DA 234 61.69 46.61 -50.88
CA HIS DA 234 61.62 47.74 -51.78
C HIS DA 234 62.48 48.89 -51.27
N THR DA 235 62.92 49.73 -52.20
CA THR DA 235 63.74 50.89 -51.89
C THR DA 235 63.09 52.11 -52.53
N ILE DA 236 62.57 53.00 -51.70
CA ILE DA 236 61.83 54.17 -52.16
C ILE DA 236 62.71 55.39 -52.03
N THR DA 237 62.70 56.25 -53.04
CA THR DA 237 63.59 57.41 -53.08
C THR DA 237 62.78 58.69 -52.96
N PHE DA 238 62.96 59.40 -51.86
CA PHE DA 238 62.46 60.75 -51.71
C PHE DA 238 63.31 61.70 -52.54
N LYS DA 239 62.67 62.51 -53.38
CA LYS DA 239 63.38 63.39 -54.29
C LYS DA 239 62.87 64.81 -54.15
N ALA DA 240 63.79 65.75 -53.98
CA ALA DA 240 63.46 67.17 -53.91
C ALA DA 240 64.25 67.87 -55.01
N ILE DA 241 63.56 68.24 -56.09
CA ILE DA 241 64.20 68.93 -57.20
C ILE DA 241 64.00 70.43 -57.01
N ASN DA 242 64.89 71.21 -57.62
CA ASN DA 242 64.80 72.66 -57.55
C ASN DA 242 65.44 73.24 -58.81
N THR DA 243 65.21 74.53 -59.03
CA THR DA 243 65.84 75.25 -60.13
C THR DA 243 67.35 75.35 -59.96
N LYS DA 244 67.85 75.27 -58.74
CA LYS DA 244 69.29 75.33 -58.47
C LYS DA 244 69.91 73.94 -58.44
N THR DA 245 69.46 73.09 -57.53
CA THR DA 245 70.06 71.78 -57.32
C THR DA 245 68.94 70.75 -57.11
N SER DA 246 69.34 69.54 -56.70
CA SER DA 246 68.41 68.45 -56.47
C SER DA 246 68.98 67.51 -55.44
N LEU DA 247 68.11 66.90 -54.65
CA LEU DA 247 68.51 65.97 -53.61
C LEU DA 247 67.67 64.71 -53.66
N SER DA 248 68.27 63.61 -53.21
CA SER DA 248 67.60 62.31 -53.13
C SER DA 248 67.95 61.65 -51.82
N LYS DA 249 67.07 60.74 -51.40
CA LYS DA 249 67.27 59.98 -50.16
C LYS DA 249 66.58 58.64 -50.31
N ASN DA 250 67.17 57.60 -49.71
CA ASN DA 250 66.68 56.25 -49.86
C ASN DA 250 66.10 55.74 -48.55
N ILE DA 251 65.02 54.97 -48.66
CA ILE DA 251 64.50 54.19 -47.55
C ILE DA 251 64.26 52.78 -48.04
N THR DA 252 64.34 51.82 -47.12
CA THR DA 252 64.19 50.41 -47.45
C THR DA 252 63.04 49.84 -46.62
N ILE DA 253 61.97 49.46 -47.30
CA ILE DA 253 60.80 48.88 -46.66
C ILE DA 253 60.73 47.41 -47.08
N SER DA 254 60.83 46.52 -46.12
CA SER DA 254 60.80 45.09 -46.41
C SER DA 254 59.40 44.54 -46.22
N VAL DA 255 58.96 43.73 -47.18
CA VAL DA 255 57.63 43.15 -47.19
C VAL DA 255 57.76 41.69 -46.78
N ILE DA 256 56.78 41.21 -45.99
CA ILE DA 256 56.67 39.79 -45.68
C ILE DA 256 55.25 39.34 -45.98
N ALA DA 257 55.10 38.04 -46.16
CA ALA DA 257 53.77 37.46 -46.24
C ALA DA 257 53.25 37.18 -44.84
N ASN DA 258 51.95 36.95 -44.75
CA ASN DA 258 51.31 36.64 -43.48
C ASN DA 258 51.70 35.22 -43.05
N LYS DA 259 52.29 35.10 -41.86
CA LYS DA 259 52.69 33.79 -41.37
C LYS DA 259 51.51 32.93 -40.99
N LEU DA 260 50.37 33.54 -40.64
CA LEU DA 260 49.18 32.77 -40.30
C LEU DA 260 48.52 32.19 -41.54
N LYS DA 261 48.49 32.95 -42.64
CA LYS DA 261 47.82 32.47 -43.85
C LYS DA 261 48.64 31.40 -44.56
N GLU DA 262 49.96 31.37 -44.32
CA GLU DA 262 50.81 30.37 -44.94
C GLU DA 262 50.64 29.02 -44.26
N ARG DA 263 50.40 27.98 -45.07
CA ARG DA 263 50.27 26.57 -44.69
C ARG DA 263 49.33 26.30 -43.52
N MET EA 1 24.29 70.22 -18.63
CA MET EA 1 24.12 69.81 -20.02
C MET EA 1 23.52 70.95 -20.84
N ASP EA 2 23.67 70.88 -22.16
CA ASP EA 2 22.94 71.75 -23.07
C ASP EA 2 21.68 71.01 -23.48
N THR EA 3 20.55 71.71 -23.44
CA THR EA 3 19.26 71.04 -23.50
C THR EA 3 18.91 70.58 -24.91
N THR EA 4 19.06 71.47 -25.90
CA THR EA 4 18.61 71.15 -27.25
C THR EA 4 19.50 70.10 -27.91
N ARG EA 5 20.80 70.14 -27.63
CA ARG EA 5 21.70 69.09 -28.10
C ARG EA 5 21.37 67.75 -27.45
N PHE EA 6 20.95 67.78 -26.18
CA PHE EA 6 20.51 66.56 -25.51
C PHE EA 6 19.24 66.01 -26.15
N ILE EA 7 18.30 66.89 -26.53
CA ILE EA 7 17.06 66.45 -27.16
C ILE EA 7 17.35 65.84 -28.52
N ARG EA 8 18.22 66.48 -29.32
CA ARG EA 8 18.56 65.96 -30.64
C ARG EA 8 19.32 64.64 -30.54
N ASN EA 9 20.22 64.51 -29.56
CA ASN EA 9 20.95 63.26 -29.40
C ASN EA 9 20.05 62.16 -28.87
N PHE EA 10 19.09 62.50 -28.00
CA PHE EA 10 18.11 61.52 -27.53
C PHE EA 10 17.24 61.00 -28.67
N ILE EA 11 16.80 61.91 -29.55
CA ILE EA 11 16.02 61.52 -30.72
C ILE EA 11 16.86 60.65 -31.66
N LEU EA 12 18.12 61.02 -31.88
CA LEU EA 12 18.97 60.27 -32.79
C LEU EA 12 19.30 58.88 -32.24
N PHE EA 13 19.48 58.77 -30.92
CA PHE EA 13 19.74 57.46 -30.33
C PHE EA 13 18.48 56.60 -30.29
N LYS EA 14 17.30 57.23 -30.22
CA LYS EA 14 16.06 56.46 -30.40
C LYS EA 14 15.83 56.08 -31.85
N ASP EA 15 16.45 56.78 -32.79
CA ASP EA 15 16.38 56.34 -34.18
C ASP EA 15 17.38 55.24 -34.50
N ALA EA 16 18.58 55.30 -33.89
CA ALA EA 16 19.60 54.28 -34.14
C ALA EA 16 19.19 52.96 -33.50
N LEU EA 17 18.99 52.96 -32.19
CA LEU EA 17 18.32 51.84 -31.55
C LEU EA 17 16.86 51.90 -31.93
N GLN EA 18 16.46 51.18 -32.97
CA GLN EA 18 15.09 51.26 -33.44
C GLN EA 18 14.15 50.55 -32.46
N LYS EA 19 12.98 51.15 -32.24
CA LYS EA 19 12.10 50.74 -31.15
C LYS EA 19 11.36 49.43 -31.42
N GLN EA 20 11.47 48.88 -32.64
CA GLN EA 20 10.88 47.58 -32.89
C GLN EA 20 11.64 46.47 -32.20
N ASN EA 21 12.94 46.67 -31.99
CA ASN EA 21 13.78 45.68 -31.31
C ASN EA 21 13.89 45.93 -29.82
N PHE EA 22 13.21 46.94 -29.29
CA PHE EA 22 13.44 47.40 -27.94
C PHE EA 22 12.13 47.54 -27.17
N ASN EA 23 12.15 47.09 -25.92
CA ASN EA 23 11.16 47.52 -24.96
C ASN EA 23 11.32 49.03 -24.72
N ASN EA 24 10.20 49.73 -24.53
CA ASN EA 24 10.20 51.19 -24.57
C ASN EA 24 10.96 51.79 -23.40
N LYS EA 25 10.85 51.20 -22.21
CA LYS EA 25 11.53 51.73 -21.03
C LYS EA 25 13.04 51.60 -21.16
N ASP EA 26 13.51 50.41 -21.55
CA ASP EA 26 14.95 50.21 -21.74
C ASP EA 26 15.49 51.02 -22.92
N LEU EA 27 14.66 51.23 -23.94
CA LEU EA 27 15.06 52.08 -25.07
C LEU EA 27 15.29 53.52 -24.62
N ASN EA 28 14.32 54.07 -23.89
CA ASN EA 28 14.44 55.45 -23.41
C ASN EA 28 15.58 55.59 -22.41
N THR EA 29 15.80 54.56 -21.58
CA THR EA 29 16.88 54.62 -20.59
C THR EA 29 18.24 54.56 -21.25
N THR EA 30 18.43 53.65 -22.22
CA THR EA 30 19.72 53.55 -22.91
C THR EA 30 19.99 54.79 -23.76
N SER EA 31 18.94 55.35 -24.38
CA SER EA 31 19.11 56.58 -25.15
C SER EA 31 19.46 57.75 -24.25
N MET EA 32 18.87 57.80 -23.04
CA MET EA 32 19.18 58.88 -22.11
C MET EA 32 20.61 58.77 -21.58
N GLN EA 33 21.05 57.55 -21.27
CA GLN EA 33 22.42 57.36 -20.77
C GLN EA 33 23.45 57.67 -21.86
N ALA EA 34 23.19 57.23 -23.09
CA ALA EA 34 24.09 57.55 -24.20
C ALA EA 34 24.09 59.03 -24.52
N ALA EA 35 22.95 59.71 -24.36
CA ALA EA 35 22.93 61.15 -24.60
C ALA EA 35 23.67 61.92 -23.51
N LEU EA 36 23.61 61.44 -22.28
CA LEU EA 36 24.38 62.07 -21.21
C LEU EA 36 25.88 61.87 -21.40
N GLN EA 37 26.29 60.67 -21.84
CA GLN EA 37 27.70 60.45 -22.18
C GLN EA 37 28.12 61.28 -23.38
N SER EA 38 27.21 61.50 -24.33
CA SER EA 38 27.51 62.36 -25.47
C SER EA 38 27.67 63.81 -25.05
N GLU EA 39 26.90 64.27 -24.06
CA GLU EA 39 27.10 65.62 -23.53
C GLU EA 39 28.44 65.75 -22.80
N GLN EA 40 28.80 64.72 -22.02
CA GLN EA 40 30.09 64.71 -21.34
C GLN EA 40 31.26 64.70 -22.33
N LEU EA 41 31.07 64.07 -23.48
CA LEU EA 41 32.10 64.11 -24.52
C LEU EA 41 32.09 65.44 -25.27
N ALA EA 42 30.90 66.03 -25.47
CA ALA EA 42 30.80 67.27 -26.22
C ALA EA 42 31.35 68.46 -25.46
N LEU EA 43 31.41 68.39 -24.12
CA LEU EA 43 32.13 69.41 -23.35
C LEU EA 43 33.61 69.45 -23.74
N SER EA 44 34.26 68.29 -23.77
CA SER EA 44 35.65 68.22 -24.19
C SER EA 44 35.81 68.56 -25.66
N GLU EA 45 34.78 68.28 -26.47
CA GLU EA 45 34.79 68.72 -27.87
C GLU EA 45 34.79 70.25 -27.97
N GLU EA 46 33.99 70.92 -27.14
CA GLU EA 46 33.96 72.38 -27.14
C GLU EA 46 35.31 72.95 -26.72
N SER EA 47 35.93 72.35 -25.70
CA SER EA 47 37.25 72.81 -25.26
C SER EA 47 38.31 72.62 -26.35
N GLN EA 48 38.32 71.44 -26.99
CA GLN EA 48 39.30 71.18 -28.03
C GLN EA 48 39.07 72.02 -29.28
N TYR EA 49 37.80 72.31 -29.60
CA TYR EA 49 37.52 73.15 -30.75
C TYR EA 49 37.87 74.61 -30.49
N LEU EA 50 37.70 75.07 -29.25
CA LEU EA 50 38.16 76.41 -28.89
C LEU EA 50 39.67 76.52 -28.98
N GLN EA 51 40.39 75.49 -28.51
CA GLN EA 51 41.85 75.48 -28.59
C GLN EA 51 42.32 75.44 -30.05
N SER EA 52 41.66 74.62 -30.88
CA SER EA 52 42.04 74.52 -32.29
C SER EA 52 41.72 75.79 -33.06
N GLU EA 53 40.63 76.47 -32.71
CA GLU EA 53 40.32 77.75 -33.31
C GLU EA 53 41.34 78.81 -32.94
N GLN EA 54 41.78 78.81 -31.67
CA GLN EA 54 42.80 79.77 -31.24
C GLN EA 54 44.14 79.49 -31.90
N VAL EA 55 44.46 78.22 -32.16
CA VAL EA 55 45.72 77.92 -32.82
C VAL EA 55 45.66 78.29 -34.30
N ARG EA 56 44.56 77.92 -34.98
CA ARG EA 56 44.46 78.18 -36.42
C ARG EA 56 44.22 79.65 -36.74
N ALA EA 57 43.72 80.44 -35.79
CA ALA EA 57 43.50 81.85 -36.07
C ALA EA 57 44.82 82.63 -36.04
N LYS EA 58 45.74 82.23 -35.17
CA LYS EA 58 46.98 82.96 -34.95
C LYS EA 58 48.14 82.46 -35.80
N MET EA 59 47.87 81.61 -36.80
CA MET EA 59 48.97 80.91 -37.47
C MET EA 59 49.71 81.81 -38.44
N GLN EA 60 49.01 82.71 -39.14
CA GLN EA 60 49.67 83.60 -40.08
C GLN EA 60 50.61 84.57 -39.38
N ILE EA 61 50.13 85.16 -38.27
CA ILE EA 61 50.97 86.08 -37.51
C ILE EA 61 52.11 85.35 -36.83
N ASP EA 62 51.89 84.08 -36.45
CA ASP EA 62 52.97 83.30 -35.84
C ASP EA 62 54.05 82.96 -36.87
N PHE EA 63 53.65 82.63 -38.09
CA PHE EA 63 54.65 82.34 -39.13
C PHE EA 63 55.38 83.60 -39.56
N LEU EA 64 54.68 84.75 -39.59
CA LEU EA 64 55.35 86.01 -39.87
C LEU EA 64 56.32 86.38 -38.75
N GLY EA 65 55.96 86.11 -37.50
CA GLY EA 65 56.87 86.35 -36.39
C GLY EA 65 58.05 85.42 -36.38
N MET EA 66 57.86 84.17 -36.82
CA MET EA 66 58.97 83.23 -36.91
C MET EA 66 59.93 83.62 -38.04
N GLN EA 67 59.39 84.11 -39.16
CA GLN EA 67 60.26 84.62 -40.22
C GLN EA 67 60.98 85.89 -39.77
N ALA EA 68 60.34 86.74 -38.98
CA ALA EA 68 61.00 87.92 -38.45
C ALA EA 68 62.08 87.55 -37.45
N ASN EA 69 61.85 86.48 -36.67
CA ASN EA 69 62.89 86.01 -35.76
C ASN EA 69 64.05 85.36 -36.51
N LEU EA 70 63.77 84.73 -37.65
CA LEU EA 70 64.84 84.22 -38.50
C LEU EA 70 65.67 85.37 -39.08
N GLN EA 71 64.98 86.45 -39.49
CA GLN EA 71 65.68 87.65 -39.94
C GLN EA 71 66.52 88.26 -38.83
N ASN EA 72 66.00 88.23 -37.60
CA ASN EA 72 66.73 88.76 -36.46
C ASN EA 72 67.97 87.91 -36.16
N ALA EA 73 67.83 86.58 -36.23
CA ALA EA 73 68.97 85.71 -35.98
C ALA EA 73 70.00 85.75 -37.09
N LYS EA 74 69.60 86.11 -38.31
CA LYS EA 74 70.60 86.31 -39.36
C LYS EA 74 71.29 87.66 -39.22
N ALA EA 75 70.53 88.71 -38.90
CA ALA EA 75 71.09 90.05 -38.80
C ALA EA 75 71.99 90.19 -37.57
N GLU EA 76 71.70 89.45 -36.50
CA GLU EA 76 72.56 89.48 -35.33
C GLU EA 76 73.91 88.84 -35.63
N THR EA 77 73.92 87.74 -36.38
CA THR EA 77 75.17 87.10 -36.77
C THR EA 77 75.96 87.98 -37.75
N LEU EA 78 75.27 88.65 -38.66
CA LEU EA 78 75.94 89.58 -39.57
C LEU EA 78 76.52 90.77 -38.81
N ASN EA 79 75.80 91.27 -37.80
CA ASN EA 79 76.29 92.37 -37.00
C ASN EA 79 77.48 91.96 -36.14
N LYS EA 80 77.47 90.72 -35.64
CA LYS EA 80 78.63 90.23 -34.87
C LYS EA 80 79.85 90.05 -35.77
N LEU EA 81 79.64 89.59 -37.01
CA LEU EA 81 80.73 89.47 -37.97
C LEU EA 81 81.30 90.84 -38.33
N ILE EA 82 80.43 91.84 -38.48
CA ILE EA 82 80.88 93.18 -38.85
C ILE EA 82 81.59 93.85 -37.67
N GLN EA 83 81.10 93.62 -36.45
CA GLN EA 83 81.80 94.11 -35.25
C GLN EA 83 83.15 93.44 -35.10
N CYS EA 84 83.24 92.16 -35.45
CA CYS EA 84 84.51 91.44 -35.41
C CYS EA 84 85.50 91.98 -36.45
N GLN EA 85 85.03 92.26 -37.66
CA GLN EA 85 85.91 92.83 -38.69
C GLN EA 85 86.33 94.25 -38.35
N ALA EA 86 85.44 95.00 -37.69
CA ALA EA 86 85.80 96.35 -37.23
C ALA EA 86 86.84 96.27 -36.12
N MET EA 87 86.75 95.28 -35.24
CA MET EA 87 87.78 95.10 -34.23
C MET EA 87 89.08 94.62 -34.84
N LEU EA 88 89.01 93.90 -35.96
CA LEU EA 88 90.22 93.50 -36.68
C LEU EA 88 90.92 94.70 -37.30
N LYS EA 89 90.16 95.57 -37.96
CA LYS EA 89 90.76 96.73 -38.61
C LYS EA 89 91.12 97.85 -37.62
N SER EA 90 90.50 97.86 -36.44
CA SER EA 90 90.77 98.92 -35.48
C SER EA 90 92.17 98.79 -34.88
N LEU EA 91 92.72 97.57 -34.84
CA LEU EA 91 94.10 97.40 -34.39
C LEU EA 91 95.07 98.08 -35.34
N LYS EA 92 94.88 97.86 -36.66
CA LYS EA 92 95.71 98.49 -37.66
C LYS EA 92 95.55 100.01 -37.63
N ASP EA 93 94.31 100.49 -37.49
CA ASP EA 93 94.07 101.93 -37.49
C ASP EA 93 94.66 102.60 -36.24
N ASN EA 94 94.46 102.00 -35.07
CA ASN EA 94 94.98 102.58 -33.84
C ASN EA 94 96.48 102.40 -33.71
N ALA EA 95 97.08 101.47 -34.45
CA ALA EA 95 98.54 101.45 -34.51
C ALA EA 95 99.07 102.53 -35.45
N MET EA 96 98.41 102.70 -36.60
CA MET EA 96 98.93 103.62 -37.61
C MET EA 96 98.75 105.08 -37.21
N ILE EA 97 97.61 105.42 -36.59
CA ILE EA 97 97.44 106.82 -36.20
C ILE EA 97 98.31 107.16 -34.99
N ASN EA 98 98.63 106.17 -34.15
CA ASN EA 98 99.54 106.43 -33.04
C ASN EA 98 100.97 106.57 -33.53
N ARG EA 99 101.36 105.77 -34.53
CA ARG EA 99 102.68 105.93 -35.15
C ARG EA 99 102.79 107.28 -35.85
N ALA EA 100 101.72 107.72 -36.51
CA ALA EA 100 101.73 109.03 -37.17
C ALA EA 100 101.79 110.16 -36.16
N ASN EA 101 101.06 110.03 -35.04
CA ASN EA 101 101.09 111.07 -34.01
C ASN EA 101 102.44 111.14 -33.33
N ALA EA 102 103.08 109.99 -33.10
CA ALA EA 102 104.41 109.96 -32.53
C ALA EA 102 105.44 110.54 -33.48
N LEU EA 103 105.28 110.32 -34.79
CA LEU EA 103 106.18 110.92 -35.76
C LEU EA 103 105.98 112.43 -35.85
N VAL EA 104 104.73 112.90 -35.74
CA VAL EA 104 104.45 114.34 -35.71
C VAL EA 104 105.09 114.98 -34.48
N SER EA 105 105.01 114.31 -33.33
CA SER EA 105 105.68 114.82 -32.14
C SER EA 105 107.20 114.78 -32.25
N LEU EA 106 107.73 113.80 -32.99
CA LEU EA 106 109.17 113.73 -33.22
C LEU EA 106 109.66 114.87 -34.12
N LEU EA 107 108.90 115.18 -35.18
CA LEU EA 107 109.23 116.37 -35.96
C LEU EA 107 108.94 117.66 -35.20
N GLN EA 108 108.05 117.63 -34.21
CA GLN EA 108 107.82 118.80 -33.39
C GLN EA 108 109.00 119.08 -32.48
N VAL EA 109 109.58 118.04 -31.89
CA VAL EA 109 110.77 118.26 -31.08
C VAL EA 109 112.01 118.50 -31.95
N GLN EA 110 112.03 118.00 -33.18
CA GLN EA 110 113.13 118.35 -34.09
C GLN EA 110 112.98 119.74 -34.68
N ALA EA 111 111.78 120.32 -34.64
CA ALA EA 111 111.58 121.66 -35.18
C ALA EA 111 112.18 122.71 -34.26
N ASN EA 112 111.68 122.80 -33.02
CA ASN EA 112 112.19 123.77 -32.06
C ASN EA 112 113.29 123.16 -31.18
N ALA EA 113 114.27 122.53 -31.82
CA ALA EA 113 115.34 121.87 -31.07
C ALA EA 113 116.44 122.85 -30.67
N ALA EA 114 117.12 123.41 -31.67
CA ALA EA 114 118.28 124.32 -31.51
C ALA EA 114 119.37 123.71 -30.64
N ASN EA 115 119.56 122.39 -30.73
CA ASN EA 115 120.54 121.69 -29.89
C ASN EA 115 121.58 120.95 -30.70
N GLY EA 116 121.17 120.17 -31.70
CA GLY EA 116 122.07 119.36 -32.49
C GLY EA 116 122.12 117.91 -32.11
N ILE EA 117 121.69 117.57 -30.89
CA ILE EA 117 121.63 116.17 -30.46
C ILE EA 117 120.49 115.45 -31.19
N THR EA 118 119.45 116.20 -31.58
CA THR EA 118 118.30 115.62 -32.26
C THR EA 118 118.64 115.10 -33.66
N THR EA 119 119.65 115.68 -34.31
CA THR EA 119 120.08 115.16 -35.62
C THR EA 119 120.74 113.80 -35.48
N SER EA 120 121.39 113.54 -34.35
CA SER EA 120 121.97 112.23 -34.10
C SER EA 120 120.94 111.25 -33.55
N ASN EA 121 119.94 111.75 -32.81
CA ASN EA 121 118.91 110.88 -32.26
C ASN EA 121 117.77 110.61 -33.25
N PHE EA 122 117.74 111.32 -34.38
CA PHE EA 122 116.73 111.05 -35.40
C PHE EA 122 116.94 109.71 -36.09
N GLU EA 123 118.15 109.15 -36.04
CA GLU EA 123 118.38 107.78 -36.45
C GLU EA 123 118.08 106.78 -35.34
N ALA EA 124 117.88 107.26 -34.12
CA ALA EA 124 117.65 106.42 -32.95
C ALA EA 124 116.18 106.36 -32.57
N ALA EA 125 115.51 107.51 -32.46
CA ALA EA 125 114.10 107.53 -32.09
C ALA EA 125 113.20 107.05 -33.21
N PHE EA 126 113.62 107.20 -34.47
CA PHE EA 126 112.80 106.77 -35.59
C PHE EA 126 112.66 105.25 -35.65
N LYS EA 127 113.65 104.52 -35.15
CA LYS EA 127 113.51 103.08 -35.05
C LYS EA 127 112.61 102.68 -33.87
N ILE EA 128 112.44 103.58 -32.90
CA ILE EA 128 111.47 103.35 -31.84
C ILE EA 128 110.06 103.59 -32.36
N ILE EA 129 109.88 104.61 -33.19
CA ILE EA 129 108.59 104.81 -33.84
C ILE EA 129 108.33 103.70 -34.87
N ALA EA 130 109.39 103.11 -35.41
CA ALA EA 130 109.24 102.01 -36.37
C ALA EA 130 108.73 100.74 -35.72
N GLN EA 131 108.88 100.58 -34.41
CA GLN EA 131 108.40 99.39 -33.72
C GLN EA 131 106.95 99.48 -33.28
N ILE EA 132 106.25 100.55 -33.68
CA ILE EA 132 104.81 100.63 -33.40
C ILE EA 132 104.05 99.63 -34.28
N GLY EA 133 104.33 99.65 -35.58
CA GLY EA 133 103.69 98.76 -36.53
C GLY EA 133 104.60 97.64 -36.99
N SER EA 134 105.31 97.00 -36.05
CA SER EA 134 106.27 95.97 -36.41
C SER EA 134 105.59 94.73 -36.98
N GLU EA 135 104.39 94.40 -36.50
CA GLU EA 135 103.59 93.32 -37.09
C GLU EA 135 102.78 93.80 -38.28
N TYR EA 136 102.94 95.06 -38.67
CA TYR EA 136 102.22 95.68 -39.78
C TYR EA 136 103.27 96.26 -40.72
N ASN EA 137 102.87 97.18 -41.60
CA ASN EA 137 103.79 97.79 -42.56
C ASN EA 137 104.79 98.67 -41.80
N GLN EA 138 105.87 98.04 -41.35
CA GLN EA 138 106.91 98.73 -40.62
C GLN EA 138 107.73 99.62 -41.53
N ILE EA 139 108.52 100.50 -40.93
CA ILE EA 139 109.23 101.54 -41.66
C ILE EA 139 110.70 101.50 -41.26
N THR EA 140 111.54 102.12 -42.11
CA THR EA 140 112.96 102.21 -41.85
C THR EA 140 113.46 103.55 -42.39
N LEU EA 141 114.73 103.84 -42.11
CA LEU EA 141 115.38 105.07 -42.55
C LEU EA 141 116.78 104.72 -43.03
N ASN EA 142 117.02 104.80 -44.34
CA ASN EA 142 118.33 104.48 -44.86
C ASN EA 142 119.34 105.61 -44.61
N ASN EA 143 119.12 106.78 -45.22
CA ASN EA 143 119.87 108.00 -44.93
C ASN EA 143 118.93 109.19 -44.92
N GLY EA 144 117.74 109.03 -44.34
CA GLY EA 144 116.76 110.10 -44.29
C GLY EA 144 115.54 109.90 -45.16
N ASN EA 145 115.33 108.71 -45.71
CA ASN EA 145 114.14 108.41 -46.50
C ASN EA 145 113.52 107.12 -46.00
N VAL EA 146 112.21 107.00 -46.23
CA VAL EA 146 111.43 105.88 -45.73
C VAL EA 146 111.07 104.95 -46.90
N SER EA 147 110.62 103.75 -46.54
CA SER EA 147 110.20 102.75 -47.52
C SER EA 147 109.20 101.83 -46.85
N VAL EA 148 107.94 101.87 -47.29
CA VAL EA 148 106.89 101.07 -46.70
C VAL EA 148 107.01 99.63 -47.20
N GLN EA 149 106.96 98.67 -46.27
CA GLN EA 149 107.12 97.27 -46.62
C GLN EA 149 105.82 96.63 -47.09
N GLU EA 150 104.78 96.66 -46.23
CA GLU EA 150 103.50 95.98 -46.42
C GLU EA 150 103.71 94.49 -46.68
N LYS EA 151 104.20 93.81 -45.64
CA LYS EA 151 104.74 92.46 -45.74
C LYS EA 151 103.69 91.38 -46.02
N GLU EA 152 102.39 91.73 -46.01
CA GLU EA 152 101.27 90.80 -46.20
C GLU EA 152 101.32 89.66 -45.17
N GLN EA 153 101.18 90.05 -43.91
CA GLN EA 153 101.38 89.13 -42.80
C GLN EA 153 100.21 88.14 -42.71
N THR EA 154 100.55 86.91 -42.35
CA THR EA 154 99.56 85.83 -42.36
C THR EA 154 98.64 85.92 -41.16
N ASN EA 155 97.38 85.51 -41.37
CA ASN EA 155 96.38 85.44 -40.31
C ASN EA 155 95.32 84.47 -40.75
N GLU EA 156 95.14 83.38 -39.99
CA GLU EA 156 94.14 82.38 -40.34
C GLU EA 156 92.73 82.88 -40.06
N LEU EA 157 92.57 83.73 -39.05
CA LEU EA 157 91.25 84.15 -38.59
C LEU EA 157 90.53 85.01 -39.61
N LYS EA 158 91.28 85.73 -40.46
CA LYS EA 158 90.66 86.44 -41.57
C LYS EA 158 90.04 85.47 -42.58
N THR EA 159 90.73 84.36 -42.84
CA THR EA 159 90.19 83.34 -43.74
C THR EA 159 89.00 82.62 -43.12
N ILE EA 160 89.01 82.41 -41.80
CA ILE EA 160 87.86 81.79 -41.14
C ILE EA 160 86.66 82.74 -41.15
N LEU EA 161 86.91 84.04 -41.01
CA LEU EA 161 85.85 85.04 -41.14
C LEU EA 161 85.27 85.06 -42.55
N ASN EA 162 86.14 84.93 -43.57
CA ASN EA 162 85.68 84.87 -44.94
C ASN EA 162 84.84 83.62 -45.20
N SER EA 163 85.26 82.49 -44.61
CA SER EA 163 84.52 81.24 -44.78
C SER EA 163 83.17 81.29 -44.07
N LEU EA 164 83.11 81.95 -42.90
CA LEU EA 164 81.82 82.11 -42.22
C LEU EA 164 80.91 83.08 -42.97
N SER EA 165 81.47 84.10 -43.62
CA SER EA 165 80.65 84.98 -44.43
C SER EA 165 80.09 84.26 -45.64
N LYS EA 166 80.90 83.39 -46.26
CA LYS EA 166 80.42 82.58 -47.38
C LYS EA 166 79.36 81.59 -46.92
N GLU EA 167 79.50 81.06 -45.70
CA GLU EA 167 78.49 80.18 -45.12
C GLU EA 167 77.18 80.93 -44.89
N LEU EA 168 77.26 82.18 -44.41
CA LEU EA 168 76.06 82.96 -44.17
C LEU EA 168 75.36 83.33 -45.47
N GLU EA 169 76.13 83.67 -46.50
CA GLU EA 169 75.53 83.98 -47.80
C GLU EA 169 74.93 82.75 -48.44
N LYS EA 170 75.55 81.57 -48.24
CA LYS EA 170 74.95 80.34 -48.74
C LYS EA 170 73.67 80.00 -47.98
N LEU EA 171 73.62 80.33 -46.69
CA LEU EA 171 72.39 80.15 -45.93
C LEU EA 171 71.31 81.15 -46.34
N ASN EA 172 71.70 82.31 -46.84
CA ASN EA 172 70.74 83.37 -47.14
C ASN EA 172 69.86 83.05 -48.35
N GLN EA 173 70.31 82.17 -49.25
CA GLN EA 173 69.52 81.90 -50.44
C GLN EA 173 68.33 81.00 -50.14
N GLN EA 174 68.49 80.05 -49.22
CA GLN EA 174 67.41 79.12 -48.92
C GLN EA 174 66.38 79.69 -47.95
N SER EA 175 66.61 80.89 -47.41
CA SER EA 175 65.62 81.53 -46.56
C SER EA 175 64.46 82.03 -47.41
N GLU EA 176 63.42 81.21 -47.53
CA GLU EA 176 62.30 81.54 -48.41
C GLU EA 176 61.24 82.35 -47.68
N VAL EA 177 60.38 82.99 -48.46
CA VAL EA 177 59.15 83.60 -47.98
C VAL EA 177 58.01 83.08 -48.83
N ASN EA 178 56.79 83.19 -48.28
CA ASN EA 178 55.52 82.94 -48.99
C ASN EA 178 55.44 81.50 -49.52
N SER EA 179 55.35 80.56 -48.59
CA SER EA 179 55.19 79.15 -48.91
C SER EA 179 53.90 78.62 -48.27
N ILE EA 180 53.09 77.94 -49.06
CA ILE EA 180 51.84 77.37 -48.59
C ILE EA 180 52.06 75.92 -48.20
N GLN EA 181 51.11 75.35 -47.47
CA GLN EA 181 51.24 73.99 -46.97
C GLN EA 181 49.88 73.35 -46.84
N ILE EA 182 49.73 72.15 -47.37
CA ILE EA 182 48.50 71.39 -47.25
C ILE EA 182 48.69 70.31 -46.21
N PHE EA 183 47.58 69.87 -45.61
CA PHE EA 183 47.59 68.81 -44.62
C PHE EA 183 46.30 68.02 -44.74
N SER EA 184 46.36 66.74 -44.39
CA SER EA 184 45.18 65.90 -44.43
C SER EA 184 45.37 64.72 -43.49
N ASP EA 185 44.50 64.60 -42.50
CA ASP EA 185 44.41 63.35 -41.75
C ASP EA 185 43.70 62.32 -42.61
N LYS EA 186 43.99 61.04 -42.33
CA LYS EA 186 43.40 59.88 -43.00
C LYS EA 186 43.66 59.91 -44.50
N LEU EA 187 44.94 59.70 -44.84
CA LEU EA 187 45.34 59.56 -46.24
C LEU EA 187 44.62 58.38 -46.90
N GLU EA 188 44.38 57.32 -46.15
CA GLU EA 188 43.45 56.28 -46.58
C GLU EA 188 42.02 56.75 -46.31
N VAL EA 189 41.11 56.35 -47.20
CA VAL EA 189 39.73 56.79 -47.10
C VAL EA 189 38.83 55.73 -47.72
N LEU EA 190 37.58 55.68 -47.27
CA LEU EA 190 36.58 54.80 -47.84
C LEU EA 190 35.84 55.53 -48.96
N LYS EA 191 34.71 54.97 -49.40
CA LYS EA 191 33.97 55.52 -50.52
C LYS EA 191 33.31 56.85 -50.17
N ASP EA 192 32.77 56.97 -48.96
CA ASP EA 192 32.03 58.16 -48.55
C ASP EA 192 32.60 58.83 -47.31
N ALA EA 193 33.82 58.48 -46.90
CA ALA EA 193 34.37 59.08 -45.69
C ALA EA 193 34.93 60.48 -46.01
N PRO EA 194 34.82 61.43 -45.07
CA PRO EA 194 35.15 62.82 -45.41
C PRO EA 194 36.63 63.11 -45.64
N ALA EA 195 37.50 62.73 -44.69
CA ALA EA 195 38.95 62.97 -44.75
C ALA EA 195 39.27 64.45 -44.95
N ARG EA 196 38.97 65.23 -43.90
CA ARG EA 196 39.02 66.69 -43.96
C ARG EA 196 40.41 67.23 -44.30
N LEU EA 197 40.51 67.86 -45.46
CA LEU EA 197 41.73 68.51 -45.92
C LEU EA 197 41.80 69.91 -45.31
N TRP EA 198 42.98 70.29 -44.85
CA TRP EA 198 43.18 71.60 -44.25
C TRP EA 198 44.40 72.25 -44.88
N GLY EA 199 44.20 73.42 -45.49
CA GLY EA 199 45.28 74.13 -46.12
C GLY EA 199 45.69 75.36 -45.33
N PHE EA 200 46.89 75.85 -45.61
CA PHE EA 200 47.43 77.03 -44.94
C PHE EA 200 48.22 77.83 -45.96
N SER EA 201 47.75 79.04 -46.25
CA SER EA 201 48.44 79.98 -47.12
C SER EA 201 48.89 81.17 -46.28
N THR EA 202 50.16 81.54 -46.40
CA THR EA 202 50.72 82.67 -45.69
C THR EA 202 50.65 83.96 -46.50
N LEU EA 203 49.82 83.99 -47.54
CA LEU EA 203 49.63 85.19 -48.32
C LEU EA 203 48.85 86.24 -47.52
N SER EA 204 48.91 87.48 -48.00
CA SER EA 204 48.20 88.57 -47.34
C SER EA 204 46.70 88.42 -47.51
N ASN EA 205 46.23 88.43 -48.75
CA ASN EA 205 44.84 88.13 -49.05
C ASN EA 205 44.81 87.19 -50.25
N ALA EA 206 43.92 86.22 -50.22
CA ALA EA 206 43.89 85.18 -51.23
C ALA EA 206 42.48 84.62 -51.33
N LYS EA 207 42.33 83.59 -52.16
CA LYS EA 207 41.08 82.84 -52.25
C LYS EA 207 41.19 81.43 -51.71
N GLU EA 208 42.40 80.84 -51.76
CA GLU EA 208 42.81 79.56 -51.16
C GLU EA 208 41.81 78.42 -51.42
N GLY EA 209 41.45 78.26 -52.68
CA GLY EA 209 40.52 77.21 -53.06
C GLY EA 209 41.17 75.84 -53.13
N PHE EA 210 40.32 74.84 -53.38
CA PHE EA 210 40.74 73.47 -53.62
C PHE EA 210 40.28 73.07 -55.01
N TYR EA 211 41.19 72.55 -55.83
CA TYR EA 211 40.89 72.16 -57.18
C TYR EA 211 41.08 70.66 -57.37
N ASN EA 212 40.22 70.09 -58.21
CA ASN EA 212 40.11 68.64 -58.37
C ASN EA 212 40.67 68.22 -59.73
N GLU EA 213 41.98 68.03 -59.75
CA GLU EA 213 42.76 67.27 -60.75
C GLU EA 213 42.88 67.91 -62.12
N ALA EA 214 42.05 68.89 -62.47
CA ALA EA 214 42.45 69.80 -63.54
C ALA EA 214 42.36 71.25 -63.09
N ASN EA 215 41.13 71.72 -62.84
CA ASN EA 215 40.91 73.01 -62.21
C ASN EA 215 39.64 73.03 -61.37
N GLU EA 216 38.98 71.89 -61.15
CA GLU EA 216 37.59 71.86 -60.72
C GLU EA 216 37.46 72.25 -59.25
N GLN EA 217 36.85 73.41 -59.01
CA GLN EA 217 36.72 73.95 -57.66
C GLN EA 217 35.76 73.10 -56.83
N ILE EA 218 36.22 72.64 -55.67
CA ILE EA 218 35.44 71.76 -54.82
C ILE EA 218 35.26 72.33 -53.42
N ALA EA 219 35.92 73.43 -53.09
CA ALA EA 219 35.78 74.05 -51.77
C ALA EA 219 35.86 75.56 -51.95
N SER EA 220 35.88 76.29 -50.83
CA SER EA 220 35.96 77.74 -50.86
C SER EA 220 37.27 78.26 -50.28
N GLY EA 221 37.58 77.94 -49.03
CA GLY EA 221 38.82 78.40 -48.46
C GLY EA 221 39.31 77.65 -47.24
N SER EA 222 40.55 77.14 -47.31
CA SER EA 222 41.36 76.58 -46.22
C SER EA 222 40.82 75.32 -45.58
N VAL EA 223 39.64 74.85 -46.00
CA VAL EA 223 39.07 73.59 -45.53
C VAL EA 223 38.40 72.90 -46.71
N CYS EA 224 38.51 71.59 -46.77
CA CYS EA 224 37.88 70.80 -47.82
C CYS EA 224 37.34 69.52 -47.20
N LEU EA 225 36.16 69.10 -47.66
CA LEU EA 225 35.54 67.86 -47.24
C LEU EA 225 35.45 66.97 -48.47
N PHE EA 226 36.33 65.97 -48.55
CA PHE EA 226 36.55 65.26 -49.80
C PHE EA 226 35.77 63.96 -49.81
N ARG EA 227 34.57 64.00 -50.39
CA ARG EA 227 33.88 62.77 -50.75
C ARG EA 227 34.40 62.29 -52.11
N SER EA 228 34.44 60.97 -52.28
CA SER EA 228 35.12 60.40 -53.45
C SER EA 228 34.18 59.75 -54.43
N ASP EA 229 33.39 58.75 -53.99
CA ASP EA 229 32.54 57.90 -54.83
C ASP EA 229 33.31 57.24 -55.98
N LYS EA 230 34.59 56.95 -55.76
CA LYS EA 230 35.46 56.38 -56.78
C LYS EA 230 36.33 55.32 -56.12
N VAL EA 231 37.36 54.88 -56.83
CA VAL EA 231 38.24 53.84 -56.33
C VAL EA 231 39.69 54.31 -56.46
N ARG EA 232 39.94 55.21 -57.41
CA ARG EA 232 41.29 55.61 -57.78
C ARG EA 232 41.94 56.49 -56.70
N LYS EA 233 43.22 56.79 -56.91
CA LYS EA 233 43.97 57.69 -56.03
C LYS EA 233 43.81 59.11 -56.54
N HIS EA 234 43.15 59.96 -55.75
CA HIS EA 234 42.88 61.32 -56.17
C HIS EA 234 44.02 62.24 -55.75
N THR EA 235 44.18 63.34 -56.50
CA THR EA 235 45.20 64.34 -56.23
C THR EA 235 44.52 65.70 -56.17
N ILE EA 236 44.47 66.28 -54.99
CA ILE EA 236 43.77 67.55 -54.75
C ILE EA 236 44.80 68.66 -54.64
N THR EA 237 44.52 69.80 -55.27
CA THR EA 237 45.46 70.91 -55.34
C THR EA 237 44.92 72.08 -54.54
N PHE EA 238 45.62 72.40 -53.45
CA PHE EA 238 45.39 73.64 -52.73
C PHE EA 238 45.97 74.80 -53.52
N LYS EA 239 45.17 75.84 -53.77
CA LYS EA 239 45.60 76.96 -54.60
C LYS EA 239 45.36 78.26 -53.86
N ALA EA 240 46.39 79.10 -53.81
CA ALA EA 240 46.30 80.43 -53.21
C ALA EA 240 46.70 81.44 -54.29
N ILE EA 241 45.72 82.13 -54.84
CA ILE EA 241 45.96 83.13 -55.87
C ILE EA 241 46.04 84.49 -55.20
N ASN EA 242 46.72 85.42 -55.86
CA ASN EA 242 46.86 86.77 -55.35
C ASN EA 242 47.04 87.72 -56.54
N THR EA 243 46.92 89.01 -56.25
CA THR EA 243 47.17 90.03 -57.27
C THR EA 243 48.63 90.09 -57.69
N LYS EA 244 49.55 89.60 -56.85
CA LYS EA 244 50.96 89.58 -57.20
C LYS EA 244 51.37 88.24 -57.81
N THR EA 245 51.19 87.15 -57.07
CA THR EA 245 51.65 85.84 -57.51
C THR EA 245 50.58 84.80 -57.18
N SER EA 246 50.93 83.53 -57.33
CA SER EA 246 50.02 82.43 -57.06
C SER EA 246 50.83 81.20 -56.67
N LEU EA 247 50.24 80.38 -55.80
CA LEU EA 247 50.89 79.16 -55.32
C LEU EA 247 49.93 77.99 -55.40
N SER EA 248 50.51 76.80 -55.56
CA SER EA 248 49.75 75.56 -55.59
C SER EA 248 50.49 74.50 -54.78
N LYS EA 249 49.73 73.51 -54.32
CA LYS EA 249 50.28 72.41 -53.54
C LYS EA 249 49.41 71.18 -53.78
N ASN EA 250 50.05 70.02 -53.79
CA ASN EA 250 49.36 68.77 -54.12
C ASN EA 250 49.26 67.87 -52.89
N ILE EA 251 48.13 67.19 -52.77
CA ILE EA 251 47.97 66.10 -51.81
C ILE EA 251 47.38 64.91 -52.55
N THR EA 252 47.69 63.72 -52.06
CA THR EA 252 47.25 62.47 -52.68
C THR EA 252 46.43 61.68 -51.67
N ILE EA 253 45.13 61.54 -51.93
CA ILE EA 253 44.23 60.79 -51.07
C ILE EA 253 43.82 59.54 -51.83
N SER EA 254 44.16 58.38 -51.29
CA SER EA 254 43.84 57.11 -51.94
C SER EA 254 42.55 56.55 -51.37
N VAL EA 255 41.68 56.08 -52.26
CA VAL EA 255 40.38 55.53 -51.89
C VAL EA 255 40.46 54.02 -52.00
N ILE EA 256 39.81 53.32 -51.06
CA ILE EA 256 39.64 51.88 -51.15
C ILE EA 256 38.17 51.56 -50.96
N ALA EA 257 37.78 50.38 -51.44
CA ALA EA 257 36.46 49.85 -51.14
C ALA EA 257 36.49 49.16 -49.78
N ASN EA 258 35.29 48.92 -49.25
CA ASN EA 258 35.16 48.22 -47.98
C ASN EA 258 35.49 46.74 -48.17
N LYS EA 259 36.47 46.25 -47.41
CA LYS EA 259 36.86 44.85 -47.51
C LYS EA 259 35.80 43.92 -46.95
N LEU EA 260 34.97 44.39 -46.02
CA LEU EA 260 33.91 43.56 -45.46
C LEU EA 260 32.76 43.40 -46.44
N LYS EA 261 32.41 44.47 -47.16
CA LYS EA 261 31.28 44.40 -48.08
C LYS EA 261 31.62 43.60 -49.33
N GLU EA 262 32.91 43.49 -49.67
CA GLU EA 262 33.32 42.74 -50.84
C GLU EA 262 33.25 41.24 -50.56
N ARG EA 263 32.59 40.52 -51.47
CA ARG EA 263 32.43 39.05 -51.48
C ARG EA 263 31.98 38.43 -50.16
N MET FA 1 24.36 72.39 -5.84
CA MET FA 1 23.61 72.45 -7.09
C MET FA 1 22.90 73.78 -7.24
N ASP FA 2 22.54 74.13 -8.47
CA ASP FA 2 21.63 75.24 -8.71
C ASP FA 2 20.21 74.68 -8.77
N THR FA 3 19.29 75.34 -8.07
CA THR FA 3 18.00 74.73 -7.79
C THR FA 3 17.09 74.74 -9.01
N THR FA 4 16.95 75.89 -9.68
CA THR FA 4 15.98 76.02 -10.76
C THR FA 4 16.40 75.23 -12.00
N ARG FA 5 17.70 75.17 -12.27
CA ARG FA 5 18.20 74.32 -13.34
C ARG FA 5 17.98 72.85 -13.02
N PHE FA 6 18.09 72.48 -11.74
CA PHE FA 6 17.78 71.10 -11.33
C PHE FA 6 16.30 70.80 -11.53
N ILE FA 7 15.42 71.76 -11.23
CA ILE FA 7 13.99 71.53 -11.41
C ILE FA 7 13.64 71.39 -12.89
N ARG FA 8 14.23 72.24 -13.73
CA ARG FA 8 13.96 72.16 -15.17
C ARG FA 8 14.52 70.88 -15.77
N ASN FA 9 15.70 70.44 -15.33
CA ASN FA 9 16.26 69.20 -15.84
C ASN FA 9 15.50 67.99 -15.33
N PHE FA 10 14.99 68.05 -14.10
CA PHE FA 10 14.15 66.98 -13.56
C PHE FA 10 12.85 66.85 -14.35
N ILE FA 11 12.23 67.98 -14.69
CA ILE FA 11 11.02 67.99 -15.49
C ILE FA 11 11.31 67.46 -16.89
N LEU FA 12 12.43 67.87 -17.49
CA LEU FA 12 12.77 67.44 -18.84
C LEU FA 12 13.10 65.96 -18.90
N PHE FA 13 13.74 65.43 -17.85
CA PHE FA 13 14.03 64.00 -17.82
C PHE FA 13 12.78 63.18 -17.52
N LYS FA 14 11.81 63.76 -16.81
CA LYS FA 14 10.52 63.09 -16.68
C LYS FA 14 9.69 63.19 -17.95
N ASP FA 15 10.00 64.15 -18.83
CA ASP FA 15 9.35 64.18 -20.13
C ASP FA 15 10.00 63.23 -21.13
N ALA FA 16 11.33 63.09 -21.07
CA ALA FA 16 12.03 62.19 -21.98
C ALA FA 16 11.73 60.73 -21.65
N LEU FA 17 12.05 60.32 -20.43
CA LEU FA 17 11.53 59.06 -19.91
C LEU FA 17 10.05 59.25 -19.64
N GLN FA 18 9.20 58.90 -20.59
CA GLN FA 18 7.77 59.12 -20.41
C GLN FA 18 7.20 58.14 -19.40
N LYS FA 19 6.29 58.65 -18.56
CA LYS FA 19 5.85 57.91 -17.38
C LYS FA 19 4.90 56.77 -17.69
N GLN FA 20 4.45 56.63 -18.94
CA GLN FA 20 3.65 55.47 -19.31
C GLN FA 20 4.47 54.20 -19.33
N ASN FA 21 5.76 54.31 -19.61
CA ASN FA 21 6.66 53.16 -19.64
C ASN FA 21 7.37 52.92 -18.32
N PHE FA 22 7.07 53.72 -17.30
CA PHE FA 22 7.87 53.73 -16.08
C PHE FA 22 6.98 53.62 -14.85
N ASN FA 23 7.41 52.80 -13.90
CA ASN FA 23 6.93 52.91 -12.54
C ASN FA 23 7.38 54.26 -11.97
N ASN FA 24 6.51 54.87 -11.15
CA ASN FA 24 6.69 56.27 -10.76
C ASN FA 24 7.92 56.47 -9.88
N LYS FA 25 8.18 55.53 -8.97
CA LYS FA 25 9.33 55.67 -8.07
C LYS FA 25 10.65 55.57 -8.83
N ASP FA 26 10.77 54.57 -9.71
CA ASP FA 26 11.98 54.43 -10.51
C ASP FA 26 12.13 55.57 -11.51
N LEU FA 27 11.01 56.09 -12.01
CA LEU FA 27 11.07 57.25 -12.90
C LEU FA 27 11.62 58.48 -12.20
N ASN FA 28 11.09 58.78 -11.01
CA ASN FA 28 11.57 59.93 -10.25
C ASN FA 28 13.01 59.74 -9.80
N THR FA 29 13.39 58.50 -9.47
CA THR FA 29 14.76 58.24 -9.02
C THR FA 29 15.76 58.38 -10.17
N THR FA 30 15.44 57.83 -11.34
CA THR FA 30 16.34 57.94 -12.49
C THR FA 30 16.42 59.39 -12.99
N SER FA 31 15.31 60.12 -12.94
CA SER FA 31 15.33 61.52 -13.33
C SER FA 31 16.15 62.35 -12.34
N MET FA 32 16.07 62.03 -11.05
CA MET FA 32 16.86 62.75 -10.05
C MET FA 32 18.35 62.47 -10.20
N GLN FA 33 18.72 61.21 -10.46
CA GLN FA 33 20.13 60.87 -10.64
C GLN FA 33 20.69 61.50 -11.91
N ALA FA 34 19.92 61.48 -13.00
CA ALA FA 34 20.37 62.12 -14.23
C ALA FA 34 20.44 63.63 -14.08
N ALA FA 35 19.56 64.24 -13.30
CA ALA FA 35 19.62 65.68 -13.07
C ALA FA 35 20.82 66.05 -12.22
N LEU FA 36 21.19 65.20 -11.25
CA LEU FA 36 22.38 65.47 -10.46
C LEU FA 36 23.65 65.33 -11.29
N GLN FA 37 23.69 64.33 -12.18
CA GLN FA 37 24.82 64.22 -13.10
C GLN FA 37 24.86 65.39 -14.08
N SER FA 38 23.69 65.90 -14.48
CA SER FA 38 23.64 67.08 -15.34
C SER FA 38 24.15 68.32 -14.62
N GLU FA 39 23.88 68.44 -13.32
CA GLU FA 39 24.44 69.56 -12.54
C GLU FA 39 25.96 69.45 -12.43
N GLN FA 40 26.45 68.22 -12.19
CA GLN FA 40 27.89 67.99 -12.13
C GLN FA 40 28.58 68.29 -13.46
N LEU FA 41 27.89 68.05 -14.58
CA LEU FA 41 28.43 68.41 -15.87
C LEU FA 41 28.32 69.92 -16.13
N ALA FA 42 27.24 70.54 -15.66
CA ALA FA 42 27.02 71.96 -15.92
C ALA FA 42 27.97 72.84 -15.13
N LEU FA 43 28.52 72.36 -14.02
CA LEU FA 43 29.61 73.07 -13.35
C LEU FA 43 30.83 73.23 -14.27
N SER FA 44 31.25 72.14 -14.89
CA SER FA 44 32.36 72.19 -15.84
C SER FA 44 31.97 72.98 -17.08
N GLU FA 45 30.69 72.98 -17.45
CA GLU FA 45 30.22 73.84 -18.53
C GLU FA 45 30.39 75.31 -18.19
N GLU FA 46 30.06 75.69 -16.95
CA GLU FA 46 30.22 77.08 -16.52
C GLU FA 46 31.70 77.48 -16.53
N SER FA 47 32.58 76.59 -16.08
CA SER FA 47 34.02 76.88 -16.10
C SER FA 47 34.54 77.03 -17.53
N GLN FA 48 34.15 76.12 -18.42
CA GLN FA 48 34.61 76.20 -19.81
C GLN FA 48 34.03 77.40 -20.54
N TYR FA 49 32.79 77.77 -20.23
CA TYR FA 49 32.21 78.94 -20.88
C TYR FA 49 32.82 80.23 -20.37
N LEU FA 50 33.20 80.28 -19.10
CA LEU FA 50 33.93 81.43 -18.58
C LEU FA 50 35.30 81.56 -19.25
N GLN FA 51 35.99 80.43 -19.42
CA GLN FA 51 37.29 80.44 -20.09
C GLN FA 51 37.16 80.86 -21.55
N SER FA 52 36.14 80.36 -22.24
CA SER FA 52 35.94 80.70 -23.65
C SER FA 52 35.51 82.15 -23.82
N GLU FA 53 34.74 82.69 -22.88
CA GLU FA 53 34.38 84.10 -22.92
C GLU FA 53 35.61 84.98 -22.69
N GLN FA 54 36.49 84.58 -21.77
CA GLN FA 54 37.72 85.34 -21.54
C GLN FA 54 38.66 85.28 -22.73
N VAL FA 55 38.68 84.16 -23.45
CA VAL FA 55 39.54 84.07 -24.63
C VAL FA 55 38.97 84.90 -25.77
N ARG FA 56 37.66 84.77 -26.02
CA ARG FA 56 37.05 85.47 -27.16
C ARG FA 56 36.90 86.96 -26.92
N ALA FA 57 36.91 87.41 -25.68
CA ALA FA 57 36.79 88.84 -25.42
C ALA FA 57 38.11 89.56 -25.69
N LYS FA 58 39.23 88.90 -25.42
CA LYS FA 58 40.54 89.52 -25.53
C LYS FA 58 41.20 89.30 -26.88
N MET FA 59 40.47 88.82 -27.89
CA MET FA 59 41.12 88.37 -29.11
C MET FA 59 41.56 89.52 -30.01
N GLN FA 60 40.77 90.60 -30.06
CA GLN FA 60 41.13 91.74 -30.90
C GLN FA 60 42.37 92.44 -30.38
N ILE FA 61 42.45 92.65 -29.06
CA ILE FA 61 43.62 93.28 -28.47
C ILE FA 61 44.83 92.36 -28.55
N ASP FA 62 44.61 91.04 -28.50
CA ASP FA 62 45.72 90.10 -28.63
C ASP FA 62 46.27 90.09 -30.05
N PHE FA 63 45.40 90.17 -31.06
CA PHE FA 63 45.89 90.22 -32.43
C PHE FA 63 46.54 91.56 -32.75
N LEU FA 64 46.05 92.65 -32.16
CA LEU FA 64 46.72 93.93 -32.32
C LEU FA 64 48.09 93.93 -31.63
N GLY FA 65 48.19 93.27 -30.47
CA GLY FA 65 49.48 93.15 -29.82
C GLY FA 65 50.44 92.25 -30.56
N MET FA 66 49.93 91.21 -31.21
CA MET FA 66 50.80 90.34 -32.01
C MET FA 66 51.29 91.06 -33.27
N GLN FA 67 50.44 91.89 -33.87
CA GLN FA 67 50.89 92.70 -35.00
C GLN FA 67 51.89 93.76 -34.56
N ALA FA 68 51.71 94.32 -33.35
CA ALA FA 68 52.68 95.27 -32.82
C ALA FA 68 54.01 94.59 -32.49
N ASN FA 69 53.96 93.34 -32.03
CA ASN FA 69 55.19 92.59 -31.80
C ASN FA 69 55.86 92.21 -33.11
N LEU FA 70 55.10 91.98 -34.17
CA LEU FA 70 55.68 91.76 -35.48
C LEU FA 70 56.36 93.02 -35.99
N GLN FA 71 55.73 94.18 -35.76
CA GLN FA 71 56.35 95.47 -36.09
C GLN FA 71 57.62 95.69 -35.28
N ASN FA 72 57.62 95.27 -34.02
CA ASN FA 72 58.80 95.41 -33.17
C ASN FA 72 59.93 94.50 -33.65
N ALA FA 73 59.60 93.27 -34.05
CA ALA FA 73 60.61 92.34 -34.53
C ALA FA 73 61.14 92.73 -35.91
N LYS FA 74 60.36 93.47 -36.70
CA LYS FA 74 60.90 93.98 -37.96
C LYS FA 74 61.77 95.22 -37.73
N ALA FA 75 61.33 96.12 -36.84
CA ALA FA 75 62.07 97.35 -36.60
C ALA FA 75 63.36 97.09 -35.85
N GLU FA 76 63.41 96.04 -35.02
CA GLU FA 76 64.66 95.71 -34.34
C GLU FA 76 65.70 95.19 -35.33
N THR FA 77 65.27 94.39 -36.30
CA THR FA 77 66.17 93.90 -37.33
C THR FA 77 66.64 95.03 -38.24
N LEU FA 78 65.75 95.96 -38.57
CA LEU FA 78 66.14 97.13 -39.36
C LEU FA 78 67.11 98.01 -38.59
N ASN FA 79 66.90 98.17 -37.28
CA ASN FA 79 67.81 98.96 -36.46
C ASN FA 79 69.17 98.29 -36.32
N LYS FA 80 69.19 96.96 -36.24
CA LYS FA 80 70.48 96.25 -36.18
C LYS FA 80 71.23 96.35 -37.51
N LEU FA 81 70.49 96.31 -38.63
CA LEU FA 81 71.12 96.50 -39.93
C LEU FA 81 71.67 97.91 -40.09
N ILE FA 82 70.95 98.91 -39.58
CA ILE FA 82 71.40 100.29 -39.70
C ILE FA 82 72.59 100.55 -38.78
N GLN FA 83 72.58 99.95 -37.58
CA GLN FA 83 73.73 100.04 -36.68
C GLN FA 83 74.95 99.34 -37.29
N CYS FA 84 74.73 98.23 -38.00
CA CYS FA 84 75.81 97.54 -38.69
C CYS FA 84 76.39 98.38 -39.82
N GLN FA 85 75.53 99.02 -40.61
CA GLN FA 85 76.02 99.87 -41.69
C GLN FA 85 76.72 101.12 -41.16
N ALA FA 86 76.26 101.64 -40.01
CA ALA FA 86 76.93 102.75 -39.38
C ALA FA 86 78.31 102.34 -38.86
N MET FA 87 78.43 101.12 -38.33
CA MET FA 87 79.72 100.61 -37.92
C MET FA 87 80.63 100.35 -39.13
N LEU FA 88 80.04 100.03 -40.28
CA LEU FA 88 80.82 99.86 -41.50
C LEU FA 88 81.38 101.20 -41.98
N LYS FA 89 80.55 102.24 -41.99
CA LYS FA 89 81.00 103.54 -42.47
C LYS FA 89 81.85 104.29 -41.44
N SER FA 90 81.74 103.92 -40.16
CA SER FA 90 82.50 104.62 -39.13
C SER FA 90 83.98 104.30 -39.20
N LEU FA 91 84.35 103.14 -39.74
CA LEU FA 91 85.75 102.83 -39.97
C LEU FA 91 86.36 103.76 -40.99
N LYS FA 92 85.66 103.96 -42.11
CA LYS FA 92 86.12 104.89 -43.14
C LYS FA 92 86.19 106.32 -42.62
N ASP FA 93 85.17 106.73 -41.85
CA ASP FA 93 85.14 108.10 -41.34
C ASP FA 93 86.23 108.34 -40.30
N ASN FA 94 86.42 107.40 -39.37
CA ASN FA 94 87.45 107.57 -38.35
C ASN FA 94 88.86 107.35 -38.90
N ALA FA 95 89.00 106.70 -40.05
CA ALA FA 95 90.30 106.68 -40.70
C ALA FA 95 90.56 108.00 -41.43
N MET FA 96 89.55 108.53 -42.11
CA MET FA 96 89.76 109.72 -42.93
C MET FA 96 89.94 110.97 -42.09
N ILE FA 97 89.19 111.12 -40.99
CA ILE FA 97 89.36 112.32 -40.18
C ILE FA 97 90.66 112.26 -39.38
N ASN FA 98 91.15 111.05 -39.08
CA ASN FA 98 92.44 110.94 -38.40
C ASN FA 98 93.58 111.22 -39.37
N ARG FA 99 93.45 110.78 -40.62
CA ARG FA 99 94.43 111.12 -41.65
C ARG FA 99 94.46 112.62 -41.92
N ALA FA 100 93.28 113.25 -41.93
CA ALA FA 100 93.19 114.69 -42.12
C ALA FA 100 93.80 115.45 -40.95
N ASN FA 101 93.54 114.98 -39.72
CA ASN FA 101 94.09 115.65 -38.53
C ASN FA 101 95.60 115.49 -38.47
N ALA FA 102 96.11 114.32 -38.87
CA ALA FA 102 97.55 114.11 -38.91
C ALA FA 102 98.21 114.96 -39.99
N LEU FA 103 97.53 115.15 -41.12
CA LEU FA 103 98.06 116.03 -42.16
C LEU FA 103 98.03 117.49 -41.73
N VAL FA 104 97.00 117.90 -40.98
CA VAL FA 104 96.95 119.26 -40.44
C VAL FA 104 98.09 119.48 -39.44
N SER FA 105 98.37 118.47 -38.60
CA SER FA 105 99.50 118.59 -37.69
C SER FA 105 100.84 118.57 -38.42
N LEU FA 106 100.92 117.88 -39.56
CA LEU FA 106 102.15 117.88 -40.35
C LEU FA 106 102.39 119.24 -41.00
N LEU FA 107 101.34 119.87 -41.53
CA LEU FA 107 101.50 121.25 -42.01
C LEU FA 107 101.69 122.23 -40.85
N GLN FA 108 101.24 121.89 -39.65
CA GLN FA 108 101.50 122.74 -38.49
C GLN FA 108 102.97 122.73 -38.10
N VAL FA 109 103.60 121.54 -38.13
CA VAL FA 109 105.02 121.48 -37.85
C VAL FA 109 105.85 121.99 -39.03
N GLN FA 110 105.33 121.90 -40.26
CA GLN FA 110 106.03 122.51 -41.38
C GLN FA 110 105.86 124.02 -41.44
N ALA FA 111 104.85 124.57 -40.76
CA ALA FA 111 104.64 126.01 -40.76
C ALA FA 111 105.68 126.72 -39.89
N ASN FA 112 105.70 126.41 -38.60
CA ASN FA 112 106.67 127.02 -37.69
C ASN FA 112 107.92 126.15 -37.55
N ALA FA 113 108.50 125.76 -38.68
CA ALA FA 113 109.68 124.89 -38.65
C ALA FA 113 110.96 125.68 -38.46
N ALA FA 114 111.28 126.54 -39.45
CA ALA FA 114 112.51 127.34 -39.52
C ALA FA 114 113.77 126.49 -39.38
N ASN FA 115 113.74 125.26 -39.90
CA ASN FA 115 114.86 124.33 -39.78
C ASN FA 115 115.40 123.87 -41.12
N GLY FA 116 114.55 123.45 -42.04
CA GLY FA 116 114.96 122.93 -43.33
C GLY FA 116 114.96 121.42 -43.43
N ILE FA 117 114.99 120.71 -42.29
CA ILE FA 117 114.90 119.26 -42.31
C ILE FA 117 113.50 118.81 -42.67
N THR FA 118 112.49 119.65 -42.38
CA THR FA 118 111.10 119.33 -42.67
C THR FA 118 110.81 119.28 -44.17
N THR FA 119 111.56 120.03 -44.98
CA THR FA 119 111.38 119.94 -46.43
C THR FA 119 111.86 118.60 -46.98
N SER FA 120 112.85 118.00 -46.33
CA SER FA 120 113.30 116.67 -46.72
C SER FA 120 112.44 115.57 -46.11
N ASN FA 121 111.88 115.81 -44.93
CA ASN FA 121 111.02 114.82 -44.28
C ASN FA 121 109.59 114.88 -44.75
N PHE FA 122 109.21 115.91 -45.52
CA PHE FA 122 107.87 115.99 -46.08
C PHE FA 122 107.62 114.93 -47.15
N GLU FA 123 108.67 114.39 -47.75
CA GLU FA 123 108.53 113.21 -48.60
C GLU FA 123 108.56 111.92 -47.80
N ALA FA 124 108.92 111.98 -46.52
CA ALA FA 124 109.02 110.82 -45.66
C ALA FA 124 107.82 110.64 -44.74
N ALA FA 125 107.41 111.71 -44.05
CA ALA FA 125 106.26 111.62 -43.15
C ALA FA 125 104.94 111.51 -43.89
N PHE FA 126 104.87 112.06 -45.12
CA PHE FA 126 103.63 112.00 -45.87
C PHE FA 126 103.28 110.59 -46.31
N LYS FA 127 104.28 109.73 -46.49
CA LYS FA 127 104.00 108.32 -46.76
C LYS FA 127 103.58 107.59 -45.49
N ILE FA 128 103.92 108.13 -44.32
CA ILE FA 128 103.40 107.57 -43.08
C ILE FA 128 101.95 107.97 -42.88
N ILE FA 129 101.59 109.21 -43.24
CA ILE FA 129 100.19 109.60 -43.22
C ILE FA 129 99.42 108.90 -44.32
N ALA FA 130 100.10 108.49 -45.40
CA ALA FA 130 99.45 107.76 -46.48
C ALA FA 130 99.07 106.34 -46.08
N GLN FA 131 99.68 105.77 -45.05
CA GLN FA 131 99.35 104.44 -44.59
C GLN FA 131 98.21 104.39 -43.60
N ILE FA 132 97.54 105.53 -43.35
CA ILE FA 132 96.34 105.52 -42.52
C ILE FA 132 95.20 104.86 -43.25
N GLY FA 133 94.95 105.28 -44.49
CA GLY FA 133 93.89 104.74 -45.30
C GLY FA 133 94.40 103.82 -46.39
N SER FA 134 95.32 102.92 -46.06
CA SER FA 134 95.92 102.05 -47.05
C SER FA 134 94.92 101.05 -47.63
N GLU FA 135 93.97 100.58 -46.82
CA GLU FA 135 92.87 99.76 -47.32
C GLU FA 135 91.73 100.59 -47.90
N TYR FA 136 91.88 101.91 -47.93
CA TYR FA 136 90.90 102.86 -48.42
C TYR FA 136 91.57 103.70 -49.50
N ASN FA 137 90.99 104.85 -49.83
CA ASN FA 137 91.54 105.72 -50.86
C ASN FA 137 92.86 106.31 -50.35
N GLN FA 138 93.94 105.57 -50.58
CA GLN FA 138 95.27 105.99 -50.17
C GLN FA 138 95.78 107.12 -51.05
N ILE FA 139 96.84 107.76 -50.59
CA ILE FA 139 97.35 108.97 -51.21
C ILE FA 139 98.85 108.81 -51.47
N THR FA 140 99.36 109.66 -52.36
CA THR FA 140 100.79 109.67 -52.68
C THR FA 140 101.21 111.09 -52.98
N LEU FA 141 102.51 111.27 -53.16
CA LEU FA 141 103.11 112.57 -53.46
C LEU FA 141 104.17 112.39 -54.53
N ASN FA 142 103.89 112.89 -55.74
CA ASN FA 142 104.86 112.73 -56.83
C ASN FA 142 106.01 113.73 -56.70
N ASN FA 143 105.72 115.03 -56.80
CA ASN FA 143 106.68 116.08 -56.49
C ASN FA 143 105.99 117.23 -55.76
N GLY FA 144 105.10 116.89 -54.82
CA GLY FA 144 104.38 117.89 -54.08
C GLY FA 144 102.89 117.99 -54.40
N ASN FA 145 102.33 117.03 -55.13
CA ASN FA 145 100.91 117.00 -55.44
C ASN FA 145 100.34 115.62 -55.11
N VAL FA 146 99.05 115.59 -54.82
CA VAL FA 146 98.38 114.37 -54.39
C VAL FA 146 97.49 113.85 -55.52
N SER FA 147 97.05 112.60 -55.37
CA SER FA 147 96.15 111.97 -56.34
C SER FA 147 95.38 110.89 -55.61
N VAL FA 148 94.07 111.08 -55.49
CA VAL FA 148 93.22 110.13 -54.77
C VAL FA 148 92.95 108.93 -55.66
N GLN FA 149 93.13 107.73 -55.12
CA GLN FA 149 92.97 106.50 -55.89
C GLN FA 149 91.50 106.05 -55.95
N GLU FA 150 90.91 105.81 -54.77
CA GLU FA 150 89.56 105.23 -54.62
C GLU FA 150 89.46 103.89 -55.37
N LYS FA 151 90.22 102.93 -54.85
CA LYS FA 151 90.49 101.66 -55.54
C LYS FA 151 89.28 100.75 -55.67
N GLU FA 152 88.15 101.07 -55.03
CA GLU FA 152 86.92 100.25 -55.01
C GLU FA 152 87.22 98.86 -54.46
N GLN FA 153 87.62 98.82 -53.20
CA GLN FA 153 88.10 97.59 -52.58
C GLN FA 153 86.95 96.64 -52.31
N THR FA 154 87.22 95.35 -52.50
CA THR FA 154 86.18 94.34 -52.42
C THR FA 154 85.80 94.04 -50.97
N ASN FA 155 84.52 93.73 -50.77
CA ASN FA 155 84.01 93.34 -49.46
C ASN FA 155 82.72 92.55 -49.69
N GLU FA 156 82.72 91.29 -49.27
CA GLU FA 156 81.53 90.45 -49.45
C GLU FA 156 80.41 90.84 -48.50
N LEU FA 157 80.77 91.34 -47.31
CA LEU FA 157 79.79 91.59 -46.26
C LEU FA 157 78.85 92.74 -46.62
N LYS FA 158 79.31 93.69 -47.44
CA LYS FA 158 78.41 94.72 -47.96
C LYS FA 158 77.34 94.11 -48.86
N THR FA 159 77.72 93.13 -49.68
CA THR FA 159 76.75 92.46 -50.53
C THR FA 159 75.80 91.58 -49.72
N ILE FA 160 76.28 90.97 -48.63
CA ILE FA 160 75.40 90.18 -47.79
C ILE FA 160 74.43 91.09 -47.03
N LEU FA 161 74.89 92.28 -46.63
CA LEU FA 161 74.00 93.27 -46.04
C LEU FA 161 72.93 93.72 -47.03
N ASN FA 162 73.32 93.92 -48.29
CA ASN FA 162 72.36 94.31 -49.33
C ASN FA 162 71.34 93.20 -49.56
N SER FA 163 71.79 91.95 -49.55
CA SER FA 163 70.88 90.82 -49.75
C SER FA 163 69.93 90.65 -48.57
N LEU FA 164 70.41 90.91 -47.35
CA LEU FA 164 69.51 90.85 -46.19
C LEU FA 164 68.52 92.01 -46.18
N SER FA 165 68.92 93.18 -46.69
CA SER FA 165 67.97 94.28 -46.81
C SER FA 165 66.90 93.98 -47.84
N LYS FA 166 67.30 93.35 -48.96
CA LYS FA 166 66.32 92.93 -49.96
C LYS FA 166 65.39 91.85 -49.42
N GLU FA 167 65.92 90.97 -48.57
CA GLU FA 167 65.11 89.96 -47.90
C GLU FA 167 64.09 90.59 -46.96
N LEU FA 168 64.52 91.63 -46.23
CA LEU FA 168 63.61 92.30 -45.29
C LEU FA 168 62.53 93.06 -46.04
N GLU FA 169 62.89 93.70 -47.16
CA GLU FA 169 61.88 94.42 -47.94
C GLU FA 169 60.92 93.45 -48.61
N LYS FA 170 61.39 92.27 -49.03
CA LYS FA 170 60.51 91.26 -49.57
C LYS FA 170 59.58 90.70 -48.50
N LEU FA 171 60.06 90.61 -47.26
CA LEU FA 171 59.22 90.21 -46.14
C LEU FA 171 58.21 91.28 -45.79
N ASN FA 172 58.52 92.55 -46.04
CA ASN FA 172 57.66 93.65 -45.61
C ASN FA 172 56.36 93.74 -46.39
N GLN FA 173 56.31 93.19 -47.61
CA GLN FA 173 55.09 93.30 -48.42
C GLN FA 173 53.99 92.36 -47.92
N GLN FA 174 54.37 91.17 -47.47
CA GLN FA 174 53.38 90.20 -47.03
C GLN FA 174 52.89 90.43 -45.61
N SER FA 175 53.46 91.40 -44.89
CA SER FA 175 52.96 91.74 -43.56
C SER FA 175 51.63 92.49 -43.69
N GLU FA 176 50.54 91.76 -43.61
CA GLU FA 176 49.22 92.35 -43.83
C GLU FA 176 48.64 92.90 -42.52
N VAL FA 177 47.63 93.75 -42.68
CA VAL FA 177 46.78 94.20 -41.58
C VAL FA 177 45.33 93.97 -42.02
N ASN FA 178 44.45 93.90 -41.01
CA ASN FA 178 42.99 93.90 -41.19
C ASN FA 178 42.52 92.70 -42.03
N SER FA 179 42.68 91.51 -41.45
CA SER FA 179 42.20 90.28 -42.07
C SER FA 179 41.20 89.59 -41.15
N ILE FA 180 40.07 89.19 -41.70
CA ILE FA 180 39.04 88.51 -40.95
C ILE FA 180 39.20 87.00 -41.12
N GLN FA 181 38.52 86.24 -40.26
CA GLN FA 181 38.67 84.79 -40.27
C GLN FA 181 37.37 84.15 -39.78
N ILE FA 182 36.88 83.18 -40.53
CA ILE FA 182 35.69 82.44 -40.16
C ILE FA 182 36.14 81.07 -39.63
N PHE FA 183 35.28 80.47 -38.79
CA PHE FA 183 35.53 79.15 -38.23
C PHE FA 183 34.20 78.45 -38.05
N SER FA 184 34.23 77.12 -38.13
CA SER FA 184 33.02 76.34 -37.94
C SER FA 184 33.41 74.92 -37.53
N ASP FA 185 32.97 74.50 -36.36
CA ASP FA 185 33.00 73.08 -36.03
C ASP FA 185 31.90 72.37 -36.79
N LYS FA 186 32.10 71.07 -37.02
CA LYS FA 186 31.15 70.18 -37.69
C LYS FA 186 30.82 70.69 -39.10
N LEU FA 187 31.83 70.59 -39.97
CA LEU FA 187 31.63 70.89 -41.39
C LEU FA 187 30.58 69.99 -42.01
N GLU FA 188 30.50 68.74 -41.57
CA GLU FA 188 29.35 67.90 -41.87
C GLU FA 188 28.20 68.27 -40.92
N VAL FA 189 26.98 68.17 -41.43
CA VAL FA 189 25.81 68.57 -40.66
C VAL FA 189 24.62 67.76 -41.14
N LEU FA 190 23.64 67.58 -40.26
CA LEU FA 190 22.39 66.93 -40.60
C LEU FA 190 21.38 67.98 -41.07
N LYS FA 191 20.11 67.58 -41.15
CA LYS FA 191 19.08 68.47 -41.67
C LYS FA 191 18.79 69.62 -40.71
N ASP FA 192 18.76 69.35 -39.41
CA ASP FA 192 18.40 70.36 -38.42
C ASP FA 192 19.49 70.60 -37.38
N ALA FA 193 20.70 70.14 -37.61
CA ALA FA 193 21.75 70.32 -36.61
C ALA FA 193 22.34 71.74 -36.71
N PRO FA 194 22.71 72.35 -35.58
CA PRO FA 194 23.06 73.78 -35.61
C PRO FA 194 24.37 74.11 -36.32
N ALA FA 195 25.48 73.45 -35.96
CA ALA FA 195 26.82 73.69 -36.53
C ALA FA 195 27.22 75.15 -36.41
N ARG FA 196 27.46 75.57 -35.16
CA ARG FA 196 27.68 76.96 -34.80
C ARG FA 196 28.88 77.59 -35.50
N LEU FA 197 28.61 78.55 -36.38
CA LEU FA 197 29.64 79.31 -37.08
C LEU FA 197 30.12 80.43 -36.18
N TRP FA 198 31.43 80.65 -36.13
CA TRP FA 198 32.02 81.70 -35.33
C TRP FA 198 32.98 82.51 -36.18
N GLY FA 199 32.72 83.81 -36.30
CA GLY FA 199 33.55 84.69 -37.08
C GLY FA 199 34.39 85.61 -36.21
N PHE FA 200 35.45 86.14 -36.80
CA PHE FA 200 36.35 87.05 -36.10
C PHE FA 200 36.79 88.13 -37.07
N SER FA 201 36.41 89.37 -36.79
CA SER FA 201 36.84 90.53 -37.54
C SER FA 201 37.72 91.39 -36.66
N THR FA 202 38.89 91.77 -37.18
CA THR FA 202 39.81 92.62 -36.45
C THR FA 202 39.61 94.10 -36.77
N LEU FA 203 38.46 94.46 -37.32
CA LEU FA 203 38.15 95.86 -37.57
C LEU FA 203 37.88 96.59 -36.27
N SER FA 204 37.91 97.92 -36.35
CA SER FA 204 37.67 98.76 -35.18
C SER FA 204 36.21 98.67 -34.75
N ASN FA 205 35.30 99.08 -35.64
CA ASN FA 205 33.87 98.89 -35.43
C ASN FA 205 33.27 98.38 -36.73
N ALA FA 206 32.34 97.45 -36.61
CA ALA FA 206 31.79 96.79 -37.79
C ALA FA 206 30.38 96.29 -37.46
N LYS FA 207 29.79 95.58 -38.41
CA LYS FA 207 28.51 94.90 -38.20
C LYS FA 207 28.63 93.39 -38.18
N GLU FA 208 29.65 92.84 -38.88
CA GLU FA 208 30.08 91.43 -38.89
C GLU FA 208 28.92 90.43 -39.05
N GLY FA 209 28.08 90.69 -40.05
CA GLY FA 209 26.96 89.82 -40.30
C GLY FA 209 27.33 88.54 -41.02
N PHE FA 210 26.34 87.67 -41.17
CA PHE FA 210 26.44 86.44 -41.95
C PHE FA 210 25.43 86.51 -43.08
N TYR FA 211 25.89 86.26 -44.30
CA TYR FA 211 25.04 86.33 -45.47
C TYR FA 211 24.95 84.96 -46.14
N ASN FA 212 23.77 84.69 -46.69
CA ASN FA 212 23.40 83.37 -47.20
C ASN FA 212 23.35 83.40 -48.72
N GLU FA 213 24.52 83.21 -49.34
CA GLU FA 213 24.75 82.81 -50.72
C GLU FA 213 24.42 83.84 -51.79
N ALA FA 214 23.66 84.89 -51.47
CA ALA FA 214 23.72 86.09 -52.30
C ALA FA 214 24.01 87.32 -51.45
N ASN FA 215 23.05 87.69 -50.62
CA ASN FA 215 23.26 88.72 -49.61
C ASN FA 215 22.41 88.48 -48.35
N GLU FA 216 21.75 87.33 -48.23
CA GLU FA 216 20.63 87.18 -47.30
C GLU FA 216 21.14 87.08 -45.86
N GLN FA 217 20.83 88.10 -45.07
CA GLN FA 217 21.29 88.19 -43.69
C GLN FA 217 20.61 87.13 -42.83
N ILE FA 218 21.42 86.32 -42.15
CA ILE FA 218 20.92 85.23 -41.32
C ILE FA 218 21.37 85.32 -39.88
N ALA FA 219 22.23 86.27 -39.54
CA ALA FA 219 22.69 86.44 -38.17
C ALA FA 219 22.91 87.93 -37.91
N SER FA 220 23.44 88.26 -36.74
CA SER FA 220 23.69 89.65 -36.39
C SER FA 220 25.18 89.95 -36.27
N GLY FA 221 25.90 89.25 -35.39
CA GLY FA 221 27.32 89.50 -35.28
C GLY FA 221 28.13 88.40 -34.62
N SER FA 222 29.17 87.94 -35.33
CA SER FA 222 30.25 87.06 -34.87
C SER FA 222 29.84 85.66 -34.46
N VAL FA 223 28.54 85.35 -34.48
CA VAL FA 223 28.03 84.01 -34.22
C VAL FA 223 26.87 83.74 -35.16
N CYS FA 224 26.79 82.50 -35.64
CA CYS FA 224 25.70 82.09 -36.51
C CYS FA 224 25.26 80.69 -36.13
N LEU FA 225 23.96 80.44 -36.18
CA LEU FA 225 23.39 79.13 -35.91
C LEU FA 225 22.73 78.68 -37.21
N PHE FA 226 23.36 77.75 -37.91
CA PHE FA 226 22.99 77.47 -39.29
C PHE FA 226 22.09 76.24 -39.36
N ARG FA 227 20.79 76.47 -39.36
CA ARG FA 227 19.86 75.42 -39.76
C ARG FA 227 19.75 75.40 -41.27
N SER FA 228 19.54 74.20 -41.82
CA SER FA 228 19.66 74.01 -43.27
C SER FA 228 18.32 73.71 -43.94
N ASP FA 229 17.65 72.62 -43.52
CA ASP FA 229 16.42 72.09 -44.15
C ASP FA 229 16.61 71.83 -45.65
N LYS FA 230 17.82 71.48 -46.06
CA LYS FA 230 18.16 71.26 -47.46
C LYS FA 230 19.06 70.04 -47.55
N VAL FA 231 19.67 69.84 -48.71
CA VAL FA 231 20.54 68.68 -48.93
C VAL FA 231 21.87 69.17 -49.49
N ARG FA 232 21.86 70.32 -50.16
CA ARG FA 232 23.00 70.82 -50.91
C ARG FA 232 24.13 71.30 -49.98
N LYS FA 233 25.26 71.65 -50.58
CA LYS FA 233 26.40 72.22 -49.88
C LYS FA 233 26.24 73.73 -49.84
N HIS FA 234 26.05 74.29 -48.65
CA HIS FA 234 25.83 75.72 -48.52
C HIS FA 234 27.14 76.45 -48.34
N THR FA 235 27.14 77.72 -48.74
CA THR FA 235 28.32 78.59 -48.63
C THR FA 235 27.90 79.86 -47.92
N ILE FA 236 28.39 80.05 -46.70
CA ILE FA 236 28.00 81.16 -45.85
C ILE FA 236 29.14 82.19 -45.85
N THR FA 237 28.78 83.47 -45.96
CA THR FA 237 29.77 84.53 -46.08
C THR FA 237 29.73 85.40 -44.83
N PHE FA 238 30.83 85.36 -44.07
CA PHE FA 238 31.06 86.31 -43.00
C PHE FA 238 31.44 87.66 -43.60
N LYS FA 239 30.76 88.72 -43.19
CA LYS FA 239 30.98 90.04 -43.75
C LYS FA 239 31.21 91.04 -42.65
N ALA FA 240 32.28 91.82 -42.77
CA ALA FA 240 32.60 92.89 -41.84
C ALA FA 240 32.69 94.18 -42.65
N ILE FA 241 31.67 95.02 -42.53
CA ILE FA 241 31.63 96.29 -43.23
C ILE FA 241 32.14 97.37 -42.30
N ASN FA 242 32.63 98.46 -42.88
CA ASN FA 242 33.14 99.58 -42.11
C ASN FA 242 32.97 100.85 -42.94
N THR FA 243 33.14 101.99 -42.27
CA THR FA 243 33.12 103.28 -42.95
C THR FA 243 34.29 103.46 -43.91
N LYS FA 244 35.39 102.73 -43.68
CA LYS FA 244 36.55 102.81 -44.57
C LYS FA 244 36.52 101.73 -45.65
N THR FA 245 36.49 100.47 -45.24
CA THR FA 245 36.56 99.36 -46.19
C THR FA 245 35.57 98.28 -45.76
N SER FA 246 35.67 97.11 -46.40
CA SER FA 246 34.79 95.99 -46.12
C SER FA 246 35.52 94.70 -46.46
N LEU FA 247 35.21 93.64 -45.70
CA LEU FA 247 35.82 92.34 -45.90
C LEU FA 247 34.77 91.25 -45.91
N SER FA 248 35.07 90.17 -46.62
CA SER FA 248 34.21 89.01 -46.70
C SER FA 248 35.06 87.75 -46.60
N LYS FA 249 34.41 86.66 -46.17
CA LYS FA 249 35.06 85.37 -46.04
C LYS FA 249 34.01 84.28 -46.25
N ASN FA 250 34.42 83.18 -46.85
CA ASN FA 250 33.52 82.10 -47.21
C ASN FA 250 33.78 80.87 -46.37
N ILE FA 251 32.71 80.18 -46.00
CA ILE FA 251 32.79 78.84 -45.41
C ILE FA 251 31.80 77.96 -46.16
N THR FA 252 32.11 76.67 -46.20
CA THR FA 252 31.30 75.68 -46.92
C THR FA 252 30.84 74.62 -45.93
N ILE FA 253 29.54 74.57 -45.67
CA ILE FA 253 28.95 73.59 -44.78
C ILE FA 253 28.10 72.65 -45.63
N SER FA 254 28.47 71.38 -45.63
CA SER FA 254 27.77 70.38 -46.43
C SER FA 254 26.73 69.67 -45.58
N VAL FA 255 25.53 69.51 -46.13
CA VAL FA 255 24.41 68.89 -45.44
C VAL FA 255 24.24 67.49 -46.00
N ILE FA 256 23.92 66.53 -45.13
CA ILE FA 256 23.53 65.19 -45.56
C ILE FA 256 22.22 64.83 -44.89
N ALA FA 257 21.54 63.86 -45.48
CA ALA FA 257 20.37 63.27 -44.84
C ALA FA 257 20.81 62.19 -43.87
N ASN FA 258 19.90 61.80 -43.00
CA ASN FA 258 20.17 60.73 -42.04
C ASN FA 258 20.20 59.39 -42.76
N LYS FA 259 21.33 58.68 -42.63
CA LYS FA 259 21.45 57.38 -43.29
C LYS FA 259 20.58 56.32 -42.64
N LEU FA 260 20.24 56.49 -41.36
CA LEU FA 260 19.38 55.52 -40.69
C LEU FA 260 17.93 55.68 -41.12
N LYS FA 261 17.47 56.93 -41.29
CA LYS FA 261 16.08 57.16 -41.66
C LYS FA 261 15.81 56.80 -43.10
N GLU FA 262 16.83 56.79 -43.95
CA GLU FA 262 16.67 56.45 -45.35
C GLU FA 262 16.51 54.94 -45.51
N ARG FA 263 15.46 54.54 -46.24
CA ARG FA 263 15.12 53.16 -46.62
C ARG FA 263 15.13 52.15 -45.45
N MET GA 1 29.58 70.42 5.84
CA MET GA 1 28.43 70.87 5.08
C MET GA 1 27.90 72.19 5.63
N ASP GA 2 27.14 72.91 4.81
CA ASP GA 2 26.36 74.05 5.28
C ASP GA 2 24.98 73.54 5.63
N THR GA 3 24.48 73.96 6.80
CA THR GA 3 23.33 73.29 7.39
C THR GA 3 22.02 73.69 6.70
N THR GA 4 21.80 74.99 6.51
CA THR GA 4 20.52 75.46 6.00
C THR GA 4 20.33 75.10 4.53
N ARG GA 5 21.41 75.13 3.75
CA ARG GA 5 21.35 74.65 2.38
C ARG GA 5 21.07 73.15 2.32
N PHE GA 6 21.60 72.40 3.28
CA PHE GA 6 21.30 70.97 3.37
C PHE GA 6 19.83 70.74 3.70
N ILE GA 7 19.26 71.57 4.59
CA ILE GA 7 17.85 71.42 4.97
C ILE GA 7 16.96 71.75 3.77
N ARG GA 8 17.28 72.82 3.05
CA ARG GA 8 16.47 73.20 1.88
C ARG GA 8 16.59 72.17 0.76
N ASN GA 9 17.78 71.61 0.55
CA ASN GA 9 17.94 70.59 -0.48
C ASN GA 9 17.27 69.29 -0.07
N PHE GA 10 17.29 68.95 1.22
CA PHE GA 10 16.58 67.78 1.71
C PHE GA 10 15.07 67.90 1.52
N ILE GA 11 14.53 69.09 1.80
CA ILE GA 11 13.12 69.35 1.59
C ILE GA 11 12.77 69.30 0.11
N LEU GA 12 13.63 69.86 -0.75
CA LEU GA 12 13.35 69.89 -2.19
C LEU GA 12 13.45 68.49 -2.79
N PHE GA 13 14.36 67.66 -2.30
CA PHE GA 13 14.45 66.30 -2.79
C PHE GA 13 13.31 65.43 -2.26
N LYS GA 14 12.78 65.75 -1.08
CA LYS GA 14 11.56 65.08 -0.64
C LYS GA 14 10.33 65.58 -1.38
N ASP GA 15 10.39 66.77 -1.99
CA ASP GA 15 9.30 67.21 -2.85
C ASP GA 15 9.40 66.61 -4.25
N ALA GA 16 10.61 66.45 -4.78
CA ALA GA 16 10.79 65.89 -6.12
C ALA GA 16 10.45 64.41 -6.12
N LEU GA 17 11.15 63.63 -5.31
CA LEU GA 17 10.72 62.28 -5.02
C LEU GA 17 9.49 62.38 -4.13
N GLN GA 18 8.30 62.35 -4.71
CA GLN GA 18 7.09 62.51 -3.91
C GLN GA 18 6.83 61.27 -3.08
N LYS GA 19 6.38 61.48 -1.84
CA LYS GA 19 6.34 60.42 -0.84
C LYS GA 19 5.20 59.43 -1.06
N GLN GA 20 4.30 59.69 -2.01
CA GLN GA 20 3.27 58.72 -2.33
C GLN GA 20 3.84 57.51 -3.05
N ASN GA 21 4.93 57.70 -3.79
CA ASN GA 21 5.58 56.62 -4.50
C ASN GA 21 6.71 55.98 -3.71
N PHE GA 22 6.94 56.41 -2.47
CA PHE GA 22 8.13 56.03 -1.73
C PHE GA 22 7.77 55.54 -0.34
N ASN GA 23 8.43 54.46 0.07
CA ASN GA 23 8.51 54.14 1.49
C ASN GA 23 9.31 55.24 2.19
N ASN GA 24 8.92 55.57 3.43
CA ASN GA 24 9.41 56.77 4.10
C ASN GA 24 10.90 56.67 4.42
N LYS GA 25 11.37 55.49 4.83
CA LYS GA 25 12.78 55.33 5.18
C LYS GA 25 13.68 55.47 3.97
N ASP GA 26 13.33 54.80 2.87
CA ASP GA 26 14.11 54.92 1.64
C ASP GA 26 14.02 56.30 1.03
N LEU GA 27 12.87 56.97 1.21
CA LEU GA 27 12.73 58.35 0.74
C LEU GA 27 13.68 59.29 1.48
N ASN GA 28 13.68 59.20 2.81
CA ASN GA 28 14.56 60.05 3.61
C ASN GA 28 16.03 59.72 3.36
N THR GA 29 16.34 58.44 3.15
CA THR GA 29 17.72 58.05 2.90
C THR GA 29 18.22 58.55 1.55
N THR GA 30 17.41 58.38 0.49
CA THR GA 30 17.81 58.85 -0.82
C THR GA 30 17.88 60.38 -0.89
N SER GA 31 16.98 61.06 -0.19
CA SER GA 31 17.04 62.51 -0.12
C SER GA 31 18.26 62.99 0.64
N MET GA 32 18.65 62.27 1.70
CA MET GA 32 19.85 62.64 2.46
C MET GA 32 21.11 62.42 1.65
N GLN GA 33 21.18 61.30 0.91
CA GLN GA 33 22.36 61.03 0.09
C GLN GA 33 22.48 62.02 -1.07
N ALA GA 34 21.35 62.35 -1.70
CA ALA GA 34 21.37 63.34 -2.78
C ALA GA 34 21.70 64.73 -2.24
N ALA GA 35 21.27 65.05 -1.02
CA ALA GA 35 21.61 66.36 -0.44
C ALA GA 35 23.08 66.44 -0.08
N LEU GA 36 23.67 65.33 0.37
CA LEU GA 36 25.10 65.32 0.65
C LEU GA 36 25.92 65.45 -0.62
N GLN GA 37 25.49 64.78 -1.70
CA GLN GA 37 26.15 64.96 -2.99
C GLN GA 37 25.97 66.38 -3.52
N SER GA 38 24.82 67.00 -3.24
CA SER GA 38 24.60 68.38 -3.64
C SER GA 38 25.50 69.33 -2.86
N GLU GA 39 25.77 69.04 -1.59
CA GLU GA 39 26.72 69.85 -0.82
C GLU GA 39 28.14 69.69 -1.36
N GLN GA 40 28.52 68.46 -1.72
CA GLN GA 40 29.84 68.22 -2.30
C GLN GA 40 29.99 68.91 -3.65
N LEU GA 41 28.91 69.05 -4.41
CA LEU GA 41 28.95 69.80 -5.65
C LEU GA 41 28.95 71.30 -5.40
N ALA GA 42 28.22 71.75 -4.37
CA ALA GA 42 28.11 73.18 -4.11
C ALA GA 42 29.39 73.77 -3.56
N LEU GA 43 30.26 72.95 -2.95
CA LEU GA 43 31.61 73.42 -2.60
C LEU GA 43 32.39 73.85 -3.85
N SER GA 44 32.39 73.01 -4.87
CA SER GA 44 33.05 73.35 -6.12
C SER GA 44 32.33 74.50 -6.83
N GLU GA 45 31.02 74.61 -6.62
CA GLU GA 45 30.28 75.77 -7.14
C GLU GA 45 30.76 77.07 -6.48
N GLU GA 46 30.98 77.04 -5.17
CA GLU GA 46 31.49 78.21 -4.45
C GLU GA 46 32.88 78.60 -4.94
N SER GA 47 33.74 77.60 -5.17
CA SER GA 47 35.08 77.87 -5.68
C SER GA 47 35.04 78.47 -7.08
N GLN GA 48 34.22 77.89 -7.97
CA GLN GA 48 34.12 78.39 -9.34
C GLN GA 48 33.47 79.76 -9.39
N TYR GA 49 32.51 80.04 -8.51
CA TYR GA 49 31.87 81.35 -8.51
C TYR GA 49 32.80 82.41 -7.94
N LEU GA 50 33.64 82.05 -6.97
CA LEU GA 50 34.66 82.98 -6.49
C LEU GA 50 35.67 83.30 -7.59
N GLN GA 51 36.10 82.29 -8.34
CA GLN GA 51 37.03 82.50 -9.44
C GLN GA 51 36.40 83.36 -10.55
N SER GA 52 35.13 83.09 -10.88
CA SER GA 52 34.47 83.87 -11.91
C SER GA 52 34.21 85.30 -11.47
N GLU GA 53 33.92 85.52 -10.19
CA GLU GA 53 33.77 86.88 -9.68
C GLU GA 53 35.08 87.64 -9.72
N GLN GA 54 36.20 86.96 -9.40
CA GLN GA 54 37.51 87.60 -9.48
C GLN GA 54 37.91 87.92 -10.90
N VAL GA 55 37.50 87.09 -11.86
CA VAL GA 55 37.83 87.37 -13.25
C VAL GA 55 36.97 88.51 -13.78
N ARG GA 56 35.66 88.48 -13.51
CA ARG GA 56 34.77 89.50 -14.05
C ARG GA 56 34.91 90.84 -13.36
N ALA GA 57 35.46 90.88 -12.14
CA ALA GA 57 35.64 92.15 -11.46
C ALA GA 57 36.83 92.91 -12.03
N LYS GA 58 37.87 92.21 -12.44
CA LYS GA 58 39.12 92.82 -12.88
C LYS GA 58 39.18 93.03 -14.38
N MET GA 59 38.06 92.90 -15.10
CA MET GA 59 38.13 92.85 -16.56
C MET GA 59 38.33 94.22 -17.18
N GLN GA 60 37.73 95.27 -16.60
CA GLN GA 60 37.90 96.61 -17.14
C GLN GA 60 39.33 97.10 -16.99
N ILE GA 61 39.93 96.89 -15.82
CA ILE GA 61 41.30 97.30 -15.60
C ILE GA 61 42.26 96.44 -16.42
N ASP GA 62 41.90 95.18 -16.67
CA ASP GA 62 42.75 94.32 -17.51
C ASP GA 62 42.70 94.75 -18.96
N PHE GA 63 41.53 95.15 -19.46
CA PHE GA 63 41.45 95.64 -20.84
C PHE GA 63 42.12 97.00 -21.00
N LEU GA 64 42.03 97.85 -19.97
CA LEU GA 64 42.75 99.11 -20.01
C LEU GA 64 44.27 98.89 -19.96
N GLY GA 65 44.72 97.90 -19.19
CA GLY GA 65 46.13 97.57 -19.17
C GLY GA 65 46.61 96.94 -20.46
N MET GA 66 45.76 96.17 -21.13
CA MET GA 66 46.13 95.59 -22.42
C MET GA 66 46.19 96.67 -23.50
N GLN GA 67 45.28 97.64 -23.45
CA GLN GA 67 45.38 98.77 -24.37
C GLN GA 67 46.60 99.64 -24.08
N ALA GA 68 46.97 99.78 -22.80
CA ALA GA 68 48.19 100.52 -22.47
C ALA GA 68 49.44 99.76 -22.92
N ASN GA 69 49.41 98.43 -22.86
CA ASN GA 69 50.52 97.64 -23.36
C ASN GA 69 50.59 97.69 -24.88
N LEU GA 70 49.45 97.80 -25.56
CA LEU GA 70 49.46 98.01 -27.01
C LEU GA 70 50.05 99.37 -27.36
N GLN GA 71 49.72 100.39 -26.57
CA GLN GA 71 50.32 101.70 -26.74
C GLN GA 71 51.82 101.67 -26.48
N ASN GA 72 52.25 100.87 -25.50
CA ASN GA 72 53.67 100.73 -25.21
C ASN GA 72 54.40 100.01 -26.34
N ALA GA 73 53.79 98.97 -26.91
CA ALA GA 73 54.41 98.24 -28.00
C ALA GA 73 54.42 99.04 -29.29
N LYS GA 74 53.49 99.99 -29.46
CA LYS GA 74 53.57 100.87 -30.62
C LYS GA 74 54.62 101.97 -30.42
N ALA GA 75 54.67 102.54 -29.21
CA ALA GA 75 55.60 103.63 -28.94
C ALA GA 75 57.05 103.15 -28.90
N GLU GA 76 57.27 101.89 -28.49
CA GLU GA 76 58.63 101.36 -28.51
C GLU GA 76 59.12 101.16 -29.93
N THR GA 77 58.25 100.71 -30.83
CA THR GA 77 58.63 100.57 -32.24
C THR GA 77 58.85 101.93 -32.89
N LEU GA 78 58.03 102.92 -32.54
CA LEU GA 78 58.25 104.28 -33.06
C LEU GA 78 59.55 104.87 -32.54
N ASN GA 79 59.88 104.60 -31.27
CA ASN GA 79 61.12 105.10 -30.70
C ASN GA 79 62.33 104.40 -31.31
N LYS GA 80 62.21 103.12 -31.63
CA LYS GA 80 63.30 102.42 -32.30
C LYS GA 80 63.50 102.93 -33.72
N LEU GA 81 62.39 103.25 -34.41
CA LEU GA 81 62.50 103.84 -35.75
C LEU GA 81 63.13 105.21 -35.70
N ILE GA 82 62.79 106.01 -34.68
CA ILE GA 82 63.35 107.36 -34.57
C ILE GA 82 64.82 107.31 -34.17
N GLN GA 83 65.19 106.37 -33.30
CA GLN GA 83 66.60 106.16 -32.97
C GLN GA 83 67.39 105.69 -34.18
N CYS GA 84 66.76 104.85 -35.02
CA CYS GA 84 67.41 104.41 -36.26
C CYS GA 84 67.61 105.56 -37.24
N GLN GA 85 66.61 106.43 -37.40
CA GLN GA 85 66.76 107.57 -38.29
C GLN GA 85 67.76 108.59 -37.75
N ALA GA 86 67.85 108.72 -36.42
CA ALA GA 86 68.86 109.57 -35.82
C ALA GA 86 70.25 109.01 -36.05
N MET GA 87 70.40 107.69 -35.98
CA MET GA 87 71.69 107.07 -36.30
C MET GA 87 72.01 107.19 -37.79
N LEU GA 88 70.98 107.25 -38.64
CA LEU GA 88 71.21 107.48 -40.06
C LEU GA 88 71.71 108.89 -40.32
N LYS GA 89 71.09 109.88 -39.69
CA LYS GA 89 71.50 111.27 -39.93
C LYS GA 89 72.76 111.64 -39.16
N SER GA 90 73.10 110.91 -38.10
CA SER GA 90 74.28 111.24 -37.31
C SER GA 90 75.57 110.95 -38.07
N LEU GA 91 75.54 110.01 -39.02
CA LEU GA 91 76.70 109.78 -39.87
C LEU GA 91 76.99 110.99 -40.75
N LYS GA 92 75.95 111.54 -41.38
CA LYS GA 92 76.10 112.75 -42.19
C LYS GA 92 76.54 113.93 -41.35
N ASP GA 93 75.97 114.08 -40.15
CA ASP GA 93 76.31 115.22 -39.31
C ASP GA 93 77.74 115.12 -38.78
N ASN GA 94 78.15 113.93 -38.33
CA ASN GA 94 79.50 113.76 -37.80
C ASN GA 94 80.54 113.71 -38.90
N ALA GA 95 80.15 113.47 -40.16
CA ALA GA 95 81.09 113.66 -41.25
C ALA GA 95 81.23 115.13 -41.60
N MET GA 96 80.12 115.86 -41.64
CA MET GA 96 80.15 117.24 -42.09
C MET GA 96 80.80 118.17 -41.07
N ILE GA 97 80.55 117.96 -39.78
CA ILE GA 97 81.17 118.84 -38.80
C ILE GA 97 82.66 118.52 -38.65
N ASN GA 98 83.07 117.28 -38.92
CA ASN GA 98 84.49 116.96 -38.89
C ASN GA 98 85.20 117.53 -40.12
N ARG GA 99 84.53 117.50 -41.27
CA ARG GA 99 85.08 118.14 -42.46
C ARG GA 99 85.21 119.64 -42.27
N ALA GA 100 84.20 120.25 -41.64
CA ALA GA 100 84.25 121.69 -41.36
C ALA GA 100 85.35 122.03 -40.35
N ASN GA 101 85.52 121.20 -39.31
CA ASN GA 101 86.56 121.45 -38.32
C ASN GA 101 87.95 121.29 -38.93
N ALA GA 102 88.12 120.29 -39.81
CA ALA GA 102 89.39 120.10 -40.49
C ALA GA 102 89.68 121.25 -41.45
N LEU GA 103 88.65 121.79 -42.11
CA LEU GA 103 88.86 122.95 -42.97
C LEU GA 103 89.20 124.19 -42.17
N VAL GA 104 88.59 124.36 -40.98
CA VAL GA 104 88.93 125.47 -40.10
C VAL GA 104 90.38 125.36 -39.63
N SER GA 105 90.83 124.14 -39.30
CA SER GA 105 92.23 123.96 -38.93
C SER GA 105 93.17 124.16 -40.11
N LEU GA 106 92.71 123.86 -41.34
CA LEU GA 106 93.54 124.12 -42.51
C LEU GA 106 93.68 125.61 -42.79
N LEU GA 107 92.61 126.37 -42.64
CA LEU GA 107 92.75 127.83 -42.72
C LEU GA 107 93.49 128.40 -41.53
N GLN GA 108 93.51 127.70 -40.39
CA GLN GA 108 94.29 128.15 -39.25
C GLN GA 108 95.78 127.99 -39.51
N VAL GA 109 96.19 126.87 -40.13
CA VAL GA 109 97.60 126.73 -40.47
C VAL GA 109 97.97 127.58 -41.68
N GLN GA 110 97.02 127.89 -42.57
CA GLN GA 110 97.30 128.81 -43.66
C GLN GA 110 97.32 130.26 -43.20
N ALA GA 111 96.73 130.56 -42.05
CA ALA GA 111 96.72 131.94 -41.55
C ALA GA 111 98.10 132.34 -41.02
N ASN GA 112 98.58 131.64 -39.99
CA ASN GA 112 99.90 131.93 -39.41
C ASN GA 112 100.97 131.05 -40.04
N ALA GA 113 101.03 131.04 -41.37
CA ALA GA 113 102.00 130.19 -42.07
C ALA GA 113 103.35 130.88 -42.20
N ALA GA 114 103.38 132.00 -42.95
CA ALA GA 114 104.58 132.78 -43.28
C ALA GA 114 105.68 131.92 -43.91
N ASN GA 115 105.28 130.92 -44.69
CA ASN GA 115 106.22 129.99 -45.30
C ASN GA 115 106.16 129.98 -46.82
N GLY GA 116 104.96 129.87 -47.40
CA GLY GA 116 104.79 129.79 -48.83
C GLY GA 116 104.54 128.38 -49.35
N ILE GA 117 104.91 127.36 -48.58
CA ILE GA 117 104.64 125.98 -48.98
C ILE GA 117 103.15 125.68 -48.85
N THR GA 118 102.46 126.38 -47.96
CA THR GA 118 101.03 126.17 -47.74
C THR GA 118 100.19 126.59 -48.93
N THR GA 119 100.66 127.56 -49.74
CA THR GA 119 99.93 127.94 -50.94
C THR GA 119 99.98 126.84 -51.99
N SER GA 120 101.06 126.06 -52.01
CA SER GA 120 101.14 124.92 -52.91
C SER GA 120 100.45 123.69 -52.35
N ASN GA 121 100.42 123.55 -51.02
CA ASN GA 121 99.76 122.41 -50.39
C ASN GA 121 98.26 122.62 -50.21
N PHE GA 122 97.76 123.84 -50.43
CA PHE GA 122 96.33 124.10 -50.35
C PHE GA 122 95.55 123.43 -51.48
N GLU GA 123 96.21 123.10 -52.59
CA GLU GA 123 95.61 122.25 -53.60
C GLU GA 123 95.77 120.77 -53.29
N ALA GA 124 96.59 120.42 -52.30
CA ALA GA 124 96.88 119.05 -51.93
C ALA GA 124 96.10 118.60 -50.70
N ALA GA 125 96.12 119.39 -49.63
CA ALA GA 125 95.41 119.03 -48.42
C ALA GA 125 93.90 119.18 -48.55
N PHE GA 126 93.44 120.07 -49.43
CA PHE GA 126 92.00 120.27 -49.61
C PHE GA 126 91.33 119.06 -50.24
N LYS GA 127 92.08 118.30 -51.05
CA LYS GA 127 91.52 117.06 -51.57
C LYS GA 127 91.53 115.97 -50.51
N ILE GA 128 92.35 116.10 -49.47
CA ILE GA 128 92.29 115.19 -48.34
C ILE GA 128 91.09 115.51 -47.47
N ILE GA 129 90.78 116.80 -47.29
CA ILE GA 129 89.56 117.17 -46.59
C ILE GA 129 88.33 116.85 -47.45
N ALA GA 130 88.50 116.79 -48.77
CA ALA GA 130 87.40 116.46 -49.66
C ALA GA 130 87.00 114.98 -49.56
N GLN GA 131 87.89 114.12 -49.07
CA GLN GA 131 87.58 112.70 -48.93
C GLN GA 131 86.91 112.36 -47.62
N ILE GA 132 86.55 113.36 -46.80
CA ILE GA 132 85.78 113.10 -45.60
C ILE GA 132 84.35 112.70 -45.96
N GLY GA 133 83.72 113.50 -46.82
CA GLY GA 133 82.35 113.25 -47.25
C GLY GA 133 82.28 112.72 -48.67
N SER GA 134 83.14 111.75 -49.01
CA SER GA 134 83.19 111.22 -50.37
C SER GA 134 81.92 110.48 -50.74
N GLU GA 135 81.31 109.78 -49.79
CA GLU GA 135 80.01 109.16 -50.01
C GLU GA 135 78.85 110.13 -49.82
N TYR GA 136 79.15 111.40 -49.53
CA TYR GA 136 78.18 112.45 -49.29
C TYR GA 136 78.49 113.59 -50.25
N ASN GA 137 77.99 114.79 -49.98
CA ASN GA 137 78.22 115.94 -50.86
C ASN GA 137 79.69 116.34 -50.77
N GLN GA 138 80.50 115.69 -51.62
CA GLN GA 138 81.92 115.95 -51.68
C GLN GA 138 82.20 117.31 -52.31
N ILE GA 139 83.45 117.76 -52.17
CA ILE GA 139 83.83 119.11 -52.57
C ILE GA 139 85.07 119.03 -53.45
N THR GA 140 85.32 120.11 -54.19
CA THR GA 140 86.49 120.21 -55.04
C THR GA 140 86.96 121.67 -55.05
N LEU GA 141 88.11 121.88 -55.69
CA LEU GA 141 88.71 123.21 -55.81
C LEU GA 141 89.24 123.36 -57.23
N ASN GA 142 88.59 124.22 -58.02
CA ASN GA 142 89.04 124.41 -59.40
C ASN GA 142 90.28 125.30 -59.47
N ASN GA 143 90.15 126.58 -59.07
CA ASN GA 143 91.28 127.48 -58.88
C ASN GA 143 91.07 128.33 -57.64
N GLY GA 144 90.58 127.72 -56.57
CA GLY GA 144 90.32 128.44 -55.34
C GLY GA 144 88.87 128.65 -55.00
N ASN GA 145 87.94 127.97 -55.67
CA ASN GA 145 86.53 128.05 -55.37
C ASN GA 145 85.96 126.64 -55.25
N VAL GA 146 84.88 126.51 -54.49
CA VAL GA 146 84.26 125.23 -54.21
C VAL GA 146 82.95 125.10 -54.97
N SER GA 147 82.44 123.87 -55.01
CA SER GA 147 81.17 123.58 -55.68
C SER GA 147 80.59 122.32 -55.05
N VAL GA 148 79.46 122.47 -54.35
CA VAL GA 148 78.84 121.35 -53.66
C VAL GA 148 78.09 120.49 -54.67
N GLN GA 149 78.31 119.18 -54.61
CA GLN GA 149 77.70 118.26 -55.57
C GLN GA 149 76.29 117.86 -55.16
N GLU GA 150 76.14 117.26 -53.97
CA GLU GA 150 74.91 116.67 -53.46
C GLU GA 150 74.35 115.64 -54.45
N LYS GA 151 75.12 114.55 -54.57
CA LYS GA 151 74.93 113.57 -55.65
C LYS GA 151 73.66 112.75 -55.54
N GLU GA 152 72.90 112.87 -54.44
CA GLU GA 152 71.69 112.08 -54.16
C GLU GA 152 71.98 110.58 -54.20
N GLN GA 153 72.83 110.15 -53.28
CA GLN GA 153 73.35 108.79 -53.28
C GLN GA 153 72.26 107.80 -52.86
N THR GA 154 72.27 106.64 -53.49
CA THR GA 154 71.21 105.66 -53.29
C THR GA 154 71.38 104.93 -51.97
N ASN GA 155 70.25 104.57 -51.37
CA ASN GA 155 70.24 103.78 -50.14
C ASN GA 155 68.87 103.11 -50.05
N GLU GA 156 68.85 101.78 -50.04
CA GLU GA 156 67.59 101.06 -49.97
C GLU GA 156 66.98 101.13 -48.57
N LEU GA 157 67.83 101.22 -47.54
CA LEU GA 157 67.37 101.14 -46.16
C LEU GA 157 66.52 102.34 -45.76
N LYS GA 158 66.75 103.50 -46.38
CA LYS GA 158 65.87 104.63 -46.18
C LYS GA 158 64.46 104.35 -46.70
N THR GA 159 64.37 103.69 -47.84
CA THR GA 159 63.07 103.32 -48.39
C THR GA 159 62.40 102.24 -47.55
N ILE GA 160 63.17 101.31 -46.98
CA ILE GA 160 62.58 100.30 -46.11
C ILE GA 160 62.10 100.92 -44.81
N LEU GA 161 62.83 101.93 -44.30
CA LEU GA 161 62.38 102.69 -43.14
C LEU GA 161 61.08 103.44 -43.44
N ASN GA 162 60.98 104.02 -44.63
CA ASN GA 162 59.76 104.71 -45.03
C ASN GA 162 58.58 103.75 -45.15
N SER GA 163 58.84 102.54 -45.67
CA SER GA 163 57.79 101.55 -45.80
C SER GA 163 57.34 101.02 -44.44
N LEU GA 164 58.28 100.87 -43.50
CA LEU GA 164 57.91 100.46 -42.15
C LEU GA 164 57.14 101.56 -41.41
N SER GA 165 57.47 102.82 -41.67
CA SER GA 165 56.70 103.92 -41.08
C SER GA 165 55.28 103.96 -41.64
N LYS GA 166 55.14 103.70 -42.94
CA LYS GA 166 53.81 103.64 -43.54
C LYS GA 166 53.03 102.45 -43.01
N GLU GA 167 53.71 101.33 -42.74
CA GLU GA 167 53.10 100.17 -42.12
C GLU GA 167 52.61 100.48 -40.70
N LEU GA 168 53.41 101.23 -39.94
CA LEU GA 168 53.03 101.58 -38.58
C LEU GA 168 51.85 102.54 -38.56
N GLU GA 169 51.84 103.51 -39.49
CA GLU GA 169 50.71 104.43 -39.57
C GLU GA 169 49.44 103.72 -40.04
N LYS GA 170 49.57 102.74 -40.94
CA LYS GA 170 48.41 101.95 -41.34
C LYS GA 170 47.91 101.09 -40.18
N LEU GA 171 48.81 100.62 -39.33
CA LEU GA 171 48.41 99.89 -38.14
C LEU GA 171 47.76 100.79 -37.11
N ASN GA 172 48.12 102.08 -37.10
CA ASN GA 172 47.65 102.99 -36.06
C ASN GA 172 46.17 103.32 -36.19
N GLN GA 173 45.58 103.18 -37.38
CA GLN GA 173 44.18 103.56 -37.55
C GLN GA 173 43.24 102.51 -36.96
N GLN GA 174 43.60 101.24 -37.05
CA GLN GA 174 42.73 100.17 -36.55
C GLN GA 174 42.85 99.96 -35.05
N SER GA 175 43.78 100.65 -34.38
CA SER GA 175 43.88 100.56 -32.93
C SER GA 175 42.72 101.31 -32.29
N GLU GA 176 41.64 100.60 -31.98
CA GLU GA 176 40.43 101.23 -31.47
C GLU GA 176 40.48 101.34 -29.95
N VAL GA 177 39.60 102.20 -29.43
CA VAL GA 177 39.31 102.28 -28.01
C VAL GA 177 37.79 102.21 -27.86
N ASN GA 178 37.35 101.84 -26.66
CA ASN GA 178 35.95 101.90 -26.21
C ASN GA 178 35.03 101.04 -27.09
N SER GA 179 35.24 99.72 -27.00
CA SER GA 179 34.41 98.75 -27.70
C SER GA 179 33.76 97.81 -26.70
N ILE GA 180 32.47 97.60 -26.84
CA ILE GA 180 31.71 96.74 -25.96
C ILE GA 180 31.59 95.35 -26.60
N GLN GA 181 31.21 94.36 -25.80
CA GLN GA 181 31.15 92.99 -26.28
C GLN GA 181 30.07 92.23 -25.52
N ILE GA 182 29.20 91.55 -26.25
CA ILE GA 182 28.16 90.72 -25.66
C ILE GA 182 28.58 89.26 -25.77
N PHE GA 183 28.05 88.44 -24.88
CA PHE GA 183 28.32 87.01 -24.87
C PHE GA 183 27.07 86.29 -24.38
N SER GA 184 26.89 85.06 -24.83
CA SER GA 184 25.75 84.25 -24.40
C SER GA 184 26.08 82.78 -24.61
N ASP GA 185 26.07 82.01 -23.54
CA ASP GA 185 26.04 80.57 -23.67
C ASP GA 185 24.65 80.14 -24.09
N LYS GA 186 24.57 78.98 -24.74
CA LYS GA 186 23.32 78.34 -25.20
C LYS GA 186 22.55 79.27 -26.14
N LEU GA 187 23.13 79.45 -27.33
CA LEU GA 187 22.45 80.18 -28.41
C LEU GA 187 21.13 79.53 -28.78
N GLU GA 188 21.07 78.20 -28.72
CA GLU GA 188 19.79 77.51 -28.75
C GLU GA 188 19.15 77.56 -27.36
N VAL GA 189 17.82 77.63 -27.33
CA VAL GA 189 17.11 77.78 -26.08
C VAL GA 189 15.72 77.17 -26.25
N LEU GA 190 15.14 76.72 -25.14
CA LEU GA 190 13.78 76.22 -25.11
C LEU GA 190 12.81 77.37 -24.82
N LYS GA 191 11.57 77.02 -24.48
CA LYS GA 191 10.54 78.04 -24.26
C LYS GA 191 10.79 78.83 -22.97
N ASP GA 192 11.24 78.16 -21.92
CA ASP GA 192 11.42 78.81 -20.62
C ASP GA 192 12.84 78.70 -20.09
N ALA GA 193 13.81 78.33 -20.92
CA ALA GA 193 15.17 78.18 -20.42
C ALA GA 193 15.84 79.56 -20.34
N PRO GA 194 16.70 79.78 -19.34
CA PRO GA 194 17.20 81.14 -19.09
C PRO GA 194 18.17 81.68 -20.15
N ALA GA 195 19.24 80.93 -20.46
CA ALA GA 195 20.28 81.33 -21.43
C ALA GA 195 20.88 82.68 -21.07
N ARG GA 196 21.63 82.68 -19.96
CA ARG GA 196 22.15 83.89 -19.33
C ARG GA 196 23.07 84.69 -20.26
N LEU GA 197 22.62 85.88 -20.64
CA LEU GA 197 23.38 86.82 -21.44
C LEU GA 197 24.32 87.60 -20.53
N TRP GA 198 25.56 87.78 -20.96
CA TRP GA 198 26.54 88.53 -20.19
C TRP GA 198 27.20 89.56 -21.09
N GLY GA 199 27.09 90.83 -20.71
CA GLY GA 199 27.68 91.91 -21.47
C GLY GA 199 28.89 92.49 -20.79
N PHE GA 200 29.70 93.19 -21.58
CA PHE GA 200 30.91 93.83 -21.07
C PHE GA 200 31.09 95.16 -21.79
N SER GA 201 31.01 96.24 -21.03
CA SER GA 201 31.26 97.58 -21.53
C SER GA 201 32.53 98.11 -20.88
N THR GA 202 33.45 98.64 -21.68
CA THR GA 202 34.69 99.21 -21.18
C THR GA 202 34.58 100.71 -20.95
N LEU GA 203 33.36 101.24 -20.86
CA LEU GA 203 33.15 102.64 -20.56
C LEU GA 203 33.51 102.93 -19.10
N SER GA 204 33.69 104.21 -18.81
CA SER GA 204 34.02 104.64 -17.45
C SER GA 204 32.83 104.43 -16.51
N ASN GA 205 31.72 105.09 -16.80
CA ASN GA 205 30.46 104.87 -16.10
C ASN GA 205 29.35 104.79 -17.12
N ALA GA 206 28.42 103.87 -16.92
CA ALA GA 206 27.38 103.62 -17.91
C ALA GA 206 26.16 103.05 -17.19
N LYS GA 207 25.16 102.68 -17.99
CA LYS GA 207 23.98 101.98 -17.47
C LYS GA 207 23.90 100.53 -17.96
N GLU GA 208 24.49 100.24 -19.12
CA GLU GA 208 24.69 98.89 -19.71
C GLU GA 208 23.44 98.01 -19.67
N GLY GA 209 22.33 98.56 -20.11
CA GLY GA 209 21.09 97.82 -20.13
C GLY GA 209 20.99 96.83 -21.28
N PHE GA 210 19.90 96.06 -21.25
CA PHE GA 210 19.54 95.14 -22.32
C PHE GA 210 18.20 95.57 -22.88
N TYR GA 211 18.11 95.72 -24.20
CA TYR GA 211 16.89 96.16 -24.86
C TYR GA 211 16.38 95.07 -25.79
N ASN GA 212 15.05 94.98 -25.87
CA ASN GA 212 14.35 93.89 -26.54
C ASN GA 212 13.72 94.41 -27.83
N GLU GA 213 14.53 94.42 -28.89
CA GLU GA 213 14.16 94.46 -30.31
C GLU GA 213 13.58 95.79 -30.80
N ALA GA 214 13.15 96.69 -29.91
CA ALA GA 214 13.05 98.08 -30.32
C ALA GA 214 13.80 98.99 -29.35
N ASN GA 215 13.28 99.08 -28.12
CA ASN GA 215 13.99 99.73 -27.04
C ASN GA 215 13.67 99.12 -25.68
N GLU GA 216 12.96 97.99 -25.63
CA GLU GA 216 12.28 97.56 -24.42
C GLU GA 216 13.28 97.01 -23.39
N GLN GA 217 13.43 97.73 -22.28
CA GLN GA 217 14.40 97.37 -21.26
C GLN GA 217 13.96 96.10 -20.53
N ILE GA 218 14.86 95.12 -20.50
CA ILE GA 218 14.56 93.82 -19.91
C ILE GA 218 15.54 93.45 -18.79
N ALA GA 219 16.59 94.23 -18.58
CA ALA GA 219 17.55 93.96 -17.53
C ALA GA 219 18.04 95.29 -16.96
N SER GA 220 19.02 95.24 -16.07
CA SER GA 220 19.57 96.45 -15.46
C SER GA 220 21.01 96.68 -15.88
N GLY GA 221 21.91 95.73 -15.61
CA GLY GA 221 23.29 95.93 -16.01
C GLY GA 221 24.14 94.68 -16.08
N SER GA 222 24.75 94.46 -17.25
CA SER GA 222 25.81 93.48 -17.55
C SER GA 222 25.39 92.01 -17.42
N VAL GA 223 24.17 91.74 -17.00
CA VAL GA 223 23.63 90.38 -16.95
C VAL GA 223 22.18 90.43 -17.38
N CYS GA 224 21.75 89.41 -18.11
CA CYS GA 224 20.36 89.30 -18.55
C CYS GA 224 19.93 87.85 -18.44
N LEU GA 225 18.69 87.64 -18.03
CA LEU GA 225 18.10 86.31 -17.95
C LEU GA 225 16.93 86.30 -18.93
N PHE GA 226 17.13 85.63 -20.06
CA PHE GA 226 16.22 85.80 -21.19
C PHE GA 226 15.21 84.67 -21.25
N ARG GA 227 14.04 84.89 -20.66
CA ARG GA 227 12.91 84.02 -20.92
C ARG GA 227 12.21 84.48 -22.21
N SER GA 228 11.66 83.52 -22.95
CA SER GA 228 11.19 83.81 -24.29
C SER GA 228 9.67 83.72 -24.42
N ASP GA 229 9.08 82.57 -24.10
CA ASP GA 229 7.65 82.27 -24.31
C ASP GA 229 7.21 82.49 -25.75
N LYS GA 230 8.12 82.28 -26.70
CA LYS GA 230 7.86 82.51 -28.11
C LYS GA 230 8.50 81.38 -28.91
N VAL GA 231 8.59 81.55 -30.22
CA VAL GA 231 9.14 80.52 -31.10
C VAL GA 231 10.21 81.15 -31.99
N ARG GA 232 10.09 82.46 -32.22
CA ARG GA 232 10.91 83.16 -33.19
C ARG GA 232 12.36 83.32 -32.71
N LYS GA 233 13.21 83.84 -33.59
CA LYS GA 233 14.60 84.14 -33.26
C LYS GA 233 14.66 85.57 -32.74
N HIS GA 234 15.02 85.72 -31.47
CA HIS GA 234 15.06 87.04 -30.86
C HIS GA 234 16.43 87.68 -31.03
N THR GA 235 16.44 89.00 -31.02
CA THR GA 235 17.66 89.79 -31.14
C THR GA 235 17.73 90.78 -29.99
N ILE GA 236 18.66 90.56 -29.07
CA ILE GA 236 18.78 91.36 -27.87
C ILE GA 236 19.94 92.32 -28.02
N THR GA 237 19.75 93.57 -27.61
CA THR GA 237 20.75 94.61 -27.81
C THR GA 237 21.31 95.05 -26.47
N PHE GA 238 22.60 94.76 -26.26
CA PHE GA 238 23.35 95.32 -25.14
C PHE GA 238 23.65 96.79 -25.43
N LYS GA 239 23.32 97.67 -24.49
CA LYS GA 239 23.48 99.10 -24.69
C LYS GA 239 24.24 99.71 -23.54
N ALA GA 240 25.27 100.48 -23.87
CA ALA GA 240 26.07 101.19 -22.88
C ALA GA 240 26.01 102.68 -23.24
N ILE GA 241 25.23 103.45 -22.48
CA ILE GA 241 25.09 104.87 -22.71
C ILE GA 241 26.07 105.60 -21.79
N ASN GA 242 26.43 106.81 -22.19
CA ASN GA 242 27.33 107.63 -21.40
C ASN GA 242 27.03 109.10 -21.70
N THR GA 243 27.59 109.97 -20.85
CA THR GA 243 27.47 111.41 -21.07
C THR GA 243 28.22 111.87 -22.32
N LYS GA 244 29.20 111.11 -22.78
CA LYS GA 244 29.94 111.45 -23.99
C LYS GA 244 29.35 110.77 -25.22
N THR GA 245 29.31 109.45 -25.22
CA THR GA 245 28.87 108.69 -26.39
C THR GA 245 28.00 107.53 -25.93
N SER GA 246 27.69 106.63 -26.86
CA SER GA 246 26.84 105.48 -26.59
C SER GA 246 27.20 104.35 -27.54
N LEU GA 247 27.07 103.12 -27.07
CA LEU GA 247 27.39 101.94 -27.86
C LEU GA 247 26.27 100.92 -27.75
N SER GA 248 26.14 100.11 -28.81
CA SER GA 248 25.16 99.04 -28.86
C SER GA 248 25.81 97.81 -29.48
N LYS GA 249 25.24 96.65 -29.15
CA LYS GA 249 25.71 95.37 -29.67
C LYS GA 249 24.54 94.41 -29.74
N ASN GA 250 24.54 93.55 -30.75
CA ASN GA 250 23.43 92.65 -31.01
C ASN GA 250 23.83 91.21 -30.73
N ILE GA 251 22.90 90.44 -30.18
CA ILE GA 251 23.02 89.00 -30.07
C ILE GA 251 21.72 88.39 -30.59
N THR GA 252 21.81 87.18 -31.11
CA THR GA 252 20.67 86.47 -31.69
C THR GA 252 20.49 85.16 -30.96
N ILE GA 253 19.39 85.04 -30.22
CA ILE GA 253 19.05 83.84 -29.49
C ILE GA 253 17.84 83.20 -30.15
N SER GA 254 18.00 81.99 -30.67
CA SER GA 254 16.93 81.31 -31.36
C SER GA 254 16.21 80.37 -30.40
N VAL GA 255 14.88 80.40 -30.45
CA VAL GA 255 14.04 79.60 -29.59
C VAL GA 255 13.47 78.44 -30.40
N ILE GA 256 13.39 77.26 -29.78
CA ILE GA 256 12.70 76.13 -30.38
C ILE GA 256 11.71 75.58 -29.37
N ALA GA 257 10.73 74.86 -29.89
CA ALA GA 257 9.84 74.10 -29.03
C ALA GA 257 10.47 72.76 -28.67
N ASN GA 258 9.90 72.11 -27.65
CA ASN GA 258 10.39 70.81 -27.25
C ASN GA 258 9.96 69.76 -28.26
N LYS GA 259 10.95 69.04 -28.82
CA LYS GA 259 10.64 68.01 -29.81
C LYS GA 259 9.95 66.80 -29.19
N LEU GA 260 10.15 66.56 -27.90
CA LEU GA 260 9.49 65.44 -27.24
C LEU GA 260 8.02 65.73 -26.98
N LYS GA 261 7.70 66.97 -26.59
CA LYS GA 261 6.32 67.31 -26.28
C LYS GA 261 5.47 67.43 -27.54
N GLU GA 262 6.09 67.69 -28.69
CA GLU GA 262 5.35 67.80 -29.94
C GLU GA 262 4.95 66.43 -30.44
N ARG GA 263 3.66 66.27 -30.77
CA ARG GA 263 3.03 65.08 -31.35
C ARG GA 263 3.35 63.76 -30.64
N MET HA 1 38.54 64.80 13.33
CA MET HA 1 37.26 65.49 13.26
C MET HA 1 37.16 66.57 14.32
N ASP HA 2 36.24 67.52 14.12
CA ASP HA 2 35.85 68.44 15.17
C ASP HA 2 34.65 67.86 15.91
N THR HA 3 34.71 67.88 17.24
CA THR HA 3 33.78 67.07 18.02
C THR HA 3 32.39 67.67 18.06
N THR HA 4 32.28 68.97 18.36
CA THR HA 4 30.97 69.59 18.57
C THR HA 4 30.19 69.71 17.27
N ARG HA 5 30.89 69.97 16.16
CA ARG HA 5 30.24 69.95 14.86
C ARG HA 5 29.77 68.56 14.49
N PHE HA 6 30.53 67.53 14.89
CA PHE HA 6 30.09 66.16 14.68
C PHE HA 6 28.85 65.84 15.50
N ILE HA 7 28.77 66.34 16.74
CA ILE HA 7 27.61 66.09 17.59
C ILE HA 7 26.38 66.78 17.01
N ARG HA 8 26.53 68.03 16.56
CA ARG HA 8 25.40 68.76 15.98
C ARG HA 8 24.94 68.13 14.67
N ASN HA 9 25.88 67.67 13.84
CA ASN HA 9 25.50 67.02 12.59
C ASN HA 9 24.87 65.65 12.84
N PHE HA 10 25.33 64.93 13.86
CA PHE HA 10 24.72 63.66 14.24
C PHE HA 10 23.29 63.86 14.71
N ILE HA 11 23.07 64.89 15.52
CA ILE HA 11 21.72 65.22 15.98
C ILE HA 11 20.83 65.63 14.81
N LEU HA 12 21.36 66.44 13.89
CA LEU HA 12 20.56 66.91 12.76
C LEU HA 12 20.23 65.77 11.80
N PHE HA 13 21.15 64.83 11.62
CA PHE HA 13 20.86 63.69 10.76
C PHE HA 13 19.91 62.71 11.43
N LYS HA 14 19.92 62.65 12.76
CA LYS HA 14 18.88 61.88 13.45
C LYS HA 14 17.54 62.59 13.44
N ASP HA 15 17.52 63.90 13.23
CA ASP HA 15 16.25 64.60 13.05
C ASP HA 15 15.72 64.48 11.63
N ALA HA 16 16.61 64.49 10.63
CA ALA HA 16 16.19 64.37 9.24
C ALA HA 16 15.67 62.97 8.94
N LEU HA 17 16.53 61.97 9.14
CA LEU HA 17 16.07 60.60 9.18
C LEU HA 17 15.30 60.41 10.47
N GLN HA 18 13.98 60.57 10.44
CA GLN HA 18 13.21 60.49 11.67
C GLN HA 18 13.12 59.04 12.14
N LYS HA 19 13.22 58.86 13.46
CA LYS HA 19 13.41 57.54 14.04
C LYS HA 19 12.16 56.68 14.03
N GLN HA 20 11.00 57.23 13.65
CA GLN HA 20 9.81 56.41 13.51
C GLN HA 20 9.91 55.49 12.31
N ASN HA 21 10.64 55.89 11.28
CA ASN HA 21 10.83 55.09 10.08
C ASN HA 21 12.07 54.23 10.13
N PHE HA 22 12.81 54.25 11.24
CA PHE HA 22 14.13 53.64 11.29
C PHE HA 22 14.27 52.75 12.51
N ASN HA 23 14.89 51.59 12.29
CA ASN HA 23 15.47 50.83 13.39
C ASN HA 23 16.61 51.64 13.99
N ASN HA 24 16.77 51.57 15.32
CA ASN HA 24 17.63 52.50 16.04
C ASN HA 24 19.11 52.30 15.70
N LYS HA 25 19.54 51.05 15.52
CA LYS HA 25 20.94 50.78 15.22
C LYS HA 25 21.32 51.29 13.84
N ASP HA 26 20.48 51.01 12.83
CA ASP HA 26 20.74 51.49 11.48
C ASP HA 26 20.61 53.00 11.39
N LEU HA 27 19.72 53.60 12.20
CA LEU HA 27 19.59 55.05 12.25
C LEU HA 27 20.86 55.69 12.77
N ASN HA 28 21.37 55.19 13.90
CA ASN HA 28 22.58 55.74 14.48
C ASN HA 28 23.79 55.50 13.59
N THR HA 29 23.83 54.35 12.90
CA THR HA 29 24.95 54.05 12.01
C THR HA 29 24.94 54.94 10.79
N THR HA 30 23.78 55.14 10.16
CA THR HA 30 23.70 56.00 8.98
C THR HA 30 23.95 57.45 9.34
N SER HA 31 23.48 57.88 10.50
CA SER HA 31 23.74 59.25 10.95
C SER HA 31 25.23 59.45 11.25
N MET HA 32 25.89 58.44 11.81
CA MET HA 32 27.32 58.54 12.09
C MET HA 32 28.13 58.58 10.81
N GLN HA 33 27.77 57.75 9.81
CA GLN HA 33 28.50 57.74 8.54
C GLN HA 33 28.30 59.05 7.78
N ALA HA 34 27.06 59.57 7.78
CA ALA HA 34 26.81 60.85 7.13
C ALA HA 34 27.50 62.00 7.85
N ALA HA 35 27.61 61.93 9.18
CA ALA HA 35 28.30 62.98 9.92
C ALA HA 35 29.81 62.94 9.67
N LEU HA 36 30.37 61.73 9.50
CA LEU HA 36 31.79 61.63 9.17
C LEU HA 36 32.07 62.15 7.76
N GLN HA 37 31.18 61.85 6.81
CA GLN HA 37 31.31 62.43 5.48
C GLN HA 37 31.13 63.95 5.49
N SER HA 38 30.26 64.44 6.37
CA SER HA 38 30.09 65.89 6.52
C SER HA 38 31.34 66.55 7.11
N GLU HA 39 32.03 65.86 8.02
CA GLU HA 39 33.30 66.38 8.52
C GLU HA 39 34.37 66.40 7.44
N GLN HA 40 34.43 65.34 6.63
CA GLN HA 40 35.37 65.28 5.51
C GLN HA 40 35.09 66.37 4.48
N LEU HA 41 33.82 66.74 4.31
CA LEU HA 41 33.49 67.86 3.42
C LEU HA 41 33.78 69.20 4.07
N ALA HA 42 33.57 69.31 5.38
CA ALA HA 42 33.76 70.57 6.08
C ALA HA 42 35.23 70.95 6.20
N LEU HA 43 36.13 69.98 6.13
CA LEU HA 43 37.56 70.31 6.04
C LEU HA 43 37.86 71.10 4.77
N SER HA 44 37.36 70.62 3.63
CA SER HA 44 37.53 71.36 2.37
C SER HA 44 36.75 72.67 2.38
N GLU HA 45 35.64 72.72 3.12
CA GLU HA 45 34.93 73.98 3.31
C GLU HA 45 35.78 75.00 4.05
N GLU HA 46 36.49 74.56 5.10
CA GLU HA 46 37.38 75.44 5.84
C GLU HA 46 38.51 75.96 4.98
N SER HA 47 39.08 75.07 4.15
CA SER HA 47 40.15 75.49 3.23
C SER HA 47 39.65 76.49 2.20
N GLN HA 48 38.49 76.24 1.59
CA GLN HA 48 37.95 77.14 0.60
C GLN HA 48 37.50 78.46 1.20
N TYR HA 49 36.99 78.45 2.44
CA TYR HA 49 36.59 79.70 3.07
C TYR HA 49 37.79 80.53 3.48
N LEU HA 50 38.89 79.88 3.89
CA LEU HA 50 40.13 80.60 4.16
C LEU HA 50 40.68 81.25 2.89
N GLN HA 51 40.64 80.51 1.77
CA GLN HA 51 41.10 81.06 0.50
C GLN HA 51 40.22 82.22 0.04
N SER HA 52 38.90 82.09 0.19
CA SER HA 52 37.99 83.15 -0.21
C SER HA 52 38.11 84.38 0.68
N GLU HA 53 38.37 84.18 1.98
CA GLU HA 53 38.61 85.31 2.88
C GLU HA 53 39.90 86.04 2.52
N GLN HA 54 40.94 85.29 2.16
CA GLN HA 54 42.20 85.91 1.75
C GLN HA 54 42.07 86.66 0.43
N VAL HA 55 41.22 86.17 -0.47
CA VAL HA 55 41.01 86.87 -1.73
C VAL HA 55 40.18 88.13 -1.51
N ARG HA 56 39.09 88.02 -0.76
CA ARG HA 56 38.19 89.16 -0.58
C ARG HA 56 38.77 90.21 0.35
N ALA HA 57 39.74 89.86 1.20
CA ALA HA 57 40.33 90.87 2.08
C ALA HA 57 41.31 91.76 1.33
N LYS HA 58 42.00 91.21 0.34
CA LYS HA 58 43.05 91.92 -0.37
C LYS HA 58 42.56 92.61 -1.63
N MET HA 59 41.25 92.70 -1.84
CA MET HA 59 40.75 93.11 -3.15
C MET HA 59 40.88 94.62 -3.38
N GLN HA 60 40.69 95.42 -2.33
CA GLN HA 60 40.80 96.88 -2.48
C GLN HA 60 42.24 97.29 -2.79
N ILE HA 61 43.20 96.71 -2.08
CA ILE HA 61 44.61 97.02 -2.32
C ILE HA 61 45.05 96.46 -3.67
N ASP HA 62 44.46 95.34 -4.11
CA ASP HA 62 44.81 94.80 -5.42
C ASP HA 62 44.27 95.66 -6.54
N PHE HA 63 43.05 96.20 -6.39
CA PHE HA 63 42.52 97.09 -7.41
C PHE HA 63 43.24 98.43 -7.43
N LEU HA 64 43.68 98.92 -6.26
CA LEU HA 64 44.49 100.13 -6.22
C LEU HA 64 45.86 99.89 -6.86
N GLY HA 65 46.44 98.71 -6.65
CA GLY HA 65 47.69 98.39 -7.30
C GLY HA 65 47.56 98.20 -8.80
N MET HA 66 46.41 97.67 -9.26
CA MET HA 66 46.19 97.53 -10.69
C MET HA 66 45.97 98.89 -11.34
N GLN HA 67 45.30 99.81 -10.66
CA GLN HA 67 45.17 101.18 -11.17
C GLN HA 67 46.52 101.90 -11.17
N ALA HA 68 47.36 101.63 -10.17
CA ALA HA 68 48.70 102.21 -10.15
C ALA HA 68 49.57 101.63 -11.26
N ASN HA 69 49.39 100.36 -11.58
CA ASN HA 69 50.12 99.75 -12.69
C ASN HA 69 49.61 100.28 -14.04
N LEU HA 70 48.32 100.61 -14.12
CA LEU HA 70 47.80 101.25 -15.33
C LEU HA 70 48.39 102.66 -15.48
N GLN HA 71 48.51 103.38 -14.36
CA GLN HA 71 49.18 104.68 -14.38
C GLN HA 71 50.64 104.55 -14.78
N ASN HA 72 51.30 103.49 -14.33
CA ASN HA 72 52.70 103.25 -14.68
C ASN HA 72 52.84 102.93 -16.17
N ALA HA 73 51.93 102.12 -16.71
CA ALA HA 73 51.97 101.77 -18.12
C ALA HA 73 51.59 102.93 -19.02
N LYS HA 74 50.82 103.90 -18.52
CA LYS HA 74 50.56 105.10 -19.30
C LYS HA 74 51.73 106.07 -19.23
N ALA HA 75 52.32 106.23 -18.05
CA ALA HA 75 53.41 107.18 -17.88
C ALA HA 75 54.69 106.70 -18.56
N GLU HA 76 54.89 105.38 -18.66
CA GLU HA 76 56.05 104.86 -19.37
C GLU HA 76 55.94 105.13 -20.86
N THR HA 77 54.74 104.99 -21.42
CA THR HA 77 54.52 105.30 -22.83
C THR HA 77 54.66 106.80 -23.10
N LEU HA 78 54.18 107.63 -22.19
CA LEU HA 78 54.35 109.07 -22.33
C LEU HA 78 55.82 109.47 -22.23
N ASN HA 79 56.57 108.82 -21.34
CA ASN HA 79 57.99 109.10 -21.21
C ASN HA 79 58.77 108.62 -22.43
N LYS HA 80 58.36 107.51 -23.03
CA LYS HA 80 59.03 107.05 -24.25
C LYS HA 80 58.73 107.98 -25.42
N LEU HA 81 57.50 108.51 -25.49
CA LEU HA 81 57.15 109.49 -26.52
C LEU HA 81 57.94 110.78 -26.34
N ILE HA 82 58.12 111.21 -25.09
CA ILE HA 82 58.84 112.45 -24.82
C ILE HA 82 60.34 112.27 -25.09
N GLN HA 83 60.88 111.11 -24.75
CA GLN HA 83 62.28 110.79 -25.09
C GLN HA 83 62.47 110.72 -26.61
N CYS HA 84 61.47 110.21 -27.32
CA CYS HA 84 61.52 110.17 -28.78
C CYS HA 84 61.48 111.57 -29.38
N GLN HA 85 60.62 112.44 -28.86
CA GLN HA 85 60.56 113.81 -29.37
C GLN HA 85 61.83 114.60 -29.02
N ALA HA 86 62.43 114.30 -27.86
CA ALA HA 86 63.70 114.92 -27.50
C ALA HA 86 64.81 114.45 -28.42
N MET HA 87 64.80 113.17 -28.81
CA MET HA 87 65.77 112.69 -29.79
C MET HA 87 65.52 113.27 -31.17
N LEU HA 88 64.26 113.60 -31.48
CA LEU HA 88 63.96 114.27 -32.74
C LEU HA 88 64.51 115.69 -32.77
N LYS HA 89 64.30 116.44 -31.68
CA LYS HA 89 64.77 117.81 -31.64
C LYS HA 89 66.26 117.93 -31.39
N SER HA 90 66.89 116.89 -30.82
CA SER HA 90 68.31 116.95 -30.51
C SER HA 90 69.16 116.91 -31.77
N LEU HA 91 68.65 116.32 -32.86
CA LEU HA 91 69.36 116.36 -34.14
C LEU HA 91 69.44 117.78 -34.66
N LYS HA 92 68.32 118.51 -34.63
CA LYS HA 92 68.30 119.91 -35.06
C LYS HA 92 69.19 120.77 -34.16
N ASP HA 93 69.14 120.54 -32.84
CA ASP HA 93 69.93 121.35 -31.92
C ASP HA 93 71.42 121.08 -32.08
N ASN HA 94 71.82 119.81 -32.19
CA ASN HA 94 73.23 119.47 -32.32
C ASN HA 94 73.76 119.77 -33.72
N ALA HA 95 72.88 119.93 -34.71
CA ALA HA 95 73.34 120.45 -35.99
C ALA HA 95 73.54 121.96 -35.93
N MET HA 96 72.60 122.67 -35.30
CA MET HA 96 72.63 124.13 -35.31
C MET HA 96 73.75 124.68 -34.43
N ILE HA 97 73.98 124.07 -33.26
CA ILE HA 97 75.05 124.60 -32.40
C ILE HA 97 76.42 124.25 -32.97
N ASN HA 98 76.52 123.15 -33.73
CA ASN HA 98 77.79 122.83 -34.36
C ASN HA 98 78.05 123.75 -35.56
N ARG HA 99 77.00 124.09 -36.30
CA ARG HA 99 77.13 125.08 -37.38
C ARG HA 99 77.51 126.44 -36.83
N ALA HA 100 76.92 126.83 -35.69
CA ALA HA 100 77.25 128.09 -35.06
C ALA HA 100 78.69 128.10 -34.53
N ASN HA 101 79.13 126.99 -33.93
CA ASN HA 101 80.50 126.91 -33.43
C ASN HA 101 81.52 126.92 -34.56
N ALA HA 102 81.19 126.27 -35.67
CA ALA HA 102 82.08 126.29 -36.84
C ALA HA 102 82.13 127.68 -37.46
N LEU HA 103 81.01 128.40 -37.46
CA LEU HA 103 81.03 129.77 -37.96
C LEU HA 103 81.80 130.71 -37.03
N VAL HA 104 81.72 130.49 -35.71
CA VAL HA 104 82.52 131.27 -34.77
C VAL HA 104 84.01 131.00 -34.98
N SER HA 105 84.38 129.75 -35.23
CA SER HA 105 85.78 129.44 -35.53
C SER HA 105 86.21 130.01 -36.87
N LEU HA 106 85.29 130.12 -37.84
CA LEU HA 106 85.62 130.72 -39.12
C LEU HA 106 85.85 132.21 -38.99
N LEU HA 107 85.02 132.91 -38.20
CA LEU HA 107 85.31 134.32 -37.92
C LEU HA 107 86.53 134.48 -37.01
N GLN HA 108 86.88 133.44 -36.23
CA GLN HA 108 88.10 133.51 -35.44
C GLN HA 108 89.34 133.44 -36.31
N VAL HA 109 89.32 132.58 -37.32
CA VAL HA 109 90.46 132.53 -38.23
C VAL HA 109 90.45 133.72 -39.20
N GLN HA 110 89.28 134.30 -39.49
CA GLN HA 110 89.25 135.52 -40.29
C GLN HA 110 89.64 136.76 -39.48
N ALA HA 111 89.58 136.68 -38.15
CA ALA HA 111 89.95 137.83 -37.32
C ALA HA 111 91.46 138.02 -37.30
N ASN HA 112 92.19 137.04 -36.80
CA ASN HA 112 93.65 137.12 -36.75
C ASN HA 112 94.29 136.48 -37.99
N ALA HA 113 93.82 136.89 -39.17
CA ALA HA 113 94.33 136.31 -40.41
C ALA HA 113 95.60 137.00 -40.87
N ALA HA 114 95.50 138.29 -41.21
CA ALA HA 114 96.58 139.13 -41.76
C ALA HA 114 97.22 138.50 -42.99
N ASN HA 115 96.43 137.81 -43.81
CA ASN HA 115 96.94 137.11 -44.99
C ASN HA 115 96.29 137.58 -46.28
N GLY HA 116 94.97 137.67 -46.33
CA GLY HA 116 94.24 138.04 -47.53
C GLY HA 116 93.64 136.88 -48.28
N ILE HA 117 94.13 135.66 -48.06
CA ILE HA 117 93.56 134.47 -48.69
C ILE HA 117 92.20 134.16 -48.06
N THR HA 118 92.00 134.55 -46.80
CA THR HA 118 90.75 134.29 -46.10
C THR HA 118 89.58 135.07 -46.67
N THR HA 119 89.83 136.24 -47.28
CA THR HA 119 88.76 136.98 -47.93
C THR HA 119 88.26 136.26 -49.17
N SER HA 120 89.14 135.53 -49.85
CA SER HA 120 88.72 134.73 -50.99
C SER HA 120 88.13 133.39 -50.57
N ASN HA 121 88.60 132.83 -49.45
CA ASN HA 121 88.08 131.56 -48.96
C ASN HA 121 86.81 131.71 -48.14
N PHE HA 122 86.43 132.94 -47.78
CA PHE HA 122 85.18 133.16 -47.06
C PHE HA 122 83.96 132.90 -47.92
N GLU HA 123 84.09 132.92 -49.24
CA GLU HA 123 83.04 132.44 -50.12
C GLU HA 123 83.11 130.94 -50.34
N ALA HA 124 84.20 130.30 -49.90
CA ALA HA 124 84.41 128.86 -50.10
C ALA HA 124 84.11 128.05 -48.85
N ALA HA 125 84.65 128.48 -47.69
CA ALA HA 125 84.41 127.75 -46.46
C ALA HA 125 83.00 127.94 -45.92
N PHE HA 126 82.36 129.07 -46.25
CA PHE HA 126 81.01 129.31 -45.75
C PHE HA 126 79.99 128.38 -46.39
N LYS HA 127 80.26 127.90 -47.61
CA LYS HA 127 79.39 126.89 -48.19
C LYS HA 127 79.66 125.52 -47.59
N ILE HA 128 80.83 125.32 -46.99
CA ILE HA 128 81.09 124.09 -46.24
C ILE HA 128 80.36 124.12 -44.90
N ILE HA 129 80.32 125.30 -44.26
CA ILE HA 129 79.51 125.43 -43.05
C ILE HA 129 78.03 125.41 -43.38
N ALA HA 130 77.67 125.78 -44.62
CA ALA HA 130 76.27 125.73 -45.03
C ALA HA 130 75.76 124.31 -45.22
N GLN HA 131 76.64 123.34 -45.39
CA GLN HA 131 76.23 121.95 -45.57
C GLN HA 131 76.07 121.20 -44.24
N ILE HA 132 76.18 121.90 -43.11
CA ILE HA 132 75.90 121.28 -41.82
C ILE HA 132 74.41 121.02 -41.67
N GLY HA 133 73.60 122.05 -41.93
CA GLY HA 133 72.16 121.96 -41.83
C GLY HA 133 71.48 121.90 -43.18
N SER HA 134 72.01 121.08 -44.10
CA SER HA 134 71.47 121.02 -45.45
C SER HA 134 70.06 120.43 -45.48
N GLU HA 135 69.77 119.47 -44.60
CA GLU HA 135 68.41 118.96 -44.45
C GLU HA 135 67.56 119.83 -43.54
N TYR HA 136 68.11 120.93 -43.05
CA TYR HA 136 67.46 121.87 -42.14
C TYR HA 136 67.52 123.25 -42.78
N ASN HA 137 67.33 124.31 -41.99
CA ASN HA 137 67.36 125.67 -42.52
C ASN HA 137 68.78 126.01 -42.93
N GLN HA 138 69.11 125.67 -44.17
CA GLN HA 138 70.43 125.92 -44.71
C GLN HA 138 70.62 127.41 -45.01
N ILE HA 139 71.87 127.78 -45.24
CA ILE HA 139 72.24 129.19 -45.37
C ILE HA 139 73.03 129.38 -46.65
N THR HA 140 73.12 130.64 -47.08
CA THR HA 140 73.88 131.01 -48.27
C THR HA 140 74.49 132.38 -48.05
N LEU HA 141 75.33 132.79 -49.01
CA LEU HA 141 76.01 134.09 -48.97
C LEU HA 141 75.97 134.67 -50.37
N ASN HA 142 75.19 135.74 -50.56
CA ASN HA 142 75.10 136.35 -51.88
C ASN HA 142 76.32 137.22 -52.18
N ASN HA 143 76.53 138.30 -51.42
CA ASN HA 143 77.76 139.10 -51.46
C ASN HA 143 78.15 139.51 -50.05
N GLY HA 144 78.02 138.60 -49.09
CA GLY HA 144 78.35 138.89 -47.72
C GLY HA 144 77.18 138.98 -46.76
N ASN HA 145 75.99 138.56 -47.19
CA ASN HA 145 74.82 138.54 -46.32
C ASN HA 145 74.16 137.17 -46.39
N VAL HA 146 73.44 136.82 -45.33
CA VAL HA 146 72.83 135.51 -45.20
C VAL HA 146 71.32 135.63 -45.38
N SER HA 147 70.67 134.48 -45.56
CA SER HA 147 69.22 134.43 -45.71
C SER HA 147 68.76 133.03 -45.28
N VAL HA 148 68.02 132.96 -44.18
CA VAL HA 148 67.56 131.68 -43.65
C VAL HA 148 66.37 131.20 -44.48
N GLN HA 149 66.43 129.93 -44.88
CA GLN HA 149 65.38 129.36 -45.74
C GLN HA 149 64.20 128.86 -44.91
N GLU HA 150 64.44 127.91 -44.00
CA GLU HA 150 63.42 127.19 -43.23
C GLU HA 150 62.40 126.53 -44.15
N LYS HA 151 62.91 125.54 -44.90
CA LYS HA 151 62.21 124.95 -46.03
C LYS HA 151 60.97 124.13 -45.66
N GLU HA 152 60.71 123.91 -44.36
CA GLU HA 152 59.62 123.08 -43.84
C GLU HA 152 59.67 121.67 -44.44
N GLN HA 153 60.73 120.96 -44.10
CA GLN HA 153 61.02 119.67 -44.71
C GLN HA 153 60.07 118.61 -44.19
N THR HA 154 59.68 117.70 -45.08
CA THR HA 154 58.66 116.71 -44.75
C THR HA 154 59.23 115.59 -43.89
N ASN HA 155 58.37 115.08 -43.01
CA ASN HA 155 58.72 113.94 -42.15
C ASN HA 155 57.42 113.29 -41.72
N GLU HA 156 57.24 112.02 -42.09
CA GLU HA 156 56.01 111.31 -41.72
C GLU HA 156 56.00 110.95 -40.24
N LEU HA 157 57.18 110.71 -39.66
CA LEU HA 157 57.28 110.19 -38.30
C LEU HA 157 56.82 111.21 -37.26
N LYS HA 158 56.93 112.50 -37.56
CA LYS HA 158 56.35 113.53 -36.70
C LYS HA 158 54.84 113.43 -36.66
N THR HA 159 54.22 113.16 -37.82
CA THR HA 159 52.77 112.98 -37.87
C THR HA 159 52.34 111.69 -37.18
N ILE HA 160 53.15 110.64 -37.27
CA ILE HA 160 52.80 109.40 -36.56
C ILE HA 160 52.94 109.59 -35.05
N LEU HA 161 53.94 110.37 -34.63
CA LEU HA 161 54.06 110.73 -33.22
C LEU HA 161 52.87 111.55 -32.74
N ASN HA 162 52.40 112.48 -33.57
CA ASN HA 162 51.21 113.27 -33.22
C ASN HA 162 49.97 112.39 -33.13
N SER HA 163 49.84 111.42 -34.03
CA SER HA 163 48.70 110.51 -33.99
C SER HA 163 48.75 109.58 -32.79
N LEU HA 164 49.94 109.14 -32.39
CA LEU HA 164 50.05 108.33 -31.18
C LEU HA 164 49.79 109.14 -29.93
N SER HA 165 50.16 110.42 -29.92
CA SER HA 165 49.82 111.27 -28.78
C SER HA 165 48.32 111.50 -28.68
N LYS HA 166 47.66 111.67 -29.82
CA LYS HA 166 46.20 111.80 -29.82
C LYS HA 166 45.53 110.50 -29.38
N GLU HA 167 46.12 109.36 -29.76
CA GLU HA 167 45.63 108.07 -29.30
C GLU HA 167 45.77 107.92 -27.78
N LEU HA 168 46.90 108.38 -27.24
CA LEU HA 168 47.11 108.28 -25.79
C LEU HA 168 46.16 109.21 -25.03
N GLU HA 169 45.92 110.41 -25.56
CA GLU HA 169 44.99 111.31 -24.90
C GLU HA 169 43.56 110.80 -25.00
N LYS HA 170 43.21 110.15 -26.11
CA LYS HA 170 41.89 109.53 -26.21
C LYS HA 170 41.75 108.35 -25.26
N LEU HA 171 42.84 107.62 -25.02
CA LEU HA 171 42.83 106.55 -24.03
C LEU HA 171 42.75 107.10 -22.61
N ASN HA 172 43.26 108.32 -22.38
CA ASN HA 172 43.34 108.85 -21.02
C ASN HA 172 41.97 109.22 -20.44
N GLN HA 173 40.97 109.46 -21.28
CA GLN HA 173 39.67 109.88 -20.75
C GLN HA 173 38.91 108.71 -20.17
N GLN HA 174 39.03 107.52 -20.75
CA GLN HA 174 38.29 106.36 -20.27
C GLN HA 174 38.95 105.68 -19.08
N SER HA 175 40.13 106.12 -18.67
CA SER HA 175 40.77 105.57 -17.48
C SER HA 175 40.05 106.09 -16.24
N GLU HA 176 39.09 105.33 -15.74
CA GLU HA 176 38.26 105.77 -14.63
C GLU HA 176 38.89 105.40 -13.29
N VAL HA 177 38.41 106.06 -12.24
CA VAL HA 177 38.69 105.68 -10.86
C VAL HA 177 37.35 105.58 -10.14
N ASN HA 178 37.36 104.84 -9.02
CA ASN HA 178 36.25 104.76 -8.06
C ASN HA 178 34.97 104.22 -8.70
N SER HA 179 35.03 102.95 -9.08
CA SER HA 179 33.87 102.24 -9.63
C SER HA 179 33.54 101.04 -8.77
N ILE HA 180 32.26 100.90 -8.42
CA ILE HA 180 31.79 99.80 -7.61
C ILE HA 180 31.27 98.70 -8.51
N GLN HA 181 31.09 97.51 -7.95
CA GLN HA 181 30.66 96.35 -8.73
C GLN HA 181 29.87 95.40 -7.85
N ILE HA 182 28.70 94.99 -8.33
CA ILE HA 182 27.88 94.02 -7.64
C ILE HA 182 28.03 92.67 -8.32
N PHE HA 183 27.77 91.60 -7.57
CA PHE HA 183 27.83 90.24 -8.08
C PHE HA 183 26.79 89.41 -7.35
N SER HA 184 26.29 88.38 -8.03
CA SER HA 184 25.30 87.50 -7.43
C SER HA 184 25.32 86.17 -8.16
N ASP HA 185 25.63 85.09 -7.44
CA ASP HA 185 25.36 83.77 -7.97
C ASP HA 185 23.87 83.50 -7.88
N LYS HA 186 23.40 82.60 -8.76
CA LYS HA 186 22.00 82.15 -8.83
C LYS HA 186 21.05 83.34 -9.07
N LEU HA 187 21.16 83.88 -10.29
CA LEU HA 187 20.23 84.91 -10.73
C LEU HA 187 18.78 84.42 -10.71
N GLU HA 188 18.57 83.15 -11.02
CA GLU HA 188 17.30 82.50 -10.72
C GLU HA 188 17.25 82.12 -9.25
N VAL HA 189 16.06 82.18 -8.67
CA VAL HA 189 15.89 81.93 -7.24
C VAL HA 189 14.48 81.40 -7.00
N LEU HA 190 14.33 80.64 -5.93
CA LEU HA 190 13.02 80.15 -5.51
C LEU HA 190 12.41 81.16 -4.54
N LYS HA 191 11.35 80.73 -3.84
CA LYS HA 191 10.62 81.63 -2.94
C LYS HA 191 11.45 81.97 -1.70
N ASP HA 192 12.17 80.99 -1.15
CA ASP HA 192 12.92 81.21 0.09
C ASP HA 192 14.42 80.93 -0.05
N ALA HA 193 14.93 80.83 -1.27
CA ALA HA 193 16.34 80.54 -1.43
C ALA HA 193 17.18 81.80 -1.24
N PRO HA 194 18.37 81.70 -0.65
CA PRO HA 194 19.11 82.91 -0.25
C PRO HA 194 19.65 83.74 -1.40
N ALA HA 195 20.41 83.14 -2.32
CA ALA HA 195 21.04 83.81 -3.47
C ALA HA 195 21.92 84.98 -3.01
N ARG HA 196 23.02 84.62 -2.36
CA ARG HA 196 23.90 85.57 -1.67
C ARG HA 196 24.49 86.61 -2.62
N LEU HA 197 24.08 87.87 -2.42
CA LEU HA 197 24.60 89.01 -3.17
C LEU HA 197 25.91 89.46 -2.52
N TRP HA 198 26.90 89.76 -3.34
CA TRP HA 198 28.20 90.22 -2.86
C TRP HA 198 28.60 91.48 -3.61
N GLY HA 199 28.79 92.57 -2.87
CA GLY HA 199 29.19 93.83 -3.47
C GLY HA 199 30.64 94.16 -3.20
N PHE HA 200 31.17 95.07 -4.01
CA PHE HA 200 32.55 95.51 -3.87
C PHE HA 200 32.62 96.99 -4.19
N SER HA 201 32.97 97.78 -3.18
CA SER HA 201 33.20 99.21 -3.33
C SER HA 201 34.67 99.50 -3.12
N THR HA 202 35.27 100.25 -4.05
CA THR HA 202 36.67 100.63 -3.95
C THR HA 202 36.86 101.98 -3.28
N LEU HA 203 35.84 102.46 -2.55
CA LEU HA 203 35.95 103.70 -1.81
C LEU HA 203 36.88 103.50 -0.60
N SER HA 204 37.33 104.64 -0.04
CA SER HA 204 38.20 104.61 1.12
C SER HA 204 37.45 104.12 2.35
N ASN HA 205 36.41 104.85 2.75
CA ASN HA 205 35.50 104.41 3.80
C ASN HA 205 34.08 104.68 3.34
N ALA HA 206 33.18 103.73 3.62
CA ALA HA 206 31.83 103.82 3.11
C ALA HA 206 30.90 103.06 4.07
N LYS HA 207 29.63 102.96 3.67
CA LYS HA 207 28.66 102.14 4.38
C LYS HA 207 28.21 100.93 3.60
N GLU HA 208 28.26 101.00 2.26
CA GLU HA 208 28.05 99.91 1.28
C GLU HA 208 26.81 99.06 1.57
N GLY HA 209 25.69 99.73 1.79
CA GLY HA 209 24.45 99.04 2.07
C GLY HA 209 23.79 98.47 0.83
N PHE HA 210 22.71 97.73 1.06
CA PHE HA 210 21.85 97.21 0.01
C PHE HA 210 20.46 97.78 0.19
N TYR HA 211 19.90 98.35 -0.88
CA TYR HA 211 18.60 98.98 -0.82
C TYR HA 211 17.62 98.25 -1.74
N ASN HA 212 16.37 98.19 -1.30
CA ASN HA 212 15.32 97.37 -1.91
C ASN HA 212 14.32 98.27 -2.63
N GLU HA 213 14.66 98.62 -3.87
CA GLU HA 213 13.78 99.11 -4.93
C GLU HA 213 13.24 100.52 -4.76
N ALA HA 214 13.31 101.10 -3.55
CA ALA HA 214 13.24 102.55 -3.47
C ALA HA 214 14.42 103.10 -2.67
N ASN HA 215 14.42 102.80 -1.36
CA ASN HA 215 15.58 103.07 -0.52
C ASN HA 215 15.73 102.06 0.61
N GLU HA 216 14.95 100.98 0.62
CA GLU HA 216 14.73 100.19 1.82
C GLU HA 216 15.95 99.35 2.15
N GLN HA 217 16.61 99.68 3.26
CA GLN HA 217 17.84 99.01 3.66
C GLN HA 217 17.56 97.57 4.10
N ILE HA 218 18.26 96.62 3.49
CA ILE HA 218 18.05 95.21 3.74
C ILE HA 218 19.31 94.50 4.21
N ALA HA 219 20.46 95.18 4.19
CA ALA HA 219 21.71 94.58 4.64
C ALA HA 219 22.54 95.66 5.32
N SER HA 220 23.77 95.32 5.68
CA SER HA 220 24.67 96.27 6.33
C SER HA 220 25.86 96.62 5.46
N GLY HA 221 26.66 95.64 5.05
CA GLY HA 221 27.79 95.95 4.21
C GLY HA 221 28.38 94.78 3.44
N SER HA 222 28.46 94.93 2.11
CA SER HA 222 29.19 94.09 1.15
C SER HA 222 28.66 92.67 1.00
N VAL HA 223 27.66 92.27 1.79
CA VAL HA 223 27.01 90.97 1.67
C VAL HA 223 25.53 91.15 1.89
N CYS HA 224 24.71 90.42 1.14
CA CYS HA 224 23.27 90.46 1.28
C CYS HA 224 22.73 89.06 1.13
N LEU HA 225 21.72 88.74 1.93
CA LEU HA 225 21.03 87.45 1.87
C LEU HA 225 19.59 87.76 1.48
N PHE HA 226 19.25 87.48 0.22
CA PHE HA 226 18.02 88.00 -0.35
C PHE HA 226 16.91 86.94 -0.31
N ARG HA 227 16.10 86.97 0.74
CA ARG HA 227 14.84 86.24 0.72
C ARG HA 227 13.79 87.08 0.02
N SER HA 228 12.88 86.41 -0.68
CA SER HA 228 11.97 87.11 -1.58
C SER HA 228 10.52 87.08 -1.09
N ASP HA 229 9.95 85.88 -0.91
CA ASP HA 229 8.52 85.67 -0.59
C ASP HA 229 7.59 86.34 -1.61
N LYS HA 230 8.03 86.44 -2.86
CA LYS HA 230 7.29 87.10 -3.92
C LYS HA 230 7.42 86.27 -5.19
N VAL HA 231 7.02 86.85 -6.31
CA VAL HA 231 7.06 86.15 -7.59
C VAL HA 231 7.77 87.01 -8.63
N ARG HA 232 7.75 88.33 -8.40
CA ARG HA 232 8.23 89.30 -9.39
C ARG HA 232 9.75 89.29 -9.49
N LYS HA 233 10.26 90.06 -10.45
CA LYS HA 233 11.69 90.25 -10.65
C LYS HA 233 12.14 91.43 -9.81
N HIS HA 234 12.97 91.17 -8.80
CA HIS HA 234 13.41 92.22 -7.92
C HIS HA 234 14.69 92.88 -8.43
N THR HA 235 14.88 94.14 -8.04
CA THR HA 235 16.06 94.91 -8.43
C THR HA 235 16.69 95.49 -7.17
N ILE HA 236 17.86 94.99 -6.81
CA ILE HA 236 18.53 95.37 -5.58
C ILE HA 236 19.67 96.32 -5.91
N THR HA 237 19.82 97.38 -5.11
CA THR HA 237 20.79 98.43 -5.39
C THR HA 237 21.88 98.41 -4.33
N PHE HA 238 23.09 98.08 -4.74
CA PHE HA 238 24.28 98.25 -3.92
C PHE HA 238 24.63 99.73 -3.87
N LYS HA 239 24.80 100.27 -2.67
CA LYS HA 239 25.06 101.69 -2.50
C LYS HA 239 26.28 101.89 -1.63
N ALA HA 240 27.21 102.73 -2.11
CA ALA HA 240 28.41 103.09 -1.37
C ALA HA 240 28.40 104.61 -1.23
N ILE HA 241 28.08 105.10 -0.04
CA ILE HA 241 28.05 106.53 0.23
C ILE HA 241 29.39 106.93 0.83
N ASN HA 242 29.73 108.21 0.69
CA ASN HA 242 30.97 108.73 1.25
C ASN HA 242 30.78 110.20 1.54
N THR HA 243 31.73 110.77 2.29
CA THR HA 243 31.73 112.21 2.56
C THR HA 243 31.98 113.03 1.31
N LYS HA 244 32.62 112.45 0.29
CA LYS HA 244 32.88 113.15 -0.97
C LYS HA 244 31.77 112.90 -1.98
N THR HA 245 31.55 111.64 -2.35
CA THR HA 245 30.61 111.30 -3.41
C THR HA 245 29.83 110.05 -2.99
N SER HA 246 29.07 109.50 -3.93
CA SER HA 246 28.25 108.32 -3.68
C SER HA 246 28.08 107.55 -4.97
N LEU HA 247 27.97 106.23 -4.86
CA LEU HA 247 27.81 105.37 -6.02
C LEU HA 247 26.69 104.36 -5.76
N SER HA 248 26.06 103.94 -6.87
CA SER HA 248 25.00 102.94 -6.82
C SER HA 248 25.19 101.96 -7.97
N LYS HA 249 24.64 100.76 -7.79
CA LYS HA 249 24.71 99.71 -8.80
C LYS HA 249 23.49 98.82 -8.65
N ASN HA 250 22.99 98.33 -9.79
CA ASN HA 250 21.76 97.57 -9.82
C ASN HA 250 22.04 96.10 -10.14
N ILE HA 251 21.29 95.21 -9.51
CA ILE HA 251 21.26 93.81 -9.89
C ILE HA 251 19.79 93.40 -9.98
N THR HA 252 19.52 92.41 -10.82
CA THR HA 252 18.15 91.94 -11.06
C THR HA 252 18.10 90.45 -10.73
N ILE HA 253 17.36 90.11 -9.68
CA ILE HA 253 17.17 88.73 -9.26
C ILE HA 253 15.73 88.35 -9.53
N SER HA 254 15.53 87.37 -10.39
CA SER HA 254 14.19 86.94 -10.75
C SER HA 254 13.76 85.75 -9.90
N VAL HA 255 12.54 85.80 -9.39
CA VAL HA 255 11.99 84.76 -8.52
C VAL HA 255 11.02 83.93 -9.34
N ILE HA 256 11.02 82.62 -9.11
CA ILE HA 256 10.01 81.74 -9.68
C ILE HA 256 9.42 80.91 -8.56
N ALA HA 257 8.22 80.38 -8.82
CA ALA HA 257 7.64 79.40 -7.92
C ALA HA 257 8.17 78.01 -8.25
N ASN HA 258 7.96 77.08 -7.33
CA ASN HA 258 8.39 75.71 -7.54
C ASN HA 258 7.48 75.04 -8.56
N LYS HA 259 8.06 74.53 -9.64
CA LYS HA 259 7.27 73.86 -10.67
C LYS HA 259 6.72 72.52 -10.21
N LEU HA 260 7.36 71.88 -9.23
CA LEU HA 260 6.86 70.62 -8.72
C LEU HA 260 5.65 70.82 -7.82
N LYS HA 261 5.68 71.87 -6.99
CA LYS HA 261 4.58 72.11 -6.07
C LYS HA 261 3.33 72.62 -6.78
N GLU HA 262 3.49 73.22 -7.96
CA GLU HA 262 2.35 73.73 -8.71
C GLU HA 262 1.62 72.57 -9.38
N ARG HA 263 0.29 72.56 -9.18
CA ARG HA 263 -0.67 71.60 -9.78
C ARG HA 263 -0.28 70.12 -9.66
N MET IA 1 48.86 57.08 14.60
CA MET IA 1 47.75 57.76 15.25
C MET IA 1 48.21 58.45 16.54
N ASP IA 2 47.41 59.42 17.00
CA ASP IA 2 47.58 59.96 18.33
C ASP IA 2 46.69 59.18 19.28
N THR IA 3 47.25 58.79 20.42
CA THR IA 3 46.60 57.77 21.25
C THR IA 3 45.41 58.35 22.02
N THR IA 4 45.60 59.48 22.69
CA THR IA 4 44.57 60.00 23.59
C THR IA 4 43.37 60.53 22.80
N ARG IA 5 43.62 61.13 21.64
CA ARG IA 5 42.53 61.53 20.76
C ARG IA 5 41.77 60.32 20.23
N PHE IA 6 42.48 59.22 19.97
CA PHE IA 6 41.82 57.98 19.58
C PHE IA 6 40.96 57.42 20.70
N ILE IA 7 41.42 57.51 21.95
CA ILE IA 7 40.65 57.02 23.08
C ILE IA 7 39.40 57.86 23.28
N ARG IA 8 39.53 59.19 23.18
CA ARG IA 8 38.38 60.06 23.34
C ARG IA 8 37.37 59.89 22.20
N ASN IA 9 37.85 59.70 20.98
CA ASN IA 9 36.94 59.48 19.86
C ASN IA 9 36.28 58.12 19.94
N PHE IA 10 37.00 57.11 20.44
CA PHE IA 10 36.42 55.78 20.64
C PHE IA 10 35.31 55.82 21.69
N ILE IA 11 35.55 56.55 22.78
CA ILE IA 11 34.53 56.72 23.82
C ILE IA 11 33.33 57.49 23.27
N LEU IA 12 33.57 58.54 22.49
CA LEU IA 12 32.47 59.35 21.97
C LEU IA 12 31.65 58.58 20.95
N PHE IA 13 32.30 57.73 20.14
CA PHE IA 13 31.56 56.92 19.19
C PHE IA 13 30.81 55.78 19.87
N LYS IA 14 31.31 55.31 21.01
CA LYS IA 14 30.52 54.37 21.80
C LYS IA 14 29.40 55.06 22.55
N ASP IA 15 29.47 56.37 22.74
CA ASP IA 15 28.33 57.09 23.30
C ASP IA 15 27.29 57.43 22.23
N ALA IA 16 27.73 57.75 21.02
CA ALA IA 16 26.79 58.08 19.95
C ALA IA 16 26.03 56.85 19.49
N LEU IA 17 26.74 55.83 19.03
CA LEU IA 17 26.16 54.52 18.87
C LEU IA 17 25.92 53.94 20.25
N GLN IA 18 24.73 54.11 20.80
CA GLN IA 18 24.48 53.65 22.15
C GLN IA 18 24.39 52.11 22.18
N LYS IA 19 24.96 51.53 23.23
CA LYS IA 19 25.18 50.08 23.28
C LYS IA 19 23.92 49.28 23.53
N GLN IA 20 22.79 49.94 23.82
CA GLN IA 20 21.54 49.20 23.95
C GLN IA 20 21.04 48.71 22.59
N ASN IA 21 21.38 49.41 21.52
CA ASN IA 21 20.98 49.04 20.18
C ASN IA 21 22.03 48.19 19.48
N PHE IA 22 23.12 47.85 20.14
CA PHE IA 22 24.28 47.26 19.48
C PHE IA 22 24.75 46.02 20.22
N ASN IA 23 25.08 44.99 19.46
CA ASN IA 23 25.93 43.92 19.96
C ASN IA 23 27.31 44.51 20.25
N ASN IA 24 27.95 44.01 21.32
CA ASN IA 24 29.14 44.66 21.86
C ASN IA 24 30.33 44.57 20.91
N LYS IA 25 30.49 43.44 20.23
CA LYS IA 25 31.62 43.27 19.32
C LYS IA 25 31.51 44.19 18.12
N ASP IA 26 30.33 44.23 17.50
CA ASP IA 26 30.12 45.12 16.36
C ASP IA 26 30.16 46.59 16.77
N LEU IA 27 29.73 46.90 18.00
CA LEU IA 27 29.82 48.26 18.51
C LEU IA 27 31.27 48.71 18.64
N ASN IA 28 32.10 47.87 19.28
CA ASN IA 28 33.51 48.20 19.44
C ASN IA 28 34.23 48.25 18.11
N THR IA 29 33.86 47.37 17.17
CA THR IA 29 34.50 47.37 15.86
C THR IA 29 34.15 48.60 15.05
N THR IA 30 32.87 48.98 15.03
CA THR IA 30 32.46 50.17 14.28
C THR IA 30 33.01 51.45 14.91
N SER IA 31 33.09 51.49 16.24
CA SER IA 31 33.69 52.64 16.91
C SER IA 31 35.18 52.73 16.63
N MET IA 32 35.86 51.58 16.56
CA MET IA 32 37.29 51.59 16.25
C MET IA 32 37.56 52.03 14.82
N GLN IA 33 36.74 51.55 13.87
CA GLN IA 33 36.92 51.95 12.48
C GLN IA 33 36.62 53.43 12.27
N ALA IA 34 35.56 53.93 12.91
CA ALA IA 34 35.25 55.35 12.82
C ALA IA 34 36.29 56.20 13.50
N ALA IA 35 36.90 55.71 14.58
CA ALA IA 35 37.96 56.48 15.25
C ALA IA 35 39.22 56.51 14.41
N LEU IA 36 39.52 55.42 13.69
CA LEU IA 36 40.67 55.42 12.80
C LEU IA 36 40.46 56.35 11.62
N GLN IA 37 39.24 56.38 11.06
CA GLN IA 37 38.93 57.34 10.02
C GLN IA 37 38.97 58.78 10.54
N SER IA 38 38.58 58.99 11.80
CA SER IA 38 38.67 60.31 12.41
C SER IA 38 40.12 60.73 12.60
N GLU IA 39 41.02 59.79 12.91
CA GLU IA 39 42.45 60.13 13.00
C GLU IA 39 43.01 60.48 11.63
N GLN IA 40 42.61 59.72 10.59
CA GLN IA 40 43.04 60.02 9.23
C GLN IA 40 42.53 61.38 8.76
N LEU IA 41 41.35 61.80 9.23
CA LEU IA 41 40.86 63.12 8.91
C LEU IA 41 41.55 64.20 9.74
N ALA IA 42 41.87 63.89 11.00
CA ALA IA 42 42.48 64.87 11.89
C ALA IA 42 43.91 65.18 11.51
N LEU IA 43 44.60 64.27 10.80
CA LEU IA 43 45.90 64.61 10.23
C LEU IA 43 45.80 65.77 9.24
N SER IA 44 44.84 65.68 8.31
CA SER IA 44 44.61 66.76 7.37
C SER IA 44 44.07 68.00 8.06
N GLU IA 45 43.35 67.82 9.17
CA GLU IA 45 42.94 68.97 9.98
C GLU IA 45 44.14 69.70 10.57
N GLU IA 46 45.13 68.94 11.07
CA GLU IA 46 46.34 69.54 11.62
C GLU IA 46 47.12 70.30 10.55
N SER IA 47 47.20 69.72 9.35
CA SER IA 47 47.89 70.40 8.24
C SER IA 47 47.17 71.69 7.84
N GLN IA 48 45.84 71.62 7.71
CA GLN IA 48 45.08 72.81 7.31
C GLN IA 48 45.09 73.87 8.40
N TYR IA 49 45.08 73.48 9.67
CA TYR IA 49 45.13 74.46 10.75
C TYR IA 49 46.49 75.11 10.87
N LEU IA 50 47.57 74.36 10.58
CA LEU IA 50 48.90 74.96 10.53
C LEU IA 50 48.99 75.96 9.39
N GLN IA 51 48.44 75.62 8.22
CA GLN IA 51 48.45 76.54 7.09
C GLN IA 51 47.62 77.79 7.37
N SER IA 52 46.46 77.63 8.00
CA SER IA 52 45.60 78.77 8.32
C SER IA 52 46.22 79.65 9.40
N GLU IA 53 46.93 79.05 10.37
CA GLU IA 53 47.64 79.84 11.37
C GLU IA 53 48.78 80.63 10.75
N GLN IA 54 49.50 80.03 9.80
CA GLN IA 54 50.57 80.75 9.12
C GLN IA 54 50.05 81.87 8.24
N VAL IA 55 48.85 81.69 7.66
CA VAL IA 55 48.29 82.76 6.85
C VAL IA 55 47.77 83.90 7.74
N ARG IA 56 47.04 83.56 8.81
CA ARG IA 56 46.45 84.58 9.65
C ARG IA 56 47.47 85.30 10.53
N ALA IA 57 48.63 84.68 10.77
CA ALA IA 57 49.64 85.36 11.58
C ALA IA 57 50.36 86.43 10.79
N LYS IA 58 50.55 86.22 9.50
CA LYS IA 58 51.34 87.11 8.66
C LYS IA 58 50.50 88.17 7.96
N MET IA 59 49.22 88.33 8.33
CA MET IA 59 48.32 89.14 7.52
C MET IA 59 48.55 90.63 7.69
N GLN IA 60 48.88 91.07 8.91
CA GLN IA 60 49.13 92.49 9.15
C GLN IA 60 50.37 92.98 8.42
N ILE IA 61 51.46 92.20 8.49
CA ILE IA 61 52.69 92.57 7.79
C ILE IA 61 52.51 92.46 6.29
N ASP IA 62 51.66 91.54 5.83
CA ASP IA 62 51.39 91.43 4.39
C ASP IA 62 50.59 92.61 3.88
N PHE IA 63 49.60 93.08 4.66
CA PHE IA 63 48.84 94.26 4.23
C PHE IA 63 49.68 95.52 4.32
N LEU IA 64 50.59 95.61 5.30
CA LEU IA 64 51.50 96.74 5.35
C LEU IA 64 52.48 96.71 4.17
N GLY IA 65 52.93 95.52 3.78
CA GLY IA 65 53.78 95.42 2.62
C GLY IA 65 53.06 95.71 1.32
N MET IA 66 51.79 95.36 1.23
CA MET IA 66 51.01 95.68 0.04
C MET IA 66 50.74 97.18 -0.06
N GLN IA 67 50.50 97.83 1.08
CA GLN IA 67 50.39 99.29 1.07
C GLN IA 67 51.70 99.97 0.74
N ALA IA 68 52.82 99.40 1.19
CA ALA IA 68 54.13 99.94 0.83
C ALA IA 68 54.42 99.74 -0.65
N ASN IA 69 53.97 98.62 -1.22
CA ASN IA 69 54.12 98.40 -2.66
C ASN IA 69 53.23 99.32 -3.46
N LEU IA 70 52.05 99.66 -2.92
CA LEU IA 70 51.21 100.67 -3.57
C LEU IA 70 51.87 102.05 -3.54
N GLN IA 71 52.51 102.38 -2.42
CA GLN IA 71 53.28 103.62 -2.33
C GLN IA 71 54.45 103.61 -3.31
N ASN IA 72 55.09 102.46 -3.48
CA ASN IA 72 56.19 102.34 -4.42
C ASN IA 72 55.71 102.49 -5.86
N ALA IA 73 54.56 101.90 -6.20
CA ALA IA 73 54.02 102.02 -7.54
C ALA IA 73 53.48 103.42 -7.83
N LYS IA 74 53.09 104.17 -6.81
CA LYS IA 74 52.72 105.56 -7.04
C LYS IA 74 53.94 106.45 -7.18
N ALA IA 75 54.96 106.23 -6.33
CA ALA IA 75 56.15 107.07 -6.36
C ALA IA 75 56.99 106.82 -7.60
N GLU IA 76 56.97 105.60 -8.14
CA GLU IA 76 57.68 105.33 -9.38
C GLU IA 76 57.04 106.06 -10.56
N THR IA 77 55.72 106.10 -10.60
CA THR IA 77 55.02 106.84 -11.65
C THR IA 77 55.24 108.34 -11.52
N LEU IA 78 55.26 108.85 -10.28
CA LEU IA 78 55.55 110.27 -10.07
C LEU IA 78 56.98 110.60 -10.45
N ASN IA 79 57.93 109.70 -10.17
CA ASN IA 79 59.31 109.91 -10.55
C ASN IA 79 59.50 109.85 -12.05
N LYS IA 80 58.76 108.97 -12.74
CA LYS IA 80 58.83 108.93 -14.20
C LYS IA 80 58.23 110.18 -14.82
N LEU IA 81 57.15 110.71 -14.23
CA LEU IA 81 56.57 111.96 -14.71
C LEU IA 81 57.53 113.13 -14.50
N ILE IA 82 58.23 113.15 -13.36
CA ILE IA 82 59.16 114.23 -13.07
C ILE IA 82 60.40 114.15 -13.96
N GLN IA 83 60.87 112.92 -14.22
CA GLN IA 83 61.98 112.72 -15.17
C GLN IA 83 61.57 113.14 -16.57
N CYS IA 84 60.31 112.88 -16.94
CA CYS IA 84 59.80 113.30 -18.24
C CYS IA 84 59.72 114.82 -18.35
N GLN IA 85 59.24 115.50 -17.30
CA GLN IA 85 59.18 116.96 -17.33
C GLN IA 85 60.57 117.58 -17.30
N ALA IA 86 61.52 116.93 -16.62
CA ALA IA 86 62.90 117.40 -16.65
C ALA IA 86 63.52 117.24 -18.04
N MET IA 87 63.18 116.15 -18.73
CA MET IA 87 63.63 115.99 -20.11
C MET IA 87 62.96 116.98 -21.04
N LEU IA 88 61.73 117.40 -20.72
CA LEU IA 88 61.05 118.43 -21.49
C LEU IA 88 61.73 119.78 -21.33
N LYS IA 89 62.05 120.15 -20.09
CA LYS IA 89 62.68 121.45 -19.85
C LYS IA 89 64.16 121.47 -20.20
N SER IA 90 64.81 120.30 -20.26
CA SER IA 90 66.24 120.25 -20.55
C SER IA 90 66.53 120.61 -21.99
N LEU IA 91 65.57 120.39 -22.90
CA LEU IA 91 65.74 120.83 -24.28
C LEU IA 91 65.81 122.35 -24.37
N LYS IA 92 64.89 123.03 -23.68
CA LYS IA 92 64.89 124.49 -23.63
C LYS IA 92 66.15 125.02 -22.97
N ASP IA 93 66.58 124.39 -21.87
CA ASP IA 93 67.77 124.86 -21.16
C ASP IA 93 69.04 124.65 -21.98
N ASN IA 94 69.18 123.48 -22.59
CA ASN IA 94 70.38 123.19 -23.38
C ASN IA 94 70.37 123.92 -24.72
N ALA IA 95 69.22 124.38 -25.18
CA ALA IA 95 69.23 125.28 -26.33
C ALA IA 95 69.61 126.69 -25.92
N MET IA 96 69.09 127.16 -24.79
CA MET IA 96 69.31 128.55 -24.40
C MET IA 96 70.74 128.79 -23.92
N ILE IA 97 71.32 127.85 -23.18
CA ILE IA 97 72.69 128.07 -22.71
C ILE IA 97 73.68 127.91 -23.86
N ASN IA 98 73.35 127.10 -24.88
CA ASN IA 98 74.22 126.99 -26.04
C ASN IA 98 74.13 128.24 -26.90
N ARG IA 99 72.92 128.81 -27.04
CA ARG IA 99 72.76 130.08 -27.74
C ARG IA 99 73.50 131.20 -27.02
N ALA IA 100 73.45 131.21 -25.68
CA ALA IA 100 74.16 132.22 -24.91
C ALA IA 100 75.68 132.04 -25.03
N ASN IA 101 76.16 130.80 -25.01
CA ASN IA 101 77.59 130.56 -25.14
C ASN IA 101 78.09 130.92 -26.53
N ALA IA 102 77.29 130.65 -27.56
CA ALA IA 102 77.66 131.03 -28.92
C ALA IA 102 77.65 132.55 -29.08
N LEU IA 103 76.72 133.25 -28.42
CA LEU IA 103 76.72 134.70 -28.47
C LEU IA 103 77.91 135.29 -27.71
N VAL IA 104 78.31 134.68 -26.60
CA VAL IA 104 79.50 135.11 -25.87
C VAL IA 104 80.75 134.92 -26.72
N SER IA 105 80.83 133.80 -27.45
CA SER IA 105 81.96 133.60 -28.36
C SER IA 105 81.91 134.56 -29.55
N LEU IA 106 80.72 134.96 -29.98
CA LEU IA 106 80.61 135.95 -31.06
C LEU IA 106 81.07 137.33 -30.61
N LEU IA 107 80.70 137.73 -29.39
CA LEU IA 107 81.27 138.97 -28.86
C LEU IA 107 82.74 138.84 -28.52
N GLN IA 108 83.23 137.62 -28.28
CA GLN IA 108 84.65 137.41 -28.05
C GLN IA 108 85.45 137.62 -29.34
N VAL IA 109 84.93 137.12 -30.46
CA VAL IA 109 85.62 137.37 -31.72
C VAL IA 109 85.39 138.79 -32.22
N GLN IA 110 84.29 139.44 -31.82
CA GLN IA 110 84.12 140.85 -32.16
C GLN IA 110 84.95 141.76 -31.27
N ALA IA 111 85.38 141.28 -30.11
CA ALA IA 111 86.19 142.10 -29.21
C ALA IA 111 87.60 142.27 -29.74
N ASN IA 112 88.34 141.17 -29.89
CA ASN IA 112 89.70 141.23 -30.41
C ASN IA 112 89.73 141.01 -31.92
N ALA IA 113 88.91 141.77 -32.65
CA ALA IA 113 88.82 141.61 -34.09
C ALA IA 113 89.90 142.40 -34.81
N ALA IA 114 89.85 143.74 -34.69
CA ALA IA 114 90.75 144.70 -35.36
C ALA IA 114 90.78 144.49 -36.88
N ASN IA 115 89.64 144.10 -37.46
CA ASN IA 115 89.57 143.80 -38.89
C ASN IA 115 88.55 144.66 -39.62
N GLY IA 116 87.33 144.76 -39.09
CA GLY IA 116 86.26 145.50 -39.75
C GLY IA 116 85.26 144.64 -40.49
N ILE IA 117 85.64 143.41 -40.85
CA ILE IA 117 84.72 142.49 -41.50
C ILE IA 117 83.67 142.00 -40.50
N THR IA 118 84.03 141.97 -39.21
CA THR IA 118 83.11 141.51 -38.17
C THR IA 118 81.92 142.44 -37.97
N THR IA 119 82.07 143.73 -38.26
CA THR IA 119 80.95 144.65 -38.18
C THR IA 119 79.92 144.37 -39.27
N SER IA 120 80.37 143.87 -40.42
CA SER IA 120 79.44 143.48 -41.47
C SER IA 120 78.89 142.08 -41.26
N ASN IA 121 79.67 141.19 -40.64
CA ASN IA 121 79.21 139.84 -40.36
C ASN IA 121 78.39 139.72 -39.09
N PHE IA 122 78.34 140.78 -38.27
CA PHE IA 122 77.50 140.78 -37.08
C PHE IA 122 76.02 140.79 -37.41
N GLU IA 123 75.64 141.24 -38.61
CA GLU IA 123 74.28 141.07 -39.08
C GLU IA 123 74.07 139.71 -39.73
N ALA IA 124 75.14 138.96 -39.98
CA ALA IA 124 75.07 137.66 -40.64
C ALA IA 124 75.17 136.50 -39.67
N ALA IA 125 76.15 136.52 -38.76
CA ALA IA 125 76.31 135.45 -37.80
C ALA IA 125 75.25 135.47 -36.72
N PHE IA 126 74.69 136.64 -36.41
CA PHE IA 126 73.67 136.73 -35.37
C PHE IA 126 72.38 136.05 -35.78
N LYS IA 127 72.10 135.98 -37.08
CA LYS IA 127 70.95 135.20 -37.53
C LYS IA 127 71.24 133.72 -37.51
N ILE IA 128 72.52 133.33 -37.51
CA ILE IA 128 72.87 131.92 -37.32
C ILE IA 128 72.71 131.55 -35.85
N ILE IA 129 73.09 132.45 -34.94
CA ILE IA 129 72.84 132.20 -33.52
C ILE IA 129 71.33 132.29 -33.22
N ALA IA 130 70.58 133.04 -34.04
CA ALA IA 130 69.14 133.13 -33.86
C ALA IA 130 68.41 131.83 -34.21
N GLN IA 131 69.02 130.96 -35.01
CA GLN IA 131 68.40 129.71 -35.38
C GLN IA 131 68.67 128.58 -34.39
N ILE IA 132 69.29 128.89 -33.24
CA ILE IA 132 69.44 127.88 -32.19
C ILE IA 132 68.10 127.61 -31.53
N GLY IA 133 67.40 128.67 -31.14
CA GLY IA 133 66.11 128.55 -30.49
C GLY IA 133 64.96 128.94 -31.42
N SER IA 134 64.99 128.44 -32.65
CA SER IA 134 63.97 128.81 -33.64
C SER IA 134 62.60 128.27 -33.26
N GLU IA 135 62.53 127.08 -32.66
CA GLU IA 135 61.28 126.56 -32.12
C GLU IA 135 60.97 127.09 -30.72
N TYR IA 136 61.80 127.99 -30.21
CA TYR IA 136 61.68 128.59 -28.89
C TYR IA 136 61.67 130.11 -29.08
N ASN IA 137 61.93 130.86 -28.01
CA ASN IA 137 61.93 132.31 -28.08
C ASN IA 137 63.13 132.76 -28.92
N GLN IA 138 62.91 132.84 -30.23
CA GLN IA 138 63.95 133.24 -31.17
C GLN IA 138 64.20 134.74 -31.06
N ILE IA 139 65.30 135.17 -31.67
CA ILE IA 139 65.79 136.53 -31.53
C ILE IA 139 66.04 137.12 -32.91
N THR IA 140 66.13 138.44 -32.95
CA THR IA 140 66.42 139.16 -34.18
C THR IA 140 67.24 140.40 -33.85
N LEU IA 141 67.70 141.08 -34.91
CA LEU IA 141 68.50 142.30 -34.78
C LEU IA 141 68.01 143.30 -35.81
N ASN IA 142 67.36 144.37 -35.35
CA ASN IA 142 66.86 145.37 -36.28
C ASN IA 142 67.98 146.28 -36.79
N ASN IA 143 68.60 147.07 -35.91
CA ASN IA 143 69.80 147.83 -36.21
C ASN IA 143 70.76 147.77 -35.02
N GLY IA 144 70.89 146.60 -34.40
CA GLY IA 144 71.76 146.45 -33.26
C GLY IA 144 71.06 146.24 -31.93
N ASN IA 145 69.76 145.98 -31.93
CA ASN IA 145 69.00 145.69 -30.72
C ASN IA 145 68.19 144.42 -30.90
N VAL IA 146 67.90 143.75 -29.79
CA VAL IA 146 67.21 142.47 -29.80
C VAL IA 146 65.78 142.65 -29.31
N SER IA 147 64.97 141.63 -29.54
CA SER IA 147 63.57 141.62 -29.10
C SER IA 147 63.14 140.17 -28.94
N VAL IA 148 62.87 139.76 -27.71
CA VAL IA 148 62.48 138.38 -27.43
C VAL IA 148 61.03 138.18 -27.81
N GLN IA 149 60.74 137.11 -28.55
CA GLN IA 149 59.40 136.84 -29.03
C GLN IA 149 58.55 136.12 -27.99
N GLU IA 150 59.01 134.93 -27.56
CA GLU IA 150 58.27 134.00 -26.68
C GLU IA 150 56.89 133.68 -27.26
N LYS IA 151 56.94 132.97 -28.40
CA LYS IA 151 55.79 132.78 -29.27
C LYS IA 151 54.69 131.89 -28.68
N GLU IA 152 54.92 131.26 -27.52
CA GLU IA 152 54.01 130.32 -26.86
C GLU IA 152 53.63 129.17 -27.80
N GLN IA 153 54.66 128.38 -28.14
CA GLN IA 153 54.52 127.35 -29.15
C GLN IA 153 53.71 126.18 -28.62
N THR IA 154 52.88 125.61 -29.49
CA THR IA 154 51.95 124.57 -29.09
C THR IA 154 52.65 123.23 -28.89
N ASN IA 155 52.13 122.47 -27.93
CA ASN IA 155 52.62 121.12 -27.65
C ASN IA 155 51.52 120.36 -26.93
N GLU IA 156 51.04 119.28 -27.54
CA GLU IA 156 49.97 118.50 -26.94
C GLU IA 156 50.48 117.69 -25.75
N LEU IA 157 51.75 117.27 -25.79
CA LEU IA 157 52.28 116.35 -24.79
C LEU IA 157 52.40 116.98 -23.42
N LYS IA 158 52.55 118.31 -23.36
CA LYS IA 158 52.50 119.02 -22.08
C LYS IA 158 51.10 118.92 -21.46
N THR IA 159 50.06 119.03 -22.29
CA THR IA 159 48.70 118.89 -21.80
C THR IA 159 48.39 117.45 -21.39
N ILE IA 160 48.95 116.47 -22.10
CA ILE IA 160 48.75 115.08 -21.71
C ILE IA 160 49.48 114.78 -20.40
N LEU IA 161 50.65 115.38 -20.19
CA LEU IA 161 51.36 115.28 -18.93
C LEU IA 161 50.55 115.90 -17.79
N ASN IA 162 49.92 117.05 -18.06
CA ASN IA 162 49.08 117.70 -17.05
C ASN IA 162 47.86 116.84 -16.72
N SER IA 163 47.28 116.21 -17.73
CA SER IA 163 46.11 115.34 -17.50
C SER IA 163 46.50 114.07 -16.74
N LEU IA 164 47.69 113.52 -17.00
CA LEU IA 164 48.15 112.38 -16.23
C LEU IA 164 48.49 112.74 -14.80
N SER IA 165 49.00 113.96 -14.57
CA SER IA 165 49.24 114.42 -13.21
C SER IA 165 47.93 114.60 -12.45
N LYS IA 166 46.91 115.14 -13.12
CA LYS IA 166 45.60 115.26 -12.51
C LYS IA 166 44.98 113.90 -12.22
N GLU IA 167 45.23 112.93 -13.11
CA GLU IA 167 44.79 111.55 -12.88
C GLU IA 167 45.47 110.93 -11.67
N LEU IA 168 46.78 111.20 -11.51
CA LEU IA 168 47.52 110.65 -10.37
C LEU IA 168 47.05 111.28 -9.06
N GLU IA 169 46.79 112.60 -9.09
CA GLU IA 169 46.30 113.24 -7.87
C GLU IA 169 44.89 112.80 -7.53
N LYS IA 170 44.05 112.54 -8.53
CA LYS IA 170 42.73 111.98 -8.27
C LYS IA 170 42.82 110.57 -7.73
N LEU IA 171 43.81 109.80 -8.17
CA LEU IA 171 44.04 108.48 -7.61
C LEU IA 171 44.58 108.54 -6.18
N ASN IA 172 45.28 109.62 -5.84
CA ASN IA 172 45.95 109.69 -4.54
C ASN IA 172 44.97 109.87 -3.38
N GLN IA 173 43.76 110.37 -3.64
CA GLN IA 173 42.83 110.61 -2.54
C GLN IA 173 42.20 109.31 -2.04
N GLN IA 174 41.93 108.38 -2.95
CA GLN IA 174 41.28 107.12 -2.57
C GLN IA 174 42.25 106.10 -1.99
N SER IA 175 43.55 106.38 -1.99
CA SER IA 175 44.51 105.48 -1.36
C SER IA 175 44.40 105.59 0.15
N GLU IA 176 43.61 104.71 0.75
CA GLU IA 176 43.34 104.78 2.18
C GLU IA 176 44.37 104.00 2.97
N VAL IA 177 44.43 104.30 4.28
CA VAL IA 177 45.15 103.50 5.25
C VAL IA 177 44.20 103.19 6.39
N ASN IA 178 44.53 102.14 7.15
CA ASN IA 178 43.88 101.76 8.40
C ASN IA 178 42.39 101.46 8.21
N SER IA 179 42.12 100.37 7.49
CA SER IA 179 40.77 99.88 7.28
C SER IA 179 40.62 98.47 7.81
N ILE IA 180 39.58 98.23 8.60
CA ILE IA 180 39.32 96.93 9.17
C ILE IA 180 38.34 96.18 8.28
N GLN IA 181 38.24 94.87 8.50
CA GLN IA 181 37.40 94.02 7.66
C GLN IA 181 36.88 92.84 8.48
N ILE IA 182 35.57 92.61 8.41
CA ILE IA 182 34.96 91.48 9.08
C ILE IA 182 34.65 90.41 8.03
N PHE IA 183 34.57 89.16 8.49
CA PHE IA 183 34.24 88.04 7.63
C PHE IA 183 33.46 87.02 8.44
N SER IA 184 32.61 86.26 7.76
CA SER IA 184 31.82 85.23 8.42
C SER IA 184 31.39 84.21 7.39
N ASP IA 185 31.80 82.96 7.58
CA ASP IA 185 31.17 81.87 6.86
C ASP IA 185 29.81 81.59 7.46
N LYS IA 186 28.92 81.02 6.63
CA LYS IA 186 27.56 80.63 7.00
C LYS IA 186 26.76 81.83 7.52
N LEU IA 187 26.45 82.72 6.57
CA LEU IA 187 25.57 83.85 6.86
C LEU IA 187 24.19 83.39 7.32
N GLU IA 188 23.72 82.27 6.77
CA GLU IA 188 22.59 81.57 7.35
C GLU IA 188 23.06 80.75 8.54
N VAL IA 189 22.19 80.63 9.55
CA VAL IA 189 22.55 79.94 10.78
C VAL IA 189 21.28 79.37 11.41
N LEU IA 190 21.44 78.31 12.18
CA LEU IA 190 20.34 77.72 12.94
C LEU IA 190 20.29 78.37 14.32
N LYS IA 191 19.53 77.75 15.23
CA LYS IA 191 19.33 78.32 16.56
C LYS IA 191 20.60 78.25 17.40
N ASP IA 192 21.34 77.16 17.32
CA ASP IA 192 22.53 76.95 18.15
C ASP IA 192 23.80 76.73 17.34
N ALA IA 193 23.80 77.02 16.05
CA ALA IA 193 24.99 76.77 15.25
C ALA IA 193 26.00 77.92 15.45
N PRO IA 194 27.30 77.62 15.45
CA PRO IA 194 28.29 78.65 15.85
C PRO IA 194 28.46 79.80 14.87
N ALA IA 195 28.71 79.51 13.58
CA ALA IA 195 28.95 80.51 12.52
C ALA IA 195 30.07 81.47 12.90
N ARG IA 196 31.29 80.92 12.93
CA ARG IA 196 32.48 81.59 13.43
C ARG IA 196 32.80 82.89 12.68
N LEU IA 197 32.66 84.01 13.37
CA LEU IA 197 33.00 85.33 12.85
C LEU IA 197 34.51 85.55 13.00
N TRP IA 198 35.14 86.09 11.97
CA TRP IA 198 36.57 86.36 12.00
C TRP IA 198 36.81 87.79 11.55
N GLY IA 199 37.43 88.59 12.42
CA GLY IA 199 37.72 89.97 12.12
C GLY IA 199 39.19 90.19 11.85
N PHE IA 200 39.49 91.31 11.20
CA PHE IA 200 40.86 91.68 10.88
C PHE IA 200 41.01 93.18 11.01
N SER IA 201 41.82 93.62 11.96
CA SER IA 201 42.14 95.01 12.15
C SER IA 201 43.61 95.22 11.83
N THR IA 202 43.91 96.22 10.99
CA THR IA 202 45.28 96.54 10.62
C THR IA 202 45.89 97.61 11.52
N LEU IA 203 45.30 97.84 12.69
CA LEU IA 203 45.86 98.78 13.65
C LEU IA 203 47.12 98.22 14.28
N SER IA 204 47.90 99.11 14.90
CA SER IA 204 49.14 98.70 15.55
C SER IA 204 48.86 97.86 16.79
N ASN IA 205 48.15 98.43 17.76
CA ASN IA 205 47.66 97.69 18.91
C ASN IA 205 46.22 98.09 19.15
N ALA IA 206 45.38 97.11 19.50
CA ALA IA 206 43.96 97.36 19.64
C ALA IA 206 43.37 96.35 20.61
N LYS IA 207 42.05 96.38 20.75
CA LYS IA 207 41.33 95.38 21.53
C LYS IA 207 40.46 94.48 20.67
N GLU IA 208 40.01 94.98 19.51
CA GLU IA 208 39.30 94.25 18.44
C GLU IA 208 38.16 93.36 18.95
N GLY IA 209 37.31 93.94 19.79
CA GLY IA 209 36.19 93.20 20.32
C GLY IA 209 35.03 93.05 19.35
N PHE IA 210 34.04 92.29 19.78
CA PHE IA 210 32.78 92.12 19.07
C PHE IA 210 31.65 92.61 19.94
N TYR IA 211 30.82 93.49 19.41
CA TYR IA 211 29.71 94.09 20.16
C TYR IA 211 28.38 93.68 19.55
N ASN IA 212 27.39 93.50 20.42
CA ASN IA 212 26.09 92.92 20.07
C ASN IA 212 25.03 94.00 20.12
N GLU IA 213 24.90 94.72 19.00
CA GLU IA 213 23.76 95.52 18.57
C GLU IA 213 23.52 96.81 19.36
N ALA IA 214 24.12 96.98 20.53
CA ALA IA 214 24.28 98.33 21.05
C ALA IA 214 25.74 98.59 21.43
N ASN IA 215 26.20 97.90 22.47
CA ASN IA 215 27.61 97.89 22.82
C ASN IA 215 28.05 96.57 23.45
N GLU IA 216 27.19 95.55 23.46
CA GLU IA 216 27.35 94.40 24.37
C GLU IA 216 28.48 93.50 23.92
N GLN IA 217 29.55 93.46 24.71
CA GLN IA 217 30.74 92.69 24.37
C GLN IA 217 30.46 91.20 24.46
N ILE IA 218 30.74 90.49 23.36
CA ILE IA 218 30.46 89.06 23.27
C ILE IA 218 31.71 88.24 22.96
N ALA IA 219 32.83 88.88 22.68
CA ALA IA 219 34.07 88.16 22.40
C ALA IA 219 35.23 88.97 22.95
N SER IA 220 36.46 88.53 22.67
CA SER IA 220 37.64 89.22 23.15
C SER IA 220 38.46 89.82 22.01
N GLY IA 221 38.90 89.01 21.05
CA GLY IA 221 39.66 89.56 19.95
C GLY IA 221 39.75 88.69 18.71
N SER IA 222 39.33 89.26 17.57
CA SER IA 222 39.52 88.76 16.20
C SER IA 222 38.79 87.45 15.87
N VAL IA 223 38.13 86.85 16.84
CA VAL IA 223 37.31 85.66 16.62
C VAL IA 223 36.06 85.77 17.48
N CYS IA 224 34.94 85.31 16.94
CA CYS IA 224 33.68 85.31 17.66
C CYS IA 224 32.93 84.03 17.35
N LEU IA 225 32.27 83.47 18.36
CA LEU IA 225 31.46 82.28 18.21
C LEU IA 225 30.03 82.69 18.54
N PHE IA 226 29.20 82.83 17.51
CA PHE IA 226 27.92 83.52 17.67
C PHE IA 226 26.80 82.50 17.83
N ARG IA 227 26.45 82.21 19.08
CA ARG IA 227 25.20 81.52 19.36
C ARG IA 227 24.07 82.55 19.42
N SER IA 228 22.88 82.13 19.00
CA SER IA 228 21.80 83.08 18.78
C SER IA 228 20.66 82.91 19.77
N ASP IA 229 20.04 81.72 19.83
CA ASP IA 229 18.83 81.43 20.61
C ASP IA 229 17.69 82.39 20.30
N LYS IA 230 17.62 82.87 19.05
CA LYS IA 230 16.62 83.85 18.63
C LYS IA 230 16.15 83.46 17.24
N VAL IA 231 15.42 84.36 16.59
CA VAL IA 231 14.89 84.10 15.26
C VAL IA 231 15.26 85.25 14.33
N ARG IA 232 15.49 86.42 14.90
CA ARG IA 232 15.69 87.65 14.14
C ARG IA 232 17.04 87.68 13.42
N LYS IA 233 17.24 88.70 12.61
CA LYS IA 233 18.50 88.93 11.90
C LYS IA 233 19.39 89.79 12.80
N HIS IA 234 20.50 89.22 13.25
CA HIS IA 234 21.39 89.94 14.16
C HIS IA 234 22.44 90.72 13.38
N THR IA 235 22.93 91.78 14.00
CA THR IA 235 23.96 92.63 13.41
C THR IA 235 25.09 92.78 14.42
N ILE IA 236 26.23 92.18 14.11
CA ILE IA 236 27.38 92.15 15.02
C ILE IA 236 28.41 93.16 14.55
N THR IA 237 28.99 93.91 15.48
CA THR IA 237 29.91 94.99 15.15
C THR IA 237 31.31 94.64 15.63
N PHE IA 238 32.22 94.44 14.68
CA PHE IA 238 33.64 94.34 14.97
C PHE IA 238 34.17 95.73 15.29
N LYS IA 239 34.86 95.85 16.42
CA LYS IA 239 35.35 97.15 16.87
C LYS IA 239 36.83 97.06 17.19
N ALA IA 240 37.59 97.99 16.65
CA ALA IA 240 39.03 98.11 16.91
C ALA IA 240 39.28 99.50 17.46
N ILE IA 241 39.50 99.60 18.77
CA ILE IA 241 39.77 100.87 19.42
C ILE IA 241 41.27 101.04 19.53
N ASN IA 242 41.70 102.30 19.62
CA ASN IA 242 43.11 102.61 19.76
C ASN IA 242 43.24 103.92 20.51
N THR IA 243 44.47 104.22 20.95
CA THR IA 243 44.77 105.49 21.60
C THR IA 243 44.64 106.67 20.65
N LYS IA 244 44.75 106.44 19.34
CA LYS IA 244 44.60 107.50 18.35
C LYS IA 244 43.17 107.59 17.83
N THR IA 245 42.66 106.51 17.23
CA THR IA 245 41.35 106.52 16.60
C THR IA 245 40.63 105.22 16.93
N SER IA 246 39.50 104.98 16.25
CA SER IA 246 38.70 103.79 16.46
C SER IA 246 37.94 103.48 15.19
N LEU IA 247 37.71 102.19 14.95
CA LEU IA 247 37.00 101.73 13.76
C LEU IA 247 35.95 100.70 14.14
N SER IA 248 34.90 100.65 13.33
CA SER IA 248 33.82 99.69 13.50
C SER IA 248 33.42 99.13 12.14
N LYS IA 249 32.83 97.94 12.18
CA LYS IA 249 32.37 97.26 10.98
C LYS IA 249 31.18 96.38 11.34
N ASN IA 250 30.24 96.27 10.42
CA ASN IA 250 28.99 95.56 10.67
C ASN IA 250 28.94 94.28 9.85
N ILE IA 251 28.38 93.22 10.45
CA ILE IA 251 28.01 92.02 9.73
C ILE IA 251 26.58 91.67 10.12
N THR IA 252 25.88 91.00 9.21
CA THR IA 252 24.48 90.63 9.42
C THR IA 252 24.36 89.12 9.31
N ILE IA 253 24.04 88.47 10.42
CA ILE IA 253 23.84 87.03 10.47
C ILE IA 253 22.37 86.76 10.71
N SER IA 254 21.73 86.10 9.76
CA SER IA 254 20.30 85.82 9.87
C SER IA 254 20.10 84.42 10.43
N VAL IA 255 19.17 84.31 11.38
CA VAL IA 255 18.86 83.06 12.06
C VAL IA 255 17.55 82.53 11.50
N ILE IA 256 17.47 81.21 11.33
CA ILE IA 256 16.21 80.56 10.99
C ILE IA 256 15.99 79.42 11.97
N ALA IA 257 14.72 79.00 12.07
CA ALA IA 257 14.41 77.80 12.80
C ALA IA 257 14.58 76.58 11.90
N ASN IA 258 14.63 75.41 12.52
CA ASN IA 258 14.76 74.17 11.77
C ASN IA 258 13.44 73.86 11.06
N LYS IA 259 13.49 73.72 9.74
CA LYS IA 259 12.29 73.42 8.97
C LYS IA 259 11.78 72.00 9.21
N LEU IA 260 12.66 71.08 9.62
CA LEU IA 260 12.23 69.72 9.90
C LEU IA 260 11.50 69.63 11.23
N LYS IA 261 11.97 70.37 12.24
CA LYS IA 261 11.35 70.31 13.56
C LYS IA 261 10.00 71.03 13.59
N GLU IA 262 9.79 71.97 12.67
CA GLU IA 262 8.53 72.69 12.62
C GLU IA 262 7.44 71.82 12.01
N ARG IA 263 6.29 71.74 12.70
CA ARG IA 263 5.07 71.03 12.31
C ARG IA 263 5.28 69.59 11.82
N MET JA 1 57.80 49.37 9.30
CA MET JA 1 57.13 49.82 10.51
C MET JA 1 58.13 50.06 11.64
N ASP JA 2 57.71 50.84 12.64
CA ASP JA 2 58.45 50.93 13.89
C ASP JA 2 57.89 49.90 14.85
N THR JA 3 58.79 49.16 15.50
CA THR JA 3 58.38 47.94 16.19
C THR JA 3 57.66 48.25 17.50
N THR JA 4 58.24 49.10 18.33
CA THR JA 4 57.70 49.33 19.68
C THR JA 4 56.38 50.08 19.63
N ARG JA 5 56.24 51.02 18.70
CA ARG JA 5 54.96 51.68 18.49
C ARG JA 5 53.91 50.70 17.99
N PHE JA 6 54.31 49.73 17.16
CA PHE JA 6 53.40 48.68 16.73
C PHE JA 6 52.96 47.81 17.89
N ILE JA 7 53.88 47.49 18.81
CA ILE JA 7 53.54 46.67 19.97
C ILE JA 7 52.58 47.41 20.89
N ARG JA 8 52.83 48.69 21.13
CA ARG JA 8 51.95 49.48 21.99
C ARG JA 8 50.58 49.67 21.37
N ASN JA 9 50.53 49.89 20.05
CA ASN JA 9 49.23 50.04 19.39
C ASN JA 9 48.47 48.72 19.32
N PHE JA 10 49.19 47.60 19.17
CA PHE JA 10 48.57 46.29 19.21
C PHE JA 10 47.97 45.99 20.58
N ILE JA 11 48.69 46.35 21.64
CA ILE JA 11 48.19 46.18 23.00
C ILE JA 11 46.98 47.08 23.24
N LEU JA 12 47.04 48.33 22.76
CA LEU JA 12 45.94 49.26 22.98
C LEU JA 12 44.69 48.86 22.20
N PHE JA 13 44.87 48.31 21.00
CA PHE JA 13 43.72 47.84 20.24
C PHE JA 13 43.15 46.56 20.81
N LYS JA 14 43.98 45.74 21.46
CA LYS JA 14 43.45 44.60 22.19
C LYS JA 14 42.78 45.02 23.50
N ASP JA 15 43.09 46.20 24.02
CA ASP JA 15 42.36 46.72 25.16
C ASP JA 15 41.05 47.38 24.76
N ALA JA 16 41.02 48.06 23.62
CA ALA JA 16 39.80 48.72 23.16
C ALA JA 16 38.77 47.69 22.72
N LEU JA 17 39.12 46.88 21.74
CA LEU JA 17 38.34 45.68 21.46
C LEU JA 17 38.58 44.69 22.58
N GLN JA 18 37.72 44.69 23.59
CA GLN JA 18 37.95 43.82 24.74
C GLN JA 18 37.67 42.37 24.37
N LYS JA 19 38.53 41.47 24.88
CA LYS JA 19 38.56 40.09 24.41
C LYS JA 19 37.39 39.26 24.90
N GLN JA 20 36.56 39.78 25.80
CA GLN JA 20 35.36 39.05 26.22
C GLN JA 20 34.33 39.02 25.10
N ASN JA 21 34.32 40.03 24.24
CA ASN JA 21 33.39 40.09 23.12
C ASN JA 21 33.97 39.50 21.84
N PHE JA 22 35.18 38.97 21.88
CA PHE JA 22 35.90 38.61 20.67
C PHE JA 22 36.46 37.21 20.77
N ASN JA 23 36.33 36.46 19.66
CA ASN JA 23 37.17 35.29 19.46
C ASN JA 23 38.61 35.74 19.32
N ASN JA 24 39.54 34.93 19.85
CA ASN JA 24 40.92 35.37 20.02
C ASN JA 24 41.64 35.58 18.69
N LYS JA 25 41.38 34.72 17.71
CA LYS JA 25 42.04 34.85 16.42
C LYS JA 25 41.60 36.10 15.68
N ASP JA 26 40.29 36.34 15.63
CA ASP JA 26 39.77 37.54 14.99
C ASP JA 26 40.16 38.80 15.74
N LEU JA 27 40.28 38.72 17.07
CA LEU JA 27 40.74 39.85 17.87
C LEU JA 27 42.17 40.22 17.53
N ASN JA 28 43.06 39.22 17.51
CA ASN JA 28 44.46 39.47 17.18
C ASN JA 28 44.61 39.94 15.73
N THR JA 29 43.80 39.41 14.82
CA THR JA 29 43.88 39.81 13.42
C THR JA 29 43.42 41.25 13.21
N THR JA 30 42.28 41.62 13.82
CA THR JA 30 41.78 42.98 13.67
C THR JA 30 42.69 43.99 14.37
N SER JA 31 43.27 43.61 15.51
CA SER JA 31 44.23 44.48 16.17
C SER JA 31 45.50 44.65 15.35
N MET JA 32 45.95 43.59 14.69
CA MET JA 32 47.13 43.68 13.84
C MET JA 32 46.89 44.55 12.62
N GLN JA 33 45.72 44.41 11.99
CA GLN JA 33 45.40 45.22 10.81
C GLN JA 33 45.24 46.69 11.18
N ALA JA 34 44.58 46.97 12.32
CA ALA JA 34 44.44 48.35 12.77
C ALA JA 34 45.78 48.94 13.19
N ALA JA 35 46.68 48.13 13.74
CA ALA JA 35 48.00 48.64 14.10
C ALA JA 35 48.85 48.93 12.88
N LEU JA 36 48.70 48.11 11.82
CA LEU JA 36 49.41 48.39 10.58
C LEU JA 36 48.89 49.65 9.90
N GLN JA 37 47.57 49.86 9.92
CA GLN JA 37 47.01 51.11 9.41
C GLN JA 37 47.43 52.31 10.26
N SER JA 38 47.59 52.10 11.57
CA SER JA 38 48.08 53.16 12.45
C SER JA 38 49.53 53.51 12.15
N GLU JA 39 50.34 52.50 11.80
CA GLU JA 39 51.72 52.79 11.38
C GLU JA 39 51.76 53.56 10.06
N GLN JA 40 50.91 53.17 9.11
CA GLN JA 40 50.82 53.89 7.84
C GLN JA 40 50.35 55.32 8.02
N LEU JA 41 49.50 55.57 9.02
CA LEU JA 41 49.10 56.95 9.33
C LEU JA 41 50.20 57.69 10.08
N ALA JA 42 50.93 57.00 10.95
CA ALA JA 42 51.95 57.64 11.76
C ALA JA 42 53.17 58.05 10.94
N LEU JA 43 53.40 57.41 9.80
CA LEU JA 43 54.42 57.90 8.87
C LEU JA 43 54.09 59.31 8.38
N SER JA 44 52.85 59.53 7.93
CA SER JA 44 52.43 60.86 7.52
C SER JA 44 52.37 61.82 8.69
N GLU JA 45 52.10 61.31 9.90
CA GLU JA 45 52.19 62.13 11.10
C GLU JA 45 53.61 62.63 11.34
N GLU JA 46 54.60 61.75 11.15
CA GLU JA 46 56.01 62.15 11.32
C GLU JA 46 56.40 63.20 10.30
N SER JA 47 55.94 63.04 9.05
CA SER JA 47 56.23 64.02 8.00
C SER JA 47 55.59 65.36 8.31
N GLN JA 48 54.32 65.36 8.72
CA GLN JA 48 53.63 66.61 9.02
C GLN JA 48 54.19 67.28 10.27
N TYR JA 49 54.62 66.51 11.26
CA TYR JA 49 55.20 67.10 12.46
C TYR JA 49 56.58 67.67 12.19
N LEU JA 50 57.36 67.04 11.30
CA LEU JA 50 58.63 67.62 10.88
C LEU JA 50 58.42 68.94 10.15
N GLN JA 51 57.41 68.98 9.25
CA GLN JA 51 57.11 70.21 8.53
C GLN JA 51 56.63 71.31 9.48
N SER JA 52 55.78 70.96 10.45
CA SER JA 52 55.28 71.94 11.40
C SER JA 52 56.37 72.43 12.34
N GLU JA 53 57.30 71.56 12.72
CA GLU JA 53 58.44 71.99 13.53
C GLU JA 53 59.34 72.94 12.75
N GLN JA 54 59.57 72.66 11.47
CA GLN JA 54 60.38 73.55 10.64
C GLN JA 54 59.71 74.89 10.43
N VAL JA 55 58.38 74.92 10.34
CA VAL JA 55 57.69 76.19 10.18
C VAL JA 55 57.71 76.99 11.48
N ARG JA 56 57.40 76.33 12.60
CA ARG JA 56 57.32 77.04 13.87
C ARG JA 56 58.68 77.42 14.43
N ALA JA 57 59.76 76.77 14.00
CA ALA JA 57 61.08 77.15 14.48
C ALA JA 57 61.58 78.42 13.81
N LYS JA 58 61.22 78.62 12.55
CA LYS JA 58 61.74 79.73 11.77
C LYS JA 58 60.84 80.96 11.79
N MET JA 59 59.85 81.00 12.69
CA MET JA 59 58.81 82.03 12.57
C MET JA 59 59.29 83.39 13.07
N GLN JA 60 60.12 83.42 14.11
CA GLN JA 60 60.61 84.69 14.63
C GLN JA 60 61.54 85.37 13.63
N ILE JA 61 62.45 84.60 13.03
CA ILE JA 61 63.36 85.18 12.03
C ILE JA 61 62.60 85.55 10.77
N ASP JA 62 61.53 84.82 10.45
CA ASP JA 62 60.72 85.18 9.28
C ASP JA 62 59.94 86.46 9.49
N PHE JA 63 59.40 86.67 10.71
CA PHE JA 63 58.70 87.91 10.99
C PHE JA 63 59.67 89.08 11.08
N LEU JA 64 60.87 88.86 11.60
CA LEU JA 64 61.89 89.91 11.59
C LEU JA 64 62.32 90.25 10.18
N GLY JA 65 62.44 89.25 9.30
CA GLY JA 65 62.75 89.50 7.91
C GLY JA 65 61.64 90.20 7.16
N MET JA 66 60.39 89.90 7.51
CA MET JA 66 59.27 90.58 6.87
C MET JA 66 59.18 92.04 7.34
N GLN JA 67 59.48 92.31 8.61
CA GLN JA 67 59.56 93.69 9.07
C GLN JA 67 60.73 94.43 8.43
N ALA JA 68 61.85 93.74 8.21
CA ALA JA 68 62.98 94.36 7.53
C ALA JA 68 62.66 94.63 6.06
N ASN JA 69 61.88 93.76 5.43
CA ASN JA 69 61.44 94.01 4.05
C ASN JA 69 60.43 95.14 3.98
N LEU JA 70 59.61 95.30 5.03
CA LEU JA 70 58.71 96.46 5.10
C LEU JA 70 59.52 97.75 5.25
N GLN JA 71 60.57 97.71 6.06
CA GLN JA 71 61.48 98.85 6.18
C GLN JA 71 62.17 99.15 4.86
N ASN JA 72 62.54 98.10 4.12
CA ASN JA 72 63.16 98.29 2.82
C ASN JA 72 62.20 98.90 1.81
N ALA JA 73 60.94 98.44 1.81
CA ALA JA 73 59.95 98.98 0.89
C ALA JA 73 59.53 100.40 1.26
N LYS JA 74 59.66 100.79 2.53
CA LYS JA 74 59.42 102.18 2.87
C LYS JA 74 60.60 103.07 2.51
N ALA JA 75 61.82 102.59 2.78
CA ALA JA 75 63.01 103.39 2.51
C ALA JA 75 63.27 103.54 1.02
N GLU JA 76 62.88 102.55 0.21
CA GLU JA 76 63.03 102.68 -1.23
C GLU JA 76 62.09 103.75 -1.79
N THR JA 77 60.87 103.81 -1.27
CA THR JA 77 59.92 104.85 -1.69
C THR JA 77 60.38 106.23 -1.23
N LEU JA 78 60.93 106.32 -0.02
CA LEU JA 78 61.46 107.60 0.46
C LEU JA 78 62.67 108.03 -0.37
N ASN JA 79 63.52 107.08 -0.77
CA ASN JA 79 64.68 107.39 -1.59
C ASN JA 79 64.26 107.81 -2.99
N LYS JA 80 63.20 107.21 -3.53
CA LYS JA 80 62.71 107.62 -4.84
C LYS JA 80 62.08 109.01 -4.79
N LEU JA 81 61.39 109.33 -3.69
CA LEU JA 81 60.84 110.67 -3.50
C LEU JA 81 61.96 111.71 -3.37
N ILE JA 82 63.03 111.36 -2.67
CA ILE JA 82 64.13 112.30 -2.48
C ILE JA 82 64.91 112.49 -3.77
N GLN JA 83 65.09 111.40 -4.54
CA GLN JA 83 65.71 111.51 -5.86
C GLN JA 83 64.86 112.35 -6.81
N CYS JA 84 63.53 112.23 -6.69
CA CYS JA 84 62.62 113.04 -7.49
C CYS JA 84 62.70 114.52 -7.12
N GLN JA 85 62.75 114.83 -5.82
CA GLN JA 85 62.88 116.22 -5.40
C GLN JA 85 64.25 116.80 -5.76
N ALA JA 86 65.29 115.97 -5.75
CA ALA JA 86 66.60 116.41 -6.19
C ALA JA 86 66.61 116.69 -7.68
N MET JA 87 65.89 115.88 -8.47
CA MET JA 87 65.76 116.16 -9.89
C MET JA 87 64.91 117.40 -10.15
N LEU JA 88 63.98 117.70 -9.25
CA LEU JA 88 63.19 118.92 -9.35
C LEU JA 88 64.05 120.16 -9.09
N LYS JA 89 64.88 120.12 -8.05
CA LYS JA 89 65.71 121.26 -7.72
C LYS JA 89 66.94 121.39 -8.61
N SER JA 90 67.35 120.29 -9.26
CA SER JA 90 68.54 120.34 -10.10
C SER JA 90 68.30 121.13 -11.38
N LEU JA 91 67.05 121.22 -11.83
CA LEU JA 91 66.72 122.06 -12.98
C LEU JA 91 66.95 123.53 -12.65
N LYS JA 92 66.47 123.96 -11.48
CA LYS JA 92 66.68 125.34 -11.02
C LYS JA 92 68.16 125.63 -10.81
N ASP JA 93 68.89 124.68 -10.21
CA ASP JA 93 70.30 124.90 -9.93
C ASP JA 93 71.13 124.94 -11.21
N ASN JA 94 70.87 124.02 -12.14
CA ASN JA 94 71.62 124.00 -13.39
C ASN JA 94 71.20 125.11 -14.35
N ALA JA 95 70.03 125.70 -14.15
CA ALA JA 95 69.70 126.92 -14.89
C ALA JA 95 70.42 128.13 -14.29
N MET JA 96 70.43 128.22 -12.96
CA MET JA 96 70.96 129.41 -12.31
C MET JA 96 72.48 129.48 -12.41
N ILE JA 97 73.18 128.35 -12.26
CA ILE JA 97 74.64 128.41 -12.35
C ILE JA 97 75.08 128.61 -13.79
N ASN JA 98 74.28 128.18 -14.77
CA ASN JA 98 74.62 128.44 -16.16
C ASN JA 98 74.37 129.89 -16.53
N ARG JA 99 73.29 130.48 -15.99
CA ARG JA 99 73.04 131.91 -16.17
C ARG JA 99 74.14 132.75 -15.52
N ALA JA 100 74.61 132.33 -14.34
CA ALA JA 100 75.68 133.03 -13.67
C ALA JA 100 77.00 132.90 -14.42
N ASN JA 101 77.28 131.72 -14.97
CA ASN JA 101 78.52 131.52 -15.73
C ASN JA 101 78.49 132.30 -17.04
N ALA JA 102 77.32 132.38 -17.68
CA ALA JA 102 77.19 133.17 -18.89
C ALA JA 102 77.32 134.66 -18.61
N LEU JA 103 76.82 135.10 -17.45
CA LEU JA 103 76.99 136.51 -17.08
C LEU JA 103 78.45 136.83 -16.73
N VAL JA 104 79.15 135.88 -16.10
CA VAL JA 104 80.58 136.05 -15.82
C VAL JA 104 81.37 136.14 -17.14
N SER JA 105 81.01 135.31 -18.12
CA SER JA 105 81.67 135.41 -19.42
C SER JA 105 81.30 136.69 -20.16
N LEU JA 106 80.10 137.22 -19.94
CA LEU JA 106 79.72 138.49 -20.54
C LEU JA 106 80.49 139.65 -19.94
N LEU JA 107 80.67 139.67 -18.62
CA LEU JA 107 81.55 140.67 -18.02
C LEU JA 107 83.02 140.42 -18.37
N GLN JA 108 83.39 139.18 -18.71
CA GLN JA 108 84.75 138.92 -19.15
C GLN JA 108 85.01 139.52 -20.52
N VAL JA 109 84.05 139.40 -21.43
CA VAL JA 109 84.23 140.02 -22.73
C VAL JA 109 84.02 141.54 -22.66
N GLN JA 110 83.24 142.03 -21.70
CA GLN JA 110 83.14 143.48 -21.51
C GLN JA 110 84.36 144.06 -20.80
N ALA JA 111 85.15 143.22 -20.12
CA ALA JA 111 86.33 143.72 -19.43
C ALA JA 111 87.45 144.04 -20.40
N ASN JA 112 87.92 143.04 -21.15
CA ASN JA 112 88.97 143.26 -22.14
C ASN JA 112 88.39 143.53 -23.53
N ALA JA 113 87.46 144.49 -23.60
CA ALA JA 113 86.81 144.79 -24.87
C ALA JA 113 87.63 145.76 -25.70
N ALA JA 114 87.80 146.99 -25.19
CA ALA JA 114 88.48 148.11 -25.87
C ALA JA 114 87.91 148.40 -27.25
N ASN JA 115 86.60 148.21 -27.41
CA ASN JA 115 85.94 148.39 -28.71
C ASN JA 115 84.84 149.43 -28.68
N GLY JA 116 83.94 149.37 -27.70
CA GLY JA 116 82.81 150.27 -27.62
C GLY JA 116 81.50 149.69 -28.12
N ILE JA 117 81.55 148.64 -28.93
CA ILE JA 117 80.33 147.98 -29.39
C ILE JA 117 79.70 147.20 -28.24
N THR JA 118 80.51 146.76 -27.27
CA THR JA 118 80.01 146.00 -26.13
C THR JA 118 79.13 146.83 -25.21
N THR JA 119 79.32 148.15 -25.15
CA THR JA 119 78.44 148.99 -24.35
C THR JA 119 77.04 149.08 -24.97
N SER JA 120 76.96 148.96 -26.30
CA SER JA 120 75.65 148.93 -26.94
C SER JA 120 75.04 147.54 -26.94
N ASN JA 121 75.88 146.49 -26.96
CA ASN JA 121 75.38 145.12 -26.94
C ASN JA 121 75.10 144.62 -25.53
N PHE JA 122 75.51 145.36 -24.50
CA PHE JA 122 75.21 144.98 -23.13
C PHE JA 122 73.72 145.11 -22.80
N GLU JA 123 72.98 145.91 -23.55
CA GLU JA 123 71.52 145.91 -23.47
C GLU JA 123 70.90 144.83 -24.34
N ALA JA 124 71.69 144.18 -25.20
CA ALA JA 124 71.21 143.16 -26.13
C ALA JA 124 71.51 141.75 -25.65
N ALA JA 125 72.77 141.49 -25.26
CA ALA JA 125 73.14 140.15 -24.80
C ALA JA 125 72.59 139.84 -23.41
N PHE JA 126 72.35 140.85 -22.59
CA PHE JA 126 71.83 140.62 -21.24
C PHE JA 126 70.40 140.11 -21.28
N LYS JA 127 69.63 140.45 -22.31
CA LYS JA 127 68.30 139.87 -22.45
C LYS JA 127 68.38 138.44 -22.98
N ILE JA 128 69.50 138.08 -23.61
CA ILE JA 128 69.71 136.68 -23.99
C ILE JA 128 70.08 135.86 -22.77
N ILE JA 129 70.89 136.43 -21.87
CA ILE JA 129 71.17 135.75 -20.60
C ILE JA 129 69.93 135.74 -19.72
N ALA JA 130 69.02 136.71 -19.91
CA ALA JA 130 67.79 136.74 -19.13
C ALA JA 130 66.81 135.63 -19.52
N GLN JA 131 66.97 135.05 -20.71
CA GLN JA 131 66.08 133.98 -21.15
C GLN JA 131 66.55 132.60 -20.70
N ILE JA 132 67.60 132.53 -19.89
CA ILE JA 132 68.01 131.24 -19.32
C ILE JA 132 66.99 130.78 -18.28
N GLY JA 133 66.65 131.66 -17.35
CA GLY JA 133 65.69 131.36 -16.30
C GLY JA 133 64.35 132.01 -16.52
N SER JA 134 63.83 131.94 -17.76
CA SER JA 134 62.58 132.60 -18.09
C SER JA 134 61.39 131.97 -17.36
N GLU JA 135 61.41 130.66 -17.16
CA GLU JA 135 60.40 130.00 -16.34
C GLU JA 135 60.71 130.06 -14.85
N TYR JA 136 61.79 130.75 -14.48
CA TYR JA 136 62.27 130.90 -13.11
C TYR JA 136 62.39 132.40 -12.84
N ASN JA 137 63.13 132.77 -11.80
CA ASN JA 137 63.30 134.18 -11.44
C ASN JA 137 64.13 134.87 -12.53
N GLN JA 138 63.44 135.34 -13.56
CA GLN JA 138 64.08 136.02 -14.67
C GLN JA 138 64.55 137.41 -14.25
N ILE JA 139 65.38 138.00 -15.10
CA ILE JA 139 66.06 139.24 -14.77
C ILE JA 139 65.84 140.24 -15.91
N THR JA 140 66.07 141.52 -15.61
CA THR JA 140 65.97 142.59 -16.59
C THR JA 140 67.00 143.65 -16.28
N LEU JA 141 67.11 144.62 -17.18
CA LEU JA 141 68.05 145.73 -17.04
C LEU JA 141 67.34 147.02 -17.45
N ASN JA 142 67.07 147.89 -16.48
CA ASN JA 142 66.38 149.14 -16.80
C ASN JA 142 67.33 150.16 -17.44
N ASN JA 143 68.33 150.61 -16.68
CA ASN JA 143 69.43 151.42 -17.22
C ASN JA 143 70.74 151.00 -16.60
N GLY JA 144 70.94 149.69 -16.45
CA GLY JA 144 72.16 149.19 -15.84
C GLY JA 144 72.00 148.57 -14.47
N ASN JA 145 70.77 148.33 -14.03
CA ASN JA 145 70.52 147.67 -12.74
C ASN JA 145 69.53 146.53 -12.95
N VAL JA 146 69.60 145.54 -12.05
CA VAL JA 146 68.80 144.34 -12.15
C VAL JA 146 67.70 144.36 -11.10
N SER JA 147 66.74 143.45 -11.26
CA SER JA 147 65.63 143.32 -10.30
C SER JA 147 65.10 141.90 -10.42
N VAL JA 148 65.28 141.12 -9.35
CA VAL JA 148 64.85 139.73 -9.36
C VAL JA 148 63.34 139.67 -9.15
N GLN JA 149 62.67 138.88 -9.98
CA GLN JA 149 61.21 138.79 -9.93
C GLN JA 149 60.74 137.76 -8.89
N GLU JA 150 61.17 136.50 -9.05
CA GLU JA 150 60.71 135.36 -8.25
C GLU JA 150 59.18 135.23 -8.30
N LYS JA 151 58.70 134.92 -9.51
CA LYS JA 151 57.29 135.02 -9.85
C LYS JA 151 56.40 133.99 -9.15
N GLU JA 152 56.97 133.03 -8.41
CA GLU JA 152 56.26 131.94 -7.74
C GLU JA 152 55.41 131.14 -8.74
N GLN JA 153 56.11 130.50 -9.67
CA GLN JA 153 55.46 129.83 -10.79
C GLN JA 153 54.76 128.56 -10.34
N THR JA 154 53.60 128.30 -10.93
CA THR JA 154 52.76 127.19 -10.50
C THR JA 154 53.30 125.85 -10.99
N ASN JA 155 53.11 124.82 -10.16
CA ASN JA 155 53.48 123.46 -10.51
C ASN JA 155 52.65 122.52 -9.66
N GLU JA 156 51.83 121.68 -10.31
CA GLU JA 156 50.99 120.75 -9.57
C GLU JA 156 51.80 119.61 -8.97
N LEU JA 157 52.88 119.22 -9.65
CA LEU JA 157 53.63 118.03 -9.26
C LEU JA 157 54.35 118.21 -7.93
N LYS JA 158 54.69 119.45 -7.56
CA LYS JA 158 55.22 119.70 -6.23
C LYS JA 158 54.17 119.42 -5.16
N THR JA 159 52.91 119.79 -5.43
CA THR JA 159 51.84 119.51 -4.49
C THR JA 159 51.53 118.02 -4.42
N ILE JA 160 51.64 117.31 -5.55
CA ILE JA 160 51.42 115.86 -5.52
C ILE JA 160 52.55 115.16 -4.77
N LEU JA 161 53.78 115.67 -4.89
CA LEU JA 161 54.90 115.16 -4.10
C LEU JA 161 54.68 115.40 -2.62
N ASN JA 162 54.15 116.58 -2.26
CA ASN JA 162 53.85 116.88 -0.86
C ASN JA 162 52.75 115.97 -0.32
N SER JA 163 51.75 115.68 -1.15
CA SER JA 163 50.66 114.79 -0.73
C SER JA 163 51.14 113.36 -0.58
N LEU JA 164 52.05 112.92 -1.45
CA LEU JA 164 52.61 111.57 -1.30
C LEU JA 164 53.53 111.47 -0.08
N SER JA 165 54.24 112.55 0.25
CA SER JA 165 55.04 112.54 1.48
C SER JA 165 54.16 112.49 2.72
N LYS JA 166 53.03 113.21 2.69
CA LYS JA 166 52.09 113.15 3.80
C LYS JA 166 51.45 111.76 3.90
N GLU JA 167 51.21 111.12 2.76
CA GLU JA 167 50.71 109.74 2.73
C GLU JA 167 51.73 108.78 3.33
N LEU JA 168 53.01 108.96 3.02
CA LEU JA 168 54.04 108.09 3.55
C LEU JA 168 54.22 108.28 5.05
N GLU JA 169 54.13 109.53 5.52
CA GLU JA 169 54.24 109.77 6.96
C GLU JA 169 53.02 109.24 7.70
N LYS JA 170 51.84 109.32 7.09
CA LYS JA 170 50.65 108.72 7.70
C LYS JA 170 50.76 107.19 7.72
N LEU JA 171 51.39 106.60 6.72
CA LEU JA 171 51.64 105.16 6.73
C LEU JA 171 52.69 104.78 7.77
N ASN JA 172 53.61 105.68 8.09
CA ASN JA 172 54.72 105.35 8.97
C ASN JA 172 54.30 105.15 10.42
N GLN JA 173 53.16 105.71 10.84
CA GLN JA 173 52.75 105.59 12.24
C GLN JA 173 52.20 104.21 12.54
N GLN JA 174 51.49 103.60 11.60
CA GLN JA 174 50.88 102.30 11.83
C GLN JA 174 51.85 101.15 11.65
N SER JA 175 53.08 101.40 11.20
CA SER JA 175 54.08 100.35 11.10
C SER JA 175 54.56 99.98 12.49
N GLU JA 176 53.95 98.96 13.08
CA GLU JA 176 54.26 98.58 14.45
C GLU JA 176 55.42 97.57 14.50
N VAL JA 177 56.00 97.45 15.69
CA VAL JA 177 56.93 96.38 16.01
C VAL JA 177 56.45 95.73 17.30
N ASN JA 178 56.91 94.49 17.52
CA ASN JA 178 56.75 93.73 18.77
C ASN JA 178 55.27 93.52 19.12
N SER JA 179 54.61 92.72 18.29
CA SER JA 179 53.22 92.32 18.51
C SER JA 179 53.12 90.81 18.63
N ILE JA 180 52.42 90.35 19.66
CA ILE JA 180 52.24 88.93 19.89
C ILE JA 180 50.90 88.50 19.31
N GLN JA 181 50.72 87.19 19.15
CA GLN JA 181 49.52 86.65 18.53
C GLN JA 181 49.20 85.28 19.11
N ILE JA 182 47.95 85.09 19.51
CA ILE JA 182 47.49 83.81 20.01
C ILE JA 182 46.68 83.12 18.92
N PHE JA 183 46.60 81.80 18.99
CA PHE JA 183 45.83 81.00 18.05
C PHE JA 183 45.29 79.79 18.79
N SER JA 184 44.15 79.29 18.32
CA SER JA 184 43.56 78.10 18.92
C SER JA 184 42.63 77.45 17.91
N ASP JA 185 42.91 76.21 17.55
CA ASP JA 185 41.93 75.41 16.86
C ASP JA 185 40.86 74.96 17.85
N LYS JA 186 39.66 74.68 17.33
CA LYS JA 186 38.52 74.19 18.09
C LYS JA 186 38.13 75.18 19.20
N LEU JA 187 37.61 76.33 18.77
CA LEU JA 187 37.06 77.32 19.70
C LEU JA 187 35.92 76.73 20.51
N GLU JA 188 35.12 75.85 19.92
CA GLU JA 188 34.23 75.00 20.68
C GLU JA 188 35.00 73.84 21.28
N VAL JA 189 34.58 73.42 22.47
CA VAL JA 189 35.29 72.38 23.20
C VAL JA 189 34.29 71.65 24.09
N LEU JA 190 34.60 70.39 24.39
CA LEU JA 190 33.81 69.60 25.33
C LEU JA 190 34.37 69.78 26.74
N LYS JA 191 33.94 68.90 27.66
CA LYS JA 191 34.34 69.03 29.06
C LYS JA 191 35.82 68.69 29.25
N ASP JA 192 36.32 67.67 28.56
CA ASP JA 192 37.70 67.22 28.75
C ASP JA 192 38.52 67.25 27.47
N ALA JA 193 38.06 67.94 26.43
CA ALA JA 193 38.82 67.95 25.18
C ALA JA 193 39.95 68.97 25.28
N PRO JA 194 41.12 68.68 24.66
CA PRO JA 194 42.30 69.52 24.90
C PRO JA 194 42.23 70.93 24.32
N ALA JA 195 41.94 71.06 23.01
CA ALA JA 195 41.87 72.33 22.28
C ALA JA 195 43.18 73.13 22.43
N ARG JA 196 44.23 72.58 21.80
CA ARG JA 196 45.60 73.07 21.96
C ARG JA 196 45.76 74.53 21.55
N LEU JA 197 46.06 75.37 22.52
CA LEU JA 197 46.35 76.79 22.30
C LEU JA 197 47.80 76.94 21.90
N TRP JA 198 48.06 77.78 20.90
CA TRP JA 198 49.42 78.02 20.43
C TRP JA 198 49.66 79.53 20.35
N GLY JA 199 50.65 80.00 21.09
CA GLY JA 199 50.99 81.41 21.10
C GLY JA 199 52.26 81.70 20.34
N PHE JA 200 52.43 82.97 19.97
CA PHE JA 200 53.61 83.40 19.25
C PHE JA 200 53.98 84.79 19.74
N SER JA 201 55.15 84.90 20.35
CA SER JA 201 55.71 86.17 20.79
C SER JA 201 56.95 86.46 19.96
N THR JA 202 57.04 87.66 19.41
CA THR JA 202 58.19 88.08 18.63
C THR JA 202 59.23 88.81 19.47
N LEU JA 203 59.17 88.66 20.79
CA LEU JA 203 60.17 89.24 21.67
C LEU JA 203 61.50 88.51 21.54
N SER JA 204 62.56 89.16 22.02
CA SER JA 204 63.89 88.56 21.96
C SER JA 204 64.00 87.37 22.91
N ASN JA 205 63.80 87.61 24.21
CA ASN JA 205 63.69 86.55 25.18
C ASN JA 205 62.52 86.86 26.11
N ALA JA 206 61.76 85.82 26.46
CA ALA JA 206 60.54 86.02 27.22
C ALA JA 206 60.25 84.75 28.01
N LYS JA 207 59.09 84.74 28.69
CA LYS JA 207 58.61 83.55 29.37
C LYS JA 207 57.36 82.97 28.72
N GLU JA 208 56.57 83.82 28.04
CA GLU JA 208 55.41 83.46 27.18
C GLU JA 208 54.45 82.46 27.83
N GLY JA 209 54.06 82.75 29.06
CA GLY JA 209 53.15 81.88 29.77
C GLY JA 209 51.70 82.05 29.34
N PHE JA 210 50.86 81.19 29.91
CA PHE JA 210 49.41 81.26 29.74
C PHE JA 210 48.78 81.47 31.12
N TYR JA 211 47.93 82.47 31.23
CA TYR JA 211 47.29 82.80 32.50
C TYR JA 211 45.78 82.62 32.40
N ASN JA 212 45.19 82.17 33.51
CA ASN JA 212 43.79 81.73 33.56
C ASN JA 212 42.97 82.76 34.33
N GLU JA 213 42.52 83.79 33.62
CA GLU JA 213 41.42 84.70 33.94
C GLU JA 213 41.67 85.67 35.09
N ALA JA 214 42.69 85.45 35.92
CA ALA JA 214 43.21 86.57 36.70
C ALA JA 214 44.72 86.69 36.51
N ASN JA 215 45.45 85.70 37.03
CA ASN JA 215 46.88 85.57 36.75
C ASN JA 215 47.34 84.13 36.75
N GLU JA 216 46.44 83.15 36.81
CA GLU JA 216 46.78 81.79 37.22
C GLU JA 216 47.52 81.07 36.09
N GLN JA 217 48.80 80.78 36.34
CA GLN JA 217 49.66 80.15 35.34
C GLN JA 217 49.23 78.71 35.10
N ILE JA 218 48.98 78.38 33.84
CA ILE JA 218 48.50 77.05 33.46
C ILE JA 218 49.41 76.37 32.45
N ALA JA 219 50.42 77.06 31.93
CA ALA JA 219 51.35 76.46 30.98
C ALA JA 219 52.73 77.05 31.23
N SER JA 220 53.68 76.70 30.36
CA SER JA 220 55.04 77.21 30.50
C SER JA 220 55.43 78.14 29.34
N GLY JA 221 55.37 77.67 28.11
CA GLY JA 221 55.70 78.54 27.00
C GLY JA 221 55.19 78.11 25.64
N SER JA 222 54.46 79.00 24.98
CA SER JA 222 54.03 78.97 23.57
C SER JA 222 53.08 77.83 23.21
N VAL JA 223 52.76 76.94 24.14
CA VAL JA 223 51.77 75.88 23.94
C VAL JA 223 50.97 75.73 25.22
N CYS JA 224 49.67 75.47 25.07
CA CYS JA 224 48.80 75.25 26.21
C CYS JA 224 47.84 74.14 25.87
N LEU JA 225 47.54 73.30 26.85
CA LEU JA 225 46.58 72.21 26.71
C LEU JA 225 45.46 72.51 27.70
N PHE JA 226 44.33 72.97 27.18
CA PHE JA 226 43.30 73.57 28.03
C PHE JA 226 42.20 72.56 28.34
N ARG JA 227 42.33 71.88 29.48
CA ARG JA 227 41.20 71.15 30.03
C ARG JA 227 40.32 72.11 30.83
N SER JA 228 39.02 71.87 30.82
CA SER JA 228 38.08 72.83 31.35
C SER JA 228 37.39 72.36 32.62
N ASP JA 229 36.69 71.22 32.58
CA ASP JA 229 35.84 70.70 33.66
C ASP JA 229 34.80 71.72 34.13
N LYS JA 230 34.33 72.57 33.22
CA LYS JA 230 33.39 73.62 33.53
C LYS JA 230 32.37 73.70 32.40
N VAL JA 231 31.57 74.77 32.39
CA VAL JA 231 30.54 74.94 31.38
C VAL JA 231 30.67 76.31 30.74
N ARG JA 232 31.26 77.25 31.49
CA ARG JA 232 31.31 78.66 31.11
C ARG JA 232 32.27 78.89 29.94
N LYS JA 233 32.27 80.13 29.44
CA LYS JA 233 33.20 80.56 28.40
C LYS JA 233 34.46 81.09 29.05
N HIS JA 234 35.58 80.41 28.84
CA HIS JA 234 36.82 80.80 29.47
C HIS JA 234 37.59 81.78 28.60
N THR JA 235 38.42 82.59 29.24
CA THR JA 235 39.25 83.58 28.56
C THR JA 235 40.69 83.40 29.02
N ILE JA 236 41.54 82.92 28.12
CA ILE JA 236 42.93 82.60 28.43
C ILE JA 236 43.82 83.70 27.89
N THR JA 237 44.81 84.12 28.69
CA THR JA 237 45.66 85.24 28.33
C THR JA 237 47.09 84.75 28.09
N PHE JA 238 47.52 84.86 26.83
CA PHE JA 238 48.92 84.66 26.48
C PHE JA 238 49.72 85.88 26.94
N LYS JA 239 50.80 85.65 27.68
CA LYS JA 239 51.58 86.72 28.25
C LYS JA 239 53.04 86.53 27.90
N ALA JA 240 53.66 87.60 27.38
CA ALA JA 240 55.08 87.61 27.06
C ALA JA 240 55.70 88.76 27.85
N ILE JA 241 56.42 88.43 28.92
CA ILE JA 241 57.08 89.43 29.74
C ILE JA 241 58.53 89.56 29.27
N ASN JA 242 59.13 90.71 29.54
CA ASN JA 242 60.51 90.96 29.18
C ASN JA 242 61.09 91.96 30.16
N THR JA 243 62.41 92.11 30.13
CA THR JA 243 63.10 93.11 30.93
C THR JA 243 62.76 94.53 30.50
N LYS JA 244 62.34 94.73 29.26
CA LYS JA 244 61.96 96.04 28.75
C LYS JA 244 60.47 96.29 28.92
N THR JA 245 59.64 95.46 28.29
CA THR JA 245 58.20 95.68 28.28
C THR JA 245 57.49 94.34 28.47
N SER JA 246 56.18 94.34 28.28
CA SER JA 246 55.36 93.14 28.45
C SER JA 246 54.14 93.25 27.55
N LEU JA 247 53.67 92.10 27.07
CA LEU JA 247 52.51 92.05 26.20
C LEU JA 247 51.55 90.95 26.65
N SER JA 248 50.28 91.17 26.36
CA SER JA 248 49.23 90.21 26.68
C SER JA 248 48.27 90.10 25.49
N LYS JA 249 47.58 88.96 25.43
CA LYS JA 249 46.62 88.70 24.37
C LYS JA 249 45.55 87.76 24.91
N ASN JA 250 44.32 87.95 24.46
CA ASN JA 250 43.18 87.20 24.98
C ASN JA 250 42.65 86.24 23.92
N ILE JA 251 42.23 85.06 24.36
CA ILE JA 251 41.47 84.14 23.54
C ILE JA 251 40.26 83.69 24.36
N THR JA 252 39.18 83.35 23.67
CA THR JA 252 37.93 82.94 24.30
C THR JA 252 37.59 81.53 23.82
N ILE JA 253 37.63 80.57 24.73
CA ILE JA 253 37.28 79.19 24.44
C ILE JA 253 35.99 78.87 25.16
N SER JA 254 34.95 78.54 24.42
CA SER JA 254 33.66 78.24 25.00
C SER JA 254 33.49 76.74 25.17
N VAL JA 255 33.00 76.34 26.34
CA VAL JA 255 32.81 74.94 26.70
C VAL JA 255 31.33 74.62 26.59
N ILE JA 256 31.02 73.43 26.10
CA ILE JA 256 29.65 72.92 26.13
C ILE JA 256 29.67 71.53 26.73
N ALA JA 257 28.50 71.11 27.21
CA ALA JA 257 28.33 69.74 27.64
C ALA JA 257 27.99 68.86 26.43
N ASN JA 258 28.11 67.56 26.61
CA ASN JA 258 27.77 66.62 25.55
C ASN JA 258 26.27 66.55 25.38
N LYS JA 259 25.78 66.83 24.17
CA LYS JA 259 24.35 66.80 23.90
C LYS JA 259 23.80 65.38 23.92
N LEU JA 260 24.63 64.38 23.64
CA LEU JA 260 24.17 62.99 23.68
C LEU JA 260 24.00 62.49 25.10
N LYS JA 261 24.91 62.88 26.00
CA LYS JA 261 24.84 62.41 27.38
C LYS JA 261 23.71 63.08 28.15
N GLU JA 262 23.29 64.25 27.72
CA GLU JA 262 22.22 64.97 28.40
C GLU JA 262 20.87 64.33 28.05
N ARG JA 263 20.09 64.04 29.09
CA ARG JA 263 18.71 63.50 29.04
C ARG JA 263 18.52 62.29 28.13
#